data_7KZR
#
_entry.id   7KZR
#
_cell.length_a   1.00
_cell.length_b   1.00
_cell.length_c   1.00
_cell.angle_alpha   90.00
_cell.angle_beta   90.00
_cell.angle_gamma   90.00
#
_symmetry.space_group_name_H-M   'P 1'
#
loop_
_entity.id
_entity.type
_entity.pdbx_description
1 polymer 'Fanconi anemia group A protein'
2 polymer 'Fanconi anemia group B protein'
3 polymer 'Fanconi anemia group C protein'
4 polymer 'Fanconi anemia group E protein'
5 polymer 'Fanconi anemia group F protein'
6 polymer 'Fanconi anemia group G protein'
7 polymer 'E3 ubiquitin-protein ligase FANCL'
8 polymer 'Fanconi anemia core complex-associated protein 100'
9 polymer 'Fanconi anemia core complex-associated protein 20'
10 polymer 'Fanconi anemia, complementation group I'
11 polymer 'Fanconi anemia group D2 protein'
12 polymer 'Ubiquitin-conjugating enzyme E2 T'
13 non-polymer 'ZINC ION'
#
loop_
_entity_poly.entity_id
_entity_poly.type
_entity_poly.pdbx_seq_one_letter_code
_entity_poly.pdbx_strand_id
1 'polypeptide(L)'
;MSDSWVPNSASGQDPGGRRRAWAELLAGRVKREKYNPERAQKLKESAVRLLRSHQDLNALLLEVEGPLCKKLSLSKVIDC
DSSEAYANHSSSFIGSALQDQASRLGVPVGILSAGMVASSVGQICTAPAETSHPVLLTVEQRKKLSSLLEFAQYLLAHSM
FSRLSFCQELWKIQSSLLLEAVWHLHVQGIVSLQELLESHPDMHAVGSWLFRNLCCLCEQMEASCQHADVARAMLSDFVQ
MFVLRGFQKNSDLRRTVEPEKMPQVTVDVLQRMLIFALDALAAGVQEESSTHKIVRCWFGVFSGHTLGSVISTDPLKRFF
SHTLTQILTHSPVLKASDAVQMQREWSFARTHPLLTSLYRRLFVMLSAEELVGHLQEVLETQEVHWQRVLSFVSALVVCF
PEAQQLLEDWVARLMAQAFESCQLDSMVTAFLVVRQAALEGPSAFLSYADWFKASFGSTRGYHGCSKKALVFLFTFLSEL
VPFESPRYLQVHILHPPLVPGKYRSLLTDYISLAKTRLADLKVSIENMGLYEDLSSAGDITEPHSQALQDVEKAIMVFEH
TGNIPVTVMEASIFRRPYYVSHFLPALLTPRVLPKVPDSRVAFIESLKRADKIPPSLYSTYCQACSAAEEKPEDAALGVR
AEPNSAEEPLGQLTAALGELRASMTDPSQRDVISAQVAVISERLRAVLGHNEDDSSVEISKIQLSINTPRLEPREHMAVD
LLLTSFCQNLMAASSVAPPERQGPWAALFVRTMCGRVLPAVLTRLCQLLRHQGPSLSAPHVLGLAALAVHLGESRSALPE
VDVGPPAPGAGLPVPALFDSLLTCRTRDSLFFCLKFCTAAISYSLCKFSSQSRDTLCSCLSPGLIKKFQFLMFRLFSEAR
QPLSEEDVASLSWRPLHLPSADWQRAALSLWTHRTFREVLKEEDVHLTYQDWLHLELEIQPEADALSDTERQDFHQWAIH
EHFLPESSASGGCDGDLQAACTILVNALMDFHQSSRSYDHSENSDLVFGGRTGNEDIISRLQEMVADLELQQDLIVPLGH
TPSQEHFLFEIFRRRLQALTSGWSVAASLQRQRELLMYKRILLRLPSSVLCGSSFQAEQPITARCEQFFHLVNSEMRNFC
SHGGALTQDITAHFFRGLLNACLRSRDPSLMVDFILAKCQTKCPLILTSALVWWPSLEPVLLCRWRRHCQSPLPRELQKL
QEGRQFASDFLSPEAASPAPNPDWLSAAALHFAIQQVREENIRKQLKKLDCEREELLVFLFFFSLMGLLSSHLTSNSTTD
LPKAFHVCAAILECLEKRKISWLALFQLTESDLRLGRLLLRVAPDQHTRLLPFAFYSLLSYFHEDAAIREEAFLHVAVDM
YLKLVQLFVAGDTSTVSPPAGRSLELKGQGNPVELITKARLFLLQLIPRCPKKSFSHVAELLADRGDCDPEVSAALQSRQ
QAAPDADLSQEPHLFAAAKLVDEDLYFQSDYKDDDDK
;
A,S
2 'polypeptide(L)'
;MDYKDDDDKENLYFQGGGRKLGTGSMTSKQAMSSNEQERLLCYNGEVLVFQLSKGNFADKEPTKTPILHVRRMVFDRGTK
VFVQKSTGFFTIKEENSHLKIMCCNCVSDFRTGINLPYIVIEKNKKNNVFEYFLLILHSTNKFEMRLSFKLGYEMKDGLR
VLNGPLILWRHVKAFFFISSQTGKVVSVSGNFSSIQWAGEIENLGMVLLGLKECCLSEEECTQEPSKSDYAIWNTKFCVY
SLESQEVLSDIYIIPPAYSSVVTYVHICATEIIKNQLRISLIALTRKNQLISFQNGTPKNVCQLPFGDPCAVQLMDSGGG
NLFFVVSFISNNACAVWKESFQVAAKWEKLSLVLIDDFIGSGTEQVLLLFKDSLNSDCLTSFKITDLGKINYSSEPSDCN
EDDLFEDKQENRYLVVPPLETGLKVCFSSFRELRQHLLLKEKIISKSYKALINLVQGKDDNTSSAEEKECLVPLCGEEEN
SVHILDEKLSDNFQDSEQLVEKIWYRVIDDSLVVGVKTTSSLKLSLNDVTLSLLMDQAHDSRFRLLKCQNRVIKLSTNPF
PAPYLMPCEIGLEAKRVTLTPDSKKEESFVCEHPSKKECVQIITAVTSLSPLLTFSKFCCTVLLQIMERESGNCPKDRYV
VCGRVFLSLEDLSTGKYLLTFPKKKPIEHMEDLFALLAAFHKSCFQITSPGYALNSMKVWLLEHMKCEIIKEFPEVYFCE
RPGSFYGTLFTWKQRTPFEGILIIYSRNQTVMFQCLHNLIRILPINCFLKNLKSGSENFLIDNMAFTLEKELVTLSSLSS
AIAKHESNFMQRCEVSKGKSSVVAAALSDRRENIHPYRKELQREKKKMLQTNLKVSGALYREITLKVAEVQLKSDFAAQK
LSNL
;
B,O
3 'polypeptide(L)'
;MDYKDDDDKENLYFQGGGRKLGTGSMAQDSVDLSCDYQFWMQKLSVWDQASTLETQQDTCLHVAQFQEFLRKMYEALKEM
DSNTVIERFPTIGQLLAKACWNPFILAYDESQKILIWCLCCLINKEPQNSGQSKLNSWIQGVLSHILSALRFDKEVALFT
QGLGYAPIDYYPGLLKNMVLSLASELRENHLNGFNTQRRMAPERVASLSRVCVPLITLTDVDPLVEALLICHGREPQEIL
QPEFFEAVNEAILLKKISLPMSAVVCLWLRHLPSLEKAMLHLFEKLISSERNCLRRIECFIKDSSLPQAACHPAIFRVVD
EMFRCALLETDGALEIIATIQVFTQCFVEALEKASKQLRFALKTYFPYTSPSLAMVLLQDPQDIPRGHWLQTLKHISELL
REAVEDQTHGSCGGPFESWFLFIHFGGWAEMVAEQLLMSAAEPPTALLWLLAFYYGPRDGRQQRAQTMVQVKAVLGHLLA
MSRSSSLSAQDLQTVAGQGTDTDLRAPAQQLIRHLLLNFLLWAPGGHTIAWDVITLMAHTAEITHEIIGFLDQTLYRWNR
LGIESPRSEKLARELLKELRTQV
;
C
4 'polypeptide(L)'
;MDYKDDDDKENLYFQGGGRMATPDAGLPGAEGVEPAPWAQLEAPARLLLQALQAGPEGARRGLGVLRALGSRGWEPFDWG
RLLEALCREEPVVQGPDGRLELKPLLLRLPRICQRNLMSLLMAVRPSLPESGLLSVLQIAQQDLAPDPDAWLRALGELLR
RDLGVGTSMEGASPLSERCQRQLQSLCRGLGLGGRRLKSPQAPDPEEEENRDSQQPGKRRKDSEEEAASPEGKRVPKRLR
CWEEEEDHEKERPEHKSLESLADGGSASPIKDQPVMAVKTGEDGSNLDDAKGLAESLELPKAIQDQLPRLQQLLKTLEEG
LEGLEDAPPVELQLLHECSPSQMDLLCAQLQLPQLSDLGLLRLCTWLLALSPDLSLSNATVLTRSLFLGRILSLTSSASR
LLTTALTSFCAKYTYPVCSALLDPVLQAPGTGPAQTELLCCLVKMESLEPDAQVLMLGQILELPWKEETFLVLQSLLERQ
VEMTPEKFSVLMEKLCKKGLAATTSMAYAKLMLTVMTKYQANITETQRLGLAMALEPNTTFLRKSLKAALKHLGP
;
E
5 'polypeptide(L)'
;MDYKDDDDKENLYFQGGGRKLGTGSMESLLQHLDRFSELLAVSSTTYVSTWDPATVRRALQWARYLRHIHRRFGRHGPIR
TALERRLHNQWRQEGGFGRGPVPGLANFQALGHCDVLLSLRLLENRALGDAARYHLVQQLFPGPGVRDADEETLQESLAR
LARRRSAVHMLRFNGYRENPNLQEDSLMKTQAELLLERLQEVGKAEAERPARFLSSLWERLPQNNFLKVIAVALLQPPLS
RRPQEELEPGIHKSPGEGSQVLVHWLLGNSEVFAAFCRALPAGLLTLVTSRHPALSPVYLGLLTDWGQRLHYDLQKGIWV
GTESQDVPWEELHNRFQSLCQAPPPLKDKVLTALETCKAQDGDFEVPGLSIWTDLLLALRSGAFRKRQVLGLSAGLSSV
;
F
6 'polypeptide(L)'
;MDYKDDDDKENLYFQGGGRMSRQTTSVGSSCLDLWREKNDRLVRQAKVAQNSGLTLRRQQLAQDALEGLRGLLHSLQGLP
AAVPVLPLELTVTCNFIILRASLAQGFTEDQAQDIQRSLERVLETQEQQGPRLEQGLRELWDSVLRASCLLPELLSALHR
LVGLQAALWLSADRLGDLALLLETLNGSQSGASKDLLLLLKTWSPPAEELDAPLTLQDAQGLKDVLLTAFAYRQGLQELI
TGNPDKALSSLHEAASGLCPRPVLVQVYTALGSCHRKMGNPQRALLYLVAALKEGSAWGPPLLEASRLYQQLGDTTAELE
SLELLVEALNVPCSSKAPQFLIEVELLLPPPDLASPLHCGTQSQTKHILASRCLQTGRAGDAAEHYLDLLALLLDSSEPR
FSPPPSPPGPCMPEVFLEAAVALIQAGRAQDALTLCEELLSRTSSLLPKMSRLWEDARKGTKELPYCPLWVSATHLLQGQ
AWVQLGAQKVAISEFSRCLELLFRATPEEKEQGAAFNCEQGCKSDAALQQLRAAALISRGLEWVASGQDTKALQDFLLSV
QMCPGNRDTYFHLLQTLKRLDRRDEATALWWRLEAQTKGSHEDALWSLPLYLESYLSWIRPSDRDAFLEEFRTSLPKSCD
L
;
G,H
7 'polypeptide(L)'
;MDYKDDDDKENLYFQGGGRMAVTEASLLRQCPLLLPQNRSKTVYEGFISAQGRDFHLRIVLPEDLQLKNARLLCSWQLRT
ILSGYHRIVQQRMQHSPDLMSFMMELKMLLEVALKNRQELYALPPPPQFYSSLIEEIGTLGWDKLVYADTCFSTIKLKAE
DASGREHLITLKLKAKYPAESPDYFVDFPVPFCASWTPQSSLISIYSQFLAAIESLKAFWDVMDEIDEKTWVLEPEKPPR
SATARRIALGNNVSINIEVDPRHPTMLPECFFLGADHVVKPLGIKLSRNIHLWDPENSVLQNLKDVLEIDFPARAILEKS
DFTMDCGICYAYQLDGTIPDQVCDNSQCGQPFHQICLYEWLRGLLTSRQSFNIIFGECPYCSKPITLKMSGRKH
;
L,M
8 'polypeptide(L)'
;MDYKDHDGDYKDHDIDYKDDDDKGSMAGAAPRVRYLAGFCCPLGGLAAGKPRVLCHEAEVFLSTGSELVYVYDQEGGLLT
AAFRFPDQVWHLELLAPRRLLYALCARRGLYCLSLDHPGRSRSTSQDDRDSEDGDQPSPVIPVDPDACILPDAALCAFTL
LDSVLVTLVQGPARWKMQLFEQPCPGEDPRPGGQIGEVELSSYTPPAGVPGKPAAPHFLPVLCSVSPSGSRVPHDLLGGS
GGFTLEDALFGLLFGADATLLQSPVVLCGLPDGQLCCVILKALVTSRSAPGDPNALVKILHHLEEPVIFIGALKTEPQAA
EAAENFLPDEDVHCDCLVAFGHHGRMLAIKASWDESGKLVPELREYCLPGPVLCAACGGGGRVYHSTPSDLCVVDLSRGS
TPLGPEQPEEGPGGLPPMLCPASLNICSVVSLSASPRTHEGGTKLLALSAKGRLMTCSLDLDSEMPGPARMTTESAGQKI
KELLSGIGNISERVSFLKKAVDQRNKALTSLNEAMNVSCALLSSGTGPRPISCTTSTTWSRLQTQDVLMATCVLENSSSF
SLDQGWTLCIQVLTSSCALDLDSACSAITYTIPVDQLGPGARREVTLPLGPGENGGLDLPVTVSCTLFYSLREVVGGALA
PSDSEDPFLDECPSDVLPEQEGVCLPLSRHTVDMLQCLRFPGLAPPHTRAPSPLGPTRDPVATFLETCREPGSQPAGPAS
LRAEYLPPSVASIKVSAELLRAALKDGHSGVPLCCATLQWLLAENAAVDVVRARALSSIQGVAPDGANVHLIVREVAMTD
LCPAGPIQAVEIQVESSSLADICRAHHAVVGRMQTMVTEQATQGSSAPDLRVQYLRQIHANHETLLREVQTLRDRLCTED
EASSCATAQRLLQVYRQLRHPSLILL
;
P,Q
9 'polypeptide(L)'
;(UNK)(UNK)(UNK)(UNK)(UNK)(UNK)(UNK)(UNK)(UNK)EPTEVFTVGPKTFSWTPFPPDLW(UNK)(UNK)
(UNK)(UNK)(UNK)(UNK)(UNK)
;
W
10 'polypeptide(L)'
;MDQKILSLAAEKTADKLQEFLQTLREGDLTNLLQNQAVKGKVAGALLRAIFKGSPCSEEAGTLRRRKIYTCCIQLVESGD
LQKEIVSEIIGLLMLEAHHFPGPLLVELANEFISAVREGSLVNGKSLELLPIILTALATKKENLAYGKGVLSGEECKKQL
INTLCSGRWDQQYVIQLTSMFKDVPLTAEEVEFVVEKALSMFSKMNLQEIPPLVYQLLVLSSKGSRKSVLEGIIAFFSAL
DKQHNEEQSGDELLDVVTVPSGELRHVEGTIILHIVFAIKLDYELGRELVKHLKVGQQGDSNNNLSPFSIALLLSVTRIQ
RFQDQVLDLLKTSVVKSFKDLQLLQGSKFLQNLVPHRSYVSTMILEVVKNSVHSWDHVTQGLVELGFILMDSYGPKKVLD
GKTIETSPSLSRMPNQHACKLGANILLETFKIHEMIRQEILEQVLNRVVTRASSPISHFLDLLSNIVMYAPLVLQSCSSK
VTEAFDYLSFLPLQTVQRLLKAVQPLLKVSMSMRDCLILVLRKAMFANQLDARKSAVAGFLLLLKNFKVLGSLSSSQCSQ
SLSVSQVHVDVHSHYNSVANETFCLEIMDSLRRCLSQQADVRLMLYEGFYDVLRRNSQLANSVMQTLLSQLKQFYEPKPD
LLPPLKLEACILTQGDKISLQEPLDYLLCCIQHCLAWYKNTVIPLQQGEEEEEEEEAFYEDLDDILESITNRMIKSELED
FELDKSADFSQSTSIGIKNNISAFLVMGVCEVLIEYNFSISSFSKNRFEDILSLFMCYKKLSDILNEKAGKAKTKMANKT
SDSLLSMKFVSSLLTALFRDSIQSHQESLSVLRSSNEFMRYAVNVALQKVQQLKETGHVSGPDGQNPEKIFQNLCDLTRV
LLWRYTSIPTSVEESGKKEKGKSISLLCLEGLQKIFSAVQQFYQPKIQQFLRALDVTDKEGEEREDADVSVTQRTAFQIR
QFQRSLLNLLSSQEEDFNSKEALLLVTVLTSLSKLLEPSSPQFVQMLSWTSKICKENSREDALFCKSLMNLLFSLHVSYK
SPVILLRDLSQDIHGHLGDIDQDVEVEKTNHFAIVNLRTAAPTVCLLVLSQAEKVLEEVDWLITKLKGQVSQETLSEEAS
SQATLPNQPVEKAIIMQLGTLLTFFHELVQTALPSGSCVDTLLKDLCKMYTTLTALVRYYLQVCQSSGGIPKNMEKLVKL
SGSHLTPLCYSFISYVQNKSKSLNYTGEKKEKPAVVATAMARVLRETKPIPNLIFAIEQYEKFLIHLSKKSKVSLMQHMK
LSTSRDFKIKGNILDMVLREDGEDENEEGTASEHGGQNKEPAKKKRKK
;
U
11 'polypeptide(L)'
;MVSKRRLSKSEDKESLTEDASKTRKQPLSKKTKKSHIANEVEENDSIFVKLLKISGIILKTGESQNQLAVDQIAFQKKLF
QTLRRHPSYPKIIEEFVSGLESYIEDEDSFRNCLLSCERLQDEEASMGASYSKSLIKLLLGIDILQPAIIKTLFEKLPEY
FFENKNSDEINIPRLIVSQLKWLDRVVDGKDLTTKIMQLISIAPENLQHDIITSLPEILGDSQHADVGKELSDLLIENTS
LTVPILDVLSSLRLDPNFLLKVRQLVMDKLSSIRLEDLPVIIKFILHSVTAMDTLEVISELREKLDLQHCVLPSRLQASQ
VKLKSKGRASSSGNQESSGQSCIILLFDVIKSAIRYEKTISEAWIKAIENTASVSEHKVFDLVMLFIIYSTNTQTKKYID
RVLRNKIRSGCIQEQLLQSTFSVHYLVLKDMCSSILSLAQSLLHSLDQSIISFGSLLYKYAFKFFDTYCQQEVVGALVTH
ICSGNEAEVDTALDVLLELVVLNPSAMMMNAVFVKGILDYLDNISPQQIRKLFYVLSTLAFSKQNEASSHIQDDMHLVIR
KQLSSTVFKYKLIGIIGAVTMAGIMAADRSESPSLTQERANLSDEQCTQVTSLLQLVHSCSEQSPQASALYYDEFANLIQ
HEKLDPKALEWVGHTICNDFQDAFVVDSCVVPEGDFPFPVKALYGLEEYDTQDGIAINLLPLLFSQDFAKDGGPVTSQES
GQKLVSPLCLAPYFRLLRLCVERQHNGNLEEIDGLLDCPIFLTDLEPGEKLESMSAKERSFMCSLIFLTLNWFREIVNAF
CQETSPEMKGKVLTRLKHIVELQIILEKYLAVTPDYVPPLGNFDVETLDITPHTVTAISAKIRKKGKIERKQKTDGSKTS
SSDTLSEEKNSECDPTPSHRGQLNKEFTGKEEKTSLLLHNSHAFFRELDIEVFSILHCGLVTKFILDTEMHTEATEVVQL
GPPELLFLLEDLSQKLESMLTPPIARRVPFLKNKGSRNIGFSHLQQRSAQEIVHCVFQLLTPMCNHLENIHNYFQCLAAE
NHGVVDGPGVKVQEYHIMSSCYQRLLQIFHGLFAWSGFSQPENQNLLYSALHVLSSRLKQGEHSQPLEELLSQSVHYLQN
FHQSIPSFQCALYLIRLLMVILEKSTASAQNKEKIASLARQFLCRVWPSGDKEKSNISNDQLHALLCIYLEHTESILKAI
EEIAGVGVPELINSPKDASSSTFPTLTRHTFVVFFRVMMAELEKTVKKIEPGTAADSQQIHEEKLLYWNMAVRDFSILIN
LIKVFDSHPVLHVCLKYGRLFVEAFLKQCMPLLDFSFRKHREDVLSLLETFQLDTRLLHHLCGHSKIHQDTRLTQHVPLL
KKTLELLVCRVKAMLTLNNCREAFWLGNLKNRDLQGEEIKSQNSQESTADESEDDMSSQASKSKATEDGEEDEVSAGEKE
QDSDESYDDSD
;
V
12 'polypeptide(L)'
;MQRASRLKRELHMLATEPPPGITCWQDKDQMDDLRAQILGGANTPYEKGVFKLEVIIPERYPFEPPQIRFLTPIYHPNID
SAGRICLDVLKLPPKGAWRPSLNIATVLTSIQLLMSEPNPDDPLMADISSEFKYNKPAFLKNARQWTEKHARQKQKADEE
EMLDNLPEAGDSRVHNSTQKRKASQLVGIEKKFHPDV
;
X
#
# COMPACT_ATOMS: atom_id res chain seq x y z
N ARG A 19 -0.76 -56.45 -7.50
CA ARG A 19 -0.11 -55.30 -8.17
C ARG A 19 -1.15 -54.24 -8.52
N ARG A 20 -2.38 -54.66 -8.79
CA ARG A 20 -3.54 -53.75 -8.76
C ARG A 20 -3.69 -53.16 -7.35
N ALA A 21 -3.33 -53.94 -6.33
CA ALA A 21 -3.24 -53.45 -4.95
C ALA A 21 -2.32 -52.23 -4.90
N TRP A 22 -1.09 -52.37 -5.40
CA TRP A 22 -0.15 -51.25 -5.52
C TRP A 22 -0.79 -50.10 -6.30
N ALA A 23 -1.45 -50.42 -7.43
CA ALA A 23 -2.05 -49.38 -8.29
C ALA A 23 -3.04 -48.53 -7.49
N GLU A 24 -3.85 -49.16 -6.64
CA GLU A 24 -4.79 -48.43 -5.79
C GLU A 24 -4.03 -47.67 -4.70
N LEU A 25 -3.02 -48.30 -4.11
CA LEU A 25 -2.44 -47.84 -2.84
C LEU A 25 -1.49 -46.66 -3.07
N LEU A 26 -0.71 -46.71 -4.16
CA LEU A 26 0.42 -45.80 -4.37
C LEU A 26 -0.02 -44.34 -4.31
N ALA A 27 0.75 -43.54 -3.57
CA ALA A 27 0.55 -42.09 -3.48
C ALA A 27 1.62 -41.37 -4.30
N GLY A 28 1.19 -40.35 -5.05
CA GLY A 28 2.04 -39.64 -6.02
C GLY A 28 2.53 -38.30 -5.52
N ARG A 29 1.71 -37.61 -4.73
CA ARG A 29 2.06 -36.31 -4.11
C ARG A 29 3.18 -36.44 -3.07
N VAL A 30 3.52 -37.68 -2.72
CA VAL A 30 4.39 -38.07 -1.59
C VAL A 30 5.67 -37.22 -1.51
N LYS A 31 6.48 -37.24 -2.56
CA LYS A 31 7.81 -36.60 -2.51
C LYS A 31 7.66 -35.10 -2.68
N ARG A 32 8.58 -34.36 -2.10
CA ARG A 32 8.43 -32.91 -1.93
C ARG A 32 9.79 -32.22 -2.06
N GLU A 33 9.75 -30.90 -2.05
CA GLU A 33 10.92 -30.04 -2.25
C GLU A 33 11.11 -29.13 -1.03
N LYS A 34 12.14 -28.28 -1.11
CA LYS A 34 12.58 -27.42 0.00
C LYS A 34 11.84 -26.10 -0.15
N TYR A 35 10.99 -25.80 0.83
CA TYR A 35 9.96 -24.78 0.65
C TYR A 35 10.59 -23.41 0.40
N ASN A 36 9.82 -22.57 -0.27
CA ASN A 36 10.30 -21.25 -0.72
C ASN A 36 10.44 -20.33 0.49
N PRO A 37 11.24 -19.26 0.40
CA PRO A 37 11.44 -18.39 1.57
C PRO A 37 10.17 -17.64 2.00
N GLU A 38 9.40 -17.11 1.06
CA GLU A 38 8.11 -16.46 1.40
C GLU A 38 7.18 -17.45 2.11
N ARG A 39 7.18 -18.70 1.67
CA ARG A 39 6.44 -19.77 2.36
C ARG A 39 7.02 -19.94 3.77
N ALA A 40 8.34 -19.80 3.92
CA ALA A 40 9.01 -19.91 5.23
C ALA A 40 8.45 -18.88 6.21
N GLN A 41 8.38 -17.63 5.79
CA GLN A 41 7.87 -16.57 6.66
C GLN A 41 6.35 -16.70 6.84
N LYS A 42 5.62 -17.15 5.82
CA LYS A 42 4.18 -17.45 5.98
C LYS A 42 3.96 -18.47 7.09
N LEU A 43 4.72 -19.54 7.04
CA LEU A 43 4.63 -20.64 8.00
C LEU A 43 4.97 -20.12 9.39
N LYS A 44 6.10 -19.43 9.52
CA LYS A 44 6.54 -18.91 10.83
C LYS A 44 5.49 -17.91 11.34
N GLU A 45 4.89 -17.12 10.44
CA GLU A 45 3.83 -16.15 10.80
C GLU A 45 2.64 -16.88 11.39
N SER A 46 2.09 -17.83 10.64
CA SER A 46 0.92 -18.61 11.09
C SER A 46 1.25 -19.38 12.36
N ALA A 47 2.50 -19.80 12.51
CA ALA A 47 2.95 -20.51 13.72
C ALA A 47 2.80 -19.61 14.94
N VAL A 48 3.43 -18.44 14.89
CA VAL A 48 3.34 -17.49 16.02
C VAL A 48 1.88 -17.06 16.19
N ARG A 49 1.15 -16.94 15.10
CA ARG A 49 -0.27 -16.56 15.15
C ARG A 49 -1.04 -17.57 15.99
N LEU A 50 -0.82 -18.85 15.75
CA LEU A 50 -1.53 -19.90 16.49
C LEU A 50 -1.05 -19.93 17.95
N LEU A 51 0.26 -19.80 18.18
CA LEU A 51 0.78 -19.82 19.57
C LEU A 51 0.17 -18.68 20.37
N ARG A 52 -0.07 -17.54 19.74
CA ARG A 52 -0.74 -16.42 20.41
C ARG A 52 -2.25 -16.63 20.49
N SER A 53 -2.85 -17.24 19.48
CA SER A 53 -4.29 -17.53 19.44
C SER A 53 -4.67 -18.36 20.68
N HIS A 54 -3.80 -19.29 21.05
CA HIS A 54 -4.04 -20.18 22.19
C HIS A 54 -3.47 -19.63 23.49
N GLN A 55 -2.91 -18.43 23.48
CA GLN A 55 -2.48 -17.80 24.73
C GLN A 55 -3.67 -17.17 25.43
N ASP A 56 -3.50 -16.94 26.73
CA ASP A 56 -4.57 -16.43 27.59
C ASP A 56 -3.97 -15.73 28.79
N LEU A 57 -4.69 -14.76 29.31
CA LEU A 57 -4.06 -13.65 30.03
C LEU A 57 -4.36 -13.68 31.53
N ASN A 58 -5.59 -13.99 31.93
CA ASN A 58 -5.83 -14.28 33.35
C ASN A 58 -4.96 -15.46 33.75
N ALA A 59 -4.82 -16.44 32.85
CA ALA A 59 -3.91 -17.57 33.04
C ALA A 59 -2.51 -17.06 33.38
N LEU A 60 -2.03 -16.06 32.67
CA LEU A 60 -0.65 -15.57 32.88
C LEU A 60 -0.59 -14.67 34.09
N LEU A 61 -1.65 -13.93 34.35
CA LEU A 61 -1.73 -13.12 35.57
C LEU A 61 -1.69 -14.01 36.80
N LEU A 62 -2.11 -15.25 36.70
CA LEU A 62 -2.16 -16.16 37.85
C LEU A 62 -1.01 -17.14 37.84
N GLU A 63 -0.36 -17.32 36.69
CA GLU A 63 0.90 -18.09 36.61
C GLU A 63 2.06 -17.22 37.07
N VAL A 64 2.25 -16.10 36.40
CA VAL A 64 3.40 -15.23 36.68
C VAL A 64 3.16 -14.47 37.97
N GLU A 65 2.11 -13.67 38.00
CA GLU A 65 1.67 -12.96 39.21
C GLU A 65 0.76 -13.90 40.02
N GLY A 66 0.65 -13.64 41.32
CA GLY A 66 -0.07 -14.52 42.24
C GLY A 66 -1.58 -14.25 42.23
N PRO A 67 -2.40 -15.21 42.71
CA PRO A 67 -3.84 -14.92 42.84
C PRO A 67 -4.18 -13.73 43.76
N VAL A 77 -9.40 -9.85 31.94
CA VAL A 77 -8.70 -8.83 32.76
C VAL A 77 -9.40 -7.50 32.56
N ILE A 78 -9.39 -6.66 33.58
CA ILE A 78 -10.19 -5.41 33.60
C ILE A 78 -9.23 -4.25 33.88
N ASP A 79 -9.67 -3.06 33.47
CA ASP A 79 -8.90 -1.81 33.67
C ASP A 79 -8.52 -1.65 35.14
N CYS A 80 -9.34 -2.15 36.04
CA CYS A 80 -9.03 -2.14 37.48
C CYS A 80 -7.80 -3.02 37.74
N ASP A 81 -7.75 -4.22 37.12
CA ASP A 81 -6.63 -5.16 37.32
C ASP A 81 -5.33 -4.49 36.87
N SER A 82 -5.41 -3.61 35.86
CA SER A 82 -4.24 -2.91 35.31
C SER A 82 -3.86 -1.68 36.14
N SER A 83 -4.87 -0.89 36.50
CA SER A 83 -4.63 0.45 37.05
C SER A 83 -4.70 0.47 38.59
N GLU A 84 -4.84 -0.68 39.25
CA GLU A 84 -4.75 -0.78 40.73
C GLU A 84 -5.85 0.04 41.44
N ALA A 85 -7.10 -0.41 41.36
CA ALA A 85 -8.19 0.05 42.24
C ALA A 85 -8.64 1.51 42.02
N TYR A 86 -9.20 1.79 40.84
CA TYR A 86 -10.12 2.93 40.58
C TYR A 86 -9.49 4.29 40.99
N ALA A 87 -8.16 4.45 40.93
CA ALA A 87 -7.48 5.70 41.35
C ALA A 87 -8.01 6.89 40.54
N ASN A 88 -7.94 6.83 39.21
CA ASN A 88 -8.52 7.86 38.33
C ASN A 88 -8.78 7.22 36.95
N HIS A 89 -9.76 7.77 36.23
CA HIS A 89 -10.10 7.35 34.85
C HIS A 89 -9.29 8.14 33.82
N SER A 90 -8.17 8.77 34.22
CA SER A 90 -7.31 9.56 33.31
C SER A 90 -6.76 8.65 32.19
N SER A 91 -6.19 9.28 31.15
CA SER A 91 -5.77 8.57 29.93
C SER A 91 -4.34 8.04 30.07
N SER A 92 -3.40 8.94 30.21
CA SER A 92 -1.98 8.56 30.20
C SER A 92 -1.58 7.71 31.42
N PHE A 93 -2.32 7.77 32.52
CA PHE A 93 -2.03 6.96 33.73
C PHE A 93 -2.16 5.48 33.40
N ILE A 94 -3.28 5.11 32.75
CA ILE A 94 -3.52 3.73 32.26
C ILE A 94 -2.35 3.31 31.38
N GLY A 95 -1.94 4.16 30.46
CA GLY A 95 -0.87 3.84 29.52
C GLY A 95 0.44 3.56 30.25
N SER A 96 0.81 4.42 31.20
CA SER A 96 2.07 4.27 31.96
C SER A 96 2.08 2.99 32.82
N ALA A 97 0.89 2.52 33.20
CA ALA A 97 0.78 1.23 33.92
C ALA A 97 0.95 0.07 32.96
N LEU A 98 0.30 0.11 31.78
CA LEU A 98 0.32 -1.03 30.84
C LEU A 98 1.75 -1.39 30.49
N GLN A 99 2.65 -0.44 30.56
CA GLN A 99 4.03 -0.74 30.23
C GLN A 99 4.67 -1.60 31.31
N ASP A 100 4.50 -1.27 32.58
CA ASP A 100 5.01 -2.17 33.64
C ASP A 100 4.30 -3.51 33.58
N GLN A 101 3.04 -3.54 33.13
CA GLN A 101 2.28 -4.80 32.94
C GLN A 101 3.03 -5.70 31.94
N ALA A 102 3.15 -5.22 30.70
CA ALA A 102 3.78 -6.02 29.64
C ALA A 102 5.26 -6.21 29.94
N SER A 103 5.87 -5.44 30.84
CA SER A 103 7.28 -5.65 31.24
C SER A 103 7.38 -6.81 32.24
N ARG A 104 6.44 -6.88 33.17
CA ARG A 104 6.38 -8.02 34.11
C ARG A 104 6.06 -9.28 33.33
N LEU A 105 5.19 -9.19 32.32
CA LEU A 105 4.84 -10.39 31.54
C LEU A 105 5.88 -10.71 30.45
N GLY A 106 6.02 -9.85 29.45
CA GLY A 106 6.78 -10.16 28.22
C GLY A 106 5.95 -10.09 26.97
N VAL A 107 4.72 -9.64 27.10
CA VAL A 107 3.82 -9.55 25.95
C VAL A 107 4.07 -8.17 25.33
N PRO A 108 3.73 -7.96 24.07
CA PRO A 108 3.50 -6.60 23.59
C PRO A 108 2.28 -5.94 24.25
N VAL A 109 2.35 -4.61 24.36
CA VAL A 109 1.35 -3.84 25.13
C VAL A 109 0.02 -3.86 24.41
N GLY A 110 0.08 -3.83 23.09
CA GLY A 110 -1.14 -3.84 22.27
C GLY A 110 -2.08 -4.99 22.63
N ILE A 111 -1.54 -6.17 22.92
CA ILE A 111 -2.41 -7.33 23.20
C ILE A 111 -2.99 -7.23 24.59
N LEU A 112 -2.23 -6.69 25.55
CA LEU A 112 -2.75 -6.42 26.90
C LEU A 112 -3.97 -5.56 26.73
N SER A 113 -3.81 -4.51 25.95
CA SER A 113 -4.87 -3.54 25.72
C SER A 113 -6.05 -4.25 25.06
N ALA A 114 -5.80 -5.02 24.01
CA ALA A 114 -6.89 -5.65 23.27
C ALA A 114 -7.72 -6.56 24.20
N GLY A 115 -7.02 -7.37 25.01
CA GLY A 115 -7.68 -8.31 25.94
C GLY A 115 -8.45 -7.60 27.02
N MET A 116 -7.84 -6.62 27.66
CA MET A 116 -8.52 -5.87 28.72
C MET A 116 -9.76 -5.21 28.17
N VAL A 117 -9.70 -4.75 26.93
CA VAL A 117 -10.85 -4.00 26.41
C VAL A 117 -11.92 -4.97 25.91
N ALA A 118 -11.53 -6.11 25.36
CA ALA A 118 -12.53 -7.14 25.04
C ALA A 118 -13.28 -7.56 26.31
N SER A 119 -12.55 -7.71 27.41
CA SER A 119 -13.14 -8.10 28.70
C SER A 119 -14.08 -7.01 29.20
N SER A 120 -13.60 -5.77 29.27
CA SER A 120 -14.42 -4.65 29.78
C SER A 120 -15.46 -4.22 28.73
N VAL A 121 -15.48 -4.84 27.54
CA VAL A 121 -16.64 -4.74 26.61
C VAL A 121 -17.70 -5.82 26.93
N GLY A 122 -17.29 -7.08 27.11
CA GLY A 122 -18.20 -8.14 27.56
C GLY A 122 -18.90 -7.77 28.87
N GLN A 123 -18.17 -7.11 29.79
CA GLN A 123 -18.71 -6.58 31.05
C GLN A 123 -20.00 -5.82 30.80
N ILE A 124 -19.91 -4.75 30.01
CA ILE A 124 -21.00 -3.77 29.91
C ILE A 124 -22.13 -4.33 29.04
N CYS A 125 -21.81 -5.20 28.09
CA CYS A 125 -22.86 -5.92 27.34
C CYS A 125 -23.65 -6.86 28.26
N THR A 126 -22.96 -7.48 29.22
CA THR A 126 -23.54 -8.58 30.01
C THR A 126 -24.28 -8.04 31.22
N ALA A 127 -23.58 -7.33 32.10
CA ALA A 127 -24.09 -6.91 33.40
C ALA A 127 -25.31 -6.00 33.27
N PRO A 128 -26.55 -6.47 33.57
CA PRO A 128 -27.67 -5.55 33.42
C PRO A 128 -27.75 -4.54 34.57
N PRO A 134 -33.28 -9.29 22.69
CA PRO A 134 -32.79 -7.94 22.49
C PRO A 134 -31.59 -7.95 21.53
N VAL A 135 -31.35 -6.80 20.88
CA VAL A 135 -30.17 -6.59 20.01
C VAL A 135 -29.50 -5.25 20.35
N LEU A 136 -29.97 -4.55 21.37
CA LEU A 136 -29.57 -3.16 21.66
C LEU A 136 -29.16 -2.99 23.13
N LEU A 137 -28.56 -1.84 23.38
CA LEU A 137 -28.26 -1.34 24.74
C LEU A 137 -28.43 0.17 24.74
N THR A 138 -28.67 0.70 25.93
CA THR A 138 -28.80 2.15 26.13
C THR A 138 -28.32 2.46 27.55
N VAL A 139 -28.81 3.56 28.08
CA VAL A 139 -27.99 4.56 28.82
C VAL A 139 -27.11 3.91 29.88
N GLU A 140 -25.88 4.44 29.97
CA GLU A 140 -24.76 4.06 30.87
C GLU A 140 -24.02 2.83 30.35
N GLN A 141 -24.73 1.97 29.62
CA GLN A 141 -24.11 0.92 28.82
C GLN A 141 -23.40 1.65 27.69
N ARG A 142 -24.01 2.75 27.24
CA ARG A 142 -23.39 3.64 26.26
C ARG A 142 -22.30 4.49 26.91
N LYS A 143 -22.53 4.98 28.12
CA LYS A 143 -21.62 6.01 28.69
C LYS A 143 -20.29 5.43 29.09
N LYS A 144 -20.27 4.33 29.83
CA LYS A 144 -18.98 3.69 30.15
C LYS A 144 -18.32 3.20 28.87
N LEU A 145 -19.10 2.67 27.92
CA LEU A 145 -18.58 2.18 26.63
C LEU A 145 -17.83 3.31 25.92
N SER A 146 -18.39 4.51 25.91
CA SER A 146 -17.78 5.65 25.23
C SER A 146 -16.68 6.31 26.09
N SER A 147 -16.74 6.23 27.42
CA SER A 147 -15.64 6.68 28.30
C SER A 147 -14.41 5.83 28.02
N LEU A 148 -14.59 4.58 27.59
CA LEU A 148 -13.45 3.68 27.34
C LEU A 148 -13.09 3.63 25.87
N LEU A 149 -14.07 3.64 25.00
CA LEU A 149 -13.83 3.62 23.55
C LEU A 149 -13.11 4.89 23.11
N GLU A 150 -13.40 6.02 23.76
CA GLU A 150 -12.63 7.25 23.50
C GLU A 150 -11.17 7.00 23.86
N PHE A 151 -10.91 6.38 25.01
CA PHE A 151 -9.54 6.11 25.44
C PHE A 151 -8.87 5.13 24.48
N ALA A 152 -9.65 4.24 23.88
CA ALA A 152 -9.09 3.33 22.87
C ALA A 152 -8.46 4.11 21.71
N GLN A 153 -9.12 5.18 21.27
CA GLN A 153 -8.58 5.99 20.16
C GLN A 153 -7.29 6.66 20.60
N TYR A 154 -7.17 7.08 21.86
CA TYR A 154 -5.92 7.65 22.39
C TYR A 154 -4.80 6.61 22.28
N LEU A 155 -5.10 5.39 22.66
CA LEU A 155 -4.03 4.39 22.60
C LEU A 155 -3.72 4.02 21.15
N LEU A 156 -4.72 3.99 20.27
CA LEU A 156 -4.42 3.84 18.83
C LEU A 156 -3.46 4.94 18.36
N ALA A 157 -3.70 6.15 18.80
CA ALA A 157 -2.85 7.27 18.39
C ALA A 157 -1.44 7.04 18.89
N HIS A 158 -1.28 6.56 20.10
CA HIS A 158 0.08 6.25 20.58
C HIS A 158 0.57 4.91 20.07
N SER A 159 -0.21 4.23 19.23
CA SER A 159 0.18 2.96 18.57
C SER A 159 0.18 1.79 19.53
N MET A 160 -0.19 2.01 20.79
CA MET A 160 -0.19 0.95 21.80
C MET A 160 -1.50 0.20 21.79
N PHE A 161 -1.79 -0.42 20.66
CA PHE A 161 -3.00 -1.22 20.48
C PHE A 161 -2.75 -2.15 19.29
N SER A 162 -3.07 -3.42 19.49
CA SER A 162 -3.15 -4.45 18.43
C SER A 162 -4.61 -4.62 18.03
N ARG A 163 -4.85 -4.68 16.74
CA ARG A 163 -6.21 -4.64 16.24
C ARG A 163 -6.77 -5.99 15.86
N LEU A 164 -5.98 -6.90 15.34
CA LEU A 164 -6.51 -8.26 15.12
C LEU A 164 -6.57 -9.01 16.43
N SER A 165 -5.60 -8.75 17.33
CA SER A 165 -5.59 -9.30 18.69
C SER A 165 -6.92 -8.95 19.37
N PHE A 166 -7.50 -7.80 19.02
CA PHE A 166 -8.77 -7.36 19.60
C PHE A 166 -9.95 -7.99 18.89
N CYS A 167 -9.92 -8.13 17.57
CA CYS A 167 -10.97 -8.88 16.89
C CYS A 167 -11.10 -10.33 17.41
N GLN A 168 -9.97 -10.99 17.60
CA GLN A 168 -9.95 -12.39 18.05
C GLN A 168 -10.32 -12.47 19.53
N GLU A 169 -9.84 -11.56 20.39
CA GLU A 169 -10.24 -11.56 21.81
C GLU A 169 -11.65 -11.06 22.01
N LEU A 170 -12.30 -10.56 20.97
CA LEU A 170 -13.77 -10.41 20.98
C LEU A 170 -14.45 -11.72 20.56
N TRP A 171 -13.95 -12.38 19.54
CA TRP A 171 -14.55 -13.66 19.14
C TRP A 171 -14.43 -14.73 20.20
N LYS A 172 -13.50 -14.59 21.14
CA LYS A 172 -13.55 -15.41 22.35
C LYS A 172 -14.77 -15.04 23.19
N ILE A 173 -15.22 -13.79 23.16
CA ILE A 173 -16.43 -13.32 23.89
C ILE A 173 -17.62 -13.27 22.91
N GLN A 174 -17.56 -14.08 21.83
CA GLN A 174 -18.47 -14.10 20.68
C GLN A 174 -19.93 -13.73 20.97
N SER A 175 -20.56 -14.39 21.93
CA SER A 175 -22.02 -14.32 22.04
C SER A 175 -22.45 -13.22 23.02
N SER A 176 -21.53 -12.70 23.84
CA SER A 176 -21.86 -11.64 24.82
C SER A 176 -21.81 -10.23 24.20
N LEU A 177 -21.90 -10.13 22.87
CA LEU A 177 -21.71 -8.85 22.16
C LEU A 177 -23.05 -8.32 21.63
N LEU A 178 -23.14 -6.99 21.58
CA LEU A 178 -24.33 -6.26 21.11
C LEU A 178 -24.08 -5.64 19.74
N LEU A 179 -25.07 -5.79 18.87
CA LEU A 179 -24.97 -5.28 17.50
C LEU A 179 -24.92 -3.77 17.49
N GLU A 180 -25.41 -3.13 18.55
CA GLU A 180 -25.24 -1.69 18.67
C GLU A 180 -23.79 -1.36 19.11
N ALA A 181 -23.18 -2.21 19.95
CA ALA A 181 -21.79 -1.95 20.39
C ALA A 181 -20.84 -2.08 19.23
N VAL A 182 -21.00 -3.12 18.43
CA VAL A 182 -20.05 -3.31 17.32
C VAL A 182 -20.22 -2.22 16.25
N TRP A 183 -21.42 -1.67 16.13
CA TRP A 183 -21.69 -0.57 15.20
C TRP A 183 -21.07 0.72 15.77
N HIS A 184 -21.14 0.94 17.09
CA HIS A 184 -20.35 2.02 17.74
C HIS A 184 -18.86 1.86 17.42
N LEU A 185 -18.39 0.62 17.40
CA LEU A 185 -17.00 0.34 17.07
C LEU A 185 -16.74 0.74 15.63
N HIS A 186 -17.63 0.32 14.74
CA HIS A 186 -17.48 0.60 13.29
C HIS A 186 -17.43 2.10 13.05
N VAL A 187 -18.17 2.84 13.85
CA VAL A 187 -18.34 4.27 13.59
C VAL A 187 -17.25 5.09 14.29
N GLN A 188 -16.88 4.80 15.53
CA GLN A 188 -15.71 5.47 16.14
C GLN A 188 -14.41 4.91 15.61
N GLY A 189 -14.47 3.79 14.88
CA GLY A 189 -13.31 3.28 14.17
C GLY A 189 -12.16 2.90 15.07
N ILE A 190 -12.43 2.11 16.10
CA ILE A 190 -11.40 1.27 16.71
C ILE A 190 -11.25 0.00 15.89
N VAL A 191 -12.33 -0.44 15.23
CA VAL A 191 -12.31 -1.60 14.32
C VAL A 191 -13.34 -1.37 13.24
N SER A 192 -13.07 -1.92 12.08
CA SER A 192 -14.01 -1.94 10.97
C SER A 192 -14.80 -3.23 11.00
N LEU A 193 -16.01 -3.13 10.48
CA LEU A 193 -16.87 -4.30 10.24
C LEU A 193 -16.10 -5.39 9.48
N GLN A 194 -15.32 -4.98 8.50
CA GLN A 194 -14.60 -5.96 7.67
C GLN A 194 -13.43 -6.56 8.42
N GLU A 195 -12.72 -5.78 9.21
CA GLU A 195 -11.64 -6.36 10.05
C GLU A 195 -12.21 -7.35 11.07
N LEU A 196 -13.51 -7.26 11.37
CA LEU A 196 -14.15 -8.31 12.18
C LEU A 196 -14.51 -9.50 11.30
N LEU A 197 -15.33 -9.26 10.31
CA LEU A 197 -15.93 -10.38 9.59
C LEU A 197 -14.95 -11.15 8.72
N GLU A 198 -13.67 -10.75 8.65
CA GLU A 198 -12.60 -11.59 8.05
C GLU A 198 -11.63 -12.12 9.10
N SER A 199 -11.82 -11.76 10.36
CA SER A 199 -10.95 -12.21 11.46
C SER A 199 -11.62 -13.28 12.31
N HIS A 200 -12.87 -13.61 12.04
CA HIS A 200 -13.53 -14.73 12.74
C HIS A 200 -13.01 -16.04 12.15
N PRO A 201 -12.63 -17.05 12.97
CA PRO A 201 -12.15 -18.30 12.39
C PRO A 201 -13.20 -18.99 11.51
N ASP A 202 -14.36 -19.28 12.09
CA ASP A 202 -15.50 -19.87 11.37
C ASP A 202 -16.29 -18.77 10.68
N MET A 203 -16.71 -19.04 9.45
CA MET A 203 -17.49 -18.06 8.66
C MET A 203 -18.99 -18.36 8.78
N HIS A 204 -19.36 -19.63 8.85
CA HIS A 204 -20.78 -19.98 9.05
C HIS A 204 -21.26 -19.47 10.41
N ALA A 205 -20.41 -19.55 11.44
CA ALA A 205 -20.71 -19.01 12.78
C ALA A 205 -21.08 -17.53 12.66
N VAL A 206 -20.24 -16.76 11.97
CA VAL A 206 -20.51 -15.34 11.70
C VAL A 206 -21.88 -15.19 11.03
N GLY A 207 -22.09 -15.91 9.92
CA GLY A 207 -23.27 -15.72 9.08
C GLY A 207 -24.52 -15.92 9.88
N SER A 208 -24.56 -17.00 10.64
CA SER A 208 -25.76 -17.33 11.40
C SER A 208 -25.93 -16.37 12.58
N TRP A 209 -24.83 -16.02 13.26
CA TRP A 209 -24.84 -15.02 14.36
C TRP A 209 -25.55 -13.75 13.89
N LEU A 210 -25.13 -13.30 12.73
CA LEU A 210 -25.64 -12.05 12.19
C LEU A 210 -27.08 -12.22 11.72
N PHE A 211 -27.39 -13.37 11.12
CA PHE A 211 -28.77 -13.63 10.68
C PHE A 211 -29.74 -13.55 11.85
N ARG A 212 -29.40 -14.21 12.95
CA ARG A 212 -30.32 -14.25 14.11
C ARG A 212 -30.44 -12.86 14.71
N ASN A 213 -29.33 -12.15 14.88
CA ASN A 213 -29.38 -10.84 15.53
C ASN A 213 -30.12 -9.84 14.65
N LEU A 214 -29.99 -9.97 13.33
CA LEU A 214 -30.81 -9.16 12.41
C LEU A 214 -32.29 -9.48 12.59
N CYS A 215 -32.62 -10.76 12.54
CA CYS A 215 -34.02 -11.19 12.68
C CYS A 215 -34.61 -10.62 13.96
N CYS A 216 -33.85 -10.64 15.06
CA CYS A 216 -34.30 -10.06 16.34
C CYS A 216 -34.42 -8.55 16.24
N LEU A 217 -33.51 -7.88 15.55
CA LEU A 217 -33.50 -6.41 15.55
C LEU A 217 -34.62 -5.87 14.66
N CYS A 218 -35.01 -6.62 13.63
CA CYS A 218 -36.13 -6.20 12.75
C CYS A 218 -37.48 -6.59 13.36
N GLU A 219 -37.52 -7.57 14.27
CA GLU A 219 -38.67 -7.69 15.20
C GLU A 219 -38.73 -6.46 16.10
N GLN A 220 -37.56 -5.99 16.55
CA GLN A 220 -37.42 -4.62 17.10
C GLN A 220 -37.62 -3.62 15.96
N MET A 221 -37.44 -2.33 16.26
CA MET A 221 -37.47 -1.16 15.36
C MET A 221 -38.88 -0.90 14.79
N GLU A 222 -39.86 -1.76 15.04
CA GLU A 222 -41.29 -1.40 14.97
C GLU A 222 -41.87 -1.29 16.39
N ALA A 223 -41.08 -1.58 17.43
CA ALA A 223 -41.51 -1.44 18.84
C ALA A 223 -41.84 0.01 19.14
N SER A 224 -40.94 0.93 18.81
CA SER A 224 -41.19 2.37 18.90
C SER A 224 -40.43 3.06 17.78
N CYS A 225 -40.93 4.20 17.33
CA CYS A 225 -40.27 4.98 16.27
C CYS A 225 -38.97 5.65 16.77
N GLN A 226 -38.71 5.66 18.08
CA GLN A 226 -37.41 6.15 18.60
C GLN A 226 -36.34 5.06 18.51
N HIS A 227 -36.65 3.85 19.00
CA HIS A 227 -35.82 2.65 18.74
C HIS A 227 -35.59 2.47 17.24
N ALA A 228 -36.63 2.73 16.44
CA ALA A 228 -36.58 2.55 14.98
C ALA A 228 -35.46 3.37 14.35
N ASP A 229 -35.23 4.61 14.82
CA ASP A 229 -34.23 5.49 14.19
C ASP A 229 -32.83 4.91 14.36
N VAL A 230 -32.45 4.58 15.58
CA VAL A 230 -31.10 4.05 15.88
C VAL A 230 -30.93 2.68 15.21
N ALA A 231 -32.01 1.88 15.15
CA ALA A 231 -31.93 0.57 14.48
C ALA A 231 -31.78 0.76 12.96
N ARG A 232 -32.55 1.68 12.37
CA ARG A 232 -32.52 1.91 10.91
C ARG A 232 -31.16 2.44 10.47
N ALA A 233 -30.55 3.30 11.28
CA ALA A 233 -29.18 3.81 11.02
C ALA A 233 -28.24 2.64 10.77
N MET A 234 -28.06 1.80 11.78
CA MET A 234 -27.16 0.64 11.68
C MET A 234 -27.62 -0.37 10.63
N LEU A 235 -28.92 -0.51 10.39
CA LEU A 235 -29.40 -1.44 9.34
C LEU A 235 -28.88 -0.99 7.99
N SER A 236 -29.21 0.24 7.59
CA SER A 236 -28.79 0.75 6.28
C SER A 236 -27.24 0.86 6.24
N ASP A 237 -26.57 1.11 7.36
CA ASP A 237 -25.08 1.14 7.41
C ASP A 237 -24.49 -0.22 7.03
N PHE A 238 -24.93 -1.24 7.73
CA PHE A 238 -24.48 -2.62 7.50
C PHE A 238 -24.81 -3.04 6.07
N VAL A 239 -26.01 -2.69 5.61
CA VAL A 239 -26.45 -3.05 4.24
C VAL A 239 -25.54 -2.39 3.22
N GLN A 240 -25.26 -1.10 3.41
CA GLN A 240 -24.37 -0.36 2.50
C GLN A 240 -23.00 -1.04 2.51
N MET A 241 -22.51 -1.40 3.69
CA MET A 241 -21.17 -2.04 3.79
C MET A 241 -21.17 -3.38 3.04
N PHE A 242 -22.20 -4.19 3.22
CA PHE A 242 -22.32 -5.50 2.56
C PHE A 242 -22.34 -5.36 1.05
N VAL A 243 -23.31 -4.60 0.54
CA VAL A 243 -23.49 -4.49 -0.91
C VAL A 243 -22.30 -3.73 -1.53
N LEU A 244 -21.57 -2.99 -0.73
CA LEU A 244 -20.32 -2.38 -1.17
C LEU A 244 -19.28 -3.47 -1.42
N ARG A 245 -18.97 -4.22 -0.37
CA ARG A 245 -17.85 -5.16 -0.46
C ARG A 245 -18.16 -6.24 -1.49
N GLY A 246 -19.43 -6.61 -1.62
CA GLY A 246 -19.77 -7.82 -2.37
C GLY A 246 -19.57 -7.67 -3.87
N PHE A 247 -19.77 -6.46 -4.38
CA PHE A 247 -19.99 -6.24 -5.81
C PHE A 247 -18.92 -5.31 -6.38
N GLN A 248 -17.65 -5.52 -6.00
CA GLN A 248 -16.51 -4.72 -6.52
C GLN A 248 -15.26 -5.60 -6.72
N MET A 262 -15.44 -13.13 4.11
CA MET A 262 -15.09 -12.81 2.72
C MET A 262 -16.39 -12.48 1.96
N PRO A 263 -16.32 -12.05 0.69
CA PRO A 263 -17.52 -11.83 -0.12
C PRO A 263 -18.56 -12.96 -0.07
N GLN A 264 -18.13 -14.20 0.03
CA GLN A 264 -19.06 -15.33 0.17
C GLN A 264 -19.88 -15.17 1.46
N VAL A 265 -19.29 -14.60 2.51
CA VAL A 265 -19.99 -14.39 3.79
C VAL A 265 -21.19 -13.49 3.55
N THR A 266 -20.91 -12.31 3.02
CA THR A 266 -21.94 -11.34 2.65
C THR A 266 -22.99 -11.99 1.76
N VAL A 267 -22.56 -12.70 0.74
CA VAL A 267 -23.47 -13.30 -0.27
C VAL A 267 -24.41 -14.29 0.42
N ASP A 268 -23.87 -15.18 1.25
CA ASP A 268 -24.69 -16.20 1.91
C ASP A 268 -25.64 -15.56 2.91
N VAL A 269 -25.19 -14.49 3.60
CA VAL A 269 -26.05 -13.80 4.58
C VAL A 269 -27.24 -13.20 3.84
N LEU A 270 -26.96 -12.54 2.72
CA LEU A 270 -28.00 -11.89 1.92
C LEU A 270 -28.97 -12.95 1.39
N GLN A 271 -28.45 -14.07 0.93
CA GLN A 271 -29.30 -15.16 0.42
C GLN A 271 -30.10 -15.79 1.55
N ARG A 272 -29.52 -15.82 2.74
CA ARG A 272 -30.24 -16.31 3.91
C ARG A 272 -31.45 -15.42 4.17
N MET A 273 -31.22 -14.11 4.16
CA MET A 273 -32.32 -13.13 4.31
C MET A 273 -33.38 -13.33 3.24
N LEU A 274 -32.94 -13.41 2.00
CA LEU A 274 -33.84 -13.64 0.85
C LEU A 274 -34.72 -14.86 1.10
N ILE A 275 -34.08 -15.99 1.35
CA ILE A 275 -34.80 -17.29 1.37
C ILE A 275 -35.68 -17.34 2.62
N PHE A 276 -35.18 -16.81 3.72
CA PHE A 276 -35.96 -16.67 4.95
C PHE A 276 -37.27 -15.95 4.65
N ALA A 277 -37.18 -14.78 4.05
CA ALA A 277 -38.38 -13.97 3.78
C ALA A 277 -39.25 -14.70 2.77
N LEU A 278 -38.64 -15.25 1.72
CA LEU A 278 -39.39 -15.94 0.66
C LEU A 278 -40.21 -17.10 1.23
N ASP A 279 -39.59 -17.88 2.11
CA ASP A 279 -40.25 -19.06 2.68
C ASP A 279 -41.26 -18.63 3.74
N ALA A 280 -40.93 -17.63 4.56
CA ALA A 280 -41.86 -17.15 5.60
C ALA A 280 -43.12 -16.57 4.95
N LEU A 281 -43.01 -16.05 3.73
CA LEU A 281 -44.20 -15.53 3.01
C LEU A 281 -44.89 -16.64 2.25
N ALA A 282 -44.15 -17.38 1.42
CA ALA A 282 -44.75 -18.38 0.53
C ALA A 282 -45.36 -19.52 1.32
N ALA A 283 -44.84 -19.81 2.51
CA ALA A 283 -45.34 -20.91 3.35
C ALA A 283 -46.62 -20.51 4.07
N GLY A 284 -47.65 -20.12 3.33
CA GLY A 284 -49.00 -19.91 3.88
C GLY A 284 -49.17 -18.60 4.62
N VAL A 285 -48.34 -18.35 5.64
CA VAL A 285 -48.70 -17.39 6.70
C VAL A 285 -47.97 -16.05 6.52
N GLN A 286 -48.69 -14.96 6.80
CA GLN A 286 -48.07 -13.68 7.14
C GLN A 286 -48.52 -13.30 8.55
N GLU A 287 -49.83 -13.13 8.70
CA GLU A 287 -50.53 -12.92 9.97
C GLU A 287 -49.92 -11.82 10.85
N GLU A 288 -49.22 -10.87 10.23
CA GLU A 288 -49.01 -9.50 10.73
C GLU A 288 -48.75 -9.39 12.24
N SER A 289 -47.99 -10.33 12.79
CA SER A 289 -47.66 -10.35 14.22
C SER A 289 -46.15 -10.21 14.41
N SER A 290 -45.41 -11.09 13.78
CA SER A 290 -43.94 -11.10 13.83
C SER A 290 -43.43 -11.97 12.69
N THR A 291 -42.24 -11.64 12.24
CA THR A 291 -41.62 -12.09 10.98
C THR A 291 -42.18 -11.35 9.78
N HIS A 292 -43.41 -10.84 9.90
CA HIS A 292 -43.90 -9.90 8.90
C HIS A 292 -43.23 -8.54 9.09
N LYS A 293 -43.05 -8.11 10.35
CA LYS A 293 -42.25 -6.90 10.64
C LYS A 293 -40.81 -7.10 10.21
N ILE A 294 -40.27 -8.31 10.34
CA ILE A 294 -38.90 -8.57 9.90
C ILE A 294 -38.80 -8.35 8.39
N VAL A 295 -39.71 -8.97 7.64
CA VAL A 295 -39.70 -8.82 6.16
C VAL A 295 -39.95 -7.36 5.78
N ARG A 296 -40.77 -6.65 6.55
CA ARG A 296 -41.08 -5.24 6.26
C ARG A 296 -39.82 -4.39 6.41
N CYS A 297 -39.19 -4.47 7.58
CA CYS A 297 -37.97 -3.69 7.86
C CYS A 297 -36.84 -4.15 6.94
N TRP A 298 -36.90 -5.37 6.44
CA TRP A 298 -35.93 -5.83 5.43
C TRP A 298 -36.15 -5.15 4.08
N PHE A 299 -37.38 -5.20 3.55
CA PHE A 299 -37.73 -4.52 2.29
C PHE A 299 -37.51 -3.01 2.38
N GLY A 300 -37.60 -2.45 3.60
CA GLY A 300 -37.48 -1.00 3.80
C GLY A 300 -36.21 -0.40 3.22
N VAL A 301 -35.05 -0.86 3.70
CA VAL A 301 -33.76 -0.35 3.16
C VAL A 301 -33.67 -0.69 1.68
N PHE A 302 -34.22 -1.85 1.30
CA PHE A 302 -34.22 -2.26 -0.12
C PHE A 302 -34.88 -1.19 -0.99
N SER A 303 -35.82 -0.47 -0.41
CA SER A 303 -36.32 0.75 -1.08
C SER A 303 -35.16 1.71 -1.13
N GLY A 304 -34.48 1.76 -2.26
CA GLY A 304 -33.10 2.23 -2.31
C GLY A 304 -32.92 3.73 -2.45
N HIS A 305 -33.86 4.52 -1.98
CA HIS A 305 -33.61 5.96 -1.81
C HIS A 305 -32.53 6.16 -0.76
N THR A 306 -32.66 5.46 0.35
CA THR A 306 -31.69 5.58 1.44
C THR A 306 -30.33 5.02 1.02
N LEU A 307 -30.30 4.05 0.09
CA LEU A 307 -29.08 3.27 -0.22
C LEU A 307 -28.44 3.68 -1.56
N GLY A 308 -29.21 3.62 -2.66
CA GLY A 308 -28.70 4.00 -3.98
C GLY A 308 -28.22 5.43 -4.04
N SER A 309 -28.79 6.28 -3.22
CA SER A 309 -28.29 7.63 -2.98
C SER A 309 -26.83 7.58 -2.54
N VAL A 310 -26.53 6.68 -1.62
CA VAL A 310 -25.19 6.68 -0.98
C VAL A 310 -24.19 5.91 -1.82
N ILE A 311 -24.66 4.94 -2.59
CA ILE A 311 -23.76 3.99 -3.28
C ILE A 311 -23.79 4.30 -4.78
N SER A 312 -22.68 4.01 -5.45
CA SER A 312 -22.60 4.02 -6.91
C SER A 312 -23.66 3.11 -7.50
N THR A 313 -24.13 3.43 -8.70
CA THR A 313 -25.24 2.66 -9.32
C THR A 313 -24.70 1.50 -10.15
N ASP A 314 -23.39 1.27 -10.15
CA ASP A 314 -22.86 0.08 -10.81
C ASP A 314 -23.01 -1.15 -9.93
N PRO A 315 -22.41 -1.19 -8.72
CA PRO A 315 -22.54 -2.40 -7.91
C PRO A 315 -23.94 -2.57 -7.31
N LEU A 316 -24.63 -1.44 -7.12
CA LEU A 316 -26.07 -1.44 -6.79
C LEU A 316 -26.82 -2.31 -7.77
N LYS A 317 -26.62 -2.06 -9.07
CA LYS A 317 -27.32 -2.82 -10.11
C LYS A 317 -26.89 -4.29 -10.07
N ARG A 318 -25.61 -4.54 -9.85
CA ARG A 318 -25.10 -5.91 -9.74
C ARG A 318 -25.90 -6.64 -8.68
N PHE A 319 -26.03 -6.02 -7.52
CA PHE A 319 -26.73 -6.65 -6.41
C PHE A 319 -28.21 -6.85 -6.75
N PHE A 320 -28.83 -5.88 -7.40
CA PHE A 320 -30.28 -6.02 -7.65
C PHE A 320 -30.56 -7.09 -8.68
N SER A 321 -29.76 -7.16 -9.74
CA SER A 321 -29.92 -8.25 -10.73
C SER A 321 -29.59 -9.60 -10.10
N HIS A 322 -28.55 -9.66 -9.27
CA HIS A 322 -28.18 -10.88 -8.52
C HIS A 322 -29.38 -11.37 -7.73
N THR A 323 -29.94 -10.48 -6.92
CA THR A 323 -31.09 -10.81 -6.05
C THR A 323 -32.27 -11.22 -6.89
N LEU A 324 -32.49 -10.54 -8.00
CA LEU A 324 -33.58 -10.89 -8.91
C LEU A 324 -33.47 -12.36 -9.35
N THR A 325 -32.34 -12.74 -9.91
CA THR A 325 -32.15 -14.13 -10.40
C THR A 325 -32.18 -15.12 -9.23
N GLN A 326 -31.52 -14.76 -8.13
CA GLN A 326 -31.49 -15.57 -6.92
C GLN A 326 -32.92 -15.89 -6.47
N ILE A 327 -33.79 -14.89 -6.43
CA ILE A 327 -35.22 -15.12 -6.12
C ILE A 327 -35.80 -16.10 -7.13
N LEU A 328 -35.76 -15.71 -8.40
CA LEU A 328 -36.58 -16.36 -9.44
C LEU A 328 -36.24 -17.85 -9.59
N THR A 329 -34.96 -18.18 -9.63
CA THR A 329 -34.56 -19.59 -9.82
C THR A 329 -34.79 -20.39 -8.54
N HIS A 330 -34.75 -19.74 -7.39
CA HIS A 330 -34.65 -20.44 -6.10
C HIS A 330 -35.94 -21.21 -5.82
N SER A 331 -35.79 -22.43 -5.31
CA SER A 331 -36.92 -23.34 -5.00
C SER A 331 -37.79 -23.50 -6.24
N PRO A 332 -37.26 -24.07 -7.33
CA PRO A 332 -38.04 -24.18 -8.57
C PRO A 332 -39.19 -25.19 -8.43
N VAL A 333 -40.22 -24.77 -7.71
CA VAL A 333 -41.42 -25.56 -7.43
C VAL A 333 -42.49 -25.04 -8.38
N LEU A 334 -43.59 -25.80 -8.54
CA LEU A 334 -44.69 -25.44 -9.46
C LEU A 334 -44.15 -25.42 -10.88
N LYS A 335 -43.17 -26.27 -11.17
CA LYS A 335 -42.68 -26.43 -12.55
C LYS A 335 -43.66 -27.19 -13.43
N ALA A 336 -44.78 -27.65 -12.87
CA ALA A 336 -45.87 -28.23 -13.65
C ALA A 336 -46.26 -27.30 -14.79
N SER A 337 -46.05 -27.75 -16.02
CA SER A 337 -46.62 -27.07 -17.18
C SER A 337 -48.14 -26.92 -17.02
N ASP A 338 -48.78 -27.92 -16.40
CA ASP A 338 -50.18 -27.81 -15.97
C ASP A 338 -50.20 -27.22 -14.57
N ALA A 339 -49.78 -25.96 -14.48
CA ALA A 339 -49.96 -25.11 -13.30
C ALA A 339 -50.77 -23.90 -13.76
N VAL A 340 -51.75 -24.15 -14.61
CA VAL A 340 -52.43 -23.07 -15.37
C VAL A 340 -53.50 -22.41 -14.50
N GLN A 341 -54.14 -23.15 -13.60
CA GLN A 341 -55.10 -22.55 -12.65
C GLN A 341 -54.39 -21.63 -11.67
N MET A 342 -53.09 -21.77 -11.52
CA MET A 342 -52.30 -20.98 -10.56
C MET A 342 -52.10 -19.55 -11.03
N GLN A 343 -52.34 -19.24 -12.31
CA GLN A 343 -52.20 -17.87 -12.81
C GLN A 343 -53.21 -16.95 -12.12
N ARG A 344 -54.49 -17.31 -12.23
CA ARG A 344 -55.58 -16.56 -11.58
C ARG A 344 -55.35 -16.50 -10.06
N GLU A 345 -54.67 -17.50 -9.49
CA GLU A 345 -54.38 -17.52 -8.04
C GLU A 345 -53.24 -16.58 -7.66
N TRP A 346 -52.19 -16.52 -8.49
CA TRP A 346 -51.05 -15.59 -8.29
C TRP A 346 -51.30 -14.27 -9.02
N SER A 347 -52.55 -13.95 -9.34
CA SER A 347 -52.91 -12.62 -9.87
C SER A 347 -52.31 -11.52 -8.98
N PHE A 348 -52.04 -10.37 -9.59
CA PHE A 348 -51.24 -9.30 -8.96
C PHE A 348 -51.87 -8.83 -7.65
N ALA A 349 -53.20 -8.67 -7.62
CA ALA A 349 -53.89 -8.28 -6.38
C ALA A 349 -53.75 -9.39 -5.34
N ARG A 350 -53.92 -10.65 -5.76
CA ARG A 350 -53.81 -11.80 -4.84
C ARG A 350 -52.36 -11.96 -4.38
N THR A 351 -51.42 -11.65 -5.26
CA THR A 351 -50.01 -11.50 -4.86
C THR A 351 -49.95 -10.45 -3.77
N HIS A 352 -49.17 -10.74 -2.74
CA HIS A 352 -49.26 -9.98 -1.49
C HIS A 352 -48.68 -8.58 -1.66
N PRO A 353 -49.09 -7.64 -0.80
CA PRO A 353 -48.65 -6.25 -0.97
C PRO A 353 -47.12 -6.06 -0.88
N LEU A 354 -46.42 -6.85 -0.06
CA LEU A 354 -44.96 -6.68 0.07
C LEU A 354 -44.26 -7.18 -1.19
N LEU A 355 -44.76 -8.26 -1.79
CA LEU A 355 -44.26 -8.72 -3.09
C LEU A 355 -44.37 -7.60 -4.11
N THR A 356 -45.55 -6.99 -4.19
CA THR A 356 -45.79 -5.87 -5.11
C THR A 356 -44.85 -4.70 -4.80
N SER A 357 -44.71 -4.31 -3.54
CA SER A 357 -43.88 -3.15 -3.16
C SER A 357 -42.43 -3.40 -3.55
N LEU A 358 -41.95 -4.60 -3.29
CA LEU A 358 -40.57 -4.95 -3.62
C LEU A 358 -40.38 -4.97 -5.13
N TYR A 359 -41.33 -5.54 -5.87
CA TYR A 359 -41.30 -5.49 -7.34
C TYR A 359 -41.29 -4.05 -7.84
N ARG A 360 -42.05 -3.18 -7.19
CA ARG A 360 -42.09 -1.76 -7.59
C ARG A 360 -40.72 -1.12 -7.41
N ARG A 361 -40.08 -1.33 -6.25
CA ARG A 361 -38.74 -0.78 -6.00
C ARG A 361 -37.74 -1.38 -7.01
N LEU A 362 -37.92 -2.65 -7.36
CA LEU A 362 -37.04 -3.31 -8.36
C LEU A 362 -37.17 -2.63 -9.72
N PHE A 363 -38.39 -2.32 -10.12
CA PHE A 363 -38.63 -1.55 -11.35
C PHE A 363 -37.97 -0.18 -11.26
N VAL A 364 -37.98 0.41 -10.08
CA VAL A 364 -37.40 1.76 -9.88
C VAL A 364 -35.89 1.70 -10.09
N MET A 365 -35.25 0.87 -9.30
CA MET A 365 -33.77 0.84 -9.23
C MET A 365 -33.12 0.39 -10.54
N LEU A 366 -33.90 -0.09 -11.50
CA LEU A 366 -33.36 -0.55 -12.79
C LEU A 366 -34.20 0.00 -13.95
N SER A 367 -33.68 -0.19 -15.16
CA SER A 367 -34.31 0.25 -16.41
C SER A 367 -34.98 -0.96 -17.05
N ALA A 368 -36.14 -0.73 -17.66
CA ALA A 368 -37.08 -1.78 -18.08
C ALA A 368 -36.45 -2.80 -19.03
N GLU A 369 -35.82 -2.33 -20.09
CA GLU A 369 -35.39 -3.24 -21.18
C GLU A 369 -34.20 -4.09 -20.73
N GLU A 370 -33.39 -3.57 -19.81
CA GLU A 370 -32.37 -4.39 -19.12
C GLU A 370 -33.02 -5.64 -18.57
N LEU A 371 -34.14 -5.45 -17.86
CA LEU A 371 -34.82 -6.55 -17.16
C LEU A 371 -35.53 -7.45 -18.18
N VAL A 372 -36.06 -6.87 -19.25
CA VAL A 372 -36.69 -7.66 -20.33
C VAL A 372 -35.68 -8.65 -20.89
N GLY A 373 -34.53 -8.16 -21.34
CA GLY A 373 -33.50 -9.01 -21.92
C GLY A 373 -32.96 -10.00 -20.90
N HIS A 374 -32.68 -9.53 -19.68
CA HIS A 374 -32.18 -10.38 -18.58
C HIS A 374 -33.13 -11.56 -18.34
N LEU A 375 -34.43 -11.29 -18.26
CA LEU A 375 -35.43 -12.34 -18.00
C LEU A 375 -35.52 -13.29 -19.18
N GLN A 376 -35.54 -12.77 -20.41
CA GLN A 376 -35.52 -13.64 -21.60
C GLN A 376 -34.34 -14.60 -21.52
N GLU A 377 -33.17 -14.08 -21.20
CA GLU A 377 -31.94 -14.89 -21.10
C GLU A 377 -32.11 -16.00 -20.06
N VAL A 378 -32.48 -15.63 -18.83
CA VAL A 378 -32.53 -16.59 -17.72
C VAL A 378 -33.63 -17.63 -17.98
N LEU A 379 -34.69 -17.25 -18.68
CA LEU A 379 -35.79 -18.18 -18.99
C LEU A 379 -35.34 -19.19 -20.05
N GLU A 380 -34.63 -18.71 -21.08
CA GLU A 380 -34.03 -19.62 -22.07
C GLU A 380 -33.10 -20.62 -21.38
N THR A 381 -32.34 -20.13 -20.40
CA THR A 381 -31.19 -20.90 -19.87
C THR A 381 -31.63 -21.87 -18.77
N GLN A 382 -32.15 -21.36 -17.66
CA GLN A 382 -32.12 -22.09 -16.37
C GLN A 382 -33.53 -22.35 -15.82
N GLU A 383 -33.56 -22.88 -14.59
CA GLU A 383 -34.77 -23.35 -13.91
C GLU A 383 -35.59 -22.18 -13.38
N VAL A 384 -36.78 -22.50 -12.89
CA VAL A 384 -37.82 -21.49 -12.60
C VAL A 384 -38.58 -21.88 -11.33
N HIS A 385 -38.78 -20.89 -10.45
CA HIS A 385 -39.90 -20.88 -9.50
C HIS A 385 -40.94 -19.90 -10.03
N TRP A 386 -42.08 -20.43 -10.48
CA TRP A 386 -42.98 -19.67 -11.34
C TRP A 386 -43.79 -18.63 -10.57
N GLN A 387 -43.89 -18.73 -9.25
CA GLN A 387 -44.56 -17.68 -8.47
C GLN A 387 -43.82 -16.37 -8.61
N ARG A 388 -42.50 -16.41 -8.45
CA ARG A 388 -41.66 -15.21 -8.56
C ARG A 388 -41.55 -14.74 -10.01
N VAL A 389 -41.98 -15.55 -10.98
CA VAL A 389 -41.90 -15.17 -12.40
C VAL A 389 -43.19 -14.48 -12.83
N LEU A 390 -44.32 -15.14 -12.66
CA LEU A 390 -45.53 -14.73 -13.41
C LEU A 390 -46.25 -13.57 -12.72
N SER A 391 -46.42 -13.60 -11.40
CA SER A 391 -46.93 -12.41 -10.68
C SER A 391 -46.00 -11.22 -10.92
N PHE A 392 -44.70 -11.49 -11.02
CA PHE A 392 -43.70 -10.46 -11.37
C PHE A 392 -43.91 -9.95 -12.79
N VAL A 393 -44.32 -10.82 -13.73
CA VAL A 393 -44.64 -10.41 -15.12
C VAL A 393 -45.84 -9.47 -15.12
N SER A 394 -46.89 -9.83 -14.38
CA SER A 394 -48.08 -8.98 -14.27
C SER A 394 -47.68 -7.62 -13.72
N ALA A 395 -46.74 -7.60 -12.76
CA ALA A 395 -46.19 -6.34 -12.24
C ALA A 395 -45.47 -5.59 -13.36
N LEU A 396 -44.64 -6.30 -14.12
CA LEU A 396 -43.82 -5.68 -15.19
C LEU A 396 -44.69 -4.97 -16.21
N VAL A 397 -45.84 -5.55 -16.54
CA VAL A 397 -46.70 -4.99 -17.61
C VAL A 397 -47.20 -3.61 -17.21
N VAL A 398 -47.86 -3.52 -16.05
CA VAL A 398 -48.65 -2.32 -15.70
C VAL A 398 -47.78 -1.34 -14.90
N CYS A 399 -46.67 -1.78 -14.32
CA CYS A 399 -45.80 -0.86 -13.55
C CYS A 399 -44.90 -0.07 -14.49
N PHE A 400 -44.35 -0.72 -15.52
CA PHE A 400 -43.44 -0.04 -16.44
C PHE A 400 -44.21 0.79 -17.45
N PRO A 401 -43.57 1.82 -18.03
CA PRO A 401 -44.24 2.63 -19.06
C PRO A 401 -44.16 1.92 -20.40
N GLU A 402 -45.29 1.29 -20.79
CA GLU A 402 -45.43 0.61 -22.08
C GLU A 402 -44.26 -0.34 -22.29
N ALA A 403 -44.13 -1.31 -21.40
CA ALA A 403 -43.25 -2.46 -21.60
C ALA A 403 -44.04 -3.64 -22.19
N GLN A 404 -45.36 -3.48 -22.42
CA GLN A 404 -46.20 -4.57 -22.95
C GLN A 404 -45.70 -5.00 -24.32
N GLN A 405 -45.39 -4.05 -25.20
CA GLN A 405 -44.85 -4.39 -26.53
C GLN A 405 -43.44 -4.98 -26.41
N LEU A 406 -42.62 -4.42 -25.52
CA LEU A 406 -41.26 -4.94 -25.28
C LEU A 406 -41.33 -6.42 -24.93
N LEU A 407 -42.35 -6.79 -24.15
CA LEU A 407 -42.54 -8.19 -23.73
C LEU A 407 -43.08 -9.02 -24.90
N GLU A 408 -44.06 -8.49 -25.64
CA GLU A 408 -44.65 -9.17 -26.81
C GLU A 408 -43.60 -9.52 -27.86
N ASP A 409 -42.60 -8.65 -28.02
CA ASP A 409 -41.51 -8.90 -28.98
C ASP A 409 -40.82 -10.23 -28.69
N TRP A 410 -40.23 -10.38 -27.51
CA TRP A 410 -39.47 -11.61 -27.23
C TRP A 410 -40.41 -12.78 -26.95
N VAL A 411 -41.69 -12.52 -26.65
CA VAL A 411 -42.72 -13.58 -26.75
C VAL A 411 -42.68 -14.17 -28.15
N ALA A 412 -42.84 -13.32 -29.17
CA ALA A 412 -42.83 -13.79 -30.57
C ALA A 412 -41.49 -14.46 -30.90
N ARG A 413 -40.39 -13.90 -30.42
CA ARG A 413 -39.06 -14.47 -30.66
C ARG A 413 -39.00 -15.91 -30.15
N LEU A 414 -39.23 -16.09 -28.85
CA LEU A 414 -39.07 -17.43 -28.22
C LEU A 414 -40.12 -18.37 -28.79
N MET A 415 -41.27 -17.85 -29.21
CA MET A 415 -42.28 -18.71 -29.85
C MET A 415 -41.74 -19.25 -31.17
N ALA A 416 -41.28 -18.38 -32.05
CA ALA A 416 -40.73 -18.81 -33.36
C ALA A 416 -39.54 -19.75 -33.15
N GLN A 417 -38.71 -19.47 -32.14
CA GLN A 417 -37.58 -20.37 -31.80
C GLN A 417 -38.10 -21.75 -31.43
N ALA A 418 -39.08 -21.80 -30.52
CA ALA A 418 -39.68 -23.08 -30.09
C ALA A 418 -40.39 -23.77 -31.26
N PHE A 419 -40.78 -23.02 -32.30
CA PHE A 419 -41.50 -23.61 -33.44
C PHE A 419 -40.54 -24.20 -34.46
N GLU A 420 -39.38 -23.58 -34.64
CA GLU A 420 -38.38 -24.13 -35.59
C GLU A 420 -37.92 -25.51 -35.14
N SER A 421 -37.72 -25.69 -33.83
CA SER A 421 -37.40 -27.01 -33.24
C SER A 421 -38.65 -27.76 -32.77
N CYS A 422 -39.81 -27.11 -32.84
CA CYS A 422 -41.05 -27.55 -32.20
C CYS A 422 -40.80 -27.98 -30.76
N GLN A 423 -40.14 -27.09 -30.01
CA GLN A 423 -39.89 -27.30 -28.58
C GLN A 423 -41.07 -26.73 -27.80
N LEU A 424 -42.04 -27.58 -27.48
CA LEU A 424 -43.25 -27.12 -26.76
C LEU A 424 -42.88 -26.68 -25.33
N ASP A 425 -41.76 -27.15 -24.78
CA ASP A 425 -41.35 -26.82 -23.40
C ASP A 425 -41.22 -25.31 -23.21
N SER A 426 -40.57 -24.64 -24.16
CA SER A 426 -40.40 -23.17 -24.09
C SER A 426 -41.70 -22.48 -24.51
N MET A 427 -42.43 -23.06 -25.46
CA MET A 427 -43.74 -22.54 -25.89
C MET A 427 -44.68 -22.42 -24.68
N VAL A 428 -44.58 -23.35 -23.74
CA VAL A 428 -45.37 -23.34 -22.49
C VAL A 428 -45.16 -22.00 -21.78
N THR A 429 -43.92 -21.59 -21.60
CA THR A 429 -43.60 -20.36 -20.84
C THR A 429 -44.19 -19.14 -21.55
N ALA A 430 -44.12 -19.12 -22.88
CA ALA A 430 -44.67 -18.02 -23.68
C ALA A 430 -46.18 -17.91 -23.45
N PHE A 431 -46.88 -19.04 -23.49
CA PHE A 431 -48.34 -19.04 -23.27
C PHE A 431 -48.66 -18.55 -21.85
N LEU A 432 -47.89 -19.02 -20.86
CA LEU A 432 -48.11 -18.57 -19.47
C LEU A 432 -47.95 -17.05 -19.37
N VAL A 433 -46.88 -16.52 -19.97
CA VAL A 433 -46.56 -15.09 -19.84
C VAL A 433 -47.63 -14.26 -20.54
N VAL A 434 -48.11 -14.68 -21.71
CA VAL A 434 -49.16 -13.93 -22.43
C VAL A 434 -50.47 -13.98 -21.62
N ARG A 435 -50.81 -15.15 -21.08
CA ARG A 435 -52.06 -15.28 -20.31
C ARG A 435 -52.02 -14.41 -19.06
N GLN A 436 -50.84 -14.17 -18.51
CA GLN A 436 -50.70 -13.22 -17.39
C GLN A 436 -50.80 -11.78 -17.88
N ALA A 437 -50.02 -11.42 -18.90
CA ALA A 437 -49.95 -10.02 -19.36
C ALA A 437 -51.30 -9.52 -19.88
N ALA A 438 -52.16 -10.43 -20.37
CA ALA A 438 -53.53 -10.06 -20.78
C ALA A 438 -54.31 -9.50 -19.60
N LEU A 439 -54.08 -10.05 -18.40
CA LEU A 439 -54.76 -9.59 -17.17
C LEU A 439 -54.24 -8.21 -16.78
N LEU A 446 -57.86 -8.16 -23.35
CA LEU A 446 -57.80 -9.44 -24.11
C LEU A 446 -56.52 -9.47 -24.95
N SER A 447 -55.37 -9.20 -24.33
CA SER A 447 -54.07 -9.26 -25.01
C SER A 447 -53.80 -10.68 -25.54
N TYR A 448 -54.20 -11.70 -24.78
CA TYR A 448 -54.05 -13.10 -25.23
C TYR A 448 -54.83 -13.31 -26.52
N ALA A 449 -56.08 -12.84 -26.60
CA ALA A 449 -56.92 -13.08 -27.78
C ALA A 449 -56.33 -12.34 -28.98
N ASP A 450 -55.93 -11.08 -28.78
CA ASP A 450 -55.30 -10.28 -29.85
C ASP A 450 -54.09 -11.03 -30.40
N TRP A 451 -53.21 -11.46 -29.51
CA TRP A 451 -51.94 -12.10 -29.93
C TRP A 451 -52.19 -13.49 -30.53
N PHE A 452 -53.14 -14.23 -29.96
CA PHE A 452 -53.47 -15.58 -30.46
C PHE A 452 -53.98 -15.48 -31.89
N LYS A 453 -54.98 -14.64 -32.12
CA LYS A 453 -55.54 -14.45 -33.47
C LYS A 453 -54.53 -13.78 -34.39
N ALA A 454 -53.62 -12.98 -33.83
CA ALA A 454 -52.51 -12.42 -34.63
C ALA A 454 -51.61 -13.55 -35.11
N SER A 455 -51.45 -14.61 -34.31
CA SER A 455 -50.70 -15.81 -34.74
C SER A 455 -51.30 -16.33 -36.05
N PHE A 456 -52.62 -16.48 -36.11
CA PHE A 456 -53.32 -17.07 -37.27
C PHE A 456 -53.02 -16.34 -38.58
N GLY A 457 -52.60 -15.08 -38.51
CA GLY A 457 -52.06 -14.38 -39.67
C GLY A 457 -50.57 -14.63 -39.84
N SER A 458 -50.21 -15.59 -40.69
CA SER A 458 -48.82 -15.77 -41.18
C SER A 458 -47.87 -16.34 -40.13
N THR A 459 -48.35 -16.75 -38.94
CA THR A 459 -47.54 -17.45 -37.95
C THR A 459 -48.16 -18.81 -37.66
N ARG A 460 -49.48 -18.85 -37.43
CA ARG A 460 -50.24 -20.10 -37.26
C ARG A 460 -50.78 -20.57 -38.62
N GLY A 461 -50.85 -19.69 -39.61
CA GLY A 461 -50.94 -20.15 -41.00
C GLY A 461 -49.80 -21.11 -41.33
N TYR A 462 -48.62 -20.85 -40.77
CA TYR A 462 -47.45 -21.74 -40.94
C TYR A 462 -46.41 -21.44 -39.85
N HIS A 463 -46.34 -22.27 -38.81
CA HIS A 463 -45.31 -22.10 -37.76
C HIS A 463 -43.98 -22.67 -38.26
N GLY A 464 -43.95 -23.97 -38.49
CA GLY A 464 -42.72 -24.67 -38.88
C GLY A 464 -42.66 -24.90 -40.37
N CYS A 465 -41.62 -25.62 -40.80
CA CYS A 465 -41.49 -26.08 -42.19
C CYS A 465 -42.66 -26.99 -42.54
N SER A 466 -42.73 -28.14 -41.89
CA SER A 466 -43.80 -29.12 -42.11
C SER A 466 -45.00 -28.78 -41.24
N LYS A 467 -46.13 -29.40 -41.54
CA LYS A 467 -47.37 -29.27 -40.73
C LYS A 467 -47.35 -30.18 -39.49
N LYS A 468 -46.24 -30.85 -39.19
CA LYS A 468 -46.13 -31.66 -37.97
C LYS A 468 -46.12 -30.74 -36.74
N ALA A 469 -45.42 -29.61 -36.85
CA ALA A 469 -45.37 -28.62 -35.77
C ALA A 469 -46.77 -28.14 -35.40
N LEU A 470 -47.67 -28.05 -36.39
CA LEU A 470 -49.09 -27.72 -36.13
C LEU A 470 -49.68 -28.78 -35.18
N VAL A 471 -49.54 -30.05 -35.54
CA VAL A 471 -50.19 -31.15 -34.79
C VAL A 471 -49.62 -31.20 -33.38
N PHE A 472 -48.35 -30.84 -33.21
CA PHE A 472 -47.75 -30.72 -31.86
C PHE A 472 -48.52 -29.70 -31.02
N LEU A 473 -49.02 -28.64 -31.63
CA LEU A 473 -49.73 -27.59 -30.87
C LEU A 473 -51.07 -28.15 -30.38
N PHE A 474 -51.77 -28.90 -31.22
CA PHE A 474 -53.07 -29.46 -30.81
C PHE A 474 -52.88 -30.60 -29.82
N THR A 475 -51.76 -31.30 -29.90
CA THR A 475 -51.33 -32.18 -28.80
C THR A 475 -51.22 -31.37 -27.52
N PHE A 476 -50.54 -30.23 -27.59
CA PHE A 476 -50.41 -29.35 -26.41
C PHE A 476 -51.77 -28.84 -25.96
N LEU A 477 -52.71 -28.62 -26.89
CA LEU A 477 -54.06 -28.15 -26.53
C LEU A 477 -54.85 -29.26 -25.84
N SER A 478 -54.66 -30.52 -26.25
CA SER A 478 -55.20 -31.65 -25.49
C SER A 478 -54.45 -31.84 -24.17
N GLU A 479 -53.25 -31.26 -24.03
CA GLU A 479 -52.52 -31.26 -22.75
C GLU A 479 -52.90 -30.09 -21.84
N LEU A 480 -53.61 -29.08 -22.35
CA LEU A 480 -53.96 -27.90 -21.54
C LEU A 480 -55.47 -27.80 -21.32
N VAL A 481 -56.27 -27.92 -22.38
CA VAL A 481 -57.72 -27.66 -22.32
C VAL A 481 -58.38 -28.58 -21.31
N PRO A 482 -58.04 -29.88 -21.22
CA PRO A 482 -58.51 -30.68 -20.08
C PRO A 482 -57.79 -30.42 -18.76
N PHE A 483 -56.59 -29.83 -18.80
CA PHE A 483 -55.72 -29.70 -17.60
C PHE A 483 -55.62 -28.23 -17.21
N GLU A 484 -56.45 -27.83 -16.25
CA GLU A 484 -56.36 -26.57 -15.51
C GLU A 484 -56.84 -25.36 -16.33
N SER A 485 -57.00 -25.54 -17.64
CA SER A 485 -58.20 -25.12 -18.38
C SER A 485 -58.88 -23.85 -17.88
N PRO A 486 -58.30 -22.65 -18.04
CA PRO A 486 -58.96 -21.44 -17.54
C PRO A 486 -60.25 -21.15 -18.32
N ARG A 487 -61.28 -20.74 -17.58
CA ARG A 487 -62.69 -20.69 -18.02
C ARG A 487 -62.87 -19.92 -19.32
N TYR A 488 -62.25 -18.75 -19.43
CA TYR A 488 -62.51 -17.83 -20.54
C TYR A 488 -61.62 -18.16 -21.74
N LEU A 489 -60.33 -18.41 -21.49
CA LEU A 489 -59.37 -18.68 -22.57
C LEU A 489 -59.60 -20.09 -23.15
N GLN A 490 -60.38 -20.92 -22.48
CA GLN A 490 -60.97 -22.13 -23.12
C GLN A 490 -61.57 -21.77 -24.48
N VAL A 491 -62.32 -20.66 -24.53
CA VAL A 491 -63.13 -20.32 -25.73
C VAL A 491 -62.27 -19.59 -26.78
N HIS A 492 -61.19 -18.92 -26.37
CA HIS A 492 -60.29 -18.27 -27.34
C HIS A 492 -59.45 -19.31 -28.08
N ILE A 493 -59.32 -20.50 -27.51
CA ILE A 493 -58.80 -21.67 -28.26
C ILE A 493 -59.79 -22.07 -29.34
N LEU A 494 -61.09 -22.05 -29.00
CA LEU A 494 -62.13 -22.57 -29.91
C LEU A 494 -62.29 -21.65 -31.11
N HIS A 495 -62.57 -20.37 -30.84
CA HIS A 495 -63.22 -19.49 -31.83
C HIS A 495 -62.36 -19.34 -33.08
N PRO A 496 -61.07 -18.96 -32.98
CA PRO A 496 -60.18 -19.09 -34.14
C PRO A 496 -59.73 -20.54 -34.25
N PRO A 497 -60.02 -21.24 -35.37
CA PRO A 497 -59.74 -22.67 -35.39
C PRO A 497 -58.25 -23.03 -35.46
N TYR A 503 -53.48 -29.81 -42.45
CA TYR A 503 -54.47 -30.10 -43.51
C TYR A 503 -55.90 -30.01 -42.97
N ARG A 504 -56.87 -30.11 -43.87
CA ARG A 504 -58.29 -29.90 -43.51
C ARG A 504 -58.79 -31.03 -42.62
N SER A 505 -58.46 -32.28 -42.95
CA SER A 505 -58.79 -33.44 -42.10
C SER A 505 -58.22 -33.24 -40.70
N LEU A 506 -56.94 -32.84 -40.62
CA LEU A 506 -56.29 -32.54 -39.31
C LEU A 506 -57.10 -31.50 -38.55
N LEU A 507 -57.37 -30.34 -39.19
CA LEU A 507 -58.05 -29.22 -38.51
C LEU A 507 -59.44 -29.64 -38.03
N THR A 508 -60.13 -30.51 -38.77
CA THR A 508 -61.43 -31.05 -38.30
C THR A 508 -61.22 -31.93 -37.06
N ASP A 509 -60.17 -32.76 -37.07
CA ASP A 509 -59.88 -33.65 -35.92
C ASP A 509 -59.67 -32.83 -34.64
N TYR A 510 -59.00 -31.68 -34.74
CA TYR A 510 -58.69 -30.89 -33.53
C TYR A 510 -59.92 -30.15 -33.02
N ILE A 511 -60.83 -29.75 -33.91
CA ILE A 511 -62.09 -29.13 -33.45
C ILE A 511 -62.95 -30.19 -32.75
N SER A 512 -63.00 -31.41 -33.28
CA SER A 512 -63.69 -32.51 -32.59
C SER A 512 -63.04 -32.76 -31.22
N LEU A 513 -61.70 -32.75 -31.19
CA LEU A 513 -60.95 -32.92 -29.92
C LEU A 513 -61.33 -31.80 -28.94
N ALA A 514 -61.32 -30.56 -29.40
CA ALA A 514 -61.65 -29.40 -28.54
C ALA A 514 -63.07 -29.54 -28.00
N LYS A 515 -64.01 -30.00 -28.83
CA LYS A 515 -65.39 -30.22 -28.37
C LYS A 515 -65.40 -31.31 -27.29
N THR A 516 -64.62 -32.36 -27.48
CA THR A 516 -64.55 -33.45 -26.47
C THR A 516 -64.01 -32.91 -25.16
N ARG A 517 -62.96 -32.09 -25.20
CA ARG A 517 -62.38 -31.51 -23.97
C ARG A 517 -63.38 -30.51 -23.36
N LEU A 518 -64.13 -29.80 -24.19
CA LEU A 518 -65.15 -28.86 -23.69
C LEU A 518 -66.27 -29.62 -22.96
N ALA A 519 -66.58 -30.83 -23.41
CA ALA A 519 -67.51 -31.69 -22.67
C ALA A 519 -66.98 -31.91 -21.25
N ASP A 520 -65.70 -32.26 -21.13
CA ASP A 520 -65.04 -32.48 -19.83
C ASP A 520 -65.15 -31.21 -18.98
N LEU A 521 -64.97 -30.05 -19.58
CA LEU A 521 -64.91 -28.79 -18.81
C LEU A 521 -66.29 -28.28 -18.43
N LYS A 522 -67.25 -28.33 -19.35
CA LYS A 522 -68.65 -28.00 -19.03
C LYS A 522 -69.18 -28.95 -17.95
N VAL A 523 -68.65 -30.17 -17.91
CA VAL A 523 -68.87 -31.07 -16.77
C VAL A 523 -68.18 -30.48 -15.53
N SER A 524 -66.94 -30.02 -15.68
CA SER A 524 -66.15 -29.44 -14.56
C SER A 524 -66.84 -28.21 -13.97
N GLU A 648 -74.42 -36.08 9.20
CA GLU A 648 -75.17 -35.53 8.06
C GLU A 648 -75.49 -36.61 7.00
N PRO A 649 -74.47 -37.24 6.38
CA PRO A 649 -74.76 -38.24 5.35
C PRO A 649 -75.54 -39.46 5.83
N LEU A 650 -75.54 -39.74 7.14
CA LEU A 650 -76.31 -40.87 7.70
C LEU A 650 -77.80 -40.53 7.74
N GLY A 651 -78.15 -39.37 8.27
CA GLY A 651 -79.53 -38.87 8.18
C GLY A 651 -79.96 -38.72 6.74
N GLN A 652 -79.04 -38.36 5.84
CA GLN A 652 -79.31 -38.35 4.40
C GLN A 652 -79.66 -39.75 3.92
N LEU A 653 -78.81 -40.73 4.25
CA LEU A 653 -79.01 -42.13 3.84
C LEU A 653 -80.35 -42.67 4.32
N THR A 654 -80.82 -42.20 5.49
CA THR A 654 -82.15 -42.62 6.00
C THR A 654 -83.25 -42.30 4.99
N ALA A 655 -83.08 -41.26 4.18
CA ALA A 655 -84.08 -40.85 3.17
C ALA A 655 -84.34 -41.97 2.17
N ALA A 656 -83.32 -42.41 1.45
CA ALA A 656 -83.49 -43.49 0.45
C ALA A 656 -83.84 -44.81 1.12
N LEU A 657 -83.50 -44.99 2.40
CA LEU A 657 -83.99 -46.19 3.13
C LEU A 657 -85.50 -46.14 3.27
N GLY A 658 -86.05 -45.00 3.67
CA GLY A 658 -87.51 -44.82 3.69
C GLY A 658 -88.09 -44.97 2.30
N GLU A 659 -87.39 -44.50 1.28
CA GLU A 659 -87.82 -44.65 -0.11
C GLU A 659 -87.94 -46.13 -0.48
N LEU A 660 -86.90 -46.90 -0.14
CA LEU A 660 -86.91 -48.35 -0.43
C LEU A 660 -88.00 -49.05 0.38
N ARG A 661 -88.24 -48.62 1.61
CA ARG A 661 -89.35 -49.15 2.41
C ARG A 661 -90.68 -48.94 1.67
N ALA A 662 -90.90 -47.73 1.18
CA ALA A 662 -92.13 -47.41 0.42
C ALA A 662 -92.21 -48.31 -0.82
N SER A 663 -91.12 -48.43 -1.56
CA SER A 663 -91.13 -49.23 -2.81
C SER A 663 -91.38 -50.70 -2.52
N MET A 664 -90.90 -51.21 -1.39
CA MET A 664 -90.99 -52.66 -1.07
C MET A 664 -92.41 -53.06 -0.67
N THR A 665 -93.38 -52.15 -0.69
CA THR A 665 -94.81 -52.53 -0.61
C THR A 665 -95.16 -53.49 -1.75
N ASP A 666 -94.51 -53.32 -2.90
CA ASP A 666 -94.65 -54.22 -4.07
C ASP A 666 -93.25 -54.62 -4.50
N PRO A 667 -92.73 -55.80 -4.08
CA PRO A 667 -91.42 -56.25 -4.56
C PRO A 667 -91.39 -56.78 -6.01
N SER A 668 -92.48 -56.69 -6.77
CA SER A 668 -92.52 -57.09 -8.19
C SER A 668 -92.09 -55.96 -9.13
N GLN A 669 -91.64 -54.82 -8.59
CA GLN A 669 -91.15 -53.71 -9.44
C GLN A 669 -89.83 -54.11 -10.10
N ARG A 670 -88.81 -54.34 -9.27
CA ARG A 670 -87.41 -54.67 -9.65
C ARG A 670 -86.63 -53.44 -10.13
N ASP A 671 -87.31 -52.41 -10.64
CA ASP A 671 -86.63 -51.33 -11.36
C ASP A 671 -86.41 -50.16 -10.42
N VAL A 672 -87.48 -49.72 -9.75
CA VAL A 672 -87.39 -48.79 -8.61
C VAL A 672 -86.38 -49.33 -7.60
N ILE A 673 -86.39 -50.64 -7.39
CA ILE A 673 -85.60 -51.24 -6.31
C ILE A 673 -84.14 -51.40 -6.75
N SER A 674 -83.89 -51.76 -8.02
CA SER A 674 -82.51 -51.71 -8.56
C SER A 674 -81.98 -50.29 -8.48
N ALA A 675 -82.82 -49.30 -8.79
CA ALA A 675 -82.43 -47.89 -8.72
C ALA A 675 -82.07 -47.51 -7.28
N GLN A 676 -82.91 -47.86 -6.32
CA GLN A 676 -82.65 -47.52 -4.90
C GLN A 676 -81.39 -48.23 -4.42
N VAL A 677 -81.15 -49.45 -4.90
CA VAL A 677 -79.92 -50.19 -4.53
C VAL A 677 -78.70 -49.41 -5.03
N ALA A 678 -78.66 -49.10 -6.33
CA ALA A 678 -77.52 -48.37 -6.91
C ALA A 678 -77.39 -46.98 -6.27
N VAL A 679 -78.52 -46.39 -5.88
CA VAL A 679 -78.54 -45.09 -5.18
C VAL A 679 -77.79 -45.24 -3.85
N ILE A 680 -78.30 -46.12 -3.01
CA ILE A 680 -77.88 -46.18 -1.60
C ILE A 680 -76.45 -46.75 -1.51
N SER A 681 -76.04 -47.56 -2.49
CA SER A 681 -74.66 -48.09 -2.51
C SER A 681 -73.67 -46.93 -2.63
N GLU A 682 -73.81 -46.13 -3.67
CA GLU A 682 -72.90 -44.99 -3.89
C GLU A 682 -73.06 -43.95 -2.77
N ARG A 683 -74.26 -43.77 -2.24
CA ARG A 683 -74.43 -42.80 -1.13
C ARG A 683 -73.77 -43.32 0.14
N LEU A 684 -73.78 -44.62 0.39
CA LEU A 684 -73.00 -45.19 1.50
C LEU A 684 -71.51 -44.94 1.23
N ARG A 685 -71.05 -45.26 0.02
CA ARG A 685 -69.64 -45.03 -0.37
C ARG A 685 -69.25 -43.56 -0.15
N ALA A 686 -70.21 -42.64 -0.29
CA ALA A 686 -69.99 -41.22 0.03
C ALA A 686 -69.52 -41.06 1.48
N VAL A 687 -70.24 -41.64 2.44
CA VAL A 687 -69.86 -41.52 3.87
C VAL A 687 -68.66 -42.40 4.19
N LEU A 688 -68.50 -43.55 3.52
CA LEU A 688 -67.37 -44.46 3.77
C LEU A 688 -66.01 -43.82 3.39
N GLY A 689 -66.01 -42.76 2.59
CA GLY A 689 -64.78 -42.22 2.02
C GLY A 689 -64.46 -42.91 0.71
N HIS A 690 -63.76 -42.20 -0.18
CA HIS A 690 -63.48 -42.68 -1.54
C HIS A 690 -64.79 -42.90 -2.30
N GLU A 712 -64.54 -47.93 15.19
CA GLU A 712 -65.04 -46.81 14.36
C GLU A 712 -66.49 -46.50 14.74
N PRO A 713 -66.76 -45.49 15.61
CA PRO A 713 -68.16 -45.15 15.92
C PRO A 713 -68.91 -44.54 14.74
N ARG A 714 -68.21 -44.09 13.71
CA ARG A 714 -68.87 -43.53 12.50
C ARG A 714 -69.42 -44.65 11.62
N GLU A 715 -68.67 -45.74 11.49
CA GLU A 715 -69.07 -46.90 10.66
C GLU A 715 -69.97 -47.83 11.48
N HIS A 716 -69.76 -47.91 12.80
CA HIS A 716 -70.61 -48.69 13.72
C HIS A 716 -72.09 -48.31 13.56
N MET A 717 -72.38 -47.02 13.59
CA MET A 717 -73.77 -46.53 13.44
C MET A 717 -74.31 -46.82 12.05
N ALA A 718 -73.47 -46.70 11.02
CA ALA A 718 -73.87 -46.98 9.63
C ALA A 718 -74.28 -48.45 9.50
N VAL A 719 -73.50 -49.36 10.10
CA VAL A 719 -73.82 -50.81 9.97
C VAL A 719 -75.07 -51.12 10.80
N ASP A 720 -75.24 -50.48 11.95
CA ASP A 720 -76.47 -50.68 12.75
C ASP A 720 -77.68 -50.22 11.94
N LEU A 721 -77.55 -49.07 11.25
CA LEU A 721 -78.61 -48.57 10.36
C LEU A 721 -78.90 -49.59 9.26
N LEU A 722 -77.87 -50.13 8.62
CA LEU A 722 -78.04 -51.15 7.56
C LEU A 722 -78.80 -52.36 8.12
N LEU A 723 -78.41 -52.82 9.31
CA LEU A 723 -79.03 -54.01 9.93
C LEU A 723 -80.52 -53.77 10.17
N THR A 724 -80.86 -52.66 10.83
CA THR A 724 -82.27 -52.34 11.12
C THR A 724 -83.03 -52.10 9.81
N SER A 725 -82.37 -51.53 8.79
CA SER A 725 -83.01 -51.27 7.48
C SER A 725 -83.43 -52.59 6.85
N PHE A 726 -82.52 -53.56 6.81
CA PHE A 726 -82.84 -54.88 6.24
C PHE A 726 -83.87 -55.60 7.11
N CYS A 727 -83.81 -55.41 8.43
CA CYS A 727 -84.79 -56.02 9.35
C CYS A 727 -86.21 -55.54 9.00
N GLN A 728 -86.39 -54.24 8.86
CA GLN A 728 -87.73 -53.69 8.54
C GLN A 728 -88.08 -53.94 7.07
N ASN A 729 -87.08 -54.06 6.20
CA ASN A 729 -87.28 -54.52 4.82
C ASN A 729 -87.96 -55.89 4.82
N LEU A 730 -87.46 -56.79 5.63
CA LEU A 730 -88.07 -58.13 5.71
C LEU A 730 -89.41 -58.04 6.44
N MET A 731 -89.58 -57.11 7.38
CA MET A 731 -90.91 -56.86 7.97
C MET A 731 -91.91 -56.55 6.85
N ALA A 732 -91.50 -55.71 5.90
CA ALA A 732 -92.36 -55.35 4.76
C ALA A 732 -92.65 -56.59 3.90
N ALA A 733 -91.61 -57.30 3.47
CA ALA A 733 -91.78 -58.38 2.49
C ALA A 733 -92.53 -59.57 3.09
N SER A 734 -92.21 -59.93 4.33
CA SER A 734 -92.83 -61.09 5.00
C SER A 734 -94.29 -60.81 5.34
N SER A 735 -94.59 -59.57 5.77
CA SER A 735 -95.99 -59.13 5.94
C SER A 735 -96.74 -59.22 4.61
N VAL A 736 -96.01 -59.14 3.48
CA VAL A 736 -96.67 -59.07 2.18
C VAL A 736 -96.96 -60.47 1.65
N ALA A 737 -95.92 -61.25 1.34
CA ALA A 737 -96.13 -62.45 0.52
C ALA A 737 -94.90 -63.36 0.57
N PRO A 738 -94.98 -64.62 0.08
CA PRO A 738 -93.92 -65.58 0.38
C PRO A 738 -92.61 -65.29 -0.34
N PRO A 739 -91.48 -65.88 0.12
CA PRO A 739 -90.19 -65.63 -0.52
C PRO A 739 -90.09 -66.18 -1.96
N GLU A 740 -90.87 -67.20 -2.31
CA GLU A 740 -90.89 -67.77 -3.67
C GLU A 740 -91.26 -66.71 -4.71
N ARG A 741 -92.10 -65.73 -4.31
CA ARG A 741 -92.58 -64.68 -5.23
C ARG A 741 -91.98 -63.32 -4.88
N GLN A 742 -91.40 -63.17 -3.70
CA GLN A 742 -90.80 -61.88 -3.31
C GLN A 742 -89.77 -61.39 -4.31
N GLY A 743 -88.72 -62.17 -4.53
CA GLY A 743 -87.66 -61.82 -5.47
C GLY A 743 -86.36 -61.44 -4.79
N PRO A 744 -85.27 -61.25 -5.58
CA PRO A 744 -83.93 -61.07 -5.00
C PRO A 744 -83.61 -59.62 -4.63
N TRP A 745 -84.57 -58.91 -4.03
CA TRP A 745 -84.29 -57.56 -3.47
C TRP A 745 -83.22 -57.68 -2.39
N ALA A 746 -83.25 -58.76 -1.61
CA ALA A 746 -82.26 -59.00 -0.55
C ALA A 746 -80.91 -59.37 -1.17
N ALA A 747 -80.90 -60.19 -2.21
CA ALA A 747 -79.64 -60.56 -2.89
C ALA A 747 -78.99 -59.31 -3.48
N LEU A 748 -79.80 -58.36 -3.92
CA LEU A 748 -79.27 -57.09 -4.47
C LEU A 748 -78.81 -56.17 -3.34
N PHE A 749 -79.55 -56.15 -2.23
CA PHE A 749 -79.11 -55.43 -1.01
C PHE A 749 -77.75 -55.94 -0.55
N VAL A 750 -77.50 -57.25 -0.68
CA VAL A 750 -76.22 -57.84 -0.22
C VAL A 750 -75.07 -57.32 -1.08
N ARG A 751 -75.32 -57.09 -2.37
CA ARG A 751 -74.28 -56.54 -3.26
C ARG A 751 -73.84 -55.15 -2.82
N THR A 752 -74.65 -54.47 -2.02
CA THR A 752 -74.25 -53.20 -1.38
C THR A 752 -73.05 -53.39 -0.45
N MET A 753 -72.90 -54.56 0.16
CA MET A 753 -71.85 -54.81 1.16
C MET A 753 -70.58 -55.37 0.53
N CYS A 754 -70.47 -55.39 -0.81
CA CYS A 754 -69.38 -56.10 -1.47
C CYS A 754 -68.03 -55.49 -1.11
N GLY A 755 -67.80 -54.25 -1.52
CA GLY A 755 -66.50 -53.62 -1.36
C GLY A 755 -66.41 -52.75 -0.12
N ARG A 756 -65.47 -53.08 0.78
CA ARG A 756 -65.07 -52.24 1.92
C ARG A 756 -66.11 -52.22 3.04
N VAL A 757 -67.25 -52.86 2.85
CA VAL A 757 -68.36 -52.84 3.84
C VAL A 757 -68.40 -54.18 4.58
N LEU A 758 -68.18 -55.26 3.84
CA LEU A 758 -68.13 -56.66 4.30
C LEU A 758 -67.46 -56.83 5.65
N PRO A 759 -66.17 -56.45 5.85
CA PRO A 759 -65.49 -56.78 7.11
C PRO A 759 -66.09 -56.04 8.31
N ALA A 760 -66.40 -54.77 8.16
CA ALA A 760 -67.02 -54.00 9.24
C ALA A 760 -68.42 -54.54 9.54
N VAL A 761 -69.15 -55.02 8.54
CA VAL A 761 -70.49 -55.61 8.75
C VAL A 761 -70.35 -56.88 9.59
N LEU A 762 -69.42 -57.75 9.21
CA LEU A 762 -69.25 -59.03 9.94
C LEU A 762 -68.68 -58.77 11.35
N THR A 763 -67.92 -57.69 11.56
CA THR A 763 -67.48 -57.34 12.93
C THR A 763 -68.68 -57.07 13.85
N ARG A 764 -69.65 -56.28 13.39
CA ARG A 764 -70.85 -56.02 14.20
C ARG A 764 -71.70 -57.30 14.31
N LEU A 765 -71.75 -58.13 13.27
CA LEU A 765 -72.49 -59.40 13.38
C LEU A 765 -71.86 -60.28 14.46
N CYS A 766 -70.53 -60.28 14.57
CA CYS A 766 -69.84 -61.01 15.65
C CYS A 766 -70.13 -60.36 16.99
N GLN A 767 -70.07 -59.02 17.05
CA GLN A 767 -70.38 -58.25 18.26
C GLN A 767 -71.80 -58.59 18.75
N LEU A 768 -72.73 -58.85 17.83
CA LEU A 768 -74.14 -59.16 18.18
C LEU A 768 -74.29 -60.62 18.59
N LEU A 769 -74.03 -61.52 17.65
CA LEU A 769 -74.38 -62.94 17.85
C LEU A 769 -73.44 -63.59 18.87
N ARG A 770 -72.25 -63.03 19.06
CA ARG A 770 -71.34 -63.41 20.15
C ARG A 770 -71.06 -62.19 21.04
N HIS A 771 -70.92 -62.45 22.33
CA HIS A 771 -70.78 -61.45 23.42
C HIS A 771 -72.09 -60.75 23.74
N GLN A 772 -73.10 -60.82 22.88
CA GLN A 772 -74.45 -60.31 23.18
C GLN A 772 -75.49 -61.19 22.48
N GLY A 773 -75.15 -62.45 22.17
CA GLY A 773 -75.91 -63.30 21.25
C GLY A 773 -77.35 -63.56 21.68
N PRO A 774 -77.57 -64.12 22.88
CA PRO A 774 -78.92 -64.59 23.26
C PRO A 774 -80.01 -63.52 23.25
N SER A 775 -79.64 -62.24 23.35
CA SER A 775 -80.62 -61.19 23.64
C SER A 775 -81.51 -60.87 22.44
N LEU A 776 -81.13 -61.26 21.23
CA LEU A 776 -81.86 -60.84 20.03
C LEU A 776 -83.29 -61.40 20.06
N SER A 777 -84.20 -60.63 19.47
CA SER A 777 -85.64 -60.96 19.46
C SER A 777 -85.98 -61.77 18.21
N ALA A 778 -87.25 -62.19 18.11
CA ALA A 778 -87.71 -63.14 17.08
C ALA A 778 -87.54 -62.59 15.66
N PRO A 779 -88.19 -61.48 15.27
CA PRO A 779 -88.02 -60.96 13.90
C PRO A 779 -86.60 -60.44 13.63
N HIS A 780 -85.94 -59.83 14.63
CA HIS A 780 -84.49 -59.50 14.53
C HIS A 780 -83.71 -60.75 14.09
N VAL A 781 -83.99 -61.88 14.71
CA VAL A 781 -83.26 -63.13 14.43
C VAL A 781 -83.63 -63.65 13.03
N LEU A 782 -84.90 -63.54 12.63
CA LEU A 782 -85.32 -63.93 11.26
C LEU A 782 -84.55 -63.13 10.22
N GLY A 783 -84.40 -61.82 10.46
CA GLY A 783 -83.62 -60.97 9.57
C GLY A 783 -82.15 -61.38 9.56
N LEU A 784 -81.56 -61.58 10.75
CA LEU A 784 -80.13 -61.95 10.84
C LEU A 784 -79.88 -63.33 10.20
N ALA A 785 -80.91 -64.18 10.08
CA ALA A 785 -80.77 -65.50 9.44
C ALA A 785 -80.92 -65.41 7.92
N ALA A 786 -81.91 -64.68 7.42
CA ALA A 786 -82.04 -64.46 5.97
C ALA A 786 -80.82 -63.70 5.44
N LEU A 787 -80.21 -62.85 6.28
CA LEU A 787 -78.89 -62.23 5.99
C LEU A 787 -77.89 -63.30 5.58
N ALA A 788 -77.63 -64.27 6.47
CA ALA A 788 -76.61 -65.30 6.22
C ALA A 788 -77.03 -66.19 5.05
N VAL A 789 -78.34 -66.37 4.84
CA VAL A 789 -78.82 -67.14 3.68
C VAL A 789 -78.33 -66.48 2.39
N HIS A 790 -78.72 -65.22 2.20
CA HIS A 790 -78.32 -64.51 0.97
C HIS A 790 -76.81 -64.27 0.93
N LEU A 791 -76.15 -64.23 2.09
CA LEU A 791 -74.69 -64.04 2.11
C LEU A 791 -73.98 -65.30 1.63
N GLY A 792 -74.45 -66.47 2.06
CA GLY A 792 -73.96 -67.74 1.54
C GLY A 792 -74.24 -67.84 0.06
N GLU A 793 -75.36 -67.28 -0.39
CA GLU A 793 -75.69 -67.29 -1.83
C GLU A 793 -74.66 -66.47 -2.61
N SER A 794 -74.20 -65.34 -2.04
CA SER A 794 -73.20 -64.46 -2.70
C SER A 794 -71.76 -64.84 -2.33
N ARG A 795 -71.57 -65.89 -1.52
CA ARG A 795 -70.27 -66.36 -1.01
C ARG A 795 -69.16 -66.37 -2.06
N SER A 796 -69.50 -66.75 -3.31
CA SER A 796 -68.54 -67.09 -4.38
C SER A 796 -67.39 -66.08 -4.53
N ALA A 797 -67.68 -64.79 -4.50
CA ALA A 797 -66.69 -63.74 -4.79
C ALA A 797 -65.95 -63.23 -3.55
N LEU A 798 -66.47 -63.51 -2.36
CA LEU A 798 -66.02 -62.82 -1.13
C LEU A 798 -64.65 -63.36 -0.71
N PRO A 799 -63.83 -62.58 0.01
CA PRO A 799 -62.49 -63.03 0.39
C PRO A 799 -62.51 -64.08 1.50
N GLU A 800 -61.31 -64.46 1.93
CA GLU A 800 -61.15 -65.52 2.96
C GLU A 800 -61.52 -64.98 4.33
N VAL A 801 -61.88 -65.91 5.22
CA VAL A 801 -62.30 -65.59 6.60
C VAL A 801 -61.44 -66.41 7.55
N ASP A 802 -60.44 -65.75 8.15
CA ASP A 802 -59.73 -66.23 9.34
C ASP A 802 -59.77 -65.14 10.41
N VAL A 803 -59.58 -65.56 11.66
CA VAL A 803 -59.64 -64.67 12.84
C VAL A 803 -58.33 -64.83 13.62
N PRO A 813 -65.57 -69.51 3.64
CA PRO A 813 -65.52 -68.19 4.27
C PRO A 813 -66.83 -67.85 5.01
N VAL A 814 -67.94 -67.94 4.30
CA VAL A 814 -69.28 -67.74 4.91
C VAL A 814 -69.55 -68.89 5.89
N PRO A 815 -69.16 -70.14 5.59
CA PRO A 815 -69.19 -71.18 6.62
C PRO A 815 -68.23 -70.97 7.80
N ALA A 816 -67.28 -70.05 7.71
CA ALA A 816 -66.43 -69.74 8.87
C ALA A 816 -67.27 -69.04 9.95
N LEU A 817 -68.34 -68.35 9.54
CA LEU A 817 -69.01 -67.38 10.41
C LEU A 817 -69.83 -68.08 11.48
N PHE A 818 -70.76 -68.93 11.08
CA PHE A 818 -71.55 -69.69 12.06
C PHE A 818 -70.62 -70.57 12.91
N ASP A 819 -69.51 -71.01 12.34
CA ASP A 819 -68.62 -71.96 13.01
C ASP A 819 -67.83 -71.25 14.11
N SER A 820 -67.49 -69.99 13.89
CA SER A 820 -66.91 -69.13 14.94
C SER A 820 -68.00 -68.62 15.90
N LEU A 821 -69.25 -68.57 15.44
CA LEU A 821 -70.34 -67.94 16.21
C LEU A 821 -70.89 -68.89 17.28
N LEU A 822 -71.15 -70.14 16.91
CA LEU A 822 -72.18 -70.98 17.56
C LEU A 822 -71.90 -71.23 19.05
N THR A 823 -72.98 -71.51 19.80
CA THR A 823 -72.95 -71.76 21.24
C THR A 823 -73.37 -73.20 21.55
N CYS A 824 -72.89 -73.68 22.68
CA CYS A 824 -72.97 -75.10 23.05
C CYS A 824 -73.49 -75.32 24.47
N ARG A 825 -73.06 -74.52 25.45
CA ARG A 825 -73.14 -74.92 26.87
C ARG A 825 -74.46 -74.49 27.50
N THR A 826 -74.92 -73.28 27.18
CA THR A 826 -76.14 -72.73 27.78
C THR A 826 -77.35 -73.21 26.95
N ARG A 827 -78.34 -73.79 27.63
CA ARG A 827 -79.53 -74.31 26.93
C ARG A 827 -80.29 -73.18 26.25
N ASP A 828 -80.28 -71.99 26.82
CA ASP A 828 -80.90 -70.82 26.19
C ASP A 828 -80.15 -70.49 24.90
N SER A 829 -78.82 -70.56 24.97
CA SER A 829 -77.99 -70.33 23.78
C SER A 829 -78.25 -71.42 22.76
N LEU A 830 -78.61 -72.61 23.22
CA LEU A 830 -78.90 -73.73 22.30
C LEU A 830 -80.28 -73.56 21.68
N PHE A 831 -81.24 -73.05 22.44
CA PHE A 831 -82.54 -72.66 21.84
C PHE A 831 -82.32 -71.56 20.81
N PHE A 832 -81.39 -70.64 21.10
CA PHE A 832 -81.05 -69.56 20.16
C PHE A 832 -80.42 -70.14 18.91
N CYS A 833 -79.47 -71.04 19.10
CA CYS A 833 -78.81 -71.75 17.99
C CYS A 833 -79.84 -72.53 17.20
N LEU A 834 -80.81 -73.12 17.90
CA LEU A 834 -81.88 -73.85 17.24
C LEU A 834 -82.65 -72.90 16.33
N LYS A 835 -83.07 -71.76 16.88
CA LYS A 835 -83.86 -70.79 16.08
C LYS A 835 -83.01 -70.24 14.95
N PHE A 836 -81.71 -70.11 15.18
CA PHE A 836 -80.76 -69.63 14.17
C PHE A 836 -80.71 -70.57 12.97
N CYS A 837 -80.36 -71.82 13.23
CA CYS A 837 -80.34 -72.87 12.21
C CYS A 837 -81.71 -73.03 11.57
N THR A 838 -82.75 -72.89 12.38
CA THR A 838 -84.13 -73.06 11.93
C THR A 838 -84.46 -72.01 10.88
N ALA A 839 -84.28 -70.74 11.24
CA ALA A 839 -84.56 -69.62 10.33
C ALA A 839 -83.69 -69.75 9.07
N ALA A 840 -82.39 -70.03 9.26
CA ALA A 840 -81.45 -70.15 8.13
C ALA A 840 -81.93 -71.23 7.15
N ILE A 841 -82.15 -72.44 7.66
CA ILE A 841 -82.50 -73.58 6.79
C ILE A 841 -83.89 -73.36 6.19
N SER A 842 -84.84 -72.84 6.96
CA SER A 842 -86.22 -72.64 6.47
C SER A 842 -86.24 -71.64 5.32
N TYR A 843 -85.58 -70.49 5.48
CA TYR A 843 -85.56 -69.49 4.41
C TYR A 843 -84.76 -70.01 3.21
N SER A 844 -83.65 -70.70 3.43
CA SER A 844 -82.87 -71.29 2.32
C SER A 844 -83.74 -72.28 1.56
N LEU A 845 -84.57 -73.05 2.27
CA LEU A 845 -85.42 -74.07 1.61
C LEU A 845 -86.55 -73.40 0.82
N CYS A 846 -87.27 -72.44 1.42
CA CYS A 846 -88.32 -71.70 0.69
C CYS A 846 -87.71 -70.79 -0.41
N LYS A 847 -86.40 -70.52 -0.36
CA LYS A 847 -85.69 -69.75 -1.40
C LYS A 847 -85.35 -70.64 -2.59
N PHE A 848 -84.61 -71.73 -2.35
CA PHE A 848 -84.22 -72.71 -3.39
C PHE A 848 -85.35 -73.71 -3.68
N SER A 849 -86.58 -73.48 -3.19
CA SER A 849 -87.76 -74.24 -3.64
C SER A 849 -88.15 -73.85 -5.06
N SER A 850 -87.91 -72.60 -5.44
CA SER A 850 -88.05 -72.16 -6.84
C SER A 850 -87.06 -72.91 -7.73
N GLN A 851 -85.88 -73.24 -7.21
CA GLN A 851 -84.82 -73.93 -7.95
C GLN A 851 -84.89 -75.44 -7.71
N SER A 852 -84.37 -76.22 -8.65
CA SER A 852 -84.20 -77.69 -8.50
C SER A 852 -82.79 -78.04 -8.02
N ARG A 853 -81.88 -77.07 -7.89
CA ARG A 853 -80.47 -77.34 -7.61
C ARG A 853 -80.28 -77.66 -6.13
N ASP A 854 -79.48 -78.69 -5.83
CA ASP A 854 -79.16 -79.06 -4.44
C ASP A 854 -77.97 -78.20 -3.99
N THR A 855 -78.19 -76.88 -3.98
CA THR A 855 -77.19 -75.90 -3.51
C THR A 855 -77.37 -75.61 -2.01
N LEU A 856 -78.32 -76.24 -1.34
CA LEU A 856 -78.52 -76.01 0.11
C LEU A 856 -77.34 -76.56 0.92
N CYS A 857 -76.50 -77.43 0.35
CA CYS A 857 -75.27 -77.90 1.00
C CYS A 857 -74.07 -76.96 0.75
N SER A 858 -74.05 -76.22 -0.36
CA SER A 858 -72.92 -75.33 -0.73
C SER A 858 -73.17 -73.90 -0.24
N CYS A 859 -74.29 -73.33 -0.65
CA CYS A 859 -74.70 -72.00 -0.19
C CYS A 859 -74.79 -71.97 1.33
N LEU A 860 -75.66 -72.78 1.89
CA LEU A 860 -75.78 -72.91 3.34
C LEU A 860 -74.77 -73.96 3.82
N SER A 861 -74.10 -73.65 4.92
CA SER A 861 -72.94 -74.44 5.38
C SER A 861 -73.40 -75.74 6.04
N PRO A 862 -72.56 -76.80 6.03
CA PRO A 862 -73.02 -78.12 6.50
C PRO A 862 -73.08 -78.27 8.03
N GLY A 863 -72.12 -77.68 8.75
CA GLY A 863 -72.07 -77.80 10.21
C GLY A 863 -73.36 -77.36 10.88
N LEU A 864 -74.01 -76.33 10.33
CA LEU A 864 -75.34 -75.89 10.80
C LEU A 864 -76.31 -77.06 10.76
N ILE A 865 -76.35 -77.78 9.64
CA ILE A 865 -77.35 -78.86 9.44
C ILE A 865 -77.01 -80.01 10.37
N LYS A 866 -75.73 -80.34 10.51
CA LYS A 866 -75.31 -81.39 11.46
C LYS A 866 -75.77 -81.02 12.87
N LYS A 867 -75.53 -79.79 13.30
CA LYS A 867 -75.91 -79.38 14.67
C LYS A 867 -77.44 -79.30 14.77
N PHE A 868 -78.13 -78.98 13.68
CA PHE A 868 -79.60 -79.02 13.67
C PHE A 868 -80.09 -80.43 14.00
N GLN A 869 -79.61 -81.42 13.24
CA GLN A 869 -80.02 -82.84 13.45
C GLN A 869 -79.63 -83.26 14.88
N PHE A 870 -78.46 -82.83 15.35
CA PHE A 870 -78.00 -83.09 16.72
C PHE A 870 -79.06 -82.62 17.71
N LEU A 871 -79.52 -81.39 17.56
CA LEU A 871 -80.54 -80.86 18.47
C LEU A 871 -81.85 -81.62 18.32
N MET A 872 -82.20 -81.97 17.09
CA MET A 872 -83.44 -82.71 16.80
C MET A 872 -83.47 -84.00 17.62
N PHE A 873 -82.40 -84.79 17.55
CA PHE A 873 -82.34 -86.07 18.26
C PHE A 873 -82.10 -85.85 19.75
N ARG A 874 -81.42 -84.76 20.10
CA ARG A 874 -81.13 -84.45 21.51
C ARG A 874 -82.43 -84.19 22.26
N LEU A 875 -83.30 -83.33 21.71
CA LEU A 875 -84.53 -82.93 22.41
C LEU A 875 -85.71 -83.82 22.00
N PHE A 876 -86.05 -83.84 20.73
CA PHE A 876 -87.24 -84.56 20.25
C PHE A 876 -86.95 -86.04 20.19
N SER A 877 -87.56 -86.78 21.10
CA SER A 877 -87.69 -88.24 20.91
C SER A 877 -88.54 -88.56 19.69
N GLU A 878 -89.49 -87.68 19.35
CA GLU A 878 -90.37 -87.87 18.17
C GLU A 878 -89.58 -87.87 16.86
N ALA A 879 -88.34 -87.38 16.86
CA ALA A 879 -87.46 -87.44 15.68
C ALA A 879 -86.53 -88.65 15.75
N ARG A 880 -86.18 -89.08 16.96
CA ARG A 880 -85.22 -90.18 17.16
C ARG A 880 -85.78 -91.47 16.56
N GLN A 881 -86.90 -91.96 17.10
CA GLN A 881 -87.39 -93.31 16.74
C GLN A 881 -87.84 -93.37 15.29
N PRO A 882 -88.79 -92.54 14.79
CA PRO A 882 -89.34 -92.78 13.46
C PRO A 882 -88.32 -92.41 12.38
N LEU A 883 -88.65 -92.67 11.12
CA LEU A 883 -87.70 -92.50 10.00
C LEU A 883 -88.45 -92.00 8.78
N HIS A 897 -93.78 -79.03 26.34
CA HIS A 897 -92.67 -79.12 27.32
C HIS A 897 -91.92 -77.79 27.36
N LEU A 898 -90.94 -77.68 26.47
CA LEU A 898 -89.89 -76.65 26.47
C LEU A 898 -90.41 -75.55 25.53
N PRO A 899 -89.66 -74.45 25.19
CA PRO A 899 -90.30 -73.20 24.75
C PRO A 899 -91.32 -73.26 23.61
N SER A 900 -91.95 -72.10 23.38
CA SER A 900 -93.21 -71.90 22.64
C SER A 900 -93.43 -72.85 21.46
N ALA A 901 -94.57 -73.52 21.47
CA ALA A 901 -94.89 -74.66 20.59
C ALA A 901 -94.79 -74.33 19.09
N ASP A 902 -94.91 -73.07 18.68
CA ASP A 902 -94.70 -72.73 17.26
C ASP A 902 -93.25 -72.99 16.85
N TRP A 903 -92.32 -72.87 17.79
CA TRP A 903 -90.91 -73.20 17.54
C TRP A 903 -90.82 -74.71 17.24
N GLN A 904 -91.50 -75.51 18.07
CA GLN A 904 -91.55 -76.98 17.89
C GLN A 904 -92.25 -77.31 16.57
N ARG A 905 -93.27 -76.54 16.21
CA ARG A 905 -94.01 -76.78 14.96
C ARG A 905 -93.11 -76.50 13.76
N ALA A 906 -92.32 -75.42 13.83
CA ALA A 906 -91.31 -75.14 12.80
C ALA A 906 -90.36 -76.33 12.70
N ALA A 907 -89.88 -76.81 13.84
CA ALA A 907 -88.93 -77.93 13.90
C ALA A 907 -89.51 -79.17 13.22
N LEU A 908 -90.73 -79.51 13.59
CA LEU A 908 -91.33 -80.78 13.12
C LEU A 908 -91.77 -80.64 11.67
N SER A 909 -92.27 -79.46 11.26
CA SER A 909 -92.62 -79.21 9.85
C SER A 909 -91.37 -79.36 8.97
N LEU A 910 -90.22 -78.89 9.47
CA LEU A 910 -88.96 -79.02 8.72
C LEU A 910 -88.49 -80.47 8.71
N TRP A 911 -88.58 -81.14 9.86
CA TRP A 911 -88.23 -82.57 9.97
C TRP A 911 -89.09 -83.41 9.03
N THR A 912 -90.35 -83.02 8.81
CA THR A 912 -91.32 -83.82 8.05
C THR A 912 -91.27 -83.50 6.56
N HIS A 913 -90.80 -82.30 6.19
CA HIS A 913 -90.84 -81.84 4.78
C HIS A 913 -90.01 -82.79 3.89
N ARG A 914 -90.52 -83.06 2.69
CA ARG A 914 -89.92 -84.09 1.81
C ARG A 914 -88.56 -83.62 1.32
N THR A 915 -88.44 -82.36 0.91
CA THR A 915 -87.17 -81.80 0.42
C THR A 915 -86.07 -81.93 1.48
N PHE A 916 -86.43 -81.83 2.76
CA PHE A 916 -85.46 -82.09 3.85
C PHE A 916 -84.99 -83.54 3.78
N ARG A 917 -85.92 -84.47 3.55
CA ARG A 917 -85.57 -85.91 3.41
C ARG A 917 -84.61 -86.09 2.24
N GLU A 918 -84.89 -85.44 1.12
CA GLU A 918 -84.03 -85.54 -0.08
C GLU A 918 -82.65 -84.92 0.20
N VAL A 919 -82.62 -83.82 0.97
CA VAL A 919 -81.34 -83.19 1.39
C VAL A 919 -80.55 -84.19 2.22
N LEU A 920 -81.23 -85.03 3.00
CA LEU A 920 -80.57 -86.00 3.88
C LEU A 920 -79.99 -87.20 3.12
N LYS A 921 -79.92 -87.20 1.79
CA LYS A 921 -79.41 -88.34 1.01
C LYS A 921 -78.11 -88.03 0.27
N GLU A 922 -77.84 -86.76 -0.04
CA GLU A 922 -76.57 -86.33 -0.65
C GLU A 922 -75.65 -85.83 0.46
N GLU A 923 -75.00 -86.77 1.13
CA GLU A 923 -74.56 -86.58 2.53
C GLU A 923 -73.03 -86.55 2.64
N ASP A 924 -72.49 -85.32 2.70
CA ASP A 924 -71.41 -85.02 3.65
C ASP A 924 -72.01 -84.66 5.00
N VAL A 925 -73.34 -84.51 5.05
CA VAL A 925 -74.08 -83.99 6.21
C VAL A 925 -74.63 -85.14 7.07
N HIS A 926 -74.03 -86.33 6.96
CA HIS A 926 -74.57 -87.52 7.64
C HIS A 926 -74.45 -87.48 9.16
N LEU A 927 -73.86 -86.43 9.73
CA LEU A 927 -73.72 -86.32 11.18
C LEU A 927 -72.89 -87.49 11.68
N THR A 928 -71.60 -87.48 11.36
CA THR A 928 -70.69 -88.55 11.78
C THR A 928 -70.73 -88.72 13.29
N TYR A 929 -70.45 -89.94 13.70
CA TYR A 929 -70.33 -90.32 15.10
C TYR A 929 -69.38 -89.33 15.74
N GLN A 930 -68.20 -89.12 15.14
CA GLN A 930 -67.20 -88.23 15.75
C GLN A 930 -67.67 -86.76 15.75
N ASP A 931 -68.43 -86.38 14.74
CA ASP A 931 -68.98 -85.01 14.68
C ASP A 931 -69.92 -84.77 15.84
N TRP A 932 -70.88 -85.67 15.99
CA TRP A 932 -71.82 -85.66 17.12
C TRP A 932 -71.06 -85.65 18.45
N LEU A 933 -69.92 -86.34 18.53
CA LEU A 933 -69.13 -86.35 19.77
C LEU A 933 -68.53 -85.01 20.02
N HIS A 934 -67.97 -84.41 19.00
CA HIS A 934 -67.40 -83.06 19.14
C HIS A 934 -68.48 -82.04 19.52
N LEU A 935 -69.74 -82.31 19.18
CA LEU A 935 -70.87 -81.50 19.70
C LEU A 935 -71.11 -81.80 21.18
N GLU A 936 -71.50 -83.04 21.49
CA GLU A 936 -71.96 -83.45 22.84
C GLU A 936 -70.89 -83.22 23.88
N LEU A 937 -69.64 -83.23 23.50
CA LEU A 937 -68.58 -82.95 24.46
C LEU A 937 -68.69 -81.54 25.01
N GLU A 938 -69.34 -80.62 24.29
CA GLU A 938 -69.28 -79.19 24.63
C GLU A 938 -70.29 -78.85 25.72
N ILE A 939 -71.43 -79.53 25.75
CA ILE A 939 -72.47 -79.21 26.75
C ILE A 939 -71.91 -79.56 28.15
N GLN A 940 -71.78 -78.56 28.99
CA GLN A 940 -71.40 -78.76 30.40
C GLN A 940 -72.60 -79.32 31.16
N PRO A 941 -72.45 -79.81 32.41
CA PRO A 941 -73.60 -80.32 33.17
C PRO A 941 -74.36 -79.24 33.92
N GLU A 942 -74.21 -78.00 33.46
CA GLU A 942 -74.76 -76.80 34.12
C GLU A 942 -76.19 -76.54 33.59
N ALA A 943 -76.32 -76.30 32.28
CA ALA A 943 -77.59 -75.94 31.61
C ALA A 943 -77.79 -76.92 30.47
N ASP A 944 -78.37 -78.05 30.78
CA ASP A 944 -78.42 -79.21 29.87
C ASP A 944 -79.75 -79.34 29.16
N ALA A 945 -80.80 -78.65 29.61
CA ALA A 945 -82.14 -78.73 29.00
C ALA A 945 -82.77 -80.11 29.23
N LEU A 946 -82.17 -80.93 30.08
CA LEU A 946 -82.55 -82.35 30.21
C LEU A 946 -82.44 -82.81 31.65
N SER A 947 -83.18 -83.86 31.95
CA SER A 947 -82.84 -84.77 33.06
C SER A 947 -81.54 -85.48 32.73
N ASP A 948 -80.79 -85.84 33.76
CA ASP A 948 -79.68 -86.79 33.54
C ASP A 948 -80.23 -88.10 32.96
N THR A 949 -81.47 -88.47 33.29
CA THR A 949 -82.15 -89.62 32.67
C THR A 949 -82.17 -89.46 31.15
N GLU A 950 -82.68 -88.32 30.68
CA GLU A 950 -82.79 -88.06 29.24
C GLU A 950 -81.41 -88.01 28.61
N ARG A 951 -80.42 -87.50 29.36
CA ARG A 951 -79.04 -87.45 28.86
C ARG A 951 -78.54 -88.87 28.56
N GLN A 952 -78.65 -89.76 29.54
CA GLN A 952 -78.20 -91.15 29.38
C GLN A 952 -79.02 -91.82 28.29
N ASP A 953 -80.31 -91.49 28.21
CA ASP A 953 -81.19 -92.03 27.16
C ASP A 953 -80.65 -91.65 25.78
N PHE A 954 -80.36 -90.38 25.58
CA PHE A 954 -79.88 -89.91 24.27
C PHE A 954 -78.53 -90.53 23.97
N HIS A 955 -77.68 -90.62 24.99
CA HIS A 955 -76.35 -91.26 24.85
C HIS A 955 -76.52 -92.67 24.29
N GLN A 956 -77.25 -93.49 25.01
CA GLN A 956 -77.41 -94.90 24.63
C GLN A 956 -78.12 -94.99 23.27
N TRP A 957 -79.09 -94.11 23.02
CA TRP A 957 -79.86 -94.14 21.77
C TRP A 957 -78.92 -93.94 20.60
N ALA A 958 -78.21 -92.82 20.63
CA ALA A 958 -77.34 -92.46 19.52
C ALA A 958 -76.20 -93.47 19.40
N ILE A 959 -75.73 -94.03 20.52
CA ILE A 959 -74.65 -95.04 20.48
C ILE A 959 -75.16 -96.30 19.77
N HIS A 960 -76.29 -96.84 20.21
CA HIS A 960 -76.87 -98.07 19.64
C HIS A 960 -77.48 -97.82 18.27
N GLU A 961 -77.64 -96.56 17.87
CA GLU A 961 -78.06 -96.19 16.51
C GLU A 961 -76.85 -96.06 15.58
N HIS A 962 -75.73 -95.54 16.06
CA HIS A 962 -74.47 -95.42 15.29
C HIS A 962 -73.74 -96.75 15.13
N PHE A 963 -73.94 -97.69 16.05
CA PHE A 963 -73.39 -99.05 15.86
C PHE A 963 -73.94 -99.70 14.60
N LEU A 964 -75.19 -99.43 14.25
CA LEU A 964 -75.88 -100.23 13.22
C LEU A 964 -75.32 -100.01 11.83
N PRO A 965 -75.32 -98.78 11.27
CA PRO A 965 -74.92 -98.62 9.87
C PRO A 965 -73.42 -98.84 9.71
N GLU A 966 -72.97 -98.73 8.46
CA GLU A 966 -71.59 -99.04 8.09
C GLU A 966 -70.70 -97.81 8.31
N SER A 967 -69.39 -98.02 8.25
CA SER A 967 -68.41 -96.93 8.24
C SER A 967 -68.60 -96.00 7.04
N SER A 968 -69.28 -96.44 5.98
CA SER A 968 -69.49 -95.60 4.79
C SER A 968 -70.62 -94.59 5.04
N ALA A 969 -71.75 -95.05 5.55
CA ALA A 969 -72.91 -94.17 5.80
C ALA A 969 -72.52 -93.10 6.82
N SER A 970 -72.27 -93.51 8.06
CA SER A 970 -71.63 -92.68 9.11
C SER A 970 -70.19 -93.13 9.21
N GLY A 971 -69.27 -92.18 9.43
CA GLY A 971 -67.87 -92.51 9.71
C GLY A 971 -67.75 -93.59 10.76
N GLY A 972 -68.31 -93.31 11.93
CA GLY A 972 -68.84 -94.30 12.87
C GLY A 972 -68.15 -95.65 12.96
N CYS A 973 -68.96 -96.71 12.96
CA CYS A 973 -68.46 -98.07 13.09
C CYS A 973 -69.64 -99.03 12.93
N ASP A 974 -69.31 -100.30 12.83
CA ASP A 974 -70.29 -101.39 12.95
C ASP A 974 -70.44 -101.70 14.45
N GLY A 975 -71.05 -102.85 14.77
CA GLY A 975 -71.27 -103.25 16.17
C GLY A 975 -70.04 -103.40 17.02
N ASP A 976 -68.85 -103.32 16.43
CA ASP A 976 -67.58 -103.38 17.15
C ASP A 976 -67.54 -102.38 18.30
N LEU A 977 -67.17 -102.86 19.49
CA LEU A 977 -67.01 -101.96 20.63
C LEU A 977 -65.67 -101.25 20.56
N GLN A 978 -64.65 -101.93 20.07
CA GLN A 978 -63.30 -101.39 20.09
C GLN A 978 -63.20 -100.18 19.16
N ALA A 979 -63.85 -100.25 18.00
CA ALA A 979 -63.91 -99.10 17.06
C ALA A 979 -64.54 -97.90 17.76
N ALA A 980 -65.69 -98.10 18.40
CA ALA A 980 -66.38 -97.02 19.12
C ALA A 980 -65.49 -96.44 20.20
N CYS A 981 -64.91 -97.31 21.03
CA CYS A 981 -64.05 -96.88 22.14
C CYS A 981 -62.88 -96.06 21.63
N THR A 982 -62.25 -96.52 20.58
CA THR A 982 -61.07 -95.83 20.05
C THR A 982 -61.45 -94.47 19.50
N ILE A 983 -62.47 -94.43 18.66
CA ILE A 983 -62.94 -93.15 18.07
C ILE A 983 -63.34 -92.20 19.19
N LEU A 984 -63.96 -92.75 20.21
CA LEU A 984 -64.40 -91.94 21.34
C LEU A 984 -63.22 -91.33 22.08
N VAL A 985 -62.24 -92.13 22.44
CA VAL A 985 -61.02 -91.60 23.11
C VAL A 985 -60.41 -90.54 22.22
N ASN A 986 -60.37 -90.80 20.92
CA ASN A 986 -59.69 -89.88 20.01
C ASN A 986 -60.44 -88.57 19.99
N ALA A 987 -61.77 -88.64 19.92
CA ALA A 987 -62.61 -87.44 20.02
C ALA A 987 -62.30 -86.70 21.31
N LEU A 988 -62.07 -87.44 22.39
CA LEU A 988 -61.80 -86.79 23.68
C LEU A 988 -60.51 -86.03 23.62
N MET A 989 -59.46 -86.72 23.22
CA MET A 989 -58.13 -86.07 23.15
C MET A 989 -58.24 -84.80 22.28
N ASP A 990 -58.94 -84.87 21.15
CA ASP A 990 -58.99 -83.74 20.21
C ASP A 990 -59.76 -82.60 20.83
N PHE A 991 -60.91 -82.88 21.41
CA PHE A 991 -61.75 -81.84 21.99
C PHE A 991 -61.03 -81.18 23.16
N HIS A 992 -60.30 -81.95 23.96
CA HIS A 992 -59.60 -81.37 25.13
C HIS A 992 -58.38 -80.56 24.70
N GLN A 993 -57.60 -81.04 23.76
CA GLN A 993 -56.38 -80.34 23.38
C GLN A 993 -56.64 -79.38 22.22
N SER A 994 -57.74 -78.64 22.30
CA SER A 994 -57.99 -77.45 21.45
C SER A 994 -58.31 -76.27 22.36
N SER A 995 -59.27 -76.49 23.25
CA SER A 995 -59.94 -75.42 24.01
C SER A 995 -59.33 -75.32 25.41
N ARG A 996 -59.95 -74.50 26.25
CA ARG A 996 -59.52 -74.23 27.65
C ARG A 996 -58.17 -73.51 27.65
N THR A 1012 -67.78 -80.37 33.34
CA THR A 1012 -67.38 -79.49 32.20
C THR A 1012 -67.23 -80.31 30.90
N GLY A 1013 -68.35 -80.85 30.40
CA GLY A 1013 -68.43 -81.41 29.05
C GLY A 1013 -68.50 -82.92 28.96
N ASN A 1014 -67.88 -83.64 29.89
CA ASN A 1014 -67.30 -84.97 29.57
C ASN A 1014 -67.83 -86.08 30.46
N GLU A 1015 -68.59 -85.77 31.51
CA GLU A 1015 -68.72 -86.74 32.60
C GLU A 1015 -69.66 -87.88 32.22
N ASP A 1016 -70.74 -87.58 31.52
CA ASP A 1016 -71.65 -88.66 31.08
C ASP A 1016 -70.90 -89.59 30.13
N ILE A 1017 -70.07 -89.01 29.29
CA ILE A 1017 -69.39 -89.80 28.25
C ILE A 1017 -68.31 -90.67 28.88
N ILE A 1018 -67.64 -90.21 29.92
CA ILE A 1018 -66.64 -91.08 30.56
C ILE A 1018 -67.32 -92.27 31.18
N SER A 1019 -68.53 -92.10 31.67
CA SER A 1019 -69.29 -93.23 32.20
C SER A 1019 -69.69 -94.17 31.06
N ARG A 1020 -70.14 -93.59 29.95
CA ARG A 1020 -70.50 -94.39 28.77
C ARG A 1020 -69.27 -95.17 28.32
N LEU A 1021 -68.09 -94.65 28.57
CA LEU A 1021 -66.87 -95.35 28.24
C LEU A 1021 -66.65 -96.50 29.21
N GLN A 1022 -66.76 -96.24 30.53
CA GLN A 1022 -66.56 -97.29 31.56
C GLN A 1022 -67.47 -98.48 31.29
N GLU A 1023 -68.67 -98.20 30.79
CA GLU A 1023 -69.61 -99.25 30.36
C GLU A 1023 -68.92 -100.22 29.42
N MET A 1024 -68.49 -99.71 28.27
CA MET A 1024 -67.96 -100.56 27.22
C MET A 1024 -66.66 -101.19 27.66
N VAL A 1025 -65.93 -100.51 28.54
CA VAL A 1025 -64.68 -101.08 29.06
C VAL A 1025 -64.98 -102.35 29.86
N ALA A 1026 -65.87 -102.25 30.84
CA ALA A 1026 -66.22 -103.41 31.67
C ALA A 1026 -66.88 -104.49 30.83
N ASP A 1027 -67.54 -104.13 29.72
CA ASP A 1027 -68.11 -105.18 28.83
C ASP A 1027 -67.02 -105.93 28.09
N LEU A 1028 -66.06 -105.23 27.51
CA LEU A 1028 -64.96 -105.90 26.81
C LEU A 1028 -64.11 -106.71 27.79
N GLU A 1029 -64.05 -106.30 29.05
CA GLU A 1029 -63.37 -107.09 30.09
C GLU A 1029 -63.91 -108.53 30.10
N LEU A 1030 -65.23 -108.68 30.13
CA LEU A 1030 -65.86 -110.01 30.21
C LEU A 1030 -65.82 -110.69 28.84
N GLN A 1031 -65.94 -109.92 27.76
CA GLN A 1031 -65.81 -110.48 26.40
C GLN A 1031 -64.46 -111.18 26.25
N GLN A 1032 -63.38 -110.59 26.79
CA GLN A 1032 -62.03 -111.19 26.73
C GLN A 1032 -61.89 -112.30 27.79
N ASP A 1033 -62.55 -112.18 28.94
CA ASP A 1033 -62.52 -113.25 29.95
C ASP A 1033 -63.17 -114.53 29.40
N LEU A 1034 -64.07 -114.40 28.43
CA LEU A 1034 -64.66 -115.57 27.73
C LEU A 1034 -63.54 -116.39 27.07
N SER A 1043 -54.24 -112.92 28.93
CA SER A 1043 -53.12 -113.40 28.07
C SER A 1043 -52.87 -112.42 26.92
N GLN A 1044 -53.96 -111.98 26.28
CA GLN A 1044 -53.86 -111.00 25.19
C GLN A 1044 -53.62 -109.61 25.77
N GLU A 1045 -53.37 -108.67 24.87
CA GLU A 1045 -53.11 -107.29 25.25
C GLU A 1045 -54.31 -106.40 24.93
N HIS A 1046 -54.26 -105.19 25.46
CA HIS A 1046 -55.35 -104.21 25.30
C HIS A 1046 -55.04 -103.19 24.22
N PHE A 1047 -56.06 -102.76 23.49
CA PHE A 1047 -55.90 -101.81 22.37
C PHE A 1047 -55.71 -100.36 22.85
N LEU A 1048 -55.95 -100.10 24.11
CA LEU A 1048 -55.82 -98.73 24.60
C LEU A 1048 -54.35 -98.31 24.62
N PHE A 1049 -53.51 -99.18 25.12
CA PHE A 1049 -52.07 -98.89 25.09
C PHE A 1049 -51.62 -98.64 23.65
N GLU A 1050 -52.19 -99.36 22.69
CA GLU A 1050 -51.83 -99.15 21.27
C GLU A 1050 -52.23 -97.77 20.79
N ILE A 1051 -53.44 -97.32 21.15
CA ILE A 1051 -53.89 -95.97 20.74
C ILE A 1051 -52.98 -94.93 21.39
N PHE A 1052 -52.61 -95.15 22.65
CA PHE A 1052 -51.73 -94.24 23.36
C PHE A 1052 -50.41 -94.13 22.60
N ARG A 1053 -49.77 -95.27 22.34
CA ARG A 1053 -48.49 -95.27 21.63
C ARG A 1053 -48.64 -94.64 20.25
N ARG A 1054 -49.79 -94.82 19.59
CA ARG A 1054 -50.02 -94.23 18.26
C ARG A 1054 -50.03 -92.72 18.29
N ARG A 1055 -50.70 -92.14 19.26
CA ARG A 1055 -50.66 -90.69 19.40
C ARG A 1055 -49.27 -90.18 19.82
N LEU A 1056 -48.59 -90.89 20.72
CA LEU A 1056 -47.23 -90.47 21.15
C LEU A 1056 -46.25 -90.44 19.98
N GLN A 1057 -46.12 -91.55 19.26
CA GLN A 1057 -45.29 -91.63 18.04
C GLN A 1057 -45.73 -90.52 17.09
N ALA A 1058 -47.04 -90.39 16.85
CA ALA A 1058 -47.60 -89.38 15.92
C ALA A 1058 -47.15 -87.97 16.29
N LEU A 1059 -46.88 -87.69 17.56
CA LEU A 1059 -46.34 -86.38 17.91
C LEU A 1059 -44.91 -86.23 17.45
N THR A 1060 -44.39 -85.02 17.63
CA THR A 1060 -43.00 -84.70 17.27
C THR A 1060 -42.05 -85.16 18.39
N SER A 1061 -40.89 -85.70 17.99
CA SER A 1061 -39.89 -86.28 18.89
C SER A 1061 -38.85 -85.24 19.31
N GLY A 1062 -39.19 -83.96 19.28
CA GLY A 1062 -38.21 -82.92 19.57
C GLY A 1062 -37.80 -82.89 21.03
N TRP A 1063 -36.96 -81.91 21.40
CA TRP A 1063 -36.58 -81.59 22.80
C TRP A 1063 -37.10 -80.23 23.21
N SER A 1064 -37.78 -79.53 22.30
CA SER A 1064 -38.29 -78.19 22.58
C SER A 1064 -39.26 -78.19 23.75
N VAL A 1065 -39.27 -77.08 24.47
CA VAL A 1065 -40.16 -76.93 25.62
C VAL A 1065 -41.63 -77.04 25.18
N ALA A 1066 -41.95 -76.52 23.99
CA ALA A 1066 -43.31 -76.57 23.45
C ALA A 1066 -43.80 -78.01 23.31
N ALA A 1067 -43.15 -78.78 22.46
CA ALA A 1067 -43.58 -80.16 22.24
C ALA A 1067 -43.45 -80.98 23.55
N SER A 1068 -42.48 -80.65 24.41
CA SER A 1068 -42.29 -81.32 25.72
C SER A 1068 -43.54 -81.16 26.59
N LEU A 1069 -43.95 -79.91 26.78
CA LEU A 1069 -45.20 -79.61 27.50
C LEU A 1069 -46.38 -80.26 26.81
N GLN A 1070 -46.41 -80.21 25.49
CA GLN A 1070 -47.53 -80.77 24.73
C GLN A 1070 -47.64 -82.28 24.95
N ARG A 1071 -46.53 -82.95 25.26
CA ARG A 1071 -46.58 -84.38 25.62
C ARG A 1071 -46.90 -84.56 27.09
N GLN A 1072 -46.37 -83.72 27.96
CA GLN A 1072 -46.68 -83.78 29.40
C GLN A 1072 -48.18 -83.69 29.63
N ARG A 1073 -48.82 -82.73 28.98
CA ARG A 1073 -50.29 -82.60 29.01
C ARG A 1073 -50.94 -83.91 28.61
N GLU A 1074 -50.54 -84.45 27.47
CA GLU A 1074 -51.22 -85.65 26.96
C GLU A 1074 -51.04 -86.87 27.88
N LEU A 1075 -49.85 -87.00 28.46
CA LEU A 1075 -49.63 -88.10 29.41
C LEU A 1075 -50.47 -87.97 30.65
N LEU A 1076 -50.57 -86.78 31.23
CA LEU A 1076 -51.40 -86.67 32.42
C LEU A 1076 -52.83 -86.94 32.05
N MET A 1077 -53.24 -86.60 30.83
CA MET A 1077 -54.60 -86.98 30.41
C MET A 1077 -54.76 -88.49 30.34
N TYR A 1078 -53.78 -89.20 29.83
CA TYR A 1078 -53.82 -90.66 29.83
C TYR A 1078 -53.98 -91.19 31.25
N LYS A 1079 -53.12 -90.71 32.15
CA LYS A 1079 -53.15 -91.07 33.56
C LYS A 1079 -54.55 -90.91 34.10
N ARG A 1080 -55.14 -89.75 33.84
CA ARG A 1080 -56.46 -89.40 34.35
C ARG A 1080 -57.48 -90.37 33.79
N ILE A 1081 -57.34 -90.76 32.52
CA ILE A 1081 -58.33 -91.61 31.85
C ILE A 1081 -58.28 -93.01 32.42
N LEU A 1082 -57.11 -93.42 32.83
CA LEU A 1082 -57.01 -94.78 33.38
C LEU A 1082 -57.83 -94.93 34.67
N LEU A 1083 -57.62 -94.05 35.64
CA LEU A 1083 -58.24 -94.19 36.98
C LEU A 1083 -59.75 -94.11 36.94
N ARG A 1084 -60.33 -93.51 35.91
CA ARG A 1084 -61.79 -93.58 35.73
C ARG A 1084 -62.20 -94.99 35.33
N LEU A 1085 -61.26 -95.80 34.86
CA LEU A 1085 -61.53 -97.17 34.41
C LEU A 1085 -60.91 -98.17 35.37
N PRO A 1086 -61.42 -99.41 35.39
CA PRO A 1086 -60.99 -100.35 36.41
C PRO A 1086 -59.49 -100.64 36.38
N SER A 1087 -58.96 -101.11 37.51
CA SER A 1087 -57.58 -101.59 37.59
C SER A 1087 -57.38 -102.96 36.94
N SER A 1088 -58.39 -103.53 36.31
CA SER A 1088 -58.29 -104.79 35.55
C SER A 1088 -57.43 -104.62 34.31
N VAL A 1089 -57.55 -103.48 33.64
CA VAL A 1089 -56.93 -103.30 32.33
C VAL A 1089 -55.42 -103.35 32.45
N LEU A 1090 -54.89 -102.92 33.57
CA LEU A 1090 -53.44 -102.85 33.73
C LEU A 1090 -52.80 -104.23 33.68
N CYS A 1091 -53.07 -105.03 34.69
CA CYS A 1091 -52.44 -106.33 34.84
C CYS A 1091 -53.30 -107.45 34.25
N GLY A 1092 -54.32 -107.12 33.46
CA GLY A 1092 -55.34 -108.09 33.09
C GLY A 1092 -56.05 -108.62 34.33
N SER A 1093 -56.60 -109.81 34.18
CA SER A 1093 -57.25 -110.54 35.27
C SER A 1093 -56.94 -112.02 35.11
N SER A 1094 -56.85 -112.70 36.23
CA SER A 1094 -56.78 -114.17 36.24
C SER A 1094 -55.55 -114.68 35.51
N PHE A 1095 -54.38 -114.42 36.06
CA PHE A 1095 -53.16 -115.06 35.55
C PHE A 1095 -53.36 -116.57 35.61
N GLN A 1096 -53.63 -117.20 34.47
CA GLN A 1096 -54.04 -118.61 34.45
C GLN A 1096 -52.92 -119.50 34.98
N ALA A 1097 -51.80 -119.53 34.29
CA ALA A 1097 -50.66 -120.36 34.67
C ALA A 1097 -49.38 -119.50 34.66
N GLU A 1098 -48.33 -120.05 35.24
CA GLU A 1098 -47.03 -119.35 35.32
C GLU A 1098 -46.32 -119.29 33.96
N GLN A 1099 -46.73 -120.08 32.97
CA GLN A 1099 -46.15 -120.01 31.62
C GLN A 1099 -46.75 -118.83 30.84
N PRO A 1100 -48.09 -118.75 30.62
CA PRO A 1100 -48.66 -117.56 29.96
C PRO A 1100 -48.72 -116.39 30.94
N ILE A 1101 -47.54 -115.90 31.35
CA ILE A 1101 -47.43 -114.99 32.51
C ILE A 1101 -46.93 -113.63 32.03
N THR A 1102 -47.41 -112.56 32.67
CA THR A 1102 -46.89 -111.19 32.47
C THR A 1102 -47.26 -110.68 31.06
N ALA A 1103 -48.53 -110.82 30.69
CA ALA A 1103 -49.07 -110.14 29.51
C ALA A 1103 -49.77 -108.88 29.95
N ARG A 1104 -49.54 -107.80 29.20
CA ARG A 1104 -50.02 -106.43 29.46
C ARG A 1104 -49.23 -105.75 30.55
N CYS A 1105 -48.53 -106.48 31.39
CA CYS A 1105 -47.79 -105.81 32.45
C CYS A 1105 -46.54 -105.21 31.83
N GLU A 1106 -45.98 -105.90 30.86
CA GLU A 1106 -44.86 -105.32 30.12
C GLU A 1106 -45.38 -104.22 29.19
N GLN A 1107 -46.59 -104.38 28.66
CA GLN A 1107 -47.26 -103.32 27.93
C GLN A 1107 -47.31 -102.04 28.76
N PHE A 1108 -47.48 -102.22 30.04
CA PHE A 1108 -47.53 -101.11 30.97
C PHE A 1108 -46.12 -100.62 31.27
N PHE A 1109 -45.22 -101.53 31.51
CA PHE A 1109 -43.85 -101.15 31.90
C PHE A 1109 -43.16 -100.36 30.80
N HIS A 1110 -43.41 -100.68 29.54
CA HIS A 1110 -42.86 -99.92 28.41
C HIS A 1110 -43.35 -98.48 28.54
N LEU A 1111 -44.65 -98.31 28.73
CA LEU A 1111 -45.28 -96.98 28.88
C LEU A 1111 -44.69 -96.23 30.05
N VAL A 1112 -44.37 -96.94 31.10
CA VAL A 1112 -43.76 -96.29 32.26
C VAL A 1112 -42.32 -95.88 31.97
N ASN A 1113 -41.47 -96.81 31.57
CA ASN A 1113 -40.03 -96.52 31.36
C ASN A 1113 -39.83 -95.49 30.26
N SER A 1114 -40.77 -95.42 29.32
CA SER A 1114 -40.69 -94.44 28.22
C SER A 1114 -41.01 -93.04 28.73
N GLU A 1115 -42.26 -92.82 29.17
CA GLU A 1115 -42.88 -91.48 29.14
C GLU A 1115 -43.18 -90.95 30.55
N MET A 1116 -43.89 -91.73 31.32
CA MET A 1116 -44.33 -91.29 32.64
C MET A 1116 -43.12 -91.10 33.54
N ARG A 1117 -42.13 -91.95 33.38
CA ARG A 1117 -40.85 -91.77 34.06
C ARG A 1117 -40.32 -90.37 33.81
N ASN A 1118 -40.47 -89.89 32.60
CA ASN A 1118 -39.97 -88.56 32.26
C ASN A 1118 -40.84 -87.54 32.95
N PHE A 1119 -42.12 -87.55 32.63
CA PHE A 1119 -42.98 -86.38 32.94
C PHE A 1119 -43.79 -86.54 34.23
N CYS A 1120 -44.61 -87.57 34.34
CA CYS A 1120 -45.52 -87.77 35.51
C CYS A 1120 -44.79 -88.35 36.71
N SER A 1121 -43.82 -87.64 37.26
CA SER A 1121 -42.97 -88.20 38.31
C SER A 1121 -42.37 -87.07 39.14
N HIS A 1122 -41.80 -87.47 40.26
CA HIS A 1122 -41.25 -86.53 41.21
C HIS A 1122 -40.51 -87.29 42.29
N GLY A 1123 -39.47 -86.70 42.83
CA GLY A 1123 -38.68 -87.33 43.88
C GLY A 1123 -37.91 -88.54 43.41
N GLY A 1124 -37.74 -88.69 42.10
CA GLY A 1124 -37.13 -89.90 41.57
C GLY A 1124 -38.06 -91.08 41.85
N ALA A 1125 -39.35 -90.85 41.80
CA ALA A 1125 -40.33 -91.92 41.98
C ALA A 1125 -41.67 -91.48 41.42
N LEU A 1126 -42.64 -92.36 41.54
CA LEU A 1126 -43.87 -92.18 40.81
C LEU A 1126 -44.92 -91.59 41.73
N THR A 1127 -46.12 -91.44 41.21
CA THR A 1127 -47.22 -90.79 41.95
C THR A 1127 -48.18 -91.79 42.67
N GLN A 1128 -48.68 -91.33 43.83
CA GLN A 1128 -49.57 -92.11 44.70
C GLN A 1128 -50.71 -92.75 43.93
N ASP A 1129 -51.36 -91.99 43.09
CA ASP A 1129 -52.56 -92.40 42.39
C ASP A 1129 -52.35 -93.67 41.60
N ILE A 1130 -51.43 -93.60 40.64
CA ILE A 1130 -51.27 -94.74 39.74
C ILE A 1130 -50.61 -95.89 40.47
N THR A 1131 -49.72 -95.58 41.40
CA THR A 1131 -49.14 -96.67 42.19
C THR A 1131 -50.26 -97.47 42.86
N ALA A 1132 -51.21 -96.77 43.42
CA ALA A 1132 -52.31 -97.42 44.12
C ALA A 1132 -53.16 -98.20 43.13
N HIS A 1133 -53.53 -97.57 42.01
CA HIS A 1133 -54.36 -98.22 40.99
C HIS A 1133 -53.73 -99.54 40.58
N PHE A 1134 -52.43 -99.51 40.40
CA PHE A 1134 -51.68 -100.67 39.95
C PHE A 1134 -51.71 -101.76 40.99
N PHE A 1135 -51.27 -101.45 42.20
CA PHE A 1135 -51.22 -102.46 43.25
C PHE A 1135 -52.61 -103.03 43.54
N ARG A 1136 -53.63 -102.22 43.32
CA ARG A 1136 -54.99 -102.67 43.58
C ARG A 1136 -55.41 -103.69 42.55
N GLY A 1137 -55.27 -103.34 41.26
CA GLY A 1137 -55.52 -104.31 40.20
C GLY A 1137 -54.70 -105.57 40.38
N LEU A 1138 -53.45 -105.42 40.84
CA LEU A 1138 -52.52 -106.54 40.98
C LEU A 1138 -53.12 -107.60 41.90
N LEU A 1139 -53.40 -107.22 43.12
CA LEU A 1139 -53.89 -108.19 44.10
C LEU A 1139 -55.28 -108.65 43.73
N ASN A 1140 -56.11 -107.76 43.20
CA ASN A 1140 -57.44 -108.14 42.74
C ASN A 1140 -57.36 -109.29 41.73
N ALA A 1141 -56.34 -109.30 40.85
CA ALA A 1141 -56.19 -110.41 39.89
C ALA A 1141 -55.46 -111.59 40.54
N CYS A 1142 -54.48 -111.33 41.41
CA CYS A 1142 -53.62 -112.40 41.94
C CYS A 1142 -54.35 -113.29 42.94
N LEU A 1143 -55.05 -112.69 43.89
CA LEU A 1143 -55.87 -113.50 44.82
C LEU A 1143 -56.91 -114.30 44.05
N ARG A 1144 -57.52 -113.70 43.03
CA ARG A 1144 -58.47 -114.42 42.19
C ARG A 1144 -57.79 -115.58 41.48
N SER A 1145 -56.52 -115.43 41.21
CA SER A 1145 -55.71 -116.56 40.73
C SER A 1145 -55.29 -117.43 41.90
N ARG A 1146 -54.83 -118.64 41.59
CA ARG A 1146 -54.29 -119.54 42.61
C ARG A 1146 -52.81 -119.25 42.86
N ASP A 1147 -52.30 -119.81 43.95
CA ASP A 1147 -50.91 -119.64 44.40
C ASP A 1147 -50.55 -118.16 44.40
N PRO A 1148 -51.34 -117.33 45.10
CA PRO A 1148 -51.15 -115.90 45.01
C PRO A 1148 -49.84 -115.48 45.66
N SER A 1149 -49.54 -116.02 46.84
CA SER A 1149 -48.34 -115.61 47.59
C SER A 1149 -47.07 -115.96 46.83
N LEU A 1150 -47.15 -116.86 45.86
CA LEU A 1150 -45.98 -117.26 45.06
C LEU A 1150 -45.95 -116.48 43.75
N MET A 1151 -47.07 -116.49 43.03
CA MET A 1151 -47.18 -115.76 41.76
C MET A 1151 -46.98 -114.25 41.94
N VAL A 1152 -47.26 -113.73 43.13
CA VAL A 1152 -47.04 -112.30 43.40
C VAL A 1152 -45.53 -112.05 43.53
N ASP A 1153 -44.86 -112.77 44.43
CA ASP A 1153 -43.41 -112.58 44.65
C ASP A 1153 -42.63 -112.87 43.37
N PHE A 1154 -43.17 -113.72 42.50
CA PHE A 1154 -42.63 -113.89 41.15
C PHE A 1154 -42.58 -112.54 40.41
N ILE A 1155 -43.74 -111.89 40.27
CA ILE A 1155 -43.85 -110.64 39.48
C ILE A 1155 -43.06 -109.52 40.12
N LEU A 1156 -43.01 -109.46 41.43
CA LEU A 1156 -42.26 -108.40 42.11
C LEU A 1156 -40.75 -108.60 42.01
N ALA A 1157 -40.30 -109.83 41.86
CA ALA A 1157 -38.88 -110.07 41.55
C ALA A 1157 -38.61 -109.65 40.11
N LYS A 1158 -39.57 -109.88 39.21
CA LYS A 1158 -39.39 -109.47 37.79
C LYS A 1158 -39.27 -107.97 37.65
N CYS A 1159 -39.87 -107.22 38.57
CA CYS A 1159 -39.86 -105.77 38.44
C CYS A 1159 -38.49 -105.18 38.81
N GLN A 1160 -37.68 -105.94 39.55
CA GLN A 1160 -36.28 -105.55 39.77
C GLN A 1160 -35.53 -105.50 38.45
N THR A 1161 -36.03 -106.19 37.44
CA THR A 1161 -35.46 -106.21 36.08
C THR A 1161 -36.18 -105.29 35.13
N LYS A 1162 -37.50 -105.32 35.08
CA LYS A 1162 -38.25 -104.76 33.95
C LYS A 1162 -38.81 -103.35 34.18
N CYS A 1163 -39.15 -102.98 35.42
CA CYS A 1163 -39.73 -101.64 35.69
C CYS A 1163 -39.63 -101.29 37.15
N PRO A 1164 -38.42 -101.19 37.72
CA PRO A 1164 -38.25 -101.08 39.16
C PRO A 1164 -38.75 -99.76 39.73
N LEU A 1165 -39.18 -98.86 38.87
CA LEU A 1165 -39.77 -97.60 39.32
C LEU A 1165 -40.89 -97.80 40.32
N ILE A 1166 -41.69 -98.82 40.04
CA ILE A 1166 -42.76 -99.28 40.92
C ILE A 1166 -42.11 -99.61 42.26
N LEU A 1167 -41.08 -100.41 42.24
CA LEU A 1167 -40.53 -100.93 43.49
C LEU A 1167 -39.97 -99.79 44.30
N THR A 1168 -39.59 -98.71 43.65
CA THR A 1168 -39.09 -97.57 44.42
C THR A 1168 -40.25 -96.74 44.92
N SER A 1169 -41.27 -96.60 44.09
CA SER A 1169 -42.42 -95.78 44.48
C SER A 1169 -43.11 -96.39 45.72
N ALA A 1170 -43.10 -97.69 45.81
CA ALA A 1170 -43.79 -98.29 46.92
C ALA A 1170 -43.11 -97.91 48.20
N LEU A 1171 -41.82 -97.66 48.20
CA LEU A 1171 -41.11 -97.31 49.46
C LEU A 1171 -41.50 -95.93 49.96
N VAL A 1172 -42.12 -95.15 49.07
CA VAL A 1172 -42.62 -93.82 49.41
C VAL A 1172 -44.09 -93.84 49.76
N TRP A 1173 -44.85 -94.65 49.06
CA TRP A 1173 -46.31 -94.76 49.30
C TRP A 1173 -46.69 -95.94 50.23
N TRP A 1174 -45.73 -96.47 51.00
CA TRP A 1174 -46.03 -97.64 51.83
C TRP A 1174 -46.93 -97.28 52.98
N PRO A 1175 -46.73 -96.13 53.66
CA PRO A 1175 -47.65 -95.74 54.71
C PRO A 1175 -49.03 -95.42 54.18
N SER A 1176 -49.23 -95.33 52.87
CA SER A 1176 -50.57 -95.22 52.29
C SER A 1176 -51.13 -96.57 51.95
N LEU A 1177 -50.39 -97.42 51.29
CA LEU A 1177 -51.04 -98.54 50.61
C LEU A 1177 -51.34 -99.72 51.55
N GLU A 1178 -50.31 -100.08 52.32
CA GLU A 1178 -50.27 -101.29 53.16
C GLU A 1178 -51.58 -101.61 53.89
N PRO A 1179 -52.26 -100.63 54.51
CA PRO A 1179 -53.55 -100.92 55.11
C PRO A 1179 -54.58 -101.49 54.11
N VAL A 1180 -54.66 -100.87 52.93
CA VAL A 1180 -55.56 -101.35 51.88
C VAL A 1180 -55.24 -102.80 51.52
N LEU A 1181 -53.96 -103.07 51.40
CA LEU A 1181 -53.49 -104.39 50.98
C LEU A 1181 -53.78 -105.44 52.05
N LEU A 1182 -53.57 -105.07 53.30
CA LEU A 1182 -53.87 -105.97 54.42
C LEU A 1182 -55.34 -106.33 54.42
N CYS A 1183 -56.19 -105.35 54.27
CA CYS A 1183 -57.64 -105.59 54.28
C CYS A 1183 -58.01 -106.49 53.10
N ARG A 1184 -57.54 -106.13 51.91
CA ARG A 1184 -57.91 -106.90 50.72
C ARG A 1184 -57.35 -108.31 50.77
N TRP A 1185 -56.26 -108.52 51.52
CA TRP A 1185 -55.66 -109.84 51.73
C TRP A 1185 -56.52 -110.66 52.70
N ARG A 1186 -56.81 -110.08 53.86
CA ARG A 1186 -57.47 -110.80 54.96
C ARG A 1186 -58.91 -111.12 54.62
N ARG A 1187 -59.52 -110.38 53.71
CA ARG A 1187 -60.90 -110.69 53.34
C ARG A 1187 -61.02 -112.08 52.72
N HIS A 1188 -60.05 -112.47 51.88
CA HIS A 1188 -60.10 -113.75 51.14
C HIS A 1188 -59.16 -114.80 51.70
N CYS A 1189 -58.08 -114.39 52.35
CA CYS A 1189 -57.10 -115.35 52.86
C CYS A 1189 -56.52 -114.79 54.15
N GLN A 1190 -56.58 -115.60 55.20
CA GLN A 1190 -56.08 -115.22 56.54
C GLN A 1190 -54.56 -115.17 56.61
N SER A 1191 -53.88 -115.75 55.63
CA SER A 1191 -52.43 -115.91 55.67
C SER A 1191 -51.73 -114.55 55.79
N PRO A 1192 -50.48 -114.51 56.24
CA PRO A 1192 -49.72 -113.27 56.17
C PRO A 1192 -49.38 -112.92 54.72
N LEU A 1193 -48.72 -111.79 54.53
CA LEU A 1193 -48.46 -111.30 53.17
C LEU A 1193 -47.38 -112.15 52.54
N PRO A 1194 -47.29 -112.16 51.20
CA PRO A 1194 -46.10 -112.72 50.56
C PRO A 1194 -44.80 -112.00 50.94
N ARG A 1195 -43.69 -112.53 50.44
CA ARG A 1195 -42.37 -112.22 51.02
C ARG A 1195 -41.81 -110.91 50.46
N GLU A 1196 -42.12 -110.56 49.21
CA GLU A 1196 -41.51 -109.37 48.60
C GLU A 1196 -42.07 -108.12 49.27
N LEU A 1197 -43.34 -108.12 49.62
CA LEU A 1197 -43.88 -106.95 50.31
C LEU A 1197 -43.27 -106.81 51.68
N GLN A 1198 -43.00 -107.94 52.30
CA GLN A 1198 -42.30 -107.94 53.58
C GLN A 1198 -40.90 -107.37 53.37
N LYS A 1199 -40.28 -107.64 52.22
CA LYS A 1199 -38.96 -107.04 51.90
C LYS A 1199 -39.10 -105.52 51.81
N LEU A 1200 -40.22 -105.06 51.28
CA LEU A 1200 -40.44 -103.61 51.19
C LEU A 1200 -40.52 -103.01 52.57
N GLN A 1201 -41.36 -103.59 53.41
CA GLN A 1201 -41.42 -103.12 54.79
C GLN A 1201 -40.05 -103.22 55.45
N GLU A 1202 -39.29 -104.25 55.13
CA GLU A 1202 -37.94 -104.46 55.71
C GLU A 1202 -37.03 -103.32 55.28
N GLY A 1203 -37.18 -102.85 54.06
CA GLY A 1203 -36.39 -101.73 53.62
C GLY A 1203 -36.72 -100.49 54.39
N ARG A 1204 -38.01 -100.24 54.57
CA ARG A 1204 -38.47 -99.10 55.37
C ARG A 1204 -37.78 -99.18 56.72
N GLN A 1205 -37.80 -100.39 57.29
CA GLN A 1205 -37.27 -100.65 58.65
C GLN A 1205 -35.77 -100.35 58.68
N PHE A 1206 -35.07 -100.86 57.68
CA PHE A 1206 -33.61 -100.74 57.63
C PHE A 1206 -33.24 -99.27 57.56
N ALA A 1207 -34.01 -98.51 56.80
CA ALA A 1207 -33.73 -97.09 56.63
C ALA A 1207 -33.94 -96.37 57.95
N SER A 1208 -35.09 -96.59 58.56
CA SER A 1208 -35.37 -95.96 59.86
C SER A 1208 -34.34 -96.41 60.88
N ASP A 1209 -33.82 -97.64 60.73
CA ASP A 1209 -32.84 -98.19 61.69
C ASP A 1209 -31.48 -97.51 61.52
N PHE A 1210 -31.08 -97.27 60.29
CA PHE A 1210 -29.85 -96.50 60.05
C PHE A 1210 -29.98 -95.11 60.66
N LEU A 1211 -31.08 -94.43 60.34
CA LEU A 1211 -31.35 -93.10 60.90
C LEU A 1211 -31.87 -93.23 62.32
N SER A 1212 -30.98 -93.63 63.20
CA SER A 1212 -31.32 -93.89 64.61
C SER A 1212 -30.01 -94.16 65.33
N PRO A 1213 -30.01 -94.16 66.67
CA PRO A 1213 -28.87 -94.73 67.40
C PRO A 1213 -28.67 -96.19 67.01
N GLU A 1214 -27.47 -96.51 66.52
CA GLU A 1214 -27.24 -97.77 65.79
C GLU A 1214 -27.25 -98.95 66.76
N ALA A 1215 -28.44 -99.47 67.02
CA ALA A 1215 -28.59 -100.71 67.80
C ALA A 1215 -28.50 -101.94 66.88
N ALA A 1216 -28.46 -101.75 65.56
CA ALA A 1216 -28.49 -102.85 64.59
C ALA A 1216 -27.55 -102.57 63.43
N SER A 1217 -27.38 -103.60 62.59
CA SER A 1217 -26.64 -103.49 61.33
C SER A 1217 -27.16 -104.52 60.33
N PRO A 1218 -28.41 -104.38 59.86
CA PRO A 1218 -28.95 -105.30 58.85
C PRO A 1218 -28.55 -104.92 57.43
N ALA A 1219 -28.48 -105.95 56.60
CA ALA A 1219 -28.01 -105.86 55.21
C ALA A 1219 -29.07 -106.47 54.29
N PRO A 1220 -30.13 -105.74 53.90
CA PRO A 1220 -31.05 -106.26 52.88
C PRO A 1220 -30.37 -106.48 51.53
N ASN A 1221 -30.77 -107.55 50.87
CA ASN A 1221 -29.94 -108.19 49.85
C ASN A 1221 -29.79 -107.30 48.60
N PRO A 1222 -30.87 -106.98 47.84
CA PRO A 1222 -30.65 -106.13 46.68
C PRO A 1222 -30.29 -104.71 47.11
N ASP A 1223 -29.05 -104.32 46.83
CA ASP A 1223 -28.45 -103.10 47.41
C ASP A 1223 -29.22 -101.84 47.00
N TRP A 1224 -29.57 -101.78 45.74
CA TRP A 1224 -30.17 -100.56 45.14
C TRP A 1224 -31.46 -100.18 45.83
N LEU A 1225 -32.34 -101.12 46.04
CA LEU A 1225 -33.64 -100.82 46.65
C LEU A 1225 -33.46 -100.29 48.07
N SER A 1226 -32.64 -100.96 48.85
CA SER A 1226 -32.33 -100.54 50.23
C SER A 1226 -31.75 -99.15 50.21
N ALA A 1227 -30.87 -98.92 49.27
CA ALA A 1227 -30.22 -97.61 49.15
C ALA A 1227 -31.32 -96.56 48.89
N ALA A 1228 -32.26 -96.88 48.03
CA ALA A 1228 -33.29 -95.93 47.66
C ALA A 1228 -34.07 -95.54 48.90
N ALA A 1229 -34.42 -96.57 49.64
CA ALA A 1229 -35.20 -96.37 50.85
C ALA A 1229 -34.43 -95.49 51.81
N LEU A 1230 -33.15 -95.76 51.91
CA LEU A 1230 -32.30 -95.00 52.82
C LEU A 1230 -32.31 -93.54 52.41
N HIS A 1231 -32.24 -93.30 51.11
CA HIS A 1231 -32.24 -91.92 50.59
C HIS A 1231 -33.55 -91.22 50.98
N PHE A 1232 -34.69 -91.86 50.70
CA PHE A 1232 -36.00 -91.26 51.03
C PHE A 1232 -36.12 -90.99 52.51
N ALA A 1233 -35.59 -91.86 53.33
CA ALA A 1233 -35.58 -91.63 54.78
C ALA A 1233 -34.74 -90.40 55.11
N ILE A 1234 -33.60 -90.28 54.46
CA ILE A 1234 -32.70 -89.15 54.71
C ILE A 1234 -33.38 -87.87 54.26
N GLN A 1235 -34.23 -88.00 53.27
CA GLN A 1235 -34.84 -86.82 52.67
C GLN A 1235 -35.64 -85.99 53.68
N GLN A 1236 -36.09 -86.58 54.79
CA GLN A 1236 -36.85 -85.85 55.84
C GLN A 1236 -35.99 -85.85 57.10
N VAL A 1237 -35.05 -84.92 57.15
CA VAL A 1237 -34.02 -84.85 58.21
C VAL A 1237 -33.56 -83.39 58.29
N ARG A 1238 -33.17 -82.97 59.48
CA ARG A 1238 -32.61 -81.62 59.70
C ARG A 1238 -31.17 -81.56 59.21
N GLU A 1239 -30.62 -80.35 59.16
CA GLU A 1239 -29.32 -80.15 58.52
C GLU A 1239 -28.20 -80.67 59.42
N GLU A 1240 -28.25 -80.36 60.70
CA GLU A 1240 -27.10 -80.64 61.59
C GLU A 1240 -26.86 -82.15 61.70
N ASN A 1241 -27.93 -82.90 61.96
CA ASN A 1241 -27.82 -84.34 62.27
C ASN A 1241 -27.35 -85.17 61.09
N ILE A 1242 -27.29 -84.57 59.90
CA ILE A 1242 -26.75 -85.26 58.71
C ILE A 1242 -25.40 -85.88 59.02
N ARG A 1243 -24.47 -85.04 59.46
CA ARG A 1243 -23.08 -85.48 59.66
C ARG A 1243 -23.01 -86.55 60.73
N LYS A 1244 -23.68 -86.31 61.85
CA LYS A 1244 -23.64 -87.24 62.97
C LYS A 1244 -24.23 -88.58 62.57
N GLN A 1245 -25.29 -88.55 61.76
CA GLN A 1245 -25.99 -89.78 61.34
C GLN A 1245 -25.15 -90.55 60.34
N LEU A 1246 -24.51 -89.86 59.41
CA LEU A 1246 -23.94 -90.51 58.22
C LEU A 1246 -22.43 -90.70 58.33
N LYS A 1247 -21.80 -90.22 59.40
CA LYS A 1247 -20.48 -90.75 59.82
C LYS A 1247 -20.59 -92.18 60.31
N LYS A 1248 -21.81 -92.69 60.50
CA LYS A 1248 -22.09 -94.10 60.84
C LYS A 1248 -22.35 -94.89 59.56
N LEU A 1249 -21.74 -94.48 58.45
CA LEU A 1249 -21.92 -95.12 57.15
C LEU A 1249 -20.63 -95.78 56.63
N ASP A 1250 -19.53 -95.74 57.41
CA ASP A 1250 -18.25 -96.31 56.97
C ASP A 1250 -18.24 -97.85 57.04
N CYS A 1251 -19.36 -98.50 57.41
CA CYS A 1251 -19.44 -99.97 57.56
C CYS A 1251 -20.59 -100.54 56.71
N GLU A 1252 -20.71 -100.05 55.49
CA GLU A 1252 -21.73 -100.52 54.54
C GLU A 1252 -21.04 -100.98 53.27
N ARG A 1253 -21.61 -101.99 52.64
CA ARG A 1253 -21.08 -102.46 51.35
C ARG A 1253 -21.22 -101.36 50.30
N GLU A 1254 -20.60 -101.59 49.16
CA GLU A 1254 -20.20 -100.49 48.27
C GLU A 1254 -21.24 -100.24 47.18
N GLU A 1255 -21.84 -101.29 46.65
CA GLU A 1255 -22.89 -101.13 45.62
C GLU A 1255 -24.03 -100.28 46.18
N LEU A 1256 -24.46 -100.62 47.39
CA LEU A 1256 -25.43 -99.83 48.18
C LEU A 1256 -25.04 -98.36 48.19
N LEU A 1257 -23.82 -98.09 48.63
CA LEU A 1257 -23.34 -96.71 48.75
C LEU A 1257 -23.33 -96.02 47.41
N VAL A 1258 -23.06 -96.76 46.35
CA VAL A 1258 -22.99 -96.19 45.00
C VAL A 1258 -24.36 -95.74 44.53
N PHE A 1259 -25.33 -96.65 44.61
CA PHE A 1259 -26.68 -96.29 44.20
C PHE A 1259 -27.21 -95.17 45.09
N LEU A 1260 -26.80 -95.16 46.36
CA LEU A 1260 -27.18 -94.08 47.26
C LEU A 1260 -26.63 -92.76 46.75
N PHE A 1261 -25.38 -92.75 46.33
CA PHE A 1261 -24.77 -91.56 45.72
C PHE A 1261 -25.62 -91.09 44.54
N PHE A 1262 -25.96 -92.01 43.65
CA PHE A 1262 -26.70 -91.64 42.44
C PHE A 1262 -28.02 -91.00 42.81
N PHE A 1263 -28.74 -91.61 43.75
CA PHE A 1263 -30.09 -91.12 44.08
C PHE A 1263 -29.99 -89.78 44.81
N SER A 1264 -29.02 -89.64 45.72
CA SER A 1264 -28.77 -88.35 46.41
C SER A 1264 -28.49 -87.26 45.37
N LEU A 1265 -27.60 -87.57 44.44
CA LEU A 1265 -27.30 -86.67 43.33
C LEU A 1265 -28.58 -86.31 42.55
N MET A 1266 -29.40 -87.31 42.27
CA MET A 1266 -30.60 -87.08 41.48
C MET A 1266 -31.48 -86.09 42.18
N GLY A 1267 -31.59 -86.24 43.48
CA GLY A 1267 -32.46 -85.36 44.28
C GLY A 1267 -31.91 -83.96 44.37
N LEU A 1268 -30.60 -83.87 44.50
CA LEU A 1268 -29.92 -82.58 44.48
C LEU A 1268 -30.31 -81.84 43.23
N LEU A 1269 -30.14 -82.51 42.13
CA LEU A 1269 -30.43 -81.89 40.86
C LEU A 1269 -31.92 -81.59 40.73
N SER A 1270 -32.77 -82.46 41.21
CA SER A 1270 -34.22 -82.25 41.12
C SER A 1270 -34.61 -81.01 41.90
N SER A 1271 -33.96 -80.79 43.03
CA SER A 1271 -34.27 -79.62 43.85
C SER A 1271 -33.70 -78.35 43.23
N HIS A 1272 -32.49 -78.43 42.70
CA HIS A 1272 -31.89 -77.27 42.03
C HIS A 1272 -32.71 -76.88 40.81
N LEU A 1273 -33.36 -77.87 40.20
CA LEU A 1273 -34.23 -77.60 39.06
C LEU A 1273 -35.57 -77.05 39.50
N THR A 1274 -36.26 -77.80 40.34
CA THR A 1274 -37.61 -77.46 40.76
C THR A 1274 -37.56 -76.25 41.69
N SER A 1275 -38.73 -75.91 42.24
CA SER A 1275 -38.86 -74.82 43.21
C SER A 1275 -37.84 -74.93 44.34
N ASN A 1276 -36.95 -73.94 44.44
CA ASN A 1276 -35.99 -73.85 45.54
C ASN A 1276 -36.62 -73.25 46.80
N SER A 1277 -37.84 -72.72 46.70
CA SER A 1277 -38.57 -72.29 47.90
C SER A 1277 -38.72 -73.44 48.88
N THR A 1278 -38.82 -74.67 48.39
CA THR A 1278 -38.65 -75.85 49.24
C THR A 1278 -37.37 -75.75 50.05
N THR A 1279 -36.28 -75.34 49.41
CA THR A 1279 -35.02 -75.01 50.10
C THR A 1279 -34.39 -76.23 50.76
N ASP A 1280 -34.71 -77.40 50.22
CA ASP A 1280 -33.98 -78.63 50.53
C ASP A 1280 -32.75 -78.77 49.63
N LEU A 1281 -32.51 -77.79 48.75
CA LEU A 1281 -31.36 -77.83 47.84
C LEU A 1281 -30.04 -77.84 48.60
N PRO A 1282 -29.77 -76.94 49.56
CA PRO A 1282 -28.48 -76.99 50.27
C PRO A 1282 -28.33 -78.24 51.13
N LYS A 1283 -29.46 -78.73 51.64
CA LYS A 1283 -29.46 -80.03 52.32
C LYS A 1283 -28.97 -81.11 51.36
N ALA A 1284 -29.50 -81.13 50.15
CA ALA A 1284 -29.14 -82.20 49.19
C ALA A 1284 -27.68 -82.04 48.78
N PHE A 1285 -27.22 -80.81 48.70
CA PHE A 1285 -25.79 -80.57 48.44
C PHE A 1285 -24.93 -81.14 49.55
N HIS A 1286 -25.27 -80.82 50.80
CA HIS A 1286 -24.59 -81.39 51.97
C HIS A 1286 -24.64 -82.91 51.93
N VAL A 1287 -25.75 -83.46 51.45
CA VAL A 1287 -25.95 -84.91 51.42
C VAL A 1287 -24.93 -85.54 50.49
N CYS A 1288 -24.96 -85.13 49.22
CA CYS A 1288 -24.00 -85.68 48.25
C CYS A 1288 -22.57 -85.38 48.66
N ALA A 1289 -22.36 -84.26 49.34
CA ALA A 1289 -21.05 -83.91 49.85
C ALA A 1289 -20.59 -84.99 50.82
N ALA A 1290 -21.46 -85.30 51.78
CA ALA A 1290 -21.14 -86.31 52.78
C ALA A 1290 -20.93 -87.68 52.11
N ILE A 1291 -21.68 -87.94 51.05
CA ILE A 1291 -21.53 -89.20 50.30
C ILE A 1291 -20.08 -89.32 49.82
N LEU A 1292 -19.66 -88.36 49.02
CA LEU A 1292 -18.35 -88.47 48.38
C LEU A 1292 -17.24 -88.32 49.39
N GLU A 1293 -17.50 -87.59 50.48
CA GLU A 1293 -16.49 -87.36 51.50
C GLU A 1293 -15.99 -88.68 52.10
N CYS A 1294 -16.85 -89.69 52.11
CA CYS A 1294 -16.48 -91.00 52.62
C CYS A 1294 -16.28 -92.04 51.52
N LEU A 1295 -16.86 -91.84 50.34
CA LEU A 1295 -16.44 -92.65 49.18
C LEU A 1295 -14.93 -92.46 48.92
N GLU A 1296 -14.42 -91.27 49.21
CA GLU A 1296 -12.97 -91.02 49.08
C GLU A 1296 -12.18 -91.96 49.97
N LYS A 1297 -12.61 -92.09 51.23
CA LYS A 1297 -11.81 -92.82 52.23
C LYS A 1297 -11.69 -94.30 51.87
N ARG A 1298 -12.66 -94.84 51.13
CA ARG A 1298 -12.64 -96.21 50.63
C ARG A 1298 -12.89 -96.16 49.13
N LYS A 1299 -11.84 -96.37 48.36
CA LYS A 1299 -11.77 -95.92 46.95
C LYS A 1299 -12.72 -96.74 46.12
N ILE A 1300 -13.65 -96.06 45.45
CA ILE A 1300 -14.75 -96.71 44.73
C ILE A 1300 -14.90 -96.02 43.38
N SER A 1301 -15.24 -96.78 42.34
CA SER A 1301 -15.44 -96.23 40.98
C SER A 1301 -16.83 -95.66 40.82
N TRP A 1302 -17.04 -94.47 41.33
CA TRP A 1302 -18.30 -93.80 41.03
C TRP A 1302 -18.29 -93.22 39.62
N LEU A 1303 -17.22 -93.34 38.88
CA LEU A 1303 -17.17 -92.65 37.59
C LEU A 1303 -17.93 -93.42 36.52
N ALA A 1304 -18.17 -94.70 36.77
CA ALA A 1304 -18.83 -95.56 35.79
C ALA A 1304 -20.28 -95.11 35.61
N LEU A 1305 -20.87 -94.54 36.64
CA LEU A 1305 -22.29 -94.18 36.61
C LEU A 1305 -22.49 -92.81 35.97
N PHE A 1306 -21.57 -92.37 35.13
CA PHE A 1306 -21.84 -91.31 34.14
C PHE A 1306 -21.74 -91.85 32.71
N GLN A 1307 -21.22 -93.06 32.56
CA GLN A 1307 -21.03 -93.72 31.26
C GLN A 1307 -22.23 -94.66 31.07
N LEU A 1308 -23.40 -94.08 30.94
CA LEU A 1308 -24.63 -94.88 30.97
C LEU A 1308 -25.14 -95.09 29.56
N THR A 1309 -24.84 -96.26 29.04
CA THR A 1309 -25.57 -96.81 27.90
C THR A 1309 -26.84 -97.46 28.44
N GLU A 1310 -27.67 -97.95 27.55
CA GLU A 1310 -28.85 -98.71 27.95
C GLU A 1310 -28.46 -100.11 28.41
N SER A 1311 -27.58 -100.77 27.67
CA SER A 1311 -27.32 -102.22 27.81
C SER A 1311 -26.04 -102.52 28.60
N ASP A 1312 -25.73 -101.70 29.59
CA ASP A 1312 -24.77 -102.06 30.65
C ASP A 1312 -25.61 -102.67 31.77
N LEU A 1313 -25.67 -103.99 31.80
CA LEU A 1313 -26.65 -104.69 32.65
C LEU A 1313 -26.24 -104.65 34.12
N ARG A 1314 -25.06 -104.14 34.45
CA ARG A 1314 -24.76 -103.92 35.86
C ARG A 1314 -25.65 -102.83 36.43
N LEU A 1315 -25.64 -101.64 35.82
CA LEU A 1315 -26.35 -100.45 36.32
C LEU A 1315 -27.24 -99.83 35.27
N GLY A 1316 -26.76 -99.83 34.03
CA GLY A 1316 -27.45 -99.12 32.95
C GLY A 1316 -28.87 -99.60 32.72
N ARG A 1317 -29.12 -100.86 32.96
CA ARG A 1317 -30.49 -101.39 32.80
C ARG A 1317 -31.40 -100.72 33.82
N LEU A 1318 -30.88 -100.47 35.02
CA LEU A 1318 -31.69 -99.92 36.11
C LEU A 1318 -31.76 -98.40 36.01
N LEU A 1319 -30.62 -97.75 36.16
CA LEU A 1319 -30.65 -96.33 36.53
C LEU A 1319 -31.02 -95.43 35.38
N LEU A 1320 -31.08 -95.96 34.17
CA LEU A 1320 -31.56 -95.21 33.01
C LEU A 1320 -33.04 -95.50 32.69
N ARG A 1321 -33.58 -96.57 33.25
CA ARG A 1321 -35.01 -96.78 33.28
C ARG A 1321 -35.61 -96.29 34.58
N VAL A 1322 -34.83 -95.82 35.53
CA VAL A 1322 -35.37 -95.29 36.79
C VAL A 1322 -35.65 -93.82 36.63
N ALA A 1323 -34.59 -93.05 36.43
CA ALA A 1323 -34.68 -91.60 36.47
C ALA A 1323 -35.02 -91.09 35.07
N PRO A 1324 -35.50 -89.86 34.97
CA PRO A 1324 -35.95 -89.36 33.67
C PRO A 1324 -34.78 -89.00 32.79
N ASP A 1325 -35.06 -88.45 31.62
CA ASP A 1325 -34.00 -88.11 30.67
C ASP A 1325 -33.37 -86.79 31.05
N GLN A 1326 -34.19 -85.88 31.56
CA GLN A 1326 -33.74 -84.49 31.71
C GLN A 1326 -32.71 -84.34 32.79
N HIS A 1327 -32.67 -85.27 33.73
CA HIS A 1327 -31.73 -85.18 34.86
C HIS A 1327 -30.39 -85.81 34.53
N THR A 1328 -30.42 -86.99 33.94
CA THR A 1328 -29.21 -87.60 33.43
C THR A 1328 -28.57 -86.70 32.39
N ARG A 1329 -29.38 -85.99 31.63
CA ARG A 1329 -28.87 -84.99 30.69
C ARG A 1329 -28.00 -83.99 31.41
N LEU A 1330 -28.50 -83.44 32.49
CA LEU A 1330 -27.79 -82.40 33.23
C LEU A 1330 -26.69 -82.91 34.12
N LEU A 1331 -26.63 -84.23 34.30
CA LEU A 1331 -25.65 -84.92 35.15
C LEU A 1331 -24.26 -84.29 35.19
N PRO A 1332 -23.65 -83.91 34.06
CA PRO A 1332 -22.32 -83.31 34.13
C PRO A 1332 -22.27 -82.02 34.92
N PHE A 1333 -23.38 -81.32 34.95
CA PHE A 1333 -23.52 -80.13 35.79
C PHE A 1333 -23.12 -80.52 37.18
N ALA A 1334 -23.73 -81.58 37.63
CA ALA A 1334 -23.49 -82.06 38.98
C ALA A 1334 -22.06 -82.52 39.12
N PHE A 1335 -21.58 -83.20 38.10
CA PHE A 1335 -20.22 -83.79 38.11
C PHE A 1335 -19.21 -82.70 38.47
N TYR A 1336 -19.22 -81.62 37.70
CA TYR A 1336 -18.26 -80.53 37.92
C TYR A 1336 -18.63 -79.81 39.20
N SER A 1337 -19.92 -79.56 39.42
CA SER A 1337 -20.36 -78.75 40.58
C SER A 1337 -19.90 -79.38 41.87
N LEU A 1338 -19.68 -80.69 41.88
CA LEU A 1338 -19.14 -81.38 43.05
C LEU A 1338 -17.62 -81.41 43.01
N LEU A 1339 -17.07 -82.00 41.95
CA LEU A 1339 -15.66 -82.43 41.97
C LEU A 1339 -14.75 -81.22 41.92
N SER A 1340 -15.25 -80.08 41.44
CA SER A 1340 -14.52 -78.81 41.58
C SER A 1340 -14.18 -78.60 43.04
N TYR A 1341 -15.08 -78.98 43.95
CA TYR A 1341 -14.90 -78.78 45.39
C TYR A 1341 -14.25 -79.99 46.01
N PHE A 1342 -14.95 -81.11 45.91
CA PHE A 1342 -14.73 -82.28 46.78
C PHE A 1342 -14.04 -83.37 45.97
N HIS A 1343 -12.78 -83.61 46.30
CA HIS A 1343 -11.99 -84.67 45.67
C HIS A 1343 -10.66 -84.76 46.41
N GLU A 1344 -9.99 -85.88 46.28
CA GLU A 1344 -8.66 -86.13 46.88
C GLU A 1344 -7.70 -86.63 45.82
N ASP A 1345 -6.44 -86.30 46.05
CA ASP A 1345 -5.48 -86.17 44.95
C ASP A 1345 -4.56 -87.38 44.88
N ALA A 1346 -4.39 -87.86 43.66
CA ALA A 1346 -3.42 -88.92 43.29
C ALA A 1346 -3.89 -90.32 43.70
N ALA A 1347 -5.00 -90.41 44.41
CA ALA A 1347 -5.50 -91.71 44.87
C ALA A 1347 -6.72 -92.11 44.06
N ILE A 1348 -7.58 -91.16 43.74
CA ILE A 1348 -8.82 -91.41 42.97
C ILE A 1348 -8.52 -91.21 41.49
N ARG A 1349 -7.68 -90.24 41.21
CA ARG A 1349 -7.48 -89.74 39.84
C ARG A 1349 -6.74 -90.85 39.08
N GLU A 1350 -7.50 -91.54 38.25
CA GLU A 1350 -7.04 -92.78 37.61
C GLU A 1350 -7.54 -92.81 36.19
N GLU A 1351 -7.39 -93.93 35.52
CA GLU A 1351 -7.34 -94.04 34.04
C GLU A 1351 -8.44 -93.26 33.31
N ALA A 1352 -9.70 -93.60 33.50
CA ALA A 1352 -10.76 -93.02 32.65
C ALA A 1352 -11.24 -91.68 33.16
N PHE A 1353 -10.62 -91.15 34.22
CA PHE A 1353 -10.96 -89.85 34.79
C PHE A 1353 -11.08 -88.78 33.71
N LEU A 1354 -10.03 -88.62 32.93
CA LEU A 1354 -9.99 -87.53 31.95
C LEU A 1354 -10.90 -87.85 30.79
N HIS A 1355 -10.95 -89.11 30.40
CA HIS A 1355 -11.87 -89.57 29.35
C HIS A 1355 -13.26 -89.11 29.68
N VAL A 1356 -13.61 -89.17 30.94
CA VAL A 1356 -14.94 -88.73 31.37
C VAL A 1356 -14.97 -87.21 31.37
N ALA A 1357 -14.08 -86.58 32.13
CA ALA A 1357 -14.13 -85.15 32.45
C ALA A 1357 -14.17 -84.33 31.17
N VAL A 1358 -13.47 -84.79 30.15
CA VAL A 1358 -13.53 -84.17 28.80
C VAL A 1358 -14.98 -84.11 28.31
N ASP A 1359 -15.63 -85.28 28.28
CA ASP A 1359 -16.99 -85.36 27.72
C ASP A 1359 -17.96 -84.55 28.57
N MET A 1360 -17.75 -84.57 29.87
CA MET A 1360 -18.57 -83.75 30.76
C MET A 1360 -18.43 -82.28 30.39
N TYR A 1361 -17.21 -81.81 30.21
CA TYR A 1361 -16.96 -80.43 29.80
C TYR A 1361 -17.71 -80.12 28.53
N LEU A 1362 -17.52 -80.95 27.52
CA LEU A 1362 -18.08 -80.68 26.20
C LEU A 1362 -19.60 -80.64 26.26
N LYS A 1363 -20.19 -81.58 26.98
CA LYS A 1363 -21.65 -81.66 27.03
C LYS A 1363 -22.20 -80.44 27.77
N LEU A 1364 -21.56 -80.08 28.87
CA LEU A 1364 -21.96 -78.90 29.66
C LEU A 1364 -21.94 -77.66 28.77
N VAL A 1365 -20.92 -77.57 27.97
CA VAL A 1365 -20.76 -76.41 27.10
C VAL A 1365 -21.85 -76.41 26.06
N GLN A 1366 -22.13 -77.56 25.47
CA GLN A 1366 -23.17 -77.62 24.44
C GLN A 1366 -24.51 -77.25 25.04
N LEU A 1367 -24.72 -77.62 26.30
CA LEU A 1367 -25.99 -77.29 26.96
C LEU A 1367 -26.11 -75.78 27.16
N PHE A 1368 -25.06 -75.14 27.66
CA PHE A 1368 -25.08 -73.69 27.82
C PHE A 1368 -25.30 -73.03 26.48
N VAL A 1369 -24.75 -73.64 25.44
CA VAL A 1369 -24.89 -73.14 24.06
C VAL A 1369 -26.34 -73.30 23.62
N ALA A 1370 -26.94 -74.43 23.95
CA ALA A 1370 -28.31 -74.71 23.51
C ALA A 1370 -29.32 -73.80 24.21
N GLY A 1371 -29.01 -73.38 25.44
CA GLY A 1371 -29.96 -72.62 26.25
C GLY A 1371 -30.67 -73.54 27.25
N ASP A 1372 -30.19 -73.53 28.50
CA ASP A 1372 -30.77 -74.26 29.65
C ASP A 1372 -30.77 -73.33 30.86
N THR A 1373 -31.83 -72.53 30.92
CA THR A 1373 -32.10 -71.62 32.04
C THR A 1373 -32.63 -72.41 33.24
N SER A 1374 -33.27 -73.54 32.97
CA SER A 1374 -34.06 -74.29 33.95
C SER A 1374 -33.27 -74.61 35.21
N THR A 1375 -31.97 -74.78 35.10
CA THR A 1375 -31.15 -75.19 36.25
C THR A 1375 -31.17 -74.13 37.34
N VAL A 1376 -30.60 -72.97 37.06
CA VAL A 1376 -30.20 -72.05 38.13
C VAL A 1376 -31.43 -71.41 38.75
N SER A 1377 -31.36 -71.08 40.04
CA SER A 1377 -32.45 -70.41 40.77
C SER A 1377 -31.93 -69.77 42.07
N PRO A 1378 -31.55 -68.47 42.09
CA PRO A 1378 -31.34 -67.77 43.38
C PRO A 1378 -32.64 -67.38 44.11
N ASN A 1391 -23.18 -69.05 38.34
CA ASN A 1391 -22.82 -70.44 38.72
C ASN A 1391 -22.32 -71.30 37.56
N PRO A 1392 -23.12 -71.51 36.49
CA PRO A 1392 -22.72 -72.48 35.45
C PRO A 1392 -21.42 -72.09 34.75
N VAL A 1393 -21.27 -70.80 34.45
CA VAL A 1393 -20.09 -70.32 33.72
C VAL A 1393 -18.91 -70.25 34.67
N GLU A 1394 -19.14 -69.85 35.91
CA GLU A 1394 -18.10 -69.86 36.95
C GLU A 1394 -17.54 -71.28 37.01
N LEU A 1395 -18.44 -72.24 36.93
CA LEU A 1395 -18.05 -73.64 36.99
C LEU A 1395 -17.24 -74.00 35.75
N ILE A 1396 -17.67 -73.55 34.58
CA ILE A 1396 -16.97 -73.93 33.34
C ILE A 1396 -15.57 -73.36 33.39
N THR A 1397 -15.44 -72.16 33.96
CA THR A 1397 -14.14 -71.55 34.17
C THR A 1397 -13.27 -72.44 35.04
N LYS A 1398 -13.79 -72.78 36.21
CA LYS A 1398 -13.04 -73.64 37.13
C LYS A 1398 -12.70 -74.96 36.45
N ALA A 1399 -13.61 -75.42 35.58
CA ALA A 1399 -13.43 -76.67 34.83
C ALA A 1399 -12.21 -76.55 33.93
N ARG A 1400 -12.13 -75.47 33.18
CA ARG A 1400 -10.98 -75.26 32.28
C ARG A 1400 -9.69 -75.28 33.09
N LEU A 1401 -9.69 -74.57 34.22
CA LEU A 1401 -8.49 -74.49 35.07
C LEU A 1401 -8.07 -75.88 35.50
N PHE A 1402 -8.97 -76.54 36.22
CA PHE A 1402 -8.64 -77.82 36.86
C PHE A 1402 -8.37 -78.88 35.80
N LEU A 1403 -8.94 -78.73 34.62
CA LEU A 1403 -8.77 -79.71 33.54
C LEU A 1403 -7.41 -79.54 32.88
N LEU A 1404 -7.01 -78.30 32.63
CA LEU A 1404 -5.68 -78.03 32.08
C LEU A 1404 -4.59 -78.36 33.08
N GLN A 1405 -4.92 -78.33 34.38
CA GLN A 1405 -3.91 -78.58 35.41
C GLN A 1405 -3.39 -80.01 35.39
N LEU A 1406 -4.05 -80.91 34.68
CA LEU A 1406 -3.80 -82.34 34.85
C LEU A 1406 -3.05 -82.92 33.67
N ILE A 1407 -3.40 -82.47 32.47
CA ILE A 1407 -2.91 -83.05 31.20
C ILE A 1407 -1.40 -83.29 31.22
N PRO A 1408 -0.56 -82.34 31.67
CA PRO A 1408 0.85 -82.66 31.89
C PRO A 1408 1.09 -83.78 32.90
N ARG A 1409 0.21 -83.91 33.88
CA ARG A 1409 0.38 -84.91 34.96
C ARG A 1409 -0.19 -86.27 34.57
N CYS A 1410 -0.73 -86.44 33.37
CA CYS A 1410 -1.42 -87.68 33.01
C CYS A 1410 -0.42 -88.74 32.53
N PRO A 1411 -0.62 -90.04 32.83
CA PRO A 1411 0.12 -91.09 32.14
C PRO A 1411 -0.48 -91.45 30.79
N LYS A 1412 0.33 -92.11 29.96
CA LYS A 1412 0.05 -92.27 28.51
C LYS A 1412 -1.18 -93.15 28.30
N LYS A 1413 -1.52 -93.98 29.28
CA LYS A 1413 -2.61 -94.95 29.11
C LYS A 1413 -3.93 -94.23 28.98
N SER A 1414 -4.11 -93.18 29.78
CA SER A 1414 -5.42 -92.51 29.90
C SER A 1414 -5.62 -91.55 28.74
N PHE A 1415 -5.47 -92.03 27.52
CA PHE A 1415 -5.61 -91.18 26.33
C PHE A 1415 -6.31 -91.88 25.17
N SER A 1416 -6.39 -93.20 25.25
CA SER A 1416 -6.63 -94.11 24.11
C SER A 1416 -7.69 -93.63 23.14
N HIS A 1417 -8.78 -93.08 23.66
CA HIS A 1417 -9.93 -92.70 22.83
C HIS A 1417 -10.19 -91.20 22.87
N VAL A 1418 -9.27 -90.42 23.43
CA VAL A 1418 -9.29 -88.97 23.41
C VAL A 1418 -9.48 -88.49 21.98
N ALA A 1419 -8.80 -89.17 21.07
CA ALA A 1419 -8.93 -88.84 19.65
C ALA A 1419 -10.39 -88.98 19.20
N GLU A 1420 -11.08 -90.02 19.66
CA GLU A 1420 -12.48 -90.22 19.26
C GLU A 1420 -13.33 -89.10 19.85
N LEU A 1421 -13.09 -88.77 21.12
CA LEU A 1421 -13.86 -87.73 21.81
C LEU A 1421 -13.75 -86.41 21.07
N LEU A 1422 -12.52 -86.00 20.82
CA LEU A 1422 -12.30 -84.70 20.17
C LEU A 1422 -12.76 -84.74 18.71
N ALA A 1423 -12.57 -85.87 18.03
CA ALA A 1423 -12.96 -86.00 16.61
C ALA A 1423 -14.47 -85.83 16.47
N ASP A 1424 -15.24 -86.34 17.42
CA ASP A 1424 -16.70 -86.29 17.32
C ASP A 1424 -17.18 -84.90 17.73
N ARG A 1425 -16.68 -84.43 18.89
CA ARG A 1425 -17.30 -83.29 19.59
C ARG A 1425 -16.33 -82.13 19.75
N GLY A 1426 -15.04 -82.38 19.60
CA GLY A 1426 -14.04 -81.36 19.85
C GLY A 1426 -14.20 -80.14 18.95
N ASP A 1427 -13.26 -79.22 19.11
CA ASP A 1427 -13.19 -77.99 18.30
C ASP A 1427 -14.36 -77.05 18.62
N CYS A 1428 -14.94 -77.20 19.80
CA CYS A 1428 -15.67 -76.14 20.49
C CYS A 1428 -14.78 -75.49 21.53
N ASP A 1429 -14.08 -76.31 22.31
CA ASP A 1429 -12.83 -75.88 22.92
C ASP A 1429 -11.71 -76.46 22.08
N PRO A 1430 -11.23 -75.76 21.06
CA PRO A 1430 -10.10 -76.26 20.31
C PRO A 1430 -8.81 -76.19 21.13
N GLU A 1431 -8.77 -75.29 22.12
CA GLU A 1431 -7.54 -75.11 22.92
C GLU A 1431 -7.14 -76.41 23.59
N VAL A 1432 -8.05 -76.96 24.35
CA VAL A 1432 -7.79 -78.26 25.03
C VAL A 1432 -7.66 -79.36 23.97
N SER A 1433 -8.40 -79.25 22.86
CA SER A 1433 -8.31 -80.25 21.78
C SER A 1433 -6.87 -80.40 21.29
N ALA A 1434 -6.14 -79.29 21.24
CA ALA A 1434 -4.74 -79.31 20.82
C ALA A 1434 -3.84 -79.63 22.00
N ALA A 1435 -4.21 -79.15 23.20
CA ALA A 1435 -3.42 -79.43 24.40
C ALA A 1435 -3.32 -80.93 24.64
N LEU A 1436 -4.33 -81.67 24.22
CA LEU A 1436 -4.35 -83.12 24.39
C LEU A 1436 -3.70 -83.84 23.23
N GLN A 1437 -3.77 -83.29 22.02
CA GLN A 1437 -3.01 -83.87 20.91
C GLN A 1437 -1.52 -83.79 21.23
N SER A 1438 -1.09 -82.71 21.86
CA SER A 1438 0.32 -82.55 22.28
C SER A 1438 0.69 -83.68 23.24
N ARG A 1439 -0.16 -83.94 24.22
CA ARG A 1439 0.11 -84.96 25.22
C ARG A 1439 -0.10 -86.37 24.67
N GLN A 1440 -0.89 -86.52 23.61
CA GLN A 1440 -1.03 -87.82 22.94
C GLN A 1440 0.21 -88.14 22.11
N GLN A 1441 0.78 -87.15 21.43
CA GLN A 1441 2.08 -87.32 20.74
C GLN A 1441 3.20 -87.54 21.76
N ALA A 1442 3.10 -86.92 22.94
CA ALA A 1442 3.96 -87.26 24.08
C ALA A 1442 3.73 -88.72 24.48
N ALA A 1443 2.50 -89.21 24.37
CA ALA A 1443 2.16 -90.63 24.60
C ALA A 1443 2.52 -91.48 23.37
N MET B 32 47.73 63.11 75.96
CA MET B 32 49.10 62.59 75.83
C MET B 32 49.55 61.97 77.16
N SER B 33 50.49 61.02 77.07
CA SER B 33 50.93 60.17 78.20
C SER B 33 52.29 60.63 78.72
N SER B 34 52.32 61.12 79.97
CA SER B 34 53.55 61.34 80.74
C SER B 34 53.16 61.59 82.21
N ASN B 35 54.17 61.81 83.05
CA ASN B 35 53.99 62.11 84.50
C ASN B 35 53.39 63.50 84.72
N GLU B 36 53.44 64.38 83.70
CA GLU B 36 52.92 65.76 83.74
C GLU B 36 51.96 66.04 82.56
N GLN B 37 51.86 65.16 81.56
CA GLN B 37 50.95 65.34 80.41
C GLN B 37 49.54 64.93 80.84
N GLU B 38 48.63 64.99 79.89
CA GLU B 38 47.21 64.76 80.16
C GLU B 38 46.55 64.16 78.92
N ARG B 39 45.31 63.72 79.10
CA ARG B 39 44.50 63.21 78.00
C ARG B 39 43.09 63.76 78.17
N LEU B 40 42.35 63.74 77.07
CA LEU B 40 41.02 64.34 77.00
C LEU B 40 39.97 63.35 76.56
N LEU B 41 38.73 63.75 76.76
CA LEU B 41 37.61 62.85 76.53
C LEU B 41 36.32 63.65 76.46
N CYS B 42 35.34 63.11 75.77
CA CYS B 42 34.00 63.71 75.68
C CYS B 42 33.00 62.79 76.33
N TYR B 43 31.97 63.37 76.91
CA TYR B 43 30.96 62.59 77.64
C TYR B 43 29.66 63.38 77.76
N ASN B 44 28.63 62.91 77.05
CA ASN B 44 27.21 63.29 77.31
C ASN B 44 27.06 64.79 77.45
N GLY B 45 27.72 65.51 76.56
CA GLY B 45 27.55 66.94 76.45
C GLY B 45 28.53 67.70 77.29
N GLU B 46 29.72 67.16 77.46
CA GLU B 46 30.74 67.87 78.22
C GLU B 46 32.05 67.15 77.99
N VAL B 47 33.09 67.66 78.62
CA VAL B 47 34.45 67.25 78.30
C VAL B 47 35.25 67.07 79.56
N LEU B 48 36.15 66.09 79.54
CA LEU B 48 36.90 65.64 80.72
C LEU B 48 38.39 65.72 80.39
N VAL B 49 39.14 66.30 81.31
CA VAL B 49 40.60 66.43 81.19
C VAL B 49 41.21 65.68 82.35
N PHE B 50 42.14 64.78 82.04
CA PHE B 50 42.79 63.93 83.03
C PHE B 50 44.26 64.27 83.00
N GLN B 51 44.73 64.91 84.06
CA GLN B 51 46.08 65.47 84.08
C GLN B 51 46.77 65.06 85.37
N LEU B 52 47.98 64.54 85.26
CA LEU B 52 48.81 64.32 86.45
C LEU B 52 49.40 65.62 86.93
N SER B 53 49.39 65.82 88.25
CA SER B 53 50.02 66.99 88.88
C SER B 53 51.01 66.46 89.91
N LYS B 54 52.29 66.76 89.72
CA LYS B 54 53.30 66.42 90.74
C LYS B 54 52.92 67.21 91.99
N GLY B 55 52.35 66.52 92.99
CA GLY B 55 51.79 67.16 94.19
C GLY B 55 52.79 67.33 95.32
N ASN B 56 54.05 67.68 94.98
CA ASN B 56 55.15 67.92 95.92
C ASN B 56 55.48 66.65 96.71
N THR B 63 56.56 65.67 99.54
CA THR B 63 55.42 65.01 100.23
C THR B 63 54.90 63.84 99.40
N LYS B 64 54.10 64.14 98.36
CA LYS B 64 53.37 63.15 97.53
C LYS B 64 54.11 62.90 96.20
N THR B 65 53.88 61.72 95.65
CA THR B 65 54.04 61.46 94.23
C THR B 65 52.88 62.13 93.50
N PRO B 66 52.92 62.23 92.16
CA PRO B 66 51.86 62.92 91.45
C PRO B 66 50.47 62.34 91.70
N ILE B 67 49.49 63.20 91.50
CA ILE B 67 48.08 62.94 91.80
C ILE B 67 47.33 63.16 90.51
N LEU B 68 46.41 62.27 90.20
CA LEU B 68 45.53 62.52 89.05
C LEU B 68 44.60 63.65 89.44
N HIS B 69 44.42 64.61 88.55
CA HIS B 69 43.49 65.72 88.73
C HIS B 69 42.61 65.82 87.50
N VAL B 70 41.32 65.88 87.76
CA VAL B 70 40.32 65.75 86.70
C VAL B 70 39.50 67.02 86.64
N ARG B 71 39.34 67.55 85.43
CA ARG B 71 38.45 68.69 85.15
C ARG B 71 37.28 68.17 84.35
N ARG B 72 36.09 68.67 84.68
CA ARG B 72 34.88 68.43 83.88
C ARG B 72 34.36 69.80 83.45
N MET B 73 34.35 70.05 82.14
CA MET B 73 34.09 71.38 81.59
C MET B 73 33.03 71.30 80.52
N VAL B 74 32.47 72.46 80.18
CA VAL B 74 31.35 72.56 79.25
C VAL B 74 31.46 73.86 78.47
N PHE B 75 30.98 73.81 77.23
CA PHE B 75 30.91 74.98 76.35
C PHE B 75 29.98 76.01 76.98
N ASP B 76 30.26 77.29 76.76
CA ASP B 76 29.50 78.35 77.44
C ASP B 76 28.23 78.70 76.65
N ARG B 77 28.39 79.16 75.42
CA ARG B 77 27.31 79.70 74.56
C ARG B 77 26.92 81.12 74.95
N GLY B 78 27.38 81.64 76.08
CA GLY B 78 27.23 83.07 76.40
C GLY B 78 28.42 83.83 75.85
N THR B 79 29.62 83.45 76.29
CA THR B 79 30.91 84.00 75.84
C THR B 79 31.59 83.11 74.81
N LYS B 80 31.03 81.92 74.55
CA LYS B 80 31.57 80.97 73.55
C LYS B 80 32.96 80.56 74.01
N VAL B 81 33.06 80.17 75.27
CA VAL B 81 34.32 79.74 75.91
C VAL B 81 34.00 78.46 76.67
N PHE B 82 34.97 78.00 77.44
CA PHE B 82 34.79 76.81 78.28
C PHE B 82 35.05 77.17 79.73
N VAL B 83 34.40 76.41 80.61
CA VAL B 83 34.28 76.72 82.04
C VAL B 83 34.45 75.44 82.83
N GLN B 84 35.08 75.54 83.99
CA GLN B 84 35.10 74.41 84.93
C GLN B 84 33.74 74.32 85.57
N LYS B 85 33.15 73.14 85.50
CA LYS B 85 31.86 72.86 86.14
C LYS B 85 32.09 71.97 87.37
N SER B 86 33.20 71.23 87.41
CA SER B 86 33.57 70.42 88.58
C SER B 86 34.97 69.85 88.39
N THR B 87 35.52 69.30 89.46
CA THR B 87 36.78 68.55 89.39
C THR B 87 36.78 67.40 90.37
N GLY B 88 37.74 66.52 90.17
CA GLY B 88 38.03 65.45 91.11
C GLY B 88 39.52 65.20 91.13
N PHE B 89 39.90 64.20 91.91
CA PHE B 89 41.31 63.79 91.95
C PHE B 89 41.46 62.41 92.57
N PHE B 90 42.65 61.85 92.39
CA PHE B 90 43.00 60.51 92.86
C PHE B 90 44.45 60.54 93.32
N THR B 91 44.64 60.44 94.62
CA THR B 91 45.97 60.45 95.24
C THR B 91 46.67 59.14 94.91
N ILE B 92 47.99 59.17 94.83
CA ILE B 92 48.81 57.99 94.50
C ILE B 92 49.83 57.78 95.61
N LYS B 93 50.15 56.50 95.85
CA LYS B 93 50.77 56.04 97.11
C LYS B 93 52.27 55.86 96.90
N GLU B 94 52.64 55.02 95.94
CA GLU B 94 54.03 54.54 95.84
C GLU B 94 54.96 55.68 95.42
N GLU B 95 56.24 55.54 95.79
CA GLU B 95 57.34 56.43 95.36
C GLU B 95 58.00 55.88 94.10
N ASN B 96 57.19 55.60 93.09
CA ASN B 96 57.65 55.12 91.77
C ASN B 96 57.12 56.09 90.74
N SER B 97 58.04 56.67 89.98
CA SER B 97 57.65 57.49 88.82
C SER B 97 57.24 56.56 87.68
N HIS B 98 57.13 57.14 86.48
CA HIS B 98 56.67 56.42 85.27
C HIS B 98 55.26 55.87 85.52
N LEU B 99 54.46 56.74 86.11
CA LEU B 99 52.99 56.67 86.04
C LEU B 99 52.62 57.26 84.69
N LYS B 100 51.62 56.69 84.05
CA LYS B 100 51.39 57.02 82.64
C LYS B 100 49.94 56.80 82.29
N ILE B 101 49.30 57.83 81.76
CA ILE B 101 47.96 57.63 81.18
C ILE B 101 48.16 56.81 79.90
N MET B 102 47.17 55.98 79.55
CA MET B 102 47.26 55.14 78.34
C MET B 102 46.12 55.43 77.37
N CYS B 103 44.88 55.42 77.85
CA CYS B 103 43.70 55.60 76.98
C CYS B 103 42.46 55.90 77.82
N CYS B 104 41.37 56.21 77.14
CA CYS B 104 40.17 56.71 77.82
C CYS B 104 39.01 56.66 76.85
N ASN B 105 37.83 56.32 77.37
CA ASN B 105 36.58 56.34 76.61
C ASN B 105 35.41 56.02 77.53
N CYS B 106 34.22 55.96 76.95
CA CYS B 106 32.98 55.58 77.64
C CYS B 106 32.56 54.20 77.23
N VAL B 107 32.27 53.37 78.22
CA VAL B 107 32.50 51.92 78.04
C VAL B 107 31.30 51.02 78.39
N SER B 108 30.29 51.52 79.10
CA SER B 108 29.07 50.73 79.36
C SER B 108 29.34 49.52 80.25
N ASP B 109 29.59 49.74 81.54
CA ASP B 109 29.86 48.70 82.56
C ASP B 109 28.80 47.57 82.47
N PHE B 110 29.23 46.35 82.81
CA PHE B 110 28.35 45.15 82.71
C PHE B 110 27.42 45.07 83.92
N ARG B 111 27.91 45.50 85.08
CA ARG B 111 27.14 45.40 86.34
C ARG B 111 25.91 46.28 86.29
N THR B 112 25.90 47.29 85.42
CA THR B 112 24.81 48.27 85.32
C THR B 112 24.20 48.29 83.91
N GLY B 113 25.05 48.34 82.88
CA GLY B 113 24.64 48.63 81.51
C GLY B 113 24.67 50.12 81.24
N ILE B 114 25.51 50.87 81.94
CA ILE B 114 25.48 52.36 81.93
C ILE B 114 26.80 52.90 81.41
N ASN B 115 26.75 53.79 80.41
CA ASN B 115 27.97 54.38 79.84
C ASN B 115 28.73 55.10 80.95
N LEU B 116 30.03 54.87 81.01
CA LEU B 116 30.83 55.41 82.08
C LEU B 116 32.26 55.61 81.65
N PRO B 117 32.94 56.64 82.17
CA PRO B 117 34.28 56.96 81.72
C PRO B 117 35.34 56.17 82.47
N TYR B 118 36.18 55.48 81.71
CA TYR B 118 37.31 54.74 82.27
C TYR B 118 38.59 55.52 82.04
N ILE B 119 39.66 55.06 82.69
CA ILE B 119 41.05 55.42 82.38
C ILE B 119 41.91 54.21 82.63
N VAL B 120 42.97 54.10 81.84
CA VAL B 120 43.97 53.04 81.97
C VAL B 120 45.28 53.70 82.35
N ILE B 121 45.94 53.13 83.34
CA ILE B 121 47.23 53.65 83.82
C ILE B 121 48.28 52.56 83.69
N GLU B 122 49.43 52.92 83.16
CA GLU B 122 50.65 52.15 83.39
C GLU B 122 51.30 52.69 84.65
N LYS B 123 51.69 51.77 85.51
CA LYS B 123 52.42 52.07 86.75
C LYS B 123 53.72 51.29 86.65
N ASN B 124 54.75 51.94 86.15
CA ASN B 124 56.04 51.31 85.91
C ASN B 124 56.86 51.52 87.17
N LYS B 125 57.09 50.44 87.91
CA LYS B 125 58.03 50.51 89.03
C LYS B 125 59.49 50.51 88.56
N LYS B 126 59.73 50.36 87.25
CA LYS B 126 61.09 50.41 86.67
C LYS B 126 61.89 49.19 87.12
N ASN B 127 61.20 48.15 87.58
CA ASN B 127 61.80 46.85 87.86
C ASN B 127 61.64 45.93 86.65
N ASN B 128 61.40 46.49 85.47
CA ASN B 128 60.86 45.74 84.32
C ASN B 128 59.56 45.06 84.75
N VAL B 129 58.75 45.80 85.48
CA VAL B 129 57.47 45.32 86.04
C VAL B 129 56.51 46.49 86.08
N PHE B 130 55.27 46.22 85.71
CA PHE B 130 54.28 47.25 85.45
C PHE B 130 52.92 46.80 85.96
N GLU B 131 52.17 47.67 86.62
CA GLU B 131 50.89 47.26 87.21
C GLU B 131 49.83 47.12 86.13
N TYR B 132 49.60 48.21 85.40
CA TYR B 132 48.52 48.38 84.43
C TYR B 132 47.14 48.44 85.12
N PHE B 133 46.91 49.51 85.89
CA PHE B 133 45.62 49.76 86.53
C PHE B 133 44.52 50.06 85.53
N LEU B 134 43.28 49.73 85.91
CA LEU B 134 42.06 50.31 85.30
C LEU B 134 41.26 50.98 86.40
N LEU B 135 40.79 52.18 86.09
CA LEU B 135 39.86 52.94 86.94
C LEU B 135 38.65 53.34 86.12
N ILE B 136 37.54 53.54 86.80
CA ILE B 136 36.32 54.12 86.21
C ILE B 136 35.77 55.11 87.22
N LEU B 137 35.23 56.21 86.74
CA LEU B 137 34.81 57.31 87.61
C LEU B 137 33.28 57.47 87.57
N HIS B 138 32.72 58.01 88.64
CA HIS B 138 31.27 58.09 88.87
C HIS B 138 30.73 59.50 88.58
N SER B 139 29.41 59.62 88.63
CA SER B 139 28.71 60.92 88.73
C SER B 139 29.23 61.73 89.91
N THR B 140 29.73 61.03 90.93
CA THR B 140 30.20 61.63 92.18
C THR B 140 31.54 62.34 92.01
N ASN B 141 32.16 62.27 90.83
CA ASN B 141 33.56 62.69 90.64
C ASN B 141 34.47 61.92 91.60
N LYS B 142 34.15 60.64 91.77
CA LYS B 142 34.96 59.73 92.58
C LYS B 142 35.32 58.53 91.73
N PHE B 143 36.48 57.98 92.01
CA PHE B 143 37.06 56.91 91.20
C PHE B 143 36.66 55.55 91.78
N GLU B 144 37.00 54.52 91.02
CA GLU B 144 36.79 53.13 91.46
C GLU B 144 37.67 52.22 90.59
N MET B 145 38.61 51.53 91.22
CA MET B 145 39.48 50.59 90.50
C MET B 145 38.72 49.33 90.18
N ARG B 146 39.10 48.69 89.06
CA ARG B 146 38.49 47.43 88.66
C ARG B 146 39.47 46.41 88.09
N LEU B 147 40.71 46.79 87.80
CA LEU B 147 41.74 45.82 87.40
C LEU B 147 43.11 46.38 87.74
N SER B 148 43.92 45.56 88.41
CA SER B 148 45.36 45.85 88.63
C SER B 148 46.19 45.16 87.55
N PHE B 149 46.11 43.83 87.47
CA PHE B 149 46.42 43.04 86.26
C PHE B 149 47.92 42.85 86.00
N LYS B 150 48.79 43.69 86.56
CA LYS B 150 50.18 43.32 86.91
C LYS B 150 50.96 42.55 85.84
N LEU B 151 51.34 43.20 84.74
CA LEU B 151 52.23 42.55 83.76
C LEU B 151 53.69 42.83 84.10
N GLY B 152 54.52 41.82 83.92
CA GLY B 152 55.97 41.98 84.07
C GLY B 152 56.56 42.68 82.88
N TYR B 153 56.28 42.18 81.68
CA TYR B 153 56.74 42.83 80.44
C TYR B 153 55.90 44.06 80.18
N GLU B 154 56.30 44.83 79.17
CA GLU B 154 55.62 46.07 78.79
C GLU B 154 54.81 45.88 77.52
N MET B 155 53.55 46.24 77.59
CA MET B 155 52.72 46.47 76.40
C MET B 155 53.02 47.85 75.84
N LYS B 156 52.97 47.99 74.51
CA LYS B 156 52.72 49.32 73.93
C LYS B 156 51.25 49.33 73.57
N ASP B 157 50.90 48.96 72.33
CA ASP B 157 50.18 47.74 71.94
C ASP B 157 49.30 48.05 70.73
N GLY B 158 48.64 47.03 70.22
CA GLY B 158 47.34 47.22 69.56
C GLY B 158 46.22 47.25 70.59
N LEU B 159 46.38 48.09 71.63
CA LEU B 159 45.54 48.08 72.84
C LEU B 159 44.12 48.60 72.55
N ARG B 160 43.12 48.04 73.23
CA ARG B 160 41.77 48.59 73.16
C ARG B 160 40.91 48.09 74.32
N VAL B 161 39.66 48.51 74.34
CA VAL B 161 38.79 48.45 75.53
C VAL B 161 37.35 48.22 75.08
N LEU B 162 36.62 47.39 75.81
CA LEU B 162 35.25 47.02 75.41
C LEU B 162 34.26 46.92 76.58
N ASN B 163 33.04 46.45 76.29
CA ASN B 163 31.78 46.77 76.98
C ASN B 163 31.80 46.52 78.49
N GLY B 164 31.80 45.26 78.93
CA GLY B 164 32.18 44.95 80.31
C GLY B 164 33.64 45.33 80.35
N PRO B 165 34.16 46.00 81.38
CA PRO B 165 35.40 46.76 81.23
C PRO B 165 36.57 45.89 80.80
N LEU B 166 36.53 45.51 79.53
CA LEU B 166 37.32 44.39 79.00
C LEU B 166 38.52 44.98 78.29
N ILE B 167 39.70 44.74 78.83
CA ILE B 167 40.96 45.11 78.16
C ILE B 167 41.30 44.02 77.15
N LEU B 168 41.82 44.45 76.01
CA LEU B 168 42.21 43.55 74.91
C LEU B 168 43.53 44.05 74.36
N TRP B 169 44.52 43.18 74.34
CA TRP B 169 45.86 43.61 73.94
C TRP B 169 46.64 42.49 73.28
N ARG B 170 47.85 42.81 72.87
CA ARG B 170 48.71 41.83 72.19
C ARG B 170 50.15 42.33 72.18
N HIS B 171 51.05 41.57 72.79
CA HIS B 171 52.47 41.56 72.42
C HIS B 171 52.67 40.30 71.61
N VAL B 172 53.89 40.07 71.16
CA VAL B 172 54.14 39.59 69.79
C VAL B 172 53.28 38.37 69.44
N LYS B 173 52.37 38.58 68.49
CA LYS B 173 51.41 37.56 68.00
C LYS B 173 50.84 36.71 69.13
N ALA B 174 50.54 37.37 70.25
CA ALA B 174 50.02 36.73 71.46
C ALA B 174 48.84 37.57 71.95
N PHE B 175 47.63 37.24 71.47
CA PHE B 175 46.43 38.04 71.74
C PHE B 175 45.83 37.62 73.06
N PHE B 176 45.57 38.59 73.93
CA PHE B 176 45.05 38.36 75.27
C PHE B 176 43.90 39.31 75.59
N PHE B 177 43.11 38.94 76.59
CA PHE B 177 42.10 39.83 77.15
C PHE B 177 41.86 39.51 78.63
N ILE B 178 41.47 40.52 79.37
CA ILE B 178 41.12 40.42 80.80
C ILE B 178 39.85 41.22 81.02
N SER B 179 38.84 40.62 81.63
CA SER B 179 37.67 41.35 82.13
C SER B 179 37.88 41.78 83.58
N SER B 180 36.94 42.58 84.10
CA SER B 180 36.84 42.88 85.54
C SER B 180 36.08 41.78 86.28
N GLN B 181 35.24 41.03 85.58
CA GLN B 181 34.58 39.86 86.15
C GLN B 181 35.61 38.85 86.60
N THR B 182 36.37 38.34 85.64
CA THR B 182 37.36 37.29 85.87
C THR B 182 38.53 37.84 86.69
N GLY B 183 39.15 38.91 86.20
CA GLY B 183 40.32 39.51 86.87
C GLY B 183 41.60 38.72 86.68
N LYS B 184 41.76 38.04 85.54
CA LYS B 184 42.87 37.11 85.30
C LYS B 184 43.29 37.18 83.85
N VAL B 185 44.57 36.95 83.60
CA VAL B 185 45.13 37.01 82.24
C VAL B 185 44.66 35.77 81.48
N VAL B 186 44.23 35.96 80.25
CA VAL B 186 43.69 34.90 79.38
C VAL B 186 44.13 35.21 77.94
N SER B 187 44.34 34.16 77.15
CA SER B 187 44.70 34.27 75.72
C SER B 187 43.55 33.84 74.82
N VAL B 188 43.67 34.17 73.54
CA VAL B 188 42.64 33.89 72.53
C VAL B 188 43.04 32.66 71.74
N SER B 189 42.04 31.93 71.26
CA SER B 189 42.27 30.66 70.54
C SER B 189 42.99 30.91 69.20
N GLY B 190 42.32 31.61 68.29
CA GLY B 190 42.86 31.87 66.95
C GLY B 190 44.07 32.79 67.02
N ASN B 191 45.11 32.46 66.23
CA ASN B 191 46.29 33.34 66.07
C ASN B 191 46.05 34.27 64.89
N PHE B 192 46.36 35.55 65.08
CA PHE B 192 46.07 36.61 64.10
C PHE B 192 47.31 37.46 63.87
N SER B 193 47.19 38.38 62.92
CA SER B 193 48.21 39.42 62.68
C SER B 193 47.89 40.64 63.57
N SER B 194 46.72 41.23 63.37
CA SER B 194 46.19 42.33 64.20
C SER B 194 44.69 42.17 64.32
N ILE B 195 44.08 42.85 65.29
CA ILE B 195 42.72 42.54 65.81
C ILE B 195 41.82 43.78 65.67
N GLN B 196 41.94 44.46 64.53
CA GLN B 196 41.47 45.83 64.24
C GLN B 196 40.16 46.27 64.94
N TRP B 197 39.07 45.53 64.72
CA TRP B 197 37.75 45.88 65.26
C TRP B 197 37.48 45.12 66.54
N ALA B 198 36.59 45.63 67.38
CA ALA B 198 36.19 44.92 68.59
C ALA B 198 34.90 45.52 69.14
N GLY B 199 33.93 44.65 69.42
CA GLY B 199 32.70 45.11 70.06
C GLY B 199 31.59 44.08 70.08
N GLU B 200 30.72 44.22 71.08
CA GLU B 200 29.54 43.36 71.24
C GLU B 200 28.65 43.43 70.00
N ILE B 201 27.97 42.34 69.71
CA ILE B 201 26.94 42.28 68.66
C ILE B 201 25.78 41.42 69.16
N GLU B 202 24.57 41.76 68.72
CA GLU B 202 23.32 41.15 69.19
C GLU B 202 23.34 39.64 68.91
N ASN B 203 22.85 38.87 69.89
CA ASN B 203 22.68 37.41 69.79
C ASN B 203 24.02 36.65 69.85
N LEU B 204 25.13 37.33 70.13
CA LEU B 204 26.48 36.72 70.09
C LEU B 204 27.29 36.99 71.35
N GLY B 205 27.05 38.09 72.03
CA GLY B 205 27.97 38.57 73.05
C GLY B 205 29.13 39.29 72.41
N MET B 206 30.34 39.09 72.93
CA MET B 206 31.53 39.81 72.47
C MET B 206 32.16 39.05 71.29
N VAL B 207 32.63 39.83 70.33
CA VAL B 207 33.15 39.31 69.04
C VAL B 207 34.40 40.12 68.71
N LEU B 208 35.23 39.58 67.83
CA LEU B 208 36.40 40.32 67.32
C LEU B 208 36.57 40.08 65.82
N LEU B 209 37.47 40.85 65.22
CA LEU B 209 37.82 40.73 63.78
C LEU B 209 39.27 41.14 63.57
N GLY B 210 40.14 40.14 63.41
CA GLY B 210 41.53 40.36 63.06
C GLY B 210 41.90 39.76 61.71
N LEU B 211 41.25 38.65 61.37
CA LEU B 211 41.32 38.03 60.04
C LEU B 211 39.88 37.93 59.52
N LYS B 212 39.66 38.47 58.33
CA LYS B 212 38.30 38.59 57.77
C LYS B 212 37.74 37.21 57.48
N GLU B 213 38.62 36.27 57.18
CA GLU B 213 38.28 34.85 57.23
C GLU B 213 37.72 34.52 58.61
N CYS B 214 38.47 34.82 59.66
CA CYS B 214 38.07 34.43 61.01
C CYS B 214 36.85 35.23 61.51
N CYS B 215 36.16 34.66 62.48
CA CYS B 215 35.12 35.36 63.23
C CYS B 215 34.97 34.65 64.58
N LEU B 216 35.50 35.29 65.62
CA LEU B 216 35.70 34.63 66.92
C LEU B 216 34.54 34.95 67.86
N SER B 217 34.51 34.26 69.00
CA SER B 217 33.97 34.75 70.26
C SER B 217 35.12 34.81 71.28
N GLU B 218 34.81 35.30 72.47
CA GLU B 218 35.74 35.27 73.61
C GLU B 218 35.34 34.21 74.61
N GLU B 219 34.04 34.02 74.79
CA GLU B 219 33.50 32.98 75.67
C GLU B 219 33.93 31.60 75.19
N GLU B 220 33.57 31.29 73.94
CA GLU B 220 33.67 29.93 73.40
C GLU B 220 34.45 29.92 72.10
N CYS B 221 35.65 30.50 72.13
CA CYS B 221 36.39 31.06 70.99
C CYS B 221 36.10 30.30 69.67
N THR B 222 35.70 31.06 68.66
CA THR B 222 35.04 30.63 67.41
C THR B 222 33.57 30.29 67.61
N SER B 249 30.84 33.44 62.85
CA SER B 249 30.36 33.25 61.46
C SER B 249 31.24 34.00 60.46
N ASP B 250 31.71 33.28 59.44
CA ASP B 250 32.72 33.76 58.46
C ASP B 250 32.12 33.81 57.06
N ILE B 251 30.86 34.20 56.93
CA ILE B 251 29.99 33.81 55.80
C ILE B 251 29.85 34.97 54.80
N TYR B 252 29.43 36.14 55.30
CA TYR B 252 29.16 37.33 54.48
C TYR B 252 30.14 38.43 54.91
N ILE B 253 31.40 38.03 54.92
CA ILE B 253 32.51 38.92 55.25
C ILE B 253 33.01 39.44 53.91
N ILE B 254 33.91 40.39 53.93
CA ILE B 254 34.28 41.15 52.73
C ILE B 254 34.83 40.25 51.62
N PRO B 255 35.07 40.80 50.42
CA PRO B 255 36.01 40.18 49.50
C PRO B 255 37.35 39.92 50.17
N PRO B 256 37.80 38.65 50.23
CA PRO B 256 39.17 38.41 50.68
C PRO B 256 40.23 39.07 49.79
N ALA B 257 39.86 39.42 48.55
CA ALA B 257 40.68 40.33 47.73
C ALA B 257 40.90 41.64 48.50
N TYR B 258 39.85 42.18 49.10
CA TYR B 258 39.97 43.41 49.90
C TYR B 258 40.65 43.10 51.22
N SER B 259 40.67 41.85 51.65
CA SER B 259 41.40 41.47 52.88
C SER B 259 42.87 41.89 52.83
N SER B 260 43.45 42.02 51.65
CA SER B 260 44.88 42.40 51.53
C SER B 260 45.11 43.85 51.97
N VAL B 261 44.10 44.71 51.91
CA VAL B 261 44.29 46.18 51.87
C VAL B 261 43.77 46.86 53.14
N VAL B 262 42.64 46.39 53.68
CA VAL B 262 41.96 47.11 54.79
C VAL B 262 42.80 47.04 56.06
N THR B 263 42.89 48.15 56.79
CA THR B 263 43.69 48.27 58.03
C THR B 263 42.85 48.66 59.24
N TYR B 264 41.73 49.35 59.00
CA TYR B 264 40.77 49.69 60.05
C TYR B 264 39.36 49.43 59.55
N VAL B 265 38.47 49.14 60.48
CA VAL B 265 37.06 48.86 60.17
C VAL B 265 36.18 49.54 61.20
N HIS B 266 34.99 49.91 60.78
CA HIS B 266 33.94 50.38 61.67
C HIS B 266 32.62 49.87 61.12
N ILE B 267 31.94 49.04 61.89
CA ILE B 267 30.68 48.43 61.43
C ILE B 267 29.53 49.38 61.72
N CYS B 268 28.43 49.22 60.99
CA CYS B 268 27.21 50.01 61.19
C CYS B 268 26.14 49.16 61.85
N ALA B 269 25.67 48.13 61.16
CA ALA B 269 24.41 47.45 61.55
C ALA B 269 24.46 45.99 61.18
N THR B 270 23.44 45.26 61.66
CA THR B 270 23.38 43.79 61.56
C THR B 270 21.96 43.32 61.25
N GLU B 271 21.85 42.30 60.38
CA GLU B 271 20.57 41.67 59.99
C GLU B 271 20.80 40.17 59.77
N ILE B 272 19.72 39.43 59.49
CA ILE B 272 19.80 37.98 59.14
C ILE B 272 18.86 37.69 57.96
N LEU B 277 22.50 35.35 57.74
CA LEU B 277 23.35 36.39 58.36
C LEU B 277 23.60 37.50 57.34
N ARG B 278 23.78 38.73 57.84
CA ARG B 278 24.09 39.89 57.00
C ARG B 278 24.57 41.02 57.91
N ILE B 279 25.37 41.93 57.36
CA ILE B 279 25.74 43.18 58.06
C ILE B 279 25.86 44.32 57.06
N SER B 280 25.84 45.54 57.56
CA SER B 280 26.16 46.75 56.80
C SER B 280 27.37 47.40 57.46
N LEU B 281 28.45 47.58 56.71
CA LEU B 281 29.78 47.82 57.29
C LEU B 281 30.59 48.75 56.44
N ILE B 282 31.55 49.39 57.10
CA ILE B 282 32.43 50.39 56.49
C ILE B 282 33.86 50.02 56.73
N ALA B 283 34.70 50.42 55.79
CA ALA B 283 36.12 50.13 55.81
C ALA B 283 36.90 51.29 55.25
N LEU B 284 38.21 51.12 55.21
CA LEU B 284 39.13 52.06 54.54
C LEU B 284 40.50 51.39 54.44
N THR B 285 41.18 51.62 53.33
CA THR B 285 42.43 50.90 52.98
C THR B 285 43.66 51.79 53.26
N ARG B 286 44.84 51.17 53.09
CA ARG B 286 46.12 51.90 53.02
C ARG B 286 46.17 52.83 51.81
N LYS B 287 45.29 52.61 50.81
CA LYS B 287 45.23 53.40 49.57
C LYS B 287 44.55 54.75 49.76
N ASN B 288 44.31 55.17 51.00
CA ASN B 288 43.66 56.46 51.27
C ASN B 288 42.27 56.43 50.65
N GLN B 289 41.53 55.37 50.96
CA GLN B 289 40.16 55.17 50.45
C GLN B 289 39.15 55.27 51.56
N LEU B 290 37.90 55.08 51.20
CA LEU B 290 36.80 54.92 52.15
C LEU B 290 35.73 54.15 51.44
N ILE B 291 35.27 53.09 52.04
CA ILE B 291 34.48 52.07 51.34
C ILE B 291 33.19 51.85 52.09
N SER B 292 32.16 51.43 51.38
CA SER B 292 30.96 50.88 52.01
C SER B 292 30.73 49.45 51.60
N PHE B 293 30.12 48.71 52.51
CA PHE B 293 29.78 47.29 52.34
C PHE B 293 28.41 47.02 52.92
N GLN B 294 27.61 46.25 52.19
CA GLN B 294 26.30 45.76 52.67
C GLN B 294 26.13 44.35 52.11
N ASN B 295 26.08 43.37 53.01
CA ASN B 295 26.09 41.96 52.62
C ASN B 295 27.41 41.60 51.96
N GLY B 296 28.47 42.31 52.29
CA GLY B 296 29.76 42.11 51.62
C GLY B 296 29.81 42.69 50.22
N THR B 297 28.95 43.66 49.90
CA THR B 297 28.82 44.21 48.53
C THR B 297 29.63 45.51 48.45
N PRO B 298 30.74 45.56 47.69
CA PRO B 298 31.52 46.80 47.60
C PRO B 298 30.83 47.91 46.79
N LYS B 299 29.97 48.66 47.45
CA LYS B 299 29.35 49.88 46.89
C LYS B 299 30.11 51.10 47.39
N ASN B 300 29.96 52.22 46.69
CA ASN B 300 30.19 53.54 47.28
C ASN B 300 31.57 53.66 47.87
N VAL B 301 32.54 53.89 47.01
CA VAL B 301 33.91 54.19 47.44
C VAL B 301 34.17 55.66 47.19
N CYS B 302 34.97 56.24 48.07
CA CYS B 302 35.51 57.60 47.96
C CYS B 302 37.03 57.54 47.86
N GLN B 303 37.63 58.71 47.93
CA GLN B 303 39.09 58.82 47.99
C GLN B 303 39.43 60.00 48.88
N LEU B 304 40.59 59.92 49.49
CA LEU B 304 40.96 60.85 50.56
C LEU B 304 42.02 61.84 50.05
N PRO B 305 42.02 63.07 50.55
CA PRO B 305 43.13 63.97 50.30
C PRO B 305 44.45 63.45 50.85
N PHE B 306 44.45 63.15 52.14
CA PHE B 306 45.69 62.90 52.86
C PHE B 306 46.06 61.43 52.80
N GLY B 307 47.14 61.08 53.52
CA GLY B 307 47.54 59.70 53.72
C GLY B 307 47.54 59.35 55.21
N ASP B 308 47.87 58.10 55.49
CA ASP B 308 47.92 57.56 56.86
C ASP B 308 46.54 57.63 57.49
N PRO B 309 45.54 56.87 56.97
CA PRO B 309 44.24 56.84 57.63
C PRO B 309 44.32 56.18 59.01
N CYS B 310 44.21 56.98 60.06
CA CYS B 310 44.27 56.47 61.44
C CYS B 310 42.98 55.72 61.75
N ALA B 311 41.85 56.42 61.74
CA ALA B 311 40.57 55.83 62.12
C ALA B 311 39.43 56.78 61.79
N VAL B 312 38.22 56.31 61.99
CA VAL B 312 37.00 57.04 61.62
C VAL B 312 36.04 57.04 62.78
N GLN B 313 35.11 57.97 62.75
CA GLN B 313 33.92 57.95 63.59
C GLN B 313 32.72 58.35 62.73
N LEU B 314 31.61 58.59 63.39
CA LEU B 314 30.42 59.05 62.70
C LEU B 314 29.82 60.28 63.39
N MET B 315 28.96 61.00 62.67
CA MET B 315 28.07 62.05 63.25
C MET B 315 26.71 62.04 62.53
N ASP B 316 25.65 62.38 63.26
CA ASP B 316 24.30 62.49 62.69
C ASP B 316 23.97 63.91 62.26
N SER B 317 24.13 64.88 63.17
CA SER B 317 23.92 66.32 62.87
C SER B 317 22.52 66.59 62.31
N GLY B 318 21.53 65.88 62.82
CA GLY B 318 20.14 66.10 62.43
C GLY B 318 19.70 65.09 61.41
N GLY B 319 18.62 65.42 60.73
CA GLY B 319 17.94 64.41 59.92
C GLY B 319 18.63 64.11 58.61
N GLY B 320 19.31 62.96 58.49
CA GLY B 320 20.00 62.54 57.26
C GLY B 320 21.23 63.35 56.89
N ASN B 321 21.60 64.33 57.69
CA ASN B 321 22.78 65.18 57.45
C ASN B 321 23.96 64.46 58.07
N LEU B 322 24.19 63.24 57.64
CA LEU B 322 25.12 62.35 58.33
C LEU B 322 26.51 62.53 57.76
N PHE B 323 27.48 62.15 58.54
CA PHE B 323 28.85 62.42 58.17
C PHE B 323 29.75 61.34 58.73
N PHE B 324 30.83 61.08 58.02
CA PHE B 324 31.95 60.24 58.51
C PHE B 324 33.15 61.14 58.65
N VAL B 325 33.91 60.85 59.70
CA VAL B 325 34.85 61.78 60.27
C VAL B 325 36.15 61.03 60.49
N VAL B 326 37.12 61.30 59.64
CA VAL B 326 38.33 60.47 59.56
C VAL B 326 39.53 61.29 60.01
N SER B 327 40.19 60.78 61.04
CA SER B 327 41.48 61.31 61.51
C SER B 327 42.62 60.80 60.64
N PHE B 328 43.79 61.37 60.83
CA PHE B 328 44.99 60.84 60.21
C PHE B 328 46.14 60.94 61.17
N ILE B 329 47.11 60.04 61.00
CA ILE B 329 48.37 60.08 61.77
C ILE B 329 49.23 61.27 61.30
N SER B 330 48.92 61.80 60.12
CA SER B 330 49.51 63.05 59.63
C SER B 330 48.93 64.31 60.33
N ASN B 331 48.09 64.15 61.38
CA ASN B 331 47.54 65.29 62.15
C ASN B 331 46.71 66.17 61.23
N ASN B 332 45.76 65.54 60.56
CA ASN B 332 44.76 66.24 59.74
C ASN B 332 43.56 65.32 59.66
N ALA B 333 42.49 65.80 59.03
CA ALA B 333 41.24 65.05 59.04
C ALA B 333 40.30 65.52 57.95
N CYS B 334 39.35 64.65 57.64
CA CYS B 334 38.32 64.93 56.65
C CYS B 334 36.96 64.56 57.19
N ALA B 335 35.97 65.30 56.71
CA ALA B 335 34.56 65.06 57.01
C ALA B 335 33.90 64.91 55.67
N VAL B 336 33.20 63.81 55.55
CA VAL B 336 32.63 63.42 54.26
C VAL B 336 31.15 63.12 54.45
N TRP B 337 30.36 63.45 53.44
CA TRP B 337 28.91 63.46 53.56
C TRP B 337 28.37 62.15 53.02
N LYS B 338 27.22 61.82 53.51
CA LYS B 338 26.50 60.66 53.01
C LYS B 338 25.39 61.04 52.05
N GLU B 339 24.96 60.04 51.28
CA GLU B 339 24.16 60.15 50.03
C GLU B 339 25.00 60.65 48.86
N SER B 340 26.22 61.09 49.13
CA SER B 340 27.20 61.45 48.10
C SER B 340 28.55 61.25 48.74
N PHE B 341 29.13 60.09 48.50
CA PHE B 341 30.40 59.77 49.16
C PHE B 341 31.45 60.74 48.65
N GLN B 342 31.80 61.68 49.50
CA GLN B 342 32.45 62.90 49.01
C GLN B 342 32.97 63.69 50.19
N VAL B 343 34.14 64.25 50.02
CA VAL B 343 34.66 65.20 51.01
C VAL B 343 33.77 66.43 51.03
N ALA B 344 33.37 66.85 52.22
CA ALA B 344 32.65 68.12 52.41
C ALA B 344 33.51 69.13 53.14
N ALA B 345 34.49 68.66 53.90
CA ALA B 345 35.38 69.58 54.58
C ALA B 345 36.61 68.85 55.07
N LYS B 346 37.61 69.65 55.38
CA LYS B 346 38.98 69.19 55.63
C LYS B 346 39.66 70.15 56.58
N TRP B 347 40.44 69.62 57.50
CA TRP B 347 41.12 70.44 58.51
C TRP B 347 42.49 69.88 58.84
N GLU B 348 43.31 70.75 59.43
CA GLU B 348 44.75 70.54 59.53
C GLU B 348 45.22 70.75 60.96
N LYS B 349 46.16 69.89 61.37
CA LYS B 349 47.07 70.11 62.52
C LYS B 349 46.43 69.90 63.89
N LEU B 350 45.11 69.95 63.97
CA LEU B 350 44.27 69.00 64.72
C LEU B 350 44.93 68.34 65.93
N SER B 351 45.28 69.13 66.94
CA SER B 351 45.78 68.59 68.20
C SER B 351 44.95 67.42 68.72
N LEU B 352 43.61 67.53 68.69
CA LEU B 352 42.71 66.41 69.05
C LEU B 352 41.30 66.69 68.53
N VAL B 353 40.46 65.66 68.67
CA VAL B 353 39.13 65.64 68.05
C VAL B 353 38.15 64.98 68.99
N LEU B 354 36.89 65.43 68.95
CA LEU B 354 35.82 64.89 69.79
C LEU B 354 34.49 65.16 69.15
N ILE B 355 33.51 64.32 69.49
CA ILE B 355 32.18 64.31 68.85
C ILE B 355 31.13 64.23 69.95
N ASP B 356 30.33 65.28 70.07
CA ASP B 356 29.20 65.28 71.03
C ASP B 356 28.33 66.53 70.81
N ASP B 357 27.15 66.51 71.43
CA ASP B 357 26.31 67.71 71.54
C ASP B 357 26.82 68.50 72.74
N PHE B 358 27.82 69.34 72.51
CA PHE B 358 28.40 70.16 73.59
C PHE B 358 27.49 71.35 73.93
N ILE B 359 26.62 71.70 72.98
CA ILE B 359 25.69 72.84 73.13
C ILE B 359 24.55 72.50 74.09
N GLY B 360 23.72 71.56 73.65
CA GLY B 360 22.35 71.36 74.15
C GLY B 360 21.34 71.71 73.08
N SER B 361 21.65 71.37 71.83
CA SER B 361 20.81 71.66 70.66
C SER B 361 19.86 70.53 70.32
N GLY B 362 20.30 69.29 70.59
CA GLY B 362 19.54 68.08 70.28
C GLY B 362 20.42 67.09 69.57
N THR B 363 21.20 67.56 68.61
CA THR B 363 21.99 66.71 67.73
C THR B 363 23.47 66.94 68.02
N GLU B 364 24.32 66.11 67.44
CA GLU B 364 25.74 66.14 67.77
C GLU B 364 26.50 67.12 66.90
N GLN B 365 27.65 67.51 67.39
CA GLN B 365 28.56 68.44 66.72
C GLN B 365 29.96 67.89 66.85
N VAL B 366 30.93 68.63 66.34
CA VAL B 366 32.34 68.21 66.37
C VAL B 366 33.20 69.38 66.78
N LEU B 367 34.26 69.01 67.47
CA LEU B 367 35.26 69.93 68.00
C LEU B 367 36.62 69.61 67.39
N LEU B 368 37.37 70.66 67.09
CA LEU B 368 38.72 70.55 66.53
C LEU B 368 39.66 71.39 67.36
N LEU B 369 40.79 70.80 67.71
CA LEU B 369 41.81 71.43 68.57
C LEU B 369 43.10 71.67 67.81
N PHE B 370 43.64 72.88 67.89
CA PHE B 370 44.79 73.30 67.07
C PHE B 370 46.00 73.50 67.96
N LYS B 371 46.91 72.54 67.88
CA LYS B 371 48.35 72.79 68.00
C LYS B 371 48.78 73.57 69.25
N ASP B 372 48.98 72.85 70.33
CA ASP B 372 49.53 73.38 71.59
C ASP B 372 50.88 74.11 71.40
N SER B 373 51.46 74.13 70.20
CA SER B 373 52.43 75.17 69.79
C SER B 373 52.00 76.57 70.28
N LEU B 374 50.70 76.87 70.19
CA LEU B 374 50.16 78.19 70.61
C LEU B 374 50.52 78.50 72.07
N ASN B 375 49.97 77.74 73.01
CA ASN B 375 50.13 77.98 74.47
C ASN B 375 50.58 76.68 75.13
N SER B 376 51.03 76.74 76.38
CA SER B 376 51.11 75.55 77.26
C SER B 376 49.76 75.37 77.96
N ASP B 377 48.68 75.37 77.17
CA ASP B 377 47.29 75.34 77.65
C ASP B 377 46.45 74.67 76.57
N CYS B 378 45.67 73.69 76.98
CA CYS B 378 45.03 72.77 76.01
C CYS B 378 43.79 73.40 75.40
N LEU B 379 42.90 73.89 76.25
CA LEU B 379 41.52 74.18 75.85
C LEU B 379 41.39 75.47 75.04
N THR B 380 42.49 76.18 74.85
CA THR B 380 42.49 77.26 73.87
C THR B 380 42.60 76.66 72.48
N SER B 381 42.52 77.52 71.48
CA SER B 381 42.79 77.09 70.10
C SER B 381 41.77 76.06 69.66
N PHE B 382 40.49 76.42 69.68
CA PHE B 382 39.40 75.47 69.39
C PHE B 382 38.48 76.00 68.30
N LYS B 383 37.79 75.06 67.68
CA LYS B 383 36.73 75.32 66.71
C LYS B 383 35.62 74.30 66.89
N ILE B 384 34.38 74.70 66.65
CA ILE B 384 33.22 73.79 66.71
C ILE B 384 32.39 74.00 65.47
N THR B 385 31.85 72.94 64.92
CA THR B 385 31.01 73.12 63.73
C THR B 385 30.18 71.87 63.52
N ASP B 386 28.92 72.10 63.17
CA ASP B 386 28.05 71.04 62.67
C ASP B 386 28.35 70.77 61.21
N LEU B 387 28.93 71.75 60.52
CA LEU B 387 28.98 71.89 59.06
C LEU B 387 27.64 72.35 58.51
N GLY B 388 26.63 72.50 59.36
CA GLY B 388 25.34 73.03 58.95
C GLY B 388 25.17 74.44 59.47
N LYS B 389 24.19 74.63 60.32
CA LYS B 389 23.84 75.99 60.76
C LYS B 389 24.73 76.46 61.90
N ILE B 390 25.76 75.72 62.24
CA ILE B 390 26.58 76.03 63.43
C ILE B 390 28.04 76.14 63.03
N ASN B 391 28.68 77.17 63.56
CA ASN B 391 30.09 77.44 63.29
C ASN B 391 30.58 78.38 64.40
N TYR B 392 31.65 78.01 65.09
CA TYR B 392 32.19 78.83 66.19
C TYR B 392 33.68 78.59 66.29
N SER B 393 34.40 79.55 66.88
CA SER B 393 35.87 79.40 67.04
C SER B 393 36.45 80.45 67.99
N SER B 394 37.77 80.39 68.19
CA SER B 394 38.54 81.31 69.04
C SER B 394 39.38 82.30 68.21
N GLU B 410 28.43 102.10 61.19
CA GLU B 410 28.95 100.84 61.80
C GLU B 410 27.88 100.19 62.68
N ASN B 411 26.70 99.99 62.09
CA ASN B 411 25.51 99.46 62.76
C ASN B 411 25.41 97.97 62.44
N ARG B 412 25.23 97.63 61.17
CA ARG B 412 25.48 96.27 60.62
C ARG B 412 24.41 95.27 61.06
N TYR B 413 23.46 95.70 61.91
CA TYR B 413 22.55 94.74 62.58
C TYR B 413 21.18 94.75 61.91
N LEU B 414 20.98 95.56 60.87
CA LEU B 414 19.67 95.59 60.21
C LEU B 414 19.48 94.33 59.37
N VAL B 415 20.54 93.58 59.12
CA VAL B 415 20.55 92.58 58.05
C VAL B 415 20.57 91.17 58.57
N VAL B 416 21.08 90.97 59.77
CA VAL B 416 21.08 89.69 60.50
C VAL B 416 19.76 88.94 60.33
N PRO B 417 18.60 89.57 60.54
CA PRO B 417 17.35 88.82 60.42
C PRO B 417 17.14 88.27 59.01
N PRO B 418 17.38 89.06 57.96
CA PRO B 418 17.31 88.47 56.62
C PRO B 418 18.27 87.31 56.40
N LEU B 419 19.48 87.41 56.95
CA LEU B 419 20.45 86.31 56.85
C LEU B 419 19.86 85.03 57.41
N GLU B 420 19.36 85.11 58.64
CA GLU B 420 18.79 83.95 59.30
C GLU B 420 17.60 83.45 58.51
N THR B 421 16.79 84.37 58.00
CA THR B 421 15.60 83.99 57.24
C THR B 421 15.99 83.19 56.00
N GLY B 422 16.94 83.71 55.22
CA GLY B 422 17.39 83.04 54.00
C GLY B 422 17.98 81.66 54.32
N LEU B 423 18.77 81.61 55.39
CA LEU B 423 19.41 80.37 55.83
C LEU B 423 18.34 79.32 56.07
N LYS B 424 17.39 79.66 56.91
CA LYS B 424 16.40 78.68 57.34
C LYS B 424 15.47 78.30 56.21
N VAL B 425 15.14 79.23 55.33
CA VAL B 425 14.33 78.85 54.15
C VAL B 425 15.13 77.88 53.28
N CYS B 426 16.42 78.11 53.17
CA CYS B 426 17.28 77.26 52.35
C CYS B 426 17.30 75.84 52.92
N PHE B 427 17.50 75.74 54.21
CA PHE B 427 17.47 74.44 54.88
C PHE B 427 16.11 73.79 54.66
N SER B 428 15.02 74.58 54.72
CA SER B 428 13.67 74.02 54.55
C SER B 428 13.53 73.43 53.16
N SER B 429 13.99 74.16 52.16
CA SER B 429 13.91 73.67 50.77
C SER B 429 14.77 72.41 50.62
N PHE B 430 15.87 72.35 51.36
CA PHE B 430 16.75 71.18 51.35
C PHE B 430 15.97 69.93 51.76
N ARG B 431 15.36 70.09 52.91
CA ARG B 431 14.51 69.05 53.48
C ARG B 431 13.45 68.65 52.47
N GLU B 432 12.75 69.63 51.92
CA GLU B 432 11.63 69.33 51.03
C GLU B 432 12.13 68.70 49.72
N LEU B 433 13.35 69.03 49.32
CA LEU B 433 13.91 68.41 48.11
C LEU B 433 14.12 66.93 48.31
N ARG B 434 14.65 66.57 49.48
CA ARG B 434 14.74 65.14 49.82
C ARG B 434 13.35 64.51 49.75
N GLN B 435 12.40 65.15 50.41
CA GLN B 435 11.02 64.68 50.47
C GLN B 435 10.44 64.51 49.07
N HIS B 436 10.88 65.31 48.13
CA HIS B 436 10.33 65.34 46.77
C HIS B 436 11.01 64.28 45.91
N LEU B 437 12.32 64.23 46.04
CA LEU B 437 13.15 63.21 45.38
C LEU B 437 12.58 61.84 45.64
N LEU B 438 12.20 61.61 46.88
CA LEU B 438 11.69 60.28 47.21
C LEU B 438 10.42 60.02 46.41
N LEU B 439 9.62 61.05 46.22
CA LEU B 439 8.38 60.84 45.47
C LEU B 439 8.72 60.51 44.05
N LYS B 440 9.76 61.13 43.54
CA LYS B 440 10.19 60.84 42.17
C LYS B 440 10.48 59.36 42.02
N GLU B 441 11.26 58.83 42.94
CA GLU B 441 11.70 57.45 42.83
C GLU B 441 10.51 56.54 43.06
N LYS B 442 9.62 56.93 43.95
CA LYS B 442 8.41 56.15 44.17
C LYS B 442 7.60 56.05 42.90
N ILE B 443 7.42 57.17 42.23
CA ILE B 443 6.65 57.15 40.98
C ILE B 443 7.36 56.30 39.93
N ILE B 444 8.68 56.32 39.94
CA ILE B 444 9.46 55.52 38.99
C ILE B 444 9.11 54.05 39.19
N SER B 445 9.14 53.60 40.43
CA SER B 445 8.87 52.19 40.74
C SER B 445 7.41 51.87 40.43
N LYS B 446 6.54 52.83 40.68
CA LYS B 446 5.12 52.66 40.36
C LYS B 446 4.96 52.39 38.89
N SER B 447 5.60 53.22 38.10
CA SER B 447 5.61 53.05 36.65
C SER B 447 6.26 51.72 36.18
N TYR B 448 7.34 51.26 36.83
CA TYR B 448 7.92 49.93 36.53
C TYR B 448 6.86 48.86 36.60
N LYS B 449 6.22 48.74 37.77
CA LYS B 449 5.23 47.69 38.02
C LYS B 449 4.05 47.87 37.07
N ALA B 450 3.64 49.10 36.86
CA ALA B 450 2.52 49.39 35.97
C ALA B 450 2.84 48.88 34.57
N LEU B 451 4.07 49.10 34.14
CA LEU B 451 4.49 48.64 32.82
C LEU B 451 4.45 47.12 32.73
N ILE B 452 5.04 46.49 33.71
CA ILE B 452 5.11 45.01 33.69
C ILE B 452 3.69 44.43 33.69
N ASN B 453 2.77 45.04 34.41
CA ASN B 453 1.35 44.61 34.37
C ASN B 453 0.72 44.94 33.03
N LEU B 454 1.20 46.00 32.39
CA LEU B 454 0.60 46.51 31.14
C LEU B 454 0.64 45.46 30.03
N VAL B 455 1.69 44.67 30.02
CA VAL B 455 1.79 43.56 29.06
C VAL B 455 0.71 42.47 29.33
N GLN B 456 0.14 42.40 30.54
CA GLN B 456 -0.61 41.22 31.03
C GLN B 456 -1.96 41.62 31.64
N SER B 496 1.44 32.89 36.11
CA SER B 496 1.58 32.92 37.59
C SER B 496 2.51 31.79 38.06
N GLU B 497 2.35 30.59 37.50
CA GLU B 497 3.01 29.40 38.07
C GLU B 497 4.51 29.43 37.79
N GLN B 498 5.24 28.64 38.56
CA GLN B 498 6.69 28.44 38.38
C GLN B 498 6.92 27.54 37.19
N LEU B 499 7.22 28.13 36.05
CA LEU B 499 7.62 27.35 34.85
C LEU B 499 9.09 27.02 34.87
N VAL B 500 9.77 27.24 35.99
CA VAL B 500 11.20 26.92 36.15
C VAL B 500 11.40 26.49 37.55
N GLU B 501 12.44 25.71 37.78
CA GLU B 501 12.96 25.59 39.12
C GLU B 501 14.12 26.54 39.26
N LYS B 502 15.13 26.37 38.47
CA LYS B 502 16.32 27.13 38.81
C LYS B 502 17.28 27.25 37.65
N ILE B 503 18.15 28.23 37.80
CA ILE B 503 19.31 28.48 36.93
C ILE B 503 20.57 27.82 37.52
N TRP B 504 21.44 27.44 36.61
CA TRP B 504 22.80 27.04 36.93
C TRP B 504 23.64 27.24 35.70
N TYR B 505 24.94 27.03 35.85
CA TYR B 505 25.86 27.32 34.77
C TYR B 505 27.24 26.86 35.11
N ARG B 506 28.00 26.50 34.11
CA ARG B 506 29.42 26.42 34.38
C ARG B 506 30.27 26.78 33.19
N VAL B 507 31.50 27.03 33.52
CA VAL B 507 32.58 27.11 32.54
C VAL B 507 32.93 25.68 32.15
N ILE B 508 33.47 25.46 30.94
CA ILE B 508 34.12 24.18 30.57
C ILE B 508 35.65 24.43 30.52
N ASP B 509 36.10 25.08 29.46
CA ASP B 509 37.45 25.65 29.43
C ASP B 509 37.35 27.07 28.90
N ASP B 510 36.73 27.32 27.76
CA ASP B 510 36.60 28.65 27.14
C ASP B 510 35.19 28.76 26.53
N SER B 511 34.22 28.00 27.05
CA SER B 511 32.87 27.88 26.48
C SER B 511 31.95 27.86 27.68
N LEU B 512 31.49 29.03 28.13
CA LEU B 512 30.42 29.17 29.12
C LEU B 512 29.15 28.39 28.71
N VAL B 513 28.46 27.84 29.70
CA VAL B 513 27.20 27.11 29.49
C VAL B 513 26.27 27.50 30.55
N VAL B 514 25.03 27.69 30.16
CA VAL B 514 24.01 28.01 31.12
C VAL B 514 22.81 27.18 30.94
N GLY B 515 22.25 26.74 32.07
CA GLY B 515 21.17 25.77 32.01
C GLY B 515 20.17 25.92 33.15
N VAL B 516 19.07 25.17 33.03
CA VAL B 516 17.83 25.39 33.75
C VAL B 516 17.19 24.06 33.99
N LYS B 517 16.86 23.81 35.21
CA LYS B 517 16.09 22.64 35.60
C LYS B 517 14.60 23.06 35.55
N THR B 518 13.70 22.21 35.08
CA THR B 518 12.30 22.65 34.90
C THR B 518 11.32 21.66 35.50
N THR B 519 10.03 21.84 35.16
CA THR B 519 8.90 21.25 35.90
C THR B 519 7.97 20.49 35.00
N SER B 520 7.01 19.83 35.65
CA SER B 520 5.89 19.15 34.95
C SER B 520 4.93 20.18 34.35
N SER B 521 4.92 21.41 34.89
CA SER B 521 4.14 22.50 34.31
C SER B 521 4.51 22.71 32.85
N LEU B 522 5.79 22.50 32.56
CA LEU B 522 6.36 22.72 31.24
C LEU B 522 6.32 21.43 30.43
N LYS B 523 5.79 21.52 29.22
CA LYS B 523 5.77 20.38 28.30
C LYS B 523 6.37 20.80 26.99
N LEU B 524 7.38 20.06 26.59
CA LEU B 524 8.14 20.44 25.42
C LEU B 524 7.50 19.85 24.18
N SER B 525 6.53 18.96 24.33
CA SER B 525 5.86 18.37 23.15
C SER B 525 4.91 19.39 22.51
N LEU B 526 4.55 20.43 23.26
CA LEU B 526 3.57 21.42 22.81
C LEU B 526 4.16 22.80 22.64
N ASN B 527 5.42 23.01 22.97
CA ASN B 527 5.98 24.36 22.88
C ASN B 527 7.46 24.26 22.54
N ASP B 528 7.86 24.79 21.39
CA ASP B 528 9.29 24.98 21.08
C ASP B 528 9.80 26.08 21.99
N VAL B 529 10.97 25.85 22.56
CA VAL B 529 11.45 26.79 23.57
C VAL B 529 12.89 27.09 23.36
N THR B 530 13.35 28.13 24.01
CA THR B 530 14.70 28.60 23.78
C THR B 530 15.30 29.09 25.07
N LEU B 531 16.53 29.54 25.00
CA LEU B 531 17.17 30.23 26.10
C LEU B 531 18.26 31.14 25.57
N SER B 532 17.97 32.43 25.61
CA SER B 532 18.83 33.50 25.13
C SER B 532 19.76 33.93 26.24
N LEU B 533 20.85 34.57 25.89
CA LEU B 533 21.47 35.53 26.82
C LEU B 533 21.45 37.01 26.41
N LEU B 534 21.58 37.98 27.34
CA LEU B 534 21.67 39.44 27.04
C LEU B 534 22.72 40.06 27.89
N MET B 535 23.35 41.12 27.44
CA MET B 535 24.37 41.74 28.28
C MET B 535 23.90 43.09 28.75
N ASP B 536 24.35 43.50 29.94
CA ASP B 536 24.12 44.85 30.48
C ASP B 536 25.19 45.80 29.95
N GLN B 537 24.74 46.69 29.08
CA GLN B 537 25.58 47.43 28.13
C GLN B 537 26.60 48.32 28.84
N ALA B 538 26.36 48.66 30.12
CA ALA B 538 27.20 49.64 30.83
C ALA B 538 28.63 49.17 30.93
N HIS B 539 28.81 47.88 31.22
CA HIS B 539 30.15 47.31 31.31
C HIS B 539 30.79 47.32 29.92
N ASP B 540 30.23 46.53 29.02
CA ASP B 540 30.73 46.44 27.64
C ASP B 540 29.92 47.42 26.78
N SER B 541 30.51 48.59 26.47
CA SER B 541 29.80 49.78 25.97
C SER B 541 29.91 49.89 24.45
N ARG B 542 29.85 48.75 23.73
CA ARG B 542 29.99 48.72 22.28
C ARG B 542 29.04 47.69 21.65
N PHE B 543 28.75 47.93 20.39
CA PHE B 543 28.07 46.98 19.51
C PHE B 543 28.91 45.73 19.33
N ARG B 544 28.31 44.61 19.58
CA ARG B 544 28.85 43.31 19.13
C ARG B 544 27.80 42.29 19.43
N LEU B 545 27.87 41.16 18.78
CA LEU B 545 26.72 40.24 18.88
C LEU B 545 27.00 39.18 19.87
N LEU B 546 25.96 38.50 20.35
CA LEU B 546 26.10 37.34 21.25
C LEU B 546 25.23 36.19 20.74
N LYS B 547 25.88 35.05 20.62
CA LYS B 547 25.31 33.89 19.96
C LYS B 547 25.37 32.76 20.94
N CYS B 548 24.23 32.08 21.10
CA CYS B 548 24.14 30.90 21.97
C CYS B 548 23.38 29.75 21.36
N GLN B 549 23.92 28.55 21.59
CA GLN B 549 23.46 27.31 20.99
C GLN B 549 22.68 26.52 21.98
N ASN B 550 21.49 26.13 21.57
CA ASN B 550 20.48 25.59 22.47
C ASN B 550 20.30 24.12 22.37
N ARG B 551 20.24 23.48 23.56
CA ARG B 551 20.15 22.02 23.68
C ARG B 551 19.15 21.57 24.69
N VAL B 552 18.16 20.83 24.22
CA VAL B 552 17.30 20.08 25.14
C VAL B 552 18.17 18.98 25.78
N ILE B 553 17.91 18.59 27.01
CA ILE B 553 18.49 17.34 27.58
C ILE B 553 17.45 16.58 28.39
N LYS B 554 17.04 15.36 27.99
CA LYS B 554 16.01 14.57 28.72
C LYS B 554 16.69 13.41 29.34
N LEU B 555 16.32 13.10 30.52
CA LEU B 555 16.98 12.00 31.23
C LEU B 555 15.94 11.25 32.03
N SER B 556 16.31 10.02 32.41
CA SER B 556 15.48 9.14 33.23
C SER B 556 16.20 8.83 34.53
N THR B 557 15.46 8.77 35.62
CA THR B 557 16.01 8.63 36.97
C THR B 557 15.40 7.39 37.59
N ASN B 558 16.22 6.36 37.76
CA ASN B 558 15.85 5.10 38.42
C ASN B 558 14.62 4.51 37.73
N PRO B 559 14.77 4.03 36.48
CA PRO B 559 13.74 3.17 35.88
C PRO B 559 13.84 1.73 36.38
N PHE B 560 15.01 1.32 36.88
CA PHE B 560 15.29 -0.07 37.28
C PHE B 560 15.45 -0.12 38.80
N LYS B 596 3.69 9.43 37.42
CA LYS B 596 4.44 8.31 36.80
C LYS B 596 5.85 8.21 37.39
N LYS B 597 6.78 7.61 36.65
CA LYS B 597 8.22 7.64 37.01
C LYS B 597 8.82 8.97 36.57
N GLU B 598 9.80 9.44 37.32
CA GLU B 598 10.48 10.73 37.05
C GLU B 598 11.10 10.72 35.64
N CYS B 599 10.78 11.74 34.84
CA CYS B 599 11.52 12.14 33.63
C CYS B 599 11.98 13.61 33.82
N VAL B 600 13.28 13.82 33.78
CA VAL B 600 13.88 15.16 33.95
C VAL B 600 14.01 15.80 32.56
N GLN B 601 13.76 17.12 32.41
CA GLN B 601 13.84 17.80 31.09
C GLN B 601 14.45 19.12 31.25
N ILE B 602 15.75 19.16 31.10
CA ILE B 602 16.50 20.38 31.30
C ILE B 602 16.77 21.08 29.94
N ILE B 603 17.02 22.40 29.98
CA ILE B 603 17.25 23.25 28.82
C ILE B 603 18.34 24.23 29.14
N THR B 604 19.22 24.40 28.20
CA THR B 604 20.53 25.00 28.44
C THR B 604 21.15 25.41 27.12
N ALA B 605 22.08 26.34 27.20
CA ALA B 605 22.82 26.79 26.01
C ALA B 605 24.24 27.24 26.31
N VAL B 606 24.97 27.39 25.24
CA VAL B 606 26.41 27.53 25.34
C VAL B 606 26.81 28.66 24.51
N THR B 607 27.91 29.26 24.88
CA THR B 607 28.55 30.26 24.02
C THR B 607 29.96 30.46 24.54
N SER B 608 30.60 31.56 24.12
CA SER B 608 32.01 31.80 24.41
C SER B 608 32.16 32.84 25.47
N LEU B 609 33.37 32.89 25.97
CA LEU B 609 33.68 33.43 27.29
C LEU B 609 34.85 34.44 27.28
N SER B 610 35.91 34.10 26.55
CA SER B 610 37.04 35.03 26.42
C SER B 610 36.64 36.31 25.71
N PRO B 611 35.68 36.32 24.76
CA PRO B 611 35.19 37.57 24.22
C PRO B 611 34.59 38.47 25.28
N LEU B 612 33.99 37.90 26.31
CA LEU B 612 33.27 38.72 27.30
C LEU B 612 34.15 39.14 28.44
N LEU B 613 35.16 38.35 28.77
CA LEU B 613 36.05 38.81 29.83
C LEU B 613 36.89 39.97 29.32
N THR B 614 36.24 41.13 29.23
CA THR B 614 36.85 42.34 28.70
C THR B 614 37.16 43.31 29.82
N PHE B 615 36.19 43.59 30.70
CA PHE B 615 36.36 44.48 31.86
C PHE B 615 36.55 43.66 33.12
N SER B 616 37.19 42.52 32.96
CA SER B 616 37.46 41.60 34.09
C SER B 616 36.21 41.06 34.72
N LYS B 617 35.04 41.28 34.11
CA LYS B 617 33.77 41.07 34.81
C LYS B 617 32.66 41.32 33.82
N PHE B 618 31.50 40.81 34.12
CA PHE B 618 30.27 41.29 33.49
C PHE B 618 29.06 40.58 34.06
N CYS B 619 27.86 40.98 33.62
CA CYS B 619 26.60 40.54 34.24
C CYS B 619 25.62 40.37 33.09
N CYS B 620 25.32 39.14 32.85
CA CYS B 620 24.30 38.84 31.84
C CYS B 620 22.99 38.54 32.49
N THR B 621 21.98 38.57 31.68
CA THR B 621 20.63 38.28 32.08
C THR B 621 20.26 36.99 31.44
N VAL B 622 19.06 36.47 31.67
CA VAL B 622 18.61 35.18 31.09
C VAL B 622 17.14 35.21 30.77
N LEU B 623 16.88 35.01 29.52
CA LEU B 623 15.53 35.00 29.03
C LEU B 623 15.23 33.67 28.44
N LEU B 624 14.36 32.92 29.08
CA LEU B 624 13.73 31.80 28.40
C LEU B 624 12.59 32.32 27.53
N GLN B 625 12.52 31.88 26.29
CA GLN B 625 11.40 32.23 25.47
C GLN B 625 10.66 31.00 25.04
N ILE B 626 9.41 31.18 24.66
CA ILE B 626 8.49 30.08 24.34
C ILE B 626 7.68 30.39 23.10
N MET B 627 7.30 29.37 22.36
CA MET B 627 6.50 29.51 21.14
C MET B 627 5.40 28.45 21.15
N GLU B 628 4.60 28.43 20.10
CA GLU B 628 3.64 27.35 19.88
C GLU B 628 3.60 26.95 18.42
N ARG B 629 3.18 25.72 18.18
CA ARG B 629 3.28 25.05 16.87
C ARG B 629 1.90 24.79 16.27
N GLU B 630 0.93 24.45 17.13
CA GLU B 630 -0.41 24.00 16.70
C GLU B 630 -1.19 25.21 16.18
N SER B 631 -1.27 26.23 17.01
CA SER B 631 -1.96 27.47 16.62
C SER B 631 -1.08 28.21 15.63
N GLY B 632 -1.34 27.98 14.33
CA GLY B 632 -0.63 28.69 13.27
C GLY B 632 -0.86 30.19 13.25
N ASN B 633 -1.84 30.69 14.04
CA ASN B 633 -2.08 32.13 14.27
C ASN B 633 -0.94 32.76 15.10
N CYS B 634 -0.10 31.95 15.76
CA CYS B 634 0.98 32.40 16.67
C CYS B 634 0.41 33.34 17.73
N PRO B 635 -0.60 32.92 18.52
CA PRO B 635 -1.14 33.81 19.55
C PRO B 635 -0.16 33.98 20.70
N LYS B 636 0.41 32.85 21.13
CA LYS B 636 1.19 32.75 22.38
C LYS B 636 2.65 33.00 22.03
N ASP B 637 3.23 33.92 22.76
CA ASP B 637 4.67 34.18 22.70
C ASP B 637 5.11 34.51 24.10
N ARG B 638 4.67 33.71 25.06
CA ARG B 638 5.01 34.01 26.48
C ARG B 638 6.52 34.08 26.68
N TYR B 639 6.93 34.60 27.81
CA TYR B 639 8.35 34.76 28.03
C TYR B 639 8.52 34.73 29.50
N VAL B 640 9.75 34.65 29.94
CA VAL B 640 10.06 34.65 31.37
C VAL B 640 11.51 34.94 31.52
N VAL B 641 11.83 35.89 32.33
CA VAL B 641 13.24 36.02 32.74
C VAL B 641 13.45 35.15 33.87
N CYS B 642 14.54 34.44 33.89
CA CYS B 642 14.68 33.36 34.85
C CYS B 642 15.61 33.76 35.95
N GLY B 643 16.59 34.59 35.64
CA GLY B 643 17.55 34.99 36.64
C GLY B 643 18.64 35.76 36.00
N ARG B 644 19.82 35.59 36.46
CA ARG B 644 20.84 36.58 36.15
C ARG B 644 22.09 36.03 36.74
N VAL B 645 23.21 36.25 36.07
CA VAL B 645 24.52 35.82 36.56
C VAL B 645 25.47 37.00 36.59
N PHE B 646 26.11 37.15 37.74
CA PHE B 646 27.33 37.93 37.95
C PHE B 646 28.49 36.95 37.75
N LEU B 647 29.64 37.51 37.37
CA LEU B 647 30.83 36.70 37.28
C LEU B 647 32.06 37.50 36.92
N SER B 648 33.20 37.02 37.37
CA SER B 648 34.48 37.66 37.14
C SER B 648 35.59 36.65 37.21
N LEU B 649 36.78 37.14 37.36
CA LEU B 649 37.97 36.29 37.49
C LEU B 649 38.23 35.76 38.90
N GLU B 650 37.82 36.50 39.93
CA GLU B 650 38.17 36.09 41.31
C GLU B 650 37.53 34.74 41.61
N ASP B 651 36.25 34.59 41.22
CA ASP B 651 35.49 33.32 41.34
C ASP B 651 36.33 32.18 40.74
N LEU B 652 36.83 32.42 39.54
CA LEU B 652 37.38 31.34 38.73
C LEU B 652 38.85 31.09 39.05
N SER B 653 39.53 32.09 39.58
CA SER B 653 40.83 31.83 40.19
C SER B 653 40.70 31.07 41.51
N THR B 654 39.53 31.13 42.14
CA THR B 654 39.20 30.28 43.30
C THR B 654 38.29 29.13 42.86
N GLY B 655 38.21 28.86 41.59
CA GLY B 655 37.44 27.71 41.12
C GLY B 655 35.96 27.94 41.20
N LYS B 656 35.27 27.00 41.84
CA LYS B 656 33.83 27.09 42.20
C LYS B 656 32.90 26.91 41.00
N TYR B 657 33.41 27.03 39.77
CA TYR B 657 32.59 26.77 38.58
C TYR B 657 33.31 25.99 37.52
N LEU B 658 34.61 25.86 37.64
CA LEU B 658 35.35 25.14 36.61
C LEU B 658 35.11 23.63 36.65
N LEU B 659 35.26 23.02 35.49
CA LEU B 659 35.34 21.57 35.36
C LEU B 659 36.74 21.23 34.89
N THR B 660 37.69 21.12 35.81
CA THR B 660 39.02 20.61 35.52
C THR B 660 38.98 19.10 35.76
N PHE B 661 39.30 18.35 34.71
CA PHE B 661 39.12 16.89 34.77
C PHE B 661 40.27 16.28 35.57
N PRO B 662 40.37 14.95 35.64
CA PRO B 662 40.15 14.30 36.94
C PRO B 662 40.96 14.93 38.07
N LYS B 663 40.27 15.81 38.74
CA LYS B 663 40.47 16.14 40.16
C LYS B 663 39.09 16.18 40.81
N LYS B 664 38.11 16.72 40.06
CA LYS B 664 36.66 16.65 40.34
C LYS B 664 36.14 15.42 39.61
N LYS B 665 36.66 14.28 40.02
CA LYS B 665 36.30 13.00 39.44
C LYS B 665 35.01 12.45 40.04
N PRO B 666 34.83 12.42 41.39
CA PRO B 666 33.53 11.97 41.92
C PRO B 666 32.40 12.95 41.56
N ILE B 667 31.97 12.91 40.30
CA ILE B 667 31.11 13.96 39.67
C ILE B 667 29.65 13.77 40.08
N GLU B 668 29.24 14.42 41.17
CA GLU B 668 27.88 14.19 41.73
C GLU B 668 27.28 15.52 42.20
N HIS B 669 27.62 16.59 41.51
CA HIS B 669 26.78 17.79 41.45
C HIS B 669 26.27 17.86 40.04
N MET B 670 25.00 17.59 39.86
CA MET B 670 24.44 17.37 38.51
C MET B 670 24.61 18.52 37.53
N GLU B 671 24.87 19.69 38.03
CA GLU B 671 25.30 20.83 37.22
C GLU B 671 26.56 20.41 36.43
N ASP B 672 27.53 19.82 37.10
CA ASP B 672 28.84 19.46 36.48
C ASP B 672 28.66 18.38 35.48
N LEU B 673 27.46 17.81 35.45
CA LEU B 673 27.15 16.69 34.61
C LEU B 673 26.33 17.13 33.44
N PHE B 674 25.22 17.80 33.70
CA PHE B 674 24.47 18.45 32.60
C PHE B 674 25.36 19.38 31.74
N ALA B 675 26.37 20.02 32.35
CA ALA B 675 27.32 20.87 31.64
C ALA B 675 28.03 20.09 30.52
N LEU B 676 28.65 18.96 30.80
CA LEU B 676 29.31 18.13 29.78
C LEU B 676 28.26 17.50 28.94
N LEU B 677 27.00 17.43 29.31
CA LEU B 677 25.99 16.81 28.43
C LEU B 677 25.40 17.74 27.43
N ALA B 678 25.56 19.03 27.56
CA ALA B 678 25.26 19.97 26.47
C ALA B 678 26.47 20.65 25.84
N ALA B 679 27.61 20.73 26.56
CA ALA B 679 28.87 21.37 26.09
C ALA B 679 29.75 20.45 25.22
N PHE B 680 29.23 19.31 24.65
CA PHE B 680 30.00 18.29 23.90
C PHE B 680 29.33 17.89 22.60
N HIS B 681 30.17 17.45 21.68
CA HIS B 681 29.73 17.07 20.37
C HIS B 681 29.07 15.72 20.44
N LYS B 682 27.76 15.75 20.29
CA LYS B 682 26.90 14.58 20.31
C LYS B 682 27.06 13.78 19.06
N SER B 683 26.77 12.51 19.11
CA SER B 683 26.47 11.70 17.93
C SER B 683 25.65 10.48 18.35
N CYS B 684 24.59 10.26 17.62
CA CYS B 684 23.72 9.09 17.81
C CYS B 684 24.10 8.00 16.78
N PHE B 685 24.28 6.78 17.20
CA PHE B 685 24.47 5.64 16.32
C PHE B 685 23.50 4.55 16.58
N GLN B 686 23.26 3.77 15.59
CA GLN B 686 22.43 2.58 15.78
C GLN B 686 23.30 1.43 15.38
N ILE B 687 23.00 0.27 15.95
CA ILE B 687 23.76 -0.96 15.79
C ILE B 687 22.78 -2.08 15.41
N THR B 688 23.14 -2.88 14.41
CA THR B 688 22.34 -4.03 13.94
C THR B 688 23.23 -5.23 13.72
N SER B 689 23.56 -5.94 14.77
CA SER B 689 24.24 -7.22 14.64
C SER B 689 23.23 -8.16 14.03
N PRO B 690 23.33 -8.50 12.75
CA PRO B 690 22.19 -9.11 12.11
C PRO B 690 22.12 -10.64 12.27
N GLY B 691 23.22 -11.25 12.69
CA GLY B 691 23.28 -12.69 12.83
C GLY B 691 23.90 -13.12 14.13
N TYR B 692 23.86 -12.25 15.12
CA TYR B 692 24.53 -12.53 16.39
C TYR B 692 23.76 -11.88 17.49
N ALA B 693 24.17 -12.23 18.68
CA ALA B 693 23.64 -11.63 19.89
C ALA B 693 24.43 -10.40 20.17
N LEU B 694 24.14 -9.81 21.32
CA LEU B 694 24.72 -8.52 21.60
C LEU B 694 24.82 -8.35 23.09
N ASN B 695 26.00 -8.62 23.61
CA ASN B 695 26.30 -8.34 25.03
C ASN B 695 27.70 -7.81 25.27
N SER B 696 28.60 -7.99 24.31
CA SER B 696 29.98 -7.50 24.45
C SER B 696 30.03 -6.00 24.36
N MET B 697 28.99 -5.40 23.80
CA MET B 697 28.74 -3.95 23.91
C MET B 697 28.99 -3.50 25.33
N LYS B 698 28.30 -4.15 26.25
CA LYS B 698 28.39 -3.76 27.66
C LYS B 698 29.76 -4.12 28.20
N VAL B 699 30.33 -5.22 27.75
CA VAL B 699 31.64 -5.63 28.24
C VAL B 699 32.66 -4.57 27.87
N TRP B 700 32.52 -4.01 26.68
CA TRP B 700 33.46 -3.02 26.20
C TRP B 700 33.29 -1.76 26.99
N LEU B 701 32.04 -1.38 27.24
CA LEU B 701 31.80 -0.20 28.08
C LEU B 701 32.44 -0.41 29.44
N LEU B 702 32.23 -1.58 30.01
CA LEU B 702 32.49 -1.80 31.42
C LEU B 702 33.96 -2.03 31.69
N GLU B 703 34.59 -2.94 30.96
CA GLU B 703 35.95 -3.41 31.26
C GLU B 703 36.96 -2.91 30.26
N HIS B 704 36.67 -2.93 28.96
CA HIS B 704 37.63 -2.38 27.98
C HIS B 704 37.83 -0.89 28.26
N MET B 705 36.76 -0.21 28.64
CA MET B 705 36.77 1.25 28.76
C MET B 705 36.69 1.75 30.18
N LYS B 706 36.41 0.87 31.15
CA LYS B 706 36.48 1.25 32.56
C LYS B 706 35.47 2.35 32.84
N CYS B 707 34.20 1.96 32.80
CA CYS B 707 33.08 2.90 32.94
C CYS B 707 32.43 2.82 34.32
N GLU B 708 32.60 3.86 35.10
CA GLU B 708 31.71 4.16 36.23
C GLU B 708 30.29 4.33 35.69
N ILE B 709 29.33 4.26 36.60
CA ILE B 709 27.94 4.66 36.32
C ILE B 709 27.54 5.69 37.37
N ILE B 710 26.58 6.53 37.07
CA ILE B 710 25.92 7.43 38.03
C ILE B 710 24.62 6.83 38.52
N LYS B 711 24.37 6.91 39.83
CA LYS B 711 23.42 5.99 40.49
C LYS B 711 22.01 6.55 40.34
N GLU B 712 21.92 7.86 40.21
CA GLU B 712 20.63 8.55 40.02
C GLU B 712 20.32 8.57 38.52
N PHE B 713 21.36 8.56 37.69
CA PHE B 713 21.22 8.56 36.23
C PHE B 713 22.04 7.39 35.76
N PRO B 714 21.48 6.19 35.83
CA PRO B 714 22.27 5.03 35.53
C PRO B 714 22.18 4.60 34.08
N GLU B 715 21.63 5.45 33.20
CA GLU B 715 21.71 5.23 31.76
C GLU B 715 22.91 5.96 31.17
N VAL B 716 23.99 6.00 31.93
CA VAL B 716 25.22 6.70 31.57
C VAL B 716 26.41 5.87 31.97
N TYR B 717 27.46 5.92 31.16
CA TYR B 717 28.73 5.31 31.47
C TYR B 717 29.80 6.32 31.09
N PHE B 718 30.07 7.20 32.02
CA PHE B 718 31.31 7.98 31.97
C PHE B 718 32.48 7.02 31.84
N CYS B 719 33.37 7.31 30.92
CA CYS B 719 34.59 6.53 30.76
C CYS B 719 35.74 7.10 31.59
N GLU B 720 36.55 6.22 32.16
CA GLU B 720 37.59 6.62 33.11
C GLU B 720 38.98 6.13 32.73
N ARG B 721 39.23 5.79 31.47
CA ARG B 721 40.58 5.42 31.07
C ARG B 721 41.47 6.64 31.20
N PRO B 722 42.65 6.58 31.84
CA PRO B 722 43.39 7.79 32.17
C PRO B 722 44.32 8.15 31.01
N GLY B 723 43.78 8.08 29.80
CA GLY B 723 44.52 8.37 28.59
C GLY B 723 43.95 9.55 27.83
N SER B 724 43.24 9.19 26.77
CA SER B 724 42.81 10.13 25.73
C SER B 724 41.30 10.24 25.65
N PHE B 725 40.57 9.16 25.86
CA PHE B 725 39.10 9.23 25.86
C PHE B 725 38.53 9.80 27.15
N TYR B 726 39.33 10.04 28.18
CA TYR B 726 38.79 10.44 29.47
C TYR B 726 37.97 11.68 29.27
N GLY B 727 36.89 11.71 30.01
CA GLY B 727 35.95 12.83 30.00
C GLY B 727 34.70 12.40 29.29
N THR B 728 34.89 11.44 28.42
CA THR B 728 33.85 11.01 27.52
C THR B 728 32.63 10.48 28.23
N LEU B 729 31.48 10.76 27.63
CA LEU B 729 30.23 10.17 28.06
C LEU B 729 29.57 9.31 27.03
N PHE B 730 28.85 8.29 27.44
CA PHE B 730 28.12 7.37 26.58
C PHE B 730 26.79 7.08 27.08
N THR B 731 26.04 6.35 26.34
CA THR B 731 24.90 5.67 26.94
C THR B 731 24.78 4.29 26.37
N TRP B 732 23.63 3.61 26.54
CA TRP B 732 23.38 2.36 25.83
C TRP B 732 21.94 2.02 26.09
N LYS B 733 21.30 1.53 25.07
CA LYS B 733 19.98 0.87 25.18
C LYS B 733 19.88 -0.24 24.12
N GLN B 734 18.87 -1.09 24.32
CA GLN B 734 18.83 -2.36 23.58
C GLN B 734 17.39 -2.82 23.41
N ARG B 735 16.89 -2.67 22.20
CA ARG B 735 15.54 -3.10 21.77
C ARG B 735 15.72 -4.25 20.79
N THR B 736 15.08 -5.37 21.05
CA THR B 736 15.21 -6.60 20.22
C THR B 736 16.68 -6.93 20.06
N PRO B 737 17.32 -7.57 21.04
CA PRO B 737 18.73 -7.29 21.37
C PRO B 737 19.71 -7.24 20.22
N PHE B 738 19.32 -7.69 19.03
CA PHE B 738 20.06 -7.36 17.81
C PHE B 738 20.13 -5.84 17.67
N GLU B 739 18.99 -5.20 17.43
CA GLU B 739 18.94 -3.79 17.01
C GLU B 739 19.16 -2.87 18.25
N GLY B 740 20.39 -2.70 18.68
CA GLY B 740 20.71 -1.87 19.84
C GLY B 740 20.65 -0.39 19.52
N ILE B 741 21.27 0.43 20.34
CA ILE B 741 21.41 1.87 20.06
C ILE B 741 22.36 2.53 21.05
N LEU B 742 23.15 3.48 20.58
CA LEU B 742 24.20 4.08 21.33
C LEU B 742 24.27 5.53 21.12
N ILE B 743 24.72 6.29 22.07
CA ILE B 743 24.81 7.77 22.01
C ILE B 743 26.08 8.19 22.63
N ILE B 744 26.78 9.11 22.04
CA ILE B 744 28.06 9.60 22.53
C ILE B 744 28.01 11.05 22.81
N TYR B 745 28.49 11.45 23.97
CA TYR B 745 28.77 12.85 24.29
C TYR B 745 30.26 12.91 24.47
N SER B 746 30.96 13.09 23.37
CA SER B 746 32.41 13.14 23.37
C SER B 746 32.90 14.55 23.28
N ARG B 747 34.13 14.78 23.67
CA ARG B 747 34.68 16.10 23.77
C ARG B 747 34.72 16.76 22.39
N ASN B 748 35.55 16.28 21.52
CA ASN B 748 35.67 16.87 20.19
C ASN B 748 35.35 15.85 19.13
N GLN B 749 35.72 16.07 17.87
CA GLN B 749 35.40 15.07 16.86
C GLN B 749 36.59 14.19 16.47
N THR B 750 37.57 13.96 17.35
CA THR B 750 38.52 12.83 17.17
C THR B 750 38.14 11.70 18.09
N VAL B 751 37.70 12.07 19.23
CA VAL B 751 37.28 11.08 20.20
C VAL B 751 35.82 10.79 19.94
N MET B 752 35.29 11.22 18.81
CA MET B 752 34.12 10.58 18.26
C MET B 752 34.52 9.49 17.29
N PHE B 753 35.72 9.51 16.75
CA PHE B 753 36.12 8.42 15.83
C PHE B 753 36.82 7.35 16.64
N GLN B 754 37.81 7.77 17.42
CA GLN B 754 38.67 6.84 18.09
C GLN B 754 37.83 5.82 18.77
N CYS B 755 36.68 6.26 19.25
CA CYS B 755 35.71 5.33 19.77
C CYS B 755 35.42 4.30 18.73
N LEU B 756 35.01 4.72 17.59
CA LEU B 756 34.54 3.70 16.66
C LEU B 756 35.59 2.73 16.12
N HIS B 757 36.80 3.23 16.00
CA HIS B 757 37.91 2.41 15.54
C HIS B 757 38.36 1.46 16.64
N ASN B 758 38.31 1.89 17.90
CA ASN B 758 38.49 0.95 18.99
C ASN B 758 37.37 -0.11 18.99
N LEU B 759 36.17 0.26 18.59
CA LEU B 759 35.05 -0.57 18.89
C LEU B 759 34.82 -1.57 17.81
N ILE B 760 34.60 -1.07 16.61
CA ILE B 760 34.07 -1.91 15.52
C ILE B 760 34.98 -3.11 15.21
N ARG B 761 36.23 -2.95 15.55
CA ARG B 761 37.12 -4.08 15.80
C ARG B 761 36.47 -5.15 16.66
N ILE B 762 36.04 -4.77 17.87
CA ILE B 762 35.62 -5.70 18.90
C ILE B 762 34.35 -6.47 18.48
N LEU B 763 33.60 -5.99 17.55
CA LEU B 763 32.24 -6.48 17.42
C LEU B 763 32.18 -7.88 16.86
N PRO B 764 30.96 -8.43 16.73
CA PRO B 764 30.62 -9.38 15.67
C PRO B 764 30.97 -8.85 14.29
N ILE B 765 30.96 -9.73 13.32
CA ILE B 765 31.76 -9.45 12.13
C ILE B 765 30.87 -8.81 11.10
N ASN B 766 29.57 -8.99 11.24
CA ASN B 766 28.66 -8.30 10.34
C ASN B 766 27.99 -7.16 11.04
N CYS B 767 28.45 -6.80 12.25
CA CYS B 767 27.83 -5.71 13.03
C CYS B 767 27.88 -4.35 12.28
N PHE B 768 26.72 -3.82 11.91
CA PHE B 768 26.51 -2.90 10.78
C PHE B 768 26.11 -1.58 11.40
N LEU B 769 27.11 -0.79 11.74
CA LEU B 769 26.82 0.51 12.39
C LEU B 769 26.02 1.42 11.42
N LYS B 770 25.59 2.55 11.89
CA LYS B 770 25.31 3.70 11.05
C LYS B 770 25.05 4.89 11.93
N ASN B 771 25.11 6.07 11.37
CA ASN B 771 24.87 7.30 12.11
C ASN B 771 23.43 7.72 12.00
N LEU B 772 23.01 8.55 12.93
CA LEU B 772 21.64 9.07 13.01
C LEU B 772 21.66 10.58 13.19
N LYS B 773 20.68 11.23 12.56
CA LYS B 773 20.44 12.67 12.70
C LYS B 773 19.00 12.91 13.15
N SER B 774 18.09 12.24 12.47
CA SER B 774 16.68 12.65 12.38
C SER B 774 15.75 11.93 13.38
N GLY B 775 16.29 10.98 14.14
CA GLY B 775 15.51 10.03 14.93
C GLY B 775 15.75 8.54 14.59
N SER B 776 15.40 7.68 15.55
CA SER B 776 15.52 6.23 15.42
C SER B 776 14.54 5.80 14.37
N GLU B 777 14.84 4.67 13.77
CA GLU B 777 14.00 4.21 12.66
C GLU B 777 12.55 3.99 13.10
N ASN B 778 12.35 3.24 14.20
CA ASN B 778 10.98 2.84 14.60
C ASN B 778 10.18 4.07 14.95
N PHE B 779 10.80 5.00 15.66
CA PHE B 779 10.13 6.22 16.04
C PHE B 779 9.69 6.98 14.81
N LEU B 780 10.62 7.21 13.91
CA LEU B 780 10.28 8.00 12.71
C LEU B 780 9.27 7.30 11.86
N ILE B 781 9.30 6.00 11.83
CA ILE B 781 8.33 5.27 11.04
C ILE B 781 6.93 5.39 11.64
N ASP B 782 6.86 5.26 12.95
CA ASP B 782 5.56 5.46 13.61
C ASP B 782 5.09 6.86 13.34
N ASN B 783 6.01 7.81 13.35
CA ASN B 783 5.64 9.21 13.21
C ASN B 783 5.11 9.50 11.84
N MET B 784 5.75 8.99 10.82
CA MET B 784 5.17 9.06 9.46
C MET B 784 3.80 8.36 9.42
N ALA B 785 3.72 7.22 10.09
CA ALA B 785 2.51 6.42 10.06
C ALA B 785 1.33 7.26 10.55
N PHE B 786 1.59 7.98 11.63
CA PHE B 786 0.53 8.70 12.35
C PHE B 786 -0.04 9.78 11.44
N THR B 787 0.84 10.45 10.75
CA THR B 787 0.40 11.50 9.84
C THR B 787 -0.41 10.91 8.72
N LEU B 788 0.01 9.78 8.20
CA LEU B 788 -0.70 9.18 7.07
C LEU B 788 -2.06 8.71 7.52
N GLU B 789 -2.13 8.14 8.70
CA GLU B 789 -3.37 7.69 9.30
C GLU B 789 -4.34 8.85 9.32
N LYS B 790 -3.90 9.96 9.91
CA LYS B 790 -4.78 11.12 10.08
C LYS B 790 -5.18 11.67 8.74
N GLU B 791 -4.26 11.66 7.84
CA GLU B 791 -4.49 12.29 6.57
C GLU B 791 -5.57 11.55 5.84
N LEU B 792 -5.41 10.26 5.74
CA LEU B 792 -6.42 9.47 5.06
C LEU B 792 -7.72 9.46 5.85
N VAL B 793 -7.62 9.59 7.16
CA VAL B 793 -8.83 9.71 7.99
C VAL B 793 -9.61 10.94 7.55
N THR B 794 -8.92 12.04 7.35
CA THR B 794 -9.54 13.32 6.99
C THR B 794 -10.06 13.27 5.56
N LEU B 795 -9.31 12.63 4.69
CA LEU B 795 -9.71 12.48 3.29
C LEU B 795 -10.88 11.52 3.16
N SER B 796 -11.05 10.65 4.14
CA SER B 796 -12.22 9.78 4.20
C SER B 796 -13.38 10.57 4.80
N SER B 797 -13.08 11.40 5.79
CA SER B 797 -14.09 12.28 6.42
C SER B 797 -14.65 13.24 5.38
N LEU B 798 -13.84 13.56 4.38
CA LEU B 798 -14.34 14.28 3.21
C LEU B 798 -15.55 13.58 2.64
N SER B 799 -15.35 12.35 2.21
CA SER B 799 -16.40 11.54 1.61
C SER B 799 -17.52 11.33 2.60
N SER B 800 -17.20 11.25 3.88
CA SER B 800 -18.21 11.06 4.95
C SER B 800 -19.14 12.27 5.01
N ALA B 801 -18.58 13.47 5.19
CA ALA B 801 -19.37 14.72 5.23
C ALA B 801 -20.13 14.90 3.92
N ILE B 802 -19.56 14.41 2.83
CA ILE B 802 -20.27 14.41 1.53
C ILE B 802 -21.53 13.54 1.63
N ALA B 803 -21.37 12.28 2.02
CA ALA B 803 -22.44 11.26 2.14
C ALA B 803 -23.64 11.73 2.96
N LYS B 804 -23.50 12.78 3.79
CA LYS B 804 -24.62 13.40 4.52
C LYS B 804 -25.20 14.62 3.79
N HIS B 805 -24.41 15.27 2.93
CA HIS B 805 -24.86 16.45 2.15
C HIS B 805 -25.53 16.06 0.82
N GLU B 806 -25.07 14.99 0.17
CA GLU B 806 -25.70 14.48 -1.08
C GLU B 806 -27.16 14.07 -0.81
N SER B 807 -27.47 13.63 0.43
CA SER B 807 -28.83 13.25 0.88
C SER B 807 -29.82 14.42 0.80
N ASN B 808 -29.33 15.66 0.85
CA ASN B 808 -30.16 16.88 0.82
C ASN B 808 -30.54 17.23 -0.63
N PRO B 836 -50.86 2.58 -13.85
CA PRO B 836 -51.15 4.01 -13.71
C PRO B 836 -50.82 4.57 -12.32
N TYR B 837 -51.48 4.09 -11.25
CA TYR B 837 -51.14 4.45 -9.85
C TYR B 837 -49.68 4.10 -9.62
N ARG B 838 -49.31 2.94 -10.11
CA ARG B 838 -47.98 2.33 -9.91
C ARG B 838 -46.93 3.00 -10.77
N LYS B 839 -47.27 3.27 -12.02
CA LYS B 839 -46.34 3.98 -12.92
C LYS B 839 -46.05 5.35 -12.31
N GLU B 840 -47.10 6.02 -11.83
CA GLU B 840 -47.01 7.36 -11.22
C GLU B 840 -46.07 7.32 -10.02
N LEU B 841 -46.24 6.35 -9.14
CA LEU B 841 -45.43 6.26 -7.91
C LEU B 841 -44.00 5.86 -8.26
N GLN B 842 -43.84 4.96 -9.22
CA GLN B 842 -42.53 4.61 -9.78
C GLN B 842 -41.80 5.89 -10.17
N ARG B 843 -42.48 6.76 -10.91
CA ARG B 843 -41.83 7.98 -11.41
C ARG B 843 -41.60 8.95 -10.27
N GLU B 844 -42.57 9.06 -9.35
CA GLU B 844 -42.46 9.92 -8.18
C GLU B 844 -41.18 9.62 -7.42
N LYS B 845 -40.91 8.33 -7.26
CA LYS B 845 -39.72 7.89 -6.57
C LYS B 845 -38.47 8.07 -7.44
N LYS B 846 -38.59 7.84 -8.74
CA LYS B 846 -37.46 8.08 -9.66
C LYS B 846 -37.06 9.54 -9.64
N LYS B 847 -37.99 10.42 -9.34
CA LYS B 847 -37.71 11.87 -9.37
C LYS B 847 -37.01 12.33 -8.09
N MET B 848 -37.39 11.78 -6.94
CA MET B 848 -36.59 11.99 -5.70
C MET B 848 -35.18 11.38 -5.86
N LEU B 849 -35.09 10.31 -6.67
CA LEU B 849 -33.83 9.63 -7.02
C LEU B 849 -33.07 10.35 -8.11
N GLN B 850 -33.67 11.33 -8.76
CA GLN B 850 -32.99 12.05 -9.85
C GLN B 850 -31.75 12.67 -9.29
N THR B 851 -30.68 12.43 -10.03
CA THR B 851 -29.34 12.32 -9.45
C THR B 851 -29.01 13.70 -8.88
N ASN B 852 -28.68 13.71 -7.58
CA ASN B 852 -28.10 14.85 -6.87
C ASN B 852 -26.58 14.66 -6.85
N LEU B 853 -25.95 15.13 -7.93
CA LEU B 853 -24.48 15.10 -8.10
C LEU B 853 -23.82 16.23 -7.31
N LYS B 854 -24.56 17.01 -6.53
CA LYS B 854 -24.17 18.38 -6.20
C LYS B 854 -23.73 18.44 -4.75
N VAL B 855 -22.52 18.95 -4.55
CA VAL B 855 -21.83 18.93 -3.24
C VAL B 855 -21.22 20.30 -2.97
N SER B 856 -21.47 20.85 -1.79
CA SER B 856 -21.13 22.25 -1.51
C SER B 856 -19.65 22.44 -1.55
N GLY B 857 -19.18 23.22 -2.52
CA GLY B 857 -17.76 23.49 -2.63
C GLY B 857 -17.23 24.23 -1.42
N ALA B 858 -18.10 24.95 -0.71
CA ALA B 858 -17.70 25.58 0.57
C ALA B 858 -17.20 24.49 1.53
N LEU B 859 -17.99 23.44 1.67
CA LEU B 859 -17.55 22.29 2.48
C LEU B 859 -16.26 21.69 1.92
N TYR B 860 -16.23 21.52 0.60
CA TYR B 860 -15.04 21.02 -0.09
C TYR B 860 -13.86 21.90 0.27
N ARG B 861 -14.08 23.21 0.28
CA ARG B 861 -13.03 24.20 0.64
C ARG B 861 -12.52 23.94 2.05
N GLU B 862 -13.45 23.80 2.98
CA GLU B 862 -13.12 23.56 4.38
C GLU B 862 -12.24 22.33 4.50
N ILE B 863 -12.69 21.26 3.89
CA ILE B 863 -11.98 19.98 4.03
C ILE B 863 -10.61 20.06 3.37
N THR B 864 -10.53 20.76 2.24
CA THR B 864 -9.26 20.93 1.54
C THR B 864 -8.29 21.62 2.47
N LEU B 865 -8.75 22.65 3.15
CA LEU B 865 -7.83 23.41 4.01
C LEU B 865 -7.41 22.53 5.18
N LYS B 866 -8.34 21.76 5.72
CA LYS B 866 -8.01 20.83 6.81
C LYS B 866 -6.94 19.85 6.38
N VAL B 867 -7.25 19.22 5.26
CA VAL B 867 -6.31 18.33 4.57
C VAL B 867 -4.95 19.03 4.41
N ALA B 868 -4.97 20.33 4.15
CA ALA B 868 -3.75 21.07 3.83
C ALA B 868 -2.87 21.09 5.04
N GLU B 869 -3.45 21.40 6.16
CA GLU B 869 -2.66 21.35 7.38
C GLU B 869 -2.16 19.91 7.57
N VAL B 870 -2.99 18.94 7.29
CA VAL B 870 -2.58 17.55 7.57
C VAL B 870 -1.41 17.21 6.67
N GLN B 871 -1.52 17.60 5.41
CA GLN B 871 -0.50 17.25 4.42
C GLN B 871 0.81 17.92 4.76
N LEU B 872 0.71 19.12 5.29
CA LEU B 872 1.88 19.82 5.80
C LEU B 872 2.54 18.90 6.81
N LYS B 873 1.79 18.34 7.75
CA LYS B 873 2.47 17.50 8.76
C LYS B 873 3.07 16.25 8.12
N SER B 874 2.37 15.71 7.12
CA SER B 874 2.79 14.46 6.45
C SER B 874 4.11 14.67 5.76
N ASP B 875 4.24 15.79 5.08
CA ASP B 875 5.48 16.10 4.35
C ASP B 875 6.62 16.40 5.35
N PHE B 876 6.29 17.04 6.43
CA PHE B 876 7.29 17.26 7.44
C PHE B 876 7.83 15.93 7.91
N ALA B 877 6.98 14.94 8.07
CA ALA B 877 7.47 13.61 8.47
C ALA B 877 8.27 12.95 7.34
N ALA B 878 7.75 12.97 6.10
CA ALA B 878 8.37 12.29 4.97
C ALA B 878 9.79 12.80 4.74
N GLN B 879 10.07 14.06 5.00
CA GLN B 879 11.39 14.59 4.64
C GLN B 879 12.41 14.11 5.64
N LYS B 880 12.02 13.83 6.86
CA LYS B 880 12.96 13.28 7.84
C LYS B 880 13.42 11.89 7.40
N LEU B 881 12.58 11.23 6.61
CA LEU B 881 12.75 9.79 6.33
C LEU B 881 13.80 9.59 5.27
N SER B 882 13.60 10.13 4.07
CA SER B 882 14.58 10.00 3.01
C SER B 882 15.92 10.65 3.38
N ASN B 883 15.94 11.50 4.38
CA ASN B 883 17.22 11.96 4.94
C ASN B 883 18.00 10.79 5.50
N LEU B 884 17.27 9.82 6.02
CA LEU B 884 17.90 8.66 6.66
C LEU B 884 17.18 7.38 6.22
N MET C 26 -34.61 112.74 -18.00
CA MET C 26 -35.21 112.39 -19.35
C MET C 26 -34.49 111.23 -20.03
N ALA C 27 -33.65 110.47 -19.29
CA ALA C 27 -32.72 109.47 -19.85
C ALA C 27 -33.10 108.06 -19.42
N GLN C 28 -33.12 107.80 -18.10
CA GLN C 28 -33.30 106.44 -17.56
C GLN C 28 -34.79 106.08 -17.46
N ASP C 29 -35.59 106.90 -16.75
CA ASP C 29 -37.07 106.84 -16.64
C ASP C 29 -37.60 105.62 -15.89
N SER C 30 -36.80 104.57 -15.63
CA SER C 30 -37.16 103.51 -14.67
C SER C 30 -35.97 102.92 -13.94
N VAL C 31 -34.79 102.84 -14.54
CA VAL C 31 -33.87 101.71 -14.30
C VAL C 31 -33.02 101.95 -13.05
N ASP C 32 -32.53 103.17 -12.85
CA ASP C 32 -31.81 103.52 -11.60
C ASP C 32 -32.74 103.33 -10.41
N LEU C 33 -34.04 103.52 -10.62
CA LEU C 33 -35.09 103.26 -9.63
C LEU C 33 -35.58 101.80 -9.71
N SER C 34 -35.72 101.23 -10.92
CA SER C 34 -36.36 99.90 -11.08
C SER C 34 -35.43 98.78 -10.61
N CYS C 35 -34.13 99.00 -10.65
CA CYS C 35 -33.16 98.02 -10.12
C CYS C 35 -33.19 98.03 -8.60
N ASP C 36 -33.07 99.22 -8.03
CA ASP C 36 -33.13 99.39 -6.57
C ASP C 36 -34.49 98.93 -6.06
N TYR C 37 -35.53 98.97 -6.90
CA TYR C 37 -36.83 98.38 -6.54
C TYR C 37 -36.64 96.93 -6.11
N GLN C 38 -36.08 96.12 -6.99
CA GLN C 38 -35.92 94.69 -6.67
C GLN C 38 -34.94 94.56 -5.50
N PHE C 39 -33.90 95.40 -5.44
CA PHE C 39 -32.91 95.34 -4.35
C PHE C 39 -33.63 95.46 -3.00
N TRP C 40 -34.30 96.59 -2.80
CA TRP C 40 -35.02 96.84 -1.56
C TRP C 40 -36.13 95.81 -1.37
N MET C 41 -36.71 95.33 -2.47
CA MET C 41 -37.81 94.35 -2.38
C MET C 41 -37.30 93.07 -1.72
N GLN C 42 -36.27 92.45 -2.29
CA GLN C 42 -35.72 91.21 -1.72
C GLN C 42 -34.87 91.50 -0.49
N LYS C 43 -34.71 92.75 -0.08
CA LYS C 43 -34.18 93.11 1.24
C LYS C 43 -35.27 93.13 2.32
N LEU C 44 -36.48 93.55 1.97
CA LEU C 44 -37.62 93.42 2.89
C LEU C 44 -37.82 91.95 3.26
N SER C 45 -37.65 91.06 2.29
CA SER C 45 -37.77 89.62 2.53
C SER C 45 -36.70 89.17 3.51
N VAL C 46 -35.54 89.82 3.50
CA VAL C 46 -34.50 89.55 4.52
C VAL C 46 -35.01 89.97 5.89
N TRP C 47 -35.42 91.22 6.02
CA TRP C 47 -35.68 91.80 7.35
C TRP C 47 -36.99 91.27 7.93
N ASP C 48 -38.12 91.60 7.30
CA ASP C 48 -39.44 91.04 7.66
C ASP C 48 -39.76 91.19 9.15
N GLN C 49 -39.99 92.43 9.59
CA GLN C 49 -40.40 92.82 10.97
C GLN C 49 -39.24 92.79 11.97
N ALA C 50 -38.09 92.23 11.59
CA ALA C 50 -36.86 92.31 12.36
C ALA C 50 -37.10 91.92 13.82
N SER C 51 -37.46 90.66 14.00
CA SER C 51 -37.66 90.08 15.34
C SER C 51 -36.36 89.41 15.82
N THR C 52 -35.22 89.96 15.43
CA THR C 52 -33.89 89.36 15.63
C THR C 52 -32.93 90.44 16.11
N LEU C 53 -31.64 90.18 16.01
CA LEU C 53 -30.61 91.24 16.18
C LEU C 53 -30.17 91.76 14.81
N GLU C 54 -29.99 90.86 13.84
CA GLU C 54 -29.21 91.17 12.63
C GLU C 54 -30.10 91.80 11.56
N THR C 55 -31.33 91.30 11.40
CA THR C 55 -32.36 92.00 10.62
C THR C 55 -32.43 93.46 11.09
N GLN C 56 -32.49 93.65 12.40
CA GLN C 56 -32.57 94.97 13.00
C GLN C 56 -31.37 95.81 12.59
N GLN C 57 -30.17 95.28 12.81
CA GLN C 57 -28.93 96.04 12.55
C GLN C 57 -28.84 96.46 11.09
N ASP C 58 -29.08 95.53 10.16
CA ASP C 58 -29.00 95.83 8.73
C ASP C 58 -30.04 96.89 8.36
N THR C 59 -31.26 96.70 8.86
CA THR C 59 -32.37 97.61 8.59
C THR C 59 -31.99 99.03 9.06
N CYS C 60 -31.36 99.12 10.22
CA CYS C 60 -30.98 100.42 10.80
C CYS C 60 -30.06 101.19 9.86
N LEU C 61 -29.06 100.53 9.28
CA LEU C 61 -28.11 101.24 8.41
C LEU C 61 -28.73 101.54 7.06
N HIS C 62 -29.64 100.67 6.57
CA HIS C 62 -30.21 100.78 5.21
C HIS C 62 -31.51 101.60 5.15
N VAL C 63 -31.97 102.10 6.28
CA VAL C 63 -33.24 102.85 6.36
C VAL C 63 -33.27 104.05 5.40
N ALA C 64 -32.37 105.02 5.59
CA ALA C 64 -32.55 106.36 5.01
C ALA C 64 -32.33 106.31 3.51
N GLN C 65 -31.45 105.43 3.06
CA GLN C 65 -31.19 105.28 1.63
C GLN C 65 -32.47 104.81 0.96
N PHE C 66 -33.09 103.82 1.57
CA PHE C 66 -34.41 103.36 1.14
C PHE C 66 -35.42 104.50 1.22
N GLN C 67 -35.26 105.39 2.18
CA GLN C 67 -36.20 106.51 2.29
C GLN C 67 -36.07 107.41 1.07
N GLU C 68 -34.86 107.67 0.62
CA GLU C 68 -34.69 108.52 -0.55
C GLU C 68 -35.22 107.80 -1.75
N PHE C 69 -35.03 106.49 -1.77
CA PHE C 69 -35.64 105.68 -2.82
C PHE C 69 -37.14 105.90 -2.83
N LEU C 70 -37.72 105.97 -1.65
CA LEU C 70 -39.17 106.19 -1.54
C LEU C 70 -39.53 107.57 -2.04
N ARG C 71 -38.66 108.54 -1.82
CA ARG C 71 -38.96 109.90 -2.31
C ARG C 71 -39.05 109.89 -3.82
N LYS C 72 -38.07 109.29 -4.47
CA LYS C 72 -38.07 109.21 -5.94
C LYS C 72 -39.28 108.44 -6.41
N MET C 73 -39.58 107.34 -5.72
CA MET C 73 -40.71 106.48 -6.07
C MET C 73 -42.02 107.28 -5.97
N TYR C 74 -42.19 107.96 -4.85
CA TYR C 74 -43.40 108.75 -4.62
C TYR C 74 -43.55 109.83 -5.69
N GLU C 75 -42.44 110.43 -6.09
CA GLU C 75 -42.48 111.44 -7.16
C GLU C 75 -42.96 110.77 -8.44
N ALA C 76 -42.37 109.62 -8.74
CA ALA C 76 -42.70 108.87 -9.95
C ALA C 76 -44.17 108.46 -9.96
N LEU C 77 -44.77 108.26 -8.78
CA LEU C 77 -46.18 107.84 -8.68
C LEU C 77 -47.11 109.04 -8.72
N LYS C 78 -46.80 110.05 -7.92
CA LYS C 78 -47.63 111.25 -7.81
C LYS C 78 -47.76 111.94 -9.17
N GLU C 79 -46.65 112.02 -9.92
CA GLU C 79 -46.69 112.66 -11.24
C GLU C 79 -47.72 111.96 -12.14
N MET C 80 -47.84 110.66 -12.00
CA MET C 80 -48.72 109.85 -12.85
C MET C 80 -49.98 109.45 -12.09
N ASP C 81 -50.81 108.66 -12.75
CA ASP C 81 -52.01 108.06 -12.16
C ASP C 81 -51.72 106.65 -11.69
N SER C 82 -52.69 106.09 -10.98
CA SER C 82 -52.67 104.69 -10.55
C SER C 82 -53.75 103.93 -11.32
N ASN C 83 -53.72 102.60 -11.20
CA ASN C 83 -54.77 101.70 -11.72
C ASN C 83 -54.80 101.66 -13.25
N THR C 84 -53.83 102.30 -13.90
CA THR C 84 -53.69 102.26 -15.37
C THR C 84 -52.32 101.70 -15.72
N VAL C 85 -51.28 102.26 -15.09
CA VAL C 85 -49.89 101.83 -15.35
C VAL C 85 -49.60 100.58 -14.52
N ILE C 86 -48.57 99.85 -14.92
CA ILE C 86 -48.18 98.59 -14.26
C ILE C 86 -46.67 98.52 -14.05
N GLU C 87 -46.01 99.68 -13.97
CA GLU C 87 -44.55 99.76 -14.11
C GLU C 87 -43.84 98.86 -13.11
N ARG C 88 -44.06 99.06 -11.81
CA ARG C 88 -43.67 98.08 -10.78
C ARG C 88 -44.83 97.80 -9.84
N PHE C 89 -46.03 98.18 -10.24
CA PHE C 89 -47.26 97.86 -9.52
C PHE C 89 -47.38 96.38 -9.16
N PRO C 90 -46.90 95.40 -9.96
CA PRO C 90 -46.99 94.00 -9.57
C PRO C 90 -46.69 93.64 -8.11
N THR C 91 -45.47 93.89 -7.62
CA THR C 91 -45.05 93.42 -6.28
C THR C 91 -45.25 94.52 -5.24
N ILE C 92 -45.97 95.57 -5.61
CA ILE C 92 -45.99 96.78 -4.78
C ILE C 92 -46.75 96.53 -3.49
N GLY C 93 -47.85 95.79 -3.56
CA GLY C 93 -48.66 95.55 -2.38
C GLY C 93 -47.86 94.75 -1.36
N GLN C 94 -47.16 93.73 -1.82
CA GLN C 94 -46.32 92.89 -0.94
C GLN C 94 -45.18 93.73 -0.35
N LEU C 95 -44.58 94.55 -1.19
CA LEU C 95 -43.52 95.47 -0.78
C LEU C 95 -43.98 96.35 0.37
N LEU C 96 -45.09 97.02 0.17
CA LEU C 96 -45.57 97.99 1.16
C LEU C 96 -46.02 97.26 2.41
N ALA C 97 -46.61 96.07 2.26
CA ALA C 97 -47.08 95.30 3.43
C ALA C 97 -45.87 94.91 4.27
N LYS C 98 -44.79 94.48 3.62
CA LYS C 98 -43.54 94.18 4.33
C LYS C 98 -43.09 95.42 5.11
N ALA C 99 -43.05 96.55 4.43
CA ALA C 99 -42.59 97.80 5.03
C ALA C 99 -43.45 98.15 6.25
N CYS C 100 -44.76 98.00 6.10
CA CYS C 100 -45.73 98.39 7.13
C CYS C 100 -45.58 97.54 8.37
N TRP C 101 -45.63 96.24 8.20
CA TRP C 101 -45.47 95.33 9.35
C TRP C 101 -44.08 95.49 9.94
N ASN C 102 -43.13 95.97 9.15
CA ASN C 102 -41.82 96.32 9.71
C ASN C 102 -41.99 97.62 10.43
N PRO C 103 -41.97 97.66 11.78
CA PRO C 103 -42.25 98.91 12.46
C PRO C 103 -41.08 99.91 12.46
N PHE C 104 -39.82 99.46 12.41
CA PHE C 104 -38.69 100.42 12.33
C PHE C 104 -38.74 101.30 11.09
N ILE C 105 -39.35 100.81 10.03
CA ILE C 105 -39.73 101.67 8.88
C ILE C 105 -40.49 102.90 9.37
N LEU C 106 -41.53 102.66 10.15
CA LEU C 106 -42.47 103.72 10.55
C LEU C 106 -41.81 104.66 11.56
N ALA C 107 -40.73 104.22 12.22
CA ALA C 107 -40.07 104.99 13.29
C ALA C 107 -39.18 106.11 12.73
N TYR C 108 -38.76 106.03 11.48
CA TYR C 108 -37.90 107.06 10.91
C TYR C 108 -38.72 108.21 10.37
N ASP C 109 -38.09 109.36 10.28
CA ASP C 109 -38.71 110.69 10.39
C ASP C 109 -39.97 110.85 9.55
N GLU C 110 -39.83 110.82 8.24
CA GLU C 110 -40.96 111.05 7.33
C GLU C 110 -41.26 109.82 6.48
N SER C 111 -40.63 108.69 6.81
CA SER C 111 -40.80 107.46 6.03
C SER C 111 -42.27 107.07 6.00
N GLN C 112 -42.85 107.05 7.19
CA GLN C 112 -44.27 106.77 7.39
C GLN C 112 -45.12 107.70 6.55
N LYS C 113 -44.82 108.97 6.59
CA LYS C 113 -45.66 109.96 5.92
C LYS C 113 -45.57 109.78 4.41
N ILE C 114 -44.40 109.42 3.94
CA ILE C 114 -44.19 109.18 2.51
C ILE C 114 -44.93 107.92 2.12
N LEU C 115 -44.99 106.97 3.02
CA LEU C 115 -45.79 105.77 2.77
C LEU C 115 -47.25 106.14 2.63
N ILE C 116 -47.70 107.04 3.50
CA ILE C 116 -49.07 107.54 3.42
C ILE C 116 -49.33 108.08 2.03
N TRP C 117 -48.51 109.05 1.65
CA TRP C 117 -48.70 109.73 0.37
C TRP C 117 -48.62 108.73 -0.78
N CYS C 118 -47.74 107.74 -0.65
CA CYS C 118 -47.60 106.69 -1.67
C CYS C 118 -48.92 105.96 -1.83
N LEU C 119 -49.48 105.52 -0.73
CA LEU C 119 -50.74 104.75 -0.77
C LEU C 119 -51.86 105.63 -1.28
N CYS C 120 -51.84 106.91 -0.93
CA CYS C 120 -52.80 107.88 -1.45
C CYS C 120 -52.68 107.98 -2.98
N CYS C 121 -51.48 107.88 -3.53
CA CYS C 121 -51.31 107.87 -5.00
C CYS C 121 -51.99 106.63 -5.58
N LEU C 122 -52.05 105.54 -4.81
CA LEU C 122 -52.52 104.24 -5.34
C LEU C 122 -54.03 104.14 -5.37
N ILE C 123 -54.71 104.83 -4.47
CA ILE C 123 -56.16 104.66 -4.32
C ILE C 123 -56.86 104.97 -5.63
N ASN C 124 -57.98 104.29 -5.88
CA ASN C 124 -58.92 104.62 -6.97
C ASN C 124 -60.23 105.11 -6.38
N LYS C 125 -60.71 106.24 -6.86
CA LYS C 125 -61.99 106.79 -6.38
C LYS C 125 -63.12 105.79 -6.66
N GLU C 126 -63.22 105.32 -7.90
CA GLU C 126 -64.33 104.46 -8.35
C GLU C 126 -63.73 103.17 -8.89
N PRO C 127 -63.38 102.18 -8.02
CA PRO C 127 -62.96 100.88 -8.51
C PRO C 127 -64.01 100.24 -9.41
N GLN C 128 -63.58 99.82 -10.61
CA GLN C 128 -64.48 99.38 -11.70
C GLN C 128 -64.37 97.88 -11.87
N ASN C 129 -63.17 97.37 -12.13
CA ASN C 129 -62.89 95.94 -11.93
C ASN C 129 -62.72 95.71 -10.44
N SER C 130 -63.20 94.57 -9.96
CA SER C 130 -63.21 94.28 -8.52
C SER C 130 -61.79 94.21 -7.94
N GLY C 131 -60.76 94.00 -8.77
CA GLY C 131 -59.37 94.05 -8.30
C GLY C 131 -59.04 95.41 -7.72
N GLN C 132 -59.59 96.47 -8.31
CA GLN C 132 -59.41 97.82 -7.77
C GLN C 132 -60.05 97.93 -6.38
N SER C 133 -61.26 97.43 -6.23
CA SER C 133 -61.94 97.41 -4.93
C SER C 133 -61.11 96.61 -3.92
N LYS C 134 -60.56 95.48 -4.35
CA LYS C 134 -59.74 94.62 -3.48
C LYS C 134 -58.52 95.37 -3.00
N LEU C 135 -57.85 96.05 -3.92
CA LEU C 135 -56.72 96.92 -3.63
C LEU C 135 -57.12 97.93 -2.56
N ASN C 136 -58.23 98.61 -2.78
CA ASN C 136 -58.60 99.72 -1.90
C ASN C 136 -58.96 99.21 -0.50
N SER C 137 -59.66 98.09 -0.45
CA SER C 137 -60.04 97.48 0.83
C SER C 137 -58.78 97.00 1.55
N TRP C 138 -57.88 96.38 0.81
CA TRP C 138 -56.59 95.93 1.35
C TRP C 138 -55.82 97.12 1.91
N ILE C 139 -55.89 98.25 1.23
CA ILE C 139 -55.23 99.49 1.68
C ILE C 139 -55.84 99.93 3.01
N GLN C 140 -57.17 100.03 3.04
CA GLN C 140 -57.87 100.45 4.27
C GLN C 140 -57.50 99.53 5.41
N GLY C 141 -57.36 98.24 5.09
CA GLY C 141 -57.02 97.24 6.09
C GLY C 141 -55.66 97.50 6.69
N VAL C 142 -54.66 97.64 5.83
CA VAL C 142 -53.30 97.89 6.35
C VAL C 142 -53.26 99.23 7.09
N LEU C 143 -54.05 100.19 6.64
CA LEU C 143 -54.08 101.50 7.30
C LEU C 143 -54.58 101.37 8.71
N SER C 144 -55.71 100.69 8.86
CA SER C 144 -56.25 100.44 10.20
C SER C 144 -55.26 99.61 11.01
N HIS C 145 -54.53 98.69 10.35
CA HIS C 145 -53.51 97.88 11.03
C HIS C 145 -52.44 98.78 11.63
N ILE C 146 -52.12 99.87 10.93
CA ILE C 146 -51.07 100.76 11.42
C ILE C 146 -51.63 101.69 12.48
N LEU C 147 -52.89 102.09 12.35
CA LEU C 147 -53.39 103.27 13.07
C LEU C 147 -54.31 102.94 14.24
N SER C 148 -55.16 101.93 14.09
CA SER C 148 -56.23 101.62 15.06
C SER C 148 -56.10 100.15 15.47
N ALA C 149 -54.87 99.71 15.75
CA ALA C 149 -54.56 98.30 16.05
C ALA C 149 -53.72 98.23 17.31
N LEU C 150 -54.22 97.55 18.33
CA LEU C 150 -53.41 97.20 19.52
C LEU C 150 -52.41 96.13 19.11
N ARG C 151 -51.16 96.54 19.03
CA ARG C 151 -50.03 95.62 18.80
C ARG C 151 -49.40 95.40 20.17
N PHE C 152 -50.21 94.88 21.08
CA PHE C 152 -49.95 95.10 22.50
C PHE C 152 -50.73 94.11 23.37
N ASP C 153 -50.45 94.12 24.68
CA ASP C 153 -51.21 93.33 25.68
C ASP C 153 -52.72 93.56 25.57
N LYS C 154 -53.49 92.58 26.00
CA LYS C 154 -54.96 92.56 25.82
C LYS C 154 -55.67 93.03 27.09
N GLU C 155 -55.09 92.74 28.25
CA GLU C 155 -55.72 93.10 29.53
C GLU C 155 -55.86 94.60 29.65
N VAL C 156 -54.75 95.31 29.44
CA VAL C 156 -54.76 96.79 29.53
C VAL C 156 -55.62 97.35 28.42
N ALA C 157 -55.67 96.68 27.27
CA ALA C 157 -56.55 97.08 26.16
C ALA C 157 -58.03 97.06 26.59
N LEU C 158 -58.46 95.93 27.13
CA LEU C 158 -59.87 95.74 27.48
C LEU C 158 -60.22 96.60 28.69
N PHE C 159 -59.28 96.81 29.60
CA PHE C 159 -59.45 97.71 30.75
C PHE C 159 -59.95 99.06 30.26
N THR C 160 -59.21 99.67 29.33
CA THR C 160 -59.54 101.01 28.83
C THR C 160 -60.77 100.97 27.92
N GLN C 161 -60.95 99.87 27.19
CA GLN C 161 -62.15 99.72 26.37
C GLN C 161 -63.39 99.79 27.24
N GLY C 162 -63.33 99.17 28.42
CA GLY C 162 -64.41 99.22 29.39
C GLY C 162 -64.52 100.59 30.02
N LEU C 163 -63.38 101.21 30.36
CA LEU C 163 -63.37 102.58 30.91
C LEU C 163 -63.93 103.59 29.90
N GLY C 164 -63.98 103.22 28.61
CA GLY C 164 -64.55 104.10 27.58
C GLY C 164 -63.52 105.13 27.15
N TYR C 165 -62.29 104.68 26.89
CA TYR C 165 -61.20 105.52 26.38
C TYR C 165 -60.86 105.06 24.96
N ALA C 166 -60.00 105.84 24.34
CA ALA C 166 -59.38 105.54 23.04
C ALA C 166 -57.88 105.32 23.22
N PRO C 167 -57.16 104.71 22.25
CA PRO C 167 -55.72 104.50 22.39
C PRO C 167 -55.00 105.83 22.63
N ILE C 168 -55.38 106.77 21.77
CA ILE C 168 -54.84 108.13 21.63
C ILE C 168 -54.70 108.79 22.99
N ASP C 169 -55.75 108.77 23.78
CA ASP C 169 -55.85 109.73 24.88
C ASP C 169 -54.93 109.37 26.04
N TYR C 170 -54.25 108.23 25.95
CA TYR C 170 -53.30 107.84 27.00
C TYR C 170 -51.97 107.34 26.44
N TYR C 171 -51.89 106.92 25.18
CA TYR C 171 -50.61 106.50 24.59
C TYR C 171 -49.47 107.44 24.89
N PRO C 172 -49.63 108.77 24.84
CA PRO C 172 -48.50 109.64 25.15
C PRO C 172 -48.00 109.46 26.58
N GLY C 173 -48.86 109.68 27.56
CA GLY C 173 -48.44 109.54 28.95
C GLY C 173 -48.04 108.11 29.25
N LEU C 174 -48.72 107.18 28.60
CA LEU C 174 -48.36 105.76 28.70
C LEU C 174 -46.91 105.57 28.32
N LEU C 175 -46.60 105.99 27.12
CA LEU C 175 -45.25 105.92 26.55
C LEU C 175 -44.27 106.54 27.52
N LYS C 176 -44.66 107.68 28.03
CA LYS C 176 -43.82 108.45 28.91
C LYS C 176 -43.50 107.60 30.14
N ASN C 177 -44.51 106.98 30.71
CA ASN C 177 -44.32 106.15 31.92
C ASN C 177 -43.39 105.00 31.62
N MET C 178 -43.60 104.38 30.47
CA MET C 178 -42.76 103.26 30.03
C MET C 178 -41.32 103.70 29.99
N VAL C 179 -41.09 104.86 29.42
CA VAL C 179 -39.73 105.39 29.31
C VAL C 179 -39.14 105.63 30.69
N LEU C 180 -39.94 106.23 31.56
CA LEU C 180 -39.43 106.75 32.83
C LEU C 180 -39.02 105.61 33.74
N SER C 181 -39.84 104.56 33.77
CA SER C 181 -39.53 103.36 34.55
C SER C 181 -38.14 102.86 34.22
N LEU C 182 -37.85 102.80 32.92
CA LEU C 182 -36.60 102.24 32.46
C LEU C 182 -35.47 103.19 32.75
N ALA C 183 -35.74 104.47 32.58
CA ALA C 183 -34.72 105.48 32.85
C ALA C 183 -34.24 105.40 34.30
N SER C 184 -35.18 105.28 35.21
CA SER C 184 -34.82 105.11 36.62
C SER C 184 -34.05 103.82 36.78
N GLU C 185 -34.56 102.76 36.15
CA GLU C 185 -33.99 101.42 36.31
C GLU C 185 -32.52 101.42 35.96
N LEU C 186 -32.20 102.13 34.90
CA LEU C 186 -30.82 102.11 34.42
C LEU C 186 -29.93 102.89 35.36
N ARG C 187 -30.47 103.93 35.97
CA ARG C 187 -29.72 104.64 37.01
C ARG C 187 -29.43 103.70 38.17
N GLU C 188 -30.41 102.87 38.51
CA GLU C 188 -30.21 101.89 39.57
C GLU C 188 -29.07 100.98 39.18
N ASN C 189 -29.11 100.50 37.95
CA ASN C 189 -28.10 99.54 37.47
C ASN C 189 -26.73 100.18 37.49
N HIS C 190 -26.67 101.45 37.17
CA HIS C 190 -25.40 102.18 37.18
C HIS C 190 -24.87 102.33 38.58
N LEU C 191 -25.77 102.66 39.49
CA LEU C 191 -25.38 102.84 40.89
C LEU C 191 -24.92 101.54 41.50
N ASN C 192 -25.46 100.42 41.03
CA ASN C 192 -25.08 99.11 41.56
C ASN C 192 -23.69 98.72 41.06
N GLY C 193 -22.67 99.41 41.56
CA GLY C 193 -21.29 99.16 41.20
C GLY C 193 -20.67 98.01 41.96
N PHE C 194 -20.92 96.78 41.52
CA PHE C 194 -20.67 95.55 42.27
C PHE C 194 -21.59 95.47 43.49
N ASN C 195 -22.89 95.32 43.22
CA ASN C 195 -23.84 94.83 44.22
C ASN C 195 -24.32 93.44 43.83
N THR C 196 -24.98 92.76 44.75
CA THR C 196 -25.50 91.40 44.55
C THR C 196 -26.79 91.40 43.72
N GLN C 197 -27.31 92.57 43.38
CA GLN C 197 -28.68 92.68 42.92
C GLN C 197 -28.76 92.32 41.46
N ARG C 198 -29.92 92.58 40.89
CA ARG C 198 -30.17 92.37 39.45
C ARG C 198 -29.19 93.21 38.62
N ARG C 199 -28.23 92.55 37.98
CA ARG C 199 -27.45 93.16 36.90
C ARG C 199 -28.30 93.08 35.65
N MET C 200 -28.91 94.21 35.29
CA MET C 200 -29.89 94.29 34.21
C MET C 200 -29.29 93.66 32.96
N ALA C 201 -30.15 93.07 32.16
CA ALA C 201 -29.72 92.32 30.98
C ALA C 201 -28.99 93.25 30.03
N PRO C 202 -27.69 93.07 29.77
CA PRO C 202 -27.06 93.83 28.69
C PRO C 202 -27.71 93.55 27.32
N GLU C 203 -28.39 92.42 27.19
CA GLU C 203 -29.14 92.11 25.96
C GLU C 203 -30.29 93.09 25.76
N ARG C 204 -31.06 93.35 26.81
CA ARG C 204 -32.14 94.35 26.73
C ARG C 204 -31.54 95.73 26.43
N VAL C 205 -30.40 96.05 27.04
CA VAL C 205 -29.73 97.34 26.80
C VAL C 205 -29.40 97.46 25.31
N ALA C 206 -28.82 96.40 24.78
CA ALA C 206 -28.44 96.39 23.37
C ALA C 206 -29.69 96.46 22.50
N SER C 207 -30.77 95.83 22.93
CA SER C 207 -32.05 95.93 22.22
C SER C 207 -32.49 97.40 22.16
N LEU C 208 -32.42 98.09 23.29
CA LEU C 208 -32.84 99.50 23.33
C LEU C 208 -31.96 100.34 22.45
N SER C 209 -30.68 100.01 22.41
CA SER C 209 -29.71 100.78 21.63
C SER C 209 -30.19 100.83 20.17
N ARG C 210 -30.78 99.74 19.67
CA ARG C 210 -31.27 99.70 18.29
C ARG C 210 -32.68 100.23 18.21
N VAL C 211 -33.43 100.14 19.31
CA VAL C 211 -34.83 100.57 19.28
C VAL C 211 -34.91 102.10 19.24
N CYS C 212 -34.00 102.79 19.94
CA CYS C 212 -34.08 104.27 20.07
C CYS C 212 -33.88 104.98 18.75
N VAL C 213 -32.95 104.48 17.96
CA VAL C 213 -32.32 105.27 16.92
C VAL C 213 -33.29 105.58 15.80
N PRO C 214 -34.08 104.64 15.28
CA PRO C 214 -35.06 104.99 14.26
C PRO C 214 -35.97 106.16 14.61
N LEU C 215 -36.41 106.18 15.86
CA LEU C 215 -37.30 107.23 16.35
C LEU C 215 -36.56 108.17 17.30
N ILE C 216 -35.27 108.35 17.07
CA ILE C 216 -34.44 109.25 17.90
C ILE C 216 -35.00 110.66 17.93
N THR C 217 -35.69 111.06 16.87
CA THR C 217 -36.18 112.44 16.73
C THR C 217 -37.42 112.66 17.59
N LEU C 218 -38.15 111.59 17.85
CA LEU C 218 -39.42 111.67 18.59
C LEU C 218 -39.16 112.18 19.99
N THR C 219 -39.90 113.20 20.38
CA THR C 219 -39.47 114.08 21.47
C THR C 219 -39.55 113.38 22.81
N ASP C 220 -40.31 112.30 22.93
CA ASP C 220 -40.61 111.72 24.26
C ASP C 220 -39.49 110.81 24.77
N VAL C 221 -38.32 110.88 24.17
CA VAL C 221 -37.29 109.84 24.30
C VAL C 221 -36.01 110.36 24.93
N ASP C 222 -35.75 111.64 24.78
CA ASP C 222 -34.53 112.34 25.21
C ASP C 222 -33.96 111.86 26.55
N PRO C 223 -34.77 111.75 27.62
CA PRO C 223 -34.19 111.33 28.89
C PRO C 223 -33.65 109.92 28.85
N LEU C 224 -34.32 109.06 28.10
CA LEU C 224 -33.81 107.70 27.95
C LEU C 224 -32.41 107.70 27.37
N VAL C 225 -32.21 108.52 26.36
CA VAL C 225 -30.97 108.48 25.60
C VAL C 225 -29.89 109.06 26.49
N GLU C 226 -30.23 110.15 27.13
CA GLU C 226 -29.38 110.77 28.14
C GLU C 226 -28.91 109.71 29.13
N ALA C 227 -29.84 108.91 29.60
CA ALA C 227 -29.54 107.90 30.61
C ALA C 227 -28.69 106.79 30.01
N LEU C 228 -28.96 106.44 28.77
CA LEU C 228 -28.13 105.42 28.10
C LEU C 228 -26.69 105.85 28.02
N LEU C 229 -26.47 107.13 27.70
CA LEU C 229 -25.12 107.65 27.51
C LEU C 229 -24.42 107.89 28.82
N ILE C 230 -25.16 108.10 29.89
CA ILE C 230 -24.57 108.41 31.20
C ILE C 230 -24.35 107.18 32.04
N CYS C 231 -25.38 106.35 32.16
CA CYS C 231 -25.29 105.17 33.01
C CYS C 231 -24.34 104.19 32.34
N HIS C 232 -23.05 104.44 32.53
CA HIS C 232 -22.03 103.73 31.75
C HIS C 232 -21.84 102.32 32.31
N GLY C 233 -21.77 102.18 33.63
CA GLY C 233 -21.62 100.84 34.21
C GLY C 233 -20.19 100.36 34.09
N ARG C 234 -19.97 99.11 34.43
CA ARG C 234 -18.60 98.63 34.69
C ARG C 234 -18.15 97.57 33.69
N GLU C 235 -18.65 97.61 32.48
CA GLU C 235 -18.13 96.67 31.47
C GLU C 235 -16.73 97.14 31.07
N PRO C 236 -15.79 96.22 30.77
CA PRO C 236 -14.53 96.64 30.18
C PRO C 236 -14.68 96.76 28.68
N GLN C 237 -15.77 96.24 28.10
CA GLN C 237 -15.98 96.26 26.66
C GLN C 237 -17.28 96.95 26.34
N GLU C 238 -17.32 97.58 25.17
CA GLU C 238 -18.53 98.26 24.73
C GLU C 238 -19.62 97.23 24.49
N ILE C 239 -20.85 97.65 24.75
CA ILE C 239 -22.04 96.79 24.68
C ILE C 239 -23.12 97.44 23.84
N LEU C 240 -22.98 98.71 23.50
CA LEU C 240 -23.86 99.36 22.51
C LEU C 240 -23.23 99.27 21.12
N GLN C 241 -24.06 99.48 20.10
CA GLN C 241 -23.60 99.47 18.71
C GLN C 241 -23.30 100.88 18.26
N PRO C 242 -22.17 101.14 17.62
CA PRO C 242 -21.83 102.53 17.29
C PRO C 242 -22.74 103.14 16.23
N GLU C 243 -23.54 102.33 15.52
CA GLU C 243 -24.60 102.86 14.66
C GLU C 243 -25.46 103.85 15.47
N PHE C 244 -25.76 103.48 16.71
CA PHE C 244 -26.49 104.35 17.63
C PHE C 244 -25.66 105.59 17.93
N PHE C 245 -24.38 105.40 18.29
CA PHE C 245 -23.51 106.55 18.63
C PHE C 245 -23.49 107.60 17.53
N GLU C 246 -23.36 107.17 16.30
CA GLU C 246 -23.20 108.11 15.20
C GLU C 246 -24.54 108.62 14.69
N ALA C 247 -25.61 107.83 14.73
CA ALA C 247 -26.95 108.36 14.45
C ALA C 247 -27.35 109.42 15.47
N VAL C 248 -26.83 109.31 16.68
CA VAL C 248 -27.02 110.36 17.70
C VAL C 248 -26.19 111.58 17.35
N ASN C 249 -24.94 111.34 17.01
CA ASN C 249 -24.01 112.41 16.64
C ASN C 249 -24.63 113.25 15.53
N GLU C 250 -25.30 112.58 14.59
CA GLU C 250 -25.96 113.28 13.49
C GLU C 250 -26.96 114.30 14.00
N ALA C 251 -27.92 113.86 14.80
CA ALA C 251 -28.96 114.78 15.27
C ALA C 251 -28.38 115.81 16.24
N ILE C 252 -27.28 115.53 16.95
CA ILE C 252 -26.65 116.57 17.80
C ILE C 252 -26.13 117.70 16.93
N LEU C 253 -25.24 117.36 16.02
CA LEU C 253 -24.59 118.38 15.18
C LEU C 253 -25.57 119.03 14.21
N LEU C 254 -26.71 118.40 13.99
CA LEU C 254 -27.79 119.02 13.21
C LEU C 254 -28.78 119.77 14.10
N LYS C 255 -28.64 119.68 15.42
CA LYS C 255 -29.46 120.48 16.36
C LYS C 255 -30.95 120.16 16.17
N LYS C 256 -31.28 118.88 16.24
CA LYS C 256 -32.67 118.37 16.20
C LYS C 256 -33.03 117.75 17.53
N ILE C 257 -32.12 117.79 18.51
CA ILE C 257 -32.22 116.95 19.70
C ILE C 257 -32.18 117.81 20.96
N SER C 258 -31.26 118.77 21.02
CA SER C 258 -31.16 119.71 22.14
C SER C 258 -30.95 118.99 23.47
N LEU C 259 -29.82 118.33 23.61
CA LEU C 259 -29.52 117.59 24.83
C LEU C 259 -28.77 118.45 25.83
N PRO C 260 -28.61 117.95 27.07
CA PRO C 260 -27.64 118.54 27.97
C PRO C 260 -26.22 118.32 27.51
N MET C 261 -25.28 118.73 28.35
CA MET C 261 -23.88 118.81 27.97
C MET C 261 -23.13 117.57 28.44
N SER C 262 -23.40 117.14 29.67
CA SER C 262 -22.66 116.02 30.26
C SER C 262 -22.88 114.76 29.43
N ALA C 263 -24.10 114.59 28.89
CA ALA C 263 -24.43 113.47 28.00
C ALA C 263 -23.48 113.42 26.81
N VAL C 264 -23.47 114.49 26.05
CA VAL C 264 -22.68 114.53 24.81
C VAL C 264 -21.19 114.44 25.15
N VAL C 265 -20.74 114.94 26.28
CA VAL C 265 -19.29 114.81 26.59
C VAL C 265 -18.94 113.34 26.75
N CYS C 266 -19.74 112.60 27.50
CA CYS C 266 -19.44 111.17 27.73
C CYS C 266 -19.53 110.41 26.39
N LEU C 267 -20.46 110.82 25.52
CA LEU C 267 -20.55 110.22 24.17
C LEU C 267 -19.25 110.44 23.44
N TRP C 268 -18.80 111.68 23.37
CA TRP C 268 -17.50 112.02 22.74
C TRP C 268 -16.41 111.22 23.39
N LEU C 269 -16.55 110.93 24.68
CA LEU C 269 -15.42 110.42 25.46
C LEU C 269 -15.34 108.90 25.41
N ARG C 270 -16.37 108.26 24.90
CA ARG C 270 -16.37 106.80 24.81
C ARG C 270 -16.34 106.33 23.35
N HIS C 271 -16.88 107.10 22.44
CA HIS C 271 -16.88 106.71 21.01
C HIS C 271 -16.07 107.71 20.21
N LEU C 272 -14.96 107.27 19.69
CA LEU C 272 -14.03 108.19 19.08
C LEU C 272 -14.45 108.63 17.70
N PRO C 273 -14.90 107.75 16.80
CA PRO C 273 -15.31 108.21 15.46
C PRO C 273 -16.39 109.28 15.45
N SER C 274 -17.20 109.34 16.51
CA SER C 274 -18.16 110.43 16.63
C SER C 274 -17.42 111.75 16.77
N LEU C 275 -16.48 111.82 17.71
CA LEU C 275 -15.63 113.02 17.89
C LEU C 275 -14.95 113.40 16.57
N GLU C 276 -14.34 112.42 15.94
CA GLU C 276 -13.62 112.68 14.71
C GLU C 276 -14.59 113.24 13.68
N LYS C 277 -15.71 112.57 13.50
CA LYS C 277 -16.66 112.97 12.47
C LYS C 277 -17.28 114.33 12.79
N ALA C 278 -17.32 114.73 14.05
CA ALA C 278 -17.87 116.05 14.40
C ALA C 278 -16.86 117.16 14.21
N MET C 279 -15.62 116.92 14.60
CA MET C 279 -14.56 117.87 14.28
C MET C 279 -14.45 118.09 12.76
N LEU C 280 -14.60 117.04 11.96
CA LEU C 280 -14.69 117.15 10.50
C LEU C 280 -15.82 118.12 10.11
N HIS C 281 -16.97 117.92 10.73
CA HIS C 281 -18.17 118.70 10.40
C HIS C 281 -17.95 120.16 10.67
N LEU C 282 -17.00 120.50 11.54
CA LEU C 282 -16.60 121.90 11.75
C LEU C 282 -15.88 122.44 10.52
N PHE C 283 -14.90 121.71 10.02
CA PHE C 283 -14.16 122.12 8.83
C PHE C 283 -15.11 122.31 7.65
N GLU C 284 -16.15 121.48 7.58
CA GLU C 284 -17.11 121.57 6.48
C GLU C 284 -17.66 122.98 6.33
N LYS C 285 -17.84 123.68 7.43
CA LYS C 285 -18.40 125.03 7.38
C LYS C 285 -17.37 126.04 6.93
N LEU C 286 -16.19 126.04 7.58
CA LEU C 286 -15.17 127.08 7.27
C LEU C 286 -14.63 126.92 5.85
N ILE C 287 -14.89 125.78 5.19
CA ILE C 287 -14.44 125.59 3.80
C ILE C 287 -15.62 125.76 2.85
N SER C 288 -16.72 125.08 3.13
CA SER C 288 -17.78 124.94 2.13
C SER C 288 -18.66 126.17 2.03
N SER C 289 -19.32 126.51 3.13
CA SER C 289 -20.47 127.42 3.08
C SER C 289 -20.08 128.83 3.50
N GLU C 290 -19.52 128.96 4.69
CA GLU C 290 -19.47 130.24 5.41
C GLU C 290 -18.02 130.70 5.57
N ARG C 291 -17.28 130.66 4.47
CA ARG C 291 -15.89 131.14 4.45
C ARG C 291 -15.80 132.56 4.98
N ASN C 292 -15.13 132.72 6.11
CA ASN C 292 -14.75 134.03 6.64
C ASN C 292 -16.00 134.83 7.06
N CYS C 293 -16.86 134.17 7.83
CA CYS C 293 -17.89 134.85 8.64
C CYS C 293 -17.70 134.29 10.05
N LEU C 294 -16.73 134.86 10.77
CA LEU C 294 -16.27 134.30 12.05
C LEU C 294 -17.36 134.23 13.11
N ARG C 295 -18.43 135.01 12.96
CA ARG C 295 -19.50 135.01 13.96
C ARG C 295 -20.34 133.76 13.82
N ARG C 296 -20.55 133.29 12.60
CA ARG C 296 -21.10 131.94 12.37
C ARG C 296 -20.27 130.89 13.08
N ILE C 297 -18.97 131.07 13.09
CA ILE C 297 -18.02 130.06 13.60
C ILE C 297 -18.04 130.04 15.12
N GLU C 298 -17.92 131.21 15.73
CA GLU C 298 -18.10 131.30 17.18
C GLU C 298 -19.48 130.78 17.58
N CYS C 299 -20.50 131.09 16.78
CA CYS C 299 -21.88 130.62 17.02
C CYS C 299 -21.90 129.09 17.04
N PHE C 300 -21.28 128.47 16.05
CA PHE C 300 -21.27 127.02 15.97
C PHE C 300 -20.53 126.39 17.14
N ILE C 301 -19.36 126.94 17.46
CA ILE C 301 -18.55 126.44 18.61
C ILE C 301 -19.37 126.48 19.89
N LYS C 302 -19.95 127.63 20.19
CA LYS C 302 -20.66 127.80 21.46
C LYS C 302 -22.00 127.10 21.43
N ASP C 303 -22.59 126.91 20.24
CA ASP C 303 -23.79 126.07 20.07
C ASP C 303 -23.49 124.66 20.56
N SER C 304 -22.45 124.05 20.03
CA SER C 304 -21.98 122.77 20.57
C SER C 304 -21.25 123.01 21.89
N SER C 305 -20.93 121.94 22.59
CA SER C 305 -20.21 122.03 23.87
C SER C 305 -18.77 121.66 23.66
N LEU C 306 -18.26 121.97 22.50
CA LEU C 306 -16.91 121.57 22.12
C LEU C 306 -15.86 122.14 23.03
N PRO C 307 -15.90 123.43 23.41
CA PRO C 307 -14.89 123.92 24.34
C PRO C 307 -15.10 123.35 25.74
N GLN C 308 -16.36 123.22 26.12
CA GLN C 308 -16.73 122.59 27.40
C GLN C 308 -16.18 121.16 27.44
N ALA C 309 -16.44 120.38 26.40
CA ALA C 309 -15.91 119.02 26.31
C ALA C 309 -14.39 119.07 26.31
N ALA C 310 -13.85 120.05 25.62
CA ALA C 310 -12.41 120.17 25.46
C ALA C 310 -11.74 120.48 26.79
N CYS C 311 -12.50 120.99 27.75
CA CYS C 311 -11.97 121.14 29.13
C CYS C 311 -11.37 119.84 29.64
N HIS C 312 -11.94 118.74 29.20
CA HIS C 312 -11.33 117.43 29.39
C HIS C 312 -10.02 117.36 28.59
N PRO C 313 -8.89 116.93 29.19
CA PRO C 313 -7.62 116.95 28.45
C PRO C 313 -7.59 116.14 27.16
N ALA C 314 -8.00 114.89 27.22
CA ALA C 314 -7.73 113.97 26.12
C ALA C 314 -8.40 114.46 24.85
N ILE C 315 -9.64 114.90 24.99
CA ILE C 315 -10.36 115.45 23.84
C ILE C 315 -9.59 116.65 23.26
N PHE C 316 -9.03 117.47 24.13
CA PHE C 316 -8.25 118.62 23.67
C PHE C 316 -7.08 118.14 22.84
N ARG C 317 -6.36 117.12 23.34
CA ARG C 317 -5.20 116.61 22.59
C ARG C 317 -5.60 116.09 21.23
N VAL C 318 -6.75 115.44 21.16
CA VAL C 318 -7.29 114.90 19.89
C VAL C 318 -7.46 116.02 18.88
N VAL C 319 -8.18 117.03 19.29
CA VAL C 319 -8.52 118.07 18.34
C VAL C 319 -7.26 118.85 17.97
N ASP C 320 -6.35 118.98 18.91
CA ASP C 320 -5.05 119.57 18.60
C ASP C 320 -4.33 118.79 17.51
N GLU C 321 -4.28 117.46 17.63
CA GLU C 321 -3.63 116.65 16.61
C GLU C 321 -4.35 116.82 15.27
N MET C 322 -5.66 116.87 15.28
CA MET C 322 -6.41 117.03 14.03
C MET C 322 -6.06 118.34 13.36
N PHE C 323 -6.06 119.41 14.13
CA PHE C 323 -5.69 120.71 13.54
C PHE C 323 -4.22 120.71 13.11
N ARG C 324 -3.36 119.98 13.80
CA ARG C 324 -1.94 119.95 13.42
C ARG C 324 -1.77 119.29 12.07
N CYS C 325 -2.44 118.16 11.86
CA CYS C 325 -2.46 117.51 10.53
C CYS C 325 -3.02 118.46 9.47
N ALA C 326 -4.13 119.12 9.79
CA ALA C 326 -4.75 120.10 8.87
C ALA C 326 -3.76 121.21 8.51
N LEU C 327 -3.00 121.65 9.50
CA LEU C 327 -2.05 122.75 9.35
C LEU C 327 -0.86 122.31 8.50
N LEU C 328 -0.42 121.07 8.61
CA LEU C 328 0.74 120.60 7.83
C LEU C 328 0.36 120.10 6.45
N GLU C 329 -0.91 119.85 6.18
CA GLU C 329 -1.34 119.68 4.77
C GLU C 329 -1.34 121.02 4.06
N THR C 330 -2.18 121.95 4.53
CA THR C 330 -2.21 123.33 4.01
C THR C 330 -1.26 124.20 4.80
N ASP C 331 -0.08 124.44 4.26
CA ASP C 331 1.03 125.03 5.03
C ASP C 331 0.75 126.50 5.35
N GLY C 332 -0.19 126.70 6.27
CA GLY C 332 -0.48 128.00 6.84
C GLY C 332 -1.84 128.57 6.45
N ALA C 333 -2.85 127.72 6.31
CA ALA C 333 -4.18 128.17 5.90
C ALA C 333 -4.77 129.16 6.91
N LEU C 334 -5.00 130.38 6.43
CA LEU C 334 -5.44 131.49 7.28
C LEU C 334 -6.80 131.18 7.92
N GLU C 335 -7.72 130.63 7.14
CA GLU C 335 -9.09 130.36 7.66
C GLU C 335 -9.01 129.38 8.83
N ILE C 336 -8.18 128.37 8.67
CA ILE C 336 -7.98 127.36 9.71
C ILE C 336 -7.39 128.00 10.96
N ILE C 337 -6.42 128.88 10.79
CA ILE C 337 -5.79 129.54 11.96
C ILE C 337 -6.83 130.41 12.67
N ALA C 338 -7.67 131.10 11.91
CA ALA C 338 -8.74 131.91 12.49
C ALA C 338 -9.66 131.03 13.33
N THR C 339 -10.07 129.91 12.75
CA THR C 339 -10.93 128.95 13.45
C THR C 339 -10.29 128.52 14.76
N ILE C 340 -8.99 128.22 14.72
CA ILE C 340 -8.22 127.80 15.92
C ILE C 340 -8.40 128.83 17.00
N GLN C 341 -8.21 130.08 16.66
CA GLN C 341 -8.14 131.08 17.72
C GLN C 341 -9.52 131.28 18.32
N VAL C 342 -10.57 131.19 17.50
CA VAL C 342 -11.95 131.27 18.03
C VAL C 342 -12.15 130.12 19.01
N PHE C 343 -11.78 128.93 18.60
CA PHE C 343 -11.97 127.75 19.45
C PHE C 343 -11.16 127.88 20.75
N THR C 344 -9.94 128.38 20.65
CA THR C 344 -9.09 128.56 21.82
C THR C 344 -9.73 129.53 22.80
N GLN C 345 -10.33 130.60 22.30
CA GLN C 345 -10.98 131.58 23.18
C GLN C 345 -12.15 130.94 23.91
N CYS C 346 -13.03 130.28 23.16
CA CYS C 346 -14.20 129.61 23.76
C CYS C 346 -13.75 128.61 24.83
N PHE C 347 -12.67 127.90 24.55
CA PHE C 347 -12.13 126.87 25.46
C PHE C 347 -11.60 127.53 26.73
N VAL C 348 -10.89 128.65 26.58
CA VAL C 348 -10.27 129.28 27.74
C VAL C 348 -11.37 129.77 28.67
N GLU C 349 -12.40 130.37 28.12
CA GLU C 349 -13.46 130.89 28.99
C GLU C 349 -14.24 129.73 29.62
N ALA C 350 -14.52 128.66 28.86
CA ALA C 350 -15.19 127.48 29.42
C ALA C 350 -14.36 126.86 30.53
N LEU C 351 -13.04 126.96 30.42
CA LEU C 351 -12.15 126.45 31.46
C LEU C 351 -12.22 127.34 32.70
N GLU C 352 -12.12 128.65 32.51
CA GLU C 352 -12.11 129.62 33.64
C GLU C 352 -13.44 129.56 34.37
N LYS C 353 -14.50 129.16 33.67
CA LYS C 353 -15.83 129.14 34.28
C LYS C 353 -15.93 128.04 35.34
N ALA C 354 -15.64 126.80 34.97
CA ALA C 354 -16.13 125.61 35.71
C ALA C 354 -14.98 124.71 36.14
N SER C 355 -13.88 125.29 36.61
CA SER C 355 -12.72 124.52 37.09
C SER C 355 -12.09 125.21 38.27
N LYS C 356 -12.90 125.63 39.23
CA LYS C 356 -12.37 126.48 40.31
C LYS C 356 -11.37 125.68 41.11
N GLN C 357 -11.83 124.61 41.72
CA GLN C 357 -10.96 123.74 42.50
C GLN C 357 -10.38 122.66 41.60
N LEU C 358 -9.06 122.48 41.68
CA LEU C 358 -8.36 121.36 41.02
C LEU C 358 -8.59 121.38 39.51
N ARG C 359 -8.01 122.37 38.85
CA ARG C 359 -7.97 122.40 37.40
C ARG C 359 -6.59 121.95 36.96
N PHE C 360 -6.54 121.42 35.75
CA PHE C 360 -5.33 120.76 35.24
C PHE C 360 -4.25 121.79 34.97
N ALA C 361 -3.02 121.47 35.35
CA ALA C 361 -1.84 122.28 35.01
C ALA C 361 -1.70 122.37 33.47
N LEU C 362 -1.50 123.57 32.94
CA LEU C 362 -1.63 123.86 31.50
C LEU C 362 -0.70 123.07 30.63
N LYS C 363 0.42 122.61 31.18
CA LYS C 363 1.29 121.71 30.42
C LYS C 363 0.68 120.32 30.31
N THR C 364 -0.47 120.10 30.91
CA THR C 364 -1.33 118.99 30.47
C THR C 364 -1.71 119.17 29.02
N TYR C 365 -2.42 120.23 28.73
CA TYR C 365 -2.91 120.50 27.37
C TYR C 365 -1.75 120.87 26.43
N PHE C 366 -0.68 121.43 26.98
CA PHE C 366 0.46 121.98 26.21
C PHE C 366 1.76 121.47 26.79
N PRO C 367 2.01 120.17 26.67
CA PRO C 367 3.14 119.57 27.39
C PRO C 367 4.50 119.88 26.82
N TYR C 368 4.58 119.85 25.50
CA TYR C 368 5.86 119.93 24.78
C TYR C 368 6.55 121.26 25.09
N THR C 369 5.78 122.32 25.20
CA THR C 369 6.31 123.63 25.56
C THR C 369 6.59 123.72 27.03
N SER C 370 7.39 124.71 27.39
CA SER C 370 7.51 125.12 28.79
C SER C 370 6.20 125.77 29.20
N PRO C 371 5.87 125.82 30.50
CA PRO C 371 4.59 126.44 30.88
C PRO C 371 4.70 127.96 30.99
N SER C 372 5.91 128.48 31.20
CA SER C 372 6.14 129.91 31.46
C SER C 372 5.60 130.74 30.30
N LEU C 373 5.99 130.39 29.08
CA LEU C 373 5.54 131.10 27.88
C LEU C 373 4.02 131.06 27.78
N ALA C 374 3.42 129.90 28.02
CA ALA C 374 1.97 129.76 27.98
C ALA C 374 1.35 130.76 28.96
N MET C 375 1.80 130.72 30.20
CA MET C 375 1.33 131.60 31.30
C MET C 375 1.28 133.06 30.87
N VAL C 376 2.23 133.46 30.04
CA VAL C 376 2.22 134.83 29.49
C VAL C 376 1.15 134.91 28.43
N LEU C 377 1.12 133.94 27.52
CA LEU C 377 0.21 133.97 26.37
C LEU C 377 -1.24 134.09 26.80
N LEU C 378 -1.57 133.56 27.97
CA LEU C 378 -2.98 133.48 28.38
C LEU C 378 -3.60 134.86 28.55
N GLN C 379 -2.80 135.84 28.92
CA GLN C 379 -3.30 137.18 29.27
C GLN C 379 -4.07 137.79 28.10
N ASP C 380 -5.26 138.31 28.36
CA ASP C 380 -6.08 138.94 27.32
C ASP C 380 -5.51 140.32 26.99
N PRO C 381 -5.58 140.78 25.73
CA PRO C 381 -5.23 142.17 25.45
C PRO C 381 -6.14 143.19 26.14
N GLN C 382 -7.41 142.84 26.31
CA GLN C 382 -8.39 143.78 26.90
C GLN C 382 -8.02 144.10 28.35
N ASP C 383 -7.29 143.21 29.02
CA ASP C 383 -6.81 143.46 30.39
C ASP C 383 -5.92 144.69 30.44
N ILE C 384 -5.07 144.86 29.43
CA ILE C 384 -3.91 145.77 29.51
C ILE C 384 -4.20 147.02 28.67
N PRO C 385 -3.69 148.21 29.03
CA PRO C 385 -3.83 149.37 28.14
C PRO C 385 -3.12 149.15 26.82
N ARG C 386 -3.50 149.95 25.84
CA ARG C 386 -3.01 149.78 24.46
C ARG C 386 -1.50 150.01 24.37
N GLY C 387 -0.90 150.76 25.30
CA GLY C 387 0.50 151.16 25.17
C GLY C 387 1.47 150.04 25.52
N HIS C 388 1.18 149.30 26.58
CA HIS C 388 2.12 148.30 27.11
C HIS C 388 2.13 147.04 26.27
N TRP C 389 1.21 146.91 25.32
CA TRP C 389 1.17 145.72 24.43
C TRP C 389 2.46 145.60 23.66
N LEU C 390 3.07 146.73 23.35
CA LEU C 390 4.44 146.74 22.82
C LEU C 390 5.38 145.95 23.73
N GLN C 391 5.43 146.30 25.01
CA GLN C 391 6.37 145.66 25.96
C GLN C 391 6.03 144.18 26.09
N THR C 392 4.74 143.88 26.10
CA THR C 392 4.25 142.50 26.12
C THR C 392 4.87 141.71 24.98
N LEU C 393 4.62 142.14 23.75
CA LEU C 393 5.11 141.42 22.56
C LEU C 393 6.63 141.40 22.56
N LYS C 394 7.26 142.43 23.11
CA LYS C 394 8.73 142.48 23.18
C LYS C 394 9.28 141.34 24.03
N HIS C 395 8.76 141.19 25.23
CA HIS C 395 9.19 140.08 26.09
C HIS C 395 8.82 138.74 25.46
N ILE C 396 7.66 138.68 24.80
CA ILE C 396 7.20 137.42 24.18
C ILE C 396 8.21 136.97 23.14
N SER C 397 8.50 137.83 22.19
CA SER C 397 9.42 137.49 21.08
C SER C 397 10.79 137.15 21.64
N GLU C 398 11.21 137.85 22.69
CA GLU C 398 12.46 137.53 23.39
C GLU C 398 12.44 136.07 23.81
N LEU C 399 11.37 135.66 24.48
CA LEU C 399 11.26 134.30 25.01
C LEU C 399 11.18 133.27 23.88
N LEU C 400 10.46 133.57 22.80
CA LEU C 400 10.42 132.65 21.64
C LEU C 400 11.83 132.46 21.08
N ARG C 401 12.62 133.53 21.07
CA ARG C 401 14.01 133.43 20.60
C ARG C 401 14.79 132.52 21.54
N GLU C 402 14.65 132.74 22.85
CA GLU C 402 15.34 131.89 23.85
C GLU C 402 14.94 130.43 23.64
N ALA C 403 13.73 130.20 23.19
CA ALA C 403 13.22 128.83 22.96
C ALA C 403 13.86 128.23 21.72
N VAL C 404 13.61 128.84 20.57
CA VAL C 404 13.81 128.13 19.29
C VAL C 404 15.24 128.31 18.81
N GLU C 405 15.82 129.49 19.03
CA GLU C 405 17.22 129.71 18.63
C GLU C 405 18.14 128.90 19.53
N ASP C 406 17.99 129.05 20.85
CA ASP C 406 18.73 128.23 21.83
C ASP C 406 17.92 126.94 22.10
N GLN C 407 17.64 126.19 21.04
CA GLN C 407 16.79 124.99 21.11
C GLN C 407 17.58 123.89 21.82
N THR C 408 17.50 123.90 23.14
CA THR C 408 18.12 122.89 23.99
C THR C 408 17.07 121.85 24.37
N HIS C 409 17.53 120.67 24.71
CA HIS C 409 16.66 119.62 25.27
C HIS C 409 16.05 120.12 26.59
N GLY C 410 14.92 119.56 26.97
CA GLY C 410 14.17 119.99 28.15
C GLY C 410 13.31 121.18 27.81
N SER C 411 12.63 121.07 26.68
CA SER C 411 11.90 122.19 26.07
C SER C 411 11.00 121.61 24.99
N CYS C 412 10.50 122.49 24.14
CA CYS C 412 9.86 122.06 22.89
C CYS C 412 10.83 121.22 22.09
N GLY C 413 10.31 120.35 21.24
CA GLY C 413 11.13 119.61 20.27
C GLY C 413 11.90 120.56 19.35
N GLY C 414 11.29 121.66 18.96
CA GLY C 414 11.91 122.56 18.00
C GLY C 414 11.02 123.72 17.60
N PRO C 415 11.21 124.28 16.40
CA PRO C 415 10.59 125.56 16.06
C PRO C 415 9.08 125.45 15.91
N PHE C 416 8.66 124.45 15.14
CA PHE C 416 7.27 124.24 14.75
C PHE C 416 6.36 124.21 15.96
N GLU C 417 6.84 123.62 17.03
CA GLU C 417 5.99 123.36 18.18
C GLU C 417 5.67 124.66 18.92
N SER C 418 6.68 125.45 19.23
CA SER C 418 6.45 126.76 19.82
C SER C 418 5.67 127.66 18.86
N TRP C 419 5.90 127.51 17.57
CA TRP C 419 5.12 128.28 16.57
C TRP C 419 3.64 127.92 16.66
N PHE C 420 3.34 126.63 16.77
CA PHE C 420 1.94 126.15 16.84
C PHE C 420 1.29 126.65 18.12
N LEU C 421 2.04 126.63 19.22
CA LEU C 421 1.61 127.25 20.49
C LEU C 421 1.22 128.70 20.22
N PHE C 422 2.10 129.42 19.56
CA PHE C 422 1.92 130.84 19.32
C PHE C 422 0.68 131.10 18.46
N ILE C 423 0.30 130.16 17.60
CA ILE C 423 -0.89 130.35 16.74
C ILE C 423 -2.11 130.63 17.59
N HIS C 424 -2.37 129.76 18.56
CA HIS C 424 -3.68 129.67 19.23
C HIS C 424 -4.11 130.99 19.84
N PHE C 425 -3.15 131.83 20.22
CA PHE C 425 -3.44 133.12 20.88
C PHE C 425 -3.46 134.21 19.83
N GLY C 426 -4.62 134.39 19.20
CA GLY C 426 -4.82 135.53 18.31
C GLY C 426 -4.73 136.84 19.08
N GLY C 427 -4.64 137.93 18.32
CA GLY C 427 -4.40 139.25 18.91
C GLY C 427 -2.92 139.44 19.20
N TRP C 428 -2.37 138.61 20.08
CA TRP C 428 -0.91 138.60 20.33
C TRP C 428 -0.17 138.20 19.07
N ALA C 429 -0.85 137.49 18.15
CA ALA C 429 -0.26 137.15 16.85
C ALA C 429 -0.36 138.31 15.86
N GLU C 430 -1.51 138.98 15.80
CA GLU C 430 -1.83 139.93 14.73
C GLU C 430 -1.34 141.33 15.03
N MET C 431 -1.10 141.61 16.31
CA MET C 431 -0.81 142.99 16.74
C MET C 431 0.58 143.45 16.29
N VAL C 432 1.43 142.55 15.80
CA VAL C 432 2.83 142.89 15.48
C VAL C 432 2.85 143.94 14.37
N ALA C 433 2.15 143.67 13.28
CA ALA C 433 2.14 144.58 12.13
C ALA C 433 1.58 145.94 12.55
N GLU C 434 0.32 145.96 12.98
CA GLU C 434 -0.36 147.20 13.35
C GLU C 434 0.46 148.00 14.36
N GLN C 435 1.11 147.33 15.32
CA GLN C 435 2.04 148.02 16.22
C GLN C 435 3.27 148.52 15.47
N LEU C 436 3.80 147.70 14.57
CA LEU C 436 4.99 148.11 13.80
C LEU C 436 4.66 149.29 12.89
N LEU C 437 3.44 149.35 12.37
CA LEU C 437 2.99 150.57 11.66
C LEU C 437 3.00 151.76 12.61
N MET C 438 2.64 151.54 13.87
CA MET C 438 2.64 152.60 14.90
C MET C 438 4.04 152.82 15.49
N SER C 439 5.02 151.96 15.18
CA SER C 439 6.39 152.07 15.70
C SER C 439 7.40 151.85 14.58
N ALA C 440 7.14 152.42 13.41
CA ALA C 440 8.13 152.43 12.31
C ALA C 440 9.26 153.41 12.61
N ALA C 441 9.17 154.16 13.69
CA ALA C 441 10.33 154.93 14.17
C ALA C 441 11.33 153.98 14.77
N GLU C 442 12.25 153.48 13.95
CA GLU C 442 13.22 152.47 14.39
C GLU C 442 12.47 151.25 14.90
N PRO C 443 11.81 150.49 14.01
CA PRO C 443 11.05 149.31 14.44
C PRO C 443 11.97 148.30 15.11
N PRO C 444 11.78 147.97 16.41
CA PRO C 444 12.76 147.14 17.12
C PRO C 444 12.86 145.73 16.53
N THR C 445 14.07 145.20 16.52
CA THR C 445 14.39 143.87 15.97
C THR C 445 13.51 142.78 16.59
N ALA C 446 13.03 142.99 17.82
CA ALA C 446 12.12 142.04 18.49
C ALA C 446 10.93 141.71 17.60
N LEU C 447 10.19 142.73 17.19
CA LEU C 447 8.98 142.53 16.39
C LEU C 447 9.33 141.99 15.01
N LEU C 448 10.47 142.41 14.48
CA LEU C 448 10.91 141.95 13.14
C LEU C 448 11.14 140.44 13.17
N TRP C 449 11.99 139.98 14.09
CA TRP C 449 12.25 138.55 14.27
C TRP C 449 10.95 137.82 14.55
N LEU C 450 10.09 138.44 15.34
CA LEU C 450 8.84 137.81 15.76
C LEU C 450 7.96 137.51 14.55
N LEU C 451 7.70 138.54 13.76
CA LEU C 451 6.79 138.38 12.63
C LEU C 451 7.44 137.53 11.56
N ALA C 452 8.76 137.59 11.49
CA ALA C 452 9.50 136.73 10.56
C ALA C 452 9.31 135.28 10.95
N PHE C 453 9.35 135.04 12.25
CA PHE C 453 9.16 133.68 12.79
C PHE C 453 7.73 133.24 12.55
N TYR C 454 6.82 134.19 12.65
CA TYR C 454 5.41 133.88 12.43
C TYR C 454 5.21 133.43 10.98
N TYR C 455 5.51 134.34 10.06
CA TYR C 455 5.27 134.07 8.64
C TYR C 455 6.19 132.98 8.12
N GLY C 456 7.29 132.75 8.80
CA GLY C 456 8.22 131.69 8.42
C GLY C 456 8.71 130.92 9.64
N PRO C 457 8.37 129.63 9.75
CA PRO C 457 9.18 128.72 10.57
C PRO C 457 10.18 127.96 9.70
N ARG C 458 11.13 127.30 10.34
CA ARG C 458 12.18 126.51 9.65
C ARG C 458 12.97 127.41 8.68
N ASP C 459 13.19 128.65 9.09
CA ASP C 459 13.84 129.65 8.22
C ASP C 459 15.35 129.56 8.37
N GLY C 460 15.84 129.59 9.61
CA GLY C 460 17.26 129.88 9.87
C GLY C 460 17.51 131.37 9.93
N ARG C 461 18.48 131.75 10.74
CA ARG C 461 18.76 133.19 10.98
C ARG C 461 19.22 133.87 9.70
N GLN C 462 19.89 133.14 8.81
CA GLN C 462 20.29 133.68 7.49
C GLN C 462 19.05 134.20 6.74
N GLN C 463 17.95 133.44 6.77
CA GLN C 463 16.71 133.82 6.07
C GLN C 463 16.00 134.92 6.86
N ARG C 464 16.03 134.82 8.19
CA ARG C 464 15.31 135.76 9.04
C ARG C 464 15.95 137.16 8.96
N ALA C 465 17.28 137.23 8.94
CA ALA C 465 17.99 138.52 8.79
C ALA C 465 17.70 139.12 7.41
N GLN C 466 17.67 138.28 6.37
CA GLN C 466 17.29 138.70 5.01
C GLN C 466 15.94 139.40 5.04
N THR C 467 14.91 138.68 5.47
CA THR C 467 13.54 139.22 5.51
C THR C 467 13.45 140.43 6.45
N MET C 468 14.26 140.45 7.51
CA MET C 468 14.31 141.60 8.45
C MET C 468 14.63 142.89 7.71
N VAL C 469 15.77 142.91 7.04
CA VAL C 469 16.21 144.11 6.33
C VAL C 469 15.28 144.39 5.15
N GLN C 470 14.72 143.35 4.52
CA GLN C 470 13.73 143.54 3.44
C GLN C 470 12.59 144.39 3.93
N VAL C 471 11.95 143.95 5.00
CA VAL C 471 10.75 144.64 5.49
C VAL C 471 11.15 145.97 6.12
N LYS C 472 12.37 146.08 6.65
CA LYS C 472 12.80 147.35 7.24
C LYS C 472 13.05 148.40 6.16
N ALA C 473 13.59 147.99 5.02
CA ALA C 473 13.70 148.88 3.86
C ALA C 473 12.30 149.25 3.36
N VAL C 474 11.38 148.28 3.34
CA VAL C 474 9.99 148.55 2.93
C VAL C 474 9.36 149.54 3.93
N LEU C 475 9.78 149.48 5.19
CA LEU C 475 9.29 150.46 6.18
C LEU C 475 9.88 151.84 5.94
N GLY C 476 11.17 151.91 5.59
CA GLY C 476 11.77 153.17 5.16
C GLY C 476 10.98 153.79 4.01
N HIS C 477 10.50 152.95 3.10
CA HIS C 477 9.60 153.41 2.01
C HIS C 477 8.29 153.92 2.61
N LEU C 478 7.57 153.05 3.30
CA LEU C 478 6.15 153.29 3.62
C LEU C 478 5.99 154.35 4.69
N LEU C 479 6.96 154.50 5.58
CA LEU C 479 6.93 155.61 6.56
C LEU C 479 6.84 156.93 5.83
N ALA C 480 7.84 157.23 4.99
CA ALA C 480 7.84 158.45 4.18
C ALA C 480 6.61 158.48 3.26
N MET C 481 6.14 157.33 2.80
CA MET C 481 4.97 157.27 1.89
C MET C 481 3.69 157.71 2.62
N SER C 482 3.59 157.40 3.92
CA SER C 482 2.46 157.85 4.76
C SER C 482 2.64 159.32 5.12
N ARG C 483 3.88 159.74 5.41
CA ARG C 483 4.19 161.15 5.72
C ARG C 483 3.84 162.03 4.51
N SER C 484 3.97 161.49 3.30
CA SER C 484 3.54 162.18 2.07
C SER C 484 2.01 162.18 1.99
N SER C 485 1.48 162.70 0.90
CA SER C 485 0.03 162.69 0.64
C SER C 485 -0.43 161.27 0.34
N SER C 486 -1.71 161.10 0.02
CA SER C 486 -2.23 159.80 -0.43
C SER C 486 -1.72 159.50 -1.84
N LEU C 487 -0.54 158.93 -1.94
CA LEU C 487 0.13 158.71 -3.23
C LEU C 487 -0.56 157.60 -4.01
N SER C 488 0.03 157.23 -5.15
CA SER C 488 -0.57 156.23 -6.05
C SER C 488 -0.50 154.84 -5.43
N ALA C 489 -1.07 153.88 -6.14
CA ALA C 489 -0.89 152.45 -5.85
C ALA C 489 0.31 151.87 -6.59
N GLN C 490 0.99 152.66 -7.42
CA GLN C 490 2.09 152.16 -8.27
C GLN C 490 3.43 152.36 -7.58
N ASP C 491 3.61 153.46 -6.84
CA ASP C 491 4.78 153.60 -5.94
C ASP C 491 4.78 152.48 -4.89
N LEU C 492 3.63 151.88 -4.62
CA LEU C 492 3.51 150.72 -3.71
C LEU C 492 3.84 149.42 -4.45
N GLN C 493 3.21 149.19 -5.61
CA GLN C 493 3.47 147.96 -6.38
C GLN C 493 4.93 147.90 -6.88
N THR C 494 5.62 149.05 -6.96
CA THR C 494 7.04 149.09 -7.38
C THR C 494 7.94 148.42 -6.35
N VAL C 495 7.70 148.67 -5.07
CA VAL C 495 8.51 148.09 -3.98
C VAL C 495 8.19 146.60 -3.76
N ALA C 496 7.23 146.03 -4.52
CA ALA C 496 6.91 144.58 -4.43
C ALA C 496 8.04 143.74 -5.05
N GLY C 497 8.26 143.88 -6.36
CA GLY C 497 9.27 143.10 -7.08
C GLY C 497 10.69 143.39 -6.61
N ALA C 506 7.71 134.35 -4.68
CA ALA C 506 8.74 135.03 -3.87
C ALA C 506 8.71 134.52 -2.42
N PRO C 507 9.84 134.53 -1.69
CA PRO C 507 9.85 134.04 -0.31
C PRO C 507 9.12 134.96 0.67
N ALA C 508 9.00 136.24 0.33
CA ALA C 508 8.24 137.24 1.11
C ALA C 508 7.27 137.93 0.16
N GLN C 509 6.13 137.27 -0.06
CA GLN C 509 5.02 137.83 -0.86
C GLN C 509 3.78 137.97 0.01
N GLN C 510 3.41 136.92 0.74
CA GLN C 510 2.18 136.94 1.55
C GLN C 510 2.41 137.83 2.78
N LEU C 511 3.57 137.65 3.41
CA LEU C 511 4.07 138.55 4.47
C LEU C 511 3.89 140.00 4.07
N ILE C 512 4.54 140.38 2.98
CA ILE C 512 4.57 141.79 2.57
C ILE C 512 3.17 142.20 2.17
N ARG C 513 2.41 141.29 1.58
CA ARG C 513 1.05 141.57 1.10
C ARG C 513 0.17 141.99 2.27
N HIS C 514 -0.04 141.07 3.21
CA HIS C 514 -0.90 141.37 4.37
C HIS C 514 -0.30 142.48 5.24
N LEU C 515 1.02 142.68 5.21
CA LEU C 515 1.63 143.85 5.86
C LEU C 515 1.09 145.13 5.23
N LEU C 516 1.10 145.18 3.90
CA LEU C 516 0.53 146.32 3.16
C LEU C 516 -0.94 146.49 3.50
N LEU C 517 -1.65 145.38 3.66
CA LEU C 517 -3.08 145.48 3.97
C LEU C 517 -3.27 146.11 5.35
N ASN C 518 -2.42 145.75 6.32
CA ASN C 518 -2.42 146.44 7.62
C ASN C 518 -2.18 147.94 7.38
N PHE C 519 -1.17 148.27 6.59
CA PHE C 519 -0.79 149.66 6.34
C PHE C 519 -1.95 150.45 5.75
N LEU C 520 -2.73 149.82 4.88
CA LEU C 520 -3.82 150.50 4.14
C LEU C 520 -4.83 151.09 5.13
N LEU C 521 -5.50 150.23 5.87
CA LEU C 521 -6.60 150.67 6.76
C LEU C 521 -6.05 151.59 7.86
N TRP C 522 -4.85 151.25 8.36
CA TRP C 522 -4.26 151.97 9.50
C TRP C 522 -3.94 153.40 9.08
N ALA C 523 -3.21 153.55 7.98
CA ALA C 523 -2.83 154.87 7.47
C ALA C 523 -4.09 155.56 6.97
N PRO C 524 -4.41 156.79 7.45
CA PRO C 524 -5.54 157.52 6.89
C PRO C 524 -5.31 157.96 5.44
N GLY C 525 -4.07 157.91 4.95
CA GLY C 525 -3.79 158.12 3.52
C GLY C 525 -4.48 157.12 2.63
N GLY C 526 -4.86 155.96 3.16
CA GLY C 526 -5.69 155.01 2.42
C GLY C 526 -7.11 155.52 2.22
N HIS C 527 -8.05 154.62 1.93
CA HIS C 527 -9.48 154.91 1.69
C HIS C 527 -9.70 155.63 0.35
N THR C 528 -8.63 155.86 -0.40
CA THR C 528 -8.69 156.57 -1.70
C THR C 528 -8.08 155.68 -2.78
N ILE C 529 -6.95 155.06 -2.46
CA ILE C 529 -6.21 154.21 -3.39
C ILE C 529 -6.40 152.76 -2.99
N ALA C 530 -7.45 152.48 -2.24
CA ALA C 530 -7.69 151.12 -1.75
C ALA C 530 -7.93 150.18 -2.93
N TRP C 531 -8.99 150.45 -3.68
CA TRP C 531 -9.35 149.60 -4.83
C TRP C 531 -8.20 149.52 -5.83
N ASP C 532 -7.41 150.57 -5.94
CA ASP C 532 -6.26 150.57 -6.87
C ASP C 532 -5.30 149.45 -6.48
N VAL C 533 -4.78 149.51 -5.25
CA VAL C 533 -3.87 148.48 -4.72
C VAL C 533 -4.53 147.12 -4.81
N ILE C 534 -5.82 147.07 -4.55
CA ILE C 534 -6.53 145.80 -4.37
C ILE C 534 -6.68 145.11 -5.72
N THR C 535 -7.20 145.82 -6.71
CA THR C 535 -7.36 145.26 -8.06
C THR C 535 -6.01 144.92 -8.66
N LEU C 536 -4.96 145.66 -8.29
CA LEU C 536 -3.59 145.29 -8.71
C LEU C 536 -3.23 143.91 -8.19
N MET C 537 -3.34 143.71 -6.88
CA MET C 537 -2.97 142.43 -6.27
C MET C 537 -4.05 141.36 -6.50
N ALA C 538 -5.20 141.71 -7.11
CA ALA C 538 -6.31 140.76 -7.36
C ALA C 538 -5.99 139.93 -8.60
N HIS C 539 -4.98 139.08 -8.48
CA HIS C 539 -4.61 138.13 -9.54
C HIS C 539 -5.70 137.06 -9.65
N THR C 540 -5.97 136.40 -8.53
CA THR C 540 -6.75 135.16 -8.47
C THR C 540 -7.95 135.34 -7.54
N ALA C 541 -8.69 134.26 -7.34
CA ALA C 541 -9.70 134.16 -6.29
C ALA C 541 -9.12 133.55 -5.01
N GLU C 542 -8.03 132.81 -5.11
CA GLU C 542 -7.40 132.20 -3.92
C GLU C 542 -6.84 133.29 -2.99
N ILE C 543 -6.06 134.19 -3.56
CA ILE C 543 -5.53 135.32 -2.78
C ILE C 543 -6.69 136.18 -2.30
N THR C 544 -7.74 136.30 -3.12
CA THR C 544 -8.96 137.05 -2.76
C THR C 544 -9.54 136.48 -1.46
N HIS C 545 -9.74 135.16 -1.42
CA HIS C 545 -10.31 134.49 -0.25
C HIS C 545 -9.38 134.63 0.96
N GLU C 546 -8.08 134.46 0.74
CA GLU C 546 -7.08 134.65 1.80
C GLU C 546 -7.24 136.01 2.46
N ILE C 547 -7.28 137.04 1.65
CA ILE C 547 -7.34 138.40 2.19
C ILE C 547 -8.71 138.66 2.79
N ILE C 548 -9.75 138.07 2.23
CA ILE C 548 -11.11 138.21 2.78
C ILE C 548 -11.11 137.68 4.22
N GLY C 549 -10.50 136.51 4.41
CA GLY C 549 -10.35 135.94 5.75
C GLY C 549 -9.57 136.87 6.65
N PHE C 550 -8.50 137.44 6.12
CA PHE C 550 -7.67 138.39 6.88
C PHE C 550 -8.52 139.57 7.35
N LEU C 551 -9.40 140.03 6.48
CA LEU C 551 -10.19 141.24 6.79
C LEU C 551 -11.27 140.93 7.81
N ASP C 552 -12.00 139.83 7.60
CA ASP C 552 -13.01 139.39 8.58
C ASP C 552 -12.32 139.21 9.92
N GLN C 553 -11.12 138.64 9.90
CA GLN C 553 -10.32 138.44 11.11
C GLN C 553 -10.09 139.77 11.82
N THR C 554 -9.59 140.74 11.09
CA THR C 554 -9.19 142.00 11.74
C THR C 554 -10.42 142.72 12.29
N LEU C 555 -11.51 142.72 11.55
CA LEU C 555 -12.74 143.37 12.02
C LEU C 555 -13.26 142.68 13.27
N TYR C 556 -13.29 141.36 13.24
CA TYR C 556 -13.68 140.52 14.38
C TYR C 556 -12.82 140.88 15.57
N ARG C 557 -11.51 141.00 15.35
CA ARG C 557 -10.57 141.34 16.41
C ARG C 557 -10.90 142.69 17.03
N TRP C 558 -11.09 143.68 16.18
CA TRP C 558 -11.39 145.02 16.67
C TRP C 558 -12.67 145.05 17.47
N ASN C 559 -13.72 144.41 16.93
CA ASN C 559 -15.03 144.45 17.61
C ASN C 559 -14.92 143.74 18.96
N ARG C 560 -14.15 142.67 19.04
CA ARG C 560 -14.00 141.95 20.32
C ARG C 560 -13.17 142.75 21.30
N LEU C 561 -12.13 143.43 20.79
CA LEU C 561 -11.20 144.15 21.66
C LEU C 561 -11.77 145.48 22.11
N GLY C 562 -12.81 145.99 21.43
CA GLY C 562 -13.27 147.35 21.66
C GLY C 562 -12.25 148.37 21.20
N ILE C 563 -11.41 148.01 20.23
CA ILE C 563 -10.36 148.89 19.66
C ILE C 563 -10.74 149.12 18.20
N GLU C 564 -11.10 150.37 17.86
CA GLU C 564 -11.64 150.68 16.53
C GLU C 564 -11.16 152.05 16.03
N SER C 565 -11.03 152.16 14.71
CA SER C 565 -11.06 153.43 13.95
C SER C 565 -12.23 153.29 12.98
N PRO C 566 -13.36 154.02 13.16
CA PRO C 566 -14.57 153.72 12.39
C PRO C 566 -14.38 153.93 10.88
N ARG C 567 -13.46 154.82 10.54
CA ARG C 567 -12.90 154.94 9.18
C ARG C 567 -12.56 153.57 8.63
N SER C 568 -11.60 152.91 9.26
CA SER C 568 -11.12 151.60 8.79
C SER C 568 -12.23 150.55 8.91
N GLU C 569 -13.09 150.68 9.92
CA GLU C 569 -14.18 149.71 10.08
C GLU C 569 -15.08 149.72 8.86
N LYS C 570 -15.73 150.85 8.62
CA LYS C 570 -16.64 150.98 7.49
C LYS C 570 -15.91 150.74 6.17
N LEU C 571 -14.65 151.16 6.08
CA LEU C 571 -13.87 151.02 4.84
C LEU C 571 -13.69 149.54 4.51
N ALA C 572 -13.07 148.80 5.43
CA ALA C 572 -12.87 147.36 5.27
C ALA C 572 -14.22 146.66 5.10
N ARG C 573 -15.27 147.17 5.74
CA ARG C 573 -16.60 146.58 5.59
C ARG C 573 -17.07 146.65 4.15
N GLU C 574 -17.03 147.85 3.58
CA GLU C 574 -17.46 148.08 2.18
C GLU C 574 -16.61 147.21 1.24
N LEU C 575 -15.32 147.15 1.50
CA LEU C 575 -14.40 146.44 0.60
C LEU C 575 -14.70 144.94 0.64
N LEU C 576 -14.72 144.39 1.85
CA LEU C 576 -15.02 142.96 2.05
C LEU C 576 -16.38 142.64 1.45
N LYS C 577 -17.33 143.56 1.60
CA LYS C 577 -18.68 143.36 1.08
C LYS C 577 -18.64 143.23 -0.44
N GLU C 578 -18.01 144.19 -1.10
CA GLU C 578 -17.93 144.18 -2.57
C GLU C 578 -17.16 142.96 -3.05
N LEU C 579 -16.15 142.54 -2.29
CA LEU C 579 -15.31 141.41 -2.69
C LEU C 579 -16.00 140.08 -2.44
N ARG C 580 -16.99 140.06 -1.56
CA ARG C 580 -17.87 138.90 -1.38
C ARG C 580 -18.79 138.70 -2.59
N THR C 581 -18.85 139.65 -3.51
CA THR C 581 -19.52 139.50 -4.80
C THR C 581 -18.56 138.96 -5.87
N GLN C 582 -17.29 139.32 -5.76
CA GLN C 582 -16.29 138.92 -6.77
C GLN C 582 -15.82 137.50 -6.49
N VAL C 583 -15.47 137.21 -5.24
CA VAL C 583 -15.09 135.85 -4.79
C VAL C 583 -13.84 135.39 -5.56
N GLU D 31 -24.25 84.70 42.98
CA GLU D 31 -24.14 83.83 41.77
C GLU D 31 -23.89 84.71 40.54
N GLY D 32 -24.81 85.64 40.30
CA GLY D 32 -24.66 86.72 39.31
C GLY D 32 -24.14 87.99 39.95
N VAL D 33 -23.20 87.82 40.89
CA VAL D 33 -22.44 88.93 41.53
C VAL D 33 -20.95 88.63 41.41
N GLU D 34 -20.16 89.69 41.33
CA GLU D 34 -18.71 89.60 41.43
C GLU D 34 -18.22 90.64 42.40
N PRO D 35 -17.06 90.41 43.02
CA PRO D 35 -16.41 91.48 43.77
C PRO D 35 -15.81 92.46 42.78
N ALA D 36 -15.22 93.53 43.30
CA ALA D 36 -14.46 94.44 42.45
C ALA D 36 -13.16 93.77 42.04
N PRO D 37 -12.71 93.88 40.79
CA PRO D 37 -11.41 93.35 40.43
C PRO D 37 -10.29 94.07 41.16
N TRP D 38 -10.54 95.26 41.66
CA TRP D 38 -9.57 95.96 42.50
C TRP D 38 -9.68 95.56 43.96
N ALA D 39 -10.53 94.60 44.30
CA ALA D 39 -11.05 94.48 45.68
C ALA D 39 -9.99 94.00 46.67
N GLN D 40 -8.74 93.82 46.23
CA GLN D 40 -7.75 93.01 46.95
C GLN D 40 -6.48 93.80 47.25
N LEU D 41 -6.60 95.11 47.24
CA LEU D 41 -5.45 95.98 46.98
C LEU D 41 -5.22 96.94 48.13
N GLU D 42 -4.16 97.72 48.00
CA GLU D 42 -3.92 98.88 48.86
C GLU D 42 -5.11 99.84 48.82
N ALA D 43 -5.56 100.28 49.99
CA ALA D 43 -6.75 101.14 50.16
C ALA D 43 -6.69 102.39 49.30
N PRO D 44 -5.61 103.21 49.37
CA PRO D 44 -5.54 104.40 48.52
C PRO D 44 -5.80 104.15 47.05
N ALA D 45 -5.10 103.19 46.49
CA ALA D 45 -5.19 102.95 45.06
C ALA D 45 -6.57 102.41 44.72
N ARG D 46 -7.08 101.54 45.56
CA ARG D 46 -8.40 100.97 45.29
C ARG D 46 -9.45 102.07 45.32
N LEU D 47 -9.32 102.96 46.29
CA LEU D 47 -10.19 104.13 46.39
C LEU D 47 -10.07 104.98 45.12
N LEU D 48 -8.86 105.12 44.63
CA LEU D 48 -8.59 105.95 43.47
C LEU D 48 -9.33 105.41 42.26
N LEU D 49 -9.31 104.11 42.14
CA LEU D 49 -10.06 103.46 41.08
C LEU D 49 -11.53 103.74 41.26
N GLN D 50 -12.03 103.60 42.47
CA GLN D 50 -13.46 103.81 42.73
C GLN D 50 -13.79 105.25 42.44
N ALA D 51 -12.81 106.14 42.54
CA ALA D 51 -13.02 107.55 42.16
C ALA D 51 -13.08 107.70 40.64
N LEU D 52 -12.11 107.13 39.92
CA LEU D 52 -12.04 107.33 38.47
C LEU D 52 -13.21 106.70 37.76
N GLN D 53 -13.79 105.68 38.38
CA GLN D 53 -15.05 105.08 37.93
C GLN D 53 -16.09 106.16 37.60
N ALA D 54 -16.06 107.26 38.35
CA ALA D 54 -17.19 108.20 38.42
C ALA D 54 -17.20 109.16 37.24
N GLY D 55 -17.67 108.70 36.09
CA GLY D 55 -17.91 109.56 34.93
C GLY D 55 -16.69 110.36 34.50
N PRO D 56 -16.91 111.36 33.61
CA PRO D 56 -15.83 112.28 33.25
C PRO D 56 -15.08 112.95 34.42
N GLU D 57 -15.84 113.60 35.25
CA GLU D 57 -15.33 114.35 36.42
C GLU D 57 -14.39 113.54 37.29
N GLY D 58 -14.52 112.23 37.24
CA GLY D 58 -13.62 111.34 37.97
C GLY D 58 -12.16 111.67 37.70
N ALA D 59 -11.87 112.17 36.50
CA ALA D 59 -10.54 112.67 36.16
C ALA D 59 -10.02 113.61 37.27
N ARG D 60 -10.73 114.72 37.45
CA ARG D 60 -10.31 115.77 38.39
C ARG D 60 -10.38 115.21 39.80
N ARG D 61 -11.30 114.31 40.03
CA ARG D 61 -11.39 113.66 41.34
C ARG D 61 -10.10 112.92 41.61
N GLY D 62 -9.48 112.43 40.56
CA GLY D 62 -8.17 111.84 40.70
C GLY D 62 -7.18 112.81 41.30
N LEU D 63 -7.20 114.04 40.79
CA LEU D 63 -6.30 115.06 41.32
C LEU D 63 -6.62 115.30 42.79
N GLY D 64 -7.90 115.37 43.10
CA GLY D 64 -8.34 115.66 44.47
C GLY D 64 -7.86 114.60 45.42
N VAL D 65 -7.86 113.36 44.95
CA VAL D 65 -7.37 112.26 45.77
C VAL D 65 -5.92 112.51 46.16
N LEU D 66 -5.12 112.80 45.18
CA LEU D 66 -3.68 112.95 45.42
C LEU D 66 -3.43 114.17 46.29
N ARG D 67 -4.20 115.22 46.07
CA ARG D 67 -4.13 116.39 46.96
C ARG D 67 -4.41 115.94 48.39
N ALA D 68 -5.51 115.24 48.60
CA ALA D 68 -5.93 114.79 49.93
C ALA D 68 -4.89 113.89 50.59
N LEU D 69 -4.15 113.14 49.79
CA LEU D 69 -3.20 112.14 50.33
C LEU D 69 -1.83 112.70 50.58
N GLY D 70 -1.33 113.58 49.72
CA GLY D 70 -0.18 114.41 50.07
C GLY D 70 -0.47 115.24 51.31
N SER D 71 -1.73 115.62 51.51
CA SER D 71 -2.17 116.23 52.78
C SER D 71 -2.20 115.16 53.88
N ARG D 72 -2.68 113.97 53.55
CA ARG D 72 -2.84 112.89 54.53
C ARG D 72 -1.46 112.45 55.05
N GLY D 73 -1.45 111.64 56.10
CA GLY D 73 -0.23 111.14 56.74
C GLY D 73 0.72 110.38 55.82
N TRP D 74 0.19 109.63 54.83
CA TRP D 74 0.99 108.94 53.81
C TRP D 74 1.08 109.79 52.55
N GLU D 75 2.09 110.66 52.53
CA GLU D 75 2.45 111.42 51.32
C GLU D 75 3.01 110.47 50.25
N PRO D 76 3.99 109.58 50.55
CA PRO D 76 4.54 108.73 49.49
C PRO D 76 3.51 107.72 48.96
N PHE D 77 3.01 108.00 47.76
CA PHE D 77 2.09 107.11 47.06
C PHE D 77 2.92 106.31 46.04
N ASP D 78 3.09 105.03 46.32
CA ASP D 78 3.97 104.19 45.49
C ASP D 78 3.28 103.86 44.18
N TRP D 79 3.56 104.67 43.17
CA TRP D 79 3.08 104.39 41.81
C TRP D 79 3.63 103.06 41.30
N GLY D 80 4.85 102.73 41.70
CA GLY D 80 5.51 101.52 41.25
C GLY D 80 4.70 100.31 41.61
N ARG D 81 4.19 100.31 42.83
CA ARG D 81 3.28 99.27 43.32
C ARG D 81 2.07 99.16 42.42
N LEU D 82 1.46 100.30 42.15
CA LEU D 82 0.22 100.36 41.38
C LEU D 82 0.41 99.75 39.99
N LEU D 83 1.47 100.14 39.31
CA LEU D 83 1.69 99.70 37.92
C LEU D 83 1.81 98.18 37.82
N GLU D 84 2.41 97.56 38.83
CA GLU D 84 2.59 96.11 38.85
C GLU D 84 1.23 95.45 38.80
N ALA D 85 0.33 95.89 39.68
CA ALA D 85 -1.02 95.34 39.75
C ALA D 85 -1.79 95.62 38.46
N LEU D 86 -1.53 96.75 37.83
CA LEU D 86 -2.16 97.00 36.54
C LEU D 86 -1.73 95.97 35.54
N CYS D 87 -0.44 95.72 35.49
CA CYS D 87 0.11 94.82 34.47
C CYS D 87 -0.30 93.37 34.73
N ARG D 88 -0.46 92.96 35.99
CA ARG D 88 -0.52 91.52 36.35
C ARG D 88 -1.72 90.84 35.74
N GLU D 89 -1.50 89.63 35.27
CA GLU D 89 -2.47 88.90 34.43
C GLU D 89 -3.40 88.06 35.29
N GLU D 90 -4.56 87.80 34.74
CA GLU D 90 -5.61 87.01 35.39
C GLU D 90 -6.51 86.50 34.27
N PRO D 91 -7.31 85.47 34.51
CA PRO D 91 -8.02 84.81 33.44
C PRO D 91 -9.45 85.29 33.29
N VAL D 92 -9.97 85.03 32.11
CA VAL D 92 -11.37 85.31 31.77
C VAL D 92 -11.78 84.25 30.77
N VAL D 93 -13.08 84.10 30.59
CA VAL D 93 -13.61 83.09 29.66
C VAL D 93 -14.62 83.74 28.75
N GLN D 94 -14.15 84.25 27.62
CA GLN D 94 -14.93 85.16 26.79
C GLN D 94 -14.74 84.81 25.32
N GLY D 95 -15.62 85.40 24.49
CA GLY D 95 -15.82 85.04 23.08
C GLY D 95 -16.94 84.01 22.97
N PRO D 96 -16.61 82.69 22.86
CA PRO D 96 -17.59 81.66 23.20
C PRO D 96 -17.63 81.42 24.70
N ASP D 97 -18.40 80.42 25.14
CA ASP D 97 -18.39 79.95 26.53
C ASP D 97 -17.17 79.06 26.80
N GLY D 98 -16.73 78.31 25.78
CA GLY D 98 -15.56 77.42 25.85
C GLY D 98 -14.29 78.04 25.27
N ARG D 99 -13.78 79.11 25.89
CA ARG D 99 -12.46 79.68 25.52
C ARG D 99 -11.91 80.55 26.64
N LEU D 100 -10.78 80.13 27.20
CA LEU D 100 -10.04 80.95 28.18
C LEU D 100 -9.23 82.00 27.46
N GLU D 101 -8.88 83.07 28.17
CA GLU D 101 -7.77 83.95 27.80
C GLU D 101 -7.33 84.70 29.04
N LEU D 102 -6.20 85.36 28.91
CA LEU D 102 -5.67 86.22 29.99
C LEU D 102 -5.80 87.68 29.61
N LYS D 103 -5.92 88.49 30.63
CA LYS D 103 -5.91 89.93 30.51
C LYS D 103 -5.17 90.45 31.73
N PRO D 104 -4.49 91.60 31.64
CA PRO D 104 -4.00 92.25 32.83
C PRO D 104 -5.20 92.90 33.49
N LEU D 105 -4.95 93.45 34.66
CA LEU D 105 -5.99 94.21 35.35
C LEU D 105 -6.51 95.31 34.45
N LEU D 106 -5.59 95.92 33.73
CA LEU D 106 -5.82 97.19 33.06
C LEU D 106 -6.93 97.15 32.01
N LEU D 107 -7.17 96.02 31.36
CA LEU D 107 -8.22 95.93 30.32
C LEU D 107 -9.49 95.30 30.83
N ARG D 108 -9.38 94.48 31.83
CA ARG D 108 -10.53 93.83 32.43
C ARG D 108 -11.32 94.88 33.23
N LEU D 109 -10.66 95.92 33.75
CA LEU D 109 -11.38 96.94 34.52
C LEU D 109 -12.22 97.77 33.56
N PRO D 110 -13.20 98.52 34.05
CA PRO D 110 -14.14 99.17 33.13
C PRO D 110 -13.62 100.37 32.35
N ARG D 111 -14.07 100.44 31.11
CA ARG D 111 -13.60 101.40 30.10
C ARG D 111 -13.38 102.80 30.69
N ILE D 112 -14.36 103.29 31.46
CA ILE D 112 -14.30 104.71 31.83
C ILE D 112 -13.12 104.93 32.76
N CYS D 113 -12.91 103.99 33.68
CA CYS D 113 -11.76 104.09 34.58
C CYS D 113 -10.45 104.06 33.80
N GLN D 114 -10.41 103.28 32.72
CA GLN D 114 -9.21 103.18 31.88
C GLN D 114 -8.89 104.58 31.37
N ARG D 115 -9.90 105.20 30.79
CA ARG D 115 -9.64 106.42 30.05
C ARG D 115 -9.31 107.53 31.00
N ASN D 116 -10.11 107.64 32.05
CA ASN D 116 -9.82 108.62 33.08
C ASN D 116 -8.39 108.42 33.62
N LEU D 117 -8.02 107.17 33.83
CA LEU D 117 -6.71 106.84 34.40
C LEU D 117 -5.61 107.32 33.47
N MET D 118 -5.77 106.96 32.21
CA MET D 118 -4.80 107.35 31.17
C MET D 118 -4.62 108.87 31.17
N SER D 119 -5.73 109.57 31.25
CA SER D 119 -5.71 111.03 31.25
C SER D 119 -4.94 111.55 32.44
N LEU D 120 -5.17 110.98 33.60
CA LEU D 120 -4.39 111.42 34.77
C LEU D 120 -2.90 111.14 34.55
N LEU D 121 -2.60 110.00 33.96
CA LEU D 121 -1.21 109.57 33.83
C LEU D 121 -0.44 110.53 32.97
N MET D 122 -1.10 111.05 31.97
CA MET D 122 -0.48 112.05 31.10
C MET D 122 0.06 113.18 31.94
N ALA D 123 -0.73 113.62 32.90
CA ALA D 123 -0.39 114.81 33.66
C ALA D 123 0.63 114.52 34.74
N VAL D 124 0.57 113.35 35.35
CA VAL D 124 1.55 112.99 36.39
C VAL D 124 2.78 112.34 35.79
N ARG D 125 2.88 112.31 34.47
CA ARG D 125 3.98 111.66 33.76
C ARG D 125 5.36 111.96 34.35
N PRO D 126 5.67 113.16 34.85
CA PRO D 126 6.95 113.39 35.52
C PRO D 126 7.29 112.44 36.63
N SER D 127 6.30 112.06 37.43
CA SER D 127 6.55 111.35 38.68
C SER D 127 6.26 109.84 38.55
N LEU D 128 6.57 109.22 37.40
CA LEU D 128 6.27 107.81 37.10
C LEU D 128 7.54 107.07 36.64
N PRO D 129 7.68 105.76 36.89
CA PRO D 129 8.85 105.02 36.40
C PRO D 129 8.69 104.38 35.02
N GLU D 130 9.74 104.55 34.23
CA GLU D 130 9.72 104.18 32.81
C GLU D 130 9.55 102.69 32.64
N SER D 131 10.20 101.91 33.49
CA SER D 131 10.21 100.45 33.39
C SER D 131 8.79 99.91 33.35
N GLY D 132 7.99 100.32 34.34
CA GLY D 132 6.59 99.88 34.34
C GLY D 132 5.78 100.54 33.25
N LEU D 133 6.03 101.81 33.01
CA LEU D 133 5.27 102.55 32.00
C LEU D 133 5.35 101.88 30.64
N LEU D 134 6.51 101.33 30.34
CA LEU D 134 6.74 100.79 29.00
C LEU D 134 5.88 99.58 28.75
N SER D 135 5.90 98.63 29.67
CA SER D 135 5.05 97.44 29.57
C SER D 135 3.57 97.85 29.55
N VAL D 136 3.23 98.85 30.33
CA VAL D 136 1.85 99.36 30.34
C VAL D 136 1.50 99.82 28.95
N LEU D 137 2.46 100.44 28.29
CA LEU D 137 2.22 100.94 26.93
C LEU D 137 2.20 99.82 25.92
N GLN D 138 2.96 98.76 26.17
CA GLN D 138 2.87 97.56 25.31
C GLN D 138 1.46 97.02 25.36
N ILE D 139 0.83 97.13 26.51
CA ILE D 139 -0.59 96.77 26.61
C ILE D 139 -1.40 97.82 25.89
N ALA D 140 -1.03 99.08 26.10
CA ALA D 140 -1.79 100.22 25.56
C ALA D 140 -1.91 100.13 24.05
N GLN D 141 -0.86 99.66 23.40
CA GLN D 141 -0.87 99.40 21.96
C GLN D 141 -2.06 98.53 21.62
N GLN D 142 -2.38 97.60 22.51
CA GLN D 142 -3.35 96.56 22.24
C GLN D 142 -2.94 95.84 20.96
N ASP D 143 -1.63 95.68 20.79
CA ASP D 143 -1.03 95.02 19.62
C ASP D 143 -1.72 93.68 19.36
N LEU D 144 -2.39 93.53 18.22
CA LEU D 144 -3.11 92.30 17.83
C LEU D 144 -4.28 92.08 18.78
N ALA D 145 -5.10 93.11 18.88
CA ALA D 145 -6.37 93.08 19.62
C ALA D 145 -7.49 93.34 18.62
N PRO D 146 -8.11 92.31 18.02
CA PRO D 146 -9.29 92.56 17.19
C PRO D 146 -10.44 93.20 17.98
N ASP D 147 -11.13 94.17 17.36
CA ASP D 147 -12.09 95.08 18.02
C ASP D 147 -11.35 95.79 19.17
N PRO D 148 -10.30 96.60 18.90
CA PRO D 148 -9.51 97.17 19.98
C PRO D 148 -10.17 98.42 20.56
N ASP D 149 -9.53 99.00 21.56
CA ASP D 149 -10.00 100.23 22.23
C ASP D 149 -9.29 101.42 21.62
N ALA D 150 -9.99 102.07 20.69
CA ALA D 150 -9.38 103.13 19.89
C ALA D 150 -8.80 104.18 20.81
N TRP D 151 -9.55 104.44 21.86
CA TRP D 151 -9.15 105.45 22.83
C TRP D 151 -7.82 105.11 23.43
N LEU D 152 -7.76 103.93 24.02
CA LEU D 152 -6.55 103.52 24.72
C LEU D 152 -5.37 103.53 23.75
N ARG D 153 -5.62 103.12 22.51
CA ARG D 153 -4.54 103.04 21.51
C ARG D 153 -3.96 104.42 21.29
N ALA D 154 -4.83 105.35 20.96
CA ALA D 154 -4.43 106.73 20.72
C ALA D 154 -3.73 107.30 21.94
N LEU D 155 -4.24 106.95 23.09
CA LEU D 155 -3.71 107.53 24.32
C LEU D 155 -2.32 107.02 24.57
N GLY D 156 -2.11 105.73 24.39
CA GLY D 156 -0.78 105.16 24.59
C GLY D 156 0.18 105.78 23.60
N GLU D 157 -0.28 105.97 22.38
CA GLU D 157 0.56 106.58 21.36
C GLU D 157 1.00 107.94 21.84
N LEU D 158 0.05 108.71 22.33
CA LEU D 158 0.35 110.08 22.73
C LEU D 158 1.28 110.09 23.91
N LEU D 159 1.06 109.18 24.82
CA LEU D 159 1.93 109.16 25.99
C LEU D 159 3.35 108.82 25.60
N ARG D 160 3.50 107.88 24.70
CA ARG D 160 4.83 107.46 24.24
C ARG D 160 5.48 108.65 23.56
N ARG D 161 4.68 109.43 22.84
CA ARG D 161 5.20 110.64 22.23
C ARG D 161 5.67 111.60 23.28
N ASP D 162 4.86 111.84 24.30
CA ASP D 162 5.25 112.73 25.39
C ASP D 162 6.49 112.25 26.10
N LEU D 163 6.74 110.95 26.08
CA LEU D 163 8.00 110.40 26.57
C LEU D 163 9.17 110.62 25.62
N GLY D 164 8.93 111.25 24.46
CA GLY D 164 9.99 111.47 23.46
C GLY D 164 10.48 110.19 22.82
N VAL D 165 9.69 109.11 22.88
CA VAL D 165 10.06 107.79 22.33
C VAL D 165 8.96 107.20 21.44
N GLY D 166 7.84 107.91 21.26
CA GLY D 166 6.63 107.38 20.61
C GLY D 166 6.33 107.96 19.24
N THR D 167 7.28 108.67 18.62
CA THR D 167 7.21 108.97 17.18
C THR D 167 7.09 107.64 16.43
N SER D 168 7.82 106.61 16.88
CA SER D 168 7.67 105.21 16.47
C SER D 168 8.19 104.93 15.06
N MET D 169 8.54 105.97 14.31
CA MET D 169 8.90 105.85 12.89
C MET D 169 7.83 105.07 12.14
N GLU D 170 6.57 105.34 12.47
CA GLU D 170 5.40 104.73 11.83
C GLU D 170 4.56 105.85 11.22
N GLY D 171 3.38 105.50 10.71
CA GLY D 171 2.30 106.47 10.53
C GLY D 171 1.64 106.73 11.88
N ALA D 172 2.42 107.25 12.84
CA ALA D 172 2.08 107.20 14.27
C ALA D 172 1.03 108.26 14.59
N SER D 173 -0.14 108.08 13.99
CA SER D 173 -1.30 108.95 14.20
C SER D 173 -2.22 108.33 15.24
N PRO D 174 -2.40 108.97 16.42
CA PRO D 174 -3.51 108.60 17.31
C PRO D 174 -4.86 108.53 16.61
N LEU D 175 -5.03 109.43 15.67
CA LEU D 175 -6.22 109.40 14.83
C LEU D 175 -6.20 108.17 13.96
N SER D 176 -7.30 107.97 13.26
CA SER D 176 -7.35 106.93 12.23
C SER D 176 -6.76 107.45 10.93
N GLU D 177 -6.26 106.54 10.12
CA GLU D 177 -5.91 106.87 8.73
C GLU D 177 -7.16 107.30 7.99
N ARG D 178 -8.33 106.79 8.38
CA ARG D 178 -9.61 107.27 7.85
C ARG D 178 -9.79 108.77 8.11
N CYS D 179 -9.55 109.16 9.36
CA CYS D 179 -9.62 110.56 9.74
C CYS D 179 -8.64 111.38 8.93
N GLN D 180 -7.39 110.93 8.87
CA GLN D 180 -6.35 111.69 8.16
C GLN D 180 -6.67 111.77 6.67
N ARG D 181 -7.26 110.71 6.13
CA ARG D 181 -7.68 110.66 4.72
C ARG D 181 -8.71 111.73 4.41
N GLN D 182 -9.83 111.69 5.12
CA GLN D 182 -10.89 112.66 4.85
C GLN D 182 -10.50 114.05 5.33
N LEU D 183 -9.45 114.19 6.14
CA LEU D 183 -8.87 115.50 6.47
C LEU D 183 -8.09 116.05 5.26
N GLN D 184 -7.17 115.25 4.72
CA GLN D 184 -6.42 115.62 3.50
C GLN D 184 -7.39 115.91 2.35
N SER D 185 -8.49 115.16 2.29
CA SER D 185 -9.51 115.28 1.22
C SER D 185 -10.01 116.72 1.12
N LEU D 186 -10.05 117.44 2.23
CA LEU D 186 -10.52 118.83 2.28
C LEU D 186 -9.39 119.84 2.48
N CYS D 187 -8.26 119.43 3.07
CA CYS D 187 -7.03 120.26 3.03
C CYS D 187 -6.64 120.55 1.58
N ARG D 188 -6.93 119.63 0.66
CA ARG D 188 -6.76 119.85 -0.78
C ARG D 188 -7.60 121.02 -1.29
N GLY D 189 -8.77 121.26 -0.68
CA GLY D 189 -9.68 122.33 -1.13
C GLY D 189 -9.36 123.69 -0.56
N LEU D 190 -8.09 123.99 -0.26
CA LEU D 190 -7.62 125.30 0.23
C LEU D 190 -6.24 125.60 -0.36
N GLY D 191 -6.04 126.84 -0.75
CA GLY D 191 -4.74 127.28 -1.27
C GLY D 191 -3.72 127.42 -0.17
N LEU D 192 -2.80 126.47 -0.11
CA LEU D 192 -1.80 126.43 0.97
C LEU D 192 -0.99 127.73 1.03
N GLY D 193 -0.38 127.97 2.19
CA GLY D 193 0.59 129.05 2.36
C GLY D 193 1.98 128.57 2.02
N GLY D 194 2.86 129.52 1.74
CA GLY D 194 4.25 129.21 1.38
C GLY D 194 5.12 128.89 2.59
N ARG D 195 4.53 128.85 3.80
CA ARG D 195 5.30 128.57 5.02
C ARG D 195 6.01 127.24 4.90
N ARG D 196 7.33 127.27 5.06
CA ARG D 196 8.16 126.06 5.06
C ARG D 196 8.00 125.43 6.45
N LEU D 197 7.17 124.39 6.51
CA LEU D 197 6.94 123.63 7.75
C LEU D 197 7.73 122.34 7.72
N LYS D 198 7.56 121.56 6.66
CA LYS D 198 8.50 120.48 6.37
C LYS D 198 9.82 121.11 5.95
N SER D 199 10.91 120.37 6.18
CA SER D 199 12.27 120.74 5.72
C SER D 199 12.75 119.62 4.80
N PRO D 200 12.20 119.52 3.56
CA PRO D 200 12.47 118.33 2.74
C PRO D 200 13.93 118.27 2.28
N ALA D 294 42.90 28.77 -56.22
CA ALA D 294 42.80 29.92 -55.30
C ALA D 294 43.86 29.82 -54.21
N GLU D 295 44.02 28.63 -53.63
CA GLU D 295 45.02 28.37 -52.58
C GLU D 295 46.45 28.38 -53.17
N SER D 296 46.60 28.23 -54.49
CA SER D 296 47.90 28.10 -55.17
C SER D 296 48.56 26.78 -54.78
N LEU D 297 47.74 25.73 -54.64
CA LEU D 297 48.27 24.36 -54.46
C LEU D 297 48.87 23.92 -55.79
N GLU D 298 50.19 23.80 -55.82
CA GLU D 298 50.92 23.30 -56.99
C GLU D 298 50.97 21.79 -56.93
N LEU D 299 50.22 21.13 -57.82
CA LEU D 299 50.34 19.68 -58.00
C LEU D 299 51.76 19.38 -58.48
N PRO D 300 52.30 18.17 -58.28
CA PRO D 300 53.63 17.85 -58.84
C PRO D 300 53.62 17.99 -60.36
N LYS D 301 54.74 18.43 -60.92
CA LYS D 301 54.81 18.84 -62.33
C LYS D 301 54.62 17.64 -63.23
N ALA D 302 55.26 16.51 -62.90
CA ALA D 302 55.06 15.24 -63.60
C ALA D 302 53.58 14.86 -63.61
N ILE D 303 52.90 15.08 -62.48
CA ILE D 303 51.46 14.76 -62.36
C ILE D 303 50.66 15.70 -63.28
N GLN D 304 51.03 16.98 -63.34
CA GLN D 304 50.35 17.96 -64.21
C GLN D 304 50.54 17.61 -65.68
N ASP D 305 51.66 16.99 -66.02
CA ASP D 305 52.03 16.67 -67.41
C ASP D 305 51.45 15.32 -67.83
N GLN D 306 51.24 14.41 -66.89
CA GLN D 306 50.57 13.13 -67.13
C GLN D 306 49.06 13.28 -66.98
N LEU D 307 48.62 14.41 -66.42
CA LEU D 307 47.21 14.84 -66.38
C LEU D 307 46.44 14.46 -67.64
N PRO D 308 46.90 14.77 -68.87
CA PRO D 308 46.17 14.32 -70.06
C PRO D 308 46.09 12.81 -70.25
N ARG D 309 47.16 12.09 -69.92
CA ARG D 309 47.19 10.62 -70.02
C ARG D 309 46.17 10.01 -69.08
N LEU D 310 46.15 10.51 -67.84
CA LEU D 310 45.16 10.07 -66.84
C LEU D 310 43.76 10.38 -67.37
N GLN D 311 43.53 11.59 -67.88
CA GLN D 311 42.18 12.05 -68.28
C GLN D 311 41.67 11.28 -69.48
N GLN D 312 42.56 10.84 -70.38
CA GLN D 312 42.15 9.97 -71.49
C GLN D 312 41.86 8.57 -70.97
N LEU D 313 42.69 8.06 -70.06
CA LEU D 313 42.50 6.70 -69.51
C LEU D 313 41.16 6.59 -68.79
N LEU D 314 40.82 7.59 -67.99
CA LEU D 314 39.53 7.65 -67.27
C LEU D 314 38.39 7.60 -68.27
N LYS D 315 38.55 8.30 -69.39
CA LYS D 315 37.55 8.32 -70.46
C LYS D 315 37.45 6.94 -71.10
N THR D 316 38.58 6.27 -71.26
CA THR D 316 38.62 4.95 -71.92
C THR D 316 37.88 3.92 -71.06
N LEU D 317 38.00 4.03 -69.73
CA LEU D 317 37.33 3.07 -68.83
C LEU D 317 35.80 3.21 -68.83
N GLU D 318 35.25 4.19 -69.56
CA GLU D 318 33.81 4.28 -69.80
C GLU D 318 33.30 3.16 -70.72
N GLU D 319 34.19 2.54 -71.48
CA GLU D 319 33.82 1.50 -72.47
C GLU D 319 33.16 0.31 -71.79
N ALA D 327 44.60 -4.06 -67.34
CA ALA D 327 45.33 -4.09 -66.05
C ALA D 327 45.83 -2.69 -65.71
N PRO D 328 46.31 -2.42 -64.47
CA PRO D 328 46.72 -1.08 -64.08
C PRO D 328 48.01 -0.64 -64.77
N PRO D 329 48.06 0.57 -65.36
CA PRO D 329 49.35 1.13 -65.75
C PRO D 329 50.01 1.83 -64.57
N VAL D 330 51.18 2.40 -64.87
CA VAL D 330 51.96 3.19 -63.90
C VAL D 330 51.37 4.59 -63.70
N GLU D 331 50.45 5.04 -64.57
CA GLU D 331 49.71 6.30 -64.40
C GLU D 331 49.08 6.38 -63.01
N LEU D 332 48.67 5.22 -62.48
CA LEU D 332 48.09 5.10 -61.14
C LEU D 332 49.19 5.04 -60.08
N GLN D 333 50.35 4.45 -60.41
CA GLN D 333 51.51 4.42 -59.48
C GLN D 333 52.07 5.82 -59.24
N LEU D 334 51.83 6.76 -60.16
CA LEU D 334 52.22 8.18 -59.99
C LEU D 334 51.57 8.79 -58.76
N LEU D 335 50.43 8.26 -58.31
CA LEU D 335 49.65 8.88 -57.23
C LEU D 335 50.37 8.75 -55.88
N HIS D 336 51.41 7.92 -55.78
CA HIS D 336 52.35 7.93 -54.63
C HIS D 336 53.02 9.30 -54.46
N GLU D 337 53.11 10.09 -55.53
CA GLU D 337 53.92 11.32 -55.52
C GLU D 337 53.27 12.44 -54.68
N CYS D 338 51.95 12.40 -54.53
CA CYS D 338 51.19 13.52 -53.96
C CYS D 338 51.27 13.51 -52.42
N SER D 339 51.10 14.70 -51.84
CA SER D 339 50.53 14.86 -50.50
C SER D 339 49.00 14.85 -50.64
N PRO D 340 48.26 14.55 -49.57
CA PRO D 340 46.81 14.31 -49.71
C PRO D 340 46.00 15.52 -50.20
N SER D 341 46.48 16.74 -49.94
CA SER D 341 45.84 17.97 -50.44
C SER D 341 45.90 18.03 -51.96
N GLN D 342 47.05 17.64 -52.52
CA GLN D 342 47.25 17.59 -53.98
C GLN D 342 46.32 16.57 -54.59
N MET D 343 46.14 15.44 -53.91
CA MET D 343 45.17 14.40 -54.31
C MET D 343 43.77 15.02 -54.36
N ASP D 344 43.42 15.80 -53.33
CA ASP D 344 42.11 16.46 -53.23
C ASP D 344 41.88 17.36 -54.44
N LEU D 345 42.87 18.19 -54.74
CA LEU D 345 42.80 19.04 -55.94
C LEU D 345 42.65 18.17 -57.18
N LEU D 346 43.49 17.14 -57.28
CA LEU D 346 43.57 16.30 -58.48
C LEU D 346 42.23 15.62 -58.77
N CYS D 347 41.52 15.20 -57.73
CA CYS D 347 40.22 14.52 -57.91
C CYS D 347 39.22 15.44 -58.60
N ALA D 348 39.15 16.69 -58.16
CA ALA D 348 38.34 17.71 -58.81
C ALA D 348 38.85 17.96 -60.22
N GLN D 349 40.17 17.95 -60.41
CA GLN D 349 40.79 18.13 -61.75
C GLN D 349 40.34 17.02 -62.70
N LEU D 350 40.07 15.83 -62.18
CA LEU D 350 39.84 14.63 -63.01
C LEU D 350 38.36 14.27 -63.14
N GLN D 351 37.47 14.93 -62.38
CA GLN D 351 36.01 14.80 -62.60
C GLN D 351 35.57 13.39 -62.23
N LEU D 352 36.11 12.88 -61.13
CA LEU D 352 35.72 11.57 -60.60
C LEU D 352 34.23 11.51 -60.30
N PRO D 353 33.60 12.50 -59.65
CA PRO D 353 32.16 12.39 -59.38
C PRO D 353 31.32 12.45 -60.65
N GLN D 354 31.90 12.93 -61.75
CA GLN D 354 31.24 13.00 -63.05
C GLN D 354 31.33 11.67 -63.80
N LEU D 355 31.98 10.67 -63.21
CA LEU D 355 32.10 9.36 -63.84
C LEU D 355 30.74 8.68 -63.91
N SER D 356 30.72 7.52 -64.57
CA SER D 356 29.60 6.56 -64.50
C SER D 356 29.95 5.45 -63.54
N ASP D 357 28.92 4.67 -63.21
CA ASP D 357 28.99 3.60 -62.21
C ASP D 357 30.03 2.57 -62.67
N LEU D 358 29.87 2.13 -63.91
CA LEU D 358 30.73 1.08 -64.48
C LEU D 358 32.19 1.54 -64.40
N GLY D 359 32.45 2.77 -64.81
CA GLY D 359 33.80 3.32 -64.75
C GLY D 359 34.29 3.36 -63.33
N LEU D 360 33.41 3.71 -62.40
CA LEU D 360 33.74 3.67 -60.97
C LEU D 360 34.19 2.27 -60.60
N LEU D 361 33.50 1.26 -61.14
CA LEU D 361 33.81 -0.14 -60.80
C LEU D 361 35.19 -0.52 -61.34
N ARG D 362 35.42 -0.28 -62.63
CA ARG D 362 36.71 -0.61 -63.24
C ARG D 362 37.84 0.06 -62.47
N LEU D 363 37.64 1.33 -62.10
CA LEU D 363 38.69 2.08 -61.39
C LEU D 363 38.93 1.46 -60.03
N CYS D 364 37.85 1.14 -59.32
CA CYS D 364 37.96 0.46 -58.03
C CYS D 364 38.79 -0.80 -58.20
N THR D 365 38.51 -1.56 -59.25
CA THR D 365 39.27 -2.80 -59.55
C THR D 365 40.76 -2.46 -59.61
N TRP D 366 41.09 -1.44 -60.40
CA TRP D 366 42.50 -1.06 -60.62
C TRP D 366 43.15 -0.60 -59.32
N LEU D 367 42.42 0.20 -58.56
CA LEU D 367 42.98 0.75 -57.32
C LEU D 367 43.15 -0.34 -56.28
N LEU D 368 42.34 -1.39 -56.36
CA LEU D 368 42.52 -2.56 -55.49
C LEU D 368 43.72 -3.37 -55.96
N ALA D 369 43.93 -3.43 -57.27
CA ALA D 369 45.10 -4.10 -57.86
C ALA D 369 46.39 -3.41 -57.46
N LEU D 370 46.34 -2.13 -57.12
CA LEU D 370 47.54 -1.33 -56.78
C LEU D 370 48.49 -2.02 -55.81
N SER D 371 49.77 -1.87 -56.11
CA SER D 371 50.88 -2.15 -55.19
C SER D 371 51.05 -0.96 -54.25
N PRO D 372 52.16 -0.88 -53.44
CA PRO D 372 52.05 -0.59 -52.00
C PRO D 372 50.94 0.37 -51.59
N ASP D 373 50.23 -0.01 -50.53
CA ASP D 373 48.87 0.48 -50.24
C ASP D 373 48.82 2.00 -50.20
N LEU D 374 47.68 2.54 -50.63
CA LEU D 374 47.42 3.99 -50.63
C LEU D 374 47.45 4.50 -49.20
N SER D 375 47.98 5.70 -49.02
CA SER D 375 48.00 6.32 -47.68
C SER D 375 46.56 6.58 -47.24
N LEU D 376 46.37 6.62 -45.92
CA LEU D 376 45.06 6.80 -45.26
C LEU D 376 44.39 8.07 -45.78
N SER D 377 45.06 9.21 -45.65
CA SER D 377 44.51 10.53 -46.01
C SER D 377 44.12 10.56 -47.48
N ASN D 378 45.04 10.11 -48.35
CA ASN D 378 44.81 10.02 -49.81
C ASN D 378 43.55 9.21 -50.08
N ALA D 379 43.55 7.97 -49.61
CA ALA D 379 42.47 7.02 -49.87
C ALA D 379 41.13 7.60 -49.44
N THR D 380 41.11 8.26 -48.28
CA THR D 380 39.90 8.92 -47.77
C THR D 380 39.41 9.96 -48.79
N VAL D 381 40.32 10.85 -49.20
CA VAL D 381 39.99 11.94 -50.13
C VAL D 381 39.38 11.34 -51.39
N LEU D 382 40.02 10.29 -51.90
CA LEU D 382 39.56 9.58 -53.09
C LEU D 382 38.12 9.18 -52.87
N THR D 383 37.90 8.38 -51.83
CA THR D 383 36.58 7.83 -51.48
C THR D 383 35.51 8.91 -51.52
N ARG D 384 35.81 10.05 -50.90
CA ARG D 384 34.88 11.17 -50.89
C ARG D 384 34.52 11.55 -52.31
N SER D 385 35.53 11.91 -53.09
CA SER D 385 35.33 12.38 -54.47
C SER D 385 34.65 11.29 -55.31
N LEU D 386 34.86 10.03 -54.94
CA LEU D 386 34.39 8.89 -55.76
C LEU D 386 32.89 8.66 -55.58
N PHE D 387 32.47 8.44 -54.34
CA PHE D 387 31.13 7.92 -54.02
C PHE D 387 30.23 9.02 -53.47
N LEU D 388 30.79 9.92 -52.67
CA LEU D 388 30.03 10.67 -51.65
C LEU D 388 28.86 11.42 -52.30
N GLY D 389 29.13 12.03 -53.45
CA GLY D 389 28.09 12.74 -54.20
C GLY D 389 26.95 11.82 -54.57
N ARG D 390 27.27 10.68 -55.16
CA ARG D 390 26.25 9.73 -55.64
C ARG D 390 25.44 9.21 -54.46
N ILE D 391 26.14 8.87 -53.38
CA ILE D 391 25.51 8.37 -52.15
C ILE D 391 24.46 9.37 -51.71
N LEU D 392 24.90 10.61 -51.48
CA LEU D 392 24.03 11.65 -50.91
C LEU D 392 23.00 12.09 -51.94
N SER D 393 23.25 11.79 -53.22
CA SER D 393 22.27 12.03 -54.30
C SER D 393 21.18 10.97 -54.32
N LEU D 394 21.45 9.78 -53.79
CA LEU D 394 20.50 8.65 -53.89
C LEU D 394 19.18 9.00 -53.24
N THR D 395 18.14 9.09 -54.07
CA THR D 395 16.75 9.03 -53.59
C THR D 395 16.48 7.60 -53.18
N SER D 396 16.88 6.67 -54.04
CA SER D 396 16.54 5.25 -53.95
C SER D 396 17.81 4.41 -53.79
N SER D 397 17.59 3.10 -53.58
CA SER D 397 18.63 2.11 -53.32
C SER D 397 19.67 2.12 -54.44
N ALA D 398 20.90 1.87 -54.04
CA ALA D 398 22.05 1.94 -54.94
C ALA D 398 22.00 0.78 -55.91
N SER D 399 22.37 1.07 -57.17
CA SER D 399 22.73 0.06 -58.18
C SER D 399 23.73 -0.93 -57.60
N ARG D 400 23.60 -2.18 -58.02
CA ARG D 400 24.54 -3.24 -57.64
C ARG D 400 25.97 -2.82 -57.92
N LEU D 401 26.19 -2.08 -59.01
CA LEU D 401 27.56 -1.64 -59.36
C LEU D 401 28.13 -0.94 -58.14
N LEU D 402 27.49 0.16 -57.75
CA LEU D 402 27.96 0.99 -56.63
C LEU D 402 28.11 0.11 -55.41
N THR D 403 27.09 -0.70 -55.17
CA THR D 403 27.05 -1.63 -54.03
C THR D 403 28.34 -2.43 -54.00
N THR D 404 28.59 -3.15 -55.08
CA THR D 404 29.63 -4.18 -55.07
C THR D 404 30.98 -3.50 -55.09
N ALA D 405 31.09 -2.41 -55.84
CA ALA D 405 32.35 -1.67 -55.91
C ALA D 405 32.69 -1.14 -54.53
N LEU D 406 31.69 -0.57 -53.87
CA LEU D 406 31.85 -0.13 -52.49
C LEU D 406 32.36 -1.28 -51.64
N THR D 407 31.68 -2.42 -51.72
CA THR D 407 31.97 -3.57 -50.83
C THR D 407 33.43 -3.94 -50.98
N SER D 408 33.89 -4.00 -52.23
CA SER D 408 35.28 -4.38 -52.53
C SER D 408 36.22 -3.34 -51.94
N PHE D 409 35.93 -2.07 -52.21
CA PHE D 409 36.83 -0.98 -51.82
C PHE D 409 36.97 -0.94 -50.31
N CYS D 410 35.83 -1.06 -49.63
CA CYS D 410 35.81 -1.27 -48.17
C CYS D 410 36.68 -2.48 -47.86
N ALA D 411 36.29 -3.64 -48.39
CA ALA D 411 36.88 -4.95 -48.06
C ALA D 411 38.40 -4.88 -48.03
N LYS D 412 39.00 -4.11 -48.95
CA LYS D 412 40.45 -3.85 -48.89
C LYS D 412 40.73 -2.73 -47.88
N TYR D 413 40.29 -1.51 -48.20
CA TYR D 413 40.63 -0.28 -47.46
C TYR D 413 39.54 0.12 -46.49
N THR D 414 39.06 -0.80 -45.65
CA THR D 414 37.76 -0.63 -44.98
C THR D 414 37.76 0.57 -44.03
N TYR D 415 38.82 0.75 -43.23
CA TYR D 415 38.86 1.84 -42.23
C TYR D 415 38.78 3.21 -42.88
N PRO D 416 39.69 3.59 -43.80
CA PRO D 416 39.60 4.91 -44.42
C PRO D 416 38.26 5.08 -45.13
N VAL D 417 37.86 4.02 -45.85
CA VAL D 417 36.62 3.96 -46.64
C VAL D 417 35.46 4.44 -45.79
N CYS D 418 35.20 3.72 -44.70
CA CYS D 418 34.00 3.97 -43.91
C CYS D 418 34.19 5.20 -43.02
N SER D 419 35.43 5.54 -42.64
CA SER D 419 35.69 6.81 -41.94
C SER D 419 35.32 7.99 -42.83
N ALA D 420 35.50 7.82 -44.14
CA ALA D 420 35.07 8.82 -45.12
C ALA D 420 33.55 8.83 -45.26
N LEU D 421 32.94 7.64 -45.34
CA LEU D 421 31.55 7.49 -45.79
C LEU D 421 30.53 7.70 -44.69
N LEU D 422 30.70 7.05 -43.54
CA LEU D 422 29.61 6.82 -42.59
C LEU D 422 29.19 8.15 -41.95
N ASP D 423 30.14 8.77 -41.26
CA ASP D 423 29.93 10.00 -40.49
C ASP D 423 29.09 11.00 -41.27
N PRO D 424 29.54 11.47 -42.45
CA PRO D 424 28.81 12.55 -43.11
C PRO D 424 27.43 12.13 -43.61
N VAL D 425 27.30 10.89 -44.08
CA VAL D 425 26.04 10.39 -44.66
C VAL D 425 24.93 10.44 -43.61
N LEU D 426 25.31 10.23 -42.35
CA LEU D 426 24.34 10.06 -41.25
C LEU D 426 24.18 11.36 -40.48
N GLN D 427 25.24 12.17 -40.42
CA GLN D 427 25.12 13.57 -39.99
C GLN D 427 24.20 14.33 -40.96
N ALA D 428 24.17 13.91 -42.22
CA ALA D 428 23.33 14.56 -43.24
C ALA D 428 21.86 14.39 -42.87
N PRO D 429 21.01 15.38 -43.18
CA PRO D 429 19.57 15.22 -43.02
C PRO D 429 18.96 14.54 -44.24
N GLY D 430 17.70 14.13 -44.11
CA GLY D 430 17.03 13.35 -45.14
C GLY D 430 17.75 12.06 -45.45
N THR D 431 18.51 11.52 -44.49
CA THR D 431 19.29 10.32 -44.72
C THR D 431 18.33 9.15 -44.87
N GLY D 432 17.96 8.86 -46.12
CA GLY D 432 16.83 7.99 -46.41
C GLY D 432 17.14 6.51 -46.23
N PRO D 433 16.12 5.67 -46.40
CA PRO D 433 16.28 4.25 -46.09
C PRO D 433 17.24 3.56 -47.03
N ALA D 434 17.28 4.03 -48.29
CA ALA D 434 18.18 3.52 -49.32
C ALA D 434 19.60 3.40 -48.78
N GLN D 435 20.09 4.48 -48.17
CA GLN D 435 21.49 4.65 -47.75
C GLN D 435 21.78 3.80 -46.52
N THR D 436 20.79 3.71 -45.64
CA THR D 436 20.88 2.85 -44.46
C THR D 436 21.07 1.41 -44.93
N GLU D 437 20.38 1.00 -46.00
CA GLU D 437 20.43 -0.38 -46.50
C GLU D 437 21.79 -0.71 -47.10
N LEU D 438 22.42 0.29 -47.70
CA LEU D 438 23.79 0.11 -48.19
C LEU D 438 24.70 -0.09 -47.00
N LEU D 439 24.56 0.76 -45.98
CA LEU D 439 25.43 0.66 -44.80
C LEU D 439 25.14 -0.63 -44.05
N CYS D 440 23.89 -1.09 -44.10
CA CYS D 440 23.50 -2.39 -43.53
C CYS D 440 24.22 -3.51 -44.26
N CYS D 441 24.26 -3.46 -45.59
CA CYS D 441 24.96 -4.47 -46.37
C CYS D 441 26.47 -4.36 -46.13
N LEU D 442 26.99 -3.14 -45.90
CA LEU D 442 28.41 -2.93 -45.55
C LEU D 442 28.78 -3.65 -44.27
N VAL D 443 27.93 -3.55 -43.26
CA VAL D 443 28.20 -4.23 -41.98
C VAL D 443 27.87 -5.72 -42.08
N LYS D 444 27.03 -6.14 -43.03
CA LYS D 444 26.79 -7.57 -43.32
C LYS D 444 27.92 -8.22 -44.11
N MET D 445 28.85 -7.43 -44.66
CA MET D 445 30.03 -7.92 -45.42
C MET D 445 30.71 -9.03 -44.63
N GLU D 446 30.69 -10.25 -45.16
CA GLU D 446 31.54 -11.34 -44.68
C GLU D 446 33.02 -10.90 -44.66
N SER D 447 33.41 -10.08 -45.63
CA SER D 447 34.78 -9.55 -45.74
C SER D 447 35.05 -8.47 -44.69
N LEU D 448 34.02 -7.89 -44.06
CA LEU D 448 34.26 -6.93 -42.96
C LEU D 448 34.80 -7.76 -41.79
N GLU D 449 36.12 -7.67 -41.58
CA GLU D 449 36.85 -8.55 -40.67
C GLU D 449 36.63 -8.10 -39.24
N PRO D 450 36.95 -8.94 -38.24
CA PRO D 450 36.60 -8.63 -36.85
C PRO D 450 37.05 -7.25 -36.36
N ASP D 451 38.36 -6.96 -36.44
CA ASP D 451 38.89 -5.66 -35.98
C ASP D 451 38.23 -4.51 -36.75
N ALA D 452 37.89 -4.76 -38.03
CA ALA D 452 37.15 -3.79 -38.85
C ALA D 452 35.78 -3.50 -38.23
N GLN D 453 35.08 -4.55 -37.78
CA GLN D 453 33.77 -4.39 -37.13
C GLN D 453 33.91 -3.56 -35.86
N VAL D 454 35.00 -3.76 -35.13
CA VAL D 454 35.24 -3.03 -33.86
C VAL D 454 35.48 -1.56 -34.15
N LEU D 455 36.25 -1.25 -35.19
CA LEU D 455 36.54 0.14 -35.55
C LEU D 455 35.29 0.81 -36.11
N MET D 456 34.47 0.07 -36.85
CA MET D 456 33.15 0.53 -37.30
C MET D 456 32.33 0.97 -36.09
N LEU D 457 32.23 0.09 -35.10
CA LEU D 457 31.48 0.36 -33.86
C LEU D 457 32.08 1.59 -33.17
N GLY D 458 33.39 1.55 -32.89
CA GLY D 458 34.13 2.62 -32.21
C GLY D 458 33.90 3.97 -32.85
N GLN D 459 33.77 3.98 -34.18
CA GLN D 459 33.48 5.21 -34.94
C GLN D 459 32.01 5.60 -34.81
N ILE D 460 31.11 4.61 -34.80
CA ILE D 460 29.66 4.90 -34.68
C ILE D 460 29.38 5.60 -33.35
N LEU D 461 30.17 5.30 -32.31
CA LEU D 461 29.85 5.71 -30.93
C LEU D 461 29.72 7.23 -30.79
N GLU D 462 30.56 8.00 -31.48
CA GLU D 462 30.74 9.43 -31.15
C GLU D 462 29.60 10.28 -31.72
N LEU D 463 28.66 9.68 -32.43
CA LEU D 463 27.75 10.43 -33.32
C LEU D 463 26.46 10.79 -32.61
N PRO D 464 25.65 11.70 -33.19
CA PRO D 464 24.25 11.85 -32.78
C PRO D 464 23.40 10.69 -33.29
N TRP D 465 22.89 9.90 -32.35
CA TRP D 465 22.21 8.64 -32.66
C TRP D 465 20.75 8.94 -32.93
N LYS D 466 20.27 8.43 -34.03
CA LYS D 466 18.89 8.58 -34.50
C LYS D 466 18.41 7.20 -34.94
N GLU D 467 17.22 7.15 -35.54
CA GLU D 467 16.60 5.90 -36.02
C GLU D 467 17.55 5.14 -36.96
N GLU D 468 18.20 5.86 -37.86
CA GLU D 468 19.10 5.26 -38.85
C GLU D 468 20.31 4.65 -38.15
N THR D 469 20.86 5.33 -37.15
CA THR D 469 22.00 4.82 -36.35
C THR D 469 21.64 3.49 -35.70
N PHE D 470 20.43 3.39 -35.16
CA PHE D 470 19.96 2.16 -34.48
C PHE D 470 19.79 1.06 -35.54
N LEU D 471 19.16 1.38 -36.67
CA LEU D 471 18.88 0.40 -37.73
C LEU D 471 20.17 -0.24 -38.23
N VAL D 472 21.19 0.59 -38.40
CA VAL D 472 22.54 0.12 -38.78
C VAL D 472 23.10 -0.75 -37.67
N LEU D 473 23.11 -0.22 -36.46
CA LEU D 473 23.79 -0.86 -35.33
C LEU D 473 23.19 -2.24 -35.06
N GLN D 474 21.90 -2.41 -35.33
CA GLN D 474 21.19 -3.70 -35.18
C GLN D 474 21.94 -4.76 -35.98
N SER D 475 22.07 -4.50 -37.29
CA SER D 475 22.77 -5.42 -38.21
C SER D 475 24.24 -5.54 -37.81
N LEU D 476 24.81 -4.47 -37.28
CA LEU D 476 26.24 -4.48 -36.91
C LEU D 476 26.51 -5.47 -35.78
N LEU D 477 25.61 -5.52 -34.80
CA LEU D 477 25.79 -6.38 -33.61
C LEU D 477 25.09 -7.71 -33.76
N GLU D 478 24.35 -7.93 -34.85
CA GLU D 478 23.95 -9.29 -35.25
C GLU D 478 25.16 -10.20 -35.45
N ARG D 479 26.34 -9.61 -35.70
CA ARG D 479 27.59 -10.36 -35.84
C ARG D 479 28.09 -10.89 -34.50
N GLN D 480 27.50 -10.45 -33.38
CA GLN D 480 27.96 -10.82 -32.04
C GLN D 480 29.41 -10.38 -31.93
N VAL D 481 29.62 -9.09 -32.06
CA VAL D 481 30.98 -8.51 -32.11
C VAL D 481 31.42 -8.13 -30.70
N GLU D 482 32.73 -8.17 -30.46
CA GLU D 482 33.34 -7.99 -29.13
C GLU D 482 33.30 -6.53 -28.72
N MET D 483 32.99 -6.29 -27.44
CA MET D 483 32.93 -4.94 -26.87
C MET D 483 33.79 -4.91 -25.60
N THR D 484 34.61 -3.89 -25.51
CA THR D 484 35.32 -3.56 -24.25
C THR D 484 34.28 -3.00 -23.29
N PRO D 485 34.55 -3.07 -21.96
CA PRO D 485 33.56 -2.65 -20.99
C PRO D 485 33.22 -1.15 -21.07
N GLU D 486 34.23 -0.30 -21.28
CA GLU D 486 34.02 1.16 -21.42
C GLU D 486 33.10 1.43 -22.61
N LYS D 487 33.26 0.63 -23.67
CA LYS D 487 32.52 0.84 -24.92
C LYS D 487 31.09 0.38 -24.75
N PHE D 488 30.90 -0.78 -24.10
CA PHE D 488 29.56 -1.24 -23.72
C PHE D 488 28.90 -0.23 -22.78
N SER D 489 29.69 0.45 -21.93
CA SER D 489 29.19 1.49 -21.01
C SER D 489 28.57 2.64 -21.78
N VAL D 490 29.34 3.16 -22.74
CA VAL D 490 28.89 4.26 -23.62
C VAL D 490 27.65 3.82 -24.39
N LEU D 491 27.68 2.57 -24.88
CA LEU D 491 26.54 1.97 -25.61
C LEU D 491 25.29 2.10 -24.75
N MET D 492 25.31 1.49 -23.56
CA MET D 492 24.12 1.45 -22.71
C MET D 492 23.72 2.86 -22.27
N GLU D 493 24.71 3.74 -22.13
CA GLU D 493 24.47 5.15 -21.76
C GLU D 493 23.61 5.83 -22.82
N LYS D 494 24.06 5.78 -24.07
CA LYS D 494 23.29 6.34 -25.20
C LYS D 494 21.97 5.60 -25.34
N LEU D 495 22.00 4.27 -25.15
CA LEU D 495 20.84 3.40 -25.33
C LEU D 495 19.73 3.76 -24.34
N CYS D 496 20.08 4.31 -23.17
CA CYS D 496 19.08 4.72 -22.16
C CYS D 496 18.15 5.83 -22.65
N LYS D 497 18.49 6.53 -23.74
CA LYS D 497 17.83 7.78 -24.17
C LYS D 497 17.59 7.78 -25.68
N THR D 503 13.32 7.77 -28.05
CA THR D 503 13.31 6.64 -27.09
C THR D 503 12.11 5.69 -27.28
N THR D 504 11.07 6.12 -27.99
CA THR D 504 9.93 5.26 -28.36
C THR D 504 10.21 4.38 -29.57
N SER D 505 11.36 4.53 -30.23
CA SER D 505 11.56 3.95 -31.58
C SER D 505 11.56 2.44 -31.54
N MET D 506 11.05 1.85 -32.61
CA MET D 506 10.75 0.41 -32.61
C MET D 506 11.99 -0.35 -33.05
N ALA D 507 12.75 0.20 -33.97
CA ALA D 507 14.08 -0.36 -34.27
C ALA D 507 14.96 -0.24 -33.03
N TYR D 508 14.81 0.86 -32.28
CA TYR D 508 15.51 1.05 -31.02
C TYR D 508 15.09 -0.03 -30.02
N ALA D 509 13.81 -0.41 -30.07
CA ALA D 509 13.33 -1.57 -29.31
C ALA D 509 14.11 -2.82 -29.72
N LYS D 510 14.22 -3.04 -31.03
CA LYS D 510 15.02 -4.17 -31.58
C LYS D 510 16.44 -4.12 -31.04
N LEU D 511 17.02 -2.93 -31.01
CA LEU D 511 18.40 -2.74 -30.57
C LEU D 511 18.54 -3.18 -29.11
N MET D 512 17.71 -2.61 -28.25
CA MET D 512 17.73 -2.92 -26.81
C MET D 512 17.54 -4.42 -26.60
N LEU D 513 16.59 -5.01 -27.34
CA LEU D 513 16.30 -6.45 -27.27
C LEU D 513 17.55 -7.26 -27.59
N THR D 514 18.20 -6.92 -28.70
CA THR D 514 19.35 -7.69 -29.21
C THR D 514 20.51 -7.63 -28.21
N VAL D 515 20.72 -6.48 -27.59
CA VAL D 515 21.79 -6.36 -26.58
C VAL D 515 21.44 -7.23 -25.39
N MET D 516 20.22 -7.06 -24.86
CA MET D 516 19.73 -7.77 -23.67
C MET D 516 19.83 -9.28 -23.87
N THR D 517 19.59 -9.75 -25.09
CA THR D 517 19.59 -11.18 -25.42
C THR D 517 21.02 -11.71 -25.52
N LYS D 518 21.89 -10.99 -26.20
CA LYS D 518 23.21 -11.51 -26.57
C LYS D 518 24.25 -11.11 -25.53
N TYR D 519 24.38 -9.82 -25.29
CA TYR D 519 25.45 -9.27 -24.45
C TYR D 519 25.02 -9.20 -23.00
N GLN D 520 24.01 -9.99 -22.62
CA GLN D 520 23.73 -10.31 -21.20
C GLN D 520 24.99 -10.75 -20.47
N ALA D 521 25.90 -11.42 -21.17
CA ALA D 521 27.24 -11.73 -20.67
C ALA D 521 27.95 -10.46 -20.19
N ASN D 522 27.67 -9.33 -20.84
CA ASN D 522 28.31 -8.04 -20.53
C ASN D 522 27.46 -7.16 -19.60
N ILE D 523 26.17 -7.48 -19.42
CA ILE D 523 25.21 -6.56 -18.76
C ILE D 523 25.36 -6.68 -17.23
N THR D 524 25.28 -5.54 -16.55
CA THR D 524 25.28 -5.45 -15.08
C THR D 524 23.96 -4.86 -14.60
N GLU D 525 23.85 -4.68 -13.28
CA GLU D 525 22.60 -4.27 -12.63
C GLU D 525 22.25 -2.81 -12.96
N THR D 526 23.22 -1.90 -12.98
CA THR D 526 22.94 -0.48 -13.22
C THR D 526 22.59 -0.25 -14.68
N GLN D 527 23.22 -1.02 -15.56
CA GLN D 527 22.85 -1.06 -16.98
C GLN D 527 21.45 -1.62 -17.13
N ARG D 528 21.14 -2.66 -16.37
CA ARG D 528 19.78 -3.23 -16.31
C ARG D 528 18.78 -2.21 -15.76
N LEU D 529 19.22 -1.32 -14.88
CA LEU D 529 18.35 -0.27 -14.31
C LEU D 529 18.05 0.81 -15.34
N GLY D 530 19.10 1.38 -15.93
CA GLY D 530 18.93 2.34 -17.04
C GLY D 530 18.08 1.74 -18.14
N LEU D 531 18.27 0.43 -18.40
CA LEU D 531 17.39 -0.34 -19.30
C LEU D 531 15.94 -0.20 -18.85
N ALA D 532 15.66 -0.56 -17.60
CA ALA D 532 14.31 -0.51 -17.01
C ALA D 532 13.70 0.88 -17.22
N MET D 533 14.50 1.92 -17.01
CA MET D 533 14.06 3.32 -17.17
C MET D 533 13.60 3.55 -18.61
N ALA D 534 14.43 3.16 -19.58
CA ALA D 534 14.08 3.33 -21.00
C ALA D 534 13.00 2.33 -21.44
N LEU D 535 12.72 1.31 -20.61
CA LEU D 535 11.83 0.20 -21.00
C LEU D 535 10.40 0.49 -20.58
N GLU D 536 10.25 1.18 -19.46
CA GLU D 536 8.98 1.66 -18.92
C GLU D 536 7.97 2.14 -19.97
N PRO D 537 8.38 2.89 -21.03
CA PRO D 537 7.42 3.26 -22.07
C PRO D 537 6.57 2.15 -22.68
N ASN D 538 5.28 2.45 -22.89
CA ASN D 538 4.30 1.61 -23.61
C ASN D 538 4.19 2.02 -25.08
N THR D 539 4.64 3.23 -25.43
CA THR D 539 4.88 3.64 -26.84
C THR D 539 5.79 2.63 -27.55
N THR D 540 6.65 1.99 -26.78
CA THR D 540 7.38 0.75 -27.13
C THR D 540 6.40 -0.31 -27.68
N PHE D 541 6.92 -1.28 -28.46
CA PHE D 541 6.28 -2.59 -28.66
C PHE D 541 7.20 -3.65 -28.07
N LEU D 542 6.73 -4.88 -28.03
CA LEU D 542 7.46 -6.00 -27.41
C LEU D 542 7.78 -5.71 -25.94
N ARG D 543 6.93 -4.90 -25.28
CA ARG D 543 7.12 -4.52 -23.88
C ARG D 543 7.36 -5.78 -23.06
N LYS D 544 6.39 -6.67 -23.08
CA LYS D 544 6.40 -7.97 -22.40
C LYS D 544 7.72 -8.69 -22.61
N SER D 545 8.10 -8.91 -23.86
CA SER D 545 9.32 -9.64 -24.22
C SER D 545 10.51 -9.01 -23.53
N LEU D 546 10.55 -7.69 -23.56
CA LEU D 546 11.66 -6.97 -22.92
C LEU D 546 11.61 -7.19 -21.42
N LYS D 547 10.41 -7.18 -20.84
CA LYS D 547 10.28 -7.37 -19.39
C LYS D 547 10.80 -8.76 -19.02
N ALA D 548 10.49 -9.76 -19.86
CA ALA D 548 10.94 -11.15 -19.66
C ALA D 548 12.45 -11.25 -19.78
N ALA D 549 13.01 -10.57 -20.77
CA ALA D 549 14.46 -10.52 -20.94
C ALA D 549 15.09 -9.84 -19.72
N LEU D 550 14.49 -8.75 -19.25
CA LEU D 550 15.03 -7.96 -18.13
C LEU D 550 14.99 -8.78 -16.84
N LYS D 551 13.88 -9.48 -16.62
CA LYS D 551 13.75 -10.51 -15.57
C LYS D 551 14.90 -11.51 -15.67
N HIS D 552 15.13 -12.04 -16.87
CA HIS D 552 16.14 -13.09 -17.08
C HIS D 552 17.55 -12.56 -16.80
N LEU D 553 17.80 -11.28 -17.07
CA LEU D 553 19.07 -10.64 -16.68
C LEU D 553 19.25 -10.70 -15.17
N GLY D 554 18.17 -10.50 -14.43
CA GLY D 554 18.16 -10.61 -12.96
C GLY D 554 17.97 -12.04 -12.51
N MET E 26 -71.72 132.14 24.17
CA MET E 26 -71.68 131.24 25.39
C MET E 26 -72.55 130.00 25.17
N GLU E 27 -73.85 130.23 25.05
CA GLU E 27 -74.80 129.17 24.67
C GLU E 27 -74.60 128.76 23.21
N SER E 28 -74.01 129.61 22.36
CA SER E 28 -73.62 129.25 20.99
C SER E 28 -72.75 127.99 21.00
N LEU E 29 -71.93 127.82 22.03
CA LEU E 29 -71.03 126.66 22.15
C LEU E 29 -71.85 125.37 22.34
N LEU E 30 -72.96 125.46 23.06
CA LEU E 30 -73.78 124.29 23.43
C LEU E 30 -74.33 123.58 22.20
N GLN E 31 -75.09 124.32 21.40
CA GLN E 31 -75.68 123.76 20.17
C GLN E 31 -74.59 123.41 19.16
N HIS E 32 -73.46 124.10 19.17
CA HIS E 32 -72.30 123.72 18.34
C HIS E 32 -71.76 122.36 18.77
N LEU E 33 -71.79 122.09 20.07
CA LEU E 33 -71.13 120.89 20.63
C LEU E 33 -72.07 119.68 20.54
N ASP E 34 -73.34 119.84 20.85
CA ASP E 34 -74.24 118.67 20.94
C ASP E 34 -74.44 118.07 19.54
N ARG E 35 -74.64 118.92 18.54
CA ARG E 35 -74.72 118.47 17.15
C ARG E 35 -73.42 117.76 16.77
N PHE E 36 -72.30 118.33 17.20
CA PHE E 36 -70.99 117.73 16.91
C PHE E 36 -70.87 116.33 17.52
N SER E 37 -71.35 116.17 18.75
CA SER E 37 -71.20 114.89 19.47
C SER E 37 -72.15 113.84 18.88
N GLU E 38 -73.35 114.28 18.48
CA GLU E 38 -74.27 113.44 17.70
C GLU E 38 -73.55 112.91 16.47
N LEU E 39 -72.99 113.83 15.69
CA LEU E 39 -72.29 113.50 14.44
C LEU E 39 -71.09 112.61 14.75
N LEU E 40 -70.40 112.87 15.85
CA LEU E 40 -69.26 112.06 16.30
C LEU E 40 -69.68 110.61 16.53
N ALA E 41 -70.69 110.40 17.37
CA ALA E 41 -71.11 109.05 17.76
C ALA E 41 -71.61 108.29 16.53
N VAL E 42 -72.38 108.95 15.68
CA VAL E 42 -72.94 108.30 14.48
C VAL E 42 -71.92 108.20 13.35
N SER E 43 -70.74 108.81 13.49
CA SER E 43 -69.65 108.61 12.53
C SER E 43 -69.36 107.12 12.36
N SER E 44 -69.09 106.44 13.49
CA SER E 44 -68.78 105.01 13.50
C SER E 44 -69.93 104.19 12.92
N THR E 45 -71.17 104.66 13.05
CA THR E 45 -72.34 103.86 12.66
C THR E 45 -72.29 103.59 11.16
N THR E 46 -72.60 102.35 10.81
CA THR E 46 -72.41 101.82 9.45
C THR E 46 -73.66 102.00 8.60
N TYR E 47 -74.49 102.97 8.93
CA TYR E 47 -75.56 103.46 8.03
C TYR E 47 -74.99 104.37 6.93
N VAL E 48 -73.68 104.60 6.88
CA VAL E 48 -73.10 105.67 6.05
C VAL E 48 -73.32 105.32 4.58
N SER E 49 -74.36 105.90 4.00
CA SER E 49 -74.61 105.88 2.55
C SER E 49 -74.90 107.29 2.04
N THR E 50 -75.65 108.07 2.83
CA THR E 50 -76.08 109.43 2.45
C THR E 50 -74.90 110.38 2.30
N TRP E 51 -73.81 110.10 3.01
CA TRP E 51 -72.76 111.10 3.25
C TRP E 51 -72.12 111.54 1.94
N ASP E 52 -71.56 112.73 1.98
CA ASP E 52 -70.86 113.33 0.84
C ASP E 52 -69.73 114.18 1.40
N PRO E 53 -68.77 114.59 0.55
CA PRO E 53 -67.72 115.50 0.99
C PRO E 53 -68.18 116.80 1.65
N ALA E 54 -69.41 117.27 1.37
CA ALA E 54 -69.93 118.47 2.03
C ALA E 54 -70.05 118.22 3.53
N THR E 55 -70.69 117.11 3.90
CA THR E 55 -70.80 116.68 5.31
C THR E 55 -69.41 116.52 5.91
N VAL E 56 -68.49 115.99 5.11
CA VAL E 56 -67.10 115.77 5.55
C VAL E 56 -66.48 117.11 5.95
N ARG E 57 -66.45 118.04 5.00
CA ARG E 57 -65.90 119.39 5.25
C ARG E 57 -66.58 120.03 6.45
N ARG E 58 -67.89 119.85 6.56
CA ARG E 58 -68.67 120.48 7.64
C ARG E 58 -68.19 119.95 8.99
N ALA E 59 -68.14 118.64 9.13
CA ALA E 59 -67.64 118.00 10.35
C ALA E 59 -66.23 118.47 10.65
N LEU E 60 -65.40 118.52 9.62
CA LEU E 60 -63.98 118.83 9.82
C LEU E 60 -63.79 120.25 10.27
N GLN E 61 -64.43 121.20 9.59
CA GLN E 61 -64.29 122.61 9.96
C GLN E 61 -64.92 122.83 11.34
N TRP E 62 -65.98 122.11 11.67
CA TRP E 62 -66.55 122.17 13.03
C TRP E 62 -65.48 121.78 14.04
N ALA E 63 -64.81 120.65 13.78
CA ALA E 63 -63.76 120.16 14.68
C ALA E 63 -62.60 121.15 14.75
N ARG E 64 -62.31 121.80 13.63
CA ARG E 64 -61.23 122.80 13.60
C ARG E 64 -61.59 123.99 14.47
N TYR E 65 -62.84 124.45 14.38
CA TYR E 65 -63.35 125.53 15.24
C TYR E 65 -63.24 125.09 16.70
N LEU E 66 -63.49 123.82 16.97
CA LEU E 66 -63.61 123.37 18.36
C LEU E 66 -62.23 123.21 18.99
N ARG E 67 -61.27 122.68 18.25
CA ARG E 67 -59.89 122.69 18.74
C ARG E 67 -59.34 124.12 18.78
N HIS E 68 -59.80 124.98 17.88
CA HIS E 68 -59.49 126.42 17.95
C HIS E 68 -59.97 126.97 19.30
N ILE E 69 -61.16 126.56 19.70
CA ILE E 69 -61.72 126.97 21.00
C ILE E 69 -60.91 126.37 22.13
N HIS E 70 -60.51 125.10 21.98
CA HIS E 70 -59.59 124.45 22.93
C HIS E 70 -58.35 125.30 23.16
N ARG E 71 -57.80 125.84 22.09
CA ARG E 71 -56.61 126.70 22.17
C ARG E 71 -56.97 128.03 22.82
N ARG E 72 -58.05 128.66 22.34
CA ARG E 72 -58.32 130.10 22.53
C ARG E 72 -58.49 130.44 24.00
N PHE E 73 -59.55 129.92 24.61
CA PHE E 73 -59.92 130.24 26.00
C PHE E 73 -60.37 128.99 26.75
N GLY E 74 -59.86 127.84 26.34
CA GLY E 74 -60.10 126.60 27.08
C GLY E 74 -59.57 126.66 28.50
N ARG E 75 -58.59 127.53 28.74
CA ARG E 75 -57.92 127.63 30.05
C ARG E 75 -58.90 128.13 31.10
N HIS E 76 -58.41 128.15 32.35
CA HIS E 76 -59.22 128.37 33.57
C HIS E 76 -60.22 129.52 33.40
N GLY E 77 -61.49 129.20 33.58
CA GLY E 77 -62.57 130.16 33.44
C GLY E 77 -63.90 129.48 33.65
N PRO E 78 -64.97 130.28 33.81
CA PRO E 78 -66.30 129.70 34.04
C PRO E 78 -66.81 128.93 32.84
N ILE E 79 -66.38 129.30 31.64
CA ILE E 79 -66.86 128.65 30.40
C ILE E 79 -66.26 127.24 30.35
N ARG E 80 -64.97 127.12 30.66
CA ARG E 80 -64.29 125.83 30.83
C ARG E 80 -65.11 124.91 31.73
N THR E 81 -65.47 125.40 32.90
CA THR E 81 -66.17 124.60 33.91
C THR E 81 -67.57 124.24 33.39
N ALA E 82 -68.28 125.19 32.80
CA ALA E 82 -69.63 124.96 32.26
C ALA E 82 -69.58 123.85 31.21
N LEU E 83 -68.59 123.89 30.34
CA LEU E 83 -68.50 122.90 29.26
C LEU E 83 -68.12 121.53 29.83
N GLU E 84 -67.24 121.52 30.84
CA GLU E 84 -66.91 120.25 31.50
C GLU E 84 -68.15 119.67 32.19
N ARG E 85 -69.01 120.55 32.71
CA ARG E 85 -70.28 120.10 33.31
C ARG E 85 -71.17 119.49 32.24
N ARG E 86 -71.26 120.12 31.08
CA ARG E 86 -72.00 119.54 29.94
C ARG E 86 -71.43 118.17 29.61
N LEU E 87 -70.10 118.05 29.60
CA LEU E 87 -69.42 116.79 29.26
C LEU E 87 -69.85 115.68 30.22
N HIS E 88 -69.63 115.87 31.50
CA HIS E 88 -69.91 114.83 32.50
C HIS E 88 -71.41 114.60 32.60
N ASN E 89 -72.20 115.67 32.49
CA ASN E 89 -73.66 115.57 32.44
C ASN E 89 -74.06 114.61 31.32
N GLN E 90 -73.55 114.85 30.11
CA GLN E 90 -73.88 113.99 28.97
C GLN E 90 -73.38 112.57 29.21
N TRP E 91 -72.17 112.43 29.76
CA TRP E 91 -71.56 111.09 29.87
C TRP E 91 -72.29 110.25 30.91
N ARG E 92 -72.79 110.85 31.98
CA ARG E 92 -73.60 110.12 32.97
C ARG E 92 -75.07 110.06 32.55
N GLN E 93 -75.48 110.87 31.57
CA GLN E 93 -76.82 110.73 30.98
C GLN E 93 -76.87 109.49 30.09
N GLU E 94 -75.90 109.36 29.19
CA GLU E 94 -75.76 108.13 28.38
C GLU E 94 -75.30 106.96 29.26
N GLY E 95 -74.63 107.26 30.37
CA GLY E 95 -74.24 106.23 31.35
C GLY E 95 -72.93 105.57 31.00
N GLY E 96 -72.82 105.07 29.76
CA GLY E 96 -71.72 104.20 29.35
C GLY E 96 -72.13 102.75 29.45
N PHE E 97 -73.44 102.50 29.34
CA PHE E 97 -74.04 101.15 29.44
C PHE E 97 -75.24 101.09 28.50
N GLY E 98 -75.81 99.90 28.34
CA GLY E 98 -77.09 99.70 27.66
C GLY E 98 -77.06 100.16 26.21
N ARG E 99 -77.69 101.30 25.92
CA ARG E 99 -77.78 101.88 24.56
C ARG E 99 -76.39 102.13 23.95
N GLY E 100 -75.42 102.51 24.77
CA GLY E 100 -74.03 102.62 24.32
C GLY E 100 -73.04 102.69 25.47
N PRO E 101 -72.00 101.81 25.51
CA PRO E 101 -70.77 102.12 26.24
C PRO E 101 -69.76 102.81 25.33
N VAL E 102 -70.20 103.87 24.67
CA VAL E 102 -69.37 104.60 23.69
C VAL E 102 -68.23 105.27 24.46
N PRO E 103 -66.94 105.08 24.07
CA PRO E 103 -65.87 105.90 24.65
C PRO E 103 -66.11 107.40 24.50
N GLY E 104 -66.34 107.87 23.27
CA GLY E 104 -66.60 109.29 23.00
C GLY E 104 -65.44 110.18 23.40
N LEU E 105 -65.50 111.47 23.06
CA LEU E 105 -64.45 112.40 23.52
C LEU E 105 -64.59 112.55 25.03
N ALA E 106 -63.51 112.24 25.75
CA ALA E 106 -63.58 112.07 27.20
C ALA E 106 -63.92 113.40 27.88
N ASN E 107 -63.25 114.47 27.48
CA ASN E 107 -63.24 115.68 28.31
C ASN E 107 -62.58 116.82 27.54
N PHE E 108 -62.38 117.92 28.26
CA PHE E 108 -61.67 119.12 27.79
C PHE E 108 -60.43 118.77 26.96
N GLN E 109 -59.43 118.11 27.55
CA GLN E 109 -58.20 117.75 26.82
C GLN E 109 -58.50 116.86 25.63
N ALA E 110 -59.51 115.98 25.73
CA ALA E 110 -59.89 115.11 24.61
C ALA E 110 -60.40 115.92 23.43
N LEU E 111 -60.99 117.08 23.68
CA LEU E 111 -61.44 117.95 22.58
C LEU E 111 -60.27 118.35 21.67
N GLY E 112 -59.06 118.45 22.22
CA GLY E 112 -57.91 119.01 21.50
C GLY E 112 -57.59 118.31 20.19
N HIS E 113 -58.13 117.12 19.96
CA HIS E 113 -57.88 116.33 18.74
C HIS E 113 -59.19 115.75 18.23
N CYS E 114 -60.24 116.57 18.25
CA CYS E 114 -61.61 116.11 18.01
C CYS E 114 -61.75 115.51 16.60
N ASP E 115 -61.28 116.24 15.58
CA ASP E 115 -61.27 115.75 14.19
C ASP E 115 -60.60 114.38 14.09
N VAL E 116 -59.53 114.19 14.83
CA VAL E 116 -58.64 113.03 14.64
C VAL E 116 -59.40 111.77 14.99
N LEU E 117 -60.16 111.86 16.07
CA LEU E 117 -60.87 110.70 16.60
C LEU E 117 -61.87 110.22 15.57
N LEU E 118 -62.61 111.16 15.00
CA LEU E 118 -63.62 110.80 14.00
C LEU E 118 -62.95 110.28 12.73
N SER E 119 -61.84 110.86 12.35
CA SER E 119 -61.08 110.37 11.20
C SER E 119 -60.74 108.90 11.40
N LEU E 120 -60.36 108.55 12.62
CA LEU E 120 -60.09 107.15 12.95
C LEU E 120 -61.36 106.32 12.92
N ARG E 121 -62.46 106.87 13.41
CA ARG E 121 -63.76 106.15 13.43
C ARG E 121 -64.13 105.71 12.02
N LEU E 122 -64.00 106.62 11.06
CA LEU E 122 -64.56 106.38 9.73
C LEU E 122 -63.72 105.41 8.93
N LEU E 123 -62.43 105.37 9.20
CA LEU E 123 -61.55 104.37 8.57
C LEU E 123 -62.10 102.97 8.81
N GLU E 124 -62.55 102.72 10.04
CA GLU E 124 -63.03 101.40 10.45
C GLU E 124 -64.51 101.25 10.12
N ASN E 125 -65.22 102.36 9.99
CA ASN E 125 -66.58 102.31 9.44
C ASN E 125 -66.47 101.95 7.96
N ARG E 126 -66.71 100.70 7.62
CA ARG E 126 -66.59 100.27 6.21
C ARG E 126 -67.85 100.60 5.41
N ALA E 127 -68.86 101.20 6.04
CA ALA E 127 -69.93 101.85 5.27
C ALA E 127 -69.40 103.09 4.57
N LEU E 128 -68.20 103.53 4.95
CA LEU E 128 -67.44 104.54 4.20
C LEU E 128 -67.44 104.21 2.70
N GLY E 129 -68.02 105.12 1.92
CA GLY E 129 -68.26 104.87 0.50
C GLY E 129 -67.07 105.22 -0.36
N ASP E 130 -67.34 105.54 -1.62
CA ASP E 130 -66.29 105.78 -2.63
C ASP E 130 -65.83 107.24 -2.57
N ALA E 131 -66.74 108.15 -2.89
CA ALA E 131 -66.37 109.53 -3.23
C ALA E 131 -65.98 110.32 -1.98
N ALA E 132 -66.80 110.25 -0.92
CA ALA E 132 -66.49 110.95 0.33
C ALA E 132 -65.18 110.42 0.91
N ARG E 133 -64.90 109.14 0.75
CA ARG E 133 -63.65 108.52 1.21
C ARG E 133 -62.46 109.07 0.44
N TYR E 134 -62.57 109.10 -0.88
CA TYR E 134 -61.48 109.58 -1.73
C TYR E 134 -61.21 111.04 -1.41
N HIS E 135 -62.28 111.83 -1.32
CA HIS E 135 -62.15 113.26 -0.99
C HIS E 135 -61.59 113.40 0.43
N LEU E 136 -61.94 112.49 1.32
CA LEU E 136 -61.42 112.53 2.69
C LEU E 136 -59.90 112.38 2.66
N VAL E 137 -59.44 111.29 2.08
CA VAL E 137 -57.99 111.05 2.03
C VAL E 137 -57.31 112.19 1.26
N GLN E 138 -58.00 112.75 0.28
CA GLN E 138 -57.47 113.89 -0.47
C GLN E 138 -57.28 115.07 0.49
N GLN E 139 -58.29 115.36 1.30
CA GLN E 139 -58.19 116.43 2.31
C GLN E 139 -57.00 116.17 3.23
N LEU E 140 -56.93 114.95 3.73
CA LEU E 140 -55.93 114.61 4.75
C LEU E 140 -54.54 114.76 4.18
N PHE E 141 -54.34 114.14 3.02
CA PHE E 141 -53.01 113.89 2.46
C PHE E 141 -52.98 114.32 1.01
N PRO E 142 -53.01 115.63 0.76
CA PRO E 142 -52.69 116.14 -0.57
C PRO E 142 -51.20 116.13 -0.91
N GLY E 143 -50.38 115.54 -0.04
CA GLY E 143 -48.93 115.55 -0.19
C GLY E 143 -48.33 116.56 0.77
N PRO E 144 -47.03 116.87 0.58
CA PRO E 144 -46.45 118.06 1.18
C PRO E 144 -46.71 119.34 0.39
N GLY E 145 -47.70 119.35 -0.51
CA GLY E 145 -48.07 120.56 -1.25
C GLY E 145 -48.41 121.73 -0.36
N VAL E 146 -48.93 121.47 0.85
CA VAL E 146 -49.24 122.51 1.86
C VAL E 146 -48.29 122.30 3.05
N ARG E 147 -47.06 121.86 2.78
CA ARG E 147 -46.07 121.57 3.85
C ARG E 147 -45.89 122.75 4.80
N ASP E 148 -46.06 123.97 4.32
CA ASP E 148 -45.88 125.19 5.14
C ASP E 148 -47.22 125.55 5.78
N ALA E 149 -47.36 125.23 7.06
CA ALA E 149 -48.53 125.59 7.86
C ALA E 149 -48.09 125.77 9.31
N ASP E 150 -48.66 126.78 9.98
CA ASP E 150 -48.27 127.12 11.37
C ASP E 150 -48.80 126.07 12.34
N GLU E 151 -50.07 125.68 12.17
CA GLU E 151 -50.70 124.70 13.08
C GLU E 151 -50.14 123.31 12.82
N GLU E 152 -49.81 122.60 13.89
CA GLU E 152 -49.46 121.18 13.76
C GLU E 152 -50.71 120.47 13.30
N THR E 153 -50.73 120.09 12.04
CA THR E 153 -51.98 119.72 11.36
C THR E 153 -52.19 118.20 11.39
N LEU E 154 -53.17 117.77 10.59
CA LEU E 154 -53.53 116.35 10.43
C LEU E 154 -52.30 115.49 10.22
N GLN E 155 -51.55 115.77 9.16
CA GLN E 155 -50.48 114.87 8.71
C GLN E 155 -49.44 114.73 9.81
N GLU E 156 -49.02 115.84 10.41
CA GLU E 156 -47.99 115.80 11.46
C GLU E 156 -48.50 115.00 12.65
N SER E 157 -49.73 115.28 13.08
CA SER E 157 -50.31 114.62 14.26
C SER E 157 -50.37 113.11 14.03
N LEU E 158 -50.87 112.72 12.87
CA LEU E 158 -51.08 111.30 12.57
C LEU E 158 -49.75 110.60 12.42
N ALA E 159 -48.79 111.30 11.83
CA ALA E 159 -47.44 110.76 11.71
C ALA E 159 -46.88 110.46 13.09
N ARG E 160 -46.93 111.45 13.99
CA ARG E 160 -46.41 111.25 15.34
C ARG E 160 -47.19 110.18 16.06
N LEU E 161 -48.47 110.05 15.76
CA LEU E 161 -49.31 109.03 16.36
C LEU E 161 -48.75 107.67 16.04
N ALA E 162 -48.66 107.35 14.76
CA ALA E 162 -48.23 106.00 14.36
C ALA E 162 -46.80 105.79 14.78
N ARG E 163 -46.01 106.87 14.80
CA ARG E 163 -44.63 106.86 15.28
C ARG E 163 -44.64 106.32 16.70
N ARG E 164 -45.42 106.97 17.55
CA ARG E 164 -45.48 106.60 18.95
C ARG E 164 -46.02 105.19 19.09
N ARG E 165 -46.99 104.80 18.26
CA ARG E 165 -47.65 103.49 18.38
C ARG E 165 -46.61 102.39 18.10
N SER E 166 -45.88 102.54 17.00
CA SER E 166 -44.83 101.58 16.67
C SER E 166 -43.78 101.57 17.76
N ALA E 167 -43.44 102.74 18.27
CA ALA E 167 -42.46 102.85 19.37
C ALA E 167 -42.94 102.05 20.56
N VAL E 168 -44.21 102.17 20.88
CA VAL E 168 -44.81 101.51 22.04
C VAL E 168 -44.63 100.00 21.88
N HIS E 169 -45.09 99.46 20.76
CA HIS E 169 -44.99 98.01 20.55
C HIS E 169 -43.53 97.58 20.55
N MET E 170 -42.67 98.37 19.94
CA MET E 170 -41.23 98.05 19.89
C MET E 170 -40.67 97.88 21.28
N LEU E 171 -40.95 98.84 22.15
CA LEU E 171 -40.49 98.73 23.55
C LEU E 171 -41.11 97.51 24.22
N ARG E 172 -42.40 97.29 23.99
CA ARG E 172 -43.14 96.20 24.65
C ARG E 172 -42.47 94.85 24.37
N PHE E 173 -41.88 94.70 23.19
CA PHE E 173 -41.37 93.40 22.75
C PHE E 173 -39.84 93.33 22.75
N ASN E 174 -39.13 94.45 22.91
CA ASN E 174 -37.68 94.51 22.62
C ASN E 174 -36.96 95.30 23.71
N GLY E 175 -37.20 94.93 24.95
CA GLY E 175 -36.55 95.58 26.08
C GLY E 175 -37.48 95.72 27.26
N TYR E 176 -38.79 95.73 27.02
CA TYR E 176 -39.76 95.77 28.12
C TYR E 176 -39.58 94.59 29.05
N ARG E 177 -39.75 94.82 30.34
CA ARG E 177 -39.79 93.72 31.31
C ARG E 177 -40.94 93.93 32.27
N GLU E 178 -41.50 92.82 32.74
CA GLU E 178 -42.65 92.80 33.66
C GLU E 178 -42.06 92.92 35.06
N ASN E 179 -42.34 94.04 35.71
CA ASN E 179 -41.69 94.33 36.98
C ASN E 179 -42.27 93.42 38.05
N PRO E 180 -41.43 92.80 38.92
CA PRO E 180 -42.00 92.12 40.09
C PRO E 180 -42.76 93.06 41.03
N ASN E 181 -42.21 94.26 41.25
CA ASN E 181 -42.91 95.32 42.00
C ASN E 181 -43.92 95.98 41.04
N LEU E 182 -45.16 95.51 41.09
CA LEU E 182 -46.20 95.87 40.10
C LEU E 182 -46.50 97.38 40.12
N GLN E 183 -46.46 98.00 41.29
CA GLN E 183 -46.71 99.45 41.42
C GLN E 183 -45.69 100.20 40.58
N GLU E 184 -44.45 99.72 40.59
CA GLU E 184 -43.37 100.33 39.79
C GLU E 184 -43.66 100.13 38.31
N ASP E 185 -44.30 99.01 37.96
CA ASP E 185 -44.62 98.69 36.56
C ASP E 185 -45.46 99.80 35.95
N SER E 186 -45.13 100.15 34.71
CA SER E 186 -45.66 101.38 34.10
C SER E 186 -47.10 101.21 33.63
N LEU E 187 -47.44 100.01 33.16
CA LEU E 187 -48.78 99.77 32.61
C LEU E 187 -49.82 99.90 33.72
N MET E 188 -49.57 99.22 34.83
CA MET E 188 -50.45 99.31 36.00
C MET E 188 -50.43 100.75 36.51
N LYS E 189 -49.26 101.36 36.52
CA LYS E 189 -49.16 102.76 36.92
C LYS E 189 -49.96 103.67 36.00
N THR E 190 -49.96 103.39 34.71
CA THR E 190 -50.75 104.17 33.74
C THR E 190 -52.24 104.04 34.01
N GLN E 191 -52.69 102.81 34.11
CA GLN E 191 -54.10 102.53 34.34
C GLN E 191 -54.53 103.15 35.66
N ALA E 192 -53.66 103.13 36.65
CA ALA E 192 -53.94 103.71 37.96
C ALA E 192 -54.30 105.18 37.81
N GLU E 193 -53.46 105.93 37.11
CA GLU E 193 -53.71 107.36 36.97
C GLU E 193 -54.88 107.63 36.03
N LEU E 194 -55.11 106.77 35.04
CA LEU E 194 -56.35 106.84 34.25
C LEU E 194 -57.56 106.83 35.18
N LEU E 195 -57.57 105.89 36.09
CA LEU E 195 -58.72 105.71 36.96
C LEU E 195 -58.84 106.86 37.96
N LEU E 196 -57.71 107.34 38.46
CA LEU E 196 -57.76 108.48 39.41
C LEU E 196 -58.28 109.72 38.72
N GLU E 197 -57.81 109.98 37.51
CA GLU E 197 -58.41 110.98 36.63
C GLU E 197 -59.91 110.74 36.54
N ARG E 198 -60.28 109.48 36.33
CA ARG E 198 -61.66 109.11 36.07
C ARG E 198 -62.54 109.25 37.32
N LEU E 199 -61.95 109.32 38.51
CA LEU E 199 -62.74 109.43 39.76
C LEU E 199 -62.68 110.82 40.37
N GLN E 200 -61.59 111.56 40.21
CA GLN E 200 -61.57 112.97 40.63
C GLN E 200 -62.72 113.69 39.95
N GLU E 201 -62.98 113.37 38.69
CA GLU E 201 -64.07 114.00 37.92
C GLU E 201 -65.43 113.64 38.54
N VAL E 202 -65.65 112.38 38.89
CA VAL E 202 -66.93 111.97 39.51
C VAL E 202 -67.07 112.59 40.90
N GLY E 203 -65.97 112.78 41.63
CA GLY E 203 -66.01 113.42 42.95
C GLY E 203 -66.34 114.90 42.82
N LYS E 204 -65.79 115.54 41.80
CA LYS E 204 -66.13 116.95 41.49
C LYS E 204 -67.58 117.06 41.03
N ALA E 205 -68.09 116.05 40.32
CA ALA E 205 -69.42 116.11 39.70
C ALA E 205 -70.50 115.84 40.75
N GLU E 206 -70.36 114.76 41.53
CA GLU E 206 -71.37 114.29 42.50
C GLU E 206 -72.70 113.97 41.81
N ALA E 207 -72.67 113.65 40.51
CA ALA E 207 -73.88 113.26 39.77
C ALA E 207 -74.46 111.98 40.38
N GLU E 208 -73.70 110.89 40.30
CA GLU E 208 -73.92 109.68 41.11
C GLU E 208 -72.76 109.55 42.09
N ARG E 209 -72.85 108.59 42.99
CA ARG E 209 -71.75 108.34 43.93
C ARG E 209 -70.64 107.58 43.21
N PRO E 210 -69.38 107.70 43.66
CA PRO E 210 -68.32 106.85 43.11
C PRO E 210 -68.57 105.36 43.33
N ALA E 211 -69.34 105.02 44.36
CA ALA E 211 -69.67 103.62 44.67
C ALA E 211 -70.49 102.99 43.54
N ARG E 212 -71.47 103.71 43.01
CA ARG E 212 -72.29 103.20 41.89
C ARG E 212 -71.40 102.86 40.70
N PHE E 213 -70.41 103.72 40.46
CA PHE E 213 -69.47 103.54 39.35
C PHE E 213 -68.56 102.33 39.61
N LEU E 214 -67.98 102.27 40.81
CA LEU E 214 -67.05 101.18 41.20
C LEU E 214 -67.74 99.83 41.08
N SER E 215 -69.00 99.77 41.49
CA SER E 215 -69.74 98.51 41.46
C SER E 215 -69.89 98.04 40.02
N SER E 216 -70.51 98.88 39.20
CA SER E 216 -70.74 98.58 37.78
C SER E 216 -69.43 98.17 37.11
N LEU E 217 -68.36 98.88 37.42
CA LEU E 217 -67.03 98.56 36.91
C LEU E 217 -66.66 97.14 37.27
N TRP E 218 -66.57 96.90 38.57
CA TRP E 218 -66.27 95.59 39.12
C TRP E 218 -67.02 94.49 38.38
N GLU E 219 -68.32 94.65 38.21
CA GLU E 219 -69.09 93.56 37.63
C GLU E 219 -68.78 93.42 36.15
N ARG E 220 -68.63 94.53 35.45
CA ARG E 220 -68.59 94.46 33.98
C ARG E 220 -67.24 93.95 33.49
N LEU E 221 -66.16 94.35 34.14
CA LEU E 221 -64.81 94.22 33.58
C LEU E 221 -64.03 93.10 34.27
N PRO E 222 -62.87 92.68 33.72
CA PRO E 222 -62.04 91.64 34.35
C PRO E 222 -61.57 92.00 35.75
N GLN E 223 -62.15 91.31 36.72
CA GLN E 223 -61.97 91.66 38.13
C GLN E 223 -60.55 91.30 38.57
N ASN E 224 -59.98 90.26 37.98
CA ASN E 224 -58.62 89.87 38.32
C ASN E 224 -57.65 91.01 38.06
N ASN E 225 -57.66 91.55 36.84
CA ASN E 225 -56.86 92.74 36.50
C ASN E 225 -57.29 93.93 37.37
N PHE E 226 -58.61 94.04 37.60
CA PHE E 226 -59.19 95.18 38.32
C PHE E 226 -58.55 95.36 39.69
N LEU E 227 -58.43 94.25 40.41
CA LEU E 227 -57.87 94.27 41.77
C LEU E 227 -56.46 94.84 41.74
N LYS E 228 -55.65 94.40 40.78
CA LYS E 228 -54.25 94.82 40.71
C LYS E 228 -54.18 96.29 40.37
N VAL E 229 -55.05 96.70 39.44
CA VAL E 229 -55.11 98.11 39.04
C VAL E 229 -55.38 98.97 40.27
N ILE E 230 -56.33 98.52 41.09
CA ILE E 230 -56.74 99.31 42.26
C ILE E 230 -55.60 99.33 43.26
N ALA E 231 -54.92 98.19 43.39
CA ALA E 231 -53.78 98.03 44.29
C ALA E 231 -52.76 99.11 44.00
N VAL E 232 -52.43 99.26 42.73
CA VAL E 232 -51.46 100.28 42.33
C VAL E 232 -52.10 101.67 42.44
N ALA E 233 -53.40 101.75 42.26
CA ALA E 233 -54.10 103.03 42.27
C ALA E 233 -54.00 103.70 43.63
N LEU E 234 -54.09 102.91 44.69
CA LEU E 234 -54.13 103.48 46.04
C LEU E 234 -52.86 104.25 46.38
N LEU E 235 -51.75 103.90 45.75
CA LEU E 235 -50.41 104.28 46.25
C LEU E 235 -49.80 105.43 45.48
N GLN E 236 -50.48 105.93 44.45
CA GLN E 236 -49.97 107.09 43.70
C GLN E 236 -50.07 108.31 44.61
N PRO E 237 -48.97 109.02 44.93
CA PRO E 237 -49.09 110.29 45.63
C PRO E 237 -49.94 111.27 44.85
N PRO E 238 -50.84 112.05 45.51
CA PRO E 238 -51.71 112.97 44.77
C PRO E 238 -50.94 114.02 43.97
N LEU E 239 -51.70 114.75 43.17
CA LEU E 239 -51.13 115.67 42.17
C LEU E 239 -51.84 117.05 42.13
N SER E 240 -53.05 117.19 42.69
CA SER E 240 -53.87 118.40 42.46
C SER E 240 -53.23 119.63 43.13
N GLY E 256 -55.67 113.75 48.20
CA GLY E 256 -55.76 112.32 47.88
C GLY E 256 -57.14 111.74 48.18
N GLU E 257 -58.17 112.43 47.70
CA GLU E 257 -59.58 112.09 48.00
C GLU E 257 -59.97 110.78 47.32
N GLY E 258 -59.44 110.48 46.13
CA GLY E 258 -59.75 109.22 45.46
C GLY E 258 -59.31 108.02 46.28
N SER E 259 -58.14 108.13 46.92
CA SER E 259 -57.64 107.07 47.81
C SER E 259 -58.62 106.83 48.95
N GLN E 260 -59.18 107.90 49.49
CA GLN E 260 -60.14 107.78 50.61
C GLN E 260 -61.43 107.13 50.12
N VAL E 261 -61.94 107.57 48.97
CA VAL E 261 -63.21 107.01 48.45
C VAL E 261 -63.04 105.53 48.18
N LEU E 262 -61.85 105.12 47.76
CA LEU E 262 -61.60 103.71 47.51
C LEU E 262 -61.78 102.91 48.78
N VAL E 263 -61.09 103.29 49.84
CA VAL E 263 -61.16 102.53 51.11
C VAL E 263 -62.58 102.60 51.66
N HIS E 264 -63.29 103.70 51.43
CA HIS E 264 -64.69 103.81 51.88
C HIS E 264 -65.60 102.86 51.11
N TRP E 265 -65.30 102.64 49.83
CA TRP E 265 -66.02 101.63 49.04
C TRP E 265 -65.64 100.22 49.52
N LEU E 266 -64.37 100.01 49.83
CA LEU E 266 -63.80 98.65 49.86
C LEU E 266 -63.85 98.04 51.25
N LEU E 267 -63.77 98.86 52.30
CA LEU E 267 -64.07 98.36 53.64
C LEU E 267 -65.56 98.04 53.77
N GLY E 268 -66.40 98.64 52.93
CA GLY E 268 -67.80 98.26 52.83
C GLY E 268 -68.00 96.98 52.03
N ASN E 269 -67.24 96.82 50.95
CA ASN E 269 -67.36 95.66 50.05
C ASN E 269 -66.25 94.66 50.38
N SER E 270 -66.62 93.50 50.93
CA SER E 270 -65.66 92.48 51.38
C SER E 270 -65.48 91.36 50.36
N GLU E 271 -66.52 91.02 49.61
CA GLU E 271 -66.40 89.99 48.55
C GLU E 271 -65.29 90.34 47.55
N VAL E 272 -65.15 91.63 47.23
CA VAL E 272 -63.97 92.10 46.47
C VAL E 272 -62.73 91.86 47.33
N PHE E 273 -62.81 92.22 48.60
CA PHE E 273 -61.67 92.06 49.53
C PHE E 273 -61.31 90.59 49.66
N ALA E 274 -62.30 89.70 49.55
CA ALA E 274 -62.07 88.26 49.64
C ALA E 274 -61.11 87.82 48.53
N ALA E 275 -61.49 88.06 47.27
CA ALA E 275 -60.64 87.71 46.13
C ALA E 275 -59.42 88.61 46.09
N PHE E 276 -59.52 89.82 46.63
CA PHE E 276 -58.40 90.79 46.64
C PHE E 276 -57.19 90.19 47.35
N CYS E 277 -57.36 89.89 48.63
CA CYS E 277 -56.29 89.31 49.46
C CYS E 277 -55.84 87.96 48.87
N ARG E 278 -56.72 87.30 48.13
CA ARG E 278 -56.43 85.98 47.55
C ARG E 278 -55.47 86.10 46.35
N ALA E 279 -55.66 87.11 45.50
CA ALA E 279 -55.04 87.13 44.16
C ALA E 279 -53.64 87.73 44.16
N LEU E 280 -53.27 88.49 45.18
CA LEU E 280 -52.15 89.43 45.08
C LEU E 280 -50.92 88.91 45.80
N PRO E 281 -49.77 89.57 45.63
CA PRO E 281 -48.59 89.24 46.42
C PRO E 281 -48.66 89.80 47.83
N ALA E 282 -47.56 89.62 48.56
CA ALA E 282 -47.52 89.87 50.00
C ALA E 282 -47.15 91.32 50.30
N GLY E 283 -45.96 91.73 49.85
CA GLY E 283 -45.45 93.06 50.17
C GLY E 283 -46.34 94.15 49.59
N LEU E 284 -46.98 93.86 48.46
CA LEU E 284 -47.99 94.79 47.89
C LEU E 284 -49.02 95.12 48.96
N LEU E 285 -49.67 94.08 49.48
CA LEU E 285 -50.74 94.28 50.47
C LEU E 285 -50.16 94.90 51.74
N THR E 286 -48.92 94.53 52.08
CA THR E 286 -48.25 95.07 53.28
C THR E 286 -48.16 96.60 53.21
N LEU E 287 -47.56 97.11 52.15
CA LEU E 287 -47.39 98.56 51.99
C LEU E 287 -48.75 99.24 51.78
N VAL E 288 -49.69 98.56 51.13
CA VAL E 288 -51.07 99.06 50.96
C VAL E 288 -51.65 99.34 52.34
N THR E 289 -51.45 98.39 53.25
CA THR E 289 -52.00 98.49 54.61
C THR E 289 -51.31 99.61 55.39
N SER E 290 -50.00 99.68 55.31
CA SER E 290 -49.26 100.76 55.98
C SER E 290 -49.71 102.12 55.43
N ARG E 291 -50.09 102.18 54.15
CA ARG E 291 -50.61 103.40 53.52
C ARG E 291 -51.99 103.74 54.09
N HIS E 292 -52.87 102.75 54.15
CA HIS E 292 -54.26 102.89 54.62
C HIS E 292 -54.49 101.98 55.82
N PRO E 293 -54.05 102.39 57.03
CA PRO E 293 -54.28 101.60 58.24
C PRO E 293 -55.71 101.12 58.48
N ALA E 294 -56.68 101.75 57.84
CA ALA E 294 -58.07 101.26 57.91
C ALA E 294 -58.19 99.82 57.44
N LEU E 295 -57.30 99.38 56.56
CA LEU E 295 -57.34 98.02 56.01
C LEU E 295 -56.63 97.00 56.91
N SER E 296 -55.88 97.46 57.92
CA SER E 296 -55.13 96.54 58.81
C SER E 296 -56.08 95.61 59.55
N PRO E 297 -57.06 96.11 60.32
CA PRO E 297 -57.80 95.22 61.22
C PRO E 297 -58.64 94.20 60.48
N VAL E 298 -59.25 94.61 59.36
CA VAL E 298 -60.03 93.66 58.54
C VAL E 298 -59.12 92.54 58.04
N TYR E 299 -57.95 92.89 57.52
CA TYR E 299 -57.09 91.94 56.79
C TYR E 299 -56.55 90.83 57.70
N LEU E 300 -56.35 91.13 58.97
CA LEU E 300 -55.94 90.10 59.95
C LEU E 300 -57.03 89.03 60.03
N GLY E 301 -58.30 89.46 60.11
CA GLY E 301 -59.42 88.51 60.23
C GLY E 301 -59.57 87.64 58.99
N LEU E 302 -59.27 88.20 57.82
CA LEU E 302 -59.33 87.45 56.55
C LEU E 302 -58.48 86.19 56.64
N LEU E 303 -57.21 86.37 57.01
CA LEU E 303 -56.27 85.25 57.10
C LEU E 303 -56.63 84.38 58.28
N THR E 304 -56.96 85.03 59.39
CA THR E 304 -57.29 84.32 60.62
C THR E 304 -58.45 83.35 60.38
N ASP E 305 -59.39 83.72 59.52
CA ASP E 305 -60.45 82.78 59.10
C ASP E 305 -59.82 81.57 58.44
N TRP E 306 -58.99 81.81 57.43
CA TRP E 306 -58.30 80.71 56.73
C TRP E 306 -57.35 80.00 57.67
N GLY E 307 -56.78 80.72 58.63
CA GLY E 307 -55.80 80.14 59.56
C GLY E 307 -56.41 79.08 60.46
N GLN E 308 -57.69 79.23 60.82
CA GLN E 308 -58.31 78.34 61.81
C GLN E 308 -58.93 77.11 61.15
N ARG E 309 -59.23 77.17 59.86
CA ARG E 309 -60.01 76.11 59.19
C ARG E 309 -59.08 75.12 58.50
N LEU E 310 -57.91 74.86 59.10
CA LEU E 310 -56.97 73.83 58.63
C LEU E 310 -56.76 72.78 59.71
N HIS E 311 -56.08 71.68 59.34
CA HIS E 311 -55.92 70.51 60.23
C HIS E 311 -54.54 69.91 60.04
N TYR E 312 -53.86 69.69 61.17
CA TYR E 312 -52.56 69.01 61.15
C TYR E 312 -52.77 67.56 60.76
N ASP E 313 -51.82 67.00 60.02
CA ASP E 313 -51.71 65.55 59.85
C ASP E 313 -50.31 65.12 60.32
N LEU E 314 -50.24 64.03 61.07
CA LEU E 314 -48.97 63.46 61.53
C LEU E 314 -48.49 62.40 60.55
N GLN E 315 -49.03 62.36 59.34
CA GLN E 315 -48.32 61.71 58.23
C GLN E 315 -47.30 62.66 57.64
N LYS E 316 -47.63 63.94 57.61
CA LYS E 316 -46.77 64.98 57.03
C LYS E 316 -46.82 66.20 57.92
N GLY E 317 -45.66 66.65 58.40
CA GLY E 317 -45.60 67.63 59.49
C GLY E 317 -46.09 69.00 59.05
N ILE E 318 -47.38 69.09 58.77
CA ILE E 318 -47.96 70.29 58.17
C ILE E 318 -49.41 70.40 58.57
N TRP E 319 -49.86 71.62 58.74
CA TRP E 319 -51.30 71.90 58.62
C TRP E 319 -51.68 71.84 57.15
N VAL E 320 -52.92 71.52 56.90
CA VAL E 320 -53.40 71.30 55.52
C VAL E 320 -54.85 71.71 55.43
N GLY E 321 -55.29 71.96 54.21
CA GLY E 321 -56.64 72.43 53.96
C GLY E 321 -57.62 71.29 53.84
N THR E 322 -58.75 71.44 54.51
CA THR E 322 -59.91 70.55 54.32
C THR E 322 -60.43 70.68 52.89
N GLU E 323 -60.63 71.92 52.46
CA GLU E 323 -61.09 72.25 51.09
C GLU E 323 -59.89 72.41 50.17
N SER E 324 -60.13 72.16 48.89
CA SER E 324 -59.11 72.37 47.86
C SER E 324 -58.61 73.81 47.87
N GLN E 325 -59.51 74.75 47.63
CA GLN E 325 -59.17 76.17 47.54
C GLN E 325 -59.02 76.83 48.92
N ASP E 326 -58.18 76.26 49.78
CA ASP E 326 -57.77 76.87 51.04
C ASP E 326 -56.31 77.25 50.94
N VAL E 327 -55.95 78.31 51.63
CA VAL E 327 -54.61 78.90 51.48
C VAL E 327 -53.62 77.90 52.04
N PRO E 328 -52.57 77.51 51.31
CA PRO E 328 -51.56 76.66 51.92
C PRO E 328 -50.81 77.28 53.08
N TRP E 329 -50.20 76.41 53.85
CA TRP E 329 -49.31 76.78 54.94
C TRP E 329 -48.30 77.82 54.50
N GLU E 330 -47.55 77.51 53.46
CA GLU E 330 -46.48 78.43 53.04
C GLU E 330 -47.08 79.64 52.35
N GLU E 331 -48.19 79.44 51.65
CA GLU E 331 -48.93 80.56 51.03
C GLU E 331 -49.20 81.65 52.06
N LEU E 332 -49.68 81.24 53.22
CA LEU E 332 -49.99 82.21 54.27
C LEU E 332 -48.72 82.66 54.98
N HIS E 333 -47.75 81.74 55.14
CA HIS E 333 -46.49 82.06 55.84
C HIS E 333 -45.78 83.21 55.15
N ASN E 334 -45.84 83.23 53.84
CA ASN E 334 -45.22 84.30 53.05
C ASN E 334 -45.82 85.62 53.42
N ARG E 335 -47.14 85.68 53.48
CA ARG E 335 -47.83 86.93 53.74
C ARG E 335 -47.44 87.43 55.12
N PHE E 336 -47.42 86.52 56.08
CA PHE E 336 -47.13 86.92 57.46
C PHE E 336 -45.68 87.31 57.59
N GLN E 337 -44.81 86.72 56.77
CA GLN E 337 -43.39 87.10 56.80
C GLN E 337 -43.23 88.50 56.23
N SER E 338 -44.00 88.84 55.20
CA SER E 338 -44.01 90.21 54.67
C SER E 338 -44.48 91.18 55.74
N LEU E 339 -45.53 90.78 56.45
CA LEU E 339 -46.05 91.64 57.51
C LEU E 339 -45.05 91.79 58.65
N CYS E 340 -44.26 90.77 58.92
CA CYS E 340 -43.12 90.88 59.86
C CYS E 340 -42.15 91.94 59.35
N GLN E 341 -41.97 92.01 58.03
CA GLN E 341 -41.08 92.99 57.38
C GLN E 341 -41.93 94.19 56.96
N ALA E 342 -42.47 94.86 57.96
CA ALA E 342 -43.35 96.02 57.78
C ALA E 342 -42.97 97.08 58.80
N PRO E 343 -43.58 98.28 58.74
CA PRO E 343 -43.31 99.28 59.77
C PRO E 343 -43.80 98.87 61.17
N PRO E 344 -43.21 99.40 62.25
CA PRO E 344 -43.64 99.05 63.61
C PRO E 344 -45.11 99.35 63.96
N PRO E 345 -45.73 100.45 63.46
CA PRO E 345 -47.15 100.67 63.73
C PRO E 345 -48.05 99.55 63.25
N LEU E 346 -47.74 98.99 62.08
CA LEU E 346 -48.47 97.84 61.53
C LEU E 346 -47.88 96.51 61.99
N LYS E 347 -46.66 96.50 62.49
CA LYS E 347 -46.01 95.25 62.97
C LYS E 347 -46.78 94.64 64.13
N ASP E 348 -47.13 95.46 65.12
CA ASP E 348 -47.66 94.94 66.39
C ASP E 348 -49.15 94.64 66.32
N LYS E 349 -49.84 95.06 65.26
CA LYS E 349 -51.24 94.64 65.03
C LYS E 349 -51.31 93.12 64.95
N VAL E 350 -50.69 92.59 63.90
CA VAL E 350 -50.70 91.15 63.60
C VAL E 350 -49.98 90.39 64.72
N LEU E 351 -48.91 90.97 65.25
CA LEU E 351 -48.04 90.29 66.24
C LEU E 351 -48.85 89.88 67.47
N THR E 352 -49.88 90.65 67.79
CA THR E 352 -50.72 90.40 68.97
C THR E 352 -52.04 89.75 68.56
N ALA E 353 -52.53 90.03 67.36
CA ALA E 353 -53.65 89.26 66.79
C ALA E 353 -53.32 87.77 66.78
N LEU E 354 -52.05 87.41 66.63
CA LEU E 354 -51.60 86.00 66.67
C LEU E 354 -51.65 85.43 68.08
N GLU E 355 -51.08 86.15 69.05
CA GLU E 355 -51.04 85.66 70.44
C GLU E 355 -52.45 85.49 70.98
N THR E 356 -53.33 86.44 70.69
CA THR E 356 -54.73 86.35 71.13
C THR E 356 -55.43 85.19 70.46
N CYS E 357 -55.21 85.00 69.17
CA CYS E 357 -55.84 83.91 68.44
C CYS E 357 -55.30 82.56 68.94
N LYS E 358 -54.05 82.53 69.39
CA LYS E 358 -53.47 81.32 69.97
C LYS E 358 -54.15 80.99 71.30
N ALA E 359 -54.04 81.90 72.27
CA ALA E 359 -54.43 81.60 73.66
C ALA E 359 -55.91 81.23 73.76
N GLN E 360 -56.76 81.85 72.95
CA GLN E 360 -58.20 81.49 72.93
C GLN E 360 -58.37 80.04 72.47
N ASP E 361 -57.49 79.58 71.59
CA ASP E 361 -57.45 78.17 71.15
C ASP E 361 -56.55 77.32 72.05
N GLY E 362 -56.20 77.79 73.25
CA GLY E 362 -55.25 77.10 74.13
C GLY E 362 -53.83 77.59 73.87
N ASP E 363 -53.18 78.12 74.90
CA ASP E 363 -51.88 78.79 74.76
C ASP E 363 -50.75 77.75 74.80
N PHE E 364 -50.74 76.85 73.82
CA PHE E 364 -49.73 75.79 73.74
C PHE E 364 -48.40 76.38 73.28
N GLU E 365 -47.33 75.58 73.38
CA GLU E 365 -45.94 76.04 73.15
C GLU E 365 -45.15 74.98 72.38
N VAL E 366 -45.79 74.28 71.46
CA VAL E 366 -45.14 73.13 70.80
C VAL E 366 -45.91 72.78 69.52
N PRO E 367 -45.26 72.28 68.45
CA PRO E 367 -45.98 71.98 67.22
C PRO E 367 -47.08 70.94 67.31
N GLY E 368 -47.83 70.78 66.23
CA GLY E 368 -48.95 69.84 66.17
C GLY E 368 -50.24 70.32 66.80
N LEU E 369 -50.18 71.38 67.59
CA LEU E 369 -51.32 71.82 68.39
C LEU E 369 -51.82 73.14 67.78
N SER E 370 -50.98 74.18 67.74
CA SER E 370 -51.41 75.53 67.32
C SER E 370 -50.72 75.91 66.02
N ILE E 371 -51.55 76.11 65.00
CA ILE E 371 -51.14 76.81 63.77
C ILE E 371 -50.35 78.07 64.12
N TRP E 372 -50.79 78.78 65.14
CA TRP E 372 -50.21 80.09 65.44
C TRP E 372 -48.83 79.95 66.06
N THR E 373 -48.63 78.93 66.88
CA THR E 373 -47.28 78.67 67.41
C THR E 373 -46.37 78.18 66.32
N ASP E 374 -46.88 77.33 65.42
CA ASP E 374 -46.10 76.91 64.24
C ASP E 374 -45.58 78.13 63.53
N LEU E 375 -46.46 79.10 63.32
CA LEU E 375 -46.05 80.38 62.72
C LEU E 375 -44.97 81.02 63.57
N LEU E 376 -45.33 81.39 64.79
CA LEU E 376 -44.47 82.23 65.64
C LEU E 376 -43.08 81.64 65.83
N LEU E 377 -42.97 80.31 65.75
CA LEU E 377 -41.64 79.69 65.79
C LEU E 377 -40.99 79.79 64.42
N ALA E 378 -41.75 79.60 63.35
CA ALA E 378 -41.18 79.69 62.00
C ALA E 378 -40.64 81.10 61.74
N LEU E 379 -41.22 82.10 62.38
CA LEU E 379 -40.86 83.52 62.16
C LEU E 379 -39.57 83.90 62.86
N ARG E 380 -38.78 82.96 63.38
CA ARG E 380 -37.52 83.27 64.09
C ARG E 380 -36.45 82.23 63.78
N CYS F 31 23.36 9.05 83.15
CA CYS F 31 22.58 9.64 82.04
C CYS F 31 21.08 9.49 82.30
N LEU F 32 20.51 8.34 81.93
CA LEU F 32 19.11 8.03 82.30
C LEU F 32 18.95 7.98 83.82
N ASP F 33 19.99 7.55 84.54
CA ASP F 33 19.95 7.52 86.02
C ASP F 33 19.75 8.92 86.58
N LEU F 34 20.32 9.94 85.92
CA LEU F 34 20.17 11.35 86.36
C LEU F 34 18.88 11.97 85.82
N TRP F 35 18.46 11.58 84.62
CA TRP F 35 17.23 12.13 84.03
C TRP F 35 16.00 11.61 84.77
N ARG F 36 16.00 10.33 85.15
CA ARG F 36 14.91 9.81 86.01
C ARG F 36 14.94 10.49 87.37
N GLU F 37 16.13 10.79 87.89
CA GLU F 37 16.25 11.56 89.15
C GLU F 37 15.63 12.95 88.98
N LYS F 38 15.92 13.62 87.86
CA LYS F 38 15.33 14.94 87.57
C LYS F 38 13.81 14.84 87.49
N ASN F 39 13.29 13.85 86.76
CA ASN F 39 11.84 13.65 86.62
C ASN F 39 11.19 13.44 87.99
N ASP F 40 11.72 12.50 88.77
CA ASP F 40 11.18 12.18 90.11
C ASP F 40 11.26 13.40 91.02
N ARG F 41 12.39 14.10 91.00
CA ARG F 41 12.59 15.34 91.80
C ARG F 41 11.50 16.36 91.49
N LEU F 42 11.36 16.70 90.21
CA LEU F 42 10.40 17.74 89.80
C LEU F 42 8.97 17.30 90.09
N VAL F 43 8.65 16.03 89.86
CA VAL F 43 7.26 15.56 90.08
C VAL F 43 6.94 15.59 91.58
N ARG F 44 7.89 15.20 92.44
CA ARG F 44 7.69 15.27 93.90
C ARG F 44 7.53 16.72 94.36
N GLN F 45 8.38 17.61 93.85
CA GLN F 45 8.28 19.06 94.14
C GLN F 45 6.89 19.55 93.72
N ALA F 46 6.42 19.11 92.54
CA ALA F 46 5.11 19.50 92.00
C ALA F 46 3.97 19.01 92.90
N LYS F 47 4.09 17.79 93.42
CA LYS F 47 3.06 17.24 94.32
C LYS F 47 3.06 17.98 95.65
N VAL F 48 4.24 18.33 96.18
CA VAL F 48 4.35 19.18 97.39
C VAL F 48 3.60 20.49 97.15
N ALA F 49 3.83 21.12 96.01
CA ALA F 49 3.17 22.40 95.69
C ALA F 49 1.66 22.19 95.55
N GLN F 50 1.26 21.10 94.91
CA GLN F 50 -0.16 20.81 94.65
C GLN F 50 -0.91 20.62 95.97
N ASN F 51 -0.27 20.00 96.95
CA ASN F 51 -0.92 19.68 98.23
C ASN F 51 -0.90 20.90 99.15
N SER F 52 0.28 21.52 99.29
CA SER F 52 0.53 22.54 100.31
C SER F 52 0.60 23.92 99.67
N GLY F 53 0.74 24.94 100.49
CA GLY F 53 1.15 26.28 100.04
C GLY F 53 -0.02 27.23 99.87
N LEU F 54 0.34 28.50 99.70
CA LEU F 54 -0.62 29.59 99.42
C LEU F 54 -0.63 29.88 97.92
N THR F 55 -1.51 30.82 97.53
CA THR F 55 -1.78 31.14 96.12
C THR F 55 -0.50 31.51 95.38
N LEU F 56 0.32 32.39 95.95
CA LEU F 56 1.60 32.79 95.32
C LEU F 56 2.51 31.59 95.17
N ARG F 57 2.97 31.07 96.29
CA ARG F 57 4.11 30.14 96.30
C ARG F 57 3.73 28.82 95.61
N ARG F 58 2.46 28.40 95.69
CA ARG F 58 1.97 27.24 94.92
C ARG F 58 2.30 27.43 93.44
N GLN F 59 1.85 28.53 92.86
CA GLN F 59 2.05 28.77 91.43
C GLN F 59 3.53 29.04 91.13
N GLN F 60 4.23 29.73 92.04
CA GLN F 60 5.68 29.96 91.92
C GLN F 60 6.39 28.62 91.68
N LEU F 61 6.29 27.71 92.64
CA LEU F 61 7.02 26.44 92.57
C LEU F 61 6.44 25.55 91.46
N ALA F 62 5.15 25.68 91.15
CA ALA F 62 4.54 24.92 90.04
C ALA F 62 5.17 25.31 88.70
N GLN F 63 5.32 26.61 88.46
CA GLN F 63 5.93 27.07 87.19
C GLN F 63 7.42 26.79 87.19
N ASP F 64 8.09 26.89 88.33
CA ASP F 64 9.50 26.49 88.45
C ASP F 64 9.64 25.03 88.04
N ALA F 65 8.77 24.18 88.56
CA ALA F 65 8.77 22.74 88.23
C ALA F 65 8.45 22.53 86.76
N LEU F 66 7.50 23.29 86.21
CA LEU F 66 7.14 23.15 84.80
C LEU F 66 8.33 23.51 83.91
N GLU F 67 9.11 24.52 84.32
CA GLU F 67 10.32 24.89 83.58
C GLU F 67 11.38 23.80 83.71
N GLY F 68 11.55 23.22 84.90
CA GLY F 68 12.46 22.08 85.06
C GLY F 68 12.06 20.92 84.18
N LEU F 69 10.75 20.66 84.07
CA LEU F 69 10.23 19.61 83.17
C LEU F 69 10.54 19.95 81.72
N ARG F 70 10.38 21.22 81.33
CA ARG F 70 10.74 21.67 79.99
C ARG F 70 12.22 21.36 79.72
N GLY F 71 13.09 21.70 80.68
CA GLY F 71 14.53 21.44 80.51
C GLY F 71 14.84 19.96 80.39
N LEU F 72 14.22 19.14 81.23
CA LEU F 72 14.46 17.68 81.16
C LEU F 72 13.94 17.12 79.84
N LEU F 73 12.80 17.61 79.36
CA LEU F 73 12.28 17.15 78.06
C LEU F 73 13.24 17.56 76.95
N HIS F 74 13.79 18.76 77.01
CA HIS F 74 14.82 19.19 76.05
C HIS F 74 16.01 18.25 76.10
N SER F 75 16.47 17.91 77.30
CA SER F 75 17.61 17.00 77.47
C SER F 75 17.33 15.64 76.82
N LEU F 76 16.16 15.06 77.10
CA LEU F 76 15.84 13.70 76.61
C LEU F 76 15.59 13.72 75.10
N GLN F 77 14.91 14.74 74.60
CA GLN F 77 14.72 14.89 73.14
C GLN F 77 16.02 15.28 72.44
N GLY F 78 17.04 15.69 73.18
CA GLY F 78 18.38 15.89 72.63
C GLY F 78 19.13 14.62 72.31
N LEU F 79 18.56 13.43 72.59
CA LEU F 79 19.19 12.14 72.26
C LEU F 79 18.57 11.57 70.99
N PRO F 80 19.30 10.72 70.22
CA PRO F 80 18.65 9.77 69.31
C PRO F 80 18.22 8.53 70.10
N ALA F 81 17.08 8.67 70.79
CA ALA F 81 16.70 7.83 71.94
C ALA F 81 16.72 6.33 71.60
N ALA F 82 17.33 5.54 72.48
CA ALA F 82 17.25 4.08 72.43
C ALA F 82 16.00 3.63 73.19
N VAL F 83 15.68 2.34 73.08
CA VAL F 83 14.45 1.74 73.67
C VAL F 83 14.32 2.06 75.16
N PRO F 84 15.31 1.78 76.03
CA PRO F 84 15.15 2.07 77.46
C PRO F 84 15.15 3.56 77.81
N VAL F 85 15.43 4.45 76.85
CA VAL F 85 15.33 5.91 77.06
C VAL F 85 13.87 6.37 76.98
N LEU F 86 13.03 5.68 76.22
CA LEU F 86 11.64 6.11 75.90
C LEU F 86 10.67 5.99 77.08
N PRO F 87 10.68 4.93 77.93
CA PRO F 87 9.78 4.93 79.10
C PRO F 87 10.05 6.04 80.11
N LEU F 88 11.21 6.72 80.03
CA LEU F 88 11.46 7.95 80.79
C LEU F 88 10.97 9.19 80.03
N GLU F 89 11.26 9.27 78.72
CA GLU F 89 10.87 10.44 77.89
C GLU F 89 9.36 10.60 77.85
N LEU F 90 8.63 9.50 77.68
CA LEU F 90 7.15 9.57 77.63
C LEU F 90 6.56 9.89 78.99
N THR F 91 7.14 9.37 80.07
CA THR F 91 6.72 9.77 81.43
C THR F 91 6.88 11.28 81.60
N VAL F 92 8.05 11.82 81.22
CA VAL F 92 8.31 13.25 81.38
C VAL F 92 7.36 14.05 80.50
N THR F 93 7.07 13.58 79.29
CA THR F 93 6.13 14.26 78.38
C THR F 93 4.73 14.28 78.99
N CYS F 94 4.28 13.15 79.53
CA CYS F 94 2.98 13.06 80.23
C CYS F 94 2.93 14.09 81.36
N ASN F 95 3.96 14.13 82.20
CA ASN F 95 3.97 15.03 83.37
C ASN F 95 3.99 16.49 82.91
N PHE F 96 4.76 16.80 81.88
CA PHE F 96 4.84 18.17 81.34
C PHE F 96 3.46 18.61 80.85
N ILE F 97 2.80 17.79 80.03
CA ILE F 97 1.49 18.14 79.44
C ILE F 97 0.47 18.30 80.57
N ILE F 98 0.53 17.43 81.57
CA ILE F 98 -0.40 17.45 82.72
C ILE F 98 -0.25 18.80 83.42
N LEU F 99 0.94 19.06 83.96
CA LEU F 99 1.18 20.30 84.73
C LEU F 99 0.92 21.52 83.83
N ARG F 100 1.20 21.39 82.53
CA ARG F 100 1.03 22.49 81.58
C ARG F 100 -0.44 22.90 81.47
N ALA F 101 -1.30 21.95 81.11
CA ALA F 101 -2.73 22.25 81.00
C ALA F 101 -3.32 22.56 82.37
N SER F 102 -2.69 22.08 83.45
CA SER F 102 -3.14 22.44 84.81
C SER F 102 -2.91 23.92 85.07
N LEU F 103 -1.69 24.41 84.89
CA LEU F 103 -1.37 25.82 85.18
C LEU F 103 -1.99 26.74 84.13
N ALA F 104 -2.24 26.25 82.92
CA ALA F 104 -3.08 26.97 81.96
C ALA F 104 -4.55 26.92 82.36
N GLN F 105 -4.94 25.93 83.16
CA GLN F 105 -6.36 25.61 83.45
C GLN F 105 -7.11 25.49 82.12
N GLY F 106 -6.50 24.76 81.21
CA GLY F 106 -7.01 24.58 79.86
C GLY F 106 -6.02 23.85 78.99
N PHE F 107 -6.53 22.96 78.15
CA PHE F 107 -5.69 22.26 77.16
C PHE F 107 -5.41 23.19 75.98
N THR F 108 -4.45 22.79 75.16
CA THR F 108 -4.20 23.44 73.86
C THR F 108 -3.40 22.51 72.96
N GLU F 109 -3.22 22.95 71.72
CA GLU F 109 -2.68 22.10 70.65
C GLU F 109 -1.14 21.99 70.74
N ASP F 110 -0.49 22.87 71.50
CA ASP F 110 0.97 22.75 71.76
C ASP F 110 1.29 21.37 72.33
N GLN F 111 0.45 20.89 73.25
CA GLN F 111 0.67 19.58 73.86
C GLN F 111 0.26 18.46 72.91
N ALA F 112 -0.72 18.70 72.02
CA ALA F 112 -1.03 17.74 70.94
C ALA F 112 0.20 17.52 70.06
N GLN F 113 0.93 18.59 69.79
CA GLN F 113 2.16 18.51 68.97
C GLN F 113 3.34 17.94 69.75
N ASP F 114 3.42 18.22 71.06
CA ASP F 114 4.37 17.51 71.93
C ASP F 114 4.10 16.00 71.96
N ILE F 115 2.84 15.59 71.80
CA ILE F 115 2.46 14.16 71.75
C ILE F 115 2.84 13.58 70.38
N GLN F 116 2.47 14.28 69.30
CA GLN F 116 2.97 14.00 67.95
C GLN F 116 4.48 13.71 68.00
N ARG F 117 5.23 14.54 68.71
CA ARG F 117 6.70 14.38 68.79
C ARG F 117 7.07 13.05 69.42
N SER F 118 6.58 12.77 70.62
CA SER F 118 6.97 11.53 71.33
C SER F 118 6.47 10.28 70.60
N LEU F 119 5.43 10.38 69.78
CA LEU F 119 4.96 9.23 68.97
C LEU F 119 5.89 9.00 67.78
N GLU F 120 6.22 10.07 67.06
CA GLU F 120 7.25 10.00 66.01
C GLU F 120 8.56 9.47 66.59
N ARG F 121 8.87 9.84 67.83
CA ARG F 121 10.09 9.36 68.48
C ARG F 121 10.02 7.85 68.73
N VAL F 122 8.85 7.33 69.07
CA VAL F 122 8.67 5.87 69.19
C VAL F 122 8.94 5.21 67.84
N LEU F 123 8.31 5.71 66.80
CA LEU F 123 8.47 5.10 65.46
C LEU F 123 9.87 5.30 64.87
N GLU F 124 10.67 6.23 65.41
CA GLU F 124 12.07 6.41 64.97
C GLU F 124 12.99 5.35 65.59
N THR F 125 12.80 5.00 66.86
CA THR F 125 13.66 4.01 67.54
C THR F 125 13.37 2.61 67.03
N GLN F 126 12.10 2.22 67.04
CA GLN F 126 11.67 0.84 66.76
C GLN F 126 11.72 0.58 65.26
N GLU F 127 10.93 1.32 64.49
CA GLU F 127 10.75 1.09 63.04
C GLU F 127 11.44 2.22 62.26
N GLU F 134 4.20 10.82 60.75
CA GLU F 134 4.52 11.46 59.47
C GLU F 134 3.26 12.00 58.77
N GLN F 135 2.10 11.38 59.03
CA GLN F 135 0.83 11.70 58.34
C GLN F 135 -0.03 12.61 59.22
N GLY F 136 -0.37 12.14 60.41
CA GLY F 136 -1.20 12.89 61.35
C GLY F 136 -1.28 12.13 62.65
N LEU F 137 -1.85 12.76 63.68
CA LEU F 137 -1.93 12.12 65.00
C LEU F 137 -2.74 10.82 64.92
N ARG F 138 -3.74 10.75 64.04
CA ARG F 138 -4.58 9.54 63.93
C ARG F 138 -3.76 8.34 63.44
N GLU F 139 -3.22 8.44 62.23
CA GLU F 139 -2.43 7.33 61.64
C GLU F 139 -1.21 7.06 62.50
N LEU F 140 -0.59 8.12 63.01
CA LEU F 140 0.52 8.01 63.97
C LEU F 140 0.10 7.15 65.17
N TRP F 141 -1.10 7.38 65.69
CA TRP F 141 -1.58 6.65 66.88
C TRP F 141 -1.82 5.19 66.54
N ASP F 142 -2.42 4.93 65.39
CA ASP F 142 -2.59 3.54 64.92
C ASP F 142 -1.22 2.86 64.83
N SER F 143 -0.24 3.56 64.28
CA SER F 143 1.11 3.02 64.10
C SER F 143 1.76 2.71 65.46
N VAL F 144 1.66 3.63 66.40
CA VAL F 144 2.39 3.47 67.68
C VAL F 144 1.65 2.44 68.53
N LEU F 145 0.33 2.36 68.40
CA LEU F 145 -0.43 1.31 69.09
C LEU F 145 -0.06 -0.07 68.53
N ARG F 146 0.16 -0.17 67.22
CA ARG F 146 0.73 -1.41 66.65
C ARG F 146 2.13 -1.67 67.22
N ALA F 147 2.97 -0.63 67.28
CA ALA F 147 4.34 -0.73 67.83
C ALA F 147 4.33 -1.13 69.31
N SER F 148 3.25 -0.84 70.03
CA SER F 148 3.08 -1.25 71.44
C SER F 148 2.49 -2.66 71.53
N CYS F 149 1.63 -3.04 70.59
CA CYS F 149 1.21 -4.45 70.45
C CYS F 149 2.43 -5.33 70.17
N LEU F 150 3.43 -4.78 69.48
CA LEU F 150 4.74 -5.43 69.35
C LEU F 150 5.42 -5.66 70.72
N LEU F 151 4.97 -4.94 71.76
CA LEU F 151 5.34 -5.10 73.18
C LEU F 151 6.81 -4.77 73.45
N PRO F 152 7.22 -3.51 73.25
CA PRO F 152 8.23 -2.91 74.12
C PRO F 152 7.55 -2.46 75.42
N GLU F 153 8.11 -2.86 76.56
CA GLU F 153 7.43 -2.72 77.86
C GLU F 153 7.39 -1.24 78.26
N LEU F 154 6.48 -0.49 77.65
CA LEU F 154 6.18 0.90 78.06
C LEU F 154 4.67 1.21 77.95
N LEU F 155 3.81 0.19 77.88
CA LEU F 155 2.38 0.43 77.66
C LEU F 155 1.70 1.05 78.89
N SER F 156 2.27 0.85 80.08
CA SER F 156 1.79 1.52 81.32
C SER F 156 1.81 3.04 81.15
N ALA F 157 2.79 3.58 80.42
CA ALA F 157 2.86 5.01 80.09
C ALA F 157 2.15 5.34 78.79
N LEU F 158 2.10 4.39 77.84
CA LEU F 158 1.38 4.65 76.57
C LEU F 158 -0.11 4.91 76.85
N HIS F 159 -0.75 4.08 77.67
CA HIS F 159 -2.19 4.24 77.91
C HIS F 159 -2.46 5.51 78.74
N ARG F 160 -1.50 5.91 79.58
CA ARG F 160 -1.57 7.22 80.26
C ARG F 160 -1.54 8.34 79.22
N LEU F 161 -0.63 8.24 78.26
CA LEU F 161 -0.56 9.23 77.18
C LEU F 161 -1.86 9.23 76.35
N VAL F 162 -2.46 8.06 76.10
CA VAL F 162 -3.75 8.00 75.38
C VAL F 162 -4.82 8.69 76.22
N GLY F 163 -4.77 8.54 77.54
CA GLY F 163 -5.72 9.24 78.40
C GLY F 163 -5.57 10.74 78.29
N LEU F 164 -4.34 11.24 78.37
CA LEU F 164 -4.06 12.69 78.21
C LEU F 164 -4.56 13.19 76.85
N GLN F 165 -4.24 12.49 75.77
CA GLN F 165 -4.60 12.91 74.41
C GLN F 165 -6.10 12.80 74.17
N ALA F 166 -6.74 11.75 74.68
CA ALA F 166 -8.21 11.63 74.61
C ALA F 166 -8.87 12.77 75.41
N ALA F 167 -8.27 13.14 76.55
CA ALA F 167 -8.79 14.24 77.37
C ALA F 167 -8.68 15.55 76.59
N LEU F 168 -7.56 15.77 75.92
CA LEU F 168 -7.41 16.94 75.04
C LEU F 168 -8.48 16.92 73.96
N TRP F 169 -8.68 15.76 73.34
CA TRP F 169 -9.67 15.64 72.26
C TRP F 169 -11.08 15.87 72.77
N LEU F 170 -11.35 15.53 74.02
CA LEU F 170 -12.70 15.74 74.58
C LEU F 170 -12.87 17.21 75.01
N SER F 171 -11.79 17.87 75.45
CA SER F 171 -11.81 19.34 75.59
C SER F 171 -12.07 19.99 74.23
N ALA F 172 -11.52 19.41 73.17
CA ALA F 172 -11.75 19.84 71.78
C ALA F 172 -13.10 19.35 71.26
N ASP F 173 -13.79 18.47 71.98
CA ASP F 173 -15.01 17.80 71.49
C ASP F 173 -14.64 17.08 70.18
N ARG F 174 -13.71 16.11 70.25
CA ARG F 174 -13.14 15.45 69.07
C ARG F 174 -13.48 13.96 69.10
N LEU F 175 -14.72 13.64 68.76
CA LEU F 175 -15.36 12.37 69.17
C LEU F 175 -15.40 11.33 68.04
N GLY F 176 -15.69 11.75 66.80
CA GLY F 176 -15.71 10.83 65.66
C GLY F 176 -14.41 10.07 65.49
N ASP F 177 -13.30 10.65 65.94
CA ASP F 177 -11.97 10.02 65.89
C ASP F 177 -11.48 9.56 67.26
N LEU F 178 -11.95 10.14 68.38
CA LEU F 178 -11.73 9.48 69.68
C LEU F 178 -12.31 8.05 69.64
N ALA F 179 -13.44 7.87 68.96
CA ALA F 179 -14.04 6.54 68.74
C ALA F 179 -13.00 5.59 68.15
N LEU F 180 -12.43 5.97 67.01
CA LEU F 180 -11.47 5.11 66.28
C LEU F 180 -10.17 4.96 67.08
N LEU F 181 -9.77 5.97 67.87
CA LEU F 181 -8.59 5.86 68.75
C LEU F 181 -8.78 4.68 69.70
N LEU F 182 -9.80 4.75 70.54
CA LEU F 182 -9.96 3.71 71.57
C LEU F 182 -10.42 2.39 70.95
N GLU F 183 -11.10 2.43 69.79
CA GLU F 183 -11.49 1.21 69.06
C GLU F 183 -10.25 0.33 68.82
N THR F 184 -9.13 0.94 68.46
CA THR F 184 -7.89 0.19 68.18
C THR F 184 -7.07 -0.02 69.45
N LEU F 185 -7.23 0.82 70.47
CA LEU F 185 -6.51 0.58 71.74
C LEU F 185 -7.04 -0.67 72.43
N ASN F 186 -8.35 -0.90 72.35
CA ASN F 186 -8.93 -2.21 72.61
C ASN F 186 -9.03 -2.95 71.27
N GLY F 187 -9.69 -4.09 71.24
CA GLY F 187 -9.90 -4.81 69.98
C GLY F 187 -10.67 -3.98 68.97
N SER F 188 -10.15 -3.87 67.75
CA SER F 188 -10.78 -3.08 66.67
C SER F 188 -12.13 -3.68 66.24
N GLN F 189 -12.45 -4.92 66.65
CA GLN F 189 -13.79 -5.50 66.47
C GLN F 189 -14.89 -4.70 67.16
N SER F 190 -14.53 -3.80 68.09
CA SER F 190 -15.49 -2.86 68.72
C SER F 190 -15.71 -1.65 67.81
N GLY F 191 -16.11 -1.91 66.56
CA GLY F 191 -16.33 -0.87 65.54
C GLY F 191 -17.79 -0.53 65.35
N ALA F 192 -18.66 -1.54 65.30
CA ALA F 192 -20.11 -1.33 65.23
C ALA F 192 -20.60 -0.60 66.48
N SER F 193 -19.98 -0.84 67.64
CA SER F 193 -20.22 -0.03 68.86
C SER F 193 -19.65 1.36 68.63
N LYS F 194 -20.53 2.34 68.41
CA LYS F 194 -20.11 3.72 68.09
C LYS F 194 -20.22 4.63 69.31
N ASP F 195 -21.13 4.32 70.24
CA ASP F 195 -21.26 5.09 71.48
C ASP F 195 -19.97 5.00 72.30
N LEU F 196 -19.45 6.15 72.71
CA LEU F 196 -18.07 6.26 73.21
C LEU F 196 -17.98 5.82 74.66
N LEU F 197 -19.07 5.91 75.42
CA LEU F 197 -19.06 5.48 76.83
C LEU F 197 -18.73 3.99 76.90
N LEU F 198 -19.26 3.22 75.96
CA LEU F 198 -18.95 1.79 75.88
C LEU F 198 -17.47 1.59 75.61
N LEU F 199 -16.93 2.36 74.66
CA LEU F 199 -15.49 2.24 74.32
C LEU F 199 -14.63 2.58 75.53
N LEU F 200 -15.01 3.60 76.29
CA LEU F 200 -14.23 3.99 77.49
C LEU F 200 -14.31 2.90 78.56
N LYS F 201 -15.49 2.32 78.76
CA LYS F 201 -15.63 1.21 79.71
C LYS F 201 -14.77 0.02 79.28
N THR F 202 -14.73 -0.25 77.99
CA THR F 202 -14.00 -1.41 77.46
C THR F 202 -12.51 -1.19 77.58
N TRP F 203 -12.04 0.02 77.30
CA TRP F 203 -10.62 0.33 77.37
C TRP F 203 -10.15 0.20 78.81
N SER F 204 -9.37 -0.84 79.08
CA SER F 204 -8.85 -1.03 80.43
C SER F 204 -7.53 -0.28 80.56
N PRO F 205 -7.16 0.17 81.77
CA PRO F 205 -5.78 0.51 82.04
C PRO F 205 -4.96 -0.77 82.05
N PRO F 206 -3.84 -0.83 81.30
CA PRO F 206 -3.24 -2.12 80.99
C PRO F 206 -2.46 -2.69 82.18
N ALA F 207 -1.85 -1.82 82.98
CA ALA F 207 -0.88 -2.21 84.02
C ALA F 207 -1.21 -1.47 85.31
N GLU F 208 -0.76 -2.05 86.42
CA GLU F 208 -0.83 -1.37 87.73
C GLU F 208 0.36 -0.43 87.91
N GLU F 209 1.17 -0.23 86.87
CA GLU F 209 2.25 0.76 86.91
C GLU F 209 3.26 0.43 88.01
N LEU F 210 4.03 -0.62 87.82
CA LEU F 210 5.10 -0.99 88.76
C LEU F 210 6.11 0.15 88.90
N ASP F 211 7.13 -0.04 89.75
CA ASP F 211 8.07 1.04 90.09
C ASP F 211 8.80 1.51 88.82
N ALA F 212 8.39 2.67 88.32
CA ALA F 212 8.87 3.28 87.05
C ALA F 212 9.42 4.67 87.35
N PRO F 213 9.96 5.40 86.35
CA PRO F 213 10.16 6.84 86.53
C PRO F 213 8.85 7.50 86.98
N LEU F 214 8.95 8.38 87.98
CA LEU F 214 7.77 8.83 88.71
C LEU F 214 6.82 9.60 87.79
N THR F 215 5.52 9.30 87.89
CA THR F 215 4.46 9.99 87.15
C THR F 215 3.55 10.75 88.13
N LEU F 216 3.08 11.92 87.71
CA LEU F 216 2.18 12.75 88.54
C LEU F 216 0.87 12.01 88.81
N GLN F 217 0.35 11.29 87.83
CA GLN F 217 -0.93 10.59 87.96
C GLN F 217 -0.89 9.25 87.23
N ASP F 218 -1.60 8.29 87.77
CA ASP F 218 -1.88 7.02 87.10
C ASP F 218 -2.99 7.20 86.07
N ALA F 219 -3.12 6.23 85.17
CA ALA F 219 -4.12 6.32 84.07
C ALA F 219 -5.53 5.92 84.53
N GLN F 220 -5.67 5.28 85.70
CA GLN F 220 -6.99 4.79 86.14
C GLN F 220 -7.85 5.94 86.65
N GLY F 221 -7.30 6.78 87.53
CA GLY F 221 -7.99 8.01 87.94
C GLY F 221 -8.35 8.85 86.73
N LEU F 222 -7.49 8.85 85.71
CA LEU F 222 -7.78 9.57 84.46
C LEU F 222 -8.99 8.94 83.77
N LYS F 223 -9.01 7.62 83.65
CA LYS F 223 -10.14 6.91 83.00
C LYS F 223 -11.46 7.29 83.67
N ASP F 224 -11.46 7.30 85.00
CA ASP F 224 -12.67 7.65 85.76
C ASP F 224 -13.14 9.06 85.41
N VAL F 225 -12.19 9.99 85.37
CA VAL F 225 -12.48 11.40 85.04
C VAL F 225 -13.05 11.49 83.63
N LEU F 226 -12.39 10.83 82.67
CA LEU F 226 -12.86 10.76 81.28
C LEU F 226 -14.33 10.31 81.25
N LEU F 227 -14.62 9.20 81.95
CA LEU F 227 -15.95 8.57 81.93
C LEU F 227 -17.00 9.54 82.45
N THR F 228 -16.79 10.04 83.66
CA THR F 228 -17.78 10.91 84.32
C THR F 228 -17.99 12.18 83.50
N ALA F 229 -16.91 12.74 82.98
CA ALA F 229 -17.00 14.01 82.26
C ALA F 229 -17.74 13.81 80.94
N PHE F 230 -17.42 12.73 80.23
CA PHE F 230 -18.07 12.49 78.93
C PHE F 230 -19.55 12.21 79.14
N ALA F 231 -19.89 11.43 80.15
CA ALA F 231 -21.30 11.17 80.48
C ALA F 231 -22.01 12.49 80.75
N TYR F 232 -21.37 13.38 81.51
CA TYR F 232 -21.95 14.70 81.83
C TYR F 232 -22.26 15.44 80.54
N ARG F 233 -21.26 15.62 79.70
CA ARG F 233 -21.42 16.47 78.51
C ARG F 233 -22.43 15.86 77.55
N GLN F 234 -22.40 14.54 77.39
CA GLN F 234 -23.36 13.85 76.50
C GLN F 234 -24.78 14.08 77.00
N GLY F 235 -25.01 13.87 78.30
CA GLY F 235 -26.34 14.06 78.88
C GLY F 235 -26.79 15.50 78.73
N LEU F 236 -25.85 16.44 78.85
CA LEU F 236 -26.21 17.87 78.69
C LEU F 236 -26.67 18.14 77.27
N GLN F 237 -25.96 17.58 76.29
CA GLN F 237 -26.39 17.74 74.88
C GLN F 237 -27.77 17.14 74.69
N GLU F 238 -27.98 15.94 75.24
CA GLU F 238 -29.29 15.27 75.12
C GLU F 238 -30.40 16.09 75.79
N LEU F 239 -30.07 16.76 76.90
CA LEU F 239 -31.05 17.61 77.61
C LEU F 239 -31.38 18.82 76.75
N ILE F 240 -30.36 19.53 76.28
CA ILE F 240 -30.58 20.79 75.53
C ILE F 240 -31.30 20.50 74.22
N THR F 241 -31.13 19.30 73.67
CA THR F 241 -31.76 18.90 72.41
C THR F 241 -33.19 18.36 72.61
N GLY F 242 -33.83 18.63 73.75
CA GLY F 242 -35.23 18.22 73.98
C GLY F 242 -35.43 16.71 74.15
N ASN F 243 -34.48 16.03 74.79
CA ASN F 243 -34.52 14.58 75.04
C ASN F 243 -34.17 14.34 76.50
N PRO F 244 -35.12 14.57 77.43
CA PRO F 244 -34.81 14.38 78.85
C PRO F 244 -34.66 12.91 79.25
N ASP F 245 -35.23 12.00 78.45
CA ASP F 245 -35.19 10.56 78.74
C ASP F 245 -33.77 10.03 78.55
N LYS F 246 -33.18 10.30 77.41
CA LYS F 246 -31.82 9.86 77.08
C LYS F 246 -30.83 10.43 78.09
N ALA F 247 -30.97 11.72 78.36
CA ALA F 247 -30.03 12.45 79.22
C ALA F 247 -30.01 11.85 80.61
N LEU F 248 -31.14 11.34 81.07
CA LEU F 248 -31.23 10.78 82.42
C LEU F 248 -30.22 9.67 82.62
N SER F 249 -30.07 8.81 81.62
CA SER F 249 -29.16 7.66 81.72
C SER F 249 -27.72 8.15 81.89
N SER F 250 -27.29 9.04 81.00
CA SER F 250 -25.92 9.60 81.05
C SER F 250 -25.71 10.32 82.37
N LEU F 251 -26.75 10.94 82.88
CA LEU F 251 -26.64 11.68 84.14
C LEU F 251 -26.48 10.71 85.31
N HIS F 252 -27.32 9.69 85.37
CA HIS F 252 -27.21 8.66 86.42
C HIS F 252 -25.82 8.03 86.35
N GLU F 253 -25.29 7.87 85.15
CA GLU F 253 -23.95 7.28 84.99
C GLU F 253 -22.91 8.16 85.67
N ALA F 254 -22.88 9.44 85.32
CA ALA F 254 -21.90 10.36 85.89
C ALA F 254 -22.10 10.48 87.40
N ALA F 255 -23.34 10.38 87.86
CA ALA F 255 -23.63 10.34 89.30
C ALA F 255 -22.98 9.12 89.94
N SER F 256 -23.08 7.98 89.27
CA SER F 256 -22.55 6.71 89.79
C SER F 256 -21.13 6.56 89.29
N GLY F 257 -20.18 7.06 90.07
CA GLY F 257 -18.77 6.93 89.73
C GLY F 257 -17.95 8.00 90.42
N LEU F 258 -16.97 8.52 89.71
CA LEU F 258 -16.17 9.65 90.21
C LEU F 258 -16.91 10.96 89.88
N CYS F 259 -17.37 11.66 90.91
CA CYS F 259 -18.14 12.91 90.73
C CYS F 259 -18.05 13.75 92.01
N PRO F 260 -17.19 14.77 92.08
CA PRO F 260 -17.09 15.54 93.31
C PRO F 260 -18.33 16.42 93.49
N ARG F 261 -18.58 16.77 94.75
CA ARG F 261 -19.72 17.56 95.24
C ARG F 261 -20.06 18.71 94.28
N PRO F 262 -19.06 19.50 93.84
CA PRO F 262 -19.33 20.52 92.82
C PRO F 262 -20.08 19.99 91.60
N VAL F 263 -19.57 18.90 91.03
CA VAL F 263 -20.21 18.32 89.84
C VAL F 263 -21.58 17.79 90.22
N LEU F 264 -21.64 17.13 91.35
CA LEU F 264 -22.88 16.49 91.84
C LEU F 264 -24.01 17.49 91.88
N VAL F 265 -23.71 18.71 92.33
CA VAL F 265 -24.73 19.75 92.50
C VAL F 265 -25.34 20.06 91.14
N GLN F 266 -24.47 20.36 90.19
CA GLN F 266 -24.91 20.71 88.83
C GLN F 266 -25.71 19.56 88.25
N VAL F 267 -25.29 18.35 88.58
CA VAL F 267 -25.91 17.16 88.01
C VAL F 267 -27.35 17.08 88.48
N TYR F 268 -27.54 17.12 89.79
CA TYR F 268 -28.88 17.11 90.38
C TYR F 268 -29.71 18.24 89.80
N THR F 269 -29.08 19.38 89.57
CA THR F 269 -29.82 20.55 89.09
C THR F 269 -30.37 20.27 87.70
N ALA F 270 -29.50 19.82 86.80
CA ALA F 270 -29.92 19.50 85.43
C ALA F 270 -30.96 18.38 85.48
N LEU F 271 -30.86 17.50 86.44
CA LEU F 271 -31.85 16.42 86.56
C LEU F 271 -33.21 16.96 86.90
N GLY F 272 -33.25 17.85 87.87
CA GLY F 272 -34.50 18.50 88.25
C GLY F 272 -35.09 19.21 87.07
N SER F 273 -34.22 19.83 86.28
CA SER F 273 -34.69 20.50 85.05
C SER F 273 -35.32 19.48 84.11
N CYS F 274 -34.67 18.33 83.94
CA CYS F 274 -35.18 17.29 83.03
C CYS F 274 -36.57 16.86 83.48
N HIS F 275 -36.68 16.61 84.78
CA HIS F 275 -37.95 16.15 85.36
C HIS F 275 -39.02 17.23 85.20
N ARG F 276 -38.62 18.49 85.21
CA ARG F 276 -39.55 19.60 84.95
C ARG F 276 -40.04 19.54 83.51
N LYS F 277 -39.14 19.26 82.58
CA LYS F 277 -39.54 19.12 81.16
C LYS F 277 -40.53 17.99 81.01
N MET F 278 -40.32 16.91 81.76
CA MET F 278 -41.08 15.67 81.57
C MET F 278 -42.47 15.74 82.21
N GLY F 279 -42.55 16.20 83.46
CA GLY F 279 -43.79 16.18 84.24
C GLY F 279 -43.64 15.36 85.51
N ASN F 280 -42.44 15.35 86.10
CA ASN F 280 -42.13 14.63 87.35
C ASN F 280 -41.75 15.66 88.42
N PRO F 281 -42.70 16.48 88.88
CA PRO F 281 -42.31 17.69 89.60
C PRO F 281 -41.71 17.38 90.97
N GLN F 282 -42.29 16.41 91.68
CA GLN F 282 -41.82 16.10 93.04
C GLN F 282 -40.49 15.38 93.01
N ARG F 283 -40.28 14.52 92.03
CA ARG F 283 -38.95 13.93 91.77
C ARG F 283 -37.93 15.04 91.56
N ALA F 284 -38.27 15.98 90.68
CA ALA F 284 -37.41 17.13 90.39
C ALA F 284 -37.07 17.83 91.69
N LEU F 285 -38.10 18.23 92.42
CA LEU F 285 -38.00 18.93 93.70
C LEU F 285 -37.02 18.21 94.62
N LEU F 286 -37.13 16.89 94.68
CA LEU F 286 -36.26 16.10 95.55
C LEU F 286 -34.81 16.24 95.09
N TYR F 287 -34.58 16.14 93.78
CA TYR F 287 -33.21 16.28 93.25
C TYR F 287 -32.63 17.63 93.66
N LEU F 288 -33.44 18.66 93.50
CA LEU F 288 -33.00 20.04 93.78
C LEU F 288 -32.68 20.18 95.27
N VAL F 289 -33.50 19.59 96.11
CA VAL F 289 -33.30 19.68 97.57
C VAL F 289 -31.95 19.06 97.90
N ALA F 290 -31.71 17.88 97.38
CA ALA F 290 -30.45 17.16 97.62
C ALA F 290 -29.29 18.04 97.16
N ALA F 291 -29.45 18.63 95.99
CA ALA F 291 -28.40 19.46 95.40
C ALA F 291 -28.10 20.65 96.29
N LEU F 292 -29.15 21.29 96.84
CA LEU F 292 -28.95 22.36 97.82
C LEU F 292 -28.15 21.81 98.99
N LYS F 293 -28.59 20.67 99.52
CA LYS F 293 -28.03 20.08 100.75
C LYS F 293 -26.53 19.85 100.61
N GLU F 294 -26.09 19.47 99.42
CA GLU F 294 -24.65 19.30 99.20
C GLU F 294 -23.99 20.64 98.90
N GLY F 295 -24.61 21.44 98.04
CA GLY F 295 -23.91 22.54 97.38
C GLY F 295 -23.66 23.74 98.27
N SER F 296 -22.49 24.36 98.05
CA SER F 296 -22.15 25.69 98.59
C SER F 296 -22.32 26.79 97.55
N ALA F 297 -22.81 26.46 96.35
CA ALA F 297 -22.84 27.35 95.18
C ALA F 297 -24.22 27.20 94.50
N TRP F 298 -25.26 27.30 95.30
CA TRP F 298 -26.56 26.69 94.96
C TRP F 298 -27.50 27.67 94.28
N GLY F 299 -26.96 28.57 93.49
CA GLY F 299 -27.75 29.49 92.69
C GLY F 299 -28.64 28.81 91.65
N PRO F 300 -28.03 28.15 90.67
CA PRO F 300 -28.81 27.54 89.57
C PRO F 300 -29.87 26.56 90.07
N PRO F 301 -29.62 25.85 91.20
CA PRO F 301 -30.71 25.09 91.82
C PRO F 301 -31.98 25.90 91.99
N LEU F 302 -31.86 27.01 92.70
CA LEU F 302 -33.01 27.85 92.96
C LEU F 302 -33.51 28.49 91.68
N LEU F 303 -32.62 28.72 90.73
CA LEU F 303 -33.02 29.26 89.43
C LEU F 303 -34.01 28.31 88.76
N GLU F 304 -33.62 27.06 88.58
CA GLU F 304 -34.55 26.08 87.98
C GLU F 304 -35.74 25.86 88.90
N ALA F 305 -35.57 26.07 90.19
CA ALA F 305 -36.68 25.95 91.12
C ALA F 305 -37.75 26.96 90.77
N SER F 306 -37.33 28.19 90.57
CA SER F 306 -38.24 29.27 90.19
C SER F 306 -38.85 28.97 88.82
N ARG F 307 -38.05 28.40 87.92
CA ARG F 307 -38.58 28.01 86.60
C ARG F 307 -39.70 26.99 86.77
N LEU F 308 -39.53 26.06 87.69
CA LEU F 308 -40.53 25.02 87.92
C LEU F 308 -41.79 25.62 88.52
N TYR F 309 -41.59 26.46 89.52
CA TYR F 309 -42.71 27.18 90.12
C TYR F 309 -43.48 27.95 89.06
N GLN F 310 -42.78 28.48 88.06
CA GLN F 310 -43.45 29.17 86.96
C GLN F 310 -44.19 28.16 86.10
N GLN F 311 -43.57 27.02 85.87
CA GLN F 311 -44.21 25.96 85.07
C GLN F 311 -45.54 25.57 85.69
N LEU F 312 -45.62 25.60 87.02
CA LEU F 312 -46.88 25.34 87.74
C LEU F 312 -47.81 26.53 87.64
N GLY F 313 -47.28 27.71 87.97
CA GLY F 313 -48.05 28.87 88.37
C GLY F 313 -47.83 29.29 89.83
N ASP F 314 -46.87 28.68 90.54
CA ASP F 314 -46.61 29.00 91.96
C ASP F 314 -45.82 30.31 92.06
N THR F 315 -46.52 31.41 91.81
CA THR F 315 -45.87 32.70 91.61
C THR F 315 -45.22 33.18 92.90
N THR F 316 -45.92 33.05 94.02
CA THR F 316 -45.40 33.59 95.29
C THR F 316 -44.13 32.88 95.72
N ALA F 317 -44.16 31.56 95.67
CA ALA F 317 -42.97 30.78 96.03
C ALA F 317 -41.83 31.06 95.05
N GLU F 318 -42.17 31.27 93.79
CA GLU F 318 -41.17 31.61 92.77
C GLU F 318 -40.45 32.89 93.19
N LEU F 319 -41.21 33.93 93.41
CA LEU F 319 -40.63 35.22 93.80
C LEU F 319 -39.88 35.06 95.12
N GLU F 320 -40.37 34.19 96.00
CA GLU F 320 -39.74 33.97 97.31
C GLU F 320 -38.34 33.38 97.10
N SER F 321 -38.28 32.30 96.35
CA SER F 321 -37.00 31.66 96.01
C SER F 321 -36.06 32.66 95.35
N LEU F 322 -36.59 33.55 94.52
CA LEU F 322 -35.73 34.52 93.81
C LEU F 322 -35.18 35.55 94.79
N GLU F 323 -36.01 35.97 95.75
CA GLU F 323 -35.55 36.88 96.82
C GLU F 323 -34.40 36.21 97.53
N LEU F 324 -34.59 34.95 97.89
CA LEU F 324 -33.57 34.15 98.58
C LEU F 324 -32.32 34.06 97.71
N LEU F 325 -32.50 33.97 96.41
CA LEU F 325 -31.38 33.79 95.49
C LEU F 325 -30.56 35.06 95.43
N VAL F 326 -31.20 36.21 95.34
CA VAL F 326 -30.45 37.49 95.29
C VAL F 326 -29.75 37.73 96.61
N GLU F 327 -30.39 37.31 97.69
CA GLU F 327 -29.72 37.37 98.99
C GLU F 327 -28.52 36.43 99.00
N ALA F 328 -28.62 35.34 98.28
CA ALA F 328 -27.59 34.30 98.26
C ALA F 328 -26.34 34.76 97.53
N LEU F 329 -26.53 35.27 96.32
CA LEU F 329 -25.40 35.57 95.44
C LEU F 329 -24.46 36.64 96.01
N ASN F 330 -24.90 37.37 97.02
CA ASN F 330 -24.01 38.32 97.71
C ASN F 330 -22.76 37.62 98.24
N VAL F 331 -22.91 36.36 98.61
CA VAL F 331 -21.83 35.61 99.26
C VAL F 331 -20.98 34.98 98.16
N PRO F 332 -19.64 34.89 98.29
CA PRO F 332 -18.84 34.19 97.27
C PRO F 332 -18.95 32.65 97.38
N ALA F 337 -8.96 25.57 95.76
CA ALA F 337 -7.62 25.92 95.26
C ALA F 337 -7.27 25.06 94.05
N PRO F 338 -6.36 25.54 93.15
CA PRO F 338 -6.11 24.82 91.89
C PRO F 338 -5.10 23.69 92.03
N GLN F 339 -5.55 22.44 91.91
CA GLN F 339 -4.63 21.29 91.96
C GLN F 339 -3.90 21.19 90.62
N PHE F 340 -2.59 21.00 90.67
CA PHE F 340 -1.72 20.88 89.48
C PHE F 340 -1.95 19.49 88.91
N LEU F 341 -3.10 19.34 88.28
CA LEU F 341 -3.69 18.02 88.01
C LEU F 341 -4.88 18.19 87.08
N ILE F 342 -5.18 17.13 86.32
CA ILE F 342 -6.33 17.15 85.40
C ILE F 342 -7.53 16.58 86.16
N GLU F 343 -8.39 17.47 86.61
CA GLU F 343 -9.65 17.12 87.28
C GLU F 343 -10.79 17.20 86.26
N VAL F 344 -12.01 16.96 86.71
CA VAL F 344 -13.15 16.85 85.79
C VAL F 344 -13.47 18.23 85.21
N GLU F 345 -13.48 19.25 86.06
CA GLU F 345 -13.87 20.61 85.64
C GLU F 345 -12.96 21.10 84.51
N LEU F 346 -11.68 20.71 84.56
CA LEU F 346 -10.71 21.11 83.52
C LEU F 346 -11.15 20.61 82.15
N LEU F 347 -11.82 19.46 82.12
CA LEU F 347 -12.41 18.93 80.88
C LEU F 347 -13.78 19.53 80.64
N LEU F 348 -14.51 19.88 81.68
CA LEU F 348 -15.88 20.41 81.51
C LEU F 348 -15.83 21.70 80.71
N PRO F 349 -16.77 21.94 79.78
CA PRO F 349 -16.80 23.22 79.08
C PRO F 349 -17.42 24.28 79.97
N PRO F 350 -17.44 25.55 79.55
CA PRO F 350 -18.20 26.57 80.25
C PRO F 350 -19.66 26.51 79.81
N PRO F 351 -20.60 26.83 80.70
CA PRO F 351 -22.01 26.59 80.41
C PRO F 351 -22.54 27.51 79.31
N ASP F 352 -23.81 27.27 78.99
CA ASP F 352 -24.52 27.95 77.91
C ASP F 352 -25.82 28.51 78.45
N LEU F 353 -26.57 29.20 77.60
CA LEU F 353 -27.78 29.90 78.05
C LEU F 353 -28.96 28.95 78.19
N ALA F 354 -29.28 28.18 77.15
CA ALA F 354 -30.33 27.15 77.22
C ALA F 354 -30.02 26.10 78.30
N SER F 355 -28.74 25.87 78.60
CA SER F 355 -28.33 25.09 79.79
C SER F 355 -28.87 25.80 81.04
N PRO F 356 -29.44 25.08 82.01
CA PRO F 356 -30.06 25.74 83.15
C PRO F 356 -29.03 26.33 84.10
N LEU F 357 -27.76 25.92 83.97
CA LEU F 357 -26.69 26.34 84.88
C LEU F 357 -26.14 27.73 84.54
N HIS F 358 -26.82 28.49 83.69
CA HIS F 358 -26.45 29.89 83.51
C HIS F 358 -27.06 30.68 84.64
N CYS F 359 -26.23 31.06 85.59
CA CYS F 359 -26.63 31.88 86.74
C CYS F 359 -26.13 33.30 86.49
N GLY F 360 -26.98 34.15 85.91
CA GLY F 360 -26.67 35.57 85.77
C GLY F 360 -26.31 36.18 87.11
N THR F 361 -25.50 37.22 87.09
CA THR F 361 -25.03 37.84 88.33
C THR F 361 -26.18 38.50 89.07
N GLN F 362 -25.94 38.74 90.36
CA GLN F 362 -26.86 39.31 91.34
C GLN F 362 -27.83 40.31 90.72
N SER F 363 -27.27 41.25 89.99
CA SER F 363 -28.09 42.28 89.36
C SER F 363 -28.85 41.69 88.18
N GLN F 364 -28.17 40.85 87.40
CA GLN F 364 -28.77 40.29 86.16
C GLN F 364 -29.93 39.36 86.47
N THR F 365 -30.10 38.96 87.73
CA THR F 365 -31.21 38.13 88.19
C THR F 365 -32.19 38.95 88.99
N LYS F 366 -31.70 39.94 89.70
CA LYS F 366 -32.56 40.85 90.42
C LYS F 366 -33.45 41.54 89.44
N HIS F 367 -32.91 41.81 88.24
CA HIS F 367 -33.73 42.35 87.14
C HIS F 367 -34.86 41.36 86.80
N ILE F 368 -34.55 40.07 86.77
CA ILE F 368 -35.56 39.05 86.40
C ILE F 368 -36.67 39.04 87.43
N LEU F 369 -36.24 39.15 88.68
CA LEU F 369 -37.14 39.16 89.83
C LEU F 369 -38.17 40.24 89.64
N ALA F 370 -37.68 41.44 89.43
CA ALA F 370 -38.57 42.59 89.30
C ALA F 370 -39.39 42.46 88.03
N SER F 371 -38.83 41.85 86.99
CA SER F 371 -39.60 41.66 85.75
C SER F 371 -40.80 40.78 86.04
N ARG F 372 -40.53 39.67 86.69
CA ARG F 372 -41.57 38.72 87.04
C ARG F 372 -42.57 39.38 87.98
N CYS F 373 -42.07 40.21 88.88
CA CYS F 373 -42.94 40.92 89.82
C CYS F 373 -43.87 41.86 89.05
N LEU F 374 -43.34 42.51 88.02
CA LEU F 374 -44.11 43.52 87.27
C LEU F 374 -45.14 42.82 86.40
N GLN F 375 -44.77 41.70 85.81
CA GLN F 375 -45.67 41.01 84.87
C GLN F 375 -46.91 40.49 85.60
N THR F 376 -46.84 40.37 86.92
CA THR F 376 -47.94 39.83 87.71
C THR F 376 -48.95 40.90 88.07
N GLY F 377 -48.46 42.09 88.42
CA GLY F 377 -49.31 43.13 88.98
C GLY F 377 -49.02 43.40 90.43
N ARG F 378 -47.74 43.46 90.77
CA ARG F 378 -47.27 43.74 92.13
C ARG F 378 -46.32 44.93 92.07
N ALA F 379 -46.82 45.97 91.45
CA ALA F 379 -46.01 47.14 91.11
C ALA F 379 -45.36 47.73 92.36
N GLY F 380 -46.10 47.75 93.47
CA GLY F 380 -45.59 48.36 94.69
C GLY F 380 -44.32 47.70 95.19
N ASP F 381 -44.08 46.46 94.79
CA ASP F 381 -42.87 45.72 95.13
C ASP F 381 -41.88 45.79 93.96
N ALA F 382 -42.41 45.64 92.75
CA ALA F 382 -41.58 45.63 91.54
C ALA F 382 -40.78 46.92 91.46
N ALA F 383 -41.44 48.03 91.73
CA ALA F 383 -40.78 49.32 91.60
C ALA F 383 -39.68 49.45 92.64
N GLU F 384 -39.94 48.95 93.85
CA GLU F 384 -38.91 49.02 94.90
C GLU F 384 -37.71 48.18 94.48
N HIS F 385 -37.95 47.04 93.85
CA HIS F 385 -36.83 46.20 93.37
C HIS F 385 -36.04 46.92 92.29
N TYR F 386 -36.72 47.55 91.35
CA TYR F 386 -36.03 48.32 90.30
C TYR F 386 -35.21 49.39 90.94
N LEU F 387 -35.73 50.00 92.01
CA LEU F 387 -34.98 51.09 92.64
C LEU F 387 -33.73 50.57 93.31
N ASP F 388 -33.85 49.45 93.98
CA ASP F 388 -32.65 48.79 94.52
C ASP F 388 -31.67 48.49 93.38
N LEU F 389 -32.19 48.05 92.24
CA LEU F 389 -31.35 47.69 91.09
C LEU F 389 -30.57 48.91 90.63
N LEU F 390 -31.28 49.99 90.38
CA LEU F 390 -30.65 51.18 89.81
C LEU F 390 -29.69 51.76 90.82
N ALA F 391 -30.00 51.66 92.10
CA ALA F 391 -29.05 52.06 93.14
C ALA F 391 -27.74 51.30 93.00
N LEU F 392 -27.84 49.97 92.89
CA LEU F 392 -26.63 49.13 92.78
C LEU F 392 -25.79 49.56 91.60
N LEU F 393 -26.42 49.68 90.43
CA LEU F 393 -25.69 49.94 89.17
C LEU F 393 -25.02 51.31 89.18
N LEU F 394 -25.78 52.33 89.55
CA LEU F 394 -25.36 53.71 89.30
C LEU F 394 -24.51 54.24 90.45
N ASP F 395 -24.83 53.85 91.68
CA ASP F 395 -23.97 54.20 92.82
C ASP F 395 -22.59 53.57 92.67
N SER F 396 -22.46 52.53 91.86
CA SER F 396 -21.25 51.72 91.84
C SER F 396 -20.08 52.54 91.31
N SER F 397 -19.29 53.03 92.25
CA SER F 397 -17.94 53.57 91.98
C SER F 397 -16.93 52.95 92.94
N GLU F 398 -17.35 52.71 94.19
CA GLU F 398 -16.57 52.09 95.26
C GLU F 398 -16.47 50.58 95.08
N PRO F 399 -17.59 49.83 95.04
CA PRO F 399 -17.52 48.40 95.33
C PRO F 399 -17.00 47.60 94.15
N ARG F 400 -17.01 46.28 94.30
CA ARG F 400 -16.88 45.40 93.14
C ARG F 400 -18.03 45.68 92.19
N PHE F 401 -17.74 45.58 90.90
CA PHE F 401 -18.66 46.11 89.90
C PHE F 401 -19.81 45.13 89.72
N SER F 402 -21.02 45.66 89.58
CA SER F 402 -22.25 44.86 89.41
C SER F 402 -22.79 45.16 88.02
N PRO F 403 -22.91 44.20 87.11
CA PRO F 403 -23.18 44.52 85.71
C PRO F 403 -24.66 44.58 85.39
N PRO F 404 -25.02 44.95 84.15
CA PRO F 404 -26.41 45.01 83.75
C PRO F 404 -26.82 43.74 83.04
N PRO F 405 -28.11 43.63 82.66
CA PRO F 405 -28.55 42.49 81.84
C PRO F 405 -27.73 42.25 80.55
N SER F 406 -27.96 41.10 79.91
CA SER F 406 -27.34 40.78 78.62
C SER F 406 -28.02 41.59 77.51
N PRO F 407 -27.38 41.74 76.35
CA PRO F 407 -28.01 42.44 75.22
C PRO F 407 -29.23 41.73 74.65
N PRO F 408 -29.27 40.39 74.59
CA PRO F 408 -30.53 39.71 74.27
C PRO F 408 -31.68 40.06 75.23
N GLY F 409 -31.35 40.48 76.45
CA GLY F 409 -32.31 41.17 77.30
C GLY F 409 -32.57 42.58 76.80
N PRO F 410 -33.03 43.49 77.67
CA PRO F 410 -33.17 44.89 77.28
C PRO F 410 -31.90 45.70 77.59
N CYS F 411 -31.85 46.96 77.13
CA CYS F 411 -30.66 47.83 77.30
C CYS F 411 -30.84 48.77 78.49
N MET F 412 -29.74 49.35 78.91
CA MET F 412 -29.71 50.11 80.18
C MET F 412 -30.71 51.26 80.23
N PRO F 413 -31.15 51.86 79.11
CA PRO F 413 -32.29 52.78 79.19
C PRO F 413 -33.65 52.09 79.40
N GLU F 414 -33.89 51.01 78.67
CA GLU F 414 -35.13 50.24 78.84
C GLU F 414 -35.33 49.85 80.29
N VAL F 415 -34.22 49.66 81.02
CA VAL F 415 -34.28 49.50 82.49
C VAL F 415 -35.05 50.66 83.11
N PHE F 416 -34.63 51.89 82.88
CA PHE F 416 -35.29 53.05 83.49
C PHE F 416 -36.74 53.14 83.06
N LEU F 417 -37.01 52.77 81.82
CA LEU F 417 -38.39 52.76 81.29
C LEU F 417 -39.27 51.82 82.11
N GLU F 418 -38.86 50.56 82.23
CA GLU F 418 -39.63 49.58 83.00
C GLU F 418 -39.80 50.11 84.42
N ALA F 419 -38.74 50.69 84.99
CA ALA F 419 -38.77 51.14 86.39
C ALA F 419 -39.83 52.22 86.58
N ALA F 420 -39.82 53.19 85.68
CA ALA F 420 -40.83 54.25 85.77
C ALA F 420 -42.23 53.74 85.43
N VAL F 421 -42.38 52.70 84.58
CA VAL F 421 -43.72 52.11 84.35
C VAL F 421 -44.25 51.56 85.66
N ALA F 422 -43.40 50.84 86.38
CA ALA F 422 -43.75 50.27 87.67
C ALA F 422 -44.19 51.39 88.61
N LEU F 423 -43.40 52.44 88.68
CA LEU F 423 -43.73 53.54 89.59
C LEU F 423 -45.04 54.20 89.23
N ILE F 424 -45.36 54.26 87.94
CA ILE F 424 -46.68 54.78 87.50
C ILE F 424 -47.77 53.86 87.99
N GLN F 425 -47.58 52.56 87.81
CA GLN F 425 -48.60 51.61 88.27
C GLN F 425 -48.75 51.67 89.79
N ALA F 426 -47.70 52.10 90.50
CA ALA F 426 -47.75 52.34 91.96
C ALA F 426 -48.37 53.70 92.32
N GLY F 427 -48.87 54.47 91.35
CA GLY F 427 -49.36 55.82 91.63
C GLY F 427 -48.29 56.78 92.13
N ARG F 428 -47.01 56.55 91.78
CA ARG F 428 -45.84 57.33 92.25
C ARG F 428 -45.32 58.22 91.11
N ALA F 429 -46.25 58.83 90.40
CA ALA F 429 -45.94 59.55 89.17
C ALA F 429 -44.95 60.68 89.44
N GLN F 430 -44.95 61.23 90.66
CA GLN F 430 -44.06 62.36 90.96
C GLN F 430 -42.59 61.93 90.92
N ASP F 431 -42.28 60.70 91.33
CA ASP F 431 -40.92 60.15 91.19
C ASP F 431 -40.73 59.53 89.80
N ALA F 432 -41.81 59.07 89.15
CA ALA F 432 -41.77 58.65 87.74
C ALA F 432 -41.23 59.73 86.82
N LEU F 433 -41.37 60.98 87.23
CA LEU F 433 -40.82 62.12 86.50
C LEU F 433 -39.39 62.44 86.92
N THR F 434 -38.99 62.20 88.17
CA THR F 434 -37.57 62.36 88.53
C THR F 434 -36.73 61.33 87.79
N LEU F 435 -37.32 60.19 87.44
CA LEU F 435 -36.64 59.21 86.58
C LEU F 435 -36.32 59.79 85.22
N CYS F 436 -37.34 60.13 84.46
CA CYS F 436 -37.15 60.72 83.13
C CYS F 436 -36.34 62.02 83.18
N GLU F 437 -36.29 62.71 84.32
CA GLU F 437 -35.36 63.85 84.51
C GLU F 437 -33.92 63.38 84.44
N GLU F 438 -33.55 62.49 85.35
CA GLU F 438 -32.16 62.06 85.43
C GLU F 438 -31.74 61.21 84.23
N LEU F 439 -32.70 60.66 83.48
CA LEU F 439 -32.37 60.03 82.18
C LEU F 439 -31.82 61.09 81.24
N LEU F 440 -32.63 62.08 80.90
CA LEU F 440 -32.23 63.07 79.90
C LEU F 440 -31.25 64.10 80.48
N SER F 441 -30.89 64.02 81.77
CA SER F 441 -29.82 64.86 82.34
C SER F 441 -28.45 64.41 81.84
N ARG F 442 -28.21 63.11 81.88
CA ARG F 442 -26.87 62.58 81.62
C ARG F 442 -26.65 62.22 80.18
N THR F 443 -27.71 61.85 79.44
CA THR F 443 -27.60 61.57 78.00
C THR F 443 -27.92 62.78 77.12
N SER F 444 -27.75 63.98 77.64
CA SER F 444 -28.05 65.23 76.93
C SER F 444 -27.31 65.28 75.59
N SER F 445 -26.06 64.86 75.59
CA SER F 445 -25.21 64.95 74.39
C SER F 445 -25.81 64.24 73.19
N LEU F 446 -26.25 63.01 73.40
CA LEU F 446 -26.63 62.14 72.29
C LEU F 446 -27.88 62.64 71.58
N LEU F 447 -28.63 63.52 72.18
CA LEU F 447 -29.99 63.73 71.71
C LEU F 447 -29.97 64.51 70.42
N PRO F 448 -30.93 64.26 69.50
CA PRO F 448 -31.02 65.10 68.31
C PRO F 448 -31.54 66.50 68.68
N LYS F 449 -30.96 67.53 68.05
CA LYS F 449 -31.20 68.93 68.47
C LYS F 449 -32.59 69.43 68.06
N MET F 450 -33.36 68.63 67.33
CA MET F 450 -34.76 68.94 66.91
C MET F 450 -34.89 70.36 66.34
N SER F 451 -33.86 70.80 65.62
CA SER F 451 -33.92 72.02 64.80
C SER F 451 -34.58 71.73 63.44
N ARG F 452 -34.77 70.44 63.10
CA ARG F 452 -35.66 70.05 62.00
C ARG F 452 -37.11 70.44 62.29
N LEU F 453 -37.42 70.74 63.56
CA LEU F 453 -38.72 71.34 63.95
C LEU F 453 -39.06 72.56 63.09
N TRP F 454 -38.07 73.32 62.62
CA TRP F 454 -38.28 74.52 61.79
C TRP F 454 -38.42 74.17 60.30
N GLU F 455 -37.60 73.25 59.80
CA GLU F 455 -37.53 72.97 58.35
C GLU F 455 -38.81 72.34 57.82
N ASP F 456 -39.51 71.56 58.65
CA ASP F 456 -40.72 70.84 58.21
C ASP F 456 -41.87 71.84 57.99
N GLU F 463 -38.51 61.38 59.11
CA GLU F 463 -38.08 60.62 57.91
C GLU F 463 -36.54 60.47 57.95
N LEU F 464 -35.82 61.57 57.77
CA LEU F 464 -34.35 61.52 57.73
C LEU F 464 -33.77 61.21 59.10
N PRO F 465 -33.96 62.06 60.12
CA PRO F 465 -33.10 62.03 61.30
C PRO F 465 -33.32 60.78 62.13
N TYR F 466 -32.49 60.66 63.15
CA TYR F 466 -32.32 59.44 63.93
C TYR F 466 -32.97 59.60 65.29
N CYS F 467 -34.03 58.83 65.50
CA CYS F 467 -34.84 58.86 66.73
C CYS F 467 -34.82 57.47 67.35
N PRO F 468 -34.01 57.21 68.39
CA PRO F 468 -34.13 55.93 69.11
C PRO F 468 -35.41 55.90 69.93
N LEU F 469 -36.10 54.78 69.88
CA LEU F 469 -37.46 54.66 70.43
C LEU F 469 -37.49 55.12 71.87
N TRP F 470 -36.41 54.87 72.61
CA TRP F 470 -36.49 55.03 74.07
C TRP F 470 -36.63 56.49 74.48
N VAL F 471 -36.04 57.41 73.73
CA VAL F 471 -36.22 58.84 74.01
C VAL F 471 -37.69 59.24 73.82
N SER F 472 -38.33 58.76 72.76
CA SER F 472 -39.76 59.05 72.51
C SER F 472 -40.61 58.52 73.65
N ALA F 473 -40.33 57.29 74.01
CA ALA F 473 -41.09 56.67 75.08
C ALA F 473 -40.90 57.44 76.38
N THR F 474 -39.75 58.06 76.58
CA THR F 474 -39.54 58.82 77.81
C THR F 474 -40.53 59.96 77.90
N HIS F 475 -40.70 60.72 76.84
CA HIS F 475 -41.71 61.80 76.85
C HIS F 475 -43.09 61.22 77.02
N LEU F 476 -43.33 60.03 76.43
CA LEU F 476 -44.63 59.38 76.59
C LEU F 476 -44.93 59.18 78.07
N LEU F 477 -44.00 58.57 78.80
CA LEU F 477 -44.22 58.31 80.24
C LEU F 477 -44.17 59.58 81.08
N GLN F 478 -43.40 60.55 80.67
CA GLN F 478 -43.42 61.83 81.35
C GLN F 478 -44.83 62.38 81.29
N GLY F 479 -45.45 62.30 80.12
CA GLY F 479 -46.77 62.88 79.94
C GLY F 479 -47.82 62.11 80.70
N GLN F 480 -47.69 60.79 80.70
CA GLN F 480 -48.66 59.99 81.45
C GLN F 480 -48.55 60.27 82.94
N ALA F 481 -47.36 60.46 83.45
CA ALA F 481 -47.16 60.81 84.87
C ALA F 481 -47.86 62.13 85.22
N TRP F 482 -48.02 63.04 84.25
CA TRP F 482 -48.72 64.30 84.49
C TRP F 482 -50.24 64.13 84.48
N VAL F 483 -50.78 63.01 83.98
CA VAL F 483 -52.23 62.73 84.11
C VAL F 483 -52.54 62.34 85.55
N GLN F 484 -51.62 61.59 86.16
CA GLN F 484 -51.82 61.14 87.53
C GLN F 484 -51.95 62.33 88.47
N LEU F 485 -50.93 63.17 88.51
CA LEU F 485 -51.03 64.40 89.30
C LEU F 485 -52.09 65.33 88.71
N GLY F 486 -52.37 65.23 87.41
CA GLY F 486 -53.44 65.98 86.74
C GLY F 486 -52.91 67.23 86.06
N ALA F 487 -52.64 67.13 84.77
CA ALA F 487 -52.30 68.33 83.98
C ALA F 487 -52.53 68.07 82.50
N GLN F 488 -53.72 68.44 81.99
CA GLN F 488 -54.09 68.22 80.59
C GLN F 488 -53.09 68.89 79.65
N LYS F 489 -52.71 70.11 79.98
CA LYS F 489 -51.85 70.95 79.17
C LYS F 489 -50.53 70.26 78.89
N VAL F 490 -49.77 70.04 79.95
CA VAL F 490 -48.40 69.53 79.78
C VAL F 490 -48.46 68.08 79.33
N ALA F 491 -49.53 67.38 79.66
CA ALA F 491 -49.68 66.00 79.20
C ALA F 491 -49.76 65.95 77.68
N ILE F 492 -50.70 66.70 77.13
CA ILE F 492 -50.93 66.63 75.69
C ILE F 492 -49.72 67.22 74.98
N SER F 493 -49.04 68.19 75.60
CA SER F 493 -47.77 68.72 75.08
C SER F 493 -46.77 67.60 74.81
N GLU F 494 -46.44 66.88 75.87
CA GLU F 494 -45.43 65.83 75.79
C GLU F 494 -45.86 64.74 74.82
N PHE F 495 -47.14 64.42 74.81
CA PHE F 495 -47.63 63.34 73.93
C PHE F 495 -47.47 63.71 72.45
N SER F 496 -47.88 64.93 72.10
CA SER F 496 -47.72 65.37 70.71
C SER F 496 -46.23 65.40 70.36
N ARG F 497 -45.38 65.82 71.31
CA ARG F 497 -43.93 65.88 71.05
C ARG F 497 -43.36 64.50 70.73
N CYS F 498 -43.74 63.50 71.52
CA CYS F 498 -43.35 62.10 71.25
C CYS F 498 -43.83 61.65 69.86
N LEU F 499 -45.09 61.94 69.52
CA LEU F 499 -45.63 61.57 68.19
C LEU F 499 -44.74 62.14 67.11
N GLU F 500 -44.40 63.42 67.24
CA GLU F 500 -43.61 64.11 66.21
C GLU F 500 -42.27 63.41 66.05
N LEU F 501 -41.70 62.89 67.13
CA LEU F 501 -40.39 62.20 67.05
C LEU F 501 -40.55 60.86 66.37
N LEU F 502 -41.65 60.17 66.63
CA LEU F 502 -41.87 58.89 65.95
C LEU F 502 -42.11 59.08 64.46
N PHE F 503 -42.73 60.19 64.06
CA PHE F 503 -43.11 60.39 62.65
C PHE F 503 -42.06 61.12 61.87
N ARG F 504 -41.27 61.97 62.52
CA ARG F 504 -40.34 62.88 61.84
C ARG F 504 -38.90 62.49 62.10
N ALA F 505 -38.65 61.19 62.17
CA ALA F 505 -37.31 60.65 62.40
C ALA F 505 -37.37 59.15 62.22
N THR F 506 -36.23 58.51 62.43
CA THR F 506 -36.05 57.12 62.01
C THR F 506 -35.11 56.43 62.98
N PRO F 507 -35.60 55.47 63.78
CA PRO F 507 -34.66 54.69 64.58
C PRO F 507 -33.75 53.78 63.75
N GLU F 508 -34.17 53.38 62.56
CA GLU F 508 -33.42 52.40 61.74
C GLU F 508 -32.40 53.13 60.84
N GLU F 509 -31.58 53.96 61.47
CA GLU F 509 -30.52 54.69 60.77
C GLU F 509 -29.24 53.91 60.99
N LYS F 510 -29.22 52.67 60.53
CA LYS F 510 -28.02 51.81 60.55
C LYS F 510 -27.25 52.01 59.24
N GLU F 511 -26.77 53.23 59.06
CA GLU F 511 -25.80 53.57 58.00
C GLU F 511 -24.38 53.65 58.58
N GLN F 512 -24.25 53.75 59.89
CA GLN F 512 -22.96 53.72 60.60
C GLN F 512 -23.21 53.18 62.00
N GLY F 513 -22.50 52.13 62.38
CA GLY F 513 -22.51 51.64 63.76
C GLY F 513 -21.62 52.50 64.62
N ALA F 514 -21.96 53.78 64.76
CA ALA F 514 -21.07 54.78 65.37
C ALA F 514 -20.88 54.53 66.87
N ALA F 515 -21.61 53.60 67.46
CA ALA F 515 -21.39 53.29 68.87
C ALA F 515 -22.07 51.98 69.25
N PHE F 516 -22.14 51.72 70.55
CA PHE F 516 -22.88 50.55 71.06
C PHE F 516 -24.38 50.81 70.98
N ASN F 517 -25.11 49.82 70.52
CA ASN F 517 -26.52 50.00 70.13
C ASN F 517 -27.41 49.13 71.00
N CYS F 518 -28.72 49.27 70.83
CA CYS F 518 -29.69 48.28 71.29
C CYS F 518 -29.88 47.25 70.19
N GLU F 519 -30.29 46.05 70.55
CA GLU F 519 -30.10 44.88 69.68
C GLU F 519 -31.38 44.55 68.92
N GLN F 520 -32.52 44.50 69.59
CA GLN F 520 -33.78 44.01 68.99
C GLN F 520 -34.96 44.90 69.36
N GLY F 521 -35.03 45.26 70.64
CA GLY F 521 -36.21 45.91 71.18
C GLY F 521 -36.40 47.27 70.56
N CYS F 522 -35.33 48.05 70.53
CA CYS F 522 -35.36 49.39 69.90
C CYS F 522 -35.21 49.31 68.38
N LYS F 523 -35.26 48.13 67.79
CA LYS F 523 -35.24 47.98 66.32
C LYS F 523 -36.58 47.58 65.73
N SER F 524 -37.36 46.78 66.48
CA SER F 524 -38.62 46.17 65.98
C SER F 524 -39.58 47.21 65.43
N ASP F 525 -40.17 46.92 64.28
CA ASP F 525 -41.21 47.76 63.65
C ASP F 525 -42.52 47.60 64.37
N ALA F 526 -42.79 46.41 64.89
CA ALA F 526 -43.97 46.22 65.73
C ALA F 526 -43.96 47.22 66.90
N ALA F 527 -42.78 47.52 67.45
CA ALA F 527 -42.66 48.56 68.49
C ALA F 527 -43.11 49.91 67.96
N LEU F 528 -42.75 50.23 66.73
CA LEU F 528 -43.14 51.50 66.12
C LEU F 528 -44.66 51.56 66.01
N GLN F 529 -45.28 50.56 65.39
CA GLN F 529 -46.75 50.55 65.16
C GLN F 529 -47.47 50.65 66.49
N GLN F 530 -47.07 49.79 67.42
CA GLN F 530 -47.70 49.73 68.75
C GLN F 530 -47.54 51.07 69.48
N LEU F 531 -46.32 51.58 69.57
CA LEU F 531 -46.05 52.81 70.34
C LEU F 531 -46.81 53.99 69.73
N ARG F 532 -46.87 54.05 68.40
CA ARG F 532 -47.57 55.14 67.71
C ARG F 532 -49.03 55.13 68.07
N ALA F 533 -49.69 54.00 67.87
CA ALA F 533 -51.11 53.89 68.21
C ALA F 533 -51.30 54.18 69.71
N ALA F 534 -50.34 53.76 70.54
CA ALA F 534 -50.45 53.90 72.00
C ALA F 534 -50.50 55.37 72.40
N ALA F 535 -49.45 56.10 72.07
CA ALA F 535 -49.36 57.52 72.46
C ALA F 535 -50.48 58.31 71.77
N LEU F 536 -50.83 57.92 70.54
CA LEU F 536 -51.97 58.52 69.84
C LEU F 536 -53.21 58.47 70.71
N ILE F 537 -53.56 57.28 71.16
CA ILE F 537 -54.81 57.11 71.90
C ILE F 537 -54.68 57.76 73.27
N SER F 538 -53.48 57.69 73.84
CA SER F 538 -53.20 58.31 75.16
C SER F 538 -53.51 59.80 75.11
N ARG F 539 -53.16 60.42 74.00
CA ARG F 539 -53.39 61.87 73.79
C ARG F 539 -54.86 62.10 73.47
N GLY F 540 -55.46 61.26 72.62
CA GLY F 540 -56.87 61.45 72.26
C GLY F 540 -57.75 61.34 73.47
N LEU F 541 -57.37 60.53 74.42
CA LEU F 541 -58.18 60.41 75.63
C LEU F 541 -58.19 61.71 76.41
N GLU F 542 -57.06 62.41 76.44
CA GLU F 542 -57.02 63.74 77.05
C GLU F 542 -57.81 64.73 76.21
N TRP F 543 -57.85 64.55 74.90
CA TRP F 543 -58.72 65.41 74.07
C TRP F 543 -60.18 65.25 74.49
N VAL F 544 -60.61 64.03 74.78
CA VAL F 544 -61.99 63.81 75.27
C VAL F 544 -62.12 64.39 76.66
N ALA F 545 -61.07 64.26 77.47
CA ALA F 545 -61.08 64.79 78.85
C ALA F 545 -61.33 66.30 78.86
N SER F 546 -60.77 67.00 77.91
CA SER F 546 -60.95 68.46 77.79
C SER F 546 -62.15 68.83 76.89
N GLY F 547 -62.73 67.87 76.16
CA GLY F 547 -63.89 68.13 75.32
C GLY F 547 -63.53 68.46 73.88
N GLN F 548 -62.61 67.69 73.31
CA GLN F 548 -62.13 67.88 71.93
C GLN F 548 -62.29 66.56 71.19
N ASP F 549 -63.52 66.05 71.24
CA ASP F 549 -63.89 64.74 70.69
C ASP F 549 -63.43 64.56 69.25
N THR F 550 -63.45 65.61 68.45
CA THR F 550 -62.98 65.51 67.07
C THR F 550 -61.47 65.24 67.02
N LYS F 551 -60.70 65.89 67.89
CA LYS F 551 -59.24 65.66 67.93
C LYS F 551 -58.92 64.25 68.39
N ALA F 552 -59.58 63.84 69.47
CA ALA F 552 -59.49 62.45 69.93
C ALA F 552 -59.87 61.48 68.82
N LEU F 553 -60.93 61.81 68.06
CA LEU F 553 -61.43 60.97 66.96
C LEU F 553 -60.33 60.77 65.92
N GLN F 554 -59.72 61.87 65.48
CA GLN F 554 -58.70 61.79 64.42
C GLN F 554 -57.47 61.02 64.93
N ASP F 555 -57.07 61.24 66.19
CA ASP F 555 -55.99 60.44 66.82
C ASP F 555 -56.34 58.94 66.79
N PHE F 556 -57.58 58.61 67.09
CA PHE F 556 -58.02 57.21 67.12
C PHE F 556 -58.09 56.63 65.71
N LEU F 557 -58.46 57.44 64.72
CA LEU F 557 -58.36 57.02 63.30
C LEU F 557 -56.93 56.62 62.97
N LEU F 558 -55.98 57.50 63.26
CA LEU F 558 -54.59 57.24 62.84
C LEU F 558 -54.02 56.03 63.58
N SER F 559 -54.33 55.88 64.86
CA SER F 559 -53.83 54.71 65.61
C SER F 559 -54.36 53.42 64.96
N VAL F 560 -55.58 53.47 64.41
CA VAL F 560 -56.15 52.30 63.70
C VAL F 560 -55.37 52.07 62.40
N GLN F 561 -55.16 53.13 61.63
CA GLN F 561 -54.41 53.00 60.37
C GLN F 561 -52.99 52.51 60.62
N MET F 562 -52.44 52.78 61.80
CA MET F 562 -51.05 52.44 62.13
C MET F 562 -50.93 51.00 62.65
N CYS F 563 -51.63 50.67 63.72
CA CYS F 563 -51.48 49.36 64.39
C CYS F 563 -52.86 48.71 64.51
N PRO F 564 -53.31 47.91 63.51
CA PRO F 564 -54.66 47.36 63.57
C PRO F 564 -54.77 46.10 64.45
N GLY F 565 -53.68 45.36 64.61
CA GLY F 565 -53.69 44.09 65.32
C GLY F 565 -53.53 44.21 66.82
N ASN F 566 -54.12 45.25 67.41
CA ASN F 566 -54.21 45.43 68.86
C ASN F 566 -55.66 45.49 69.31
N ARG F 567 -56.48 46.30 68.62
CA ARG F 567 -57.93 46.43 68.85
C ARG F 567 -58.25 47.31 70.06
N ASP F 568 -57.25 47.64 70.89
CA ASP F 568 -57.35 48.81 71.77
C ASP F 568 -57.64 50.04 70.93
N THR F 569 -57.03 50.10 69.75
CA THR F 569 -57.33 51.11 68.74
C THR F 569 -58.81 51.12 68.42
N TYR F 570 -59.34 49.97 68.03
CA TYR F 570 -60.75 49.86 67.65
C TYR F 570 -61.67 50.29 68.79
N PHE F 571 -61.27 50.00 70.01
CA PHE F 571 -62.14 50.16 71.18
C PHE F 571 -62.64 51.60 71.33
N HIS F 572 -61.73 52.54 71.54
CA HIS F 572 -62.15 53.91 71.89
C HIS F 572 -62.81 54.58 70.69
N LEU F 573 -62.36 54.25 69.48
CA LEU F 573 -63.01 54.72 68.24
C LEU F 573 -64.48 54.32 68.27
N LEU F 574 -64.75 53.04 68.49
CA LEU F 574 -66.14 52.53 68.46
C LEU F 574 -66.91 53.10 69.64
N GLN F 575 -66.24 53.33 70.75
CA GLN F 575 -66.87 53.98 71.91
C GLN F 575 -67.38 55.36 71.52
N THR F 576 -66.53 56.16 70.88
CA THR F 576 -66.95 57.53 70.52
C THR F 576 -67.98 57.50 69.39
N LEU F 577 -67.87 56.56 68.45
CA LEU F 577 -68.93 56.38 67.44
C LEU F 577 -70.26 56.07 68.13
N LYS F 578 -70.23 55.22 69.14
CA LYS F 578 -71.41 54.95 69.98
C LYS F 578 -71.91 56.26 70.60
N ARG F 579 -70.97 57.12 71.02
CA ARG F 579 -71.33 58.37 71.68
C ARG F 579 -72.04 59.32 70.71
N LEU F 580 -71.46 59.58 69.54
CA LEU F 580 -71.97 60.62 68.62
C LEU F 580 -72.78 59.97 67.50
N ASP F 581 -72.16 59.12 66.69
CA ASP F 581 -72.80 58.53 65.49
C ASP F 581 -72.31 57.09 65.35
N ARG F 582 -73.21 56.15 65.57
CA ARG F 582 -72.82 54.76 65.84
C ARG F 582 -72.90 53.91 64.56
N ARG F 583 -74.04 53.97 63.87
CA ARG F 583 -74.54 52.81 63.12
C ARG F 583 -73.56 52.31 62.06
N ASP F 584 -73.33 53.12 61.03
CA ASP F 584 -72.60 52.63 59.85
C ASP F 584 -71.10 52.66 60.08
N GLU F 585 -70.61 53.74 60.70
CA GLU F 585 -69.17 53.91 60.94
C GLU F 585 -68.66 52.79 61.83
N ALA F 586 -69.43 52.42 62.86
CA ALA F 586 -69.04 51.34 63.77
C ALA F 586 -69.24 49.99 63.08
N THR F 587 -70.28 49.86 62.26
CA THR F 587 -70.58 48.57 61.60
C THR F 587 -69.45 48.18 60.64
N ALA F 588 -68.95 49.13 59.85
CA ALA F 588 -67.80 48.86 58.97
C ALA F 588 -66.60 48.39 59.80
N LEU F 589 -66.44 48.94 61.00
CA LEU F 589 -65.34 48.52 61.89
C LEU F 589 -65.61 47.13 62.47
N TRP F 590 -66.86 46.78 62.76
CA TRP F 590 -67.21 45.41 63.17
C TRP F 590 -66.77 44.43 62.09
N TRP F 591 -67.10 44.75 60.84
CA TRP F 591 -66.78 43.86 59.70
C TRP F 591 -65.27 43.87 59.43
N ARG F 592 -64.60 44.97 59.75
CA ARG F 592 -63.13 44.98 59.81
C ARG F 592 -62.66 43.94 60.83
N LEU F 593 -63.09 44.11 62.07
CA LEU F 593 -62.58 43.31 63.20
C LEU F 593 -62.84 41.83 62.99
N GLU F 594 -63.98 41.51 62.38
CA GLU F 594 -64.32 40.10 62.12
C GLU F 594 -63.27 39.47 61.18
N ALA F 595 -62.67 40.27 60.30
CA ALA F 595 -61.60 39.80 59.41
C ALA F 595 -60.22 39.95 60.07
N GLN F 596 -60.08 40.89 61.02
CA GLN F 596 -58.76 41.29 61.57
C GLN F 596 -57.98 40.07 62.10
N THR F 597 -58.61 39.27 62.95
CA THR F 597 -57.96 38.09 63.55
C THR F 597 -57.54 37.09 62.45
N LEU F 605 -47.30 41.54 70.28
CA LEU F 605 -47.19 40.47 71.30
C LEU F 605 -46.00 39.54 71.09
N TRP F 606 -45.41 39.55 69.88
CA TRP F 606 -44.45 38.52 69.47
C TRP F 606 -43.17 38.58 70.32
N SER F 607 -42.41 39.67 70.20
CA SER F 607 -41.13 39.82 70.92
C SER F 607 -40.97 41.25 71.43
N LEU F 608 -42.06 41.88 71.83
CA LEU F 608 -42.07 43.30 72.20
C LEU F 608 -41.17 43.50 73.40
N PRO F 609 -40.85 44.75 73.74
CA PRO F 609 -40.17 45.02 75.00
C PRO F 609 -41.07 44.83 76.21
N LEU F 610 -40.56 45.19 77.38
CA LEU F 610 -41.25 44.90 78.64
C LEU F 610 -42.12 46.07 79.04
N TYR F 611 -41.49 47.22 79.25
CA TYR F 611 -42.18 48.44 79.71
C TYR F 611 -43.39 48.78 78.85
N LEU F 612 -43.31 48.49 77.55
CA LEU F 612 -44.40 48.79 76.64
C LEU F 612 -45.67 48.04 77.07
N GLU F 613 -45.61 46.70 77.11
CA GLU F 613 -46.79 45.89 77.42
C GLU F 613 -47.20 46.15 78.86
N SER F 614 -46.23 46.45 79.73
CA SER F 614 -46.52 46.80 81.13
C SER F 614 -47.42 48.04 81.16
N TYR F 615 -47.01 49.08 80.43
CA TYR F 615 -47.80 50.32 80.27
C TYR F 615 -49.15 49.98 79.63
N LEU F 616 -49.13 49.13 78.62
CA LEU F 616 -50.33 48.92 77.78
C LEU F 616 -51.44 48.21 78.57
N SER F 617 -51.10 47.07 79.17
CA SER F 617 -52.08 46.34 79.98
C SER F 617 -52.55 47.18 81.16
N TRP F 618 -51.70 48.09 81.67
CA TRP F 618 -52.08 49.03 82.75
C TRP F 618 -53.20 49.97 82.29
N ILE F 619 -53.02 50.60 81.14
CA ILE F 619 -54.06 51.51 80.61
C ILE F 619 -55.28 50.76 80.11
N ARG F 620 -55.13 49.48 79.77
CA ARG F 620 -56.15 48.77 79.00
C ARG F 620 -57.46 48.75 79.78
N PRO F 621 -58.60 49.06 79.14
CA PRO F 621 -59.88 48.90 79.82
C PRO F 621 -60.12 47.44 80.17
N SER F 622 -60.64 47.20 81.37
CA SER F 622 -60.99 45.83 81.81
C SER F 622 -62.13 45.27 80.96
N ASP F 623 -63.18 46.07 80.77
CA ASP F 623 -64.38 45.67 79.99
C ASP F 623 -64.09 45.82 78.50
N ARG F 624 -63.07 45.11 78.02
CA ARG F 624 -62.56 45.31 76.66
C ARG F 624 -63.43 44.57 75.64
N ASP F 625 -63.48 43.24 75.72
CA ASP F 625 -64.20 42.45 74.71
C ASP F 625 -65.72 42.59 74.87
N ALA F 626 -66.20 42.89 76.07
CA ALA F 626 -67.64 43.06 76.34
C ALA F 626 -68.25 44.07 75.39
N PHE F 627 -67.58 45.21 75.23
CA PHE F 627 -67.97 46.23 74.23
C PHE F 627 -67.97 45.61 72.82
N LEU F 628 -67.04 44.70 72.57
CA LEU F 628 -66.85 44.10 71.23
C LEU F 628 -67.75 42.90 70.99
N GLU F 629 -68.89 42.80 71.68
CA GLU F 629 -69.93 41.81 71.38
C GLU F 629 -71.28 42.44 71.01
N GLU F 630 -71.42 43.75 71.11
CA GLU F 630 -72.73 44.42 70.95
C GLU F 630 -73.00 44.74 69.47
N CYS G 31 66.09 -14.37 10.87
CA CYS G 31 65.60 -15.74 11.10
C CYS G 31 64.20 -15.70 11.74
N LEU G 32 64.18 -15.32 13.00
CA LEU G 32 62.92 -15.03 13.72
C LEU G 32 62.09 -14.05 12.90
N ASP G 33 62.76 -13.08 12.27
CA ASP G 33 62.12 -12.07 11.40
C ASP G 33 61.29 -12.79 10.36
N LEU G 34 61.90 -13.84 9.80
CA LEU G 34 61.33 -14.54 8.64
C LEU G 34 60.12 -15.36 9.05
N TRP G 35 60.25 -16.10 10.14
CA TRP G 35 59.14 -16.92 10.63
C TRP G 35 58.00 -16.02 11.08
N ARG G 36 58.34 -14.87 11.63
CA ARG G 36 57.31 -13.94 12.08
C ARG G 36 56.54 -13.41 10.89
N GLU G 37 57.26 -12.94 9.88
CA GLU G 37 56.63 -12.49 8.63
C GLU G 37 55.78 -13.62 8.09
N LYS G 38 56.31 -14.82 8.11
CA LYS G 38 55.60 -15.99 7.59
C LYS G 38 54.29 -16.17 8.31
N ASN G 39 54.36 -16.09 9.63
CA ASN G 39 53.18 -16.23 10.47
C ASN G 39 52.13 -15.21 10.07
N ASP G 40 52.53 -13.95 10.08
CA ASP G 40 51.58 -12.86 9.86
C ASP G 40 50.99 -12.97 8.45
N ARG G 41 51.85 -13.30 7.50
CA ARG G 41 51.47 -13.52 6.10
C ARG G 41 50.33 -14.52 6.01
N LEU G 42 50.60 -15.72 6.51
CA LEU G 42 49.63 -16.80 6.39
C LEU G 42 48.36 -16.48 7.15
N VAL G 43 48.51 -15.73 8.23
CA VAL G 43 47.34 -15.38 9.02
C VAL G 43 46.44 -14.45 8.21
N ARG G 44 47.01 -13.41 7.63
CA ARG G 44 46.20 -12.48 6.85
C ARG G 44 45.59 -13.19 5.66
N GLN G 45 46.36 -14.10 5.05
CA GLN G 45 45.85 -14.95 3.97
C GLN G 45 44.61 -15.69 4.46
N ALA G 46 44.70 -16.25 5.67
CA ALA G 46 43.62 -17.04 6.23
C ALA G 46 42.40 -16.17 6.43
N LYS G 47 42.60 -15.00 7.01
CA LYS G 47 41.48 -14.10 7.29
C LYS G 47 40.86 -13.60 5.99
N VAL G 48 41.66 -13.47 4.95
CA VAL G 48 41.11 -13.08 3.63
C VAL G 48 40.20 -14.18 3.10
N ALA G 49 40.63 -15.43 3.21
CA ALA G 49 39.77 -16.56 2.84
C ALA G 49 38.51 -16.55 3.69
N GLN G 50 38.62 -16.19 4.95
CA GLN G 50 37.44 -16.10 5.84
C GLN G 50 36.45 -15.07 5.30
N ASN G 51 36.94 -13.85 5.08
CA ASN G 51 36.09 -12.70 4.73
C ASN G 51 35.47 -12.92 3.36
N SER G 52 36.30 -13.24 2.38
CA SER G 52 35.93 -13.32 0.96
C SER G 52 36.01 -14.76 0.49
N GLY G 53 35.86 -14.97 -0.80
CA GLY G 53 36.16 -16.26 -1.43
C GLY G 53 34.92 -17.13 -1.54
N LEU G 54 35.01 -18.11 -2.43
CA LEU G 54 33.95 -19.10 -2.68
C LEU G 54 34.40 -20.43 -2.08
N THR G 55 33.51 -21.44 -2.15
CA THR G 55 33.78 -22.80 -1.64
C THR G 55 35.11 -23.32 -2.17
N LEU G 56 35.45 -23.02 -3.43
CA LEU G 56 36.72 -23.47 -4.01
C LEU G 56 37.88 -22.73 -3.35
N ARG G 57 37.96 -21.42 -3.57
CA ARG G 57 39.18 -20.66 -3.27
C ARG G 57 39.41 -20.54 -1.76
N ARG G 58 38.34 -20.48 -0.97
CA ARG G 58 38.47 -20.50 0.49
C ARG G 58 39.24 -21.73 0.92
N GLN G 59 38.79 -22.90 0.46
CA GLN G 59 39.43 -24.17 0.80
C GLN G 59 40.85 -24.21 0.27
N GLN G 60 41.05 -23.73 -0.96
CA GLN G 60 42.37 -23.78 -1.61
C GLN G 60 43.37 -22.97 -0.81
N LEU G 61 43.06 -21.70 -0.62
CA LEU G 61 43.91 -20.82 0.19
C LEU G 61 44.09 -21.38 1.60
N ALA G 62 43.04 -21.95 2.15
CA ALA G 62 43.10 -22.54 3.50
C ALA G 62 44.17 -23.61 3.56
N GLN G 63 44.06 -24.59 2.68
CA GLN G 63 44.98 -25.72 2.72
C GLN G 63 46.39 -25.28 2.40
N ASP G 64 46.54 -24.37 1.43
CA ASP G 64 47.87 -23.83 1.13
C ASP G 64 48.47 -23.23 2.40
N ALA G 65 47.69 -22.40 3.10
CA ALA G 65 48.17 -21.82 4.37
C ALA G 65 48.45 -22.91 5.39
N LEU G 66 47.61 -23.94 5.40
CA LEU G 66 47.72 -24.99 6.41
C LEU G 66 49.04 -25.73 6.25
N GLU G 67 49.38 -26.05 5.01
CA GLU G 67 50.63 -26.75 4.74
C GLU G 67 51.80 -25.82 4.99
N GLY G 68 51.65 -24.53 4.69
CA GLY G 68 52.68 -23.57 5.05
C GLY G 68 52.94 -23.63 6.54
N LEU G 69 51.86 -23.70 7.31
CA LEU G 69 51.99 -23.72 8.78
C LEU G 69 52.64 -25.01 9.24
N ARG G 70 52.23 -26.12 8.65
CA ARG G 70 52.82 -27.43 8.95
C ARG G 70 54.32 -27.34 8.80
N GLY G 71 54.76 -26.97 7.60
CA GLY G 71 56.19 -26.92 7.27
C GLY G 71 56.89 -25.98 8.20
N LEU G 72 56.26 -24.86 8.51
CA LEU G 72 56.86 -23.90 9.44
C LEU G 72 57.04 -24.52 10.82
N LEU G 73 55.98 -25.13 11.32
CA LEU G 73 55.97 -25.78 12.63
C LEU G 73 57.13 -26.77 12.71
N HIS G 74 57.26 -27.63 11.69
CA HIS G 74 58.25 -28.71 11.70
C HIS G 74 59.63 -28.06 11.66
N SER G 75 59.80 -27.02 10.86
CA SER G 75 61.09 -26.32 10.76
C SER G 75 61.45 -25.76 12.13
N LEU G 76 60.44 -25.36 12.87
CA LEU G 76 60.70 -24.79 14.21
C LEU G 76 61.03 -25.89 15.21
N GLN G 77 60.40 -27.05 15.03
CA GLN G 77 60.76 -28.23 15.81
C GLN G 77 62.19 -28.62 15.51
N GLY G 78 62.70 -28.25 14.35
CA GLY G 78 64.09 -28.50 13.95
C GLY G 78 65.13 -27.90 14.89
N LEU G 79 64.72 -27.05 15.83
CA LEU G 79 65.64 -26.45 16.80
C LEU G 79 65.36 -27.03 18.16
N PRO G 80 66.36 -27.16 19.05
CA PRO G 80 66.15 -27.94 20.28
C PRO G 80 65.11 -27.36 21.27
N ALA G 81 65.37 -26.23 21.93
CA ALA G 81 64.47 -25.72 23.00
C ALA G 81 64.34 -24.21 23.10
N ALA G 82 65.33 -23.43 22.65
CA ALA G 82 65.65 -22.08 23.18
C ALA G 82 64.44 -21.14 23.25
N VAL G 83 64.55 -20.14 24.13
CA VAL G 83 63.42 -19.40 24.72
C VAL G 83 62.67 -18.49 23.75
N PRO G 84 63.32 -17.51 23.09
CA PRO G 84 62.56 -16.53 22.32
C PRO G 84 61.64 -17.11 21.24
N VAL G 85 61.86 -18.36 20.84
CA VAL G 85 61.00 -19.03 19.84
C VAL G 85 59.67 -19.46 20.46
N LEU G 86 59.68 -19.83 21.73
CA LEU G 86 58.55 -20.47 22.41
C LEU G 86 57.23 -19.74 22.21
N PRO G 87 57.12 -18.43 22.50
CA PRO G 87 55.81 -17.79 22.40
C PRO G 87 55.29 -17.79 20.98
N LEU G 88 56.19 -17.52 20.05
CA LEU G 88 55.84 -17.58 18.63
C LEU G 88 55.45 -19.01 18.27
N GLU G 89 56.26 -19.97 18.70
CA GLU G 89 55.99 -21.39 18.43
C GLU G 89 54.59 -21.77 18.90
N LEU G 90 54.25 -21.31 20.09
CA LEU G 90 52.96 -21.66 20.70
C LEU G 90 51.83 -21.04 19.91
N THR G 91 51.97 -19.77 19.57
CA THR G 91 50.97 -19.09 18.75
C THR G 91 50.76 -19.84 17.46
N VAL G 92 51.86 -20.31 16.90
CA VAL G 92 51.81 -20.96 15.59
C VAL G 92 51.00 -22.24 15.69
N THR G 93 51.38 -23.10 16.61
CA THR G 93 50.67 -24.39 16.79
C THR G 93 49.22 -24.13 17.10
N CYS G 94 48.98 -23.08 17.86
CA CYS G 94 47.63 -22.71 18.22
C CYS G 94 46.83 -22.43 16.98
N ASN G 95 47.31 -21.50 16.18
CA ASN G 95 46.67 -21.18 14.89
C ASN G 95 46.49 -22.44 14.05
N PHE G 96 47.50 -23.31 14.07
CA PHE G 96 47.46 -24.55 13.28
C PHE G 96 46.26 -25.38 13.72
N ILE G 97 46.14 -25.58 15.03
CA ILE G 97 45.07 -26.45 15.59
C ILE G 97 43.72 -25.84 15.24
N ILE G 98 43.68 -24.53 15.28
CA ILE G 98 42.43 -23.80 15.14
C ILE G 98 41.97 -24.02 13.72
N LEU G 99 42.88 -23.77 12.81
CA LEU G 99 42.65 -24.08 11.41
C LEU G 99 42.19 -25.52 11.28
N ARG G 100 42.92 -26.42 11.92
CA ARG G 100 42.78 -27.85 11.65
C ARG G 100 41.39 -28.29 12.08
N ALA G 101 40.96 -27.88 13.27
CA ALA G 101 39.66 -28.30 13.80
C ALA G 101 38.54 -27.51 13.14
N SER G 102 38.80 -26.29 12.71
CA SER G 102 37.78 -25.50 11.98
C SER G 102 37.52 -26.13 10.62
N LEU G 103 38.55 -26.66 9.97
CA LEU G 103 38.39 -27.35 8.69
C LEU G 103 37.81 -28.74 8.87
N ALA G 104 38.21 -29.44 9.94
CA ALA G 104 37.69 -30.77 10.26
C ALA G 104 36.24 -30.71 10.77
N GLN G 105 35.81 -29.59 11.35
CA GLN G 105 34.48 -29.46 11.98
C GLN G 105 34.32 -30.50 13.08
N GLY G 106 35.38 -30.68 13.84
CA GLY G 106 35.46 -31.78 14.81
C GLY G 106 36.89 -31.97 15.22
N PHE G 107 37.08 -32.43 16.43
CA PHE G 107 38.41 -32.49 17.04
C PHE G 107 39.04 -33.87 16.80
N THR G 108 40.33 -33.96 17.16
CA THR G 108 41.10 -35.21 17.15
C THR G 108 42.23 -35.11 18.17
N GLU G 109 42.73 -36.25 18.60
CA GLU G 109 43.80 -36.33 19.60
C GLU G 109 45.19 -36.14 18.99
N ASP G 110 45.27 -36.03 17.67
CA ASP G 110 46.53 -35.62 17.03
C ASP G 110 46.90 -34.26 17.60
N GLN G 111 45.90 -33.42 17.82
CA GLN G 111 46.13 -32.08 18.37
C GLN G 111 46.57 -32.20 19.82
N ALA G 112 46.05 -33.18 20.54
CA ALA G 112 46.50 -33.44 21.91
C ALA G 112 47.98 -33.82 21.91
N GLN G 113 48.39 -34.62 20.93
CA GLN G 113 49.81 -34.98 20.76
C GLN G 113 50.63 -33.74 20.43
N ASP G 114 50.07 -32.84 19.61
CA ASP G 114 50.74 -31.57 19.30
C ASP G 114 50.97 -30.76 20.55
N ILE G 115 49.97 -30.76 21.42
CA ILE G 115 50.09 -30.04 22.70
C ILE G 115 51.16 -30.70 23.57
N GLN G 116 51.09 -32.02 23.69
CA GLN G 116 52.08 -32.81 24.45
C GLN G 116 53.49 -32.42 24.01
N ARG G 117 53.69 -32.44 22.70
CA ARG G 117 55.00 -32.22 22.09
C ARG G 117 55.50 -30.83 22.44
N SER G 118 54.62 -29.86 22.35
CA SER G 118 54.97 -28.48 22.68
C SER G 118 55.34 -28.36 24.13
N LEU G 119 54.57 -29.00 24.98
CA LEU G 119 54.83 -28.90 26.42
C LEU G 119 56.20 -29.47 26.74
N GLU G 120 56.55 -30.59 26.13
CA GLU G 120 57.84 -31.23 26.40
C GLU G 120 58.95 -30.33 25.86
N ARG G 121 58.74 -29.78 24.66
CA ARG G 121 59.68 -28.84 24.02
C ARG G 121 59.98 -27.73 25.02
N VAL G 122 58.93 -27.25 25.66
CA VAL G 122 59.07 -26.16 26.64
C VAL G 122 59.91 -26.65 27.82
N LEU G 123 59.42 -27.70 28.46
CA LEU G 123 59.96 -28.12 29.76
C LEU G 123 61.40 -28.62 29.65
N GLU G 124 61.83 -28.99 28.44
CA GLU G 124 63.22 -29.40 28.22
C GLU G 124 64.19 -28.30 28.61
N THR G 125 63.74 -27.06 28.60
CA THR G 125 64.53 -25.94 29.16
C THR G 125 64.91 -26.21 30.61
N GLN G 126 64.05 -26.88 31.39
CA GLN G 126 64.24 -27.03 32.85
C GLN G 126 64.02 -28.48 33.30
N GLU G 134 56.92 -35.98 30.34
CA GLU G 134 57.34 -37.38 30.58
C GLU G 134 56.08 -38.23 30.82
N GLN G 135 55.30 -37.86 31.83
CA GLN G 135 54.43 -38.79 32.55
C GLN G 135 53.01 -38.82 31.99
N GLY G 136 52.27 -37.73 32.16
CA GLY G 136 50.84 -37.72 31.84
C GLY G 136 50.29 -36.31 31.83
N LEU G 137 49.26 -36.09 31.02
CA LEU G 137 48.78 -34.74 30.67
C LEU G 137 48.51 -33.89 31.90
N ARG G 138 47.87 -34.49 32.89
CA ARG G 138 47.51 -33.73 34.08
C ARG G 138 48.77 -33.33 34.85
N GLU G 139 49.84 -34.12 34.78
CA GLU G 139 51.12 -33.75 35.41
C GLU G 139 51.81 -32.67 34.59
N LEU G 140 51.81 -32.87 33.27
CA LEU G 140 52.35 -31.89 32.31
C LEU G 140 51.80 -30.52 32.62
N TRP G 141 50.48 -30.45 32.73
CA TRP G 141 49.81 -29.15 32.82
C TRP G 141 50.22 -28.42 34.08
N ASP G 142 50.29 -29.14 35.19
CA ASP G 142 50.58 -28.47 36.48
C ASP G 142 52.05 -28.07 36.52
N SER G 143 52.94 -28.95 36.07
CA SER G 143 54.37 -28.61 35.96
C SER G 143 54.53 -27.38 35.06
N VAL G 144 53.72 -27.31 34.01
CA VAL G 144 53.82 -26.24 33.02
C VAL G 144 53.28 -24.95 33.62
N LEU G 145 52.23 -25.04 34.41
CA LEU G 145 51.68 -23.85 35.05
C LEU G 145 52.66 -23.32 36.09
N ARG G 146 53.38 -24.20 36.79
CA ARG G 146 54.48 -23.74 37.67
C ARG G 146 55.58 -23.10 36.83
N ALA G 147 55.92 -23.74 35.71
CA ALA G 147 56.93 -23.21 34.78
C ALA G 147 56.55 -21.79 34.29
N SER G 148 55.26 -21.53 34.07
CA SER G 148 54.79 -20.19 33.62
C SER G 148 54.72 -19.23 34.79
N CYS G 149 54.38 -19.75 35.97
CA CYS G 149 54.46 -19.00 37.22
C CYS G 149 55.90 -18.55 37.52
N LEU G 150 56.89 -19.16 36.88
CA LEU G 150 58.26 -18.58 36.85
C LEU G 150 58.31 -17.30 36.00
N LEU G 151 57.22 -16.93 35.34
CA LEU G 151 57.00 -15.63 34.67
C LEU G 151 57.90 -15.41 33.46
N PRO G 152 57.88 -16.29 32.46
CA PRO G 152 58.33 -15.92 31.13
C PRO G 152 57.13 -15.39 30.36
N GLU G 153 57.34 -14.29 29.64
CA GLU G 153 56.21 -13.59 29.02
C GLU G 153 55.73 -14.40 27.83
N LEU G 154 54.82 -15.30 28.13
CA LEU G 154 54.12 -16.09 27.12
C LEU G 154 52.70 -16.42 27.53
N LEU G 155 52.22 -15.85 28.63
CA LEU G 155 51.08 -16.47 29.33
C LEU G 155 49.79 -16.22 28.57
N SER G 156 49.73 -15.17 27.75
CA SER G 156 48.59 -14.98 26.84
C SER G 156 48.46 -16.18 25.94
N ALA G 157 49.57 -16.54 25.33
CA ALA G 157 49.63 -17.69 24.44
C ALA G 157 49.22 -18.94 25.18
N LEU G 158 49.81 -19.11 26.35
CA LEU G 158 49.52 -20.28 27.17
C LEU G 158 48.02 -20.38 27.46
N HIS G 159 47.40 -19.25 27.75
CA HIS G 159 46.00 -19.26 28.19
C HIS G 159 45.12 -19.58 27.01
N ARG G 160 45.47 -19.04 25.86
CA ARG G 160 44.74 -19.41 24.63
C ARG G 160 44.81 -20.92 24.46
N LEU G 161 46.01 -21.43 24.65
CA LEU G 161 46.24 -22.86 24.42
C LEU G 161 45.43 -23.68 25.43
N VAL G 162 45.35 -23.21 26.65
CA VAL G 162 44.59 -23.93 27.67
C VAL G 162 43.13 -23.94 27.28
N GLY G 163 42.68 -22.84 26.69
CA GLY G 163 41.31 -22.78 26.20
C GLY G 163 41.11 -23.85 25.16
N LEU G 164 42.09 -24.00 24.29
CA LEU G 164 41.99 -25.02 23.24
C LEU G 164 41.89 -26.39 23.89
N GLN G 165 42.83 -26.67 24.79
CA GLN G 165 42.89 -28.01 25.42
C GLN G 165 41.59 -28.25 26.18
N ALA G 166 41.03 -27.19 26.71
CA ALA G 166 39.78 -27.29 27.45
C ALA G 166 38.65 -27.62 26.50
N ALA G 167 38.68 -27.02 25.31
CA ALA G 167 37.66 -27.31 24.29
C ALA G 167 37.75 -28.79 23.92
N LEU G 168 38.96 -29.30 23.83
CA LEU G 168 39.17 -30.74 23.56
C LEU G 168 38.52 -31.55 24.66
N TRP G 169 38.91 -31.23 25.88
CA TRP G 169 38.46 -31.98 27.04
C TRP G 169 36.96 -31.84 27.22
N LEU G 170 36.36 -30.80 26.66
CA LEU G 170 34.92 -30.59 26.77
C LEU G 170 34.16 -31.35 25.69
N SER G 171 34.67 -31.39 24.48
CA SER G 171 34.06 -32.28 23.50
C SER G 171 34.24 -33.74 23.95
N ALA G 172 35.32 -34.02 24.68
CA ALA G 172 35.62 -35.37 25.19
C ALA G 172 35.00 -35.65 26.58
N ASP G 173 34.41 -34.66 27.24
CA ASP G 173 33.81 -34.81 28.58
C ASP G 173 34.87 -35.27 29.59
N ARG G 174 35.87 -34.43 29.79
CA ARG G 174 36.95 -34.68 30.75
C ARG G 174 36.85 -33.67 31.88
N LEU G 175 35.64 -33.49 32.35
CA LEU G 175 35.32 -32.34 33.21
C LEU G 175 36.05 -32.43 34.53
N GLY G 176 36.27 -33.65 35.03
CA GLY G 176 36.96 -33.85 36.28
C GLY G 176 38.36 -33.26 36.24
N ASP G 177 39.19 -33.80 35.34
CA ASP G 177 40.55 -33.26 35.21
C ASP G 177 40.53 -31.80 34.78
N LEU G 178 39.52 -31.40 34.00
CA LEU G 178 39.38 -30.01 33.57
C LEU G 178 39.27 -29.09 34.79
N ALA G 179 38.47 -29.48 35.77
CA ALA G 179 38.31 -28.71 37.00
C ALA G 179 39.66 -28.55 37.68
N LEU G 180 40.36 -29.67 37.90
CA LEU G 180 41.68 -29.67 38.57
C LEU G 180 42.64 -28.75 37.83
N LEU G 181 42.56 -28.80 36.52
CA LEU G 181 43.45 -27.98 35.68
C LEU G 181 43.18 -26.50 35.92
N LEU G 182 41.91 -26.11 36.00
CA LEU G 182 41.59 -24.70 36.25
C LEU G 182 41.93 -24.30 37.68
N GLU G 183 41.79 -25.23 38.62
CA GLU G 183 42.16 -24.96 40.01
C GLU G 183 43.65 -24.66 40.08
N THR G 184 44.45 -25.39 39.30
CA THR G 184 45.90 -25.13 39.23
C THR G 184 46.17 -23.82 38.49
N LEU G 185 45.37 -23.53 37.46
CA LEU G 185 45.48 -22.26 36.72
C LEU G 185 45.31 -21.08 37.67
N ASN G 186 44.21 -21.04 38.38
CA ASN G 186 44.00 -20.05 39.44
C ASN G 186 44.81 -20.52 40.65
N GLY G 187 44.72 -19.82 41.77
CA GLY G 187 45.29 -20.33 43.00
C GLY G 187 44.61 -21.63 43.44
N SER G 188 45.34 -22.46 44.17
CA SER G 188 44.79 -23.68 44.79
C SER G 188 43.74 -23.36 45.84
N GLN G 189 43.67 -22.12 46.31
CA GLN G 189 42.56 -21.64 47.17
C GLN G 189 41.20 -21.93 46.51
N SER G 190 41.14 -21.97 45.18
CA SER G 190 39.92 -22.34 44.43
C SER G 190 39.76 -23.87 44.37
N GLY G 191 39.92 -24.57 45.50
CA GLY G 191 39.91 -26.03 45.54
C GLY G 191 38.50 -26.57 45.75
N ALA G 192 37.69 -25.83 46.52
CA ALA G 192 36.31 -26.25 46.84
C ALA G 192 35.29 -25.71 45.82
N SER G 193 35.65 -24.71 45.02
CA SER G 193 34.75 -24.15 43.99
C SER G 193 34.65 -25.18 42.86
N LYS G 194 33.92 -26.26 43.09
CA LYS G 194 33.92 -27.44 42.19
C LYS G 194 32.87 -27.35 41.10
N ASP G 195 32.09 -26.27 41.05
CA ASP G 195 31.31 -25.96 39.85
C ASP G 195 32.24 -25.34 38.81
N LEU G 196 32.28 -25.94 37.63
CA LEU G 196 33.25 -25.52 36.61
C LEU G 196 32.94 -24.09 36.15
N LEU G 197 31.68 -23.66 36.20
CA LEU G 197 31.29 -22.34 35.67
C LEU G 197 31.99 -21.25 36.46
N LEU G 198 32.19 -21.47 37.74
CA LEU G 198 32.88 -20.50 38.61
C LEU G 198 34.33 -20.37 38.18
N LEU G 199 35.03 -21.49 37.99
CA LEU G 199 36.43 -21.45 37.57
C LEU G 199 36.53 -20.87 36.14
N LEU G 200 35.53 -21.11 35.28
CA LEU G 200 35.53 -20.51 33.93
C LEU G 200 35.50 -18.98 34.06
N LYS G 201 34.60 -18.48 34.89
CA LYS G 201 34.53 -17.05 35.17
C LYS G 201 35.85 -16.57 35.79
N THR G 202 36.49 -17.42 36.59
CA THR G 202 37.72 -17.05 37.32
C THR G 202 38.92 -17.00 36.39
N TRP G 203 38.89 -17.77 35.32
CA TRP G 203 40.06 -17.85 34.44
C TRP G 203 40.30 -16.47 33.83
N SER G 204 41.28 -15.78 34.35
CA SER G 204 41.59 -14.43 33.89
C SER G 204 42.52 -14.48 32.68
N PRO G 205 42.06 -14.24 31.43
CA PRO G 205 43.00 -14.08 30.31
C PRO G 205 43.96 -12.94 30.58
N PRO G 206 45.27 -13.19 30.57
CA PRO G 206 46.19 -12.44 31.42
C PRO G 206 46.59 -11.08 30.90
N ALA G 207 46.48 -10.83 29.60
CA ALA G 207 47.12 -9.67 28.99
C ALA G 207 46.24 -9.09 27.89
N GLU G 208 46.60 -7.87 27.51
CA GLU G 208 45.92 -7.13 26.44
C GLU G 208 46.45 -7.53 25.06
N GLU G 209 47.35 -8.50 24.99
CA GLU G 209 47.83 -9.02 23.71
C GLU G 209 48.52 -7.92 22.90
N LEU G 210 49.67 -7.49 23.38
CA LEU G 210 50.43 -6.38 22.80
C LEU G 210 51.02 -6.77 21.45
N ASP G 211 51.88 -5.93 20.90
CA ASP G 211 52.42 -6.13 19.54
C ASP G 211 53.12 -7.48 19.42
N ALA G 212 52.48 -8.40 18.71
CA ALA G 212 52.78 -9.83 18.82
C ALA G 212 52.60 -10.52 17.48
N PRO G 213 53.03 -11.78 17.38
CA PRO G 213 52.54 -12.63 16.32
C PRO G 213 51.02 -12.66 16.34
N LEU G 214 50.45 -12.77 15.17
CA LEU G 214 49.01 -12.68 15.05
C LEU G 214 48.36 -13.97 15.56
N THR G 215 47.06 -14.05 15.40
CA THR G 215 46.29 -15.24 15.72
C THR G 215 44.93 -15.12 15.08
N LEU G 216 44.27 -16.24 14.86
CA LEU G 216 42.85 -16.18 14.49
C LEU G 216 42.02 -15.81 15.71
N GLN G 217 42.48 -16.10 16.92
CA GLN G 217 41.60 -15.96 18.09
C GLN G 217 42.43 -15.70 19.33
N ASP G 218 41.76 -15.20 20.36
CA ASP G 218 42.36 -14.77 21.64
C ASP G 218 41.60 -15.41 22.79
N ALA G 219 42.16 -15.26 23.99
CA ALA G 219 41.60 -15.94 25.17
C ALA G 219 40.20 -15.43 25.51
N GLN G 220 39.88 -14.18 25.16
CA GLN G 220 38.55 -13.61 25.44
C GLN G 220 37.48 -14.31 24.60
N GLY G 221 37.68 -14.30 23.28
CA GLY G 221 36.74 -14.94 22.36
C GLY G 221 36.66 -16.41 22.62
N LEU G 222 37.73 -16.99 23.11
CA LEU G 222 37.67 -18.37 23.60
C LEU G 222 36.70 -18.44 24.78
N LYS G 223 37.03 -17.70 25.84
CA LYS G 223 36.35 -17.84 27.14
C LYS G 223 34.86 -17.71 26.96
N ASP G 224 34.43 -16.82 26.09
CA ASP G 224 32.98 -16.63 25.88
C ASP G 224 32.37 -17.91 25.32
N VAL G 225 33.01 -18.49 24.31
CA VAL G 225 32.47 -19.69 23.64
C VAL G 225 32.46 -20.83 24.65
N LEU G 226 33.52 -20.90 25.46
CA LEU G 226 33.61 -21.96 26.47
C LEU G 226 32.47 -21.83 27.49
N LEU G 227 32.23 -20.62 27.99
CA LEU G 227 31.18 -20.36 28.99
C LEU G 227 29.82 -20.75 28.45
N THR G 228 29.48 -20.26 27.27
CA THR G 228 28.18 -20.58 26.67
C THR G 228 28.04 -22.10 26.44
N ALA G 229 29.07 -22.77 25.94
CA ALA G 229 28.93 -24.19 25.61
C ALA G 229 28.77 -25.01 26.89
N PHE G 230 29.56 -24.74 27.93
CA PHE G 230 29.48 -25.52 29.16
C PHE G 230 28.12 -25.30 29.78
N ALA G 231 27.68 -24.05 29.84
CA ALA G 231 26.36 -23.75 30.40
C ALA G 231 25.27 -24.46 29.60
N TYR G 232 25.40 -24.51 28.29
CA TYR G 232 24.39 -25.16 27.46
C TYR G 232 24.33 -26.67 27.75
N ARG G 233 25.49 -27.33 27.79
CA ARG G 233 25.55 -28.78 28.07
C ARG G 233 24.99 -29.06 29.47
N GLN G 234 25.47 -28.33 30.47
CA GLN G 234 25.00 -28.46 31.86
C GLN G 234 23.49 -28.35 31.92
N GLY G 235 22.93 -27.35 31.24
CA GLY G 235 21.49 -27.12 31.27
C GLY G 235 20.71 -28.23 30.62
N LEU G 236 21.20 -28.73 29.49
CA LEU G 236 20.50 -29.84 28.83
C LEU G 236 20.51 -31.11 29.70
N GLN G 237 21.64 -31.44 30.32
CA GLN G 237 21.72 -32.63 31.18
C GLN G 237 20.75 -32.51 32.35
N GLU G 238 20.75 -31.34 33.01
CA GLU G 238 19.86 -31.13 34.16
C GLU G 238 18.39 -31.15 33.75
N LEU G 239 18.07 -30.69 32.54
CA LEU G 239 16.69 -30.84 32.02
C LEU G 239 16.34 -32.31 31.89
N ILE G 240 17.19 -33.05 31.19
CA ILE G 240 16.87 -34.45 30.81
C ILE G 240 16.76 -35.30 32.07
N THR G 241 17.52 -34.95 33.10
CA THR G 241 17.48 -35.63 34.40
C THR G 241 16.38 -35.05 35.31
N GLY G 242 15.37 -34.37 34.77
CA GLY G 242 14.23 -33.88 35.55
C GLY G 242 14.63 -32.86 36.61
N ASN G 243 15.36 -31.83 36.21
CA ASN G 243 15.71 -30.70 37.10
C ASN G 243 15.42 -29.41 36.35
N PRO G 244 14.16 -29.14 35.96
CA PRO G 244 13.83 -27.96 35.15
C PRO G 244 13.87 -26.64 35.93
N ASP G 245 14.29 -26.70 37.19
CA ASP G 245 14.50 -25.51 38.02
C ASP G 245 15.99 -25.17 38.05
N LYS G 246 16.82 -26.19 38.23
CA LYS G 246 18.26 -26.06 38.03
C LYS G 246 18.58 -25.63 36.60
N ALA G 247 17.79 -26.11 35.65
CA ALA G 247 18.03 -25.93 34.22
C ALA G 247 17.98 -24.44 33.86
N LEU G 248 16.92 -23.75 34.28
CA LEU G 248 16.65 -22.39 33.81
C LEU G 248 17.81 -21.44 34.18
N SER G 249 18.43 -21.65 35.34
CA SER G 249 19.58 -20.84 35.79
C SER G 249 20.67 -20.82 34.70
N SER G 250 21.11 -22.00 34.27
CA SER G 250 22.18 -22.12 33.27
C SER G 250 21.70 -21.76 31.87
N LEU G 251 20.45 -22.07 31.52
CA LEU G 251 19.95 -21.77 30.17
C LEU G 251 19.89 -20.27 29.93
N HIS G 252 19.43 -19.49 30.90
CA HIS G 252 19.45 -18.04 30.71
C HIS G 252 20.88 -17.50 30.78
N GLU G 253 21.74 -18.14 31.56
CA GLU G 253 23.17 -17.78 31.62
C GLU G 253 23.83 -17.93 30.23
N ALA G 254 23.24 -18.77 29.36
CA ALA G 254 23.75 -18.93 27.99
C ALA G 254 23.37 -17.72 27.14
N ALA G 255 22.07 -17.44 27.03
CA ALA G 255 21.59 -16.26 26.27
C ALA G 255 22.21 -14.95 26.79
N SER G 256 22.62 -14.90 28.06
CA SER G 256 23.35 -13.75 28.65
C SER G 256 24.86 -13.93 28.40
N GLY G 257 25.30 -13.46 27.25
CA GLY G 257 26.65 -13.70 26.77
C GLY G 257 26.62 -14.09 25.30
N LEU G 258 27.77 -14.50 24.79
CA LEU G 258 27.93 -14.81 23.36
C LEU G 258 26.93 -15.88 22.93
N CYS G 259 26.17 -15.63 21.87
CA CYS G 259 25.11 -16.57 21.49
C CYS G 259 24.60 -16.37 20.08
N PRO G 260 25.25 -16.93 19.06
CA PRO G 260 24.66 -16.97 17.72
C PRO G 260 23.23 -17.45 17.61
N ARG G 261 22.48 -16.80 16.73
CA ARG G 261 21.02 -16.87 16.62
C ARG G 261 20.46 -18.29 16.73
N PRO G 262 21.05 -19.29 16.06
CA PRO G 262 20.58 -20.65 16.27
C PRO G 262 20.75 -21.15 17.73
N VAL G 263 21.86 -20.80 18.37
CA VAL G 263 22.07 -21.15 19.79
C VAL G 263 20.93 -20.55 20.62
N LEU G 264 20.52 -19.34 20.25
CA LEU G 264 19.39 -18.70 20.89
C LEU G 264 18.11 -19.51 20.70
N VAL G 265 17.87 -19.94 19.48
CA VAL G 265 16.67 -20.73 19.16
C VAL G 265 16.64 -21.98 20.06
N GLN G 266 17.78 -22.65 20.18
CA GLN G 266 17.85 -23.88 20.96
C GLN G 266 17.60 -23.57 22.45
N VAL G 267 18.24 -22.53 22.96
CA VAL G 267 18.09 -22.15 24.39
C VAL G 267 16.62 -21.83 24.66
N TYR G 268 15.94 -21.16 23.74
CA TYR G 268 14.52 -20.78 23.97
C TYR G 268 13.62 -22.01 23.94
N THR G 269 13.82 -22.92 22.99
CA THR G 269 13.08 -24.19 22.99
C THR G 269 13.31 -24.91 24.32
N ALA G 270 14.55 -24.91 24.81
CA ALA G 270 14.91 -25.59 26.06
C ALA G 270 14.20 -24.96 27.26
N LEU G 271 14.18 -23.64 27.35
CA LEU G 271 13.47 -22.93 28.43
C LEU G 271 11.96 -23.19 28.36
N GLY G 272 11.39 -23.27 27.16
CA GLY G 272 9.96 -23.58 27.00
C GLY G 272 9.65 -24.98 27.48
N SER G 273 10.51 -25.93 27.15
CA SER G 273 10.35 -27.31 27.63
C SER G 273 10.48 -27.37 29.15
N CYS G 274 11.44 -26.64 29.73
CA CYS G 274 11.61 -26.57 31.20
C CYS G 274 10.34 -26.02 31.83
N HIS G 275 9.77 -25.01 31.22
CA HIS G 275 8.51 -24.41 31.68
C HIS G 275 7.37 -25.44 31.58
N ARG G 276 7.35 -26.27 30.54
CA ARG G 276 6.34 -27.35 30.44
C ARG G 276 6.51 -28.36 31.60
N LYS G 277 7.74 -28.79 31.87
CA LYS G 277 8.03 -29.75 32.97
C LYS G 277 7.56 -29.15 34.30
N MET G 278 7.91 -27.89 34.53
CA MET G 278 7.50 -27.19 35.76
C MET G 278 6.01 -26.89 35.76
N GLY G 279 5.32 -26.99 34.61
CA GLY G 279 3.89 -26.70 34.49
C GLY G 279 3.60 -25.22 34.31
N ASN G 280 4.19 -24.58 33.30
CA ASN G 280 3.96 -23.17 32.98
C ASN G 280 3.51 -23.12 31.52
N PRO G 281 2.30 -23.64 31.22
CA PRO G 281 1.92 -23.90 29.83
C PRO G 281 1.71 -22.62 29.00
N GLN G 282 1.54 -21.48 29.65
CA GLN G 282 1.50 -20.18 28.96
C GLN G 282 2.90 -19.58 28.81
N ARG G 283 3.73 -19.65 29.84
CA ARG G 283 5.08 -19.08 29.77
C ARG G 283 5.89 -19.72 28.67
N ALA G 284 5.72 -21.03 28.47
CA ALA G 284 6.49 -21.74 27.44
C ALA G 284 6.17 -21.19 26.06
N LEU G 285 4.91 -20.81 25.83
CA LEU G 285 4.49 -20.32 24.51
C LEU G 285 5.30 -19.12 24.07
N LEU G 286 5.60 -18.21 24.98
CA LEU G 286 6.32 -16.96 24.64
C LEU G 286 7.74 -17.28 24.15
N TYR G 287 8.43 -18.17 24.85
CA TYR G 287 9.82 -18.51 24.52
C TYR G 287 9.85 -19.23 23.18
N LEU G 288 8.87 -20.09 22.96
CA LEU G 288 8.76 -20.75 21.65
C LEU G 288 8.43 -19.73 20.57
N VAL G 289 7.59 -18.75 20.87
CA VAL G 289 7.24 -17.71 19.89
C VAL G 289 8.50 -16.94 19.51
N ALA G 290 9.34 -16.63 20.51
CA ALA G 290 10.57 -15.88 20.28
C ALA G 290 11.56 -16.69 19.42
N ALA G 291 11.69 -17.99 19.67
CA ALA G 291 12.53 -18.84 18.82
C ALA G 291 11.96 -18.91 17.40
N LEU G 292 10.63 -18.87 17.25
CA LEU G 292 10.02 -18.82 15.90
C LEU G 292 10.44 -17.54 15.20
N LYS G 293 10.33 -16.40 15.89
CA LYS G 293 10.69 -15.09 15.31
C LYS G 293 12.15 -15.10 14.83
N GLU G 294 13.08 -15.34 15.75
CA GLU G 294 14.50 -15.13 15.45
C GLU G 294 15.07 -16.28 14.64
N GLY G 295 14.50 -17.48 14.73
CA GLY G 295 15.05 -18.66 14.07
C GLY G 295 14.51 -18.89 12.66
N SER G 296 15.35 -19.47 11.83
CA SER G 296 14.95 -20.05 10.54
C SER G 296 14.92 -21.59 10.61
N ALA G 297 14.91 -22.18 11.82
CA ALA G 297 14.96 -23.64 12.02
C ALA G 297 14.04 -23.99 13.17
N TRP G 298 12.78 -24.28 12.85
CA TRP G 298 11.69 -24.30 13.85
C TRP G 298 10.97 -25.65 13.89
N GLY G 299 11.68 -26.74 13.65
CA GLY G 299 11.15 -28.07 13.89
C GLY G 299 10.98 -28.31 15.39
N PRO G 300 12.08 -28.22 16.17
CA PRO G 300 12.01 -28.46 17.61
C PRO G 300 11.00 -27.59 18.34
N PRO G 301 10.85 -26.31 17.95
CA PRO G 301 9.79 -25.51 18.56
C PRO G 301 8.40 -26.10 18.39
N LEU G 302 8.02 -26.41 17.16
CA LEU G 302 6.71 -27.05 16.93
C LEU G 302 6.60 -28.37 17.69
N LEU G 303 7.71 -29.11 17.77
CA LEU G 303 7.76 -30.36 18.54
C LEU G 303 7.37 -30.09 20.00
N GLU G 304 8.09 -29.17 20.64
CA GLU G 304 7.83 -28.87 22.06
C GLU G 304 6.40 -28.30 22.22
N ALA G 305 5.91 -27.56 21.22
CA ALA G 305 4.55 -27.02 21.28
C ALA G 305 3.53 -28.14 21.31
N SER G 306 3.73 -29.14 20.47
CA SER G 306 2.85 -30.31 20.48
C SER G 306 3.03 -31.06 21.80
N ARG G 307 4.24 -31.13 22.32
CA ARG G 307 4.49 -31.77 23.64
C ARG G 307 3.74 -31.04 24.76
N LEU G 308 3.46 -29.75 24.57
CA LEU G 308 2.71 -28.96 25.56
C LEU G 308 1.20 -29.05 25.34
N TYR G 309 0.76 -29.16 24.10
CA TYR G 309 -0.67 -29.43 23.81
C TYR G 309 -1.05 -30.85 24.20
N GLN G 310 -0.07 -31.74 24.33
CA GLN G 310 -0.28 -32.99 25.08
C GLN G 310 -0.62 -32.64 26.53
N GLN G 311 0.23 -31.85 27.18
CA GLN G 311 0.09 -31.51 28.62
C GLN G 311 -1.27 -30.86 28.87
N LEU G 312 -1.77 -30.07 27.93
CA LEU G 312 -3.03 -29.33 28.10
C LEU G 312 -4.23 -30.04 27.48
N GLY G 313 -4.00 -31.06 26.65
CA GLY G 313 -5.10 -31.68 25.90
C GLY G 313 -5.66 -30.78 24.82
N ASP G 314 -4.90 -29.79 24.35
CA ASP G 314 -5.30 -28.92 23.24
C ASP G 314 -4.90 -29.60 21.94
N THR G 315 -5.39 -30.82 21.76
CA THR G 315 -4.81 -31.73 20.78
C THR G 315 -5.09 -31.26 19.35
N THR G 316 -6.10 -30.42 19.13
CA THR G 316 -6.26 -29.77 17.82
C THR G 316 -5.07 -28.86 17.53
N ALA G 317 -4.62 -28.10 18.53
CA ALA G 317 -3.42 -27.26 18.40
C ALA G 317 -2.19 -28.12 18.22
N GLU G 318 -2.09 -29.21 18.98
CA GLU G 318 -1.04 -30.23 18.82
C GLU G 318 -0.97 -30.68 17.36
N LEU G 319 -2.07 -31.23 16.85
CA LEU G 319 -2.11 -31.81 15.48
C LEU G 319 -1.82 -30.73 14.44
N GLU G 320 -2.30 -29.52 14.65
CA GLU G 320 -2.08 -28.47 13.65
C GLU G 320 -0.63 -28.00 13.68
N SER G 321 -0.06 -27.80 14.88
CA SER G 321 1.38 -27.47 15.04
C SER G 321 2.23 -28.51 14.33
N LEU G 322 1.84 -29.78 14.40
CA LEU G 322 2.66 -30.85 13.80
C LEU G 322 2.41 -30.98 12.30
N GLU G 323 1.20 -30.72 11.84
CA GLU G 323 0.92 -30.58 10.39
C GLU G 323 1.79 -29.48 9.81
N LEU G 324 2.03 -28.43 10.59
CA LEU G 324 2.94 -27.35 10.18
C LEU G 324 4.39 -27.86 10.24
N LEU G 325 4.72 -28.65 11.25
CA LEU G 325 6.07 -29.20 11.42
C LEU G 325 6.45 -30.04 10.20
N VAL G 326 5.48 -30.73 9.62
CA VAL G 326 5.67 -31.54 8.38
C VAL G 326 6.36 -30.68 7.33
N GLU G 327 5.74 -29.55 7.03
CA GLU G 327 6.29 -28.63 6.02
C GLU G 327 7.56 -27.98 6.56
N ALA G 328 7.64 -27.77 7.86
CA ALA G 328 8.78 -27.11 8.50
C ALA G 328 10.08 -27.85 8.27
N LEU G 329 10.03 -29.18 8.26
CA LEU G 329 11.28 -29.96 8.19
C LEU G 329 11.83 -30.06 6.78
N ASN G 330 11.01 -29.86 5.75
CA ASN G 330 11.48 -29.89 4.35
C ASN G 330 12.63 -28.90 4.14
N VAL G 331 12.57 -27.73 4.79
CA VAL G 331 13.47 -26.59 4.52
C VAL G 331 14.91 -26.90 4.96
N PRO G 332 15.95 -26.27 4.36
CA PRO G 332 17.28 -26.31 4.98
C PRO G 332 17.46 -25.27 6.08
N ALA G 337 26.90 -21.05 7.63
CA ALA G 337 28.24 -21.09 6.99
C ALA G 337 29.31 -21.36 8.05
N PRO G 338 30.53 -21.81 7.65
CA PRO G 338 31.61 -22.02 8.60
C PRO G 338 32.51 -20.78 8.67
N GLN G 339 33.47 -20.85 9.57
CA GLN G 339 34.55 -19.87 9.63
C GLN G 339 35.82 -20.53 10.11
N PHE G 340 36.93 -19.88 9.79
CA PHE G 340 38.28 -20.41 10.00
C PHE G 340 38.71 -19.92 11.38
N LEU G 341 38.06 -20.49 12.37
CA LEU G 341 38.13 -20.01 13.76
C LEU G 341 37.38 -21.03 14.61
N ILE G 342 37.51 -20.95 15.93
CA ILE G 342 36.63 -21.70 16.84
C ILE G 342 35.25 -21.04 16.81
N GLU G 343 34.23 -21.86 16.95
CA GLU G 343 32.83 -21.41 16.93
C GLU G 343 32.09 -22.04 18.10
N VAL G 344 30.78 -21.87 18.15
CA VAL G 344 29.93 -22.44 19.22
C VAL G 344 29.15 -23.64 18.72
N GLU G 345 29.33 -24.01 17.47
CA GLU G 345 28.75 -25.24 16.92
C GLU G 345 29.68 -26.45 17.08
N LEU G 346 30.99 -26.20 17.20
CA LEU G 346 31.97 -27.28 17.47
C LEU G 346 31.62 -27.96 18.79
N LEU G 347 31.46 -27.15 19.83
CA LEU G 347 31.39 -27.64 21.22
C LEU G 347 29.96 -27.97 21.64
N LEU G 348 29.11 -28.37 20.69
CA LEU G 348 27.77 -28.92 20.96
C LEU G 348 27.83 -30.43 20.86
N PRO G 349 27.22 -31.18 21.79
CA PRO G 349 26.89 -32.57 21.48
C PRO G 349 25.74 -32.62 20.48
N PRO G 350 25.62 -33.71 19.70
CA PRO G 350 24.51 -33.82 18.76
C PRO G 350 23.17 -33.97 19.47
N PRO G 351 22.03 -33.82 18.75
CA PRO G 351 20.73 -33.94 19.41
C PRO G 351 20.44 -35.38 19.80
N ASP G 352 20.48 -35.65 21.10
CA ASP G 352 20.07 -36.95 21.65
C ASP G 352 18.54 -37.01 21.73
N LEU G 353 18.00 -38.22 21.63
CA LEU G 353 16.53 -38.43 21.59
C LEU G 353 15.88 -37.88 22.86
N ALA G 354 16.48 -38.14 24.02
CA ALA G 354 15.93 -37.67 25.30
C ALA G 354 15.87 -36.13 25.33
N SER G 355 16.78 -35.47 24.65
CA SER G 355 16.77 -34.00 24.59
C SER G 355 15.53 -33.55 23.82
N PRO G 356 14.93 -32.40 24.18
CA PRO G 356 13.74 -31.94 23.47
C PRO G 356 14.04 -31.41 22.07
N LEU G 357 15.30 -31.16 21.76
CA LEU G 357 15.69 -30.57 20.47
C LEU G 357 15.84 -31.62 19.38
N HIS G 358 15.87 -32.90 19.70
CA HIS G 358 15.97 -33.92 18.66
C HIS G 358 14.69 -33.91 17.83
N CYS G 359 14.82 -34.21 16.55
CA CYS G 359 13.70 -34.23 15.62
C CYS G 359 13.85 -35.48 14.74
N GLY G 360 12.77 -36.25 14.62
CA GLY G 360 12.71 -37.32 13.62
C GLY G 360 12.72 -36.73 12.23
N THR G 361 13.06 -37.52 11.22
CA THR G 361 12.98 -37.10 9.82
C THR G 361 11.51 -36.89 9.46
N GLN G 362 11.27 -36.31 8.29
CA GLN G 362 9.93 -36.15 7.74
C GLN G 362 9.10 -37.42 7.88
N SER G 363 9.68 -38.56 7.56
CA SER G 363 8.95 -39.82 7.68
C SER G 363 8.74 -40.21 9.15
N GLN G 364 9.81 -40.11 9.95
CA GLN G 364 9.75 -40.44 11.38
C GLN G 364 8.62 -39.68 12.06
N THR G 365 8.39 -38.45 11.63
CA THR G 365 7.50 -37.51 12.32
C THR G 365 6.13 -37.47 11.68
N LYS G 366 6.05 -37.74 10.39
CA LYS G 366 4.75 -38.03 9.77
C LYS G 366 4.16 -39.27 10.42
N HIS G 367 5.00 -40.21 10.81
CA HIS G 367 4.53 -41.38 11.58
C HIS G 367 3.87 -40.91 12.86
N ILE G 368 4.51 -39.98 13.57
CA ILE G 368 3.98 -39.50 14.86
C ILE G 368 2.70 -38.71 14.61
N LEU G 369 2.65 -37.96 13.51
CA LEU G 369 1.44 -37.21 13.12
C LEU G 369 0.28 -38.17 12.96
N ALA G 370 0.43 -39.14 12.06
CA ALA G 370 -0.64 -40.10 11.78
C ALA G 370 -0.98 -40.88 13.05
N SER G 371 0.04 -41.25 13.82
CA SER G 371 -0.15 -42.05 15.04
C SER G 371 -1.01 -41.28 16.03
N ARG G 372 -0.59 -40.08 16.39
CA ARG G 372 -1.31 -39.27 17.38
C ARG G 372 -2.66 -38.84 16.81
N CYS G 373 -2.77 -38.68 15.50
CA CYS G 373 -4.06 -38.39 14.84
C CYS G 373 -5.03 -39.53 15.07
N LEU G 374 -4.59 -40.76 14.79
CA LEU G 374 -5.41 -41.96 15.02
C LEU G 374 -5.76 -42.08 16.50
N GLN G 375 -4.78 -41.87 17.37
CA GLN G 375 -5.00 -41.97 18.83
C GLN G 375 -6.07 -40.96 19.24
N THR G 376 -6.06 -39.79 18.61
CA THR G 376 -7.11 -38.78 18.86
C THR G 376 -8.45 -39.27 18.33
N GLY G 377 -8.43 -40.17 17.35
CA GLY G 377 -9.66 -40.77 16.80
C GLY G 377 -10.06 -40.05 15.55
N ARG G 378 -9.11 -39.94 14.62
CA ARG G 378 -9.24 -39.14 13.39
C ARG G 378 -8.74 -39.99 12.23
N ALA G 379 -9.30 -41.20 12.15
CA ALA G 379 -8.82 -42.25 11.23
C ALA G 379 -8.83 -41.78 9.78
N GLY G 380 -9.86 -41.03 9.36
CA GLY G 380 -9.94 -40.57 7.97
C GLY G 380 -8.73 -39.75 7.56
N ASP G 381 -8.11 -39.05 8.52
CA ASP G 381 -6.94 -38.20 8.28
C ASP G 381 -5.65 -38.99 8.53
N ALA G 382 -5.60 -39.73 9.63
CA ALA G 382 -4.42 -40.56 9.96
C ALA G 382 -4.16 -41.58 8.87
N ALA G 383 -5.21 -42.08 8.21
CA ALA G 383 -5.08 -43.08 7.13
C ALA G 383 -4.32 -42.46 5.95
N GLU G 384 -4.75 -41.28 5.51
CA GLU G 384 -4.07 -40.61 4.39
C GLU G 384 -2.64 -40.26 4.78
N HIS G 385 -2.44 -39.84 6.03
CA HIS G 385 -1.08 -39.61 6.54
C HIS G 385 -0.22 -40.85 6.34
N TYR G 386 -0.71 -42.00 6.81
CA TYR G 386 0.03 -43.26 6.68
C TYR G 386 0.21 -43.65 5.22
N LEU G 387 -0.74 -43.30 4.34
CA LEU G 387 -0.60 -43.61 2.91
C LEU G 387 0.60 -42.88 2.32
N ASP G 388 0.62 -41.57 2.48
CA ASP G 388 1.74 -40.76 2.00
C ASP G 388 3.04 -41.18 2.67
N LEU G 389 2.98 -41.62 3.93
CA LEU G 389 4.19 -42.04 4.67
C LEU G 389 4.69 -43.39 4.16
N LEU G 390 3.78 -44.28 3.80
CA LEU G 390 4.15 -45.61 3.29
C LEU G 390 4.82 -45.45 1.93
N ALA G 391 4.27 -44.58 1.08
CA ALA G 391 4.89 -44.32 -0.23
C ALA G 391 6.20 -43.56 -0.06
N LEU G 392 6.37 -42.77 1.01
CA LEU G 392 7.64 -42.05 1.27
C LEU G 392 8.82 -43.02 1.36
N LEU G 393 8.58 -44.26 1.78
CA LEU G 393 9.64 -45.27 1.92
C LEU G 393 9.62 -46.27 0.77
N LEU G 394 8.44 -46.73 0.37
CA LEU G 394 8.35 -47.80 -0.66
C LEU G 394 8.53 -47.22 -2.05
N ASP G 395 7.92 -46.07 -2.33
CA ASP G 395 8.07 -45.42 -3.64
C ASP G 395 9.37 -44.62 -3.73
N SER G 396 10.21 -44.62 -2.69
CA SER G 396 11.47 -43.86 -2.68
C SER G 396 12.57 -44.69 -3.32
N SER G 397 12.77 -44.52 -4.63
CA SER G 397 13.88 -45.12 -5.39
C SER G 397 14.74 -44.03 -6.06
N GLU G 398 14.09 -43.10 -6.77
CA GLU G 398 14.83 -42.05 -7.53
C GLU G 398 15.38 -40.98 -6.60
N PRO G 399 14.56 -40.24 -5.80
CA PRO G 399 15.09 -39.15 -4.99
C PRO G 399 15.81 -39.67 -3.75
N ARG G 400 16.22 -38.75 -2.86
CA ARG G 400 16.91 -39.10 -1.60
C ARG G 400 16.07 -40.12 -0.82
N PHE G 401 16.60 -41.34 -0.66
CA PHE G 401 15.92 -42.46 0.05
C PHE G 401 15.84 -42.14 1.54
N SER G 402 14.65 -42.27 2.13
CA SER G 402 14.40 -41.99 3.57
C SER G 402 15.21 -42.96 4.43
N PRO G 403 15.83 -42.50 5.55
CA PRO G 403 16.63 -43.37 6.41
C PRO G 403 15.80 -44.48 7.06
N PRO G 404 16.36 -45.69 7.31
CA PRO G 404 15.63 -46.78 7.94
C PRO G 404 15.24 -46.47 9.40
N PRO G 405 14.11 -46.98 9.92
CA PRO G 405 13.70 -46.74 11.31
C PRO G 405 14.70 -47.28 12.34
N SER G 406 15.27 -48.46 12.05
CA SER G 406 16.30 -49.20 12.84
C SER G 406 15.68 -49.80 14.11
N PRO G 407 16.50 -50.26 15.10
CA PRO G 407 15.95 -50.86 16.33
C PRO G 407 15.07 -49.95 17.18
N PRO G 408 15.42 -48.65 17.36
CA PRO G 408 14.59 -47.74 18.16
C PRO G 408 13.18 -47.56 17.58
N GLY G 409 13.10 -47.40 16.26
CA GLY G 409 11.82 -47.25 15.54
C GLY G 409 11.09 -48.58 15.38
N PRO G 410 9.77 -48.59 15.11
CA PRO G 410 9.03 -49.83 14.90
C PRO G 410 9.46 -50.46 13.57
N CYS G 411 9.42 -51.79 13.50
CA CYS G 411 9.85 -52.49 12.28
C CYS G 411 8.80 -52.23 11.21
N MET G 412 9.25 -52.21 9.97
CA MET G 412 8.43 -51.82 8.81
C MET G 412 7.05 -52.50 8.77
N PRO G 413 6.86 -53.78 9.15
CA PRO G 413 5.54 -54.39 9.02
C PRO G 413 4.45 -53.84 9.95
N GLU G 414 4.81 -53.35 11.15
CA GLU G 414 3.79 -52.89 12.11
C GLU G 414 3.00 -51.72 11.52
N VAL G 415 3.66 -50.90 10.71
CA VAL G 415 3.02 -49.72 10.12
C VAL G 415 1.95 -50.18 9.12
N PHE G 416 2.13 -51.34 8.49
CA PHE G 416 1.10 -51.86 7.57
C PHE G 416 -0.18 -52.15 8.35
N LEU G 417 -0.04 -52.75 9.53
CA LEU G 417 -1.22 -53.04 10.37
C LEU G 417 -1.88 -51.75 10.80
N GLU G 418 -1.09 -50.78 11.23
CA GLU G 418 -1.66 -49.49 11.68
C GLU G 418 -2.35 -48.80 10.51
N ALA G 419 -1.77 -48.90 9.32
CA ALA G 419 -2.35 -48.29 8.10
C ALA G 419 -3.66 -48.97 7.77
N ALA G 420 -3.68 -50.29 7.80
CA ALA G 420 -4.91 -51.06 7.52
C ALA G 420 -5.99 -50.71 8.55
N VAL G 421 -5.62 -50.52 9.81
CA VAL G 421 -6.61 -50.20 10.85
C VAL G 421 -7.13 -48.78 10.63
N ALA G 422 -6.27 -47.86 10.20
CA ALA G 422 -6.70 -46.51 9.82
C ALA G 422 -7.72 -46.58 8.70
N LEU G 423 -7.41 -47.35 7.66
CA LEU G 423 -8.34 -47.53 6.52
C LEU G 423 -9.66 -48.13 7.01
N ILE G 424 -9.58 -49.14 7.87
CA ILE G 424 -10.78 -49.89 8.32
C ILE G 424 -11.70 -48.94 9.10
N GLN G 425 -11.12 -48.19 10.03
CA GLN G 425 -11.90 -47.20 10.79
C GLN G 425 -12.38 -46.07 9.86
N ALA G 426 -11.68 -45.85 8.76
CA ALA G 426 -12.16 -44.96 7.69
C ALA G 426 -13.18 -45.65 6.79
N GLY G 427 -13.52 -46.91 7.05
CA GLY G 427 -14.42 -47.67 6.19
C GLY G 427 -13.81 -47.98 4.83
N ARG G 428 -12.48 -48.00 4.75
CA ARG G 428 -11.75 -48.18 3.49
C ARG G 428 -11.38 -49.65 3.34
N ALA G 429 -12.42 -50.49 3.38
CA ALA G 429 -12.26 -51.95 3.53
C ALA G 429 -11.64 -52.56 2.28
N GLN G 430 -12.17 -52.26 1.09
CA GLN G 430 -11.69 -52.89 -0.16
C GLN G 430 -10.21 -52.62 -0.39
N ASP G 431 -9.73 -51.44 0.01
CA ASP G 431 -8.31 -51.08 -0.15
C ASP G 431 -7.45 -51.65 0.98
N ALA G 432 -8.02 -51.85 2.17
CA ALA G 432 -7.31 -52.60 3.25
C ALA G 432 -6.95 -54.01 2.76
N LEU G 433 -7.81 -54.63 1.96
CA LEU G 433 -7.50 -55.96 1.38
C LEU G 433 -6.29 -55.85 0.46
N THR G 434 -6.23 -54.80 -0.36
CA THR G 434 -5.08 -54.56 -1.24
C THR G 434 -3.80 -54.44 -0.43
N LEU G 435 -3.86 -53.69 0.69
CA LEU G 435 -2.68 -53.54 1.57
C LEU G 435 -2.26 -54.91 2.12
N CYS G 436 -3.22 -55.70 2.60
CA CYS G 436 -2.92 -57.04 3.15
C CYS G 436 -2.26 -57.92 2.08
N GLU G 437 -2.81 -57.90 0.87
CA GLU G 437 -2.29 -58.72 -0.24
C GLU G 437 -0.86 -58.30 -0.58
N GLU G 438 -0.63 -56.98 -0.64
CA GLU G 438 0.73 -56.45 -0.89
C GLU G 438 1.69 -56.91 0.20
N LEU G 439 1.26 -56.87 1.46
CA LEU G 439 2.12 -57.28 2.58
C LEU G 439 2.54 -58.74 2.41
N LEU G 440 1.57 -59.63 2.28
CA LEU G 440 1.90 -61.07 2.20
C LEU G 440 2.61 -61.38 0.89
N SER G 441 2.48 -60.51 -0.12
CA SER G 441 3.34 -60.60 -1.33
C SER G 441 4.80 -60.33 -0.94
N ARG G 442 5.03 -59.30 -0.11
CA ARG G 442 6.41 -58.90 0.25
C ARG G 442 7.13 -60.00 1.04
N THR G 443 6.42 -60.76 1.87
CA THR G 443 7.01 -61.83 2.71
C THR G 443 6.56 -63.21 2.21
N PRO G 468 4.68 -65.79 12.17
CA PRO G 468 4.65 -64.61 13.04
C PRO G 468 3.26 -64.05 13.33
N LEU G 469 3.18 -63.21 14.36
CA LEU G 469 1.89 -62.65 14.82
C LEU G 469 1.28 -61.76 13.75
N TRP G 470 2.11 -61.04 12.99
CA TRP G 470 1.63 -60.07 11.99
C TRP G 470 0.86 -60.74 10.86
N VAL G 471 1.20 -61.98 10.54
CA VAL G 471 0.45 -62.73 9.50
C VAL G 471 -0.99 -62.95 9.98
N SER G 472 -1.16 -63.47 11.19
CA SER G 472 -2.50 -63.70 11.78
C SER G 472 -3.25 -62.39 11.89
N ALA G 473 -2.54 -61.34 12.29
CA ALA G 473 -3.13 -60.00 12.36
C ALA G 473 -3.63 -59.59 10.98
N THR G 474 -2.84 -59.86 9.94
CA THR G 474 -3.23 -59.54 8.56
C THR G 474 -4.51 -60.28 8.19
N HIS G 475 -4.56 -61.57 8.52
CA HIS G 475 -5.77 -62.38 8.31
C HIS G 475 -6.98 -61.71 8.98
N LEU G 476 -6.77 -61.25 10.20
CA LEU G 476 -7.87 -60.72 11.01
C LEU G 476 -8.37 -59.42 10.39
N LEU G 477 -7.47 -58.52 10.05
CA LEU G 477 -7.86 -57.24 9.42
C LEU G 477 -8.53 -57.52 8.08
N GLN G 478 -8.05 -58.54 7.37
CA GLN G 478 -8.64 -58.89 6.08
C GLN G 478 -10.10 -59.33 6.29
N GLY G 479 -10.34 -60.17 7.28
CA GLY G 479 -11.71 -60.58 7.60
C GLY G 479 -12.55 -59.39 8.00
N GLN G 480 -11.97 -58.47 8.78
CA GLN G 480 -12.69 -57.30 9.27
C GLN G 480 -13.12 -56.40 8.11
N ALA G 481 -12.26 -56.24 7.11
CA ALA G 481 -12.64 -55.51 5.89
C ALA G 481 -13.89 -56.14 5.27
N TRP G 482 -13.98 -57.46 5.31
CA TRP G 482 -15.13 -58.15 4.71
C TRP G 482 -16.37 -58.01 5.57
N VAL G 483 -16.21 -57.75 6.86
CA VAL G 483 -17.35 -57.37 7.71
C VAL G 483 -17.82 -55.97 7.32
N GLN G 484 -16.88 -55.07 7.11
CA GLN G 484 -17.20 -53.69 6.69
C GLN G 484 -17.99 -53.71 5.38
N LEU G 485 -17.57 -54.56 4.46
CA LEU G 485 -18.25 -54.70 3.16
C LEU G 485 -19.48 -55.62 3.28
N GLY G 486 -19.64 -56.34 4.37
CA GLY G 486 -20.80 -57.21 4.58
C GLY G 486 -20.66 -58.53 3.87
N ALA G 487 -19.57 -59.24 4.12
CA ALA G 487 -19.32 -60.59 3.57
C ALA G 487 -19.02 -61.53 4.73
N GLN G 488 -20.08 -62.08 5.31
CA GLN G 488 -20.02 -62.81 6.58
C GLN G 488 -19.19 -64.09 6.44
N LYS G 489 -19.41 -64.83 5.36
CA LYS G 489 -18.79 -66.16 5.19
C LYS G 489 -17.27 -66.02 5.08
N VAL G 490 -16.80 -65.06 4.28
CA VAL G 490 -15.36 -64.88 4.07
C VAL G 490 -14.73 -64.21 5.28
N ALA G 491 -15.49 -63.35 5.96
CA ALA G 491 -15.04 -62.80 7.25
C ALA G 491 -14.80 -63.95 8.24
N ILE G 492 -15.77 -64.86 8.35
CA ILE G 492 -15.63 -66.03 9.24
C ILE G 492 -14.45 -66.88 8.79
N SER G 493 -14.26 -67.00 7.48
CA SER G 493 -13.12 -67.74 6.92
C SER G 493 -11.81 -67.14 7.43
N GLU G 494 -11.68 -65.83 7.31
CA GLU G 494 -10.47 -65.12 7.75
C GLU G 494 -10.26 -65.31 9.25
N PHE G 495 -11.34 -65.29 10.03
CA PHE G 495 -11.22 -65.38 11.50
C PHE G 495 -10.83 -66.80 11.90
N SER G 496 -11.51 -67.79 11.34
CA SER G 496 -11.15 -69.20 11.53
C SER G 496 -9.69 -69.42 11.13
N ARG G 497 -9.26 -68.79 10.05
CA ARG G 497 -7.90 -69.00 9.51
C ARG G 497 -6.87 -68.37 10.44
N CYS G 498 -7.12 -67.13 10.87
CA CYS G 498 -6.27 -66.47 11.88
C CYS G 498 -6.20 -67.32 13.15
N LEU G 499 -7.33 -67.92 13.54
CA LEU G 499 -7.35 -68.81 14.72
C LEU G 499 -6.45 -70.02 14.49
N GLU G 500 -6.60 -70.69 13.35
CA GLU G 500 -5.92 -71.98 13.10
C GLU G 500 -4.39 -71.80 13.10
N LEU G 501 -3.90 -70.75 12.44
CA LEU G 501 -2.45 -70.50 12.35
C LEU G 501 -1.85 -70.24 13.74
N LEU G 502 -2.64 -69.67 14.64
CA LEU G 502 -2.18 -69.41 16.02
C LEU G 502 -1.94 -70.74 16.76
N PHE G 503 -2.98 -71.55 16.91
CA PHE G 503 -2.91 -72.78 17.73
C PHE G 503 -2.08 -73.85 17.03
N CYS G 518 10.53 -60.24 14.18
CA CYS G 518 9.71 -59.04 14.47
C CYS G 518 10.09 -58.46 15.83
N GLU G 519 9.55 -57.28 16.13
CA GLU G 519 9.85 -56.58 17.40
C GLU G 519 9.00 -57.12 18.54
N GLN G 520 9.29 -56.66 19.76
CA GLN G 520 8.63 -57.13 20.99
C GLN G 520 7.13 -56.83 20.99
N GLY G 521 6.68 -55.78 20.30
CA GLY G 521 5.27 -55.38 20.34
C GLY G 521 4.34 -56.51 19.91
N CYS G 522 4.80 -57.37 19.00
CA CYS G 522 4.04 -58.56 18.55
C CYS G 522 4.02 -59.64 19.65
N LYS G 523 5.16 -59.88 20.29
CA LYS G 523 5.34 -61.08 21.13
C LYS G 523 4.55 -60.97 22.44
N SER G 524 4.04 -59.79 22.78
CA SER G 524 3.29 -59.57 24.02
C SER G 524 2.08 -60.50 24.07
N ASP G 525 2.10 -61.43 25.02
CA ASP G 525 0.97 -62.36 25.23
C ASP G 525 -0.30 -61.59 25.59
N ALA G 526 -0.17 -60.40 26.16
CA ALA G 526 -1.33 -59.50 26.31
C ALA G 526 -1.99 -59.30 24.96
N ALA G 527 -1.20 -58.94 23.95
CA ALA G 527 -1.72 -58.78 22.58
C ALA G 527 -2.29 -60.10 22.08
N LEU G 528 -1.66 -61.22 22.41
CA LEU G 528 -2.13 -62.53 21.94
C LEU G 528 -3.55 -62.80 22.48
N GLN G 529 -3.72 -62.72 23.79
CA GLN G 529 -5.01 -63.02 24.42
C GLN G 529 -6.06 -62.01 23.95
N GLN G 530 -5.67 -60.75 23.84
CA GLN G 530 -6.63 -59.72 23.43
C GLN G 530 -7.03 -59.94 21.97
N LEU G 531 -6.10 -60.42 21.15
CA LEU G 531 -6.41 -60.76 19.75
C LEU G 531 -7.40 -61.92 19.73
N ARG G 532 -7.14 -62.94 20.53
CA ARG G 532 -8.06 -64.09 20.63
C ARG G 532 -9.46 -63.60 20.95
N ALA G 533 -9.58 -62.76 21.99
CA ALA G 533 -10.88 -62.28 22.46
C ALA G 533 -11.56 -61.46 21.37
N ALA G 534 -10.82 -60.55 20.73
CA ALA G 534 -11.41 -59.65 19.73
C ALA G 534 -11.83 -60.44 18.49
N ALA G 535 -11.05 -61.45 18.10
CA ALA G 535 -11.40 -62.32 16.97
C ALA G 535 -12.67 -63.09 17.27
N LEU G 536 -12.75 -63.67 18.46
CA LEU G 536 -13.97 -64.37 18.88
C LEU G 536 -15.15 -63.41 18.93
N ILE G 537 -14.90 -62.15 19.31
CA ILE G 537 -15.97 -61.13 19.34
C ILE G 537 -16.49 -60.89 17.93
N SER G 538 -15.56 -60.68 17.00
CA SER G 538 -15.93 -60.38 15.61
C SER G 538 -16.66 -61.57 14.99
N ARG G 539 -16.30 -62.79 15.40
CA ARG G 539 -16.93 -63.99 14.83
C ARG G 539 -18.30 -64.22 15.47
N GLY G 540 -18.43 -63.95 16.77
CA GLY G 540 -19.74 -63.97 17.41
C GLY G 540 -20.65 -62.88 16.87
N LEU G 541 -20.07 -61.77 16.43
CA LEU G 541 -20.84 -60.73 15.75
C LEU G 541 -21.35 -61.22 14.40
N GLU G 542 -20.56 -62.03 13.70
CA GLU G 542 -21.04 -62.67 12.47
C GLU G 542 -22.14 -63.67 12.78
N TRP G 543 -21.99 -64.43 13.84
CA TRP G 543 -23.04 -65.38 14.24
C TRP G 543 -24.32 -64.62 14.61
N VAL G 544 -24.18 -63.46 15.25
CA VAL G 544 -25.33 -62.58 15.52
C VAL G 544 -25.95 -62.12 14.21
N ALA G 545 -25.14 -61.52 13.34
CA ALA G 545 -25.61 -60.94 12.07
C ALA G 545 -26.32 -62.00 11.24
N SER G 546 -25.81 -63.23 11.24
CA SER G 546 -26.46 -64.38 10.58
C SER G 546 -27.68 -64.86 11.38
N GLY G 547 -27.76 -64.55 12.67
CA GLY G 547 -28.81 -65.04 13.55
C GLY G 547 -28.44 -66.32 14.27
N GLN G 548 -27.17 -66.76 14.16
CA GLN G 548 -26.68 -68.00 14.80
C GLN G 548 -26.33 -67.68 16.24
N ASP G 549 -27.31 -67.19 16.99
CA ASP G 549 -27.08 -66.58 18.32
C ASP G 549 -26.50 -67.60 19.30
N THR G 550 -26.75 -68.89 19.09
CA THR G 550 -26.16 -69.94 19.95
C THR G 550 -24.64 -70.02 19.71
N LYS G 551 -24.22 -69.95 18.46
CA LYS G 551 -22.78 -69.92 18.14
C LYS G 551 -22.17 -68.59 18.58
N ALA G 552 -22.93 -67.51 18.48
CA ALA G 552 -22.49 -66.20 19.01
C ALA G 552 -22.21 -66.32 20.51
N LEU G 553 -23.13 -66.95 21.25
CA LEU G 553 -22.95 -67.17 22.69
C LEU G 553 -21.71 -68.05 22.94
N GLN G 554 -21.50 -69.07 22.10
CA GLN G 554 -20.28 -69.91 22.19
C GLN G 554 -19.02 -69.03 22.08
N ASP G 555 -18.95 -68.21 21.05
CA ASP G 555 -17.76 -67.37 20.80
C ASP G 555 -17.57 -66.37 21.95
N PHE G 556 -18.64 -65.75 22.43
CA PHE G 556 -18.53 -64.79 23.53
C PHE G 556 -18.10 -65.50 24.81
N LEU G 557 -18.60 -66.70 25.05
CA LEU G 557 -18.15 -67.52 26.19
C LEU G 557 -16.64 -67.75 26.10
N LEU G 558 -16.14 -68.11 24.92
CA LEU G 558 -14.69 -68.35 24.76
C LEU G 558 -13.90 -67.06 24.99
N SER G 559 -14.40 -65.92 24.50
CA SER G 559 -13.68 -64.63 24.63
C SER G 559 -13.63 -64.21 26.10
N VAL G 560 -14.76 -64.33 26.80
CA VAL G 560 -14.83 -64.11 28.26
C VAL G 560 -13.79 -64.97 28.96
N GLN G 561 -13.65 -66.23 28.56
CA GLN G 561 -12.66 -67.15 29.18
C GLN G 561 -11.22 -66.68 28.90
N MET G 562 -10.98 -66.12 27.71
CA MET G 562 -9.61 -65.68 27.34
C MET G 562 -9.21 -64.44 28.13
N CYS G 563 -10.12 -63.47 28.27
CA CYS G 563 -9.78 -62.14 28.83
C CYS G 563 -10.73 -61.73 29.95
N PRO G 564 -10.30 -61.71 31.23
CA PRO G 564 -11.17 -61.19 32.30
C PRO G 564 -11.30 -59.67 32.26
N GLY G 565 -10.17 -58.96 32.19
CA GLY G 565 -10.16 -57.50 32.30
C GLY G 565 -10.51 -56.82 31.01
N ASN G 566 -11.67 -57.18 30.44
CA ASN G 566 -12.11 -56.73 29.10
C ASN G 566 -13.38 -55.90 29.24
N ARG G 567 -14.44 -56.52 29.75
CA ARG G 567 -15.79 -55.97 29.97
C ARG G 567 -16.62 -55.82 28.68
N ASP G 568 -16.00 -55.86 27.50
CA ASP G 568 -16.74 -55.67 26.24
C ASP G 568 -17.27 -57.02 25.75
N THR G 569 -16.44 -58.05 25.79
CA THR G 569 -16.92 -59.44 25.61
C THR G 569 -18.03 -59.74 26.60
N TYR G 570 -17.92 -59.21 27.81
CA TYR G 570 -18.93 -59.40 28.85
C TYR G 570 -20.21 -58.69 28.46
N PHE G 571 -20.10 -57.44 28.00
CA PHE G 571 -21.26 -56.70 27.46
C PHE G 571 -21.96 -57.53 26.40
N HIS G 572 -21.17 -58.07 25.47
CA HIS G 572 -21.70 -58.86 24.35
C HIS G 572 -22.45 -60.08 24.88
N LEU G 573 -21.82 -60.84 25.77
CA LEU G 573 -22.43 -62.07 26.28
C LEU G 573 -23.66 -61.73 27.12
N LEU G 574 -23.63 -60.60 27.82
CA LEU G 574 -24.77 -60.19 28.64
C LEU G 574 -25.94 -59.80 27.77
N GLN G 575 -25.67 -59.11 26.67
CA GLN G 575 -26.71 -58.81 25.69
C GLN G 575 -27.23 -60.10 25.06
N THR G 576 -26.34 -61.05 24.81
CA THR G 576 -26.75 -62.36 24.28
C THR G 576 -27.72 -63.03 25.24
N LEU G 577 -27.38 -63.08 26.52
CA LEU G 577 -28.26 -63.72 27.51
C LEU G 577 -29.51 -62.89 27.74
N LYS G 578 -29.44 -61.58 27.54
CA LYS G 578 -30.65 -60.75 27.56
C LYS G 578 -31.60 -61.22 26.46
N ARG G 579 -31.06 -61.52 25.27
CA ARG G 579 -31.91 -61.96 24.15
C ARG G 579 -32.42 -63.39 24.40
N LEU G 580 -31.55 -64.28 24.87
CA LEU G 580 -31.87 -65.73 24.96
C LEU G 580 -32.43 -66.10 26.34
N ASP G 581 -31.63 -65.96 27.40
CA ASP G 581 -32.03 -66.36 28.75
C ASP G 581 -31.31 -65.46 29.76
N ARG G 582 -32.00 -64.42 30.24
CA ARG G 582 -31.35 -63.33 31.01
C ARG G 582 -31.13 -63.72 32.48
N ARG G 583 -32.22 -63.82 33.25
CA ARG G 583 -32.25 -63.55 34.71
C ARG G 583 -31.10 -64.21 35.47
N ASP G 584 -31.05 -65.54 35.46
CA ASP G 584 -30.14 -66.31 36.32
C ASP G 584 -28.69 -66.01 35.97
N GLU G 585 -28.29 -66.33 34.76
CA GLU G 585 -26.90 -66.14 34.32
C GLU G 585 -26.56 -64.65 34.28
N ALA G 586 -27.53 -63.79 33.95
CA ALA G 586 -27.27 -62.33 33.93
C ALA G 586 -26.87 -61.83 35.31
N THR G 587 -27.61 -62.21 36.36
CA THR G 587 -27.23 -61.76 37.71
C THR G 587 -25.96 -62.46 38.18
N ALA G 588 -25.79 -63.74 37.82
CA ALA G 588 -24.54 -64.48 38.10
C ALA G 588 -23.34 -63.71 37.54
N LEU G 589 -23.51 -63.10 36.37
CA LEU G 589 -22.43 -62.35 35.71
C LEU G 589 -22.39 -60.90 36.19
N TRP G 590 -23.50 -60.35 36.69
CA TRP G 590 -23.47 -59.05 37.40
C TRP G 590 -22.47 -59.17 38.54
N TRP G 591 -22.56 -60.28 39.26
CA TRP G 591 -21.66 -60.52 40.39
C TRP G 591 -20.22 -60.65 39.94
N ARG G 592 -19.98 -61.32 38.81
CA ARG G 592 -18.59 -61.44 38.31
C ARG G 592 -18.08 -60.12 37.76
N LEU G 593 -18.96 -59.29 37.19
CA LEU G 593 -18.61 -57.93 36.74
C LEU G 593 -18.11 -57.13 37.95
N GLU G 594 -18.94 -57.07 38.98
CA GLU G 594 -18.57 -56.31 40.19
C GLU G 594 -17.40 -56.99 40.91
N ALA G 595 -17.13 -58.27 40.64
CA ALA G 595 -15.94 -58.96 41.18
C ALA G 595 -14.68 -58.48 40.46
N GLN G 596 -14.69 -58.53 39.14
CA GLN G 596 -13.51 -58.13 38.33
C GLN G 596 -13.23 -56.64 38.50
N THR G 597 -14.26 -55.80 38.51
CA THR G 597 -14.11 -54.35 38.63
C THR G 597 -13.77 -53.96 40.07
N LEU G 605 -4.42 -53.42 28.73
CA LEU G 605 -3.88 -52.06 28.47
C LEU G 605 -2.44 -51.92 28.97
N TRP G 606 -1.70 -53.02 29.02
CA TRP G 606 -0.31 -53.01 29.50
C TRP G 606 0.64 -52.59 28.38
N SER G 607 0.67 -53.35 27.28
CA SER G 607 1.44 -52.98 26.07
C SER G 607 0.47 -52.61 24.96
N LEU G 608 -0.37 -53.56 24.52
CA LEU G 608 -1.54 -53.36 23.62
C LEU G 608 -1.19 -52.43 22.48
N PRO G 609 -0.48 -52.92 21.45
CA PRO G 609 -0.15 -52.08 20.29
C PRO G 609 -1.32 -51.30 19.69
N LEU G 610 -0.96 -50.39 18.82
CA LEU G 610 -1.81 -49.24 18.52
C LEU G 610 -2.89 -49.61 17.51
N TYR G 611 -2.50 -50.28 16.45
CA TYR G 611 -3.47 -50.87 15.50
C TYR G 611 -4.47 -51.74 16.24
N LEU G 612 -4.01 -52.49 17.23
CA LEU G 612 -4.86 -53.38 18.01
C LEU G 612 -5.87 -52.57 18.82
N GLU G 613 -5.39 -51.58 19.57
CA GLU G 613 -6.27 -50.75 20.40
C GLU G 613 -7.27 -50.01 19.52
N SER G 614 -6.85 -49.57 18.34
CA SER G 614 -7.74 -48.81 17.43
C SER G 614 -8.80 -49.74 16.86
N TYR G 615 -8.39 -50.96 16.49
CA TYR G 615 -9.34 -51.99 16.08
C TYR G 615 -10.38 -52.21 17.17
N LEU G 616 -9.93 -52.33 18.42
CA LEU G 616 -10.85 -52.52 19.55
C LEU G 616 -11.83 -51.36 19.63
N SER G 617 -11.30 -50.13 19.68
CA SER G 617 -12.12 -48.92 19.75
C SER G 617 -13.10 -48.86 18.59
N TRP G 618 -12.69 -49.37 17.44
CA TRP G 618 -13.50 -49.31 16.22
C TRP G 618 -14.71 -50.22 16.35
N ILE G 619 -14.49 -51.47 16.75
CA ILE G 619 -15.59 -52.46 16.87
C ILE G 619 -16.39 -52.18 18.13
N ARG G 620 -15.75 -51.57 19.12
CA ARG G 620 -16.36 -51.43 20.45
C ARG G 620 -17.61 -50.55 20.36
N PRO G 621 -18.66 -50.82 21.15
CA PRO G 621 -19.82 -49.93 21.15
C PRO G 621 -19.65 -48.83 22.20
N SER G 622 -20.23 -47.67 21.91
CA SER G 622 -20.22 -46.54 22.86
C SER G 622 -21.11 -46.83 24.08
N ASP G 623 -22.22 -47.52 23.87
CA ASP G 623 -23.24 -47.74 24.92
C ASP G 623 -22.96 -49.00 25.75
N ARG G 624 -21.75 -49.54 25.71
CA ARG G 624 -21.45 -50.78 26.45
C ARG G 624 -21.43 -50.50 27.96
N ASP G 625 -20.88 -49.37 28.40
CA ASP G 625 -20.94 -48.98 29.82
C ASP G 625 -22.39 -48.76 30.26
N ALA G 626 -23.23 -48.21 29.38
CA ALA G 626 -24.65 -48.01 29.68
C ALA G 626 -25.33 -49.37 29.87
N PHE G 627 -25.09 -50.30 28.97
CA PHE G 627 -25.67 -51.65 29.05
C PHE G 627 -25.18 -52.39 30.29
N LEU G 628 -23.92 -52.23 30.66
CA LEU G 628 -23.34 -52.99 31.80
C LEU G 628 -23.79 -52.45 33.16
N GLU G 629 -24.62 -51.40 33.20
CA GLU G 629 -25.09 -50.79 34.46
C GLU G 629 -26.62 -50.76 34.58
N GLU G 630 -27.37 -51.27 33.60
CA GLU G 630 -28.84 -51.32 33.69
C GLU G 630 -29.26 -52.59 34.44
N MET H 20 4.55 67.88 18.60
CA MET H 20 4.09 67.64 17.18
C MET H 20 2.61 68.01 17.01
N ALA H 21 2.10 67.95 15.76
CA ALA H 21 0.68 68.21 15.44
C ALA H 21 -0.23 67.18 16.13
N VAL H 22 -0.05 65.92 15.79
CA VAL H 22 -0.78 64.80 16.43
C VAL H 22 -0.19 64.59 17.84
N THR H 23 -1.07 64.25 18.80
CA THR H 23 -0.70 64.06 20.22
C THR H 23 -0.11 62.66 20.45
N GLU H 24 0.96 62.30 19.73
CA GLU H 24 1.78 61.10 19.98
C GLU H 24 3.17 61.51 20.49
N ALA H 25 3.73 62.60 19.96
CA ALA H 25 4.98 63.22 20.41
C ALA H 25 4.70 64.43 21.31
N SER H 26 3.75 65.26 20.90
CA SER H 26 3.40 66.50 21.61
C SER H 26 3.14 66.23 23.09
N LEU H 27 2.38 65.18 23.40
CA LEU H 27 2.07 64.91 24.81
C LEU H 27 3.34 64.59 25.57
N LEU H 28 4.30 63.99 24.90
CA LEU H 28 5.58 63.73 25.56
C LEU H 28 6.38 65.02 25.69
N ARG H 29 6.40 65.79 24.63
CA ARG H 29 7.19 67.04 24.63
C ARG H 29 6.68 67.98 25.73
N GLN H 30 5.38 67.92 26.02
CA GLN H 30 4.68 68.96 26.78
C GLN H 30 4.12 68.43 28.10
N CYS H 31 4.17 67.11 28.29
CA CYS H 31 3.80 66.47 29.57
C CYS H 31 4.87 65.42 29.87
N PRO H 32 6.16 65.79 29.76
CA PRO H 32 7.19 64.77 29.62
C PRO H 32 7.36 63.92 30.86
N LEU H 33 7.23 64.53 32.03
CA LEU H 33 7.31 63.82 33.31
C LEU H 33 5.91 63.39 33.74
N LEU H 34 5.01 63.18 32.80
CA LEU H 34 3.73 62.54 33.09
C LEU H 34 3.60 61.33 32.19
N LEU H 35 3.24 60.19 32.76
CA LEU H 35 3.37 58.87 32.14
C LEU H 35 1.99 58.23 32.07
N PRO H 36 1.67 57.45 31.04
CA PRO H 36 0.44 56.68 31.01
C PRO H 36 0.60 55.29 31.60
N GLN H 37 -0.28 54.92 32.52
CA GLN H 37 -0.17 53.64 33.21
C GLN H 37 -0.85 52.56 32.35
N ASN H 38 -1.92 52.95 31.67
CA ASN H 38 -2.87 51.99 31.08
C ASN H 38 -2.64 51.87 29.59
N ARG H 39 -3.27 50.86 28.98
CA ARG H 39 -3.04 50.52 27.55
C ARG H 39 -4.05 51.25 26.69
N SER H 40 -5.33 51.03 26.94
CA SER H 40 -6.37 52.00 26.52
C SER H 40 -6.07 53.27 27.31
N LYS H 41 -5.38 54.24 26.70
CA LYS H 41 -4.68 55.25 27.49
C LYS H 41 -5.66 56.19 28.17
N THR H 42 -5.97 55.90 29.42
CA THR H 42 -7.03 56.62 30.17
C THR H 42 -6.51 57.13 31.51
N VAL H 43 -5.61 56.36 32.10
CA VAL H 43 -5.10 56.68 33.44
C VAL H 43 -3.65 57.05 33.31
N TYR H 44 -3.33 58.28 33.68
CA TYR H 44 -1.94 58.76 33.70
C TYR H 44 -1.64 59.28 35.08
N GLU H 45 -0.37 59.57 35.26
CA GLU H 45 0.09 60.01 36.56
C GLU H 45 1.48 60.58 36.38
N GLY H 46 1.85 61.41 37.34
CA GLY H 46 3.23 61.83 37.50
C GLY H 46 3.34 63.32 37.66
N PHE H 47 4.54 63.80 37.44
CA PHE H 47 4.88 65.17 37.76
C PHE H 47 4.62 66.02 36.53
N ILE H 48 4.63 67.33 36.75
CA ILE H 48 4.50 68.33 35.69
C ILE H 48 5.22 69.59 36.11
N SER H 49 5.97 70.17 35.19
CA SER H 49 7.03 71.12 35.57
C SER H 49 6.54 72.53 35.29
N ALA H 50 7.09 73.45 36.08
CA ALA H 50 6.98 74.87 35.79
C ALA H 50 7.94 75.65 36.67
N GLN H 51 8.73 76.53 36.06
CA GLN H 51 9.59 77.49 36.77
C GLN H 51 10.63 76.77 37.64
N GLY H 52 11.13 75.62 37.17
CA GLY H 52 12.14 74.87 37.92
C GLY H 52 11.55 74.11 39.09
N ARG H 53 10.24 73.84 39.06
CA ARG H 53 9.56 73.10 40.14
C ARG H 53 8.53 72.17 39.52
N ASP H 54 8.41 71.00 40.14
CA ASP H 54 7.60 69.89 39.62
C ASP H 54 6.50 69.56 40.60
N PHE H 55 5.32 69.29 40.06
CA PHE H 55 4.08 69.19 40.83
C PHE H 55 3.38 67.91 40.43
N HIS H 56 2.82 67.21 41.41
CA HIS H 56 2.27 65.86 41.21
C HIS H 56 0.81 65.90 40.74
N LEU H 57 0.43 64.99 39.85
CA LEU H 57 -0.96 64.80 39.44
C LEU H 57 -1.23 63.33 39.28
N ARG H 58 -2.47 62.97 39.54
CA ARG H 58 -3.00 61.62 39.32
C ARG H 58 -4.31 61.80 38.54
N ILE H 59 -4.33 61.33 37.30
CA ILE H 59 -5.48 61.65 36.43
C ILE H 59 -6.08 60.38 35.86
N VAL H 60 -7.40 60.39 35.75
CA VAL H 60 -8.17 59.24 35.22
C VAL H 60 -9.20 59.80 34.29
N LEU H 61 -9.37 59.12 33.18
CA LEU H 61 -10.50 59.37 32.29
C LEU H 61 -11.49 58.22 32.42
N PRO H 62 -12.65 58.32 31.77
CA PRO H 62 -13.45 57.13 31.56
C PRO H 62 -12.83 56.29 30.45
N GLU H 63 -13.48 55.19 30.08
CA GLU H 63 -13.00 54.35 28.98
C GLU H 63 -12.98 55.17 27.67
N ASP H 64 -14.02 55.97 27.43
CA ASP H 64 -13.97 56.95 26.33
C ASP H 64 -13.15 58.13 26.82
N LEU H 65 -12.45 58.76 25.89
CA LEU H 65 -11.49 59.81 26.25
C LEU H 65 -12.17 61.17 26.09
N GLN H 66 -13.23 61.36 26.85
CA GLN H 66 -13.91 62.65 27.01
C GLN H 66 -13.56 63.20 28.39
N LEU H 67 -13.61 64.51 28.53
CA LEU H 67 -13.27 65.19 29.78
C LEU H 67 -14.50 65.75 30.50
N LYS H 68 -15.70 65.62 29.92
CA LYS H 68 -16.93 66.10 30.60
C LYS H 68 -17.07 65.39 31.94
N ASN H 69 -16.60 64.15 32.05
CA ASN H 69 -16.42 63.46 33.33
C ASN H 69 -15.04 62.83 33.30
N ALA H 70 -14.15 63.32 34.14
CA ALA H 70 -12.79 62.80 34.22
C ALA H 70 -12.25 63.11 35.61
N ARG H 71 -11.81 62.08 36.29
CA ARG H 71 -11.40 62.20 37.69
C ARG H 71 -9.96 62.70 37.75
N LEU H 72 -9.68 63.46 38.80
CA LEU H 72 -8.44 64.22 38.86
C LEU H 72 -8.13 64.52 40.29
N LEU H 73 -6.92 64.18 40.72
CA LEU H 73 -6.44 64.69 42.00
C LEU H 73 -4.99 65.11 41.88
N CYS H 74 -4.52 65.73 42.93
CA CYS H 74 -3.34 66.57 42.93
C CYS H 74 -2.63 66.37 44.25
N SER H 75 -1.73 67.29 44.56
CA SER H 75 -1.21 67.49 45.90
C SER H 75 -1.82 68.71 46.52
N TRP H 76 -1.78 68.77 47.85
CA TRP H 76 -2.36 69.91 48.57
C TRP H 76 -1.48 71.14 48.38
N GLN H 77 -0.19 70.92 48.21
CA GLN H 77 0.67 71.93 47.60
C GLN H 77 0.01 72.56 46.38
N LEU H 78 -0.59 71.73 45.54
CA LEU H 78 -1.15 72.23 44.28
C LEU H 78 -2.48 72.92 44.49
N ARG H 79 -3.33 72.33 45.30
CA ARG H 79 -4.66 72.91 45.49
C ARG H 79 -4.55 74.23 46.27
N THR H 80 -3.55 74.38 47.14
CA THR H 80 -3.24 75.70 47.75
C THR H 80 -3.05 76.73 46.66
N ILE H 81 -2.19 76.40 45.72
CA ILE H 81 -1.78 77.36 44.70
C ILE H 81 -2.88 77.59 43.69
N LEU H 82 -3.81 76.66 43.54
CA LEU H 82 -4.98 76.89 42.66
C LEU H 82 -6.23 77.29 43.45
N SER H 83 -6.06 77.65 44.71
CA SER H 83 -7.09 78.41 45.44
C SER H 83 -7.49 79.61 44.58
N GLY H 84 -8.76 79.66 44.20
CA GLY H 84 -9.33 80.78 43.46
C GLY H 84 -9.66 80.44 42.03
N TYR H 85 -9.10 79.35 41.51
CA TYR H 85 -9.33 78.97 40.12
C TYR H 85 -9.86 77.55 40.06
N HIS H 86 -10.27 77.01 41.18
CA HIS H 86 -10.80 75.64 41.18
C HIS H 86 -12.03 75.58 40.30
N ARG H 87 -12.87 76.60 40.41
CA ARG H 87 -14.02 76.69 39.51
C ARG H 87 -13.57 76.74 38.05
N ILE H 88 -12.54 77.52 37.76
CA ILE H 88 -12.03 77.67 36.37
C ILE H 88 -11.61 76.31 35.86
N VAL H 89 -10.96 75.56 36.71
CA VAL H 89 -10.42 74.26 36.32
C VAL H 89 -11.55 73.29 36.07
N GLN H 90 -12.52 73.24 36.99
CA GLN H 90 -13.69 72.34 36.85
C GLN H 90 -14.39 72.66 35.53
N GLN H 91 -14.52 73.94 35.21
CA GLN H 91 -15.19 74.35 33.97
C GLN H 91 -14.36 73.95 32.75
N ARG H 92 -13.05 74.14 32.85
CA ARG H 92 -12.15 73.78 31.75
C ARG H 92 -12.24 72.30 31.47
N MET H 93 -12.38 71.49 32.52
CA MET H 93 -12.46 70.02 32.35
C MET H 93 -13.67 69.67 31.49
N GLN H 94 -14.75 70.45 31.58
CA GLN H 94 -15.92 70.22 30.72
C GLN H 94 -15.69 70.79 29.31
N HIS H 95 -15.07 71.95 29.25
CA HIS H 95 -15.04 72.73 28.00
C HIS H 95 -14.01 72.17 27.01
N SER H 96 -12.81 71.89 27.52
CA SER H 96 -11.69 71.46 26.68
C SER H 96 -12.03 70.12 26.01
N PRO H 97 -11.85 69.98 24.68
CA PRO H 97 -12.08 68.67 24.06
C PRO H 97 -10.92 67.70 24.30
N ASP H 98 -9.70 68.20 24.19
CA ASP H 98 -8.48 67.38 24.28
C ASP H 98 -7.79 67.60 25.61
N LEU H 99 -7.26 66.52 26.17
CA LEU H 99 -6.41 66.62 27.37
C LEU H 99 -5.21 67.52 27.07
N MET H 100 -4.68 67.45 25.86
CA MET H 100 -3.52 68.27 25.50
C MET H 100 -3.84 69.76 25.69
N SER H 101 -4.94 70.18 25.09
CA SER H 101 -5.41 71.57 25.24
C SER H 101 -5.64 71.89 26.71
N PHE H 102 -6.23 70.94 27.43
CA PHE H 102 -6.54 71.15 28.85
C PHE H 102 -5.27 71.40 29.65
N MET H 103 -4.27 70.58 29.41
CA MET H 103 -3.01 70.71 30.15
C MET H 103 -2.27 71.98 29.74
N MET H 104 -2.42 72.39 28.49
CA MET H 104 -1.79 73.64 28.04
C MET H 104 -2.36 74.82 28.81
N GLU H 105 -3.68 74.91 28.83
CA GLU H 105 -4.39 75.93 29.61
C GLU H 105 -3.97 75.83 31.07
N LEU H 106 -3.80 74.61 31.55
CA LEU H 106 -3.42 74.39 32.93
C LEU H 106 -2.06 75.01 33.21
N LYS H 107 -1.08 74.69 32.37
CA LYS H 107 0.29 75.21 32.55
C LYS H 107 0.30 76.73 32.56
N MET H 108 -0.46 77.29 31.63
CA MET H 108 -0.57 78.75 31.51
C MET H 108 -1.09 79.32 32.83
N LEU H 109 -2.25 78.79 33.26
CA LEU H 109 -2.90 79.23 34.50
C LEU H 109 -1.92 79.09 35.65
N LEU H 110 -1.14 78.02 35.62
CA LEU H 110 -0.24 77.70 36.72
C LEU H 110 0.84 78.77 36.81
N GLU H 111 1.43 79.08 35.67
CA GLU H 111 2.49 80.09 35.62
C GLU H 111 1.93 81.44 36.08
N VAL H 112 0.70 81.72 35.71
CA VAL H 112 0.05 82.97 36.10
C VAL H 112 -0.04 83.06 37.61
N ALA H 113 -0.63 82.04 38.23
CA ALA H 113 -0.92 82.10 39.67
C ALA H 113 0.40 82.13 40.44
N LEU H 114 1.40 81.45 39.93
CA LEU H 114 2.74 81.55 40.51
C LEU H 114 3.23 82.99 40.51
N LYS H 115 3.18 83.63 39.35
CA LYS H 115 3.75 84.98 39.21
C LYS H 115 2.98 85.97 40.07
N ASN H 116 1.69 85.70 40.27
CA ASN H 116 0.87 86.57 41.12
C ASN H 116 1.28 86.38 42.58
N ARG H 117 1.45 85.13 43.02
CA ARG H 117 1.83 84.83 44.43
C ARG H 117 3.34 84.76 44.59
N GLN H 118 4.06 85.43 43.69
CA GLN H 118 5.52 85.33 43.62
C GLN H 118 6.19 85.84 44.89
N GLU H 119 5.46 86.53 45.77
CA GLU H 119 5.99 86.87 47.10
C GLU H 119 6.34 85.61 47.88
N LEU H 120 5.64 84.51 47.62
CA LEU H 120 5.78 83.30 48.45
C LEU H 120 7.04 82.52 48.06
N TYR H 121 7.44 82.58 46.79
CA TYR H 121 8.43 81.67 46.20
C TYR H 121 9.68 82.46 45.85
N ALA H 122 10.80 82.12 46.50
CA ALA H 122 12.06 82.87 46.36
C ALA H 122 13.25 82.02 46.80
N LEU H 123 14.09 81.67 45.83
CA LEU H 123 15.24 80.81 46.07
C LEU H 123 16.46 81.42 45.43
N PRO H 124 17.34 82.09 46.20
CA PRO H 124 18.46 82.78 45.59
C PRO H 124 19.54 81.79 45.18
N PRO H 125 20.53 82.25 44.40
CA PRO H 125 21.86 81.62 44.40
C PRO H 125 22.73 82.26 45.48
N PRO H 126 22.57 81.84 46.74
CA PRO H 126 23.02 82.66 47.87
C PRO H 126 24.45 83.17 47.80
N PRO H 127 25.47 82.32 47.54
CA PRO H 127 26.85 82.80 47.64
C PRO H 127 27.16 83.92 46.67
N GLN H 128 26.58 83.89 45.48
CA GLN H 128 26.58 85.07 44.62
C GLN H 128 25.87 86.21 45.35
N PHE H 129 24.71 85.90 45.90
CA PHE H 129 23.75 86.91 46.34
C PHE H 129 24.28 87.58 47.59
N TYR H 130 24.30 86.83 48.69
CA TYR H 130 24.45 87.42 50.03
C TYR H 130 25.87 87.96 50.19
N SER H 131 26.85 87.14 49.85
CA SER H 131 28.27 87.49 50.05
C SER H 131 28.61 88.78 49.31
N SER H 132 28.25 88.81 48.03
CA SER H 132 28.56 89.97 47.18
C SER H 132 27.83 91.19 47.70
N LEU H 133 26.56 91.01 48.07
CA LEU H 133 25.75 92.12 48.54
C LEU H 133 26.40 92.75 49.75
N ILE H 134 26.84 91.90 50.65
CA ILE H 134 27.46 92.40 51.87
C ILE H 134 28.79 93.05 51.57
N GLU H 135 29.54 92.50 50.64
CA GLU H 135 30.84 93.09 50.31
C GLU H 135 30.63 94.48 49.72
N GLU H 136 29.63 94.63 48.87
CA GLU H 136 29.32 95.94 48.27
C GLU H 136 28.81 96.91 49.31
N ILE H 137 28.06 96.43 50.28
CA ILE H 137 27.57 97.33 51.33
C ILE H 137 28.73 97.78 52.22
N GLY H 138 29.61 96.85 52.57
CA GLY H 138 30.82 97.23 53.32
C GLY H 138 31.66 98.22 52.54
N THR H 139 31.66 98.07 51.22
CA THR H 139 32.35 99.02 50.36
C THR H 139 31.69 100.39 50.45
N LEU H 140 30.36 100.43 50.35
CA LEU H 140 29.65 101.71 50.37
C LEU H 140 29.86 102.42 51.71
N GLY H 141 29.70 101.69 52.81
CA GLY H 141 29.81 102.25 54.16
C GLY H 141 28.62 101.88 55.01
N TRP H 142 28.90 101.46 56.24
CA TRP H 142 27.86 101.01 57.18
C TRP H 142 27.06 102.19 57.72
N ASP H 143 27.63 103.38 57.67
CA ASP H 143 26.86 104.61 57.96
C ASP H 143 25.63 104.71 57.03
N LYS H 144 25.74 104.20 55.80
CA LYS H 144 24.76 104.53 54.76
C LYS H 144 23.42 103.84 54.99
N LEU H 145 23.45 102.59 55.40
CA LEU H 145 22.23 101.79 55.28
C LEU H 145 21.23 102.17 56.35
N VAL H 146 19.97 101.99 55.99
CA VAL H 146 18.82 102.48 56.74
C VAL H 146 17.85 101.36 57.08
N TYR H 147 17.84 100.31 56.28
CA TYR H 147 16.71 99.39 56.24
C TYR H 147 17.11 98.15 55.46
N ALA H 148 16.46 97.04 55.78
CA ALA H 148 16.65 95.79 55.04
C ALA H 148 15.46 94.90 55.30
N ASP H 149 14.93 94.31 54.24
CA ASP H 149 13.84 93.35 54.38
C ASP H 149 14.41 91.97 54.66
N THR H 150 13.67 91.17 55.44
CA THR H 150 14.12 89.80 55.80
C THR H 150 14.24 88.92 54.55
N CYS H 151 13.39 89.14 53.55
CA CYS H 151 13.57 88.48 52.24
C CYS H 151 14.89 88.94 51.60
N PHE H 152 15.33 90.14 51.95
CA PHE H 152 16.47 90.82 51.34
C PHE H 152 16.15 91.18 49.90
N SER H 153 14.87 91.12 49.51
CA SER H 153 14.41 91.58 48.19
C SER H 153 14.35 93.10 48.16
N THR H 154 14.13 93.71 49.32
CA THR H 154 13.97 95.17 49.40
C THR H 154 14.99 95.76 50.35
N ILE H 155 15.56 96.88 49.94
CA ILE H 155 16.43 97.68 50.82
C ILE H 155 16.24 99.14 50.48
N LYS H 156 16.87 99.99 51.27
CA LYS H 156 16.82 101.43 51.05
C LYS H 156 18.16 102.03 51.40
N LEU H 157 18.38 103.23 50.90
CA LEU H 157 19.63 103.94 51.15
C LEU H 157 19.41 105.43 51.15
N LYS H 158 20.44 106.10 51.63
CA LYS H 158 20.37 107.50 52.02
C LYS H 158 21.45 108.29 51.28
N ALA H 159 21.13 109.55 51.00
CA ALA H 159 22.12 110.52 50.57
C ALA H 159 21.82 111.86 51.24
N GLU H 160 22.88 112.59 51.53
CA GLU H 160 22.78 114.01 51.91
C GLU H 160 22.87 114.86 50.66
N ASP H 161 22.51 116.13 50.82
CA ASP H 161 23.05 117.19 49.96
C ASP H 161 24.14 117.91 50.75
N ALA H 162 24.99 118.65 50.04
CA ALA H 162 25.90 119.60 50.69
C ALA H 162 25.10 120.65 51.46
N SER H 163 23.89 120.97 51.00
CA SER H 163 22.91 121.74 51.79
C SER H 163 22.66 121.06 53.13
N GLY H 164 22.60 119.73 53.12
CA GLY H 164 22.29 118.92 54.31
C GLY H 164 20.87 118.39 54.23
N ARG H 165 20.35 118.21 53.02
CA ARG H 165 19.01 117.65 52.78
C ARG H 165 19.16 116.16 52.58
N GLU H 166 18.32 115.41 53.29
CA GLU H 166 18.37 113.94 53.27
C GLU H 166 17.34 113.44 52.25
N HIS H 167 17.80 112.57 51.37
CA HIS H 167 16.96 112.02 50.29
C HIS H 167 17.23 110.52 50.23
N LEU H 168 16.15 109.75 50.27
CA LEU H 168 16.25 108.29 50.34
C LEU H 168 15.75 107.66 49.05
N ILE H 169 16.35 106.52 48.76
CA ILE H 169 15.96 105.68 47.61
C ILE H 169 15.62 104.31 48.15
N THR H 170 14.77 103.62 47.43
CA THR H 170 14.40 102.24 47.74
C THR H 170 14.70 101.38 46.54
N LEU H 171 15.18 100.18 46.82
CA LEU H 171 15.56 99.23 45.78
C LEU H 171 14.86 97.92 46.00
N LYS H 172 14.15 97.48 44.96
CA LYS H 172 13.65 96.11 44.84
C LYS H 172 14.60 95.35 43.94
N LEU H 173 14.91 94.12 44.33
CA LEU H 173 15.90 93.29 43.64
C LEU H 173 15.20 92.02 43.14
N LYS H 174 15.53 91.65 41.92
CA LYS H 174 14.98 90.42 41.31
C LYS H 174 15.74 89.22 41.89
N ALA H 175 15.55 88.06 41.29
CA ALA H 175 16.31 86.86 41.67
C ALA H 175 17.82 87.11 41.55
N LYS H 176 18.26 87.75 40.46
CA LYS H 176 19.68 87.97 40.19
C LYS H 176 19.97 89.44 40.28
N TYR H 177 20.92 89.82 41.11
CA TYR H 177 21.22 91.23 41.31
C TYR H 177 22.05 91.78 40.15
N PRO H 178 23.21 91.19 39.80
CA PRO H 178 23.98 91.75 38.69
C PRO H 178 23.36 91.51 37.32
N ALA H 179 22.57 90.45 37.17
CA ALA H 179 22.05 90.06 35.85
C ALA H 179 21.09 91.12 35.32
N GLU H 180 20.02 91.35 36.05
CA GLU H 180 18.98 92.34 35.69
C GLU H 180 19.14 93.56 36.58
N SER H 181 18.48 94.63 36.16
CA SER H 181 18.61 95.92 36.86
C SER H 181 17.62 95.93 38.03
N PRO H 182 18.04 96.31 39.25
CA PRO H 182 17.06 96.47 40.34
C PRO H 182 16.13 97.63 40.05
N ASP H 183 14.90 97.52 40.56
CA ASP H 183 13.91 98.59 40.43
C ASP H 183 14.17 99.61 41.52
N TYR H 184 14.12 100.89 41.15
CA TYR H 184 14.47 102.01 42.04
C TYR H 184 13.25 102.87 42.20
N PHE H 185 13.04 103.35 43.42
CA PHE H 185 11.98 104.32 43.72
C PHE H 185 12.58 105.40 44.60
N VAL H 186 12.53 106.63 44.12
CA VAL H 186 13.23 107.75 44.78
C VAL H 186 12.25 108.90 44.93
N ASP H 187 12.52 109.74 45.92
CA ASP H 187 11.58 110.80 46.34
C ASP H 187 11.39 111.85 45.23
N PHE H 188 12.46 112.28 44.57
CA PHE H 188 12.38 113.46 43.69
C PHE H 188 11.58 113.11 42.43
N PRO H 189 10.92 114.10 41.80
CA PRO H 189 9.83 113.77 40.86
C PRO H 189 10.29 113.26 39.51
N VAL H 190 11.35 113.84 38.96
CA VAL H 190 11.71 113.62 37.54
C VAL H 190 12.01 112.15 37.30
N PRO H 191 11.80 111.61 36.09
CA PRO H 191 11.98 110.17 35.86
C PRO H 191 13.45 109.76 35.86
N PHE H 192 13.98 109.51 37.05
CA PHE H 192 15.40 109.15 37.21
C PHE H 192 15.70 107.87 36.44
N CYS H 193 16.89 107.85 35.85
CA CYS H 193 17.42 106.67 35.15
C CYS H 193 18.90 106.56 35.48
N ALA H 194 19.43 105.36 35.36
CA ALA H 194 20.85 105.10 35.62
C ALA H 194 21.29 103.86 34.85
N SER H 195 22.53 103.88 34.38
CA SER H 195 23.11 102.78 33.60
C SER H 195 23.33 101.59 34.52
N TRP H 196 22.87 100.42 34.10
CA TRP H 196 23.15 99.16 34.81
C TRP H 196 23.80 98.18 33.85
N THR H 197 25.11 98.08 33.93
CA THR H 197 25.84 96.91 33.47
C THR H 197 25.74 95.81 34.53
N PRO H 198 26.19 94.59 34.24
CA PRO H 198 26.53 93.64 35.31
C PRO H 198 27.74 94.12 36.09
N GLN H 199 28.59 94.94 35.46
CA GLN H 199 29.70 95.61 36.16
C GLN H 199 29.15 96.72 37.05
N SER H 200 28.03 97.32 36.66
CA SER H 200 27.38 98.36 37.48
C SER H 200 26.96 97.72 38.79
N SER H 201 27.24 98.41 39.87
CA SER H 201 27.03 97.92 41.23
C SER H 201 26.33 99.01 42.04
N LEU H 202 26.17 98.73 43.33
CA LEU H 202 25.51 99.65 44.27
C LEU H 202 26.17 101.01 44.19
N ILE H 203 27.49 101.03 44.25
CA ILE H 203 28.25 102.30 44.22
C ILE H 203 28.04 103.03 42.88
N SER H 204 27.94 102.29 41.78
CA SER H 204 27.73 102.89 40.45
C SER H 204 26.43 103.67 40.46
N ILE H 205 25.34 102.96 40.75
CA ILE H 205 24.02 103.59 40.74
C ILE H 205 23.97 104.68 41.81
N TYR H 206 24.71 104.53 42.90
CA TYR H 206 24.72 105.54 43.97
C TYR H 206 25.34 106.83 43.46
N SER H 207 26.46 106.71 42.76
CA SER H 207 27.13 107.88 42.13
C SER H 207 26.19 108.55 41.12
N GLN H 208 25.43 107.75 40.37
CA GLN H 208 24.46 108.31 39.41
C GLN H 208 23.36 109.06 40.14
N PHE H 209 22.85 108.47 41.21
CA PHE H 209 21.86 109.15 42.06
C PHE H 209 22.45 110.42 42.66
N LEU H 210 23.72 110.37 43.06
CA LEU H 210 24.38 111.56 43.63
C LEU H 210 24.45 112.70 42.61
N ALA H 211 24.75 112.38 41.36
CA ALA H 211 24.74 113.39 40.29
C ALA H 211 23.32 113.94 40.10
N ALA H 212 22.32 113.06 40.08
CA ALA H 212 20.92 113.46 39.87
C ALA H 212 20.43 114.35 41.01
N ILE H 213 20.97 114.18 42.21
CA ILE H 213 20.62 115.05 43.34
C ILE H 213 20.95 116.49 42.97
N GLU H 214 22.22 116.76 42.71
CA GLU H 214 22.71 118.14 42.49
C GLU H 214 22.25 118.68 41.14
N SER H 215 21.79 117.82 40.24
CA SER H 215 21.16 118.29 38.98
C SER H 215 19.99 119.24 39.29
N LEU H 216 19.22 118.96 40.35
CA LEU H 216 17.98 119.68 40.67
C LEU H 216 18.13 120.57 41.90
N LYS H 217 19.37 120.90 42.28
CA LYS H 217 19.61 121.57 43.58
C LYS H 217 18.87 122.90 43.67
N ALA H 218 18.77 123.62 42.57
CA ALA H 218 18.08 124.92 42.54
C ALA H 218 16.63 124.74 42.92
N PHE H 219 15.94 123.82 42.25
CA PHE H 219 14.52 123.53 42.52
C PHE H 219 14.32 123.18 43.99
N TRP H 220 15.27 122.49 44.61
CA TRP H 220 15.17 122.20 46.05
C TRP H 220 15.32 123.49 46.84
N ASP H 221 16.26 124.34 46.45
CA ASP H 221 16.45 125.63 47.14
C ASP H 221 15.21 126.49 46.96
N VAL H 222 14.63 126.41 45.77
CA VAL H 222 13.36 127.10 45.46
C VAL H 222 12.30 126.68 46.49
N MET H 223 12.04 125.38 46.54
CA MET H 223 10.98 124.86 47.38
C MET H 223 11.34 125.07 48.87
N ASP H 224 12.62 125.07 49.20
CA ASP H 224 13.10 125.37 50.56
C ASP H 224 12.65 126.76 50.98
N GLU H 225 13.00 127.76 50.17
CA GLU H 225 12.61 129.14 50.49
C GLU H 225 11.09 129.27 50.55
N ILE H 226 10.38 128.62 49.62
CA ILE H 226 8.90 128.68 49.59
C ILE H 226 8.36 128.22 50.94
N ASP H 227 8.64 126.97 51.29
CA ASP H 227 8.05 126.39 52.51
C ASP H 227 8.58 127.09 53.76
N GLU H 228 9.78 127.68 53.67
CA GLU H 228 10.40 128.35 54.82
C GLU H 228 9.61 129.61 55.17
N LYS H 229 9.45 130.49 54.20
CA LYS H 229 9.07 131.88 54.50
C LYS H 229 7.56 132.10 54.45
N THR H 230 6.80 131.12 53.97
CA THR H 230 5.47 131.39 53.41
C THR H 230 4.40 130.50 54.03
N TRP H 231 3.15 130.88 53.75
CA TRP H 231 1.98 130.19 54.28
C TRP H 231 1.52 129.13 53.29
N VAL H 232 2.45 128.23 52.99
CA VAL H 232 2.19 127.09 52.11
C VAL H 232 1.00 126.33 52.67
N LEU H 233 0.06 126.02 51.78
CA LEU H 233 -1.31 125.69 52.21
C LEU H 233 -1.55 124.20 52.20
N GLU H 234 -1.51 123.52 51.06
CA GLU H 234 -1.87 122.11 51.01
C GLU H 234 -1.02 121.26 50.06
N PRO H 235 0.30 121.47 49.98
CA PRO H 235 1.19 120.32 50.00
C PRO H 235 1.78 120.15 51.39
N GLU H 236 0.93 120.07 52.41
CA GLU H 236 1.40 120.30 53.78
C GLU H 236 2.32 119.16 54.21
N LYS H 237 3.43 119.54 54.81
CA LYS H 237 4.57 118.64 54.99
C LYS H 237 4.86 118.01 53.63
N PRO H 238 5.42 118.78 52.69
CA PRO H 238 5.46 118.33 51.30
C PRO H 238 6.48 117.21 51.11
N PRO H 239 6.31 116.40 50.06
CA PRO H 239 7.40 115.52 49.62
C PRO H 239 8.39 116.26 48.72
N ARG H 240 9.34 115.51 48.17
CA ARG H 240 10.29 116.06 47.20
C ARG H 240 9.72 116.05 45.79
N SER H 241 8.81 115.11 45.47
CA SER H 241 8.19 115.06 44.13
C SER H 241 7.15 116.15 43.98
N ALA H 242 6.75 116.82 45.06
CA ALA H 242 5.71 117.84 44.99
C ALA H 242 6.19 118.99 44.12
N THR H 243 5.58 119.12 42.95
CA THR H 243 5.94 120.18 41.99
C THR H 243 5.22 121.48 42.35
N ALA H 244 3.94 121.37 42.65
CA ALA H 244 3.07 122.55 42.82
C ALA H 244 3.06 122.99 44.28
N ARG H 245 2.62 124.23 44.48
CA ARG H 245 2.46 124.84 45.80
C ARG H 245 1.19 125.66 45.82
N ARG H 246 0.32 125.38 46.79
CA ARG H 246 -0.84 126.22 47.07
C ARG H 246 -0.46 127.07 48.27
N ILE H 247 -0.54 128.38 48.08
CA ILE H 247 -0.11 129.34 49.10
C ILE H 247 -1.25 130.28 49.41
N ALA H 248 -1.49 130.46 50.69
CA ALA H 248 -2.47 131.44 51.15
C ALA H 248 -1.84 132.81 51.06
N LEU H 249 -2.70 133.80 50.89
CA LEU H 249 -2.28 135.20 50.84
C LEU H 249 -3.46 136.05 51.28
N GLY H 250 -3.16 137.10 52.02
CA GLY H 250 -4.23 137.94 52.56
C GLY H 250 -5.14 137.14 53.43
N ASN H 251 -6.34 136.86 52.93
CA ASN H 251 -7.30 136.06 53.68
C ASN H 251 -8.40 135.56 52.74
N ASN H 252 -8.75 134.30 52.89
CA ASN H 252 -9.86 133.65 52.14
C ASN H 252 -9.60 133.73 50.62
N VAL H 253 -8.32 133.76 50.24
CA VAL H 253 -7.89 133.67 48.83
C VAL H 253 -6.57 132.91 48.83
N SER H 254 -6.32 132.15 47.76
CA SER H 254 -5.11 131.33 47.66
C SER H 254 -4.62 131.25 46.23
N ILE H 255 -3.33 131.48 46.06
CA ILE H 255 -2.68 131.19 44.78
C ILE H 255 -2.33 129.71 44.76
N ASN H 256 -2.30 129.15 43.55
CA ASN H 256 -1.68 127.84 43.30
C ASN H 256 -0.78 127.96 42.09
N ILE H 257 0.38 127.34 42.21
CA ILE H 257 1.55 127.57 41.35
C ILE H 257 2.15 126.22 41.00
N GLU H 258 2.78 126.11 39.83
CA GLU H 258 3.51 124.90 39.42
C GLU H 258 4.77 125.31 38.63
N VAL H 259 5.87 124.60 38.87
CA VAL H 259 7.23 125.00 38.46
C VAL H 259 7.78 123.98 37.48
N ASP H 260 8.77 124.40 36.68
CA ASP H 260 9.65 123.48 35.95
C ASP H 260 11.00 123.44 36.63
N PRO H 261 11.51 122.28 37.10
CA PRO H 261 12.81 122.27 37.77
C PRO H 261 14.03 122.43 36.85
N ARG H 262 13.84 122.27 35.53
CA ARG H 262 14.91 122.60 34.59
C ARG H 262 15.15 124.11 34.58
N HIS H 263 14.10 124.88 34.87
CA HIS H 263 14.18 126.34 34.96
C HIS H 263 13.38 126.78 36.17
N PRO H 264 13.79 126.39 37.39
CA PRO H 264 12.98 126.70 38.57
C PRO H 264 12.81 128.20 38.77
N THR H 265 13.83 128.97 38.44
CA THR H 265 13.79 130.45 38.55
C THR H 265 12.80 131.05 37.56
N MET H 266 12.41 130.29 36.54
CA MET H 266 11.50 130.78 35.51
C MET H 266 10.17 131.20 36.13
N LEU H 267 9.41 131.96 35.37
CA LEU H 267 7.98 132.09 35.65
C LEU H 267 7.38 130.71 35.80
N PRO H 268 6.44 130.53 36.75
CA PRO H 268 5.66 129.30 36.79
C PRO H 268 4.37 129.42 35.99
N GLU H 269 3.56 128.38 36.06
CA GLU H 269 2.13 128.47 35.74
C GLU H 269 1.40 128.65 37.06
N CYS H 270 0.63 129.72 37.16
CA CYS H 270 0.04 130.10 38.44
C CYS H 270 -1.30 130.78 38.21
N PHE H 271 -2.14 130.68 39.23
CA PHE H 271 -3.42 131.39 39.24
C PHE H 271 -3.97 131.36 40.66
N PHE H 272 -5.20 131.84 40.85
CA PHE H 272 -5.78 132.03 42.18
C PHE H 272 -7.18 131.44 42.28
N LEU H 273 -7.58 131.22 43.53
CA LEU H 273 -8.93 130.77 43.89
C LEU H 273 -9.42 131.60 45.06
N GLY H 274 -10.72 131.85 45.08
CA GLY H 274 -11.37 132.64 46.13
C GLY H 274 -12.52 133.46 45.60
N ALA H 275 -12.57 134.75 45.96
CA ALA H 275 -13.68 135.64 45.61
C ALA H 275 -13.35 136.43 44.35
N ASP H 276 -14.32 136.52 43.44
CA ASP H 276 -14.15 137.17 42.12
C ASP H 276 -13.62 138.60 42.24
N HIS H 277 -14.21 139.40 43.11
CA HIS H 277 -13.84 140.82 43.22
C HIS H 277 -12.40 140.99 43.71
N VAL H 278 -11.94 140.13 44.62
CA VAL H 278 -10.55 140.19 45.13
C VAL H 278 -9.59 139.62 44.08
N VAL H 279 -10.10 138.80 43.15
CA VAL H 279 -9.23 138.06 42.22
C VAL H 279 -8.73 139.00 41.12
N LYS H 280 -9.67 139.69 40.48
CA LYS H 280 -9.45 140.55 39.30
C LYS H 280 -8.23 141.46 39.44
N PRO H 281 -8.13 142.30 40.50
CA PRO H 281 -7.14 143.38 40.49
C PRO H 281 -5.72 142.84 40.47
N LEU H 282 -5.48 141.80 41.26
CA LEU H 282 -4.19 141.12 41.28
C LEU H 282 -3.94 140.47 39.93
N GLY H 283 -5.01 139.97 39.29
CA GLY H 283 -4.90 139.45 37.92
C GLY H 283 -4.34 140.49 36.98
N ILE H 284 -4.82 141.72 37.09
CA ILE H 284 -4.38 142.77 36.15
C ILE H 284 -3.01 143.28 36.56
N LYS H 285 -2.73 143.37 37.87
CA LYS H 285 -1.37 143.65 38.35
C LYS H 285 -0.39 142.71 37.68
N LEU H 286 -0.72 141.42 37.68
CA LEU H 286 0.14 140.41 37.06
C LEU H 286 0.22 140.65 35.56
N SER H 287 -0.93 140.82 34.92
CA SER H 287 -1.04 141.06 33.47
C SER H 287 -0.12 142.20 33.05
N ARG H 288 0.09 143.19 33.92
CA ARG H 288 0.82 144.42 33.60
C ARG H 288 2.28 144.39 34.05
N ASN H 289 2.61 143.60 35.08
CA ASN H 289 3.98 143.52 35.60
C ASN H 289 4.67 142.23 35.19
N ILE H 290 4.03 141.40 34.37
CA ILE H 290 4.59 140.08 34.00
C ILE H 290 5.92 140.24 33.26
N HIS H 291 6.01 141.24 32.39
CA HIS H 291 7.27 141.49 31.64
C HIS H 291 8.42 141.89 32.57
N LEU H 292 8.12 142.20 33.82
CA LEU H 292 9.12 142.54 34.84
C LEU H 292 9.74 141.30 35.47
N TRP H 293 9.49 140.11 34.94
CA TRP H 293 10.03 138.89 35.55
C TRP H 293 11.54 138.90 35.43
N ASP H 294 12.19 138.57 36.54
CA ASP H 294 13.65 138.50 36.61
C ASP H 294 14.02 137.13 37.17
N PRO H 295 14.36 136.15 36.33
CA PRO H 295 14.79 134.85 36.87
C PRO H 295 16.26 134.89 37.33
N GLU H 296 16.61 135.86 38.18
CA GLU H 296 17.97 136.03 38.73
C GLU H 296 17.95 136.20 40.25
N ASN H 297 16.98 136.94 40.78
CA ASN H 297 16.80 137.07 42.24
C ASN H 297 15.89 135.97 42.70
N SER H 298 15.41 136.07 43.93
CA SER H 298 14.43 135.11 44.44
C SER H 298 13.15 135.19 43.60
N VAL H 299 12.48 134.05 43.42
CA VAL H 299 11.14 134.06 42.78
C VAL H 299 10.20 134.90 43.65
N LEU H 300 10.35 134.85 44.97
CA LEU H 300 9.58 135.73 45.85
C LEU H 300 9.89 137.19 45.54
N GLN H 301 11.15 137.49 45.32
CA GLN H 301 11.56 138.86 44.95
C GLN H 301 10.84 139.27 43.67
N ASN H 302 10.77 138.36 42.71
CA ASN H 302 10.01 138.62 41.47
C ASN H 302 8.52 138.80 41.78
N LEU H 303 7.99 137.98 42.67
CA LEU H 303 6.52 137.92 42.88
C LEU H 303 6.04 139.16 43.60
N LYS H 304 6.74 139.54 44.67
CA LYS H 304 6.32 140.67 45.52
C LYS H 304 6.19 141.93 44.68
N ASP H 305 7.09 142.12 43.73
CA ASP H 305 7.12 143.38 42.95
C ASP H 305 6.38 143.24 41.61
N VAL H 306 6.10 142.02 41.15
CA VAL H 306 5.22 141.87 39.97
C VAL H 306 3.76 142.02 40.40
N LEU H 307 3.35 141.27 41.41
CA LEU H 307 2.00 141.47 41.98
C LEU H 307 1.99 142.61 42.97
N GLU H 308 3.14 143.21 43.25
CA GLU H 308 3.18 144.52 43.91
C GLU H 308 2.65 144.41 45.33
N ILE H 309 3.04 143.34 46.05
CA ILE H 309 2.49 143.06 47.38
C ILE H 309 3.52 142.36 48.25
N ASP H 310 3.26 142.37 49.55
CA ASP H 310 3.93 141.51 50.53
C ASP H 310 2.88 140.58 51.13
N PHE H 311 3.33 139.50 51.76
CA PHE H 311 2.51 138.30 51.95
C PHE H 311 2.37 137.95 53.43
N PRO H 312 1.36 137.15 53.80
CA PRO H 312 1.24 136.70 55.19
C PRO H 312 2.19 135.55 55.49
N ALA H 313 3.12 135.76 56.43
CA ALA H 313 4.03 134.70 56.91
C ALA H 313 3.34 133.91 58.01
N ARG H 314 2.51 132.94 57.60
CA ARG H 314 1.67 132.13 58.50
C ARG H 314 0.74 133.05 59.31
N ALA H 315 -0.19 133.71 58.60
CA ALA H 315 -1.09 134.70 59.23
C ALA H 315 -1.90 134.06 60.35
N ILE H 316 -2.36 132.83 60.12
CA ILE H 316 -2.77 131.91 61.19
C ILE H 316 -2.15 130.55 60.84
N LEU H 317 -1.01 130.24 61.43
CA LEU H 317 -0.38 128.92 61.25
C LEU H 317 -1.32 127.80 61.66
N GLU H 318 -2.23 128.05 62.60
CA GLU H 318 -3.06 126.98 63.15
C GLU H 318 -4.25 126.65 62.26
N LYS H 319 -5.16 127.61 62.07
CA LYS H 319 -6.39 127.37 61.33
C LYS H 319 -6.21 127.84 59.90
N SER H 320 -5.37 127.12 59.15
CA SER H 320 -5.13 127.47 57.75
C SER H 320 -6.40 127.24 56.93
N ASP H 321 -6.85 126.00 56.85
CA ASP H 321 -8.15 125.67 56.24
C ASP H 321 -8.56 124.26 56.67
N PHE H 322 -9.49 124.17 57.60
CA PHE H 322 -10.17 122.90 57.83
C PHE H 322 -11.17 122.71 56.70
N THR H 323 -10.72 122.09 55.61
CA THR H 323 -11.44 122.12 54.33
C THR H 323 -12.83 121.49 54.49
N MET H 324 -13.81 122.10 53.82
CA MET H 324 -15.23 121.77 53.96
C MET H 324 -15.78 121.25 52.62
N ASP H 325 -14.91 120.74 51.77
CA ASP H 325 -15.32 120.24 50.45
C ASP H 325 -15.95 118.85 50.62
N CYS H 326 -16.61 118.39 49.56
CA CYS H 326 -17.35 117.11 49.55
C CYS H 326 -16.46 115.96 50.00
N GLY H 327 -15.25 115.87 49.44
CA GLY H 327 -14.42 114.67 49.57
C GLY H 327 -14.73 113.62 48.51
N ILE H 328 -15.90 113.68 47.88
CA ILE H 328 -16.25 112.80 46.74
C ILE H 328 -16.02 113.61 45.47
N CYS H 329 -16.77 114.70 45.33
CA CYS H 329 -16.65 115.65 44.22
C CYS H 329 -15.77 116.85 44.56
N TYR H 330 -15.25 116.91 45.79
CA TYR H 330 -14.34 117.99 46.24
C TYR H 330 -14.97 119.37 46.03
N ALA H 331 -16.28 119.46 46.22
CA ALA H 331 -17.06 120.67 45.94
C ALA H 331 -17.79 121.13 47.20
N TYR H 332 -18.17 122.40 47.18
CA TYR H 332 -19.10 122.97 48.15
C TYR H 332 -20.36 123.38 47.41
N GLN H 333 -21.48 123.45 48.14
CA GLN H 333 -22.77 123.87 47.57
C GLN H 333 -23.18 122.94 46.43
N LEU H 334 -23.43 121.67 46.75
CA LEU H 334 -23.89 120.68 45.76
C LEU H 334 -25.42 120.81 45.64
N ASP H 335 -25.90 121.49 44.59
CA ASP H 335 -27.34 121.76 44.40
C ASP H 335 -27.93 122.50 45.61
N GLY H 336 -27.14 123.40 46.22
CA GLY H 336 -27.51 124.07 47.46
C GLY H 336 -27.08 123.29 48.70
N THR H 337 -26.89 121.97 48.58
CA THR H 337 -26.55 121.12 49.74
C THR H 337 -25.13 121.39 50.21
N ILE H 338 -24.94 121.28 51.52
CA ILE H 338 -23.63 121.40 52.19
C ILE H 338 -23.15 119.99 52.45
N PRO H 339 -21.83 119.68 52.40
CA PRO H 339 -21.41 118.35 52.81
C PRO H 339 -21.52 118.24 54.34
N ASP H 340 -22.76 117.98 54.78
CA ASP H 340 -23.11 117.95 56.22
C ASP H 340 -22.68 116.62 56.85
N GLN H 341 -22.95 115.56 56.21
CA GLN H 341 -22.66 114.16 56.63
C GLN H 341 -21.16 114.03 56.84
N VAL H 342 -20.77 113.58 58.02
CA VAL H 342 -19.35 113.50 58.45
C VAL H 342 -19.06 112.07 58.88
N CYS H 343 -17.80 111.85 59.24
CA CYS H 343 -17.29 110.58 59.79
C CYS H 343 -17.38 110.64 61.33
N ASP H 344 -17.81 109.55 61.95
CA ASP H 344 -17.78 109.35 63.42
C ASP H 344 -16.37 108.87 63.83
N ASN H 345 -15.37 109.70 63.56
CA ASN H 345 -13.95 109.32 63.70
C ASN H 345 -13.15 110.61 63.96
N SER H 346 -12.22 110.51 64.90
CA SER H 346 -11.33 111.63 65.28
C SER H 346 -10.28 111.89 64.16
N GLN H 347 -9.89 110.84 63.41
CA GLN H 347 -8.71 110.84 62.51
C GLN H 347 -9.11 111.28 61.08
N CYS H 348 -10.39 111.12 60.70
CA CYS H 348 -10.91 111.49 59.37
C CYS H 348 -11.64 112.84 59.51
N GLY H 349 -12.79 112.84 60.19
CA GLY H 349 -13.65 114.02 60.37
C GLY H 349 -14.08 114.63 59.05
N GLN H 350 -14.18 113.89 58.12
CA GLN H 350 -14.25 114.50 56.80
C GLN H 350 -15.72 114.75 56.49
N PRO H 351 -16.13 115.97 56.10
CA PRO H 351 -17.51 116.16 55.64
C PRO H 351 -17.76 115.46 54.30
N PHE H 352 -19.03 115.18 54.05
CA PHE H 352 -19.47 114.50 52.82
C PHE H 352 -20.87 114.94 52.47
N HIS H 353 -21.16 114.87 51.18
CA HIS H 353 -22.49 115.16 50.67
C HIS H 353 -23.37 113.93 50.81
N GLN H 354 -24.64 114.21 51.05
CA GLN H 354 -25.68 113.17 51.14
C GLN H 354 -25.63 112.27 49.91
N ILE H 355 -25.78 112.86 48.72
CA ILE H 355 -26.04 112.08 47.49
C ILE H 355 -24.74 111.40 47.05
N CYS H 356 -23.63 112.12 47.16
CA CYS H 356 -22.32 111.55 46.78
C CYS H 356 -22.03 110.32 47.64
N LEU H 357 -22.14 110.47 48.96
CA LEU H 357 -21.86 109.34 49.86
C LEU H 357 -22.90 108.22 49.65
N TYR H 358 -24.14 108.57 49.30
CA TYR H 358 -25.14 107.55 48.96
C TYR H 358 -24.63 106.71 47.80
N GLU H 359 -24.49 107.34 46.63
CA GLU H 359 -24.15 106.63 45.38
C GLU H 359 -22.82 105.89 45.53
N TRP H 360 -21.96 106.36 46.42
CA TRP H 360 -20.77 105.59 46.82
C TRP H 360 -21.18 104.27 47.47
N LEU H 361 -21.83 104.37 48.64
CA LEU H 361 -22.06 103.18 49.50
C LEU H 361 -23.08 102.24 48.85
N ARG H 362 -23.94 102.76 47.98
CA ARG H 362 -24.88 101.90 47.25
C ARG H 362 -24.10 100.92 46.38
N GLY H 363 -23.25 101.43 45.49
CA GLY H 363 -22.43 100.59 44.63
C GLY H 363 -21.48 99.72 45.41
N LEU H 364 -21.05 100.16 46.58
CA LEU H 364 -20.25 99.29 47.44
C LEU H 364 -21.01 97.99 47.73
N LEU H 365 -20.31 96.87 47.63
CA LEU H 365 -20.89 95.54 47.87
C LEU H 365 -21.15 95.32 49.37
N THR H 366 -20.29 95.89 50.24
CA THR H 366 -20.36 95.63 51.70
C THR H 366 -21.61 96.24 52.32
N SER H 367 -22.20 97.23 51.65
CA SER H 367 -23.31 97.98 52.23
C SER H 367 -24.55 97.10 52.39
N ARG H 368 -25.45 97.57 53.24
CA ARG H 368 -26.75 96.91 53.51
C ARG H 368 -27.79 97.98 53.79
N GLN H 369 -28.99 97.78 53.28
CA GLN H 369 -30.08 98.78 53.41
C GLN H 369 -31.03 98.37 54.54
N SER H 370 -31.31 99.33 55.42
CA SER H 370 -32.43 99.26 56.36
C SER H 370 -33.67 99.83 55.64
N PHE H 371 -34.70 100.19 56.41
CA PHE H 371 -35.92 100.79 55.84
C PHE H 371 -35.58 102.05 55.03
N ASN H 372 -34.86 102.99 55.65
CA ASN H 372 -34.42 104.24 55.00
C ASN H 372 -32.95 104.56 55.31
N ILE H 373 -32.39 103.99 56.38
CA ILE H 373 -31.03 104.30 56.84
C ILE H 373 -30.09 103.23 56.29
N ILE H 374 -28.86 103.62 55.97
CA ILE H 374 -27.85 102.73 55.36
C ILE H 374 -26.53 102.91 56.13
N PHE H 375 -25.75 101.84 56.21
CA PHE H 375 -24.44 101.84 56.89
C PHE H 375 -23.40 101.28 55.95
N GLY H 376 -22.20 101.82 56.07
CA GLY H 376 -21.11 101.39 55.19
C GLY H 376 -19.84 102.15 55.46
N GLU H 377 -18.78 101.86 54.82
CA GLU H 377 -17.43 102.30 55.23
C GLU H 377 -17.20 103.72 54.72
N CYS H 378 -16.62 104.58 55.57
CA CYS H 378 -16.14 105.91 55.13
C CYS H 378 -15.13 105.67 54.03
N PRO H 379 -15.27 106.36 52.87
CA PRO H 379 -14.30 106.24 51.80
C PRO H 379 -12.84 106.36 52.25
N TYR H 380 -12.51 107.34 53.09
CA TYR H 380 -11.11 107.71 53.36
C TYR H 380 -10.48 106.74 54.38
N CYS H 381 -11.21 106.41 55.46
CA CYS H 381 -10.65 105.70 56.64
C CYS H 381 -11.24 104.28 56.82
N SER H 382 -12.31 103.92 56.08
CA SER H 382 -12.96 102.59 56.13
C SER H 382 -13.41 102.25 57.57
N LYS H 383 -14.20 103.17 58.15
CA LYS H 383 -14.86 103.00 59.47
C LYS H 383 -16.37 103.08 59.27
N PRO H 384 -17.17 102.46 60.17
CA PRO H 384 -18.63 102.48 60.01
C PRO H 384 -19.17 103.92 59.99
N ILE H 385 -19.88 104.24 58.92
CA ILE H 385 -20.55 105.56 58.73
C ILE H 385 -22.00 105.28 58.35
N THR H 386 -22.89 106.09 58.90
CA THR H 386 -24.34 105.93 58.75
C THR H 386 -24.90 107.13 57.99
N LEU H 387 -25.77 106.82 57.02
CA LEU H 387 -26.48 107.82 56.21
C LEU H 387 -27.98 107.60 56.33
N LYS H 388 -28.70 108.61 56.85
CA LYS H 388 -30.18 108.62 56.96
C LYS H 388 -30.74 109.59 55.92
N MET H 389 -31.41 109.06 54.91
CA MET H 389 -32.07 109.88 53.86
C MET H 389 -33.25 110.62 54.50
N MET I 20 41.67 15.46 -31.32
CA MET I 20 41.08 16.81 -31.59
C MET I 20 41.47 17.32 -32.98
N ALA I 21 40.98 18.50 -33.36
CA ALA I 21 41.49 19.22 -34.55
C ALA I 21 42.87 19.79 -34.25
N VAL I 22 43.12 20.21 -33.01
CA VAL I 22 44.44 20.74 -32.58
C VAL I 22 45.28 19.59 -32.01
N THR I 23 46.60 19.67 -32.19
CA THR I 23 47.54 18.55 -31.89
C THR I 23 48.15 18.68 -30.49
N GLU I 24 47.65 19.58 -29.65
CA GLU I 24 47.89 19.52 -28.19
C GLU I 24 46.92 18.53 -27.54
N ALA I 25 45.91 18.08 -28.28
CA ALA I 25 44.98 17.04 -27.80
C ALA I 25 44.88 15.87 -28.79
N SER I 26 44.93 16.13 -30.10
CA SER I 26 44.85 15.03 -31.08
C SER I 26 46.11 14.16 -31.01
N LEU I 27 47.26 14.79 -30.82
CA LEU I 27 48.51 14.03 -30.60
C LEU I 27 48.33 13.08 -29.42
N LEU I 28 47.65 13.51 -28.36
CA LEU I 28 47.38 12.61 -27.23
C LEU I 28 46.36 11.54 -27.65
N ARG I 29 45.26 11.93 -28.28
CA ARG I 29 44.17 10.99 -28.60
C ARG I 29 44.66 9.86 -29.50
N GLN I 30 45.63 10.13 -30.36
CA GLN I 30 46.07 9.16 -31.38
C GLN I 30 47.43 8.54 -31.08
N CYS I 31 48.32 9.26 -30.41
CA CYS I 31 49.58 8.71 -29.86
C CYS I 31 49.70 9.20 -28.42
N PRO I 32 48.85 8.68 -27.52
CA PRO I 32 48.96 9.08 -26.12
C PRO I 32 50.32 8.68 -25.57
N LEU I 33 50.89 7.62 -26.16
CA LEU I 33 52.20 7.08 -25.77
C LEU I 33 53.33 7.96 -26.32
N LEU I 34 53.05 8.94 -27.17
CA LEU I 34 54.12 9.65 -27.89
C LEU I 34 54.08 11.10 -27.47
N LEU I 35 55.14 11.53 -26.80
CA LEU I 35 55.10 12.76 -25.99
C LEU I 35 56.43 13.50 -26.08
N PRO I 36 56.46 14.82 -25.82
CA PRO I 36 57.70 15.59 -25.97
C PRO I 36 58.58 15.62 -24.73
N GLN I 37 59.89 15.60 -24.97
CA GLN I 37 60.91 15.87 -23.94
C GLN I 37 61.31 17.35 -23.95
N ASN I 38 61.70 17.85 -25.12
CA ASN I 38 62.33 19.17 -25.23
C ASN I 38 61.31 20.27 -24.93
N ARG I 39 61.84 21.35 -24.40
CA ARG I 39 61.09 22.58 -24.10
C ARG I 39 60.29 23.02 -25.32
N SER I 40 60.98 23.35 -26.40
CA SER I 40 60.35 23.43 -27.72
C SER I 40 59.83 22.03 -28.03
N LYS I 41 58.61 21.93 -28.52
CA LYS I 41 58.04 20.62 -28.89
C LYS I 41 58.71 20.15 -30.18
N THR I 42 59.98 19.79 -30.07
CA THR I 42 60.82 19.38 -31.20
C THR I 42 61.37 17.98 -30.98
N VAL I 43 61.69 17.63 -29.74
CA VAL I 43 62.11 16.26 -29.39
C VAL I 43 60.89 15.55 -28.86
N TYR I 44 60.31 14.66 -29.64
CA TYR I 44 59.28 13.74 -29.17
C TYR I 44 59.95 12.39 -28.97
N GLU I 45 59.50 11.69 -27.94
CA GLU I 45 59.88 10.29 -27.72
C GLU I 45 58.61 9.54 -27.38
N GLY I 46 58.81 8.31 -26.99
CA GLY I 46 57.75 7.51 -26.39
C GLY I 46 57.54 6.23 -27.14
N PHE I 47 56.29 5.89 -27.33
CA PHE I 47 55.91 4.61 -27.91
C PHE I 47 54.85 4.84 -28.94
N ILE I 48 54.56 3.76 -29.61
CA ILE I 48 53.47 3.72 -30.58
C ILE I 48 52.78 2.39 -30.41
N SER I 49 51.46 2.42 -30.36
CA SER I 49 50.66 1.22 -30.13
C SER I 49 50.38 0.54 -31.45
N ALA I 50 50.38 -0.78 -31.43
CA ALA I 50 50.03 -1.56 -32.62
C ALA I 50 49.62 -2.98 -32.21
N GLN I 51 48.33 -3.32 -32.35
CA GLN I 51 47.80 -4.65 -31.96
C GLN I 51 48.19 -4.91 -30.50
N GLY I 52 48.05 -3.89 -29.67
CA GLY I 52 48.38 -3.99 -28.25
C GLY I 52 49.85 -4.23 -28.04
N ARG I 53 50.69 -3.65 -28.88
CA ARG I 53 52.13 -3.76 -28.73
C ARG I 53 52.68 -2.35 -28.84
N ASP I 54 53.37 -1.96 -27.79
CA ASP I 54 53.94 -0.61 -27.65
C ASP I 54 55.39 -0.68 -28.09
N PHE I 55 55.69 -0.07 -29.24
CA PHE I 55 57.04 -0.10 -29.82
C PHE I 55 57.73 1.21 -29.51
N HIS I 56 58.97 1.10 -29.03
CA HIS I 56 59.82 2.26 -28.69
C HIS I 56 59.94 3.20 -29.88
N LEU I 57 60.10 4.49 -29.63
CA LEU I 57 60.24 5.49 -30.70
C LEU I 57 60.85 6.78 -30.17
N ARG I 58 61.78 7.35 -30.93
CA ARG I 58 62.41 8.65 -30.66
C ARG I 58 62.39 9.39 -31.99
N ILE I 59 61.92 10.63 -31.97
CA ILE I 59 61.68 11.39 -33.22
C ILE I 59 62.02 12.85 -32.95
N VAL I 60 62.95 13.40 -33.73
CA VAL I 60 63.51 14.73 -33.51
C VAL I 60 63.25 15.56 -34.77
N LEU I 61 62.42 16.58 -34.63
CA LEU I 61 62.07 17.45 -35.76
C LEU I 61 63.14 18.52 -35.91
N PRO I 62 63.09 19.27 -37.01
CA PRO I 62 63.95 20.46 -37.11
C PRO I 62 63.40 21.54 -36.17
N GLU I 63 64.04 22.70 -36.17
CA GLU I 63 63.54 23.84 -35.37
C GLU I 63 62.11 24.17 -35.81
N ASP I 64 61.87 24.15 -37.13
CA ASP I 64 60.52 24.34 -37.67
C ASP I 64 59.85 22.98 -37.79
N LEU I 65 58.54 23.01 -37.96
CA LEU I 65 57.72 21.79 -37.91
C LEU I 65 57.54 21.27 -39.33
N GLN I 66 58.67 21.13 -40.01
CA GLN I 66 58.72 20.60 -41.38
C GLN I 66 59.21 19.16 -41.29
N LEU I 67 58.50 18.27 -41.95
CA LEU I 67 58.82 16.84 -41.96
C LEU I 67 59.74 16.49 -43.13
N LYS I 68 60.06 17.45 -43.99
CA LYS I 68 61.00 17.19 -45.10
C LYS I 68 62.37 16.82 -44.54
N ASN I 69 62.65 17.27 -43.32
CA ASN I 69 63.67 16.68 -42.43
C ASN I 69 62.94 16.33 -41.13
N ALA I 70 63.10 15.10 -40.68
CA ALA I 70 62.56 14.65 -39.39
C ALA I 70 63.33 13.42 -38.94
N ARG I 71 64.39 13.61 -38.14
CA ARG I 71 65.19 12.48 -37.66
C ARG I 71 64.27 11.52 -36.90
N LEU I 72 64.51 10.23 -37.08
CA LEU I 72 63.54 9.21 -36.63
C LEU I 72 64.25 7.89 -36.39
N LEU I 73 64.57 7.60 -35.13
CA LEU I 73 65.15 6.29 -34.79
C LEU I 73 64.11 5.50 -34.00
N CYS I 74 64.39 4.21 -33.86
CA CYS I 74 63.38 3.24 -33.40
C CYS I 74 64.06 2.19 -32.56
N SER I 75 63.34 1.09 -32.36
CA SER I 75 63.95 -0.15 -31.92
C SER I 75 64.50 -0.89 -33.12
N TRP I 76 65.48 -1.73 -32.86
CA TRP I 76 65.95 -2.66 -33.89
C TRP I 76 64.85 -3.67 -34.20
N GLN I 77 64.04 -3.98 -33.18
CA GLN I 77 62.74 -4.64 -33.41
C GLN I 77 61.98 -3.97 -34.53
N LEU I 78 61.75 -2.68 -34.40
CA LEU I 78 60.90 -1.97 -35.34
C LEU I 78 61.56 -1.90 -36.71
N ARG I 79 62.88 -1.73 -36.75
CA ARG I 79 63.57 -1.61 -38.05
C ARG I 79 63.58 -2.95 -38.79
N THR I 80 63.63 -4.06 -38.05
CA THR I 80 63.46 -5.38 -38.65
C THR I 80 62.04 -5.52 -39.21
N ILE I 81 61.05 -5.05 -38.46
CA ILE I 81 59.64 -5.19 -38.87
C ILE I 81 59.36 -4.29 -40.07
N LEU I 82 60.12 -3.20 -40.24
CA LEU I 82 59.90 -2.24 -41.35
C LEU I 82 60.91 -2.42 -42.48
N SER I 83 61.80 -3.39 -42.37
CA SER I 83 62.54 -3.87 -43.54
C SER I 83 61.52 -4.25 -44.62
N GLY I 84 61.49 -3.46 -45.68
CA GLY I 84 60.49 -3.59 -46.75
C GLY I 84 59.76 -2.30 -47.02
N TYR I 85 59.90 -1.28 -46.17
CA TYR I 85 59.11 -0.05 -46.28
C TYR I 85 59.91 1.21 -45.95
N HIS I 86 61.23 1.12 -45.79
CA HIS I 86 62.05 2.29 -45.42
C HIS I 86 62.00 3.31 -46.55
N ARG I 87 61.87 2.86 -47.79
CA ARG I 87 61.62 3.77 -48.91
C ARG I 87 60.26 4.45 -48.75
N ILE I 88 59.25 3.72 -48.30
CA ILE I 88 57.92 4.33 -48.06
C ILE I 88 58.04 5.36 -46.94
N VAL I 89 58.89 5.09 -45.96
CA VAL I 89 59.16 6.05 -44.86
C VAL I 89 59.79 7.31 -45.45
N GLN I 90 60.82 7.15 -46.28
CA GLN I 90 61.51 8.29 -46.91
C GLN I 90 60.48 9.10 -47.69
N GLN I 91 59.59 8.42 -48.42
CA GLN I 91 58.52 9.09 -49.19
C GLN I 91 57.64 9.90 -48.25
N ARG I 92 57.08 9.24 -47.24
CA ARG I 92 55.97 9.81 -46.47
C ARG I 92 56.46 10.91 -45.52
N MET I 93 57.67 10.78 -44.97
CA MET I 93 58.26 11.84 -44.12
C MET I 93 58.27 13.18 -44.88
N GLN I 94 58.58 13.12 -46.18
CA GLN I 94 58.74 14.33 -47.01
C GLN I 94 57.42 14.76 -47.65
N HIS I 95 56.51 13.82 -47.92
CA HIS I 95 55.23 14.12 -48.59
C HIS I 95 54.12 14.50 -47.63
N SER I 96 54.25 14.17 -46.34
CA SER I 96 53.16 14.37 -45.38
C SER I 96 52.92 15.86 -45.12
N PRO I 97 51.65 16.30 -44.99
CA PRO I 97 51.40 17.69 -44.59
C PRO I 97 51.68 17.91 -43.11
N ASP I 98 51.24 16.97 -42.29
CA ASP I 98 51.32 17.10 -40.83
C ASP I 98 51.77 15.80 -40.18
N LEU I 99 52.41 15.96 -39.04
CA LEU I 99 52.85 14.83 -38.19
C LEU I 99 51.67 13.97 -37.79
N MET I 100 50.51 14.58 -37.58
CA MET I 100 49.30 13.85 -37.23
C MET I 100 48.97 12.77 -38.26
N SER I 101 48.68 13.19 -39.49
CA SER I 101 48.33 12.25 -40.58
C SER I 101 49.50 11.31 -40.84
N PHE I 102 50.73 11.82 -40.72
CA PHE I 102 51.95 11.02 -40.90
C PHE I 102 51.89 9.78 -40.00
N MET I 103 51.70 10.01 -38.70
CA MET I 103 51.68 8.92 -37.71
C MET I 103 50.43 8.05 -37.89
N MET I 104 49.31 8.62 -38.29
CA MET I 104 48.10 7.82 -38.56
C MET I 104 48.38 6.79 -39.65
N GLU I 105 48.94 7.27 -40.74
CA GLU I 105 49.28 6.39 -41.88
C GLU I 105 50.33 5.40 -41.42
N LEU I 106 51.25 5.82 -40.57
CA LEU I 106 52.29 4.93 -40.03
C LEU I 106 51.67 3.76 -39.28
N LYS I 107 50.69 4.03 -38.45
CA LYS I 107 50.09 2.96 -37.66
C LYS I 107 49.28 2.03 -38.55
N MET I 108 48.55 2.59 -39.49
CA MET I 108 47.85 1.78 -40.49
C MET I 108 48.86 0.85 -41.20
N LEU I 109 50.01 1.40 -41.58
CA LEU I 109 51.09 0.64 -42.23
C LEU I 109 51.56 -0.50 -41.33
N LEU I 110 51.85 -0.19 -40.06
CA LEU I 110 52.33 -1.20 -39.10
C LEU I 110 51.34 -2.35 -39.00
N GLU I 111 50.07 -2.02 -38.94
CA GLU I 111 49.02 -3.06 -38.83
C GLU I 111 49.04 -3.96 -40.06
N VAL I 112 49.14 -3.38 -41.25
CA VAL I 112 49.14 -4.21 -42.48
C VAL I 112 50.40 -5.08 -42.51
N ALA I 113 51.53 -4.54 -42.03
CA ALA I 113 52.80 -5.29 -41.99
C ALA I 113 52.64 -6.56 -41.14
N LEU I 114 52.16 -6.38 -39.91
CA LEU I 114 51.98 -7.54 -39.02
C LEU I 114 50.86 -8.45 -39.52
N LYS I 115 49.83 -7.90 -40.15
CA LYS I 115 48.75 -8.68 -40.77
C LYS I 115 49.30 -9.67 -41.79
N ASN I 116 50.23 -9.20 -42.61
CA ASN I 116 50.89 -10.10 -43.57
C ASN I 116 51.82 -11.05 -42.84
N ARG I 117 52.54 -10.56 -41.83
CA ARG I 117 53.46 -11.38 -41.00
C ARG I 117 52.76 -11.91 -39.76
N GLN I 118 51.56 -12.45 -39.96
CA GLN I 118 50.73 -12.99 -38.86
C GLN I 118 51.13 -14.41 -38.47
N GLU I 119 52.18 -14.99 -39.06
CA GLU I 119 52.65 -16.35 -38.68
C GLU I 119 53.45 -16.34 -37.36
N LEU I 120 53.65 -15.15 -36.75
CA LEU I 120 54.58 -14.95 -35.62
C LEU I 120 53.84 -14.84 -34.28
N TYR I 121 52.60 -15.35 -34.17
CA TYR I 121 51.62 -14.91 -33.16
C TYR I 121 50.90 -16.10 -32.53
N ALA I 122 51.22 -16.37 -31.26
CA ALA I 122 50.42 -17.21 -30.34
C ALA I 122 51.07 -17.18 -28.96
N LEU I 123 50.23 -17.16 -27.90
CA LEU I 123 50.61 -17.36 -26.47
C LEU I 123 49.34 -17.64 -25.66
N PRO I 124 49.20 -18.75 -24.92
CA PRO I 124 47.92 -19.06 -24.26
C PRO I 124 47.90 -18.55 -22.83
N PRO I 125 46.70 -18.31 -22.25
CA PRO I 125 46.61 -18.09 -20.81
C PRO I 125 46.35 -19.43 -20.12
N PRO I 126 47.22 -19.89 -19.21
CA PRO I 126 47.10 -21.25 -18.68
C PRO I 126 45.80 -21.54 -17.93
N PRO I 127 45.44 -20.75 -16.88
CA PRO I 127 44.37 -21.20 -15.97
C PRO I 127 42.99 -21.23 -16.63
N GLN I 128 42.76 -20.41 -17.65
CA GLN I 128 41.61 -20.59 -18.54
C GLN I 128 41.76 -21.90 -19.32
N PHE I 129 42.93 -22.08 -19.91
CA PHE I 129 43.16 -23.02 -21.03
C PHE I 129 43.57 -24.39 -20.49
N TYR I 130 44.77 -24.46 -19.91
CA TYR I 130 45.40 -25.73 -19.50
C TYR I 130 44.67 -26.34 -18.30
N SER I 131 43.78 -25.59 -17.64
CA SER I 131 42.93 -26.16 -16.58
C SER I 131 41.70 -26.82 -17.23
N SER I 132 40.87 -26.03 -17.91
CA SER I 132 39.55 -26.48 -18.39
C SER I 132 39.66 -27.54 -19.46
N LEU I 133 40.76 -27.54 -20.21
CA LEU I 133 40.84 -28.38 -21.41
C LEU I 133 40.88 -29.86 -21.04
N ILE I 134 41.54 -30.22 -19.92
CA ILE I 134 41.64 -31.65 -19.52
C ILE I 134 40.35 -32.09 -18.83
N GLU I 135 39.67 -31.16 -18.15
CA GLU I 135 38.31 -31.43 -17.65
C GLU I 135 37.38 -31.78 -18.81
N GLU I 136 37.49 -31.03 -19.91
CA GLU I 136 36.68 -31.29 -21.11
C GLU I 136 37.12 -32.60 -21.79
N ILE I 137 38.41 -32.98 -21.68
CA ILE I 137 38.90 -34.28 -22.19
C ILE I 137 38.31 -35.43 -21.38
N GLY I 138 38.35 -35.33 -20.06
CA GLY I 138 37.68 -36.30 -19.19
C GLY I 138 36.18 -36.35 -19.44
N THR I 139 35.57 -35.20 -19.80
CA THR I 139 34.16 -35.12 -20.22
C THR I 139 33.93 -35.96 -21.49
N LEU I 140 34.76 -35.78 -22.51
CA LEU I 140 34.62 -36.54 -23.77
C LEU I 140 34.89 -38.03 -23.56
N GLY I 141 36.00 -38.33 -22.89
CA GLY I 141 36.54 -39.68 -22.78
C GLY I 141 37.98 -39.67 -23.24
N TRP I 142 38.86 -40.21 -22.40
CA TRP I 142 40.30 -40.33 -22.71
C TRP I 142 40.55 -41.32 -23.84
N ASP I 143 39.60 -42.20 -24.14
CA ASP I 143 39.75 -43.24 -25.19
C ASP I 143 39.27 -42.74 -26.56
N LYS I 144 38.46 -41.68 -26.61
CA LYS I 144 38.25 -40.92 -27.86
C LYS I 144 39.54 -40.18 -28.23
N LEU I 145 40.36 -39.86 -27.23
CA LEU I 145 41.64 -39.14 -27.40
C LEU I 145 42.61 -40.00 -28.20
N VAL I 146 42.88 -39.58 -29.44
CA VAL I 146 43.77 -40.29 -30.37
C VAL I 146 45.12 -39.57 -30.45
N TYR I 147 45.16 -38.25 -30.28
CA TYR I 147 46.40 -37.47 -30.42
C TYR I 147 46.21 -36.06 -29.86
N ALA I 148 47.26 -35.54 -29.24
CA ALA I 148 47.42 -34.12 -28.91
C ALA I 148 48.79 -33.65 -29.37
N ASP I 149 48.91 -32.35 -29.62
CA ASP I 149 50.12 -31.76 -30.19
C ASP I 149 51.03 -31.30 -29.06
N THR I 150 52.34 -31.30 -29.34
CA THR I 150 53.37 -30.76 -28.42
C THR I 150 53.13 -29.27 -28.15
N CYS I 151 52.48 -28.55 -29.07
CA CYS I 151 52.06 -27.16 -28.81
C CYS I 151 50.83 -27.12 -27.90
N PHE I 152 50.11 -28.24 -27.79
CA PHE I 152 48.66 -28.28 -27.51
C PHE I 152 47.89 -27.41 -28.50
N SER I 153 48.39 -27.31 -29.74
CA SER I 153 47.74 -26.52 -30.79
C SER I 153 46.71 -27.40 -31.49
N THR I 154 47.15 -28.59 -31.89
CA THR I 154 46.30 -29.57 -32.55
C THR I 154 45.86 -30.63 -31.56
N ILE I 155 44.65 -31.14 -31.74
CA ILE I 155 44.14 -32.34 -31.05
C ILE I 155 43.22 -33.09 -32.00
N LYS I 156 43.35 -34.41 -32.06
CA LYS I 156 42.51 -35.27 -32.90
C LYS I 156 41.65 -36.14 -32.00
N LEU I 157 40.46 -36.47 -32.47
CA LEU I 157 39.52 -37.31 -31.70
C LEU I 157 38.84 -38.31 -32.60
N LYS I 158 38.30 -39.33 -31.96
CA LYS I 158 37.64 -40.46 -32.61
C LYS I 158 36.16 -40.43 -32.31
N ALA I 159 35.37 -40.67 -33.35
CA ALA I 159 33.95 -41.02 -33.24
C ALA I 159 33.73 -42.36 -33.93
N GLU I 160 32.73 -43.09 -33.45
CA GLU I 160 32.39 -44.43 -33.95
C GLU I 160 31.00 -44.39 -34.57
N ASP I 161 30.88 -44.83 -35.83
CA ASP I 161 29.57 -45.21 -36.38
C ASP I 161 29.05 -46.39 -35.53
N ALA I 162 27.73 -46.55 -35.46
CA ALA I 162 27.12 -47.65 -34.69
C ALA I 162 27.61 -49.02 -35.17
N SER I 163 27.96 -49.17 -36.46
CA SER I 163 28.65 -50.37 -36.97
C SER I 163 30.02 -50.52 -36.30
N GLY I 164 30.70 -49.40 -36.05
CA GLY I 164 32.04 -49.36 -35.45
C GLY I 164 33.09 -48.80 -36.37
N ARG I 165 32.71 -48.09 -37.43
CA ARG I 165 33.64 -47.36 -38.30
C ARG I 165 34.22 -46.17 -37.54
N GLU I 166 35.54 -46.03 -37.56
CA GLU I 166 36.21 -44.88 -36.92
C GLU I 166 36.21 -43.71 -37.90
N HIS I 167 35.70 -42.57 -37.44
CA HIS I 167 35.78 -41.28 -38.12
C HIS I 167 36.57 -40.35 -37.23
N LEU I 168 37.80 -40.02 -37.66
CA LEU I 168 38.62 -39.07 -36.90
C LEU I 168 38.34 -37.66 -37.38
N ILE I 169 38.80 -36.72 -36.58
CA ILE I 169 38.59 -35.28 -36.84
C ILE I 169 39.65 -34.50 -36.06
N THR I 170 40.17 -33.46 -36.68
CA THR I 170 41.26 -32.64 -36.12
C THR I 170 40.69 -31.29 -35.70
N LEU I 171 41.29 -30.71 -34.66
CA LEU I 171 40.84 -29.44 -34.06
C LEU I 171 42.06 -28.61 -33.68
N LYS I 172 42.03 -27.34 -34.07
CA LYS I 172 43.12 -26.38 -33.79
C LYS I 172 42.64 -25.37 -32.77
N LEU I 173 43.42 -25.22 -31.71
CA LEU I 173 43.05 -24.48 -30.49
C LEU I 173 43.80 -23.16 -30.48
N LYS I 174 43.09 -22.08 -30.18
CA LYS I 174 43.70 -20.74 -30.07
C LYS I 174 44.41 -20.63 -28.73
N ALA I 175 44.97 -19.45 -28.45
CA ALA I 175 45.48 -19.10 -27.11
C ALA I 175 44.42 -19.42 -26.06
N LYS I 176 43.26 -18.77 -26.16
CA LYS I 176 42.09 -19.04 -25.30
C LYS I 176 41.04 -19.73 -26.16
N TYR I 177 40.74 -20.97 -25.84
CA TYR I 177 39.97 -21.81 -26.75
C TYR I 177 38.49 -21.45 -26.77
N PRO I 178 37.76 -21.53 -25.66
CA PRO I 178 36.30 -21.45 -25.74
C PRO I 178 35.77 -20.08 -26.15
N ALA I 179 36.60 -19.05 -26.07
CA ALA I 179 36.22 -17.72 -26.52
C ALA I 179 35.85 -17.78 -27.99
N GLU I 180 36.67 -18.45 -28.78
CA GLU I 180 36.49 -18.54 -30.23
C GLU I 180 36.26 -19.98 -30.66
N SER I 181 35.80 -20.14 -31.90
CA SER I 181 35.73 -21.48 -32.51
C SER I 181 37.15 -22.02 -32.62
N PRO I 182 37.39 -23.33 -32.41
CA PRO I 182 38.61 -23.95 -32.90
C PRO I 182 38.45 -24.30 -34.37
N ASP I 183 39.54 -24.45 -35.08
CA ASP I 183 39.49 -24.79 -36.52
C ASP I 183 39.31 -26.30 -36.63
N TYR I 184 38.16 -26.74 -37.11
CA TYR I 184 37.79 -28.17 -37.16
C TYR I 184 37.95 -28.66 -38.58
N PHE I 185 38.48 -29.88 -38.71
CA PHE I 185 38.84 -30.47 -40.01
C PHE I 185 38.42 -31.92 -39.99
N VAL I 186 37.48 -32.24 -40.87
CA VAL I 186 36.76 -33.53 -40.83
C VAL I 186 36.85 -34.20 -42.20
N ASP I 187 36.69 -35.53 -42.18
CA ASP I 187 36.91 -36.37 -43.37
C ASP I 187 35.68 -36.40 -44.28
N PHE I 188 34.46 -36.56 -43.74
CA PHE I 188 33.25 -36.89 -44.51
C PHE I 188 32.89 -35.76 -45.48
N PRO I 189 32.11 -36.04 -46.58
CA PRO I 189 32.11 -35.14 -47.73
C PRO I 189 31.30 -33.85 -47.56
N VAL I 190 30.15 -33.94 -46.91
CA VAL I 190 29.19 -32.82 -46.79
C VAL I 190 29.84 -31.73 -45.94
N PRO I 191 29.50 -30.43 -46.14
CA PRO I 191 30.12 -29.37 -45.37
C PRO I 191 29.69 -29.49 -43.91
N PHE I 192 30.64 -29.84 -43.06
CA PHE I 192 30.35 -29.95 -41.62
C PHE I 192 30.09 -28.56 -41.06
N CYS I 193 28.94 -28.40 -40.40
CA CYS I 193 28.55 -27.17 -39.67
C CYS I 193 28.62 -27.44 -38.18
N ALA I 194 29.40 -26.63 -37.45
CA ALA I 194 29.53 -26.70 -35.99
C ALA I 194 29.01 -25.39 -35.41
N SER I 195 27.80 -25.43 -34.86
CA SER I 195 27.17 -24.26 -34.23
C SER I 195 27.95 -23.89 -32.99
N TRP I 196 28.86 -22.93 -33.13
CA TRP I 196 29.78 -22.54 -32.05
C TRP I 196 29.13 -21.42 -31.23
N THR I 197 28.76 -21.76 -30.00
CA THR I 197 28.62 -20.82 -28.89
C THR I 197 29.81 -21.01 -27.95
N PRO I 198 30.14 -20.03 -27.07
CA PRO I 198 31.09 -20.29 -25.99
C PRO I 198 30.58 -21.30 -24.95
N GLN I 199 29.26 -21.50 -24.88
CA GLN I 199 28.65 -22.55 -24.04
C GLN I 199 28.89 -23.93 -24.67
N SER I 200 29.00 -24.01 -26.01
CA SER I 200 29.42 -25.26 -26.69
C SER I 200 30.85 -25.61 -26.27
N SER I 201 31.05 -26.85 -25.83
CA SER I 201 32.35 -27.40 -25.43
C SER I 201 32.73 -28.53 -26.37
N LEU I 202 33.75 -29.28 -25.97
CA LEU I 202 34.25 -30.42 -26.76
C LEU I 202 33.14 -31.45 -26.98
N ILE I 203 32.38 -31.78 -25.93
CA ILE I 203 31.30 -32.79 -26.06
C ILE I 203 30.12 -32.21 -26.83
N SER I 204 29.90 -30.89 -26.76
CA SER I 204 28.85 -30.24 -27.58
C SER I 204 29.17 -30.47 -29.05
N ILE I 205 30.38 -30.10 -29.46
CA ILE I 205 30.81 -30.30 -30.86
C ILE I 205 30.89 -31.79 -31.17
N TYR I 206 31.17 -32.64 -30.18
CA TYR I 206 31.19 -34.11 -30.38
C TYR I 206 29.81 -34.65 -30.71
N SER I 207 28.79 -34.19 -29.97
CA SER I 207 27.40 -34.56 -30.26
C SER I 207 26.99 -34.05 -31.65
N GLN I 208 27.42 -32.83 -31.99
CA GLN I 208 27.18 -32.28 -33.34
C GLN I 208 27.85 -33.16 -34.38
N PHE I 209 29.06 -33.61 -34.09
CA PHE I 209 29.81 -34.54 -34.94
C PHE I 209 29.01 -35.83 -35.10
N LEU I 210 28.45 -36.34 -34.00
CA LEU I 210 27.66 -37.58 -34.05
C LEU I 210 26.38 -37.40 -34.85
N ALA I 211 25.67 -36.31 -34.60
CA ALA I 211 24.43 -35.99 -35.34
C ALA I 211 24.70 -35.89 -36.85
N ALA I 212 25.80 -35.25 -37.25
CA ALA I 212 26.25 -35.24 -38.65
C ALA I 212 26.59 -36.65 -39.14
N ILE I 213 27.13 -37.50 -38.25
CA ILE I 213 27.43 -38.92 -38.58
C ILE I 213 26.14 -39.72 -38.70
N GLU I 214 25.21 -39.52 -37.76
CA GLU I 214 23.94 -40.27 -37.72
C GLU I 214 23.00 -39.89 -38.86
N SER I 215 23.18 -38.71 -39.47
CA SER I 215 22.40 -38.32 -40.67
C SER I 215 22.75 -39.23 -41.84
N LEU I 216 24.05 -39.47 -42.06
CA LEU I 216 24.57 -40.32 -43.16
C LEU I 216 24.99 -41.70 -42.64
N LYS I 217 24.47 -42.12 -41.49
CA LYS I 217 24.77 -43.48 -40.98
C LYS I 217 24.43 -44.56 -42.02
N ALA I 218 23.16 -44.66 -42.45
CA ALA I 218 22.67 -45.77 -43.29
C ALA I 218 23.34 -45.83 -44.66
N PHE I 219 23.95 -44.73 -45.07
CA PHE I 219 24.86 -44.70 -46.23
C PHE I 219 26.04 -45.62 -45.99
N TRP I 220 26.72 -45.49 -44.84
CA TRP I 220 27.89 -46.33 -44.52
C TRP I 220 27.50 -47.80 -44.49
N ASP I 221 26.26 -48.10 -44.07
CA ASP I 221 25.78 -49.48 -43.93
C ASP I 221 25.68 -50.17 -45.28
N VAL I 222 25.48 -49.40 -46.34
CA VAL I 222 25.55 -49.95 -47.70
C VAL I 222 26.98 -49.90 -48.21
N MET I 223 27.75 -48.88 -47.83
CA MET I 223 29.12 -48.69 -48.36
C MET I 223 30.07 -49.77 -47.87
N ASP I 224 30.05 -50.08 -46.56
CA ASP I 224 30.89 -51.16 -46.01
C ASP I 224 30.51 -52.51 -46.61
N GLU I 225 29.22 -52.73 -46.86
CA GLU I 225 28.71 -53.95 -47.53
C GLU I 225 29.35 -54.08 -48.92
N ILE I 226 29.34 -52.99 -49.68
CA ILE I 226 29.89 -52.97 -51.06
C ILE I 226 31.41 -53.13 -50.99
N ASP I 227 32.05 -52.50 -50.00
CA ASP I 227 33.50 -52.62 -49.79
C ASP I 227 33.89 -54.08 -49.57
N GLU I 228 33.10 -54.81 -48.80
CA GLU I 228 33.44 -56.21 -48.46
C GLU I 228 33.12 -57.14 -49.63
N LYS I 229 31.95 -56.98 -50.23
CA LYS I 229 31.39 -58.02 -51.11
C LYS I 229 32.12 -58.05 -52.46
N THR I 230 31.96 -57.02 -53.26
CA THR I 230 32.16 -57.10 -54.71
C THR I 230 33.55 -56.61 -55.10
N TRP I 231 33.90 -56.85 -56.35
CA TRP I 231 35.16 -56.38 -56.93
C TRP I 231 35.05 -54.86 -57.07
N VAL I 232 35.26 -54.15 -55.96
CA VAL I 232 35.30 -52.67 -55.93
C VAL I 232 36.61 -52.22 -56.55
N LEU I 233 36.54 -51.19 -57.39
CA LEU I 233 37.59 -50.88 -58.36
C LEU I 233 38.34 -49.59 -58.01
N GLU I 234 37.66 -48.44 -58.01
CA GLU I 234 38.41 -47.20 -58.19
C GLU I 234 38.03 -46.02 -57.31
N PRO I 235 37.54 -46.22 -56.10
CA PRO I 235 38.05 -45.44 -54.96
C PRO I 235 38.89 -46.35 -54.10
N GLU I 236 40.00 -46.85 -54.64
CA GLU I 236 40.77 -47.89 -53.97
C GLU I 236 41.19 -47.41 -52.57
N LYS I 237 40.88 -48.22 -51.56
CA LYS I 237 40.89 -47.79 -50.16
C LYS I 237 39.96 -46.59 -50.03
N PRO I 238 38.64 -46.79 -50.19
CA PRO I 238 37.73 -45.65 -50.22
C PRO I 238 37.63 -45.01 -48.84
N PRO I 239 37.84 -43.69 -48.72
CA PRO I 239 37.61 -43.04 -47.44
C PRO I 239 36.13 -42.90 -47.15
N ARG I 240 35.82 -42.23 -46.05
CA ARG I 240 34.42 -41.95 -45.71
C ARG I 240 33.85 -40.85 -46.61
N SER I 241 34.71 -39.95 -47.11
CA SER I 241 34.28 -38.88 -48.03
C SER I 241 33.64 -39.47 -49.28
N ALA I 242 34.15 -40.61 -49.73
CA ALA I 242 33.76 -41.18 -51.02
C ALA I 242 32.27 -41.48 -51.10
N THR I 243 31.57 -40.77 -51.97
CA THR I 243 30.16 -41.02 -52.26
C THR I 243 29.94 -41.66 -53.63
N ALA I 244 30.98 -41.69 -54.46
CA ALA I 244 30.95 -42.34 -55.76
C ALA I 244 31.91 -43.52 -55.79
N ARG I 245 31.43 -44.65 -56.26
CA ARG I 245 32.16 -45.91 -56.23
C ARG I 245 32.21 -46.50 -57.62
N ARG I 246 33.04 -47.52 -57.77
CA ARG I 246 33.19 -48.23 -59.04
C ARG I 246 33.34 -49.71 -58.76
N ILE I 247 32.61 -50.53 -59.50
CA ILE I 247 32.59 -52.00 -59.30
C ILE I 247 32.92 -52.70 -60.62
N ALA I 248 33.70 -53.77 -60.52
CA ALA I 248 33.95 -54.66 -61.66
C ALA I 248 32.84 -55.69 -61.75
N LEU I 249 32.61 -56.18 -62.98
CA LEU I 249 31.69 -57.30 -63.22
C LEU I 249 32.01 -57.98 -64.56
N GLY I 250 31.55 -59.23 -64.72
CA GLY I 250 31.76 -59.97 -65.97
C GLY I 250 33.24 -60.11 -66.26
N ASN I 251 33.71 -59.37 -67.28
CA ASN I 251 35.14 -59.21 -67.55
C ASN I 251 35.37 -58.04 -68.51
N ASN I 252 36.21 -57.10 -68.08
CA ASN I 252 36.50 -55.84 -68.79
C ASN I 252 35.19 -55.10 -69.10
N VAL I 253 34.25 -55.17 -68.16
CA VAL I 253 33.07 -54.28 -68.09
C VAL I 253 32.87 -53.88 -66.62
N SER I 254 32.89 -52.58 -66.34
CA SER I 254 32.83 -52.04 -64.98
C SER I 254 31.67 -51.07 -64.88
N ILE I 255 31.02 -51.07 -63.72
CA ILE I 255 29.95 -50.10 -63.46
C ILE I 255 30.48 -49.10 -62.46
N ASN I 256 29.84 -47.94 -62.43
CA ASN I 256 30.13 -46.90 -61.45
C ASN I 256 28.82 -46.37 -60.88
N ILE I 257 28.90 -45.92 -59.64
CA ILE I 257 27.75 -45.56 -58.80
C ILE I 257 28.06 -44.24 -58.12
N GLU I 258 27.03 -43.46 -57.86
CA GLU I 258 27.14 -42.32 -56.96
C GLU I 258 25.87 -42.22 -56.15
N VAL I 259 26.02 -42.24 -54.84
CA VAL I 259 24.89 -42.50 -53.93
C VAL I 259 24.58 -41.22 -53.15
N ASP I 260 23.29 -41.03 -52.84
CA ASP I 260 22.84 -39.97 -51.93
C ASP I 260 23.07 -40.41 -50.49
N PRO I 261 23.91 -39.71 -49.70
CA PRO I 261 24.07 -40.07 -48.28
C PRO I 261 22.74 -40.02 -47.49
N ARG I 262 21.75 -39.27 -47.98
CA ARG I 262 20.49 -39.00 -47.26
C ARG I 262 19.45 -40.06 -47.58
N HIS I 263 19.53 -40.65 -48.78
CA HIS I 263 18.62 -41.70 -49.24
C HIS I 263 19.45 -42.79 -49.89
N PRO I 264 20.36 -43.45 -49.13
CA PRO I 264 21.36 -44.29 -49.76
C PRO I 264 20.76 -45.50 -50.46
N THR I 265 19.78 -46.12 -49.82
CA THR I 265 19.05 -47.24 -50.41
C THR I 265 18.19 -46.78 -51.60
N MET I 266 17.92 -45.48 -51.74
CA MET I 266 17.30 -44.98 -52.98
C MET I 266 18.23 -45.26 -54.14
N LEU I 267 17.67 -45.32 -55.35
CA LEU I 267 18.46 -45.67 -56.53
C LEU I 267 19.53 -44.61 -56.77
N PRO I 268 20.83 -44.95 -56.65
CA PRO I 268 21.88 -44.01 -57.03
C PRO I 268 21.95 -43.93 -58.55
N GLU I 269 22.52 -42.85 -59.07
CA GLU I 269 22.69 -42.67 -60.52
C GLU I 269 23.96 -43.43 -60.93
N CYS I 270 23.86 -44.20 -62.02
CA CYS I 270 24.90 -45.16 -62.40
C CYS I 270 24.94 -45.33 -63.92
N PHE I 271 26.05 -45.88 -64.35
CA PHE I 271 26.21 -46.30 -65.74
C PHE I 271 27.38 -47.26 -65.83
N PHE I 272 27.49 -47.88 -66.99
CA PHE I 272 28.49 -48.91 -67.28
C PHE I 272 29.63 -48.35 -68.11
N LEU I 273 30.79 -48.98 -67.96
CA LEU I 273 31.97 -48.79 -68.81
C LEU I 273 32.29 -50.13 -69.43
N GLY I 274 32.48 -50.15 -70.74
CA GLY I 274 32.90 -51.38 -71.40
C GLY I 274 32.40 -51.43 -72.82
N ALA I 275 31.97 -52.62 -73.21
CA ALA I 275 31.81 -52.96 -74.63
C ALA I 275 30.41 -52.62 -75.08
N ASP I 276 30.28 -52.34 -76.39
CA ASP I 276 28.99 -52.01 -77.00
C ASP I 276 28.16 -53.27 -77.29
N HIS I 277 28.61 -54.46 -76.87
CA HIS I 277 27.83 -55.72 -76.91
C HIS I 277 27.67 -56.35 -75.52
N VAL I 278 28.50 -55.97 -74.54
CA VAL I 278 28.40 -56.42 -73.13
C VAL I 278 27.61 -55.41 -72.29
N VAL I 279 27.92 -54.13 -72.42
CA VAL I 279 27.15 -53.05 -71.77
C VAL I 279 25.73 -52.98 -72.37
N LYS I 280 25.52 -53.43 -73.61
CA LYS I 280 24.24 -53.28 -74.33
C LYS I 280 23.07 -53.96 -73.61
N PRO I 281 23.04 -55.31 -73.43
CA PRO I 281 21.89 -55.95 -72.79
C PRO I 281 21.85 -55.76 -71.27
N LEU I 282 22.96 -55.32 -70.64
CA LEU I 282 23.01 -55.00 -69.19
C LEU I 282 22.04 -53.87 -68.83
N GLY I 283 22.17 -52.75 -69.53
CA GLY I 283 21.21 -51.65 -69.43
C GLY I 283 19.79 -52.06 -69.84
N ILE I 284 19.64 -52.99 -70.79
CA ILE I 284 18.31 -53.45 -71.25
C ILE I 284 17.58 -54.21 -70.14
N LYS I 285 18.28 -55.09 -69.42
CA LYS I 285 17.77 -55.70 -68.18
C LYS I 285 17.45 -54.64 -67.15
N LEU I 286 18.39 -53.72 -66.90
CA LEU I 286 18.23 -52.67 -65.88
C LEU I 286 16.95 -51.85 -66.13
N SER I 287 16.71 -51.49 -67.39
CA SER I 287 15.52 -50.70 -67.80
C SER I 287 14.21 -51.38 -67.42
N ARG I 288 14.17 -52.71 -67.45
CA ARG I 288 12.96 -53.49 -67.25
C ARG I 288 12.92 -54.16 -65.89
N ASN I 289 13.87 -53.85 -65.01
CA ASN I 289 13.90 -54.38 -63.62
C ASN I 289 14.09 -53.27 -62.57
N ILE I 290 14.46 -52.06 -62.99
CA ILE I 290 14.55 -50.90 -62.07
C ILE I 290 13.21 -50.67 -61.36
N HIS I 291 12.10 -50.86 -62.06
CA HIS I 291 10.77 -50.79 -61.43
C HIS I 291 10.64 -51.79 -60.28
N LEU I 292 11.36 -52.91 -60.39
CA LEU I 292 11.42 -53.91 -59.31
C LEU I 292 12.41 -53.50 -58.22
N TRP I 293 13.00 -52.32 -58.30
CA TRP I 293 13.90 -51.87 -57.23
C TRP I 293 13.10 -51.73 -55.94
N ASP I 294 13.37 -52.64 -55.01
CA ASP I 294 12.80 -52.53 -53.66
C ASP I 294 13.83 -51.84 -52.77
N PRO I 295 13.68 -50.53 -52.46
CA PRO I 295 14.71 -49.85 -51.66
C PRO I 295 14.89 -50.34 -50.22
N GLU I 296 14.03 -51.24 -49.74
CA GLU I 296 14.11 -51.74 -48.36
C GLU I 296 15.28 -52.72 -48.17
N ASN I 297 15.65 -53.45 -49.22
CA ASN I 297 16.77 -54.41 -49.17
C ASN I 297 18.10 -53.64 -49.16
N SER I 298 19.19 -54.38 -49.13
CA SER I 298 20.53 -53.82 -49.36
C SER I 298 20.69 -53.49 -50.84
N VAL I 299 21.63 -52.61 -51.15
CA VAL I 299 21.86 -52.17 -52.53
C VAL I 299 22.43 -53.32 -53.35
N LEU I 300 23.45 -54.00 -52.82
CA LEU I 300 24.06 -55.15 -53.49
C LEU I 300 22.99 -56.20 -53.81
N GLN I 301 22.16 -56.53 -52.83
CA GLN I 301 21.09 -57.54 -53.02
C GLN I 301 20.11 -57.07 -54.10
N ASN I 302 19.73 -55.79 -54.09
CA ASN I 302 18.82 -55.24 -55.12
C ASN I 302 19.44 -55.39 -56.51
N LEU I 303 20.73 -55.13 -56.59
CA LEU I 303 21.44 -55.19 -57.87
C LEU I 303 21.45 -56.60 -58.41
N LYS I 304 21.77 -57.57 -57.54
CA LYS I 304 21.95 -58.97 -57.95
C LYS I 304 20.71 -59.51 -58.66
N ASP I 305 19.53 -58.98 -58.34
CA ASP I 305 18.25 -59.35 -58.98
C ASP I 305 17.88 -58.37 -60.09
N VAL I 306 18.16 -57.09 -59.91
CA VAL I 306 17.84 -56.07 -60.94
C VAL I 306 18.66 -56.35 -62.18
N LEU I 307 19.96 -56.53 -62.00
CA LEU I 307 20.86 -56.92 -63.11
C LEU I 307 20.75 -58.41 -63.39
N GLU I 308 20.24 -59.19 -62.43
CA GLU I 308 19.94 -60.63 -62.58
C GLU I 308 21.26 -61.40 -62.67
N ILE I 309 22.29 -60.95 -61.97
CA ILE I 309 23.64 -61.56 -62.03
C ILE I 309 24.23 -61.60 -60.64
N ASP I 310 25.25 -62.44 -60.50
CA ASP I 310 26.19 -62.38 -59.38
C ASP I 310 27.42 -61.60 -59.82
N PHE I 311 28.09 -61.00 -58.86
CA PHE I 311 29.34 -60.29 -59.09
C PHE I 311 30.46 -61.32 -59.08
N PRO I 312 31.58 -61.06 -59.75
CA PRO I 312 32.82 -61.68 -59.28
C PRO I 312 33.20 -61.00 -57.98
N ALA I 313 32.88 -61.65 -56.87
CA ALA I 313 32.99 -61.01 -55.57
C ALA I 313 34.45 -61.08 -55.12
N ARG I 314 35.26 -60.14 -55.60
CA ARG I 314 36.74 -60.19 -55.46
C ARG I 314 37.26 -61.46 -56.12
N ALA I 315 36.59 -61.89 -57.19
CA ALA I 315 36.77 -63.25 -57.75
C ALA I 315 38.21 -63.50 -58.23
N ILE I 316 38.92 -62.45 -58.59
CA ILE I 316 40.36 -62.56 -58.89
C ILE I 316 41.11 -61.38 -58.26
N LEU I 317 40.39 -60.49 -57.56
CA LEU I 317 40.71 -59.05 -57.46
C LEU I 317 42.20 -58.75 -57.34
N GLU I 318 42.68 -57.85 -58.20
CA GLU I 318 44.09 -57.48 -58.30
C GLU I 318 44.97 -58.73 -58.44
N LYS I 319 44.82 -59.40 -59.57
CA LYS I 319 45.73 -60.47 -59.96
C LYS I 319 45.81 -60.46 -61.50
N SER I 320 46.97 -60.09 -62.04
CA SER I 320 47.13 -59.74 -63.47
C SER I 320 47.19 -61.01 -64.33
N ASP I 321 46.12 -61.28 -65.08
CA ASP I 321 46.09 -62.28 -66.16
C ASP I 321 46.24 -61.62 -67.53
N PHE I 322 46.67 -60.35 -67.61
CA PHE I 322 46.91 -59.57 -68.85
C PHE I 322 45.62 -59.30 -69.63
N THR I 323 44.47 -59.59 -69.04
CA THR I 323 43.17 -59.39 -69.69
C THR I 323 42.86 -57.90 -69.66
N MET I 324 42.93 -57.32 -68.46
CA MET I 324 42.47 -55.94 -68.17
C MET I 324 43.64 -54.99 -68.33
N ASP I 325 43.93 -54.64 -69.58
CA ASP I 325 45.14 -53.86 -69.93
C ASP I 325 44.89 -53.08 -71.22
N CYS I 326 45.51 -51.90 -71.32
CA CYS I 326 45.14 -50.87 -72.30
C CYS I 326 45.34 -51.35 -73.73
N GLY I 327 46.38 -52.14 -74.00
CA GLY I 327 46.70 -52.53 -75.37
C GLY I 327 47.34 -51.43 -76.21
N ILE I 328 47.24 -50.15 -75.80
CA ILE I 328 47.94 -49.02 -76.46
C ILE I 328 49.14 -48.65 -75.60
N CYS I 329 48.88 -48.31 -74.35
CA CYS I 329 49.91 -48.05 -73.33
C CYS I 329 50.27 -49.31 -72.54
N TYR I 330 49.54 -50.41 -72.71
CA TYR I 330 49.80 -51.73 -72.08
C TYR I 330 49.74 -51.64 -70.55
N ALA I 331 49.05 -50.64 -69.99
CA ALA I 331 49.07 -50.33 -68.56
C ALA I 331 47.67 -50.36 -67.97
N TYR I 332 47.61 -50.47 -66.66
CA TYR I 332 46.38 -50.36 -65.85
C TYR I 332 46.54 -49.11 -64.99
N GLN I 333 45.42 -48.39 -64.82
CA GLN I 333 45.40 -47.14 -64.04
C GLN I 333 46.44 -46.18 -64.64
N LEU I 334 46.23 -45.84 -65.92
CA LEU I 334 46.99 -44.78 -66.62
C LEU I 334 46.48 -43.43 -66.10
N ASP I 335 47.24 -42.80 -65.18
CA ASP I 335 46.82 -41.53 -64.53
C ASP I 335 45.52 -41.75 -63.72
N GLY I 336 45.38 -42.95 -63.17
CA GLY I 336 44.11 -43.40 -62.56
C GLY I 336 43.05 -43.81 -63.57
N THR I 337 43.28 -43.58 -64.88
CA THR I 337 42.30 -43.93 -65.93
C THR I 337 42.29 -45.44 -66.16
N ILE I 338 41.05 -45.87 -66.34
CA ILE I 338 40.92 -47.33 -66.33
C ILE I 338 40.77 -47.75 -67.78
N PRO I 339 41.25 -48.97 -68.15
CA PRO I 339 40.80 -49.60 -69.40
C PRO I 339 39.29 -49.85 -69.41
N ASP I 340 38.59 -49.00 -70.16
CA ASP I 340 37.11 -48.91 -70.20
C ASP I 340 36.61 -49.05 -71.64
N GLN I 341 37.20 -48.29 -72.56
CA GLN I 341 36.86 -48.38 -73.99
C GLN I 341 37.35 -49.73 -74.50
N VAL I 342 36.48 -50.47 -75.17
CA VAL I 342 36.77 -51.85 -75.66
C VAL I 342 36.37 -51.94 -77.13
N CYS I 343 36.58 -53.11 -77.72
CA CYS I 343 36.14 -53.42 -79.10
C CYS I 343 34.75 -54.05 -79.05
N ASP I 344 33.90 -53.72 -80.03
CA ASP I 344 32.56 -54.36 -80.27
C ASP I 344 32.75 -55.64 -81.12
N ASN I 345 33.62 -56.53 -80.63
CA ASN I 345 34.12 -57.69 -81.38
C ASN I 345 34.36 -58.81 -80.37
N SER I 346 33.92 -60.02 -80.74
CA SER I 346 34.07 -61.25 -79.94
C SER I 346 35.55 -61.68 -79.89
N GLN I 347 36.29 -61.44 -80.99
CA GLN I 347 37.63 -62.02 -81.29
C GLN I 347 38.74 -61.18 -80.64
N CYS I 348 38.53 -59.85 -80.58
CA CYS I 348 39.50 -58.88 -80.03
C CYS I 348 39.18 -58.76 -78.52
N GLY I 349 38.05 -58.09 -78.20
CA GLY I 349 37.69 -57.69 -76.83
C GLY I 349 38.84 -56.98 -76.12
N GLN I 350 39.66 -56.34 -76.97
CA GLN I 350 40.86 -55.63 -76.49
C GLN I 350 40.36 -54.36 -75.81
N PRO I 351 40.60 -54.18 -74.51
CA PRO I 351 40.16 -52.96 -73.85
C PRO I 351 41.25 -51.91 -73.97
N PHE I 352 40.84 -50.65 -74.00
CA PHE I 352 41.75 -49.50 -74.14
C PHE I 352 41.31 -48.40 -73.17
N HIS I 353 42.24 -47.49 -72.92
CA HIS I 353 41.97 -46.25 -72.16
C HIS I 353 41.12 -45.32 -73.02
N GLN I 354 40.90 -44.10 -72.52
CA GLN I 354 40.35 -42.96 -73.30
C GLN I 354 41.43 -42.22 -74.09
N ILE I 355 42.51 -41.79 -73.40
CA ILE I 355 43.51 -40.83 -73.93
C ILE I 355 44.33 -41.47 -75.05
N CYS I 356 44.82 -42.69 -74.83
CA CYS I 356 45.68 -43.41 -75.80
C CYS I 356 44.87 -43.68 -77.08
N LEU I 357 43.66 -44.22 -76.97
CA LEU I 357 42.73 -44.46 -78.10
C LEU I 357 42.38 -43.15 -78.82
N TYR I 358 42.23 -42.07 -78.08
CA TYR I 358 41.93 -40.76 -78.67
C TYR I 358 43.10 -40.31 -79.55
N GLU I 359 44.30 -40.30 -78.97
CA GLU I 359 45.51 -39.80 -79.65
C GLU I 359 45.85 -40.67 -80.85
N TRP I 360 45.58 -41.97 -80.76
CA TRP I 360 45.82 -42.88 -81.89
C TRP I 360 44.86 -42.55 -83.03
N LEU I 361 43.55 -42.51 -82.74
CA LEU I 361 42.51 -42.17 -83.76
C LEU I 361 42.49 -40.70 -84.13
N ARG I 362 43.32 -39.89 -83.48
CA ARG I 362 43.53 -38.50 -83.91
C ARG I 362 44.23 -38.40 -85.27
N GLY I 363 45.43 -38.95 -85.40
CA GLY I 363 46.22 -38.81 -86.63
C GLY I 363 45.65 -39.60 -87.79
N LEU I 364 44.92 -40.68 -87.50
CA LEU I 364 44.46 -41.61 -88.53
C LEU I 364 43.60 -40.85 -89.54
N LEU I 365 43.73 -41.25 -90.81
CA LEU I 365 43.09 -40.55 -91.92
C LEU I 365 41.61 -40.90 -92.01
N THR I 366 41.28 -42.20 -91.85
CA THR I 366 39.89 -42.68 -91.89
C THR I 366 39.10 -42.19 -90.68
N SER I 367 39.78 -41.73 -89.61
CA SER I 367 39.15 -41.34 -88.35
C SER I 367 38.32 -40.07 -88.54
N ARG I 368 37.02 -40.25 -88.73
CA ARG I 368 36.09 -39.14 -88.99
C ARG I 368 35.46 -38.72 -87.67
N GLN I 369 35.32 -37.40 -87.49
CA GLN I 369 34.88 -36.79 -86.22
C GLN I 369 33.51 -36.14 -86.39
N SER I 370 32.55 -36.68 -85.64
CA SER I 370 31.22 -36.09 -85.43
C SER I 370 31.32 -35.09 -84.28
N PHE I 371 30.18 -34.77 -83.65
CA PHE I 371 30.08 -33.77 -82.57
C PHE I 371 31.20 -33.94 -81.55
N ASN I 372 31.17 -35.07 -80.86
CA ASN I 372 32.15 -35.41 -79.82
C ASN I 372 32.45 -36.90 -79.90
N ILE I 373 32.49 -37.43 -81.13
CA ILE I 373 32.72 -38.87 -81.42
C ILE I 373 33.96 -38.96 -82.32
N ILE I 374 34.76 -40.00 -82.14
CA ILE I 374 35.78 -40.40 -83.15
C ILE I 374 35.50 -41.85 -83.49
N PHE I 375 35.23 -42.09 -84.78
CA PHE I 375 35.16 -43.42 -85.40
C PHE I 375 36.55 -43.81 -85.92
N GLY I 376 36.76 -45.11 -86.02
CA GLY I 376 37.98 -45.61 -86.62
C GLY I 376 38.11 -47.09 -86.38
N GLU I 377 39.12 -47.62 -86.82
CA GLU I 377 39.42 -49.06 -86.76
C GLU I 377 40.10 -49.34 -85.42
N CYS I 378 39.63 -50.40 -84.77
CA CYS I 378 40.36 -50.99 -83.64
C CYS I 378 41.80 -51.22 -84.11
N PRO I 379 42.81 -50.79 -83.32
CA PRO I 379 44.21 -51.11 -83.62
C PRO I 379 44.54 -52.58 -83.86
N TYR I 380 43.91 -53.51 -83.14
CA TYR I 380 44.32 -54.94 -83.17
C TYR I 380 43.63 -55.68 -84.33
N CYS I 381 42.34 -55.41 -84.56
CA CYS I 381 41.45 -56.21 -85.46
C CYS I 381 40.92 -55.45 -86.70
N SER I 382 41.08 -54.11 -86.76
CA SER I 382 40.65 -53.24 -87.88
C SER I 382 39.15 -53.37 -88.16
N LYS I 383 38.37 -53.29 -87.06
CA LYS I 383 36.88 -53.30 -87.06
C LYS I 383 36.40 -51.96 -86.55
N PRO I 384 35.19 -51.53 -86.97
CA PRO I 384 34.67 -50.23 -86.52
C PRO I 384 34.57 -50.14 -84.99
N ILE I 385 35.19 -49.10 -84.43
CA ILE I 385 35.19 -48.80 -82.97
C ILE I 385 34.86 -47.33 -82.80
N THR I 386 34.00 -47.06 -81.82
CA THR I 386 33.42 -45.73 -81.54
C THR I 386 33.96 -45.26 -80.17
N LEU I 387 34.49 -44.02 -80.16
CA LEU I 387 34.97 -43.29 -78.96
C LEU I 387 34.15 -42.02 -78.76
N LYS I 388 33.40 -41.95 -77.63
CA LYS I 388 32.65 -40.73 -77.20
C LYS I 388 33.45 -40.08 -76.06
N MET I 389 33.91 -38.84 -76.32
CA MET I 389 34.62 -37.98 -75.35
C MET I 389 33.59 -37.40 -74.35
N MET J 32 82.40 -53.79 1.37
CA MET J 32 82.90 -54.42 2.62
C MET J 32 84.42 -54.39 2.64
N SER J 33 85.00 -54.39 3.84
CA SER J 33 86.46 -54.19 4.04
C SER J 33 87.05 -55.40 4.74
N SER J 34 87.44 -56.41 3.97
CA SER J 34 88.15 -57.57 4.51
C SER J 34 88.63 -58.43 3.35
N ASN J 35 89.60 -59.29 3.66
CA ASN J 35 90.04 -60.35 2.74
C ASN J 35 88.83 -61.23 2.38
N GLU J 36 88.70 -61.55 1.08
CA GLU J 36 87.59 -62.32 0.49
C GLU J 36 86.28 -61.54 0.53
N GLN J 37 86.31 -60.23 0.80
CA GLN J 37 85.16 -59.34 0.67
C GLN J 37 85.47 -58.31 -0.40
N GLU J 38 84.47 -57.49 -0.71
CA GLU J 38 84.50 -56.66 -1.92
C GLU J 38 83.94 -55.28 -1.62
N ARG J 39 84.01 -54.42 -2.62
CA ARG J 39 83.39 -53.10 -2.60
C ARG J 39 83.00 -52.69 -4.00
N LEU J 40 81.96 -51.88 -4.10
CA LEU J 40 81.43 -51.43 -5.40
C LEU J 40 81.73 -49.95 -5.65
N LEU J 41 81.56 -49.54 -6.90
CA LEU J 41 81.85 -48.16 -7.31
C LEU J 41 81.19 -47.91 -8.66
N CYS J 42 81.05 -46.64 -8.99
CA CYS J 42 80.34 -46.22 -10.20
C CYS J 42 81.19 -45.27 -11.02
N TYR J 43 81.03 -45.33 -12.34
CA TYR J 43 81.89 -44.61 -13.31
C TYR J 43 81.24 -44.72 -14.68
N ASN J 44 81.05 -43.57 -15.34
CA ASN J 44 80.63 -43.44 -16.76
C ASN J 44 79.62 -44.50 -17.21
N GLY J 45 78.57 -44.70 -16.43
CA GLY J 45 77.51 -45.63 -16.82
C GLY J 45 77.98 -47.07 -16.83
N GLU J 46 78.96 -47.41 -16.02
CA GLU J 46 79.43 -48.80 -15.91
C GLU J 46 79.66 -49.13 -14.44
N VAL J 47 79.85 -50.42 -14.20
CA VAL J 47 79.97 -50.98 -12.84
C VAL J 47 81.41 -51.33 -12.58
N LEU J 48 81.81 -51.20 -11.33
CA LEU J 48 83.18 -51.53 -10.92
C LEU J 48 83.12 -52.30 -9.61
N VAL J 49 83.74 -53.48 -9.60
CA VAL J 49 83.79 -54.39 -8.46
C VAL J 49 85.25 -54.57 -8.07
N PHE J 50 85.51 -54.49 -6.79
CA PHE J 50 86.86 -54.53 -6.24
C PHE J 50 86.85 -55.60 -5.17
N GLN J 51 87.28 -56.81 -5.51
CA GLN J 51 87.15 -57.98 -4.63
C GLN J 51 88.54 -58.47 -4.24
N LEU J 52 88.78 -58.51 -2.95
CA LEU J 52 89.98 -59.18 -2.42
C LEU J 52 89.80 -60.69 -2.60
N SER J 53 90.90 -61.40 -2.86
CA SER J 53 90.86 -62.87 -3.05
C SER J 53 92.24 -63.41 -2.73
N LYS J 54 92.29 -64.40 -1.84
CA LYS J 54 93.53 -65.14 -1.61
C LYS J 54 93.89 -65.89 -2.89
N GLY J 55 94.89 -65.40 -3.61
CA GLY J 55 95.38 -66.08 -4.82
C GLY J 55 96.00 -67.42 -4.53
N ASN J 56 96.47 -67.61 -3.29
CA ASN J 56 96.88 -68.92 -2.72
C ASN J 56 98.27 -69.34 -3.22
N PHE J 57 98.82 -68.68 -4.23
CA PHE J 57 100.14 -69.02 -4.81
C PHE J 57 100.57 -67.94 -5.82
N LYS J 64 100.84 -67.49 -0.84
CA LYS J 64 101.03 -66.16 -1.47
C LYS J 64 100.06 -65.14 -0.88
N THR J 65 100.46 -63.88 -0.82
CA THR J 65 99.59 -62.77 -0.42
C THR J 65 98.36 -62.74 -1.33
N PRO J 66 97.18 -62.35 -0.83
CA PRO J 66 96.04 -62.12 -1.73
C PRO J 66 96.35 -61.08 -2.81
N ILE J 67 95.60 -61.18 -3.89
CA ILE J 67 95.74 -60.32 -5.08
C ILE J 67 94.41 -59.66 -5.31
N LEU J 68 94.43 -58.40 -5.72
CA LEU J 68 93.18 -57.69 -5.99
C LEU J 68 92.80 -57.88 -7.44
N HIS J 69 91.50 -57.95 -7.69
CA HIS J 69 90.95 -58.25 -9.02
C HIS J 69 89.80 -57.30 -9.29
N VAL J 70 89.55 -57.06 -10.56
CA VAL J 70 88.45 -56.18 -11.00
C VAL J 70 87.43 -57.03 -11.74
N ARG J 71 86.19 -56.57 -11.73
CA ARG J 71 85.20 -56.99 -12.72
C ARG J 71 84.51 -55.73 -13.19
N ARG J 72 85.09 -55.08 -14.18
CA ARG J 72 84.47 -53.91 -14.78
C ARG J 72 83.31 -54.42 -15.64
N MET J 73 82.10 -54.23 -15.15
CA MET J 73 80.91 -54.75 -15.82
C MET J 73 80.07 -53.57 -16.31
N VAL J 74 78.97 -53.91 -16.96
CA VAL J 74 78.09 -52.92 -17.58
C VAL J 74 76.76 -53.57 -17.93
N PHE J 75 75.71 -52.78 -17.91
CA PHE J 75 74.36 -53.26 -18.18
C PHE J 75 74.24 -53.68 -19.64
N ASP J 76 73.35 -54.64 -19.88
CA ASP J 76 73.22 -55.28 -21.20
C ASP J 76 72.15 -54.57 -22.02
N ARG J 77 70.99 -54.29 -21.42
CA ARG J 77 69.85 -53.57 -22.04
C ARG J 77 69.01 -54.45 -22.97
N GLY J 78 69.54 -55.61 -23.37
CA GLY J 78 68.80 -56.55 -24.22
C GLY J 78 68.36 -57.77 -23.43
N THR J 79 69.19 -58.20 -22.49
CA THR J 79 68.87 -59.30 -21.55
C THR J 79 68.51 -58.79 -20.15
N LYS J 80 68.66 -57.48 -19.90
CA LYS J 80 68.27 -56.85 -18.62
C LYS J 80 69.12 -57.42 -17.48
N VAL J 81 70.44 -57.42 -17.71
CA VAL J 81 71.42 -57.96 -16.76
C VAL J 81 72.63 -57.05 -16.79
N PHE J 82 73.65 -57.48 -16.08
CA PHE J 82 75.00 -56.91 -16.18
C PHE J 82 75.95 -58.00 -16.66
N VAL J 83 76.98 -57.57 -17.40
CA VAL J 83 77.94 -58.47 -18.05
C VAL J 83 79.33 -57.86 -17.85
N GLN J 84 80.32 -58.71 -17.62
CA GLN J 84 81.70 -58.23 -17.58
C GLN J 84 82.16 -57.98 -19.01
N LYS J 85 82.92 -56.92 -19.18
CA LYS J 85 83.56 -56.60 -20.46
C LYS J 85 85.07 -56.52 -20.26
N SER J 86 85.52 -56.39 -19.02
CA SER J 86 86.95 -56.43 -18.74
C SER J 86 87.23 -56.62 -17.25
N THR J 87 88.50 -56.82 -16.96
CA THR J 87 89.01 -56.86 -15.58
C THR J 87 90.45 -56.37 -15.58
N GLY J 88 91.11 -56.60 -14.45
CA GLY J 88 92.51 -56.25 -14.25
C GLY J 88 92.84 -56.44 -12.80
N PHE J 89 94.07 -56.82 -12.50
CA PHE J 89 94.46 -57.20 -11.14
C PHE J 89 95.62 -56.33 -10.68
N PHE J 90 95.91 -56.46 -9.39
CA PHE J 90 97.18 -56.01 -8.84
C PHE J 90 97.60 -56.98 -7.76
N THR J 91 98.76 -57.59 -7.97
CA THR J 91 99.29 -58.62 -7.07
C THR J 91 100.06 -57.95 -5.95
N ILE J 92 99.92 -58.51 -4.75
CA ILE J 92 100.40 -57.85 -3.53
C ILE J 92 101.56 -58.64 -2.95
N LYS J 93 102.49 -57.91 -2.35
CA LYS J 93 103.75 -58.47 -1.82
C LYS J 93 103.61 -58.58 -0.30
N GLU J 94 104.70 -58.87 0.41
CA GLU J 94 104.81 -58.64 1.85
C GLU J 94 103.75 -59.44 2.61
N GLU J 95 103.94 -60.75 2.72
CA GLU J 95 102.89 -61.69 3.17
C GLU J 95 102.50 -61.42 4.62
N ASN J 96 101.72 -60.37 4.84
CA ASN J 96 101.00 -60.14 6.11
C ASN J 96 99.52 -60.09 5.79
N SER J 97 98.71 -60.50 6.76
CA SER J 97 97.26 -60.58 6.59
C SER J 97 96.62 -59.23 6.93
N HIS J 98 95.31 -59.26 7.11
CA HIS J 98 94.52 -58.10 7.50
C HIS J 98 94.69 -56.99 6.47
N LEU J 99 94.26 -57.28 5.26
CA LEU J 99 94.15 -56.29 4.19
C LEU J 99 92.70 -55.87 4.11
N LYS J 100 92.49 -54.58 3.87
CA LYS J 100 91.22 -53.96 4.17
C LYS J 100 90.81 -53.04 3.02
N ILE J 101 89.58 -53.19 2.56
CA ILE J 101 89.05 -52.35 1.46
C ILE J 101 88.51 -51.08 2.10
N MET J 102 89.38 -50.09 2.32
CA MET J 102 89.06 -48.92 3.15
C MET J 102 88.03 -48.01 2.48
N CYS J 103 88.33 -47.57 1.26
CA CYS J 103 87.44 -46.65 0.56
C CYS J 103 87.72 -46.70 -0.93
N CYS J 104 86.71 -46.25 -1.68
CA CYS J 104 86.72 -46.22 -3.14
C CYS J 104 85.83 -45.07 -3.61
N ASN J 105 86.28 -44.33 -4.62
CA ASN J 105 85.40 -43.42 -5.36
C ASN J 105 86.10 -42.97 -6.64
N CYS J 106 85.48 -42.02 -7.33
CA CYS J 106 86.09 -41.27 -8.42
C CYS J 106 86.46 -39.88 -7.91
N VAL J 107 87.69 -39.45 -8.20
CA VAL J 107 88.18 -38.15 -7.71
C VAL J 107 88.69 -37.27 -8.86
N SER J 108 89.91 -37.49 -9.32
CA SER J 108 90.60 -36.62 -10.30
C SER J 108 92.06 -37.06 -10.39
N ASP J 109 92.82 -36.42 -11.27
CA ASP J 109 94.28 -36.33 -11.13
C ASP J 109 94.67 -34.86 -11.17
N PHE J 110 95.71 -34.49 -10.44
CA PHE J 110 96.20 -33.09 -10.47
C PHE J 110 97.02 -32.88 -11.74
N ARG J 111 97.81 -33.88 -12.15
CA ARG J 111 98.67 -33.75 -13.34
C ARG J 111 97.83 -33.71 -14.61
N THR J 112 96.56 -34.12 -14.54
CA THR J 112 95.67 -34.21 -15.72
C THR J 112 94.37 -33.45 -15.51
N GLY J 113 93.89 -33.36 -14.28
CA GLY J 113 92.56 -32.82 -14.04
C GLY J 113 91.49 -33.70 -14.65
N ILE J 114 91.61 -35.02 -14.46
CA ILE J 114 90.72 -36.00 -15.12
C ILE J 114 90.16 -36.91 -14.05
N ASN J 115 88.84 -37.03 -14.02
CA ASN J 115 88.11 -37.93 -13.13
C ASN J 115 88.61 -39.35 -13.33
N LEU J 116 89.11 -39.96 -12.26
CA LEU J 116 89.58 -41.36 -12.29
C LEU J 116 89.20 -42.03 -11.00
N PRO J 117 89.03 -43.37 -10.99
CA PRO J 117 88.76 -44.07 -9.73
C PRO J 117 90.03 -44.47 -8.96
N TYR J 118 89.86 -44.53 -7.63
CA TYR J 118 90.95 -44.82 -6.69
C TYR J 118 90.51 -45.85 -5.66
N ILE J 119 91.48 -46.36 -4.90
CA ILE J 119 91.22 -47.20 -3.71
C ILE J 119 92.25 -46.89 -2.65
N VAL J 120 91.82 -46.97 -1.41
CA VAL J 120 92.72 -46.97 -0.25
C VAL J 120 92.67 -48.34 0.38
N ILE J 121 93.82 -48.81 0.84
CA ILE J 121 93.94 -50.12 1.50
C ILE J 121 94.81 -50.03 2.74
N GLU J 122 94.28 -50.50 3.85
CA GLU J 122 95.05 -50.62 5.09
C GLU J 122 95.80 -51.92 5.03
N LYS J 123 97.12 -51.81 5.02
CA LYS J 123 98.02 -52.95 5.07
C LYS J 123 98.45 -53.10 6.51
N ASN J 124 97.78 -53.99 7.23
CA ASN J 124 98.05 -54.22 8.65
C ASN J 124 99.06 -55.37 8.76
N LYS J 125 100.28 -55.03 9.15
CA LYS J 125 101.27 -56.05 9.53
C LYS J 125 100.97 -56.65 10.90
N LYS J 126 100.06 -56.06 11.67
CA LYS J 126 99.73 -56.48 13.06
C LYS J 126 100.87 -56.18 14.03
N ASN J 127 101.80 -55.31 13.63
CA ASN J 127 102.92 -54.89 14.48
C ASN J 127 102.61 -53.56 15.17
N ASN J 128 101.33 -53.21 15.30
CA ASN J 128 100.91 -51.82 15.58
C ASN J 128 101.45 -50.91 14.47
N VAL J 129 101.35 -51.41 13.24
CA VAL J 129 101.88 -50.75 12.03
C VAL J 129 100.89 -50.96 10.91
N PHE J 130 100.55 -49.87 10.21
CA PHE J 130 99.54 -49.88 9.15
C PHE J 130 100.04 -49.01 8.02
N GLU J 131 100.26 -49.60 6.85
CA GLU J 131 100.86 -48.81 5.76
C GLU J 131 99.84 -47.80 5.22
N TYR J 132 98.63 -48.26 4.93
CA TYR J 132 97.55 -47.46 4.32
C TYR J 132 97.96 -46.98 2.93
N PHE J 133 98.08 -47.93 2.02
CA PHE J 133 98.44 -47.65 0.63
C PHE J 133 97.31 -46.96 -0.11
N LEU J 134 97.67 -46.30 -1.21
CA LEU J 134 96.70 -45.71 -2.15
C LEU J 134 97.05 -46.14 -3.57
N LEU J 135 96.04 -46.63 -4.28
CA LEU J 135 96.16 -46.99 -5.69
C LEU J 135 95.10 -46.26 -6.49
N ILE J 136 95.35 -46.19 -7.79
CA ILE J 136 94.46 -45.51 -8.74
C ILE J 136 94.43 -46.33 -10.02
N LEU J 137 93.46 -46.05 -10.87
CA LEU J 137 93.23 -46.85 -12.07
C LEU J 137 93.26 -45.98 -13.32
N HIS J 138 93.67 -46.58 -14.43
CA HIS J 138 93.63 -45.95 -15.75
C HIS J 138 92.69 -46.72 -16.67
N SER J 139 92.39 -46.13 -17.80
CA SER J 139 91.49 -46.72 -18.81
C SER J 139 92.01 -48.06 -19.35
N THR J 140 93.30 -48.34 -19.19
CA THR J 140 93.91 -49.61 -19.62
C THR J 140 93.62 -50.76 -18.66
N ASN J 141 92.78 -50.55 -17.64
CA ASN J 141 92.62 -51.49 -16.52
C ASN J 141 93.96 -51.70 -15.81
N LYS J 142 94.84 -50.71 -15.85
CA LYS J 142 96.14 -50.74 -15.19
C LYS J 142 96.04 -49.98 -13.89
N PHE J 143 96.82 -50.42 -12.91
CA PHE J 143 96.84 -49.80 -11.57
C PHE J 143 98.07 -48.94 -11.42
N GLU J 144 98.10 -48.17 -10.34
CA GLU J 144 99.25 -47.31 -10.05
C GLU J 144 99.21 -46.85 -8.60
N MET J 145 100.25 -47.15 -7.85
CA MET J 145 100.40 -46.59 -6.49
C MET J 145 100.68 -45.11 -6.59
N ARG J 146 100.18 -44.36 -5.62
CA ARG J 146 100.55 -42.95 -5.50
C ARG J 146 100.99 -42.60 -4.11
N LEU J 147 100.34 -43.15 -3.09
CA LEU J 147 100.67 -42.83 -1.69
C LEU J 147 100.70 -44.12 -0.86
N SER J 148 101.80 -44.31 -0.14
CA SER J 148 102.00 -45.45 0.76
C SER J 148 101.57 -45.09 2.19
N PHE J 149 102.10 -43.98 2.71
CA PHE J 149 101.53 -43.19 3.82
C PHE J 149 101.81 -43.71 5.23
N LYS J 150 102.17 -44.98 5.40
CA LYS J 150 102.99 -45.45 6.54
C LYS J 150 102.64 -44.88 7.93
N LEU J 151 101.50 -45.28 8.50
CA LEU J 151 101.17 -44.90 9.89
C LEU J 151 101.54 -46.00 10.86
N GLY J 152 101.67 -45.60 12.12
CA GLY J 152 101.81 -46.54 13.23
C GLY J 152 100.49 -46.80 13.89
N TYR J 153 99.76 -45.73 14.19
CA TYR J 153 98.46 -45.84 14.86
C TYR J 153 97.39 -46.23 13.84
N GLU J 154 96.24 -46.62 14.35
CA GLU J 154 95.13 -47.10 13.53
C GLU J 154 94.10 -45.99 13.35
N MET J 155 93.84 -45.67 12.09
CA MET J 155 92.67 -44.91 11.67
C MET J 155 91.47 -45.83 11.54
N LYS J 156 90.27 -45.28 11.69
CA LYS J 156 89.14 -45.80 10.89
C LYS J 156 88.74 -44.67 9.95
N ASP J 157 87.79 -43.82 10.37
CA ASP J 157 87.99 -42.38 10.66
C ASP J 157 86.75 -41.59 10.23
N GLY J 158 86.77 -40.30 10.52
CA GLY J 158 86.03 -39.34 9.70
C GLY J 158 86.81 -39.09 8.42
N LEU J 159 86.79 -40.08 7.52
CA LEU J 159 87.80 -40.20 6.45
C LEU J 159 87.30 -39.61 5.14
N ARG J 160 88.18 -38.95 4.40
CA ARG J 160 87.78 -38.27 3.15
C ARG J 160 88.95 -38.16 2.19
N VAL J 161 88.61 -37.93 0.94
CA VAL J 161 89.56 -37.95 -0.19
C VAL J 161 89.25 -36.76 -1.09
N LEU J 162 90.29 -36.17 -1.67
CA LEU J 162 90.20 -34.84 -2.31
C LEU J 162 90.97 -34.82 -3.62
N ASN J 163 90.63 -33.79 -4.41
CA ASN J 163 90.83 -33.76 -5.87
C ASN J 163 92.28 -34.02 -6.27
N GLY J 164 93.18 -33.08 -5.96
CA GLY J 164 94.59 -33.25 -6.29
C GLY J 164 95.12 -34.30 -5.34
N PRO J 165 95.22 -35.57 -5.80
CA PRO J 165 94.86 -36.72 -4.97
C PRO J 165 95.41 -36.64 -3.56
N LEU J 166 94.49 -36.48 -2.62
CA LEU J 166 94.81 -35.92 -1.31
C LEU J 166 93.93 -36.62 -0.28
N ILE J 167 94.51 -36.90 0.85
CA ILE J 167 93.84 -37.66 1.91
C ILE J 167 93.56 -36.72 3.07
N LEU J 168 92.41 -36.91 3.69
CA LEU J 168 92.06 -36.21 4.92
C LEU J 168 91.44 -37.21 5.89
N TRP J 169 91.83 -37.10 7.16
CA TRP J 169 91.29 -37.98 8.19
C TRP J 169 91.39 -37.30 9.54
N ARG J 170 91.13 -38.04 10.60
CA ARG J 170 91.35 -37.52 11.95
C ARG J 170 91.37 -38.64 12.97
N HIS J 171 91.60 -38.23 14.20
CA HIS J 171 91.37 -38.99 15.44
C HIS J 171 90.90 -37.92 16.42
N VAL J 172 91.53 -37.82 17.58
CA VAL J 172 91.06 -37.18 18.83
C VAL J 172 90.37 -35.80 18.71
N LYS J 173 90.18 -35.26 17.50
CA LYS J 173 90.35 -33.83 17.17
C LYS J 173 91.82 -33.53 16.97
N ALA J 174 92.48 -34.41 16.22
CA ALA J 174 93.79 -34.15 15.64
C ALA J 174 93.60 -34.36 14.13
N PHE J 175 93.28 -33.29 13.42
CA PHE J 175 92.98 -33.34 11.97
C PHE J 175 94.29 -33.27 11.18
N PHE J 176 94.44 -34.18 10.24
CA PHE J 176 95.64 -34.26 9.40
C PHE J 176 95.24 -34.52 7.97
N PHE J 177 96.19 -34.24 7.08
CA PHE J 177 96.02 -34.52 5.65
C PHE J 177 97.37 -34.88 5.06
N ILE J 178 97.32 -35.31 3.80
CA ILE J 178 98.54 -35.59 3.01
C ILE J 178 98.15 -35.57 1.55
N SER J 179 99.00 -34.97 0.74
CA SER J 179 98.66 -34.64 -0.64
C SER J 179 99.59 -35.36 -1.61
N SER J 180 99.03 -35.81 -2.73
CA SER J 180 99.80 -35.88 -3.96
C SER J 180 100.27 -34.47 -4.28
N GLN J 181 101.41 -34.37 -4.96
CA GLN J 181 102.23 -33.15 -5.08
C GLN J 181 103.08 -32.92 -3.83
N THR J 182 102.80 -33.62 -2.74
CA THR J 182 103.52 -33.41 -1.47
C THR J 182 104.15 -34.73 -1.01
N GLY J 183 103.32 -35.74 -0.80
CA GLY J 183 103.77 -36.98 -0.17
C GLY J 183 104.19 -36.79 1.27
N LYS J 184 103.51 -35.90 2.01
CA LYS J 184 103.87 -35.60 3.41
C LYS J 184 102.62 -35.36 4.23
N VAL J 185 102.63 -35.90 5.45
CA VAL J 185 101.52 -35.70 6.40
C VAL J 185 101.71 -34.36 7.10
N VAL J 186 100.61 -33.67 7.32
CA VAL J 186 100.63 -32.36 8.00
C VAL J 186 99.37 -32.23 8.84
N SER J 187 99.53 -31.64 10.03
CA SER J 187 98.42 -31.32 10.93
C SER J 187 97.82 -30.01 10.51
N VAL J 188 96.54 -29.84 10.81
CA VAL J 188 95.82 -28.60 10.50
C VAL J 188 95.97 -27.63 11.68
N SER J 189 96.00 -26.34 11.38
CA SER J 189 96.05 -25.26 12.39
C SER J 189 94.67 -25.04 13.01
N GLY J 190 93.62 -25.00 12.19
CA GLY J 190 92.26 -24.75 12.68
C GLY J 190 91.79 -25.85 13.63
N ASN J 191 91.35 -25.46 14.83
CA ASN J 191 90.86 -26.38 15.87
C ASN J 191 89.38 -26.68 15.62
N PHE J 192 89.12 -27.79 14.95
CA PHE J 192 87.75 -28.21 14.61
C PHE J 192 87.29 -29.32 15.54
N SER J 193 86.00 -29.58 15.46
CA SER J 193 85.36 -30.76 16.06
C SER J 193 84.68 -31.60 14.97
N SER J 194 84.06 -30.94 13.99
CA SER J 194 83.47 -31.61 12.81
C SER J 194 83.88 -30.86 11.56
N ILE J 195 83.79 -31.56 10.44
CA ILE J 195 84.38 -31.07 9.17
C ILE J 195 83.40 -31.20 7.98
N GLN J 196 82.10 -31.26 8.23
CA GLN J 196 81.13 -32.01 7.41
C GLN J 196 81.45 -32.09 5.93
N TRP J 197 81.81 -30.97 5.32
CA TRP J 197 82.07 -30.93 3.87
C TRP J 197 83.50 -30.51 3.60
N ALA J 198 84.03 -31.02 2.50
CA ALA J 198 85.28 -30.52 1.91
C ALA J 198 85.17 -30.61 0.38
N GLY J 199 85.95 -29.83 -0.33
CA GLY J 199 85.95 -29.86 -1.80
C GLY J 199 86.58 -28.63 -2.38
N GLU J 200 86.90 -28.74 -3.65
CA GLU J 200 87.54 -27.62 -4.37
C GLU J 200 86.50 -26.54 -4.64
N ILE J 201 86.97 -25.32 -4.75
CA ILE J 201 86.13 -24.18 -5.17
C ILE J 201 86.93 -23.34 -6.16
N GLU J 202 86.19 -22.78 -7.10
CA GLU J 202 86.71 -21.81 -8.07
C GLU J 202 87.47 -20.71 -7.34
N ASN J 203 88.69 -20.44 -7.78
CA ASN J 203 89.54 -19.36 -7.26
C ASN J 203 90.05 -19.64 -5.85
N LEU J 204 89.76 -20.80 -5.27
CA LEU J 204 90.18 -21.13 -3.89
C LEU J 204 90.95 -22.43 -3.79
N GLY J 205 90.81 -23.31 -4.77
CA GLY J 205 91.62 -24.53 -4.76
C GLY J 205 91.00 -25.64 -3.95
N MET J 206 91.00 -25.49 -2.63
CA MET J 206 90.44 -26.54 -1.77
C MET J 206 90.01 -25.93 -0.46
N VAL J 207 88.83 -26.37 -0.02
CA VAL J 207 88.01 -25.64 0.96
C VAL J 207 87.34 -26.65 1.87
N LEU J 208 87.06 -26.21 3.10
CA LEU J 208 86.44 -27.03 4.14
C LEU J 208 85.26 -26.32 4.79
N LEU J 209 84.43 -27.10 5.48
CA LEU J 209 83.44 -26.58 6.44
C LEU J 209 83.76 -27.13 7.83
N GLY J 210 83.04 -26.65 8.83
CA GLY J 210 83.22 -27.05 10.22
C GLY J 210 83.13 -25.84 11.14
N LEU J 211 83.76 -25.95 12.31
CA LEU J 211 83.59 -24.94 13.37
C LEU J 211 84.72 -25.05 14.39
N LYS J 212 84.58 -24.40 15.54
CA LYS J 212 85.54 -24.53 16.65
C LYS J 212 84.80 -24.51 17.98
N GLU J 213 85.51 -24.32 19.08
CA GLU J 213 84.86 -24.14 20.40
C GLU J 213 84.01 -22.85 20.39
N ASP J 229 72.48 -13.57 18.36
CA ASP J 229 72.27 -15.03 18.51
C ASP J 229 71.77 -15.64 17.17
N TYR J 230 70.63 -15.18 16.65
CA TYR J 230 69.94 -15.80 15.48
C TYR J 230 70.16 -15.04 14.19
N ALA J 231 70.84 -13.90 14.24
CA ALA J 231 71.03 -13.12 13.01
C ALA J 231 71.87 -13.93 12.02
N ILE J 232 71.79 -13.53 10.76
CA ILE J 232 72.30 -14.40 9.70
C ILE J 232 73.83 -14.29 9.59
N TRP J 233 74.43 -13.21 10.10
CA TRP J 233 75.86 -12.95 9.85
C TRP J 233 76.78 -13.49 10.95
N ASN J 234 76.27 -14.17 11.98
CA ASN J 234 77.14 -14.68 13.06
C ASN J 234 77.74 -16.03 12.66
N THR J 235 76.90 -17.08 12.60
CA THR J 235 77.12 -18.34 11.86
C THR J 235 78.14 -19.32 12.44
N LYS J 236 79.10 -18.86 13.25
CA LYS J 236 80.01 -19.74 14.03
C LYS J 236 80.78 -20.77 13.19
N PHE J 237 80.74 -20.68 11.86
CA PHE J 237 81.23 -21.74 10.96
C PHE J 237 82.38 -21.21 10.11
N CYS J 238 83.51 -21.88 10.22
CA CYS J 238 84.78 -21.42 9.64
C CYS J 238 85.08 -22.20 8.35
N VAL J 239 85.21 -21.47 7.26
CA VAL J 239 85.95 -21.94 6.06
C VAL J 239 87.41 -22.04 6.49
N TYR J 240 88.23 -22.77 5.77
CA TYR J 240 89.68 -22.77 6.02
C TYR J 240 90.34 -23.40 4.80
N SER J 241 91.26 -22.68 4.18
CA SER J 241 91.72 -23.05 2.83
C SER J 241 93.01 -23.87 2.89
N LEU J 242 93.22 -24.66 3.94
CA LEU J 242 93.90 -25.94 3.75
C LEU J 242 95.36 -25.81 3.32
N GLU J 243 96.29 -25.94 4.29
CA GLU J 243 97.64 -25.33 4.33
C GLU J 243 97.62 -24.08 5.21
N SER J 244 97.01 -24.21 6.38
CA SER J 244 97.18 -23.27 7.49
C SER J 244 96.71 -21.89 7.06
N GLN J 245 95.76 -21.87 6.15
CA GLN J 245 95.35 -20.65 5.47
C GLN J 245 94.28 -19.96 6.31
N GLU J 246 93.83 -18.82 5.82
CA GLU J 246 92.89 -18.00 6.60
C GLU J 246 91.56 -18.74 6.71
N VAL J 247 90.79 -18.31 7.69
CA VAL J 247 89.38 -18.72 7.80
C VAL J 247 88.73 -18.39 6.46
N LEU J 248 88.99 -17.18 5.96
CA LEU J 248 88.64 -16.74 4.61
C LEU J 248 87.16 -16.42 4.42
N SER J 249 86.29 -16.93 5.29
CA SER J 249 84.90 -16.48 5.40
C SER J 249 84.30 -17.17 6.63
N ASP J 250 83.73 -16.40 7.54
CA ASP J 250 82.94 -16.93 8.67
C ASP J 250 81.72 -16.03 8.85
N ILE J 251 81.08 -15.65 7.74
CA ILE J 251 80.16 -14.51 7.72
C ILE J 251 78.75 -15.02 7.39
N TYR J 252 78.58 -15.61 6.21
CA TYR J 252 77.24 -15.94 5.70
C TYR J 252 77.14 -17.44 5.47
N ILE J 253 77.58 -18.18 6.47
CA ILE J 253 77.29 -19.61 6.60
C ILE J 253 75.92 -19.68 7.28
N ILE J 254 75.33 -20.86 7.43
CA ILE J 254 74.03 -20.98 8.13
C ILE J 254 74.19 -20.49 9.58
N PRO J 255 73.08 -20.22 10.30
CA PRO J 255 73.19 -19.71 11.66
C PRO J 255 73.85 -20.70 12.61
N PRO J 256 74.20 -20.26 13.84
CA PRO J 256 74.75 -21.19 14.82
C PRO J 256 73.68 -21.98 15.56
N ALA J 257 72.43 -21.55 15.50
CA ALA J 257 71.35 -22.22 16.24
C ALA J 257 71.19 -23.65 15.75
N TYR J 258 71.37 -23.87 14.46
CA TYR J 258 71.30 -25.24 13.91
C TYR J 258 72.62 -25.98 14.15
N SER J 259 73.66 -25.31 14.65
CA SER J 259 75.02 -25.86 14.71
C SER J 259 75.09 -27.09 15.61
N SER J 260 74.12 -27.30 16.49
CA SER J 260 74.14 -28.48 17.38
C SER J 260 73.63 -29.74 16.68
N VAL J 261 72.76 -29.61 15.68
CA VAL J 261 71.91 -30.72 15.21
C VAL J 261 72.31 -31.19 13.79
N VAL J 262 73.04 -30.39 13.02
CA VAL J 262 73.48 -30.85 11.67
C VAL J 262 74.67 -31.78 11.83
N THR J 263 74.76 -32.72 10.91
CA THR J 263 75.74 -33.81 10.97
C THR J 263 76.46 -34.00 9.62
N TYR J 264 75.84 -33.59 8.51
CA TYR J 264 76.42 -33.77 7.17
C TYR J 264 75.90 -32.71 6.22
N VAL J 265 76.80 -32.30 5.33
CA VAL J 265 76.65 -31.13 4.47
C VAL J 265 77.00 -31.50 3.02
N HIS J 266 76.38 -30.80 2.08
CA HIS J 266 76.53 -31.05 0.64
C HIS J 266 76.21 -29.77 -0.08
N ILE J 267 77.20 -29.18 -0.73
CA ILE J 267 77.01 -27.88 -1.38
C ILE J 267 76.29 -28.11 -2.72
N CYS J 268 75.55 -27.11 -3.21
CA CYS J 268 74.83 -27.20 -4.50
C CYS J 268 75.13 -26.05 -5.45
N ALA J 269 75.70 -24.95 -4.97
CA ALA J 269 76.08 -23.82 -5.82
C ALA J 269 76.90 -22.83 -5.00
N THR J 270 77.79 -22.14 -5.68
CA THR J 270 78.65 -21.12 -5.05
C THR J 270 78.75 -19.92 -5.98
N GLU J 271 78.45 -18.73 -5.46
CA GLU J 271 78.63 -17.46 -6.20
C GLU J 271 79.54 -16.55 -5.39
N ILE J 272 80.05 -15.53 -6.05
CA ILE J 272 80.90 -14.51 -5.39
C ILE J 272 80.42 -13.16 -5.89
N ILE J 273 80.24 -12.24 -4.96
CA ILE J 273 79.62 -10.91 -5.22
C ILE J 273 80.67 -9.84 -4.94
N LYS J 274 81.75 -10.22 -4.27
CA LYS J 274 82.68 -9.27 -3.63
C LYS J 274 83.91 -10.09 -3.22
N ASN J 275 84.78 -9.55 -2.39
CA ASN J 275 85.60 -10.44 -1.54
C ASN J 275 84.71 -11.41 -0.76
N GLN J 276 83.49 -10.98 -0.40
CA GLN J 276 82.42 -11.84 0.11
C GLN J 276 82.10 -12.96 -0.87
N LEU J 277 81.33 -13.92 -0.39
CA LEU J 277 80.87 -15.06 -1.21
C LEU J 277 79.52 -15.51 -0.69
N ARG J 278 78.82 -16.25 -1.54
CA ARG J 278 77.50 -16.78 -1.25
C ARG J 278 77.51 -18.26 -1.59
N ILE J 279 76.72 -19.05 -0.86
CA ILE J 279 76.68 -20.52 -1.00
C ILE J 279 75.26 -21.00 -0.76
N SER J 280 74.74 -21.76 -1.72
CA SER J 280 73.53 -22.56 -1.52
C SER J 280 74.00 -23.98 -1.22
N LEU J 281 73.63 -24.46 -0.04
CA LEU J 281 74.07 -25.78 0.45
C LEU J 281 72.88 -26.50 1.09
N ILE J 282 73.12 -27.75 1.45
CA ILE J 282 72.10 -28.65 2.01
C ILE J 282 72.74 -29.43 3.13
N ALA J 283 72.30 -29.16 4.34
CA ALA J 283 72.68 -29.90 5.53
C ALA J 283 71.56 -30.87 5.85
N LEU J 284 71.81 -31.73 6.81
CA LEU J 284 70.69 -32.50 7.37
C LEU J 284 71.01 -32.90 8.81
N THR J 285 69.95 -33.17 9.55
CA THR J 285 69.96 -33.07 11.00
C THR J 285 69.52 -34.35 11.66
N ARG J 286 69.84 -34.44 12.96
CA ARG J 286 69.45 -35.56 13.82
C ARG J 286 67.94 -35.68 13.85
N LYS J 287 67.23 -34.57 13.68
CA LYS J 287 65.79 -34.55 13.86
C LYS J 287 65.07 -34.94 12.57
N ASN J 288 65.71 -35.67 11.65
CA ASN J 288 65.05 -36.19 10.44
C ASN J 288 64.56 -35.03 9.58
N GLN J 289 65.45 -34.12 9.24
CA GLN J 289 65.05 -32.95 8.44
C GLN J 289 66.09 -32.69 7.38
N LEU J 290 65.62 -32.10 6.29
CA LEU J 290 66.43 -31.81 5.11
C LEU J 290 66.11 -30.39 4.66
N ILE J 291 67.11 -29.53 4.68
CA ILE J 291 66.86 -28.08 4.56
C ILE J 291 67.23 -27.63 3.15
N SER J 292 66.74 -26.45 2.76
CA SER J 292 67.43 -25.58 1.79
C SER J 292 67.89 -24.32 2.51
N PHE J 293 69.11 -23.90 2.24
CA PHE J 293 69.61 -22.60 2.69
C PHE J 293 69.99 -21.73 1.49
N GLN J 294 70.20 -20.43 1.73
CA GLN J 294 70.66 -19.46 0.71
C GLN J 294 71.34 -18.32 1.47
N ASN J 295 72.65 -18.23 1.36
CA ASN J 295 73.39 -17.15 2.04
C ASN J 295 73.35 -17.33 3.54
N GLY J 296 72.95 -18.50 4.03
CA GLY J 296 72.60 -18.66 5.44
C GLY J 296 71.14 -18.34 5.77
N THR J 297 70.24 -18.40 4.79
CA THR J 297 68.78 -18.17 4.98
C THR J 297 68.00 -19.47 4.80
N PRO J 298 67.56 -20.13 5.87
CA PRO J 298 66.79 -21.37 5.69
C PRO J 298 65.46 -21.19 4.94
N LYS J 299 65.26 -22.03 3.94
CA LYS J 299 64.01 -22.11 3.19
C LYS J 299 63.75 -23.56 2.78
N ASN J 300 62.49 -23.92 2.52
CA ASN J 300 62.17 -25.18 1.83
C ASN J 300 62.75 -26.39 2.55
N VAL J 301 62.11 -26.80 3.66
CA VAL J 301 62.51 -28.01 4.41
C VAL J 301 61.56 -29.17 4.11
N CYS J 302 62.15 -30.36 4.01
CA CYS J 302 61.47 -31.67 4.04
C CYS J 302 61.65 -32.30 5.41
N GLN J 303 60.72 -33.17 5.74
CA GLN J 303 60.83 -34.06 6.89
C GLN J 303 61.11 -35.46 6.38
N LEU J 304 61.94 -36.20 7.13
CA LEU J 304 62.41 -37.54 6.70
C LEU J 304 61.57 -38.60 7.40
N PRO J 305 60.92 -39.50 6.64
CA PRO J 305 60.23 -40.62 7.27
C PRO J 305 61.10 -41.44 8.23
N PHE J 306 62.24 -41.91 7.73
CA PHE J 306 63.08 -42.81 8.51
C PHE J 306 64.04 -42.03 9.38
N GLY J 307 64.91 -42.75 10.07
CA GLY J 307 65.76 -42.15 11.10
C GLY J 307 67.23 -42.30 10.78
N ASP J 308 68.02 -41.35 11.25
CA ASP J 308 69.50 -41.41 11.20
C ASP J 308 69.93 -41.43 9.72
N PRO J 309 69.71 -40.35 8.98
CA PRO J 309 70.18 -40.30 7.60
C PRO J 309 71.70 -40.16 7.53
N CYS J 310 72.30 -40.88 6.59
CA CYS J 310 73.75 -41.07 6.51
C CYS J 310 74.38 -40.02 5.59
N ALA J 311 73.94 -39.94 4.35
CA ALA J 311 74.50 -39.01 3.36
C ALA J 311 73.48 -38.73 2.26
N VAL J 312 73.84 -37.86 1.32
CA VAL J 312 72.93 -37.48 0.21
C VAL J 312 73.73 -37.26 -1.04
N GLN J 313 73.02 -37.33 -2.14
CA GLN J 313 73.56 -36.97 -3.44
C GLN J 313 72.42 -36.39 -4.24
N LEU J 314 72.65 -36.17 -5.53
CA LEU J 314 71.61 -35.67 -6.42
C LEU J 314 71.44 -36.58 -7.62
N MET J 315 70.23 -36.62 -8.15
CA MET J 315 69.94 -37.24 -9.44
C MET J 315 69.31 -36.19 -10.37
N ASP J 316 69.88 -36.01 -11.55
CA ASP J 316 69.40 -35.02 -12.53
C ASP J 316 68.07 -35.50 -13.13
N SER J 317 68.07 -36.64 -13.78
CA SER J 317 66.85 -37.24 -14.36
C SER J 317 66.20 -36.29 -15.38
N GLY J 318 67.02 -35.84 -16.31
CA GLY J 318 66.55 -35.05 -17.45
C GLY J 318 66.30 -33.60 -17.11
N GLY J 319 65.32 -33.02 -17.80
CA GLY J 319 64.98 -31.61 -17.66
C GLY J 319 64.18 -31.34 -16.40
N GLY J 320 64.82 -30.74 -15.39
CA GLY J 320 64.14 -30.14 -14.24
C GLY J 320 63.76 -31.11 -13.14
N ASN J 321 63.51 -32.36 -13.48
CA ASN J 321 63.06 -33.33 -12.47
C ASN J 321 64.24 -33.72 -11.58
N LEU J 322 64.70 -32.77 -10.79
CA LEU J 322 65.86 -33.03 -9.92
C LEU J 322 65.40 -33.68 -8.63
N PHE J 323 66.23 -34.59 -8.14
CA PHE J 323 65.95 -35.31 -6.89
C PHE J 323 67.18 -35.29 -6.03
N PHE J 324 66.99 -35.07 -4.75
CA PHE J 324 68.01 -35.35 -3.76
C PHE J 324 67.74 -36.75 -3.24
N VAL J 325 68.82 -37.49 -3.01
CA VAL J 325 68.74 -38.93 -2.75
C VAL J 325 69.51 -39.20 -1.47
N VAL J 326 68.80 -39.66 -0.45
CA VAL J 326 69.27 -39.56 0.93
C VAL J 326 69.30 -40.93 1.55
N SER J 327 70.49 -41.33 1.92
CA SER J 327 70.76 -42.61 2.58
C SER J 327 70.32 -42.57 4.03
N PHE J 328 70.23 -43.75 4.61
CA PHE J 328 70.23 -43.91 6.07
C PHE J 328 71.20 -45.02 6.46
N ILE J 329 71.49 -45.04 7.75
CA ILE J 329 72.18 -46.18 8.37
C ILE J 329 71.21 -47.35 8.47
N SER J 330 69.90 -47.10 8.38
CA SER J 330 68.88 -48.13 8.60
C SER J 330 68.68 -49.05 7.39
N ASN J 331 69.53 -48.99 6.38
CA ASN J 331 69.33 -49.77 5.14
C ASN J 331 67.98 -49.39 4.53
N ASN J 332 67.79 -48.09 4.35
CA ASN J 332 66.73 -47.55 3.49
C ASN J 332 67.18 -46.17 3.02
N ALA J 333 66.47 -45.60 2.06
CA ALA J 333 66.90 -44.31 1.52
C ALA J 333 65.78 -43.69 0.69
N CYS J 334 65.65 -42.38 0.83
CA CYS J 334 64.52 -41.64 0.27
C CYS J 334 64.95 -40.87 -0.96
N ALA J 335 63.98 -40.61 -1.81
CA ALA J 335 64.11 -39.67 -2.93
C ALA J 335 63.13 -38.53 -2.68
N VAL J 336 63.65 -37.31 -2.69
CA VAL J 336 62.83 -36.09 -2.50
C VAL J 336 62.96 -35.22 -3.75
N TRP J 337 61.83 -34.68 -4.19
CA TRP J 337 61.81 -33.71 -5.29
C TRP J 337 62.66 -32.52 -4.93
N LYS J 338 63.13 -31.82 -5.95
CA LYS J 338 63.47 -30.41 -5.80
C LYS J 338 62.32 -29.59 -6.35
N GLU J 339 62.29 -28.31 -5.98
CA GLU J 339 61.21 -27.36 -6.30
C GLU J 339 59.99 -27.54 -5.40
N SER J 340 59.90 -28.64 -4.66
CA SER J 340 58.80 -28.89 -3.72
C SER J 340 59.25 -30.04 -2.84
N PHE J 341 59.61 -29.76 -1.60
CA PHE J 341 60.32 -30.75 -0.76
C PHE J 341 59.36 -31.86 -0.36
N GLN J 342 59.18 -32.80 -1.27
CA GLN J 342 58.16 -33.84 -1.14
C GLN J 342 58.80 -35.16 -1.52
N VAL J 343 58.55 -36.19 -0.73
CA VAL J 343 59.13 -37.51 -1.01
C VAL J 343 58.39 -38.10 -2.22
N ALA J 344 59.12 -38.85 -3.05
CA ALA J 344 58.56 -39.62 -4.17
C ALA J 344 58.71 -41.13 -3.99
N ALA J 345 59.72 -41.60 -3.25
CA ALA J 345 59.86 -43.03 -2.93
C ALA J 345 60.85 -43.21 -1.79
N LYS J 346 60.81 -44.36 -1.16
CA LYS J 346 61.37 -44.55 0.19
C LYS J 346 62.30 -45.74 0.26
N TRP J 347 62.03 -46.84 -0.44
CA TRP J 347 63.10 -47.75 -0.88
C TRP J 347 63.92 -48.33 0.28
N GLU J 348 63.43 -49.43 0.83
CA GLU J 348 64.10 -50.08 1.97
C GLU J 348 65.10 -51.13 1.52
N LYS J 349 66.00 -51.45 2.45
CA LYS J 349 66.88 -52.64 2.49
C LYS J 349 68.13 -52.59 1.62
N LEU J 350 68.09 -51.90 0.48
CA LEU J 350 69.17 -51.07 -0.07
C LEU J 350 70.58 -51.42 0.42
N SER J 351 71.05 -52.61 0.08
CA SER J 351 72.42 -52.99 0.39
C SER J 351 73.41 -51.93 -0.09
N LEU J 352 73.28 -51.52 -1.35
CA LEU J 352 74.05 -50.40 -1.89
C LEU J 352 73.26 -49.72 -3.01
N VAL J 353 73.66 -48.50 -3.30
CA VAL J 353 72.91 -47.64 -4.24
C VAL J 353 73.89 -46.76 -4.99
N LEU J 354 73.59 -46.49 -6.25
CA LEU J 354 74.43 -45.65 -7.12
C LEU J 354 73.58 -44.88 -8.12
N ILE J 355 74.21 -43.98 -8.85
CA ILE J 355 73.52 -43.11 -9.84
C ILE J 355 74.40 -42.93 -11.06
N ASP J 356 73.84 -43.22 -12.23
CA ASP J 356 74.46 -42.85 -13.52
C ASP J 356 73.58 -43.26 -14.69
N ASP J 357 74.00 -42.88 -15.89
CA ASP J 357 73.41 -43.36 -17.16
C ASP J 357 74.01 -44.73 -17.47
N PHE J 358 73.59 -45.71 -16.69
CA PHE J 358 74.01 -47.10 -16.96
C PHE J 358 73.41 -47.56 -18.26
N ILE J 359 72.25 -47.02 -18.62
CA ILE J 359 71.59 -47.36 -19.89
C ILE J 359 72.43 -46.89 -21.07
N GLY J 360 73.03 -45.71 -20.95
CA GLY J 360 73.57 -45.02 -22.12
C GLY J 360 72.49 -44.38 -22.97
N SER J 361 71.44 -43.82 -22.33
CA SER J 361 70.38 -43.05 -23.01
C SER J 361 70.58 -41.54 -22.89
N GLY J 362 71.50 -41.09 -22.01
CA GLY J 362 71.93 -39.71 -21.89
C GLY J 362 71.78 -39.19 -20.48
N THR J 363 70.66 -39.49 -19.85
CA THR J 363 70.32 -38.92 -18.54
C THR J 363 70.71 -39.89 -17.44
N GLU J 364 70.82 -39.37 -16.22
CA GLU J 364 71.10 -40.22 -15.06
C GLU J 364 69.88 -41.09 -14.73
N GLN J 365 70.17 -42.26 -14.21
CA GLN J 365 69.18 -43.12 -13.56
C GLN J 365 69.78 -43.55 -12.24
N VAL J 366 68.95 -44.21 -11.43
CA VAL J 366 69.40 -44.75 -10.14
C VAL J 366 69.49 -46.26 -10.25
N LEU J 367 70.44 -46.79 -9.49
CA LEU J 367 70.63 -48.24 -9.29
C LEU J 367 70.44 -48.55 -7.82
N LEU J 368 69.75 -49.65 -7.53
CA LEU J 368 69.51 -50.14 -6.17
C LEU J 368 69.90 -51.61 -6.08
N LEU J 369 70.50 -51.99 -4.96
CA LEU J 369 70.91 -53.37 -4.68
C LEU J 369 70.17 -53.84 -3.45
N PHE J 370 69.71 -55.09 -3.47
CA PHE J 370 68.89 -55.64 -2.37
C PHE J 370 69.60 -56.83 -1.73
N LYS J 371 70.09 -56.61 -0.51
CA LYS J 371 70.10 -57.63 0.55
C LYS J 371 70.90 -58.89 0.17
N ASP J 372 72.22 -58.85 0.36
CA ASP J 372 73.13 -59.98 0.06
C ASP J 372 72.71 -61.30 0.75
N SER J 373 71.73 -61.30 1.65
CA SER J 373 71.06 -62.55 2.08
C SER J 373 70.61 -63.39 0.88
N LEU J 374 70.27 -62.73 -0.23
CA LEU J 374 69.87 -63.44 -1.46
C LEU J 374 70.93 -64.47 -1.86
N ASN J 375 72.11 -63.99 -2.21
CA ASN J 375 73.21 -64.82 -2.69
C ASN J 375 74.50 -64.37 -2.01
N SER J 376 75.48 -65.27 -1.98
CA SER J 376 76.88 -64.90 -1.67
C SER J 376 77.55 -64.38 -2.95
N ASP J 377 76.91 -63.39 -3.58
CA ASP J 377 77.28 -62.91 -4.92
C ASP J 377 76.62 -61.56 -5.14
N CYS J 378 77.36 -60.65 -5.77
CA CYS J 378 76.88 -59.28 -5.99
C CYS J 378 75.95 -59.25 -7.19
N LEU J 379 75.35 -58.07 -7.40
CA LEU J 379 74.73 -57.69 -8.68
C LEU J 379 73.41 -58.42 -8.92
N THR J 380 72.89 -59.10 -7.91
CA THR J 380 71.61 -59.79 -7.99
C THR J 380 70.58 -59.04 -7.18
N SER J 381 69.33 -59.15 -7.57
CA SER J 381 68.24 -58.39 -6.93
C SER J 381 68.56 -56.91 -7.06
N PHE J 382 68.66 -56.48 -8.32
CA PHE J 382 68.92 -55.08 -8.64
C PHE J 382 67.58 -54.38 -8.80
N LYS J 383 67.65 -53.07 -9.01
CA LYS J 383 66.48 -52.28 -9.44
C LYS J 383 66.96 -50.96 -10.02
N ILE J 384 66.74 -50.75 -11.31
CA ILE J 384 67.12 -49.50 -12.01
C ILE J 384 65.86 -48.69 -12.24
N THR J 385 65.97 -47.38 -12.15
CA THR J 385 64.81 -46.55 -12.53
C THR J 385 65.18 -45.11 -12.78
N ASP J 386 64.32 -44.45 -13.54
CA ASP J 386 64.36 -43.00 -13.74
C ASP J 386 63.28 -42.30 -12.92
N LEU J 387 62.19 -43.00 -12.61
CA LEU J 387 60.92 -42.46 -12.07
C LEU J 387 60.08 -41.80 -13.17
N GLY J 388 60.53 -41.88 -14.43
CA GLY J 388 59.69 -41.51 -15.58
C GLY J 388 58.97 -42.73 -16.11
N LYS J 389 59.33 -43.20 -17.32
CA LYS J 389 58.84 -44.47 -17.90
C LYS J 389 59.73 -45.65 -17.55
N ILE J 390 60.88 -45.43 -16.90
CA ILE J 390 62.00 -46.40 -16.86
C ILE J 390 62.04 -47.08 -15.50
N ASN J 391 61.83 -48.39 -15.51
CA ASN J 391 61.82 -49.18 -14.28
C ASN J 391 62.19 -50.62 -14.63
N TYR J 392 63.44 -50.99 -14.40
CA TYR J 392 63.97 -52.33 -14.68
C TYR J 392 64.26 -53.04 -13.37
N SER J 393 64.04 -54.36 -13.36
CA SER J 393 64.13 -55.16 -12.12
C SER J 393 64.52 -56.60 -12.47
N SER J 394 64.41 -57.48 -11.48
CA SER J 394 64.68 -58.92 -11.63
C SER J 394 63.48 -59.75 -11.15
N GLU J 410 48.06 -45.28 -21.74
CA GLU J 410 48.50 -44.72 -23.05
C GLU J 410 47.84 -43.37 -23.32
N ASN J 411 46.58 -43.19 -22.88
CA ASN J 411 45.94 -41.86 -22.84
C ASN J 411 46.66 -40.94 -21.85
N ARG J 412 47.24 -41.53 -20.80
CA ARG J 412 48.09 -40.80 -19.84
C ARG J 412 49.41 -40.38 -20.51
N TYR J 413 49.92 -41.23 -21.42
CA TYR J 413 51.24 -41.08 -22.08
C TYR J 413 51.05 -40.40 -23.44
N LEU J 414 50.11 -39.47 -23.53
CA LEU J 414 49.70 -38.82 -24.80
C LEU J 414 49.75 -37.29 -24.73
N VAL J 415 49.89 -36.68 -23.55
CA VAL J 415 49.52 -35.26 -23.33
C VAL J 415 50.65 -34.46 -22.64
N VAL J 416 51.81 -35.06 -22.42
CA VAL J 416 52.87 -34.38 -21.64
C VAL J 416 53.55 -33.27 -22.44
N PRO J 417 54.03 -33.52 -23.68
CA PRO J 417 54.66 -32.47 -24.47
C PRO J 417 53.80 -31.21 -24.60
N PRO J 418 52.48 -31.30 -24.80
CA PRO J 418 51.65 -30.09 -24.78
C PRO J 418 51.84 -29.22 -23.53
N LEU J 419 51.66 -29.81 -22.35
CA LEU J 419 51.96 -29.10 -21.09
C LEU J 419 53.38 -28.52 -21.12
N GLU J 420 54.38 -29.36 -21.33
CA GLU J 420 55.79 -28.94 -21.13
C GLU J 420 56.14 -27.82 -22.11
N THR J 421 55.48 -27.75 -23.26
CA THR J 421 55.56 -26.57 -24.13
C THR J 421 54.96 -25.37 -23.40
N GLY J 422 53.71 -25.49 -22.96
CA GLY J 422 52.93 -24.34 -22.45
C GLY J 422 53.64 -23.56 -21.38
N LEU J 423 54.34 -24.26 -20.48
CA LEU J 423 55.07 -23.62 -19.38
C LEU J 423 56.11 -22.64 -19.93
N LYS J 424 57.02 -23.13 -20.74
CA LYS J 424 58.11 -22.30 -21.29
C LYS J 424 57.53 -21.24 -22.21
N VAL J 425 56.43 -21.56 -22.89
CA VAL J 425 55.76 -20.59 -23.78
C VAL J 425 55.42 -19.34 -22.98
N CYS J 426 54.62 -19.50 -21.95
CA CYS J 426 54.19 -18.31 -21.20
C CYS J 426 55.33 -17.79 -20.32
N PHE J 427 56.35 -18.60 -20.05
CA PHE J 427 57.60 -18.08 -19.46
C PHE J 427 58.27 -17.06 -20.38
N SER J 428 58.39 -17.39 -21.66
CA SER J 428 58.90 -16.45 -22.68
C SER J 428 58.04 -15.18 -22.68
N SER J 429 56.71 -15.35 -22.61
CA SER J 429 55.77 -14.22 -22.47
C SER J 429 56.17 -13.35 -21.27
N PHE J 430 56.40 -14.00 -20.13
CA PHE J 430 56.76 -13.31 -18.88
C PHE J 430 58.02 -12.48 -19.06
N ARG J 431 59.04 -13.08 -19.65
CA ARG J 431 60.31 -12.36 -19.87
C ARG J 431 60.12 -11.17 -20.81
N GLU J 432 59.38 -11.38 -21.89
CA GLU J 432 59.08 -10.29 -22.83
C GLU J 432 58.46 -9.12 -22.08
N LEU J 433 57.50 -9.41 -21.20
CA LEU J 433 56.75 -8.33 -20.56
C LEU J 433 57.56 -7.73 -19.41
N ARG J 434 58.54 -8.45 -18.87
CA ARG J 434 59.53 -7.81 -18.01
C ARG J 434 60.31 -6.74 -18.77
N GLN J 435 60.79 -7.11 -19.94
CA GLN J 435 61.51 -6.16 -20.80
C GLN J 435 60.63 -4.94 -21.06
N HIS J 436 59.39 -5.19 -21.43
CA HIS J 436 58.36 -4.15 -21.62
C HIS J 436 58.32 -3.23 -20.40
N LEU J 437 58.22 -3.83 -19.19
CA LEU J 437 58.14 -3.09 -17.93
C LEU J 437 59.30 -2.13 -17.78
N LEU J 438 60.50 -2.69 -17.82
CA LEU J 438 61.71 -1.90 -17.61
C LEU J 438 61.76 -0.75 -18.61
N LEU J 439 61.26 -1.00 -19.81
CA LEU J 439 61.37 -0.02 -20.89
C LEU J 439 60.61 1.25 -20.53
N LYS J 440 59.30 1.17 -20.34
CA LYS J 440 58.55 2.39 -20.00
C LYS J 440 59.00 2.97 -18.66
N GLU J 441 59.53 2.16 -17.76
CA GLU J 441 60.09 2.79 -16.55
C GLU J 441 61.21 3.78 -16.89
N LYS J 442 62.19 3.33 -17.68
CA LYS J 442 63.27 4.20 -18.15
C LYS J 442 62.70 5.44 -18.80
N ILE J 443 61.71 5.22 -19.65
CA ILE J 443 61.17 6.30 -20.49
C ILE J 443 60.50 7.34 -19.61
N ILE J 444 59.81 6.88 -18.60
CA ILE J 444 59.10 7.78 -17.68
C ILE J 444 60.10 8.62 -16.92
N SER J 445 61.20 8.01 -16.50
CA SER J 445 62.25 8.79 -15.84
C SER J 445 62.80 9.85 -16.77
N LYS J 446 63.05 9.48 -18.02
CA LYS J 446 63.58 10.42 -19.04
C LYS J 446 62.66 11.63 -19.14
N SER J 447 61.39 11.38 -19.41
CA SER J 447 60.40 12.46 -19.61
C SER J 447 60.25 13.32 -18.36
N TYR J 448 60.32 12.70 -17.19
CA TYR J 448 60.28 13.40 -15.91
C TYR J 448 61.41 14.42 -15.86
N LYS J 449 62.61 13.97 -16.22
CA LYS J 449 63.77 14.86 -16.17
C LYS J 449 63.66 15.95 -17.21
N ALA J 450 63.09 15.64 -18.38
CA ALA J 450 62.91 16.66 -19.42
C ALA J 450 61.93 17.73 -18.92
N LEU J 451 60.88 17.28 -18.25
CA LEU J 451 59.95 18.21 -17.60
C LEU J 451 60.72 19.11 -16.64
N ILE J 452 61.59 18.55 -15.81
CA ILE J 452 62.36 19.37 -14.86
C ILE J 452 63.21 20.36 -15.64
N ASN J 453 63.81 19.91 -16.74
CA ASN J 453 64.67 20.75 -17.57
C ASN J 453 63.87 21.92 -18.16
N LEU J 454 62.55 21.79 -18.29
CA LEU J 454 61.71 22.95 -18.60
C LEU J 454 61.96 24.06 -17.59
N VAL J 455 62.02 23.68 -16.31
CA VAL J 455 62.20 24.65 -15.21
C VAL J 455 63.67 25.09 -15.11
N GLN J 456 64.61 24.17 -15.37
CA GLN J 456 66.06 24.47 -15.26
C GLN J 456 66.52 25.39 -16.39
N GLY J 457 66.41 24.94 -17.64
CA GLY J 457 66.83 25.71 -18.81
C GLY J 457 65.88 26.85 -19.10
N SER J 496 70.02 22.95 -5.43
CA SER J 496 71.04 21.91 -5.19
C SER J 496 71.40 21.83 -3.71
N GLU J 497 71.65 22.99 -3.10
CA GLU J 497 72.03 23.06 -1.67
C GLU J 497 70.90 22.50 -0.81
N GLN J 498 71.26 21.98 0.37
CA GLN J 498 70.27 21.52 1.36
C GLN J 498 69.83 22.70 2.24
N LEU J 499 68.63 23.24 1.94
CA LEU J 499 68.05 24.39 2.69
C LEU J 499 67.30 23.92 3.94
N VAL J 500 67.35 22.63 4.24
CA VAL J 500 66.40 21.95 5.14
C VAL J 500 67.16 20.88 5.92
N GLU J 501 66.92 20.76 7.22
CA GLU J 501 67.41 19.58 7.95
C GLU J 501 66.47 18.40 7.76
N LYS J 502 65.22 18.50 8.18
CA LYS J 502 64.35 17.32 8.24
C LYS J 502 62.89 17.71 8.34
N ILE J 503 62.01 16.73 8.18
CA ILE J 503 60.58 16.84 8.59
C ILE J 503 60.45 16.26 10.00
N TRP J 504 59.40 16.68 10.70
CA TRP J 504 58.97 16.05 11.95
C TRP J 504 57.64 16.63 12.36
N TYR J 505 56.86 15.89 13.10
CA TYR J 505 55.48 16.30 13.34
C TYR J 505 54.92 15.64 14.57
N ARG J 506 53.86 16.23 15.11
CA ARG J 506 53.13 15.76 16.28
C ARG J 506 51.64 15.91 16.06
N VAL J 507 50.83 15.60 17.06
CA VAL J 507 49.37 15.87 17.02
C VAL J 507 48.98 16.43 18.39
N ILE J 508 48.15 17.47 18.35
CA ILE J 508 47.49 18.07 19.53
C ILE J 508 46.04 17.73 19.36
N ASP J 509 45.21 18.04 20.33
CA ASP J 509 43.82 17.53 20.51
C ASP J 509 43.01 17.32 19.24
N ASP J 510 42.78 18.37 18.45
CA ASP J 510 42.16 18.19 17.15
C ASP J 510 42.86 19.07 16.12
N SER J 511 44.16 19.18 16.28
CA SER J 511 44.93 20.26 15.64
C SER J 511 46.28 19.67 15.24
N LEU J 512 46.38 19.20 14.00
CA LEU J 512 47.64 18.64 13.53
C LEU J 512 48.68 19.70 13.38
N VAL J 513 49.92 19.32 13.51
CA VAL J 513 51.08 20.23 13.54
C VAL J 513 52.11 19.59 12.65
N VAL J 514 52.72 20.36 11.81
CA VAL J 514 53.99 19.98 11.20
C VAL J 514 55.03 21.00 11.59
N GLY J 515 56.26 20.56 11.65
CA GLY J 515 57.36 21.45 12.03
C GLY J 515 58.65 21.02 11.36
N VAL J 516 59.46 22.01 10.97
CA VAL J 516 60.66 21.81 10.14
C VAL J 516 61.80 22.63 10.73
N LYS J 517 62.97 22.05 10.64
CA LYS J 517 64.21 22.70 11.02
C LYS J 517 64.88 23.29 9.78
N THR J 518 65.53 24.43 9.92
CA THR J 518 66.21 25.13 8.82
C THR J 518 67.72 25.02 9.01
N THR J 519 68.41 24.85 7.88
CA THR J 519 69.87 25.01 7.81
C THR J 519 70.23 26.51 7.80
N SER J 520 71.48 26.82 8.12
CA SER J 520 71.94 28.23 8.16
C SER J 520 71.87 28.89 6.79
N SER J 521 71.90 28.09 5.72
CA SER J 521 71.95 28.61 4.34
C SER J 521 70.78 29.55 4.05
N LEU J 522 69.56 29.00 4.06
CA LEU J 522 68.35 29.81 3.79
C LEU J 522 68.19 30.81 4.94
N LYS J 523 67.74 32.01 4.60
CA LYS J 523 67.44 33.05 5.60
C LYS J 523 66.03 33.59 5.39
N LEU J 524 65.55 34.26 6.42
CA LEU J 524 64.13 34.57 6.58
C LEU J 524 63.88 36.06 6.43
N SER J 525 64.77 36.88 6.99
CA SER J 525 64.71 38.34 6.79
C SER J 525 64.68 38.70 5.29
N LEU J 526 65.29 37.87 4.46
CA LEU J 526 65.38 38.09 3.01
C LEU J 526 64.27 37.39 2.24
N ASN J 527 63.71 36.32 2.78
CA ASN J 527 62.79 35.45 2.03
C ASN J 527 61.53 35.21 2.83
N ASP J 528 60.41 35.39 2.16
CA ASP J 528 59.11 34.98 2.68
C ASP J 528 59.01 33.49 2.42
N VAL J 529 59.07 32.70 3.47
CA VAL J 529 59.01 31.22 3.35
C VAL J 529 57.66 30.76 3.85
N THR J 530 56.84 30.14 3.04
CA THR J 530 55.50 29.70 3.45
C THR J 530 55.53 28.17 3.51
N LEU J 531 54.35 27.54 3.68
CA LEU J 531 54.25 26.07 3.87
C LEU J 531 52.82 25.64 3.77
N SER J 532 52.54 24.54 3.11
CA SER J 532 51.16 24.13 2.82
C SER J 532 51.06 22.63 2.74
N LEU J 533 49.89 22.10 3.01
CA LEU J 533 49.75 20.66 3.05
C LEU J 533 48.86 20.23 1.94
N LEU J 534 49.12 19.07 1.37
CA LEU J 534 48.39 18.65 0.17
C LEU J 534 47.87 17.24 0.31
N MET J 535 46.71 16.99 -0.25
CA MET J 535 46.01 15.70 -0.08
C MET J 535 46.38 14.74 -1.19
N ASP J 536 46.10 13.47 -0.97
CA ASP J 536 46.00 12.51 -2.10
C ASP J 536 44.52 12.33 -2.46
N GLN J 537 44.11 12.59 -3.70
CA GLN J 537 42.69 12.51 -4.10
C GLN J 537 42.21 11.05 -4.10
N ALA J 538 43.11 10.08 -4.13
CA ALA J 538 42.74 8.67 -3.89
C ALA J 538 42.03 8.56 -2.56
N HIS J 539 42.49 9.33 -1.58
CA HIS J 539 41.73 9.55 -0.34
C HIS J 539 40.58 10.49 -0.68
N ASP J 540 40.93 11.66 -1.22
CA ASP J 540 39.97 12.76 -1.38
C ASP J 540 39.36 12.63 -2.78
N SER J 541 38.51 11.61 -2.93
CA SER J 541 37.67 11.43 -4.11
C SER J 541 36.74 12.64 -4.29
N ARG J 542 36.23 13.18 -3.17
CA ARG J 542 35.59 14.50 -3.13
C ARG J 542 36.68 15.59 -3.04
N PHE J 543 36.28 16.81 -2.73
CA PHE J 543 37.22 17.93 -2.62
C PHE J 543 36.61 18.98 -1.67
N ARG J 544 37.47 19.48 -0.80
CA ARG J 544 37.20 20.64 0.03
C ARG J 544 38.48 21.40 0.32
N LEU J 545 38.37 22.57 0.87
CA LEU J 545 39.59 23.35 1.16
C LEU J 545 40.41 22.69 2.26
N LEU J 546 41.55 23.27 2.54
CA LEU J 546 42.41 22.75 3.62
C LEU J 546 43.36 23.87 4.04
N LYS J 547 43.04 24.48 5.17
CA LYS J 547 43.89 25.55 5.66
C LYS J 547 45.21 25.06 6.21
N CYS J 548 46.15 25.96 6.32
CA CYS J 548 47.16 25.87 7.36
C CYS J 548 47.78 27.21 7.63
N GLN J 549 47.88 27.46 8.89
CA GLN J 549 48.41 28.70 9.40
C GLN J 549 49.81 28.44 9.84
N ASN J 550 50.68 29.30 9.38
CA ASN J 550 52.11 29.15 9.64
C ASN J 550 52.52 29.84 10.89
N ARG J 551 53.76 29.66 11.22
CA ARG J 551 54.39 30.34 12.33
C ARG J 551 55.89 30.11 12.22
N VAL J 552 56.66 31.01 12.79
CA VAL J 552 58.13 30.95 12.80
C VAL J 552 58.64 31.20 14.21
N ILE J 553 59.69 30.51 14.59
CA ILE J 553 60.06 30.42 16.01
C ILE J 553 61.56 30.59 16.17
N LYS J 554 61.96 31.56 16.99
CA LYS J 554 63.36 31.96 17.20
C LYS J 554 63.74 31.69 18.65
N LEU J 555 64.66 30.76 18.86
CA LEU J 555 65.01 30.28 20.21
C LEU J 555 66.51 30.20 20.32
N SER J 556 67.06 30.94 21.26
CA SER J 556 68.49 30.79 21.54
C SER J 556 68.77 29.41 22.12
N THR J 557 70.04 29.12 22.29
CA THR J 557 70.50 27.83 22.83
C THR J 557 71.74 28.07 23.69
N ASN J 558 71.53 28.19 24.99
CA ASN J 558 72.59 28.58 25.95
C ASN J 558 73.37 29.78 25.43
N PRO J 559 72.69 30.92 25.14
CA PRO J 559 73.44 32.15 24.84
C PRO J 559 74.04 32.79 26.10
N PHE J 560 73.62 32.36 27.28
CA PHE J 560 74.00 32.98 28.56
C PHE J 560 75.28 32.31 29.05
N LYS J 596 78.35 33.11 15.76
CA LYS J 596 77.78 33.59 17.03
C LYS J 596 77.31 32.41 17.88
N LYS J 597 76.61 32.69 18.96
CA LYS J 597 75.82 31.69 19.71
C LYS J 597 74.53 31.40 18.93
N GLU J 598 74.07 30.16 19.00
CA GLU J 598 72.96 29.70 18.14
C GLU J 598 71.67 30.44 18.49
N CYS J 599 71.08 31.08 17.48
CA CYS J 599 69.62 31.29 17.43
C CYS J 599 69.07 30.23 16.46
N VAL J 600 68.03 29.53 16.89
CA VAL J 600 67.41 28.44 16.12
C VAL J 600 66.10 28.98 15.53
N GLN J 601 66.04 28.98 14.21
CA GLN J 601 64.89 29.49 13.46
C GLN J 601 64.23 28.30 12.78
N ILE J 602 63.00 28.00 13.18
CA ILE J 602 62.25 26.82 12.69
C ILE J 602 60.82 27.21 12.36
N ILE J 603 60.29 26.44 11.49
CA ILE J 603 59.01 26.75 10.90
C ILE J 603 58.04 25.79 11.47
N THR J 604 56.76 26.10 11.35
CA THR J 604 55.74 25.12 11.60
C THR J 604 54.40 25.60 11.09
N ALA J 605 53.45 24.71 11.07
CA ALA J 605 52.15 24.94 10.50
C ALA J 605 51.09 24.09 11.16
N VAL J 606 49.86 24.54 11.12
CA VAL J 606 48.81 24.10 12.05
C VAL J 606 47.51 23.90 11.29
N THR J 607 46.76 22.91 11.69
CA THR J 607 45.65 22.51 10.87
C THR J 607 44.57 21.78 11.61
N SER J 608 43.38 21.87 11.05
CA SER J 608 42.20 21.08 11.45
C SER J 608 42.46 19.64 11.14
N LEU J 609 42.68 18.83 12.20
CA LEU J 609 42.95 17.42 12.01
C LEU J 609 41.74 16.61 11.62
N SER J 610 40.55 16.99 12.08
CA SER J 610 39.44 16.03 12.05
C SER J 610 38.98 15.59 10.68
N PRO J 611 38.73 16.45 9.69
CA PRO J 611 38.01 15.98 8.50
C PRO J 611 38.85 15.15 7.54
N LEU J 612 40.09 14.96 7.86
CA LEU J 612 40.98 14.05 7.10
C LEU J 612 40.64 12.60 7.36
N LEU J 613 40.20 12.32 8.57
CA LEU J 613 40.10 10.95 9.07
C LEU J 613 38.81 10.30 8.67
N THR J 614 38.27 10.71 7.54
CA THR J 614 37.18 9.95 6.98
C THR J 614 37.68 8.67 6.34
N PHE J 615 38.99 8.38 6.35
CA PHE J 615 39.47 7.06 5.92
C PHE J 615 40.50 6.55 6.88
N SER J 616 40.43 6.98 8.10
CA SER J 616 41.17 6.38 9.23
C SER J 616 42.67 6.57 9.16
N LYS J 617 43.12 7.24 8.13
CA LYS J 617 44.54 7.31 7.86
C LYS J 617 44.70 8.20 6.64
N PHE J 618 45.85 8.82 6.56
CA PHE J 618 46.19 9.52 5.33
C PHE J 618 47.71 9.68 5.22
N CYS J 619 48.09 10.26 4.11
CA CYS J 619 49.48 10.54 3.79
C CYS J 619 49.48 11.73 2.85
N CYS J 620 49.90 12.86 3.38
CA CYS J 620 49.76 14.15 2.72
C CYS J 620 51.14 14.72 2.45
N THR J 621 51.23 15.57 1.45
CA THR J 621 52.50 16.14 1.05
C THR J 621 52.76 17.43 1.79
N VAL J 622 54.02 17.64 2.10
CA VAL J 622 54.53 18.90 2.67
C VAL J 622 55.26 19.63 1.57
N LEU J 623 55.31 20.96 1.68
CA LEU J 623 55.65 21.80 0.52
C LEU J 623 55.94 23.20 0.96
N LEU J 624 57.10 23.67 0.58
CA LEU J 624 57.72 24.87 1.11
C LEU J 624 58.01 25.80 -0.06
N GLN J 625 57.28 26.92 -0.17
CA GLN J 625 57.63 27.99 -1.14
C GLN J 625 58.55 29.01 -0.50
N ILE J 626 59.41 29.57 -1.32
CA ILE J 626 60.32 30.66 -0.92
C ILE J 626 60.19 31.78 -1.94
N MET J 627 59.70 32.94 -1.51
CA MET J 627 59.69 34.17 -2.33
C MET J 627 60.67 35.15 -1.72
N GLU J 628 61.01 36.15 -2.49
CA GLU J 628 61.91 37.20 -2.02
C GLU J 628 61.26 38.56 -2.20
N ARG J 629 61.78 39.49 -1.41
CA ARG J 629 61.11 40.76 -1.10
C ARG J 629 61.86 41.93 -1.74
N GLU J 630 63.21 41.86 -1.74
CA GLU J 630 64.07 42.94 -2.29
C GLU J 630 63.75 43.18 -3.76
N SER J 631 64.02 42.17 -4.59
CA SER J 631 63.66 42.18 -6.02
C SER J 631 62.21 41.74 -6.13
N GLY J 632 61.27 42.68 -6.21
CA GLY J 632 59.84 42.38 -6.35
C GLY J 632 59.41 42.20 -7.81
N ASN J 633 60.28 41.63 -8.66
CA ASN J 633 60.03 41.42 -10.10
C ASN J 633 59.39 40.04 -10.37
N CYS J 634 58.80 39.41 -9.37
CA CYS J 634 58.46 37.97 -9.41
C CYS J 634 59.69 37.17 -9.82
N PRO J 635 60.91 37.44 -9.27
CA PRO J 635 62.11 36.81 -9.82
C PRO J 635 62.25 35.35 -9.37
N LYS J 636 61.98 35.09 -8.08
CA LYS J 636 62.39 33.85 -7.39
C LYS J 636 61.15 33.18 -6.79
N ASP J 637 60.96 31.91 -7.18
CA ASP J 637 59.84 31.05 -6.77
C ASP J 637 60.40 29.69 -6.38
N ARG J 638 61.44 29.68 -5.56
CA ARG J 638 62.14 28.44 -5.25
C ARG J 638 61.20 27.53 -4.48
N TYR J 639 60.59 26.58 -5.17
CA TYR J 639 59.71 25.55 -4.58
C TYR J 639 60.58 24.40 -4.07
N VAL J 640 60.23 23.89 -2.92
CA VAL J 640 60.95 22.75 -2.32
C VAL J 640 59.90 21.79 -1.83
N VAL J 641 60.14 20.50 -2.04
CA VAL J 641 59.38 19.44 -1.35
C VAL J 641 60.32 18.75 -0.38
N CYS J 642 60.01 18.88 0.92
CA CYS J 642 60.92 18.51 2.00
C CYS J 642 60.28 17.42 2.84
N GLY J 643 59.45 16.62 2.22
CA GLY J 643 59.14 15.29 2.74
C GLY J 643 57.69 14.91 2.53
N ARG J 644 57.25 13.92 3.27
CA ARG J 644 55.85 13.57 3.36
C ARG J 644 55.56 13.04 4.75
N VAL J 645 54.28 12.86 5.06
CA VAL J 645 53.85 12.47 6.42
C VAL J 645 52.77 11.37 6.35
N PHE J 646 52.80 10.39 7.25
CA PHE J 646 51.78 9.32 7.33
C PHE J 646 51.18 9.31 8.73
N LEU J 647 49.87 9.05 8.83
CA LEU J 647 49.17 8.92 10.14
C LEU J 647 47.91 8.10 10.00
N SER J 648 47.60 7.43 11.09
CA SER J 648 46.48 6.48 11.16
C SER J 648 46.03 6.35 12.62
N LEU J 649 44.77 5.93 12.73
CA LEU J 649 44.14 5.80 14.05
C LEU J 649 44.89 4.77 14.87
N GLU J 650 45.46 3.80 14.19
CA GLU J 650 46.17 2.75 14.89
C GLU J 650 47.40 3.32 15.53
N ASP J 651 48.15 4.12 14.77
CA ASP J 651 49.33 4.81 15.33
C ASP J 651 48.93 5.63 16.54
N LEU J 652 47.79 6.29 16.48
CA LEU J 652 47.41 7.15 17.61
C LEU J 652 46.98 6.33 18.80
N SER J 653 46.22 5.27 18.55
CA SER J 653 45.79 4.37 19.62
C SER J 653 47.02 3.86 20.35
N THR J 654 48.10 3.63 19.61
CA THR J 654 49.42 3.30 20.17
C THR J 654 50.21 4.57 20.51
N GLY J 655 49.55 5.73 20.58
CA GLY J 655 50.22 7.01 20.77
C GLY J 655 51.22 7.38 19.69
N LYS J 656 52.51 7.37 20.04
CA LYS J 656 53.69 7.61 19.19
C LYS J 656 53.87 9.06 18.77
N TYR J 657 52.83 9.88 18.86
CA TYR J 657 52.93 11.31 18.54
C TYR J 657 52.25 12.16 19.58
N LEU J 658 51.12 11.69 20.11
CA LEU J 658 50.23 12.52 20.91
C LEU J 658 50.92 12.97 22.17
N LEU J 659 50.64 14.20 22.58
CA LEU J 659 51.26 14.77 23.77
C LEU J 659 50.20 14.79 24.85
N THR J 660 50.04 13.64 25.51
CA THR J 660 49.05 13.47 26.57
C THR J 660 49.66 14.04 27.83
N PHE J 661 49.01 15.04 28.38
CA PHE J 661 49.65 15.84 29.42
C PHE J 661 49.42 15.22 30.79
N PRO J 662 49.88 15.89 31.84
CA PRO J 662 51.13 15.44 32.46
C PRO J 662 51.20 13.92 32.60
N LYS J 663 51.89 13.36 31.63
CA LYS J 663 52.72 12.16 31.78
C LYS J 663 54.07 12.46 31.12
N LYS J 664 54.01 13.29 30.09
CA LYS J 664 55.17 13.95 29.47
C LYS J 664 55.37 15.29 30.16
N LYS J 665 55.69 15.22 31.45
CA LYS J 665 56.13 16.42 32.17
C LYS J 665 57.61 16.67 31.93
N PRO J 666 58.52 15.67 32.11
CA PRO J 666 59.92 15.92 31.77
C PRO J 666 60.16 15.84 30.26
N ILE J 667 59.71 16.86 29.53
CA ILE J 667 59.81 16.89 28.05
C ILE J 667 61.26 17.16 27.65
N GLU J 668 61.91 16.13 27.11
CA GLU J 668 63.30 16.19 26.63
C GLU J 668 63.37 15.72 25.16
N HIS J 669 62.27 15.89 24.41
CA HIS J 669 62.23 15.68 22.95
C HIS J 669 61.64 16.92 22.33
N MET J 670 62.48 17.79 21.82
CA MET J 670 62.08 19.17 21.58
C MET J 670 61.04 19.29 20.51
N GLU J 671 60.89 18.30 19.65
CA GLU J 671 59.82 18.36 18.63
C GLU J 671 58.47 18.40 19.30
N ASP J 672 58.34 17.88 20.52
CA ASP J 672 57.06 17.96 21.23
C ASP J 672 56.83 19.40 21.73
N LEU J 673 57.87 20.09 22.20
CA LEU J 673 57.74 21.48 22.66
C LEU J 673 57.23 22.39 21.56
N PHE J 674 57.75 22.22 20.36
CA PHE J 674 57.40 23.09 19.24
C PHE J 674 55.97 22.91 18.85
N ALA J 675 55.37 21.74 19.05
CA ALA J 675 53.93 21.56 18.77
C ALA J 675 53.06 22.17 19.84
N LEU J 676 53.67 22.59 20.93
CA LEU J 676 52.97 23.52 21.83
C LEU J 676 53.03 24.86 21.17
N LEU J 677 54.26 25.30 20.89
CA LEU J 677 54.48 26.68 20.46
C LEU J 677 53.71 26.98 19.18
N ALA J 678 53.35 25.96 18.43
CA ALA J 678 52.66 26.21 17.19
C ALA J 678 51.19 26.48 17.44
N ALA J 679 50.48 25.58 18.12
CA ALA J 679 49.01 25.69 18.20
C ALA J 679 48.52 26.35 19.49
N PHE J 680 49.42 26.72 20.40
CA PHE J 680 49.07 27.61 21.53
C PHE J 680 48.91 29.01 21.01
N HIS J 681 47.68 29.54 21.16
CA HIS J 681 47.40 30.93 20.87
C HIS J 681 48.42 31.81 21.60
N LYS J 682 48.96 32.79 20.89
CA LYS J 682 50.16 33.50 21.35
C LYS J 682 49.83 34.97 21.67
N SER J 683 50.61 35.58 22.55
CA SER J 683 50.38 36.98 22.91
C SER J 683 51.65 37.56 23.52
N CYS J 684 51.98 38.77 23.11
CA CYS J 684 53.24 39.45 23.46
C CYS J 684 52.97 40.73 24.23
N PHE J 685 53.70 40.95 25.30
CA PHE J 685 53.41 42.08 26.19
C PHE J 685 54.68 42.76 26.64
N GLN J 686 54.78 44.07 26.40
CA GLN J 686 55.94 44.88 26.87
C GLN J 686 55.67 45.38 28.27
N ILE J 687 56.72 45.46 29.07
CA ILE J 687 56.63 45.75 30.49
C ILE J 687 57.63 46.84 30.82
N THR J 688 57.19 47.80 31.62
CA THR J 688 58.00 48.96 32.07
C THR J 688 57.79 49.18 33.56
N SER J 689 58.76 48.79 34.38
CA SER J 689 58.83 49.21 35.78
C SER J 689 59.59 50.54 35.76
N PRO J 690 58.90 51.70 35.76
CA PRO J 690 59.53 52.94 35.29
C PRO J 690 60.61 53.48 36.25
N GLY J 691 60.37 53.37 37.57
CA GLY J 691 61.28 53.82 38.63
C GLY J 691 61.81 52.67 39.47
N TYR J 692 61.62 51.43 39.00
CA TYR J 692 61.95 50.21 39.76
C TYR J 692 62.80 49.32 38.87
N ALA J 693 63.80 48.67 39.46
CA ALA J 693 64.49 47.55 38.79
C ALA J 693 63.63 46.30 38.92
N LEU J 694 63.30 45.68 37.77
CA LEU J 694 62.23 44.65 37.67
C LEU J 694 62.81 43.27 38.01
N ASN J 695 62.40 42.70 39.14
CA ASN J 695 62.90 41.39 39.63
C ASN J 695 61.79 40.48 40.12
N SER J 696 60.60 41.03 40.38
CA SER J 696 59.49 40.27 40.96
C SER J 696 59.08 39.12 40.05
N MET J 697 59.32 39.26 38.74
CA MET J 697 58.98 38.18 37.79
C MET J 697 59.72 36.90 38.14
N LYS J 698 60.93 37.05 38.69
CA LYS J 698 61.78 35.91 39.03
C LYS J 698 61.30 35.18 40.28
N VAL J 699 60.30 35.71 40.94
CA VAL J 699 59.56 34.98 41.98
C VAL J 699 58.21 34.54 41.44
N TRP J 700 57.57 35.37 40.59
CA TRP J 700 56.25 35.07 40.02
C TRP J 700 56.31 33.74 39.28
N LEU J 701 57.27 33.64 38.38
CA LEU J 701 57.36 32.46 37.52
C LEU J 701 57.71 31.23 38.34
N LEU J 702 58.64 31.38 39.27
CA LEU J 702 59.32 30.23 39.90
C LEU J 702 58.61 29.75 41.16
N GLU J 703 57.83 30.63 41.78
CA GLU J 703 57.21 30.40 43.08
C GLU J 703 55.69 30.46 43.00
N HIS J 704 55.11 31.33 42.17
CA HIS J 704 53.65 31.43 42.03
C HIS J 704 53.19 30.53 40.91
N MET J 705 53.90 30.53 39.78
CA MET J 705 53.60 29.60 38.67
C MET J 705 54.36 28.29 38.85
N LYS J 706 55.38 28.27 39.71
CA LYS J 706 56.15 27.05 40.03
C LYS J 706 56.85 26.57 38.77
N CYS J 707 57.39 27.48 37.98
CA CYS J 707 57.88 27.17 36.64
C CYS J 707 59.19 26.43 36.71
N GLU J 708 59.57 25.84 35.58
CA GLU J 708 60.86 25.16 35.41
C GLU J 708 61.45 25.57 34.06
N ILE J 709 62.78 25.67 34.04
CA ILE J 709 63.48 26.08 32.81
C ILE J 709 63.91 24.84 32.04
N ILE J 710 63.80 24.91 30.72
CA ILE J 710 64.41 23.93 29.80
C ILE J 710 65.91 24.29 29.68
N LYS J 711 66.77 23.27 29.69
CA LYS J 711 68.23 23.49 29.78
C LYS J 711 68.78 23.93 28.45
N GLU J 712 68.53 23.14 27.41
CA GLU J 712 68.88 23.50 26.02
C GLU J 712 68.29 24.87 25.65
N PHE J 713 67.08 25.16 26.14
CA PHE J 713 66.34 26.39 25.85
C PHE J 713 66.17 27.17 27.15
N PRO J 714 67.18 27.95 27.57
CA PRO J 714 67.17 28.48 28.94
C PRO J 714 66.27 29.69 29.10
N GLU J 715 65.44 30.00 28.12
CA GLU J 715 64.65 31.23 28.13
C GLU J 715 63.17 30.95 27.98
N VAL J 716 62.71 29.81 28.49
CA VAL J 716 61.30 29.41 28.44
C VAL J 716 60.92 28.77 29.77
N TYR J 717 59.65 28.91 30.14
CA TYR J 717 59.13 28.52 31.45
C TYR J 717 57.80 27.81 31.25
N PHE J 718 57.77 26.54 31.59
CA PHE J 718 56.52 25.77 31.59
C PHE J 718 55.78 26.06 32.88
N CYS J 719 54.49 26.33 32.76
CA CYS J 719 53.62 26.54 33.93
C CYS J 719 53.34 25.19 34.56
N GLU J 720 54.08 24.88 35.61
CA GLU J 720 53.94 23.61 36.32
C GLU J 720 52.93 23.72 37.48
N ARG J 721 52.37 24.88 37.77
CA ARG J 721 51.25 24.97 38.73
C ARG J 721 50.12 24.09 38.21
N PRO J 722 49.56 23.19 39.02
CA PRO J 722 48.75 22.10 38.47
C PRO J 722 47.26 22.38 38.36
N GLY J 723 46.83 23.63 38.55
CA GLY J 723 45.44 23.97 38.30
C GLY J 723 45.13 23.95 36.81
N SER J 724 44.18 24.80 36.41
CA SER J 724 43.96 25.01 34.96
C SER J 724 45.22 25.56 34.33
N PHE J 725 45.95 26.41 35.05
CA PHE J 725 47.15 27.07 34.51
C PHE J 725 48.24 26.10 34.06
N TYR J 726 48.15 24.85 34.46
CA TYR J 726 49.04 23.81 33.90
C TYR J 726 48.86 23.71 32.40
N GLY J 727 49.95 23.60 31.64
CA GLY J 727 49.86 23.50 30.19
C GLY J 727 49.87 24.87 29.54
N THR J 728 50.92 25.62 29.81
CA THR J 728 51.08 27.00 29.34
C THR J 728 52.56 27.35 29.36
N LEU J 729 52.98 28.31 28.53
CA LEU J 729 54.42 28.65 28.42
C LEU J 729 54.66 30.12 28.37
N PHE J 730 55.76 30.50 28.99
CA PHE J 730 56.14 31.90 29.18
C PHE J 730 57.53 32.14 28.65
N THR J 731 57.81 33.35 28.20
CA THR J 731 59.16 33.69 27.75
C THR J 731 59.46 35.12 28.11
N TRP J 732 60.63 35.30 28.71
CA TRP J 732 60.99 36.55 29.38
C TRP J 732 62.28 37.06 28.79
N LYS J 733 62.34 38.36 28.55
CA LYS J 733 63.59 39.02 28.15
C LYS J 733 63.70 40.32 28.91
N GLN J 734 64.66 40.37 29.84
CA GLN J 734 64.96 41.57 30.65
C GLN J 734 66.13 42.29 29.99
N ARG J 735 65.89 42.72 28.75
CA ARG J 735 66.63 43.84 28.19
C ARG J 735 66.27 45.06 29.08
N THR J 736 67.26 45.85 29.51
CA THR J 736 67.01 47.09 30.27
C THR J 736 66.24 46.81 31.56
N PRO J 737 66.93 46.47 32.67
CA PRO J 737 66.24 45.96 33.87
C PRO J 737 64.96 46.69 34.30
N PHE J 738 64.81 47.97 33.92
CA PHE J 738 63.58 48.72 34.21
C PHE J 738 62.44 48.26 33.29
N GLU J 739 62.75 47.91 32.05
CA GLU J 739 61.73 47.70 31.00
C GLU J 739 62.04 46.46 30.17
N GLY J 740 61.32 45.39 30.45
CA GLY J 740 61.49 44.11 29.75
C GLY J 740 60.30 43.74 28.89
N ILE J 741 60.22 42.45 28.55
CA ILE J 741 59.13 41.96 27.68
C ILE J 741 58.86 40.48 27.91
N LEU J 742 57.59 40.15 27.92
CA LEU J 742 57.09 38.81 28.26
C LEU J 742 56.08 38.34 27.23
N ILE J 743 56.23 37.08 26.82
CA ILE J 743 55.41 36.51 25.76
C ILE J 743 54.87 35.20 26.22
N ILE J 744 53.70 34.87 25.70
CA ILE J 744 52.79 33.94 26.36
C ILE J 744 52.28 33.01 25.32
N TYR J 745 52.19 31.73 25.66
CA TYR J 745 51.56 30.74 24.80
C TYR J 745 50.60 29.95 25.61
N SER J 746 49.37 29.96 25.15
CA SER J 746 48.25 29.52 25.94
C SER J 746 47.45 28.51 25.16
N ARG J 747 46.63 27.74 25.86
CA ARG J 747 45.70 26.83 25.18
C ARG J 747 44.40 27.51 24.80
N ASN J 748 44.18 28.68 25.33
CA ASN J 748 43.18 29.63 24.81
C ASN J 748 43.33 30.93 25.58
N GLN J 749 42.41 31.88 25.42
CA GLN J 749 42.58 33.24 25.96
C GLN J 749 42.19 33.34 27.42
N THR J 750 41.37 32.45 27.88
CA THR J 750 40.89 32.57 29.23
C THR J 750 42.04 32.36 30.15
N VAL J 751 42.86 31.39 29.83
CA VAL J 751 44.06 31.18 30.64
C VAL J 751 44.94 32.41 30.52
N MET J 752 44.98 33.00 29.35
CA MET J 752 45.81 34.17 29.12
C MET J 752 45.31 35.36 29.98
N PHE J 753 43.99 35.49 30.15
CA PHE J 753 43.42 36.51 31.05
C PHE J 753 43.81 36.21 32.48
N GLN J 754 43.59 34.98 32.89
CA GLN J 754 43.68 34.64 34.29
C GLN J 754 45.11 34.78 34.73
N CYS J 755 46.05 34.53 33.86
CA CYS J 755 47.44 34.75 34.24
C CYS J 755 47.70 36.21 34.42
N LEU J 756 47.14 37.01 33.54
CA LEU J 756 47.37 38.46 33.61
C LEU J 756 46.83 39.03 34.92
N HIS J 757 45.68 38.54 35.34
CA HIS J 757 45.01 39.04 36.55
C HIS J 757 45.78 38.52 37.76
N ASN J 758 46.13 37.24 37.72
CA ASN J 758 46.96 36.63 38.73
C ASN J 758 48.31 37.34 38.82
N LEU J 759 48.71 38.03 37.78
CA LEU J 759 49.97 38.79 37.80
C LEU J 759 49.76 40.22 38.28
N ILE J 760 48.71 40.85 37.79
CA ILE J 760 48.50 42.28 38.06
C ILE J 760 48.16 42.47 39.52
N ARG J 761 47.57 41.47 40.16
CA ARG J 761 47.46 41.51 41.62
C ARG J 761 48.85 41.64 42.24
N ILE J 762 49.85 41.01 41.62
CA ILE J 762 51.20 40.92 42.19
C ILE J 762 52.05 42.11 41.79
N LEU J 763 51.77 42.74 40.66
CA LEU J 763 52.71 43.69 40.05
C LEU J 763 53.09 44.84 41.00
N PRO J 764 54.22 45.53 40.77
CA PRO J 764 54.44 46.83 41.40
C PRO J 764 53.38 47.85 41.00
N ILE J 765 53.47 49.03 41.57
CA ILE J 765 52.33 49.96 41.58
C ILE J 765 52.22 50.64 40.21
N ASN J 766 53.35 51.01 39.63
CA ASN J 766 53.39 51.70 38.34
C ASN J 766 53.93 50.81 37.24
N CYS J 767 54.14 49.52 37.52
CA CYS J 767 54.62 48.59 36.50
C CYS J 767 53.59 48.54 35.36
N PHE J 768 53.93 49.18 34.25
CA PHE J 768 53.00 49.51 33.18
C PHE J 768 53.21 48.54 32.02
N LEU J 769 52.15 48.24 31.28
CA LEU J 769 52.12 47.15 30.27
C LEU J 769 51.78 47.68 28.92
N LYS J 770 52.01 46.82 27.94
CA LYS J 770 51.46 47.10 26.62
C LYS J 770 51.31 45.84 25.79
N ASN J 771 50.12 45.71 25.17
CA ASN J 771 49.80 44.65 24.20
C ASN J 771 50.51 44.97 22.90
N LEU J 772 51.12 43.97 22.27
CA LEU J 772 51.96 44.19 21.08
C LEU J 772 51.52 43.24 19.98
N LYS J 773 51.10 43.79 18.86
CA LYS J 773 50.85 42.94 17.66
C LYS J 773 52.18 42.56 17.03
N SER J 774 53.06 43.54 16.87
CA SER J 774 54.28 43.40 16.05
C SER J 774 55.38 44.30 16.59
N GLY J 775 56.52 43.70 16.92
CA GLY J 775 57.73 44.46 17.21
C GLY J 775 57.72 45.14 18.57
N SER J 776 58.90 45.23 19.16
CA SER J 776 59.15 46.13 20.31
C SER J 776 59.07 47.58 19.86
N GLU J 777 58.88 48.47 20.82
CA GLU J 777 58.96 49.92 20.56
C GLU J 777 60.39 50.29 20.13
N ASN J 778 61.40 49.81 20.86
CA ASN J 778 62.79 50.15 20.57
C ASN J 778 63.17 49.61 19.20
N PHE J 779 62.79 48.37 18.93
CA PHE J 779 63.04 47.76 17.61
C PHE J 779 62.33 48.56 16.51
N LEU J 780 61.05 48.85 16.71
CA LEU J 780 60.25 49.57 15.69
C LEU J 780 60.84 50.96 15.40
N ILE J 781 61.30 51.64 16.44
CA ILE J 781 61.78 53.04 16.26
C ILE J 781 63.17 53.04 15.64
N ASP J 782 64.03 52.09 15.99
CA ASP J 782 65.31 51.93 15.25
C ASP J 782 65.03 51.59 13.79
N ASN J 783 64.01 50.76 13.53
CA ASN J 783 63.60 50.38 12.16
C ASN J 783 63.16 51.62 11.37
N MET J 784 62.20 52.37 11.91
CA MET J 784 61.72 53.60 11.26
C MET J 784 62.86 54.60 11.09
N ALA J 785 63.72 54.72 12.11
CA ALA J 785 64.90 55.59 12.05
C ALA J 785 65.75 55.22 10.84
N PHE J 786 66.03 53.94 10.66
CA PHE J 786 66.92 53.51 9.57
C PHE J 786 66.23 53.65 8.21
N THR J 787 64.94 53.38 8.10
CA THR J 787 64.21 53.60 6.84
C THR J 787 64.25 55.07 6.44
N LEU J 788 63.91 55.97 7.36
CA LEU J 788 63.90 57.41 7.04
C LEU J 788 65.32 57.91 6.83
N GLU J 789 66.31 57.35 7.52
CA GLU J 789 67.72 57.77 7.33
C GLU J 789 68.18 57.37 5.94
N LYS J 790 67.81 56.18 5.48
CA LYS J 790 68.10 55.76 4.10
C LYS J 790 67.37 56.66 3.11
N GLU J 791 66.13 57.02 3.44
CA GLU J 791 65.34 57.88 2.55
C GLU J 791 66.02 59.25 2.41
N LEU J 792 66.44 59.83 3.53
CA LEU J 792 67.09 61.15 3.54
C LEU J 792 68.47 61.07 2.88
N VAL J 793 69.14 59.94 3.01
CA VAL J 793 70.44 59.76 2.31
C VAL J 793 70.18 59.62 0.81
N THR J 794 69.11 58.96 0.41
CA THR J 794 68.75 58.84 -1.01
C THR J 794 68.38 60.21 -1.56
N LEU J 795 67.75 61.06 -0.76
CA LEU J 795 67.39 62.41 -1.20
C LEU J 795 68.60 63.34 -1.20
N SER J 796 69.49 63.21 -0.22
CA SER J 796 70.80 63.88 -0.26
C SER J 796 71.55 63.44 -1.53
N SER J 797 71.42 62.17 -1.90
CA SER J 797 71.98 61.64 -3.16
C SER J 797 71.35 62.33 -4.37
N LEU J 798 70.03 62.42 -4.40
CA LEU J 798 69.31 63.15 -5.47
C LEU J 798 69.86 64.57 -5.60
N SER J 799 69.78 65.33 -4.50
CA SER J 799 70.16 66.75 -4.50
C SER J 799 71.64 66.93 -4.83
N SER J 800 72.52 66.04 -4.35
CA SER J 800 73.97 66.17 -4.58
C SER J 800 74.34 65.73 -6.00
N ALA J 801 73.75 64.64 -6.48
CA ALA J 801 73.94 64.21 -7.89
C ALA J 801 73.50 65.32 -8.83
N ILE J 802 72.41 66.02 -8.48
CA ILE J 802 71.95 67.16 -9.31
C ILE J 802 72.90 68.34 -9.13
N ALA J 803 73.33 68.61 -7.89
CA ALA J 803 74.31 69.68 -7.57
C ALA J 803 75.60 69.53 -8.38
N LYS J 804 76.03 68.30 -8.66
CA LYS J 804 77.25 68.06 -9.46
C LYS J 804 77.01 68.35 -10.95
N HIS J 805 75.75 68.28 -11.41
CA HIS J 805 75.35 68.74 -12.76
C HIS J 805 75.19 70.26 -12.82
N GLU J 806 74.84 70.90 -11.69
CA GLU J 806 74.63 72.37 -11.61
C GLU J 806 75.87 73.12 -12.11
N SER J 807 77.06 72.56 -11.89
CA SER J 807 78.31 73.15 -12.42
C SER J 807 78.30 73.13 -13.95
N ASN J 808 78.08 71.95 -14.53
CA ASN J 808 78.12 71.76 -15.99
C ASN J 808 76.93 72.48 -16.64
N LYS J 854 67.77 72.92 -17.40
CA LYS J 854 69.18 72.47 -17.48
C LYS J 854 69.34 70.98 -17.09
N VAL J 855 68.59 70.50 -16.09
CA VAL J 855 68.77 69.13 -15.55
C VAL J 855 68.42 68.12 -16.62
N SER J 856 69.01 66.93 -16.50
CA SER J 856 68.51 65.73 -17.22
C SER J 856 67.33 65.15 -16.44
N GLY J 857 66.12 65.31 -16.96
CA GLY J 857 64.93 64.72 -16.35
C GLY J 857 65.02 63.21 -16.25
N ALA J 858 65.87 62.57 -17.07
CA ALA J 858 66.13 61.13 -16.96
C ALA J 858 66.86 60.80 -15.65
N LEU J 859 67.88 61.60 -15.31
CA LEU J 859 68.54 61.51 -13.98
C LEU J 859 67.49 61.67 -12.89
N TYR J 860 66.67 62.72 -12.98
CA TYR J 860 65.64 62.95 -11.96
C TYR J 860 64.68 61.75 -11.89
N ARG J 861 64.33 61.21 -13.06
CA ARG J 861 63.42 60.04 -13.15
C ARG J 861 64.01 58.86 -12.37
N GLU J 862 65.26 58.54 -12.63
CA GLU J 862 65.89 57.36 -12.00
C GLU J 862 66.03 57.56 -10.49
N ILE J 863 66.50 58.73 -10.05
CA ILE J 863 66.69 58.92 -8.60
C ILE J 863 65.32 59.00 -7.92
N THR J 864 64.28 59.45 -8.63
CA THR J 864 62.91 59.42 -8.06
C THR J 864 62.48 57.98 -7.80
N LEU J 865 62.78 57.07 -8.72
CA LEU J 865 62.51 55.64 -8.50
C LEU J 865 63.27 55.12 -7.28
N LYS J 866 64.53 55.50 -7.12
CA LYS J 866 65.32 55.11 -5.93
C LYS J 866 64.67 55.59 -4.64
N VAL J 867 64.43 56.90 -4.58
CA VAL J 867 63.90 57.51 -3.34
C VAL J 867 62.49 56.95 -3.08
N ALA J 868 61.74 56.57 -4.13
CA ALA J 868 60.40 55.96 -3.96
C ALA J 868 60.58 54.57 -3.35
N GLU J 869 61.58 53.85 -3.83
CA GLU J 869 61.89 52.51 -3.32
C GLU J 869 62.21 52.59 -1.82
N VAL J 870 62.81 53.67 -1.36
CA VAL J 870 63.09 53.82 0.09
C VAL J 870 61.91 54.47 0.83
N GLN J 871 61.14 55.32 0.16
CA GLN J 871 59.99 55.96 0.81
C GLN J 871 58.92 54.91 1.15
N LEU J 872 58.74 53.90 0.31
CA LEU J 872 57.85 52.77 0.66
C LEU J 872 58.35 52.07 1.92
N LYS J 873 59.65 51.87 2.04
CA LYS J 873 60.25 51.30 3.25
C LYS J 873 59.91 52.16 4.48
N SER J 874 60.07 53.47 4.35
CA SER J 874 59.67 54.37 5.44
C SER J 874 58.16 54.28 5.71
N ASP J 875 57.31 54.13 4.68
CA ASP J 875 55.84 54.00 4.87
C ASP J 875 55.50 52.80 5.71
N PHE J 876 56.25 51.73 5.53
CA PHE J 876 56.05 50.49 6.31
C PHE J 876 56.39 50.77 7.79
N ALA J 877 57.62 51.22 8.06
CA ALA J 877 58.09 51.52 9.43
C ALA J 877 57.20 52.60 10.07
N ALA J 878 56.82 53.63 9.30
CA ALA J 878 55.95 54.74 9.76
C ALA J 878 54.59 54.18 10.17
N GLN J 879 54.02 53.30 9.33
CA GLN J 879 52.72 52.65 9.63
C GLN J 879 52.85 51.84 10.94
N LYS J 880 53.96 51.10 11.11
CA LYS J 880 54.20 50.29 12.33
C LYS J 880 54.25 51.22 13.56
N LEU J 881 54.94 52.36 13.43
CA LEU J 881 55.05 53.33 14.54
C LEU J 881 53.65 53.88 14.89
N SER J 882 52.83 54.19 13.87
CA SER J 882 51.46 54.75 14.09
C SER J 882 50.58 53.71 14.80
N ASN J 883 50.73 52.43 14.42
CA ASN J 883 50.02 51.28 15.06
C ASN J 883 50.40 51.20 16.55
N LEU J 884 51.69 51.36 16.87
CA LEU J 884 52.22 51.22 18.25
C LEU J 884 51.93 52.50 19.05
N ALA K 30 19.17 79.03 78.77
CA ALA K 30 19.67 79.06 77.37
C ALA K 30 19.75 77.66 76.73
N PRO K 31 20.48 76.66 77.29
CA PRO K 31 20.56 75.35 76.64
C PRO K 31 19.21 74.63 76.74
N ARG K 32 18.56 74.51 75.59
CA ARG K 32 17.23 73.90 75.54
C ARG K 32 17.29 72.41 75.80
N VAL K 33 18.48 71.81 75.76
CA VAL K 33 18.63 70.36 75.97
C VAL K 33 19.78 70.08 76.93
N ARG K 34 19.55 69.14 77.83
CA ARG K 34 20.57 68.71 78.77
C ARG K 34 20.58 67.19 78.81
N TYR K 35 21.79 66.63 78.71
CA TYR K 35 22.01 65.18 78.82
C TYR K 35 22.30 64.83 80.30
N LEU K 36 21.64 63.76 80.76
CA LEU K 36 21.82 63.28 82.15
C LEU K 36 22.66 62.02 82.21
N ALA K 37 22.32 61.01 81.40
CA ALA K 37 23.05 59.75 81.47
C ALA K 37 22.89 58.91 80.22
N GLY K 38 23.83 57.99 80.07
CA GLY K 38 23.97 57.19 78.87
C GLY K 38 24.23 55.75 79.21
N PHE K 39 23.85 54.87 78.29
CA PHE K 39 23.73 53.45 78.58
C PHE K 39 24.39 52.57 77.55
N CYS K 40 24.54 51.33 77.96
CA CYS K 40 24.89 50.23 77.08
C CYS K 40 23.85 50.20 75.95
N CYS K 41 24.34 50.13 74.72
CA CYS K 41 23.51 50.13 73.51
C CYS K 41 24.15 49.26 72.45
N PRO K 42 23.37 48.44 71.72
CA PRO K 42 23.94 47.66 70.64
C PRO K 42 23.99 48.40 69.30
N LEU K 43 24.39 47.70 68.26
CA LEU K 43 24.34 48.24 66.90
C LEU K 43 22.90 48.27 66.42
N GLY K 44 22.71 48.80 65.21
CA GLY K 44 21.37 49.18 64.77
C GLY K 44 20.84 50.22 65.73
N GLY K 45 19.97 49.79 66.64
CA GLY K 45 19.59 50.63 67.76
C GLY K 45 18.76 49.86 68.76
N LEU K 46 18.26 50.57 69.74
CA LEU K 46 17.45 49.96 70.81
C LEU K 46 16.04 49.77 70.29
N ALA K 47 15.31 48.88 70.97
CA ALA K 47 14.12 48.26 70.39
C ALA K 47 12.99 49.29 70.29
N ALA K 48 12.24 49.22 69.21
CA ALA K 48 11.01 50.01 69.07
C ALA K 48 9.96 49.56 70.10
N GLY K 49 9.52 50.53 70.90
CA GLY K 49 8.38 50.35 71.79
C GLY K 49 8.78 49.89 73.17
N LYS K 50 9.71 48.96 73.24
CA LYS K 50 9.95 48.24 74.47
C LYS K 50 10.42 49.16 75.59
N PRO K 51 11.39 50.05 75.41
CA PRO K 51 11.81 50.88 76.53
C PRO K 51 10.73 51.90 76.89
N ARG K 52 10.62 52.23 78.18
CA ARG K 52 9.63 53.23 78.64
C ARG K 52 10.16 53.99 79.82
N VAL K 53 9.85 55.28 79.84
CA VAL K 53 10.39 56.19 80.86
C VAL K 53 9.31 57.14 81.34
N LEU K 54 9.27 57.31 82.66
CA LEU K 54 8.32 58.18 83.38
C LEU K 54 9.03 58.98 84.44
N CYS K 55 8.35 59.99 84.90
CA CYS K 55 8.83 60.83 86.00
C CYS K 55 7.65 61.19 86.87
N HIS K 56 7.85 61.10 88.17
CA HIS K 56 6.73 61.26 89.12
C HIS K 56 6.55 62.74 89.39
N GLU K 57 7.47 63.32 90.17
CA GLU K 57 7.51 64.77 90.38
C GLU K 57 8.93 65.26 90.12
N ALA K 58 9.86 64.78 90.93
CA ALA K 58 11.31 65.08 90.80
C ALA K 58 12.12 63.81 90.70
N GLU K 59 11.44 62.69 90.45
CA GLU K 59 12.05 61.38 90.34
C GLU K 59 11.87 60.94 88.90
N VAL K 60 12.80 60.12 88.41
CA VAL K 60 12.66 59.55 87.07
C VAL K 60 12.93 58.06 87.11
N PHE K 61 12.06 57.34 86.41
CA PHE K 61 12.00 55.87 86.40
C PHE K 61 12.05 55.38 84.97
N LEU K 62 12.95 54.46 84.68
CA LEU K 62 13.37 54.21 83.31
C LEU K 62 13.46 52.73 83.03
N SER K 63 13.10 52.39 81.81
CA SER K 63 13.28 51.04 81.27
C SER K 63 13.95 51.11 79.94
N THR K 64 15.12 50.48 79.82
CA THR K 64 15.88 50.42 78.56
C THR K 64 15.40 49.26 77.71
N GLY K 65 14.18 48.75 77.93
CA GLY K 65 13.70 47.60 77.18
C GLY K 65 14.62 46.40 77.35
N SER K 66 15.20 46.30 78.53
CA SER K 66 16.00 45.14 78.93
C SER K 66 15.46 44.68 80.29
N GLU K 67 16.21 43.83 80.97
CA GLU K 67 15.77 43.33 82.28
C GLU K 67 15.73 44.46 83.31
N LEU K 68 16.47 45.53 83.07
CA LEU K 68 16.82 46.46 84.13
C LEU K 68 15.83 47.60 84.23
N VAL K 69 15.83 48.25 85.38
CA VAL K 69 15.09 49.50 85.59
C VAL K 69 15.95 50.39 86.46
N TYR K 70 15.89 51.68 86.20
CA TYR K 70 16.75 52.62 86.89
C TYR K 70 15.92 53.78 87.42
N VAL K 71 16.42 54.41 88.48
CA VAL K 71 15.75 55.54 89.13
C VAL K 71 16.78 56.59 89.50
N TYR K 72 16.52 57.82 89.06
CA TYR K 72 17.43 58.95 89.31
C TYR K 72 16.65 60.13 89.83
N ASP K 73 17.41 61.06 90.37
CA ASP K 73 16.86 62.36 90.74
C ASP K 73 16.71 63.20 89.48
N GLN K 74 15.68 64.04 89.48
CA GLN K 74 15.40 64.91 88.32
C GLN K 74 16.22 66.21 88.37
N GLU K 75 16.68 66.58 89.55
CA GLU K 75 17.50 67.80 89.75
C GLU K 75 18.96 67.44 89.50
N GLY K 76 19.46 66.43 90.22
CA GLY K 76 20.78 65.87 90.01
C GLY K 76 20.69 64.68 89.09
N GLY K 77 21.51 64.65 88.05
CA GLY K 77 21.52 63.54 87.10
C GLY K 77 22.03 62.25 87.72
N LEU K 78 22.59 62.31 88.93
CA LEU K 78 23.04 61.10 89.65
C LEU K 78 21.88 60.14 89.88
N LEU K 79 22.25 58.92 90.27
CA LEU K 79 21.28 57.83 90.49
C LEU K 79 20.87 57.77 91.95
N THR K 80 19.66 57.28 92.19
CA THR K 80 19.20 56.90 93.53
C THR K 80 19.03 55.38 93.64
N ALA K 81 18.57 54.71 92.57
CA ALA K 81 18.35 53.27 92.66
C ALA K 81 18.46 52.57 91.33
N ALA K 82 18.74 51.27 91.40
CA ALA K 82 18.85 50.40 90.24
C ALA K 82 18.34 49.03 90.57
N PHE K 83 17.45 48.53 89.74
CA PHE K 83 16.74 47.28 90.02
C PHE K 83 17.06 46.26 88.95
N ARG K 84 17.68 45.17 89.40
CA ARG K 84 17.87 43.95 88.61
C ARG K 84 16.66 43.05 88.76
N PHE K 85 15.97 42.86 87.66
CA PHE K 85 15.00 41.78 87.46
C PHE K 85 15.63 40.78 86.50
N PRO K 86 14.95 39.67 86.22
CA PRO K 86 15.20 38.94 84.98
C PRO K 86 14.27 39.41 83.86
N ASP K 87 14.42 38.79 82.70
CA ASP K 87 13.28 38.56 81.81
C ASP K 87 12.66 39.88 81.32
N GLN K 88 13.24 40.42 80.25
CA GLN K 88 13.22 41.84 79.86
C GLN K 88 11.99 42.59 80.29
N VAL K 89 12.20 43.72 80.91
CA VAL K 89 11.12 44.66 81.23
C VAL K 89 10.44 45.13 79.94
N TRP K 90 9.13 45.25 79.99
CA TRP K 90 8.26 45.35 78.80
C TRP K 90 7.20 46.44 78.87
N HIS K 91 7.06 47.11 80.00
CA HIS K 91 5.93 48.03 80.22
C HIS K 91 6.11 48.55 81.64
N LEU K 92 5.59 49.72 81.93
CA LEU K 92 5.67 50.23 83.30
C LEU K 92 4.42 51.00 83.62
N GLU K 93 4.13 51.07 84.92
CA GLU K 93 3.10 51.94 85.48
C GLU K 93 3.48 52.30 86.90
N LEU K 94 2.78 53.29 87.41
CA LEU K 94 3.04 53.77 88.76
C LEU K 94 1.75 54.33 89.33
N LEU K 95 1.73 54.42 90.67
CA LEU K 95 0.65 55.13 91.39
C LEU K 95 1.26 55.93 92.53
N ALA K 96 1.31 57.26 92.34
CA ALA K 96 1.81 58.24 93.31
C ALA K 96 1.17 58.10 94.70
N PRO K 97 -0.16 57.91 94.83
CA PRO K 97 -0.76 57.85 96.17
C PRO K 97 -0.20 56.74 97.07
N ARG K 98 0.29 55.67 96.45
CA ARG K 98 0.69 54.45 97.17
C ARG K 98 2.19 54.34 97.35
N ARG K 99 2.98 55.15 96.64
CA ARG K 99 4.44 55.03 96.63
C ARG K 99 4.83 53.59 96.28
N LEU K 100 4.26 53.13 95.18
CA LEU K 100 4.61 51.84 94.59
C LEU K 100 4.97 52.03 93.14
N LEU K 101 5.65 51.03 92.59
CA LEU K 101 5.84 50.88 91.13
C LEU K 101 5.35 49.52 90.71
N TYR K 102 4.93 49.41 89.46
CA TYR K 102 4.56 48.13 88.86
C TYR K 102 5.58 47.76 87.80
N ALA K 103 5.57 46.50 87.37
CA ALA K 103 6.44 46.07 86.27
C ALA K 103 5.92 44.78 85.67
N LEU K 104 6.21 44.58 84.40
CA LEU K 104 5.79 43.36 83.68
C LEU K 104 7.04 42.71 83.10
N CYS K 105 7.65 41.82 83.86
CA CYS K 105 8.69 40.93 83.30
C CYS K 105 8.08 40.06 82.21
N ALA K 106 8.89 39.68 81.25
CA ALA K 106 8.36 39.34 79.92
C ALA K 106 7.67 37.98 79.94
N ARG K 107 8.43 36.93 80.19
CA ARG K 107 7.90 35.56 80.15
C ARG K 107 7.35 35.16 81.50
N ARG K 108 7.79 35.75 82.60
CA ARG K 108 7.03 35.66 83.87
C ARG K 108 5.87 36.66 83.77
N GLY K 109 5.18 36.92 84.89
CA GLY K 109 4.01 37.82 84.86
C GLY K 109 4.25 39.25 85.31
N LEU K 110 4.00 39.52 86.60
CA LEU K 110 4.00 40.90 87.13
C LEU K 110 4.81 40.98 88.43
N TYR K 111 5.33 42.17 88.73
CA TYR K 111 6.05 42.49 89.97
C TYR K 111 5.66 43.87 90.44
N CYS K 112 5.96 44.18 91.69
CA CYS K 112 5.53 45.44 92.28
C CYS K 112 6.51 45.81 93.35
N LEU K 113 6.77 47.11 93.53
CA LEU K 113 7.89 47.54 94.38
C LEU K 113 7.55 48.72 95.28
N SER K 114 8.00 48.59 96.53
CA SER K 114 8.03 49.68 97.52
C SER K 114 9.01 50.74 97.05
N LEU K 115 8.56 51.99 96.92
CA LEU K 115 9.46 53.05 96.47
C LEU K 115 10.30 53.60 97.61
N ASP K 116 9.88 53.40 98.85
CA ASP K 116 10.65 53.79 100.02
C ASP K 116 11.89 52.90 100.10
N HIS K 117 11.65 51.58 100.03
CA HIS K 117 12.66 50.53 99.86
C HIS K 117 13.75 50.62 100.93
N PRO K 118 13.51 50.09 102.16
CA PRO K 118 14.47 50.26 103.26
C PRO K 118 15.87 49.68 103.02
N SER K 138 27.99 48.41 95.86
CA SER K 138 27.40 49.43 94.98
C SER K 138 25.95 49.69 95.38
N PRO K 139 25.35 50.79 94.90
CA PRO K 139 23.91 51.02 95.10
C PRO K 139 22.94 50.16 94.26
N VAL K 140 23.42 49.16 93.52
CA VAL K 140 22.52 48.23 92.80
C VAL K 140 21.64 47.49 93.80
N ILE K 141 20.47 47.08 93.35
CA ILE K 141 19.54 46.22 94.12
C ILE K 141 19.07 45.13 93.18
N PRO K 142 18.98 43.88 93.64
CA PRO K 142 18.18 42.89 92.92
C PRO K 142 16.74 42.79 93.44
N VAL K 143 15.97 41.96 92.77
CA VAL K 143 14.60 41.64 93.20
C VAL K 143 14.46 40.13 93.38
N ASP K 144 13.63 39.72 94.38
CA ASP K 144 13.18 38.33 94.61
C ASP K 144 11.69 38.19 94.27
N PRO K 145 11.18 36.97 93.96
CA PRO K 145 9.75 36.83 93.66
C PRO K 145 8.83 36.94 94.86
N ASP K 146 9.38 37.19 96.05
CA ASP K 146 8.61 37.62 97.25
C ASP K 146 7.72 38.78 96.82
N ALA K 147 8.31 39.71 96.08
CA ALA K 147 7.59 40.87 95.54
C ALA K 147 6.63 40.46 94.43
N CYS K 148 6.99 39.45 93.65
CA CYS K 148 6.20 39.07 92.47
C CYS K 148 4.77 38.72 92.87
N ILE K 149 3.87 38.87 91.91
CA ILE K 149 2.49 38.40 92.05
C ILE K 149 2.01 37.88 90.70
N LEU K 150 0.96 37.06 90.73
CA LEU K 150 0.22 36.48 89.60
C LEU K 150 1.09 36.20 88.38
N PRO K 151 2.18 35.43 88.54
CA PRO K 151 3.08 35.21 87.41
C PRO K 151 2.44 34.37 86.29
N ASP K 152 1.42 34.92 85.64
CA ASP K 152 0.65 34.15 84.65
C ASP K 152 1.51 33.89 83.42
N ALA K 153 2.53 34.70 83.18
CA ALA K 153 3.70 34.28 82.40
C ALA K 153 3.46 34.26 80.89
N ALA K 154 2.20 34.33 80.49
CA ALA K 154 1.84 34.40 79.07
C ALA K 154 1.39 35.81 78.75
N LEU K 155 1.12 36.66 79.75
CA LEU K 155 0.49 37.98 79.53
C LEU K 155 1.55 38.98 79.06
N CYS K 156 1.07 39.96 78.33
CA CYS K 156 1.90 40.94 77.64
C CYS K 156 1.57 42.36 78.14
N ALA K 157 0.29 42.73 78.15
CA ALA K 157 -0.13 44.12 78.41
C ALA K 157 -0.76 44.28 79.77
N PHE K 158 -0.58 45.44 80.36
CA PHE K 158 -1.41 45.80 81.52
C PHE K 158 -1.53 47.28 81.64
N THR K 159 -2.59 47.70 82.30
CA THR K 159 -2.87 49.12 82.56
C THR K 159 -3.23 49.32 84.03
N LEU K 160 -3.77 50.48 84.37
CA LEU K 160 -4.12 50.76 85.76
C LEU K 160 -5.18 51.84 85.79
N LEU K 161 -6.24 51.60 86.52
CA LEU K 161 -7.08 52.66 87.08
C LEU K 161 -6.63 52.92 88.54
N ASP K 162 -7.35 53.76 89.30
CA ASP K 162 -6.87 54.18 90.65
C ASP K 162 -6.78 52.98 91.59
N SER K 163 -7.79 52.12 91.55
CA SER K 163 -7.82 50.91 92.41
C SER K 163 -8.33 49.67 91.67
N VAL K 164 -8.13 49.56 90.36
CA VAL K 164 -8.55 48.41 89.56
C VAL K 164 -7.43 48.10 88.56
N LEU K 165 -7.39 46.87 88.09
CA LEU K 165 -6.23 46.33 87.34
C LEU K 165 -6.74 45.58 86.12
N VAL K 166 -6.08 45.78 84.99
CA VAL K 166 -6.55 45.24 83.72
C VAL K 166 -5.36 44.80 82.92
N THR K 167 -5.54 43.68 82.24
CA THR K 167 -4.45 42.96 81.58
C THR K 167 -4.97 42.29 80.31
N LEU K 168 -4.05 42.18 79.34
CA LEU K 168 -4.29 41.46 78.09
C LEU K 168 -3.19 40.45 77.89
N VAL K 169 -3.58 39.24 77.50
CA VAL K 169 -2.67 38.08 77.41
C VAL K 169 -2.83 37.38 76.07
N GLN K 170 -1.70 37.08 75.46
CA GLN K 170 -1.64 36.10 74.37
C GLN K 170 -1.85 34.72 74.96
N GLY K 171 -2.94 34.10 74.55
CA GLY K 171 -3.06 32.66 74.60
C GLY K 171 -2.67 32.06 73.25
N PRO K 172 -3.18 30.87 72.92
CA PRO K 172 -3.26 30.46 71.52
C PRO K 172 -4.29 31.31 70.80
N ALA K 173 -4.58 30.91 69.57
CA ALA K 173 -5.10 31.74 68.47
C ALA K 173 -5.93 32.94 68.90
N ARG K 174 -6.82 32.75 69.86
CA ARG K 174 -7.58 33.85 70.43
C ARG K 174 -6.92 34.34 71.72
N TRP K 175 -6.46 35.57 71.69
CA TRP K 175 -5.95 36.24 72.89
C TRP K 175 -7.10 36.40 73.87
N LYS K 176 -6.79 36.86 75.08
CA LYS K 176 -7.87 37.18 76.01
C LYS K 176 -7.47 38.20 77.03
N MET K 177 -8.44 39.03 77.37
CA MET K 177 -8.26 40.10 78.36
C MET K 177 -8.90 39.68 79.65
N GLN K 178 -8.33 40.14 80.72
CA GLN K 178 -8.79 39.80 82.04
C GLN K 178 -8.95 41.08 82.83
N LEU K 179 -9.92 41.07 83.72
CA LEU K 179 -10.07 42.12 84.73
C LEU K 179 -9.71 41.54 86.10
N PHE K 180 -8.79 42.17 86.80
CA PHE K 180 -8.37 41.76 88.14
C PHE K 180 -8.77 42.84 89.10
N GLU K 181 -8.76 42.51 90.38
CA GLU K 181 -8.90 43.53 91.42
C GLU K 181 -7.51 44.03 91.81
N GLN K 182 -7.48 45.14 92.52
CA GLN K 182 -6.26 45.72 93.09
C GLN K 182 -6.61 46.07 94.53
N PRO K 183 -5.84 45.61 95.56
CA PRO K 183 -6.25 45.88 96.94
C PRO K 183 -6.09 47.36 97.25
N CYS K 184 -7.22 48.07 97.38
CA CYS K 184 -7.23 49.51 97.76
C CYS K 184 -6.65 49.77 99.15
N PRO K 185 -6.84 48.90 100.19
CA PRO K 185 -6.27 49.24 101.50
C PRO K 185 -4.75 49.15 101.49
N GLY K 186 -4.16 49.52 102.62
CA GLY K 186 -2.73 49.31 102.83
C GLY K 186 -2.43 47.85 103.05
N GLU K 187 -2.63 47.06 102.02
CA GLU K 187 -2.64 45.60 102.13
C GLU K 187 -1.25 45.05 101.86
N ASP K 188 -1.06 43.78 102.16
CA ASP K 188 -0.03 42.99 101.47
C ASP K 188 -0.32 43.10 99.97
N PRO K 189 0.68 43.23 99.08
CA PRO K 189 0.40 43.39 97.65
C PRO K 189 -0.29 42.17 97.03
N ARG K 190 -1.53 42.35 96.54
CA ARG K 190 -2.39 41.27 96.04
C ARG K 190 -2.96 41.68 94.69
N PRO K 191 -3.45 40.72 93.90
CA PRO K 191 -4.55 41.02 93.00
C PRO K 191 -5.89 40.98 93.73
N GLY K 192 -6.05 39.95 94.54
CA GLY K 192 -7.36 39.44 94.88
C GLY K 192 -7.81 38.38 93.87
N GLY K 193 -9.12 38.29 93.72
CA GLY K 193 -9.73 37.38 92.74
C GLY K 193 -10.17 38.13 91.50
N GLN K 194 -9.83 37.61 90.34
CA GLN K 194 -10.24 38.23 89.06
C GLN K 194 -11.75 38.15 88.87
N ILE K 195 -12.25 38.91 87.91
CA ILE K 195 -13.66 39.36 87.93
C ILE K 195 -14.37 39.02 86.64
N GLY K 196 -13.64 38.92 85.56
CA GLY K 196 -14.28 38.63 84.27
C GLY K 196 -13.28 38.75 83.16
N GLU K 197 -13.42 37.87 82.17
CA GLU K 197 -12.44 37.76 81.12
C GLU K 197 -13.17 37.51 79.85
N VAL K 198 -12.52 37.85 78.77
CA VAL K 198 -13.13 37.73 77.44
C VAL K 198 -12.06 37.30 76.45
N GLU K 199 -12.51 36.61 75.41
CA GLU K 199 -11.66 36.25 74.27
C GLU K 199 -11.70 37.35 73.24
N LEU K 200 -10.52 37.73 72.77
CA LEU K 200 -10.40 38.65 71.64
C LEU K 200 -10.74 37.89 70.36
N SER K 201 -12.04 37.80 70.09
CA SER K 201 -12.55 36.89 69.05
C SER K 201 -11.94 37.18 67.68
N SER K 202 -11.52 38.41 67.45
CA SER K 202 -11.05 38.84 66.12
C SER K 202 -9.62 38.36 65.87
N TYR K 203 -8.69 38.76 66.74
CA TYR K 203 -7.25 38.70 66.46
C TYR K 203 -6.77 37.25 66.48
N THR K 204 -5.97 36.88 65.48
CA THR K 204 -5.46 35.51 65.28
C THR K 204 -3.98 35.59 64.89
N PRO K 205 -3.01 35.37 65.81
CA PRO K 205 -1.62 35.45 65.38
C PRO K 205 -1.17 34.25 64.55
N HIS K 217 7.95 41.31 70.08
CA HIS K 217 8.21 42.10 68.84
C HIS K 217 7.38 43.41 68.84
N PHE K 218 6.07 43.26 68.65
CA PHE K 218 5.09 44.35 68.75
C PHE K 218 4.17 44.09 69.93
N LEU K 219 4.26 44.86 71.01
CA LEU K 219 3.30 44.65 72.12
C LEU K 219 2.00 45.38 71.83
N PRO K 220 0.80 44.80 71.99
CA PRO K 220 -0.43 45.59 72.02
C PRO K 220 -0.46 46.47 73.27
N VAL K 221 -1.31 47.50 73.20
CA VAL K 221 -1.30 48.61 74.18
C VAL K 221 -2.72 48.91 74.62
N LEU K 222 -2.81 49.51 75.79
CA LEU K 222 -4.08 49.71 76.47
C LEU K 222 -4.21 51.15 76.90
N CYS K 223 -5.43 51.67 76.89
CA CYS K 223 -5.66 53.04 77.34
C CYS K 223 -6.97 53.16 78.04
N SER K 224 -6.92 53.97 79.09
CA SER K 224 -7.98 54.12 80.08
C SER K 224 -8.69 55.45 79.88
N VAL K 225 -10.01 55.38 79.88
CA VAL K 225 -10.86 56.44 79.35
C VAL K 225 -12.06 56.63 80.27
N SER K 226 -12.08 57.75 81.04
CA SER K 226 -13.10 57.99 82.08
C SER K 226 -13.94 59.23 81.72
N PRO K 227 -15.28 59.23 81.95
CA PRO K 227 -16.06 60.48 81.87
C PRO K 227 -16.08 61.35 83.13
N SER K 228 -16.76 62.47 83.02
CA SER K 228 -16.66 63.55 84.01
C SER K 228 -17.37 63.18 85.31
N GLY K 229 -17.01 63.88 86.40
CA GLY K 229 -17.57 63.71 87.75
C GLY K 229 -16.73 62.82 88.65
N SER K 230 -15.89 61.95 88.07
CA SER K 230 -15.08 60.96 88.82
C SER K 230 -13.63 61.45 88.99
N SER K 240 -6.34 59.32 88.58
CA SER K 240 -6.27 58.37 87.45
C SER K 240 -5.07 58.71 86.55
N GLY K 241 -4.27 57.70 86.17
CA GLY K 241 -3.25 57.86 85.12
C GLY K 241 -3.83 57.94 83.69
N GLY K 242 -5.14 57.69 83.52
CA GLY K 242 -5.79 57.65 82.21
C GLY K 242 -5.99 59.03 81.57
N PHE K 243 -7.00 59.12 80.72
CA PHE K 243 -7.33 60.37 80.00
C PHE K 243 -8.85 60.53 80.00
N THR K 244 -9.33 61.60 80.64
CA THR K 244 -10.76 61.87 80.81
C THR K 244 -11.27 62.51 79.54
N LEU K 245 -12.39 62.07 78.99
CA LEU K 245 -12.95 62.74 77.80
C LEU K 245 -14.21 63.50 78.13
N GLU K 246 -14.80 64.06 77.10
CA GLU K 246 -16.01 64.89 77.22
C GLU K 246 -17.23 64.10 76.84
N ASP K 247 -18.33 64.50 77.49
CA ASP K 247 -19.56 63.72 77.47
C ASP K 247 -20.03 63.58 76.03
N ALA K 248 -19.81 64.59 75.21
CA ALA K 248 -20.23 64.50 73.82
C ALA K 248 -19.52 63.36 73.09
N LEU K 249 -18.24 63.22 73.38
CA LEU K 249 -17.44 62.18 72.70
C LEU K 249 -17.78 60.78 73.26
N PHE K 250 -18.08 60.63 74.56
CA PHE K 250 -18.60 59.33 75.06
C PHE K 250 -19.84 58.96 74.30
N GLY K 251 -20.83 59.85 74.27
CA GLY K 251 -22.10 59.58 73.60
C GLY K 251 -21.91 59.33 72.12
N LEU K 252 -20.82 59.84 71.57
CA LEU K 252 -20.53 59.57 70.16
C LEU K 252 -20.03 58.15 69.98
N LEU K 253 -19.08 57.73 70.79
CA LEU K 253 -18.32 56.52 70.47
C LEU K 253 -18.88 55.29 71.17
N PHE K 254 -19.14 55.41 72.45
CA PHE K 254 -19.34 54.25 73.31
C PHE K 254 -20.81 53.88 73.48
N GLY K 255 -21.76 54.70 73.03
CA GLY K 255 -23.18 54.36 73.14
C GLY K 255 -23.79 54.77 74.47
N ALA K 256 -25.10 54.62 74.54
CA ALA K 256 -25.86 55.17 75.66
C ALA K 256 -25.38 54.59 76.98
N ASP K 257 -24.98 53.33 76.97
CA ASP K 257 -24.77 52.57 78.20
C ASP K 257 -23.70 53.20 79.07
N ALA K 258 -22.47 53.22 78.58
CA ALA K 258 -21.34 53.66 79.38
C ALA K 258 -21.54 55.09 79.88
N THR K 259 -22.24 55.92 79.11
CA THR K 259 -22.59 57.25 79.60
C THR K 259 -23.51 57.14 80.82
N LEU K 260 -24.55 56.32 80.69
CA LEU K 260 -25.54 56.14 81.78
C LEU K 260 -24.85 55.65 83.04
N LEU K 261 -23.90 54.73 82.88
CA LEU K 261 -23.22 54.10 84.01
C LEU K 261 -22.05 54.93 84.50
N GLN K 262 -21.62 55.95 83.77
CA GLN K 262 -20.34 56.58 84.08
C GLN K 262 -19.32 55.40 84.21
N SER K 263 -19.34 54.53 83.18
CA SER K 263 -18.42 53.38 83.10
C SER K 263 -17.05 53.78 82.58
N PRO K 264 -15.92 53.60 83.30
CA PRO K 264 -14.62 53.58 82.65
C PRO K 264 -14.65 52.67 81.44
N VAL K 265 -13.82 53.00 80.45
CA VAL K 265 -13.70 52.25 79.19
C VAL K 265 -12.23 52.03 78.89
N VAL K 266 -11.96 50.90 78.25
CA VAL K 266 -10.58 50.53 77.94
C VAL K 266 -10.51 50.27 76.47
N LEU K 267 -9.50 50.90 75.87
CA LEU K 267 -9.20 50.67 74.46
C LEU K 267 -7.93 49.85 74.38
N CYS K 268 -7.91 48.89 73.46
CA CYS K 268 -6.74 48.08 73.22
C CYS K 268 -6.41 48.14 71.75
N GLY K 269 -5.17 48.51 71.47
CA GLY K 269 -4.64 48.47 70.12
C GLY K 269 -3.75 47.24 69.98
N LEU K 270 -3.81 46.63 68.80
CA LEU K 270 -3.28 45.28 68.56
C LEU K 270 -2.20 45.30 67.50
N PRO K 271 -1.14 44.47 67.61
CA PRO K 271 -0.17 44.36 66.53
C PRO K 271 -0.75 44.06 65.15
N ASP K 272 -1.97 43.51 65.12
CA ASP K 272 -2.73 43.51 63.87
C ASP K 272 -2.84 44.92 63.30
N GLY K 273 -3.06 45.89 64.17
CA GLY K 273 -3.45 47.26 63.82
C GLY K 273 -4.86 47.55 64.27
N GLN K 274 -5.75 46.56 64.22
CA GLN K 274 -7.14 46.77 64.62
C GLN K 274 -7.20 47.16 66.10
N LEU K 275 -8.37 47.62 66.51
CA LEU K 275 -8.52 48.48 67.69
C LEU K 275 -9.88 48.23 68.30
N CYS K 276 -9.92 47.96 69.59
CA CYS K 276 -11.20 47.56 70.21
C CYS K 276 -11.38 48.26 71.54
N CYS K 277 -12.63 48.42 71.90
CA CYS K 277 -13.03 49.12 73.11
C CYS K 277 -13.86 48.18 73.95
N VAL K 278 -13.94 48.47 75.23
CA VAL K 278 -14.64 47.55 76.14
C VAL K 278 -15.07 48.31 77.37
N ILE K 279 -16.10 47.80 78.02
CA ILE K 279 -16.70 48.45 79.18
C ILE K 279 -16.51 47.62 80.45
N LEU K 280 -15.94 48.20 81.50
CA LEU K 280 -15.70 47.48 82.76
C LEU K 280 -16.97 47.23 83.53
N LYS K 281 -17.84 48.22 83.65
CA LYS K 281 -19.09 48.04 84.41
C LYS K 281 -20.09 47.13 83.70
N ALA K 282 -19.81 46.67 82.49
CA ALA K 282 -20.50 45.51 81.91
C ALA K 282 -19.66 44.23 82.01
N LEU K 283 -18.34 44.34 82.09
CA LEU K 283 -17.46 43.15 82.17
C LEU K 283 -17.34 42.69 83.62
N VAL K 284 -18.24 41.80 83.98
CA VAL K 284 -18.11 40.95 85.17
C VAL K 284 -18.69 39.61 84.78
N THR K 285 -17.84 38.61 84.74
CA THR K 285 -18.24 37.28 84.31
C THR K 285 -17.69 36.26 85.28
N SER K 286 -18.18 35.03 85.17
CA SER K 286 -17.94 33.96 86.17
C SER K 286 -17.86 32.64 85.45
N ARG K 287 -17.91 31.57 86.23
CA ARG K 287 -17.88 30.22 85.71
C ARG K 287 -19.26 29.79 85.21
N SER K 288 -20.33 30.30 85.79
CA SER K 288 -21.71 30.08 85.30
C SER K 288 -22.11 31.12 84.26
N ALA K 289 -21.30 32.14 84.08
CA ALA K 289 -21.58 33.27 83.18
C ALA K 289 -20.31 33.63 82.43
N PRO K 290 -20.14 33.24 81.16
CA PRO K 290 -18.89 33.52 80.45
C PRO K 290 -18.88 34.88 79.76
N GLY K 291 -17.69 35.31 79.36
CA GLY K 291 -17.50 36.55 78.61
C GLY K 291 -17.69 36.38 77.12
N ASP K 292 -18.94 36.30 76.69
CA ASP K 292 -19.26 36.31 75.25
C ASP K 292 -18.72 37.61 74.65
N PRO K 293 -17.73 37.60 73.76
CA PRO K 293 -17.16 38.85 73.27
C PRO K 293 -18.15 39.61 72.37
N ASN K 294 -19.02 38.87 71.65
CA ASN K 294 -19.81 39.39 70.51
C ASN K 294 -20.61 40.64 70.86
N ALA K 295 -20.89 40.84 72.13
CA ALA K 295 -21.42 42.11 72.63
C ALA K 295 -20.36 42.84 73.43
N LEU K 296 -19.77 42.19 74.41
CA LEU K 296 -18.98 42.88 75.46
C LEU K 296 -17.77 43.66 74.92
N VAL K 297 -17.09 43.10 73.91
CA VAL K 297 -16.02 43.85 73.21
C VAL K 297 -16.49 44.22 71.82
N LYS K 298 -15.99 45.34 71.32
CA LYS K 298 -16.32 45.85 69.98
C LYS K 298 -15.14 46.58 69.37
N ILE K 299 -15.28 46.84 68.09
CA ILE K 299 -14.16 47.25 67.23
C ILE K 299 -14.55 48.61 66.68
N LEU K 300 -13.60 49.55 66.64
CA LEU K 300 -13.89 50.90 66.12
C LEU K 300 -13.79 50.91 64.60
N HIS K 301 -12.59 50.61 64.13
CA HIS K 301 -12.25 50.67 62.72
C HIS K 301 -10.83 50.13 62.58
N HIS K 302 -10.63 49.34 61.55
CA HIS K 302 -9.36 48.64 61.39
C HIS K 302 -8.34 49.63 60.87
N LEU K 303 -7.54 50.22 61.76
CA LEU K 303 -6.23 50.78 61.35
C LEU K 303 -5.38 49.64 60.79
N GLU K 304 -5.13 49.61 59.49
CA GLU K 304 -4.64 48.39 58.83
C GLU K 304 -3.13 48.24 58.92
N GLU K 305 -2.50 49.04 59.76
CA GLU K 305 -1.13 48.82 60.18
C GLU K 305 -1.08 48.76 61.69
N PRO K 306 -0.05 48.15 62.27
CA PRO K 306 -0.02 47.89 63.71
C PRO K 306 -0.07 49.19 64.49
N VAL K 307 -0.38 49.07 65.78
CA VAL K 307 -0.68 50.22 66.67
C VAL K 307 0.53 50.57 67.52
N ILE K 308 0.69 51.84 67.74
CA ILE K 308 1.82 52.36 68.48
C ILE K 308 1.34 53.14 69.69
N PHE K 309 0.33 53.97 69.54
CA PHE K 309 0.03 54.96 70.60
C PHE K 309 -1.40 55.43 70.46
N ILE K 310 -2.06 55.58 71.59
CA ILE K 310 -3.39 56.18 71.63
C ILE K 310 -3.33 57.27 72.67
N GLY K 311 -3.95 58.41 72.33
CA GLY K 311 -4.06 59.54 73.23
C GLY K 311 -5.42 60.16 73.19
N ALA K 312 -5.49 61.32 73.80
CA ALA K 312 -6.68 62.16 73.77
C ALA K 312 -6.28 63.59 74.15
N LEU K 313 -6.75 64.57 73.37
CA LEU K 313 -6.16 65.92 73.39
C LEU K 313 -7.19 67.06 73.40
N LYS K 314 -6.68 68.24 73.78
CA LYS K 314 -7.51 69.44 74.04
C LYS K 314 -7.30 70.37 72.87
N THR K 315 -8.34 70.56 72.09
CA THR K 315 -8.42 71.66 71.13
C THR K 315 -9.29 72.78 71.69
N GLU K 316 -9.22 73.93 71.05
CA GLU K 316 -10.02 75.11 71.45
C GLU K 316 -9.71 75.47 72.90
N PRO K 317 -8.44 75.67 73.25
CA PRO K 317 -8.09 75.77 74.68
C PRO K 317 -8.46 77.12 75.31
N GLN K 318 -9.76 77.45 75.33
CA GLN K 318 -10.26 78.79 75.72
C GLN K 318 -11.36 78.68 76.79
N GLU K 330 -5.00 69.67 85.42
CA GLU K 330 -4.85 68.21 85.30
C GLU K 330 -6.05 67.59 84.57
N ASP K 331 -7.21 67.53 85.27
CA ASP K 331 -8.50 66.95 84.80
C ASP K 331 -9.03 67.90 83.70
N VAL K 332 -8.39 67.78 82.54
CA VAL K 332 -8.71 68.61 81.37
C VAL K 332 -9.44 67.68 80.40
N HIS K 333 -10.71 67.98 80.20
CA HIS K 333 -11.60 67.15 79.40
C HIS K 333 -11.27 67.33 77.94
N CYS K 334 -10.82 66.26 77.30
CA CYS K 334 -10.39 66.29 75.90
C CYS K 334 -11.55 66.04 74.96
N ASP K 335 -11.36 66.38 73.68
CA ASP K 335 -12.36 66.10 72.66
C ASP K 335 -11.73 65.61 71.37
N CYS K 336 -10.45 65.35 71.38
CA CYS K 336 -9.71 64.99 70.18
C CYS K 336 -9.18 63.58 70.39
N LEU K 337 -9.80 62.62 69.73
CA LEU K 337 -9.34 61.23 69.80
C LEU K 337 -8.14 61.04 68.88
N VAL K 338 -7.14 60.31 69.35
CA VAL K 338 -5.84 60.20 68.68
C VAL K 338 -5.38 58.75 68.61
N ALA K 339 -5.25 58.22 67.41
CA ALA K 339 -4.69 56.88 67.14
C ALA K 339 -3.52 56.98 66.19
N PHE K 340 -2.54 56.11 66.35
CA PHE K 340 -1.18 56.39 65.87
C PHE K 340 -0.56 55.07 65.47
N GLY K 341 -0.37 54.89 64.17
CA GLY K 341 0.18 53.64 63.66
C GLY K 341 1.70 53.64 63.53
N HIS K 342 2.22 52.57 62.93
CA HIS K 342 3.68 52.38 62.76
C HIS K 342 4.19 53.05 61.49
N HIS K 343 3.66 52.65 60.35
CA HIS K 343 4.08 53.21 59.05
C HIS K 343 3.70 54.66 58.94
N GLY K 344 2.73 55.10 59.75
CA GLY K 344 2.37 56.51 59.89
C GLY K 344 0.93 56.80 59.54
N ARG K 345 0.07 55.80 59.56
CA ARG K 345 -1.34 56.13 59.52
C ARG K 345 -1.74 56.67 60.87
N MET K 346 -1.89 57.98 60.95
CA MET K 346 -2.62 58.59 62.06
C MET K 346 -4.11 58.55 61.75
N LEU K 347 -4.89 58.49 62.81
CA LEU K 347 -6.33 58.52 62.74
C LEU K 347 -6.75 59.40 63.87
N ALA K 348 -7.68 60.28 63.61
CA ALA K 348 -8.17 61.19 64.64
C ALA K 348 -9.64 61.41 64.47
N ILE K 349 -10.30 61.56 65.61
CA ILE K 349 -11.76 61.72 65.61
C ILE K 349 -12.17 62.82 66.58
N LYS K 350 -13.24 63.49 66.20
CA LYS K 350 -13.77 64.62 66.97
C LYS K 350 -15.28 64.59 66.74
N ALA K 351 -15.99 65.41 67.48
CA ALA K 351 -17.44 65.58 67.34
C ALA K 351 -17.74 66.77 66.46
N SER K 352 -18.71 66.66 65.56
CA SER K 352 -19.19 67.76 64.69
C SER K 352 -20.64 68.13 65.02
N TRP K 353 -21.51 67.13 65.18
CA TRP K 353 -22.95 67.27 65.50
C TRP K 353 -23.60 68.30 64.58
N ASP K 354 -23.36 68.14 63.29
CA ASP K 354 -23.74 69.17 62.32
C ASP K 354 -24.26 68.51 61.06
N GLU K 355 -25.11 69.29 60.39
CA GLU K 355 -25.59 69.02 59.02
C GLU K 355 -26.58 67.86 58.99
N SER K 356 -26.96 67.31 60.15
CA SER K 356 -27.96 66.23 60.21
C SER K 356 -28.96 66.42 61.35
N GLY K 357 -28.86 67.51 62.11
CA GLY K 357 -29.65 67.66 63.33
C GLY K 357 -29.38 66.55 64.34
N LYS K 358 -28.16 66.02 64.35
CA LYS K 358 -27.78 64.95 65.28
C LYS K 358 -26.26 64.93 65.43
N LEU K 359 -25.77 64.12 66.36
CA LEU K 359 -24.32 64.00 66.60
C LEU K 359 -23.71 63.26 65.42
N VAL K 360 -22.60 63.80 64.92
CA VAL K 360 -21.86 63.20 63.79
C VAL K 360 -20.38 63.15 64.16
N PRO K 361 -19.65 62.10 63.77
CA PRO K 361 -18.22 62.10 64.01
C PRO K 361 -17.47 62.73 62.85
N GLU K 362 -16.47 63.55 63.17
CA GLU K 362 -15.48 64.03 62.18
C GLU K 362 -14.36 63.00 62.20
N LEU K 363 -14.19 62.34 61.06
CA LEU K 363 -13.14 61.34 60.84
C LEU K 363 -11.94 61.97 60.16
N ARG K 364 -10.75 61.39 60.38
CA ARG K 364 -9.64 61.64 59.47
C ARG K 364 -8.78 60.40 59.42
N GLU K 365 -8.07 60.23 58.31
CA GLU K 365 -7.09 59.16 58.09
C GLU K 365 -5.88 59.76 57.41
N TYR K 366 -4.93 60.20 58.21
CA TYR K 366 -3.77 60.94 57.73
C TYR K 366 -2.78 59.95 57.13
N CYS K 367 -1.67 60.46 56.59
CA CYS K 367 -0.53 59.64 56.08
C CYS K 367 0.75 60.42 56.35
N LEU K 368 1.36 60.14 57.49
CA LEU K 368 2.54 60.87 57.96
C LEU K 368 3.78 60.13 57.48
N PRO K 369 5.00 60.63 57.80
CA PRO K 369 6.17 60.02 57.20
C PRO K 369 6.83 58.99 58.10
N GLY K 370 7.24 57.89 57.46
CA GLY K 370 8.26 57.01 58.00
C GLY K 370 7.69 56.00 59.00
N PRO K 371 8.54 55.09 59.46
CA PRO K 371 8.12 54.14 60.49
C PRO K 371 8.15 54.89 61.81
N VAL K 372 7.02 54.87 62.48
CA VAL K 372 6.82 55.75 63.63
C VAL K 372 7.14 54.95 64.88
N LEU K 373 7.88 55.58 65.79
CA LEU K 373 8.40 54.86 66.97
C LEU K 373 7.55 55.16 68.20
N CYS K 374 7.56 56.40 68.62
CA CYS K 374 7.16 56.80 69.97
C CYS K 374 6.32 58.05 69.87
N ALA K 375 5.43 58.22 70.83
CA ALA K 375 4.46 59.34 70.89
C ALA K 375 4.25 59.76 72.34
N ALA K 376 3.58 60.89 72.49
CA ALA K 376 3.28 61.53 73.78
C ALA K 376 2.22 62.60 73.51
N CYS K 377 1.99 63.48 74.49
CA CYS K 377 0.99 64.54 74.37
C CYS K 377 1.47 65.77 75.12
N GLY K 378 1.58 66.89 74.42
CA GLY K 378 1.96 68.18 75.00
C GLY K 378 0.75 69.08 75.12
N GLY K 379 0.82 70.02 76.06
CA GLY K 379 -0.29 70.91 76.33
C GLY K 379 -0.73 71.68 75.09
N GLY K 380 -1.98 71.43 74.66
CA GLY K 380 -2.62 72.24 73.63
C GLY K 380 -2.57 71.58 72.29
N GLY K 381 -2.93 70.30 72.24
CA GLY K 381 -3.10 69.62 70.95
C GLY K 381 -1.82 69.42 70.21
N ARG K 382 -0.70 69.36 70.92
CA ARG K 382 0.62 69.24 70.32
C ARG K 382 1.12 67.82 70.56
N VAL K 383 0.94 66.94 69.58
CA VAL K 383 1.56 65.60 69.57
C VAL K 383 3.05 65.72 69.30
N TYR K 384 3.86 65.05 70.11
CA TYR K 384 5.32 64.94 69.89
C TYR K 384 5.68 63.50 69.55
N HIS K 385 6.10 63.25 68.31
CA HIS K 385 6.38 61.90 67.81
C HIS K 385 7.79 61.84 67.22
N SER K 386 8.22 60.62 66.95
CA SER K 386 9.57 60.34 66.41
C SER K 386 9.43 59.46 65.15
N THR K 387 10.27 59.76 64.19
CA THR K 387 10.52 58.95 62.98
C THR K 387 12.03 58.69 62.94
N PRO K 388 12.49 57.65 62.26
CA PRO K 388 13.92 57.31 62.32
C PRO K 388 14.88 58.38 61.85
N SER K 389 14.39 59.37 61.14
CA SER K 389 15.22 60.50 60.74
C SER K 389 15.49 61.41 61.92
N ASP K 390 14.47 61.73 62.67
CA ASP K 390 14.46 62.97 63.45
C ASP K 390 13.37 62.90 64.51
N LEU K 391 13.26 63.96 65.32
CA LEU K 391 12.12 64.16 66.24
C LEU K 391 11.17 65.23 65.67
N CYS K 392 9.88 64.95 65.68
CA CYS K 392 8.87 65.73 64.95
C CYS K 392 7.63 65.99 65.82
N VAL K 393 6.69 66.77 65.28
CA VAL K 393 5.57 67.36 66.06
C VAL K 393 4.42 67.67 65.13
N VAL K 394 3.22 67.63 65.67
CA VAL K 394 2.01 68.06 64.96
C VAL K 394 1.09 68.76 65.93
N ASP K 395 0.74 69.99 65.60
CA ASP K 395 -0.25 70.79 66.35
C ASP K 395 -1.60 70.61 65.65
N LEU K 396 -2.64 70.60 66.47
CA LEU K 396 -4.02 70.45 66.01
C LEU K 396 -4.87 71.67 66.31
N SER K 397 -4.40 72.60 67.13
CA SER K 397 -5.26 73.63 67.74
C SER K 397 -5.88 74.54 66.68
N ARG K 398 -7.18 74.34 66.42
CA ARG K 398 -8.00 75.27 65.60
C ARG K 398 -8.89 76.11 66.51
N GLN K 407 -13.83 74.04 57.61
CA GLN K 407 -14.02 72.70 58.21
C GLN K 407 -13.49 72.66 59.66
N PRO K 408 -13.66 71.54 60.41
CA PRO K 408 -12.93 71.31 61.66
C PRO K 408 -11.43 71.13 61.43
N GLU K 409 -10.78 70.76 62.51
CA GLU K 409 -9.37 71.03 62.85
C GLU K 409 -8.39 71.09 61.67
N GLU K 410 -8.23 70.04 60.89
CA GLU K 410 -7.09 69.99 59.99
C GLU K 410 -7.32 69.01 58.85
N GLY K 411 -7.16 69.49 57.60
CA GLY K 411 -7.09 68.64 56.41
C GLY K 411 -5.75 67.91 56.33
N PRO K 412 -4.64 68.64 56.27
CA PRO K 412 -3.32 68.02 56.17
C PRO K 412 -2.65 67.89 57.52
N GLY K 413 -1.73 66.93 57.61
CA GLY K 413 -0.84 66.79 58.76
C GLY K 413 0.53 67.35 58.43
N GLY K 414 0.64 68.67 58.26
CA GLY K 414 1.96 69.30 58.22
C GLY K 414 2.72 69.07 59.53
N LEU K 415 4.04 69.08 59.51
CA LEU K 415 4.84 68.69 60.70
C LEU K 415 6.27 69.20 60.60
N PRO K 416 6.75 69.99 61.56
CA PRO K 416 8.18 70.32 61.61
C PRO K 416 8.96 69.45 62.56
N PRO K 417 10.28 69.58 62.58
CA PRO K 417 11.08 69.05 63.68
C PRO K 417 11.30 70.02 64.83
N MET K 418 12.13 69.56 65.74
CA MET K 418 12.75 70.42 66.75
C MET K 418 14.27 70.31 66.69
N LEU K 419 14.84 69.64 65.70
CA LEU K 419 16.31 69.56 65.56
C LEU K 419 16.91 68.76 66.70
N CYS K 420 16.29 67.63 67.00
CA CYS K 420 16.83 66.61 67.90
C CYS K 420 16.55 65.23 67.34
N PRO K 421 17.49 64.28 67.47
CA PRO K 421 17.52 63.10 66.61
C PRO K 421 16.29 62.20 66.76
N ALA K 422 16.22 61.21 65.86
CA ALA K 422 15.25 60.11 65.96
C ALA K 422 15.37 59.49 67.34
N SER K 423 14.31 59.59 68.13
CA SER K 423 14.29 59.18 69.53
C SER K 423 13.16 58.21 69.73
N LEU K 424 13.11 57.70 70.94
CA LEU K 424 12.03 56.84 71.43
C LEU K 424 11.96 57.00 72.94
N ASN K 425 10.86 56.58 73.53
CA ASN K 425 10.73 56.69 74.98
C ASN K 425 10.70 58.16 75.38
N ILE K 426 9.56 58.76 75.10
CA ILE K 426 9.29 60.18 75.37
C ILE K 426 8.29 60.29 76.48
N CYS K 427 8.33 61.36 77.25
CA CYS K 427 7.27 61.67 78.20
C CYS K 427 7.10 63.14 78.32
N SER K 428 5.86 63.59 78.22
CA SER K 428 5.54 65.00 78.03
C SER K 428 4.76 65.51 79.23
N VAL K 429 5.37 66.42 79.98
CA VAL K 429 4.70 67.12 81.10
C VAL K 429 4.44 68.58 80.67
N VAL K 430 3.59 69.26 81.44
CA VAL K 430 3.19 70.67 81.18
C VAL K 430 3.83 71.59 82.24
N SER K 431 4.01 72.89 81.90
CA SER K 431 4.55 73.93 82.81
C SER K 431 3.40 74.75 83.43
N THR K 443 6.30 73.88 76.30
CA THR K 443 6.19 72.67 77.14
C THR K 443 7.57 72.02 77.33
N LYS K 444 7.77 71.54 78.56
CA LYS K 444 8.95 70.78 78.91
C LYS K 444 8.64 69.31 78.68
N LEU K 445 9.69 68.53 78.43
CA LEU K 445 9.52 67.08 78.35
C LEU K 445 10.86 66.36 78.52
N LEU K 446 10.79 65.03 78.63
CA LEU K 446 11.95 64.18 78.88
C LEU K 446 11.89 63.06 77.88
N ALA K 447 13.05 62.67 77.40
CA ALA K 447 13.06 61.54 76.48
C ALA K 447 14.45 60.91 76.44
N LEU K 448 14.50 59.84 75.65
CA LEU K 448 15.70 59.00 75.51
C LEU K 448 16.07 58.95 74.02
N SER K 449 17.37 58.91 73.77
CA SER K 449 17.92 58.88 72.42
C SER K 449 18.42 57.48 72.12
N ALA K 450 18.24 57.08 70.87
CA ALA K 450 18.57 55.76 70.37
C ALA K 450 20.02 55.39 70.60
N LYS K 451 20.91 56.37 70.75
CA LYS K 451 22.25 56.08 71.27
C LYS K 451 22.14 55.41 72.62
N GLY K 452 21.12 55.77 73.38
CA GLY K 452 20.85 55.22 74.70
C GLY K 452 21.10 56.30 75.71
N ARG K 453 20.77 57.51 75.34
CA ARG K 453 21.16 58.64 76.14
C ARG K 453 19.92 59.31 76.67
N LEU K 454 19.97 59.65 77.94
CA LEU K 454 18.88 60.35 78.61
C LEU K 454 19.01 61.85 78.43
N MET K 455 17.92 62.53 78.17
CA MET K 455 18.00 63.99 78.13
C MET K 455 16.64 64.64 78.29
N THR K 456 16.70 65.95 78.48
CA THR K 456 15.57 66.77 78.92
C THR K 456 15.42 67.91 77.96
N CYS K 457 14.31 67.95 77.25
CA CYS K 457 14.04 69.05 76.32
C CYS K 457 13.21 70.12 77.02
N SER K 458 13.57 71.39 76.77
CA SER K 458 12.96 72.56 77.41
C SER K 458 12.73 73.57 76.27
N LEU K 459 11.48 73.76 75.91
CA LEU K 459 11.15 74.47 74.66
C LEU K 459 10.71 75.90 74.96
N ASP K 460 10.45 76.65 73.88
CA ASP K 460 10.07 78.07 73.92
C ASP K 460 8.98 78.32 72.84
N MET K 471 22.99 93.08 71.26
CA MET K 471 23.84 93.40 70.09
C MET K 471 25.29 93.67 70.54
N THR K 472 26.28 93.15 69.78
CA THR K 472 27.73 93.27 70.04
C THR K 472 28.48 93.61 68.74
N THR K 473 29.21 94.72 68.75
CA THR K 473 29.95 95.20 67.57
C THR K 473 31.28 94.45 67.47
N GLU K 474 31.63 94.04 66.25
CA GLU K 474 32.85 93.30 65.90
C GLU K 474 32.76 91.84 66.29
N SER K 475 31.72 91.46 67.03
CA SER K 475 31.23 90.09 67.03
C SER K 475 29.99 89.94 66.15
N ALA K 476 29.29 91.05 65.89
CA ALA K 476 28.23 91.10 64.88
C ALA K 476 28.75 90.55 63.55
N GLY K 477 29.80 91.14 63.01
CA GLY K 477 30.35 90.68 61.73
C GLY K 477 30.82 89.23 61.79
N GLN K 478 31.26 88.78 62.96
CA GLN K 478 31.63 87.36 63.12
C GLN K 478 30.37 86.50 63.01
N LYS K 479 29.28 86.96 63.61
CA LYS K 479 27.99 86.27 63.48
C LYS K 479 27.61 86.17 62.00
N ILE K 480 27.75 87.28 61.29
CA ILE K 480 27.41 87.33 59.85
C ILE K 480 28.34 86.38 59.08
N LYS K 481 29.60 86.33 59.48
CA LYS K 481 30.59 85.45 58.84
C LYS K 481 30.16 84.00 58.98
N GLU K 482 29.76 83.64 60.20
CA GLU K 482 29.27 82.29 60.48
C GLU K 482 28.07 81.97 59.61
N LEU K 483 27.16 82.93 59.50
CA LEU K 483 25.94 82.71 58.70
C LEU K 483 26.30 82.44 57.24
N LEU K 484 27.18 83.26 56.68
CA LEU K 484 27.57 83.09 55.27
C LEU K 484 28.22 81.74 55.06
N SER K 485 29.16 81.39 55.93
CA SER K 485 29.86 80.10 55.81
C SER K 485 28.86 78.94 55.89
N GLY K 486 27.87 79.04 56.75
CA GLY K 486 26.87 78.01 56.87
C GLY K 486 26.05 77.86 55.59
N ILE K 487 25.66 78.98 55.03
CA ILE K 487 24.86 78.92 53.80
C ILE K 487 25.68 78.32 52.69
N GLY K 488 26.95 78.70 52.64
CA GLY K 488 27.86 78.09 51.69
C GLY K 488 27.94 76.59 51.88
N ASN K 489 27.91 76.14 53.12
CA ASN K 489 27.95 74.70 53.39
C ASN K 489 26.73 74.03 52.80
N ILE K 490 25.56 74.64 52.99
CA ILE K 490 24.33 74.01 52.54
C ILE K 490 24.28 73.94 51.01
N SER K 491 24.75 75.00 50.38
CA SER K 491 24.61 75.20 48.93
C SER K 491 24.99 74.01 48.08
N GLU K 492 26.15 73.44 48.33
CA GLU K 492 26.66 72.35 47.50
C GLU K 492 25.76 71.13 47.64
N ARG K 493 25.29 70.91 48.85
CA ARG K 493 24.39 69.78 49.10
C ARG K 493 23.10 69.95 48.29
N VAL K 494 22.60 71.17 48.28
CA VAL K 494 21.39 71.46 47.51
C VAL K 494 21.64 71.18 46.04
N SER K 495 22.78 71.63 45.56
CA SER K 495 23.14 71.47 44.15
C SER K 495 23.19 69.98 43.79
N PHE K 496 23.75 69.18 44.70
CA PHE K 496 23.87 67.75 44.46
C PHE K 496 22.49 67.13 44.30
N LEU K 497 21.59 67.52 45.19
CA LEU K 497 20.20 67.05 45.07
C LEU K 497 19.67 67.38 43.69
N LYS K 498 19.90 68.61 43.25
CA LYS K 498 19.36 69.10 41.99
C LYS K 498 19.86 68.24 40.86
N LYS K 499 21.15 67.96 40.87
CA LYS K 499 21.76 67.19 39.77
C LYS K 499 21.16 65.81 39.72
N ALA K 500 21.06 65.18 40.87
CA ALA K 500 20.45 63.85 40.95
C ALA K 500 19.03 63.91 40.42
N VAL K 501 18.33 64.96 40.77
CA VAL K 501 16.94 65.10 40.34
C VAL K 501 16.89 65.16 38.82
N ASP K 502 17.85 65.88 38.23
CA ASP K 502 17.91 66.00 36.77
C ASP K 502 17.98 64.61 36.14
N GLN K 503 18.85 63.78 36.70
CA GLN K 503 19.03 62.43 36.18
C GLN K 503 17.72 61.68 36.24
N ARG K 504 17.03 61.83 37.35
CA ARG K 504 15.79 61.10 37.57
C ARG K 504 14.78 61.47 36.50
N ASN K 505 14.68 62.76 36.22
CA ASN K 505 13.69 63.25 35.24
C ASN K 505 14.04 62.68 33.88
N LYS K 506 15.32 62.66 33.57
CA LYS K 506 15.76 62.17 32.26
C LYS K 506 15.33 60.73 32.08
N ALA K 507 15.53 59.97 33.13
CA ALA K 507 15.12 58.57 33.13
C ALA K 507 13.63 58.48 32.85
N LEU K 508 12.87 59.35 33.50
CA LEU K 508 11.40 59.32 33.41
C LEU K 508 10.96 59.54 31.98
N THR K 509 11.61 60.48 31.34
CA THR K 509 11.25 60.84 29.97
C THR K 509 11.50 59.64 29.07
N SER K 510 12.64 59.01 29.30
CA SER K 510 13.03 57.82 28.54
C SER K 510 11.96 56.77 28.68
N LEU K 511 11.56 56.59 29.92
CA LEU K 511 10.55 55.60 30.29
C LEU K 511 9.27 55.86 29.56
N ASN K 512 8.89 57.12 29.51
CA ASN K 512 7.61 57.46 28.92
C ASN K 512 7.63 57.10 27.45
N GLU K 513 8.76 57.37 26.79
CA GLU K 513 8.83 57.02 25.37
C GLU K 513 8.72 55.52 25.24
N ALA K 514 9.34 54.81 26.14
CA ALA K 514 9.34 53.35 26.07
C ALA K 514 7.93 52.84 26.18
N MET K 515 7.20 53.38 27.14
CA MET K 515 5.81 52.97 27.35
C MET K 515 5.00 53.27 26.10
N ASN K 516 5.20 54.45 25.55
CA ASN K 516 4.52 54.84 24.31
C ASN K 516 4.77 53.79 23.22
N VAL K 517 6.02 53.35 23.10
CA VAL K 517 6.41 52.41 22.05
C VAL K 517 5.67 51.10 22.22
N SER K 518 5.70 50.62 23.46
CA SER K 518 5.10 49.34 23.80
C SER K 518 3.63 49.37 23.44
N CYS K 519 2.93 50.41 23.89
CA CYS K 519 1.48 50.51 23.66
C CYS K 519 1.23 50.59 22.16
N ALA K 520 2.10 51.32 21.47
CA ALA K 520 1.97 51.53 20.02
C ALA K 520 2.05 50.19 19.30
N LEU K 521 3.00 49.35 19.71
CA LEU K 521 3.12 48.00 19.14
C LEU K 521 1.86 47.19 19.44
N LEU K 522 1.52 47.09 20.72
CA LEU K 522 0.54 46.09 21.15
C LEU K 522 -0.84 46.40 20.60
N SER K 523 -1.16 47.68 20.45
CA SER K 523 -2.36 48.04 19.70
C SER K 523 -2.03 48.05 18.22
N SER K 524 -2.71 47.20 17.47
CA SER K 524 -2.44 47.06 16.03
C SER K 524 -3.25 48.10 15.27
N GLY K 525 -2.57 48.94 14.50
CA GLY K 525 -3.19 50.01 13.70
C GLY K 525 -3.21 49.65 12.23
N THR K 526 -3.61 48.40 11.94
CA THR K 526 -3.46 47.77 10.62
C THR K 526 -1.99 47.39 10.37
N GLY K 527 -1.16 47.49 11.40
CA GLY K 527 0.24 47.12 11.28
C GLY K 527 1.05 47.74 12.42
N PRO K 528 1.98 47.00 13.10
CA PRO K 528 2.86 47.63 14.10
C PRO K 528 3.75 48.67 13.44
N ARG K 529 3.16 49.81 13.15
CA ARG K 529 3.82 50.85 12.37
C ARG K 529 5.18 51.23 12.96
N PRO K 530 5.28 51.66 14.23
CA PRO K 530 6.35 52.58 14.64
C PRO K 530 7.70 51.91 14.61
N ILE K 531 7.70 50.60 14.76
CA ILE K 531 8.88 49.79 14.52
C ILE K 531 8.46 48.70 13.54
N SER K 532 9.38 48.35 12.66
CA SER K 532 9.22 47.22 11.75
C SER K 532 10.57 46.54 11.63
N CYS K 533 10.52 45.27 11.30
CA CYS K 533 11.73 44.48 11.08
C CYS K 533 11.44 43.40 10.06
N THR K 534 12.29 43.36 9.04
CA THR K 534 12.13 42.43 7.92
C THR K 534 13.31 41.49 7.93
N THR K 535 13.17 40.41 7.18
CA THR K 535 14.28 39.46 6.94
C THR K 535 14.19 38.91 5.52
N SER K 536 15.36 38.81 4.88
CA SER K 536 15.46 38.44 3.45
C SER K 536 16.49 37.29 3.30
N THR K 537 16.28 36.47 2.26
CA THR K 537 17.01 35.19 2.04
C THR K 537 18.02 35.39 0.92
N THR K 538 19.28 35.40 1.29
CA THR K 538 20.35 35.79 0.39
C THR K 538 21.48 34.78 0.42
N TRP K 539 21.81 34.19 -0.72
CA TRP K 539 22.92 33.26 -0.74
C TRP K 539 24.24 34.00 -0.65
N SER K 540 25.31 33.24 -0.52
CA SER K 540 26.67 33.77 -0.42
C SER K 540 27.63 32.72 -0.84
N ARG K 541 28.92 33.04 -0.76
CA ARG K 541 29.95 32.03 -0.96
C ARG K 541 30.91 32.10 0.18
N LEU K 542 31.46 30.96 0.53
CA LEU K 542 32.50 30.88 1.54
C LEU K 542 33.58 30.02 1.02
N GLN K 543 34.55 29.69 1.87
CA GLN K 543 35.79 28.97 1.54
C GLN K 543 35.68 28.03 0.35
N THR K 544 34.60 27.33 0.24
CA THR K 544 34.30 26.59 -1.00
C THR K 544 32.83 26.64 -1.42
N GLN K 545 31.89 26.93 -0.53
CA GLN K 545 30.52 26.45 -0.69
C GLN K 545 29.54 27.61 -0.82
N ASP K 546 28.37 27.30 -1.39
CA ASP K 546 27.27 28.25 -1.58
C ASP K 546 26.49 28.22 -0.29
N VAL K 547 26.84 29.12 0.65
CA VAL K 547 26.21 29.24 1.99
C VAL K 547 24.95 30.10 1.86
N LEU K 548 23.96 29.79 2.68
CA LEU K 548 22.74 30.58 2.72
C LEU K 548 22.89 31.56 3.86
N MET K 549 22.49 32.82 3.70
CA MET K 549 22.42 33.84 4.76
C MET K 549 21.05 34.47 4.78
N ALA K 550 20.75 35.12 5.86
CA ALA K 550 19.45 35.76 6.06
C ALA K 550 19.70 37.12 6.65
N THR K 551 19.34 38.10 5.85
CA THR K 551 19.52 39.50 6.24
C THR K 551 18.34 39.89 7.09
N CYS K 552 18.65 40.59 8.17
CA CYS K 552 17.66 41.12 9.07
C CYS K 552 17.79 42.63 9.13
N VAL K 553 16.67 43.31 8.96
CA VAL K 553 16.61 44.76 8.85
C VAL K 553 15.68 45.26 9.88
N LEU K 554 16.06 46.36 10.48
CA LEU K 554 15.28 47.01 11.51
C LEU K 554 15.06 48.47 11.10
N GLU K 555 13.83 48.97 11.23
CA GLU K 555 13.46 50.32 10.76
C GLU K 555 12.64 51.03 11.81
N ASN K 556 12.97 52.28 12.07
CA ASN K 556 12.10 53.13 12.90
C ASN K 556 11.20 53.92 11.99
N SER K 557 9.89 53.73 12.11
CA SER K 557 8.89 54.41 11.25
C SER K 557 8.23 55.58 12.00
N SER K 558 8.59 55.80 13.26
CA SER K 558 7.94 56.81 14.12
C SER K 558 8.95 57.86 14.57
N SER K 559 8.52 58.72 15.48
CA SER K 559 9.38 59.71 16.15
C SER K 559 10.04 59.16 17.40
N PHE K 560 9.47 58.10 17.92
CA PHE K 560 9.96 57.53 19.17
C PHE K 560 11.38 57.02 19.00
N SER K 561 12.32 57.72 19.62
CA SER K 561 13.74 57.34 19.58
C SER K 561 14.01 56.22 20.62
N LEU K 562 14.36 55.03 20.14
CA LEU K 562 14.72 53.89 21.00
C LEU K 562 16.19 53.98 21.33
N ASP K 563 16.48 54.04 22.62
CA ASP K 563 17.79 54.49 23.10
C ASP K 563 18.35 53.56 24.14
N GLN K 564 19.35 54.04 24.87
CA GLN K 564 20.06 53.26 25.88
C GLN K 564 19.03 52.62 26.84
N GLY K 565 19.16 51.28 26.91
CA GLY K 565 18.32 50.42 27.75
C GLY K 565 17.72 49.29 26.93
N TRP K 566 17.32 49.61 25.71
CA TRP K 566 16.78 48.60 24.86
C TRP K 566 17.87 47.62 24.47
N THR K 567 17.41 46.49 23.86
CA THR K 567 18.21 45.39 23.29
C THR K 567 17.38 44.33 22.59
N LEU K 568 17.96 43.77 21.57
CA LEU K 568 17.22 42.99 20.59
C LEU K 568 17.64 41.59 20.70
N CYS K 569 16.70 40.67 20.54
CA CYS K 569 17.05 39.25 20.44
C CYS K 569 16.41 38.72 19.20
N ILE K 570 17.13 37.77 18.58
CA ILE K 570 16.53 36.88 17.58
C ILE K 570 16.88 35.48 17.89
N GLN K 571 15.98 34.59 17.57
CA GLN K 571 16.20 33.21 17.85
C GLN K 571 15.72 32.42 16.62
N VAL K 572 16.60 31.55 16.12
CA VAL K 572 16.35 30.75 14.90
C VAL K 572 16.05 29.35 15.28
N LEU K 573 14.99 28.79 14.76
CA LEU K 573 14.54 27.49 15.24
C LEU K 573 14.39 26.49 14.12
N THR K 574 15.30 25.54 14.07
CA THR K 574 15.54 24.73 12.87
C THR K 574 14.56 23.56 12.74
N SER K 575 13.30 23.77 13.08
CA SER K 575 12.32 22.68 13.08
C SER K 575 10.91 23.18 13.46
N SER K 576 9.90 22.38 13.12
CA SER K 576 8.54 22.47 13.69
C SER K 576 8.12 21.07 14.16
N CYS K 577 8.78 20.57 15.21
CA CYS K 577 8.61 19.20 15.73
C CYS K 577 9.43 18.98 17.03
N ALA K 578 9.04 17.92 17.73
CA ALA K 578 9.66 17.45 18.95
C ALA K 578 9.96 15.96 18.75
N LEU K 579 11.08 15.51 19.32
CA LEU K 579 11.73 14.26 18.91
C LEU K 579 11.86 13.30 20.06
N ASP K 580 11.88 12.04 19.65
CA ASP K 580 12.41 10.96 20.46
C ASP K 580 13.84 11.34 20.82
N LEU K 581 14.63 11.78 19.84
CA LEU K 581 16.07 12.01 20.04
C LEU K 581 16.35 13.52 19.86
N ASP K 582 16.08 14.29 20.90
CA ASP K 582 17.04 15.18 21.55
C ASP K 582 18.16 15.65 20.60
N SER K 583 17.80 16.33 19.51
CA SER K 583 18.82 16.92 18.61
C SER K 583 19.83 17.79 19.34
N ALA K 584 20.97 18.08 18.69
CA ALA K 584 22.08 18.75 19.40
C ALA K 584 22.19 20.25 19.23
N CYS K 585 21.42 20.89 18.33
CA CYS K 585 21.25 22.38 18.30
C CYS K 585 19.80 22.61 17.87
N SER K 586 18.97 22.68 18.89
CA SER K 586 17.53 22.90 18.70
C SER K 586 17.31 24.25 18.01
N ALA K 587 18.10 25.26 18.40
CA ALA K 587 17.93 26.62 17.88
C ALA K 587 19.13 27.47 18.22
N ILE K 588 19.26 28.62 17.57
CA ILE K 588 20.33 29.54 17.93
C ILE K 588 19.76 30.93 18.28
N THR K 589 20.49 31.65 19.18
CA THR K 589 20.12 32.99 19.69
C THR K 589 21.19 34.09 19.60
N TYR K 590 20.81 35.03 18.74
CA TYR K 590 21.52 36.25 18.47
C TYR K 590 20.85 37.35 19.25
N THR K 591 21.63 38.02 20.07
CA THR K 591 21.23 39.24 20.78
C THR K 591 22.18 40.39 20.55
N ILE K 592 21.68 41.62 20.49
CA ILE K 592 22.48 42.78 20.06
C ILE K 592 22.04 43.98 20.86
N PRO K 593 22.95 44.80 21.39
CA PRO K 593 22.56 46.11 21.89
C PRO K 593 22.19 47.16 20.87
N VAL K 594 20.92 47.19 20.50
CA VAL K 594 20.30 48.37 19.86
C VAL K 594 20.74 49.57 20.66
N ASP K 595 21.28 50.57 19.99
CA ASP K 595 21.77 51.78 20.68
C ASP K 595 21.45 52.99 19.79
N GLN K 596 20.55 53.87 20.27
CA GLN K 596 20.27 55.19 19.65
C GLN K 596 19.82 54.97 18.24
N LEU K 597 18.73 54.22 18.11
CA LEU K 597 18.20 53.95 16.79
C LEU K 597 17.88 55.28 16.10
N GLY K 598 17.05 56.10 16.74
CA GLY K 598 16.58 57.35 16.13
C GLY K 598 15.34 57.11 15.28
N PRO K 599 14.68 58.19 14.86
CA PRO K 599 13.46 58.07 14.05
C PRO K 599 13.77 58.11 12.57
N GLY K 600 13.05 57.30 11.80
CA GLY K 600 13.32 57.18 10.36
C GLY K 600 14.62 56.45 10.02
N ALA K 601 15.42 56.03 11.02
CA ALA K 601 16.73 55.40 10.83
C ALA K 601 16.55 53.87 10.78
N ARG K 602 17.65 53.16 10.87
CA ARG K 602 17.70 51.77 10.36
C ARG K 602 18.97 51.04 10.79
N ARG K 603 18.79 49.79 11.22
CA ARG K 603 19.89 48.85 11.43
C ARG K 603 19.73 47.61 10.56
N GLU K 604 20.84 46.95 10.31
CA GLU K 604 20.77 45.72 9.54
C GLU K 604 21.87 44.81 10.10
N VAL K 605 21.62 43.49 10.04
CA VAL K 605 22.61 42.42 10.24
C VAL K 605 22.28 41.30 9.26
N THR K 606 23.04 40.25 9.32
CA THR K 606 22.83 39.15 8.41
C THR K 606 23.37 37.93 9.14
N LEU K 607 22.68 36.84 8.92
CA LEU K 607 22.80 35.65 9.73
C LEU K 607 23.22 34.44 8.94
N PRO K 608 24.13 33.61 9.43
CA PRO K 608 24.27 32.28 8.86
C PRO K 608 23.20 31.37 9.39
N LEU K 609 22.24 31.13 8.60
CA LEU K 609 21.39 30.00 8.88
C LEU K 609 22.16 28.69 8.64
N GLY K 610 23.13 28.66 7.71
CA GLY K 610 23.34 27.52 6.79
C GLY K 610 24.06 26.33 7.38
N PRO K 611 24.22 25.24 6.59
CA PRO K 611 24.72 23.96 7.12
C PRO K 611 26.18 24.04 7.57
N GLY K 612 26.43 23.68 8.84
CA GLY K 612 27.72 23.81 9.54
C GLY K 612 28.23 22.51 10.14
N GLU K 613 27.35 21.52 10.23
CA GLU K 613 27.66 20.19 10.76
C GLU K 613 27.08 19.14 9.80
N ASN K 614 27.96 18.56 8.99
CA ASN K 614 27.62 17.38 8.19
C ASN K 614 26.54 17.68 7.15
N GLY K 615 26.54 18.89 6.60
CA GLY K 615 25.69 19.18 5.45
C GLY K 615 24.21 19.15 5.76
N GLY K 616 23.82 19.81 6.86
CA GLY K 616 22.47 19.69 7.42
C GLY K 616 21.66 20.98 7.25
N LEU K 617 20.56 20.89 6.49
CA LEU K 617 19.57 21.98 6.48
C LEU K 617 18.20 21.51 6.03
N ASP K 618 17.17 21.88 6.82
CA ASP K 618 15.78 21.42 6.66
C ASP K 618 14.83 22.58 6.82
N LEU K 619 13.69 22.48 6.18
CA LEU K 619 12.96 23.67 5.78
C LEU K 619 11.45 23.50 5.71
N PRO K 620 10.76 23.53 6.79
CA PRO K 620 10.30 24.82 7.35
C PRO K 620 11.38 25.25 8.38
N VAL K 621 12.06 26.34 8.17
CA VAL K 621 12.83 26.98 9.25
C VAL K 621 12.24 28.34 9.52
N THR K 622 12.25 28.78 10.77
CA THR K 622 11.62 30.05 11.18
C THR K 622 12.62 30.85 12.00
N VAL K 623 12.47 32.15 11.91
CA VAL K 623 13.43 33.09 12.51
C VAL K 623 12.61 34.17 13.21
N SER K 624 12.80 34.27 14.52
CA SER K 624 11.81 34.93 15.38
C SER K 624 12.51 36.06 16.08
N CYS K 625 11.95 37.26 15.88
CA CYS K 625 12.54 38.48 16.43
C CYS K 625 11.90 38.83 17.74
N THR K 626 12.61 39.60 18.57
CA THR K 626 12.03 40.17 19.80
C THR K 626 12.87 41.34 20.22
N LEU K 627 12.24 42.22 21.03
CA LEU K 627 12.92 43.23 21.87
C LEU K 627 12.68 43.09 23.33
N PHE K 628 13.55 43.63 24.08
CA PHE K 628 13.49 43.42 25.51
C PHE K 628 13.57 44.84 26.02
N TYR K 629 13.28 45.05 27.31
CA TYR K 629 13.55 46.35 27.96
C TYR K 629 13.93 46.13 29.38
N SER K 630 14.88 46.95 29.76
CA SER K 630 15.66 46.82 30.97
C SER K 630 15.48 48.06 31.81
N LEU K 631 14.52 47.95 32.73
CA LEU K 631 14.30 49.03 33.70
C LEU K 631 15.56 49.28 34.50
N ARG K 632 16.37 48.23 34.69
CA ARG K 632 17.53 48.34 35.57
C ARG K 632 18.72 48.94 34.83
N GLU K 633 18.71 48.88 33.52
CA GLU K 633 19.91 49.30 32.78
C GLU K 633 20.12 50.81 32.91
N VAL K 634 19.03 51.57 32.96
CA VAL K 634 19.06 53.02 32.63
C VAL K 634 19.79 53.79 33.75
N VAL K 635 19.88 53.24 34.95
CA VAL K 635 20.61 53.90 36.05
C VAL K 635 22.13 53.80 35.77
N GLU K 659 10.31 37.44 42.01
CA GLU K 659 10.25 38.58 41.08
C GLU K 659 11.61 38.78 40.43
N GLN K 660 11.62 38.91 39.11
CA GLN K 660 12.75 39.47 38.37
C GLN K 660 12.15 40.35 37.23
N GLU K 661 12.91 41.39 36.90
CA GLU K 661 12.39 42.62 36.28
C GLU K 661 13.07 42.72 34.89
N GLY K 662 12.18 42.92 33.93
CA GLY K 662 12.47 43.28 32.55
C GLY K 662 11.20 42.92 31.80
N VAL K 663 11.04 43.37 30.55
CA VAL K 663 9.94 42.85 29.69
C VAL K 663 10.38 42.64 28.27
N CYS K 664 9.44 42.28 27.40
CA CYS K 664 9.78 41.61 26.14
C CYS K 664 8.66 41.81 25.16
N LEU K 665 9.03 41.99 23.92
CA LEU K 665 8.09 42.43 22.91
C LEU K 665 8.25 41.64 21.64
N PRO K 666 7.18 41.07 21.05
CA PRO K 666 7.37 40.08 19.98
C PRO K 666 7.95 40.68 18.72
N LEU K 667 7.25 41.67 18.18
CA LEU K 667 7.68 42.49 17.04
C LEU K 667 7.55 41.86 15.65
N SER K 668 7.58 40.55 15.50
CA SER K 668 7.60 39.99 14.14
C SER K 668 7.77 38.47 14.14
N ARG K 669 7.56 37.86 12.96
CA ARG K 669 7.81 36.44 12.72
C ARG K 669 7.86 36.16 11.23
N HIS K 670 8.95 35.55 10.78
CA HIS K 670 9.11 35.18 9.37
C HIS K 670 9.58 33.75 9.24
N THR K 671 9.00 33.07 8.24
CA THR K 671 9.24 31.65 7.96
C THR K 671 9.98 31.50 6.63
N VAL K 672 11.14 30.86 6.65
CA VAL K 672 11.99 30.65 5.47
C VAL K 672 11.73 29.28 5.04
N ASP K 673 11.47 29.09 3.79
CA ASP K 673 11.12 27.75 3.29
C ASP K 673 11.93 27.44 2.06
N MET K 674 11.64 26.33 1.42
CA MET K 674 12.30 25.93 0.18
C MET K 674 12.25 27.07 -0.86
N LEU K 675 11.13 27.80 -0.94
CA LEU K 675 10.91 28.72 -2.04
C LEU K 675 11.57 30.00 -1.81
N GLN K 676 12.52 30.06 -0.93
CA GLN K 676 13.37 31.24 -0.76
C GLN K 676 14.85 30.87 -0.77
N CYS K 677 15.20 29.74 -1.32
CA CYS K 677 16.59 29.32 -1.31
C CYS K 677 17.07 28.80 -2.64
N LEU K 678 16.17 28.55 -3.57
CA LEU K 678 16.53 28.05 -4.92
C LEU K 678 17.39 29.05 -5.70
N ARG K 679 18.61 28.65 -5.99
CA ARG K 679 19.44 29.40 -6.94
C ARG K 679 18.92 29.14 -8.34
N PHE K 680 19.30 29.97 -9.27
CA PHE K 680 19.04 29.70 -10.67
C PHE K 680 20.19 30.24 -11.51
N PRO K 681 21.37 29.60 -11.48
CA PRO K 681 22.46 29.99 -12.40
C PRO K 681 22.13 29.66 -13.87
N GLY K 682 21.07 28.86 -14.12
CA GLY K 682 20.45 28.70 -15.43
C GLY K 682 19.49 29.82 -15.77
N LEU K 683 19.53 30.92 -15.04
CA LEU K 683 18.78 32.14 -15.40
C LEU K 683 19.58 33.42 -15.12
N ALA K 684 20.83 33.38 -14.63
CA ALA K 684 21.70 34.59 -14.50
C ALA K 684 21.99 35.29 -15.85
N THR K 697 28.77 18.31 0.67
CA THR K 697 28.97 17.32 -0.43
C THR K 697 28.32 15.96 -0.04
N ARG K 698 28.97 15.21 0.86
CA ARG K 698 28.45 13.92 1.41
C ARG K 698 28.94 13.73 2.85
N ASP K 699 28.25 12.92 3.63
CA ASP K 699 28.51 12.96 5.09
C ASP K 699 29.83 12.26 5.42
N PRO K 700 30.80 12.95 6.08
CA PRO K 700 32.10 12.33 6.37
C PRO K 700 32.01 11.08 7.24
N VAL K 701 31.20 11.15 8.30
CA VAL K 701 31.13 10.08 9.30
C VAL K 701 30.42 8.86 8.67
N ALA K 702 29.28 9.06 8.04
CA ALA K 702 28.58 7.91 7.44
C ALA K 702 29.40 7.25 6.35
N THR K 703 30.30 8.01 5.74
CA THR K 703 31.20 7.40 4.74
C THR K 703 32.31 6.64 5.46
N PHE K 704 32.84 7.22 6.52
CA PHE K 704 33.92 6.62 7.30
C PHE K 704 33.51 5.25 7.80
N LEU K 705 32.30 5.20 8.36
CA LEU K 705 31.76 3.89 8.79
C LEU K 705 31.86 2.82 7.71
N GLU K 706 31.40 3.14 6.51
CA GLU K 706 31.48 2.17 5.42
C GLU K 706 32.91 1.76 5.14
N THR K 707 33.79 2.71 5.22
CA THR K 707 35.18 2.44 4.88
C THR K 707 35.90 1.65 5.94
N CYS K 708 35.38 1.61 7.15
CA CYS K 708 36.13 0.96 8.23
C CYS K 708 35.79 -0.53 8.37
N ARG K 709 34.73 -1.06 7.73
CA ARG K 709 34.22 -2.42 8.03
C ARG K 709 34.72 -3.54 7.09
N GLU K 710 34.99 -3.27 5.81
CA GLU K 710 35.23 -4.34 4.78
C GLU K 710 36.37 -5.34 5.15
N LEU K 726 17.82 5.64 -12.67
CA LEU K 726 16.94 5.86 -11.49
C LEU K 726 15.83 6.88 -11.83
N PRO K 727 14.69 6.85 -11.11
CA PRO K 727 13.54 7.62 -11.55
C PRO K 727 13.56 8.99 -10.90
N PRO K 728 12.67 9.88 -11.34
CA PRO K 728 12.44 11.13 -10.63
C PRO K 728 11.24 11.04 -9.69
N SER K 729 11.37 11.66 -8.53
CA SER K 729 10.21 11.97 -7.69
C SER K 729 9.38 13.07 -8.35
N VAL K 730 8.15 13.23 -7.93
CA VAL K 730 7.17 14.16 -8.57
C VAL K 730 6.25 14.78 -7.51
N ALA K 731 5.67 15.93 -7.78
CA ALA K 731 4.58 16.47 -6.95
C ALA K 731 3.79 17.51 -7.72
N SER K 732 2.51 17.62 -7.43
CA SER K 732 1.69 18.53 -8.24
C SER K 732 0.53 19.02 -7.40
N ILE K 733 -0.13 20.08 -7.90
CA ILE K 733 -1.41 20.58 -7.36
C ILE K 733 -2.26 21.08 -8.53
N LYS K 734 -3.55 21.27 -8.27
CA LYS K 734 -4.44 21.98 -9.21
C LYS K 734 -5.28 23.01 -8.46
N VAL K 735 -5.35 24.24 -8.99
CA VAL K 735 -6.08 25.36 -8.35
C VAL K 735 -6.91 26.09 -9.42
N SER K 736 -7.99 26.72 -9.00
CA SER K 736 -8.90 27.48 -9.88
C SER K 736 -8.18 28.72 -10.41
N ALA K 737 -8.53 29.07 -11.62
CA ALA K 737 -8.07 30.31 -12.26
C ALA K 737 -8.61 31.50 -11.48
N GLU K 738 -9.92 31.51 -11.23
CA GLU K 738 -10.61 32.68 -10.66
C GLU K 738 -10.02 33.05 -9.31
N LEU K 739 -9.65 32.05 -8.52
CA LEU K 739 -8.97 32.31 -7.26
C LEU K 739 -7.77 33.20 -7.51
N LEU K 740 -6.92 32.77 -8.43
CA LEU K 740 -5.64 33.47 -8.64
C LEU K 740 -5.87 34.83 -9.30
N ARG K 741 -6.86 34.91 -10.18
CA ARG K 741 -7.24 36.17 -10.82
C ARG K 741 -7.60 37.17 -9.73
N ALA K 742 -8.31 36.69 -8.71
CA ALA K 742 -8.78 37.57 -7.64
C ALA K 742 -7.61 37.96 -6.76
N ALA K 743 -6.87 36.96 -6.27
CA ALA K 743 -5.79 37.20 -5.30
C ALA K 743 -4.64 37.95 -5.93
N LEU K 744 -4.40 37.72 -7.22
CA LEU K 744 -3.52 38.55 -8.04
C LEU K 744 -4.36 39.57 -8.79
N LYS K 745 -3.77 40.21 -9.82
CA LYS K 745 -4.41 41.26 -10.64
C LYS K 745 -4.45 42.59 -9.91
N ASP K 746 -4.05 42.61 -8.64
CA ASP K 746 -3.76 43.86 -7.92
C ASP K 746 -2.24 44.01 -7.76
N GLY K 747 -1.50 42.89 -7.66
CA GLY K 747 -0.04 42.93 -7.52
C GLY K 747 0.64 42.97 -8.88
N HIS K 748 0.03 42.37 -9.91
CA HIS K 748 0.65 42.18 -11.23
C HIS K 748 -0.32 42.57 -12.36
N SER K 749 0.26 43.05 -13.47
CA SER K 749 -0.38 42.94 -14.80
C SER K 749 -0.59 41.45 -15.12
N GLY K 750 0.47 40.63 -14.95
CA GLY K 750 0.42 39.17 -14.98
C GLY K 750 -0.29 38.63 -16.20
N VAL K 751 0.34 38.74 -17.35
CA VAL K 751 -0.36 38.64 -18.64
C VAL K 751 -0.98 37.25 -18.78
N PRO K 752 -0.22 36.13 -18.71
CA PRO K 752 -0.86 34.86 -18.42
C PRO K 752 -0.81 34.54 -16.92
N LEU K 753 -1.85 33.86 -16.44
CA LEU K 753 -1.94 33.46 -15.02
C LEU K 753 -0.74 32.62 -14.66
N CYS K 754 -0.23 31.84 -15.59
CA CYS K 754 0.87 30.92 -15.32
C CYS K 754 2.09 31.67 -14.81
N CYS K 755 2.66 32.50 -15.69
CA CYS K 755 3.85 33.24 -15.31
C CYS K 755 3.53 34.17 -14.14
N ALA K 756 2.32 34.72 -14.11
CA ALA K 756 1.91 35.64 -13.03
C ALA K 756 2.01 34.95 -11.68
N THR K 757 1.42 33.79 -11.60
CA THR K 757 1.35 33.03 -10.34
C THR K 757 2.74 32.57 -9.95
N LEU K 758 3.51 32.15 -10.92
CA LEU K 758 4.88 31.78 -10.60
C LEU K 758 5.55 32.97 -9.92
N GLN K 759 5.38 34.14 -10.50
CA GLN K 759 6.00 35.34 -9.95
C GLN K 759 5.48 35.60 -8.54
N TRP K 760 4.24 35.23 -8.28
CA TRP K 760 3.69 35.37 -6.91
C TRP K 760 4.35 34.42 -5.92
N LEU K 761 4.52 33.15 -6.29
CA LEU K 761 5.10 32.21 -5.32
C LEU K 761 6.56 32.53 -5.03
N LEU K 762 7.27 33.03 -6.02
CA LEU K 762 8.65 33.52 -5.78
C LEU K 762 8.66 34.98 -5.45
N ALA K 763 7.51 35.60 -5.20
CA ALA K 763 7.45 36.98 -4.71
C ALA K 763 8.21 37.09 -3.39
N GLU K 764 8.37 35.97 -2.70
CA GLU K 764 9.24 35.91 -1.54
C GLU K 764 10.71 35.89 -1.93
N ASN K 765 11.01 35.32 -3.07
CA ASN K 765 12.39 35.04 -3.48
C ASN K 765 13.24 36.32 -3.63
N ALA K 766 14.55 36.15 -3.88
CA ALA K 766 15.44 37.25 -4.27
C ALA K 766 15.18 37.65 -5.73
N ALA K 767 15.24 36.69 -6.65
CA ALA K 767 15.42 36.97 -8.08
C ALA K 767 14.14 36.79 -8.87
N VAL K 768 13.03 37.26 -8.35
CA VAL K 768 11.78 37.22 -9.15
C VAL K 768 11.76 38.35 -10.19
N ASP K 769 12.68 39.32 -10.10
CA ASP K 769 12.67 40.45 -11.03
C ASP K 769 13.12 40.01 -12.41
N VAL K 770 14.07 39.10 -12.46
CA VAL K 770 14.52 38.62 -13.76
C VAL K 770 13.39 37.88 -14.43
N VAL K 771 12.56 37.23 -13.62
CA VAL K 771 11.37 36.57 -14.15
C VAL K 771 10.28 37.59 -14.44
N ARG K 772 10.26 38.70 -13.71
CA ARG K 772 9.36 39.80 -14.07
C ARG K 772 9.69 40.33 -15.47
N ALA K 773 10.99 40.33 -15.82
CA ALA K 773 11.45 40.66 -17.18
C ALA K 773 11.05 39.57 -18.17
N ARG K 774 11.39 38.32 -17.86
CA ARG K 774 11.13 37.18 -18.75
C ARG K 774 9.98 36.39 -18.18
N ALA K 775 8.80 36.53 -18.76
CA ALA K 775 7.67 35.68 -18.36
C ALA K 775 7.96 34.26 -18.84
N LEU K 776 8.35 33.36 -17.92
CA LEU K 776 8.88 32.03 -18.27
C LEU K 776 7.86 30.91 -18.12
N SER K 777 7.14 30.85 -16.99
CA SER K 777 6.23 29.73 -16.67
C SER K 777 6.96 28.36 -16.54
N SER K 778 8.29 28.32 -16.45
CA SER K 778 9.05 27.07 -16.24
C SER K 778 10.52 27.39 -16.08
N ILE K 779 11.20 26.79 -15.12
CA ILE K 779 12.62 27.04 -14.87
C ILE K 779 13.26 25.85 -14.21
N GLN K 780 14.58 25.93 -14.08
CA GLN K 780 15.42 24.84 -13.56
C GLN K 780 16.11 25.31 -12.31
N GLY K 781 15.61 24.85 -11.17
CA GLY K 781 16.17 25.28 -9.89
C GLY K 781 17.13 24.27 -9.30
N VAL K 782 17.72 24.68 -8.18
CA VAL K 782 18.70 23.89 -7.45
C VAL K 782 18.53 24.19 -5.98
N ALA K 783 18.80 23.19 -5.15
CA ALA K 783 18.46 23.21 -3.72
C ALA K 783 19.69 23.15 -2.88
N PRO K 784 19.61 23.48 -1.58
CA PRO K 784 20.82 23.63 -0.78
C PRO K 784 21.62 22.34 -0.59
N ASP K 785 20.91 21.25 -0.77
CA ASP K 785 21.54 19.92 -0.64
C ASP K 785 22.59 19.75 -1.76
N GLY K 786 22.23 20.19 -2.96
CA GLY K 786 23.00 19.89 -4.16
C GLY K 786 22.12 19.39 -5.28
N ALA K 787 20.83 19.20 -5.04
CA ALA K 787 19.98 18.49 -6.00
C ALA K 787 19.50 19.45 -7.05
N ASN K 788 19.10 18.86 -8.16
CA ASN K 788 18.41 19.59 -9.22
C ASN K 788 16.92 19.61 -8.90
N VAL K 789 16.22 20.56 -9.48
CA VAL K 789 14.76 20.65 -9.33
C VAL K 789 14.15 21.65 -10.30
N HIS K 790 13.00 21.33 -10.83
CA HIS K 790 12.45 22.04 -12.00
C HIS K 790 10.95 22.07 -11.83
N LEU K 791 10.41 23.28 -11.73
CA LEU K 791 9.00 23.46 -11.48
C LEU K 791 8.36 24.14 -12.65
N ILE K 792 7.08 23.93 -12.75
CA ILE K 792 6.31 24.33 -13.93
C ILE K 792 4.96 24.81 -13.47
N VAL K 793 4.45 25.81 -14.14
CA VAL K 793 3.05 26.21 -14.04
C VAL K 793 2.43 25.95 -15.40
N ARG K 794 1.13 25.77 -15.40
CA ARG K 794 0.49 25.25 -16.59
C ARG K 794 -1.00 25.42 -16.48
N GLU K 795 -1.62 25.65 -17.63
CA GLU K 795 -3.09 25.78 -17.74
C GLU K 795 -3.68 24.41 -17.99
N VAL K 796 -4.51 23.96 -17.07
CA VAL K 796 -4.98 22.57 -17.05
C VAL K 796 -6.47 22.60 -16.74
N ALA K 797 -7.28 22.51 -17.78
CA ALA K 797 -8.73 22.50 -17.62
C ALA K 797 -9.25 21.07 -17.58
N MET K 798 -10.00 20.75 -16.53
CA MET K 798 -10.38 19.37 -16.26
C MET K 798 -11.83 19.31 -15.81
N THR K 799 -12.62 18.42 -16.43
CA THR K 799 -14.08 18.58 -16.55
C THR K 799 -14.89 17.72 -15.58
N ASP K 800 -14.60 16.42 -15.46
CA ASP K 800 -15.35 15.56 -14.52
C ASP K 800 -15.18 16.00 -13.06
N LEU K 801 -14.16 16.81 -12.75
CA LEU K 801 -14.14 17.55 -11.47
C LEU K 801 -15.43 18.35 -11.32
N CYS K 802 -15.87 19.06 -12.39
CA CYS K 802 -16.93 20.10 -12.36
C CYS K 802 -18.20 19.62 -13.04
N PRO K 803 -19.34 20.25 -12.74
CA PRO K 803 -20.61 19.78 -13.32
C PRO K 803 -20.88 20.18 -14.78
N ALA K 804 -20.43 21.36 -15.20
CA ALA K 804 -20.77 21.93 -16.51
C ALA K 804 -19.53 22.14 -17.40
N GLY K 805 -18.57 22.95 -16.96
CA GLY K 805 -17.41 23.36 -17.76
C GLY K 805 -16.28 23.76 -16.84
N PRO K 806 -15.07 23.23 -17.08
CA PRO K 806 -14.20 22.85 -15.95
C PRO K 806 -13.78 24.02 -15.07
N ILE K 807 -12.67 24.69 -15.36
CA ILE K 807 -12.42 26.07 -14.93
C ILE K 807 -11.62 26.83 -15.98
N GLN K 808 -10.87 26.11 -16.80
CA GLN K 808 -9.48 26.45 -17.10
C GLN K 808 -8.67 26.50 -15.82
N ALA K 809 -8.68 25.38 -15.09
CA ALA K 809 -7.92 25.26 -13.85
C ALA K 809 -6.42 25.21 -14.17
N VAL K 810 -5.63 25.10 -13.11
CA VAL K 810 -4.16 25.26 -13.17
C VAL K 810 -3.52 23.94 -12.80
N GLU K 811 -2.23 23.82 -13.10
CA GLU K 811 -1.36 22.85 -12.39
C GLU K 811 -0.01 23.48 -12.07
N ILE K 812 0.37 23.38 -10.81
CA ILE K 812 1.76 23.56 -10.37
C ILE K 812 2.36 22.19 -10.29
N GLN K 813 3.63 22.04 -10.61
CA GLN K 813 4.26 20.72 -10.64
C GLN K 813 5.74 20.85 -10.38
N VAL K 814 6.16 20.18 -9.35
CA VAL K 814 7.58 20.06 -9.01
C VAL K 814 8.02 18.70 -9.46
N GLU K 815 9.26 18.65 -9.89
CA GLU K 815 9.95 17.40 -10.19
C GLU K 815 11.41 17.55 -9.75
N SER K 816 11.91 16.47 -9.22
CA SER K 816 13.29 16.38 -8.76
C SER K 816 13.64 14.93 -8.52
N SER K 817 14.94 14.66 -8.44
CA SER K 817 15.41 13.30 -8.20
C SER K 817 15.01 12.87 -6.81
N SER K 818 15.57 13.56 -5.81
CA SER K 818 15.34 13.13 -4.43
C SER K 818 13.89 13.39 -4.05
N LEU K 819 13.46 12.81 -2.92
CA LEU K 819 12.09 13.02 -2.45
C LEU K 819 12.06 14.05 -1.34
N ALA K 820 13.19 14.24 -0.65
CA ALA K 820 13.27 15.24 0.42
C ALA K 820 12.90 16.63 -0.13
N ASP K 821 13.41 16.92 -1.33
CA ASP K 821 13.18 18.22 -1.93
C ASP K 821 11.75 18.38 -2.35
N ILE K 822 11.12 17.33 -2.83
CA ILE K 822 9.70 17.45 -3.15
C ILE K 822 8.89 17.65 -1.92
N CYS K 823 9.27 17.00 -0.83
CA CYS K 823 8.57 17.23 0.45
C CYS K 823 8.61 18.72 0.84
N ARG K 824 9.80 19.29 0.91
CA ARG K 824 9.94 20.70 1.29
C ARG K 824 9.25 21.65 0.33
N ALA K 825 9.30 21.30 -0.91
CA ALA K 825 8.56 22.05 -1.92
C ALA K 825 7.04 21.99 -1.77
N HIS K 826 6.45 20.82 -1.74
CA HIS K 826 5.03 20.76 -1.50
C HIS K 826 4.71 21.51 -0.19
N HIS K 827 5.56 21.43 0.84
CA HIS K 827 5.28 22.10 2.14
C HIS K 827 5.09 23.61 1.95
N ALA K 828 6.06 24.26 1.30
CA ALA K 828 6.05 25.73 1.16
C ALA K 828 4.85 26.16 0.35
N VAL K 829 4.71 25.55 -0.84
CA VAL K 829 3.58 25.79 -1.74
C VAL K 829 2.26 25.80 -0.93
N VAL K 830 2.03 24.74 -0.18
CA VAL K 830 0.78 24.58 0.56
C VAL K 830 0.71 25.58 1.75
N GLY K 831 1.85 26.04 2.29
CA GLY K 831 1.83 27.17 3.24
C GLY K 831 1.27 28.44 2.66
N ARG K 832 1.50 28.65 1.36
CA ARG K 832 0.99 29.83 0.63
C ARG K 832 -0.51 29.68 0.31
N MET K 833 -0.88 28.55 -0.24
CA MET K 833 -2.21 28.41 -0.84
C MET K 833 -3.25 28.10 0.21
N GLN K 834 -2.84 27.75 1.41
CA GLN K 834 -3.75 27.75 2.58
C GLN K 834 -4.25 29.18 2.82
N THR K 835 -3.37 30.18 2.74
CA THR K 835 -3.70 31.55 3.17
C THR K 835 -4.44 32.25 2.06
N MET K 836 -4.07 32.01 0.81
CA MET K 836 -4.73 32.76 -0.27
C MET K 836 -6.25 32.42 -0.37
N VAL K 837 -6.64 31.16 -0.19
CA VAL K 837 -8.07 30.77 -0.27
C VAL K 837 -8.82 31.29 0.93
N THR K 838 -8.21 31.28 2.10
CA THR K 838 -8.87 31.84 3.30
C THR K 838 -9.18 33.31 3.07
N GLU K 839 -8.19 34.08 2.65
CA GLU K 839 -8.40 35.53 2.49
C GLU K 839 -9.30 35.83 1.29
N GLN K 840 -9.39 34.92 0.31
CA GLN K 840 -10.36 35.09 -0.78
C GLN K 840 -11.76 34.60 -0.38
N ALA K 841 -11.89 33.72 0.60
CA ALA K 841 -13.21 33.29 1.08
C ALA K 841 -13.94 34.43 1.80
N THR K 842 -13.25 35.50 2.16
CA THR K 842 -13.88 36.73 2.70
C THR K 842 -14.87 37.26 1.66
N GLN K 843 -14.39 37.54 0.46
CA GLN K 843 -15.24 37.77 -0.73
C GLN K 843 -16.19 36.59 -0.87
N GLY K 844 -15.68 35.37 -0.69
CA GLY K 844 -16.53 34.19 -0.64
C GLY K 844 -17.00 33.77 -2.00
N SER K 845 -16.08 33.62 -2.94
CA SER K 845 -16.43 33.15 -4.28
C SER K 845 -16.99 31.71 -4.19
N SER K 846 -17.81 31.31 -5.18
CA SER K 846 -18.70 30.13 -5.06
C SER K 846 -17.88 28.82 -5.00
N ALA K 847 -17.02 28.58 -5.99
CA ALA K 847 -16.35 27.29 -6.18
C ALA K 847 -17.43 26.22 -6.35
N PRO K 848 -18.11 26.19 -7.51
CA PRO K 848 -19.44 25.59 -7.60
C PRO K 848 -19.44 24.09 -7.30
N ASP K 849 -20.65 23.54 -7.34
CA ASP K 849 -20.96 22.22 -6.77
C ASP K 849 -20.19 21.15 -7.56
N LEU K 850 -19.39 20.34 -6.86
CA LEU K 850 -18.52 19.34 -7.49
C LEU K 850 -19.26 18.02 -7.71
N ARG K 851 -18.61 17.12 -8.44
CA ARG K 851 -19.22 15.89 -8.97
C ARG K 851 -18.93 14.68 -8.06
N VAL K 852 -19.97 13.90 -7.81
CA VAL K 852 -19.96 12.71 -6.95
C VAL K 852 -19.02 11.66 -7.51
N GLN K 853 -18.90 11.64 -8.82
CA GLN K 853 -18.21 10.56 -9.55
C GLN K 853 -16.77 10.50 -9.06
N TYR K 854 -16.11 11.66 -9.10
CA TYR K 854 -14.74 11.84 -8.67
C TYR K 854 -14.56 11.47 -7.21
N LEU K 855 -15.46 11.98 -6.39
CA LEU K 855 -15.36 11.81 -4.93
C LEU K 855 -15.43 10.35 -4.53
N ARG K 856 -16.33 9.57 -5.12
CA ARG K 856 -16.47 8.14 -4.74
C ARG K 856 -15.20 7.38 -5.13
N GLN K 857 -14.63 7.73 -6.27
CA GLN K 857 -13.36 7.13 -6.69
C GLN K 857 -12.29 7.41 -5.66
N ILE K 858 -12.12 8.67 -5.29
CA ILE K 858 -11.07 9.05 -4.33
C ILE K 858 -11.34 8.42 -2.97
N HIS K 859 -12.60 8.36 -2.60
CA HIS K 859 -13.08 7.73 -1.37
C HIS K 859 -12.55 6.30 -1.27
N ALA K 860 -12.88 5.48 -2.24
CA ALA K 860 -12.45 4.07 -2.20
C ALA K 860 -10.93 3.98 -2.34
N ASN K 861 -10.36 4.85 -3.16
CA ASN K 861 -8.95 4.73 -3.51
C ASN K 861 -8.08 5.08 -2.33
N HIS K 862 -8.58 5.95 -1.46
CA HIS K 862 -7.88 6.23 -0.20
C HIS K 862 -8.20 5.15 0.83
N GLU K 863 -9.41 4.62 0.77
CA GLU K 863 -9.87 3.62 1.75
C GLU K 863 -8.89 2.45 1.72
N THR K 864 -8.64 1.94 0.53
CA THR K 864 -7.80 0.74 0.39
C THR K 864 -6.43 0.97 1.01
N LEU K 865 -5.82 2.12 0.74
CA LEU K 865 -4.49 2.43 1.29
C LEU K 865 -4.56 2.52 2.80
N LEU K 866 -5.65 3.08 3.30
CA LEU K 866 -5.83 3.24 4.75
C LEU K 866 -5.80 1.89 5.44
N ARG K 867 -6.59 0.95 4.94
CA ARG K 867 -6.62 -0.40 5.55
C ARG K 867 -5.23 -1.04 5.46
N GLU K 868 -4.54 -0.85 4.35
CA GLU K 868 -3.18 -1.38 4.23
C GLU K 868 -2.29 -0.83 5.35
N VAL K 869 -2.35 0.47 5.56
CA VAL K 869 -1.47 1.07 6.56
C VAL K 869 -1.86 0.56 7.92
N GLN K 870 -3.16 0.36 8.11
CA GLN K 870 -3.67 -0.12 9.41
C GLN K 870 -3.07 -1.49 9.73
N THR K 871 -3.00 -2.35 8.72
CA THR K 871 -2.40 -3.68 8.88
C THR K 871 -0.94 -3.53 9.19
N LEU K 872 -0.29 -2.61 8.51
CA LEU K 872 1.14 -2.44 8.74
C LEU K 872 1.41 -1.94 10.16
N ARG K 873 0.58 -1.05 10.64
CA ARG K 873 0.70 -0.61 12.03
C ARG K 873 0.45 -1.78 12.99
N ASP K 874 -0.49 -2.66 12.68
CA ASP K 874 -0.70 -3.84 13.53
C ASP K 874 0.59 -4.65 13.63
N ARG K 875 1.21 -4.90 12.48
CA ARG K 875 2.44 -5.70 12.48
C ARG K 875 3.54 -4.95 13.22
N LEU K 876 3.53 -3.62 13.20
CA LEU K 876 4.51 -2.87 13.99
C LEU K 876 4.31 -3.08 15.48
N CYS K 877 3.07 -2.96 15.91
CA CYS K 877 2.69 -3.16 17.33
C CYS K 877 3.13 -4.54 17.79
N THR K 878 2.97 -5.55 16.94
CA THR K 878 3.22 -6.96 17.31
C THR K 878 4.64 -7.42 16.96
N GLU K 879 5.48 -6.55 16.38
CA GLU K 879 6.85 -6.93 15.98
C GLU K 879 6.81 -8.04 14.94
N ASP K 880 5.76 -8.05 14.12
CA ASP K 880 5.47 -9.19 13.26
C ASP K 880 6.43 -9.29 12.09
N GLU K 881 6.39 -8.34 11.17
CA GLU K 881 7.35 -8.43 10.05
C GLU K 881 8.72 -7.92 10.47
N ALA K 882 8.82 -6.61 10.67
CA ALA K 882 10.03 -5.94 11.13
C ALA K 882 9.75 -4.44 11.18
N SER K 883 10.54 -3.71 11.94
CA SER K 883 10.70 -2.26 11.80
C SER K 883 11.99 -1.92 11.04
N SER K 884 12.56 -2.90 10.32
CA SER K 884 13.97 -2.91 9.91
C SER K 884 14.18 -1.88 8.82
N CYS K 885 13.69 -2.20 7.63
CA CYS K 885 13.86 -1.36 6.45
C CYS K 885 13.09 -1.98 5.30
N ALA K 886 12.87 -1.17 4.28
CA ALA K 886 11.93 -1.41 3.16
C ALA K 886 10.49 -1.19 3.58
N THR K 887 10.22 -1.23 4.87
CA THR K 887 9.02 -0.58 5.42
C THR K 887 9.03 0.91 5.05
N ALA K 888 10.19 1.52 5.25
CA ALA K 888 10.41 2.92 4.90
C ALA K 888 9.94 3.17 3.46
N GLN K 889 10.52 2.39 2.58
CA GLN K 889 10.26 2.60 1.16
C GLN K 889 8.81 2.28 0.88
N ARG K 890 8.25 1.29 1.56
CA ARG K 890 6.87 0.90 1.27
C ARG K 890 5.91 2.01 1.72
N LEU K 891 6.31 2.81 2.69
CA LEU K 891 5.53 3.99 3.10
C LEU K 891 5.73 5.13 2.12
N LEU K 892 6.97 5.39 1.74
CA LEU K 892 7.23 6.48 0.79
C LEU K 892 6.54 6.25 -0.52
N GLN K 893 6.40 5.00 -0.94
CA GLN K 893 5.53 4.68 -2.06
C GLN K 893 4.17 5.28 -1.85
N VAL K 894 3.64 5.22 -0.62
CA VAL K 894 2.27 5.68 -0.39
C VAL K 894 2.27 7.22 -0.47
N TYR K 895 3.28 7.83 0.10
CA TYR K 895 3.47 9.28 0.09
C TYR K 895 3.44 9.74 -1.34
N ARG K 896 4.08 9.00 -2.20
CA ARG K 896 4.11 9.35 -3.62
C ARG K 896 2.78 9.02 -4.32
N GLN K 897 2.03 8.06 -3.88
CA GLN K 897 0.66 7.91 -4.43
C GLN K 897 -0.26 9.05 -4.05
N LEU K 898 0.11 9.77 -2.99
CA LEU K 898 -0.73 10.87 -2.47
C LEU K 898 -0.39 12.17 -3.19
N ARG K 899 0.91 12.51 -3.23
CA ARG K 899 1.31 13.90 -3.47
C ARG K 899 0.99 14.34 -4.88
N HIS K 900 0.68 13.44 -5.80
CA HIS K 900 0.72 13.86 -7.20
C HIS K 900 -0.42 14.84 -7.48
N PRO K 901 -1.72 14.45 -7.48
CA PRO K 901 -2.77 15.47 -7.57
C PRO K 901 -3.27 15.92 -6.19
N SER K 902 -2.30 16.24 -5.33
CA SER K 902 -2.61 16.65 -3.95
C SER K 902 -3.37 17.97 -3.91
N LEU K 903 -4.50 17.99 -3.18
CA LEU K 903 -5.22 19.23 -2.85
C LEU K 903 -5.67 19.90 -4.14
N ILE K 904 -6.59 19.32 -4.89
CA ILE K 904 -7.19 20.11 -5.99
C ILE K 904 -8.21 21.06 -5.34
N LEU K 905 -8.00 22.36 -5.52
CA LEU K 905 -8.67 23.43 -4.74
C LEU K 905 -9.67 24.13 -5.65
N LEU K 906 -10.85 23.55 -5.81
CA LEU K 906 -11.87 24.03 -6.77
C LEU K 906 -13.24 24.12 -6.09
N ALA L 30 73.59 -50.31 -29.97
CA ALA L 30 72.31 -50.31 -29.20
C ALA L 30 72.10 -49.00 -28.44
N PRO L 31 73.01 -48.58 -27.54
CA PRO L 31 72.78 -47.34 -26.78
C PRO L 31 73.03 -46.13 -27.66
N ARG L 32 72.09 -45.19 -27.68
CA ARG L 32 72.27 -43.95 -28.45
C ARG L 32 73.44 -43.11 -27.92
N VAL L 33 73.86 -43.31 -26.68
CA VAL L 33 74.94 -42.54 -26.06
C VAL L 33 76.07 -43.48 -25.67
N ARG L 34 77.28 -42.95 -25.65
CA ARG L 34 78.43 -43.60 -25.00
C ARG L 34 79.23 -42.51 -24.32
N TYR L 35 79.44 -42.69 -23.03
CA TYR L 35 80.38 -41.84 -22.28
C TYR L 35 81.75 -42.42 -22.53
N LEU L 36 82.73 -41.54 -22.66
CA LEU L 36 84.11 -41.99 -22.81
C LEU L 36 85.10 -41.02 -22.18
N ALA L 37 84.71 -40.31 -21.14
CA ALA L 37 85.66 -39.52 -20.35
C ALA L 37 85.02 -38.92 -19.12
N GLY L 38 85.86 -38.57 -18.15
CA GLY L 38 85.42 -37.85 -16.96
C GLY L 38 86.47 -36.86 -16.52
N PHE L 39 86.06 -35.62 -16.29
CA PHE L 39 86.98 -34.51 -15.99
C PHE L 39 86.71 -33.96 -14.59
N CYS L 40 87.64 -33.16 -14.11
CA CYS L 40 87.43 -32.42 -12.85
C CYS L 40 86.64 -31.14 -13.17
N CYS L 41 85.46 -30.99 -12.57
CA CYS L 41 84.58 -29.83 -12.75
C CYS L 41 84.53 -29.04 -11.46
N PRO L 42 84.27 -27.72 -11.49
CA PRO L 42 84.19 -26.96 -10.25
C PRO L 42 82.84 -27.21 -9.60
N LEU L 43 82.55 -26.54 -8.49
CA LEU L 43 81.25 -26.72 -7.85
C LEU L 43 80.17 -26.08 -8.72
N GLY L 44 79.03 -26.75 -8.78
CA GLY L 44 77.98 -26.44 -9.76
C GLY L 44 78.25 -27.21 -11.04
N GLY L 45 78.94 -26.57 -11.97
CA GLY L 45 79.33 -27.23 -13.22
C GLY L 45 80.26 -26.37 -14.02
N LEU L 46 80.30 -26.60 -15.32
CA LEU L 46 81.27 -25.92 -16.19
C LEU L 46 80.65 -24.67 -16.81
N ALA L 47 81.43 -23.59 -16.88
CA ALA L 47 80.96 -22.31 -17.43
C ALA L 47 80.83 -22.42 -18.95
N ALA L 48 79.75 -21.86 -19.49
CA ALA L 48 79.47 -21.92 -20.93
C ALA L 48 80.49 -21.09 -21.73
N GLY L 49 80.59 -21.41 -23.02
CA GLY L 49 81.40 -20.63 -23.95
C GLY L 49 82.85 -21.05 -23.94
N LYS L 50 83.58 -20.80 -22.85
CA LYS L 50 85.06 -20.95 -22.79
C LYS L 50 85.54 -22.32 -23.25
N PRO L 51 84.90 -23.43 -22.86
CA PRO L 51 85.27 -24.72 -23.43
C PRO L 51 85.09 -24.77 -24.94
N ARG L 52 85.97 -25.48 -25.61
CA ARG L 52 85.84 -25.72 -27.05
C ARG L 52 86.32 -27.12 -27.39
N VAL L 53 85.49 -27.82 -28.15
CA VAL L 53 85.77 -29.18 -28.65
C VAL L 53 85.93 -29.07 -30.17
N LEU L 54 86.77 -29.92 -30.77
CA LEU L 54 86.96 -29.94 -32.22
C LEU L 54 87.30 -31.34 -32.66
N CYS L 55 86.54 -31.88 -33.61
CA CYS L 55 86.84 -33.18 -34.23
C CYS L 55 87.37 -32.93 -35.63
N HIS L 56 88.56 -33.45 -35.90
CA HIS L 56 89.23 -33.21 -37.18
C HIS L 56 88.66 -34.15 -38.24
N GLU L 57 89.01 -35.44 -38.18
CA GLU L 57 88.32 -36.49 -38.94
C GLU L 57 87.87 -37.56 -37.96
N ALA L 58 88.83 -38.12 -37.23
CA ALA L 58 88.60 -39.07 -36.13
C ALA L 58 89.21 -38.53 -34.84
N GLU L 59 90.45 -38.06 -34.89
CA GLU L 59 91.09 -37.47 -33.71
C GLU L 59 90.24 -36.29 -33.21
N VAL L 60 90.25 -36.09 -31.89
CA VAL L 60 89.46 -35.01 -31.28
C VAL L 60 90.30 -34.26 -30.27
N PHE L 61 90.00 -32.98 -30.11
CA PHE L 61 90.84 -32.01 -29.42
C PHE L 61 89.93 -31.17 -28.54
N LEU L 62 90.38 -30.86 -27.35
CA LEU L 62 89.45 -30.40 -26.32
C LEU L 62 90.13 -29.46 -25.34
N SER L 63 89.43 -28.39 -25.02
CA SER L 63 89.75 -27.49 -23.91
C SER L 63 88.50 -27.26 -23.10
N THR L 64 88.66 -27.19 -21.79
CA THR L 64 87.52 -27.08 -20.87
C THR L 64 87.46 -25.69 -20.26
N GLY L 65 87.75 -24.65 -21.06
CA GLY L 65 87.84 -23.29 -20.53
C GLY L 65 88.86 -23.26 -19.41
N SER L 66 89.92 -24.04 -19.58
CA SER L 66 90.88 -24.39 -18.53
C SER L 66 92.30 -24.19 -19.06
N GLU L 67 93.26 -24.50 -18.20
CA GLU L 67 94.69 -24.32 -18.53
C GLU L 67 95.17 -25.46 -19.41
N LEU L 68 94.34 -26.47 -19.67
CA LEU L 68 94.82 -27.72 -20.28
C LEU L 68 94.12 -27.95 -21.61
N VAL L 69 94.75 -28.80 -22.39
CA VAL L 69 94.14 -29.31 -23.63
C VAL L 69 94.39 -30.81 -23.69
N TYR L 70 93.45 -31.51 -24.27
CA TYR L 70 93.47 -32.97 -24.30
C TYR L 70 93.15 -33.44 -25.69
N VAL L 71 93.75 -34.55 -26.08
CA VAL L 71 93.60 -35.09 -27.43
C VAL L 71 93.28 -36.56 -27.34
N TYR L 72 92.29 -37.00 -28.11
CA TYR L 72 91.72 -38.35 -27.99
C TYR L 72 91.58 -39.02 -29.34
N ASP L 73 91.59 -40.35 -29.31
CA ASP L 73 91.95 -41.19 -30.45
C ASP L 73 90.72 -41.82 -31.09
N GLN L 74 89.60 -41.09 -31.15
CA GLN L 74 88.22 -41.60 -31.34
C GLN L 74 88.16 -42.86 -32.22
N GLU L 75 87.43 -43.87 -31.74
CA GLU L 75 87.61 -45.31 -32.03
C GLU L 75 88.76 -45.88 -31.19
N GLY L 76 89.58 -45.01 -30.61
CA GLY L 76 90.26 -45.26 -29.34
C GLY L 76 89.75 -44.24 -28.34
N GLY L 77 88.89 -44.66 -27.42
CA GLY L 77 88.37 -43.75 -26.40
C GLY L 77 89.44 -43.27 -25.45
N LEU L 78 90.63 -43.88 -25.47
CA LEU L 78 91.79 -43.42 -24.70
C LEU L 78 92.27 -42.04 -25.17
N LEU L 79 93.04 -41.38 -24.31
CA LEU L 79 93.74 -40.13 -24.67
C LEU L 79 94.91 -40.48 -25.57
N THR L 80 95.38 -39.49 -26.30
CA THR L 80 96.64 -39.58 -27.05
C THR L 80 97.71 -38.76 -26.33
N ALA L 81 97.36 -37.54 -25.91
CA ALA L 81 98.27 -36.70 -25.14
C ALA L 81 97.52 -35.51 -24.53
N ALA L 82 98.24 -34.82 -23.66
CA ALA L 82 97.77 -33.60 -23.02
C ALA L 82 98.77 -32.49 -23.22
N PHE L 83 98.32 -31.28 -22.98
CA PHE L 83 99.16 -30.07 -23.12
C PHE L 83 98.82 -29.10 -22.03
N ARG L 84 99.78 -28.88 -21.15
CA ARG L 84 99.68 -27.83 -20.14
C ARG L 84 99.94 -26.49 -20.80
N PHE L 85 99.19 -25.51 -20.37
CA PHE L 85 99.43 -24.10 -20.68
C PHE L 85 99.39 -23.34 -19.36
N PRO L 86 100.09 -22.21 -19.26
CA PRO L 86 99.64 -21.20 -18.31
C PRO L 86 98.38 -20.54 -18.86
N ASP L 87 97.68 -19.77 -18.01
CA ASP L 87 96.84 -18.68 -18.52
C ASP L 87 95.68 -19.20 -19.37
N GLN L 88 94.63 -19.66 -18.68
CA GLN L 88 93.56 -20.54 -19.19
C GLN L 88 93.20 -20.40 -20.67
N VAL L 89 92.99 -21.54 -21.30
CA VAL L 89 92.60 -21.61 -22.72
C VAL L 89 91.21 -21.03 -22.89
N TRP L 90 91.03 -20.33 -23.98
CA TRP L 90 89.77 -19.66 -24.31
C TRP L 90 89.25 -20.07 -25.67
N HIS L 91 90.08 -20.14 -26.70
CA HIS L 91 89.60 -20.40 -28.06
C HIS L 91 90.60 -21.24 -28.84
N LEU L 92 90.07 -21.96 -29.83
CA LEU L 92 90.86 -22.92 -30.63
C LEU L 92 90.59 -22.73 -32.12
N GLU L 93 91.59 -23.05 -32.92
CA GLU L 93 91.41 -23.21 -34.37
C GLU L 93 92.38 -24.29 -34.85
N LEU L 94 92.06 -24.86 -36.00
CA LEU L 94 92.86 -25.95 -36.57
C LEU L 94 93.01 -25.75 -38.08
N LEU L 95 94.11 -26.28 -38.62
CA LEU L 95 94.38 -26.37 -40.07
C LEU L 95 94.86 -27.78 -40.37
N ALA L 96 93.97 -28.58 -40.97
CA ALA L 96 94.23 -29.95 -41.42
C ALA L 96 95.12 -29.96 -42.66
N PRO L 97 94.97 -29.02 -43.62
CA PRO L 97 95.98 -28.91 -44.68
C PRO L 97 97.41 -28.66 -44.19
N ARG L 98 97.58 -28.20 -42.95
CA ARG L 98 98.89 -27.86 -42.37
C ARG L 98 99.24 -28.69 -41.13
N ARG L 99 98.27 -29.39 -40.53
CA ARG L 99 98.47 -30.08 -39.23
C ARG L 99 98.95 -29.08 -38.18
N LEU L 100 98.33 -27.90 -38.19
CA LEU L 100 98.74 -26.81 -37.30
C LEU L 100 97.53 -26.26 -36.57
N LEU L 101 97.67 -26.16 -35.26
CA LEU L 101 96.59 -25.76 -34.38
C LEU L 101 96.97 -24.47 -33.68
N TYR L 102 95.95 -23.71 -33.30
CA TYR L 102 96.09 -22.36 -32.76
C TYR L 102 95.21 -22.23 -31.54
N ALA L 103 95.72 -21.57 -30.52
CA ALA L 103 95.07 -21.59 -29.20
C ALA L 103 95.29 -20.29 -28.48
N LEU L 104 94.20 -19.70 -28.02
CA LEU L 104 94.23 -18.42 -27.32
C LEU L 104 94.36 -18.65 -25.82
N CYS L 105 95.33 -17.99 -25.21
CA CYS L 105 95.37 -17.84 -23.75
C CYS L 105 94.81 -16.47 -23.38
N ALA L 106 94.43 -16.33 -22.12
CA ALA L 106 93.67 -15.13 -21.70
C ALA L 106 94.56 -13.88 -21.72
N ARG L 107 95.58 -13.86 -20.86
CA ARG L 107 96.49 -12.71 -20.71
C ARG L 107 97.81 -12.90 -21.46
N ARG L 108 98.10 -14.12 -21.93
CA ARG L 108 99.09 -14.32 -23.00
C ARG L 108 98.35 -14.29 -24.33
N GLY L 109 99.09 -14.31 -25.42
CA GLY L 109 98.49 -14.21 -26.75
C GLY L 109 98.02 -15.55 -27.24
N LEU L 110 98.39 -15.84 -28.49
CA LEU L 110 98.07 -17.13 -29.13
C LEU L 110 99.34 -17.99 -29.16
N TYR L 111 99.14 -19.30 -29.07
CA TYR L 111 100.20 -20.29 -29.30
C TYR L 111 99.80 -21.16 -30.48
N CYS L 112 100.79 -21.53 -31.28
CA CYS L 112 100.56 -22.39 -32.44
C CYS L 112 101.42 -23.62 -32.32
N LEU L 113 100.88 -24.77 -32.71
CA LEU L 113 101.54 -26.07 -32.50
C LEU L 113 101.30 -27.00 -33.69
N SER L 114 102.29 -27.83 -33.96
CA SER L 114 102.16 -28.96 -34.90
C SER L 114 101.41 -30.09 -34.19
N LEU L 115 100.68 -30.90 -34.95
CA LEU L 115 99.99 -32.06 -34.35
C LEU L 115 100.91 -33.28 -34.27
N ASP L 116 101.96 -33.32 -35.10
CA ASP L 116 102.96 -34.40 -35.02
C ASP L 116 103.66 -34.32 -33.66
N HIS L 117 104.33 -33.19 -33.42
CA HIS L 117 104.80 -32.77 -32.08
C HIS L 117 105.62 -33.86 -31.38
N PRO L 118 106.94 -33.98 -31.66
CA PRO L 118 107.73 -35.15 -31.24
C PRO L 118 107.67 -35.46 -29.73
N SER L 138 105.05 -40.02 -18.53
CA SER L 138 103.61 -39.78 -18.74
C SER L 138 103.38 -39.09 -20.09
N PRO L 139 102.16 -39.14 -20.66
CA PRO L 139 101.89 -38.48 -21.94
C PRO L 139 101.59 -36.97 -21.83
N VAL L 140 101.66 -36.39 -20.64
CA VAL L 140 101.40 -34.94 -20.46
C VAL L 140 102.60 -34.16 -20.99
N ILE L 141 102.34 -32.97 -21.52
CA ILE L 141 103.39 -32.10 -22.10
C ILE L 141 103.18 -30.69 -21.53
N PRO L 142 104.24 -30.01 -21.08
CA PRO L 142 104.17 -28.56 -20.90
C PRO L 142 104.53 -27.83 -22.19
N VAL L 143 104.00 -26.62 -22.29
CA VAL L 143 104.16 -25.76 -23.48
C VAL L 143 105.02 -24.58 -23.09
N ASP L 144 106.10 -24.37 -23.86
CA ASP L 144 107.05 -23.27 -23.62
C ASP L 144 106.59 -22.03 -24.38
N PRO L 145 107.20 -20.85 -24.10
CA PRO L 145 106.90 -19.65 -24.90
C PRO L 145 107.41 -19.69 -26.35
N ASP L 146 108.12 -20.75 -26.75
CA ASP L 146 108.59 -20.86 -28.15
C ASP L 146 107.40 -20.94 -29.11
N ALA L 147 106.39 -21.71 -28.75
CA ALA L 147 105.15 -21.79 -29.55
C ALA L 147 104.32 -20.51 -29.41
N CYS L 148 104.58 -19.71 -28.37
CA CYS L 148 103.87 -18.42 -28.19
C CYS L 148 104.10 -17.55 -29.43
N ILE L 149 103.05 -16.88 -29.87
CA ILE L 149 103.10 -16.07 -31.09
C ILE L 149 102.16 -14.89 -30.93
N LEU L 150 102.61 -13.74 -31.43
CA LEU L 150 102.00 -12.41 -31.22
C LEU L 150 101.51 -12.26 -29.77
N PRO L 151 102.39 -12.35 -28.76
CA PRO L 151 101.94 -12.17 -27.37
C PRO L 151 101.50 -10.72 -27.11
N ASP L 152 100.36 -10.35 -27.70
CA ASP L 152 99.76 -9.02 -27.48
C ASP L 152 99.33 -8.88 -26.02
N ALA L 153 98.96 -9.99 -25.39
CA ALA L 153 98.65 -10.14 -23.96
C ALA L 153 97.30 -9.50 -23.60
N ALA L 154 96.51 -9.01 -24.56
CA ALA L 154 95.18 -8.45 -24.28
C ALA L 154 94.14 -8.82 -25.32
N LEU L 155 94.50 -9.53 -26.40
CA LEU L 155 93.52 -9.89 -27.44
C LEU L 155 92.60 -11.00 -26.96
N CYS L 156 91.34 -10.94 -27.37
CA CYS L 156 90.27 -11.78 -26.84
C CYS L 156 89.83 -12.86 -27.83
N ALA L 157 89.52 -12.51 -29.07
CA ALA L 157 89.03 -13.49 -30.08
C ALA L 157 90.01 -13.57 -31.27
N PHE L 158 89.99 -14.71 -31.96
CA PHE L 158 90.82 -14.91 -33.16
C PHE L 158 90.14 -15.88 -34.13
N THR L 159 90.12 -15.52 -35.41
CA THR L 159 89.62 -16.38 -36.49
C THR L 159 90.59 -16.34 -37.66
N LEU L 160 90.31 -17.17 -38.67
CA LEU L 160 91.30 -17.48 -39.71
C LEU L 160 90.63 -17.56 -41.06
N LEU L 161 91.48 -17.61 -42.08
CA LEU L 161 91.07 -17.77 -43.47
C LEU L 161 92.05 -18.72 -44.16
N ASP L 162 91.82 -18.98 -45.45
CA ASP L 162 92.73 -19.83 -46.23
C ASP L 162 94.12 -19.18 -46.32
N SER L 163 94.21 -17.84 -46.25
CA SER L 163 95.50 -17.14 -46.37
C SER L 163 95.61 -15.91 -45.46
N VAL L 164 94.78 -15.77 -44.44
CA VAL L 164 94.81 -14.58 -43.58
C VAL L 164 94.52 -14.98 -42.14
N LEU L 165 95.06 -14.20 -41.21
CA LEU L 165 94.68 -14.22 -39.80
C LEU L 165 93.83 -12.99 -39.48
N VAL L 166 92.79 -13.16 -38.69
CA VAL L 166 91.95 -12.05 -38.17
C VAL L 166 91.95 -12.12 -36.65
N THR L 167 92.16 -10.97 -36.00
CA THR L 167 92.21 -10.89 -34.51
C THR L 167 91.34 -9.74 -34.04
N LEU L 168 90.78 -9.90 -32.85
CA LEU L 168 89.90 -8.91 -32.21
C LEU L 168 90.36 -8.78 -30.77
N VAL L 169 90.68 -7.56 -30.36
CA VAL L 169 91.29 -7.29 -29.05
C VAL L 169 90.53 -6.17 -28.35
N GLN L 170 90.35 -6.35 -27.05
CA GLN L 170 89.82 -5.29 -26.18
C GLN L 170 90.96 -4.31 -25.91
N GLY L 171 91.05 -3.30 -26.76
CA GLY L 171 91.84 -2.12 -26.44
C GLY L 171 91.10 -1.29 -25.42
N PRO L 172 91.60 -0.07 -25.14
CA PRO L 172 90.75 0.93 -24.48
C PRO L 172 89.47 1.12 -25.28
N ALA L 173 88.48 1.67 -24.59
CA ALA L 173 87.07 1.26 -24.69
C ALA L 173 86.72 0.70 -26.05
N ARG L 174 86.98 1.45 -27.11
CA ARG L 174 86.74 0.93 -28.45
C ARG L 174 87.67 -0.24 -28.73
N TRP L 175 87.10 -1.43 -28.76
CA TRP L 175 87.84 -2.63 -29.13
C TRP L 175 88.30 -2.45 -30.56
N LYS L 176 89.36 -3.14 -30.94
CA LYS L 176 89.92 -2.98 -32.30
C LYS L 176 90.16 -4.34 -32.93
N MET L 177 90.05 -4.35 -34.25
CA MET L 177 90.32 -5.53 -35.07
C MET L 177 91.65 -5.30 -35.77
N GLN L 178 92.49 -6.34 -35.80
CA GLN L 178 93.74 -6.32 -36.57
C GLN L 178 93.74 -7.49 -37.55
N LEU L 179 94.48 -7.32 -38.64
CA LEU L 179 94.58 -8.32 -39.71
C LEU L 179 96.04 -8.63 -39.94
N PHE L 180 96.36 -9.91 -40.08
CA PHE L 180 97.75 -10.38 -40.13
C PHE L 180 97.93 -11.39 -41.25
N GLU L 181 99.20 -11.50 -41.65
CA GLU L 181 99.58 -12.35 -42.79
C GLU L 181 99.67 -13.78 -42.29
N GLN L 182 98.87 -14.66 -42.89
CA GLN L 182 99.02 -16.10 -42.67
C GLN L 182 100.19 -16.59 -43.51
N PRO L 183 101.30 -17.10 -42.93
CA PRO L 183 102.32 -17.74 -43.76
C PRO L 183 101.82 -19.06 -44.34
N CYS L 184 101.43 -19.00 -45.60
CA CYS L 184 100.90 -20.16 -46.35
C CYS L 184 101.97 -21.22 -46.62
N PRO L 185 103.25 -20.87 -46.89
CA PRO L 185 104.27 -21.91 -46.97
C PRO L 185 104.55 -22.53 -45.59
N GLY L 186 105.29 -23.63 -45.56
CA GLY L 186 105.66 -24.30 -44.32
C GLY L 186 106.73 -23.52 -43.59
N GLU L 187 106.38 -22.32 -43.11
CA GLU L 187 107.33 -21.37 -42.51
C GLU L 187 107.32 -21.53 -41.00
N ASP L 188 108.16 -20.74 -40.33
CA ASP L 188 108.13 -20.65 -38.87
C ASP L 188 106.79 -20.09 -38.44
N PRO L 189 106.32 -20.37 -37.21
CA PRO L 189 105.05 -19.80 -36.78
C PRO L 189 105.23 -18.29 -36.60
N ARG L 190 104.67 -17.53 -37.54
CA ARG L 190 105.04 -16.12 -37.71
C ARG L 190 103.86 -15.38 -38.35
N PRO L 191 103.13 -14.52 -37.62
CA PRO L 191 102.06 -13.75 -38.27
C PRO L 191 102.52 -12.72 -39.29
N GLY L 192 103.82 -12.44 -39.35
CA GLY L 192 104.32 -11.43 -40.28
C GLY L 192 103.82 -10.04 -39.91
N GLY L 193 103.70 -9.20 -40.92
CA GLY L 193 103.31 -7.80 -40.72
C GLY L 193 101.80 -7.66 -40.69
N GLN L 194 101.30 -6.89 -39.74
CA GLN L 194 99.86 -6.61 -39.64
C GLN L 194 99.45 -5.76 -40.83
N ILE L 195 98.32 -6.12 -41.44
CA ILE L 195 97.89 -5.48 -42.70
C ILE L 195 97.23 -4.14 -42.38
N GLY L 196 96.19 -4.17 -41.56
CA GLY L 196 95.40 -2.98 -41.28
C GLY L 196 94.63 -3.14 -39.99
N GLU L 197 94.01 -2.06 -39.55
CA GLU L 197 93.29 -2.02 -38.27
C GLU L 197 91.96 -1.27 -38.46
N VAL L 198 90.97 -1.67 -37.67
CA VAL L 198 89.69 -0.94 -37.54
C VAL L 198 89.37 -0.90 -36.05
N GLU L 199 88.68 0.15 -35.61
CA GLU L 199 88.27 0.29 -34.21
C GLU L 199 86.75 0.21 -34.15
N LEU L 200 86.24 -0.54 -33.17
CA LEU L 200 84.79 -0.65 -32.94
C LEU L 200 84.33 0.61 -32.22
N SER L 201 84.15 1.67 -33.00
CA SER L 201 83.55 2.92 -32.50
C SER L 201 82.16 2.66 -31.93
N SER L 202 81.44 1.69 -32.50
CA SER L 202 80.13 1.24 -32.01
C SER L 202 80.26 0.86 -30.54
N TYR L 203 81.24 0.04 -30.22
CA TYR L 203 81.36 -0.60 -28.91
C TYR L 203 82.28 0.21 -28.02
N THR L 204 81.78 0.50 -26.83
CA THR L 204 82.58 1.05 -25.73
C THR L 204 82.11 0.41 -24.44
N PRO L 205 82.82 -0.60 -23.91
CA PRO L 205 82.29 -1.37 -22.81
C PRO L 205 82.26 -0.53 -21.54
N PRO L 206 81.42 -0.87 -20.55
CA PRO L 206 81.60 -0.28 -19.22
C PRO L 206 82.85 -0.80 -18.50
N ALA L 207 83.17 -2.08 -18.69
CA ALA L 207 84.32 -2.72 -18.05
C ALA L 207 85.59 -2.44 -18.85
N PRO L 216 87.13 -12.53 -18.45
CA PRO L 216 85.88 -11.97 -17.95
C PRO L 216 84.69 -12.93 -17.98
N HIS L 217 83.49 -12.37 -17.92
CA HIS L 217 82.25 -13.15 -18.01
C HIS L 217 82.07 -13.65 -19.44
N PHE L 218 81.94 -12.72 -20.37
CA PHE L 218 81.64 -13.01 -21.77
C PHE L 218 82.79 -12.56 -22.65
N LEU L 219 82.91 -13.21 -23.78
CA LEU L 219 83.94 -12.94 -24.80
C LEU L 219 83.28 -12.90 -26.16
N PRO L 220 83.84 -12.14 -27.11
CA PRO L 220 83.19 -12.03 -28.41
C PRO L 220 83.53 -13.22 -29.31
N VAL L 221 82.69 -13.37 -30.32
CA VAL L 221 82.82 -14.44 -31.32
C VAL L 221 83.26 -13.83 -32.63
N LEU L 222 83.95 -14.63 -33.45
CA LEU L 222 84.40 -14.22 -34.80
C LEU L 222 84.07 -15.33 -35.77
N CYS L 223 83.28 -15.00 -36.77
CA CYS L 223 82.92 -15.95 -37.83
C CYS L 223 83.40 -15.43 -39.19
N SER L 224 83.88 -16.36 -40.01
CA SER L 224 84.47 -16.08 -41.34
C SER L 224 83.52 -16.62 -42.40
N VAL L 225 83.13 -15.75 -43.33
CA VAL L 225 82.03 -16.06 -44.26
C VAL L 225 82.39 -15.63 -45.68
N SER L 226 82.70 -16.59 -46.52
CA SER L 226 83.06 -16.35 -47.92
C SER L 226 81.83 -16.48 -48.82
N PRO L 227 81.87 -15.90 -50.04
CA PRO L 227 80.86 -16.19 -51.05
C PRO L 227 81.25 -17.40 -51.89
N SER L 228 80.34 -17.77 -52.79
CA SER L 228 80.58 -18.86 -53.75
C SER L 228 81.63 -18.44 -54.78
N GLY L 229 82.50 -19.35 -55.17
CA GLY L 229 83.55 -19.09 -56.17
C GLY L 229 84.88 -18.76 -55.52
N SER L 230 84.85 -18.03 -54.40
CA SER L 230 86.05 -17.68 -53.63
C SER L 230 86.75 -18.95 -53.13
N GLY L 242 85.63 -21.60 -42.96
CA GLY L 242 84.58 -20.59 -43.06
C GLY L 242 83.33 -21.13 -43.72
N PHE L 243 82.33 -20.26 -43.86
CA PHE L 243 81.00 -20.62 -44.36
C PHE L 243 80.79 -19.98 -45.74
N THR L 244 80.38 -20.80 -46.70
CA THR L 244 80.21 -20.37 -48.09
C THR L 244 78.75 -20.07 -48.35
N LEU L 245 78.43 -18.83 -48.71
CA LEU L 245 77.02 -18.41 -48.88
C LEU L 245 76.62 -18.34 -50.35
N GLU L 246 75.35 -18.03 -50.56
CA GLU L 246 74.81 -17.75 -51.90
C GLU L 246 74.98 -16.28 -52.24
N ASP L 247 75.25 -16.03 -53.52
CA ASP L 247 75.59 -14.69 -54.02
C ASP L 247 74.43 -13.71 -53.82
N ALA L 248 73.18 -14.18 -53.90
CA ALA L 248 72.00 -13.32 -53.73
C ALA L 248 72.05 -12.62 -52.37
N LEU L 249 72.01 -13.40 -51.30
CA LEU L 249 72.00 -12.81 -49.94
C LEU L 249 73.34 -12.16 -49.63
N PHE L 250 74.43 -12.68 -50.20
CA PHE L 250 75.75 -12.07 -49.99
C PHE L 250 75.73 -10.61 -50.47
N GLY L 251 75.32 -10.40 -51.72
CA GLY L 251 75.24 -9.06 -52.28
C GLY L 251 74.15 -8.23 -51.60
N LEU L 252 73.11 -8.88 -51.10
CA LEU L 252 72.07 -8.17 -50.33
C LEU L 252 72.70 -7.46 -49.13
N LEU L 253 73.43 -8.22 -48.33
CA LEU L 253 73.96 -7.66 -47.06
C LEU L 253 75.10 -6.70 -47.35
N PHE L 254 75.97 -7.05 -48.29
CA PHE L 254 77.24 -6.34 -48.50
C PHE L 254 77.27 -5.54 -49.80
N GLY L 255 76.10 -5.14 -50.32
CA GLY L 255 76.04 -4.35 -51.55
C GLY L 255 76.63 -5.10 -52.74
N ALA L 256 77.37 -4.39 -53.57
CA ALA L 256 78.10 -4.98 -54.71
C ALA L 256 79.60 -4.99 -54.46
N ASP L 257 80.10 -4.29 -53.44
CA ASP L 257 81.56 -4.19 -53.19
C ASP L 257 82.15 -5.59 -53.00
N ALA L 258 81.73 -6.28 -51.95
CA ALA L 258 82.20 -7.65 -51.68
C ALA L 258 81.78 -8.58 -52.82
N THR L 259 80.60 -8.36 -53.40
CA THR L 259 80.07 -9.22 -54.47
C THR L 259 81.04 -9.20 -55.67
N LEU L 260 81.67 -8.06 -55.93
CA LEU L 260 82.64 -7.93 -57.04
C LEU L 260 84.01 -8.40 -56.59
N LEU L 261 84.41 -8.04 -55.36
CA LEU L 261 85.75 -8.36 -54.85
C LEU L 261 85.95 -9.87 -54.64
N GLN L 262 84.86 -10.64 -54.54
CA GLN L 262 84.92 -12.04 -54.06
C GLN L 262 85.57 -12.06 -52.68
N SER L 263 85.26 -11.04 -51.89
CA SER L 263 85.86 -10.82 -50.57
C SER L 263 85.04 -11.57 -49.54
N PRO L 264 85.65 -12.35 -48.61
CA PRO L 264 84.90 -12.87 -47.49
C PRO L 264 84.67 -11.75 -46.46
N VAL L 265 83.64 -11.96 -45.65
CA VAL L 265 83.24 -11.03 -44.58
C VAL L 265 83.63 -11.65 -43.24
N VAL L 266 84.03 -10.79 -42.30
CA VAL L 266 84.25 -11.19 -40.91
C VAL L 266 83.11 -10.58 -40.09
N LEU L 267 82.48 -11.41 -39.26
CA LEU L 267 81.40 -10.98 -38.36
C LEU L 267 81.86 -11.14 -36.92
N CYS L 268 81.72 -10.06 -36.14
CA CYS L 268 82.20 -10.01 -34.75
C CYS L 268 80.99 -9.77 -33.84
N GLY L 269 80.67 -10.76 -33.01
CA GLY L 269 79.58 -10.65 -32.05
C GLY L 269 80.13 -10.34 -30.68
N LEU L 270 79.51 -9.37 -30.01
CA LEU L 270 80.11 -8.74 -28.83
C LEU L 270 79.29 -9.00 -27.57
N PRO L 271 79.87 -8.77 -26.37
CA PRO L 271 79.12 -8.93 -25.13
C PRO L 271 77.91 -8.02 -25.01
N ASP L 272 77.96 -6.85 -25.65
CA ASP L 272 76.82 -5.92 -25.61
C ASP L 272 75.62 -6.55 -26.30
N GLY L 273 75.87 -7.33 -27.33
CA GLY L 273 74.84 -7.80 -28.25
C GLY L 273 74.96 -7.17 -29.62
N GLN L 274 75.81 -6.17 -29.78
CA GLN L 274 75.92 -5.51 -31.08
C GLN L 274 76.78 -6.36 -32.01
N LEU L 275 76.32 -6.51 -33.25
CA LEU L 275 76.98 -7.38 -34.24
C LEU L 275 77.33 -6.59 -35.48
N CYS L 276 78.59 -6.72 -35.90
CA CYS L 276 79.21 -5.90 -36.93
C CYS L 276 79.85 -6.81 -37.98
N CYS L 277 79.83 -6.35 -39.24
CA CYS L 277 80.48 -7.01 -40.39
C CYS L 277 81.58 -6.10 -40.95
N VAL L 278 82.56 -6.71 -41.61
CA VAL L 278 83.65 -5.96 -42.27
C VAL L 278 84.26 -6.79 -43.40
N ILE L 279 84.79 -6.11 -44.41
CA ILE L 279 85.40 -6.74 -45.61
C ILE L 279 86.91 -6.58 -45.53
N LEU L 280 87.63 -7.66 -45.84
CA LEU L 280 89.10 -7.66 -45.73
C LEU L 280 89.75 -6.89 -46.86
N LYS L 281 89.21 -7.01 -48.07
CA LYS L 281 89.80 -6.33 -49.24
C LYS L 281 89.74 -4.81 -49.05
N ALA L 282 88.68 -4.32 -48.42
CA ALA L 282 88.56 -2.88 -48.10
C ALA L 282 89.35 -2.55 -46.84
N LEU L 283 89.53 -3.52 -45.94
CA LEU L 283 90.45 -3.36 -44.78
C LEU L 283 91.88 -3.54 -45.29
N VAL L 284 92.32 -2.57 -46.09
CA VAL L 284 93.69 -2.52 -46.63
C VAL L 284 94.12 -1.05 -46.63
N THR L 285 94.95 -0.69 -45.65
CA THR L 285 95.41 0.70 -45.46
C THR L 285 96.91 0.71 -45.19
N LEU L 296 83.59 2.32 -41.99
CA LEU L 296 84.14 1.12 -42.65
C LEU L 296 83.48 -0.15 -42.11
N VAL L 297 83.58 -0.40 -40.81
CA VAL L 297 82.88 -1.52 -40.13
C VAL L 297 81.38 -1.15 -40.05
N LYS L 298 80.50 -2.14 -40.19
CA LYS L 298 79.05 -1.87 -40.29
C LYS L 298 78.26 -2.78 -39.36
N ILE L 299 77.62 -2.17 -38.36
CA ILE L 299 76.61 -2.85 -37.53
C ILE L 299 75.50 -3.29 -38.49
N LEU L 300 74.86 -4.43 -38.23
CA LEU L 300 73.74 -4.87 -39.08
C LEU L 300 72.43 -4.77 -38.33
N HIS L 301 72.33 -5.44 -37.19
CA HIS L 301 71.08 -5.48 -36.43
C HIS L 301 71.25 -4.94 -35.01
N HIS L 302 72.34 -5.27 -34.34
CA HIS L 302 72.49 -4.98 -32.90
C HIS L 302 71.44 -5.70 -32.08
N LEU L 303 71.62 -6.99 -31.86
CA LEU L 303 70.97 -7.65 -30.71
C LEU L 303 71.32 -6.92 -29.43
N GLU L 304 70.58 -7.20 -28.37
CA GLU L 304 70.66 -6.44 -27.13
C GLU L 304 70.99 -7.32 -25.94
N GLU L 305 71.41 -8.56 -26.17
CA GLU L 305 71.96 -9.39 -25.10
C GLU L 305 73.27 -10.00 -25.57
N PRO L 306 74.12 -10.50 -24.64
CA PRO L 306 75.44 -11.04 -25.02
C PRO L 306 75.38 -12.17 -26.03
N VAL L 307 76.33 -12.15 -26.96
CA VAL L 307 76.32 -13.07 -28.10
C VAL L 307 77.14 -14.30 -27.74
N ILE L 308 76.70 -15.46 -28.27
CA ILE L 308 77.34 -16.75 -28.00
C ILE L 308 77.66 -17.48 -29.28
N PHE L 309 76.70 -17.59 -30.18
CA PHE L 309 76.88 -18.42 -31.38
C PHE L 309 76.48 -17.63 -32.62
N ILE L 310 77.20 -17.91 -33.71
CA ILE L 310 76.84 -17.43 -35.05
C ILE L 310 77.04 -18.59 -36.01
N GLY L 311 76.18 -18.69 -37.02
CA GLY L 311 76.34 -19.74 -38.02
C GLY L 311 75.51 -19.53 -39.24
N ALA L 312 75.54 -20.53 -40.11
CA ALA L 312 74.85 -20.46 -41.41
C ALA L 312 74.16 -21.79 -41.68
N LEU L 313 73.16 -21.75 -42.57
CA LEU L 313 72.44 -22.96 -43.02
C LEU L 313 72.19 -22.93 -44.52
N LYS L 314 72.08 -24.11 -45.10
CA LYS L 314 71.45 -24.32 -46.41
C LYS L 314 70.01 -24.72 -46.14
N THR L 315 69.21 -23.72 -45.79
CA THR L 315 67.77 -23.93 -45.65
C THR L 315 67.19 -24.25 -47.01
N GLU L 316 66.12 -25.04 -47.00
CA GLU L 316 65.64 -25.70 -48.23
C GLU L 316 66.77 -26.50 -48.87
N PRO L 317 67.45 -27.41 -48.14
CA PRO L 317 68.53 -28.21 -48.75
C PRO L 317 67.96 -29.31 -49.65
N GLN L 318 67.48 -28.90 -50.82
CA GLN L 318 66.62 -29.73 -51.67
C GLN L 318 67.17 -29.72 -53.11
N PRO L 328 78.74 -36.75 -51.56
CA PRO L 328 78.34 -35.42 -51.14
C PRO L 328 79.41 -34.35 -51.38
N ASP L 329 79.08 -33.11 -51.04
CA ASP L 329 79.96 -31.93 -51.21
C ASP L 329 80.20 -31.28 -49.84
N GLU L 330 81.45 -30.92 -49.56
CA GLU L 330 81.83 -30.25 -48.30
C GLU L 330 81.13 -28.89 -48.21
N ASP L 331 81.46 -27.97 -49.11
CA ASP L 331 80.97 -26.57 -49.07
C ASP L 331 79.68 -26.51 -49.88
N VAL L 332 78.55 -26.55 -49.16
CA VAL L 332 77.21 -26.33 -49.75
C VAL L 332 76.85 -24.87 -49.54
N HIS L 333 76.24 -24.28 -50.56
CA HIS L 333 75.94 -22.83 -50.56
C HIS L 333 74.91 -22.55 -49.47
N CYS L 334 75.35 -21.97 -48.36
CA CYS L 334 74.45 -21.66 -47.23
C CYS L 334 73.44 -20.60 -47.68
N ASP L 335 72.18 -20.81 -47.31
CA ASP L 335 71.06 -19.94 -47.73
C ASP L 335 70.75 -18.93 -46.63
N CYS L 336 70.50 -19.44 -45.43
CA CYS L 336 70.07 -18.63 -44.28
C CYS L 336 71.27 -18.23 -43.43
N LEU L 337 71.01 -17.39 -42.44
CA LEU L 337 72.01 -17.07 -41.41
C LEU L 337 71.36 -17.12 -40.03
N VAL L 338 72.16 -17.49 -39.03
CA VAL L 338 71.72 -17.68 -37.64
C VAL L 338 72.66 -16.93 -36.73
N ALA L 339 72.09 -16.29 -35.73
CA ALA L 339 72.86 -15.67 -34.64
C ALA L 339 72.13 -15.87 -33.32
N PHE L 340 72.88 -15.85 -32.21
CA PHE L 340 72.39 -16.28 -30.89
C PHE L 340 72.68 -15.24 -29.85
N GLY L 341 71.85 -15.25 -28.81
CA GLY L 341 72.12 -14.47 -27.60
C GLY L 341 72.30 -15.39 -26.43
N HIS L 342 72.44 -14.79 -25.25
CA HIS L 342 72.65 -15.55 -24.02
C HIS L 342 71.33 -15.91 -23.37
N HIS L 343 70.44 -14.94 -23.25
CA HIS L 343 69.14 -15.13 -22.60
C HIS L 343 68.09 -15.69 -23.56
N GLY L 344 68.49 -16.16 -24.73
CA GLY L 344 67.63 -16.97 -25.58
C GLY L 344 67.12 -16.21 -26.78
N ARG L 345 67.73 -15.08 -27.13
CA ARG L 345 67.28 -14.32 -28.29
C ARG L 345 68.01 -14.84 -29.51
N MET L 346 67.26 -15.37 -30.46
CA MET L 346 67.83 -15.91 -31.69
C MET L 346 67.44 -15.03 -32.86
N LEU L 347 68.29 -15.03 -33.88
CA LEU L 347 68.09 -14.22 -35.09
C LEU L 347 68.30 -15.09 -36.31
N ALA L 348 67.30 -15.12 -37.18
CA ALA L 348 67.37 -15.81 -38.47
C ALA L 348 67.21 -14.80 -39.60
N ILE L 349 67.99 -14.98 -40.68
CA ILE L 349 67.96 -14.07 -41.84
C ILE L 349 67.85 -14.90 -43.09
N LYS L 350 67.08 -14.38 -44.03
CA LYS L 350 66.82 -15.02 -45.32
C LYS L 350 66.77 -13.96 -46.41
N ALA L 351 66.92 -14.39 -47.66
CA ALA L 351 66.65 -13.58 -48.84
C ALA L 351 65.34 -14.07 -49.44
N SER L 352 64.37 -13.17 -49.59
CA SER L 352 63.03 -13.50 -50.09
C SER L 352 62.87 -13.10 -51.56
N TRP L 353 63.46 -11.97 -51.96
CA TRP L 353 63.27 -11.32 -53.27
C TRP L 353 61.82 -11.35 -53.72
N ASP L 354 60.94 -10.94 -52.83
CA ASP L 354 59.50 -11.01 -53.05
C ASP L 354 58.89 -9.65 -52.76
N GLU L 355 57.67 -9.46 -53.24
CA GLU L 355 56.79 -8.32 -52.87
C GLU L 355 57.30 -6.99 -53.43
N SER L 356 58.42 -6.98 -54.15
CA SER L 356 58.95 -5.76 -54.78
C SER L 356 59.48 -6.02 -56.19
N GLY L 357 59.46 -7.25 -56.67
CA GLY L 357 60.13 -7.60 -57.93
C GLY L 357 61.61 -7.29 -57.84
N LYS L 358 62.16 -7.36 -56.63
CA LYS L 358 63.57 -7.04 -56.38
C LYS L 358 63.98 -7.87 -55.18
N LEU L 359 65.27 -7.84 -54.88
CA LEU L 359 65.80 -8.67 -53.80
C LEU L 359 65.45 -8.02 -52.47
N VAL L 360 64.87 -8.81 -51.57
CA VAL L 360 64.33 -8.35 -50.28
C VAL L 360 64.93 -9.22 -49.19
N PRO L 361 65.33 -8.65 -48.03
CA PRO L 361 65.68 -9.47 -46.88
C PRO L 361 64.44 -9.83 -46.07
N GLU L 362 64.34 -11.10 -45.70
CA GLU L 362 63.27 -11.60 -44.83
C GLU L 362 63.91 -11.96 -43.48
N LEU L 363 63.51 -11.25 -42.42
CA LEU L 363 64.16 -11.39 -41.10
C LEU L 363 63.23 -12.09 -40.12
N ARG L 364 63.82 -12.61 -39.06
CA ARG L 364 63.08 -13.10 -37.90
C ARG L 364 63.90 -12.83 -36.65
N GLU L 365 63.20 -12.53 -35.57
CA GLU L 365 63.81 -12.45 -34.23
C GLU L 365 62.99 -13.34 -33.30
N TYR L 366 63.51 -14.53 -33.02
CA TYR L 366 62.86 -15.46 -32.10
C TYR L 366 63.39 -15.24 -30.69
N CYS L 367 62.60 -15.68 -29.72
CA CYS L 367 62.97 -15.68 -28.29
C CYS L 367 62.61 -17.04 -27.72
N LEU L 368 63.56 -17.94 -27.73
CA LEU L 368 63.37 -19.28 -27.18
C LEU L 368 63.93 -19.32 -25.75
N PRO L 369 63.40 -20.21 -24.90
CA PRO L 369 63.63 -20.07 -23.46
C PRO L 369 65.04 -20.51 -23.05
N GLY L 370 65.32 -20.22 -21.78
CA GLY L 370 66.52 -20.69 -21.13
C GLY L 370 67.71 -19.81 -21.46
N PRO L 371 68.63 -19.59 -20.50
CA PRO L 371 69.89 -18.92 -20.82
C PRO L 371 70.78 -19.83 -21.65
N VAL L 372 70.90 -19.53 -22.93
CA VAL L 372 71.54 -20.45 -23.89
C VAL L 372 73.02 -20.53 -23.56
N LEU L 373 73.55 -21.74 -23.50
CA LEU L 373 74.93 -22.01 -23.08
C LEU L 373 75.84 -22.20 -24.29
N CYS L 374 75.40 -22.99 -25.27
CA CYS L 374 76.14 -23.14 -26.53
C CYS L 374 75.23 -23.80 -27.53
N ALA L 375 75.63 -23.76 -28.79
CA ALA L 375 74.87 -24.39 -29.86
C ALA L 375 75.75 -24.60 -31.09
N ALA L 376 75.15 -25.24 -32.08
CA ALA L 376 75.81 -25.52 -33.37
C ALA L 376 74.75 -25.89 -34.39
N CYS L 377 75.15 -26.03 -35.64
CA CYS L 377 74.24 -26.33 -36.76
C CYS L 377 74.37 -27.79 -37.15
N GLY L 378 73.22 -28.42 -37.37
CA GLY L 378 73.13 -29.74 -37.97
C GLY L 378 72.68 -29.66 -39.42
N GLY L 379 73.27 -30.52 -40.24
CA GLY L 379 72.91 -30.64 -41.65
C GLY L 379 71.42 -30.89 -41.83
N GLY L 380 70.85 -30.32 -42.89
CA GLY L 380 69.41 -30.40 -43.15
C GLY L 380 68.65 -29.24 -42.54
N GLY L 381 69.35 -28.14 -42.27
CA GLY L 381 68.74 -26.97 -41.63
C GLY L 381 68.24 -27.28 -40.24
N ARG L 382 69.14 -27.72 -39.35
CA ARG L 382 68.81 -27.96 -37.93
C ARG L 382 69.81 -27.23 -37.05
N VAL L 383 69.45 -27.05 -35.80
CA VAL L 383 70.32 -26.38 -34.83
C VAL L 383 70.17 -27.10 -33.50
N TYR L 384 71.30 -27.43 -32.90
CA TYR L 384 71.36 -28.14 -31.63
C TYR L 384 71.91 -27.17 -30.61
N HIS L 385 71.17 -26.97 -29.53
CA HIS L 385 71.52 -25.97 -28.52
C HIS L 385 71.22 -26.47 -27.11
N SER L 386 72.08 -26.08 -26.19
CA SER L 386 72.05 -26.58 -24.81
C SER L 386 71.50 -25.51 -23.89
N THR L 387 70.39 -25.82 -23.23
CA THR L 387 69.91 -25.04 -22.09
C THR L 387 70.52 -25.60 -20.81
N PRO L 388 70.37 -24.93 -19.66
CA PRO L 388 70.75 -25.54 -18.39
C PRO L 388 69.84 -26.68 -17.92
N SER L 389 68.76 -26.96 -18.64
CA SER L 389 67.86 -28.08 -18.30
C SER L 389 68.18 -29.30 -19.17
N ASP L 390 68.26 -29.10 -20.47
CA ASP L 390 68.33 -30.19 -21.45
C ASP L 390 68.96 -29.68 -22.73
N LEU L 391 69.27 -30.61 -23.61
CA LEU L 391 69.66 -30.29 -24.98
C LEU L 391 68.43 -30.30 -25.86
N CYS L 392 68.29 -29.31 -26.73
CA CYS L 392 67.12 -29.20 -27.62
C CYS L 392 67.54 -28.88 -29.04
N VAL L 393 66.59 -29.06 -29.94
CA VAL L 393 66.84 -28.95 -31.37
C VAL L 393 65.78 -28.05 -31.98
N VAL L 394 66.14 -27.44 -33.11
CA VAL L 394 65.19 -26.68 -33.94
C VAL L 394 65.52 -26.94 -35.40
N ASP L 395 64.59 -27.55 -36.13
CA ASP L 395 64.68 -27.69 -37.59
C ASP L 395 63.94 -26.52 -38.23
N LEU L 396 64.39 -26.13 -39.42
CA LEU L 396 63.87 -24.92 -40.10
C LEU L 396 63.41 -25.19 -41.53
N SER L 397 64.07 -26.10 -42.26
CA SER L 397 63.92 -26.21 -43.72
C SER L 397 62.45 -26.47 -44.09
N ARG L 398 61.90 -25.59 -44.92
CA ARG L 398 60.49 -25.65 -45.34
C ARG L 398 60.40 -26.23 -46.75
N PRO L 408 59.05 -17.63 -46.57
CA PRO L 408 59.57 -18.99 -46.74
C PRO L 408 59.80 -19.72 -45.41
N GLU L 409 60.35 -19.01 -44.40
CA GLU L 409 60.81 -19.64 -43.14
C GLU L 409 59.68 -19.71 -42.12
N GLU L 410 59.95 -20.42 -41.02
CA GLU L 410 58.93 -20.77 -40.02
C GLU L 410 58.52 -19.51 -39.26
N GLY L 411 57.25 -19.46 -38.87
CA GLY L 411 56.71 -18.33 -38.09
C GLY L 411 57.02 -18.47 -36.61
N PRO L 412 56.61 -19.60 -35.98
CA PRO L 412 57.01 -19.91 -34.60
C PRO L 412 58.28 -20.78 -34.49
N GLY L 413 59.08 -20.52 -33.46
CA GLY L 413 60.32 -21.27 -33.19
C GLY L 413 60.13 -22.39 -32.20
N GLY L 414 59.31 -23.38 -32.55
CA GLY L 414 59.11 -24.54 -31.67
C GLY L 414 60.38 -25.35 -31.51
N LEU L 415 60.41 -26.25 -30.52
CA LEU L 415 61.63 -27.04 -30.23
C LEU L 415 61.30 -28.21 -29.32
N PRO L 416 61.74 -29.45 -29.65
CA PRO L 416 61.72 -30.53 -28.66
C PRO L 416 63.07 -30.69 -27.97
N PRO L 417 63.14 -31.38 -26.82
CA PRO L 417 64.41 -31.90 -26.32
C PRO L 417 64.67 -33.30 -26.86
N MET L 418 65.83 -33.82 -26.48
CA MET L 418 66.29 -35.15 -26.89
C MET L 418 66.69 -35.98 -25.69
N LEU L 419 66.20 -35.68 -24.50
CA LEU L 419 66.33 -36.55 -23.32
C LEU L 419 67.81 -36.71 -22.96
N CYS L 420 68.50 -35.57 -22.88
CA CYS L 420 69.93 -35.52 -22.56
C CYS L 420 70.19 -34.31 -21.69
N PRO L 421 71.18 -34.35 -20.79
CA PRO L 421 71.27 -33.34 -19.74
C PRO L 421 71.81 -32.04 -20.29
N ALA L 422 72.01 -31.09 -19.39
CA ALA L 422 72.54 -29.77 -19.74
C ALA L 422 73.99 -29.93 -20.13
N SER L 423 74.22 -29.99 -21.43
CA SER L 423 75.59 -29.98 -21.95
C SER L 423 76.03 -28.54 -22.21
N LEU L 424 77.31 -28.39 -22.49
CA LEU L 424 77.86 -27.13 -23.01
C LEU L 424 78.93 -27.46 -24.03
N ASN L 425 79.22 -26.48 -24.87
CA ASN L 425 80.29 -26.60 -25.87
C ASN L 425 80.00 -27.83 -26.74
N ILE L 426 78.88 -27.76 -27.42
CA ILE L 426 78.47 -28.79 -28.40
C ILE L 426 79.26 -28.60 -29.69
N CYS L 427 79.59 -29.70 -30.34
CA CYS L 427 80.26 -29.69 -31.67
C CYS L 427 79.70 -30.83 -32.50
N SER L 428 79.07 -30.49 -33.62
CA SER L 428 78.35 -31.46 -34.46
C SER L 428 79.21 -31.85 -35.64
N VAL L 429 79.12 -33.12 -36.03
CA VAL L 429 79.75 -33.67 -37.25
C VAL L 429 78.69 -34.47 -38.00
N VAL L 430 78.84 -34.55 -39.33
CA VAL L 430 77.86 -35.23 -40.19
C VAL L 430 78.45 -36.59 -40.58
N SER L 431 77.59 -37.62 -40.60
CA SER L 431 77.99 -38.97 -41.05
C SER L 431 77.82 -39.08 -42.56
N LEU L 432 76.60 -38.85 -43.05
CA LEU L 432 76.20 -39.15 -44.44
C LEU L 432 76.49 -40.63 -44.74
N SER L 433 76.26 -41.49 -43.75
CA SER L 433 76.51 -42.93 -43.85
C SER L 433 75.34 -43.64 -44.52
N GLY L 441 71.89 -45.43 -40.39
CA GLY L 441 72.46 -44.16 -40.84
C GLY L 441 71.68 -42.95 -40.36
N GLY L 442 72.31 -41.78 -40.38
CA GLY L 442 71.70 -40.55 -39.88
C GLY L 442 72.76 -39.57 -39.42
N THR L 443 72.52 -38.95 -38.26
CA THR L 443 73.41 -37.93 -37.67
C THR L 443 73.99 -38.45 -36.35
N LYS L 444 75.30 -38.30 -36.21
CA LYS L 444 76.03 -38.64 -34.98
C LYS L 444 76.90 -37.45 -34.63
N LEU L 445 77.07 -37.19 -33.35
CA LEU L 445 77.76 -35.99 -32.88
C LEU L 445 78.47 -36.23 -31.56
N LEU L 446 79.08 -35.15 -31.06
CA LEU L 446 79.94 -35.17 -29.87
C LEU L 446 79.46 -34.09 -28.92
N ALA L 447 79.80 -34.23 -27.65
CA ALA L 447 79.47 -33.20 -26.66
C ALA L 447 80.17 -33.47 -25.34
N LEU L 448 80.11 -32.46 -24.48
CA LEU L 448 80.62 -32.52 -23.11
C LEU L 448 79.46 -32.26 -22.14
N SER L 449 79.31 -33.12 -21.14
CA SER L 449 78.36 -32.91 -20.03
C SER L 449 78.83 -31.76 -19.14
N ALA L 450 77.89 -31.06 -18.51
CA ALA L 450 78.23 -29.96 -17.59
C ALA L 450 78.99 -30.48 -16.37
N LYS L 451 78.85 -31.75 -16.05
CA LYS L 451 79.60 -32.34 -14.93
C LYS L 451 81.08 -32.54 -15.29
N GLY L 452 81.42 -32.47 -16.57
CA GLY L 452 82.79 -32.73 -17.04
C GLY L 452 82.93 -34.17 -17.49
N ARG L 453 82.03 -34.63 -18.34
CA ARG L 453 82.08 -35.97 -18.92
C ARG L 453 81.80 -35.88 -20.40
N LEU L 454 82.62 -36.57 -21.17
CA LEU L 454 82.50 -36.51 -22.63
C LEU L 454 81.58 -37.62 -23.09
N MET L 455 80.73 -37.29 -24.05
CA MET L 455 79.77 -38.26 -24.58
C MET L 455 79.62 -38.08 -26.08
N THR L 456 79.14 -39.15 -26.71
CA THR L 456 78.94 -39.23 -28.15
C THR L 456 77.53 -39.75 -28.41
N CYS L 457 76.82 -39.11 -29.33
CA CYS L 457 75.39 -39.36 -29.55
C CYS L 457 75.16 -39.82 -30.98
N SER L 458 74.19 -40.73 -31.14
CA SER L 458 73.75 -41.25 -32.44
C SER L 458 72.23 -41.09 -32.51
N LEU L 459 71.73 -40.58 -33.64
CA LEU L 459 70.34 -40.12 -33.74
C LEU L 459 69.66 -40.72 -34.97
N ASP L 460 68.34 -40.83 -34.89
CA ASP L 460 67.51 -41.41 -35.94
C ASP L 460 66.69 -40.26 -36.57
N GLU L 474 48.50 -43.70 -12.94
CA GLU L 474 49.73 -43.18 -12.32
C GLU L 474 50.17 -41.89 -13.03
N SER L 475 50.64 -42.03 -14.27
CA SER L 475 51.32 -40.95 -14.98
C SER L 475 50.39 -39.77 -15.26
N ALA L 476 49.11 -39.99 -15.57
CA ALA L 476 48.17 -38.87 -15.75
C ALA L 476 47.87 -38.22 -14.41
N GLY L 477 47.85 -39.00 -13.33
CA GLY L 477 47.69 -38.43 -11.98
C GLY L 477 48.84 -37.52 -11.62
N GLN L 478 50.04 -37.83 -12.10
CA GLN L 478 51.20 -36.93 -11.95
C GLN L 478 51.08 -35.76 -12.95
N LYS L 479 50.60 -36.04 -14.16
CA LYS L 479 50.43 -35.04 -15.23
C LYS L 479 49.54 -33.89 -14.79
N ILE L 480 48.42 -34.17 -14.12
CA ILE L 480 47.50 -33.10 -13.69
C ILE L 480 48.21 -32.20 -12.67
N LYS L 481 48.90 -32.80 -11.72
CA LYS L 481 49.78 -32.07 -10.79
C LYS L 481 50.71 -31.14 -11.58
N GLU L 482 51.34 -31.67 -12.63
CA GLU L 482 52.29 -30.88 -13.44
C GLU L 482 51.58 -29.70 -14.11
N LEU L 483 50.45 -29.95 -14.78
CA LEU L 483 49.59 -28.92 -15.39
C LEU L 483 49.35 -27.78 -14.42
N LEU L 484 48.87 -28.12 -13.23
CA LEU L 484 48.40 -27.08 -12.30
C LEU L 484 49.58 -26.38 -11.65
N SER L 485 50.71 -27.06 -11.47
CA SER L 485 51.94 -26.38 -11.03
C SER L 485 52.32 -25.29 -12.03
N GLY L 486 52.32 -25.62 -13.32
CA GLY L 486 52.67 -24.64 -14.35
C GLY L 486 51.68 -23.49 -14.43
N ILE L 487 50.39 -23.81 -14.40
CA ILE L 487 49.33 -22.78 -14.38
C ILE L 487 49.56 -21.82 -13.20
N GLY L 488 49.87 -22.35 -12.02
CA GLY L 488 50.09 -21.52 -10.83
C GLY L 488 51.33 -20.66 -10.96
N ASN L 489 52.38 -21.19 -11.57
CA ASN L 489 53.59 -20.40 -11.84
C ASN L 489 53.25 -19.21 -12.75
N ILE L 490 52.42 -19.41 -13.76
CA ILE L 490 52.26 -18.43 -14.85
C ILE L 490 51.27 -17.33 -14.44
N SER L 491 50.13 -17.71 -13.88
CA SER L 491 49.03 -16.73 -13.67
C SER L 491 49.48 -15.59 -12.74
N GLU L 492 50.34 -15.90 -11.76
CA GLU L 492 50.91 -14.89 -10.84
C GLU L 492 51.58 -13.79 -11.64
N ARG L 493 52.43 -14.19 -12.58
CA ARG L 493 53.27 -13.25 -13.32
C ARG L 493 52.40 -12.51 -14.36
N VAL L 494 51.38 -13.16 -14.92
CA VAL L 494 50.42 -12.47 -15.81
C VAL L 494 49.77 -11.31 -15.06
N SER L 495 49.31 -11.58 -13.84
CA SER L 495 48.73 -10.52 -12.99
C SER L 495 49.75 -9.43 -12.73
N PHE L 496 50.99 -9.80 -12.42
CA PHE L 496 52.08 -8.83 -12.15
C PHE L 496 52.24 -7.88 -13.35
N LEU L 497 52.22 -8.42 -14.55
CA LEU L 497 52.45 -7.60 -15.75
C LEU L 497 51.21 -6.74 -16.05
N LYS L 498 50.03 -7.21 -15.67
CA LYS L 498 48.85 -6.34 -15.71
C LYS L 498 49.00 -5.17 -14.74
N LYS L 499 49.56 -5.40 -13.55
CA LYS L 499 49.86 -4.31 -12.60
C LYS L 499 50.78 -3.28 -13.27
N ALA L 500 51.79 -3.74 -14.01
CA ALA L 500 52.65 -2.84 -14.81
C ALA L 500 51.80 -2.02 -15.77
N VAL L 501 50.93 -2.68 -16.53
CA VAL L 501 50.07 -1.98 -17.52
C VAL L 501 49.30 -0.86 -16.84
N ASP L 502 48.81 -1.12 -15.65
CA ASP L 502 48.03 -0.10 -14.94
C ASP L 502 48.91 1.08 -14.57
N GLN L 503 50.06 0.82 -13.96
CA GLN L 503 51.09 1.85 -13.67
C GLN L 503 51.31 2.72 -14.91
N ARG L 504 51.33 2.08 -16.06
CA ARG L 504 51.83 2.72 -17.26
C ARG L 504 50.78 3.59 -17.92
N ASN L 505 49.59 3.05 -18.10
CA ASN L 505 48.47 3.86 -18.59
C ASN L 505 48.27 5.06 -17.68
N LYS L 506 48.57 4.90 -16.39
CA LYS L 506 48.33 6.00 -15.46
C LYS L 506 49.42 7.07 -15.59
N ALA L 507 50.67 6.65 -15.56
CA ALA L 507 51.80 7.59 -15.66
C ALA L 507 51.79 8.31 -17.01
N LEU L 508 51.29 7.66 -18.03
CA LEU L 508 51.21 8.27 -19.35
C LEU L 508 50.38 9.55 -19.33
N THR L 509 49.16 9.46 -18.88
CA THR L 509 48.30 10.64 -18.87
C THR L 509 48.80 11.64 -17.83
N SER L 510 49.52 11.20 -16.79
CA SER L 510 50.26 12.17 -15.95
C SER L 510 51.19 12.99 -16.85
N LEU L 511 51.86 12.32 -17.76
CA LEU L 511 52.78 13.05 -18.63
C LEU L 511 52.01 13.92 -19.64
N ASN L 512 50.84 13.47 -20.07
CA ASN L 512 49.97 14.32 -20.90
C ASN L 512 49.68 15.64 -20.16
N GLU L 513 49.31 15.55 -18.89
CA GLU L 513 49.08 16.75 -18.07
C GLU L 513 50.34 17.61 -18.11
N ALA L 514 51.52 17.00 -18.03
CA ALA L 514 52.78 17.76 -18.11
C ALA L 514 52.94 18.44 -19.46
N MET L 515 52.49 17.78 -20.52
CA MET L 515 52.53 18.37 -21.86
C MET L 515 51.72 19.65 -21.89
N ASN L 516 50.49 19.57 -21.39
CA ASN L 516 49.59 20.73 -21.28
C ASN L 516 50.27 21.84 -20.49
N VAL L 517 50.95 21.47 -19.41
CA VAL L 517 51.68 22.45 -18.59
C VAL L 517 52.70 23.19 -19.44
N SER L 518 53.63 22.43 -19.99
CA SER L 518 54.79 23.02 -20.67
C SER L 518 54.28 23.91 -21.80
N CYS L 519 53.26 23.43 -22.52
CA CYS L 519 52.67 24.18 -23.64
C CYS L 519 52.07 25.49 -23.12
N ALA L 520 51.36 25.42 -22.01
CA ALA L 520 50.74 26.63 -21.44
C ALA L 520 51.81 27.66 -21.07
N LEU L 521 52.87 27.23 -20.40
CA LEU L 521 53.84 28.20 -19.88
C LEU L 521 54.63 28.82 -20.99
N LEU L 522 55.20 28.00 -21.86
CA LEU L 522 56.06 28.53 -22.94
C LEU L 522 55.19 29.38 -23.87
N SER L 523 53.95 28.95 -24.09
CA SER L 523 52.95 29.74 -24.79
C SER L 523 52.53 30.90 -23.88
N SER L 524 51.87 31.88 -24.47
CA SER L 524 51.30 33.00 -23.70
C SER L 524 52.39 33.73 -22.92
N GLY L 525 53.53 34.01 -23.55
CA GLY L 525 54.29 35.22 -23.22
C GLY L 525 53.41 36.45 -23.42
N THR L 526 52.48 36.36 -24.38
CA THR L 526 51.35 37.29 -24.50
C THR L 526 50.48 37.24 -23.24
N GLY L 527 49.51 38.15 -23.17
CA GLY L 527 48.58 38.23 -22.04
C GLY L 527 47.78 36.94 -21.82
N PRO L 528 46.91 36.57 -22.77
CA PRO L 528 45.93 35.51 -22.50
C PRO L 528 46.57 34.12 -22.46
N ARG L 529 46.69 33.59 -21.25
CA ARG L 529 47.19 32.23 -21.03
C ARG L 529 46.07 31.23 -21.34
N PRO L 530 46.41 29.95 -21.49
CA PRO L 530 45.36 28.92 -21.58
C PRO L 530 44.56 28.80 -20.30
N ILE L 531 45.22 29.00 -19.16
CA ILE L 531 44.60 28.96 -17.81
C ILE L 531 44.79 30.31 -17.16
N SER L 532 43.91 30.67 -16.24
CA SER L 532 44.05 31.93 -15.50
C SER L 532 43.44 31.82 -14.10
N CYS L 533 44.03 32.56 -13.14
CA CYS L 533 43.52 32.72 -11.77
C CYS L 533 43.50 34.22 -11.47
N THR L 534 42.31 34.78 -11.51
CA THR L 534 42.09 36.23 -11.32
C THR L 534 41.61 36.46 -9.91
N THR L 535 42.26 37.39 -9.21
CA THR L 535 41.98 37.64 -7.78
C THR L 535 41.35 39.01 -7.62
N SER L 536 40.04 39.02 -7.45
CA SER L 536 39.32 40.26 -7.14
C SER L 536 39.50 40.61 -5.65
N THR L 537 38.74 41.60 -5.20
CA THR L 537 38.50 41.89 -3.77
C THR L 537 37.04 42.28 -3.64
N THR L 538 36.55 42.24 -2.43
CA THR L 538 35.15 42.61 -2.14
C THR L 538 35.01 42.87 -0.62
N TRP L 539 34.02 43.68 -0.28
CA TRP L 539 33.58 43.83 1.11
C TRP L 539 32.22 43.21 1.28
N SER L 540 32.05 42.46 2.35
CA SER L 540 30.72 41.95 2.72
C SER L 540 30.64 41.73 4.22
N ARG L 541 29.40 41.54 4.70
CA ARG L 541 29.04 41.75 6.11
C ARG L 541 28.73 40.44 6.79
N LEU L 542 29.45 40.15 7.88
CA LEU L 542 29.16 39.02 8.79
C LEU L 542 28.61 39.58 10.08
N GLN L 543 27.30 39.77 10.08
CA GLN L 543 26.45 39.86 11.28
C GLN L 543 26.68 41.12 12.10
N THR L 544 27.89 41.68 12.09
CA THR L 544 28.07 43.11 12.33
C THR L 544 29.05 43.73 11.35
N GLN L 545 30.29 43.23 11.36
CA GLN L 545 31.42 43.91 10.67
C GLN L 545 31.33 43.69 9.17
N ASP L 546 31.71 44.74 8.46
CA ASP L 546 31.92 44.61 7.02
C ASP L 546 33.29 43.94 6.89
N VAL L 547 33.38 42.95 6.00
CA VAL L 547 34.50 41.99 6.02
C VAL L 547 35.11 41.81 4.66
N LEU L 548 36.43 41.65 4.67
CA LEU L 548 37.26 41.78 3.46
C LEU L 548 37.48 40.41 2.80
N MET L 549 36.68 40.11 1.81
CA MET L 549 36.82 38.84 1.11
C MET L 549 37.91 38.95 0.06
N ALA L 550 38.27 37.83 -0.57
CA ALA L 550 38.99 37.76 -1.85
C ALA L 550 38.47 36.59 -2.65
N THR L 551 37.77 36.88 -3.72
CA THR L 551 37.45 35.86 -4.73
C THR L 551 38.69 35.58 -5.58
N CYS L 552 38.97 34.30 -5.80
CA CYS L 552 40.01 33.86 -6.73
C CYS L 552 39.39 32.84 -7.63
N VAL L 553 39.40 33.11 -8.91
CA VAL L 553 38.65 32.33 -9.91
C VAL L 553 39.68 31.48 -10.62
N LEU L 554 39.18 30.52 -11.37
CA LEU L 554 40.02 29.70 -12.21
C LEU L 554 39.34 29.44 -13.53
N GLU L 555 40.01 29.78 -14.63
CA GLU L 555 39.45 29.62 -15.97
C GLU L 555 40.38 28.71 -16.72
N ASN L 556 39.79 27.71 -17.34
CA ASN L 556 40.48 26.87 -18.32
C ASN L 556 40.05 27.27 -19.71
N SER L 557 40.70 28.30 -20.23
CA SER L 557 40.38 28.76 -21.58
C SER L 557 40.70 27.63 -22.57
N SER L 558 41.74 26.84 -22.28
CA SER L 558 42.25 25.81 -23.21
C SER L 558 41.57 24.45 -23.00
N SER L 559 42.13 23.40 -23.62
CA SER L 559 41.44 22.11 -23.79
C SER L 559 42.04 21.00 -22.92
N PHE L 560 42.66 21.37 -21.79
CA PHE L 560 43.69 20.50 -21.17
C PHE L 560 43.11 19.63 -20.05
N SER L 561 41.99 20.05 -19.42
CA SER L 561 41.19 19.17 -18.54
C SER L 561 42.00 18.64 -17.34
N LEU L 562 42.33 19.50 -16.38
CA LEU L 562 43.30 19.20 -15.32
C LEU L 562 42.69 18.15 -14.44
N ASP L 563 43.11 16.93 -14.62
CA ASP L 563 42.39 15.82 -13.96
C ASP L 563 42.90 15.64 -12.51
N GLN L 564 44.11 15.12 -12.37
CA GLN L 564 44.46 14.40 -11.14
C GLN L 564 45.96 14.30 -10.98
N GLY L 565 46.41 14.21 -9.75
CA GLY L 565 47.77 14.61 -9.44
C GLY L 565 47.92 16.11 -9.49
N TRP L 566 46.83 16.86 -9.66
CA TRP L 566 46.85 18.33 -9.72
C TRP L 566 46.28 18.98 -8.48
N THR L 567 46.80 20.11 -8.10
CA THR L 567 46.29 20.75 -6.89
C THR L 567 46.73 22.18 -6.86
N LEU L 568 46.29 22.98 -5.86
CA LEU L 568 46.23 24.47 -5.97
C LEU L 568 46.62 25.13 -4.69
N CYS L 569 47.88 25.54 -4.60
CA CYS L 569 48.50 26.01 -3.33
C CYS L 569 48.57 27.54 -3.22
N ILE L 570 47.37 28.19 -3.22
CA ILE L 570 47.15 29.59 -2.79
C ILE L 570 47.91 29.85 -1.52
N GLN L 571 48.66 30.91 -1.48
CA GLN L 571 49.23 31.32 -0.20
C GLN L 571 49.17 32.84 -0.09
N VAL L 572 49.39 33.38 1.12
CA VAL L 572 48.96 34.75 1.48
C VAL L 572 49.91 35.30 2.48
N LEU L 573 50.46 36.46 2.17
CA LEU L 573 51.48 37.14 2.94
C LEU L 573 51.01 38.54 3.24
N THR L 574 50.94 38.84 4.52
CA THR L 574 50.38 40.11 5.02
C THR L 574 51.45 40.91 5.74
N SER L 575 52.70 40.74 5.32
CA SER L 575 53.82 41.32 6.06
C SER L 575 55.10 41.16 5.26
N SER L 576 56.02 42.09 5.42
CA SER L 576 57.33 41.97 4.80
C SER L 576 58.37 42.79 5.58
N CYS L 577 59.00 42.14 6.56
CA CYS L 577 60.11 42.71 7.32
C CYS L 577 60.59 41.67 8.33
N ALA L 578 61.79 41.92 8.86
CA ALA L 578 62.46 41.03 9.82
C ALA L 578 62.12 41.48 11.23
N LEU L 579 60.88 41.20 11.65
CA LEU L 579 60.40 41.55 13.01
C LEU L 579 61.20 40.74 14.03
N ASP L 580 61.86 41.42 14.96
CA ASP L 580 62.73 40.74 15.96
C ASP L 580 61.93 39.74 16.78
N LEU L 581 60.81 40.18 17.33
CA LEU L 581 60.06 39.31 18.24
C LEU L 581 59.46 38.12 17.49
N ASP L 582 58.37 38.36 16.74
CA ASP L 582 57.67 37.34 15.94
C ASP L 582 56.43 38.00 15.35
N SER L 583 55.87 37.43 14.29
CA SER L 583 54.45 37.62 13.96
C SER L 583 53.66 36.41 14.40
N ALA L 584 52.59 36.60 15.15
CA ALA L 584 51.79 35.47 15.66
C ALA L 584 51.15 34.68 14.53
N CYS L 585 50.96 35.25 13.32
CA CYS L 585 50.57 34.43 12.13
C CYS L 585 51.14 35.14 10.91
N SER L 586 52.33 34.69 10.47
CA SER L 586 53.07 35.35 9.38
C SER L 586 52.28 35.27 8.08
N ALA L 587 51.59 34.15 7.90
CA ALA L 587 51.06 33.88 6.58
C ALA L 587 50.10 32.73 6.67
N ILE L 588 49.44 32.48 5.56
CA ILE L 588 48.47 31.39 5.49
C ILE L 588 48.55 30.72 4.13
N THR L 589 48.17 29.43 4.04
CA THR L 589 48.15 28.72 2.73
C THR L 589 47.06 27.72 2.65
N TYR L 590 46.30 27.80 1.61
CA TYR L 590 45.20 26.85 1.42
C TYR L 590 45.59 25.91 0.32
N THR L 591 45.01 24.72 0.22
CA THR L 591 45.36 23.79 -0.87
C THR L 591 44.15 22.97 -1.18
N ILE L 592 43.70 22.94 -2.41
CA ILE L 592 42.63 21.99 -2.75
C ILE L 592 43.01 21.21 -3.96
N PRO L 593 42.26 20.20 -4.38
CA PRO L 593 42.59 19.46 -5.59
C PRO L 593 41.89 20.12 -6.76
N VAL L 594 42.53 20.04 -7.88
CA VAL L 594 41.89 20.46 -9.09
C VAL L 594 41.12 19.28 -9.67
N ASP L 595 39.82 19.28 -9.52
CA ASP L 595 39.02 18.05 -9.69
C ASP L 595 39.12 17.50 -11.09
N GLN L 596 38.55 18.22 -12.05
CA GLN L 596 38.67 17.85 -13.47
C GLN L 596 38.99 19.07 -14.31
N LEU L 597 38.29 20.17 -14.03
CA LEU L 597 38.55 21.47 -14.64
C LEU L 597 38.42 21.32 -16.16
N GLY L 598 37.22 20.99 -16.60
CA GLY L 598 36.96 20.78 -18.02
C GLY L 598 37.36 21.95 -18.88
N PRO L 599 37.36 21.75 -20.20
CA PRO L 599 37.75 22.81 -21.11
C PRO L 599 36.69 23.92 -21.10
N GLY L 600 37.16 25.14 -20.83
CA GLY L 600 36.27 26.29 -20.67
C GLY L 600 35.56 26.30 -19.34
N ALA L 601 35.84 25.32 -18.46
CA ALA L 601 35.19 25.24 -17.16
C ALA L 601 35.65 26.40 -16.29
N ARG L 602 35.01 26.53 -15.15
CA ARG L 602 35.38 27.58 -14.22
C ARG L 602 34.89 27.18 -12.85
N ARG L 603 35.71 27.52 -11.87
CA ARG L 603 35.33 27.41 -10.47
C ARG L 603 35.87 28.60 -9.70
N GLU L 604 35.04 29.12 -8.79
CA GLU L 604 35.38 30.29 -7.96
C GLU L 604 35.50 29.80 -6.52
N VAL L 605 36.62 30.07 -5.93
CA VAL L 605 36.79 29.97 -4.50
C VAL L 605 36.82 31.38 -3.96
N THR L 606 36.31 31.58 -2.75
CA THR L 606 36.47 32.83 -2.00
C THR L 606 37.18 32.49 -0.72
N LEU L 607 37.65 33.51 -0.08
CA LEU L 607 38.30 33.34 1.21
C LEU L 607 38.62 34.70 1.83
N PRO L 608 38.72 34.81 3.15
CA PRO L 608 38.89 36.08 3.79
C PRO L 608 40.31 36.50 4.16
N LEU L 609 40.51 37.80 4.20
CA LEU L 609 41.80 38.40 4.60
C LEU L 609 41.64 39.16 5.89
N GLY L 610 40.52 39.88 5.96
CA GLY L 610 40.44 41.12 6.69
C GLY L 610 40.40 40.89 8.19
N PRO L 611 39.37 41.45 8.84
CA PRO L 611 39.62 42.10 10.12
C PRO L 611 39.93 41.13 11.27
N GLY L 612 41.21 40.77 11.40
CA GLY L 612 41.62 39.93 12.50
C GLY L 612 41.60 40.66 13.83
N GLU L 613 40.54 40.45 14.60
CA GLU L 613 40.43 40.71 16.05
C GLU L 613 40.36 42.18 16.46
N ASN L 614 40.99 43.09 15.72
CA ASN L 614 40.73 44.54 15.84
C ASN L 614 40.87 45.19 14.46
N GLY L 615 40.72 44.39 13.41
CA GLY L 615 41.19 44.83 12.09
C GLY L 615 42.70 44.84 11.99
N GLY L 616 43.41 43.92 12.66
CA GLY L 616 44.88 43.89 12.60
C GLY L 616 45.30 43.50 11.18
N LEU L 617 45.61 44.49 10.34
CA LEU L 617 45.48 44.36 8.86
C LEU L 617 46.54 45.11 8.07
N ASP L 618 47.82 44.88 8.35
CA ASP L 618 48.90 45.56 7.62
C ASP L 618 48.71 45.37 6.11
N LEU L 619 48.50 46.44 5.35
CA LEU L 619 48.14 46.31 3.94
C LEU L 619 49.27 46.74 3.02
N PRO L 620 50.46 46.22 3.18
CA PRO L 620 51.10 45.63 2.02
C PRO L 620 50.71 44.15 2.09
N VAL L 621 50.01 43.61 1.10
CA VAL L 621 49.60 42.21 1.21
C VAL L 621 49.60 41.60 -0.16
N THR L 622 49.79 40.28 -0.23
CA THR L 622 49.78 39.57 -1.54
C THR L 622 49.17 38.21 -1.35
N VAL L 623 48.29 37.87 -2.27
CA VAL L 623 48.03 36.44 -2.50
C VAL L 623 49.14 35.93 -3.45
N SER L 624 49.20 34.62 -3.69
CA SER L 624 50.13 33.99 -4.66
C SER L 624 49.61 32.60 -4.96
N CYS L 625 49.10 32.44 -6.19
CA CYS L 625 48.36 31.26 -6.67
C CYS L 625 49.33 30.38 -7.49
N THR L 626 49.45 29.14 -7.07
CA THR L 626 50.43 28.21 -7.63
C THR L 626 49.74 26.89 -7.88
N LEU L 627 50.16 26.23 -8.97
CA LEU L 627 49.74 24.86 -9.27
C LEU L 627 50.83 23.89 -8.87
N PHE L 628 50.41 22.66 -8.75
CA PHE L 628 51.29 21.62 -8.27
C PHE L 628 50.80 20.33 -8.84
N TYR L 629 51.73 19.68 -9.52
CA TYR L 629 51.57 18.34 -10.06
C TYR L 629 52.45 17.38 -9.31
N SER L 630 52.03 16.13 -9.29
CA SER L 630 52.87 15.04 -8.80
C SER L 630 52.49 13.80 -9.55
N LEU L 631 53.36 12.83 -9.39
CA LEU L 631 53.16 11.51 -9.97
C LEU L 631 53.12 10.47 -8.86
N ARG L 632 53.68 10.76 -7.68
CA ARG L 632 53.77 9.73 -6.63
C ARG L 632 52.38 9.28 -6.17
N GLU L 633 51.41 10.18 -6.26
CA GLU L 633 49.97 9.84 -6.08
C GLU L 633 49.52 8.86 -7.13
N VAL L 634 50.00 9.07 -8.33
CA VAL L 634 49.35 8.62 -9.52
C VAL L 634 49.89 7.20 -9.70
N VAL L 635 51.17 7.12 -10.02
CA VAL L 635 52.01 5.95 -9.72
C VAL L 635 53.45 6.44 -9.64
N GLY L 636 54.22 5.91 -8.69
CA GLY L 636 55.65 6.17 -8.51
C GLY L 636 56.48 5.09 -9.19
N GLY L 637 57.09 4.19 -8.41
CA GLY L 637 57.85 3.04 -8.93
C GLY L 637 59.11 2.78 -8.13
N GLN L 660 62.16 11.82 -7.96
CA GLN L 660 60.78 11.28 -7.89
C GLN L 660 59.95 12.10 -6.90
N GLU L 661 59.86 13.42 -7.11
CA GLU L 661 59.21 14.34 -6.15
C GLU L 661 57.95 14.86 -6.83
N GLY L 662 58.12 15.79 -7.77
CA GLY L 662 56.98 16.53 -8.30
C GLY L 662 57.29 17.98 -8.70
N VAL L 663 56.23 18.76 -8.87
CA VAL L 663 56.17 19.95 -9.75
C VAL L 663 55.46 21.10 -9.06
N CYS L 664 55.99 22.30 -9.14
CA CYS L 664 55.30 23.52 -8.69
C CYS L 664 55.36 24.53 -9.83
N LEU L 665 54.28 25.25 -10.13
CA LEU L 665 54.27 26.34 -11.14
C LEU L 665 53.66 27.58 -10.52
N PRO L 666 54.18 28.79 -10.80
CA PRO L 666 53.38 29.99 -10.53
C PRO L 666 52.29 30.16 -11.57
N LEU L 667 51.20 30.81 -11.16
CA LEU L 667 50.11 31.15 -12.09
C LEU L 667 49.61 32.58 -11.92
N SER L 668 49.77 33.19 -10.75
CA SER L 668 49.26 34.55 -10.54
C SER L 668 49.79 35.10 -9.22
N ARG L 669 50.00 36.39 -9.18
CA ARG L 669 50.51 37.07 -8.00
C ARG L 669 49.95 38.46 -7.97
N HIS L 670 48.81 38.58 -7.35
CA HIS L 670 48.19 39.89 -7.06
C HIS L 670 48.73 40.42 -5.75
N THR L 671 48.67 41.71 -5.61
CA THR L 671 48.91 42.35 -4.33
C THR L 671 47.87 43.43 -4.09
N VAL L 672 47.65 43.77 -2.82
CA VAL L 672 46.56 44.66 -2.38
C VAL L 672 47.13 45.71 -1.39
N ASP L 673 46.51 46.89 -1.38
CA ASP L 673 47.22 48.18 -1.44
C ASP L 673 46.74 49.18 -0.40
N MET L 674 45.47 49.12 0.03
CA MET L 674 44.67 50.19 0.65
C MET L 674 43.86 50.98 -0.36
N LEU L 675 44.27 50.99 -1.61
CA LEU L 675 43.51 51.70 -2.63
C LEU L 675 42.42 50.83 -3.19
N GLN L 676 42.43 49.56 -2.85
CA GLN L 676 41.30 48.67 -3.12
C GLN L 676 40.44 48.49 -1.88
N CYS L 677 41.00 48.76 -0.69
CA CYS L 677 40.30 48.53 0.57
C CYS L 677 39.51 49.74 0.99
N LEU L 678 39.85 50.93 0.54
CA LEU L 678 39.02 52.10 0.85
C LEU L 678 37.63 51.93 0.26
N ARG L 679 36.67 52.63 0.86
CA ARG L 679 35.28 52.50 0.44
C ARG L 679 34.55 53.82 0.58
N PHE L 680 33.59 54.04 -0.32
CA PHE L 680 32.92 55.35 -0.55
C PHE L 680 31.45 55.28 -0.20
N PRO L 681 31.07 55.62 1.04
CA PRO L 681 29.65 55.80 1.35
C PRO L 681 29.19 57.16 0.84
N GLY L 682 30.06 58.16 0.89
CA GLY L 682 29.73 59.51 0.40
C GLY L 682 29.39 59.54 -1.08
N LEU L 683 29.97 58.62 -1.85
CA LEU L 683 29.71 58.49 -3.30
C LEU L 683 28.83 57.28 -3.59
N ALA L 684 28.17 56.73 -2.58
CA ALA L 684 27.46 55.45 -2.71
C ALA L 684 26.38 55.55 -3.78
N PRO L 685 26.29 54.61 -4.74
CA PRO L 685 25.13 54.55 -5.64
C PRO L 685 23.80 54.49 -4.89
N PRO L 686 23.55 53.49 -4.01
CA PRO L 686 22.21 53.31 -3.47
C PRO L 686 21.82 54.41 -2.48
N HIS L 687 22.80 55.15 -1.96
CA HIS L 687 22.58 56.15 -0.89
C HIS L 687 22.05 55.45 0.36
N THR L 688 22.61 54.29 0.68
CA THR L 688 22.14 53.49 1.84
C THR L 688 22.63 54.11 3.14
N ARG L 689 21.84 53.95 4.21
CA ARG L 689 22.26 54.34 5.56
C ARG L 689 22.85 53.11 6.23
N ALA L 690 23.85 52.50 5.58
CA ALA L 690 24.69 51.51 6.24
C ALA L 690 25.43 52.25 7.35
N PRO L 691 25.23 51.90 8.64
CA PRO L 691 25.77 52.75 9.71
C PRO L 691 27.29 52.87 9.63
N SER L 692 27.82 53.87 10.34
CA SER L 692 29.26 54.15 10.34
C SER L 692 30.01 52.93 10.89
N PRO L 693 31.24 52.63 10.41
CA PRO L 693 31.98 51.47 10.92
C PRO L 693 32.31 51.61 12.40
N LEU L 694 32.87 52.77 12.78
CA LEU L 694 33.18 53.12 14.18
C LEU L 694 34.13 52.07 14.74
N GLY L 695 35.31 51.98 14.14
CA GLY L 695 36.30 50.96 14.48
C GLY L 695 36.66 51.01 15.95
N PRO L 696 37.29 49.94 16.46
CA PRO L 696 37.53 49.82 17.90
C PRO L 696 38.56 50.86 18.34
N THR L 697 38.19 51.62 19.37
CA THR L 697 39.08 52.62 19.98
C THR L 697 40.04 51.95 20.95
N ARG L 698 39.90 50.62 21.14
CA ARG L 698 40.83 49.85 21.96
C ARG L 698 40.79 48.39 21.51
N ASP L 699 41.79 47.63 21.92
CA ASP L 699 41.72 46.16 21.83
C ASP L 699 40.96 45.62 23.03
N PRO L 700 40.39 44.41 22.90
CA PRO L 700 39.93 43.69 24.07
C PRO L 700 41.04 43.58 25.13
N VAL L 701 42.23 43.33 24.64
CA VAL L 701 43.37 43.11 25.52
C VAL L 701 43.68 44.40 26.31
N ALA L 702 43.66 45.54 25.64
CA ALA L 702 44.08 46.77 26.31
C ALA L 702 42.94 47.30 27.16
N THR L 703 41.70 47.07 26.75
CA THR L 703 40.57 47.36 27.64
C THR L 703 40.79 46.62 28.94
N PHE L 704 41.07 45.33 28.84
CA PHE L 704 41.30 44.48 30.01
C PHE L 704 42.46 45.07 30.80
N LEU L 705 43.53 45.42 30.12
CA LEU L 705 44.70 45.99 30.81
C LEU L 705 44.31 47.19 31.69
N GLU L 706 43.74 48.23 31.08
CA GLU L 706 43.46 49.45 31.84
C GLU L 706 42.38 49.19 32.88
N THR L 707 41.40 48.37 32.54
CA THR L 707 40.21 48.19 33.38
C THR L 707 40.49 47.35 34.62
N CYS L 708 41.53 46.52 34.60
CA CYS L 708 42.10 45.97 35.84
C CYS L 708 43.06 46.98 36.48
N ARG L 709 43.70 47.81 35.68
CA ARG L 709 44.72 48.75 36.16
C ARG L 709 44.02 50.02 36.69
N GLU L 710 43.53 49.94 37.93
CA GLU L 710 43.03 51.12 38.67
C GLU L 710 43.02 50.86 40.19
N LEU L 726 42.69 68.12 16.76
CA LEU L 726 43.97 67.49 16.37
C LEU L 726 44.13 67.62 14.85
N PRO L 727 45.35 67.75 14.31
CA PRO L 727 45.51 68.00 12.88
C PRO L 727 45.25 66.72 12.09
N PRO L 728 44.44 66.76 10.99
CA PRO L 728 44.46 65.65 10.05
C PRO L 728 45.80 65.60 9.31
N SER L 729 46.57 64.53 9.54
CA SER L 729 47.85 64.32 8.85
C SER L 729 47.61 64.26 7.36
N VAL L 730 48.53 64.84 6.60
CA VAL L 730 48.32 65.10 5.16
C VAL L 730 49.63 64.81 4.42
N ALA L 731 49.49 64.41 3.15
CA ALA L 731 50.65 64.24 2.26
C ALA L 731 50.26 64.31 0.80
N SER L 732 51.23 64.66 -0.02
CA SER L 732 50.98 64.92 -1.43
C SER L 732 52.20 64.62 -2.27
N ILE L 733 51.93 64.48 -3.56
CA ILE L 733 52.93 64.26 -4.62
C ILE L 733 52.44 65.04 -5.83
N LYS L 734 53.33 65.30 -6.79
CA LYS L 734 52.93 65.81 -8.11
C LYS L 734 53.60 65.01 -9.21
N VAL L 735 53.18 65.27 -10.45
CA VAL L 735 53.68 64.51 -11.62
C VAL L 735 53.34 65.26 -12.89
N SER L 736 54.10 64.98 -13.95
CA SER L 736 53.98 65.70 -15.23
C SER L 736 52.66 65.37 -15.91
N ALA L 737 51.93 66.40 -16.33
CA ALA L 737 50.75 66.25 -17.20
C ALA L 737 51.09 65.39 -18.42
N GLU L 738 52.29 65.61 -18.99
CA GLU L 738 52.70 64.89 -20.21
C GLU L 738 52.92 63.41 -19.89
N LEU L 739 53.62 63.12 -18.79
CA LEU L 739 53.81 61.74 -18.32
C LEU L 739 52.45 61.06 -18.17
N LEU L 740 51.53 61.73 -17.48
CA LEU L 740 50.20 61.17 -17.20
C LEU L 740 49.44 60.89 -18.50
N ARG L 741 49.41 61.85 -19.41
CA ARG L 741 48.72 61.65 -20.69
C ARG L 741 49.35 60.48 -21.44
N ALA L 742 50.65 60.56 -21.71
CA ALA L 742 51.33 59.57 -22.55
C ALA L 742 51.23 58.17 -21.95
N ALA L 743 51.15 58.05 -20.63
CA ALA L 743 50.97 56.74 -19.98
C ALA L 743 49.50 56.33 -20.06
N LEU L 744 48.61 57.18 -19.58
CA LEU L 744 47.16 56.89 -19.47
C LEU L 744 46.56 56.63 -20.84
N LYS L 745 46.88 57.50 -21.80
CA LYS L 745 45.85 58.20 -22.57
C LYS L 745 44.69 57.28 -22.91
N ASP L 746 44.93 56.30 -23.78
CA ASP L 746 43.98 55.22 -24.14
C ASP L 746 42.55 55.73 -24.23
N GLY L 747 42.37 56.88 -24.86
CA GLY L 747 41.42 57.90 -24.43
C GLY L 747 40.06 57.35 -24.03
N HIS L 748 39.79 57.39 -22.73
CA HIS L 748 38.56 56.82 -22.16
C HIS L 748 37.40 57.65 -22.72
N SER L 749 37.29 58.89 -22.24
CA SER L 749 36.81 60.04 -23.02
C SER L 749 37.91 61.08 -23.00
N GLY L 750 38.39 61.37 -21.78
CA GLY L 750 39.45 62.32 -21.51
C GLY L 750 38.87 63.61 -20.98
N VAL L 751 38.77 63.72 -19.66
CA VAL L 751 38.58 65.02 -18.97
C VAL L 751 39.96 65.34 -18.44
N PRO L 752 40.67 66.31 -19.04
CA PRO L 752 42.08 66.12 -19.37
C PRO L 752 42.88 65.39 -18.31
N LEU L 753 42.85 65.91 -17.10
CA LEU L 753 43.66 65.41 -16.00
C LEU L 753 42.92 65.54 -14.68
N CYS L 754 43.46 64.84 -13.69
CA CYS L 754 42.93 64.63 -12.33
C CYS L 754 41.78 63.63 -12.31
N CYS L 755 40.96 63.54 -13.37
CA CYS L 755 39.74 62.70 -13.33
C CYS L 755 40.06 61.29 -13.80
N ALA L 756 40.53 61.14 -15.04
CA ALA L 756 41.08 59.86 -15.52
C ALA L 756 42.25 59.45 -14.65
N THR L 757 43.00 60.41 -14.08
CA THR L 757 44.03 60.10 -13.06
C THR L 757 43.40 59.32 -11.90
N LEU L 758 42.31 59.84 -11.36
CA LEU L 758 41.65 59.16 -10.24
C LEU L 758 41.13 57.79 -10.67
N GLN L 759 40.51 57.70 -11.85
CA GLN L 759 39.99 56.41 -12.36
C GLN L 759 41.12 55.39 -12.42
N TRP L 760 42.17 55.71 -13.16
CA TRP L 760 43.34 54.83 -13.33
C TRP L 760 44.01 54.51 -11.98
N LEU L 761 43.92 55.40 -10.99
CA LEU L 761 44.40 55.05 -9.64
C LEU L 761 43.49 54.02 -9.00
N LEU L 762 42.20 54.09 -9.25
CA LEU L 762 41.22 53.18 -8.60
C LEU L 762 40.55 52.25 -9.59
N ALA L 763 41.22 51.88 -10.67
CA ALA L 763 40.68 50.88 -11.60
C ALA L 763 40.41 49.53 -10.88
N GLU L 764 41.06 49.30 -9.75
CA GLU L 764 40.91 48.08 -8.94
C GLU L 764 39.66 48.18 -8.07
N ASN L 765 39.58 49.22 -7.25
CA ASN L 765 38.42 49.44 -6.36
C ASN L 765 37.14 49.54 -7.19
N ALA L 766 36.20 48.61 -7.01
CA ALA L 766 35.04 48.40 -7.91
C ALA L 766 34.13 49.64 -7.95
N ALA L 767 34.22 50.52 -6.97
CA ALA L 767 33.49 51.80 -6.99
C ALA L 767 34.28 52.86 -7.74
N VAL L 768 34.72 52.56 -8.95
CA VAL L 768 35.44 53.52 -9.80
C VAL L 768 34.65 53.75 -11.07
N ASP L 769 33.91 52.74 -11.52
CA ASP L 769 32.92 52.89 -12.60
C ASP L 769 31.78 53.84 -12.17
N VAL L 770 31.64 54.05 -10.86
CA VAL L 770 30.70 55.06 -10.32
C VAL L 770 31.32 56.46 -10.43
N VAL L 771 32.60 56.60 -10.11
CA VAL L 771 33.30 57.88 -10.34
C VAL L 771 33.35 58.18 -11.84
N ARG L 772 33.34 57.14 -12.68
CA ARG L 772 33.27 57.34 -14.14
C ARG L 772 31.96 58.05 -14.51
N ALA L 773 30.84 57.61 -13.94
CA ALA L 773 29.54 58.29 -14.15
C ALA L 773 29.54 59.68 -13.51
N ARG L 774 30.25 59.86 -12.39
CA ARG L 774 30.26 61.11 -11.60
C ARG L 774 31.65 61.74 -11.56
N ALA L 775 32.28 61.91 -12.73
CA ALA L 775 33.69 62.34 -12.90
C ALA L 775 34.01 63.50 -11.97
N LEU L 776 34.96 63.25 -11.07
CA LEU L 776 35.09 64.03 -9.83
C LEU L 776 36.51 63.86 -9.34
N SER L 777 37.13 64.99 -9.00
CA SER L 777 38.56 65.10 -8.74
C SER L 777 38.89 65.10 -7.24
N SER L 778 37.94 64.74 -6.37
CA SER L 778 38.21 64.64 -4.93
C SER L 778 37.03 63.97 -4.25
N ILE L 779 37.28 62.98 -3.40
CA ILE L 779 36.22 62.38 -2.56
C ILE L 779 36.82 61.85 -1.27
N GLN L 780 35.91 61.48 -0.39
CA GLN L 780 36.24 60.89 0.91
C GLN L 780 35.73 59.46 0.92
N GLY L 781 36.66 58.51 0.83
CA GLY L 781 36.38 57.14 1.24
C GLY L 781 36.79 56.93 2.68
N VAL L 782 36.40 55.79 3.24
CA VAL L 782 36.62 55.59 4.68
C VAL L 782 37.92 54.87 4.95
N ALA L 783 37.94 53.55 4.85
CA ALA L 783 39.09 52.76 5.33
C ALA L 783 38.68 51.31 5.34
N PRO L 784 39.61 50.38 5.62
CA PRO L 784 39.24 49.10 6.21
C PRO L 784 39.15 49.17 7.72
N ASP L 785 40.03 49.95 8.35
CA ASP L 785 40.34 49.88 9.80
C ASP L 785 39.93 51.15 10.55
N GLY L 786 38.84 51.79 10.12
CA GLY L 786 38.26 52.90 10.88
C GLY L 786 38.25 54.21 10.15
N ALA L 787 39.19 55.09 10.51
CA ALA L 787 39.14 56.53 10.24
C ALA L 787 38.76 56.88 8.80
N ASN L 788 38.21 58.07 8.64
CA ASN L 788 37.83 58.60 7.33
C ASN L 788 39.04 59.33 6.73
N VAL L 789 39.12 59.28 5.40
CA VAL L 789 40.23 59.91 4.65
C VAL L 789 39.65 60.62 3.43
N HIS L 790 40.24 61.75 3.09
CA HIS L 790 39.97 62.46 1.84
C HIS L 790 41.20 62.33 0.97
N LEU L 791 40.97 62.36 -0.32
CA LEU L 791 42.06 62.63 -1.26
C LEU L 791 41.62 63.69 -2.24
N ILE L 792 42.60 64.25 -2.91
CA ILE L 792 42.38 65.30 -3.90
C ILE L 792 43.29 65.05 -5.08
N VAL L 793 42.80 65.35 -6.26
CA VAL L 793 43.62 65.42 -7.48
C VAL L 793 43.30 66.72 -8.20
N ARG L 794 44.33 67.44 -8.64
CA ARG L 794 44.22 68.88 -8.94
C ARG L 794 45.26 69.26 -9.99
N GLU L 795 45.06 70.45 -10.60
CA GLU L 795 46.02 71.06 -11.53
C GLU L 795 46.93 72.02 -10.76
N VAL L 796 48.24 71.76 -10.76
CA VAL L 796 49.23 72.57 -10.02
C VAL L 796 50.49 72.72 -10.87
N ALA L 797 50.65 73.88 -11.48
CA ALA L 797 51.87 74.23 -12.25
C ALA L 797 52.92 74.80 -11.29
N MET L 798 54.17 74.39 -11.46
CA MET L 798 55.30 74.91 -10.67
C MET L 798 56.46 75.29 -11.59
N THR L 799 56.74 76.60 -11.71
CA THR L 799 57.85 77.13 -12.54
C THR L 799 59.14 77.29 -11.74
N ASP L 800 59.07 77.26 -10.40
CA ASP L 800 60.28 77.31 -9.55
C ASP L 800 61.06 75.99 -9.54
N LEU L 801 60.66 75.02 -10.36
CA LEU L 801 61.43 73.78 -10.57
C LEU L 801 62.11 73.82 -11.94
N CYS L 802 61.49 74.50 -12.92
CA CYS L 802 61.84 74.44 -14.36
C CYS L 802 62.28 75.82 -14.86
N PRO L 803 63.08 75.88 -15.95
CA PRO L 803 63.54 77.16 -16.46
C PRO L 803 62.52 77.84 -17.37
N ALA L 804 61.78 77.04 -18.16
CA ALA L 804 60.97 77.54 -19.29
C ALA L 804 59.50 77.70 -18.89
N GLY L 805 58.85 76.61 -18.51
CA GLY L 805 57.43 76.60 -18.21
C GLY L 805 57.15 75.43 -17.31
N PRO L 806 56.14 75.53 -16.44
CA PRO L 806 56.13 74.72 -15.21
C PRO L 806 56.06 73.21 -15.49
N ILE L 807 54.88 72.61 -15.59
CA ILE L 807 54.41 71.80 -16.74
C ILE L 807 52.92 72.10 -16.98
N GLN L 808 52.25 72.67 -15.98
CA GLN L 808 50.85 72.33 -15.59
C GLN L 808 50.85 70.89 -15.09
N ALA L 809 51.65 70.62 -14.05
CA ALA L 809 51.72 69.29 -13.41
C ALA L 809 50.45 69.02 -12.60
N VAL L 810 50.11 67.75 -12.45
CA VAL L 810 48.96 67.33 -11.60
C VAL L 810 49.49 67.05 -10.20
N GLU L 811 48.73 67.50 -9.19
CA GLU L 811 49.02 67.25 -7.77
C GLU L 811 48.02 66.22 -7.24
N ILE L 812 48.47 65.43 -6.27
CA ILE L 812 47.63 64.44 -5.58
C ILE L 812 47.87 64.63 -4.09
N GLN L 813 46.79 64.65 -3.33
CA GLN L 813 46.80 64.96 -1.90
C GLN L 813 45.96 63.94 -1.19
N VAL L 814 46.29 63.69 0.08
CA VAL L 814 45.48 62.83 0.96
C VAL L 814 45.51 63.39 2.36
N GLU L 815 44.40 63.24 3.06
CA GLU L 815 44.18 63.89 4.37
C GLU L 815 43.31 63.00 5.23
N SER L 816 43.83 62.57 6.37
CA SER L 816 43.02 61.76 7.29
C SER L 816 43.50 61.99 8.70
N SER L 817 42.64 61.60 9.63
CA SER L 817 42.88 61.83 11.07
C SER L 817 44.17 61.15 11.53
N SER L 818 44.35 59.90 11.17
CA SER L 818 45.51 59.11 11.63
C SER L 818 46.63 59.17 10.61
N LEU L 819 47.81 58.73 11.03
CA LEU L 819 49.03 58.80 10.20
C LEU L 819 49.20 57.52 9.40
N ALA L 820 49.02 56.36 10.06
CA ALA L 820 49.07 55.06 9.38
C ALA L 820 48.12 55.06 8.17
N ASP L 821 46.90 55.55 8.34
CA ASP L 821 45.86 55.51 7.30
C ASP L 821 46.23 56.35 6.08
N ILE L 822 47.23 57.23 6.19
CA ILE L 822 47.80 57.95 5.03
C ILE L 822 49.02 57.19 4.50
N CYS L 823 49.82 56.59 5.41
CA CYS L 823 51.03 55.84 5.01
C CYS L 823 50.71 54.74 4.00
N ARG L 824 49.58 54.09 4.21
CA ARG L 824 49.15 52.97 3.38
C ARG L 824 48.97 53.43 1.94
N ALA L 825 48.04 54.36 1.72
CA ALA L 825 47.80 54.89 0.37
C ALA L 825 49.05 55.52 -0.23
N HIS L 826 49.91 56.11 0.60
CA HIS L 826 51.18 56.67 0.12
C HIS L 826 52.00 55.57 -0.54
N HIS L 827 52.40 54.58 0.25
CA HIS L 827 53.05 53.34 -0.22
C HIS L 827 52.37 52.83 -1.48
N ALA L 828 51.05 52.78 -1.44
CA ALA L 828 50.26 52.13 -2.49
C ALA L 828 50.40 52.87 -3.81
N VAL L 829 50.03 54.14 -3.83
CA VAL L 829 50.06 54.89 -5.10
C VAL L 829 51.50 55.06 -5.54
N VAL L 830 52.45 55.13 -4.60
CA VAL L 830 53.86 55.35 -4.98
C VAL L 830 54.38 54.13 -5.74
N GLY L 831 53.97 52.94 -5.33
CA GLY L 831 54.28 51.75 -6.13
C GLY L 831 53.72 51.86 -7.54
N ARG L 832 52.48 52.32 -7.67
CA ARG L 832 51.87 52.47 -9.01
C ARG L 832 52.59 53.52 -9.84
N MET L 833 53.09 54.57 -9.19
CA MET L 833 53.89 55.60 -9.87
C MET L 833 55.23 55.04 -10.33
N GLN L 834 55.90 54.26 -9.49
CA GLN L 834 57.10 53.52 -9.93
C GLN L 834 56.79 52.70 -11.18
N THR L 835 55.64 52.02 -11.21
CA THR L 835 55.27 51.19 -12.37
C THR L 835 55.09 52.04 -13.62
N MET L 836 54.27 53.09 -13.53
CA MET L 836 54.01 53.94 -14.71
C MET L 836 55.29 54.62 -15.18
N VAL L 837 56.16 55.07 -14.26
CA VAL L 837 57.43 55.72 -14.61
C VAL L 837 58.31 54.75 -15.37
N THR L 838 58.56 53.57 -14.82
CA THR L 838 59.41 52.56 -15.47
C THR L 838 58.75 52.03 -16.74
N GLU L 839 57.43 52.15 -16.86
CA GLU L 839 56.70 51.70 -18.07
C GLU L 839 56.92 52.68 -19.21
N GLN L 840 56.55 53.94 -19.02
CA GLN L 840 56.73 54.96 -20.06
C GLN L 840 58.22 55.25 -20.27
N ALA L 841 59.09 54.92 -19.32
CA ALA L 841 60.54 54.92 -19.56
C ALA L 841 60.84 53.96 -20.70
N THR L 842 61.73 54.39 -21.59
CA THR L 842 62.01 53.74 -22.87
C THR L 842 60.95 54.11 -23.91
N GLN L 843 60.01 54.98 -23.57
CA GLN L 843 59.13 55.59 -24.57
C GLN L 843 59.14 57.12 -24.46
N GLY L 844 59.25 57.63 -23.23
CA GLY L 844 59.09 59.06 -22.96
C GLY L 844 60.42 59.79 -22.88
N SER L 845 60.42 61.04 -23.34
CA SER L 845 61.59 61.93 -23.23
C SER L 845 61.67 62.47 -21.81
N SER L 846 62.55 63.44 -21.60
CA SER L 846 62.77 64.04 -20.28
C SER L 846 62.81 65.55 -20.42
N ALA L 847 61.91 66.25 -19.75
CA ALA L 847 61.90 67.71 -19.74
C ALA L 847 62.94 68.21 -18.75
N PRO L 848 63.74 69.24 -19.08
CA PRO L 848 64.81 69.68 -18.19
C PRO L 848 64.30 70.58 -17.06
N ASP L 849 65.16 70.83 -16.08
CA ASP L 849 64.82 71.62 -14.88
C ASP L 849 65.89 72.69 -14.59
N LEU L 850 65.68 73.48 -13.55
CA LEU L 850 66.45 74.71 -13.29
C LEU L 850 67.94 74.47 -13.12
N ARG L 851 68.32 73.45 -12.34
CA ARG L 851 69.67 73.28 -11.76
C ARG L 851 70.00 74.44 -10.81
N VAL L 852 69.03 75.25 -10.40
CA VAL L 852 69.37 76.44 -9.59
C VAL L 852 68.22 76.75 -8.63
N GLN L 853 68.62 77.08 -7.40
CA GLN L 853 67.84 77.64 -6.28
C GLN L 853 66.93 76.62 -5.62
N TYR L 854 66.21 75.82 -6.39
CA TYR L 854 65.18 74.97 -5.79
C TYR L 854 65.79 73.68 -5.32
N LEU L 855 66.60 73.08 -6.18
CA LEU L 855 67.22 71.80 -5.89
C LEU L 855 68.19 71.97 -4.72
N ARG L 856 68.74 73.18 -4.55
CA ARG L 856 69.59 73.51 -3.39
C ARG L 856 68.78 73.83 -2.14
N GLN L 857 67.62 74.48 -2.25
CA GLN L 857 66.68 74.57 -1.11
C GLN L 857 66.40 73.18 -0.56
N ILE L 858 66.01 72.27 -1.45
CA ILE L 858 65.66 70.89 -1.07
C ILE L 858 66.90 70.18 -0.50
N HIS L 859 68.07 70.42 -1.10
CA HIS L 859 69.37 69.92 -0.59
C HIS L 859 69.54 70.27 0.89
N ALA L 860 69.52 71.56 1.20
CA ALA L 860 69.81 72.04 2.56
C ALA L 860 68.76 71.53 3.54
N ASN L 861 67.47 71.65 3.20
CA ASN L 861 66.40 71.30 4.15
C ASN L 861 66.32 69.79 4.36
N HIS L 862 66.84 68.98 3.44
CA HIS L 862 66.96 67.54 3.68
C HIS L 862 68.20 67.24 4.52
N GLU L 863 69.32 67.90 4.23
CA GLU L 863 70.58 67.66 4.95
C GLU L 863 70.43 67.92 6.45
N THR L 864 69.77 69.03 6.80
CA THR L 864 69.54 69.38 8.23
C THR L 864 68.75 68.27 8.92
N LEU L 865 67.68 67.79 8.28
CA LEU L 865 66.83 66.75 8.89
C LEU L 865 67.62 65.45 9.00
N LEU L 866 68.48 65.16 8.04
CA LEU L 866 69.29 63.92 8.06
C LEU L 866 70.26 63.98 9.23
N ARG L 867 70.86 65.14 9.45
CA ARG L 867 71.75 65.34 10.62
C ARG L 867 70.97 65.15 11.92
N GLU L 868 69.77 65.71 12.00
CA GLU L 868 68.93 65.57 13.21
C GLU L 868 68.64 64.09 13.47
N VAL L 869 68.25 63.35 12.43
CA VAL L 869 67.94 61.91 12.57
C VAL L 869 69.18 61.15 13.02
N GLN L 870 70.35 61.53 12.51
CA GLN L 870 71.61 60.89 12.91
C GLN L 870 71.86 61.11 14.39
N THR L 871 71.70 62.35 14.87
CA THR L 871 71.84 62.66 16.30
C THR L 871 70.85 61.82 17.12
N LEU L 872 69.62 61.68 16.62
CA LEU L 872 68.60 60.90 17.35
C LEU L 872 69.03 59.44 17.45
N ARG L 873 69.49 58.86 16.35
CA ARG L 873 69.90 57.44 16.35
C ARG L 873 71.09 57.26 17.30
N ASP L 874 72.01 58.21 17.34
CA ASP L 874 73.14 58.15 18.29
C ASP L 874 72.62 58.14 19.73
N ARG L 875 71.72 59.07 20.05
CA ARG L 875 71.21 59.15 21.44
C ARG L 875 70.40 57.90 21.79
N LEU L 876 69.73 57.29 20.82
CA LEU L 876 69.01 56.01 21.07
C LEU L 876 70.02 54.90 21.38
N CYS L 877 71.08 54.81 20.59
CA CYS L 877 72.12 53.79 20.82
C CYS L 877 72.79 54.01 22.18
N THR L 878 72.85 55.25 22.66
CA THR L 878 73.56 55.57 23.92
C THR L 878 72.87 54.98 25.17
N GLU L 879 71.60 54.58 25.07
CA GLU L 879 70.81 54.13 26.24
C GLU L 879 70.77 55.23 27.30
N ASP L 880 70.22 56.39 26.97
CA ASP L 880 70.38 57.60 27.80
C ASP L 880 69.15 57.73 28.70
N GLU L 881 67.97 57.99 28.13
CA GLU L 881 66.80 58.38 28.95
C GLU L 881 65.59 58.56 28.06
N ALA L 882 64.40 58.54 28.67
CA ALA L 882 63.10 58.64 27.98
C ALA L 882 63.06 57.74 26.75
N SER L 883 63.48 56.49 26.94
CA SER L 883 64.16 55.65 25.95
C SER L 883 63.66 55.88 24.53
N SER L 884 62.35 55.91 24.35
CA SER L 884 61.76 56.43 23.12
C SER L 884 60.30 56.80 23.42
N CYS L 885 60.05 58.07 23.69
CA CYS L 885 58.67 58.59 23.81
C CYS L 885 58.52 59.90 23.01
N ALA L 886 59.54 60.76 23.05
CA ALA L 886 59.53 62.03 22.31
C ALA L 886 60.10 61.84 20.91
N THR L 887 61.14 61.03 20.82
CA THR L 887 61.70 60.59 19.53
C THR L 887 60.58 60.04 18.65
N ALA L 888 59.64 59.33 19.27
CA ALA L 888 58.48 58.73 18.61
C ALA L 888 57.78 59.78 17.75
N GLN L 889 57.22 60.80 18.39
CA GLN L 889 56.48 61.83 17.65
C GLN L 889 57.43 62.67 16.81
N ARG L 890 58.68 62.80 17.23
CA ARG L 890 59.63 63.64 16.50
C ARG L 890 59.86 63.11 15.09
N LEU L 891 60.15 61.82 14.97
CA LEU L 891 60.49 61.23 13.65
C LEU L 891 59.29 61.28 12.71
N LEU L 892 58.09 61.17 13.27
CA LEU L 892 56.87 61.26 12.45
C LEU L 892 56.61 62.70 12.04
N GLN L 893 56.95 63.66 12.89
CA GLN L 893 56.87 65.07 12.47
C GLN L 893 57.77 65.30 11.27
N VAL L 894 59.02 64.84 11.38
CA VAL L 894 59.97 64.86 10.25
C VAL L 894 59.33 64.20 9.04
N TYR L 895 58.69 63.06 9.28
CA TYR L 895 58.09 62.26 8.21
C TYR L 895 57.10 63.10 7.43
N ARG L 896 56.08 63.61 8.12
CA ARG L 896 55.03 64.39 7.47
C ARG L 896 55.59 65.64 6.78
N GLN L 897 56.53 66.33 7.44
CA GLN L 897 57.22 67.51 6.87
C GLN L 897 57.75 67.16 5.49
N LEU L 898 58.40 66.01 5.41
CA LEU L 898 58.96 65.55 4.14
C LEU L 898 57.84 65.13 3.18
N ARG L 899 56.82 64.46 3.71
CA ARG L 899 55.81 63.80 2.88
C ARG L 899 55.03 64.81 2.07
N HIS L 900 54.78 65.99 2.64
CA HIS L 900 53.80 66.89 2.01
C HIS L 900 54.27 67.32 0.62
N PRO L 901 55.42 68.03 0.46
CA PRO L 901 55.93 68.28 -0.90
C PRO L 901 56.94 67.21 -1.35
N SER L 902 56.53 65.94 -1.38
CA SER L 902 57.47 64.84 -1.67
C SER L 902 57.33 64.40 -3.13
N LEU L 903 58.49 64.24 -3.78
CA LEU L 903 58.66 63.45 -5.00
C LEU L 903 57.66 63.83 -6.08
N ILE L 904 57.73 65.09 -6.46
CA ILE L 904 57.03 65.55 -7.67
C ILE L 904 57.77 64.98 -8.88
N LEU L 905 57.04 64.36 -9.79
CA LEU L 905 57.62 63.52 -10.86
C LEU L 905 57.55 64.20 -12.21
N LEU L 906 58.64 64.82 -12.62
CA LEU L 906 58.66 65.68 -13.80
C LEU L 906 59.99 65.49 -14.55
N ARG M 19 -33.43 66.96 90.41
CA ARG M 19 -31.96 66.80 90.59
C ARG M 19 -31.73 66.04 91.89
N ARG M 20 -31.86 66.73 93.02
CA ARG M 20 -31.73 66.07 94.33
C ARG M 20 -32.83 65.02 94.51
N ALA M 21 -33.94 65.13 93.77
CA ALA M 21 -34.99 64.09 93.78
C ALA M 21 -34.44 62.74 93.33
N TRP M 22 -33.36 62.75 92.56
CA TRP M 22 -32.65 61.50 92.25
C TRP M 22 -32.02 60.89 93.49
N ALA M 23 -31.08 61.60 94.10
CA ALA M 23 -30.36 61.09 95.28
C ALA M 23 -31.32 60.84 96.45
N GLU M 24 -32.45 61.54 96.48
CA GLU M 24 -33.52 61.30 97.48
C GLU M 24 -33.89 59.82 97.47
N LEU M 25 -34.21 59.32 96.28
CA LEU M 25 -34.77 57.97 96.14
C LEU M 25 -33.70 56.92 96.38
N LEU M 26 -32.43 57.31 96.37
CA LEU M 26 -31.33 56.32 96.41
C LEU M 26 -30.56 56.35 97.71
N ALA M 27 -30.67 57.41 98.52
CA ALA M 27 -29.95 57.49 99.80
C ALA M 27 -30.36 56.33 100.73
N GLY M 28 -31.64 55.95 100.70
CA GLY M 28 -32.15 54.89 101.58
C GLY M 28 -31.92 53.50 101.02
N ARG M 29 -31.39 53.40 99.81
CA ARG M 29 -31.20 52.10 99.14
C ARG M 29 -29.99 51.39 99.73
N VAL M 30 -29.27 50.68 98.87
CA VAL M 30 -28.69 49.34 99.11
C VAL M 30 -28.16 49.11 100.53
N LYS M 31 -28.39 47.90 101.01
CA LYS M 31 -27.79 47.34 102.24
C LYS M 31 -26.44 46.75 101.84
N ARG M 32 -25.36 47.37 102.29
CA ARG M 32 -24.09 47.51 101.51
C ARG M 32 -23.63 46.16 100.97
N GLU M 33 -23.16 45.23 101.81
CA GLU M 33 -22.78 43.87 101.36
C GLU M 33 -23.57 42.81 102.15
N LYS M 34 -23.30 42.67 103.45
CA LYS M 34 -23.97 41.69 104.34
C LYS M 34 -23.90 40.27 103.75
N TYR M 35 -22.67 39.77 103.59
CA TYR M 35 -22.42 38.41 103.09
C TYR M 35 -22.82 37.40 104.18
N ASN M 36 -22.21 37.55 105.37
CA ASN M 36 -22.64 36.90 106.61
C ASN M 36 -22.78 35.38 106.41
N PRO M 37 -21.66 34.62 106.44
CA PRO M 37 -21.74 33.15 106.23
C PRO M 37 -22.75 32.44 107.14
N GLU M 38 -23.00 32.94 108.34
CA GLU M 38 -24.08 32.41 109.20
C GLU M 38 -25.44 32.61 108.52
N ARG M 39 -25.66 33.78 107.91
CA ARG M 39 -26.88 33.97 107.12
C ARG M 39 -26.89 33.04 105.91
N ALA M 40 -25.73 32.64 105.41
CA ALA M 40 -25.67 31.66 104.31
C ALA M 40 -26.41 30.40 104.73
N GLN M 41 -26.06 29.86 105.90
CA GLN M 41 -26.71 28.63 106.40
C GLN M 41 -28.17 28.90 106.71
N LYS M 42 -28.47 30.06 107.29
CA LYS M 42 -29.87 30.38 107.64
C LYS M 42 -30.71 30.48 106.38
N LEU M 43 -30.15 31.12 105.36
CA LEU M 43 -30.81 31.24 104.05
C LEU M 43 -31.03 29.86 103.46
N LYS M 44 -30.02 29.00 103.56
CA LYS M 44 -30.15 27.62 103.07
C LYS M 44 -31.28 26.90 103.81
N GLU M 45 -31.28 27.02 105.13
CA GLU M 45 -32.29 26.33 105.97
C GLU M 45 -33.68 26.80 105.61
N SER M 46 -33.84 28.12 105.46
CA SER M 46 -35.16 28.70 105.16
C SER M 46 -35.60 28.30 103.74
N ALA M 47 -34.66 28.26 102.80
CA ALA M 47 -34.96 27.81 101.43
C ALA M 47 -35.49 26.38 101.47
N VAL M 48 -34.73 25.51 102.11
CA VAL M 48 -35.11 24.09 102.19
C VAL M 48 -36.41 23.97 102.97
N ARG M 49 -36.64 24.87 103.92
CA ARG M 49 -37.91 24.88 104.65
C ARG M 49 -39.05 25.11 103.68
N LEU M 50 -38.92 26.11 102.81
CA LEU M 50 -39.95 26.37 101.79
C LEU M 50 -40.14 25.15 100.91
N LEU M 51 -39.05 24.57 100.44
CA LEU M 51 -39.14 23.49 99.46
C LEU M 51 -39.79 22.26 100.06
N ARG M 52 -39.34 21.87 101.25
CA ARG M 52 -39.93 20.71 101.93
C ARG M 52 -41.34 21.02 102.41
N SER M 53 -41.64 22.29 102.69
CA SER M 53 -42.99 22.71 103.06
C SER M 53 -43.93 22.52 101.87
N HIS M 54 -43.43 22.76 100.66
CA HIS M 54 -44.22 22.58 99.42
C HIS M 54 -44.16 21.13 98.92
N GLN M 55 -43.17 20.35 99.32
CA GLN M 55 -43.00 18.99 98.82
C GLN M 55 -44.18 18.11 99.26
N ASP M 56 -44.31 16.96 98.59
CA ASP M 56 -45.37 15.98 98.87
C ASP M 56 -44.85 14.60 98.46
N LEU M 57 -45.15 13.57 99.26
CA LEU M 57 -44.65 12.20 99.02
C LEU M 57 -45.66 11.33 98.29
N ASN M 58 -46.95 11.58 98.47
CA ASN M 58 -47.98 10.69 97.91
C ASN M 58 -47.93 10.70 96.38
N ALA M 59 -48.06 11.88 95.77
CA ALA M 59 -47.99 11.98 94.31
C ALA M 59 -46.58 11.63 93.81
N LEU M 60 -45.56 11.85 94.65
CA LEU M 60 -44.18 11.46 94.30
C LEU M 60 -44.11 9.96 94.04
N LEU M 61 -44.77 9.18 94.89
CA LEU M 61 -44.79 7.72 94.73
C LEU M 61 -45.69 7.27 93.56
N LEU M 62 -46.51 8.16 92.99
CA LEU M 62 -47.39 7.79 91.86
C LEU M 62 -46.64 7.76 90.53
N GLU M 63 -45.56 8.54 90.39
CA GLU M 63 -44.89 8.76 89.08
C GLU M 63 -44.01 7.57 88.69
N SER M 91 -34.24 6.79 93.09
CA SER M 91 -34.30 5.36 93.42
C SER M 91 -34.17 5.18 94.95
N SER M 92 -32.94 5.09 95.46
CA SER M 92 -32.67 5.12 96.92
C SER M 92 -32.90 6.51 97.52
N PHE M 93 -33.01 7.52 96.65
CA PHE M 93 -33.40 8.89 97.03
C PHE M 93 -34.63 8.84 97.95
N ILE M 94 -35.64 8.07 97.56
CA ILE M 94 -36.93 8.10 98.29
C ILE M 94 -36.77 7.30 99.58
N GLY M 95 -35.93 6.27 99.57
CA GLY M 95 -35.65 5.52 100.80
C GLY M 95 -35.02 6.40 101.86
N SER M 96 -34.12 7.27 101.44
CA SER M 96 -33.53 8.25 102.38
C SER M 96 -34.54 9.35 102.74
N ALA M 97 -35.36 9.79 101.77
CA ALA M 97 -36.37 10.85 102.01
C ALA M 97 -37.36 10.41 103.09
N LEU M 98 -37.81 9.17 103.01
CA LEU M 98 -38.82 8.68 103.95
C LEU M 98 -38.15 8.28 105.27
N GLN M 99 -36.86 7.96 105.26
CA GLN M 99 -36.06 7.93 106.50
C GLN M 99 -36.16 9.28 107.22
N ASP M 100 -36.02 10.37 106.46
CA ASP M 100 -36.08 11.72 107.04
C ASP M 100 -37.51 12.00 107.55
N GLN M 101 -38.52 11.63 106.76
CA GLN M 101 -39.93 11.82 107.16
C GLN M 101 -40.22 11.04 108.45
N ALA M 102 -39.66 9.84 108.57
CA ALA M 102 -39.85 9.02 109.79
C ALA M 102 -39.13 9.67 110.97
N SER M 103 -37.93 10.20 110.75
CA SER M 103 -37.22 10.92 111.81
C SER M 103 -38.02 12.14 112.28
N ARG M 104 -38.74 12.81 111.37
CA ARG M 104 -39.68 13.89 111.76
C ARG M 104 -40.79 13.32 112.65
N LEU M 105 -41.54 12.37 112.12
CA LEU M 105 -42.80 11.93 112.74
C LEU M 105 -42.56 11.07 113.99
N GLY M 106 -41.30 10.71 114.28
CA GLY M 106 -41.01 9.92 115.47
C GLY M 106 -41.55 8.49 115.36
N VAL M 107 -41.51 7.92 114.16
CA VAL M 107 -42.09 6.58 113.86
C VAL M 107 -40.96 5.72 113.30
N PRO M 108 -40.95 4.40 113.51
CA PRO M 108 -40.02 3.56 112.74
C PRO M 108 -40.43 3.54 111.27
N VAL M 109 -39.41 3.45 110.42
CA VAL M 109 -39.53 3.67 108.97
C VAL M 109 -40.59 2.74 108.37
N GLY M 110 -40.61 1.50 108.84
CA GLY M 110 -41.41 0.47 108.22
C GLY M 110 -42.89 0.79 108.26
N ILE M 111 -43.34 1.39 109.36
CA ILE M 111 -44.77 1.72 109.55
C ILE M 111 -45.22 2.64 108.44
N LEU M 112 -44.58 3.79 108.36
CA LEU M 112 -44.96 4.81 107.37
C LEU M 112 -44.76 4.28 105.97
N SER M 113 -43.72 3.47 105.77
CA SER M 113 -43.43 2.88 104.46
C SER M 113 -44.63 2.07 103.99
N ALA M 114 -45.04 1.13 104.83
CA ALA M 114 -46.14 0.23 104.49
C ALA M 114 -47.44 1.03 104.34
N GLY M 115 -47.65 2.02 105.19
CA GLY M 115 -48.88 2.81 105.12
C GLY M 115 -48.97 3.57 103.82
N MET M 116 -47.86 4.19 103.44
CA MET M 116 -47.79 4.93 102.17
C MET M 116 -47.98 3.97 101.01
N VAL M 117 -47.38 2.79 101.11
CA VAL M 117 -47.49 1.77 100.06
C VAL M 117 -48.95 1.42 99.87
N ALA M 118 -49.62 1.12 100.97
CA ALA M 118 -51.03 0.69 100.95
C ALA M 118 -51.90 1.77 100.33
N SER M 119 -51.66 3.01 100.73
CA SER M 119 -52.42 4.15 100.20
C SER M 119 -52.25 4.22 98.68
N SER M 120 -51.01 4.09 98.21
CA SER M 120 -50.72 4.13 96.76
C SER M 120 -51.44 2.99 96.05
N VAL M 121 -51.43 1.83 96.67
CA VAL M 121 -52.02 0.66 96.02
C VAL M 121 -53.51 0.89 95.84
N GLY M 122 -54.16 1.39 96.89
CA GLY M 122 -55.59 1.68 96.84
C GLY M 122 -55.87 2.72 95.78
N GLN M 123 -55.00 3.72 95.73
CA GLN M 123 -55.12 4.83 94.76
C GLN M 123 -55.09 4.28 93.33
N ILE M 124 -54.25 3.28 93.09
CA ILE M 124 -53.93 2.78 91.73
C ILE M 124 -55.21 2.38 90.99
N CYS M 125 -56.18 1.86 91.72
CA CYS M 125 -57.45 1.44 91.13
C CYS M 125 -58.63 2.24 91.70
N VAL M 139 -52.57 -2.59 83.52
CA VAL M 139 -51.69 -2.44 82.34
C VAL M 139 -50.60 -1.38 82.64
N GLU M 140 -50.93 -0.12 82.44
CA GLU M 140 -50.11 0.96 83.02
C GLU M 140 -50.12 0.80 84.54
N GLN M 141 -51.27 0.43 85.08
CA GLN M 141 -51.39 0.03 86.50
C GLN M 141 -50.32 -1.03 86.75
N ARG M 142 -50.27 -2.03 85.87
CA ARG M 142 -49.36 -3.18 85.99
C ARG M 142 -47.91 -2.73 86.12
N LYS M 143 -47.53 -1.80 85.26
CA LYS M 143 -46.13 -1.37 85.22
C LYS M 143 -45.84 -0.54 86.47
N LYS M 144 -46.74 0.38 86.82
CA LYS M 144 -46.56 1.21 88.03
C LYS M 144 -46.45 0.30 89.25
N LEU M 145 -47.21 -0.77 89.23
CA LEU M 145 -47.19 -1.72 90.35
C LEU M 145 -45.88 -2.48 90.36
N SER M 146 -45.40 -2.85 89.18
CA SER M 146 -44.08 -3.49 89.04
C SER M 146 -43.02 -2.59 89.69
N SER M 147 -43.13 -1.30 89.41
CA SER M 147 -42.19 -0.30 89.92
C SER M 147 -42.26 -0.22 91.44
N LEU M 148 -43.45 0.01 91.95
CA LEU M 148 -43.70 0.10 93.40
C LEU M 148 -43.21 -1.18 94.07
N LEU M 149 -43.40 -2.29 93.38
CA LEU M 149 -43.07 -3.61 93.93
C LEU M 149 -41.56 -3.76 94.04
N GLU M 150 -40.84 -3.35 93.03
CA GLU M 150 -39.38 -3.39 93.08
C GLU M 150 -38.89 -2.44 94.17
N PHE M 151 -39.56 -1.31 94.33
CA PHE M 151 -39.18 -0.37 95.39
C PHE M 151 -39.40 -1.02 96.75
N ALA M 152 -40.50 -1.74 96.89
CA ALA M 152 -40.79 -2.45 98.14
C ALA M 152 -39.75 -3.55 98.37
N GLN M 153 -39.31 -4.20 97.30
CA GLN M 153 -38.21 -5.18 97.39
C GLN M 153 -36.96 -4.51 97.95
N TYR M 154 -36.67 -3.32 97.46
CA TYR M 154 -35.52 -2.56 97.95
C TYR M 154 -35.72 -2.22 99.43
N LEU M 155 -36.95 -1.86 99.80
CA LEU M 155 -37.25 -1.50 101.19
C LEU M 155 -36.99 -2.70 102.11
N LEU M 156 -37.51 -3.85 101.72
CA LEU M 156 -37.32 -5.05 102.53
C LEU M 156 -35.85 -5.48 102.51
N ALA M 157 -35.15 -5.20 101.41
CA ALA M 157 -33.71 -5.48 101.33
C ALA M 157 -32.96 -4.67 102.39
N HIS M 158 -33.28 -3.39 102.50
CA HIS M 158 -32.69 -2.52 103.52
C HIS M 158 -33.36 -2.68 104.88
N SER M 159 -34.35 -3.56 105.02
CA SER M 159 -35.01 -3.84 106.31
C SER M 159 -35.78 -2.60 106.78
N MET M 160 -36.61 -2.05 105.89
CA MET M 160 -37.29 -0.76 106.12
C MET M 160 -38.80 -0.93 105.95
N PHE M 161 -39.34 -2.03 106.48
CA PHE M 161 -40.73 -2.39 106.22
C PHE M 161 -41.31 -3.25 107.34
N SER M 162 -42.53 -2.91 107.76
CA SER M 162 -43.34 -3.72 108.69
C SER M 162 -44.44 -4.40 107.90
N ARG M 163 -44.19 -5.65 107.49
CA ARG M 163 -45.20 -6.43 106.74
C ARG M 163 -46.45 -6.63 107.59
N LEU M 164 -46.30 -6.65 108.91
CA LEU M 164 -47.45 -6.80 109.81
C LEU M 164 -48.41 -5.62 109.64
N SER M 165 -47.91 -4.42 109.85
CA SER M 165 -48.72 -3.21 109.67
C SER M 165 -49.20 -3.11 108.22
N PHE M 166 -48.41 -3.64 107.29
CA PHE M 166 -48.77 -3.60 105.87
C PHE M 166 -50.06 -4.38 105.65
N CYS M 167 -50.05 -5.63 106.06
CA CYS M 167 -51.25 -6.49 105.97
C CYS M 167 -52.39 -5.84 106.73
N GLN M 168 -52.08 -5.24 107.89
CA GLN M 168 -53.10 -4.58 108.71
C GLN M 168 -53.82 -3.50 107.89
N GLU M 169 -53.06 -2.59 107.31
CA GLU M 169 -53.66 -1.46 106.59
C GLU M 169 -54.31 -1.93 105.30
N LEU M 170 -53.76 -2.96 104.66
CA LEU M 170 -54.42 -3.56 103.49
C LEU M 170 -55.81 -4.04 103.88
N TRP M 171 -55.90 -4.73 105.01
CA TRP M 171 -57.21 -5.21 105.51
C TRP M 171 -58.07 -4.03 105.95
N LYS M 172 -57.47 -2.92 106.34
CA LYS M 172 -58.25 -1.71 106.65
C LYS M 172 -58.85 -1.14 105.37
N ILE M 173 -58.20 -1.35 104.23
CA ILE M 173 -58.79 -0.95 102.95
C ILE M 173 -59.89 -1.92 102.58
N GLN M 174 -59.52 -3.15 102.25
CA GLN M 174 -60.46 -4.25 102.01
C GLN M 174 -61.38 -4.03 100.79
N SER M 175 -61.36 -2.86 100.17
CA SER M 175 -62.54 -2.39 99.42
C SER M 175 -62.23 -2.22 97.94
N SER M 176 -61.23 -1.40 97.67
CA SER M 176 -60.79 -1.14 96.30
C SER M 176 -60.04 -2.36 95.76
N LEU M 177 -59.49 -3.17 96.67
CA LEU M 177 -58.45 -4.16 96.37
C LEU M 177 -58.92 -5.12 95.28
N LEU M 178 -58.22 -5.13 94.15
CA LEU M 178 -58.34 -6.21 93.15
C LEU M 178 -57.27 -7.27 93.44
N LEU M 179 -57.41 -8.38 92.72
CA LEU M 179 -56.80 -9.65 93.12
C LEU M 179 -55.44 -9.86 92.46
N GLU M 180 -55.29 -9.34 91.25
CA GLU M 180 -54.01 -9.46 90.53
C GLU M 180 -52.88 -8.89 91.38
N ALA M 181 -53.16 -7.83 92.11
CA ALA M 181 -52.15 -7.14 92.91
C ALA M 181 -51.63 -8.04 94.02
N VAL M 182 -52.55 -8.58 94.80
CA VAL M 182 -52.15 -9.46 95.90
C VAL M 182 -51.48 -10.70 95.35
N TRP M 183 -51.89 -11.14 94.17
CA TRP M 183 -51.16 -12.25 93.53
C TRP M 183 -49.72 -11.85 93.27
N HIS M 184 -49.50 -10.61 92.85
CA HIS M 184 -48.13 -10.15 92.57
C HIS M 184 -47.33 -10.05 93.86
N LEU M 185 -47.98 -9.65 94.95
CA LEU M 185 -47.34 -9.69 96.27
C LEU M 185 -46.85 -11.09 96.56
N HIS M 186 -47.73 -12.06 96.36
CA HIS M 186 -47.42 -13.46 96.67
C HIS M 186 -46.30 -13.95 95.75
N VAL M 187 -46.43 -13.66 94.45
CA VAL M 187 -45.53 -14.25 93.45
C VAL M 187 -44.14 -13.63 93.58
N GLN M 188 -44.04 -12.40 94.08
CA GLN M 188 -42.75 -11.74 94.29
C GLN M 188 -42.39 -11.67 95.77
N GLY M 189 -43.09 -12.41 96.62
CA GLY M 189 -42.59 -12.71 97.96
C GLY M 189 -42.52 -11.52 98.89
N ILE M 190 -43.28 -10.48 98.59
CA ILE M 190 -43.42 -9.37 99.56
C ILE M 190 -44.18 -9.89 100.75
N VAL M 191 -45.36 -10.44 100.50
CA VAL M 191 -46.23 -11.00 101.55
C VAL M 191 -46.67 -12.39 101.11
N SER M 192 -46.65 -13.32 102.05
CA SER M 192 -47.22 -14.66 101.83
C SER M 192 -48.74 -14.54 101.91
N LEU M 193 -49.43 -15.14 100.96
CA LEU M 193 -50.89 -15.23 100.93
C LEU M 193 -51.38 -15.76 102.28
N GLN M 194 -50.66 -16.74 102.80
CA GLN M 194 -50.95 -17.33 104.12
C GLN M 194 -50.97 -16.23 105.19
N GLU M 195 -49.86 -15.53 105.36
CA GLU M 195 -49.75 -14.54 106.44
C GLU M 195 -50.75 -13.41 106.24
N LEU M 196 -51.04 -13.07 104.99
CA LEU M 196 -52.04 -12.04 104.67
C LEU M 196 -53.38 -12.47 105.24
N LEU M 197 -53.83 -13.65 104.86
CA LEU M 197 -55.15 -14.15 105.30
C LEU M 197 -55.15 -14.43 106.80
N GLU M 198 -53.97 -14.63 107.40
CA GLU M 198 -53.82 -14.99 108.83
C GLU M 198 -53.67 -13.73 109.72
N SER M 199 -54.24 -12.60 109.30
CA SER M 199 -54.14 -11.34 110.07
C SER M 199 -55.44 -10.57 110.14
N HIS M 200 -56.43 -10.89 109.31
CA HIS M 200 -57.68 -10.12 109.29
C HIS M 200 -58.52 -10.50 110.50
N PRO M 201 -59.22 -9.53 111.14
CA PRO M 201 -60.13 -9.89 112.23
C PRO M 201 -61.25 -10.86 111.84
N ASP M 202 -62.10 -10.43 110.91
CA ASP M 202 -63.28 -11.21 110.51
C ASP M 202 -62.91 -12.22 109.43
N MET M 203 -62.64 -13.44 109.86
CA MET M 203 -62.33 -14.56 108.94
C MET M 203 -63.48 -14.76 107.97
N HIS M 204 -64.71 -14.64 108.47
CA HIS M 204 -65.91 -14.81 107.63
C HIS M 204 -65.91 -13.76 106.52
N ALA M 205 -65.61 -12.52 106.86
CA ALA M 205 -65.59 -11.42 105.87
C ALA M 205 -64.52 -11.71 104.82
N VAL M 206 -63.37 -12.22 105.25
CA VAL M 206 -62.29 -12.59 104.32
C VAL M 206 -62.84 -13.62 103.33
N GLY M 207 -63.44 -14.67 103.87
CA GLY M 207 -63.94 -15.76 103.05
C GLY M 207 -64.95 -15.27 102.06
N SER M 208 -65.84 -14.40 102.53
CA SER M 208 -66.92 -13.88 101.68
C SER M 208 -66.33 -13.06 100.54
N TRP M 209 -65.38 -12.18 100.85
CA TRP M 209 -64.76 -11.34 99.82
C TRP M 209 -64.04 -12.21 98.79
N LEU M 210 -63.38 -13.26 99.26
CA LEU M 210 -62.73 -14.22 98.35
C LEU M 210 -63.76 -14.85 97.45
N PHE M 211 -64.88 -15.25 98.02
CA PHE M 211 -65.97 -15.87 97.25
C PHE M 211 -66.36 -14.95 96.11
N ARG M 212 -66.53 -13.66 96.42
CA ARG M 212 -66.95 -12.69 95.39
C ARG M 212 -65.89 -12.61 94.30
N ASN M 213 -64.64 -12.41 94.72
CA ASN M 213 -63.55 -12.23 93.77
C ASN M 213 -63.40 -13.45 92.87
N LEU M 214 -63.62 -14.63 93.42
CA LEU M 214 -63.35 -15.87 92.67
C LEU M 214 -64.52 -16.21 91.76
N CYS M 215 -65.73 -15.88 92.18
CA CYS M 215 -66.89 -16.00 91.27
C CYS M 215 -66.72 -15.06 90.09
N CYS M 216 -66.16 -13.87 90.33
CA CYS M 216 -65.83 -12.93 89.24
C CYS M 216 -64.70 -13.54 88.39
N LEU M 217 -63.79 -14.29 89.03
CA LEU M 217 -62.52 -14.65 88.40
C LEU M 217 -62.73 -15.55 87.20
N CYS M 218 -63.49 -16.60 87.37
CA CYS M 218 -63.61 -17.59 86.30
C CYS M 218 -64.39 -17.03 85.13
N GLU M 219 -65.23 -16.05 85.37
CA GLU M 219 -65.88 -15.33 84.27
C GLU M 219 -64.85 -14.44 83.57
N GLN M 220 -63.98 -13.77 84.35
CA GLN M 220 -62.85 -13.01 83.76
C GLN M 220 -62.00 -13.96 82.91
N MET M 221 -61.88 -15.23 83.33
CA MET M 221 -61.00 -16.21 82.67
C MET M 221 -61.49 -16.58 81.26
N GLU M 222 -62.79 -16.46 81.00
CA GLU M 222 -63.37 -16.90 79.71
C GLU M 222 -63.90 -15.70 78.92
N ALA M 223 -63.22 -14.56 79.02
CA ALA M 223 -63.42 -13.40 78.13
C ALA M 223 -62.36 -13.43 77.02
N SER M 224 -61.09 -13.46 77.40
CA SER M 224 -59.96 -13.64 76.47
C SER M 224 -59.19 -14.89 76.92
N CYS M 225 -58.22 -15.29 76.11
CA CYS M 225 -57.31 -16.42 76.43
C CYS M 225 -55.99 -15.92 77.06
N GLN M 226 -55.60 -14.66 76.82
CA GLN M 226 -54.33 -14.14 77.36
C GLN M 226 -54.43 -13.91 78.86
N HIS M 227 -55.42 -13.12 79.26
CA HIS M 227 -55.71 -12.89 80.69
C HIS M 227 -55.94 -14.23 81.40
N ALA M 228 -56.58 -15.17 80.71
CA ALA M 228 -56.86 -16.51 81.24
C ALA M 228 -55.56 -17.19 81.69
N ASP M 229 -54.46 -16.92 80.99
CA ASP M 229 -53.16 -17.55 81.31
C ASP M 229 -52.71 -17.18 82.71
N VAL M 230 -52.63 -15.89 82.95
CA VAL M 230 -52.11 -15.40 84.24
C VAL M 230 -53.12 -15.71 85.33
N ALA M 231 -54.41 -15.61 85.01
CA ALA M 231 -55.49 -15.96 85.95
C ALA M 231 -55.31 -17.41 86.40
N ARG M 232 -55.05 -18.29 85.45
CA ARG M 232 -54.87 -19.71 85.72
C ARG M 232 -53.68 -19.90 86.62
N ALA M 233 -52.61 -19.17 86.34
CA ALA M 233 -51.37 -19.26 87.13
C ALA M 233 -51.68 -18.94 88.58
N MET M 234 -52.18 -17.74 88.83
CA MET M 234 -52.49 -17.30 90.19
C MET M 234 -53.52 -18.23 90.83
N LEU M 235 -54.45 -18.73 90.03
CA LEU M 235 -55.54 -19.54 90.58
C LEU M 235 -55.00 -20.85 91.11
N SER M 236 -54.30 -21.58 90.26
CA SER M 236 -53.66 -22.83 90.67
C SER M 236 -52.72 -22.56 91.85
N ASP M 237 -52.04 -21.43 91.86
CA ASP M 237 -51.09 -21.10 92.94
C ASP M 237 -51.83 -20.98 94.27
N PHE M 238 -52.88 -20.16 94.28
CA PHE M 238 -53.77 -19.99 95.45
C PHE M 238 -54.23 -21.35 95.94
N VAL M 239 -54.82 -22.13 95.03
CA VAL M 239 -55.46 -23.42 95.37
C VAL M 239 -54.42 -24.36 95.96
N GLN M 240 -53.22 -24.37 95.40
CA GLN M 240 -52.13 -25.23 95.90
C GLN M 240 -51.76 -24.83 97.33
N MET M 241 -51.64 -23.54 97.58
CA MET M 241 -51.35 -23.05 98.94
C MET M 241 -52.45 -23.49 99.90
N PHE M 242 -53.70 -23.38 99.48
CA PHE M 242 -54.84 -23.69 100.35
C PHE M 242 -54.80 -25.16 100.75
N VAL M 243 -54.72 -26.04 99.77
CA VAL M 243 -54.70 -27.48 100.04
C VAL M 243 -53.46 -27.82 100.87
N LEU M 244 -52.36 -27.11 100.65
CA LEU M 244 -51.15 -27.35 101.45
C LEU M 244 -51.40 -27.02 102.92
N ARG M 245 -52.08 -25.91 103.18
CA ARG M 245 -52.52 -25.60 104.56
C ARG M 245 -53.41 -26.73 105.07
N GLY M 246 -54.23 -27.30 104.19
CA GLY M 246 -55.09 -28.46 104.52
C GLY M 246 -54.30 -29.69 104.98
N VAL M 265 -61.48 -22.45 107.94
CA VAL M 265 -61.09 -21.21 107.22
C VAL M 265 -60.77 -21.56 105.77
N THR M 266 -59.56 -22.08 105.56
CA THR M 266 -59.09 -22.52 104.25
C THR M 266 -60.09 -23.50 103.66
N VAL M 267 -60.59 -24.42 104.48
CA VAL M 267 -61.58 -25.41 104.02
C VAL M 267 -62.95 -24.77 103.96
N ASP M 268 -63.20 -23.75 104.79
CA ASP M 268 -64.47 -23.03 104.74
C ASP M 268 -64.69 -22.50 103.33
N VAL M 269 -63.64 -21.91 102.77
CA VAL M 269 -63.75 -21.32 101.43
C VAL M 269 -64.03 -22.41 100.42
N LEU M 270 -63.34 -23.51 100.56
CA LEU M 270 -63.44 -24.57 99.56
C LEU M 270 -64.81 -25.20 99.62
N GLN M 271 -65.31 -25.45 100.83
CA GLN M 271 -66.69 -25.95 101.00
C GLN M 271 -67.67 -24.96 100.44
N ARG M 272 -67.34 -23.67 100.53
CA ARG M 272 -68.20 -22.62 99.96
C ARG M 272 -68.30 -22.83 98.46
N MET M 273 -67.16 -23.01 97.82
CA MET M 273 -67.13 -23.24 96.37
C MET M 273 -67.88 -24.52 96.04
N LEU M 274 -67.68 -25.55 96.84
CA LEU M 274 -68.31 -26.86 96.61
C LEU M 274 -69.81 -26.72 96.65
N ILE M 275 -70.29 -26.01 97.66
CA ILE M 275 -71.74 -25.90 97.91
C ILE M 275 -72.36 -25.07 96.80
N PHE M 276 -71.68 -24.01 96.39
CA PHE M 276 -72.13 -23.21 95.26
C PHE M 276 -72.30 -24.11 94.04
N ALA M 277 -71.27 -24.88 93.73
CA ALA M 277 -71.29 -25.71 92.53
C ALA M 277 -72.38 -26.76 92.61
N LEU M 278 -72.48 -27.41 93.76
CA LEU M 278 -73.45 -28.49 93.93
C LEU M 278 -74.86 -27.94 93.80
N ASP M 279 -75.16 -26.87 94.51
CA ASP M 279 -76.50 -26.28 94.49
C ASP M 279 -76.81 -25.73 93.09
N ALA M 280 -75.80 -25.31 92.34
CA ALA M 280 -76.03 -24.81 90.98
C ALA M 280 -76.61 -25.90 90.10
N LEU M 281 -76.01 -27.08 90.12
CA LEU M 281 -76.50 -28.20 89.32
C LEU M 281 -77.80 -28.74 89.89
N ALA M 282 -77.88 -28.80 91.22
CA ALA M 282 -79.10 -29.27 91.88
C ALA M 282 -80.26 -28.32 91.62
N ALA M 283 -79.97 -27.08 91.22
CA ALA M 283 -81.00 -26.12 90.78
C ALA M 283 -81.36 -26.37 89.32
N GLY M 284 -80.74 -27.38 88.70
CA GLY M 284 -81.26 -27.96 87.46
C GLY M 284 -80.84 -27.21 86.21
N VAL M 285 -80.52 -25.92 86.32
CA VAL M 285 -80.28 -25.10 85.12
C VAL M 285 -78.84 -25.33 84.65
N GLN M 286 -78.72 -25.65 83.37
CA GLN M 286 -77.40 -25.70 82.71
C GLN M 286 -77.46 -25.06 81.32
N GLU M 287 -78.54 -24.35 80.96
CA GLU M 287 -78.62 -23.62 79.68
C GLU M 287 -77.85 -22.33 79.86
N GLU M 288 -76.56 -22.46 80.14
CA GLU M 288 -75.80 -21.46 80.91
C GLU M 288 -74.45 -21.21 80.26
N SER M 289 -73.97 -19.99 80.46
CA SER M 289 -72.68 -19.53 79.97
C SER M 289 -71.81 -19.14 81.15
N SER M 290 -72.39 -18.44 82.13
CA SER M 290 -71.61 -17.80 83.21
C SER M 290 -71.23 -18.83 84.27
N THR M 291 -72.22 -19.32 85.01
CA THR M 291 -71.93 -20.23 86.12
C THR M 291 -71.53 -21.59 85.58
N HIS M 292 -72.05 -21.93 84.40
CA HIS M 292 -71.54 -23.04 83.60
C HIS M 292 -70.02 -23.00 83.55
N LYS M 293 -69.49 -21.91 83.01
CA LYS M 293 -68.04 -21.81 82.80
C LYS M 293 -67.30 -21.66 84.13
N ILE M 294 -67.93 -21.04 85.13
CA ILE M 294 -67.30 -20.90 86.45
C ILE M 294 -67.03 -22.27 87.03
N VAL M 295 -68.06 -23.09 87.08
CA VAL M 295 -67.93 -24.43 87.67
C VAL M 295 -66.98 -25.26 86.81
N ARG M 296 -67.06 -25.09 85.49
CA ARG M 296 -66.11 -25.74 84.56
C ARG M 296 -64.68 -25.48 84.99
N CYS M 297 -64.35 -24.21 85.18
CA CYS M 297 -62.96 -23.82 85.51
C CYS M 297 -62.58 -24.32 86.88
N TRP M 298 -63.49 -24.27 87.84
CA TRP M 298 -63.13 -24.68 89.19
C TRP M 298 -62.98 -26.20 89.29
N PHE M 299 -63.63 -26.93 88.40
CA PHE M 299 -63.36 -28.37 88.27
C PHE M 299 -62.12 -28.61 87.43
N GLY M 300 -61.82 -27.70 86.50
CA GLY M 300 -60.62 -27.83 85.71
C GLY M 300 -59.39 -27.82 86.61
N VAL M 301 -59.38 -26.94 87.60
CA VAL M 301 -58.28 -26.96 88.60
C VAL M 301 -58.37 -28.25 89.40
N PHE M 302 -59.59 -28.68 89.69
CA PHE M 302 -59.79 -29.90 90.48
C PHE M 302 -59.12 -31.09 89.81
N SER M 303 -59.10 -31.10 88.49
CA SER M 303 -58.31 -32.07 87.70
C SER M 303 -56.85 -31.86 88.11
N GLY M 304 -56.24 -32.86 88.73
CA GLY M 304 -54.96 -32.68 89.43
C GLY M 304 -53.73 -32.79 88.53
N HIS M 305 -53.80 -32.24 87.31
CA HIS M 305 -52.60 -32.12 86.46
C HIS M 305 -51.76 -30.96 86.96
N THR M 306 -52.41 -29.81 87.19
CA THR M 306 -51.75 -28.64 87.76
C THR M 306 -51.47 -28.86 89.25
N LEU M 307 -52.31 -29.63 89.94
CA LEU M 307 -52.26 -29.72 91.42
C LEU M 307 -51.55 -31.01 91.86
N GLY M 308 -52.10 -32.16 91.52
CA GLY M 308 -51.54 -33.45 91.94
C GLY M 308 -50.14 -33.70 91.44
N SER M 309 -49.78 -33.08 90.31
CA SER M 309 -48.38 -33.05 89.85
C SER M 309 -47.51 -32.27 90.84
N VAL M 310 -48.08 -31.28 91.51
CA VAL M 310 -47.30 -30.33 92.33
C VAL M 310 -47.22 -30.83 93.78
N ILE M 311 -48.38 -31.00 94.40
CA ILE M 311 -48.48 -31.11 95.88
C ILE M 311 -48.18 -32.56 96.28
N SER M 312 -47.56 -32.71 97.45
CA SER M 312 -47.42 -34.02 98.09
C SER M 312 -48.79 -34.66 98.27
N THR M 313 -48.85 -35.98 98.23
CA THR M 313 -50.13 -36.72 98.24
C THR M 313 -50.58 -36.97 99.67
N ASP M 314 -49.92 -36.36 100.66
CA ASP M 314 -50.21 -36.73 102.05
C ASP M 314 -51.54 -36.11 102.49
N PRO M 315 -51.70 -34.77 102.52
CA PRO M 315 -52.99 -34.20 102.86
C PRO M 315 -53.91 -34.07 101.65
N LEU M 316 -53.38 -34.26 100.44
CA LEU M 316 -54.19 -34.23 99.21
C LEU M 316 -55.35 -35.21 99.28
N LYS M 317 -55.06 -36.45 99.64
CA LYS M 317 -56.11 -37.49 99.62
C LYS M 317 -57.04 -37.29 100.80
N ARG M 318 -56.51 -36.82 101.92
CA ARG M 318 -57.35 -36.40 103.06
C ARG M 318 -58.37 -35.39 102.55
N PHE M 319 -57.88 -34.39 101.82
CA PHE M 319 -58.73 -33.30 101.32
C PHE M 319 -59.75 -33.87 100.34
N PHE M 320 -59.32 -34.76 99.45
CA PHE M 320 -60.24 -35.28 98.42
C PHE M 320 -61.31 -36.18 99.05
N SER M 321 -60.91 -36.96 100.03
CA SER M 321 -61.88 -37.80 100.76
C SER M 321 -62.86 -36.91 101.51
N HIS M 322 -62.35 -35.86 102.15
CA HIS M 322 -63.17 -34.84 102.81
C HIS M 322 -64.17 -34.28 101.82
N THR M 323 -63.71 -34.04 100.59
CA THR M 323 -64.54 -33.44 99.56
C THR M 323 -65.69 -34.35 99.20
N LEU M 324 -65.38 -35.59 98.86
CA LEU M 324 -66.44 -36.55 98.49
C LEU M 324 -67.44 -36.72 99.62
N THR M 325 -66.94 -36.78 100.84
CA THR M 325 -67.79 -36.92 102.02
C THR M 325 -68.74 -35.73 102.09
N GLN M 326 -68.21 -34.52 101.96
CA GLN M 326 -69.03 -33.30 101.98
C GLN M 326 -70.04 -33.34 100.85
N ILE M 327 -69.65 -33.89 99.70
CA ILE M 327 -70.53 -33.94 98.52
C ILE M 327 -71.76 -34.76 98.85
N LEU M 328 -71.53 -35.99 99.30
CA LEU M 328 -72.66 -36.91 99.55
C LEU M 328 -73.42 -36.51 100.82
N THR M 329 -72.74 -35.88 101.76
CA THR M 329 -73.33 -35.58 103.08
C THR M 329 -74.19 -34.32 102.99
N HIS M 330 -73.64 -33.26 102.40
CA HIS M 330 -74.27 -31.95 102.41
C HIS M 330 -75.64 -32.02 101.74
N SER M 331 -76.62 -31.34 102.32
CA SER M 331 -77.99 -31.23 101.80
C SER M 331 -78.56 -32.61 101.51
N PRO M 332 -78.64 -33.53 102.51
CA PRO M 332 -79.21 -34.85 102.26
C PRO M 332 -80.72 -34.71 102.08
N VAL M 333 -81.08 -34.30 100.87
CA VAL M 333 -82.48 -34.11 100.46
C VAL M 333 -82.79 -35.21 99.44
N LEU M 334 -84.08 -35.44 99.16
CA LEU M 334 -84.55 -36.63 98.43
C LEU M 334 -84.10 -37.87 99.19
N LYS M 335 -84.12 -37.79 100.52
CA LYS M 335 -83.82 -38.94 101.38
C LYS M 335 -84.95 -39.98 101.34
N ALA M 336 -86.03 -39.70 100.59
CA ALA M 336 -87.02 -40.72 100.26
C ALA M 336 -86.34 -41.96 99.75
N SER M 337 -86.49 -43.06 100.49
CA SER M 337 -86.14 -44.38 99.94
C SER M 337 -86.96 -44.67 98.70
N ASP M 338 -88.13 -44.06 98.57
CA ASP M 338 -88.90 -44.10 97.33
C ASP M 338 -88.18 -43.29 96.26
N ALA M 339 -87.09 -43.84 95.78
CA ALA M 339 -86.24 -43.18 94.78
C ALA M 339 -86.00 -44.17 93.65
N VAL M 340 -87.05 -44.89 93.27
CA VAL M 340 -86.93 -46.08 92.40
C VAL M 340 -87.12 -45.69 90.94
N GLN M 341 -88.11 -44.85 90.62
CA GLN M 341 -88.19 -44.21 89.29
C GLN M 341 -87.09 -43.18 89.18
N MET M 342 -86.67 -42.63 90.32
CA MET M 342 -85.58 -41.64 90.37
C MET M 342 -84.25 -42.27 89.92
N GLN M 343 -84.09 -43.60 90.01
CA GLN M 343 -82.88 -44.26 89.48
C GLN M 343 -82.83 -44.12 87.98
N ARG M 344 -83.96 -44.37 87.32
CA ARG M 344 -84.06 -44.28 85.86
C ARG M 344 -83.69 -42.87 85.38
N GLU M 345 -83.91 -41.85 86.21
CA GLU M 345 -83.55 -40.46 85.88
C GLU M 345 -82.14 -40.08 86.36
N TRP M 346 -81.63 -40.74 87.41
CA TRP M 346 -80.25 -40.56 87.88
C TRP M 346 -79.28 -41.47 87.13
N SER M 347 -79.74 -42.09 86.04
CA SER M 347 -78.87 -42.89 85.16
C SER M 347 -77.60 -42.12 84.79
N PHE M 348 -76.54 -42.85 84.48
CA PHE M 348 -75.24 -42.24 84.20
C PHE M 348 -75.32 -41.26 83.04
N ALA M 349 -76.10 -41.54 82.00
CA ALA M 349 -76.24 -40.62 80.87
C ALA M 349 -77.05 -39.38 81.24
N ARG M 350 -78.12 -39.56 81.99
CA ARG M 350 -78.97 -38.43 82.44
C ARG M 350 -78.23 -37.57 83.48
N THR M 351 -77.27 -38.17 84.18
CA THR M 351 -76.32 -37.41 85.01
C THR M 351 -75.53 -36.47 84.11
N HIS M 352 -75.30 -35.26 84.59
CA HIS M 352 -74.65 -34.23 83.78
C HIS M 352 -73.19 -34.59 83.60
N PRO M 353 -72.60 -34.13 82.49
CA PRO M 353 -71.21 -34.52 82.20
C PRO M 353 -70.22 -33.97 83.22
N LEU M 354 -70.64 -32.98 83.98
CA LEU M 354 -69.70 -32.29 84.86
C LEU M 354 -69.35 -33.18 86.02
N LEU M 355 -70.38 -33.71 86.67
CA LEU M 355 -70.19 -34.69 87.75
C LEU M 355 -69.42 -35.89 87.22
N THR M 356 -69.69 -36.26 85.99
CA THR M 356 -69.05 -37.43 85.40
C THR M 356 -67.55 -37.20 85.32
N SER M 357 -67.16 -36.10 84.70
CA SER M 357 -65.74 -35.78 84.54
C SER M 357 -65.08 -35.66 85.92
N LEU M 358 -65.80 -35.06 86.86
CA LEU M 358 -65.32 -34.90 88.23
C LEU M 358 -64.99 -36.25 88.84
N TYR M 359 -65.93 -37.17 88.75
CA TYR M 359 -65.75 -38.49 89.37
C TYR M 359 -64.67 -39.27 88.62
N ARG M 360 -64.54 -39.06 87.31
CA ARG M 360 -63.45 -39.68 86.53
C ARG M 360 -62.11 -39.23 87.10
N ARG M 361 -61.97 -37.92 87.28
CA ARG M 361 -60.76 -37.34 87.90
C ARG M 361 -60.53 -37.91 89.29
N LEU M 362 -61.60 -38.02 90.06
CA LEU M 362 -61.46 -38.52 91.43
C LEU M 362 -60.99 -39.96 91.46
N PHE M 363 -61.60 -40.81 90.65
CA PHE M 363 -61.15 -42.21 90.52
C PHE M 363 -59.69 -42.25 90.11
N VAL M 364 -59.29 -41.37 89.20
CA VAL M 364 -57.91 -41.37 88.68
C VAL M 364 -56.93 -41.08 89.80
N MET M 365 -57.18 -40.00 90.53
CA MET M 365 -56.27 -39.60 91.62
C MET M 365 -56.31 -40.59 92.79
N LEU M 366 -57.31 -41.48 92.86
CA LEU M 366 -57.54 -42.34 94.03
C LEU M 366 -57.49 -43.83 93.68
N SER M 367 -57.48 -44.67 94.71
CA SER M 367 -57.45 -46.15 94.62
C SER M 367 -58.84 -46.71 94.92
N ALA M 368 -59.27 -47.69 94.13
CA ALA M 368 -60.66 -48.17 94.11
C ALA M 368 -61.14 -48.62 95.50
N GLU M 369 -60.50 -49.66 96.02
CA GLU M 369 -61.00 -50.32 97.25
C GLU M 369 -60.94 -49.36 98.45
N GLU M 370 -60.02 -48.40 98.46
CA GLU M 370 -60.03 -47.34 99.49
C GLU M 370 -61.34 -46.56 99.40
N LEU M 371 -61.74 -46.17 98.18
CA LEU M 371 -63.01 -45.45 97.97
C LEU M 371 -64.19 -46.31 98.42
N VAL M 372 -64.15 -47.60 98.10
CA VAL M 372 -65.29 -48.49 98.37
C VAL M 372 -65.45 -48.66 99.88
N GLY M 373 -64.34 -48.87 100.59
CA GLY M 373 -64.39 -48.96 102.05
C GLY M 373 -64.85 -47.66 102.65
N HIS M 374 -64.37 -46.54 102.12
CA HIS M 374 -64.80 -45.21 102.59
C HIS M 374 -66.31 -45.05 102.41
N LEU M 375 -66.81 -45.48 101.25
CA LEU M 375 -68.26 -45.45 100.96
C LEU M 375 -69.03 -46.24 101.99
N GLN M 376 -68.64 -47.49 102.20
CA GLN M 376 -69.36 -48.38 103.12
C GLN M 376 -69.36 -47.77 104.52
N GLU M 377 -68.21 -47.25 104.95
CA GLU M 377 -68.10 -46.57 106.27
C GLU M 377 -69.11 -45.44 106.37
N VAL M 378 -69.09 -44.53 105.41
CA VAL M 378 -69.93 -43.33 105.49
C VAL M 378 -71.42 -43.70 105.36
N LEU M 379 -71.73 -44.71 104.55
CA LEU M 379 -73.13 -45.12 104.36
C LEU M 379 -73.67 -45.77 105.64
N GLU M 380 -72.87 -46.61 106.27
CA GLU M 380 -73.23 -47.18 107.60
C GLU M 380 -73.38 -46.05 108.62
N THR M 381 -72.59 -44.99 108.48
CA THR M 381 -72.42 -44.01 109.55
C THR M 381 -73.51 -42.93 109.49
N GLN M 382 -73.54 -42.17 108.40
CA GLN M 382 -74.14 -40.83 108.38
C GLN M 382 -75.26 -40.75 107.36
N GLU M 383 -75.79 -39.54 107.20
CA GLU M 383 -76.85 -39.23 106.25
C GLU M 383 -76.29 -39.28 104.82
N VAL M 384 -77.20 -39.23 103.85
CA VAL M 384 -76.87 -39.52 102.44
C VAL M 384 -77.60 -38.55 101.51
N HIS M 385 -76.93 -38.23 100.40
CA HIS M 385 -77.55 -37.61 99.22
C HIS M 385 -77.63 -38.66 98.12
N TRP M 386 -78.82 -39.22 97.94
CA TRP M 386 -78.97 -40.42 97.10
C TRP M 386 -78.67 -40.13 95.63
N GLN M 387 -78.92 -38.91 95.14
CA GLN M 387 -78.66 -38.63 93.72
C GLN M 387 -77.18 -38.76 93.41
N ARG M 388 -76.35 -38.05 94.18
CA ARG M 388 -74.90 -38.14 94.03
C ARG M 388 -74.45 -39.57 94.22
N VAL M 389 -74.97 -40.25 95.26
CA VAL M 389 -74.56 -41.65 95.54
C VAL M 389 -74.84 -42.52 94.31
N LEU M 390 -76.04 -42.41 93.77
CA LEU M 390 -76.49 -43.35 92.75
C LEU M 390 -75.75 -43.11 91.44
N SER M 391 -75.69 -41.87 91.02
CA SER M 391 -74.93 -41.54 89.81
C SER M 391 -73.45 -41.88 90.01
N PHE M 392 -72.91 -41.65 91.22
CA PHE M 392 -71.51 -41.99 91.54
C PHE M 392 -71.25 -43.49 91.38
N VAL M 393 -72.20 -44.30 91.82
CA VAL M 393 -72.06 -45.77 91.72
C VAL M 393 -72.19 -46.21 90.26
N SER M 394 -73.15 -45.64 89.55
CA SER M 394 -73.29 -45.83 88.09
C SER M 394 -71.95 -45.56 87.40
N ALA M 395 -71.21 -44.58 87.89
CA ALA M 395 -69.91 -44.23 87.31
C ALA M 395 -68.82 -45.19 87.78
N LEU M 396 -68.88 -45.61 89.06
CA LEU M 396 -67.92 -46.60 89.61
C LEU M 396 -67.89 -47.82 88.70
N VAL M 397 -69.08 -48.28 88.32
CA VAL M 397 -69.22 -49.47 87.47
C VAL M 397 -68.38 -49.31 86.21
N VAL M 398 -68.67 -48.27 85.44
CA VAL M 398 -68.11 -48.17 84.09
C VAL M 398 -66.65 -47.71 84.15
N CYS M 399 -66.23 -47.10 85.25
CA CYS M 399 -64.86 -46.58 85.30
C CYS M 399 -63.90 -47.64 85.83
N PHE M 400 -64.13 -48.12 87.05
CA PHE M 400 -63.07 -48.91 87.71
C PHE M 400 -62.98 -50.31 87.12
N PRO M 401 -61.82 -50.98 87.26
CA PRO M 401 -61.59 -52.26 86.59
C PRO M 401 -62.28 -53.40 87.33
N GLU M 402 -63.43 -53.81 86.82
CA GLU M 402 -64.18 -55.02 87.27
C GLU M 402 -64.23 -55.08 88.80
N ALA M 403 -64.59 -53.97 89.43
CA ALA M 403 -64.86 -53.96 90.87
C ALA M 403 -66.32 -54.33 91.16
N GLN M 404 -67.07 -54.87 90.18
CA GLN M 404 -68.45 -55.34 90.40
C GLN M 404 -68.46 -56.37 91.53
N GLN M 405 -67.45 -57.24 91.58
CA GLN M 405 -67.36 -58.26 92.64
C GLN M 405 -66.93 -57.61 93.97
N LEU M 406 -65.99 -56.66 93.93
CA LEU M 406 -65.57 -55.93 95.15
C LEU M 406 -66.75 -55.21 95.78
N LEU M 407 -67.71 -54.78 94.96
CA LEU M 407 -68.94 -54.12 95.42
C LEU M 407 -69.94 -55.14 95.94
N GLU M 408 -70.16 -56.22 95.19
CA GLU M 408 -71.07 -57.30 95.62
C GLU M 408 -70.62 -57.90 96.95
N ASP M 409 -69.32 -57.84 97.24
CA ASP M 409 -68.80 -58.28 98.53
C ASP M 409 -69.49 -57.54 99.67
N TRP M 410 -69.32 -56.23 99.71
CA TRP M 410 -69.94 -55.49 100.81
C TRP M 410 -71.45 -55.37 100.63
N VAL M 411 -71.97 -55.64 99.43
CA VAL M 411 -73.43 -55.83 99.26
C VAL M 411 -73.88 -57.00 100.13
N ALA M 412 -73.13 -58.11 100.06
CA ALA M 412 -73.44 -59.29 100.89
C ALA M 412 -73.25 -58.97 102.38
N ARG M 413 -72.20 -58.21 102.71
CA ARG M 413 -71.99 -57.77 104.10
C ARG M 413 -73.19 -56.96 104.57
N LEU M 414 -73.69 -56.07 103.71
CA LEU M 414 -74.83 -55.19 104.05
C LEU M 414 -76.09 -56.02 104.25
N MET M 415 -76.32 -56.98 103.37
CA MET M 415 -77.48 -57.87 103.52
C MET M 415 -77.37 -58.67 104.83
N ALA M 416 -76.18 -59.16 105.16
CA ALA M 416 -75.97 -59.97 106.38
C ALA M 416 -76.27 -59.14 107.62
N GLN M 417 -75.69 -57.95 107.70
CA GLN M 417 -75.96 -57.04 108.84
C GLN M 417 -77.41 -56.59 108.82
N ALA M 418 -78.05 -56.56 107.65
CA ALA M 418 -79.45 -56.14 107.53
C ALA M 418 -80.38 -57.20 108.12
N PHE M 419 -80.08 -58.48 107.92
CA PHE M 419 -80.99 -59.56 108.34
C PHE M 419 -80.62 -60.12 109.71
N GLU M 420 -79.40 -59.87 110.19
CA GLU M 420 -79.07 -60.28 111.57
C GLU M 420 -79.97 -59.54 112.57
N SER M 421 -80.29 -58.27 112.29
CA SER M 421 -81.24 -57.46 113.08
C SER M 421 -82.54 -57.20 112.32
N CYS M 422 -82.69 -57.75 111.11
CA CYS M 422 -83.75 -57.36 110.16
C CYS M 422 -83.78 -55.83 110.03
N GLN M 423 -82.63 -55.21 109.79
CA GLN M 423 -82.57 -53.77 109.47
C GLN M 423 -82.96 -53.58 108.02
N LEU M 424 -84.15 -53.01 107.77
CA LEU M 424 -84.63 -52.83 106.39
C LEU M 424 -83.93 -51.64 105.72
N ASP M 425 -83.22 -50.82 106.46
CA ASP M 425 -82.59 -49.62 105.89
C ASP M 425 -81.37 -50.01 105.05
N SER M 426 -80.44 -50.71 105.67
CA SER M 426 -79.30 -51.29 104.92
C SER M 426 -79.80 -52.19 103.79
N MET M 427 -80.94 -52.84 104.02
CA MET M 427 -81.59 -53.63 102.97
C MET M 427 -81.93 -52.74 101.78
N VAL M 428 -82.58 -51.60 102.05
CA VAL M 428 -82.95 -50.62 101.01
C VAL M 428 -81.68 -50.21 100.27
N THR M 429 -80.62 -49.97 101.03
CA THR M 429 -79.33 -49.54 100.47
C THR M 429 -78.85 -50.56 99.44
N ALA M 430 -78.71 -51.82 99.86
CA ALA M 430 -78.23 -52.89 98.97
C ALA M 430 -79.16 -53.01 97.76
N PHE M 431 -80.46 -52.86 97.98
CA PHE M 431 -81.47 -52.99 96.92
C PHE M 431 -81.22 -51.97 95.81
N LEU M 432 -81.28 -50.69 96.15
CA LEU M 432 -81.14 -49.63 95.13
C LEU M 432 -79.72 -49.68 94.54
N VAL M 433 -78.73 -50.09 95.34
CA VAL M 433 -77.35 -50.29 94.84
C VAL M 433 -77.38 -51.26 93.65
N VAL M 434 -77.99 -52.41 93.86
CA VAL M 434 -78.00 -53.45 92.82
C VAL M 434 -78.88 -53.00 91.65
N ARG M 435 -79.97 -52.31 91.92
CA ARG M 435 -80.86 -51.85 90.83
C ARG M 435 -80.15 -50.84 89.95
N GLN M 436 -79.18 -50.11 90.50
CA GLN M 436 -78.36 -49.19 89.70
C GLN M 436 -77.25 -49.96 89.02
N ALA M 437 -76.60 -50.87 89.73
CA ALA M 437 -75.51 -51.65 89.15
C ALA M 437 -75.99 -52.47 87.96
N ALA M 438 -77.28 -52.79 87.93
CA ALA M 438 -77.91 -53.45 86.79
C ALA M 438 -77.62 -52.73 85.48
N LEU M 439 -77.62 -51.40 85.52
CA LEU M 439 -77.65 -50.59 84.29
C LEU M 439 -76.22 -50.16 83.88
N LEU M 446 -78.85 -59.44 83.15
CA LEU M 446 -79.72 -59.14 84.31
C LEU M 446 -79.02 -59.54 85.62
N SER M 447 -78.06 -58.71 86.06
CA SER M 447 -77.40 -58.92 87.36
C SER M 447 -78.44 -58.85 88.49
N TYR M 448 -79.56 -58.15 88.29
CA TYR M 448 -80.66 -58.14 89.27
C TYR M 448 -81.21 -59.54 89.45
N ALA M 449 -81.65 -60.17 88.35
CA ALA M 449 -82.16 -61.54 88.41
C ALA M 449 -81.07 -62.47 88.95
N ASP M 450 -79.81 -62.24 88.55
CA ASP M 450 -78.66 -63.06 89.01
C ASP M 450 -78.58 -63.04 90.53
N TRP M 451 -78.39 -61.86 91.10
CA TRP M 451 -78.21 -61.72 92.56
C TRP M 451 -79.48 -62.14 93.31
N PHE M 452 -80.65 -61.81 92.76
CA PHE M 452 -81.93 -62.13 93.42
C PHE M 452 -82.10 -63.65 93.54
N LYS M 453 -81.81 -64.38 92.47
CA LYS M 453 -81.91 -65.85 92.49
C LYS M 453 -80.73 -66.47 93.24
N ALA M 454 -79.60 -65.78 93.32
CA ALA M 454 -78.49 -66.21 94.20
C ALA M 454 -78.94 -66.14 95.66
N SER M 455 -79.83 -65.21 95.99
CA SER M 455 -80.46 -65.16 97.32
C SER M 455 -81.14 -66.51 97.61
N PHE M 456 -81.94 -67.01 96.67
CA PHE M 456 -82.76 -68.23 96.85
C PHE M 456 -81.92 -69.48 97.20
N GLY M 457 -80.63 -69.47 96.90
CA GLY M 457 -79.75 -70.58 97.28
C GLY M 457 -79.16 -70.38 98.66
N SER M 458 -79.84 -70.89 99.68
CA SER M 458 -79.34 -70.90 101.07
C SER M 458 -79.05 -69.49 101.62
N THR M 459 -79.58 -68.42 101.03
CA THR M 459 -79.52 -67.06 101.62
C THR M 459 -80.95 -66.59 101.88
N ARG M 460 -81.86 -66.80 100.94
CA ARG M 460 -83.27 -66.40 101.06
C ARG M 460 -84.15 -67.57 101.49
N GLY M 461 -83.71 -68.81 101.31
CA GLY M 461 -84.32 -69.93 102.04
C GLY M 461 -84.30 -69.69 103.54
N TYR M 462 -83.25 -69.02 104.03
CA TYR M 462 -83.12 -68.55 105.42
C TYR M 462 -82.13 -67.38 105.45
N HIS M 463 -82.64 -66.14 105.39
CA HIS M 463 -81.81 -64.95 105.64
C HIS M 463 -81.45 -64.90 107.13
N GLY M 464 -82.48 -64.84 107.99
CA GLY M 464 -82.31 -64.92 109.43
C GLY M 464 -82.82 -66.24 109.98
N CYS M 465 -82.61 -66.46 111.27
CA CYS M 465 -83.14 -67.65 111.97
C CYS M 465 -84.66 -67.67 111.87
N SER M 466 -85.29 -66.51 112.07
CA SER M 466 -86.76 -66.38 112.00
C SER M 466 -87.20 -66.29 110.55
N LYS M 467 -88.27 -67.02 110.20
CA LYS M 467 -89.00 -66.76 108.95
C LYS M 467 -89.86 -65.50 109.07
N LYS M 468 -89.98 -64.94 110.27
CA LYS M 468 -90.57 -63.60 110.45
C LYS M 468 -89.76 -62.57 109.65
N ALA M 469 -88.43 -62.77 109.59
CA ALA M 469 -87.56 -61.95 108.76
C ALA M 469 -88.07 -61.92 107.32
N LEU M 470 -88.41 -63.10 106.77
CA LEU M 470 -88.94 -63.21 105.40
C LEU M 470 -90.21 -62.37 105.26
N VAL M 471 -91.04 -62.37 106.30
CA VAL M 471 -92.32 -61.62 106.23
C VAL M 471 -92.02 -60.12 106.26
N PHE M 472 -90.96 -59.69 106.94
CA PHE M 472 -90.54 -58.28 106.88
C PHE M 472 -90.00 -57.93 105.50
N LEU M 473 -89.31 -58.88 104.85
CA LEU M 473 -88.87 -58.67 103.46
C LEU M 473 -90.07 -58.50 102.55
N PHE M 474 -91.13 -59.26 102.80
CA PHE M 474 -92.36 -59.15 102.00
C PHE M 474 -93.10 -57.87 102.36
N THR M 475 -92.97 -57.40 103.59
CA THR M 475 -93.44 -56.06 103.96
C THR M 475 -92.72 -55.03 103.11
N PHE M 476 -91.42 -55.19 102.93
CA PHE M 476 -90.68 -54.25 102.07
C PHE M 476 -91.07 -54.43 100.61
N LEU M 477 -91.45 -55.63 100.19
CA LEU M 477 -92.00 -55.82 98.84
C LEU M 477 -93.28 -54.99 98.70
N SER M 478 -94.14 -55.00 99.71
CA SER M 478 -95.38 -54.21 99.70
C SER M 478 -95.08 -52.72 99.86
N GLU M 479 -93.89 -52.36 100.33
CA GLU M 479 -93.46 -50.96 100.45
C GLU M 479 -92.55 -50.54 99.30
N LEU M 480 -92.30 -51.41 98.33
CA LEU M 480 -91.58 -51.04 97.09
C LEU M 480 -92.56 -51.08 95.92
N VAL M 481 -93.20 -52.23 95.73
CA VAL M 481 -93.90 -52.53 94.47
C VAL M 481 -95.06 -51.54 94.23
N PRO M 482 -95.79 -51.03 95.24
CA PRO M 482 -96.74 -49.97 94.92
C PRO M 482 -96.05 -48.63 94.64
N PHE M 483 -94.82 -48.46 95.12
CA PHE M 483 -94.16 -47.15 95.17
C PHE M 483 -92.99 -47.14 94.19
N GLU M 484 -93.26 -46.59 93.00
CA GLU M 484 -92.28 -46.24 91.96
C GLU M 484 -91.80 -47.48 91.17
N SER M 485 -92.03 -48.69 91.67
CA SER M 485 -92.47 -49.87 90.92
C SER M 485 -91.95 -49.95 89.47
N PRO M 486 -90.66 -50.22 89.22
CA PRO M 486 -90.19 -50.26 87.84
C PRO M 486 -90.71 -51.49 87.09
N ARG M 487 -90.89 -51.33 85.79
CA ARG M 487 -91.56 -52.30 84.89
C ARG M 487 -91.02 -53.71 85.06
N TYR M 488 -89.71 -53.87 84.87
CA TYR M 488 -89.08 -55.20 84.79
C TYR M 488 -88.82 -55.76 86.19
N LEU M 489 -88.48 -54.92 87.17
CA LEU M 489 -88.19 -55.41 88.52
C LEU M 489 -89.47 -55.77 89.27
N GLN M 490 -90.62 -55.21 88.87
CA GLN M 490 -91.94 -55.73 89.29
C GLN M 490 -92.02 -57.23 89.01
N VAL M 491 -91.69 -57.64 87.78
CA VAL M 491 -91.85 -59.03 87.32
C VAL M 491 -90.68 -59.88 87.83
N HIS M 492 -89.52 -59.28 88.07
CA HIS M 492 -88.39 -60.02 88.65
C HIS M 492 -88.72 -60.47 90.07
N ILE M 493 -89.65 -59.79 90.75
CA ILE M 493 -90.09 -60.22 92.08
C ILE M 493 -90.99 -61.44 91.97
N LEU M 494 -91.77 -61.55 90.89
CA LEU M 494 -92.63 -62.74 90.67
C LEU M 494 -91.79 -63.95 90.29
N HIS M 495 -90.99 -63.81 89.23
CA HIS M 495 -90.50 -64.96 88.43
C HIS M 495 -89.78 -65.97 89.31
N PRO M 496 -88.74 -65.60 90.08
CA PRO M 496 -88.51 -66.24 91.37
C PRO M 496 -89.27 -65.46 92.42
N PRO M 497 -90.10 -66.10 93.26
CA PRO M 497 -90.99 -65.27 94.07
C PRO M 497 -90.25 -64.56 95.20
N TYR M 503 -92.72 -69.98 106.10
CA TYR M 503 -93.62 -71.11 105.86
C TYR M 503 -94.20 -71.04 104.46
N ARG M 504 -94.85 -72.12 104.04
CA ARG M 504 -95.49 -72.18 102.71
C ARG M 504 -96.77 -71.35 102.68
N SER M 505 -97.49 -71.31 103.80
CA SER M 505 -98.61 -70.36 103.97
C SER M 505 -98.13 -68.93 103.72
N LEU M 506 -97.03 -68.54 104.37
CA LEU M 506 -96.45 -67.19 104.22
C LEU M 506 -95.96 -67.00 102.78
N LEU M 507 -95.43 -68.04 102.14
CA LEU M 507 -95.00 -67.97 100.72
C LEU M 507 -96.20 -67.60 99.84
N THR M 508 -97.26 -68.39 99.91
CA THR M 508 -98.48 -68.14 99.10
C THR M 508 -99.08 -66.77 99.43
N ASP M 509 -99.06 -66.38 100.70
CA ASP M 509 -99.62 -65.07 101.13
C ASP M 509 -98.97 -63.93 100.34
N TYR M 510 -97.66 -63.79 100.44
CA TYR M 510 -96.97 -62.66 99.80
C TYR M 510 -96.91 -62.81 98.28
N ILE M 511 -96.95 -64.02 97.71
CA ILE M 511 -96.96 -64.14 96.24
C ILE M 511 -98.33 -63.71 95.71
N SER M 512 -99.40 -64.13 96.38
CA SER M 512 -100.75 -63.64 96.04
C SER M 512 -100.81 -62.11 96.19
N LEU M 513 -100.19 -61.59 97.24
CA LEU M 513 -100.11 -60.13 97.42
C LEU M 513 -99.32 -59.50 96.27
N ALA M 514 -98.23 -60.14 95.84
CA ALA M 514 -97.43 -59.66 94.69
C ALA M 514 -98.28 -59.60 93.43
N LYS M 515 -99.22 -60.53 93.28
CA LYS M 515 -100.13 -60.50 92.11
C LYS M 515 -101.20 -59.42 92.28
N THR M 516 -101.65 -59.15 93.51
CA THR M 516 -102.51 -57.99 93.77
C THR M 516 -101.78 -56.70 93.38
N ARG M 517 -100.46 -56.65 93.61
CA ARG M 517 -99.65 -55.49 93.24
C ARG M 517 -99.65 -55.33 91.71
N LEU M 518 -99.59 -56.44 90.97
CA LEU M 518 -99.74 -56.38 89.50
C LEU M 518 -101.13 -55.83 89.16
N ALA M 519 -102.15 -56.28 89.87
CA ALA M 519 -103.53 -55.79 89.68
C ALA M 519 -103.58 -54.28 89.85
N ASP M 520 -102.74 -53.74 90.73
CA ASP M 520 -102.64 -52.27 90.93
C ASP M 520 -101.91 -51.62 89.75
N LEU M 521 -100.80 -52.23 89.32
CA LEU M 521 -99.80 -51.53 88.50
C LEU M 521 -100.04 -51.67 87.00
N LYS M 522 -100.55 -52.80 86.53
CA LYS M 522 -100.79 -52.98 85.08
C LYS M 522 -101.82 -51.99 84.55
N VAL M 523 -102.64 -51.43 85.44
CA VAL M 523 -103.40 -50.20 85.13
C VAL M 523 -102.40 -49.11 84.71
N SER M 524 -101.36 -48.92 85.52
CA SER M 524 -100.30 -47.91 85.29
C SER M 524 -99.33 -48.41 84.20
N GLU M 542 -99.84 -72.70 60.35
CA GLU M 542 -99.07 -73.97 60.27
C GLU M 542 -99.42 -74.77 59.02
N PRO M 543 -100.70 -74.84 58.57
CA PRO M 543 -100.98 -75.29 57.20
C PRO M 543 -100.47 -74.35 56.09
N HIS M 544 -99.80 -73.25 56.46
CA HIS M 544 -98.94 -72.48 55.56
C HIS M 544 -97.52 -73.06 55.54
N SER M 545 -96.85 -73.09 56.69
CA SER M 545 -95.44 -73.53 56.79
C SER M 545 -95.31 -74.98 56.31
N GLN M 546 -96.13 -75.87 56.86
CA GLN M 546 -96.05 -77.30 56.51
C GLN M 546 -96.44 -77.53 55.05
N ALA M 547 -97.49 -76.87 54.59
CA ALA M 547 -97.89 -76.98 53.19
C ALA M 547 -96.77 -76.52 52.26
N LEU M 548 -95.99 -75.53 52.66
CA LEU M 548 -94.83 -75.10 51.86
C LEU M 548 -93.76 -76.18 51.85
N GLN M 549 -93.53 -76.83 53.00
CA GLN M 549 -92.55 -77.93 53.06
C GLN M 549 -93.02 -79.11 52.19
N ASP M 550 -94.32 -79.24 51.99
CA ASP M 550 -94.88 -80.30 51.13
C ASP M 550 -94.73 -79.95 49.67
N VAL M 551 -95.17 -78.76 49.32
CA VAL M 551 -95.11 -78.35 47.91
C VAL M 551 -93.66 -78.17 47.47
N GLU M 552 -92.74 -77.97 48.42
CA GLU M 552 -91.30 -78.11 48.13
C GLU M 552 -91.05 -79.43 47.42
N LYS M 553 -91.30 -80.51 48.15
CA LYS M 553 -90.89 -81.85 47.71
C LYS M 553 -91.67 -82.25 46.47
N ALA M 554 -92.89 -81.73 46.31
CA ALA M 554 -93.70 -82.00 45.12
C ALA M 554 -92.90 -81.68 43.88
N ILE M 555 -92.35 -80.48 43.82
CA ILE M 555 -91.64 -80.06 42.62
C ILE M 555 -90.35 -80.84 42.45
N MET M 556 -89.68 -81.24 43.54
CA MET M 556 -88.36 -81.91 43.43
C MET M 556 -88.55 -83.33 42.87
N VAL M 557 -89.57 -84.02 43.34
CA VAL M 557 -89.89 -85.35 42.79
C VAL M 557 -90.35 -85.18 41.36
N PHE M 558 -91.14 -84.15 41.09
CA PHE M 558 -91.53 -83.83 39.70
C PHE M 558 -90.31 -83.65 38.82
N GLU M 559 -89.31 -82.99 39.38
CA GLU M 559 -88.09 -82.62 38.65
C GLU M 559 -87.31 -83.88 38.27
N HIS M 560 -87.01 -84.71 39.27
CA HIS M 560 -86.41 -86.02 38.98
C HIS M 560 -87.22 -86.78 37.97
N THR M 561 -88.54 -86.64 38.04
CA THR M 561 -89.48 -87.10 37.04
C THR M 561 -89.92 -85.90 36.22
N GLY M 562 -91.00 -86.07 35.50
CA GLY M 562 -92.02 -85.04 35.32
C GLY M 562 -93.35 -85.63 35.75
N ASN M 563 -94.42 -85.13 35.16
CA ASN M 563 -95.75 -85.79 35.20
C ASN M 563 -96.26 -85.96 36.63
N ILE M 564 -96.34 -84.84 37.32
CA ILE M 564 -97.32 -84.63 38.40
C ILE M 564 -97.23 -85.73 39.44
N PRO M 565 -96.37 -85.58 40.45
CA PRO M 565 -96.34 -86.53 41.57
C PRO M 565 -97.75 -86.87 42.08
N VAL M 566 -97.96 -88.16 42.35
CA VAL M 566 -99.31 -88.72 42.39
C VAL M 566 -99.87 -88.60 43.80
N THR M 567 -99.01 -88.59 44.82
CA THR M 567 -99.46 -88.33 46.19
C THR M 567 -100.24 -87.03 46.28
N VAL M 568 -99.92 -86.11 45.39
CA VAL M 568 -100.60 -84.82 45.35
C VAL M 568 -101.98 -84.99 44.70
N MET M 569 -102.03 -85.59 43.51
CA MET M 569 -103.33 -85.74 42.81
C MET M 569 -104.33 -86.58 43.59
N GLU M 570 -103.86 -87.45 44.48
CA GLU M 570 -104.75 -88.14 45.43
C GLU M 570 -105.49 -87.09 46.26
N ALA M 571 -104.74 -86.29 47.03
CA ALA M 571 -105.32 -85.29 47.93
C ALA M 571 -106.13 -84.25 47.14
N SER M 572 -105.79 -84.05 45.86
CA SER M 572 -106.50 -83.07 45.01
C SER M 572 -107.99 -83.33 45.01
N ILE M 573 -108.38 -84.60 45.00
CA ILE M 573 -109.80 -84.98 45.01
C ILE M 573 -110.24 -85.30 46.43
N PHE M 574 -109.49 -86.15 47.11
CA PHE M 574 -110.00 -86.79 48.33
C PHE M 574 -109.67 -85.99 49.59
N ARG M 575 -108.96 -84.87 49.46
CA ARG M 575 -108.66 -83.95 50.58
C ARG M 575 -108.85 -82.53 50.09
N ARG M 576 -109.94 -82.31 49.35
CA ARG M 576 -110.31 -81.00 48.81
C ARG M 576 -110.11 -79.85 49.80
N PRO M 577 -110.53 -79.96 51.08
CA PRO M 577 -110.14 -78.95 52.07
C PRO M 577 -108.62 -78.76 52.15
N TYR M 578 -107.90 -79.87 52.30
CA TYR M 578 -106.44 -79.82 52.32
C TYR M 578 -105.90 -79.39 50.97
N TYR M 579 -106.62 -79.72 49.90
CA TYR M 579 -106.22 -79.25 48.58
C TYR M 579 -106.30 -77.74 48.52
N VAL M 580 -107.31 -77.15 49.14
CA VAL M 580 -107.39 -75.68 49.22
C VAL M 580 -106.30 -75.10 50.12
N SER M 581 -106.02 -75.70 51.28
CA SER M 581 -104.89 -75.28 52.14
C SER M 581 -103.55 -75.40 51.41
N HIS M 582 -103.43 -76.33 50.45
CA HIS M 582 -102.15 -76.67 49.77
C HIS M 582 -101.97 -75.90 48.47
N PHE M 583 -103.03 -75.75 47.70
CA PHE M 583 -102.99 -75.05 46.41
C PHE M 583 -102.63 -73.59 46.58
N LEU M 584 -102.82 -73.05 47.77
CA LEU M 584 -102.49 -71.65 48.04
C LEU M 584 -100.98 -71.42 48.07
N PRO M 585 -100.18 -72.15 48.87
CA PRO M 585 -98.72 -72.01 48.75
C PRO M 585 -98.16 -72.43 47.40
N ALA M 586 -98.90 -73.21 46.63
CA ALA M 586 -98.51 -73.48 45.23
C ALA M 586 -98.59 -72.22 44.38
N LEU M 587 -99.36 -71.23 44.82
CA LEU M 587 -99.51 -69.96 44.09
C LEU M 587 -99.08 -68.75 44.90
N LEU M 588 -98.47 -68.95 46.07
CA LEU M 588 -98.04 -67.81 46.88
C LEU M 588 -96.89 -67.13 46.15
N THR M 589 -97.23 -66.41 45.09
CA THR M 589 -96.27 -65.95 44.10
C THR M 589 -96.63 -64.55 43.67
N PRO M 590 -96.39 -63.56 44.53
CA PRO M 590 -96.31 -62.17 44.07
C PRO M 590 -94.87 -61.87 43.68
N ARG M 591 -94.27 -62.76 42.90
CA ARG M 591 -92.82 -62.81 42.72
C ARG M 591 -92.49 -62.74 41.24
N VAL M 592 -91.32 -62.16 40.96
CA VAL M 592 -90.73 -62.06 39.62
C VAL M 592 -90.77 -63.45 38.98
N LEU M 593 -91.40 -63.53 37.84
CA LEU M 593 -91.33 -64.72 36.98
C LEU M 593 -90.13 -64.57 36.07
N PRO M 594 -88.99 -65.22 36.34
CA PRO M 594 -87.84 -65.08 35.44
C PRO M 594 -88.17 -65.61 34.05
N LYS M 595 -87.30 -65.23 33.10
CA LYS M 595 -87.68 -65.25 31.67
C LYS M 595 -87.79 -66.69 31.20
N VAL M 596 -86.71 -67.44 31.37
CA VAL M 596 -86.78 -68.90 31.15
C VAL M 596 -87.68 -69.43 32.24
N PRO M 597 -88.64 -70.31 31.95
CA PRO M 597 -89.45 -70.86 33.02
C PRO M 597 -88.63 -71.83 33.86
N ASP M 598 -89.24 -72.29 34.93
CA ASP M 598 -88.57 -73.20 35.87
C ASP M 598 -89.57 -74.23 36.36
N SER M 599 -89.07 -75.13 37.19
CA SER M 599 -89.88 -76.26 37.68
C SER M 599 -91.15 -75.77 38.34
N ARG M 600 -91.04 -74.70 39.12
CA ARG M 600 -92.17 -73.98 39.72
C ARG M 600 -93.29 -73.80 38.69
N VAL M 601 -92.90 -73.32 37.54
CA VAL M 601 -93.86 -72.88 36.53
C VAL M 601 -94.38 -74.07 35.75
N ALA M 602 -93.48 -74.97 35.37
CA ALA M 602 -93.89 -76.12 34.55
C ALA M 602 -94.81 -77.03 35.35
N PHE M 603 -94.61 -77.09 36.65
CA PHE M 603 -95.56 -77.78 37.54
C PHE M 603 -96.96 -77.20 37.32
N ILE M 604 -97.06 -75.89 37.39
CA ILE M 604 -98.38 -75.22 37.33
C ILE M 604 -98.98 -75.42 35.97
N GLU M 605 -98.16 -75.38 34.93
CA GLU M 605 -98.69 -75.56 33.59
C GLU M 605 -99.17 -76.99 33.39
N SER M 606 -98.49 -77.96 34.01
CA SER M 606 -98.97 -79.34 34.01
C SER M 606 -100.32 -79.42 34.74
N LEU M 607 -100.42 -78.70 35.86
CA LEU M 607 -101.66 -78.72 36.66
C LEU M 607 -102.84 -78.16 35.87
N LYS M 608 -102.64 -77.07 35.14
CA LYS M 608 -103.75 -76.42 34.43
C LYS M 608 -104.06 -77.15 33.14
N ARG M 609 -103.08 -77.84 32.55
CA ARG M 609 -103.39 -78.78 31.46
C ARG M 609 -104.16 -79.99 31.98
N ALA M 610 -103.90 -80.42 33.22
CA ALA M 610 -104.72 -81.42 33.92
C ALA M 610 -106.06 -80.81 34.32
N ASP M 611 -106.18 -79.49 34.32
CA ASP M 611 -107.46 -78.77 34.52
C ASP M 611 -107.92 -78.90 35.97
N LYS M 612 -107.00 -79.19 36.88
CA LYS M 612 -107.27 -79.23 38.31
C LYS M 612 -106.95 -77.86 38.88
N ILE M 613 -107.51 -76.82 38.28
CA ILE M 613 -107.30 -75.42 38.72
C ILE M 613 -108.58 -74.65 38.42
N PRO M 614 -109.06 -73.78 39.33
CA PRO M 614 -110.08 -72.80 38.93
C PRO M 614 -109.40 -71.55 38.40
N PRO M 615 -110.06 -70.82 37.49
CA PRO M 615 -109.39 -69.70 36.82
C PRO M 615 -109.15 -68.52 37.75
N SER M 616 -109.94 -68.38 38.82
CA SER M 616 -109.83 -67.24 39.75
C SER M 616 -108.44 -67.23 40.35
N LEU M 617 -108.04 -68.37 40.90
CA LEU M 617 -106.74 -68.47 41.58
C LEU M 617 -105.59 -68.27 40.59
N TYR M 618 -105.77 -68.75 39.35
CA TYR M 618 -104.73 -68.58 38.33
C TYR M 618 -104.59 -67.12 37.91
N SER M 619 -105.72 -66.46 37.67
CA SER M 619 -105.71 -65.03 37.33
C SER M 619 -105.10 -64.22 38.48
N THR M 620 -105.47 -64.55 39.72
CA THR M 620 -104.89 -63.91 40.91
C THR M 620 -103.39 -64.12 40.94
N TYR M 621 -102.97 -65.35 40.69
CA TYR M 621 -101.53 -65.71 40.64
C TYR M 621 -100.81 -64.82 39.62
N CYS M 622 -101.34 -64.79 38.40
CA CYS M 622 -100.73 -64.00 37.30
C CYS M 622 -100.65 -62.52 37.64
N GLN M 623 -101.70 -61.97 38.25
CA GLN M 623 -101.74 -60.54 38.59
C GLN M 623 -100.79 -60.22 39.75
N ALA M 624 -100.67 -61.11 40.74
CA ALA M 624 -99.71 -60.91 41.83
C ALA M 624 -98.31 -60.92 41.26
N CYS M 625 -98.04 -61.82 40.30
CA CYS M 625 -96.73 -61.87 39.62
C CYS M 625 -96.49 -60.58 38.82
N SER M 626 -97.56 -59.87 38.43
CA SER M 626 -97.44 -58.60 37.70
C SER M 626 -96.56 -57.60 38.46
N ALA M 627 -96.70 -57.55 39.79
CA ALA M 627 -95.84 -56.72 40.67
C ALA M 627 -95.97 -55.24 40.32
N GLU M 648 -81.62 -36.07 64.25
CA GLU M 648 -81.16 -35.09 65.28
C GLU M 648 -80.43 -35.80 66.42
N PRO M 649 -81.09 -36.75 67.13
CA PRO M 649 -80.32 -37.63 68.02
C PRO M 649 -79.29 -38.48 67.26
N LEU M 650 -79.49 -38.69 65.95
CA LEU M 650 -78.55 -39.45 65.11
C LEU M 650 -77.24 -38.68 64.99
N GLY M 651 -77.32 -37.42 64.58
CA GLY M 651 -76.16 -36.54 64.61
C GLY M 651 -75.61 -36.45 66.02
N GLN M 652 -76.46 -36.51 67.03
CA GLN M 652 -76.02 -36.49 68.44
C GLN M 652 -75.09 -37.69 68.73
N LEU M 653 -75.52 -38.90 68.37
CA LEU M 653 -74.68 -40.11 68.51
C LEU M 653 -73.36 -39.93 67.79
N THR M 654 -73.41 -39.37 66.58
CA THR M 654 -72.21 -39.23 65.74
C THR M 654 -71.17 -38.39 66.46
N ALA M 655 -71.62 -37.45 67.30
CA ALA M 655 -70.71 -36.64 68.10
C ALA M 655 -69.87 -37.56 68.98
N ALA M 656 -70.53 -38.43 69.74
CA ALA M 656 -69.82 -39.32 70.66
C ALA M 656 -68.93 -40.28 69.88
N LEU M 657 -69.35 -40.67 68.67
CA LEU M 657 -68.54 -41.60 67.87
C LEU M 657 -67.26 -40.91 67.40
N GLY M 658 -67.40 -39.71 66.86
CA GLY M 658 -66.23 -38.96 66.42
C GLY M 658 -65.34 -38.56 67.59
N GLU M 659 -65.89 -38.47 68.80
CA GLU M 659 -65.07 -38.22 70.00
C GLU M 659 -64.33 -39.50 70.38
N LEU M 660 -65.00 -40.63 70.28
CA LEU M 660 -64.34 -41.93 70.50
C LEU M 660 -63.21 -42.13 69.50
N ARG M 661 -63.40 -41.64 68.28
CA ARG M 661 -62.31 -41.64 67.28
C ARG M 661 -61.08 -40.97 67.86
N ALA M 662 -61.22 -39.72 68.32
CA ALA M 662 -60.07 -38.98 68.85
C ALA M 662 -59.51 -39.67 70.09
N SER M 663 -60.37 -40.34 70.86
CA SER M 663 -59.94 -41.05 72.07
C SER M 663 -59.11 -42.28 71.70
N MET M 664 -59.32 -42.82 70.51
CA MET M 664 -58.58 -44.01 70.04
C MET M 664 -57.12 -43.71 69.71
N THR M 665 -56.64 -42.49 69.98
CA THR M 665 -55.21 -42.19 70.03
C THR M 665 -54.46 -43.30 70.78
N ASP M 666 -54.91 -43.56 72.00
CA ASP M 666 -54.29 -44.53 72.91
C ASP M 666 -55.41 -45.32 73.59
N PRO M 667 -55.63 -46.60 73.23
CA PRO M 667 -56.62 -47.40 73.94
C PRO M 667 -56.16 -48.02 75.25
N SER M 668 -54.98 -47.67 75.76
CA SER M 668 -54.49 -48.11 77.08
C SER M 668 -55.30 -47.50 78.24
N GLN M 669 -56.20 -46.56 77.95
CA GLN M 669 -57.11 -45.98 78.96
C GLN M 669 -58.39 -46.84 79.01
N ARG M 670 -59.03 -46.88 80.16
CA ARG M 670 -60.35 -47.53 80.33
C ARG M 670 -61.37 -46.50 80.78
N ASP M 671 -60.97 -45.70 81.76
CA ASP M 671 -61.74 -44.57 82.30
C ASP M 671 -62.39 -43.78 81.16
N VAL M 672 -61.60 -43.42 80.15
CA VAL M 672 -62.12 -42.63 79.02
C VAL M 672 -63.14 -43.45 78.26
N ILE M 673 -62.72 -44.63 77.88
CA ILE M 673 -63.34 -45.29 76.73
C ILE M 673 -64.64 -45.92 77.17
N SER M 674 -64.63 -46.61 78.31
CA SER M 674 -65.86 -47.20 78.84
C SER M 674 -66.92 -46.13 79.03
N ALA M 675 -66.51 -44.95 79.43
CA ALA M 675 -67.45 -43.87 79.73
C ALA M 675 -68.07 -43.38 78.45
N GLN M 676 -67.23 -43.07 77.49
CA GLN M 676 -67.70 -42.59 76.19
C GLN M 676 -68.64 -43.65 75.61
N VAL M 677 -68.31 -44.89 75.87
CA VAL M 677 -69.07 -46.02 75.32
C VAL M 677 -70.47 -46.07 75.94
N ALA M 678 -70.55 -45.95 77.25
CA ALA M 678 -71.85 -45.97 77.93
C ALA M 678 -72.67 -44.79 77.47
N VAL M 679 -72.01 -43.66 77.25
CA VAL M 679 -72.68 -42.47 76.71
C VAL M 679 -73.32 -42.89 75.41
N ILE M 680 -72.54 -43.54 74.57
CA ILE M 680 -73.03 -43.94 73.24
C ILE M 680 -74.18 -44.90 73.40
N SER M 681 -74.10 -45.75 74.41
CA SER M 681 -75.15 -46.75 74.68
C SER M 681 -76.49 -46.06 74.94
N GLU M 682 -76.50 -45.12 75.88
CA GLU M 682 -77.74 -44.44 76.22
C GLU M 682 -78.15 -43.48 75.11
N ARG M 683 -77.20 -43.00 74.31
CA ARG M 683 -77.56 -42.19 73.14
C ARG M 683 -78.34 -43.05 72.16
N LEU M 684 -77.87 -44.27 71.93
CA LEU M 684 -78.62 -45.19 71.07
C LEU M 684 -79.97 -45.54 71.72
N ARG M 685 -79.98 -45.66 73.04
CA ARG M 685 -81.26 -45.85 73.75
C ARG M 685 -82.19 -44.67 73.46
N ALA M 686 -81.64 -43.48 73.25
CA ALA M 686 -82.46 -42.30 72.93
C ALA M 686 -83.29 -42.58 71.67
N VAL M 687 -82.64 -43.01 70.60
CA VAL M 687 -83.37 -43.29 69.33
C VAL M 687 -84.24 -44.53 69.49
N LEU M 688 -83.81 -45.51 70.28
CA LEU M 688 -84.69 -46.64 70.66
C LEU M 688 -85.38 -46.30 71.98
N GLY M 689 -86.19 -45.24 71.93
CA GLY M 689 -86.79 -44.63 73.12
C GLY M 689 -87.56 -45.61 74.01
N HIS M 690 -87.14 -45.72 75.26
CA HIS M 690 -87.90 -46.46 76.30
C HIS M 690 -87.65 -45.82 77.66
N PRO M 709 -90.46 -57.25 63.54
CA PRO M 709 -90.35 -56.01 62.78
C PRO M 709 -89.36 -56.11 61.62
N ARG M 710 -89.75 -55.62 60.45
CA ARG M 710 -88.94 -55.71 59.22
C ARG M 710 -88.70 -54.33 58.60
N LEU M 711 -87.58 -54.20 57.88
CA LEU M 711 -87.31 -53.08 56.95
C LEU M 711 -87.14 -51.75 57.70
N GLU M 712 -86.87 -51.73 59.00
CA GLU M 712 -86.86 -50.49 59.79
C GLU M 712 -85.71 -49.59 59.36
N PRO M 713 -85.95 -48.48 58.62
CA PRO M 713 -84.81 -47.72 58.07
C PRO M 713 -84.00 -47.00 59.15
N ARG M 714 -84.65 -46.57 60.23
CA ARG M 714 -83.94 -45.86 61.30
C ARG M 714 -82.92 -46.79 61.93
N GLU M 715 -83.34 -48.01 62.27
CA GLU M 715 -82.43 -48.94 62.94
C GLU M 715 -81.46 -49.50 61.92
N HIS M 716 -81.87 -49.60 60.66
CA HIS M 716 -80.96 -49.96 59.56
C HIS M 716 -79.79 -48.97 59.54
N MET M 717 -80.10 -47.68 59.50
CA MET M 717 -79.07 -46.63 59.54
C MET M 717 -78.29 -46.71 60.84
N ALA M 718 -78.96 -47.02 61.95
CA ALA M 718 -78.31 -47.13 63.25
C ALA M 718 -77.23 -48.19 63.23
N VAL M 719 -77.61 -49.36 62.77
CA VAL M 719 -76.70 -50.51 62.71
C VAL M 719 -75.56 -50.16 61.75
N ASP M 720 -75.88 -49.51 60.64
CA ASP M 720 -74.85 -49.15 59.65
C ASP M 720 -73.82 -48.26 60.32
N LEU M 721 -74.29 -47.26 61.04
CA LEU M 721 -73.36 -46.33 61.71
C LEU M 721 -72.52 -47.05 62.74
N LEU M 722 -73.15 -47.94 63.50
CA LEU M 722 -72.41 -48.69 64.53
C LEU M 722 -71.31 -49.54 63.89
N LEU M 723 -71.63 -50.24 62.81
CA LEU M 723 -70.64 -51.11 62.16
C LEU M 723 -69.53 -50.29 61.54
N THR M 724 -69.87 -49.15 60.96
CA THR M 724 -68.85 -48.27 60.38
C THR M 724 -67.92 -47.80 61.48
N SER M 725 -68.48 -47.44 62.64
CA SER M 725 -67.67 -46.91 63.75
C SER M 725 -66.69 -47.97 64.20
N PHE M 726 -67.16 -49.20 64.35
CA PHE M 726 -66.29 -50.29 64.80
C PHE M 726 -65.22 -50.57 63.79
N CYS M 727 -65.60 -50.58 62.53
CA CYS M 727 -64.66 -50.88 61.45
C CYS M 727 -63.56 -49.81 61.47
N GLN M 728 -63.96 -48.56 61.62
CA GLN M 728 -62.99 -47.45 61.53
C GLN M 728 -62.10 -47.44 62.78
N ASN M 729 -62.68 -47.74 63.93
CA ASN M 729 -61.87 -47.91 65.15
C ASN M 729 -60.82 -48.98 64.92
N LEU M 730 -61.23 -50.08 64.34
CA LEU M 730 -60.29 -51.17 64.15
C LEU M 730 -59.25 -50.75 63.12
N MET M 731 -59.66 -49.97 62.13
CA MET M 731 -58.73 -49.46 61.11
C MET M 731 -57.62 -48.73 61.84
N ALA M 732 -58.02 -47.92 62.82
CA ALA M 732 -57.04 -47.18 63.60
C ALA M 732 -56.10 -48.12 64.35
N ALA M 733 -56.66 -49.02 65.13
CA ALA M 733 -55.84 -49.88 65.99
C ALA M 733 -54.96 -50.77 65.14
N SER M 734 -55.47 -51.19 63.98
CA SER M 734 -54.73 -52.07 63.06
C SER M 734 -53.60 -51.29 62.41
N SER M 735 -53.81 -50.00 62.10
CA SER M 735 -52.70 -49.12 61.66
C SER M 735 -51.63 -49.08 62.76
N VAL M 736 -52.08 -49.09 64.01
CA VAL M 736 -51.17 -48.82 65.13
C VAL M 736 -50.36 -50.07 65.43
N ALA M 737 -50.98 -51.06 66.06
CA ALA M 737 -50.20 -52.03 66.86
C ALA M 737 -51.05 -53.25 67.16
N PRO M 738 -50.55 -54.30 67.86
CA PRO M 738 -51.24 -55.57 67.83
C PRO M 738 -52.49 -55.55 68.72
N PRO M 739 -53.57 -56.26 68.35
CA PRO M 739 -54.65 -56.58 69.28
C PRO M 739 -54.25 -57.47 70.46
N GLU M 740 -52.99 -57.93 70.53
CA GLU M 740 -52.41 -58.45 71.79
C GLU M 740 -52.39 -57.38 72.87
N ARG M 741 -52.27 -56.12 72.47
CA ARG M 741 -52.08 -54.99 73.39
C ARG M 741 -53.29 -54.08 73.39
N GLN M 742 -53.99 -53.96 72.27
CA GLN M 742 -54.94 -52.86 72.05
C GLN M 742 -56.00 -52.67 73.13
N GLY M 743 -56.28 -53.70 73.93
CA GLY M 743 -57.13 -53.52 75.09
C GLY M 743 -58.62 -53.67 74.75
N PRO M 744 -59.47 -53.81 75.77
CA PRO M 744 -60.82 -54.33 75.54
C PRO M 744 -61.84 -53.26 75.18
N TRP M 745 -61.39 -52.32 74.38
CA TRP M 745 -62.33 -51.33 73.85
C TRP M 745 -63.46 -52.00 73.05
N ALA M 746 -63.13 -53.02 72.28
CA ALA M 746 -64.13 -53.72 71.47
C ALA M 746 -65.04 -54.55 72.36
N ALA M 747 -64.51 -55.04 73.46
CA ALA M 747 -65.30 -55.86 74.39
C ALA M 747 -66.41 -54.98 74.93
N LEU M 748 -66.01 -53.76 75.30
CA LEU M 748 -66.99 -52.81 75.83
C LEU M 748 -67.92 -52.39 74.71
N PHE M 749 -67.38 -52.26 73.51
CA PHE M 749 -68.21 -51.98 72.35
C PHE M 749 -69.31 -53.03 72.22
N VAL M 750 -68.95 -54.30 72.43
CA VAL M 750 -69.93 -55.39 72.28
C VAL M 750 -70.90 -55.37 73.45
N ARG M 751 -70.45 -54.96 74.62
CA ARG M 751 -71.40 -54.70 75.70
C ARG M 751 -72.43 -53.64 75.25
N THR M 752 -72.05 -52.75 74.35
CA THR M 752 -73.06 -51.88 73.72
C THR M 752 -74.01 -52.66 72.85
N MET M 753 -73.45 -53.45 71.95
CA MET M 753 -74.23 -54.16 70.93
C MET M 753 -75.18 -55.17 71.54
N CYS M 754 -74.96 -55.54 72.80
CA CYS M 754 -75.94 -56.33 73.56
C CYS M 754 -77.32 -55.63 73.59
N GLY M 755 -78.35 -56.43 73.82
CA GLY M 755 -79.72 -55.94 74.00
C GLY M 755 -80.48 -55.90 72.70
N ARG M 756 -81.44 -54.98 72.62
CA ARG M 756 -82.35 -54.88 71.45
C ARG M 756 -81.60 -54.46 70.19
N VAL M 757 -80.35 -54.07 70.35
CA VAL M 757 -79.42 -53.83 69.22
C VAL M 757 -79.20 -55.11 68.41
N LEU M 758 -78.81 -56.16 69.12
CA LEU M 758 -78.35 -57.46 68.57
C LEU M 758 -79.25 -57.99 67.46
N PRO M 759 -80.59 -58.12 67.64
CA PRO M 759 -81.42 -58.71 66.59
C PRO M 759 -81.61 -57.86 65.34
N ALA M 760 -81.10 -56.65 65.31
CA ALA M 760 -80.93 -55.90 64.06
C ALA M 760 -79.48 -55.99 63.57
N VAL M 761 -78.53 -56.04 64.49
CA VAL M 761 -77.12 -56.29 64.16
C VAL M 761 -77.03 -57.53 63.28
N LEU M 762 -77.66 -58.61 63.73
CA LEU M 762 -77.46 -59.90 63.06
C LEU M 762 -78.30 -59.98 61.80
N THR M 763 -79.46 -59.31 61.72
CA THR M 763 -80.16 -59.17 60.42
C THR M 763 -79.23 -58.51 59.39
N ARG M 764 -78.50 -57.47 59.82
CA ARG M 764 -77.52 -56.81 58.94
C ARG M 764 -76.40 -57.77 58.58
N LEU M 765 -75.89 -58.55 59.53
CA LEU M 765 -74.76 -59.47 59.21
C LEU M 765 -75.18 -60.56 58.24
N CYS M 766 -76.40 -61.10 58.40
CA CYS M 766 -76.97 -62.07 57.44
C CYS M 766 -77.10 -61.41 56.06
N GLN M 767 -77.70 -60.22 56.03
CA GLN M 767 -77.86 -59.47 54.79
C GLN M 767 -76.52 -59.25 54.11
N LEU M 768 -75.48 -59.03 54.90
CA LEU M 768 -74.12 -58.84 54.37
C LEU M 768 -73.63 -60.13 53.72
N LEU M 769 -73.41 -61.12 54.56
CA LEU M 769 -72.51 -62.22 54.17
C LEU M 769 -73.24 -63.23 53.29
N ARG M 770 -74.55 -63.30 53.37
CA ARG M 770 -75.26 -64.26 52.55
C ARG M 770 -75.35 -63.74 51.13
N HIS M 771 -75.97 -62.57 50.94
CA HIS M 771 -76.37 -62.11 49.60
C HIS M 771 -75.30 -61.23 48.97
N GLN M 772 -74.51 -60.56 49.80
CA GLN M 772 -73.61 -59.50 49.32
C GLN M 772 -72.21 -59.69 49.89
N GLY M 773 -71.88 -60.90 50.34
CA GLY M 773 -70.52 -61.24 50.79
C GLY M 773 -69.41 -60.77 49.86
N PRO M 774 -69.49 -61.01 48.53
CA PRO M 774 -68.36 -60.73 47.64
C PRO M 774 -68.02 -59.25 47.54
N SER M 775 -69.04 -58.44 47.27
CA SER M 775 -68.89 -56.98 47.07
C SER M 775 -68.25 -56.29 48.27
N LEU M 776 -68.23 -56.92 49.43
CA LEU M 776 -67.52 -56.35 50.58
C LEU M 776 -66.03 -56.22 50.29
N SER M 777 -65.34 -55.48 51.15
CA SER M 777 -63.93 -55.15 50.98
C SER M 777 -63.09 -55.77 52.09
N ALA M 778 -61.76 -55.69 51.92
CA ALA M 778 -60.78 -56.25 52.87
C ALA M 778 -61.03 -55.79 54.30
N PRO M 779 -60.95 -54.49 54.60
CA PRO M 779 -61.08 -54.08 55.99
C PRO M 779 -62.49 -54.27 56.53
N HIS M 780 -63.51 -54.14 55.66
CA HIS M 780 -64.89 -54.50 56.03
C HIS M 780 -64.92 -55.90 56.59
N VAL M 781 -64.37 -56.83 55.82
CA VAL M 781 -64.40 -58.24 56.20
C VAL M 781 -63.63 -58.42 57.50
N LEU M 782 -62.47 -57.78 57.60
CA LEU M 782 -61.61 -57.91 58.80
C LEU M 782 -62.37 -57.50 60.07
N GLY M 783 -63.10 -56.41 59.96
CA GLY M 783 -63.86 -55.91 61.08
C GLY M 783 -64.99 -56.83 61.45
N LEU M 784 -65.70 -57.30 60.44
CA LEU M 784 -66.78 -58.26 60.67
C LEU M 784 -66.24 -59.50 61.36
N ALA M 785 -65.01 -59.87 61.05
CA ALA M 785 -64.44 -61.09 61.63
C ALA M 785 -64.14 -60.87 63.10
N ALA M 786 -63.41 -59.81 63.43
CA ALA M 786 -63.09 -59.57 64.86
C ALA M 786 -64.40 -59.35 65.63
N LEU M 787 -65.43 -58.79 64.97
CA LEU M 787 -66.78 -58.65 65.57
C LEU M 787 -67.28 -60.03 65.99
N ALA M 788 -67.24 -60.99 65.06
CA ALA M 788 -67.78 -62.33 65.33
C ALA M 788 -66.97 -62.97 66.43
N VAL M 789 -65.68 -62.70 66.45
CA VAL M 789 -64.85 -63.25 67.54
C VAL M 789 -65.38 -62.75 68.88
N HIS M 790 -65.53 -61.44 69.05
CA HIS M 790 -65.97 -60.89 70.33
C HIS M 790 -67.40 -61.32 70.64
N LEU M 791 -68.21 -61.54 69.61
CA LEU M 791 -69.57 -62.04 69.87
C LEU M 791 -69.50 -63.41 70.52
N GLY M 792 -68.73 -64.30 69.95
CA GLY M 792 -68.60 -65.64 70.49
C GLY M 792 -67.83 -65.69 71.78
N GLU M 793 -67.07 -64.64 72.09
CA GLU M 793 -66.39 -64.60 73.41
C GLU M 793 -67.42 -64.52 74.56
N SER M 794 -68.45 -63.68 74.39
CA SER M 794 -69.47 -63.41 75.43
C SER M 794 -70.83 -63.99 75.05
N ARG M 795 -70.89 -64.87 74.04
CA ARG M 795 -72.13 -65.59 73.68
C ARG M 795 -72.71 -66.35 74.88
N SER M 796 -71.89 -66.64 75.88
CA SER M 796 -72.33 -67.22 77.18
C SER M 796 -73.61 -66.58 77.69
N ALA M 797 -73.63 -65.26 77.70
CA ALA M 797 -74.78 -64.52 78.22
C ALA M 797 -75.92 -64.46 77.21
N LEU M 798 -75.73 -64.91 75.99
CA LEU M 798 -76.65 -64.57 74.90
C LEU M 798 -77.56 -65.72 74.50
N PRO M 799 -78.66 -65.43 73.79
CA PRO M 799 -79.66 -66.46 73.54
C PRO M 799 -79.35 -67.41 72.40
N GLU M 800 -80.28 -68.35 72.15
CA GLU M 800 -80.17 -69.34 71.06
C GLU M 800 -80.80 -68.75 69.79
N VAL M 801 -80.35 -69.25 68.65
CA VAL M 801 -80.87 -68.80 67.33
C VAL M 801 -81.17 -70.02 66.45
N ASP M 802 -82.37 -70.03 65.91
CA ASP M 802 -82.80 -70.96 64.86
C ASP M 802 -83.34 -70.11 63.72
N VAL M 803 -83.23 -70.63 62.51
CA VAL M 803 -83.58 -69.88 61.29
C VAL M 803 -84.87 -70.44 60.66
N GLY M 804 -84.80 -71.64 60.08
CA GLY M 804 -85.88 -72.23 59.26
C GLY M 804 -86.87 -73.08 60.04
N PRO M 805 -86.39 -74.15 60.71
CA PRO M 805 -87.27 -74.91 61.62
C PRO M 805 -87.61 -74.24 62.98
N PRO M 813 -77.19 -71.66 69.62
CA PRO M 813 -76.14 -70.76 70.14
C PRO M 813 -75.68 -69.72 69.10
N VAL M 814 -74.80 -68.80 69.45
CA VAL M 814 -74.44 -67.71 68.51
C VAL M 814 -73.50 -68.23 67.43
N PRO M 815 -72.38 -68.88 67.77
CA PRO M 815 -71.40 -69.16 66.72
C PRO M 815 -71.89 -70.14 65.67
N ALA M 816 -72.97 -70.84 65.95
CA ALA M 816 -73.64 -71.68 64.97
C ALA M 816 -74.13 -70.84 63.79
N LEU M 817 -74.32 -69.54 64.04
CA LEU M 817 -74.85 -68.61 63.04
C LEU M 817 -74.09 -68.71 61.72
N PHE M 818 -72.84 -68.28 61.73
CA PHE M 818 -72.07 -68.17 60.49
C PHE M 818 -71.85 -69.53 59.82
N ASP M 819 -71.72 -70.59 60.59
CA ASP M 819 -71.59 -71.94 60.03
C ASP M 819 -72.86 -72.28 59.27
N SER M 820 -74.02 -71.90 59.80
CA SER M 820 -75.29 -72.10 59.07
C SER M 820 -75.39 -71.13 57.89
N LEU M 821 -74.72 -70.00 58.00
CA LEU M 821 -74.91 -68.87 57.09
C LEU M 821 -74.17 -69.06 55.78
N LEU M 822 -72.90 -69.40 55.87
CA LEU M 822 -71.97 -69.34 54.72
C LEU M 822 -72.34 -70.37 53.65
N THR M 823 -72.61 -69.87 52.45
CA THR M 823 -72.81 -70.72 51.25
C THR M 823 -71.44 -70.91 50.61
N CYS M 824 -71.31 -71.97 49.83
CA CYS M 824 -70.05 -72.28 49.19
C CYS M 824 -70.23 -72.64 47.74
N ARG M 825 -71.43 -72.55 47.19
CA ARG M 825 -71.68 -72.98 45.80
C ARG M 825 -70.92 -72.13 44.80
N THR M 826 -70.76 -70.85 45.10
CA THR M 826 -70.05 -69.93 44.20
C THR M 826 -68.58 -69.90 44.59
N ARG M 827 -67.74 -69.82 43.58
CA ARG M 827 -66.30 -69.72 43.82
C ARG M 827 -65.95 -68.42 44.59
N ASP M 828 -66.62 -67.35 44.24
CA ASP M 828 -66.38 -66.04 44.88
C ASP M 828 -66.70 -66.15 46.35
N SER M 829 -67.81 -66.81 46.65
CA SER M 829 -68.19 -67.04 48.05
C SER M 829 -67.10 -67.83 48.77
N LEU M 830 -66.42 -68.74 48.06
CA LEU M 830 -65.35 -69.55 48.68
C LEU M 830 -64.17 -68.66 48.99
N PHE M 831 -63.77 -67.87 48.02
CA PHE M 831 -62.66 -66.96 48.26
C PHE M 831 -63.00 -66.12 49.47
N PHE M 832 -64.21 -65.57 49.48
CA PHE M 832 -64.63 -64.67 50.57
C PHE M 832 -64.64 -65.44 51.89
N CYS M 833 -65.05 -66.71 51.81
CA CYS M 833 -65.12 -67.59 52.99
C CYS M 833 -63.73 -67.77 53.57
N LEU M 834 -62.79 -68.01 52.71
CA LEU M 834 -61.40 -68.12 53.13
C LEU M 834 -60.92 -66.84 53.84
N LYS M 835 -61.17 -65.70 53.23
CA LYS M 835 -60.73 -64.44 53.81
C LYS M 835 -61.33 -64.27 55.18
N PHE M 836 -62.65 -64.45 55.27
CA PHE M 836 -63.40 -64.26 56.52
C PHE M 836 -62.75 -65.11 57.59
N CYS M 837 -62.58 -66.38 57.26
CA CYS M 837 -62.09 -67.38 58.21
C CYS M 837 -60.69 -67.01 58.67
N THR M 838 -59.85 -66.62 57.73
CA THR M 838 -58.46 -66.29 58.06
C THR M 838 -58.39 -65.13 59.03
N ALA M 839 -59.14 -64.09 58.72
CA ALA M 839 -59.14 -62.91 59.59
C ALA M 839 -59.69 -63.32 60.95
N ALA M 840 -60.80 -64.07 60.96
CA ALA M 840 -61.43 -64.49 62.21
C ALA M 840 -60.40 -65.22 63.08
N ILE M 841 -59.74 -66.20 62.49
CA ILE M 841 -58.87 -67.09 63.27
C ILE M 841 -57.65 -66.34 63.75
N SER M 842 -57.13 -65.49 62.88
CA SER M 842 -55.98 -64.68 63.25
C SER M 842 -56.33 -63.77 64.41
N TYR M 843 -57.55 -63.22 64.42
CA TYR M 843 -57.93 -62.32 65.51
C TYR M 843 -58.06 -63.11 66.81
N SER M 844 -58.60 -64.33 66.75
CA SER M 844 -58.73 -65.17 67.94
C SER M 844 -57.35 -65.53 68.49
N LEU M 845 -56.42 -65.86 67.60
CA LEU M 845 -55.03 -66.17 68.00
C LEU M 845 -54.36 -64.95 68.60
N CYS M 846 -54.64 -63.78 68.05
CA CYS M 846 -54.13 -62.54 68.63
C CYS M 846 -54.67 -62.33 70.05
N LYS M 847 -55.96 -62.58 70.26
CA LYS M 847 -56.58 -62.40 71.59
C LYS M 847 -55.92 -63.35 72.60
N PHE M 848 -55.96 -64.65 72.34
CA PHE M 848 -55.46 -65.68 73.27
C PHE M 848 -54.00 -66.03 72.99
N SER M 849 -53.24 -65.10 72.41
CA SER M 849 -51.78 -65.09 72.58
C SER M 849 -51.40 -64.49 73.93
N SER M 850 -52.33 -63.80 74.61
CA SER M 850 -52.14 -63.33 76.00
C SER M 850 -52.45 -64.45 76.99
N GLN M 851 -53.45 -65.28 76.70
CA GLN M 851 -53.84 -66.43 77.54
C GLN M 851 -53.29 -67.70 76.93
N SER M 852 -52.60 -68.51 77.73
CA SER M 852 -52.05 -69.80 77.24
C SER M 852 -53.14 -70.82 76.96
N ARG M 853 -54.39 -70.53 77.32
CA ARG M 853 -55.50 -71.49 77.16
C ARG M 853 -55.74 -71.74 75.66
N ASP M 854 -55.98 -73.00 75.31
CA ASP M 854 -56.38 -73.42 73.93
C ASP M 854 -57.90 -73.27 73.80
N THR M 855 -58.34 -72.03 73.67
CA THR M 855 -59.76 -71.65 73.80
C THR M 855 -60.33 -71.16 72.46
N LEU M 856 -59.65 -71.41 71.35
CA LEU M 856 -60.06 -70.79 70.07
C LEU M 856 -61.30 -71.46 69.51
N CYS M 857 -61.36 -72.79 69.58
CA CYS M 857 -62.49 -73.54 69.04
C CYS M 857 -63.75 -73.23 69.83
N SER M 858 -63.62 -72.99 71.13
CA SER M 858 -64.78 -72.63 71.97
C SER M 858 -65.17 -71.18 71.74
N CYS M 859 -64.17 -70.32 71.58
CA CYS M 859 -64.38 -68.90 71.26
C CYS M 859 -65.21 -68.79 69.98
N LEU M 860 -64.78 -69.52 68.98
CA LEU M 860 -65.50 -69.62 67.70
C LEU M 860 -66.39 -70.85 67.75
N SER M 861 -66.87 -71.28 66.59
CA SER M 861 -67.35 -72.65 66.41
C SER M 861 -66.22 -73.46 65.80
N PRO M 862 -66.36 -74.79 65.74
CA PRO M 862 -65.36 -75.57 65.01
C PRO M 862 -65.69 -75.66 63.52
N GLY M 863 -66.98 -75.53 63.20
CA GLY M 863 -67.41 -75.67 61.83
C GLY M 863 -66.63 -74.79 60.85
N LEU M 864 -66.32 -73.57 61.27
CA LEU M 864 -65.53 -72.70 60.41
C LEU M 864 -64.16 -73.31 60.19
N ILE M 865 -63.56 -73.87 61.24
CA ILE M 865 -62.20 -74.43 61.15
C ILE M 865 -62.17 -75.62 60.21
N LYS M 866 -63.22 -76.39 60.26
CA LYS M 866 -63.36 -77.45 59.27
C LYS M 866 -63.45 -76.85 57.89
N LYS M 867 -64.27 -75.81 57.74
CA LYS M 867 -64.43 -75.14 56.44
C LYS M 867 -63.13 -74.51 55.94
N PHE M 868 -62.22 -74.26 56.84
CA PHE M 868 -60.93 -73.66 56.53
C PHE M 868 -59.96 -74.71 56.01
N GLN M 869 -59.83 -75.79 56.79
CA GLN M 869 -58.93 -76.89 56.37
C GLN M 869 -59.37 -77.42 55.02
N PHE M 870 -60.67 -77.52 54.84
CA PHE M 870 -61.27 -77.91 53.57
C PHE M 870 -60.67 -77.07 52.46
N LEU M 871 -60.71 -75.77 52.65
CA LEU M 871 -60.31 -74.88 51.56
C LEU M 871 -58.84 -74.92 51.29
N MET M 872 -58.02 -75.01 52.33
CA MET M 872 -56.56 -75.10 52.09
C MET M 872 -56.28 -76.35 51.24
N PHE M 873 -56.87 -77.49 51.59
CA PHE M 873 -56.66 -78.74 50.83
C PHE M 873 -57.22 -78.63 49.45
N ARG M 874 -58.26 -77.84 49.28
CA ARG M 874 -58.93 -77.72 47.98
C ARG M 874 -58.25 -76.74 47.05
N LEU M 875 -57.48 -75.76 47.55
CA LEU M 875 -56.88 -74.72 46.67
C LEU M 875 -55.38 -74.52 46.82
N PHE M 876 -54.68 -75.38 47.53
CA PHE M 876 -53.22 -75.27 47.62
C PHE M 876 -52.63 -76.64 47.75
N SER M 877 -52.04 -77.11 46.68
CA SER M 877 -51.31 -78.38 46.77
C SER M 877 -50.14 -78.25 47.75
N GLU M 878 -49.65 -77.04 47.98
CA GLU M 878 -48.53 -76.79 48.90
C GLU M 878 -48.89 -77.25 50.31
N ALA M 879 -50.17 -77.17 50.64
CA ALA M 879 -50.62 -77.51 52.00
C ALA M 879 -51.04 -78.96 52.11
N ARG M 880 -51.40 -79.60 51.00
CA ARG M 880 -51.76 -81.03 51.05
C ARG M 880 -50.55 -81.82 51.50
N GLN M 881 -49.42 -81.57 50.89
CA GLN M 881 -48.22 -82.29 51.27
C GLN M 881 -47.60 -81.59 52.47
N PRO M 882 -47.39 -82.23 53.64
CA PRO M 882 -46.72 -81.50 54.76
C PRO M 882 -45.22 -81.23 54.70
N HIS M 897 -50.05 -62.96 63.61
CA HIS M 897 -49.68 -61.64 63.04
C HIS M 897 -50.86 -61.08 62.25
N LEU M 898 -50.91 -59.74 62.15
CA LEU M 898 -51.97 -59.03 61.41
C LEU M 898 -51.35 -58.15 60.32
N PRO M 899 -50.93 -58.72 59.18
CA PRO M 899 -50.85 -57.93 57.96
C PRO M 899 -52.16 -57.99 57.14
N SER M 900 -52.40 -56.96 56.34
CA SER M 900 -53.46 -56.92 55.30
C SER M 900 -52.90 -57.32 53.92
N ALA M 901 -51.77 -58.02 53.88
CA ALA M 901 -51.22 -58.55 52.63
C ALA M 901 -52.21 -59.58 52.05
N ASP M 902 -51.88 -60.09 50.86
CA ASP M 902 -52.86 -60.90 50.13
C ASP M 902 -53.08 -62.24 50.83
N TRP M 903 -54.08 -62.94 50.34
CA TRP M 903 -54.75 -64.03 51.07
C TRP M 903 -53.91 -65.27 51.00
N GLN M 904 -53.19 -65.43 49.91
CA GLN M 904 -52.39 -66.65 49.68
C GLN M 904 -51.30 -66.70 50.72
N ARG M 905 -50.54 -65.61 50.78
CA ARG M 905 -49.48 -65.47 51.80
C ARG M 905 -50.08 -65.58 53.19
N ALA M 906 -51.20 -64.91 53.41
CA ALA M 906 -51.85 -64.94 54.72
C ALA M 906 -52.20 -66.37 55.14
N ALA M 907 -52.92 -67.10 54.29
CA ALA M 907 -53.42 -68.43 54.64
C ALA M 907 -52.28 -69.42 54.83
N LEU M 908 -51.29 -69.39 53.96
CA LEU M 908 -50.21 -70.39 54.07
C LEU M 908 -49.35 -70.05 55.27
N SER M 909 -49.12 -68.76 55.53
CA SER M 909 -48.37 -68.35 56.72
C SER M 909 -49.09 -68.87 57.95
N LEU M 910 -50.41 -68.80 57.93
CA LEU M 910 -51.19 -69.33 59.05
C LEU M 910 -51.02 -70.84 59.14
N TRP M 911 -51.14 -71.54 58.02
CA TRP M 911 -51.04 -73.01 58.01
C TRP M 911 -49.70 -73.48 58.54
N THR M 912 -48.65 -72.73 58.28
CA THR M 912 -47.32 -73.02 58.85
C THR M 912 -47.35 -72.90 60.38
N HIS M 913 -48.15 -71.96 60.89
CA HIS M 913 -48.06 -71.50 62.28
C HIS M 913 -48.25 -72.64 63.28
N ARG M 914 -47.35 -72.70 64.26
CA ARG M 914 -47.28 -73.80 65.23
C ARG M 914 -48.59 -73.94 66.01
N THR M 915 -49.08 -72.84 66.56
CA THR M 915 -50.23 -72.90 67.48
C THR M 915 -51.45 -73.45 66.77
N PHE M 916 -51.53 -73.18 65.48
CA PHE M 916 -52.58 -73.77 64.67
C PHE M 916 -52.39 -75.28 64.58
N ARG M 917 -51.13 -75.73 64.44
CA ARG M 917 -50.81 -77.18 64.49
C ARG M 917 -51.29 -77.76 65.82
N GLU M 918 -51.14 -77.01 66.91
CA GLU M 918 -51.54 -77.50 68.25
C GLU M 918 -53.06 -77.56 68.33
N VAL M 919 -53.73 -76.60 67.71
CA VAL M 919 -55.20 -76.62 67.63
C VAL M 919 -55.66 -77.84 66.88
N LEU M 920 -54.89 -78.24 65.89
CA LEU M 920 -55.24 -79.38 65.04
C LEU M 920 -54.95 -80.72 65.73
N LYS M 921 -54.69 -80.74 67.04
CA LYS M 921 -54.57 -81.98 67.85
C LYS M 921 -55.81 -82.21 68.71
N GLU M 922 -56.47 -81.15 69.17
CA GLU M 922 -57.65 -81.22 70.06
C GLU M 922 -58.88 -81.09 69.15
N GLU M 923 -59.44 -82.23 68.77
CA GLU M 923 -60.27 -82.32 67.56
C GLU M 923 -61.65 -82.85 67.88
N ASP M 924 -62.60 -81.94 67.85
CA ASP M 924 -63.86 -82.22 67.15
C ASP M 924 -63.78 -81.56 65.77
N VAL M 925 -62.57 -81.44 65.24
CA VAL M 925 -62.26 -80.50 64.16
C VAL M 925 -61.48 -81.14 63.01
N HIS M 926 -61.03 -82.38 63.15
CA HIS M 926 -60.12 -83.01 62.18
C HIS M 926 -60.80 -83.45 60.89
N LEU M 927 -62.04 -83.02 60.66
CA LEU M 927 -62.61 -83.08 59.34
C LEU M 927 -62.80 -84.53 58.94
N THR M 928 -63.80 -85.18 59.51
CA THR M 928 -64.20 -86.54 59.11
C THR M 928 -64.49 -86.61 57.63
N TYR M 929 -64.33 -87.81 57.08
CA TYR M 929 -64.66 -88.11 55.68
C TYR M 929 -66.04 -87.54 55.38
N GLN M 930 -66.98 -87.74 56.29
CA GLN M 930 -68.34 -87.23 56.04
C GLN M 930 -68.38 -85.71 56.18
N ASP M 931 -67.51 -85.14 56.99
CA ASP M 931 -67.48 -83.69 57.11
C ASP M 931 -67.02 -83.09 55.83
N TRP M 932 -65.93 -83.62 55.35
CA TRP M 932 -65.41 -83.33 54.00
C TRP M 932 -66.55 -83.37 52.97
N LEU M 933 -67.35 -84.43 53.00
CA LEU M 933 -68.47 -84.50 52.07
C LEU M 933 -69.45 -83.35 52.28
N HIS M 934 -69.85 -83.12 53.52
CA HIS M 934 -70.95 -82.17 53.78
C HIS M 934 -70.54 -80.75 53.41
N LEU M 935 -69.24 -80.50 53.27
CA LEU M 935 -68.78 -79.25 52.64
C LEU M 935 -68.82 -79.43 51.12
N GLU M 936 -68.32 -80.58 50.66
CA GLU M 936 -67.93 -80.79 49.25
C GLU M 936 -69.16 -80.82 48.38
N LEU M 937 -70.17 -81.49 48.82
CA LEU M 937 -71.28 -81.81 47.94
C LEU M 937 -71.93 -80.54 47.46
N GLU M 938 -72.02 -79.56 48.33
CA GLU M 938 -72.77 -78.35 48.01
C GLU M 938 -72.12 -77.50 46.93
N ILE M 939 -70.91 -77.74 46.55
CA ILE M 939 -70.36 -76.97 45.42
C ILE M 939 -71.09 -77.39 44.18
N GLN M 940 -71.40 -76.45 43.32
CA GLN M 940 -71.86 -76.77 41.98
C GLN M 940 -70.66 -76.87 41.04
N PRO M 941 -70.78 -77.66 39.96
CA PRO M 941 -69.66 -77.72 39.02
C PRO M 941 -69.58 -76.46 38.14
N GLU M 942 -70.63 -75.63 38.14
CA GLU M 942 -70.82 -74.60 37.08
C GLU M 942 -69.89 -73.46 37.41
N ALA M 943 -70.07 -72.94 38.60
CA ALA M 943 -69.09 -72.05 39.23
C ALA M 943 -68.14 -72.92 40.06
N ASP M 944 -66.86 -72.60 40.00
CA ASP M 944 -65.89 -73.33 40.80
C ASP M 944 -64.56 -72.63 40.76
N ALA M 945 -63.76 -72.84 41.83
CA ALA M 945 -62.38 -72.35 41.90
C ALA M 945 -61.49 -73.21 41.01
N LEU M 946 -61.75 -74.50 41.01
CA LEU M 946 -60.96 -75.46 40.24
C LEU M 946 -61.76 -75.90 39.04
N SER M 947 -61.08 -76.29 37.99
CA SER M 947 -61.77 -76.49 36.70
C SER M 947 -62.40 -77.89 36.54
N ASP M 948 -61.58 -78.90 36.28
CA ASP M 948 -62.08 -80.28 36.16
C ASP M 948 -61.07 -81.26 36.70
N THR M 949 -59.84 -81.07 36.26
CA THR M 949 -58.78 -82.05 36.50
C THR M 949 -58.22 -81.81 37.89
N GLU M 950 -58.14 -80.54 38.25
CA GLU M 950 -57.87 -80.20 39.65
C GLU M 950 -58.90 -80.82 40.57
N ARG M 951 -60.15 -80.84 40.14
CA ARG M 951 -61.21 -81.48 40.91
C ARG M 951 -60.91 -82.96 41.09
N GLN M 952 -60.62 -83.64 40.00
CA GLN M 952 -60.44 -85.08 40.10
C GLN M 952 -59.25 -85.38 40.95
N ASP M 953 -58.20 -84.60 40.77
CA ASP M 953 -57.00 -84.82 41.58
C ASP M 953 -57.31 -84.58 43.04
N PHE M 954 -58.10 -83.56 43.34
CA PHE M 954 -58.42 -83.26 44.74
C PHE M 954 -59.22 -84.42 45.32
N HIS M 955 -60.18 -84.93 44.55
CA HIS M 955 -60.95 -86.12 45.00
C HIS M 955 -60.02 -87.27 45.29
N GLN M 956 -59.10 -87.54 44.38
CA GLN M 956 -58.21 -88.67 44.58
C GLN M 956 -57.28 -88.47 45.77
N TRP M 957 -56.82 -87.26 45.98
CA TRP M 957 -56.00 -86.98 47.15
C TRP M 957 -56.74 -87.25 48.40
N ALA M 958 -57.91 -86.67 48.49
CA ALA M 958 -58.70 -86.77 49.70
C ALA M 958 -59.07 -88.22 50.00
N ILE M 959 -59.49 -88.96 48.98
CA ILE M 959 -59.94 -90.34 49.19
C ILE M 959 -58.76 -91.19 49.63
N HIS M 960 -57.61 -91.11 48.93
CA HIS M 960 -56.39 -91.88 49.26
C HIS M 960 -55.44 -91.08 50.21
N GLU M 961 -56.04 -90.10 50.91
CA GLU M 961 -55.70 -89.68 52.32
C GLU M 961 -56.61 -90.32 53.40
N HIS M 962 -57.93 -90.28 53.22
CA HIS M 962 -58.91 -90.68 54.25
C HIS M 962 -59.04 -92.20 54.38
N PHE M 963 -58.38 -93.01 53.53
CA PHE M 963 -58.31 -94.46 53.71
C PHE M 963 -57.37 -94.88 54.78
N LEU M 964 -56.43 -94.03 55.11
CA LEU M 964 -55.37 -94.43 56.03
C LEU M 964 -55.79 -94.35 57.49
N PRO M 965 -56.30 -93.22 58.01
CA PRO M 965 -56.41 -93.07 59.45
C PRO M 965 -57.41 -94.05 60.07
N GLU M 966 -57.14 -94.38 61.32
CA GLU M 966 -58.08 -95.18 62.09
C GLU M 966 -59.38 -94.43 62.19
N SER M 967 -60.47 -95.17 62.29
CA SER M 967 -61.81 -94.61 62.41
C SER M 967 -61.96 -93.71 63.63
N SER M 968 -61.04 -93.78 64.57
CA SER M 968 -61.07 -92.90 65.75
C SER M 968 -60.48 -91.53 65.42
N ALA M 969 -59.23 -91.51 64.95
CA ALA M 969 -58.50 -90.24 64.70
C ALA M 969 -59.27 -89.38 63.71
N SER M 970 -59.86 -90.02 62.73
CA SER M 970 -60.94 -89.45 61.93
C SER M 970 -61.87 -90.60 61.55
N GLY M 971 -63.09 -90.31 61.12
CA GLY M 971 -63.97 -91.36 60.58
C GLY M 971 -63.45 -91.95 59.29
N GLY M 972 -62.34 -91.42 58.76
CA GLY M 972 -61.59 -92.03 57.67
C GLY M 972 -61.51 -93.54 57.75
N CYS M 973 -62.05 -94.18 56.74
CA CYS M 973 -62.19 -95.62 56.73
C CYS M 973 -60.86 -96.32 56.55
N ASP M 974 -60.41 -97.05 57.56
CA ASP M 974 -59.40 -98.11 57.32
C ASP M 974 -59.86 -98.99 56.17
N GLY M 975 -58.94 -99.71 55.54
CA GLY M 975 -59.01 -100.05 54.11
C GLY M 975 -60.36 -100.41 53.54
N ASP M 976 -61.31 -100.84 54.37
CA ASP M 976 -62.66 -101.21 53.92
C ASP M 976 -63.25 -100.14 53.01
N LEU M 977 -63.36 -100.47 51.74
CA LEU M 977 -64.17 -99.68 50.83
C LEU M 977 -65.63 -99.77 51.20
N GLN M 978 -66.04 -100.87 51.84
CA GLN M 978 -67.43 -101.01 52.29
C GLN M 978 -67.80 -99.83 53.20
N ALA M 979 -66.98 -99.56 54.22
CA ALA M 979 -67.20 -98.46 55.17
C ALA M 979 -67.29 -97.12 54.42
N ALA M 980 -66.36 -96.87 53.50
CA ALA M 980 -66.35 -95.60 52.78
C ALA M 980 -67.63 -95.44 51.98
N CYS M 981 -68.02 -96.48 51.26
CA CYS M 981 -69.24 -96.45 50.44
C CYS M 981 -70.48 -96.20 51.31
N THR M 982 -70.52 -96.87 52.45
CA THR M 982 -71.65 -96.74 53.36
C THR M 982 -71.77 -95.27 53.78
N ILE M 983 -70.68 -94.72 54.32
CA ILE M 983 -70.65 -93.33 54.81
C ILE M 983 -71.01 -92.39 53.68
N LEU M 984 -70.53 -92.70 52.49
CA LEU M 984 -70.81 -91.88 51.33
C LEU M 984 -72.30 -91.78 51.10
N VAL M 985 -72.96 -92.92 50.96
CA VAL M 985 -74.39 -92.86 50.59
C VAL M 985 -75.20 -92.32 51.76
N ASN M 986 -74.76 -92.60 52.97
CA ASN M 986 -75.43 -92.08 54.17
C ASN M 986 -75.45 -90.56 54.12
N ALA M 987 -74.27 -89.96 54.06
CA ALA M 987 -74.21 -88.50 54.03
C ALA M 987 -74.84 -87.95 52.76
N LEU M 988 -74.84 -88.71 51.67
CA LEU M 988 -75.44 -88.24 50.43
C LEU M 988 -76.94 -88.07 50.62
N MET M 989 -77.59 -89.10 51.13
CA MET M 989 -79.04 -89.02 51.42
C MET M 989 -79.29 -87.85 52.41
N ASP M 990 -78.39 -87.70 53.40
CA ASP M 990 -78.55 -86.70 54.48
C ASP M 990 -78.58 -85.33 53.85
N PHE M 991 -77.69 -85.13 52.91
CA PHE M 991 -77.68 -83.90 52.15
C PHE M 991 -78.95 -83.80 51.34
N HIS M 992 -79.26 -84.82 50.59
CA HIS M 992 -80.24 -84.67 49.51
C HIS M 992 -81.63 -84.38 49.98
N GLN M 993 -81.98 -84.96 51.11
CA GLN M 993 -83.24 -84.66 51.79
C GLN M 993 -83.03 -83.74 52.96
N SER M 994 -82.64 -82.51 52.64
CA SER M 994 -82.26 -81.48 53.63
C SER M 994 -82.77 -80.15 53.15
N SER M 995 -82.56 -79.13 53.97
CA SER M 995 -82.81 -77.73 53.56
C SER M 995 -81.79 -77.34 52.48
N ARG M 996 -80.63 -78.00 52.46
CA ARG M 996 -79.50 -77.52 51.67
C ARG M 996 -79.77 -77.66 50.17
N SER M 997 -80.25 -78.82 49.75
CA SER M 997 -80.44 -79.09 48.32
C SER M 997 -81.57 -78.28 47.73
N TYR M 998 -82.30 -77.54 48.55
CA TYR M 998 -83.26 -76.58 48.04
C TYR M 998 -82.51 -75.35 47.53
N ASP M 999 -83.20 -74.58 46.69
CA ASP M 999 -82.58 -73.55 45.84
C ASP M 999 -83.24 -72.18 46.07
N HIS M 1000 -82.80 -71.46 47.09
CA HIS M 1000 -83.16 -70.05 47.20
C HIS M 1000 -82.40 -69.25 46.17
N SER M 1001 -83.02 -68.18 45.68
CA SER M 1001 -82.47 -67.36 44.59
C SER M 1001 -82.53 -65.88 44.91
N GLU M 1002 -83.12 -65.47 46.02
CA GLU M 1002 -83.32 -64.05 46.35
C GLU M 1002 -83.56 -63.91 47.85
N ASN M 1003 -83.78 -62.68 48.33
CA ASN M 1003 -84.39 -62.45 49.67
C ASN M 1003 -85.90 -62.63 49.53
N SER M 1004 -86.31 -63.84 49.20
CA SER M 1004 -87.71 -64.26 49.01
C SER M 1004 -88.04 -65.50 49.82
N ASP M 1005 -87.05 -66.37 50.07
CA ASP M 1005 -87.22 -67.65 50.81
C ASP M 1005 -88.08 -68.63 50.00
N LEU M 1006 -88.20 -68.43 48.69
CA LEU M 1006 -88.85 -69.43 47.83
C LEU M 1006 -87.83 -70.49 47.47
N VAL M 1007 -88.31 -71.71 47.34
CA VAL M 1007 -87.40 -72.85 47.16
C VAL M 1007 -87.07 -73.09 45.70
N PHE M 1008 -87.99 -72.83 44.78
CA PHE M 1008 -87.66 -72.59 43.36
C PHE M 1008 -86.90 -73.76 42.71
N GLY M 1009 -87.56 -74.88 42.48
CA GLY M 1009 -86.86 -76.05 41.93
C GLY M 1009 -85.82 -76.59 42.88
N GLY M 1010 -84.88 -77.35 42.35
CA GLY M 1010 -83.91 -78.05 43.19
C GLY M 1010 -82.49 -77.97 42.69
N ARG M 1011 -81.60 -77.43 43.51
CA ARG M 1011 -80.17 -77.50 43.17
C ARG M 1011 -79.75 -78.95 43.22
N THR M 1012 -78.75 -79.29 42.42
CA THR M 1012 -78.41 -80.68 42.14
C THR M 1012 -77.19 -81.14 42.94
N GLY M 1013 -76.12 -80.35 42.95
CA GLY M 1013 -74.93 -80.66 43.74
C GLY M 1013 -73.77 -81.16 42.89
N ASN M 1014 -73.50 -82.46 42.94
CA ASN M 1014 -72.25 -82.99 42.36
C ASN M 1014 -72.51 -84.41 41.92
N GLU M 1015 -72.31 -84.65 40.64
CA GLU M 1015 -72.48 -85.98 40.05
C GLU M 1015 -71.15 -86.70 39.94
N ASP M 1016 -70.05 -85.96 40.08
CA ASP M 1016 -68.72 -86.58 40.02
C ASP M 1016 -68.62 -87.69 41.08
N ILE M 1017 -69.26 -87.45 42.23
CA ILE M 1017 -69.09 -88.42 43.32
C ILE M 1017 -69.69 -89.75 42.95
N ILE M 1018 -70.68 -89.73 42.09
CA ILE M 1018 -71.30 -90.98 41.71
C ILE M 1018 -70.29 -91.80 40.94
N SER M 1019 -69.52 -91.16 40.07
CA SER M 1019 -68.47 -91.89 39.35
C SER M 1019 -67.37 -92.36 40.34
N ARG M 1020 -67.08 -91.49 41.30
CA ARG M 1020 -66.12 -91.84 42.35
C ARG M 1020 -66.57 -93.07 43.13
N LEU M 1021 -67.87 -93.30 43.19
CA LEU M 1021 -68.38 -94.50 43.83
C LEU M 1021 -68.33 -95.68 42.86
N GLN M 1022 -68.60 -95.47 41.58
CA GLN M 1022 -68.49 -96.56 40.60
C GLN M 1022 -67.13 -97.20 40.69
N GLU M 1023 -66.10 -96.37 40.89
CA GLU M 1023 -64.73 -96.85 41.11
C GLU M 1023 -64.71 -97.98 42.12
N MET M 1024 -65.10 -97.66 43.35
CA MET M 1024 -65.00 -98.62 44.46
C MET M 1024 -65.97 -99.78 44.28
N VAL M 1025 -67.12 -99.49 43.71
CA VAL M 1025 -68.13 -100.53 43.49
C VAL M 1025 -67.56 -101.61 42.59
N ALA M 1026 -67.08 -101.24 41.42
CA ALA M 1026 -66.51 -102.23 40.52
C ALA M 1026 -65.29 -102.89 41.16
N ASP M 1027 -64.50 -102.11 41.88
CA ASP M 1027 -63.28 -102.61 42.53
C ASP M 1027 -63.55 -103.67 43.59
N LEU M 1028 -64.73 -103.64 44.20
CA LEU M 1028 -65.14 -104.72 45.09
C LEU M 1028 -65.89 -105.80 44.37
N GLU M 1029 -66.67 -105.44 43.35
CA GLU M 1029 -67.42 -106.43 42.58
C GLU M 1029 -66.49 -107.51 42.06
N LEU M 1030 -65.31 -107.10 41.64
CA LEU M 1030 -64.39 -108.10 41.07
C LEU M 1030 -63.69 -108.88 42.17
N GLN M 1031 -63.67 -108.35 43.39
CA GLN M 1031 -62.94 -109.03 44.47
C GLN M 1031 -63.67 -110.30 44.91
N GLN M 1032 -65.00 -110.26 45.02
CA GLN M 1032 -65.77 -111.31 45.70
C GLN M 1032 -65.67 -112.66 44.99
N ASP M 1033 -65.65 -112.64 43.66
CA ASP M 1033 -65.55 -113.89 42.89
C ASP M 1033 -64.17 -114.55 43.10
N SER M 1043 -72.89 -115.23 46.42
CA SER M 1043 -73.78 -115.78 47.47
C SER M 1043 -74.06 -114.70 48.50
N GLN M 1044 -73.02 -114.31 49.24
CA GLN M 1044 -73.12 -113.33 50.32
C GLN M 1044 -73.64 -112.02 49.75
N GLU M 1045 -74.34 -111.27 50.58
CA GLU M 1045 -75.18 -110.19 50.08
C GLU M 1045 -74.44 -108.86 50.11
N HIS M 1046 -74.91 -107.95 49.29
CA HIS M 1046 -74.33 -106.61 49.17
C HIS M 1046 -74.80 -105.73 50.31
N PHE M 1047 -73.84 -105.00 50.90
CA PHE M 1047 -74.17 -104.03 51.96
C PHE M 1047 -75.10 -102.94 51.43
N LEU M 1048 -75.17 -102.74 50.11
CA LEU M 1048 -75.98 -101.67 49.52
C LEU M 1048 -77.45 -101.78 49.91
N PHE M 1049 -78.02 -102.93 49.61
CA PHE M 1049 -79.44 -103.11 49.86
C PHE M 1049 -79.71 -102.96 51.35
N GLU M 1050 -78.80 -103.44 52.20
CA GLU M 1050 -78.98 -103.31 53.66
C GLU M 1050 -79.04 -101.85 54.04
N ILE M 1051 -78.22 -101.04 53.40
CA ILE M 1051 -78.21 -99.60 53.72
C ILE M 1051 -79.53 -98.99 53.27
N PHE M 1052 -79.97 -99.31 52.07
CA PHE M 1052 -81.26 -98.80 51.60
C PHE M 1052 -82.36 -99.13 52.58
N ARG M 1053 -82.40 -100.37 53.03
CA ARG M 1053 -83.49 -100.82 53.92
C ARG M 1053 -83.34 -100.15 55.30
N ARG M 1054 -82.11 -99.91 55.75
CA ARG M 1054 -81.92 -99.21 57.04
C ARG M 1054 -82.48 -97.81 56.98
N ARG M 1055 -82.20 -97.09 55.92
CA ARG M 1055 -82.76 -95.73 55.81
C ARG M 1055 -84.28 -95.79 55.70
N LEU M 1056 -84.81 -96.74 54.94
CA LEU M 1056 -86.28 -96.87 54.86
C LEU M 1056 -86.90 -97.16 56.20
N GLN M 1057 -86.22 -97.96 57.01
CA GLN M 1057 -86.70 -98.34 58.35
C GLN M 1057 -86.74 -97.10 59.23
N ALA M 1058 -85.62 -96.38 59.36
CA ALA M 1058 -85.53 -95.15 60.19
C ALA M 1058 -86.43 -94.03 59.68
N LEU M 1059 -86.90 -94.10 58.44
CA LEU M 1059 -87.97 -93.18 58.00
C LEU M 1059 -89.30 -93.52 58.66
N THR M 1060 -90.23 -92.58 58.61
CA THR M 1060 -91.60 -92.80 59.10
C THR M 1060 -92.42 -93.60 58.08
N SER M 1061 -93.39 -94.37 58.58
CA SER M 1061 -94.23 -95.27 57.77
C SER M 1061 -95.62 -94.68 57.50
N GLY M 1062 -95.78 -93.37 57.63
CA GLY M 1062 -97.10 -92.76 57.58
C GLY M 1062 -97.69 -92.79 56.19
N TRP M 1063 -98.98 -92.44 56.11
CA TRP M 1063 -99.69 -92.14 54.84
C TRP M 1063 -99.86 -90.65 54.61
N SER M 1064 -99.32 -89.83 55.50
CA SER M 1064 -99.18 -88.38 55.26
C SER M 1064 -98.49 -88.09 53.95
N VAL M 1065 -98.95 -87.05 53.28
CA VAL M 1065 -98.42 -86.68 51.96
C VAL M 1065 -96.91 -86.45 52.06
N ALA M 1066 -96.48 -85.75 53.09
CA ALA M 1066 -95.06 -85.44 53.26
C ALA M 1066 -94.25 -86.71 53.41
N ALA M 1067 -94.77 -87.69 54.14
CA ALA M 1067 -94.05 -88.95 54.35
C ALA M 1067 -93.92 -89.69 53.02
N SER M 1068 -95.03 -89.85 52.32
CA SER M 1068 -95.04 -90.50 51.00
C SER M 1068 -94.02 -89.84 50.10
N LEU M 1069 -94.00 -88.53 50.09
CA LEU M 1069 -93.24 -87.86 49.04
C LEU M 1069 -91.73 -87.94 49.34
N GLN M 1070 -91.34 -87.75 50.59
CA GLN M 1070 -89.91 -87.84 50.97
C GLN M 1070 -89.41 -89.27 51.03
N ARG M 1071 -90.28 -90.26 50.96
CA ARG M 1071 -89.81 -91.62 50.62
C ARG M 1071 -89.63 -91.77 49.12
N GLN M 1072 -90.53 -91.21 48.33
CA GLN M 1072 -90.43 -91.27 46.88
C GLN M 1072 -89.12 -90.69 46.41
N ARG M 1073 -88.72 -89.58 47.02
CA ARG M 1073 -87.41 -88.99 46.78
C ARG M 1073 -86.30 -89.99 47.05
N GLU M 1074 -86.32 -90.62 48.22
CA GLU M 1074 -85.23 -91.49 48.62
C GLU M 1074 -85.17 -92.72 47.70
N LEU M 1075 -86.28 -93.13 47.08
CA LEU M 1075 -86.20 -94.23 46.12
C LEU M 1075 -85.78 -93.81 44.75
N LEU M 1076 -86.22 -92.67 44.28
CA LEU M 1076 -85.72 -92.21 43.00
C LEU M 1076 -84.21 -91.99 42.99
N MET M 1077 -83.64 -91.42 44.04
CA MET M 1077 -82.15 -91.29 44.15
C MET M 1077 -81.47 -92.67 44.15
N TYR M 1078 -82.06 -93.65 44.80
CA TYR M 1078 -81.53 -95.01 44.74
C TYR M 1078 -81.55 -95.55 43.32
N LYS M 1079 -82.66 -95.39 42.62
CA LYS M 1079 -82.77 -95.85 41.23
C LYS M 1079 -81.70 -95.21 40.35
N ARG M 1080 -81.51 -93.90 40.48
CA ARG M 1080 -80.43 -93.19 39.80
C ARG M 1080 -79.08 -93.84 40.14
N ILE M 1081 -78.81 -94.15 41.41
CA ILE M 1081 -77.52 -94.78 41.75
C ILE M 1081 -77.35 -96.09 41.03
N LEU M 1082 -78.35 -96.95 41.04
CA LEU M 1082 -78.19 -98.30 40.43
C LEU M 1082 -78.02 -98.24 38.94
N LEU M 1083 -78.69 -97.34 38.28
CA LEU M 1083 -78.44 -97.23 36.84
C LEU M 1083 -77.05 -96.70 36.57
N ARG M 1084 -76.50 -95.86 37.45
CA ARG M 1084 -75.12 -95.36 37.31
C ARG M 1084 -74.14 -96.33 37.97
N LEU M 1085 -74.58 -97.51 38.34
CA LEU M 1085 -73.67 -98.54 38.86
C LEU M 1085 -73.72 -99.77 37.97
N PRO M 1086 -72.78 -100.72 38.16
CA PRO M 1086 -72.78 -101.93 37.32
C PRO M 1086 -73.94 -102.87 37.58
N SER M 1087 -74.47 -103.50 36.54
CA SER M 1087 -75.58 -104.45 36.68
C SER M 1087 -75.22 -105.64 37.57
N SER M 1088 -73.93 -105.99 37.61
CA SER M 1088 -73.43 -107.18 38.31
C SER M 1088 -73.89 -107.30 39.77
N VAL M 1089 -74.11 -106.18 40.47
CA VAL M 1089 -74.57 -106.25 41.86
C VAL M 1089 -75.95 -106.91 41.90
N LEU M 1090 -76.77 -106.62 40.90
CA LEU M 1090 -78.14 -107.13 40.85
C LEU M 1090 -78.15 -108.66 40.81
N CYS M 1091 -77.57 -109.22 39.77
CA CYS M 1091 -77.65 -110.66 39.54
C CYS M 1091 -76.48 -111.39 40.18
N GLY M 1092 -75.63 -110.70 40.92
CA GLY M 1092 -74.36 -111.28 41.33
C GLY M 1092 -73.51 -111.62 40.12
N SER M 1093 -72.37 -112.23 40.40
CA SER M 1093 -71.48 -112.74 39.36
C SER M 1093 -71.33 -114.24 39.51
N SER M 1094 -71.53 -114.98 38.43
CA SER M 1094 -71.14 -116.40 38.38
C SER M 1094 -71.92 -117.25 39.38
N PHE M 1095 -73.20 -117.46 39.12
CA PHE M 1095 -73.94 -118.53 39.79
C PHE M 1095 -73.14 -119.82 39.66
N GLN M 1096 -72.69 -120.35 40.78
CA GLN M 1096 -71.78 -121.52 40.75
C GLN M 1096 -72.54 -122.74 40.24
N ALA M 1097 -73.60 -123.10 40.94
CA ALA M 1097 -74.43 -124.25 40.58
C ALA M 1097 -75.89 -123.95 40.91
N GLU M 1098 -76.76 -124.85 40.48
CA GLU M 1098 -78.18 -124.74 40.82
C GLU M 1098 -78.44 -124.93 42.31
N GLN M 1099 -77.47 -125.45 43.07
CA GLN M 1099 -77.64 -125.52 44.53
C GLN M 1099 -77.47 -124.14 45.15
N PRO M 1100 -76.29 -123.48 45.04
CA PRO M 1100 -76.20 -122.09 45.49
C PRO M 1100 -76.78 -121.14 44.43
N ILE M 1101 -78.09 -121.22 44.23
CA ILE M 1101 -78.78 -120.47 43.16
C ILE M 1101 -79.69 -119.42 43.79
N THR M 1102 -79.91 -118.33 43.05
CA THR M 1102 -80.83 -117.25 43.44
C THR M 1102 -80.35 -116.64 44.75
N ALA M 1103 -79.14 -116.09 44.72
CA ALA M 1103 -78.60 -115.27 45.83
C ALA M 1103 -78.63 -113.80 45.43
N ARG M 1104 -79.20 -112.98 46.31
CA ARG M 1104 -79.22 -111.52 46.20
C ARG M 1104 -80.19 -111.03 45.14
N CYS M 1105 -80.61 -111.87 44.19
CA CYS M 1105 -81.74 -111.49 43.32
C CYS M 1105 -82.97 -111.41 44.21
N GLU M 1106 -83.06 -112.30 45.19
CA GLU M 1106 -84.10 -112.25 46.22
C GLU M 1106 -84.00 -110.90 46.95
N GLN M 1107 -82.78 -110.47 47.28
CA GLN M 1107 -82.57 -109.14 47.88
C GLN M 1107 -83.17 -108.07 47.01
N PHE M 1108 -82.91 -108.16 45.71
CA PHE M 1108 -83.43 -107.20 44.73
C PHE M 1108 -84.95 -107.24 44.72
N PHE M 1109 -85.52 -108.42 44.67
CA PHE M 1109 -86.99 -108.56 44.56
C PHE M 1109 -87.67 -108.02 45.82
N HIS M 1110 -87.04 -108.22 46.98
CA HIS M 1110 -87.57 -107.72 48.27
C HIS M 1110 -87.75 -106.23 48.13
N LEU M 1111 -86.68 -105.56 47.75
CA LEU M 1111 -86.69 -104.11 47.52
C LEU M 1111 -87.69 -103.73 46.42
N VAL M 1112 -87.88 -104.59 45.43
CA VAL M 1112 -88.84 -104.29 44.34
C VAL M 1112 -90.27 -104.24 44.91
N ASN M 1113 -90.75 -105.37 45.39
CA ASN M 1113 -92.18 -105.53 45.73
C ASN M 1113 -92.52 -104.75 46.97
N SER M 1114 -91.59 -104.63 47.92
CA SER M 1114 -91.85 -103.86 49.14
C SER M 1114 -92.07 -102.38 48.81
N GLU M 1115 -91.15 -101.76 48.07
CA GLU M 1115 -91.11 -100.28 47.94
C GLU M 1115 -91.35 -99.85 46.49
N MET M 1116 -90.52 -100.36 45.60
CA MET M 1116 -90.42 -99.81 44.25
C MET M 1116 -91.70 -100.06 43.46
N ARG M 1117 -92.49 -101.02 43.91
CA ARG M 1117 -93.82 -101.28 43.36
C ARG M 1117 -94.66 -100.01 43.36
N ASN M 1118 -94.53 -99.22 44.41
CA ASN M 1118 -95.51 -98.17 44.70
C ASN M 1118 -95.07 -96.86 44.04
N PHE M 1119 -93.79 -96.54 44.21
CA PHE M 1119 -93.26 -95.20 43.86
C PHE M 1119 -92.61 -95.17 42.47
N CYS M 1120 -91.67 -96.09 42.15
CA CYS M 1120 -90.87 -96.03 40.90
C CYS M 1120 -91.55 -96.75 39.74
N SER M 1121 -92.88 -96.78 39.70
CA SER M 1121 -93.63 -97.46 38.65
C SER M 1121 -94.59 -96.51 37.98
N HIS M 1122 -95.25 -97.05 36.96
CA HIS M 1122 -96.34 -96.36 36.27
C HIS M 1122 -97.11 -97.36 35.40
N GLY M 1123 -98.43 -97.21 35.33
CA GLY M 1123 -99.25 -98.00 34.42
C GLY M 1123 -99.12 -99.48 34.70
N GLY M 1124 -98.89 -99.83 35.96
CA GLY M 1124 -98.62 -101.22 36.33
C GLY M 1124 -97.40 -101.77 35.62
N ALA M 1125 -96.46 -100.88 35.31
CA ALA M 1125 -95.27 -101.24 34.55
C ALA M 1125 -94.06 -100.59 35.22
N LEU M 1126 -93.09 -101.41 35.59
CA LEU M 1126 -91.84 -100.89 36.14
C LEU M 1126 -91.06 -100.19 35.03
N THR M 1127 -89.98 -99.51 35.40
CA THR M 1127 -89.33 -98.55 34.48
C THR M 1127 -88.40 -99.25 33.49
N GLN M 1128 -88.37 -98.71 32.26
CA GLN M 1128 -87.49 -99.20 31.19
C GLN M 1128 -86.04 -99.32 31.66
N ASP M 1129 -85.59 -98.33 32.41
CA ASP M 1129 -84.18 -98.20 32.76
C ASP M 1129 -83.73 -99.40 33.54
N ILE M 1130 -84.39 -99.65 34.66
CA ILE M 1130 -83.96 -100.75 35.53
C ILE M 1130 -84.30 -102.06 34.85
N THR M 1131 -85.36 -102.08 34.05
CA THR M 1131 -85.72 -103.28 33.30
C THR M 1131 -84.51 -103.75 32.52
N ALA M 1132 -83.99 -102.85 31.71
CA ALA M 1132 -82.78 -103.13 30.92
C ALA M 1132 -81.65 -103.51 31.86
N HIS M 1133 -81.33 -102.61 32.79
CA HIS M 1133 -80.14 -102.75 33.64
C HIS M 1133 -80.18 -104.01 34.49
N PHE M 1134 -81.33 -104.64 34.60
CA PHE M 1134 -81.46 -105.95 35.24
C PHE M 1134 -81.21 -107.07 34.24
N PHE M 1135 -81.87 -106.99 33.10
CA PHE M 1135 -81.72 -108.03 32.06
C PHE M 1135 -80.26 -108.13 31.63
N ARG M 1136 -79.55 -107.02 31.63
CA ARG M 1136 -78.16 -106.98 31.17
C ARG M 1136 -77.27 -107.78 32.10
N GLY M 1137 -77.28 -107.46 33.40
CA GLY M 1137 -76.52 -108.24 34.40
C GLY M 1137 -76.96 -109.68 34.45
N LEU M 1138 -78.25 -109.95 34.20
CA LEU M 1138 -78.76 -111.33 34.11
C LEU M 1138 -78.05 -112.10 32.98
N LEU M 1139 -78.18 -111.60 31.75
CA LEU M 1139 -77.51 -112.22 30.58
C LEU M 1139 -76.03 -112.38 30.83
N ASN M 1140 -75.40 -111.38 31.43
CA ASN M 1140 -73.98 -111.43 31.69
C ASN M 1140 -73.64 -112.59 32.59
N ALA M 1141 -74.17 -112.59 33.80
CA ALA M 1141 -73.82 -113.64 34.77
C ALA M 1141 -74.38 -115.01 34.36
N CYS M 1142 -75.27 -115.05 33.37
CA CYS M 1142 -75.80 -116.32 32.86
C CYS M 1142 -74.93 -116.93 31.76
N LEU M 1143 -74.57 -116.15 30.74
CA LEU M 1143 -73.57 -116.62 29.76
C LEU M 1143 -72.26 -116.92 30.45
N ARG M 1144 -71.97 -116.19 31.52
CA ARG M 1144 -70.72 -116.41 32.26
C ARG M 1144 -70.70 -117.83 32.82
N SER M 1145 -71.63 -118.13 33.72
CA SER M 1145 -71.78 -119.50 34.20
C SER M 1145 -72.19 -120.41 33.04
N ARG M 1146 -72.01 -121.70 33.23
CA ARG M 1146 -72.47 -122.66 32.22
C ARG M 1146 -73.97 -122.87 32.36
N ASP M 1147 -74.54 -123.66 31.46
CA ASP M 1147 -75.98 -123.96 31.48
C ASP M 1147 -76.78 -122.65 31.42
N PRO M 1148 -76.53 -121.81 30.40
CA PRO M 1148 -77.19 -120.50 30.36
C PRO M 1148 -78.70 -120.60 30.14
N SER M 1149 -79.11 -121.34 29.12
CA SER M 1149 -80.54 -121.50 28.78
C SER M 1149 -81.29 -122.17 29.92
N LEU M 1150 -80.60 -123.01 30.69
CA LEU M 1150 -81.25 -123.72 31.82
C LEU M 1150 -81.41 -122.76 33.00
N MET M 1151 -80.33 -122.10 33.42
CA MET M 1151 -80.39 -121.21 34.59
C MET M 1151 -81.28 -120.01 34.32
N VAL M 1152 -81.36 -119.59 33.06
CA VAL M 1152 -82.26 -118.48 32.70
C VAL M 1152 -83.71 -118.91 32.89
N ASP M 1153 -84.12 -120.04 32.29
CA ASP M 1153 -85.50 -120.54 32.46
C ASP M 1153 -85.78 -120.88 33.92
N PHE M 1154 -84.76 -121.25 34.69
CA PHE M 1154 -84.86 -121.47 36.13
C PHE M 1154 -85.29 -120.17 36.83
N ILE M 1155 -84.47 -119.13 36.68
CA ILE M 1155 -84.70 -117.87 37.42
C ILE M 1155 -85.96 -117.18 36.90
N LEU M 1156 -86.28 -117.33 35.62
CA LEU M 1156 -87.53 -116.77 35.07
C LEU M 1156 -88.75 -117.51 35.58
N ALA M 1157 -88.67 -118.83 35.72
CA ALA M 1157 -89.75 -119.59 36.38
C ALA M 1157 -89.93 -119.09 37.81
N LYS M 1158 -88.83 -118.82 38.51
CA LYS M 1158 -88.90 -118.24 39.86
C LYS M 1158 -89.58 -116.87 39.82
N CYS M 1159 -89.32 -116.11 38.77
CA CYS M 1159 -89.80 -114.71 38.71
C CYS M 1159 -91.31 -114.64 38.61
N GLN M 1160 -91.95 -115.66 38.01
CA GLN M 1160 -93.43 -115.72 37.93
C GLN M 1160 -94.04 -115.79 39.32
N THR M 1161 -93.25 -116.16 40.33
CA THR M 1161 -93.72 -116.41 41.70
C THR M 1161 -93.20 -115.38 42.69
N LYS M 1162 -91.95 -114.96 42.58
CA LYS M 1162 -91.30 -114.09 43.58
C LYS M 1162 -91.47 -112.61 43.23
N CYS M 1163 -91.23 -112.23 41.98
CA CYS M 1163 -91.29 -110.83 41.54
C CYS M 1163 -91.81 -110.76 40.14
N PRO M 1164 -93.10 -111.03 39.95
CA PRO M 1164 -93.63 -111.14 38.60
C PRO M 1164 -93.67 -109.81 37.87
N LEU M 1165 -93.55 -108.72 38.60
CA LEU M 1165 -93.60 -107.39 37.99
C LEU M 1165 -92.56 -107.28 36.86
N ILE M 1166 -91.44 -107.97 37.00
CA ILE M 1166 -90.39 -107.91 35.98
C ILE M 1166 -90.93 -108.41 34.67
N LEU M 1167 -91.73 -109.47 34.72
CA LEU M 1167 -92.25 -110.08 33.48
C LEU M 1167 -93.13 -109.06 32.78
N THR M 1168 -93.89 -108.31 33.55
CA THR M 1168 -94.84 -107.38 32.97
C THR M 1168 -94.10 -106.18 32.40
N SER M 1169 -93.12 -105.70 33.13
CA SER M 1169 -92.25 -104.62 32.62
C SER M 1169 -91.59 -105.08 31.33
N ALA M 1170 -91.20 -106.34 31.27
CA ALA M 1170 -90.51 -106.87 30.10
C ALA M 1170 -91.48 -106.94 28.95
N LEU M 1171 -92.72 -107.30 29.25
CA LEU M 1171 -93.78 -107.29 28.22
C LEU M 1171 -93.97 -105.90 27.65
N VAL M 1172 -93.90 -104.90 28.50
CA VAL M 1172 -94.06 -103.52 28.01
C VAL M 1172 -92.83 -103.10 27.23
N TRP M 1173 -91.66 -103.51 27.70
CA TRP M 1173 -90.36 -103.02 27.18
C TRP M 1173 -89.66 -104.04 26.28
N TRP M 1174 -90.42 -104.91 25.63
CA TRP M 1174 -89.81 -105.94 24.78
C TRP M 1174 -89.12 -105.35 23.57
N PRO M 1175 -89.73 -104.43 22.79
CA PRO M 1175 -89.04 -103.91 21.59
C PRO M 1175 -87.73 -103.21 21.90
N SER M 1176 -87.51 -102.77 23.14
CA SER M 1176 -86.30 -102.01 23.49
C SER M 1176 -85.16 -102.95 23.87
N LEU M 1177 -85.47 -104.14 24.39
CA LEU M 1177 -84.41 -105.05 24.87
C LEU M 1177 -84.02 -106.07 23.82
N GLU M 1178 -85.03 -106.70 23.21
CA GLU M 1178 -84.93 -107.84 22.28
C GLU M 1178 -83.72 -107.78 21.35
N PRO M 1179 -83.45 -106.64 20.69
CA PRO M 1179 -82.25 -106.57 19.84
C PRO M 1179 -80.95 -106.71 20.64
N VAL M 1180 -80.82 -105.97 21.74
CA VAL M 1180 -79.62 -106.05 22.61
C VAL M 1180 -79.47 -107.47 23.12
N LEU M 1181 -80.58 -108.07 23.51
CA LEU M 1181 -80.54 -109.45 24.05
C LEU M 1181 -80.06 -110.44 22.98
N LEU M 1182 -80.64 -110.36 21.78
CA LEU M 1182 -80.23 -111.23 20.67
C LEU M 1182 -78.74 -111.06 20.37
N CYS M 1183 -78.29 -109.80 20.22
CA CYS M 1183 -76.89 -109.54 19.81
C CYS M 1183 -75.94 -110.05 20.89
N ARG M 1184 -76.19 -109.70 22.14
CA ARG M 1184 -75.30 -110.10 23.24
C ARG M 1184 -75.30 -111.61 23.41
N TRP M 1185 -76.42 -112.27 23.14
CA TRP M 1185 -76.48 -113.74 23.20
C TRP M 1185 -75.61 -114.36 22.08
N ARG M 1186 -75.80 -113.91 20.84
CA ARG M 1186 -75.16 -114.54 19.67
C ARG M 1186 -73.63 -114.46 19.75
N ARG M 1187 -73.10 -113.40 20.37
CA ARG M 1187 -71.64 -113.20 20.48
C ARG M 1187 -70.99 -114.38 21.21
N HIS M 1188 -71.67 -114.92 22.21
CA HIS M 1188 -71.11 -115.96 23.09
C HIS M 1188 -71.66 -117.34 22.75
N CYS M 1189 -72.90 -117.41 22.25
CA CYS M 1189 -73.55 -118.68 21.90
C CYS M 1189 -74.56 -118.42 20.79
N GLN M 1190 -74.44 -119.18 19.70
CA GLN M 1190 -75.36 -119.08 18.56
C GLN M 1190 -76.68 -119.82 18.81
N SER M 1191 -76.82 -120.51 19.94
CA SER M 1191 -78.07 -121.15 20.35
C SER M 1191 -79.21 -120.12 20.34
N PRO M 1192 -80.46 -120.53 20.11
CA PRO M 1192 -81.55 -119.54 20.13
C PRO M 1192 -81.95 -119.17 21.57
N LEU M 1193 -82.96 -118.30 21.66
CA LEU M 1193 -83.42 -117.81 22.97
C LEU M 1193 -83.96 -118.99 23.78
N PRO M 1194 -83.74 -119.05 25.10
CA PRO M 1194 -84.42 -120.06 25.90
C PRO M 1194 -85.93 -119.86 26.03
N ARG M 1195 -86.55 -120.77 26.76
CA ARG M 1195 -87.99 -121.00 26.66
C ARG M 1195 -88.77 -119.92 27.40
N GLU M 1196 -88.31 -119.53 28.58
CA GLU M 1196 -89.07 -118.57 29.40
C GLU M 1196 -89.12 -117.19 28.73
N LEU M 1197 -88.29 -116.94 27.72
CA LEU M 1197 -88.28 -115.66 26.99
C LEU M 1197 -88.94 -115.79 25.62
N GLN M 1198 -88.79 -116.95 24.98
CA GLN M 1198 -89.69 -117.27 23.87
C GLN M 1198 -91.14 -117.17 24.36
N LYS M 1199 -91.40 -117.46 25.63
CA LYS M 1199 -92.73 -117.29 26.22
C LYS M 1199 -93.18 -115.84 26.11
N LEU M 1200 -92.29 -114.93 26.43
CA LEU M 1200 -92.62 -113.50 26.33
C LEU M 1200 -92.92 -113.16 24.89
N GLN M 1201 -92.08 -113.65 23.98
CA GLN M 1201 -92.31 -113.44 22.55
C GLN M 1201 -93.71 -113.95 22.18
N GLU M 1202 -94.07 -115.12 22.70
CA GLU M 1202 -95.36 -115.75 22.40
C GLU M 1202 -96.51 -114.89 22.91
N GLY M 1203 -96.36 -114.34 24.11
CA GLY M 1203 -97.40 -113.46 24.65
C GLY M 1203 -97.56 -112.21 23.82
N ARG M 1204 -96.43 -111.60 23.44
CA ARG M 1204 -96.45 -110.39 22.58
C ARG M 1204 -97.19 -110.70 21.28
N GLN M 1205 -96.96 -111.89 20.74
CA GLN M 1205 -97.60 -112.30 19.47
C GLN M 1205 -99.08 -112.56 19.68
N PHE M 1206 -99.42 -113.24 20.76
CA PHE M 1206 -100.80 -113.66 21.01
C PHE M 1206 -101.71 -112.46 21.21
N ALA M 1207 -101.23 -111.48 21.98
CA ALA M 1207 -102.05 -110.28 22.22
C ALA M 1207 -102.35 -109.56 20.91
N SER M 1208 -101.35 -109.39 20.07
CA SER M 1208 -101.55 -108.78 18.74
C SER M 1208 -102.45 -109.67 17.88
N ASP M 1209 -102.35 -110.99 18.03
CA ASP M 1209 -103.16 -111.93 17.24
C ASP M 1209 -104.63 -111.75 17.58
N PHE M 1210 -104.95 -111.60 18.86
CA PHE M 1210 -106.35 -111.44 19.28
C PHE M 1210 -106.92 -110.11 18.77
N LEU M 1211 -106.18 -109.01 18.98
CA LEU M 1211 -106.63 -107.66 18.56
C LEU M 1211 -106.39 -107.52 17.07
N SER M 1212 -107.11 -108.31 16.31
CA SER M 1212 -106.91 -108.44 14.86
C SER M 1212 -108.05 -109.28 14.31
N PRO M 1213 -108.17 -109.41 12.98
CA PRO M 1213 -108.94 -110.54 12.45
C PRO M 1213 -108.34 -111.84 13.00
N GLU M 1214 -109.11 -112.51 13.87
CA GLU M 1214 -108.57 -113.62 14.69
C GLU M 1214 -108.60 -114.91 13.86
N ALA M 1215 -107.76 -114.94 12.82
CA ALA M 1215 -107.56 -116.18 12.06
C ALA M 1215 -106.95 -117.25 12.96
N ALA M 1216 -106.16 -116.85 13.96
CA ALA M 1216 -105.57 -117.73 14.97
C ALA M 1216 -106.17 -117.39 16.34
N SER M 1217 -106.42 -118.41 17.15
CA SER M 1217 -106.94 -118.26 18.52
C SER M 1217 -106.29 -119.28 19.44
N PRO M 1218 -104.95 -119.20 19.61
CA PRO M 1218 -104.28 -120.13 20.52
C PRO M 1218 -104.55 -119.77 21.98
N ALA M 1219 -103.88 -120.49 22.87
CA ALA M 1219 -104.06 -120.35 24.32
C ALA M 1219 -102.68 -120.29 25.02
N PRO M 1220 -102.15 -119.10 25.38
CA PRO M 1220 -100.90 -119.06 26.16
C PRO M 1220 -101.11 -119.55 27.58
N ASN M 1221 -100.06 -120.14 28.12
CA ASN M 1221 -100.18 -120.95 29.34
C ASN M 1221 -100.50 -120.07 30.56
N PRO M 1222 -99.59 -119.16 31.00
CA PRO M 1222 -99.94 -118.35 32.17
C PRO M 1222 -100.99 -117.29 31.85
N ASP M 1223 -102.21 -117.51 32.34
CA ASP M 1223 -103.37 -116.66 32.02
C ASP M 1223 -103.13 -115.20 32.43
N TRP M 1224 -102.67 -114.98 33.66
CA TRP M 1224 -102.38 -113.63 34.19
C TRP M 1224 -101.39 -112.87 33.31
N LEU M 1225 -100.36 -113.56 32.86
CA LEU M 1225 -99.31 -112.95 32.06
C LEU M 1225 -99.86 -112.45 30.73
N SER M 1226 -100.47 -113.35 29.97
CA SER M 1226 -101.05 -113.01 28.65
C SER M 1226 -102.15 -111.98 28.82
N ALA M 1227 -102.85 -112.01 29.96
CA ALA M 1227 -103.96 -111.06 30.21
C ALA M 1227 -103.40 -109.65 30.36
N ALA M 1228 -102.36 -109.48 31.17
CA ALA M 1228 -101.73 -108.17 31.32
C ALA M 1228 -101.19 -107.72 29.97
N ALA M 1229 -100.64 -108.66 29.22
CA ALA M 1229 -100.09 -108.34 27.90
C ALA M 1229 -101.21 -107.84 26.99
N LEU M 1230 -102.34 -108.53 27.01
CA LEU M 1230 -103.50 -108.13 26.21
C LEU M 1230 -103.96 -106.74 26.65
N HIS M 1231 -103.88 -106.45 27.95
CA HIS M 1231 -104.26 -105.12 28.46
C HIS M 1231 -103.39 -104.05 27.85
N PHE M 1232 -102.10 -104.30 27.79
CA PHE M 1232 -101.18 -103.34 27.17
C PHE M 1232 -101.49 -103.21 25.68
N ALA M 1233 -101.80 -104.30 25.02
CA ALA M 1233 -102.16 -104.24 23.60
C ALA M 1233 -103.41 -103.39 23.42
N ILE M 1234 -104.34 -103.48 24.36
CA ILE M 1234 -105.60 -102.73 24.31
C ILE M 1234 -105.33 -101.26 24.60
N GLN M 1235 -104.29 -100.98 25.39
CA GLN M 1235 -103.94 -99.60 25.77
C GLN M 1235 -103.81 -98.70 24.53
N GLN M 1236 -103.25 -99.21 23.45
CA GLN M 1236 -103.05 -98.44 22.21
C GLN M 1236 -104.18 -98.74 21.25
N VAL M 1237 -105.41 -98.53 21.73
CA VAL M 1237 -106.64 -98.80 20.96
C VAL M 1237 -107.65 -97.72 21.32
N ARG M 1238 -108.55 -97.45 20.39
CA ARG M 1238 -109.58 -96.42 20.56
C ARG M 1238 -110.90 -97.06 20.99
N GLU M 1239 -111.80 -96.24 21.56
CA GLU M 1239 -113.16 -96.68 21.96
C GLU M 1239 -113.93 -97.22 20.76
N GLU M 1240 -113.57 -96.75 19.56
CA GLU M 1240 -114.29 -97.13 18.33
C GLU M 1240 -114.26 -98.64 18.12
N ASN M 1241 -113.06 -99.19 18.05
CA ASN M 1241 -112.85 -100.58 17.65
C ASN M 1241 -112.93 -101.55 18.84
N ILE M 1242 -112.92 -101.03 20.07
CA ILE M 1242 -112.95 -101.87 21.28
C ILE M 1242 -114.18 -102.78 21.27
N ARG M 1243 -115.34 -102.24 20.91
CA ARG M 1243 -116.59 -103.04 20.91
C ARG M 1243 -116.50 -104.19 19.93
N LYS M 1244 -116.13 -103.89 18.69
CA LYS M 1244 -116.07 -104.91 17.62
C LYS M 1244 -115.03 -105.98 17.99
N GLN M 1245 -113.94 -105.57 18.62
CA GLN M 1245 -112.82 -106.49 18.89
C GLN M 1245 -113.13 -107.37 20.09
N LEU M 1246 -113.64 -106.79 21.17
CA LEU M 1246 -113.92 -107.54 22.41
C LEU M 1246 -115.26 -108.28 22.35
N LYS M 1247 -116.07 -108.05 21.32
CA LYS M 1247 -117.15 -108.99 21.00
C LYS M 1247 -116.59 -110.35 20.56
N LYS M 1248 -115.32 -110.40 20.16
CA LYS M 1248 -114.62 -111.65 19.80
C LYS M 1248 -114.03 -112.33 21.04
N LEU M 1249 -114.33 -111.85 22.25
CA LEU M 1249 -113.74 -112.36 23.50
C LEU M 1249 -114.69 -113.28 24.26
N ASP M 1250 -115.84 -113.58 23.69
CA ASP M 1250 -116.80 -114.51 24.33
C ASP M 1250 -116.31 -115.95 24.29
N CYS M 1251 -115.18 -116.25 23.63
CA CYS M 1251 -114.71 -117.62 23.41
C CYS M 1251 -113.34 -117.81 24.05
N GLU M 1252 -113.16 -117.31 25.28
CA GLU M 1252 -111.90 -117.44 26.01
C GLU M 1252 -112.13 -118.01 27.39
N ARG M 1253 -111.05 -118.50 27.98
CA ARG M 1253 -111.06 -119.04 29.35
C ARG M 1253 -111.27 -117.90 30.35
N GLU M 1254 -111.35 -118.26 31.62
CA GLU M 1254 -112.04 -117.44 32.64
C GLU M 1254 -111.05 -116.67 33.50
N GLU M 1255 -110.07 -117.35 34.11
CA GLU M 1255 -109.11 -116.68 34.99
C GLU M 1255 -108.33 -115.64 34.17
N LEU M 1256 -108.09 -115.96 32.90
CA LEU M 1256 -107.64 -114.98 31.89
C LEU M 1256 -108.45 -113.69 31.99
N LEU M 1257 -109.75 -113.80 31.76
CA LEU M 1257 -110.62 -112.61 31.73
C LEU M 1257 -110.65 -111.94 33.10
N VAL M 1258 -110.49 -112.71 34.17
CA VAL M 1258 -110.46 -112.14 35.53
C VAL M 1258 -109.27 -111.20 35.68
N PHE M 1259 -108.06 -111.73 35.46
CA PHE M 1259 -106.85 -110.91 35.53
C PHE M 1259 -106.96 -109.73 34.56
N LEU M 1260 -107.52 -109.97 33.37
CA LEU M 1260 -107.65 -108.93 32.34
C LEU M 1260 -108.52 -107.79 32.85
N PHE M 1261 -109.65 -108.14 33.46
CA PHE M 1261 -110.55 -107.14 34.02
C PHE M 1261 -109.84 -106.36 35.11
N PHE M 1262 -109.07 -107.06 35.94
CA PHE M 1262 -108.35 -106.38 37.03
C PHE M 1262 -107.45 -105.32 36.43
N PHE M 1263 -106.67 -105.68 35.42
CA PHE M 1263 -105.63 -104.78 34.90
C PHE M 1263 -106.28 -103.65 34.10
N SER M 1264 -107.40 -103.91 33.44
CA SER M 1264 -108.16 -102.84 32.77
C SER M 1264 -108.63 -101.84 33.81
N LEU M 1265 -109.16 -102.35 34.92
CA LEU M 1265 -109.62 -101.50 36.02
C LEU M 1265 -108.44 -100.74 36.61
N MET M 1266 -107.31 -101.40 36.75
CA MET M 1266 -106.12 -100.75 37.31
C MET M 1266 -105.68 -99.60 36.40
N GLY M 1267 -105.75 -99.82 35.08
CA GLY M 1267 -105.42 -98.76 34.12
C GLY M 1267 -106.43 -97.64 34.17
N LEU M 1268 -107.70 -97.98 34.38
CA LEU M 1268 -108.75 -96.96 34.58
C LEU M 1268 -108.40 -96.12 35.81
N LEU M 1269 -108.01 -96.78 36.88
CA LEU M 1269 -107.65 -96.08 38.13
C LEU M 1269 -106.45 -95.19 37.89
N SER M 1270 -105.43 -95.70 37.22
CA SER M 1270 -104.19 -94.94 37.00
C SER M 1270 -104.45 -93.74 36.09
N SER M 1271 -105.25 -93.92 35.05
CA SER M 1271 -105.64 -92.83 34.15
C SER M 1271 -106.46 -91.79 34.88
N HIS M 1272 -107.32 -92.22 35.80
CA HIS M 1272 -108.14 -91.28 36.60
C HIS M 1272 -107.24 -90.47 37.53
N LEU M 1273 -106.23 -91.12 38.11
CA LEU M 1273 -105.41 -90.52 39.18
C LEU M 1273 -104.26 -89.69 38.61
N THR M 1274 -103.73 -90.10 37.49
CA THR M 1274 -102.46 -89.57 37.00
C THR M 1274 -102.73 -88.47 35.98
N SER M 1275 -101.68 -88.05 35.27
CA SER M 1275 -101.75 -87.00 34.24
C SER M 1275 -102.81 -87.36 33.20
N ASN M 1276 -103.87 -86.56 33.11
CA ASN M 1276 -104.89 -86.72 32.04
C ASN M 1276 -104.35 -86.17 30.71
N SER M 1277 -103.14 -85.62 30.67
CA SER M 1277 -102.45 -85.32 29.40
C SER M 1277 -102.31 -86.57 28.54
N THR M 1278 -102.11 -87.73 29.16
CA THR M 1278 -102.18 -89.01 28.45
C THR M 1278 -103.64 -89.35 28.09
N THR M 1279 -104.60 -89.06 28.98
CA THR M 1279 -106.05 -89.12 28.70
C THR M 1279 -106.48 -90.52 28.26
N ASP M 1280 -106.38 -91.49 29.18
CA ASP M 1280 -106.97 -92.82 28.99
C ASP M 1280 -108.14 -93.06 29.92
N LEU M 1281 -108.61 -92.03 30.63
CA LEU M 1281 -109.65 -92.19 31.65
C LEU M 1281 -110.99 -92.60 31.02
N PRO M 1282 -111.54 -91.88 30.03
CA PRO M 1282 -112.86 -92.26 29.54
C PRO M 1282 -112.82 -93.59 28.77
N LYS M 1283 -111.74 -93.80 28.01
CA LYS M 1283 -111.57 -95.04 27.24
C LYS M 1283 -111.48 -96.24 28.19
N ALA M 1284 -110.76 -96.10 29.30
CA ALA M 1284 -110.61 -97.23 30.23
C ALA M 1284 -111.93 -97.49 30.94
N PHE M 1285 -112.75 -96.45 31.15
CA PHE M 1285 -114.10 -96.65 31.69
C PHE M 1285 -114.95 -97.47 30.71
N HIS M 1286 -114.98 -97.03 29.45
CA HIS M 1286 -115.65 -97.77 28.36
C HIS M 1286 -115.16 -99.21 28.32
N VAL M 1287 -113.87 -99.41 28.54
CA VAL M 1287 -113.25 -100.74 28.44
C VAL M 1287 -113.86 -101.66 29.49
N CYS M 1288 -113.69 -101.30 30.75
CA CYS M 1288 -114.18 -102.16 31.85
C CYS M 1288 -115.70 -102.29 31.77
N ALA M 1289 -116.39 -101.28 31.24
CA ALA M 1289 -117.82 -101.39 30.98
C ALA M 1289 -118.09 -102.56 30.02
N ALA M 1290 -117.38 -102.58 28.90
CA ALA M 1290 -117.49 -103.68 27.91
C ALA M 1290 -117.11 -105.01 28.56
N ILE M 1291 -116.13 -105.00 29.46
CA ILE M 1291 -115.65 -106.25 30.10
C ILE M 1291 -116.76 -106.83 30.96
N LEU M 1292 -117.33 -106.00 31.83
CA LEU M 1292 -118.38 -106.47 32.73
C LEU M 1292 -119.64 -106.82 31.95
N GLU M 1293 -119.86 -106.20 30.80
CA GLU M 1293 -121.01 -106.58 29.95
C GLU M 1293 -120.86 -108.01 29.42
N CYS M 1294 -119.63 -108.54 29.36
CA CYS M 1294 -119.38 -109.96 29.02
C CYS M 1294 -119.39 -110.83 30.27
N LEU M 1295 -118.75 -110.37 31.34
CA LEU M 1295 -118.74 -111.10 32.62
C LEU M 1295 -120.17 -111.35 33.11
N GLU M 1296 -121.10 -110.44 32.80
CA GLU M 1296 -122.52 -110.62 33.16
C GLU M 1296 -123.14 -111.76 32.34
N LYS M 1297 -122.81 -111.84 31.05
CA LYS M 1297 -123.34 -112.91 30.19
C LYS M 1297 -122.81 -114.28 30.64
N ARG M 1298 -121.50 -114.36 30.82
CA ARG M 1298 -120.84 -115.58 31.36
C ARG M 1298 -120.52 -115.28 32.81
N LYS M 1299 -121.45 -115.62 33.70
CA LYS M 1299 -121.41 -115.16 35.10
C LYS M 1299 -120.16 -115.68 35.79
N ILE M 1300 -119.41 -114.75 36.37
CA ILE M 1300 -118.05 -115.01 36.85
C ILE M 1300 -117.88 -114.38 38.23
N SER M 1301 -117.14 -115.06 39.10
CA SER M 1301 -116.88 -114.61 40.48
C SER M 1301 -115.74 -113.58 40.45
N TRP M 1302 -116.06 -112.38 39.96
CA TRP M 1302 -115.07 -111.29 39.98
C TRP M 1302 -114.89 -110.73 41.39
N LEU M 1303 -115.81 -111.01 42.32
CA LEU M 1303 -115.72 -110.43 43.67
C LEU M 1303 -114.49 -110.89 44.44
N ALA M 1304 -113.85 -112.00 44.02
CA ALA M 1304 -112.57 -112.42 44.64
C ALA M 1304 -111.47 -111.40 44.35
N LEU M 1305 -111.64 -110.57 43.32
CA LEU M 1305 -110.68 -109.50 43.00
C LEU M 1305 -110.49 -108.54 44.18
N PHE M 1306 -111.48 -108.42 45.06
CA PHE M 1306 -111.53 -107.32 46.03
C PHE M 1306 -111.19 -107.81 47.43
N GLN M 1307 -111.52 -109.05 47.73
CA GLN M 1307 -111.30 -109.60 49.08
C GLN M 1307 -109.90 -110.20 49.12
N LEU M 1308 -108.88 -109.44 48.70
CA LEU M 1308 -107.56 -110.02 48.42
C LEU M 1308 -106.67 -109.93 49.64
N THR M 1309 -105.99 -111.03 49.90
CA THR M 1309 -105.03 -111.18 51.01
C THR M 1309 -103.64 -111.33 50.42
N GLU M 1310 -102.64 -111.25 51.29
CA GLU M 1310 -101.27 -111.61 50.92
C GLU M 1310 -101.22 -113.06 50.39
N SER M 1311 -102.02 -113.95 50.96
CA SER M 1311 -101.85 -115.41 50.78
C SER M 1311 -103.05 -116.07 50.09
N ASP M 1312 -103.82 -115.32 49.31
CA ASP M 1312 -104.79 -115.92 48.36
C ASP M 1312 -103.99 -116.35 47.14
N LEU M 1313 -103.46 -117.56 47.21
CA LEU M 1313 -102.45 -118.04 46.25
C LEU M 1313 -102.98 -118.07 44.83
N ARG M 1314 -104.30 -118.12 44.65
CA ARG M 1314 -104.85 -118.05 43.29
C ARG M 1314 -104.56 -116.68 42.69
N LEU M 1315 -104.90 -115.62 43.42
CA LEU M 1315 -104.76 -114.24 42.95
C LEU M 1315 -103.88 -113.40 43.86
N GLY M 1316 -104.09 -113.46 45.17
CA GLY M 1316 -103.53 -112.48 46.11
C GLY M 1316 -102.01 -112.40 46.11
N ARG M 1317 -101.34 -113.45 45.67
CA ARG M 1317 -99.86 -113.46 45.71
C ARG M 1317 -99.30 -112.77 44.48
N LEU M 1318 -99.75 -113.15 43.29
CA LEU M 1318 -99.34 -112.45 42.06
C LEU M 1318 -99.81 -111.01 42.19
N LEU M 1319 -101.09 -110.89 42.51
CA LEU M 1319 -101.84 -109.67 42.21
C LEU M 1319 -101.59 -108.57 43.24
N LEU M 1320 -101.17 -108.92 44.45
CA LEU M 1320 -100.79 -107.91 45.46
C LEU M 1320 -99.36 -107.45 45.21
N ARG M 1321 -98.46 -108.39 44.95
CA ARG M 1321 -97.05 -108.08 44.75
C ARG M 1321 -96.80 -107.54 43.34
N VAL M 1322 -97.83 -107.39 42.52
CA VAL M 1322 -97.71 -106.63 41.25
C VAL M 1322 -98.11 -105.19 41.48
N ALA M 1323 -99.34 -104.98 41.88
CA ALA M 1323 -99.94 -103.66 41.80
C ALA M 1323 -99.53 -102.83 43.00
N PRO M 1324 -99.57 -101.51 42.88
CA PRO M 1324 -99.12 -100.68 43.98
C PRO M 1324 -100.18 -100.49 45.06
N ASP M 1325 -99.70 -100.28 46.29
CA ASP M 1325 -100.53 -100.13 47.51
C ASP M 1325 -101.48 -98.94 47.35
N GLN M 1326 -100.99 -97.84 46.79
CA GLN M 1326 -101.80 -96.63 46.64
C GLN M 1326 -102.95 -96.90 45.68
N HIS M 1327 -102.77 -97.84 44.77
CA HIS M 1327 -103.86 -98.31 43.89
C HIS M 1327 -104.59 -99.52 44.49
N THR M 1328 -103.96 -100.25 45.40
CA THR M 1328 -104.63 -101.26 46.24
C THR M 1328 -105.69 -100.63 47.14
N ARG M 1329 -105.51 -99.35 47.43
CA ARG M 1329 -106.33 -98.66 48.41
C ARG M 1329 -107.66 -98.28 47.79
N LEU M 1330 -107.67 -97.84 46.53
CA LEU M 1330 -108.78 -97.09 45.96
C LEU M 1330 -109.69 -97.93 45.08
N LEU M 1331 -109.73 -99.23 45.31
CA LEU M 1331 -110.73 -100.11 44.69
C LEU M 1331 -112.16 -99.65 44.89
N PRO M 1332 -112.58 -99.25 46.11
CA PRO M 1332 -113.94 -98.77 46.31
C PRO M 1332 -114.41 -97.69 45.36
N PHE M 1333 -113.47 -96.87 44.89
CA PHE M 1333 -113.83 -95.84 43.94
C PHE M 1333 -114.40 -96.48 42.69
N ALA M 1334 -113.67 -97.44 42.14
CA ALA M 1334 -114.08 -98.06 40.87
C ALA M 1334 -115.32 -98.94 41.08
N PHE M 1335 -115.38 -99.62 42.23
CA PHE M 1335 -116.42 -100.63 42.48
C PHE M 1335 -117.80 -100.02 42.30
N TYR M 1336 -118.15 -99.06 43.14
CA TYR M 1336 -119.51 -98.48 43.11
C TYR M 1336 -119.72 -97.70 41.83
N SER M 1337 -118.69 -97.01 41.37
CA SER M 1337 -118.81 -96.16 40.17
C SER M 1337 -119.20 -97.01 38.96
N LEU M 1338 -118.80 -98.28 38.93
CA LEU M 1338 -119.16 -99.18 37.81
C LEU M 1338 -120.46 -99.92 38.11
N LEU M 1339 -120.57 -100.53 39.29
CA LEU M 1339 -121.72 -101.40 39.59
C LEU M 1339 -123.00 -100.57 39.75
N SER M 1340 -122.90 -99.25 39.90
CA SER M 1340 -124.07 -98.37 39.80
C SER M 1340 -124.73 -98.51 38.42
N TYR M 1341 -123.93 -98.78 37.39
CA TYR M 1341 -124.39 -98.79 35.99
C TYR M 1341 -124.55 -100.22 35.48
N PHE M 1342 -123.49 -101.00 35.54
CA PHE M 1342 -123.41 -102.30 34.85
C PHE M 1342 -123.42 -103.43 35.87
N HIS M 1343 -124.57 -104.08 35.99
CA HIS M 1343 -124.71 -105.31 36.79
C HIS M 1343 -126.05 -105.96 36.48
N GLU M 1344 -126.09 -107.28 36.52
CA GLU M 1344 -127.32 -108.07 36.35
C GLU M 1344 -127.80 -108.56 37.72
N ASP M 1345 -129.11 -108.47 37.94
CA ASP M 1345 -129.68 -108.62 39.29
C ASP M 1345 -130.17 -110.06 39.50
N ALA M 1346 -130.03 -110.55 40.74
CA ALA M 1346 -130.60 -111.81 41.23
C ALA M 1346 -129.89 -113.04 40.68
N ALA M 1347 -128.90 -112.86 39.79
CA ALA M 1347 -128.07 -113.95 39.27
C ALA M 1347 -126.63 -113.78 39.76
N ILE M 1348 -126.08 -112.59 39.56
CA ILE M 1348 -124.71 -112.27 40.02
C ILE M 1348 -124.75 -111.77 41.46
N ARG M 1349 -125.90 -111.30 41.93
CA ARG M 1349 -126.03 -110.82 43.31
C ARG M 1349 -126.02 -112.04 44.23
N GLU M 1350 -124.81 -112.49 44.53
CA GLU M 1350 -124.59 -113.76 45.24
C GLU M 1350 -124.16 -113.47 46.67
N GLU M 1351 -123.85 -114.52 47.42
CA GLU M 1351 -123.70 -114.47 48.89
C GLU M 1351 -122.76 -113.36 49.36
N ALA M 1352 -121.50 -113.31 48.92
CA ALA M 1352 -120.52 -112.38 49.50
C ALA M 1352 -120.66 -110.97 48.90
N PHE M 1353 -121.63 -110.75 48.01
CA PHE M 1353 -121.91 -109.44 47.41
C PHE M 1353 -121.99 -108.35 48.49
N LEU M 1354 -122.77 -108.62 49.55
CA LEU M 1354 -123.04 -107.60 50.57
C LEU M 1354 -121.86 -107.44 51.53
N HIS M 1355 -121.18 -108.53 51.86
CA HIS M 1355 -119.91 -108.46 52.61
C HIS M 1355 -118.96 -107.50 51.93
N VAL M 1356 -118.78 -107.72 50.63
CA VAL M 1356 -117.94 -106.91 49.74
C VAL M 1356 -118.41 -105.46 49.83
N ALA M 1357 -119.65 -105.21 49.45
CA ALA M 1357 -120.16 -103.84 49.30
C ALA M 1357 -120.14 -103.10 50.63
N VAL M 1358 -120.35 -103.82 51.73
CA VAL M 1358 -120.33 -103.20 53.07
C VAL M 1358 -118.93 -102.69 53.36
N ASP M 1359 -117.94 -103.59 53.26
CA ASP M 1359 -116.55 -103.21 53.54
C ASP M 1359 -116.15 -102.08 52.60
N MET M 1360 -116.68 -102.10 51.38
CA MET M 1360 -116.35 -101.13 50.34
C MET M 1360 -116.88 -99.73 50.68
N TYR M 1361 -118.15 -99.64 51.03
CA TYR M 1361 -118.78 -98.38 51.47
C TYR M 1361 -118.01 -97.84 52.68
N LEU M 1362 -117.71 -98.72 53.63
CA LEU M 1362 -116.96 -98.35 54.84
C LEU M 1362 -115.61 -97.74 54.47
N LYS M 1363 -114.87 -98.41 53.59
CA LYS M 1363 -113.52 -97.97 53.24
C LYS M 1363 -113.58 -96.64 52.49
N LEU M 1364 -114.56 -96.47 51.62
CA LEU M 1364 -114.70 -95.20 50.87
C LEU M 1364 -114.98 -94.07 51.84
N VAL M 1365 -115.80 -94.33 52.85
CA VAL M 1365 -116.10 -93.31 53.87
C VAL M 1365 -114.79 -92.95 54.60
N GLN M 1366 -114.05 -93.96 55.03
CA GLN M 1366 -112.77 -93.73 55.73
C GLN M 1366 -111.77 -93.02 54.84
N LEU M 1367 -111.89 -93.21 53.53
CA LEU M 1367 -111.02 -92.52 52.58
C LEU M 1367 -111.34 -91.03 52.53
N PHE M 1368 -112.62 -90.72 52.34
CA PHE M 1368 -113.05 -89.31 52.29
C PHE M 1368 -112.80 -88.61 53.64
N VAL M 1369 -112.69 -89.40 54.72
CA VAL M 1369 -112.22 -88.86 56.02
C VAL M 1369 -110.77 -88.39 55.85
N ASN M 1391 -120.38 -85.30 42.35
CA ASN M 1391 -120.01 -86.65 41.89
C ASN M 1391 -119.68 -87.61 43.05
N PRO M 1392 -118.71 -87.30 43.94
CA PRO M 1392 -118.27 -88.30 44.92
C PRO M 1392 -119.35 -88.64 45.94
N VAL M 1393 -119.94 -87.61 46.53
CA VAL M 1393 -121.00 -87.84 47.52
C VAL M 1393 -122.28 -88.29 46.79
N GLU M 1394 -122.42 -87.97 45.50
CA GLU M 1394 -123.50 -88.55 44.68
C GLU M 1394 -123.33 -90.06 44.60
N LEU M 1395 -122.10 -90.53 44.38
CA LEU M 1395 -121.83 -91.98 44.36
C LEU M 1395 -122.09 -92.58 45.74
N ILE M 1396 -121.73 -91.87 46.81
CA ILE M 1396 -122.02 -92.33 48.19
C ILE M 1396 -123.53 -92.52 48.34
N THR M 1397 -124.31 -91.56 47.84
CA THR M 1397 -125.77 -91.61 47.93
C THR M 1397 -126.30 -92.80 47.12
N LYS M 1398 -125.80 -92.98 45.90
CA LYS M 1398 -126.20 -94.12 45.05
C LYS M 1398 -125.93 -95.42 45.79
N ALA M 1399 -124.76 -95.54 46.41
CA ALA M 1399 -124.37 -96.78 47.12
C ALA M 1399 -125.28 -96.99 48.32
N ARG M 1400 -125.61 -95.92 49.03
CA ARG M 1400 -126.55 -96.01 50.17
C ARG M 1400 -127.89 -96.54 49.67
N LEU M 1401 -128.41 -95.96 48.59
CA LEU M 1401 -129.73 -96.34 48.04
C LEU M 1401 -129.72 -97.80 47.60
N PHE M 1402 -128.78 -98.14 46.74
CA PHE M 1402 -128.58 -99.51 46.23
C PHE M 1402 -128.49 -100.51 47.39
N LEU M 1403 -127.63 -100.20 48.36
CA LEU M 1403 -127.40 -101.08 49.52
C LEU M 1403 -128.69 -101.29 50.32
N LEU M 1404 -129.44 -100.23 50.57
CA LEU M 1404 -130.67 -100.35 51.39
C LEU M 1404 -131.77 -101.04 50.60
N GLN M 1405 -131.78 -100.92 49.27
CA GLN M 1405 -132.68 -101.73 48.44
C GLN M 1405 -132.34 -103.20 48.56
N LEU M 1406 -131.05 -103.53 48.68
CA LEU M 1406 -130.62 -104.94 48.64
C LEU M 1406 -131.07 -105.71 49.88
N ILE M 1407 -130.89 -105.11 51.05
CA ILE M 1407 -131.04 -105.79 52.37
C ILE M 1407 -132.34 -106.60 52.44
N PRO M 1408 -133.53 -106.05 52.11
CA PRO M 1408 -134.75 -106.86 52.21
C PRO M 1408 -134.79 -108.08 51.28
N ARG M 1409 -134.03 -108.07 50.18
CA ARG M 1409 -134.02 -109.21 49.24
C ARG M 1409 -132.97 -110.24 49.62
N CYS M 1410 -132.29 -110.07 50.76
CA CYS M 1410 -131.09 -110.87 51.06
C CYS M 1410 -131.47 -112.20 51.67
N PRO M 1411 -130.80 -113.32 51.31
CA PRO M 1411 -131.02 -114.57 52.04
C PRO M 1411 -130.32 -114.59 53.40
N LYS M 1412 -130.79 -115.47 54.27
CA LYS M 1412 -130.29 -115.55 55.65
C LYS M 1412 -128.83 -115.97 55.68
N LYS M 1413 -128.37 -116.71 54.68
CA LYS M 1413 -126.96 -117.15 54.62
C LYS M 1413 -126.04 -115.94 54.49
N SER M 1414 -126.40 -114.99 53.64
CA SER M 1414 -125.47 -114.01 53.08
C SER M 1414 -125.41 -112.75 53.94
N PHE M 1415 -125.26 -112.93 55.25
CA PHE M 1415 -124.61 -111.92 56.08
C PHE M 1415 -123.39 -112.54 56.75
N SER M 1416 -123.64 -113.43 57.70
CA SER M 1416 -122.67 -114.41 58.25
C SER M 1416 -121.46 -113.80 58.98
N HIS M 1417 -121.06 -112.56 58.67
CA HIS M 1417 -120.07 -111.79 59.46
C HIS M 1417 -120.41 -110.30 59.48
N VAL M 1418 -121.61 -109.92 59.03
CA VAL M 1418 -122.00 -108.50 58.94
C VAL M 1418 -122.02 -107.92 60.34
N ALA M 1419 -122.31 -108.74 61.34
CA ALA M 1419 -122.16 -108.35 62.75
C ALA M 1419 -120.71 -107.91 62.99
N GLU M 1420 -119.74 -108.69 62.51
CA GLU M 1420 -118.31 -108.34 62.70
C GLU M 1420 -118.01 -107.04 61.95
N LEU M 1421 -118.49 -106.93 60.72
CA LEU M 1421 -118.26 -105.73 59.88
C LEU M 1421 -118.74 -104.48 60.60
N LEU M 1422 -119.99 -104.49 61.03
CA LEU M 1422 -120.58 -103.31 61.69
C LEU M 1422 -119.91 -103.08 63.04
N ALA M 1423 -119.52 -104.14 63.74
CA ALA M 1423 -118.87 -104.01 65.06
C ALA M 1423 -117.54 -103.28 64.92
N ASP M 1424 -116.78 -103.64 63.90
CA ASP M 1424 -115.46 -103.03 63.70
C ASP M 1424 -115.63 -101.61 63.17
N ARG M 1425 -116.24 -101.47 62.00
CA ARG M 1425 -116.21 -100.19 61.27
C ARG M 1425 -117.57 -99.52 61.22
N GLY M 1426 -118.63 -100.23 61.57
CA GLY M 1426 -119.97 -99.69 61.39
C GLY M 1426 -120.27 -98.55 62.33
N ASP M 1427 -121.55 -98.21 62.39
CA ASP M 1427 -122.07 -97.19 63.31
C ASP M 1427 -121.48 -95.81 62.98
N CYS M 1428 -121.43 -95.52 61.68
CA CYS M 1428 -121.22 -94.15 61.16
C CYS M 1428 -122.31 -93.79 60.16
N ASP M 1429 -122.73 -94.76 59.34
CA ASP M 1429 -124.03 -94.71 58.64
C ASP M 1429 -125.00 -95.58 59.42
N PRO M 1430 -125.74 -95.04 60.41
CA PRO M 1430 -126.50 -95.90 61.31
C PRO M 1430 -127.73 -96.53 60.64
N GLU M 1431 -128.23 -95.91 59.57
CA GLU M 1431 -129.40 -96.42 58.85
C GLU M 1431 -129.16 -97.85 58.38
N VAL M 1432 -128.05 -98.07 57.67
CA VAL M 1432 -127.78 -99.39 57.08
C VAL M 1432 -127.45 -100.39 58.19
N SER M 1433 -126.78 -99.95 59.24
CA SER M 1433 -126.48 -100.84 60.39
C SER M 1433 -127.78 -101.34 61.01
N ALA M 1434 -128.75 -100.46 61.20
CA ALA M 1434 -130.04 -100.84 61.78
C ALA M 1434 -130.82 -101.73 60.83
N ALA M 1435 -130.83 -101.38 59.53
CA ALA M 1435 -131.54 -102.18 58.52
C ALA M 1435 -130.98 -103.60 58.48
N LEU M 1436 -129.65 -103.73 58.54
CA LEU M 1436 -129.01 -105.06 58.49
C LEU M 1436 -129.20 -105.82 59.78
N GLN M 1437 -129.20 -105.14 60.93
CA GLN M 1437 -129.53 -105.82 62.20
C GLN M 1437 -130.98 -106.33 62.15
N SER M 1438 -131.88 -105.57 61.54
CA SER M 1438 -133.30 -105.98 61.40
C SER M 1438 -133.40 -107.23 60.51
N ARG M 1439 -132.79 -107.16 59.33
CA ARG M 1439 -132.79 -108.31 58.40
C ARG M 1439 -132.01 -109.50 58.99
N GLN M 1440 -131.07 -109.27 59.90
CA GLN M 1440 -130.33 -110.37 60.57
C GLN M 1440 -131.24 -111.04 61.59
N GLN M 1441 -131.97 -110.25 62.39
CA GLN M 1441 -132.98 -110.80 63.32
C GLN M 1441 -134.04 -111.57 62.53
N ALA M 1442 -134.39 -111.10 61.34
CA ALA M 1442 -135.23 -111.87 60.41
C ALA M 1442 -134.51 -113.17 60.02
N ALA M 1443 -133.18 -113.11 59.82
CA ALA M 1443 -132.36 -114.29 59.55
C ALA M 1443 -132.08 -115.06 60.86
N UNK N 1 -84.64 -63.76 53.55
CA UNK N 1 -84.54 -65.21 53.22
C UNK N 1 -84.20 -66.00 54.48
N UNK N 2 -82.93 -66.00 54.88
CA UNK N 2 -82.46 -66.66 56.12
C UNK N 2 -82.73 -65.77 57.32
N UNK N 3 -83.96 -65.28 57.46
CA UNK N 3 -84.32 -64.32 58.52
C UNK N 3 -84.33 -65.04 59.87
N UNK N 4 -83.49 -64.60 60.79
CA UNK N 4 -83.34 -65.25 62.10
C UNK N 4 -84.61 -65.06 62.92
N UNK N 5 -84.70 -65.85 63.98
CA UNK N 5 -85.76 -65.70 65.00
C UNK N 5 -85.12 -66.05 66.35
N UNK N 6 -84.64 -65.03 67.04
CA UNK N 6 -83.87 -65.23 68.27
C UNK N 6 -84.80 -65.77 69.36
N UNK N 7 -84.18 -66.22 70.45
CA UNK N 7 -84.87 -66.82 71.60
C UNK N 7 -84.66 -65.94 72.84
N UNK N 8 -85.43 -66.19 73.90
CA UNK N 8 -85.23 -65.66 75.27
C UNK N 8 -84.95 -64.15 75.29
N UNK N 9 -85.75 -63.36 74.58
CA UNK N 9 -85.61 -61.89 74.53
C UNK N 9 -84.26 -61.50 73.91
N GLU N 10 -66.87 -43.24 47.78
CA GLU N 10 -66.47 -42.08 48.60
C GLU N 10 -65.44 -42.51 49.66
N PRO N 11 -64.15 -42.61 49.29
CA PRO N 11 -63.11 -42.78 50.29
C PRO N 11 -63.06 -41.65 51.32
N THR N 12 -63.45 -41.95 52.55
CA THR N 12 -63.39 -40.99 53.66
C THR N 12 -62.11 -41.20 54.46
N GLU N 13 -61.83 -40.24 55.33
CA GLU N 13 -60.55 -40.15 56.01
C GLU N 13 -60.82 -40.02 57.50
N VAL N 14 -59.97 -40.66 58.29
CA VAL N 14 -60.24 -40.82 59.73
C VAL N 14 -59.24 -39.99 60.52
N PHE N 15 -59.71 -39.43 61.63
CA PHE N 15 -58.94 -38.45 62.41
C PHE N 15 -58.39 -39.06 63.68
N THR N 16 -58.40 -40.38 63.79
CA THR N 16 -57.74 -41.11 64.89
C THR N 16 -56.23 -41.04 64.64
N VAL N 17 -55.46 -41.85 65.36
CA VAL N 17 -54.03 -41.65 65.70
C VAL N 17 -53.30 -40.88 64.61
N GLY N 18 -52.54 -39.86 65.01
CA GLY N 18 -52.42 -38.57 64.33
C GLY N 18 -52.64 -38.66 62.83
N PRO N 19 -53.56 -37.85 62.27
CA PRO N 19 -54.34 -38.27 61.09
C PRO N 19 -53.51 -38.77 59.91
N LYS N 20 -53.90 -39.91 59.35
CA LYS N 20 -53.19 -40.54 58.23
C LYS N 20 -54.16 -40.90 57.11
N THR N 21 -55.35 -40.28 57.10
CA THR N 21 -56.32 -40.34 55.99
C THR N 21 -56.59 -41.78 55.54
N PHE N 22 -57.09 -42.60 56.46
CA PHE N 22 -57.37 -44.02 56.16
C PHE N 22 -58.57 -44.07 55.21
N SER N 23 -58.27 -44.27 53.94
CA SER N 23 -59.28 -44.38 52.89
C SER N 23 -60.25 -45.50 53.25
N TRP N 24 -61.54 -45.22 53.13
CA TRP N 24 -62.58 -46.18 53.51
C TRP N 24 -63.90 -45.80 52.87
N THR N 25 -64.68 -46.80 52.47
CA THR N 25 -65.97 -46.61 51.80
C THR N 25 -67.03 -47.40 52.52
N PRO N 26 -68.32 -47.10 52.30
CA PRO N 26 -69.38 -47.90 52.92
C PRO N 26 -69.78 -49.09 52.05
N PHE N 27 -70.53 -49.98 52.65
CA PHE N 27 -71.11 -51.13 51.95
C PHE N 27 -72.56 -50.76 51.65
N PRO N 28 -72.99 -50.77 50.38
CA PRO N 28 -74.36 -50.34 50.06
C PRO N 28 -75.35 -51.49 50.17
N PRO N 29 -76.37 -51.39 51.04
CA PRO N 29 -77.56 -52.23 50.89
C PRO N 29 -78.65 -51.59 50.03
N ASP N 30 -79.71 -52.37 49.81
CA ASP N 30 -80.97 -51.89 49.20
C ASP N 30 -82.12 -52.30 50.13
N LEU N 31 -83.35 -52.10 49.67
CA LEU N 31 -84.55 -52.42 50.49
C LEU N 31 -84.84 -53.91 50.39
N TRP N 32 -85.46 -54.46 51.43
CA TRP N 32 -85.96 -55.85 51.44
C TRP N 32 -87.20 -55.96 52.32
N UNK N 33 -85.31 -59.69 56.83
CA UNK N 33 -84.92 -58.52 57.65
C UNK N 33 -85.74 -58.42 58.96
N UNK N 34 -86.22 -59.55 59.52
CA UNK N 34 -87.13 -59.60 60.70
C UNK N 34 -86.36 -59.90 61.99
N UNK N 35 -86.36 -58.94 62.91
CA UNK N 35 -85.80 -59.10 64.26
C UNK N 35 -86.80 -59.91 65.11
N UNK N 36 -87.15 -61.12 64.62
CA UNK N 36 -88.16 -61.99 65.26
C UNK N 36 -87.61 -62.50 66.58
N UNK N 37 -88.47 -62.53 67.61
CA UNK N 37 -88.10 -62.79 69.01
C UNK N 37 -89.01 -63.84 69.63
N UNK N 38 -88.73 -64.18 70.89
CA UNK N 38 -89.45 -65.21 71.67
C UNK N 38 -90.14 -64.61 72.90
N UNK N 39 -89.40 -63.86 73.73
CA UNK N 39 -89.89 -63.34 75.03
C UNK N 39 -89.26 -61.98 75.38
N MET O 1 80.91 -42.29 -121.35
CA MET O 1 80.00 -42.25 -122.54
C MET O 1 79.06 -41.04 -122.49
N ASP O 2 78.75 -40.57 -121.28
CA ASP O 2 77.80 -39.46 -121.09
C ASP O 2 78.49 -38.11 -121.25
N GLN O 3 79.71 -37.97 -120.72
CA GLN O 3 80.36 -36.67 -120.58
C GLN O 3 80.62 -36.05 -121.96
N LYS O 4 80.89 -36.90 -122.95
CA LYS O 4 80.99 -36.43 -124.35
C LYS O 4 79.69 -35.76 -124.79
N ILE O 5 78.55 -36.39 -124.49
CA ILE O 5 77.25 -35.82 -124.89
C ILE O 5 77.00 -34.54 -124.10
N LEU O 6 77.42 -34.50 -122.83
CA LEU O 6 77.33 -33.27 -122.01
C LEU O 6 78.10 -32.14 -122.69
N SER O 7 79.32 -32.43 -123.11
CA SER O 7 80.18 -31.42 -123.75
C SER O 7 79.60 -31.00 -125.10
N LEU O 8 79.00 -31.94 -125.83
CA LEU O 8 78.35 -31.61 -127.11
C LEU O 8 77.16 -30.68 -126.88
N ALA O 9 76.38 -30.93 -125.83
CA ALA O 9 75.20 -30.12 -125.51
C ALA O 9 75.58 -28.80 -124.84
N ALA O 10 76.81 -28.68 -124.33
CA ALA O 10 77.21 -27.52 -123.52
C ALA O 10 77.05 -26.20 -124.29
N GLU O 11 77.16 -26.22 -125.62
CA GLU O 11 77.22 -24.98 -126.43
C GLU O 11 76.05 -24.83 -127.39
N LYS O 12 75.75 -25.83 -128.21
CA LYS O 12 74.82 -25.66 -129.34
C LYS O 12 74.16 -26.98 -129.69
N THR O 13 73.17 -26.91 -130.59
CA THR O 13 72.20 -27.98 -130.84
C THR O 13 72.24 -28.40 -132.31
N ALA O 14 71.98 -29.68 -132.56
CA ALA O 14 71.67 -30.24 -133.89
C ALA O 14 72.79 -29.99 -134.91
N ASP O 15 74.02 -29.84 -134.44
CA ASP O 15 75.19 -29.62 -135.32
C ASP O 15 76.31 -30.60 -134.96
N LYS O 16 76.40 -30.98 -133.69
CA LYS O 16 77.35 -31.99 -133.21
C LYS O 16 76.64 -33.09 -132.43
N LEU O 17 75.59 -32.76 -131.68
CA LEU O 17 74.82 -33.78 -130.94
C LEU O 17 74.17 -34.75 -131.92
N GLN O 18 73.54 -34.23 -132.97
CA GLN O 18 72.99 -35.11 -134.03
C GLN O 18 74.09 -35.97 -134.60
N GLU O 19 75.25 -35.39 -134.86
CA GLU O 19 76.36 -36.10 -135.51
C GLU O 19 76.81 -37.25 -134.62
N PHE O 20 76.91 -37.01 -133.32
CA PHE O 20 77.27 -38.08 -132.37
C PHE O 20 76.11 -39.05 -132.21
N LEU O 21 74.87 -38.56 -132.22
CA LEU O 21 73.69 -39.44 -132.15
C LEU O 21 73.69 -40.44 -133.31
N GLN O 22 74.20 -40.03 -134.47
CA GLN O 22 74.40 -40.95 -135.61
C GLN O 22 75.66 -41.80 -135.45
N THR O 23 76.30 -41.85 -134.27
CA THR O 23 77.39 -42.79 -133.97
C THR O 23 76.86 -43.95 -133.13
N LEU O 24 76.37 -43.64 -131.92
CA LEU O 24 75.78 -44.64 -131.02
C LEU O 24 74.30 -44.80 -131.35
N ARG O 25 73.97 -45.87 -132.08
CA ARG O 25 72.61 -46.07 -132.62
C ARG O 25 71.78 -46.96 -131.70
N GLU O 26 72.40 -47.99 -131.13
CA GLU O 26 71.74 -48.92 -130.21
C GLU O 26 72.55 -49.00 -128.92
N GLY O 27 71.95 -49.63 -127.91
CA GLY O 27 72.55 -49.72 -126.58
C GLY O 27 72.09 -48.59 -125.67
N ASP O 28 71.10 -47.82 -126.10
CA ASP O 28 70.48 -46.79 -125.25
C ASP O 28 69.79 -47.45 -124.06
N LEU O 29 69.25 -48.66 -124.27
CA LEU O 29 68.56 -49.42 -123.21
C LEU O 29 69.52 -49.65 -122.03
N THR O 30 70.56 -50.45 -122.25
CA THR O 30 71.54 -50.78 -121.19
C THR O 30 72.20 -49.51 -120.65
N ASN O 31 72.44 -48.54 -121.53
CA ASN O 31 72.99 -47.23 -121.13
C ASN O 31 72.11 -46.62 -120.05
N LEU O 32 70.82 -46.48 -120.31
CA LEU O 32 69.88 -45.91 -119.33
C LEU O 32 69.71 -46.81 -118.12
N LEU O 33 69.88 -48.12 -118.26
CA LEU O 33 69.74 -49.03 -117.11
C LEU O 33 70.89 -48.82 -116.13
N GLN O 34 72.13 -48.85 -116.61
CA GLN O 34 73.27 -48.51 -115.72
C GLN O 34 73.14 -47.06 -115.24
N ASN O 35 72.53 -46.19 -116.05
CA ASN O 35 72.33 -44.78 -115.67
C ASN O 35 71.44 -44.69 -114.43
N GLN O 36 70.24 -45.29 -114.48
CA GLN O 36 69.36 -45.28 -113.30
C GLN O 36 70.00 -46.06 -112.15
N ALA O 37 70.82 -47.07 -112.45
CA ALA O 37 71.49 -47.87 -111.40
C ALA O 37 72.47 -47.00 -110.61
N VAL O 38 73.20 -46.11 -111.28
CA VAL O 38 74.30 -45.35 -110.66
C VAL O 38 73.80 -43.99 -110.15
N LYS O 39 73.07 -43.25 -110.98
CA LYS O 39 72.61 -41.88 -110.65
C LYS O 39 71.59 -41.42 -111.68
N GLY O 40 70.40 -41.00 -111.23
CA GLY O 40 69.31 -40.64 -112.15
C GLY O 40 69.43 -39.24 -112.72
N LYS O 41 70.13 -38.34 -112.03
CA LYS O 41 70.35 -36.98 -112.57
C LYS O 41 71.07 -37.05 -113.91
N VAL O 42 71.97 -38.03 -114.07
CA VAL O 42 72.67 -38.23 -115.34
C VAL O 42 71.65 -38.67 -116.40
N ALA O 43 70.65 -39.47 -116.02
CA ALA O 43 69.59 -39.88 -116.96
C ALA O 43 68.78 -38.66 -117.41
N GLY O 44 68.47 -37.77 -116.47
CA GLY O 44 67.76 -36.52 -116.82
C GLY O 44 68.58 -35.65 -117.75
N ALA O 45 69.88 -35.53 -117.47
CA ALA O 45 70.80 -34.74 -118.31
C ALA O 45 70.88 -35.34 -119.70
N LEU O 46 70.98 -36.67 -119.77
CA LEU O 46 70.99 -37.37 -121.06
C LEU O 46 69.69 -37.09 -121.80
N LEU O 47 68.57 -37.12 -121.09
CA LEU O 47 67.25 -36.89 -121.73
C LEU O 47 67.18 -35.49 -122.31
N ARG O 48 67.62 -34.50 -121.54
CA ARG O 48 67.67 -33.12 -122.05
C ARG O 48 68.55 -33.06 -123.29
N ALA O 49 69.74 -33.66 -123.22
CA ALA O 49 70.67 -33.71 -124.36
C ALA O 49 70.01 -34.39 -125.55
N ILE O 50 69.25 -35.45 -125.29
CA ILE O 50 68.65 -36.25 -126.37
C ILE O 50 67.56 -35.42 -127.06
N PHE O 51 66.72 -34.77 -126.28
CA PHE O 51 65.56 -34.06 -126.85
C PHE O 51 65.99 -32.77 -127.51
N LYS O 52 67.11 -32.18 -127.09
CA LYS O 52 67.64 -31.01 -127.81
C LYS O 52 68.38 -31.45 -129.07
N GLY O 53 69.13 -32.56 -129.00
CA GLY O 53 69.90 -33.04 -130.14
C GLY O 53 69.08 -33.90 -131.10
N SER O 54 67.84 -34.20 -130.75
CA SER O 54 66.94 -35.00 -131.60
C SER O 54 65.65 -34.21 -131.80
N PRO O 55 65.67 -33.05 -132.46
CA PRO O 55 64.43 -32.37 -132.82
C PRO O 55 63.59 -33.25 -133.74
N CYS O 56 62.27 -33.01 -133.74
CA CYS O 56 61.29 -33.82 -134.47
C CYS O 56 60.88 -33.17 -135.79
N SER O 57 61.44 -32.00 -136.13
CA SER O 57 61.42 -31.48 -137.51
C SER O 57 62.06 -32.50 -138.46
N GLU O 58 63.26 -32.98 -138.09
CA GLU O 58 63.89 -34.16 -138.70
C GLU O 58 63.32 -35.44 -138.08
N GLU O 59 63.07 -36.46 -138.90
CA GLU O 59 62.28 -37.65 -138.53
C GLU O 59 63.12 -38.80 -137.99
N ALA O 60 64.45 -38.68 -137.97
CA ALA O 60 65.32 -39.70 -137.35
C ALA O 60 65.28 -39.60 -135.82
N GLY O 61 65.23 -38.39 -135.27
CA GLY O 61 65.11 -38.17 -133.83
C GLY O 61 63.76 -38.63 -133.29
N THR O 62 62.70 -38.57 -134.11
CA THR O 62 61.34 -39.03 -133.72
C THR O 62 61.35 -40.51 -133.34
N LEU O 63 62.19 -41.30 -133.99
CA LEU O 63 62.26 -42.75 -133.75
C LEU O 63 63.14 -43.05 -132.54
N ARG O 64 64.25 -42.32 -132.38
CA ARG O 64 65.05 -42.37 -131.13
C ARG O 64 64.17 -42.03 -129.93
N ARG O 65 63.31 -41.02 -130.08
CA ARG O 65 62.40 -40.59 -129.02
C ARG O 65 61.35 -41.67 -128.77
N ARG O 66 60.83 -42.32 -129.81
CA ARG O 66 59.83 -43.40 -129.65
C ARG O 66 60.46 -44.62 -128.96
N LYS O 67 61.67 -44.98 -129.35
CA LYS O 67 62.39 -46.10 -128.70
C LYS O 67 62.62 -45.81 -127.22
N ILE O 68 63.20 -44.66 -126.90
CA ILE O 68 63.50 -44.31 -125.51
C ILE O 68 62.22 -44.12 -124.71
N TYR O 69 61.13 -43.66 -125.35
CA TYR O 69 59.80 -43.59 -124.69
C TYR O 69 59.38 -44.97 -124.22
N THR O 70 59.42 -45.96 -125.12
CA THR O 70 59.04 -47.33 -124.76
C THR O 70 59.99 -47.86 -123.68
N CYS O 71 61.28 -47.53 -123.77
CA CYS O 71 62.28 -47.93 -122.77
C CYS O 71 61.89 -47.42 -121.38
N CYS O 72 61.66 -46.12 -121.25
CA CYS O 72 61.25 -45.54 -119.97
C CYS O 72 59.92 -46.11 -119.51
N ILE O 73 58.98 -46.33 -120.43
CA ILE O 73 57.64 -46.89 -120.11
C ILE O 73 57.82 -48.23 -119.41
N GLN O 74 58.65 -49.11 -119.97
CA GLN O 74 58.80 -50.46 -119.40
C GLN O 74 59.61 -50.39 -118.10
N LEU O 75 60.68 -49.60 -118.04
CA LEU O 75 61.58 -49.66 -116.87
C LEU O 75 60.96 -48.99 -115.66
N VAL O 76 60.23 -47.90 -115.86
CA VAL O 76 59.70 -47.12 -114.72
C VAL O 76 58.73 -47.98 -113.91
N GLU O 77 57.96 -48.83 -114.58
CA GLU O 77 57.05 -49.76 -113.89
C GLU O 77 57.84 -50.95 -113.36
N SER O 78 58.57 -51.65 -114.25
CA SER O 78 59.27 -52.89 -113.89
C SER O 78 60.49 -52.57 -113.02
N GLY O 79 61.43 -51.81 -113.56
CA GLY O 79 62.66 -51.46 -112.83
C GLY O 79 62.37 -50.52 -111.69
N ASP O 80 62.41 -51.02 -110.46
CA ASP O 80 62.04 -50.23 -109.27
C ASP O 80 63.20 -49.26 -109.02
N LEU O 81 63.02 -48.00 -109.43
CA LEU O 81 64.03 -46.96 -109.24
C LEU O 81 63.80 -46.28 -107.89
N GLN O 82 64.43 -45.13 -107.69
CA GLN O 82 64.04 -44.20 -106.63
C GLN O 82 62.80 -43.42 -107.07
N LYS O 83 62.16 -42.73 -106.13
CA LYS O 83 60.91 -42.01 -106.40
C LYS O 83 61.16 -40.72 -107.17
N GLU O 84 62.16 -39.95 -106.75
CA GLU O 84 62.39 -38.61 -107.33
C GLU O 84 62.80 -38.75 -108.80
N ILE O 85 63.65 -39.72 -109.11
CA ILE O 85 64.04 -40.00 -110.51
C ILE O 85 62.80 -40.33 -111.33
N VAL O 86 61.90 -41.13 -110.77
CA VAL O 86 60.70 -41.56 -111.51
C VAL O 86 59.84 -40.34 -111.83
N SER O 87 59.60 -39.50 -110.81
CA SER O 87 58.84 -38.26 -111.00
C SER O 87 59.50 -37.39 -112.07
N GLU O 88 60.83 -37.31 -112.03
CA GLU O 88 61.58 -36.48 -112.99
C GLU O 88 61.35 -37.00 -114.40
N ILE O 89 61.49 -38.30 -114.60
CA ILE O 89 61.33 -38.94 -115.91
C ILE O 89 59.95 -38.61 -116.42
N ILE O 90 58.95 -38.79 -115.56
CA ILE O 90 57.55 -38.60 -115.96
C ILE O 90 57.36 -37.15 -116.37
N GLY O 91 57.92 -36.22 -115.60
CA GLY O 91 57.77 -34.79 -115.90
C GLY O 91 58.42 -34.42 -117.21
N LEU O 92 59.61 -34.96 -117.44
CA LEU O 92 60.32 -34.69 -118.69
C LEU O 92 59.51 -35.20 -119.87
N LEU O 93 59.00 -36.42 -119.76
CA LEU O 93 58.28 -37.01 -120.88
C LEU O 93 57.01 -36.23 -121.16
N MET O 94 56.29 -35.86 -120.10
CA MET O 94 55.06 -35.06 -120.23
C MET O 94 55.41 -33.71 -120.84
N LEU O 95 56.61 -33.21 -120.59
CA LEU O 95 57.05 -31.94 -121.19
C LEU O 95 57.21 -32.11 -122.70
N GLU O 96 58.03 -33.07 -123.11
CA GLU O 96 58.39 -33.22 -124.54
C GLU O 96 57.35 -34.03 -125.32
N ALA O 97 56.23 -34.40 -124.72
CA ALA O 97 55.17 -35.13 -125.45
C ALA O 97 54.46 -34.28 -126.50
N HIS O 98 54.64 -32.96 -126.48
CA HIS O 98 53.88 -32.07 -127.38
C HIS O 98 54.47 -32.04 -128.79
N HIS O 99 55.74 -32.42 -128.95
CA HIS O 99 56.48 -32.25 -130.21
C HIS O 99 56.46 -33.56 -130.99
N PHE O 100 55.29 -33.89 -131.52
CA PHE O 100 55.05 -35.14 -132.26
C PHE O 100 53.95 -34.92 -133.29
N PRO O 101 53.82 -35.83 -134.26
CA PRO O 101 52.67 -35.80 -135.17
C PRO O 101 51.52 -36.60 -134.58
N GLY O 102 50.45 -36.73 -135.35
CA GLY O 102 49.30 -37.55 -134.95
C GLY O 102 49.64 -39.02 -134.75
N PRO O 103 50.05 -39.73 -135.81
CA PRO O 103 50.08 -41.20 -135.75
C PRO O 103 51.10 -41.78 -134.77
N LEU O 104 52.24 -41.12 -134.54
CA LEU O 104 53.20 -41.60 -133.53
C LEU O 104 52.55 -41.60 -132.14
N LEU O 105 51.80 -40.55 -131.82
CA LEU O 105 51.11 -40.50 -130.52
C LEU O 105 49.94 -41.46 -130.51
N VAL O 106 49.33 -41.71 -131.67
CA VAL O 106 48.24 -42.70 -131.75
C VAL O 106 48.79 -44.09 -131.43
N GLU O 107 49.95 -44.44 -131.96
CA GLU O 107 50.56 -45.76 -131.67
C GLU O 107 51.05 -45.82 -130.22
N LEU O 108 51.50 -44.70 -129.64
CA LEU O 108 51.79 -44.69 -128.19
C LEU O 108 50.51 -44.94 -127.39
N ALA O 109 49.39 -44.38 -127.85
CA ALA O 109 48.09 -44.63 -127.22
C ALA O 109 47.74 -46.10 -127.30
N ASN O 110 47.98 -46.72 -128.44
CA ASN O 110 47.68 -48.15 -128.64
C ASN O 110 48.63 -48.99 -127.78
N GLU O 111 49.88 -48.55 -127.60
CA GLU O 111 50.82 -49.21 -126.67
C GLU O 111 50.19 -49.29 -125.29
N PHE O 112 49.82 -48.14 -124.74
CA PHE O 112 49.24 -48.07 -123.39
C PHE O 112 47.92 -48.84 -123.32
N ILE O 113 47.13 -48.80 -124.39
CA ILE O 113 45.83 -49.52 -124.44
C ILE O 113 46.06 -51.02 -124.28
N SER O 114 46.83 -51.61 -125.17
CA SER O 114 47.14 -53.05 -125.09
C SER O 114 47.84 -53.37 -123.77
N ALA O 115 48.67 -52.47 -123.25
CA ALA O 115 49.43 -52.72 -122.02
C ALA O 115 48.49 -52.82 -120.83
N VAL O 116 47.62 -51.83 -120.63
CA VAL O 116 46.71 -51.87 -119.47
C VAL O 116 45.69 -52.99 -119.63
N ARG O 117 45.32 -53.35 -120.86
CA ARG O 117 44.39 -54.46 -121.10
C ARG O 117 45.02 -55.77 -120.65
N GLU O 118 46.23 -56.07 -121.12
CA GLU O 118 46.88 -57.37 -120.91
C GLU O 118 48.16 -57.22 -120.10
N GLY O 119 49.02 -56.25 -120.45
CA GLY O 119 50.30 -56.06 -119.78
C GLY O 119 50.13 -55.85 -118.29
N SER O 120 50.76 -56.70 -117.50
CA SER O 120 50.68 -56.54 -116.04
C SER O 120 51.48 -55.30 -115.68
N LEU O 121 50.83 -54.16 -115.64
CA LEU O 121 51.52 -52.90 -115.40
C LEU O 121 51.85 -52.86 -113.91
N VAL O 122 53.13 -52.77 -113.61
CA VAL O 122 53.62 -53.08 -112.26
C VAL O 122 53.20 -51.97 -111.29
N ASN O 123 53.19 -50.73 -111.77
CA ASN O 123 52.94 -49.55 -110.92
C ASN O 123 51.91 -48.61 -111.53
N GLY O 124 51.79 -48.58 -112.86
CA GLY O 124 50.77 -47.77 -113.52
C GLY O 124 51.05 -46.27 -113.52
N LYS O 125 52.18 -45.84 -112.97
CA LYS O 125 52.51 -44.40 -112.92
C LYS O 125 52.69 -43.83 -114.32
N SER O 126 53.03 -44.67 -115.29
CA SER O 126 53.23 -44.23 -116.69
C SER O 126 51.96 -43.61 -117.24
N LEU O 127 50.80 -43.99 -116.71
CA LEU O 127 49.51 -43.51 -117.22
C LEU O 127 49.37 -42.01 -117.03
N GLU O 128 50.14 -41.43 -116.11
CA GLU O 128 50.13 -39.97 -115.88
C GLU O 128 50.42 -39.23 -117.18
N LEU O 129 51.22 -39.83 -118.04
CA LEU O 129 51.59 -39.20 -119.31
C LEU O 129 50.47 -39.33 -120.33
N LEU O 130 49.69 -40.39 -120.24
CA LEU O 130 48.64 -40.69 -121.25
C LEU O 130 47.72 -39.50 -121.52
N PRO O 131 47.07 -38.88 -120.52
CA PRO O 131 46.15 -37.79 -120.85
C PRO O 131 46.86 -36.60 -121.48
N ILE O 132 48.15 -36.44 -121.22
CA ILE O 132 48.95 -35.41 -121.91
C ILE O 132 48.95 -35.74 -123.39
N ILE O 133 49.08 -37.02 -123.69
CA ILE O 133 49.11 -37.47 -125.09
C ILE O 133 47.74 -37.25 -125.73
N LEU O 134 46.69 -37.54 -124.98
CA LEU O 134 45.32 -37.32 -125.51
C LEU O 134 45.12 -35.83 -125.76
N THR O 135 45.67 -34.99 -124.90
CA THR O 135 45.58 -33.53 -125.07
C THR O 135 46.30 -33.10 -126.34
N ALA O 136 47.55 -33.56 -126.52
CA ALA O 136 48.35 -33.21 -127.71
C ALA O 136 47.62 -33.70 -128.96
N LEU O 137 46.98 -34.85 -128.90
CA LEU O 137 46.24 -35.38 -130.06
C LEU O 137 45.04 -34.48 -130.37
N ALA O 138 44.26 -34.13 -129.36
CA ALA O 138 43.06 -33.29 -129.54
C ALA O 138 43.44 -31.96 -130.16
N THR O 139 44.53 -31.36 -129.67
CA THR O 139 44.93 -30.00 -130.09
C THR O 139 45.68 -29.99 -131.43
N LYS O 140 46.41 -31.05 -131.76
CA LYS O 140 47.26 -31.05 -132.97
C LYS O 140 46.35 -31.10 -134.19
N LYS O 141 46.38 -30.03 -134.99
CA LYS O 141 45.60 -29.93 -136.24
C LYS O 141 46.32 -30.55 -137.43
N GLU O 142 47.41 -31.26 -137.21
CA GLU O 142 48.03 -32.05 -138.28
C GLU O 142 47.10 -33.22 -138.59
N ASN O 143 46.20 -33.04 -139.55
CA ASN O 143 45.06 -33.94 -139.77
C ASN O 143 45.57 -35.32 -140.20
N LEU O 144 44.88 -36.36 -139.72
CA LEU O 144 45.16 -37.76 -140.06
C LEU O 144 44.06 -38.26 -141.01
N ALA O 145 44.10 -39.54 -141.35
CA ALA O 145 43.08 -40.20 -142.17
C ALA O 145 43.18 -41.70 -141.98
N TYR O 146 42.14 -42.31 -141.42
CA TYR O 146 42.09 -43.75 -141.07
C TYR O 146 40.78 -44.36 -141.59
N LEU O 151 40.85 -37.53 -141.09
CA LEU O 151 40.25 -37.53 -139.73
C LEU O 151 41.07 -36.64 -138.79
N SER O 152 40.39 -36.01 -137.83
CA SER O 152 41.01 -35.07 -136.88
C SER O 152 41.62 -35.81 -135.70
N GLY O 153 42.57 -35.16 -135.02
CA GLY O 153 43.20 -35.73 -133.83
C GLY O 153 42.19 -35.94 -132.71
N GLU O 154 41.28 -34.99 -132.52
CA GLU O 154 40.22 -35.14 -131.50
C GLU O 154 39.34 -36.36 -131.81
N GLU O 155 39.07 -36.64 -133.08
CA GLU O 155 38.24 -37.81 -133.44
C GLU O 155 39.01 -39.12 -133.26
N CYS O 156 40.30 -39.16 -133.58
CA CYS O 156 41.14 -40.35 -133.29
C CYS O 156 41.21 -40.56 -131.77
N LYS O 157 41.21 -39.46 -131.02
CA LYS O 157 41.12 -39.52 -129.53
C LYS O 157 39.81 -40.19 -129.10
N LYS O 158 38.70 -39.76 -129.68
CA LYS O 158 37.38 -40.38 -129.44
C LYS O 158 37.44 -41.88 -129.73
N GLN O 159 38.03 -42.23 -130.86
CA GLN O 159 38.17 -43.64 -131.27
C GLN O 159 38.96 -44.41 -130.19
N LEU O 160 40.11 -43.88 -129.79
CA LEU O 160 41.02 -44.59 -128.86
C LEU O 160 40.35 -44.73 -127.50
N ILE O 161 39.60 -43.71 -127.08
CA ILE O 161 38.97 -43.75 -125.75
C ILE O 161 37.76 -44.69 -125.82
N ASN O 162 37.04 -44.74 -126.94
CA ASN O 162 35.95 -45.71 -127.11
C ASN O 162 36.52 -47.12 -127.10
N THR O 163 37.66 -47.31 -127.74
CA THR O 163 38.38 -48.59 -127.71
C THR O 163 38.68 -48.98 -126.26
N LEU O 164 39.30 -48.05 -125.53
CA LEU O 164 39.69 -48.32 -124.13
C LEU O 164 38.47 -48.67 -123.27
N CYS O 165 37.39 -47.89 -123.41
CA CYS O 165 36.18 -48.09 -122.57
C CYS O 165 35.53 -49.43 -122.88
N SER O 166 35.29 -49.70 -124.16
CA SER O 166 34.70 -51.00 -124.59
C SER O 166 35.62 -52.16 -124.16
N GLY O 167 36.92 -51.91 -124.02
CA GLY O 167 37.86 -52.93 -123.55
C GLY O 167 37.80 -53.16 -122.06
N ARG O 168 38.55 -54.15 -121.62
CA ARG O 168 38.58 -54.58 -120.21
C ARG O 168 39.69 -53.82 -119.47
N TRP O 169 39.44 -53.55 -118.18
CA TRP O 169 40.36 -52.86 -117.26
C TRP O 169 40.88 -53.84 -116.23
N ASP O 170 41.88 -53.37 -115.48
CA ASP O 170 42.41 -54.09 -114.32
C ASP O 170 41.52 -53.79 -113.12
N GLN O 171 41.47 -54.74 -112.20
CA GLN O 171 40.79 -54.51 -110.92
C GLN O 171 41.50 -53.40 -110.15
N GLN O 172 42.82 -53.55 -109.96
CA GLN O 172 43.61 -52.55 -109.20
C GLN O 172 43.52 -51.19 -109.88
N TYR O 173 43.70 -51.17 -111.20
CA TYR O 173 43.82 -49.93 -111.97
C TYR O 173 42.46 -49.63 -112.61
N VAL O 174 41.59 -49.08 -111.78
CA VAL O 174 40.44 -48.26 -112.23
C VAL O 174 40.54 -46.87 -111.61
N ILE O 175 41.06 -46.80 -110.39
CA ILE O 175 41.37 -45.52 -109.70
C ILE O 175 42.11 -44.60 -110.67
N GLN O 176 43.27 -45.07 -111.13
CA GLN O 176 44.15 -44.23 -111.94
C GLN O 176 43.53 -44.03 -113.31
N LEU O 177 42.80 -45.02 -113.82
CA LEU O 177 42.10 -44.92 -115.11
C LEU O 177 41.19 -43.70 -115.11
N THR O 178 40.38 -43.56 -114.07
CA THR O 178 39.44 -42.44 -113.94
C THR O 178 40.17 -41.17 -113.50
N SER O 179 41.26 -41.29 -112.74
CA SER O 179 42.10 -40.14 -112.37
C SER O 179 42.65 -39.46 -113.62
N MET O 180 42.86 -40.22 -114.69
CA MET O 180 43.34 -39.64 -115.95
C MET O 180 42.23 -38.84 -116.61
N PHE O 181 41.05 -39.43 -116.75
CA PHE O 181 39.88 -38.72 -117.31
C PHE O 181 39.50 -37.51 -116.45
N LYS O 182 39.96 -37.44 -115.20
CA LYS O 182 39.78 -36.27 -114.33
C LYS O 182 40.11 -34.96 -115.07
N ASP O 183 41.31 -34.85 -115.61
CA ASP O 183 41.84 -33.57 -116.14
C ASP O 183 41.71 -33.44 -117.66
N VAL O 184 41.07 -34.38 -118.34
CA VAL O 184 40.95 -34.28 -119.81
C VAL O 184 39.83 -33.31 -120.15
N PRO O 185 39.91 -32.55 -121.25
CA PRO O 185 38.71 -31.96 -121.83
C PRO O 185 37.88 -33.02 -122.54
N LEU O 186 36.72 -33.30 -121.99
CA LEU O 186 35.82 -34.34 -122.51
C LEU O 186 34.48 -33.73 -122.85
N THR O 187 33.71 -34.48 -123.61
CA THR O 187 32.32 -34.16 -123.96
C THR O 187 31.38 -35.12 -123.24
N ALA O 188 30.09 -35.01 -123.55
CA ALA O 188 29.03 -35.77 -122.90
C ALA O 188 29.29 -37.27 -123.03
N GLU O 189 29.38 -37.76 -124.25
CA GLU O 189 29.46 -39.22 -124.45
C GLU O 189 30.82 -39.74 -124.00
N GLU O 190 31.87 -38.92 -124.11
CA GLU O 190 33.20 -39.26 -123.55
C GLU O 190 33.07 -39.62 -122.08
N VAL O 191 32.62 -38.65 -121.29
CA VAL O 191 32.50 -38.83 -119.84
C VAL O 191 31.48 -39.94 -119.56
N GLU O 192 30.46 -40.10 -120.42
CA GLU O 192 29.40 -41.12 -120.25
C GLU O 192 30.00 -42.51 -120.30
N PHE O 193 30.79 -42.79 -121.34
CA PHE O 193 31.39 -44.13 -121.48
C PHE O 193 32.43 -44.34 -120.37
N VAL O 194 33.14 -43.30 -119.96
CA VAL O 194 34.12 -43.42 -118.85
C VAL O 194 33.40 -43.92 -117.61
N VAL O 195 32.35 -43.21 -117.22
CA VAL O 195 31.64 -43.55 -115.98
C VAL O 195 30.91 -44.88 -116.14
N GLU O 196 30.45 -45.22 -117.34
CA GLU O 196 29.73 -46.48 -117.53
C GLU O 196 30.67 -47.65 -117.34
N LYS O 197 31.89 -47.55 -117.88
CA LYS O 197 32.90 -48.61 -117.67
C LYS O 197 33.23 -48.69 -116.18
N ALA O 198 33.55 -47.58 -115.54
CA ALA O 198 33.90 -47.58 -114.10
C ALA O 198 32.71 -48.06 -113.28
N LEU O 199 31.49 -47.86 -113.78
CA LEU O 199 30.27 -48.29 -113.10
C LEU O 199 30.19 -49.80 -113.11
N SER O 200 30.20 -50.38 -114.30
CA SER O 200 30.11 -51.84 -114.43
C SER O 200 31.28 -52.54 -113.73
N MET O 201 32.39 -51.82 -113.50
CA MET O 201 33.53 -52.38 -112.75
C MET O 201 33.22 -52.60 -111.27
N PHE O 202 32.11 -52.06 -110.78
CA PHE O 202 31.82 -52.14 -109.34
C PHE O 202 31.63 -53.59 -108.88
N SER O 203 31.16 -54.45 -109.77
CA SER O 203 30.78 -55.81 -109.40
C SER O 203 32.00 -56.71 -109.17
N LYS O 204 33.23 -56.18 -109.24
CA LYS O 204 34.47 -56.96 -109.10
C LYS O 204 35.42 -56.20 -108.18
N MET O 205 34.91 -55.81 -107.03
CA MET O 205 35.62 -54.86 -106.16
C MET O 205 35.50 -55.25 -104.72
N ASN O 206 36.59 -55.09 -103.99
CA ASN O 206 36.50 -55.01 -102.53
C ASN O 206 35.76 -53.72 -102.17
N LEU O 207 35.29 -53.66 -100.92
CA LEU O 207 34.36 -52.59 -100.54
C LEU O 207 35.11 -51.39 -99.95
N GLN O 208 36.28 -51.63 -99.36
CA GLN O 208 37.17 -50.52 -98.92
C GLN O 208 37.67 -49.68 -100.10
N GLU O 209 37.53 -50.20 -101.33
CA GLU O 209 38.00 -49.56 -102.57
C GLU O 209 36.94 -48.60 -103.12
N ILE O 210 35.65 -48.85 -102.88
CA ILE O 210 34.53 -48.09 -103.48
C ILE O 210 34.52 -46.62 -103.09
N PRO O 211 34.86 -46.20 -101.86
CA PRO O 211 34.63 -44.80 -101.45
C PRO O 211 35.41 -43.79 -102.28
N PRO O 212 36.74 -43.91 -102.37
CA PRO O 212 37.46 -42.95 -103.18
C PRO O 212 37.10 -43.09 -104.66
N LEU O 213 36.74 -44.31 -105.10
CA LEU O 213 36.28 -44.52 -106.49
C LEU O 213 35.08 -43.64 -106.78
N VAL O 214 34.11 -43.64 -105.87
CA VAL O 214 32.87 -42.89 -106.11
C VAL O 214 33.17 -41.40 -105.96
N TYR O 215 34.07 -41.05 -105.03
CA TYR O 215 34.57 -39.66 -104.88
C TYR O 215 35.05 -39.13 -106.23
N GLN O 216 35.93 -39.88 -106.89
CA GLN O 216 36.50 -39.45 -108.17
C GLN O 216 35.45 -39.51 -109.27
N LEU O 217 34.57 -40.53 -109.24
CA LEU O 217 33.47 -40.60 -110.21
C LEU O 217 32.63 -39.34 -110.17
N LEU O 218 32.46 -38.77 -108.99
CA LEU O 218 31.56 -37.62 -108.84
C LEU O 218 32.27 -36.33 -109.21
N VAL O 219 33.52 -36.17 -108.81
CA VAL O 219 34.26 -34.95 -109.19
C VAL O 219 34.39 -34.92 -110.72
N LEU O 220 34.36 -36.09 -111.36
CA LEU O 220 34.26 -36.15 -112.84
C LEU O 220 32.83 -35.96 -113.33
N SER O 221 31.85 -36.43 -112.55
CA SER O 221 30.41 -36.20 -112.84
C SER O 221 30.14 -34.71 -112.96
N SER O 222 30.89 -33.91 -112.20
CA SER O 222 30.86 -32.45 -112.24
C SER O 222 30.90 -31.90 -113.66
N LYS O 223 31.50 -32.60 -114.62
CA LYS O 223 31.62 -32.06 -115.98
C LYS O 223 30.25 -31.86 -116.60
N GLY O 224 29.57 -32.96 -116.91
CA GLY O 224 28.15 -32.91 -117.22
C GLY O 224 27.36 -34.07 -116.65
N SER O 225 28.04 -35.12 -116.21
CA SER O 225 27.49 -36.48 -116.19
C SER O 225 27.01 -36.81 -114.78
N ARG O 226 25.92 -36.17 -114.38
CA ARG O 226 25.52 -36.21 -112.97
C ARG O 226 24.55 -37.38 -112.73
N LYS O 227 23.46 -37.41 -113.49
CA LYS O 227 22.31 -38.30 -113.21
C LYS O 227 22.75 -39.75 -113.05
N SER O 228 23.49 -40.23 -114.04
CA SER O 228 23.71 -41.67 -114.21
C SER O 228 24.59 -42.21 -113.08
N VAL O 229 25.53 -41.40 -112.58
CA VAL O 229 26.40 -41.80 -111.45
C VAL O 229 25.51 -42.19 -110.26
N LEU O 230 24.59 -41.31 -109.90
CA LEU O 230 23.76 -41.54 -108.71
C LEU O 230 22.79 -42.68 -108.97
N GLU O 231 22.18 -42.71 -110.16
CA GLU O 231 21.19 -43.76 -110.50
C GLU O 231 21.84 -45.14 -110.39
N GLY O 232 23.05 -45.27 -110.90
CA GLY O 232 23.78 -46.55 -110.83
C GLY O 232 24.14 -46.89 -109.41
N ILE O 233 24.64 -45.92 -108.62
CA ILE O 233 25.02 -46.18 -107.21
C ILE O 233 23.77 -46.64 -106.45
N ILE O 234 22.65 -46.00 -106.73
CA ILE O 234 21.36 -46.33 -106.11
C ILE O 234 21.00 -47.79 -106.41
N ALA O 235 20.93 -48.14 -107.69
CA ALA O 235 20.53 -49.50 -108.08
C ALA O 235 21.51 -50.51 -107.48
N PHE O 236 22.80 -50.20 -107.51
CA PHE O 236 23.84 -51.06 -106.93
C PHE O 236 23.54 -51.35 -105.46
N PHE O 237 23.49 -50.30 -104.63
CA PHE O 237 23.28 -50.47 -103.18
C PHE O 237 21.88 -51.01 -102.87
N SER O 238 20.89 -50.76 -103.73
CA SER O 238 19.54 -51.32 -103.56
C SER O 238 19.59 -52.85 -103.62
N ALA O 239 20.12 -53.36 -104.72
CA ALA O 239 20.29 -54.81 -104.91
C ALA O 239 21.18 -55.37 -103.80
N LEU O 240 22.18 -54.60 -103.37
CA LEU O 240 23.12 -55.05 -102.33
C LEU O 240 22.37 -55.27 -101.02
N ASP O 241 21.60 -54.28 -100.60
CA ASP O 241 20.88 -54.38 -99.32
C ASP O 241 19.80 -55.46 -99.43
N LYS O 242 19.19 -55.63 -100.60
CA LYS O 242 18.21 -56.73 -100.78
C LYS O 242 18.89 -58.08 -100.61
N GLN O 243 20.03 -58.25 -101.26
CA GLN O 243 20.82 -59.50 -101.16
C GLN O 243 21.24 -59.72 -99.71
N HIS O 244 21.63 -58.67 -98.98
CA HIS O 244 22.04 -58.83 -97.58
C HIS O 244 20.85 -59.21 -96.71
N ASN O 245 19.67 -58.63 -96.96
CA ASN O 245 18.46 -59.02 -96.22
C ASN O 245 18.10 -60.48 -96.52
N GLU O 246 18.31 -60.94 -97.76
CA GLU O 246 18.03 -62.34 -98.11
C GLU O 246 19.07 -63.27 -97.48
N GLU O 247 20.33 -62.82 -97.33
CA GLU O 247 21.33 -63.57 -96.53
C GLU O 247 20.83 -63.71 -95.09
N GLN O 248 20.37 -62.59 -94.51
CA GLN O 248 19.84 -62.59 -93.14
C GLN O 248 18.62 -63.51 -93.03
N SER O 249 17.83 -63.66 -94.11
CA SER O 249 16.64 -64.53 -94.15
C SER O 249 17.05 -66.00 -93.98
N PRO O 260 29.12 -59.37 -92.62
CA PRO O 260 29.77 -58.06 -92.67
C PRO O 260 28.75 -56.90 -92.64
N SER O 261 27.72 -57.00 -91.79
CA SER O 261 26.64 -55.99 -91.73
C SER O 261 27.25 -54.64 -91.30
N GLY O 262 28.10 -54.64 -90.25
CA GLY O 262 28.75 -53.41 -89.72
C GLY O 262 29.61 -52.72 -90.75
N GLU O 263 30.37 -53.51 -91.51
CA GLU O 263 31.23 -53.00 -92.61
C GLU O 263 30.30 -52.35 -93.63
N LEU O 264 29.24 -53.07 -94.03
CA LEU O 264 28.27 -52.59 -95.07
C LEU O 264 27.71 -51.24 -94.65
N ARG O 265 27.40 -51.11 -93.37
CA ARG O 265 26.90 -49.82 -92.84
C ARG O 265 28.01 -48.78 -93.02
N HIS O 266 29.22 -49.08 -92.55
CA HIS O 266 30.37 -48.13 -92.58
C HIS O 266 30.60 -47.57 -93.99
N VAL O 267 30.39 -48.41 -94.99
CA VAL O 267 30.49 -48.02 -96.40
C VAL O 267 29.45 -46.95 -96.63
N GLU O 268 28.20 -47.38 -96.59
CA GLU O 268 27.06 -46.56 -97.01
C GLU O 268 27.19 -45.16 -96.43
N GLY O 269 27.70 -45.05 -95.20
CA GLY O 269 27.84 -43.76 -94.51
C GLY O 269 28.78 -42.82 -95.23
N THR O 270 30.00 -43.30 -95.48
CA THR O 270 31.03 -42.49 -96.15
C THR O 270 30.68 -42.19 -97.61
N ILE O 271 29.92 -43.08 -98.24
CA ILE O 271 29.34 -42.78 -99.57
C ILE O 271 28.49 -41.53 -99.46
N ILE O 272 27.56 -41.58 -98.53
CA ILE O 272 26.59 -40.49 -98.37
C ILE O 272 27.36 -39.22 -97.97
N LEU O 273 28.36 -39.30 -97.06
CA LEU O 273 29.18 -38.13 -96.68
C LEU O 273 29.75 -37.44 -97.92
N HIS O 274 30.36 -38.24 -98.80
CA HIS O 274 31.00 -37.69 -100.00
C HIS O 274 29.92 -37.17 -100.94
N ILE O 275 28.75 -37.81 -101.02
CA ILE O 275 27.65 -37.27 -101.85
C ILE O 275 27.14 -35.95 -101.29
N VAL O 276 27.25 -35.79 -99.99
CA VAL O 276 26.87 -34.52 -99.32
C VAL O 276 27.82 -33.42 -99.81
N PHE O 277 29.14 -33.61 -99.65
CA PHE O 277 30.11 -32.59 -100.10
C PHE O 277 29.81 -32.22 -101.55
N ALA O 278 29.43 -33.23 -102.34
CA ALA O 278 29.16 -33.02 -103.78
C ALA O 278 27.99 -32.06 -103.94
N ILE O 279 26.88 -32.34 -103.30
CA ILE O 279 25.71 -31.47 -103.54
C ILE O 279 25.94 -30.17 -102.78
N LYS O 280 26.81 -30.16 -101.78
CA LYS O 280 27.22 -28.91 -101.13
C LYS O 280 27.88 -27.99 -102.14
N LEU O 281 28.73 -28.56 -102.98
CA LEU O 281 29.44 -27.80 -104.01
C LEU O 281 28.59 -27.60 -105.26
N ASP O 282 27.53 -28.39 -105.45
CA ASP O 282 26.69 -28.28 -106.64
C ASP O 282 25.25 -28.16 -106.17
N TYR O 283 24.66 -27.02 -106.41
CA TYR O 283 23.26 -26.76 -106.04
C TYR O 283 22.27 -27.24 -107.09
N GLU O 284 22.72 -28.06 -108.04
CA GLU O 284 21.88 -28.58 -109.11
C GLU O 284 21.80 -30.09 -108.98
N LEU O 285 22.91 -30.68 -108.56
CA LEU O 285 23.01 -32.12 -108.31
C LEU O 285 21.84 -32.62 -107.48
N GLY O 286 21.52 -31.92 -106.41
CA GLY O 286 20.41 -32.34 -105.56
C GLY O 286 19.08 -32.23 -106.28
N ARG O 287 18.97 -31.31 -107.24
CA ARG O 287 17.70 -31.10 -107.94
C ARG O 287 17.41 -32.30 -108.83
N GLU O 288 18.43 -32.79 -109.52
CA GLU O 288 18.27 -33.95 -110.42
C GLU O 288 18.05 -35.18 -109.55
N LEU O 289 18.81 -35.29 -108.46
CA LEU O 289 18.59 -36.30 -107.42
C LEU O 289 17.12 -36.34 -107.04
N VAL O 290 16.58 -35.19 -106.67
CA VAL O 290 15.16 -35.08 -106.33
C VAL O 290 14.30 -35.52 -107.50
N LYS O 291 14.55 -34.91 -108.66
CA LYS O 291 13.73 -35.17 -109.84
C LYS O 291 13.78 -36.65 -110.21
N HIS O 292 14.92 -37.29 -109.98
CA HIS O 292 15.05 -38.75 -110.23
C HIS O 292 14.14 -39.51 -109.29
N LEU O 293 13.89 -38.96 -108.11
CA LEU O 293 13.34 -39.74 -106.99
C LEU O 293 11.86 -39.47 -106.76
N LYS O 294 11.39 -38.29 -107.14
CA LYS O 294 10.05 -37.85 -106.71
C LYS O 294 8.99 -38.82 -107.21
N VAL O 295 8.33 -39.49 -106.28
CA VAL O 295 7.28 -40.48 -106.61
C VAL O 295 6.08 -39.77 -107.21
N GLY O 296 5.84 -38.52 -106.83
CA GLY O 296 4.67 -37.77 -107.29
C GLY O 296 4.84 -37.17 -108.66
N GLN O 297 5.31 -37.95 -109.65
CA GLN O 297 5.28 -37.56 -111.07
C GLN O 297 3.80 -37.33 -111.45
N GLN O 298 2.93 -38.23 -111.00
CA GLN O 298 1.47 -38.05 -110.85
C GLN O 298 1.00 -38.46 -109.43
N GLY O 299 1.66 -39.45 -108.79
CA GLY O 299 1.27 -39.99 -107.47
C GLY O 299 1.54 -41.48 -107.28
N ASP O 300 1.67 -42.25 -108.37
CA ASP O 300 1.92 -43.69 -108.30
C ASP O 300 3.31 -43.94 -107.71
N SER O 301 3.43 -44.97 -106.89
CA SER O 301 4.71 -45.33 -106.26
C SER O 301 5.72 -45.76 -107.32
N ASN O 302 6.86 -45.10 -107.36
CA ASN O 302 8.03 -45.61 -108.11
C ASN O 302 8.77 -46.63 -107.25
N ASN O 303 9.48 -47.55 -107.92
CA ASN O 303 10.36 -48.55 -107.26
C ASN O 303 11.79 -48.02 -107.14
N ASN O 304 12.00 -46.70 -107.21
CA ASN O 304 13.34 -46.12 -107.22
C ASN O 304 13.90 -46.05 -105.78
N LEU O 305 13.05 -45.83 -104.80
CA LEU O 305 13.49 -45.49 -103.44
C LEU O 305 13.94 -46.72 -102.69
N SER O 306 14.62 -46.48 -101.59
CA SER O 306 15.29 -47.54 -100.85
C SER O 306 15.67 -47.00 -99.49
N PRO O 307 16.06 -47.89 -98.56
CA PRO O 307 16.66 -47.46 -97.30
C PRO O 307 17.84 -46.51 -97.51
N PHE O 308 18.79 -46.93 -98.35
CA PHE O 308 20.01 -46.15 -98.57
C PHE O 308 19.68 -44.83 -99.26
N SER O 309 18.81 -44.88 -100.26
CA SER O 309 18.26 -43.69 -100.91
C SER O 309 17.74 -42.69 -99.86
N ILE O 310 16.89 -43.19 -99.00
CA ILE O 310 16.24 -42.35 -97.99
C ILE O 310 17.30 -41.81 -97.05
N ALA O 311 18.23 -42.66 -96.65
CA ALA O 311 19.29 -42.25 -95.73
C ALA O 311 20.07 -41.10 -96.37
N LEU O 312 20.34 -41.20 -97.66
CA LEU O 312 21.02 -40.11 -98.37
C LEU O 312 20.19 -38.84 -98.28
N LEU O 313 18.89 -38.95 -98.52
CA LEU O 313 18.03 -37.76 -98.47
C LEU O 313 18.08 -37.09 -97.11
N LEU O 314 18.06 -37.89 -96.05
CA LEU O 314 17.98 -37.34 -94.69
C LEU O 314 19.32 -36.79 -94.26
N SER O 315 20.40 -37.39 -94.71
CA SER O 315 21.72 -36.78 -94.49
C SER O 315 21.85 -35.50 -95.30
N VAL O 316 21.05 -35.35 -96.36
CA VAL O 316 21.08 -34.14 -97.21
C VAL O 316 20.26 -33.01 -96.59
N THR O 317 19.13 -33.33 -95.97
CA THR O 317 18.18 -32.30 -95.53
C THR O 317 18.85 -31.29 -94.59
N ARG O 318 19.94 -31.66 -93.94
CA ARG O 318 20.67 -30.70 -93.09
C ARG O 318 21.41 -29.63 -93.90
N ILE O 319 21.37 -29.68 -95.22
CA ILE O 319 21.70 -28.49 -96.03
C ILE O 319 20.50 -27.57 -96.09
N GLN O 320 20.79 -26.28 -96.17
CA GLN O 320 19.78 -25.27 -95.80
C GLN O 320 18.76 -25.10 -96.93
N ARG O 321 19.12 -25.45 -98.16
CA ARG O 321 18.24 -25.14 -99.28
C ARG O 321 17.20 -26.25 -99.49
N PHE O 322 17.66 -27.48 -99.57
CA PHE O 322 16.79 -28.59 -99.99
C PHE O 322 15.91 -29.09 -98.86
N GLN O 323 16.23 -28.69 -97.63
CA GLN O 323 15.66 -29.28 -96.41
C GLN O 323 14.15 -29.46 -96.52
N ASP O 324 13.44 -28.34 -96.61
CA ASP O 324 11.97 -28.35 -96.55
C ASP O 324 11.41 -29.10 -97.76
N GLN O 325 12.05 -28.92 -98.91
CA GLN O 325 11.66 -29.60 -100.14
C GLN O 325 11.63 -31.11 -99.91
N VAL O 326 12.75 -31.63 -99.42
CA VAL O 326 12.89 -33.08 -99.18
C VAL O 326 11.83 -33.51 -98.16
N LEU O 327 11.68 -32.74 -97.10
CA LEU O 327 10.85 -33.21 -95.97
C LEU O 327 9.38 -33.15 -96.34
N ASP O 328 9.03 -32.31 -97.31
CA ASP O 328 7.68 -32.35 -97.89
C ASP O 328 7.53 -33.59 -98.76
N LEU O 329 8.54 -33.86 -99.59
CA LEU O 329 8.50 -35.00 -100.53
C LEU O 329 8.26 -36.29 -99.77
N LEU O 330 9.07 -36.51 -98.75
CA LEU O 330 8.99 -37.75 -98.00
C LEU O 330 7.61 -37.89 -97.38
N LYS O 331 7.09 -36.78 -96.88
CA LYS O 331 5.78 -36.78 -96.23
C LYS O 331 4.74 -37.27 -97.20
N THR O 332 4.65 -36.61 -98.34
CA THR O 332 3.59 -36.91 -99.31
C THR O 332 3.75 -38.34 -99.82
N SER O 333 4.99 -38.79 -99.97
CA SER O 333 5.24 -40.16 -100.47
C SER O 333 4.72 -41.17 -99.46
N VAL O 334 4.97 -40.92 -98.18
CA VAL O 334 4.46 -41.80 -97.12
C VAL O 334 2.95 -41.81 -97.15
N VAL O 335 2.38 -40.64 -97.36
CA VAL O 335 0.92 -40.52 -97.45
C VAL O 335 0.39 -41.43 -98.54
N LYS O 336 0.99 -41.38 -99.72
CA LYS O 336 0.54 -42.21 -100.85
C LYS O 336 0.75 -43.69 -100.51
N SER O 337 1.84 -43.98 -99.83
CA SER O 337 2.16 -45.35 -99.38
C SER O 337 0.98 -45.90 -98.63
N PHE O 338 0.54 -45.13 -97.65
CA PHE O 338 -0.55 -45.58 -96.78
C PHE O 338 -1.88 -45.60 -97.50
N LYS O 339 -2.10 -44.67 -98.42
CA LYS O 339 -3.35 -44.68 -99.18
C LYS O 339 -3.47 -45.94 -100.03
N ASP O 340 -2.43 -46.23 -100.78
CA ASP O 340 -2.45 -47.44 -101.63
C ASP O 340 -2.50 -48.67 -100.75
N LEU O 341 -1.86 -48.64 -99.59
CA LEU O 341 -1.85 -49.81 -98.72
C LEU O 341 -3.25 -50.06 -98.16
N GLN O 342 -3.96 -49.02 -97.72
CA GLN O 342 -5.31 -49.22 -97.14
C GLN O 342 -6.30 -49.63 -98.21
N LEU O 343 -6.09 -49.15 -99.44
CA LEU O 343 -6.95 -49.62 -100.54
C LEU O 343 -6.71 -51.11 -100.78
N LEU O 344 -5.43 -51.53 -100.81
CA LEU O 344 -5.03 -52.95 -100.98
C LEU O 344 -5.74 -53.80 -99.95
N GLN O 345 -5.50 -53.52 -98.67
CA GLN O 345 -6.08 -54.36 -97.60
C GLN O 345 -7.61 -54.29 -97.66
N GLY O 346 -8.17 -53.17 -98.16
CA GLY O 346 -9.62 -53.01 -98.31
C GLY O 346 -10.18 -53.87 -99.41
N SER O 347 -9.37 -54.16 -100.43
CA SER O 347 -9.81 -54.91 -101.62
C SER O 347 -9.07 -56.26 -101.71
N LYS O 348 -9.82 -57.36 -101.82
CA LYS O 348 -9.28 -58.70 -102.18
C LYS O 348 -8.76 -58.69 -103.61
N PHE O 349 -9.57 -58.21 -104.55
CA PHE O 349 -9.30 -58.32 -105.99
C PHE O 349 -7.89 -57.83 -106.32
N LEU O 350 -7.53 -56.64 -105.84
CA LEU O 350 -6.17 -56.08 -106.06
C LEU O 350 -5.14 -56.85 -105.25
N GLN O 351 -5.51 -57.33 -104.04
CA GLN O 351 -4.59 -58.15 -103.21
C GLN O 351 -4.21 -59.42 -103.95
N ASN O 352 -5.08 -59.91 -104.82
CA ASN O 352 -4.83 -61.11 -105.65
C ASN O 352 -3.70 -60.86 -106.65
N LEU O 353 -3.56 -59.61 -107.12
CA LEU O 353 -2.74 -59.30 -108.31
C LEU O 353 -1.34 -58.89 -107.87
N VAL O 354 -1.22 -57.87 -107.05
CA VAL O 354 0.07 -57.20 -106.79
C VAL O 354 0.82 -57.99 -105.72
N PRO O 355 2.17 -58.14 -105.84
CA PRO O 355 2.96 -58.60 -104.70
C PRO O 355 3.23 -57.43 -103.76
N HIS O 356 3.17 -57.70 -102.46
CA HIS O 356 3.50 -56.71 -101.42
C HIS O 356 4.86 -56.09 -101.74
N ARG O 357 4.98 -54.78 -101.54
CA ARG O 357 6.23 -54.04 -101.77
C ARG O 357 6.66 -53.40 -100.45
N SER O 358 7.96 -53.46 -100.18
CA SER O 358 8.56 -52.86 -98.97
C SER O 358 8.11 -51.41 -98.85
N TYR O 359 7.29 -51.13 -97.84
CA TYR O 359 6.66 -49.82 -97.73
C TYR O 359 7.65 -48.80 -97.20
N VAL O 360 7.23 -47.55 -97.27
CA VAL O 360 8.13 -46.44 -96.90
C VAL O 360 8.38 -46.48 -95.40
N SER O 361 7.35 -46.75 -94.65
CA SER O 361 7.44 -46.83 -93.20
C SER O 361 8.47 -47.87 -92.80
N THR O 362 8.29 -49.08 -93.30
CA THR O 362 9.18 -50.18 -92.92
C THR O 362 10.60 -49.89 -93.38
N MET O 363 10.71 -49.30 -94.57
CA MET O 363 12.00 -48.80 -95.08
C MET O 363 12.65 -47.93 -94.02
N ILE O 364 11.89 -46.98 -93.50
CA ILE O 364 12.45 -46.01 -92.54
C ILE O 364 12.85 -46.72 -91.27
N LEU O 365 12.04 -47.66 -90.85
CA LEU O 365 12.32 -48.36 -89.59
C LEU O 365 13.64 -49.10 -89.72
N GLU O 366 13.82 -49.84 -90.82
CA GLU O 366 15.07 -50.58 -91.05
C GLU O 366 16.21 -49.59 -91.14
N VAL O 367 15.96 -48.42 -91.70
CA VAL O 367 16.99 -47.37 -91.76
C VAL O 367 17.40 -47.02 -90.35
N VAL O 368 16.44 -46.92 -89.47
CA VAL O 368 16.75 -46.57 -88.09
C VAL O 368 17.61 -47.66 -87.48
N LYS O 369 17.28 -48.92 -87.77
CA LYS O 369 18.05 -50.06 -87.26
C LYS O 369 19.50 -49.96 -87.70
N ASN O 370 19.71 -49.57 -88.95
CA ASN O 370 21.07 -49.43 -89.47
C ASN O 370 21.73 -48.18 -88.91
N SER O 371 20.93 -47.18 -88.53
CA SER O 371 21.45 -45.88 -88.09
C SER O 371 22.29 -45.99 -86.82
N VAL O 372 22.20 -47.13 -86.13
CA VAL O 372 22.83 -47.31 -84.80
C VAL O 372 24.32 -46.99 -84.83
N HIS O 373 25.00 -47.28 -85.94
CA HIS O 373 26.46 -47.46 -85.88
C HIS O 373 27.17 -46.12 -85.77
N SER O 374 27.16 -45.34 -86.85
CA SER O 374 27.94 -44.10 -86.97
C SER O 374 27.20 -43.06 -87.82
N TRP O 375 25.87 -43.03 -87.77
CA TRP O 375 25.05 -42.31 -88.77
C TRP O 375 24.58 -40.95 -88.25
N ASP O 376 25.47 -40.26 -87.53
CA ASP O 376 25.14 -39.02 -86.78
C ASP O 376 24.45 -38.02 -87.70
N HIS O 377 24.84 -37.96 -88.95
CA HIS O 377 24.31 -36.98 -89.92
C HIS O 377 22.83 -37.19 -90.22
N VAL O 378 22.30 -38.37 -89.90
CA VAL O 378 20.91 -38.71 -90.28
C VAL O 378 19.95 -38.32 -89.17
N THR O 379 20.36 -38.50 -87.92
CA THR O 379 19.45 -38.38 -86.77
C THR O 379 18.91 -36.96 -86.68
N GLN O 380 19.74 -35.99 -87.04
CA GLN O 380 19.36 -34.59 -86.95
C GLN O 380 18.14 -34.31 -87.82
N GLY O 381 17.99 -35.02 -88.92
CA GLY O 381 16.83 -34.86 -89.79
C GLY O 381 15.71 -35.80 -89.39
N LEU O 382 16.07 -36.95 -88.83
CA LEU O 382 15.06 -37.90 -88.37
C LEU O 382 14.19 -37.26 -87.31
N VAL O 383 14.81 -36.60 -86.34
CA VAL O 383 14.09 -35.88 -85.28
C VAL O 383 13.05 -34.95 -85.88
N GLU O 384 13.53 -34.05 -86.74
CA GLU O 384 12.67 -33.07 -87.39
C GLU O 384 11.56 -33.79 -88.14
N LEU O 385 11.92 -34.86 -88.82
CA LEU O 385 10.95 -35.55 -89.66
C LEU O 385 9.79 -36.08 -88.80
N GLY O 386 10.12 -36.80 -87.75
CA GLY O 386 9.09 -37.37 -86.89
C GLY O 386 8.19 -36.27 -86.36
N PHE O 387 8.81 -35.24 -85.76
CA PHE O 387 8.02 -34.14 -85.17
C PHE O 387 7.16 -33.48 -86.23
N ILE O 388 7.64 -33.43 -87.46
CA ILE O 388 6.91 -32.80 -88.58
C ILE O 388 5.67 -33.61 -88.90
N LEU O 389 5.84 -34.91 -88.99
CA LEU O 389 4.68 -35.77 -89.22
C LEU O 389 3.63 -35.51 -88.15
N MET O 390 4.06 -35.52 -86.89
CA MET O 390 3.12 -35.42 -85.76
C MET O 390 2.41 -34.08 -85.81
N ASP O 391 3.17 -33.01 -85.99
CA ASP O 391 2.57 -31.67 -86.02
C ASP O 391 1.64 -31.52 -87.22
N SER O 392 1.97 -32.17 -88.35
CA SER O 392 1.22 -31.98 -89.61
C SER O 392 -0.15 -32.64 -89.50
N TYR O 393 -0.17 -33.88 -89.03
CA TYR O 393 -1.38 -34.71 -89.10
C TYR O 393 -1.91 -35.16 -87.76
N GLY O 394 -1.48 -34.52 -86.67
CA GLY O 394 -1.99 -34.84 -85.35
C GLY O 394 -3.50 -34.64 -85.31
N PRO O 395 -4.20 -35.34 -84.41
CA PRO O 395 -5.61 -35.06 -84.22
C PRO O 395 -5.83 -33.59 -83.85
N LYS O 396 -6.67 -32.94 -84.65
CA LYS O 396 -7.10 -31.54 -84.47
C LYS O 396 -8.62 -31.40 -84.64
N LYS O 397 -9.28 -32.40 -85.24
CA LYS O 397 -10.68 -32.28 -85.66
C LYS O 397 -11.60 -32.33 -84.44
N VAL O 398 -11.39 -33.32 -83.58
CA VAL O 398 -12.09 -33.43 -82.28
C VAL O 398 -11.17 -32.83 -81.21
N LEU O 399 -11.46 -31.61 -80.82
CA LEU O 399 -10.53 -30.78 -80.04
C LEU O 399 -10.97 -30.72 -78.58
N PRO O 408 -14.69 -42.75 -90.00
CA PRO O 408 -13.76 -42.15 -90.96
C PRO O 408 -12.42 -42.90 -90.93
N SER O 409 -12.00 -43.42 -92.08
CA SER O 409 -10.71 -44.12 -92.25
C SER O 409 -9.83 -43.44 -93.31
N LEU O 410 -10.42 -43.06 -94.44
CA LEU O 410 -9.69 -42.35 -95.53
C LEU O 410 -8.96 -41.13 -94.99
N SER O 411 -9.61 -40.34 -94.13
CA SER O 411 -9.03 -39.09 -93.57
C SER O 411 -8.13 -39.39 -92.39
N ARG O 412 -8.47 -40.36 -91.56
CA ARG O 412 -7.90 -40.51 -90.21
C ARG O 412 -6.76 -41.52 -90.20
N MET O 413 -6.94 -42.66 -90.87
CA MET O 413 -5.91 -43.72 -90.84
C MET O 413 -4.58 -43.15 -91.31
N PRO O 414 -4.50 -42.40 -92.44
CA PRO O 414 -3.20 -41.89 -92.86
C PRO O 414 -2.63 -41.02 -91.75
N ASN O 415 -3.42 -40.07 -91.31
CA ASN O 415 -2.98 -39.09 -90.31
C ASN O 415 -2.54 -39.82 -89.05
N GLN O 416 -3.30 -40.82 -88.65
CA GLN O 416 -3.02 -41.53 -87.39
C GLN O 416 -1.77 -42.38 -87.56
N HIS O 417 -1.71 -43.15 -88.65
CA HIS O 417 -0.53 -43.93 -88.98
C HIS O 417 0.69 -43.03 -89.14
N ALA O 418 0.48 -41.83 -89.66
CA ALA O 418 1.58 -40.89 -89.84
C ALA O 418 2.17 -40.52 -88.50
N CYS O 419 1.33 -40.02 -87.60
CA CYS O 419 1.79 -39.59 -86.27
C CYS O 419 2.31 -40.80 -85.51
N LYS O 420 1.65 -41.93 -85.72
CA LYS O 420 2.07 -43.20 -85.11
C LYS O 420 3.47 -43.55 -85.59
N LEU O 421 3.75 -43.29 -86.86
CA LEU O 421 5.06 -43.61 -87.43
C LEU O 421 6.11 -42.67 -86.86
N GLY O 422 5.77 -41.40 -86.77
CA GLY O 422 6.62 -40.42 -86.12
C GLY O 422 6.93 -40.86 -84.72
N ALA O 423 5.92 -41.38 -84.05
CA ALA O 423 6.08 -41.87 -82.69
C ALA O 423 7.03 -43.04 -82.64
N ASN O 424 6.84 -44.01 -83.53
CA ASN O 424 7.71 -45.19 -83.58
C ASN O 424 9.13 -44.77 -83.85
N ILE O 425 9.28 -43.82 -84.75
CA ILE O 425 10.61 -43.31 -85.16
C ILE O 425 11.29 -42.75 -83.93
N LEU O 426 10.61 -41.81 -83.29
CA LEU O 426 11.19 -41.12 -82.14
C LEU O 426 11.44 -42.09 -81.01
N LEU O 427 10.56 -43.06 -80.86
CA LEU O 427 10.70 -44.10 -79.82
C LEU O 427 12.00 -44.88 -80.04
N GLU O 428 12.09 -45.56 -81.19
CA GLU O 428 13.22 -46.47 -81.48
C GLU O 428 14.50 -45.67 -81.61
N THR O 429 14.37 -44.38 -81.90
CA THR O 429 15.52 -43.47 -81.90
C THR O 429 16.01 -43.19 -80.48
N PHE O 430 15.13 -42.62 -79.66
CA PHE O 430 15.39 -42.30 -78.25
C PHE O 430 15.90 -43.53 -77.51
N LYS O 431 15.52 -44.72 -77.95
CA LYS O 431 16.03 -45.97 -77.35
C LYS O 431 17.55 -46.05 -77.38
N ILE O 432 18.19 -45.52 -78.42
CA ILE O 432 19.60 -45.85 -78.75
C ILE O 432 20.52 -44.62 -78.91
N HIS O 433 19.99 -43.43 -79.19
CA HIS O 433 20.82 -42.24 -79.49
C HIS O 433 20.92 -41.35 -78.27
N GLU O 434 22.15 -41.04 -77.87
CA GLU O 434 22.43 -40.46 -76.54
C GLU O 434 22.79 -38.98 -76.64
N MET O 435 22.55 -38.35 -77.79
CA MET O 435 22.93 -36.94 -78.00
C MET O 435 21.79 -36.11 -78.61
N ILE O 436 20.62 -36.70 -78.85
CA ILE O 436 19.41 -35.99 -79.34
C ILE O 436 18.30 -36.01 -78.30
N ARG O 437 18.42 -36.85 -77.30
CA ARG O 437 17.66 -36.71 -76.07
C ARG O 437 17.95 -35.36 -75.45
N GLN O 438 17.03 -34.92 -74.60
CA GLN O 438 16.84 -33.55 -74.10
C GLN O 438 16.16 -32.67 -75.15
N GLU O 439 16.29 -33.00 -76.43
CA GLU O 439 15.81 -32.12 -77.50
C GLU O 439 14.60 -32.73 -78.19
N ILE O 440 14.60 -34.05 -78.29
CA ILE O 440 13.36 -34.78 -78.52
C ILE O 440 12.43 -34.36 -77.39
N LEU O 441 12.96 -34.51 -76.19
CA LEU O 441 12.22 -34.31 -74.94
C LEU O 441 11.62 -32.92 -74.87
N GLU O 442 12.48 -31.91 -74.88
CA GLU O 442 12.01 -30.54 -74.69
C GLU O 442 11.07 -30.14 -75.84
N GLN O 443 11.25 -30.72 -77.02
CA GLN O 443 10.33 -30.42 -78.14
C GLN O 443 8.94 -30.93 -77.82
N VAL O 444 8.88 -32.14 -77.31
CA VAL O 444 7.57 -32.71 -76.96
C VAL O 444 6.96 -31.79 -75.90
N LEU O 445 7.78 -31.42 -74.90
CA LEU O 445 7.26 -30.60 -73.80
C LEU O 445 6.80 -29.26 -74.34
N ASN O 446 7.54 -28.68 -75.27
CA ASN O 446 7.25 -27.35 -75.81
C ASN O 446 5.93 -27.36 -76.57
N ARG O 447 5.77 -28.35 -77.43
CA ARG O 447 4.53 -28.49 -78.22
C ARG O 447 3.35 -28.82 -77.31
N VAL O 448 3.63 -29.50 -76.22
CA VAL O 448 2.58 -29.89 -75.26
C VAL O 448 2.09 -28.67 -74.49
N VAL O 449 2.98 -28.05 -73.76
CA VAL O 449 2.61 -27.10 -72.69
C VAL O 449 1.73 -25.96 -73.21
N THR O 450 2.23 -25.20 -74.16
CA THR O 450 1.76 -23.82 -74.37
C THR O 450 0.41 -23.80 -75.07
N ARG O 451 0.27 -24.67 -76.08
CA ARG O 451 -0.84 -24.66 -77.05
C ARG O 451 -2.13 -24.73 -76.25
N ALA O 452 -2.26 -25.80 -75.47
CA ALA O 452 -3.26 -25.93 -74.40
C ALA O 452 -4.69 -26.03 -74.97
N SER O 453 -4.84 -26.08 -76.29
CA SER O 453 -6.14 -26.08 -76.99
C SER O 453 -6.26 -27.35 -77.83
N SER O 454 -5.33 -27.54 -78.77
CA SER O 454 -5.40 -28.64 -79.75
C SER O 454 -5.04 -29.94 -79.07
N PRO O 455 -5.55 -31.07 -79.57
CA PRO O 455 -5.27 -32.36 -78.94
C PRO O 455 -3.77 -32.65 -78.94
N ILE O 456 -3.28 -33.19 -77.84
CA ILE O 456 -1.87 -33.65 -77.72
C ILE O 456 -1.80 -35.04 -77.11
N SER O 457 -2.91 -35.77 -77.12
CA SER O 457 -2.97 -37.14 -76.60
C SER O 457 -1.89 -37.99 -77.25
N HIS O 458 -1.66 -37.76 -78.54
CA HIS O 458 -0.60 -38.48 -79.26
C HIS O 458 0.75 -38.23 -78.61
N PHE O 459 1.09 -36.97 -78.44
CA PHE O 459 2.34 -36.62 -77.75
C PHE O 459 2.44 -37.28 -76.38
N LEU O 460 1.33 -37.32 -75.69
CA LEU O 460 1.35 -37.76 -74.30
C LEU O 460 1.58 -39.26 -74.22
N ASP O 461 0.88 -40.01 -75.09
CA ASP O 461 1.03 -41.49 -75.10
C ASP O 461 2.45 -41.82 -75.54
N LEU O 462 2.95 -41.10 -76.52
CA LEU O 462 4.35 -41.20 -76.95
C LEU O 462 5.24 -41.05 -75.74
N LEU O 463 5.05 -39.94 -75.04
CA LEU O 463 5.85 -39.60 -73.88
C LEU O 463 5.80 -40.70 -72.84
N SER O 464 4.61 -41.24 -72.64
CA SER O 464 4.37 -42.32 -71.68
C SER O 464 5.23 -43.52 -72.05
N ASN O 465 5.18 -43.93 -73.33
CA ASN O 465 5.95 -45.08 -73.82
C ASN O 465 7.44 -44.83 -73.61
N ILE O 466 7.88 -43.64 -73.94
CA ILE O 466 9.29 -43.23 -73.84
C ILE O 466 9.76 -43.44 -72.41
N VAL O 467 9.06 -42.79 -71.51
CA VAL O 467 9.46 -42.76 -70.10
C VAL O 467 9.47 -44.18 -69.57
N MET O 468 8.40 -44.91 -69.85
CA MET O 468 8.22 -46.30 -69.39
C MET O 468 9.44 -47.14 -69.78
N TYR O 469 9.85 -47.07 -71.04
CA TYR O 469 10.87 -48.00 -71.54
C TYR O 469 12.20 -47.78 -70.85
N ALA O 470 12.54 -46.52 -70.58
CA ALA O 470 13.91 -46.17 -70.18
C ALA O 470 13.86 -44.88 -69.39
N PRO O 471 13.55 -44.95 -68.09
CA PRO O 471 13.54 -43.73 -67.28
C PRO O 471 14.92 -43.28 -66.84
N LEU O 472 15.83 -44.22 -66.60
CA LEU O 472 17.10 -43.90 -65.93
C LEU O 472 17.88 -42.84 -66.70
N VAL O 473 17.78 -42.89 -68.01
CA VAL O 473 18.36 -41.84 -68.88
C VAL O 473 17.87 -40.45 -68.51
N LEU O 474 16.66 -40.35 -67.98
CA LEU O 474 16.01 -39.06 -67.72
C LEU O 474 16.45 -38.50 -66.37
N GLN O 475 17.09 -39.29 -65.53
CA GLN O 475 17.86 -38.74 -64.40
C GLN O 475 19.01 -37.85 -64.90
N SER O 476 19.51 -38.14 -66.10
CA SER O 476 20.48 -37.26 -66.76
C SER O 476 19.78 -36.12 -67.50
N CYS O 477 18.61 -36.38 -68.09
CA CYS O 477 17.77 -35.38 -68.77
C CYS O 477 16.73 -34.83 -67.80
N SER O 478 17.16 -34.07 -66.79
CA SER O 478 16.36 -33.81 -65.58
C SER O 478 15.62 -32.48 -65.64
N SER O 479 16.37 -31.40 -65.80
CA SER O 479 15.91 -30.06 -65.48
C SER O 479 14.69 -29.65 -66.32
N LYS O 480 14.52 -30.23 -67.52
CA LYS O 480 13.41 -29.82 -68.40
C LYS O 480 12.07 -30.13 -67.76
N VAL O 481 12.02 -31.15 -66.92
CA VAL O 481 10.76 -31.55 -66.30
C VAL O 481 10.53 -30.70 -65.04
N THR O 482 11.60 -30.42 -64.29
CA THR O 482 11.52 -29.55 -63.11
C THR O 482 10.97 -28.19 -63.51
N GLU O 483 11.47 -27.65 -64.62
CA GLU O 483 10.97 -26.36 -65.13
C GLU O 483 9.62 -26.53 -65.82
N ALA O 484 9.36 -27.69 -66.44
CA ALA O 484 8.03 -27.95 -67.01
C ALA O 484 6.94 -27.87 -65.95
N PHE O 485 7.23 -28.29 -64.73
CA PHE O 485 6.27 -28.20 -63.61
C PHE O 485 5.92 -26.76 -63.30
N ASP O 486 6.75 -25.81 -63.68
CA ASP O 486 6.46 -24.42 -63.31
C ASP O 486 5.20 -23.93 -64.01
N TYR O 487 4.90 -24.42 -65.20
CA TYR O 487 3.67 -24.03 -65.90
C TYR O 487 2.46 -24.78 -65.38
N LEU O 488 2.69 -25.82 -64.57
CA LEU O 488 1.62 -26.72 -64.12
C LEU O 488 0.49 -25.93 -63.45
N SER O 489 0.81 -24.84 -62.77
CA SER O 489 -0.23 -23.97 -62.18
C SER O 489 -1.11 -23.32 -63.25
N PHE O 490 -0.63 -23.17 -64.47
CA PHE O 490 -1.38 -22.50 -65.55
C PHE O 490 -2.04 -23.50 -66.48
N LEU O 491 -1.53 -24.70 -66.52
CA LEU O 491 -2.01 -25.70 -67.48
C LEU O 491 -3.46 -26.11 -67.18
N PRO O 492 -4.20 -26.69 -68.15
CA PRO O 492 -5.51 -27.27 -67.84
C PRO O 492 -5.44 -28.65 -67.19
N LEU O 493 -6.47 -28.91 -66.39
CA LEU O 493 -6.44 -29.95 -65.35
C LEU O 493 -6.30 -31.34 -65.96
N GLN O 494 -7.24 -31.74 -66.81
CA GLN O 494 -7.30 -33.08 -67.41
C GLN O 494 -5.95 -33.47 -68.04
N THR O 495 -5.39 -32.54 -68.80
CA THR O 495 -4.11 -32.77 -69.44
C THR O 495 -3.04 -32.98 -68.37
N VAL O 496 -3.14 -32.22 -67.28
CA VAL O 496 -2.17 -32.32 -66.18
C VAL O 496 -2.28 -33.70 -65.54
N GLN O 497 -3.50 -34.21 -65.43
CA GLN O 497 -3.72 -35.55 -64.85
C GLN O 497 -2.98 -36.57 -65.71
N ARG O 498 -3.15 -36.49 -67.01
CA ARG O 498 -2.48 -37.45 -67.90
C ARG O 498 -0.97 -37.30 -67.84
N LEU O 499 -0.50 -36.06 -67.82
CA LEU O 499 0.94 -35.78 -67.68
C LEU O 499 1.48 -36.46 -66.45
N LEU O 500 0.83 -36.25 -65.32
CA LEU O 500 1.41 -36.66 -64.03
C LEU O 500 1.33 -38.17 -63.88
N LYS O 501 0.21 -38.74 -64.31
CA LYS O 501 0.10 -40.20 -64.43
C LYS O 501 1.25 -40.73 -65.27
N ALA O 502 1.60 -40.00 -66.33
CA ALA O 502 2.63 -40.45 -67.27
C ALA O 502 4.02 -40.36 -66.63
N VAL O 503 4.33 -39.24 -65.98
CA VAL O 503 5.66 -39.00 -65.41
C VAL O 503 5.84 -39.71 -64.09
N GLN O 504 4.77 -40.32 -63.57
CA GLN O 504 4.81 -41.14 -62.35
C GLN O 504 6.08 -41.96 -62.17
N PRO O 505 6.54 -42.78 -63.13
CA PRO O 505 7.61 -43.74 -62.82
C PRO O 505 8.91 -43.06 -62.47
N LEU O 506 9.16 -41.93 -63.10
CA LEU O 506 10.32 -41.11 -62.73
C LEU O 506 10.24 -40.71 -61.28
N LEU O 507 9.04 -40.36 -60.83
CA LEU O 507 8.86 -39.92 -59.44
C LEU O 507 8.98 -41.09 -58.48
N LYS O 508 8.66 -42.30 -58.95
CA LYS O 508 8.82 -43.49 -58.11
C LYS O 508 10.28 -43.65 -57.70
N VAL O 509 11.16 -43.68 -58.69
CA VAL O 509 12.61 -43.83 -58.47
C VAL O 509 13.16 -42.60 -57.76
N SER O 510 12.81 -41.43 -58.25
CA SER O 510 13.55 -40.20 -57.94
C SER O 510 13.05 -39.63 -56.63
N MET O 511 13.85 -38.72 -56.10
CA MET O 511 13.60 -38.08 -54.80
C MET O 511 13.45 -36.58 -54.95
N SER O 512 14.47 -35.93 -55.47
CA SER O 512 14.52 -34.47 -55.54
C SER O 512 13.38 -33.93 -56.39
N MET O 513 13.05 -34.65 -57.46
CA MET O 513 11.93 -34.25 -58.31
C MET O 513 10.63 -34.25 -57.51
N ARG O 514 10.41 -35.30 -56.72
CA ARG O 514 9.23 -35.40 -55.84
C ARG O 514 9.21 -34.19 -54.89
N ASP O 515 10.35 -33.88 -54.28
CA ASP O 515 10.46 -32.76 -53.33
C ASP O 515 10.09 -31.44 -54.00
N CYS O 516 10.65 -31.16 -55.16
CA CYS O 516 10.38 -29.88 -55.84
C CYS O 516 8.92 -29.81 -56.27
N LEU O 517 8.41 -30.90 -56.79
CA LEU O 517 7.00 -30.96 -57.23
C LEU O 517 6.07 -30.70 -56.06
N ILE O 518 6.43 -31.20 -54.89
CA ILE O 518 5.62 -30.98 -53.66
C ILE O 518 5.50 -29.48 -53.41
N LEU O 519 6.64 -28.79 -53.44
CA LEU O 519 6.65 -27.32 -53.28
C LEU O 519 5.74 -26.68 -54.32
N VAL O 520 5.82 -27.15 -55.54
CA VAL O 520 5.04 -26.56 -56.63
C VAL O 520 3.54 -26.67 -56.34
N LEU O 521 3.11 -27.86 -55.98
CA LEU O 521 1.70 -28.07 -55.66
C LEU O 521 1.31 -27.19 -54.48
N ARG O 522 2.20 -27.06 -53.50
CA ARG O 522 1.95 -26.23 -52.31
C ARG O 522 1.58 -24.82 -52.74
N LYS O 523 2.37 -24.24 -53.63
CA LYS O 523 2.11 -22.86 -54.06
C LYS O 523 0.86 -22.86 -54.94
N ALA O 524 0.64 -23.92 -55.70
CA ALA O 524 -0.48 -23.99 -56.63
C ALA O 524 -1.81 -23.98 -55.87
N MET O 525 -1.84 -24.50 -54.65
CA MET O 525 -3.11 -24.62 -53.91
C MET O 525 -3.65 -23.25 -53.56
N PHE O 526 -2.79 -22.30 -53.21
CA PHE O 526 -3.24 -20.96 -52.82
C PHE O 526 -3.59 -20.11 -54.03
N ALA O 527 -3.19 -20.54 -55.23
CA ALA O 527 -3.19 -19.68 -56.43
C ALA O 527 -4.61 -19.24 -56.78
N ASN O 528 -4.72 -18.00 -57.19
CA ASN O 528 -6.03 -17.33 -57.34
C ASN O 528 -6.84 -17.90 -58.49
N GLN O 529 -6.24 -18.74 -59.31
CA GLN O 529 -7.03 -19.51 -60.28
C GLN O 529 -7.79 -20.64 -59.60
N LEU O 530 -8.67 -21.31 -60.35
CA LEU O 530 -9.43 -22.48 -59.86
C LEU O 530 -8.70 -23.77 -60.24
N ASP O 531 -8.40 -23.92 -61.51
CA ASP O 531 -7.72 -25.11 -62.02
C ASP O 531 -6.40 -25.32 -61.31
N ALA O 532 -5.79 -24.25 -60.82
CA ALA O 532 -4.61 -24.36 -59.97
C ALA O 532 -4.87 -25.28 -58.78
N ARG O 533 -5.90 -24.95 -58.01
CA ARG O 533 -6.23 -25.75 -56.82
C ARG O 533 -6.66 -27.15 -57.27
N LYS O 534 -7.43 -27.22 -58.35
CA LYS O 534 -7.92 -28.50 -58.85
C LYS O 534 -6.77 -29.44 -59.12
N SER O 535 -5.79 -28.95 -59.84
CA SER O 535 -4.71 -29.81 -60.31
C SER O 535 -3.73 -30.08 -59.19
N ALA O 536 -3.54 -29.12 -58.29
CA ALA O 536 -2.70 -29.36 -57.11
C ALA O 536 -3.29 -30.50 -56.30
N VAL O 537 -4.61 -30.46 -56.14
CA VAL O 537 -5.35 -31.53 -55.43
C VAL O 537 -5.08 -32.87 -56.11
N ALA O 538 -5.35 -32.91 -57.41
CA ALA O 538 -5.18 -34.14 -58.17
C ALA O 538 -3.76 -34.70 -57.99
N GLY O 539 -2.75 -33.82 -57.99
CA GLY O 539 -1.36 -34.25 -57.92
C GLY O 539 -1.04 -34.81 -56.56
N PHE O 540 -1.55 -34.16 -55.56
CA PHE O 540 -1.43 -34.68 -54.20
C PHE O 540 -2.08 -36.04 -54.10
N LEU O 541 -3.28 -36.18 -54.66
CA LEU O 541 -4.01 -37.45 -54.62
C LEU O 541 -3.16 -38.53 -55.25
N LEU O 542 -2.58 -38.23 -56.41
CA LEU O 542 -1.81 -39.21 -57.16
C LEU O 542 -0.55 -39.58 -56.39
N LEU O 543 0.16 -38.56 -55.90
CA LEU O 543 1.30 -38.76 -54.99
C LEU O 543 0.97 -39.75 -53.89
N LEU O 544 0.00 -39.41 -53.05
CA LEU O 544 -0.24 -40.20 -51.84
C LEU O 544 -0.78 -41.58 -52.22
N LYS O 545 -1.49 -41.68 -53.35
CA LYS O 545 -2.01 -42.98 -53.79
C LYS O 545 -0.86 -43.86 -54.24
N ASN O 546 0.15 -43.28 -54.87
CA ASN O 546 1.22 -44.07 -55.51
C ASN O 546 2.41 -44.28 -54.58
N PHE O 547 2.45 -43.62 -53.43
CA PHE O 547 3.65 -43.63 -52.58
C PHE O 547 3.26 -43.84 -51.12
N LYS O 548 3.85 -44.87 -50.51
CA LYS O 548 3.80 -45.03 -49.05
C LYS O 548 4.71 -44.01 -48.37
N VAL O 549 5.81 -43.62 -49.03
CA VAL O 549 6.81 -42.67 -48.50
C VAL O 549 7.02 -41.54 -49.53
N LEU O 550 7.06 -40.29 -49.06
CA LEU O 550 7.15 -39.08 -49.93
C LEU O 550 8.01 -37.99 -49.29
N TYR O 575 15.98 -39.52 -44.39
CA TYR O 575 14.74 -38.79 -44.06
C TYR O 575 13.80 -39.71 -43.26
N ASN O 576 13.64 -39.42 -41.98
CA ASN O 576 12.85 -40.25 -41.05
C ASN O 576 11.43 -40.45 -41.58
N SER O 577 10.92 -41.68 -41.50
CA SER O 577 9.58 -42.05 -41.99
C SER O 577 8.47 -41.40 -41.16
N VAL O 578 8.78 -40.85 -39.99
CA VAL O 578 7.80 -40.11 -39.16
C VAL O 578 7.55 -38.72 -39.76
N ALA O 579 8.58 -38.08 -40.31
CA ALA O 579 8.39 -36.86 -41.10
C ALA O 579 7.52 -37.15 -42.31
N ASN O 580 7.72 -38.30 -42.98
CA ASN O 580 6.85 -38.70 -44.10
C ASN O 580 5.40 -38.81 -43.64
N GLU O 581 5.16 -39.44 -42.48
CA GLU O 581 3.77 -39.65 -41.99
C GLU O 581 3.15 -38.30 -41.58
N THR O 582 3.87 -37.47 -40.81
CA THR O 582 3.28 -36.19 -40.34
C THR O 582 3.10 -35.24 -41.53
N PHE O 583 3.92 -35.38 -42.57
CA PHE O 583 3.76 -34.54 -43.77
C PHE O 583 2.57 -35.01 -44.60
N CYS O 584 2.36 -36.32 -44.69
CA CYS O 584 1.12 -36.86 -45.27
C CYS O 584 -0.07 -36.33 -44.50
N LEU O 585 0.03 -36.31 -43.17
CA LEU O 585 -1.04 -35.77 -42.32
C LEU O 585 -1.26 -34.28 -42.65
N GLU O 586 -0.18 -33.53 -42.85
CA GLU O 586 -0.26 -32.10 -43.21
C GLU O 586 -1.02 -31.95 -44.52
N ILE O 587 -0.66 -32.79 -45.47
CA ILE O 587 -1.32 -32.78 -46.79
C ILE O 587 -2.81 -33.02 -46.59
N MET O 588 -3.12 -34.05 -45.84
CA MET O 588 -4.52 -34.48 -45.66
C MET O 588 -5.31 -33.42 -44.88
N ASP O 589 -4.66 -32.64 -44.03
CA ASP O 589 -5.34 -31.56 -43.29
C ASP O 589 -5.61 -30.39 -44.25
N SER O 590 -4.64 -30.06 -45.07
CA SER O 590 -4.85 -29.07 -46.13
C SER O 590 -6.02 -29.50 -46.99
N LEU O 591 -6.08 -30.79 -47.31
CA LEU O 591 -7.17 -31.33 -48.13
C LEU O 591 -8.48 -31.27 -47.37
N ARG O 592 -8.43 -31.59 -46.07
CA ARG O 592 -9.63 -31.54 -45.21
C ARG O 592 -10.23 -30.15 -45.28
N ARG O 593 -9.39 -29.12 -45.28
CA ARG O 593 -9.91 -27.75 -45.39
C ARG O 593 -10.32 -27.46 -46.83
N CYS O 594 -9.59 -28.00 -47.81
CA CYS O 594 -9.96 -27.85 -49.23
C CYS O 594 -11.32 -28.47 -49.52
N LEU O 595 -11.78 -29.37 -48.66
CA LEU O 595 -13.19 -29.81 -48.68
C LEU O 595 -14.12 -28.60 -48.67
N SER O 596 -13.82 -27.57 -47.88
CA SER O 596 -14.66 -26.35 -47.79
C SER O 596 -14.91 -25.73 -49.16
N GLN O 597 -14.06 -26.03 -50.13
CA GLN O 597 -14.20 -25.48 -51.48
C GLN O 597 -15.43 -26.07 -52.15
N GLN O 598 -15.60 -25.75 -53.42
CA GLN O 598 -16.85 -26.03 -54.13
C GLN O 598 -16.97 -27.52 -54.44
N ALA O 599 -18.03 -27.87 -55.16
CA ALA O 599 -18.49 -29.26 -55.26
C ALA O 599 -17.47 -30.14 -55.99
N ASP O 600 -17.06 -29.72 -57.18
CA ASP O 600 -16.23 -30.56 -58.06
C ASP O 600 -14.92 -30.96 -57.35
N VAL O 601 -14.37 -30.06 -56.54
CA VAL O 601 -13.15 -30.37 -55.77
C VAL O 601 -13.41 -31.60 -54.92
N ARG O 602 -14.44 -31.52 -54.09
CA ARG O 602 -14.79 -32.60 -53.15
C ARG O 602 -15.11 -33.88 -53.93
N LEU O 603 -15.70 -33.73 -55.11
CA LEU O 603 -15.99 -34.89 -55.97
C LEU O 603 -14.69 -35.58 -56.34
N MET O 604 -13.72 -34.78 -56.78
CA MET O 604 -12.39 -35.30 -57.14
C MET O 604 -11.78 -36.03 -55.95
N LEU O 605 -11.86 -35.42 -54.78
CA LEU O 605 -11.35 -36.04 -53.54
C LEU O 605 -11.95 -37.45 -53.39
N TYR O 606 -13.26 -37.54 -53.47
CA TYR O 606 -13.98 -38.80 -53.26
C TYR O 606 -13.52 -39.83 -54.28
N GLU O 607 -13.43 -39.40 -55.53
CA GLU O 607 -13.02 -40.31 -56.61
C GLU O 607 -11.66 -40.91 -56.32
N GLY O 608 -10.78 -40.13 -55.70
CA GLY O 608 -9.42 -40.59 -55.44
C GLY O 608 -9.33 -41.48 -54.22
N PHE O 609 -10.07 -41.14 -53.18
CA PHE O 609 -9.86 -41.72 -51.85
C PHE O 609 -9.92 -43.24 -51.80
N TYR O 610 -10.72 -43.84 -52.67
CA TYR O 610 -10.82 -45.31 -52.66
C TYR O 610 -9.49 -45.92 -53.04
N ASP O 611 -8.92 -45.44 -54.13
CA ASP O 611 -7.60 -45.89 -54.57
C ASP O 611 -6.55 -45.53 -53.53
N VAL O 612 -6.72 -44.38 -52.90
CA VAL O 612 -5.79 -43.90 -51.85
C VAL O 612 -5.68 -44.98 -50.79
N LEU O 613 -6.82 -45.43 -50.29
CA LEU O 613 -6.83 -46.46 -49.24
C LEU O 613 -6.41 -47.81 -49.80
N ARG O 614 -6.74 -48.08 -51.07
CA ARG O 614 -6.38 -49.38 -51.67
C ARG O 614 -4.87 -49.56 -51.66
N ARG O 615 -4.13 -48.47 -51.82
CA ARG O 615 -2.68 -48.54 -51.59
C ARG O 615 -2.40 -48.47 -50.09
N ASN O 616 -2.74 -47.34 -49.49
CA ASN O 616 -2.23 -46.95 -48.17
C ASN O 616 -3.36 -47.07 -47.16
N SER O 617 -3.40 -48.21 -46.47
CA SER O 617 -4.41 -48.47 -45.42
C SER O 617 -4.03 -47.76 -44.12
N GLN O 618 -2.76 -47.40 -43.94
CA GLN O 618 -2.22 -46.94 -42.65
C GLN O 618 -2.94 -45.71 -42.11
N LEU O 619 -3.58 -44.90 -42.97
CA LEU O 619 -4.27 -43.65 -42.55
C LEU O 619 -5.77 -43.76 -42.77
N ALA O 620 -6.31 -44.98 -42.68
CA ALA O 620 -7.75 -45.22 -42.75
C ALA O 620 -8.48 -44.36 -41.72
N ASN O 621 -7.91 -44.23 -40.52
CA ASN O 621 -8.56 -43.47 -39.44
C ASN O 621 -8.64 -42.00 -39.82
N SER O 622 -7.52 -41.43 -40.22
CA SER O 622 -7.47 -40.00 -40.60
C SER O 622 -8.39 -39.73 -41.78
N VAL O 623 -8.55 -40.72 -42.66
CA VAL O 623 -9.44 -40.59 -43.82
C VAL O 623 -10.90 -40.61 -43.35
N MET O 624 -11.27 -41.64 -42.61
CA MET O 624 -12.67 -41.97 -42.36
C MET O 624 -13.24 -41.01 -41.31
N GLN O 625 -12.43 -40.60 -40.34
CA GLN O 625 -12.78 -39.49 -39.44
C GLN O 625 -13.22 -38.28 -40.25
N THR O 626 -12.43 -37.94 -41.24
CA THR O 626 -12.70 -36.75 -42.05
C THR O 626 -14.01 -36.92 -42.81
N LEU O 627 -14.15 -38.05 -43.48
CA LEU O 627 -15.37 -38.34 -44.24
C LEU O 627 -16.59 -38.27 -43.33
N LEU O 628 -16.47 -38.85 -42.15
CA LEU O 628 -17.61 -38.98 -41.25
C LEU O 628 -17.97 -37.62 -40.66
N SER O 629 -16.99 -36.75 -40.45
CA SER O 629 -17.28 -35.40 -39.96
C SER O 629 -18.14 -34.67 -40.99
N GLN O 630 -17.69 -34.67 -42.24
CA GLN O 630 -18.43 -34.03 -43.33
C GLN O 630 -19.80 -34.68 -43.48
N LEU O 631 -19.87 -35.97 -43.25
CA LEU O 631 -21.14 -36.69 -43.32
C LEU O 631 -22.09 -36.16 -42.25
N LYS O 632 -21.65 -36.17 -41.00
CA LYS O 632 -22.47 -35.72 -39.87
C LYS O 632 -22.88 -34.27 -40.06
N GLN O 633 -22.06 -33.50 -40.75
CA GLN O 633 -22.41 -32.11 -41.07
C GLN O 633 -23.63 -32.02 -41.99
N PHE O 634 -24.12 -33.12 -42.56
CA PHE O 634 -25.38 -33.15 -43.33
C PHE O 634 -26.29 -34.30 -42.91
N TYR O 635 -25.94 -35.02 -41.86
CA TYR O 635 -26.75 -36.14 -41.34
C TYR O 635 -27.21 -35.81 -39.92
N GLU O 636 -28.49 -36.00 -39.65
CA GLU O 636 -29.09 -35.71 -38.33
C GLU O 636 -29.14 -37.01 -37.53
N PRO O 637 -28.65 -37.07 -36.26
CA PRO O 637 -28.75 -38.29 -35.45
C PRO O 637 -30.00 -38.34 -34.56
N LYS O 638 -31.18 -38.42 -35.18
CA LYS O 638 -32.44 -38.65 -34.47
C LYS O 638 -33.30 -39.62 -35.27
N PRO O 639 -33.84 -40.68 -34.66
CA PRO O 639 -34.89 -41.45 -35.30
C PRO O 639 -36.23 -40.71 -35.23
N ASP O 640 -37.16 -41.19 -36.05
CA ASP O 640 -38.53 -40.63 -36.14
C ASP O 640 -38.50 -39.17 -36.59
N LEU O 641 -37.41 -38.74 -37.23
CA LEU O 641 -37.37 -37.49 -37.99
C LEU O 641 -37.16 -37.88 -39.44
N LEU O 642 -38.23 -37.82 -40.20
CA LEU O 642 -38.37 -38.50 -41.49
C LEU O 642 -37.46 -37.96 -42.59
N PRO O 643 -37.00 -36.69 -42.56
CA PRO O 643 -35.85 -36.29 -43.39
C PRO O 643 -34.52 -36.48 -42.67
N PRO O 644 -33.92 -37.68 -42.67
CA PRO O 644 -32.70 -37.90 -41.88
C PRO O 644 -31.47 -37.11 -42.31
N LEU O 645 -31.57 -36.25 -43.33
CA LEU O 645 -30.42 -35.46 -43.82
C LEU O 645 -30.84 -34.01 -44.03
N LYS O 646 -29.90 -33.23 -44.52
CA LYS O 646 -30.07 -31.77 -44.70
C LYS O 646 -29.64 -31.42 -46.12
N LEU O 647 -30.62 -31.11 -46.95
CA LEU O 647 -30.45 -31.06 -48.41
C LEU O 647 -30.50 -29.64 -48.94
N GLU O 648 -31.18 -28.73 -48.24
CA GLU O 648 -31.00 -27.30 -48.52
C GLU O 648 -29.59 -26.87 -48.13
N ALA O 649 -28.97 -27.57 -47.16
CA ALA O 649 -27.59 -27.31 -46.75
C ALA O 649 -26.60 -27.56 -47.89
N CYS O 650 -26.90 -28.49 -48.79
CA CYS O 650 -25.98 -28.89 -49.88
C CYS O 650 -26.13 -28.00 -51.10
N ILE O 651 -27.06 -27.05 -51.11
CA ILE O 651 -27.32 -26.20 -52.27
C ILE O 651 -27.30 -24.76 -51.80
N LEU O 652 -26.48 -23.93 -52.44
CA LEU O 652 -26.24 -22.54 -52.03
C LEU O 652 -26.63 -21.61 -53.18
N THR O 653 -27.20 -20.46 -52.82
CA THR O 653 -27.70 -19.47 -53.79
C THR O 653 -27.29 -18.09 -53.30
N GLN O 654 -26.53 -17.35 -54.14
CA GLN O 654 -26.07 -15.98 -53.83
C GLN O 654 -26.54 -15.06 -54.95
N GLY O 655 -27.73 -14.50 -54.80
CA GLY O 655 -28.34 -13.63 -55.80
C GLY O 655 -29.13 -14.41 -56.83
N ASP O 656 -29.82 -15.46 -56.37
CA ASP O 656 -30.69 -16.32 -57.20
C ASP O 656 -29.90 -17.24 -58.13
N LYS O 657 -28.56 -17.13 -58.18
CA LYS O 657 -27.70 -18.07 -58.90
C LYS O 657 -27.39 -19.24 -58.00
N ILE O 658 -27.90 -20.42 -58.34
CA ILE O 658 -27.96 -21.57 -57.41
C ILE O 658 -27.01 -22.64 -57.91
N SER O 659 -26.47 -23.41 -56.98
CA SER O 659 -25.48 -24.45 -57.31
C SER O 659 -25.46 -25.51 -56.21
N LEU O 660 -25.06 -26.71 -56.58
CA LEU O 660 -24.72 -27.74 -55.60
C LEU O 660 -23.46 -27.34 -54.84
N GLN O 661 -23.33 -27.88 -53.64
CA GLN O 661 -22.06 -27.93 -52.90
C GLN O 661 -22.06 -29.25 -52.14
N GLU O 662 -20.92 -29.92 -52.08
CA GLU O 662 -20.76 -31.15 -51.28
C GLU O 662 -21.68 -32.25 -51.83
N PRO O 663 -21.31 -32.91 -52.94
CA PRO O 663 -22.14 -33.99 -53.48
C PRO O 663 -22.20 -35.22 -52.57
N LEU O 664 -23.35 -35.38 -51.94
CA LEU O 664 -23.54 -36.45 -50.93
C LEU O 664 -23.53 -37.82 -51.57
N ASP O 665 -24.24 -37.97 -52.67
CA ASP O 665 -24.32 -39.26 -53.38
C ASP O 665 -22.92 -39.79 -53.67
N TYR O 666 -22.06 -38.93 -54.21
CA TYR O 666 -20.71 -39.36 -54.60
C TYR O 666 -19.90 -39.64 -53.34
N LEU O 667 -20.03 -38.75 -52.35
CA LEU O 667 -19.44 -38.97 -51.03
C LEU O 667 -19.82 -40.36 -50.51
N LEU O 668 -21.08 -40.72 -50.68
CA LEU O 668 -21.60 -41.98 -50.14
C LEU O 668 -21.02 -43.18 -50.86
N CYS O 669 -21.00 -43.13 -52.18
CA CYS O 669 -20.44 -44.25 -52.96
C CYS O 669 -19.00 -44.47 -52.51
N CYS O 670 -18.26 -43.37 -52.31
CA CYS O 670 -16.86 -43.44 -51.82
C CYS O 670 -16.83 -44.14 -50.47
N ILE O 671 -17.65 -43.67 -49.54
CA ILE O 671 -17.62 -44.19 -48.16
C ILE O 671 -18.02 -45.68 -48.20
N GLN O 672 -18.97 -46.01 -49.06
CA GLN O 672 -19.49 -47.38 -49.10
C GLN O 672 -18.40 -48.32 -49.55
N HIS O 673 -17.73 -48.00 -50.65
CA HIS O 673 -16.63 -48.84 -51.14
C HIS O 673 -15.48 -48.85 -50.13
N CYS O 674 -15.29 -47.73 -49.42
CA CYS O 674 -14.26 -47.65 -48.37
C CYS O 674 -14.54 -48.68 -47.30
N LEU O 675 -15.78 -48.71 -46.84
CA LEU O 675 -16.17 -49.63 -45.76
C LEU O 675 -16.17 -51.05 -46.28
N ALA O 676 -16.49 -51.26 -47.56
CA ALA O 676 -16.42 -52.60 -48.15
C ALA O 676 -14.99 -53.12 -48.08
N TRP O 677 -14.05 -52.29 -48.51
CA TRP O 677 -12.61 -52.62 -48.39
C TRP O 677 -12.25 -52.87 -46.93
N TYR O 678 -12.81 -52.05 -46.04
CA TYR O 678 -12.53 -52.16 -44.59
C TYR O 678 -12.97 -53.53 -44.07
N LYS O 679 -14.19 -53.95 -44.40
CA LYS O 679 -14.70 -55.28 -44.04
C LYS O 679 -13.79 -56.37 -44.58
N ASN O 680 -13.54 -56.33 -45.88
CA ASN O 680 -12.92 -57.47 -46.57
C ASN O 680 -11.46 -57.63 -46.16
N THR O 681 -10.76 -56.53 -45.90
CA THR O 681 -9.29 -56.53 -45.88
C THR O 681 -8.73 -56.13 -44.52
N VAL O 682 -9.22 -55.02 -43.97
CA VAL O 682 -8.53 -54.32 -42.86
C VAL O 682 -8.53 -55.23 -41.62
N ILE O 683 -9.69 -55.74 -41.25
CA ILE O 683 -9.85 -56.52 -40.00
C ILE O 683 -9.13 -57.86 -40.15
N PRO O 684 -9.35 -58.65 -41.22
CA PRO O 684 -8.55 -59.88 -41.34
C PRO O 684 -7.10 -59.59 -41.78
N GLU O 696 -10.00 -50.78 -33.33
CA GLU O 696 -10.92 -51.89 -33.68
C GLU O 696 -12.37 -51.40 -33.63
N ALA O 697 -12.85 -51.03 -32.43
CA ALA O 697 -14.26 -50.69 -32.16
C ALA O 697 -14.53 -49.24 -32.62
N PHE O 698 -14.39 -49.02 -33.94
CA PHE O 698 -14.57 -47.69 -34.58
C PHE O 698 -15.49 -47.77 -35.81
N TYR O 699 -15.20 -48.71 -36.70
CA TYR O 699 -16.01 -48.92 -37.92
C TYR O 699 -17.43 -49.41 -37.59
N GLU O 700 -17.63 -50.06 -36.43
CA GLU O 700 -18.98 -50.54 -36.02
C GLU O 700 -19.89 -49.33 -35.79
N ASP O 701 -19.35 -48.25 -35.25
CA ASP O 701 -20.01 -46.92 -35.18
C ASP O 701 -20.52 -46.57 -36.57
N LEU O 702 -19.65 -46.66 -37.57
CA LEU O 702 -19.99 -46.35 -38.96
C LEU O 702 -21.14 -47.23 -39.45
N ASP O 703 -21.01 -48.53 -39.19
CA ASP O 703 -21.99 -49.53 -39.63
C ASP O 703 -23.37 -49.17 -39.12
N ASP O 704 -23.49 -49.00 -37.79
CA ASP O 704 -24.80 -48.73 -37.16
C ASP O 704 -25.33 -47.38 -37.61
N ILE O 705 -24.44 -46.40 -37.86
CA ILE O 705 -24.87 -45.11 -38.45
C ILE O 705 -25.57 -45.38 -39.76
N LEU O 706 -24.91 -46.13 -40.62
CA LEU O 706 -25.49 -46.50 -41.91
C LEU O 706 -26.82 -47.20 -41.72
N GLU O 707 -26.89 -48.10 -40.75
CA GLU O 707 -28.11 -48.90 -40.51
C GLU O 707 -29.27 -47.97 -40.13
N SER O 708 -29.06 -47.08 -39.18
CA SER O 708 -30.07 -46.08 -38.78
C SER O 708 -30.50 -45.26 -40.00
N ILE O 709 -29.52 -44.87 -40.81
CA ILE O 709 -29.77 -44.04 -42.00
C ILE O 709 -30.72 -44.79 -42.93
N THR O 710 -30.39 -46.05 -43.21
CA THR O 710 -31.22 -46.90 -44.06
C THR O 710 -32.61 -47.01 -43.47
N ASN O 711 -32.70 -47.18 -42.15
CA ASN O 711 -33.98 -47.37 -41.46
C ASN O 711 -34.88 -46.17 -41.73
N ARG O 712 -34.42 -44.97 -41.39
CA ARG O 712 -35.29 -43.79 -41.57
C ARG O 712 -35.52 -43.52 -43.05
N MET O 713 -34.55 -43.86 -43.90
CA MET O 713 -34.69 -43.61 -45.35
C MET O 713 -35.72 -44.54 -45.97
N ILE O 714 -35.96 -45.70 -45.36
CA ILE O 714 -37.02 -46.62 -45.85
C ILE O 714 -38.36 -45.89 -45.85
N LYS O 715 -38.61 -45.07 -44.83
CA LYS O 715 -39.90 -44.39 -44.67
C LYS O 715 -39.86 -42.99 -45.25
N SER O 716 -38.67 -42.41 -45.42
CA SER O 716 -38.52 -41.04 -45.93
C SER O 716 -39.24 -40.87 -47.26
N GLU O 717 -40.23 -39.98 -47.29
CA GLU O 717 -41.15 -39.86 -48.44
C GLU O 717 -41.43 -38.40 -48.79
N LEU O 718 -40.56 -37.78 -49.58
CA LEU O 718 -40.90 -36.82 -50.65
C LEU O 718 -41.36 -35.44 -50.18
N GLU O 719 -42.01 -35.33 -49.02
CA GLU O 719 -42.36 -34.04 -48.37
C GLU O 719 -41.50 -33.80 -47.14
N ASP O 720 -40.64 -34.75 -46.80
CA ASP O 720 -39.55 -34.53 -45.84
C ASP O 720 -38.47 -33.69 -46.53
N PHE O 721 -38.35 -33.82 -47.84
CA PHE O 721 -37.48 -32.99 -48.69
C PHE O 721 -38.27 -32.22 -49.75
N GLU O 722 -39.60 -32.13 -49.61
CA GLU O 722 -40.45 -31.11 -50.28
C GLU O 722 -40.39 -31.26 -51.81
N LEU O 723 -40.79 -32.43 -52.28
CA LEU O 723 -40.58 -32.85 -53.68
C LEU O 723 -41.93 -33.09 -54.36
N ASP O 724 -42.16 -32.38 -55.46
CA ASP O 724 -43.32 -32.57 -56.35
C ASP O 724 -44.60 -31.95 -55.78
N LYS O 725 -44.57 -31.50 -54.53
CA LYS O 725 -45.74 -30.90 -53.84
C LYS O 725 -45.51 -29.39 -53.72
N SER O 726 -44.37 -29.01 -53.14
CA SER O 726 -44.00 -27.60 -52.98
C SER O 726 -43.44 -27.06 -54.30
N ALA O 727 -42.51 -27.80 -54.89
CA ALA O 727 -41.82 -27.40 -56.12
C ALA O 727 -42.02 -28.50 -57.15
N ASP O 728 -42.16 -28.10 -58.41
CA ASP O 728 -42.23 -29.04 -59.53
C ASP O 728 -40.92 -29.05 -60.30
N PHE O 729 -39.79 -28.79 -59.61
CA PHE O 729 -38.45 -28.96 -60.17
C PHE O 729 -38.25 -28.08 -61.40
N SER O 730 -38.88 -26.91 -61.37
CA SER O 730 -38.71 -25.93 -62.44
C SER O 730 -37.24 -25.59 -62.61
N GLN O 731 -36.68 -25.94 -63.75
CA GLN O 731 -35.25 -25.71 -64.02
C GLN O 731 -34.95 -24.22 -64.25
N SER O 732 -35.98 -23.37 -64.32
CA SER O 732 -35.83 -21.92 -64.40
C SER O 732 -35.68 -21.33 -63.00
N THR O 733 -36.41 -21.86 -62.04
CA THR O 733 -36.41 -21.36 -60.65
C THR O 733 -35.20 -21.92 -59.91
N SER O 734 -34.58 -21.09 -59.08
CA SER O 734 -33.62 -21.57 -58.08
C SER O 734 -34.25 -22.65 -57.21
N ILE O 735 -35.54 -22.51 -56.93
CA ILE O 735 -36.28 -23.50 -56.10
C ILE O 735 -36.27 -24.85 -56.81
N GLY O 736 -36.81 -24.90 -58.02
CA GLY O 736 -36.89 -26.17 -58.75
C GLY O 736 -35.52 -26.74 -59.07
N ILE O 737 -34.53 -25.88 -59.29
CA ILE O 737 -33.13 -26.32 -59.47
C ILE O 737 -32.66 -27.01 -58.19
N LYS O 738 -32.92 -26.39 -57.04
CA LYS O 738 -32.56 -26.95 -55.73
C LYS O 738 -33.22 -28.32 -55.58
N ASN O 739 -34.48 -28.41 -55.96
CA ASN O 739 -35.26 -29.65 -55.82
C ASN O 739 -34.68 -30.74 -56.73
N ASN O 740 -34.28 -30.37 -57.95
CA ASN O 740 -33.71 -31.33 -58.89
C ASN O 740 -32.37 -31.83 -58.36
N ILE O 741 -31.56 -30.92 -57.81
CA ILE O 741 -30.29 -31.30 -57.14
C ILE O 741 -30.58 -32.34 -56.07
N SER O 742 -31.51 -32.01 -55.18
CA SER O 742 -31.85 -32.89 -54.05
C SER O 742 -32.35 -34.24 -54.56
N ALA O 743 -33.14 -34.24 -55.63
CA ALA O 743 -33.68 -35.48 -56.23
C ALA O 743 -32.54 -36.37 -56.66
N PHE O 744 -31.65 -35.84 -57.48
CA PHE O 744 -30.51 -36.63 -57.99
C PHE O 744 -29.63 -37.10 -56.84
N LEU O 745 -29.40 -36.25 -55.85
CA LEU O 745 -28.60 -36.65 -54.67
C LEU O 745 -29.25 -37.84 -53.98
N VAL O 746 -30.51 -37.72 -53.65
CA VAL O 746 -31.22 -38.80 -52.92
C VAL O 746 -31.26 -40.07 -53.76
N MET O 747 -31.42 -39.92 -55.08
CA MET O 747 -31.45 -41.08 -55.98
C MET O 747 -30.14 -41.84 -55.85
N GLY O 748 -29.02 -41.12 -55.94
CA GLY O 748 -27.70 -41.74 -55.76
C GLY O 748 -27.52 -42.30 -54.37
N VAL O 749 -28.11 -41.65 -53.38
CA VAL O 749 -28.01 -42.11 -51.98
C VAL O 749 -28.71 -43.46 -51.87
N CYS O 750 -29.92 -43.55 -52.42
CA CYS O 750 -30.68 -44.81 -52.50
C CYS O 750 -29.81 -45.88 -53.13
N GLU O 751 -29.16 -45.54 -54.22
CA GLU O 751 -28.32 -46.52 -54.93
C GLU O 751 -27.18 -47.00 -54.01
N VAL O 752 -26.49 -46.08 -53.35
CA VAL O 752 -25.33 -46.44 -52.51
C VAL O 752 -25.77 -47.39 -51.41
N LEU O 753 -26.88 -47.07 -50.77
CA LEU O 753 -27.30 -47.89 -49.63
C LEU O 753 -27.96 -49.18 -50.09
N ILE O 754 -28.53 -49.20 -51.28
CA ILE O 754 -28.90 -50.48 -51.93
C ILE O 754 -27.66 -51.38 -51.98
N GLU O 755 -26.58 -50.82 -52.51
CA GLU O 755 -25.30 -51.55 -52.62
C GLU O 755 -24.87 -52.03 -51.24
N TYR O 756 -24.93 -51.16 -50.25
CA TYR O 756 -24.41 -51.48 -48.91
C TYR O 756 -25.26 -52.56 -48.26
N ASN O 757 -26.58 -52.46 -48.35
CA ASN O 757 -27.50 -53.47 -47.79
C ASN O 757 -27.26 -54.82 -48.42
N PHE O 758 -27.02 -54.86 -49.73
CA PHE O 758 -26.64 -56.12 -50.37
C PHE O 758 -25.29 -56.60 -49.84
N SER O 759 -24.37 -55.65 -49.61
CA SER O 759 -22.98 -55.97 -49.24
C SER O 759 -22.90 -56.69 -47.91
N ILE O 760 -23.77 -56.30 -46.99
CA ILE O 760 -23.62 -56.67 -45.55
C ILE O 760 -23.68 -58.18 -45.40
N SER O 761 -24.83 -58.77 -45.73
CA SER O 761 -25.15 -60.17 -45.41
C SER O 761 -25.17 -61.02 -46.67
N SER O 762 -25.10 -62.33 -46.46
CA SER O 762 -25.35 -63.33 -47.51
C SER O 762 -26.86 -63.46 -47.64
N PHE O 763 -27.45 -62.47 -48.31
CA PHE O 763 -28.85 -62.51 -48.79
C PHE O 763 -29.82 -62.58 -47.60
N SER O 764 -29.72 -61.59 -46.72
CA SER O 764 -30.76 -61.38 -45.70
C SER O 764 -32.01 -60.84 -46.39
N LYS O 765 -33.13 -61.55 -46.26
CA LYS O 765 -34.39 -61.08 -46.88
C LYS O 765 -34.80 -59.73 -46.31
N ASN O 766 -34.45 -59.46 -45.05
CA ASN O 766 -34.67 -58.14 -44.46
C ASN O 766 -33.94 -57.08 -45.28
N ARG O 767 -32.66 -57.31 -45.53
CA ARG O 767 -31.83 -56.39 -46.36
C ARG O 767 -32.42 -56.27 -47.76
N PHE O 768 -32.94 -57.37 -48.30
CA PHE O 768 -33.56 -57.34 -49.64
C PHE O 768 -34.82 -56.49 -49.64
N GLU O 769 -35.63 -56.57 -48.60
CA GLU O 769 -36.85 -55.74 -48.50
C GLU O 769 -36.47 -54.27 -48.34
N ASP O 770 -35.42 -53.98 -47.57
CA ASP O 770 -34.92 -52.60 -47.41
C ASP O 770 -34.45 -52.09 -48.78
N ILE O 771 -33.76 -52.95 -49.52
CA ILE O 771 -33.26 -52.60 -50.86
C ILE O 771 -34.45 -52.39 -51.81
N LEU O 772 -35.50 -53.20 -51.66
CA LEU O 772 -36.72 -53.05 -52.47
C LEU O 772 -37.36 -51.70 -52.22
N SER O 773 -37.45 -51.29 -50.95
CA SER O 773 -38.02 -49.98 -50.61
C SER O 773 -37.14 -48.87 -51.17
N LEU O 774 -35.82 -49.01 -51.05
CA LEU O 774 -34.90 -48.03 -51.66
C LEU O 774 -35.13 -47.93 -53.15
N PHE O 775 -35.28 -49.08 -53.81
CA PHE O 775 -35.57 -49.11 -55.25
C PHE O 775 -36.87 -48.38 -55.54
N MET O 776 -37.91 -48.68 -54.76
CA MET O 776 -39.23 -48.09 -55.02
C MET O 776 -39.15 -46.56 -54.90
N CYS O 777 -38.46 -46.08 -53.86
CA CYS O 777 -38.26 -44.63 -53.65
C CYS O 777 -37.49 -44.03 -54.83
N TYR O 778 -36.33 -44.62 -55.11
CA TYR O 778 -35.47 -44.15 -56.21
C TYR O 778 -36.22 -44.21 -57.54
N LYS O 779 -37.12 -45.20 -57.69
CA LYS O 779 -37.86 -45.40 -58.95
C LYS O 779 -39.02 -44.41 -59.04
N LYS O 780 -39.62 -44.07 -57.90
CA LYS O 780 -40.61 -42.98 -57.88
C LYS O 780 -39.94 -41.68 -58.28
N LEU O 781 -38.74 -41.43 -57.76
CA LEU O 781 -37.94 -40.25 -58.18
C LEU O 781 -37.67 -40.31 -59.68
N SER O 782 -37.33 -41.50 -60.20
CA SER O 782 -37.03 -41.66 -61.64
C SER O 782 -38.26 -41.34 -62.47
N ASP O 783 -39.42 -41.88 -62.07
CA ASP O 783 -40.67 -41.61 -62.79
C ASP O 783 -41.05 -40.14 -62.68
N ILE O 784 -40.73 -39.52 -61.56
CA ILE O 784 -40.98 -38.07 -61.38
C ILE O 784 -40.16 -37.30 -62.39
N LEU O 785 -38.86 -37.54 -62.41
CA LEU O 785 -37.97 -36.86 -63.36
C LEU O 785 -38.38 -37.17 -64.80
N ASN O 786 -38.86 -38.38 -65.05
CA ASN O 786 -39.38 -38.77 -66.37
C ASN O 786 -40.58 -37.91 -66.74
N GLU O 787 -41.48 -37.70 -65.79
CA GLU O 787 -42.66 -36.86 -66.03
C GLU O 787 -42.24 -35.41 -66.30
N LYS O 788 -41.29 -34.90 -65.52
CA LYS O 788 -40.84 -33.50 -65.71
C LYS O 788 -40.09 -33.35 -67.03
N ALA O 789 -39.43 -34.41 -67.49
CA ALA O 789 -38.72 -34.42 -68.78
C ALA O 789 -39.67 -34.67 -69.94
N GLY O 790 -40.83 -35.27 -69.70
CA GLY O 790 -41.84 -35.45 -70.75
C GLY O 790 -42.45 -34.12 -71.13
N LYS O 791 -42.42 -33.16 -70.23
CA LYS O 791 -42.95 -31.82 -70.51
C LYS O 791 -42.09 -31.14 -71.57
N ALA O 792 -40.84 -30.89 -71.22
CA ALA O 792 -39.89 -30.23 -72.12
C ALA O 792 -39.09 -31.28 -72.90
N LYS O 793 -38.01 -30.84 -73.53
CA LYS O 793 -37.03 -31.76 -74.12
C LYS O 793 -36.11 -32.29 -73.03
N THR O 794 -35.51 -33.46 -73.27
CA THR O 794 -34.48 -34.05 -72.39
C THR O 794 -33.09 -33.56 -72.84
N LYS O 795 -32.93 -32.24 -72.85
CA LYS O 795 -31.67 -31.58 -73.23
C LYS O 795 -30.62 -31.78 -72.13
N MET O 796 -31.04 -31.69 -70.86
CA MET O 796 -30.12 -31.82 -69.73
C MET O 796 -29.69 -33.29 -69.60
N ALA O 797 -28.42 -33.57 -69.86
CA ALA O 797 -27.81 -34.92 -69.72
C ALA O 797 -27.24 -35.09 -68.32
N ASN O 798 -28.08 -34.84 -67.30
CA ASN O 798 -27.73 -34.99 -65.87
C ASN O 798 -28.49 -36.14 -65.21
N LYS O 799 -29.71 -36.43 -65.64
CA LYS O 799 -30.38 -37.68 -65.27
C LYS O 799 -29.65 -38.86 -65.90
N THR O 800 -28.98 -38.65 -67.03
CA THR O 800 -28.10 -39.62 -67.69
C THR O 800 -26.69 -39.60 -67.10
N SER O 801 -26.48 -38.91 -65.99
CA SER O 801 -25.13 -38.71 -65.42
C SER O 801 -24.65 -40.01 -64.77
N ASP O 802 -23.54 -39.89 -64.05
CA ASP O 802 -22.82 -41.02 -63.47
C ASP O 802 -23.77 -41.87 -62.63
N SER O 803 -24.06 -43.08 -63.10
CA SER O 803 -24.51 -44.15 -62.22
C SER O 803 -23.36 -44.56 -61.30
N LEU O 804 -23.42 -44.19 -60.03
CA LEU O 804 -22.31 -44.43 -59.08
C LEU O 804 -22.07 -45.91 -58.80
N LEU O 805 -22.97 -46.78 -59.26
CA LEU O 805 -22.81 -48.22 -59.12
C LEU O 805 -21.50 -48.67 -59.77
N SER O 806 -20.58 -49.22 -58.97
CA SER O 806 -19.37 -49.80 -59.54
C SER O 806 -19.72 -50.96 -60.47
N MET O 807 -19.05 -51.00 -61.63
CA MET O 807 -19.25 -52.10 -62.59
C MET O 807 -19.01 -53.45 -61.92
N LYS O 808 -18.07 -53.51 -60.97
CA LYS O 808 -17.89 -54.67 -60.08
C LYS O 808 -19.23 -55.15 -59.53
N PHE O 809 -19.93 -54.26 -58.84
CA PHE O 809 -21.19 -54.60 -58.16
C PHE O 809 -22.25 -54.97 -59.19
N VAL O 810 -22.35 -54.21 -60.28
CA VAL O 810 -23.42 -54.46 -61.27
C VAL O 810 -23.19 -55.83 -61.91
N SER O 811 -21.92 -56.22 -62.08
CA SER O 811 -21.56 -57.55 -62.58
C SER O 811 -22.09 -58.62 -61.62
N SER O 812 -21.68 -58.51 -60.35
CA SER O 812 -22.11 -59.46 -59.31
C SER O 812 -23.62 -59.48 -59.19
N LEU O 813 -24.26 -58.32 -59.31
CA LEU O 813 -25.72 -58.19 -59.19
C LEU O 813 -26.40 -58.99 -60.29
N LEU O 814 -26.08 -58.71 -61.55
CA LEU O 814 -26.76 -59.38 -62.67
C LEU O 814 -26.43 -60.87 -62.69
N THR O 815 -25.23 -61.23 -62.25
CA THR O 815 -24.89 -62.66 -62.04
C THR O 815 -25.91 -63.28 -61.08
N ALA O 816 -26.06 -62.66 -59.90
CA ALA O 816 -27.01 -63.14 -58.89
C ALA O 816 -28.43 -63.18 -59.44
N LEU O 817 -28.80 -62.22 -60.29
CA LEU O 817 -30.16 -62.15 -60.83
C LEU O 817 -30.42 -63.33 -61.75
N PHE O 818 -29.57 -63.52 -62.75
CA PHE O 818 -29.86 -64.45 -63.85
C PHE O 818 -29.36 -65.86 -63.55
N ARG O 819 -28.06 -66.01 -63.28
CA ARG O 819 -27.43 -67.34 -63.34
C ARG O 819 -27.46 -68.04 -61.98
N ASP O 820 -27.43 -67.29 -60.88
CA ASP O 820 -27.53 -67.89 -59.54
C ASP O 820 -28.97 -68.31 -59.27
N SER O 821 -29.16 -69.57 -58.88
CA SER O 821 -30.44 -70.10 -58.38
C SER O 821 -30.18 -70.93 -57.12
N ILE O 822 -29.24 -70.48 -56.29
CA ILE O 822 -28.97 -71.11 -54.98
C ILE O 822 -30.22 -70.96 -54.13
N GLN O 823 -30.82 -72.07 -53.72
CA GLN O 823 -32.12 -72.02 -53.03
C GLN O 823 -31.97 -71.38 -51.64
N SER O 824 -30.76 -71.34 -51.07
CA SER O 824 -30.53 -70.59 -49.81
C SER O 824 -30.67 -69.08 -50.01
N HIS O 825 -30.81 -68.60 -51.25
CA HIS O 825 -31.06 -67.18 -51.59
C HIS O 825 -32.25 -66.96 -52.51
N GLN O 826 -32.78 -68.00 -53.18
CA GLN O 826 -33.90 -67.83 -54.14
C GLN O 826 -35.13 -67.26 -53.44
N GLU O 827 -35.34 -67.64 -52.19
CA GLU O 827 -36.47 -67.10 -51.40
C GLU O 827 -36.43 -65.57 -51.37
N SER O 828 -35.24 -65.00 -51.23
CA SER O 828 -35.04 -63.55 -51.09
C SER O 828 -34.76 -62.89 -52.43
N LEU O 829 -34.51 -63.68 -53.49
CA LEU O 829 -34.20 -63.15 -54.83
C LEU O 829 -35.40 -63.22 -55.76
N SER O 830 -36.38 -64.08 -55.46
CA SER O 830 -37.67 -64.09 -56.17
C SER O 830 -38.35 -62.73 -56.04
N VAL O 831 -38.11 -62.03 -54.94
CA VAL O 831 -38.69 -60.69 -54.73
C VAL O 831 -38.21 -59.74 -55.84
N LEU O 832 -36.97 -59.92 -56.30
CA LEU O 832 -36.40 -59.07 -57.35
C LEU O 832 -36.78 -59.64 -58.72
N ARG O 833 -36.76 -60.96 -58.87
CA ARG O 833 -37.10 -61.59 -60.16
C ARG O 833 -38.55 -61.28 -60.55
N SER O 834 -39.41 -61.02 -59.57
CA SER O 834 -40.78 -60.55 -59.83
C SER O 834 -40.75 -59.14 -60.44
N SER O 835 -39.76 -58.31 -60.09
CA SER O 835 -39.63 -56.93 -60.59
C SER O 835 -39.11 -56.98 -62.03
N ASN O 836 -39.57 -56.05 -62.85
CA ASN O 836 -39.15 -55.94 -64.26
C ASN O 836 -38.49 -54.58 -64.51
N GLU O 837 -39.10 -53.52 -64.00
CA GLU O 837 -38.50 -52.17 -64.01
C GLU O 837 -37.10 -52.18 -63.40
N PHE O 838 -36.95 -52.84 -62.25
CA PHE O 838 -35.64 -52.97 -61.59
C PHE O 838 -34.64 -53.66 -62.53
N MET O 839 -35.06 -54.74 -63.16
CA MET O 839 -34.16 -55.54 -64.00
C MET O 839 -33.74 -54.75 -65.24
N ARG O 840 -34.69 -54.12 -65.93
CA ARG O 840 -34.32 -53.27 -67.09
C ARG O 840 -33.46 -52.09 -66.65
N TYR O 841 -33.69 -51.57 -65.44
CA TYR O 841 -32.84 -50.47 -64.91
C TYR O 841 -31.39 -50.95 -64.79
N ALA O 842 -31.16 -52.14 -64.26
CA ALA O 842 -29.79 -52.61 -64.01
C ALA O 842 -29.02 -52.72 -65.33
N VAL O 843 -29.65 -53.25 -66.37
CA VAL O 843 -28.98 -53.36 -67.68
C VAL O 843 -28.82 -51.97 -68.30
N ASN O 844 -29.73 -51.03 -68.06
CA ASN O 844 -29.52 -49.64 -68.53
C ASN O 844 -28.28 -49.04 -67.85
N VAL O 845 -28.06 -49.39 -66.58
CA VAL O 845 -26.83 -48.95 -65.88
C VAL O 845 -25.62 -49.55 -66.57
N ALA O 846 -25.67 -50.84 -66.86
CA ALA O 846 -24.58 -51.48 -67.60
C ALA O 846 -24.38 -50.81 -68.96
N LEU O 847 -25.48 -50.38 -69.61
CA LEU O 847 -25.39 -49.62 -70.87
C LEU O 847 -24.60 -48.32 -70.66
N GLN O 848 -24.86 -47.64 -69.55
CA GLN O 848 -24.12 -46.40 -69.22
C GLN O 848 -22.65 -46.71 -68.95
N LYS O 849 -22.34 -47.84 -68.31
CA LYS O 849 -20.94 -48.25 -68.11
C LYS O 849 -20.24 -48.41 -69.46
N VAL O 850 -20.82 -49.22 -70.35
CA VAL O 850 -20.17 -49.51 -71.64
C VAL O 850 -20.10 -48.24 -72.48
N GLN O 851 -21.12 -47.39 -72.41
CA GLN O 851 -21.13 -46.16 -73.23
C GLN O 851 -20.05 -45.20 -72.72
N GLN O 852 -19.91 -45.08 -71.39
CA GLN O 852 -18.79 -44.35 -70.77
C GLN O 852 -17.47 -44.84 -71.37
N LEU O 853 -17.28 -46.15 -71.40
CA LEU O 853 -16.01 -46.69 -71.88
C LEU O 853 -15.84 -46.40 -73.36
N LYS O 854 -16.90 -46.52 -74.15
CA LYS O 854 -16.79 -46.32 -75.61
C LYS O 854 -16.50 -44.87 -75.94
N GLU O 855 -17.00 -43.94 -75.11
CA GLU O 855 -16.70 -42.52 -75.31
C GLU O 855 -15.27 -42.22 -74.87
N THR O 856 -14.87 -42.75 -73.72
CA THR O 856 -13.57 -42.49 -73.12
C THR O 856 -12.63 -43.65 -73.38
N GLY O 857 -11.50 -43.69 -72.66
CA GLY O 857 -10.67 -44.89 -72.53
C GLY O 857 -10.97 -45.68 -71.28
N HIS O 858 -11.96 -45.25 -70.49
CA HIS O 858 -12.28 -45.83 -69.17
C HIS O 858 -13.65 -45.34 -68.70
N VAL O 859 -14.01 -45.62 -67.46
CA VAL O 859 -15.31 -45.19 -66.92
C VAL O 859 -15.11 -44.54 -65.57
N SER O 860 -16.22 -44.18 -64.94
CA SER O 860 -16.27 -43.31 -63.75
C SER O 860 -16.11 -44.12 -62.47
N GLY O 861 -16.74 -45.30 -62.40
CA GLY O 861 -16.83 -46.06 -61.17
C GLY O 861 -15.46 -46.36 -60.54
N PRO O 862 -15.46 -46.89 -59.31
CA PRO O 862 -14.19 -47.16 -58.62
C PRO O 862 -13.39 -48.23 -59.35
N ASP O 863 -12.06 -48.07 -59.35
CA ASP O 863 -11.15 -48.87 -60.19
C ASP O 863 -11.62 -48.83 -61.66
N GLY O 864 -12.12 -47.67 -62.11
CA GLY O 864 -12.50 -47.45 -63.51
C GLY O 864 -11.38 -46.76 -64.26
N GLN O 865 -10.13 -47.11 -63.95
CA GLN O 865 -8.94 -46.56 -64.63
C GLN O 865 -7.94 -47.64 -65.04
N ASN O 866 -7.91 -48.79 -64.37
CA ASN O 866 -7.05 -49.91 -64.77
C ASN O 866 -7.79 -50.79 -65.79
N PRO O 867 -7.26 -51.00 -67.00
CA PRO O 867 -8.01 -51.77 -68.00
C PRO O 867 -8.32 -53.21 -67.61
N GLU O 868 -7.52 -53.80 -66.73
CA GLU O 868 -7.60 -55.25 -66.48
C GLU O 868 -8.91 -55.59 -65.78
N LYS O 869 -9.18 -54.90 -64.69
CA LYS O 869 -10.41 -55.16 -63.93
C LYS O 869 -11.60 -54.92 -64.83
N ILE O 870 -11.50 -53.88 -65.63
CA ILE O 870 -12.54 -53.55 -66.61
C ILE O 870 -12.76 -54.74 -67.54
N PHE O 871 -11.67 -55.30 -68.04
CA PHE O 871 -11.73 -56.42 -68.98
C PHE O 871 -12.42 -57.62 -68.35
N GLN O 872 -12.04 -57.93 -67.12
CA GLN O 872 -12.59 -59.09 -66.42
C GLN O 872 -14.08 -58.89 -66.20
N ASN O 873 -14.44 -57.71 -65.74
CA ASN O 873 -15.85 -57.38 -65.51
C ASN O 873 -16.61 -57.51 -66.82
N LEU O 874 -16.00 -57.09 -67.93
CA LEU O 874 -16.64 -57.24 -69.24
C LEU O 874 -16.91 -58.69 -69.56
N CYS O 875 -15.91 -59.54 -69.32
CA CYS O 875 -16.06 -60.99 -69.57
C CYS O 875 -17.26 -61.54 -68.80
N ASP O 876 -17.34 -61.22 -67.52
CA ASP O 876 -18.38 -61.80 -66.66
C ASP O 876 -19.74 -61.28 -67.06
N LEU O 877 -19.82 -59.98 -67.28
CA LEU O 877 -21.06 -59.37 -67.76
C LEU O 877 -21.54 -60.05 -69.03
N THR O 878 -20.63 -60.20 -69.98
CA THR O 878 -20.96 -60.83 -71.26
C THR O 878 -21.48 -62.24 -71.04
N ARG O 879 -20.83 -62.99 -70.15
CA ARG O 879 -21.25 -64.36 -69.84
C ARG O 879 -22.69 -64.39 -69.31
N VAL O 880 -22.98 -63.46 -68.41
CA VAL O 880 -24.32 -63.36 -67.81
C VAL O 880 -25.35 -63.09 -68.92
N LEU O 881 -25.08 -62.11 -69.76
CA LEU O 881 -26.04 -61.74 -70.80
C LEU O 881 -26.21 -62.86 -71.81
N LEU O 882 -25.13 -63.57 -72.09
CA LEU O 882 -25.19 -64.74 -72.98
C LEU O 882 -26.15 -65.78 -72.42
N TRP O 883 -25.97 -66.15 -71.15
CA TRP O 883 -26.85 -67.16 -70.54
C TRP O 883 -28.29 -66.66 -70.56
N ARG O 884 -28.49 -65.37 -70.29
CA ARG O 884 -29.85 -64.80 -70.30
C ARG O 884 -30.47 -65.02 -71.66
N TYR O 885 -29.86 -64.49 -72.71
CA TYR O 885 -30.49 -64.49 -74.03
C TYR O 885 -30.54 -65.90 -74.62
N THR O 886 -29.65 -66.79 -74.19
CA THR O 886 -29.62 -68.17 -74.70
C THR O 886 -30.63 -69.04 -73.96
N SER O 887 -30.48 -69.15 -72.64
CA SER O 887 -31.38 -69.91 -71.75
C SER O 887 -32.81 -69.45 -71.96
N ILE O 888 -33.02 -68.15 -71.88
CA ILE O 888 -34.35 -67.54 -72.06
C ILE O 888 -34.41 -66.96 -73.47
N PRO O 889 -35.44 -67.29 -74.27
CA PRO O 889 -35.49 -66.75 -75.63
C PRO O 889 -35.98 -65.30 -75.61
N THR O 890 -36.21 -64.75 -76.79
CA THR O 890 -36.93 -63.46 -76.90
C THR O 890 -38.39 -63.64 -76.49
N SER O 891 -38.99 -64.78 -76.81
CA SER O 891 -40.45 -64.96 -76.69
C SER O 891 -40.86 -65.22 -75.25
N VAL O 892 -40.52 -64.31 -74.34
CA VAL O 892 -40.93 -64.39 -72.92
C VAL O 892 -41.44 -63.04 -72.42
N GLU O 893 -41.65 -62.07 -73.30
CA GLU O 893 -42.18 -60.75 -72.90
C GLU O 893 -43.69 -60.87 -72.75
N GLU O 894 -44.14 -61.24 -71.55
CA GLU O 894 -45.55 -61.11 -71.16
C GLU O 894 -45.69 -59.84 -70.31
N SER O 895 -44.86 -58.84 -70.60
CA SER O 895 -44.76 -57.60 -69.84
C SER O 895 -45.77 -56.58 -70.36
N GLY O 896 -45.81 -56.37 -71.68
CA GLY O 896 -46.74 -55.44 -72.29
C GLY O 896 -46.28 -55.07 -73.68
N LYS O 897 -47.24 -54.63 -74.50
CA LYS O 897 -46.97 -54.28 -75.90
C LYS O 897 -46.02 -53.08 -76.01
N LYS O 898 -45.84 -52.31 -74.93
CA LYS O 898 -44.82 -51.26 -74.86
C LYS O 898 -43.44 -51.82 -74.49
N GLU O 899 -43.39 -52.96 -73.80
CA GLU O 899 -42.13 -53.56 -73.31
C GLU O 899 -41.52 -54.51 -74.36
N LYS O 900 -42.10 -54.59 -75.55
CA LYS O 900 -41.51 -55.46 -76.59
C LYS O 900 -40.20 -54.87 -77.08
N GLY O 901 -40.16 -53.54 -77.27
CA GLY O 901 -38.95 -52.79 -77.60
C GLY O 901 -38.09 -52.43 -76.39
N LYS O 902 -38.53 -52.76 -75.17
CA LYS O 902 -37.74 -52.63 -73.92
C LYS O 902 -37.45 -54.00 -73.30
N SER O 903 -37.69 -55.07 -74.06
CA SER O 903 -37.39 -56.44 -73.64
C SER O 903 -35.97 -56.54 -73.10
N ILE O 904 -35.82 -57.23 -71.99
CA ILE O 904 -34.49 -57.57 -71.44
C ILE O 904 -33.73 -58.43 -72.44
N SER O 905 -34.43 -59.27 -73.21
CA SER O 905 -33.84 -60.06 -74.30
C SER O 905 -33.25 -59.15 -75.39
N LEU O 906 -33.80 -57.96 -75.57
CA LEU O 906 -33.30 -56.97 -76.56
C LEU O 906 -32.17 -56.13 -75.99
N LEU O 907 -32.33 -55.67 -74.76
CA LEU O 907 -31.32 -54.78 -74.13
C LEU O 907 -30.01 -55.54 -73.93
N CYS O 908 -30.08 -56.82 -73.56
CA CYS O 908 -28.85 -57.63 -73.39
C CYS O 908 -28.16 -57.78 -74.74
N LEU O 909 -28.92 -57.95 -75.82
CA LEU O 909 -28.33 -58.02 -77.17
C LEU O 909 -27.60 -56.72 -77.49
N GLU O 910 -28.24 -55.59 -77.27
CA GLU O 910 -27.60 -54.29 -77.57
C GLU O 910 -26.34 -54.11 -76.73
N GLY O 911 -26.37 -54.53 -75.48
CA GLY O 911 -25.18 -54.47 -74.63
C GLY O 911 -24.07 -55.34 -75.20
N LEU O 912 -24.41 -56.56 -75.60
CA LEU O 912 -23.45 -57.50 -76.22
C LEU O 912 -22.80 -56.82 -77.43
N GLN O 913 -23.63 -56.18 -78.26
CA GLN O 913 -23.16 -55.48 -79.47
C GLN O 913 -22.11 -54.45 -79.10
N LYS O 914 -22.45 -53.59 -78.16
CA LYS O 914 -21.53 -52.52 -77.77
C LYS O 914 -20.26 -53.11 -77.19
N ILE O 915 -20.39 -54.19 -76.43
CA ILE O 915 -19.20 -54.79 -75.80
C ILE O 915 -18.26 -55.27 -76.90
N PHE O 916 -18.80 -55.94 -77.90
CA PHE O 916 -17.95 -56.50 -78.97
C PHE O 916 -17.30 -55.35 -79.74
N SER O 917 -18.05 -54.29 -80.00
CA SER O 917 -17.47 -53.11 -80.67
C SER O 917 -16.30 -52.57 -79.85
N ALA O 918 -16.52 -52.34 -78.57
CA ALA O 918 -15.53 -51.67 -77.71
C ALA O 918 -14.32 -52.54 -77.47
N VAL O 919 -14.53 -53.84 -77.34
CA VAL O 919 -13.42 -54.75 -77.05
C VAL O 919 -12.59 -54.97 -78.31
N GLN O 920 -13.24 -54.97 -79.48
CA GLN O 920 -12.49 -54.96 -80.76
C GLN O 920 -11.66 -53.69 -80.82
N GLN O 921 -12.23 -52.58 -80.38
CA GLN O 921 -11.55 -51.28 -80.43
C GLN O 921 -10.32 -51.30 -79.53
N PHE O 922 -10.48 -51.73 -78.29
CA PHE O 922 -9.43 -51.55 -77.29
C PHE O 922 -8.62 -52.81 -77.10
N TYR O 923 -9.29 -53.87 -76.71
CA TYR O 923 -8.60 -55.11 -76.27
C TYR O 923 -8.48 -56.09 -77.44
N GLN O 924 -8.23 -55.57 -78.64
CA GLN O 924 -7.85 -56.40 -79.80
C GLN O 924 -6.79 -57.44 -79.45
N PRO O 925 -5.71 -57.14 -78.70
CA PRO O 925 -4.73 -58.17 -78.37
C PRO O 925 -5.13 -59.19 -77.31
N LYS O 926 -6.41 -59.29 -76.95
CA LYS O 926 -6.85 -60.29 -75.96
C LYS O 926 -8.19 -60.91 -76.35
N ILE O 927 -8.58 -60.85 -77.62
CA ILE O 927 -9.91 -61.33 -78.01
C ILE O 927 -9.99 -62.83 -77.79
N GLN O 928 -8.89 -63.55 -77.99
CA GLN O 928 -8.90 -65.02 -77.82
C GLN O 928 -9.25 -65.35 -76.36
N GLN O 929 -8.44 -64.88 -75.41
CA GLN O 929 -8.68 -65.15 -73.99
C GLN O 929 -10.03 -64.60 -73.54
N PHE O 930 -10.46 -63.49 -74.13
CA PHE O 930 -11.82 -62.94 -73.89
C PHE O 930 -12.88 -64.01 -74.20
N LEU O 931 -12.79 -64.60 -75.39
CA LEU O 931 -13.75 -65.62 -75.82
C LEU O 931 -13.55 -66.93 -75.05
N ARG O 932 -12.35 -67.16 -74.52
CA ARG O 932 -12.04 -68.48 -73.91
C ARG O 932 -12.88 -68.72 -72.66
N ALA O 933 -13.30 -67.65 -71.98
CA ALA O 933 -14.25 -67.76 -70.86
C ALA O 933 -15.61 -68.27 -71.32
N LEU O 934 -15.93 -68.15 -72.62
CA LEU O 934 -17.24 -68.58 -73.18
C LEU O 934 -17.29 -70.10 -73.33
N VAL O 949 -7.03 -74.09 -79.93
CA VAL O 949 -8.15 -73.47 -80.68
C VAL O 949 -7.77 -72.01 -80.99
N SER O 950 -7.98 -71.59 -82.23
CA SER O 950 -7.79 -70.21 -82.68
C SER O 950 -9.06 -69.40 -82.42
N VAL O 951 -8.97 -68.09 -82.69
CA VAL O 951 -10.12 -67.19 -82.66
C VAL O 951 -11.16 -67.67 -83.68
N THR O 952 -10.71 -68.32 -84.75
CA THR O 952 -11.59 -68.71 -85.87
C THR O 952 -12.72 -69.61 -85.37
N GLN O 953 -12.40 -70.65 -84.60
CA GLN O 953 -13.43 -71.63 -84.18
C GLN O 953 -14.32 -71.02 -83.12
N ARG O 954 -13.76 -70.21 -82.24
CA ARG O 954 -14.54 -69.51 -81.20
C ARG O 954 -15.57 -68.62 -81.88
N THR O 955 -15.10 -67.77 -82.78
CA THR O 955 -15.97 -66.90 -83.59
C THR O 955 -17.02 -67.73 -84.32
N ALA O 956 -16.62 -68.88 -84.87
CA ALA O 956 -17.54 -69.74 -85.63
C ALA O 956 -18.69 -70.21 -84.75
N PHE O 957 -18.37 -70.68 -83.55
CA PHE O 957 -19.38 -71.21 -82.65
C PHE O 957 -20.33 -70.08 -82.22
N GLN O 958 -19.77 -68.94 -81.86
CA GLN O 958 -20.60 -67.78 -81.46
C GLN O 958 -21.47 -67.35 -82.64
N ILE O 959 -20.93 -67.47 -83.85
CA ILE O 959 -21.68 -67.05 -85.06
C ILE O 959 -22.83 -68.02 -85.29
N ARG O 960 -22.59 -69.31 -85.11
CA ARG O 960 -23.68 -70.31 -85.17
C ARG O 960 -24.79 -69.84 -84.25
N GLN O 961 -24.43 -69.54 -83.02
CA GLN O 961 -25.41 -69.16 -81.99
C GLN O 961 -26.20 -67.94 -82.44
N PHE O 962 -25.49 -66.89 -82.83
CA PHE O 962 -26.13 -65.59 -83.08
C PHE O 962 -26.94 -65.64 -84.37
N GLN O 963 -26.36 -66.19 -85.42
CA GLN O 963 -27.06 -66.24 -86.70
C GLN O 963 -28.25 -67.19 -86.61
N ARG O 964 -28.19 -68.19 -85.74
CA ARG O 964 -29.35 -69.07 -85.51
C ARG O 964 -30.41 -68.33 -84.71
N SER O 965 -30.00 -67.48 -83.78
CA SER O 965 -30.94 -66.61 -83.08
C SER O 965 -31.69 -65.75 -84.10
N LEU O 966 -30.95 -65.14 -85.02
CA LEU O 966 -31.59 -64.35 -86.09
C LEU O 966 -32.40 -65.26 -87.00
N LEU O 967 -31.95 -66.50 -87.18
CA LEU O 967 -32.67 -67.44 -88.05
C LEU O 967 -34.05 -67.74 -87.49
N ASN O 968 -34.14 -67.97 -86.19
CA ASN O 968 -35.45 -68.25 -85.57
C ASN O 968 -36.26 -66.95 -85.42
N LEU O 969 -35.60 -65.80 -85.29
CA LEU O 969 -36.30 -64.51 -85.44
C LEU O 969 -37.02 -64.47 -86.79
N LEU O 970 -36.34 -64.90 -87.85
CA LEU O 970 -36.90 -64.77 -89.20
C LEU O 970 -37.97 -65.82 -89.44
N SER O 971 -37.67 -67.08 -89.14
CA SER O 971 -38.65 -68.18 -89.31
C SER O 971 -39.79 -68.10 -88.30
N SER O 972 -39.73 -67.18 -87.33
CA SER O 972 -40.93 -66.75 -86.60
C SER O 972 -42.04 -66.36 -87.56
N GLN O 973 -41.68 -65.71 -88.68
CA GLN O 973 -42.62 -65.11 -89.64
C GLN O 973 -43.52 -64.13 -88.87
N GLU O 974 -42.88 -63.31 -88.05
CA GLU O 974 -43.54 -62.30 -87.19
C GLU O 974 -43.81 -61.05 -88.02
N GLU O 975 -45.08 -60.76 -88.30
CA GLU O 975 -45.48 -59.59 -89.12
C GLU O 975 -45.08 -58.28 -88.42
N ASP O 976 -45.01 -58.26 -87.08
CA ASP O 976 -44.51 -57.07 -86.36
C ASP O 976 -43.05 -56.81 -86.72
N PHE O 977 -42.27 -57.88 -86.93
CA PHE O 977 -40.91 -57.81 -87.50
C PHE O 977 -40.02 -56.89 -86.67
N ASN O 978 -39.54 -57.39 -85.54
CA ASN O 978 -38.71 -56.58 -84.64
C ASN O 978 -37.43 -56.19 -85.36
N SER O 979 -37.55 -55.18 -86.21
CA SER O 979 -36.42 -54.73 -87.04
C SER O 979 -35.31 -54.19 -86.17
N LYS O 980 -35.63 -53.68 -84.98
CA LYS O 980 -34.59 -53.28 -84.01
C LYS O 980 -33.72 -54.49 -83.67
N GLU O 981 -34.36 -55.61 -83.35
CA GLU O 981 -33.64 -56.84 -83.02
C GLU O 981 -32.85 -57.33 -84.23
N ALA O 982 -33.49 -57.36 -85.40
CA ALA O 982 -32.85 -57.84 -86.62
C ALA O 982 -31.63 -56.97 -86.94
N LEU O 983 -31.76 -55.66 -86.77
CA LEU O 983 -30.67 -54.73 -87.12
C LEU O 983 -29.53 -54.86 -86.12
N LEU O 984 -29.85 -55.03 -84.83
CA LEU O 984 -28.80 -55.30 -83.84
C LEU O 984 -28.08 -56.60 -84.20
N LEU O 985 -28.82 -57.59 -84.65
CA LEU O 985 -28.22 -58.90 -84.98
C LEU O 985 -27.26 -58.77 -86.15
N VAL O 986 -27.70 -58.15 -87.24
CA VAL O 986 -26.82 -58.00 -88.42
C VAL O 986 -25.66 -57.09 -88.07
N THR O 987 -25.90 -56.10 -87.24
CA THR O 987 -24.85 -55.16 -86.84
C THR O 987 -23.75 -55.90 -86.09
N VAL O 988 -24.13 -56.65 -85.07
CA VAL O 988 -23.14 -57.36 -84.24
C VAL O 988 -22.47 -58.45 -85.07
N LEU O 989 -23.22 -59.13 -85.92
CA LEU O 989 -22.64 -60.18 -86.77
C LEU O 989 -21.64 -59.58 -87.74
N THR O 990 -21.92 -58.37 -88.22
CA THR O 990 -20.95 -57.62 -89.03
C THR O 990 -19.72 -57.29 -88.20
N SER O 991 -19.93 -56.85 -86.96
CA SER O 991 -18.82 -56.53 -86.04
C SER O 991 -17.96 -57.77 -85.84
N LEU O 992 -18.56 -58.96 -85.86
CA LEU O 992 -17.86 -60.21 -85.54
C LEU O 992 -17.19 -60.83 -86.75
N SER O 993 -17.74 -60.65 -87.95
CA SER O 993 -17.16 -61.20 -89.19
C SER O 993 -15.72 -60.72 -89.40
N LYS O 994 -15.34 -59.58 -88.81
CA LYS O 994 -14.02 -58.95 -89.03
C LYS O 994 -12.88 -59.76 -88.42
N LEU O 995 -13.16 -60.68 -87.50
CA LEU O 995 -12.09 -61.43 -86.82
C LEU O 995 -11.76 -62.74 -87.54
N LEU O 996 -12.63 -63.20 -88.44
CA LEU O 996 -12.32 -64.36 -89.28
C LEU O 996 -11.40 -63.92 -90.41
N GLU O 997 -10.45 -64.77 -90.77
CA GLU O 997 -9.57 -64.48 -91.90
C GLU O 997 -10.40 -64.59 -93.17
N PRO O 998 -10.13 -63.80 -94.22
CA PRO O 998 -10.87 -63.96 -95.49
C PRO O 998 -10.51 -65.24 -96.26
N SER O 999 -9.59 -66.05 -95.74
CA SER O 999 -9.24 -67.38 -96.28
C SER O 999 -9.70 -68.49 -95.34
N SER O 1000 -10.23 -68.17 -94.16
CA SER O 1000 -10.66 -69.24 -93.23
C SER O 1000 -11.94 -69.89 -93.76
N PRO O 1001 -12.14 -71.20 -93.54
CA PRO O 1001 -13.29 -71.88 -94.12
C PRO O 1001 -14.63 -71.40 -93.56
N GLN O 1002 -14.62 -70.98 -92.30
CA GLN O 1002 -15.85 -70.49 -91.66
C GLN O 1002 -16.21 -69.12 -92.21
N PHE O 1003 -15.22 -68.33 -92.64
CA PHE O 1003 -15.48 -67.11 -93.42
C PHE O 1003 -16.30 -67.45 -94.65
N VAL O 1004 -15.89 -68.51 -95.32
CA VAL O 1004 -16.56 -68.93 -96.57
C VAL O 1004 -17.95 -69.45 -96.22
N GLN O 1005 -18.06 -70.21 -95.14
CA GLN O 1005 -19.37 -70.71 -94.68
C GLN O 1005 -20.29 -69.53 -94.38
N MET O 1006 -19.74 -68.49 -93.78
CA MET O 1006 -20.53 -67.30 -93.45
C MET O 1006 -20.99 -66.61 -94.73
N LEU O 1007 -20.10 -66.48 -95.72
CA LEU O 1007 -20.49 -65.90 -97.01
C LEU O 1007 -21.61 -66.73 -97.64
N SER O 1008 -21.50 -68.05 -97.56
CA SER O 1008 -22.52 -68.97 -98.09
C SER O 1008 -23.85 -68.70 -97.41
N TRP O 1009 -23.83 -68.66 -96.09
CA TRP O 1009 -25.04 -68.48 -95.30
C TRP O 1009 -25.67 -67.12 -95.60
N THR O 1010 -24.83 -66.11 -95.80
CA THR O 1010 -25.32 -64.75 -96.06
C THR O 1010 -26.01 -64.69 -97.41
N SER O 1011 -25.35 -65.20 -98.44
CA SER O 1011 -25.94 -65.28 -99.79
C SER O 1011 -27.24 -66.08 -99.72
N LYS O 1012 -27.22 -67.19 -98.99
CA LYS O 1012 -28.41 -68.04 -98.80
C LYS O 1012 -29.56 -67.21 -98.23
N ILE O 1013 -29.29 -66.47 -97.17
CA ILE O 1013 -30.30 -65.61 -96.51
C ILE O 1013 -30.82 -64.58 -97.49
N CYS O 1014 -29.92 -63.92 -98.20
CA CYS O 1014 -30.32 -62.91 -99.19
C CYS O 1014 -31.15 -63.54 -100.30
N LYS O 1015 -30.93 -64.83 -100.57
CA LYS O 1015 -31.65 -65.55 -101.65
C LYS O 1015 -33.04 -66.03 -101.21
N GLU O 1016 -33.23 -66.37 -99.93
CA GLU O 1016 -34.56 -66.83 -99.45
C GLU O 1016 -35.38 -65.67 -98.89
N ASN O 1017 -34.87 -64.98 -97.87
CA ASN O 1017 -35.65 -64.01 -97.10
C ASN O 1017 -35.77 -62.73 -97.92
N SER O 1018 -36.94 -62.10 -97.92
CA SER O 1018 -37.15 -60.76 -98.49
C SER O 1018 -37.23 -59.73 -97.37
N ARG O 1019 -38.22 -59.86 -96.47
CA ARG O 1019 -38.33 -59.09 -95.20
C ARG O 1019 -38.36 -57.58 -95.45
N GLU O 1020 -39.52 -57.06 -95.86
CA GLU O 1020 -39.67 -55.68 -96.37
C GLU O 1020 -39.40 -54.68 -95.23
N ASP O 1021 -38.12 -54.39 -95.01
CA ASP O 1021 -37.71 -53.22 -94.24
C ASP O 1021 -36.35 -52.79 -94.79
N ALA O 1022 -36.31 -51.63 -95.44
CA ALA O 1022 -35.17 -51.22 -96.27
C ALA O 1022 -33.89 -51.15 -95.45
N LEU O 1023 -33.97 -50.78 -94.17
CA LEU O 1023 -32.76 -50.62 -93.35
C LEU O 1023 -32.13 -51.97 -93.03
N PHE O 1024 -32.95 -52.96 -92.69
CA PHE O 1024 -32.48 -54.34 -92.49
C PHE O 1024 -31.78 -54.84 -93.75
N CYS O 1025 -32.44 -54.67 -94.90
CA CYS O 1025 -31.88 -55.04 -96.22
C CYS O 1025 -30.54 -54.33 -96.43
N LYS O 1026 -30.49 -53.05 -96.07
CA LYS O 1026 -29.29 -52.20 -96.30
C LYS O 1026 -28.11 -52.74 -95.51
N SER O 1027 -28.27 -52.89 -94.20
CA SER O 1027 -27.18 -53.38 -93.34
C SER O 1027 -26.78 -54.80 -93.76
N LEU O 1028 -27.74 -55.61 -94.18
CA LEU O 1028 -27.43 -57.00 -94.58
C LEU O 1028 -26.65 -57.01 -95.89
N MET O 1029 -27.00 -56.13 -96.83
CA MET O 1029 -26.25 -56.03 -98.10
C MET O 1029 -24.85 -55.48 -97.82
N ASN O 1030 -24.73 -54.52 -96.89
CA ASN O 1030 -23.41 -53.97 -96.50
C ASN O 1030 -22.54 -55.09 -95.93
N LEU O 1031 -23.10 -55.93 -95.08
CA LEU O 1031 -22.35 -57.06 -94.51
C LEU O 1031 -21.96 -58.04 -95.61
N LEU O 1032 -22.91 -58.39 -96.49
CA LEU O 1032 -22.63 -59.36 -97.56
C LEU O 1032 -21.55 -58.82 -98.49
N PHE O 1033 -21.53 -57.51 -98.69
CA PHE O 1033 -20.45 -56.89 -99.48
C PHE O 1033 -19.12 -56.96 -98.71
N SER O 1034 -19.15 -56.66 -97.41
CA SER O 1034 -17.94 -56.76 -96.57
C SER O 1034 -17.34 -58.16 -96.65
N LEU O 1035 -18.19 -59.17 -96.81
CA LEU O 1035 -17.72 -60.55 -97.02
C LEU O 1035 -17.23 -60.74 -98.45
N HIS O 1036 -18.12 -60.54 -99.42
CA HIS O 1036 -17.88 -60.91 -100.83
C HIS O 1036 -16.67 -60.15 -101.38
N VAL O 1037 -16.53 -58.89 -100.99
CA VAL O 1037 -15.38 -58.06 -101.41
C VAL O 1037 -14.10 -58.69 -100.88
N SER O 1038 -14.08 -59.03 -99.60
CA SER O 1038 -12.87 -59.58 -98.97
C SER O 1038 -12.55 -60.99 -99.47
N TYR O 1039 -13.48 -61.67 -100.13
CA TYR O 1039 -13.28 -63.03 -100.66
C TYR O 1039 -12.93 -63.02 -102.14
N LYS O 1040 -13.41 -62.04 -102.88
CA LYS O 1040 -13.13 -61.90 -104.33
C LYS O 1040 -13.66 -60.57 -104.81
N SER O 1041 -13.64 -60.34 -106.11
CA SER O 1041 -14.30 -59.17 -106.70
C SER O 1041 -15.81 -59.37 -106.60
N PRO O 1042 -16.60 -58.29 -106.37
CA PRO O 1042 -18.04 -58.45 -106.14
C PRO O 1042 -18.87 -58.35 -107.41
N VAL O 1043 -18.24 -58.10 -108.54
CA VAL O 1043 -18.89 -57.68 -109.79
C VAL O 1043 -19.99 -58.68 -110.19
N ILE O 1044 -19.81 -59.96 -109.88
CA ILE O 1044 -20.86 -60.97 -110.11
C ILE O 1044 -22.11 -60.57 -109.33
N LEU O 1045 -21.91 -60.33 -108.03
CA LEU O 1045 -23.02 -59.95 -107.13
C LEU O 1045 -23.61 -58.62 -107.60
N LEU O 1046 -22.77 -57.66 -107.99
CA LEU O 1046 -23.22 -56.35 -108.51
C LEU O 1046 -24.15 -56.58 -109.69
N ARG O 1047 -23.74 -57.43 -110.63
CA ARG O 1047 -24.50 -57.68 -111.86
C ARG O 1047 -25.85 -58.33 -111.52
N ASP O 1048 -25.84 -59.29 -110.59
CA ASP O 1048 -27.09 -59.93 -110.15
C ASP O 1048 -28.02 -58.89 -109.53
N LEU O 1049 -27.47 -57.95 -108.74
CA LEU O 1049 -28.30 -56.89 -108.12
C LEU O 1049 -28.92 -56.01 -109.20
N SER O 1050 -28.12 -55.59 -110.19
CA SER O 1050 -28.64 -54.75 -111.28
C SER O 1050 -29.73 -55.51 -112.06
N GLN O 1051 -29.58 -56.83 -112.19
CA GLN O 1051 -30.58 -57.65 -112.90
C GLN O 1051 -31.90 -57.67 -112.12
N ASP O 1052 -31.85 -57.97 -110.82
CA ASP O 1052 -33.07 -57.91 -109.98
C ASP O 1052 -33.69 -56.53 -110.06
N ILE O 1053 -32.87 -55.47 -110.02
CA ILE O 1053 -33.39 -54.09 -109.99
C ILE O 1053 -34.12 -53.80 -111.30
N HIS O 1054 -33.50 -54.16 -112.43
CA HIS O 1054 -34.14 -54.01 -113.75
C HIS O 1054 -35.46 -54.77 -113.77
N GLY O 1055 -35.46 -55.98 -113.22
CA GLY O 1055 -36.66 -56.79 -113.15
C GLY O 1055 -37.79 -56.10 -112.39
N HIS O 1056 -37.53 -55.75 -111.15
CA HIS O 1056 -38.57 -55.19 -110.26
C HIS O 1056 -39.06 -53.84 -110.78
N LEU O 1057 -38.12 -52.96 -111.13
CA LEU O 1057 -38.49 -51.58 -111.54
C LEU O 1057 -39.22 -51.60 -112.88
N GLY O 1058 -38.76 -52.43 -113.81
CA GLY O 1058 -39.14 -52.32 -115.22
C GLY O 1058 -38.12 -51.49 -115.97
N ASP O 1059 -38.60 -50.75 -116.97
CA ASP O 1059 -37.72 -50.08 -117.94
C ASP O 1059 -38.19 -48.65 -118.17
N ILE O 1060 -37.32 -47.85 -118.78
CA ILE O 1060 -37.62 -46.44 -119.13
C ILE O 1060 -38.63 -46.39 -120.28
N ASP O 1061 -38.60 -47.39 -121.19
CA ASP O 1061 -39.52 -47.44 -122.34
C ASP O 1061 -40.86 -48.11 -122.00
N GLN O 1062 -41.01 -48.66 -120.78
CA GLN O 1062 -42.25 -49.27 -120.22
C GLN O 1062 -42.91 -50.27 -121.19
N ASP O 1063 -42.10 -50.94 -122.02
CA ASP O 1063 -42.54 -52.09 -122.84
C ASP O 1063 -41.42 -53.14 -122.89
N VAL O 1064 -40.56 -53.19 -121.85
CA VAL O 1064 -39.49 -54.20 -121.69
C VAL O 1064 -39.84 -54.95 -120.40
N GLU O 1065 -40.57 -56.05 -120.54
CA GLU O 1065 -41.09 -56.83 -119.41
C GLU O 1065 -39.96 -57.73 -118.91
N VAL O 1066 -39.43 -57.39 -117.74
CA VAL O 1066 -38.28 -58.08 -117.12
C VAL O 1066 -38.63 -58.35 -115.66
N GLU O 1067 -38.33 -59.54 -115.17
CA GLU O 1067 -38.37 -59.88 -113.74
C GLU O 1067 -37.29 -60.93 -113.47
N LYS O 1068 -36.08 -60.47 -113.20
CA LYS O 1068 -34.95 -61.33 -112.79
C LYS O 1068 -34.84 -61.32 -111.26
N THR O 1069 -35.93 -61.70 -110.61
CA THR O 1069 -36.05 -61.63 -109.14
C THR O 1069 -35.39 -62.84 -108.49
N ASN O 1070 -35.27 -63.95 -109.23
CA ASN O 1070 -34.73 -65.24 -108.73
C ASN O 1070 -33.32 -65.08 -108.16
N HIS O 1071 -32.54 -64.11 -108.66
CA HIS O 1071 -31.14 -63.89 -108.25
C HIS O 1071 -31.03 -63.70 -106.74
N PHE O 1072 -31.89 -62.85 -106.15
CA PHE O 1072 -31.89 -62.56 -104.70
C PHE O 1072 -33.29 -62.21 -104.23
N ALA O 1073 -33.65 -62.67 -103.02
CA ALA O 1073 -34.97 -62.43 -102.43
C ALA O 1073 -35.08 -61.02 -101.86
N ILE O 1074 -33.98 -60.46 -101.32
CA ILE O 1074 -34.02 -59.13 -100.67
C ILE O 1074 -33.92 -58.07 -101.76
N VAL O 1075 -35.03 -57.86 -102.45
CA VAL O 1075 -35.17 -56.81 -103.49
C VAL O 1075 -36.63 -56.41 -103.45
N ASN O 1076 -36.92 -55.14 -103.15
CA ASN O 1076 -38.30 -54.65 -102.94
C ASN O 1076 -38.49 -53.30 -103.64
N LEU O 1077 -39.70 -53.08 -104.14
CA LEU O 1077 -40.04 -51.85 -104.89
C LEU O 1077 -39.91 -50.62 -103.99
N ARG O 1078 -40.11 -50.81 -102.68
CA ARG O 1078 -39.86 -49.78 -101.67
C ARG O 1078 -38.38 -49.64 -101.31
N THR O 1079 -37.62 -50.74 -101.28
CA THR O 1079 -36.20 -50.77 -100.86
C THR O 1079 -35.26 -50.66 -102.06
N ALA O 1080 -35.40 -51.58 -103.01
CA ALA O 1080 -34.50 -51.69 -104.17
C ALA O 1080 -34.49 -50.42 -105.02
N ALA O 1081 -35.62 -49.73 -105.16
CA ALA O 1081 -35.71 -48.55 -106.03
C ALA O 1081 -34.92 -47.39 -105.41
N PRO O 1082 -35.25 -46.91 -104.19
CA PRO O 1082 -34.49 -45.79 -103.63
C PRO O 1082 -33.10 -46.15 -103.11
N THR O 1083 -32.96 -47.28 -102.43
CA THR O 1083 -31.80 -47.53 -101.56
C THR O 1083 -30.70 -48.31 -102.27
N VAL O 1084 -30.98 -49.55 -102.67
CA VAL O 1084 -29.91 -50.55 -102.91
C VAL O 1084 -29.13 -50.19 -104.17
N CYS O 1085 -29.78 -49.53 -105.13
CA CYS O 1085 -29.09 -48.96 -106.30
C CYS O 1085 -27.95 -48.05 -105.85
N LEU O 1086 -28.17 -47.26 -104.79
CA LEU O 1086 -27.17 -46.28 -104.34
C LEU O 1086 -25.97 -47.01 -103.74
N LEU O 1087 -26.21 -48.06 -102.94
CA LEU O 1087 -25.13 -48.84 -102.33
C LEU O 1087 -24.28 -49.49 -103.42
N VAL O 1088 -24.93 -50.21 -104.33
CA VAL O 1088 -24.20 -50.93 -105.40
C VAL O 1088 -23.48 -49.92 -106.30
N LEU O 1089 -24.05 -48.73 -106.47
CA LEU O 1089 -23.36 -47.64 -107.19
C LEU O 1089 -22.07 -47.25 -106.47
N SER O 1090 -22.13 -47.07 -105.14
CA SER O 1090 -20.93 -46.74 -104.35
C SER O 1090 -19.89 -47.86 -104.47
N GLN O 1091 -20.35 -49.11 -104.51
CA GLN O 1091 -19.44 -50.27 -104.68
C GLN O 1091 -18.72 -50.19 -106.04
N ALA O 1092 -19.49 -50.02 -107.12
CA ALA O 1092 -18.91 -49.86 -108.46
C ALA O 1092 -17.97 -48.66 -108.49
N GLU O 1093 -18.31 -47.60 -107.75
CA GLU O 1093 -17.47 -46.39 -107.65
C GLU O 1093 -16.12 -46.74 -107.06
N LYS O 1094 -16.12 -47.51 -105.97
CA LYS O 1094 -14.84 -47.92 -105.33
C LYS O 1094 -14.02 -48.77 -106.29
N VAL O 1095 -14.67 -49.68 -107.03
CA VAL O 1095 -13.93 -50.53 -107.99
C VAL O 1095 -13.34 -49.65 -109.10
N LEU O 1096 -14.09 -48.65 -109.54
CA LEU O 1096 -13.59 -47.70 -110.55
C LEU O 1096 -12.36 -46.94 -110.03
N GLU O 1097 -12.37 -46.57 -108.75
CA GLU O 1097 -11.20 -45.89 -108.13
C GLU O 1097 -9.99 -46.84 -108.14
N GLU O 1098 -10.20 -48.09 -107.76
CA GLU O 1098 -9.12 -49.10 -107.74
C GLU O 1098 -8.49 -49.22 -109.14
N VAL O 1099 -9.32 -49.43 -110.16
CA VAL O 1099 -8.79 -49.63 -111.52
C VAL O 1099 -8.17 -48.34 -112.04
N ASP O 1100 -8.67 -47.18 -111.61
CA ASP O 1100 -8.03 -45.90 -111.95
C ASP O 1100 -6.60 -45.88 -111.41
N TRP O 1101 -6.43 -46.25 -110.13
CA TRP O 1101 -5.08 -46.33 -109.52
C TRP O 1101 -4.22 -47.33 -110.29
N LEU O 1102 -4.82 -48.43 -110.75
CA LEU O 1102 -4.08 -49.42 -111.55
C LEU O 1102 -3.58 -48.82 -112.85
N ILE O 1103 -4.45 -48.10 -113.55
CA ILE O 1103 -4.08 -47.41 -114.79
C ILE O 1103 -2.93 -46.45 -114.50
N THR O 1104 -3.00 -45.75 -113.37
CA THR O 1104 -1.96 -44.77 -113.00
C THR O 1104 -0.63 -45.48 -112.82
N LYS O 1105 -0.60 -46.59 -112.08
CA LYS O 1105 0.66 -47.28 -111.81
C LYS O 1105 1.23 -47.89 -113.08
N LEU O 1106 0.39 -48.44 -113.95
CA LEU O 1106 0.88 -49.01 -115.22
C LEU O 1106 1.38 -47.92 -116.15
N LYS O 1107 0.74 -46.75 -116.15
CA LYS O 1107 1.25 -45.59 -116.90
C LYS O 1107 2.66 -45.22 -116.42
N GLY O 1108 2.82 -45.02 -115.10
CA GLY O 1108 4.10 -44.64 -114.51
C GLY O 1108 5.17 -45.70 -114.70
N GLN O 1109 4.78 -46.96 -114.87
CA GLN O 1109 5.73 -48.06 -115.08
C GLN O 1109 6.57 -47.79 -116.33
N VAL O 1110 5.94 -47.55 -117.48
CA VAL O 1110 6.63 -47.37 -118.77
C VAL O 1110 6.81 -45.87 -119.04
N PRO O 1126 3.09 -58.68 -114.76
CA PRO O 1126 3.43 -57.29 -114.44
C PRO O 1126 2.68 -56.26 -115.28
N ASN O 1127 2.49 -56.57 -116.57
CA ASN O 1127 1.83 -55.71 -117.57
C ASN O 1127 0.63 -56.41 -118.22
N GLN O 1128 0.84 -57.58 -118.83
CA GLN O 1128 -0.16 -58.26 -119.68
C GLN O 1128 -1.32 -58.85 -118.86
N PRO O 1129 -1.09 -59.75 -117.88
CA PRO O 1129 -2.21 -60.29 -117.08
C PRO O 1129 -2.90 -59.25 -116.22
N VAL O 1130 -2.21 -58.15 -115.93
CA VAL O 1130 -2.77 -57.02 -115.16
C VAL O 1130 -3.83 -56.35 -116.02
N GLU O 1131 -3.48 -55.95 -117.26
CA GLU O 1131 -4.44 -55.31 -118.19
C GLU O 1131 -5.58 -56.27 -118.52
N LYS O 1132 -5.30 -57.57 -118.58
CA LYS O 1132 -6.33 -58.56 -118.94
C LYS O 1132 -7.34 -58.69 -117.80
N ALA O 1133 -6.86 -58.75 -116.55
CA ALA O 1133 -7.76 -58.75 -115.38
C ALA O 1133 -8.55 -57.45 -115.32
N ILE O 1134 -7.90 -56.32 -115.62
CA ILE O 1134 -8.57 -55.00 -115.57
C ILE O 1134 -9.73 -54.97 -116.57
N ILE O 1135 -9.49 -55.40 -117.81
CA ILE O 1135 -10.51 -55.35 -118.88
C ILE O 1135 -11.61 -56.39 -118.63
N MET O 1136 -11.30 -57.50 -117.95
CA MET O 1136 -12.34 -58.47 -117.53
C MET O 1136 -13.29 -57.80 -116.53
N GLN O 1137 -12.71 -57.14 -115.51
CA GLN O 1137 -13.47 -56.35 -114.52
C GLN O 1137 -14.34 -55.31 -115.26
N LEU O 1138 -13.75 -54.60 -116.22
CA LEU O 1138 -14.44 -53.49 -116.90
C LEU O 1138 -15.57 -53.99 -117.80
N GLY O 1139 -15.39 -55.14 -118.45
CA GLY O 1139 -16.46 -55.75 -119.24
C GLY O 1139 -17.63 -56.15 -118.35
N THR O 1140 -17.33 -56.73 -117.19
CA THR O 1140 -18.38 -57.09 -116.23
C THR O 1140 -19.08 -55.83 -115.71
N LEU O 1141 -18.32 -54.77 -115.39
CA LEU O 1141 -18.92 -53.50 -114.92
C LEU O 1141 -19.78 -52.89 -116.03
N LEU O 1142 -19.39 -53.07 -117.29
CA LEU O 1142 -20.22 -52.56 -118.39
C LEU O 1142 -21.54 -53.33 -118.45
N THR O 1143 -21.50 -54.64 -118.24
CA THR O 1143 -22.74 -55.45 -118.21
C THR O 1143 -23.63 -54.98 -117.07
N PHE O 1144 -23.02 -54.69 -115.93
CA PHE O 1144 -23.71 -54.12 -114.76
C PHE O 1144 -24.34 -52.77 -115.12
N PHE O 1145 -23.58 -51.90 -115.78
CA PHE O 1145 -24.07 -50.58 -116.20
C PHE O 1145 -25.27 -50.72 -117.14
N HIS O 1146 -25.19 -51.67 -118.07
CA HIS O 1146 -26.30 -51.89 -119.05
C HIS O 1146 -27.54 -52.39 -118.33
N GLU O 1147 -27.37 -53.31 -117.38
CA GLU O 1147 -28.49 -53.77 -116.54
C GLU O 1147 -29.11 -52.61 -115.77
N LEU O 1148 -28.29 -51.64 -115.34
CA LEU O 1148 -28.75 -50.51 -114.49
C LEU O 1148 -29.44 -49.41 -115.28
N VAL O 1149 -28.95 -49.08 -116.46
CA VAL O 1149 -29.35 -47.82 -117.12
C VAL O 1149 -30.73 -47.94 -117.74
N GLN O 1150 -31.10 -49.13 -118.24
CA GLN O 1150 -32.43 -49.34 -118.84
C GLN O 1150 -33.54 -49.16 -117.80
N THR O 1151 -33.23 -49.19 -116.51
CA THR O 1151 -34.22 -49.10 -115.42
C THR O 1151 -34.83 -47.70 -115.35
N ALA O 1152 -36.10 -47.64 -114.95
CA ALA O 1152 -36.85 -46.40 -114.73
C ALA O 1152 -36.73 -46.05 -113.25
N LEU O 1153 -35.64 -45.38 -112.89
CA LEU O 1153 -35.32 -45.04 -111.50
C LEU O 1153 -36.21 -43.88 -111.04
N PRO O 1154 -36.32 -43.67 -109.73
CA PRO O 1154 -36.94 -42.43 -109.24
C PRO O 1154 -36.05 -41.22 -109.56
N SER O 1155 -36.70 -40.06 -109.70
CA SER O 1155 -36.03 -38.81 -110.13
C SER O 1155 -35.42 -38.04 -108.97
N GLY O 1156 -35.08 -38.71 -107.86
CA GLY O 1156 -34.36 -38.09 -106.76
C GLY O 1156 -32.88 -38.10 -107.02
N SER O 1157 -32.11 -38.62 -106.06
CA SER O 1157 -30.65 -38.72 -106.20
C SER O 1157 -30.24 -39.99 -106.95
N CYS O 1158 -31.15 -40.96 -107.12
CA CYS O 1158 -30.81 -42.21 -107.82
C CYS O 1158 -30.37 -41.91 -109.26
N VAL O 1159 -31.14 -41.09 -109.97
CA VAL O 1159 -30.88 -40.81 -111.40
C VAL O 1159 -29.56 -40.06 -111.55
N ASP O 1160 -29.31 -39.03 -110.74
CA ASP O 1160 -28.10 -38.21 -110.90
C ASP O 1160 -26.87 -39.00 -110.42
N THR O 1161 -27.03 -39.90 -109.46
CA THR O 1161 -25.94 -40.81 -109.06
C THR O 1161 -25.60 -41.77 -110.21
N LEU O 1162 -26.62 -42.33 -110.87
CA LEU O 1162 -26.38 -43.20 -112.05
C LEU O 1162 -25.65 -42.40 -113.13
N LEU O 1163 -26.06 -41.15 -113.36
CA LEU O 1163 -25.44 -40.32 -114.42
C LEU O 1163 -23.99 -40.01 -114.06
N LYS O 1164 -23.71 -39.70 -112.80
CA LYS O 1164 -22.31 -39.45 -112.37
C LYS O 1164 -21.48 -40.72 -112.49
N ASP O 1165 -22.08 -41.88 -112.21
CA ASP O 1165 -21.35 -43.16 -112.29
C ASP O 1165 -21.05 -43.49 -113.76
N LEU O 1166 -21.97 -43.19 -114.67
CA LEU O 1166 -21.71 -43.38 -116.11
C LEU O 1166 -20.64 -42.40 -116.58
N CYS O 1167 -20.62 -41.19 -116.04
CA CYS O 1167 -19.53 -40.23 -116.30
C CYS O 1167 -18.20 -40.84 -115.86
N LYS O 1168 -18.20 -41.46 -114.69
CA LYS O 1168 -16.98 -42.14 -114.21
C LYS O 1168 -16.59 -43.28 -115.16
N MET O 1169 -17.58 -44.02 -115.68
CA MET O 1169 -17.30 -45.12 -116.62
C MET O 1169 -16.61 -44.58 -117.86
N TYR O 1170 -17.16 -43.51 -118.43
CA TYR O 1170 -16.56 -42.88 -119.61
C TYR O 1170 -15.17 -42.32 -119.28
N THR O 1171 -14.98 -41.84 -118.05
CA THR O 1171 -13.66 -41.30 -117.63
C THR O 1171 -12.63 -42.43 -117.57
N THR O 1172 -13.02 -43.57 -117.01
CA THR O 1172 -12.13 -44.76 -116.98
C THR O 1172 -11.80 -45.21 -118.40
N LEU O 1173 -12.79 -45.19 -119.28
CA LEU O 1173 -12.56 -45.57 -120.68
C LEU O 1173 -11.59 -44.58 -121.34
N THR O 1174 -11.72 -43.29 -121.00
CA THR O 1174 -10.82 -42.26 -121.55
C THR O 1174 -9.39 -42.51 -121.08
N ALA O 1175 -9.21 -42.77 -119.78
CA ALA O 1175 -7.88 -43.06 -119.24
C ALA O 1175 -7.33 -44.34 -119.87
N LEU O 1176 -8.20 -45.31 -120.15
CA LEU O 1176 -7.78 -46.59 -120.75
C LEU O 1176 -7.21 -46.35 -122.15
N VAL O 1177 -7.99 -45.68 -122.99
CA VAL O 1177 -7.52 -45.34 -124.35
C VAL O 1177 -6.30 -44.41 -124.27
N ARG O 1178 -6.18 -43.62 -123.20
CA ARG O 1178 -4.99 -42.76 -123.01
C ARG O 1178 -3.74 -43.62 -122.81
N TYR O 1179 -3.81 -44.59 -121.90
CA TYR O 1179 -2.65 -45.49 -121.67
C TYR O 1179 -2.37 -46.30 -122.94
N TYR O 1180 -3.41 -46.64 -123.70
CA TYR O 1180 -3.20 -47.36 -124.98
C TYR O 1180 -2.49 -46.44 -125.99
N LEU O 1181 -2.84 -45.16 -125.99
CA LEU O 1181 -2.12 -44.18 -126.82
C LEU O 1181 -0.67 -44.04 -126.34
N GLN O 1182 -0.43 -44.24 -125.04
CA GLN O 1182 0.94 -44.19 -124.50
C GLN O 1182 1.75 -45.40 -124.97
N VAL O 1183 1.14 -46.58 -125.00
CA VAL O 1183 1.88 -47.85 -125.23
C VAL O 1183 1.98 -48.21 -126.71
N CYS O 1184 1.03 -47.77 -127.55
CA CYS O 1184 0.91 -48.29 -128.93
C CYS O 1184 2.11 -47.92 -129.82
N GLN O 1185 3.07 -47.13 -129.35
CA GLN O 1185 4.31 -46.85 -130.10
C GLN O 1185 5.36 -47.93 -129.84
N SER O 1186 5.54 -48.34 -128.58
CA SER O 1186 6.59 -49.31 -128.20
C SER O 1186 6.29 -50.69 -128.79
N SER O 1187 5.17 -51.30 -128.38
CA SER O 1187 4.79 -52.65 -128.83
C SER O 1187 4.14 -52.59 -130.22
N GLY O 1188 3.12 -51.75 -130.38
CA GLY O 1188 2.37 -51.62 -131.64
C GLY O 1188 1.17 -52.53 -131.68
N GLY O 1189 0.02 -51.99 -132.08
CA GLY O 1189 -1.23 -52.74 -132.18
C GLY O 1189 -2.12 -52.53 -130.97
N ILE O 1190 -3.17 -53.34 -130.90
CA ILE O 1190 -4.22 -53.26 -129.85
C ILE O 1190 -4.52 -54.68 -129.40
N PRO O 1191 -4.81 -54.96 -128.10
CA PRO O 1191 -5.31 -56.28 -127.73
C PRO O 1191 -6.73 -56.49 -128.23
N LYS O 1192 -7.00 -57.66 -128.79
CA LYS O 1192 -8.34 -58.01 -129.30
C LYS O 1192 -9.38 -57.87 -128.19
N ASN O 1193 -9.00 -58.13 -126.94
CA ASN O 1193 -9.90 -57.95 -125.80
C ASN O 1193 -10.33 -56.50 -125.69
N MET O 1194 -9.37 -55.57 -125.81
CA MET O 1194 -9.68 -54.13 -125.82
C MET O 1194 -10.56 -53.80 -127.03
N GLU O 1195 -10.33 -54.46 -128.17
CA GLU O 1195 -11.17 -54.23 -129.36
C GLU O 1195 -12.62 -54.62 -129.07
N LYS O 1196 -12.84 -55.80 -128.52
CA LYS O 1196 -14.20 -56.22 -128.11
C LYS O 1196 -14.76 -55.25 -127.08
N LEU O 1197 -13.90 -54.76 -126.18
CA LEU O 1197 -14.35 -53.87 -125.10
C LEU O 1197 -14.91 -52.56 -125.68
N VAL O 1198 -14.09 -51.86 -126.48
CA VAL O 1198 -14.55 -50.62 -127.12
C VAL O 1198 -15.71 -50.92 -128.08
N LYS O 1199 -15.75 -52.11 -128.68
CA LYS O 1199 -16.89 -52.50 -129.52
C LYS O 1199 -18.18 -52.47 -128.71
N LEU O 1200 -18.20 -53.21 -127.61
CA LEU O 1200 -19.40 -53.27 -126.77
C LEU O 1200 -19.75 -51.88 -126.25
N SER O 1201 -18.74 -51.08 -125.94
CA SER O 1201 -18.97 -49.69 -125.52
C SER O 1201 -19.73 -48.92 -126.59
N GLY O 1202 -19.19 -48.88 -127.79
CA GLY O 1202 -19.85 -48.12 -128.86
C GLY O 1202 -21.21 -48.69 -129.22
N SER O 1203 -21.39 -50.00 -129.01
CA SER O 1203 -22.60 -50.67 -129.48
C SER O 1203 -23.76 -50.53 -128.50
N HIS O 1204 -23.56 -50.99 -127.26
CA HIS O 1204 -24.66 -51.13 -126.29
C HIS O 1204 -24.81 -49.89 -125.42
N LEU O 1205 -23.70 -49.26 -125.07
CA LEU O 1205 -23.70 -48.25 -124.00
C LEU O 1205 -24.12 -46.89 -124.55
N THR O 1206 -23.37 -46.36 -125.50
CA THR O 1206 -23.56 -44.97 -125.93
C THR O 1206 -24.96 -44.70 -126.50
N PRO O 1207 -25.59 -45.56 -127.32
CA PRO O 1207 -26.93 -45.21 -127.79
C PRO O 1207 -27.94 -45.25 -126.66
N LEU O 1208 -27.89 -46.27 -125.82
CA LEU O 1208 -28.76 -46.33 -124.65
C LEU O 1208 -28.36 -45.29 -123.61
N CYS O 1209 -27.10 -44.87 -123.58
CA CYS O 1209 -26.71 -43.73 -122.74
C CYS O 1209 -27.47 -42.47 -123.15
N TYR O 1210 -27.41 -42.14 -124.43
CA TYR O 1210 -28.15 -40.98 -124.92
C TYR O 1210 -29.67 -41.18 -124.77
N SER O 1211 -30.16 -42.41 -124.88
CA SER O 1211 -31.59 -42.69 -124.64
C SER O 1211 -31.96 -42.35 -123.19
N PHE O 1212 -31.11 -42.71 -122.24
CA PHE O 1212 -31.36 -42.39 -120.81
C PHE O 1212 -31.23 -40.90 -120.56
N ILE O 1213 -30.27 -40.22 -121.22
CA ILE O 1213 -30.17 -38.74 -121.14
C ILE O 1213 -31.48 -38.13 -121.62
N SER O 1214 -32.00 -38.62 -122.76
CA SER O 1214 -33.27 -38.13 -123.33
C SER O 1214 -34.43 -38.41 -122.37
N TYR O 1215 -34.42 -39.56 -121.72
CA TYR O 1215 -35.52 -39.94 -120.81
C TYR O 1215 -35.50 -39.10 -119.53
N VAL O 1216 -34.33 -38.72 -119.02
CA VAL O 1216 -34.25 -37.84 -117.83
C VAL O 1216 -34.57 -36.40 -118.22
N GLN O 1217 -34.27 -36.01 -119.47
CA GLN O 1217 -34.42 -34.59 -119.89
C GLN O 1217 -35.84 -34.29 -120.40
N ASN O 1218 -36.52 -35.24 -121.03
CA ASN O 1218 -37.88 -35.01 -121.55
C ASN O 1218 -38.86 -34.77 -120.38
N LYS O 1219 -38.76 -35.60 -119.35
CA LYS O 1219 -39.59 -35.47 -118.14
C LYS O 1219 -39.19 -34.18 -117.42
N SER O 1220 -40.17 -33.37 -117.05
CA SER O 1220 -39.94 -32.11 -116.32
C SER O 1220 -41.26 -31.49 -115.84
N THR O 1247 -28.82 -30.64 -113.45
CA THR O 1247 -28.40 -29.53 -114.34
C THR O 1247 -26.90 -29.66 -114.66
N LYS O 1248 -26.09 -29.99 -113.65
CA LYS O 1248 -24.63 -30.13 -113.78
C LYS O 1248 -24.23 -31.46 -114.41
N PRO O 1249 -24.73 -32.63 -113.96
CA PRO O 1249 -24.16 -33.91 -114.42
C PRO O 1249 -24.32 -34.19 -115.91
N ILE O 1250 -25.49 -33.91 -116.51
CA ILE O 1250 -25.73 -34.26 -117.93
C ILE O 1250 -24.75 -33.50 -118.81
N PRO O 1251 -24.50 -32.19 -118.62
CA PRO O 1251 -23.36 -31.54 -119.26
C PRO O 1251 -22.03 -32.26 -119.05
N ASN O 1252 -21.75 -32.67 -117.81
CA ASN O 1252 -20.50 -33.40 -117.50
C ASN O 1252 -20.50 -34.74 -118.25
N LEU O 1253 -21.65 -35.41 -118.37
CA LEU O 1253 -21.69 -36.74 -119.03
C LEU O 1253 -21.47 -36.59 -120.54
N ILE O 1254 -22.13 -35.61 -121.16
CA ILE O 1254 -21.93 -35.40 -122.61
C ILE O 1254 -20.48 -34.95 -122.86
N PHE O 1255 -19.90 -34.16 -121.96
CA PHE O 1255 -18.48 -33.79 -122.05
C PHE O 1255 -17.61 -35.06 -121.97
N ALA O 1256 -17.95 -35.96 -121.05
CA ALA O 1256 -17.18 -37.21 -120.88
C ALA O 1256 -17.25 -38.06 -122.14
N ILE O 1257 -18.45 -38.24 -122.69
CA ILE O 1257 -18.62 -39.15 -123.84
C ILE O 1257 -18.00 -38.55 -125.10
N GLU O 1258 -18.09 -37.22 -125.27
CA GLU O 1258 -17.43 -36.60 -126.45
C GLU O 1258 -15.91 -36.60 -126.29
N GLN O 1259 -15.39 -36.45 -125.06
CA GLN O 1259 -13.93 -36.59 -124.84
C GLN O 1259 -13.50 -38.03 -125.12
N TYR O 1260 -14.31 -39.00 -124.71
CA TYR O 1260 -14.07 -40.43 -125.02
C TYR O 1260 -14.05 -40.63 -126.54
N GLU O 1261 -14.97 -40.00 -127.26
CA GLU O 1261 -15.01 -40.08 -128.73
C GLU O 1261 -13.75 -39.44 -129.33
N LYS O 1262 -13.32 -38.30 -128.79
CA LYS O 1262 -12.11 -37.60 -129.28
C LYS O 1262 -10.88 -38.50 -129.10
N PHE O 1263 -10.67 -39.03 -127.90
CA PHE O 1263 -9.52 -39.91 -127.65
C PHE O 1263 -9.65 -41.21 -128.44
N LEU O 1264 -10.88 -41.63 -128.75
CA LEU O 1264 -11.07 -42.78 -129.67
C LEU O 1264 -10.64 -42.42 -131.09
N ILE O 1265 -10.91 -41.19 -131.53
CA ILE O 1265 -10.40 -40.71 -132.84
C ILE O 1265 -8.87 -40.82 -132.83
N HIS O 1266 -8.24 -40.28 -131.79
CA HIS O 1266 -6.76 -40.25 -131.70
C HIS O 1266 -6.21 -41.68 -131.66
N LEU O 1267 -6.88 -42.59 -130.95
CA LEU O 1267 -6.39 -43.97 -130.82
C LEU O 1267 -6.62 -44.73 -132.13
N SER O 1268 -7.75 -44.51 -132.80
CA SER O 1268 -7.97 -45.12 -134.12
C SER O 1268 -6.90 -44.66 -135.11
N LYS O 1269 -6.47 -43.40 -134.97
CA LYS O 1269 -5.38 -42.89 -135.83
C LYS O 1269 -4.07 -43.58 -135.48
N LYS O 1270 -3.70 -43.55 -134.20
CA LYS O 1270 -2.36 -43.96 -133.75
C LYS O 1270 -2.32 -45.43 -133.34
N SER O 1271 -3.31 -46.23 -133.73
CA SER O 1271 -3.36 -47.67 -133.43
C SER O 1271 -3.33 -48.53 -134.69
N LYS O 1272 -3.36 -47.92 -135.89
CA LYS O 1272 -3.34 -48.65 -137.16
C LYS O 1272 -4.60 -49.53 -137.26
N VAL O 1273 -5.72 -49.01 -136.79
CA VAL O 1273 -7.00 -49.73 -136.81
C VAL O 1273 -8.14 -48.71 -136.67
N SER O 1274 -9.16 -48.86 -137.50
CA SER O 1274 -10.35 -47.97 -137.46
C SER O 1274 -11.23 -48.41 -136.30
N LEU O 1275 -11.57 -47.46 -135.42
CA LEU O 1275 -12.38 -47.73 -134.21
C LEU O 1275 -13.73 -47.01 -134.27
N MET O 1276 -14.06 -46.35 -135.39
CA MET O 1276 -15.40 -45.75 -135.60
C MET O 1276 -16.27 -46.61 -136.51
N GLN O 1277 -15.71 -47.61 -137.19
CA GLN O 1277 -16.53 -48.59 -137.93
C GLN O 1277 -17.46 -49.34 -136.97
N HIS O 1278 -16.98 -49.65 -135.78
CA HIS O 1278 -17.84 -50.19 -134.70
C HIS O 1278 -18.87 -49.14 -134.29
N MET O 1279 -18.45 -47.86 -134.24
CA MET O 1279 -19.31 -46.76 -133.78
C MET O 1279 -20.32 -46.40 -134.87
N LYS O 1280 -21.44 -45.82 -134.45
CA LYS O 1280 -22.51 -45.38 -135.37
C LYS O 1280 -22.41 -43.86 -135.59
N ASP P 45 -5.45 -23.92 -9.24
CA ASP P 45 -5.95 -22.84 -8.34
C ASP P 45 -6.40 -21.61 -9.13
N SER P 46 -5.82 -21.36 -10.32
CA SER P 46 -6.18 -20.21 -11.15
C SER P 46 -7.59 -20.38 -11.69
N ILE P 47 -8.31 -19.26 -11.81
CA ILE P 47 -9.55 -19.20 -12.61
C ILE P 47 -9.37 -19.99 -13.89
N PHE P 48 -8.24 -19.80 -14.53
CA PHE P 48 -7.96 -20.35 -15.85
C PHE P 48 -7.96 -21.87 -15.75
N VAL P 49 -7.06 -22.42 -14.94
CA VAL P 49 -6.89 -23.89 -14.91
C VAL P 49 -8.17 -24.55 -14.41
N LYS P 50 -8.86 -23.92 -13.45
CA LYS P 50 -10.12 -24.47 -12.91
C LYS P 50 -11.15 -24.56 -14.03
N LEU P 51 -11.25 -23.50 -14.84
CA LEU P 51 -12.23 -23.45 -15.95
C LEU P 51 -11.93 -24.53 -16.98
N LEU P 52 -10.65 -24.75 -17.30
CA LEU P 52 -10.28 -25.81 -18.26
C LEU P 52 -10.58 -27.18 -17.67
N LYS P 53 -10.32 -27.35 -16.38
CA LYS P 53 -10.50 -28.65 -15.73
C LYS P 53 -11.98 -29.01 -15.68
N ILE P 54 -12.84 -28.06 -15.32
CA ILE P 54 -14.31 -28.29 -15.36
C ILE P 54 -14.75 -28.48 -16.81
N SER P 55 -14.11 -27.80 -17.77
CA SER P 55 -14.48 -27.92 -19.19
C SER P 55 -13.95 -29.21 -19.82
N GLY P 56 -13.12 -29.96 -19.08
CA GLY P 56 -12.88 -31.37 -19.41
C GLY P 56 -11.64 -31.57 -20.25
N ILE P 57 -10.51 -31.04 -19.78
CA ILE P 57 -9.18 -31.25 -20.41
C ILE P 57 -8.18 -31.54 -19.30
N ILE P 58 -7.31 -32.51 -19.56
CA ILE P 58 -6.22 -32.86 -18.63
C ILE P 58 -5.07 -31.88 -18.87
N LEU P 59 -4.82 -31.02 -17.89
CA LEU P 59 -3.68 -30.10 -17.93
C LEU P 59 -2.43 -30.89 -17.61
N LYS P 60 -1.95 -31.62 -18.60
CA LYS P 60 -0.65 -32.27 -18.51
C LYS P 60 0.41 -31.19 -18.22
N THR P 61 1.41 -31.56 -17.42
CA THR P 61 2.40 -30.62 -16.87
C THR P 61 3.20 -29.97 -18.01
N GLY P 62 3.38 -30.71 -19.11
CA GLY P 62 4.05 -30.24 -20.32
C GLY P 62 5.24 -31.08 -20.76
N GLU P 63 5.22 -32.38 -20.48
CA GLU P 63 6.26 -33.35 -20.92
C GLU P 63 5.66 -34.23 -22.02
N SER P 64 4.42 -34.68 -21.80
CA SER P 64 3.61 -35.40 -22.78
C SER P 64 2.45 -34.51 -23.22
N GLN P 65 1.71 -34.97 -24.21
CA GLN P 65 0.53 -34.25 -24.70
C GLN P 65 -0.55 -34.20 -23.61
N ASN P 66 -1.22 -33.06 -23.51
CA ASN P 66 -2.43 -32.94 -22.67
C ASN P 66 -3.49 -33.86 -23.24
N GLN P 67 -4.24 -34.52 -22.37
CA GLN P 67 -5.31 -35.44 -22.78
C GLN P 67 -6.62 -34.67 -22.86
N LEU P 68 -7.62 -35.31 -23.45
CA LEU P 68 -8.94 -34.71 -23.71
C LEU P 68 -10.04 -35.62 -23.22
N ALA P 69 -11.00 -35.05 -22.50
CA ALA P 69 -12.15 -35.80 -21.98
C ALA P 69 -13.27 -35.83 -23.01
N VAL P 70 -13.47 -34.73 -23.75
CA VAL P 70 -14.69 -34.52 -24.56
C VAL P 70 -14.32 -34.22 -26.00
N ASP P 71 -15.35 -34.10 -26.85
CA ASP P 71 -15.21 -33.62 -28.23
C ASP P 71 -14.65 -32.20 -28.18
N GLN P 72 -14.05 -31.79 -29.29
CA GLN P 72 -13.46 -30.46 -29.40
C GLN P 72 -14.59 -29.45 -29.22
N ILE P 73 -15.67 -29.63 -30.00
CA ILE P 73 -16.81 -28.71 -29.98
C ILE P 73 -17.47 -28.78 -28.62
N ALA P 74 -17.53 -29.97 -28.03
CA ALA P 74 -18.11 -30.18 -26.69
C ALA P 74 -17.41 -29.27 -25.69
N PHE P 75 -16.08 -29.37 -25.60
CA PHE P 75 -15.26 -28.56 -24.67
C PHE P 75 -15.39 -27.07 -24.99
N GLN P 76 -15.34 -26.72 -26.26
CA GLN P 76 -15.35 -25.31 -26.68
C GLN P 76 -16.64 -24.63 -26.26
N LYS P 77 -17.77 -25.21 -26.66
CA LYS P 77 -19.09 -24.69 -26.30
C LYS P 77 -19.31 -24.76 -24.80
N LYS P 78 -18.75 -25.78 -24.14
CA LYS P 78 -18.82 -25.92 -22.68
C LYS P 78 -18.20 -24.69 -22.02
N LEU P 79 -16.92 -24.45 -22.23
CA LEU P 79 -16.24 -23.32 -21.57
C LEU P 79 -16.84 -21.99 -22.04
N PHE P 80 -17.29 -21.93 -23.31
CA PHE P 80 -17.94 -20.73 -23.86
C PHE P 80 -19.18 -20.35 -23.05
N GLN P 81 -20.19 -21.23 -23.01
CA GLN P 81 -21.44 -20.98 -22.25
C GLN P 81 -21.14 -20.81 -20.75
N THR P 82 -20.11 -21.48 -20.23
CA THR P 82 -19.72 -21.38 -18.80
C THR P 82 -19.38 -19.93 -18.45
N LEU P 83 -18.41 -19.35 -19.14
CA LEU P 83 -17.99 -17.97 -18.84
C LEU P 83 -19.03 -16.96 -19.34
N ARG P 84 -19.85 -17.34 -20.32
CA ARG P 84 -20.98 -16.50 -20.77
C ARG P 84 -21.93 -16.23 -19.60
N ARG P 85 -22.45 -17.32 -19.02
CA ARG P 85 -23.37 -17.24 -17.86
C ARG P 85 -22.62 -16.75 -16.62
N HIS P 86 -21.29 -16.92 -16.57
CA HIS P 86 -20.50 -16.59 -15.37
C HIS P 86 -20.62 -15.11 -15.07
N PRO P 87 -20.82 -14.71 -13.79
CA PRO P 87 -20.72 -13.30 -13.42
C PRO P 87 -19.28 -12.80 -13.55
N SER P 88 -19.06 -11.54 -13.19
CA SER P 88 -17.80 -10.82 -13.47
C SER P 88 -17.49 -10.91 -14.97
N TYR P 89 -18.54 -10.85 -15.80
CA TYR P 89 -18.56 -11.42 -17.17
C TYR P 89 -17.52 -10.82 -18.12
N PRO P 90 -17.29 -9.49 -18.20
CA PRO P 90 -16.20 -8.97 -19.03
C PRO P 90 -14.79 -9.04 -18.44
N LYS P 91 -14.66 -9.00 -17.11
CA LYS P 91 -13.35 -9.03 -16.42
C LYS P 91 -12.77 -10.44 -16.40
N ILE P 92 -13.63 -11.46 -16.34
CA ILE P 92 -13.20 -12.90 -16.25
C ILE P 92 -12.30 -13.26 -17.42
N ILE P 93 -12.43 -12.58 -18.56
CA ILE P 93 -11.54 -12.80 -19.73
C ILE P 93 -10.14 -12.30 -19.41
N GLU P 94 -10.04 -11.11 -18.83
CA GLU P 94 -8.75 -10.53 -18.41
C GLU P 94 -8.10 -11.44 -17.37
N GLU P 95 -8.90 -11.93 -16.42
CA GLU P 95 -8.42 -12.87 -15.38
C GLU P 95 -7.95 -14.17 -16.04
N PHE P 96 -8.72 -14.67 -17.00
CA PHE P 96 -8.42 -15.91 -17.75
C PHE P 96 -7.07 -15.79 -18.43
N VAL P 97 -6.89 -14.71 -19.19
CA VAL P 97 -5.67 -14.53 -20.02
C VAL P 97 -4.46 -14.17 -19.15
N SER P 98 -4.67 -13.44 -18.06
CA SER P 98 -3.56 -13.17 -17.12
C SER P 98 -3.06 -14.48 -16.51
N GLY P 99 -3.98 -15.38 -16.14
CA GLY P 99 -3.61 -16.70 -15.60
C GLY P 99 -2.93 -17.56 -16.65
N LEU P 100 -3.42 -17.47 -17.89
CA LEU P 100 -2.78 -18.15 -19.02
C LEU P 100 -1.32 -17.72 -19.11
N GLU P 101 -1.09 -16.44 -19.39
CA GLU P 101 0.27 -15.90 -19.59
C GLU P 101 1.15 -16.27 -18.40
N SER P 102 0.59 -16.21 -17.20
CA SER P 102 1.31 -16.60 -15.99
C SER P 102 1.69 -18.08 -16.04
N TYR P 103 0.86 -18.92 -16.65
CA TYR P 103 1.16 -20.36 -16.79
C TYR P 103 2.27 -20.58 -17.82
N ILE P 104 2.18 -19.88 -18.95
CA ILE P 104 3.07 -20.12 -20.11
C ILE P 104 4.32 -19.23 -20.04
N GLU P 105 4.56 -18.56 -18.90
CA GLU P 105 5.90 -18.04 -18.59
C GLU P 105 6.94 -19.17 -18.62
N ASP P 106 6.52 -20.37 -18.21
CA ASP P 106 7.35 -21.58 -18.28
C ASP P 106 7.48 -22.03 -19.74
N GLU P 107 8.55 -22.74 -20.05
CA GLU P 107 8.87 -23.12 -21.43
C GLU P 107 8.01 -24.32 -21.84
N ASP P 108 8.13 -25.41 -21.09
CA ASP P 108 7.64 -26.71 -21.57
C ASP P 108 6.13 -26.73 -21.51
N SER P 109 5.55 -26.15 -20.45
CA SER P 109 4.09 -26.08 -20.30
C SER P 109 3.51 -25.35 -21.51
N PHE P 110 4.11 -24.20 -21.82
CA PHE P 110 3.77 -23.41 -23.02
C PHE P 110 3.90 -24.29 -24.26
N ARG P 111 5.02 -24.98 -24.35
CA ARG P 111 5.33 -25.85 -25.49
C ARG P 111 4.22 -26.87 -25.68
N ASN P 112 3.77 -27.48 -24.59
CA ASN P 112 2.76 -28.53 -24.68
C ASN P 112 1.37 -27.95 -24.93
N CYS P 113 1.10 -26.74 -24.43
CA CYS P 113 -0.12 -26.01 -24.79
C CYS P 113 -0.15 -25.81 -26.31
N LEU P 114 1.00 -25.45 -26.88
CA LEU P 114 1.14 -25.27 -28.33
C LEU P 114 0.95 -26.61 -29.04
N LEU P 115 1.50 -27.67 -28.48
CA LEU P 115 1.45 -28.99 -29.12
C LEU P 115 0.01 -29.50 -29.19
N SER P 116 -0.19 -30.47 -30.08
CA SER P 116 -1.47 -31.15 -30.24
C SER P 116 -1.81 -31.91 -28.96
N CYS P 117 -3.09 -32.24 -28.82
CA CYS P 117 -3.62 -32.94 -27.65
C CYS P 117 -3.71 -34.44 -27.93
N GLU P 118 -4.16 -35.19 -26.93
CA GLU P 118 -4.37 -36.65 -26.98
C GLU P 118 -5.80 -36.98 -26.58
N ARG P 119 -6.39 -37.95 -27.28
CA ARG P 119 -7.74 -38.43 -26.95
C ARG P 119 -7.65 -39.54 -25.91
N LEU P 120 -8.81 -39.90 -25.34
CA LEU P 120 -8.99 -41.05 -24.43
C LEU P 120 -9.95 -42.10 -25.01
N GLN P 121 -10.90 -41.70 -25.86
CA GLN P 121 -11.84 -42.60 -26.55
C GLN P 121 -11.12 -43.45 -27.59
N SER P 130 -7.05 -41.31 -33.32
CA SER P 130 -6.68 -41.05 -31.91
C SER P 130 -5.54 -40.02 -31.82
N TYR P 131 -5.61 -38.95 -32.64
CA TYR P 131 -4.66 -37.83 -32.65
C TYR P 131 -5.39 -36.54 -33.06
N SER P 132 -5.26 -35.50 -32.23
CA SER P 132 -6.13 -34.32 -32.30
C SER P 132 -5.34 -33.05 -32.60
N LYS P 133 -6.00 -31.91 -32.39
CA LYS P 133 -5.42 -30.57 -32.54
C LYS P 133 -4.84 -30.13 -31.18
N SER P 134 -4.42 -28.86 -31.12
CA SER P 134 -3.77 -28.26 -29.95
C SER P 134 -4.73 -27.36 -29.19
N LEU P 135 -4.42 -27.22 -27.90
CA LEU P 135 -5.18 -26.38 -26.96
C LEU P 135 -5.27 -24.94 -27.47
N ILE P 136 -4.15 -24.42 -27.96
CA ILE P 136 -4.08 -23.02 -28.38
C ILE P 136 -5.10 -22.81 -29.50
N LYS P 137 -5.16 -23.76 -30.45
CA LYS P 137 -6.09 -23.68 -31.60
C LYS P 137 -7.51 -23.74 -31.09
N LEU P 138 -7.79 -24.69 -30.19
CA LEU P 138 -9.13 -24.84 -29.61
C LEU P 138 -9.54 -23.56 -28.88
N LEU P 139 -8.55 -22.91 -28.29
CA LEU P 139 -8.82 -21.66 -27.57
C LEU P 139 -9.05 -20.52 -28.54
N LEU P 140 -8.26 -20.46 -29.60
CA LEU P 140 -8.39 -19.38 -30.59
C LEU P 140 -9.55 -19.61 -31.53
N GLY P 141 -10.17 -20.78 -31.50
CA GLY P 141 -11.51 -20.94 -32.07
C GLY P 141 -12.53 -20.03 -31.42
N ILE P 142 -12.28 -19.64 -30.17
CA ILE P 142 -13.11 -18.68 -29.42
C ILE P 142 -12.70 -17.26 -29.79
N ASP P 143 -13.68 -16.45 -30.16
CA ASP P 143 -13.44 -15.07 -30.64
C ASP P 143 -13.35 -14.09 -29.48
N ILE P 144 -14.14 -14.31 -28.43
CA ILE P 144 -14.22 -13.36 -27.29
C ILE P 144 -12.89 -13.30 -26.52
N LEU P 145 -12.02 -14.30 -26.66
CA LEU P 145 -10.65 -14.26 -26.13
C LEU P 145 -9.64 -13.94 -27.22
N GLN P 146 -9.95 -14.29 -28.48
CA GLN P 146 -9.04 -14.23 -29.65
C GLN P 146 -8.16 -12.99 -29.59
N PRO P 147 -8.71 -11.78 -29.74
CA PRO P 147 -7.84 -10.61 -29.87
C PRO P 147 -6.95 -10.45 -28.65
N ALA P 148 -7.45 -10.88 -27.50
CA ALA P 148 -6.62 -11.00 -26.30
C ALA P 148 -5.53 -12.02 -26.60
N ILE P 149 -5.95 -13.21 -26.98
CA ILE P 149 -5.00 -14.32 -27.21
C ILE P 149 -3.97 -13.86 -28.24
N ILE P 150 -4.45 -13.21 -29.28
CA ILE P 150 -3.63 -12.71 -30.39
C ILE P 150 -2.53 -11.85 -29.78
N LYS P 151 -2.97 -10.81 -29.07
CA LYS P 151 -2.05 -9.79 -28.53
C LYS P 151 -1.02 -10.50 -27.68
N THR P 152 -1.51 -11.32 -26.76
CA THR P 152 -0.64 -12.05 -25.85
C THR P 152 0.38 -12.87 -26.63
N LEU P 153 0.04 -13.28 -27.83
CA LEU P 153 0.87 -14.22 -28.55
C LEU P 153 2.12 -13.56 -29.07
N PHE P 154 2.00 -12.32 -29.50
CA PHE P 154 3.09 -11.69 -30.24
C PHE P 154 4.17 -11.26 -29.27
N GLU P 155 3.80 -10.45 -28.28
CA GLU P 155 4.76 -9.61 -27.53
C GLU P 155 5.71 -10.47 -26.69
N LYS P 156 5.62 -11.80 -26.76
CA LYS P 156 6.53 -12.74 -26.09
C LYS P 156 7.50 -13.39 -27.07
N LEU P 157 7.04 -13.60 -28.30
CA LEU P 157 7.84 -14.26 -29.35
C LEU P 157 9.24 -13.70 -29.51
N PRO P 158 9.47 -12.38 -29.42
CA PRO P 158 10.83 -11.84 -29.51
C PRO P 158 11.90 -12.51 -28.66
N GLU P 159 11.52 -13.06 -27.51
CA GLU P 159 12.46 -13.87 -26.71
C GLU P 159 13.09 -14.95 -27.60
N TYR P 160 12.33 -15.49 -28.56
CA TYR P 160 12.66 -16.71 -29.34
C TYR P 160 13.17 -16.35 -30.72
N PHE P 161 13.96 -15.27 -30.82
CA PHE P 161 14.79 -14.97 -31.99
C PHE P 161 16.04 -15.85 -32.01
N PHE P 162 16.77 -15.89 -30.89
CA PHE P 162 18.09 -16.52 -30.79
C PHE P 162 18.07 -17.82 -30.02
N GLU P 163 16.87 -18.35 -29.77
CA GLU P 163 16.65 -19.78 -29.47
C GLU P 163 16.61 -20.54 -30.79
N ASN P 164 17.31 -21.68 -30.83
CA ASN P 164 17.47 -22.47 -32.08
C ASN P 164 17.77 -23.94 -31.75
N LYS P 165 16.77 -24.81 -31.92
CA LYS P 165 16.91 -26.29 -31.89
C LYS P 165 17.66 -26.76 -30.64
N ASN P 166 17.03 -26.62 -29.48
CA ASN P 166 17.67 -27.01 -28.20
C ASN P 166 17.58 -28.52 -28.02
N SER P 167 16.36 -29.05 -27.87
CA SER P 167 16.09 -30.40 -27.35
C SER P 167 15.51 -31.34 -28.43
N ASP P 168 14.34 -31.02 -29.00
CA ASP P 168 13.63 -31.87 -29.98
C ASP P 168 13.84 -31.41 -31.44
N GLU P 169 14.70 -30.40 -31.67
CA GLU P 169 15.08 -29.93 -33.02
C GLU P 169 13.82 -29.46 -33.77
N ILE P 170 13.04 -28.62 -33.08
CA ILE P 170 11.74 -28.11 -33.57
C ILE P 170 11.67 -26.64 -33.15
N ASN P 171 11.44 -25.77 -34.14
CA ASN P 171 11.71 -24.31 -34.03
C ASN P 171 10.47 -23.54 -33.58
N ILE P 172 10.60 -22.98 -32.40
CA ILE P 172 9.48 -22.43 -31.64
C ILE P 172 8.70 -21.45 -32.49
N PRO P 173 9.36 -20.48 -33.14
CA PRO P 173 8.58 -19.42 -33.78
C PRO P 173 7.75 -19.98 -34.90
N ARG P 174 8.38 -20.80 -35.73
CA ARG P 174 7.60 -21.48 -36.76
C ARG P 174 6.41 -22.13 -36.08
N LEU P 175 6.65 -22.80 -34.95
CA LEU P 175 5.56 -23.57 -34.33
C LEU P 175 4.48 -22.62 -33.82
N ILE P 176 4.88 -21.42 -33.45
CA ILE P 176 3.90 -20.42 -33.02
C ILE P 176 2.99 -20.06 -34.18
N VAL P 177 3.61 -19.68 -35.28
CA VAL P 177 2.82 -19.18 -36.42
C VAL P 177 1.95 -20.28 -36.94
N SER P 178 2.42 -21.51 -36.83
CA SER P 178 1.62 -22.68 -37.22
C SER P 178 0.24 -22.58 -36.57
N GLN P 179 0.23 -22.08 -35.34
CA GLN P 179 -1.03 -21.98 -34.58
C GLN P 179 -2.00 -21.06 -35.31
N LEU P 180 -1.48 -20.11 -36.06
CA LEU P 180 -2.28 -19.03 -36.62
C LEU P 180 -2.95 -19.38 -37.93
N LYS P 181 -2.88 -20.62 -38.36
CA LYS P 181 -3.19 -20.93 -39.76
C LYS P 181 -4.57 -21.52 -39.89
N TRP P 182 -5.19 -21.31 -41.06
CA TRP P 182 -6.49 -21.90 -41.39
C TRP P 182 -7.51 -21.57 -40.30
N LEU P 183 -7.54 -20.32 -39.85
CA LEU P 183 -8.45 -19.92 -38.77
C LEU P 183 -9.83 -19.72 -39.37
N ASP P 184 -10.76 -20.56 -38.94
CA ASP P 184 -12.13 -20.56 -39.49
C ASP P 184 -12.75 -19.18 -39.29
N ARG P 185 -12.62 -18.67 -38.06
CA ARG P 185 -13.27 -17.43 -37.63
C ARG P 185 -12.14 -16.51 -37.18
N VAL P 186 -12.19 -15.26 -37.66
CA VAL P 186 -11.20 -14.22 -37.26
C VAL P 186 -11.91 -12.87 -37.06
N VAL P 187 -12.23 -12.54 -35.80
CA VAL P 187 -12.86 -11.24 -35.42
C VAL P 187 -11.82 -10.17 -35.73
N ASP P 188 -10.59 -10.46 -35.31
CA ASP P 188 -9.50 -9.46 -35.21
C ASP P 188 -8.64 -9.49 -36.49
N GLY P 189 -9.18 -9.97 -37.62
CA GLY P 189 -8.43 -10.07 -38.89
C GLY P 189 -7.63 -8.82 -39.23
N LYS P 190 -8.23 -7.65 -39.12
CA LYS P 190 -7.55 -6.41 -39.53
C LYS P 190 -6.49 -6.00 -38.52
N ASP P 191 -6.81 -6.01 -37.23
CA ASP P 191 -5.82 -5.70 -36.19
C ASP P 191 -4.67 -6.69 -36.28
N LEU P 192 -5.00 -7.97 -36.43
CA LEU P 192 -4.01 -9.04 -36.67
C LEU P 192 -3.05 -8.59 -37.77
N THR P 193 -3.63 -8.14 -38.88
CA THR P 193 -2.90 -7.65 -40.05
C THR P 193 -1.92 -6.59 -39.58
N THR P 194 -2.41 -5.59 -38.88
CA THR P 194 -1.55 -4.47 -38.47
C THR P 194 -0.44 -4.97 -37.56
N LYS P 195 -0.72 -5.97 -36.74
CA LYS P 195 0.27 -6.46 -35.78
C LYS P 195 1.35 -7.23 -36.50
N ILE P 196 0.96 -8.14 -37.39
CA ILE P 196 1.96 -8.88 -38.19
C ILE P 196 2.72 -7.91 -39.08
N MET P 197 2.12 -6.77 -39.40
CA MET P 197 2.83 -5.73 -40.18
C MET P 197 3.89 -5.07 -39.31
N GLN P 198 3.56 -4.76 -38.05
CA GLN P 198 4.63 -4.37 -37.11
C GLN P 198 5.68 -5.46 -37.17
N LEU P 199 5.24 -6.70 -37.00
CA LEU P 199 6.17 -7.83 -36.88
C LEU P 199 7.05 -7.94 -38.12
N ILE P 200 6.43 -7.75 -39.27
CA ILE P 200 7.12 -8.02 -40.53
C ILE P 200 8.08 -6.87 -40.82
N SER P 201 7.74 -5.68 -40.37
CA SER P 201 8.66 -4.52 -40.48
C SER P 201 9.91 -4.75 -39.63
N ILE P 202 9.77 -5.49 -38.53
CA ILE P 202 10.87 -5.59 -37.54
C ILE P 202 11.65 -6.88 -37.70
N ALA P 203 11.06 -7.87 -38.35
CA ALA P 203 11.51 -9.26 -38.19
C ALA P 203 12.96 -9.43 -38.63
N PRO P 204 13.79 -10.20 -37.89
CA PRO P 204 15.00 -10.79 -38.47
C PRO P 204 14.73 -11.68 -39.68
N GLU P 205 15.70 -11.63 -40.60
CA GLU P 205 15.51 -11.91 -42.04
C GLU P 205 14.84 -13.26 -42.26
N ASN P 206 15.34 -14.27 -41.56
CA ASN P 206 14.95 -15.66 -41.86
C ASN P 206 13.53 -15.81 -41.40
N LEU P 207 13.32 -15.43 -40.14
CA LEU P 207 11.98 -15.43 -39.56
C LEU P 207 11.07 -14.73 -40.56
N GLN P 208 11.55 -13.60 -41.05
CA GLN P 208 10.82 -12.80 -42.03
C GLN P 208 10.48 -13.63 -43.23
N HIS P 209 11.48 -14.32 -43.70
CA HIS P 209 11.35 -15.13 -44.92
C HIS P 209 10.31 -16.23 -44.69
N ASP P 210 10.16 -16.67 -43.46
CA ASP P 210 9.27 -17.79 -43.14
C ASP P 210 7.84 -17.29 -43.01
N ILE P 211 7.65 -16.34 -42.12
CA ILE P 211 6.30 -15.84 -41.84
C ILE P 211 5.69 -15.32 -43.11
N ILE P 212 6.49 -14.65 -43.89
CA ILE P 212 5.92 -13.99 -45.05
C ILE P 212 5.34 -15.10 -45.91
N THR P 213 6.09 -16.17 -46.14
CA THR P 213 5.61 -17.24 -47.04
C THR P 213 4.43 -17.92 -46.38
N SER P 214 4.46 -17.97 -45.06
CA SER P 214 3.36 -18.61 -44.33
C SER P 214 2.07 -17.82 -44.51
N LEU P 215 2.15 -16.54 -44.91
CA LEU P 215 1.02 -15.59 -44.83
C LEU P 215 -0.31 -16.09 -45.38
N PRO P 216 -0.36 -16.73 -46.54
CA PRO P 216 -1.67 -17.00 -47.13
C PRO P 216 -2.49 -18.08 -46.42
N GLU P 217 -1.83 -19.03 -45.73
CA GLU P 217 -2.52 -19.93 -44.78
C GLU P 217 -3.24 -19.12 -43.70
N ILE P 218 -2.63 -18.00 -43.29
CA ILE P 218 -3.05 -17.17 -42.13
C ILE P 218 -4.25 -16.33 -42.54
N LEU P 219 -4.16 -15.66 -43.67
CA LEU P 219 -5.21 -14.72 -44.06
C LEU P 219 -6.41 -15.46 -44.63
N GLY P 220 -7.40 -14.68 -45.05
CA GLY P 220 -8.70 -15.16 -45.53
C GLY P 220 -8.94 -14.78 -46.97
N ASP P 221 -9.94 -13.94 -47.23
CA ASP P 221 -10.33 -13.57 -48.60
C ASP P 221 -10.70 -12.10 -48.74
N SER P 222 -10.60 -11.31 -47.68
CA SER P 222 -11.30 -10.03 -47.57
C SER P 222 -10.34 -8.84 -47.48
N GLN P 223 -9.17 -9.02 -46.86
CA GLN P 223 -8.41 -7.93 -46.24
C GLN P 223 -7.06 -7.77 -46.93
N HIS P 224 -6.92 -8.18 -48.18
CA HIS P 224 -5.58 -8.41 -48.76
C HIS P 224 -5.07 -7.13 -49.43
N ALA P 225 -5.98 -6.25 -49.86
CA ALA P 225 -5.59 -5.05 -50.62
C ALA P 225 -4.55 -4.24 -49.83
N ASP P 226 -4.94 -3.78 -48.64
CA ASP P 226 -4.05 -2.99 -47.76
C ASP P 226 -2.81 -3.82 -47.39
N VAL P 227 -2.98 -5.14 -47.36
CA VAL P 227 -1.85 -6.04 -47.07
C VAL P 227 -0.79 -5.81 -48.13
N GLY P 228 -1.15 -6.10 -49.38
CA GLY P 228 -0.26 -5.90 -50.53
C GLY P 228 0.29 -4.49 -50.55
N LYS P 229 -0.55 -3.53 -50.19
CA LYS P 229 -0.18 -2.11 -50.16
C LYS P 229 1.01 -1.96 -49.24
N GLU P 230 0.88 -2.43 -48.02
CA GLU P 230 1.98 -2.36 -47.05
C GLU P 230 3.19 -3.12 -47.59
N LEU P 231 2.94 -4.22 -48.28
CA LEU P 231 4.06 -5.03 -48.79
C LEU P 231 4.90 -4.22 -49.76
N SER P 232 4.26 -3.65 -50.77
CA SER P 232 4.97 -2.80 -51.73
C SER P 232 5.62 -1.61 -51.02
N ASP P 233 4.89 -1.05 -50.05
CA ASP P 233 5.41 0.02 -49.19
C ASP P 233 6.60 -0.50 -48.36
N LEU P 234 6.74 -1.81 -48.21
CA LEU P 234 8.00 -2.36 -47.70
C LEU P 234 9.00 -2.54 -48.82
N LEU P 235 8.53 -2.95 -49.99
CA LEU P 235 9.42 -3.34 -51.09
C LEU P 235 10.19 -2.14 -51.65
N ILE P 236 9.52 -1.00 -51.73
CA ILE P 236 10.19 0.26 -52.11
C ILE P 236 11.42 0.46 -51.21
N GLU P 237 11.29 0.12 -49.92
CA GLU P 237 12.35 0.26 -48.90
C GLU P 237 13.39 -0.81 -49.18
N ASN P 238 12.98 -2.09 -49.11
CA ASN P 238 13.89 -3.24 -49.15
C ASN P 238 13.66 -4.08 -50.41
N THR P 239 14.78 -4.52 -51.02
CA THR P 239 14.86 -5.28 -52.30
C THR P 239 15.55 -6.63 -52.12
N SER P 240 16.12 -6.93 -50.96
CA SER P 240 16.70 -8.26 -50.70
C SER P 240 15.62 -9.34 -50.64
N LEU P 241 14.35 -8.96 -50.45
CA LEU P 241 13.31 -9.87 -50.01
C LEU P 241 12.20 -10.00 -51.05
N THR P 242 12.49 -9.63 -52.29
CA THR P 242 11.45 -9.56 -53.32
C THR P 242 10.85 -10.94 -53.50
N VAL P 243 11.74 -11.89 -53.71
CA VAL P 243 11.30 -13.19 -54.19
C VAL P 243 10.20 -13.72 -53.27
N PRO P 244 10.36 -13.77 -51.94
CA PRO P 244 9.24 -14.27 -51.16
C PRO P 244 8.07 -13.35 -51.38
N ILE P 245 8.37 -12.08 -51.39
CA ILE P 245 7.29 -11.14 -51.51
C ILE P 245 6.54 -11.51 -52.76
N LEU P 246 7.29 -11.76 -53.81
CA LEU P 246 6.70 -11.97 -55.14
C LEU P 246 5.85 -13.23 -55.19
N ASP P 247 6.36 -14.31 -54.60
CA ASP P 247 5.60 -15.57 -54.51
C ASP P 247 4.29 -15.28 -53.77
N VAL P 248 4.39 -14.56 -52.68
CA VAL P 248 3.21 -14.32 -51.88
C VAL P 248 2.21 -13.51 -52.68
N LEU P 249 2.70 -12.57 -53.46
CA LEU P 249 1.81 -11.72 -54.25
C LEU P 249 1.18 -12.50 -55.38
N SER P 250 1.89 -13.49 -55.87
CA SER P 250 1.27 -14.44 -56.81
C SER P 250 0.16 -15.22 -56.11
N SER P 251 0.35 -15.52 -54.82
CA SER P 251 -0.56 -16.38 -54.03
C SER P 251 -1.85 -15.67 -53.61
N LEU P 252 -1.79 -14.37 -53.32
CA LEU P 252 -2.91 -13.66 -52.68
C LEU P 252 -3.94 -13.16 -53.67
N ARG P 253 -5.11 -12.80 -53.17
CA ARG P 253 -6.20 -12.29 -54.03
C ARG P 253 -6.06 -10.78 -54.19
N LEU P 254 -5.79 -10.34 -55.41
CA LEU P 254 -5.33 -8.97 -55.70
C LEU P 254 -6.04 -8.43 -56.95
N ASP P 255 -5.87 -7.13 -57.15
CA ASP P 255 -6.07 -6.48 -58.45
C ASP P 255 -4.71 -6.36 -59.13
N PRO P 256 -4.68 -6.33 -60.45
CA PRO P 256 -3.40 -6.35 -61.16
C PRO P 256 -2.74 -4.98 -61.28
N ASN P 257 -3.54 -3.90 -61.21
CA ASN P 257 -3.05 -2.52 -61.33
C ASN P 257 -1.94 -2.29 -60.30
N PHE P 258 -2.08 -2.95 -59.15
CA PHE P 258 -1.07 -2.91 -58.10
C PHE P 258 0.17 -3.69 -58.56
N LEU P 259 -0.02 -4.84 -59.18
CA LEU P 259 1.12 -5.64 -59.67
C LEU P 259 1.98 -4.81 -60.61
N LEU P 260 1.31 -4.03 -61.45
CA LEU P 260 1.97 -3.17 -62.44
C LEU P 260 2.87 -2.17 -61.72
N LYS P 261 2.28 -1.44 -60.76
CA LYS P 261 3.05 -0.49 -59.93
C LYS P 261 4.29 -1.22 -59.44
N VAL P 262 4.11 -2.41 -58.89
CA VAL P 262 5.24 -3.11 -58.25
C VAL P 262 6.25 -3.49 -59.31
N ARG P 263 5.75 -3.84 -60.47
CA ARG P 263 6.62 -4.23 -61.56
C ARG P 263 7.52 -3.07 -61.94
N GLN P 264 6.91 -1.90 -62.17
CA GLN P 264 7.66 -0.67 -62.47
C GLN P 264 8.66 -0.45 -61.36
N LEU P 265 8.19 -0.62 -60.11
CA LEU P 265 9.02 -0.40 -58.91
C LEU P 265 10.27 -1.26 -58.98
N VAL P 266 10.11 -2.53 -59.30
CA VAL P 266 11.29 -3.40 -59.35
C VAL P 266 12.15 -3.07 -60.56
N MET P 267 11.51 -2.67 -61.64
CA MET P 267 12.28 -2.33 -62.84
C MET P 267 13.18 -1.16 -62.54
N ASP P 268 12.73 -0.21 -61.74
CA ASP P 268 13.64 0.83 -61.23
C ASP P 268 14.69 0.14 -60.37
N LYS P 269 14.22 -0.71 -59.45
CA LYS P 269 15.07 -1.43 -58.47
C LYS P 269 15.61 -2.70 -59.10
N LEU P 270 16.22 -2.56 -60.27
CA LEU P 270 16.57 -3.70 -61.11
C LEU P 270 18.07 -3.81 -61.35
N SER P 271 18.77 -2.67 -61.36
CA SER P 271 20.24 -2.65 -61.28
C SER P 271 20.69 -2.76 -59.84
N SER P 272 19.77 -2.46 -58.94
CA SER P 272 20.04 -2.37 -57.51
C SER P 272 19.61 -3.68 -56.84
N ILE P 273 19.93 -4.81 -57.45
CA ILE P 273 19.65 -6.16 -56.90
C ILE P 273 20.98 -6.89 -56.86
N ARG P 274 21.16 -7.80 -55.91
CA ARG P 274 22.31 -8.73 -55.96
C ARG P 274 22.15 -9.73 -57.11
N LEU P 275 23.17 -10.57 -57.29
CA LEU P 275 23.41 -11.27 -58.57
C LEU P 275 22.43 -12.44 -58.70
N GLU P 276 22.17 -13.08 -57.57
CA GLU P 276 21.80 -14.51 -57.51
C GLU P 276 20.32 -14.64 -57.81
N ASP P 277 19.55 -13.79 -57.18
CA ASP P 277 18.09 -13.89 -57.22
C ASP P 277 17.62 -13.38 -58.58
N LEU P 278 18.32 -12.36 -59.07
CA LEU P 278 18.08 -11.64 -60.34
C LEU P 278 17.27 -12.51 -61.29
N PRO P 279 17.78 -13.70 -61.61
CA PRO P 279 17.09 -14.53 -62.57
C PRO P 279 15.64 -14.77 -62.20
N VAL P 280 15.37 -15.07 -60.94
CA VAL P 280 14.00 -15.47 -60.55
C VAL P 280 13.10 -14.26 -60.59
N ILE P 281 13.69 -13.10 -60.35
CA ILE P 281 12.94 -11.84 -60.44
C ILE P 281 12.42 -11.68 -61.85
N ILE P 282 13.33 -11.86 -62.79
CA ILE P 282 13.04 -11.75 -64.22
C ILE P 282 12.05 -12.81 -64.59
N LYS P 283 12.21 -13.98 -63.99
CA LYS P 283 11.27 -15.07 -64.19
C LYS P 283 9.89 -14.56 -63.85
N PHE P 284 9.78 -13.95 -62.66
CA PHE P 284 8.49 -13.38 -62.19
C PHE P 284 7.95 -12.45 -63.27
N ILE P 285 8.82 -11.57 -63.74
CA ILE P 285 8.40 -10.49 -64.65
C ILE P 285 7.76 -11.09 -65.88
N LEU P 286 8.42 -12.10 -66.37
CA LEU P 286 8.07 -12.69 -67.65
C LEU P 286 6.89 -13.61 -67.49
N HIS P 287 6.68 -14.14 -66.30
CA HIS P 287 5.39 -14.78 -65.99
C HIS P 287 4.33 -13.68 -66.03
N SER P 288 4.63 -12.56 -65.36
CA SER P 288 3.67 -11.50 -65.03
C SER P 288 3.19 -10.77 -66.28
N VAL P 289 4.01 -10.80 -67.31
CA VAL P 289 3.71 -10.03 -68.53
C VAL P 289 2.52 -10.63 -69.25
N THR P 290 1.97 -9.83 -70.16
CA THR P 290 0.70 -10.05 -70.83
C THR P 290 0.89 -9.88 -72.34
N ALA P 291 -0.21 -9.77 -73.06
CA ALA P 291 -0.21 -9.63 -74.52
C ALA P 291 0.20 -8.23 -74.97
N MET P 292 -0.03 -7.23 -74.14
CA MET P 292 -0.08 -5.84 -74.59
C MET P 292 1.03 -5.02 -73.93
N ASP P 293 1.14 -5.08 -72.59
CA ASP P 293 2.17 -4.34 -71.84
C ASP P 293 3.57 -4.72 -72.34
N THR P 294 3.71 -5.98 -72.77
CA THR P 294 4.96 -6.67 -73.15
C THR P 294 5.98 -5.73 -73.78
N LEU P 295 5.56 -4.98 -74.79
CA LEU P 295 6.51 -4.17 -75.57
C LEU P 295 7.27 -3.25 -74.63
N GLU P 296 6.52 -2.54 -73.80
CA GLU P 296 7.05 -1.41 -73.02
C GLU P 296 7.98 -1.98 -71.96
N VAL P 297 7.48 -2.99 -71.24
CA VAL P 297 8.28 -3.61 -70.17
C VAL P 297 9.60 -4.12 -70.76
N ILE P 298 9.51 -4.69 -71.94
CA ILE P 298 10.72 -5.23 -72.55
C ILE P 298 11.65 -4.07 -72.87
N SER P 299 11.07 -3.02 -73.40
CA SER P 299 11.86 -1.84 -73.75
C SER P 299 12.64 -1.42 -72.52
N GLU P 300 11.92 -1.19 -71.42
CA GLU P 300 12.54 -0.80 -70.14
C GLU P 300 13.62 -1.82 -69.80
N LEU P 301 13.30 -3.09 -70.02
CA LEU P 301 14.22 -4.14 -69.62
C LEU P 301 15.48 -4.05 -70.45
N ARG P 302 15.25 -3.98 -71.76
CA ARG P 302 16.32 -3.92 -72.76
C ARG P 302 17.17 -2.69 -72.48
N GLU P 303 16.56 -1.65 -71.90
CA GLU P 303 17.27 -0.43 -71.48
C GLU P 303 18.07 -0.64 -70.21
N LYS P 304 17.58 -1.49 -69.30
CA LYS P 304 18.12 -1.61 -67.94
C LYS P 304 19.07 -2.79 -67.75
N LEU P 305 19.01 -3.77 -68.62
CA LEU P 305 20.02 -4.83 -68.57
C LEU P 305 21.30 -4.50 -69.32
N ASP P 306 22.44 -4.83 -68.72
CA ASP P 306 23.75 -4.30 -69.13
C ASP P 306 24.70 -5.44 -69.45
N LEU P 307 24.92 -6.30 -68.46
CA LEU P 307 25.74 -7.51 -68.59
C LEU P 307 27.24 -7.24 -68.68
N GLN P 308 27.65 -5.97 -68.70
CA GLN P 308 29.06 -5.62 -68.43
C GLN P 308 29.23 -5.35 -66.93
N HIS P 309 28.11 -5.34 -66.19
CA HIS P 309 28.07 -4.86 -64.81
C HIS P 309 28.18 -6.03 -63.83
N CYS P 310 28.10 -7.27 -64.31
CA CYS P 310 27.70 -8.41 -63.49
C CYS P 310 28.92 -9.24 -63.06
N VAL P 311 29.99 -8.61 -62.57
CA VAL P 311 31.28 -9.29 -62.32
C VAL P 311 31.83 -8.91 -60.93
N SER P 337 34.11 -17.59 -60.93
CA SER P 337 32.83 -17.58 -60.19
C SER P 337 32.57 -16.17 -59.61
N SER P 338 32.18 -15.24 -60.49
CA SER P 338 31.78 -13.86 -60.13
C SER P 338 30.51 -13.38 -60.85
N GLY P 339 30.22 -13.87 -62.08
CA GLY P 339 28.90 -13.73 -62.72
C GLY P 339 28.44 -14.94 -63.53
N GLN P 340 29.29 -15.94 -63.74
CA GLN P 340 29.14 -16.89 -64.85
C GLN P 340 27.89 -17.75 -64.65
N SER P 341 27.86 -18.50 -63.55
CA SER P 341 26.79 -19.45 -63.23
C SER P 341 25.45 -18.76 -63.35
N CYS P 342 25.31 -17.61 -62.71
CA CYS P 342 24.02 -16.91 -62.66
C CYS P 342 23.63 -16.43 -64.07
N ILE P 343 24.58 -15.83 -64.79
CA ILE P 343 24.27 -15.37 -66.15
C ILE P 343 23.70 -16.53 -66.91
N ILE P 344 24.42 -17.64 -66.80
CA ILE P 344 24.07 -18.84 -67.55
C ILE P 344 22.61 -19.10 -67.21
N LEU P 345 22.35 -19.23 -65.91
CA LEU P 345 21.03 -19.65 -65.43
C LEU P 345 19.99 -18.68 -65.94
N LEU P 346 20.37 -17.42 -65.94
CA LEU P 346 19.49 -16.39 -66.48
C LEU P 346 19.12 -16.73 -67.91
N PHE P 347 20.14 -16.96 -68.71
CA PHE P 347 19.89 -17.18 -70.14
C PHE P 347 18.98 -18.38 -70.31
N ASP P 348 19.24 -19.38 -69.48
CA ASP P 348 18.42 -20.59 -69.50
C ASP P 348 16.98 -20.15 -69.31
N VAL P 349 16.79 -19.35 -68.27
CA VAL P 349 15.43 -18.96 -67.85
C VAL P 349 14.75 -18.30 -69.03
N ILE P 350 15.49 -17.41 -69.64
CA ILE P 350 14.93 -16.65 -70.74
C ILE P 350 14.64 -17.62 -71.82
N LYS P 351 15.61 -18.49 -72.04
CA LYS P 351 15.46 -19.53 -73.05
C LYS P 351 14.16 -20.24 -72.82
N SER P 352 13.88 -20.69 -71.59
CA SER P 352 12.61 -21.40 -71.29
C SER P 352 11.42 -20.50 -71.60
N ALA P 353 11.51 -19.24 -71.22
CA ALA P 353 10.40 -18.31 -71.37
C ALA P 353 9.96 -18.24 -72.81
N ILE P 354 10.91 -17.94 -73.68
CA ILE P 354 10.63 -17.73 -75.12
C ILE P 354 10.46 -19.05 -75.86
N ARG P 355 10.75 -20.15 -75.19
CA ARG P 355 10.39 -21.48 -75.71
C ARG P 355 8.90 -21.64 -75.49
N TYR P 356 8.47 -21.49 -74.24
CA TYR P 356 7.10 -21.83 -73.83
C TYR P 356 6.15 -20.65 -74.00
N GLU P 357 6.60 -19.64 -74.74
CA GLU P 357 5.66 -18.76 -75.44
C GLU P 357 6.40 -18.11 -76.60
N LYS P 358 5.64 -17.61 -77.58
CA LYS P 358 6.20 -17.16 -78.86
C LYS P 358 6.35 -15.65 -78.82
N THR P 359 5.24 -14.95 -78.61
CA THR P 359 5.14 -13.50 -78.90
C THR P 359 6.20 -12.68 -78.17
N ILE P 360 6.80 -13.23 -77.11
CA ILE P 360 7.97 -12.61 -76.45
C ILE P 360 9.00 -12.29 -77.52
N SER P 361 9.28 -13.23 -78.40
CA SER P 361 10.36 -13.09 -79.37
C SER P 361 10.03 -11.97 -80.38
N GLU P 362 8.82 -11.95 -80.95
CA GLU P 362 8.45 -10.96 -81.97
C GLU P 362 8.51 -9.57 -81.39
N ALA P 363 8.01 -9.44 -80.15
CA ALA P 363 8.07 -8.18 -79.42
C ALA P 363 9.54 -7.81 -79.20
N TRP P 364 10.35 -8.74 -78.68
CA TRP P 364 11.76 -8.49 -78.35
C TRP P 364 12.47 -7.97 -79.61
N ILE P 365 12.24 -8.63 -80.73
CA ILE P 365 12.84 -8.23 -82.02
C ILE P 365 12.41 -6.82 -82.35
N LYS P 366 11.10 -6.64 -82.34
CA LYS P 366 10.54 -5.31 -82.58
C LYS P 366 11.35 -4.31 -81.76
N ALA P 367 11.61 -4.62 -80.50
CA ALA P 367 12.23 -3.67 -79.56
C ALA P 367 13.65 -3.34 -79.96
N ILE P 368 14.43 -4.32 -80.37
CA ILE P 368 15.81 -4.03 -80.80
C ILE P 368 15.79 -3.50 -82.23
N GLU P 369 14.78 -3.85 -82.99
CA GLU P 369 14.65 -3.38 -84.39
C GLU P 369 14.35 -1.88 -84.43
N ASN P 370 13.38 -1.43 -83.64
CA ASN P 370 12.97 -0.02 -83.56
C ASN P 370 13.90 0.79 -82.65
N THR P 371 14.95 0.17 -82.10
CA THR P 371 16.01 0.86 -81.36
C THR P 371 17.00 1.46 -82.36
N ALA P 372 16.49 2.24 -83.31
CA ALA P 372 17.18 2.52 -84.59
C ALA P 372 18.12 3.70 -84.43
N SER P 373 17.62 4.75 -83.81
CA SER P 373 18.41 5.96 -83.54
C SER P 373 19.60 5.59 -82.64
N VAL P 374 19.44 4.57 -81.80
CA VAL P 374 20.52 4.15 -80.87
C VAL P 374 21.69 3.63 -81.71
N SER P 375 22.78 4.42 -81.75
CA SER P 375 24.13 3.94 -82.08
C SER P 375 24.86 3.43 -80.84
N GLU P 376 24.28 3.66 -79.66
CA GLU P 376 24.73 3.07 -78.38
C GLU P 376 23.93 1.77 -78.12
N HIS P 377 24.18 0.75 -78.97
CA HIS P 377 23.66 -0.63 -78.81
C HIS P 377 24.54 -1.41 -77.85
N LYS P 378 23.92 -2.20 -76.99
CA LYS P 378 24.68 -2.95 -75.99
C LYS P 378 24.78 -4.42 -76.41
N VAL P 379 25.58 -5.13 -75.63
CA VAL P 379 26.00 -6.51 -75.94
C VAL P 379 24.78 -7.38 -76.11
N PHE P 380 23.88 -7.29 -75.14
CA PHE P 380 22.71 -8.17 -74.97
C PHE P 380 22.07 -8.53 -76.29
N ASP P 381 21.93 -7.53 -77.16
CA ASP P 381 21.03 -7.64 -78.31
C ASP P 381 21.43 -8.81 -79.22
N LEU P 382 22.68 -8.78 -79.69
CA LEU P 382 23.21 -9.83 -80.58
C LEU P 382 22.93 -11.17 -79.89
N VAL P 383 23.27 -11.25 -78.61
CA VAL P 383 23.25 -12.54 -77.89
C VAL P 383 21.85 -13.07 -78.03
N MET P 384 20.88 -12.20 -77.81
CA MET P 384 19.48 -12.63 -77.86
C MET P 384 19.10 -12.97 -79.28
N LEU P 385 19.69 -12.28 -80.24
CA LEU P 385 19.41 -12.59 -81.65
C LEU P 385 19.83 -14.02 -82.01
N PHE P 386 21.09 -14.35 -81.69
CA PHE P 386 21.63 -15.70 -81.86
C PHE P 386 20.58 -16.67 -81.31
N ILE P 387 20.30 -16.47 -80.03
CA ILE P 387 19.38 -17.34 -79.30
C ILE P 387 18.11 -17.47 -80.08
N ILE P 388 17.52 -16.37 -80.48
CA ILE P 388 16.23 -16.52 -81.13
C ILE P 388 16.40 -17.22 -82.48
N TYR P 389 17.53 -17.00 -83.15
CA TYR P 389 17.80 -17.71 -84.41
C TYR P 389 17.84 -19.21 -84.16
N SER P 390 18.53 -19.59 -83.06
CA SER P 390 18.71 -21.00 -82.68
C SER P 390 17.35 -21.64 -82.41
N THR P 391 16.49 -20.92 -81.71
CA THR P 391 15.13 -21.36 -81.35
C THR P 391 14.24 -21.05 -82.51
N ASN P 392 12.94 -21.06 -82.29
CA ASN P 392 11.89 -20.96 -83.32
C ASN P 392 12.29 -20.18 -84.59
N THR P 393 11.99 -20.79 -85.73
CA THR P 393 12.74 -20.54 -86.95
C THR P 393 11.91 -19.80 -87.98
N GLN P 394 10.61 -19.62 -87.79
CA GLN P 394 9.74 -19.00 -88.81
C GLN P 394 10.25 -17.61 -89.16
N THR P 395 10.85 -16.98 -88.17
CA THR P 395 11.26 -15.58 -88.25
C THR P 395 12.70 -15.46 -88.76
N LYS P 396 13.36 -16.58 -89.09
CA LYS P 396 14.80 -16.55 -89.41
C LYS P 396 15.06 -15.51 -90.48
N LYS P 397 14.18 -15.44 -91.46
CA LYS P 397 14.36 -14.47 -92.56
C LYS P 397 14.16 -13.06 -92.06
N TYR P 398 13.23 -12.90 -91.11
CA TYR P 398 13.08 -11.63 -90.39
C TYR P 398 14.40 -11.22 -89.76
N ILE P 399 15.06 -12.17 -89.09
CA ILE P 399 16.29 -11.88 -88.30
C ILE P 399 17.41 -11.47 -89.24
N ASP P 400 17.59 -12.26 -90.30
CA ASP P 400 18.58 -11.97 -91.36
C ASP P 400 18.33 -10.52 -91.81
N ARG P 401 17.11 -10.29 -92.30
CA ARG P 401 16.69 -9.00 -92.85
C ARG P 401 17.11 -7.88 -91.93
N VAL P 402 16.71 -7.99 -90.67
CA VAL P 402 16.94 -6.89 -89.71
C VAL P 402 18.43 -6.76 -89.48
N LEU P 403 19.13 -7.88 -89.40
CA LEU P 403 20.56 -7.79 -89.10
C LEU P 403 21.33 -7.18 -90.26
N ARG P 404 20.99 -7.54 -91.48
CA ARG P 404 21.56 -6.86 -92.66
C ARG P 404 21.31 -5.35 -92.53
N ASN P 405 20.09 -4.96 -92.15
CA ASN P 405 19.67 -3.56 -92.19
C ASN P 405 20.44 -2.71 -91.18
N LYS P 406 20.65 -3.22 -89.97
CA LYS P 406 21.44 -2.49 -88.94
C LYS P 406 22.93 -2.45 -89.29
N ILE P 407 23.41 -3.47 -90.00
CA ILE P 407 24.82 -3.53 -90.45
C ILE P 407 25.10 -2.45 -91.49
N ARG P 408 24.28 -2.41 -92.54
CA ARG P 408 24.36 -1.38 -93.59
C ARG P 408 24.24 0.00 -92.96
N SER P 409 23.36 0.14 -91.97
CA SER P 409 23.20 1.36 -91.16
C SER P 409 24.46 1.64 -90.34
N GLY P 410 25.30 0.63 -90.13
CA GLY P 410 26.55 0.81 -89.36
C GLY P 410 26.32 0.86 -87.87
N CYS P 411 25.07 0.69 -87.40
CA CYS P 411 24.75 0.65 -85.95
C CYS P 411 25.36 -0.56 -85.27
N ILE P 412 25.56 -1.64 -86.02
CA ILE P 412 26.26 -2.84 -85.55
C ILE P 412 27.65 -2.89 -86.19
N GLN P 413 28.65 -3.21 -85.39
CA GLN P 413 30.03 -3.20 -85.84
C GLN P 413 30.75 -4.29 -85.08
N GLU P 414 32.08 -4.20 -85.01
CA GLU P 414 32.92 -5.40 -84.91
C GLU P 414 33.59 -5.52 -83.54
N GLN P 415 34.02 -4.42 -82.94
CA GLN P 415 34.44 -4.45 -81.51
C GLN P 415 33.31 -4.92 -80.61
N LEU P 416 32.07 -4.68 -81.05
CA LEU P 416 30.84 -5.31 -80.52
C LEU P 416 31.05 -6.82 -80.50
N LEU P 417 31.20 -7.41 -81.67
CA LEU P 417 31.37 -8.86 -81.81
C LEU P 417 32.59 -9.33 -81.03
N GLN P 418 33.65 -8.53 -81.04
CA GLN P 418 34.87 -8.83 -80.30
C GLN P 418 34.52 -9.10 -78.85
N SER P 419 34.05 -8.08 -78.11
CA SER P 419 33.74 -8.25 -76.68
C SER P 419 32.64 -9.30 -76.47
N THR P 420 31.70 -9.46 -77.45
CA THR P 420 30.60 -10.46 -77.40
C THR P 420 31.18 -11.86 -77.26
N PHE P 421 32.08 -12.22 -78.14
CA PHE P 421 32.72 -13.54 -78.10
C PHE P 421 33.84 -13.57 -77.06
N SER P 422 34.37 -12.44 -76.58
CA SER P 422 35.41 -12.43 -75.54
C SER P 422 34.87 -12.79 -74.16
N VAL P 423 33.53 -12.73 -73.99
CA VAL P 423 32.86 -13.02 -72.69
C VAL P 423 31.79 -14.11 -72.81
N HIS P 424 30.70 -13.84 -73.55
CA HIS P 424 29.43 -14.61 -73.47
C HIS P 424 29.42 -15.89 -74.34
N TYR P 425 30.59 -16.27 -74.87
CA TYR P 425 30.74 -17.38 -75.83
C TYR P 425 30.14 -18.63 -75.25
N LEU P 426 30.41 -18.83 -73.97
CA LEU P 426 30.02 -20.06 -73.28
C LEU P 426 28.55 -20.29 -73.48
N VAL P 427 27.82 -19.20 -73.58
CA VAL P 427 26.39 -19.30 -73.85
C VAL P 427 26.19 -19.90 -75.22
N LEU P 428 27.08 -19.55 -76.14
CA LEU P 428 26.83 -19.77 -77.57
C LEU P 428 27.37 -21.14 -78.04
N LYS P 429 28.24 -21.75 -77.25
CA LYS P 429 28.94 -22.97 -77.68
C LYS P 429 27.93 -23.97 -78.17
N ASP P 430 26.90 -24.11 -77.36
CA ASP P 430 25.83 -25.07 -77.61
C ASP P 430 24.82 -24.52 -78.62
N MET P 431 25.17 -23.50 -79.38
CA MET P 431 24.35 -23.12 -80.53
C MET P 431 25.23 -22.64 -81.67
N CYS P 432 26.50 -23.05 -81.67
CA CYS P 432 27.48 -22.71 -82.72
C CYS P 432 26.88 -22.94 -84.10
N SER P 433 26.16 -24.05 -84.29
CA SER P 433 25.56 -24.36 -85.59
C SER P 433 24.70 -23.20 -86.13
N SER P 434 24.06 -22.45 -85.24
CA SER P 434 23.27 -21.26 -85.62
C SER P 434 24.14 -20.20 -86.28
N ILE P 435 25.29 -19.97 -85.69
CA ILE P 435 26.22 -18.93 -86.17
C ILE P 435 26.59 -19.22 -87.62
N LEU P 436 26.83 -20.48 -87.94
CA LEU P 436 27.33 -20.81 -89.27
C LEU P 436 26.19 -20.71 -90.26
N SER P 437 25.01 -21.28 -89.93
CA SER P 437 23.80 -21.21 -90.78
C SER P 437 23.50 -19.74 -91.12
N LEU P 438 23.89 -18.82 -90.23
CA LEU P 438 23.72 -17.38 -90.46
C LEU P 438 24.83 -16.88 -91.38
N ALA P 439 26.09 -17.10 -90.98
CA ALA P 439 27.25 -16.60 -91.74
C ALA P 439 27.13 -17.05 -93.18
N GLN P 440 26.58 -18.24 -93.42
CA GLN P 440 26.30 -18.74 -94.78
C GLN P 440 25.47 -17.70 -95.54
N SER P 441 24.36 -17.25 -94.96
CA SER P 441 23.47 -16.25 -95.61
C SER P 441 24.11 -14.86 -95.63
N LEU P 442 25.07 -14.58 -94.73
CA LEU P 442 25.82 -13.30 -94.74
C LEU P 442 26.75 -13.17 -95.94
N LEU P 443 27.57 -14.18 -96.25
CA LEU P 443 28.60 -14.05 -97.30
C LEU P 443 27.98 -14.11 -98.70
N HIS P 444 26.79 -14.71 -98.88
CA HIS P 444 26.09 -14.74 -100.18
C HIS P 444 25.56 -13.37 -100.62
N SER P 445 25.61 -12.36 -99.75
CA SER P 445 25.13 -11.01 -100.07
C SER P 445 26.29 -10.13 -100.54
N LEU P 446 25.95 -8.91 -100.91
CA LEU P 446 26.88 -7.90 -101.44
C LEU P 446 27.38 -7.04 -100.27
N ASP P 447 27.87 -5.83 -100.48
CA ASP P 447 28.08 -4.87 -99.39
C ASP P 447 29.12 -5.41 -98.43
N GLN P 448 30.37 -5.27 -98.84
CA GLN P 448 31.60 -5.72 -98.16
C GLN P 448 31.50 -5.81 -96.63
N SER P 449 30.92 -4.83 -95.95
CA SER P 449 30.86 -4.82 -94.47
C SER P 449 30.14 -6.07 -93.97
N ILE P 450 29.04 -6.46 -94.63
CA ILE P 450 28.26 -7.69 -94.31
C ILE P 450 29.16 -8.90 -94.46
N ILE P 451 29.87 -8.94 -95.58
CA ILE P 451 30.74 -10.06 -95.91
C ILE P 451 31.84 -10.13 -94.85
N SER P 452 32.39 -8.98 -94.43
CA SER P 452 33.40 -8.90 -93.38
C SER P 452 32.83 -9.41 -92.05
N PHE P 453 31.60 -9.06 -91.76
CA PHE P 453 30.93 -9.55 -90.55
C PHE P 453 30.97 -11.09 -90.59
N GLY P 454 30.36 -11.68 -91.63
CA GLY P 454 30.35 -13.13 -91.76
C GLY P 454 31.72 -13.72 -91.56
N SER P 455 32.75 -13.05 -92.06
CA SER P 455 34.14 -13.52 -91.91
C SER P 455 34.46 -13.65 -90.43
N LEU P 456 34.26 -12.55 -89.73
CA LEU P 456 34.61 -12.53 -88.32
C LEU P 456 33.87 -13.65 -87.61
N LEU P 457 32.61 -13.86 -88.01
CA LEU P 457 31.80 -14.97 -87.46
C LEU P 457 32.61 -16.25 -87.61
N TYR P 458 32.91 -16.62 -88.85
CA TYR P 458 33.65 -17.86 -89.11
C TYR P 458 34.90 -17.84 -88.28
N LYS P 459 35.55 -16.69 -88.16
CA LYS P 459 36.86 -16.61 -87.50
C LYS P 459 36.73 -16.95 -86.03
N TYR P 460 35.86 -16.25 -85.35
CA TYR P 460 35.77 -16.49 -83.92
C TYR P 460 35.24 -17.90 -83.68
N ALA P 461 34.34 -18.36 -84.55
CA ALA P 461 33.71 -19.68 -84.35
C ALA P 461 34.83 -20.71 -84.31
N PHE P 462 35.72 -20.71 -85.31
CA PHE P 462 36.89 -21.60 -85.37
C PHE P 462 37.80 -21.34 -84.17
N LYS P 463 37.81 -20.11 -83.68
CA LYS P 463 38.78 -19.66 -82.69
C LYS P 463 38.47 -20.24 -81.32
N PHE P 464 37.29 -19.97 -80.79
CA PHE P 464 37.01 -20.28 -79.38
C PHE P 464 36.47 -21.69 -79.20
N PHE P 465 35.62 -22.13 -80.11
CA PHE P 465 34.87 -23.38 -79.94
C PHE P 465 35.82 -24.58 -80.15
N ASP P 466 35.23 -25.76 -80.33
CA ASP P 466 35.94 -27.05 -80.30
C ASP P 466 36.23 -27.54 -81.72
N THR P 467 36.63 -28.80 -81.76
CA THR P 467 37.16 -29.38 -82.97
C THR P 467 36.04 -29.43 -83.97
N TYR P 468 34.89 -30.00 -83.59
CA TYR P 468 33.78 -30.18 -84.54
C TYR P 468 33.41 -28.85 -85.18
N CYS P 469 33.43 -27.80 -84.37
CA CYS P 469 33.14 -26.45 -84.86
C CYS P 469 34.18 -26.10 -85.90
N GLN P 470 35.44 -26.16 -85.47
CA GLN P 470 36.54 -25.83 -86.38
C GLN P 470 36.31 -26.55 -87.68
N GLN P 471 36.05 -27.84 -87.58
CA GLN P 471 35.89 -28.67 -88.77
C GLN P 471 34.77 -28.07 -89.58
N GLU P 472 33.65 -27.78 -88.96
CA GLU P 472 32.53 -27.28 -89.75
C GLU P 472 32.89 -25.96 -90.40
N VAL P 473 33.70 -25.16 -89.70
CA VAL P 473 34.19 -23.89 -90.27
C VAL P 473 34.85 -24.20 -91.61
N VAL P 474 35.94 -24.93 -91.51
CA VAL P 474 36.79 -25.17 -92.68
C VAL P 474 35.88 -25.61 -93.82
N GLY P 475 35.01 -26.61 -93.51
CA GLY P 475 34.11 -27.26 -94.47
C GLY P 475 33.11 -26.31 -95.07
N ALA P 476 32.68 -25.31 -94.31
CA ALA P 476 31.82 -24.28 -94.89
C ALA P 476 32.64 -23.31 -95.76
N LEU P 477 33.86 -22.97 -95.37
CA LEU P 477 34.65 -22.01 -96.17
C LEU P 477 35.00 -22.60 -97.50
N VAL P 478 35.45 -23.85 -97.46
CA VAL P 478 35.77 -24.59 -98.69
C VAL P 478 34.56 -24.55 -99.63
N THR P 479 33.38 -24.86 -99.12
CA THR P 479 32.16 -24.77 -99.94
C THR P 479 32.08 -23.39 -100.57
N HIS P 480 32.25 -22.36 -99.76
CA HIS P 480 32.14 -20.98 -100.25
C HIS P 480 33.11 -20.84 -101.40
N ILE P 481 34.34 -21.34 -101.21
CA ILE P 481 35.41 -21.15 -102.21
C ILE P 481 34.93 -21.80 -103.49
N CYS P 482 34.78 -23.08 -103.39
CA CYS P 482 34.62 -23.88 -104.61
C CYS P 482 33.40 -23.38 -105.38
N SER P 483 32.30 -23.19 -104.67
CA SER P 483 31.00 -22.91 -105.32
C SER P 483 30.85 -21.42 -105.55
N GLY P 484 31.26 -20.65 -104.55
CA GLY P 484 30.84 -19.27 -104.43
C GLY P 484 31.38 -18.42 -105.57
N ASN P 485 30.93 -17.17 -105.56
CA ASN P 485 31.27 -16.14 -106.54
C ASN P 485 32.46 -15.32 -106.02
N GLU P 486 32.76 -14.23 -106.72
CA GLU P 486 34.06 -13.51 -106.63
C GLU P 486 34.39 -13.15 -105.18
N ALA P 487 33.60 -12.26 -104.59
CA ALA P 487 33.94 -11.67 -103.29
C ALA P 487 33.97 -12.78 -102.25
N GLU P 488 32.96 -13.64 -102.30
CA GLU P 488 32.92 -14.82 -101.43
C GLU P 488 34.31 -15.39 -101.39
N VAL P 489 34.77 -15.78 -102.59
CA VAL P 489 36.03 -16.51 -102.78
C VAL P 489 37.10 -15.69 -102.10
N ASP P 490 37.14 -14.44 -102.52
CA ASP P 490 38.23 -13.57 -102.08
C ASP P 490 38.26 -13.63 -100.56
N THR P 491 37.16 -13.24 -99.97
CA THR P 491 37.11 -13.08 -98.53
C THR P 491 37.50 -14.38 -97.88
N ALA P 492 36.87 -15.42 -98.39
CA ALA P 492 37.05 -16.72 -97.76
C ALA P 492 38.54 -16.99 -97.64
N LEU P 493 39.28 -16.78 -98.73
CA LEU P 493 40.70 -17.19 -98.77
C LEU P 493 41.50 -16.29 -97.85
N ASP P 494 41.08 -15.03 -97.76
CA ASP P 494 41.66 -14.13 -96.76
C ASP P 494 41.56 -14.82 -95.42
N VAL P 495 40.34 -15.25 -95.14
CA VAL P 495 40.05 -15.84 -93.83
C VAL P 495 40.94 -17.04 -93.61
N LEU P 496 41.02 -17.92 -94.60
CA LEU P 496 41.77 -19.17 -94.44
C LEU P 496 43.19 -18.80 -94.09
N LEU P 497 43.72 -17.79 -94.78
CA LEU P 497 45.08 -17.33 -94.47
C LEU P 497 45.14 -16.93 -93.00
N GLU P 498 44.16 -16.16 -92.56
CA GLU P 498 44.13 -15.73 -91.17
C GLU P 498 44.11 -16.94 -90.26
N LEU P 499 43.36 -17.96 -90.67
CA LEU P 499 43.15 -19.13 -89.82
C LEU P 499 44.42 -19.93 -89.67
N VAL P 500 45.10 -20.20 -90.76
CA VAL P 500 46.38 -20.93 -90.68
C VAL P 500 47.38 -20.16 -89.82
N VAL P 501 47.39 -18.83 -89.95
CA VAL P 501 48.29 -17.99 -89.14
C VAL P 501 47.87 -18.13 -87.68
N LEU P 502 46.57 -18.10 -87.44
CA LEU P 502 46.00 -18.18 -86.08
C LEU P 502 46.48 -19.48 -85.42
N ASN P 503 46.26 -20.61 -86.08
CA ASN P 503 46.63 -21.93 -85.51
C ASN P 503 46.90 -22.89 -86.68
N PRO P 504 48.17 -23.20 -86.97
CA PRO P 504 48.42 -24.20 -88.02
C PRO P 504 47.98 -25.60 -87.61
N SER P 505 48.12 -25.91 -86.33
CA SER P 505 47.94 -27.26 -85.80
C SER P 505 46.58 -27.82 -86.19
N ALA P 506 45.52 -27.24 -85.65
CA ALA P 506 44.16 -27.77 -85.83
C ALA P 506 43.85 -27.82 -87.32
N MET P 507 44.26 -26.78 -88.05
CA MET P 507 44.00 -26.75 -89.50
C MET P 507 44.61 -27.98 -90.13
N MET P 508 45.83 -28.32 -89.69
CA MET P 508 46.59 -29.45 -90.23
C MET P 508 45.68 -30.67 -90.38
N MET P 509 44.83 -30.91 -89.40
CA MET P 509 44.05 -32.16 -89.35
C MET P 509 42.77 -32.05 -90.15
N ASN P 510 42.41 -30.86 -90.58
CA ASN P 510 41.34 -30.68 -91.57
C ASN P 510 41.94 -30.34 -92.92
N ALA P 511 43.24 -30.51 -93.06
CA ALA P 511 43.94 -30.25 -94.32
C ALA P 511 43.30 -31.02 -95.46
N VAL P 512 42.72 -32.18 -95.18
CA VAL P 512 42.30 -33.11 -96.26
C VAL P 512 41.26 -32.48 -97.18
N PHE P 513 40.29 -31.74 -96.65
CA PHE P 513 39.33 -31.02 -97.49
C PHE P 513 40.08 -30.00 -98.33
N VAL P 514 41.11 -29.40 -97.76
CA VAL P 514 41.90 -28.34 -98.44
C VAL P 514 42.55 -28.94 -99.69
N LYS P 515 43.21 -30.08 -99.53
CA LYS P 515 43.72 -30.85 -100.67
C LYS P 515 42.56 -31.15 -101.63
N GLY P 516 41.41 -31.57 -101.11
CA GLY P 516 40.24 -31.93 -101.90
C GLY P 516 39.67 -30.79 -102.72
N ILE P 517 40.07 -29.55 -102.43
CA ILE P 517 39.71 -28.38 -103.26
C ILE P 517 40.18 -28.63 -104.70
N LEU P 518 41.34 -29.26 -104.83
CA LEU P 518 42.12 -29.14 -106.07
C LEU P 518 41.40 -29.74 -107.25
N ASP P 519 40.30 -30.45 -107.02
CA ASP P 519 39.53 -31.02 -108.13
C ASP P 519 38.49 -30.03 -108.65
N TYR P 520 38.50 -28.76 -108.24
CA TYR P 520 37.39 -27.85 -108.58
C TYR P 520 37.91 -26.52 -109.10
N LEU P 521 39.14 -26.48 -109.59
CA LEU P 521 39.84 -25.20 -109.81
C LEU P 521 39.46 -24.56 -111.14
N ASP P 522 38.35 -24.97 -111.72
CA ASP P 522 37.87 -24.40 -112.99
C ASP P 522 37.41 -22.95 -112.80
N ASN P 523 36.83 -22.63 -111.63
CA ASN P 523 36.03 -21.40 -111.42
C ASN P 523 36.86 -20.27 -110.79
N ILE P 524 38.16 -20.45 -110.61
CA ILE P 524 38.96 -19.53 -109.77
C ILE P 524 39.73 -18.59 -110.68
N SER P 525 39.97 -17.35 -110.21
CA SER P 525 40.83 -16.37 -110.88
C SER P 525 42.25 -16.46 -110.30
N PRO P 526 43.26 -16.12 -111.12
CA PRO P 526 44.65 -16.45 -110.76
C PRO P 526 45.13 -15.76 -109.50
N GLN P 527 44.59 -14.56 -109.25
CA GLN P 527 44.92 -13.81 -108.03
C GLN P 527 44.48 -14.67 -106.84
N GLN P 528 43.31 -15.26 -106.96
CA GLN P 528 42.77 -16.14 -105.91
C GLN P 528 43.59 -17.43 -105.85
N ILE P 529 44.04 -17.88 -107.00
CA ILE P 529 44.86 -19.09 -107.06
C ILE P 529 46.18 -18.83 -106.36
N ARG P 530 46.71 -17.63 -106.50
CA ARG P 530 47.97 -17.29 -105.84
C ARG P 530 47.89 -17.53 -104.34
N LYS P 531 46.88 -16.95 -103.70
CA LYS P 531 46.74 -17.07 -102.24
C LYS P 531 46.47 -18.53 -101.90
N LEU P 532 45.69 -19.21 -102.73
CA LEU P 532 45.31 -20.62 -102.48
C LEU P 532 46.57 -21.44 -102.34
N PHE P 533 47.51 -21.24 -103.25
CA PHE P 533 48.74 -22.04 -103.24
C PHE P 533 49.56 -21.61 -102.05
N TYR P 534 49.56 -20.30 -101.76
CA TYR P 534 50.22 -19.75 -100.56
C TYR P 534 49.76 -20.54 -99.35
N VAL P 535 48.47 -20.73 -99.30
CA VAL P 535 47.83 -21.48 -98.23
C VAL P 535 48.44 -22.86 -98.19
N LEU P 536 48.19 -23.61 -99.25
CA LEU P 536 48.50 -25.04 -99.27
C LEU P 536 49.98 -25.23 -99.04
N SER P 537 50.77 -24.34 -99.61
CA SER P 537 52.22 -24.41 -99.45
C SER P 537 52.57 -24.26 -97.97
N THR P 538 52.09 -23.19 -97.34
CA THR P 538 52.48 -22.89 -95.95
C THR P 538 51.97 -24.00 -95.05
N LEU P 539 50.85 -24.57 -95.45
CA LEU P 539 50.32 -25.75 -94.79
C LEU P 539 51.38 -26.86 -94.86
N ALA P 540 51.75 -27.26 -96.08
CA ALA P 540 52.64 -28.41 -96.31
C ALA P 540 53.97 -28.24 -95.62
N PHE P 541 54.55 -27.05 -95.73
CA PHE P 541 55.93 -26.76 -95.30
C PHE P 541 55.88 -26.19 -93.88
N SER P 542 55.25 -26.95 -93.00
CA SER P 542 55.45 -26.88 -91.55
C SER P 542 56.27 -28.10 -91.17
N LYS P 543 57.50 -27.91 -90.68
CA LYS P 543 58.48 -28.99 -90.46
C LYS P 543 57.96 -30.04 -89.48
N GLN P 544 57.00 -29.68 -88.63
CA GLN P 544 56.50 -30.57 -87.56
C GLN P 544 55.60 -31.66 -88.14
N ASN P 545 54.99 -31.39 -89.30
CA ASN P 545 54.20 -32.38 -90.06
C ASN P 545 54.78 -32.49 -91.47
N GLU P 546 55.77 -33.36 -91.60
CA GLU P 546 56.28 -33.81 -92.91
C GLU P 546 55.85 -35.25 -93.20
N ALA P 547 55.36 -35.99 -92.18
CA ALA P 547 54.86 -37.35 -92.38
C ALA P 547 53.71 -37.34 -93.38
N SER P 548 52.80 -36.38 -93.24
CA SER P 548 51.72 -36.14 -94.20
C SER P 548 52.16 -35.09 -95.21
N SER P 549 53.33 -35.34 -95.80
CA SER P 549 53.80 -34.63 -97.00
C SER P 549 53.15 -35.21 -98.24
N HIS P 550 52.18 -36.12 -98.10
CA HIS P 550 51.32 -36.56 -99.21
C HIS P 550 50.86 -35.35 -100.04
N ILE P 551 50.49 -34.27 -99.38
CA ILE P 551 50.02 -33.05 -100.07
C ILE P 551 51.13 -32.45 -100.92
N GLN P 552 52.39 -32.54 -100.48
CA GLN P 552 53.54 -32.09 -101.29
C GLN P 552 53.48 -32.81 -102.64
N ASP P 553 53.30 -34.12 -102.60
CA ASP P 553 53.33 -34.95 -103.83
C ASP P 553 52.15 -34.55 -104.72
N ASP P 554 50.97 -34.45 -104.12
CA ASP P 554 49.73 -34.09 -104.84
C ASP P 554 49.92 -32.76 -105.55
N MET P 555 50.47 -31.81 -104.82
CA MET P 555 50.79 -30.50 -105.41
C MET P 555 51.76 -30.68 -106.58
N HIS P 556 52.84 -31.44 -106.41
CA HIS P 556 53.82 -31.63 -107.50
C HIS P 556 53.16 -32.29 -108.68
N LEU P 557 52.21 -33.18 -108.41
CA LEU P 557 51.44 -33.84 -109.47
C LEU P 557 50.70 -32.79 -110.29
N VAL P 558 49.89 -32.00 -109.61
CA VAL P 558 49.02 -31.04 -110.33
C VAL P 558 49.88 -29.98 -111.02
N ILE P 559 50.99 -29.59 -110.40
CA ILE P 559 52.00 -28.71 -111.02
C ILE P 559 52.30 -29.29 -112.39
N ARG P 560 52.76 -30.54 -112.37
CA ARG P 560 53.15 -31.28 -113.56
C ARG P 560 52.04 -31.22 -114.61
N LYS P 561 50.81 -31.54 -114.22
CA LYS P 561 49.71 -31.75 -115.17
C LYS P 561 49.25 -30.46 -115.80
N GLN P 562 49.08 -29.41 -115.01
CA GLN P 562 48.66 -28.12 -115.56
C GLN P 562 49.80 -27.49 -116.33
N LEU P 563 51.05 -27.75 -115.94
CA LEU P 563 52.22 -27.32 -116.73
C LEU P 563 52.16 -27.94 -118.12
N SER P 564 51.95 -29.24 -118.15
CA SER P 564 51.96 -30.03 -119.38
C SER P 564 50.70 -29.69 -120.19
N SER P 565 50.74 -28.53 -120.82
CA SER P 565 49.59 -28.06 -121.60
C SER P 565 50.06 -27.16 -122.70
N THR P 566 49.61 -27.45 -123.92
CA THR P 566 49.66 -26.50 -125.05
C THR P 566 48.90 -25.22 -124.67
N VAL P 567 47.84 -25.39 -123.88
CA VAL P 567 46.94 -24.26 -123.55
C VAL P 567 47.60 -23.42 -122.45
N PHE P 568 47.66 -22.10 -122.64
CA PHE P 568 48.22 -21.13 -121.67
C PHE P 568 47.41 -21.13 -120.37
N LYS P 569 46.09 -21.34 -120.49
CA LYS P 569 45.11 -21.28 -119.39
C LYS P 569 45.59 -22.04 -118.15
N TYR P 570 46.00 -23.29 -118.31
CA TYR P 570 46.45 -24.17 -117.21
C TYR P 570 47.93 -23.96 -116.92
N LYS P 571 48.73 -23.68 -117.96
CA LYS P 571 50.20 -23.56 -117.88
C LYS P 571 50.54 -22.43 -116.90
N LEU P 572 49.97 -21.26 -117.11
CA LEU P 572 50.15 -20.12 -116.20
C LEU P 572 49.81 -20.53 -114.77
N ILE P 573 48.73 -21.28 -114.59
CA ILE P 573 48.26 -21.65 -113.23
C ILE P 573 49.34 -22.44 -112.53
N GLY P 574 49.78 -23.51 -113.21
CA GLY P 574 50.85 -24.35 -112.72
C GLY P 574 52.02 -23.49 -112.32
N ILE P 575 52.48 -22.67 -113.27
CA ILE P 575 53.64 -21.79 -113.09
C ILE P 575 53.47 -21.14 -111.73
N ILE P 576 52.33 -20.49 -111.59
CA ILE P 576 52.10 -19.65 -110.41
C ILE P 576 52.24 -20.54 -109.19
N GLY P 577 51.55 -21.67 -109.20
CA GLY P 577 51.59 -22.58 -108.07
C GLY P 577 53.02 -22.92 -107.75
N ALA P 578 53.76 -23.24 -108.78
CA ALA P 578 55.14 -23.71 -108.60
C ALA P 578 55.93 -22.64 -107.88
N VAL P 579 55.90 -21.45 -108.46
CA VAL P 579 56.75 -20.36 -107.96
C VAL P 579 56.38 -20.06 -106.52
N THR P 580 55.09 -20.08 -106.23
CA THR P 580 54.64 -19.73 -104.88
C THR P 580 55.21 -20.77 -103.92
N MET P 581 55.06 -22.04 -104.28
CA MET P 581 55.55 -23.14 -103.43
C MET P 581 57.02 -22.95 -103.17
N ALA P 582 57.74 -22.58 -104.22
CA ALA P 582 59.19 -22.36 -104.12
C ALA P 582 59.50 -21.30 -103.08
N GLY P 583 58.86 -20.15 -103.21
CA GLY P 583 59.08 -19.05 -102.29
C GLY P 583 58.74 -19.44 -100.87
N ILE P 584 57.77 -20.35 -100.73
CA ILE P 584 57.23 -20.68 -99.39
C ILE P 584 58.14 -21.72 -98.72
N MET P 585 58.56 -22.74 -99.46
CA MET P 585 59.55 -23.68 -98.90
C MET P 585 60.88 -22.98 -98.64
N ALA P 586 61.14 -21.88 -99.34
CA ALA P 586 62.26 -20.99 -99.02
C ALA P 586 62.01 -20.37 -97.63
N ALA P 587 62.74 -20.86 -96.60
CA ALA P 587 62.67 -20.35 -95.21
C ALA P 587 63.69 -19.22 -94.97
N ASP P 604 70.56 -29.35 -96.86
CA ASP P 604 70.74 -28.85 -98.23
C ASP P 604 69.78 -29.51 -99.23
N GLU P 605 69.16 -30.63 -98.87
CA GLU P 605 68.07 -31.27 -99.64
C GLU P 605 66.96 -30.27 -99.97
N GLN P 606 66.70 -29.32 -99.06
CA GLN P 606 65.85 -28.15 -99.35
C GLN P 606 66.30 -27.49 -100.66
N CYS P 607 67.59 -27.18 -100.79
CA CYS P 607 68.15 -26.47 -101.96
C CYS P 607 68.09 -27.36 -103.22
N THR P 608 68.25 -28.68 -103.04
CA THR P 608 68.23 -29.63 -104.18
C THR P 608 66.82 -29.69 -104.77
N GLN P 609 65.83 -29.88 -103.90
CA GLN P 609 64.40 -29.81 -104.28
C GLN P 609 64.12 -28.48 -104.96
N VAL P 610 64.63 -27.39 -104.38
CA VAL P 610 64.41 -26.01 -104.88
C VAL P 610 64.89 -25.94 -106.33
N THR P 611 66.17 -26.19 -106.53
CA THR P 611 66.82 -26.00 -107.85
C THR P 611 66.19 -26.97 -108.85
N SER P 612 65.86 -28.19 -108.42
CA SER P 612 65.24 -29.21 -109.31
C SER P 612 63.94 -28.66 -109.86
N LEU P 613 63.07 -28.25 -108.95
CA LEU P 613 61.78 -27.70 -109.34
C LEU P 613 61.98 -26.47 -110.21
N LEU P 614 62.95 -25.64 -109.85
CA LEU P 614 63.16 -24.36 -110.54
C LEU P 614 63.54 -24.62 -111.98
N GLN P 615 64.55 -25.47 -112.19
CA GLN P 615 65.03 -25.77 -113.55
C GLN P 615 63.92 -26.44 -114.34
N LEU P 616 63.15 -27.30 -113.67
CA LEU P 616 61.93 -27.88 -114.26
C LEU P 616 61.03 -26.77 -114.78
N VAL P 617 60.75 -25.81 -113.92
CA VAL P 617 59.84 -24.70 -114.26
C VAL P 617 60.39 -23.96 -115.47
N HIS P 618 61.68 -23.64 -115.41
CA HIS P 618 62.37 -22.88 -116.46
C HIS P 618 62.21 -23.61 -117.79
N SER P 619 62.43 -24.92 -117.77
CA SER P 619 62.34 -25.75 -118.99
C SER P 619 60.91 -25.71 -119.52
N CYS P 620 59.93 -25.78 -118.63
CA CYS P 620 58.51 -25.76 -119.02
C CYS P 620 58.13 -24.41 -119.59
N SER P 621 58.77 -23.37 -119.07
CA SER P 621 58.42 -21.98 -119.40
C SER P 621 59.06 -21.56 -120.73
N GLU P 622 60.30 -22.01 -120.97
CA GLU P 622 61.21 -21.46 -122.01
C GLU P 622 60.52 -21.22 -123.35
N GLN P 623 59.92 -22.25 -123.95
CA GLN P 623 59.51 -22.18 -125.37
C GLN P 623 58.33 -21.23 -125.59
N SER P 624 57.41 -21.14 -124.63
CA SER P 624 56.33 -20.14 -124.70
C SER P 624 56.87 -18.79 -124.20
N PRO P 625 56.79 -17.68 -124.96
CA PRO P 625 57.51 -16.46 -124.59
C PRO P 625 56.91 -15.77 -123.34
N GLN P 626 55.59 -15.62 -123.33
CA GLN P 626 54.87 -15.02 -122.17
C GLN P 626 55.04 -15.88 -120.92
N ALA P 627 55.18 -17.18 -121.08
CA ALA P 627 55.38 -18.09 -119.95
C ALA P 627 56.70 -17.74 -119.25
N SER P 628 57.81 -17.77 -120.00
CA SER P 628 59.15 -17.48 -119.45
C SER P 628 59.20 -16.07 -118.91
N ALA P 629 58.56 -15.14 -119.60
CA ALA P 629 58.46 -13.75 -119.14
C ALA P 629 57.81 -13.72 -117.76
N LEU P 630 56.66 -14.36 -117.64
CA LEU P 630 55.94 -14.43 -116.36
C LEU P 630 56.84 -15.08 -115.31
N TYR P 631 57.56 -16.11 -115.71
CA TYR P 631 58.41 -16.88 -114.78
C TYR P 631 59.46 -15.97 -114.16
N TYR P 632 60.21 -15.29 -115.02
CA TYR P 632 61.20 -14.31 -114.56
C TYR P 632 60.47 -13.37 -113.60
N ASP P 633 59.36 -12.79 -114.10
CA ASP P 633 58.62 -11.74 -113.38
C ASP P 633 58.37 -12.18 -111.95
N GLU P 634 57.69 -13.31 -111.81
CA GLU P 634 57.24 -13.73 -110.48
C GLU P 634 58.45 -14.20 -109.67
N PHE P 635 59.48 -14.71 -110.32
CA PHE P 635 60.71 -15.03 -109.59
C PHE P 635 61.28 -13.76 -109.00
N ALA P 636 61.36 -12.71 -109.81
CA ALA P 636 61.81 -11.39 -109.33
C ALA P 636 60.95 -10.94 -108.16
N ASN P 637 59.64 -11.12 -108.28
CA ASN P 637 58.71 -10.73 -107.21
C ASN P 637 59.03 -11.49 -105.92
N LEU P 638 59.14 -12.80 -106.02
CA LEU P 638 59.48 -13.66 -104.88
C LEU P 638 60.77 -13.19 -104.22
N ILE P 639 61.76 -12.85 -105.02
CA ILE P 639 63.12 -12.57 -104.50
C ILE P 639 63.11 -11.22 -103.77
N GLN P 640 62.44 -10.22 -104.32
CA GLN P 640 62.34 -8.91 -103.63
C GLN P 640 61.54 -9.04 -102.34
N HIS P 641 60.53 -9.91 -102.32
CA HIS P 641 59.62 -10.03 -101.17
C HIS P 641 60.23 -10.88 -100.06
N GLU P 642 61.03 -11.89 -100.42
CA GLU P 642 61.57 -12.87 -99.47
C GLU P 642 63.09 -12.76 -99.47
N LYS P 643 63.69 -12.89 -98.29
CA LYS P 643 65.14 -12.73 -98.07
C LYS P 643 65.87 -14.08 -98.14
N LEU P 644 65.30 -15.07 -98.85
CA LEU P 644 65.67 -16.51 -98.74
C LEU P 644 67.17 -16.77 -98.91
N ASP P 645 67.64 -17.92 -98.41
CA ASP P 645 69.08 -18.31 -98.35
C ASP P 645 69.69 -18.28 -99.76
N PRO P 646 70.66 -17.39 -100.08
CA PRO P 646 71.09 -17.23 -101.47
C PRO P 646 72.08 -18.32 -101.90
N LYS P 647 71.53 -19.49 -102.26
CA LYS P 647 72.29 -20.64 -102.81
C LYS P 647 71.85 -20.96 -104.24
N ALA P 648 70.55 -21.21 -104.46
CA ALA P 648 69.98 -21.31 -105.82
C ALA P 648 70.06 -19.98 -106.57
N LEU P 649 70.19 -18.84 -105.86
CA LEU P 649 70.22 -17.50 -106.48
C LEU P 649 71.62 -17.18 -107.01
N GLU P 650 72.66 -17.40 -106.20
CA GLU P 650 74.06 -17.35 -106.67
C GLU P 650 74.31 -18.46 -107.71
N TRP P 651 73.54 -19.56 -107.67
CA TRP P 651 73.61 -20.62 -108.70
C TRP P 651 73.05 -20.12 -110.03
N VAL P 652 71.90 -19.45 -110.01
CA VAL P 652 71.15 -19.12 -111.24
C VAL P 652 71.67 -17.82 -111.86
N GLY P 653 72.01 -16.80 -111.05
CA GLY P 653 72.32 -15.44 -111.54
C GLY P 653 73.58 -15.34 -112.39
N HIS P 654 74.56 -16.21 -112.13
CA HIS P 654 75.79 -16.33 -112.96
C HIS P 654 75.49 -16.93 -114.34
N THR P 655 74.39 -17.68 -114.50
CA THR P 655 73.91 -18.23 -115.78
C THR P 655 72.97 -17.24 -116.48
N ILE P 656 72.16 -16.51 -115.70
CA ILE P 656 71.19 -15.52 -116.22
C ILE P 656 71.95 -14.37 -116.89
N CYS P 657 73.02 -13.88 -116.28
CA CYS P 657 73.81 -12.75 -116.84
C CYS P 657 74.48 -13.16 -118.14
N ASN P 658 75.02 -14.37 -118.21
CA ASN P 658 75.66 -14.91 -119.43
C ASN P 658 74.64 -15.09 -120.56
N ASP P 659 73.51 -15.74 -120.27
CA ASP P 659 72.42 -15.93 -121.25
C ASP P 659 71.85 -14.59 -121.71
N PHE P 660 71.82 -13.58 -120.83
CA PHE P 660 71.35 -12.23 -121.18
C PHE P 660 72.31 -11.55 -122.17
N GLN P 661 73.60 -11.54 -121.84
CA GLN P 661 74.63 -10.85 -122.65
C GLN P 661 75.02 -11.64 -123.91
N ASP P 662 74.52 -12.89 -124.08
CA ASP P 662 74.60 -13.61 -125.37
C ASP P 662 73.28 -13.57 -126.15
N ALA P 663 72.13 -13.33 -125.51
CA ALA P 663 70.82 -13.30 -126.18
C ALA P 663 70.50 -11.90 -126.74
N PHE P 664 70.99 -10.84 -126.10
CA PHE P 664 70.61 -9.45 -126.43
C PHE P 664 71.81 -8.53 -126.68
N VAL P 665 72.89 -8.64 -125.89
CA VAL P 665 74.07 -7.75 -126.05
C VAL P 665 74.84 -8.15 -127.29
N VAL P 666 75.09 -7.18 -128.17
CA VAL P 666 75.77 -7.37 -129.47
C VAL P 666 76.77 -6.22 -129.65
N ASP P 667 77.87 -6.49 -130.37
CA ASP P 667 78.90 -5.48 -130.69
C ASP P 667 78.27 -4.28 -131.39
N SER P 668 78.75 -3.07 -131.09
CA SER P 668 78.12 -1.81 -131.56
C SER P 668 78.39 -1.60 -133.05
N CYS P 669 77.84 -2.48 -133.88
CA CYS P 669 77.75 -2.29 -135.34
C CYS P 669 76.43 -1.59 -135.62
N VAL P 670 76.46 -0.59 -136.49
CA VAL P 670 75.30 0.32 -136.68
C VAL P 670 74.15 -0.48 -137.30
N VAL P 671 74.35 -0.99 -138.51
CA VAL P 671 73.37 -1.83 -139.24
C VAL P 671 73.82 -3.29 -139.10
N PRO P 672 73.05 -4.17 -138.45
CA PRO P 672 73.33 -5.59 -138.52
C PRO P 672 72.81 -6.15 -139.84
N GLU P 673 73.18 -7.40 -140.11
CA GLU P 673 72.65 -8.15 -141.28
C GLU P 673 71.12 -8.26 -141.16
N GLY P 674 70.48 -8.51 -142.30
CA GLY P 674 69.04 -8.70 -142.41
C GLY P 674 68.40 -7.73 -143.37
N ASP P 675 67.38 -8.21 -144.09
CA ASP P 675 66.59 -7.39 -145.03
C ASP P 675 65.63 -6.52 -144.21
N PHE P 676 65.88 -5.21 -144.18
CA PHE P 676 65.07 -4.22 -143.45
C PHE P 676 64.57 -3.18 -144.45
N PRO P 677 63.25 -2.92 -144.55
CA PRO P 677 62.78 -1.68 -145.20
C PRO P 677 62.75 -0.51 -144.21
N PHE P 678 63.81 -0.38 -143.40
CA PHE P 678 63.88 0.52 -142.24
C PHE P 678 65.34 0.72 -141.88
N PRO P 679 65.88 1.97 -141.90
CA PRO P 679 67.32 2.15 -141.68
C PRO P 679 67.74 1.89 -140.24
N VAL P 680 68.35 0.72 -139.98
CA VAL P 680 68.72 0.28 -138.63
C VAL P 680 69.90 1.14 -138.16
N LYS P 681 69.89 1.56 -136.90
CA LYS P 681 70.92 2.47 -136.34
C LYS P 681 71.08 2.23 -134.84
N ALA P 682 72.29 2.47 -134.32
CA ALA P 682 72.59 2.43 -132.88
C ALA P 682 72.16 3.76 -132.27
N LEU P 683 70.86 3.92 -132.11
CA LEU P 683 70.19 5.21 -131.79
C LEU P 683 69.91 5.35 -130.30
N TYR P 684 69.63 6.58 -129.88
CA TYR P 684 69.17 6.96 -128.54
C TYR P 684 70.16 6.55 -127.44
N GLY P 685 71.42 6.29 -127.80
CA GLY P 685 72.50 6.23 -126.81
C GLY P 685 72.69 7.61 -126.20
N LEU P 686 73.09 7.64 -124.93
CA LEU P 686 73.26 8.91 -124.21
C LEU P 686 74.51 9.66 -124.67
N GLU P 687 75.42 9.01 -125.40
CA GLU P 687 76.56 9.60 -126.15
C GLU P 687 77.72 10.01 -125.25
N GLU P 688 77.63 9.88 -123.91
CA GLU P 688 78.82 9.90 -123.04
C GLU P 688 79.52 8.55 -123.09
N TYR P 689 78.75 7.46 -123.18
CA TYR P 689 79.27 6.13 -123.54
C TYR P 689 79.76 6.18 -124.98
N ASP P 690 80.98 5.73 -125.23
CA ASP P 690 81.59 5.80 -126.58
C ASP P 690 80.87 4.79 -127.47
N THR P 691 80.35 5.24 -128.62
CA THR P 691 79.48 4.45 -129.52
C THR P 691 80.22 3.21 -130.02
N GLN P 692 81.49 3.36 -130.40
CA GLN P 692 82.33 2.26 -130.93
C GLN P 692 82.80 1.42 -129.74
N ASP P 693 81.91 0.54 -129.29
CA ASP P 693 82.15 -0.34 -128.14
C ASP P 693 81.50 -1.71 -128.38
N GLY P 694 81.59 -2.59 -127.39
CA GLY P 694 80.92 -3.89 -127.37
C GLY P 694 79.45 -3.80 -126.97
N ILE P 695 79.14 -3.11 -125.87
CA ILE P 695 77.77 -3.15 -125.28
C ILE P 695 76.83 -2.33 -126.17
N ALA P 696 75.94 -3.03 -126.87
CA ALA P 696 74.76 -2.46 -127.56
C ALA P 696 73.78 -3.62 -127.79
N ILE P 697 72.51 -3.30 -127.99
CA ILE P 697 71.41 -4.29 -127.85
C ILE P 697 70.64 -4.39 -129.17
N ASN P 698 70.21 -5.61 -129.50
CA ASN P 698 69.56 -5.96 -130.78
C ASN P 698 68.05 -6.04 -130.56
N LEU P 699 67.30 -5.19 -131.28
CA LEU P 699 65.83 -5.10 -131.14
C LEU P 699 65.14 -5.42 -132.47
N LEU P 700 65.42 -4.65 -133.52
CA LEU P 700 64.64 -4.71 -134.77
C LEU P 700 64.94 -5.97 -135.57
N PRO P 701 66.22 -6.44 -135.67
CA PRO P 701 66.46 -7.77 -136.24
C PRO P 701 65.78 -8.91 -135.50
N LEU P 702 65.55 -8.76 -134.20
CA LEU P 702 64.83 -9.78 -133.41
C LEU P 702 63.33 -9.71 -133.73
N LEU P 703 62.73 -8.53 -133.72
CA LEU P 703 61.26 -8.39 -133.93
C LEU P 703 60.86 -8.75 -135.36
N PHE P 704 61.72 -8.47 -136.35
CA PHE P 704 61.45 -8.87 -137.74
C PHE P 704 61.66 -10.38 -137.92
N SER P 705 62.63 -10.97 -137.21
CA SER P 705 62.86 -12.44 -137.23
C SER P 705 61.67 -13.17 -136.61
N GLN P 706 60.92 -12.53 -135.70
CA GLN P 706 59.67 -13.10 -135.16
C GLN P 706 58.65 -13.34 -136.28
N ASP P 707 58.67 -12.51 -137.35
CA ASP P 707 57.78 -12.64 -138.51
C ASP P 707 58.59 -12.71 -139.82
N SER P 726 62.09 -14.62 -126.43
CA SER P 726 63.35 -13.89 -126.16
C SER P 726 63.15 -12.37 -126.11
N PRO P 727 62.66 -11.72 -127.20
CA PRO P 727 62.61 -10.24 -127.21
C PRO P 727 61.60 -9.60 -126.25
N LEU P 728 60.37 -10.11 -126.21
CA LEU P 728 59.28 -9.50 -125.41
C LEU P 728 59.61 -9.54 -123.92
N CYS P 729 60.23 -10.63 -123.47
CA CYS P 729 60.59 -10.84 -122.05
C CYS P 729 61.85 -10.09 -121.65
N LEU P 730 62.46 -9.36 -122.58
CA LEU P 730 63.74 -8.69 -122.32
C LEU P 730 63.66 -7.87 -121.04
N ALA P 731 62.60 -7.07 -120.90
CA ALA P 731 62.49 -6.14 -119.76
C ALA P 731 62.42 -6.88 -118.43
N PRO P 732 61.47 -7.80 -118.21
CA PRO P 732 61.46 -8.53 -116.94
C PRO P 732 62.68 -9.43 -116.74
N TYR P 733 63.29 -9.89 -117.83
CA TYR P 733 64.52 -10.70 -117.74
C TYR P 733 65.66 -9.85 -117.17
N PHE P 734 65.76 -8.62 -117.65
CA PHE P 734 66.70 -7.63 -117.10
C PHE P 734 66.33 -7.34 -115.63
N ARG P 735 65.04 -7.29 -115.32
CA ARG P 735 64.60 -7.05 -113.94
C ARG P 735 65.14 -8.16 -113.04
N LEU P 736 65.00 -9.40 -113.47
CA LEU P 736 65.52 -10.54 -112.69
C LEU P 736 67.03 -10.45 -112.59
N LEU P 737 67.69 -10.12 -113.70
CA LEU P 737 69.14 -9.94 -113.71
C LEU P 737 69.52 -8.90 -112.67
N ARG P 738 68.85 -7.74 -112.71
CA ARG P 738 69.05 -6.66 -111.73
C ARG P 738 68.91 -7.20 -110.30
N LEU P 739 67.84 -7.94 -110.05
CA LEU P 739 67.52 -8.32 -108.65
C LEU P 739 68.47 -9.42 -108.15
N CYS P 740 68.89 -10.33 -109.01
CA CYS P 740 69.88 -11.36 -108.61
C CYS P 740 71.24 -10.71 -108.35
N VAL P 741 71.68 -9.79 -109.21
CA VAL P 741 72.97 -9.09 -108.98
C VAL P 741 72.84 -8.16 -107.78
N GLU P 742 71.65 -7.60 -107.50
CA GLU P 742 71.41 -6.72 -106.33
C GLU P 742 71.35 -7.51 -105.03
N ARG P 743 71.08 -8.81 -105.09
CA ARG P 743 71.14 -9.71 -103.91
C ARG P 743 72.54 -10.29 -103.70
N GLN P 744 73.31 -10.47 -104.77
CA GLN P 744 74.70 -10.97 -104.67
C GLN P 744 75.63 -9.84 -104.23
N HIS P 745 75.78 -8.80 -105.06
CA HIS P 745 76.68 -7.65 -104.78
C HIS P 745 76.09 -6.70 -103.72
N ASN P 746 74.81 -6.88 -103.32
CA ASN P 746 74.14 -6.06 -102.30
C ASN P 746 74.02 -4.61 -102.78
N GLY P 747 73.30 -4.41 -103.90
CA GLY P 747 72.94 -3.08 -104.40
C GLY P 747 73.84 -2.54 -105.49
N ASN P 748 74.97 -3.19 -105.79
CA ASN P 748 75.93 -2.70 -106.79
C ASN P 748 75.50 -3.13 -108.20
N LEU P 749 75.64 -2.21 -109.16
CA LEU P 749 75.36 -2.46 -110.59
C LEU P 749 76.65 -2.22 -111.39
N GLU P 750 77.76 -2.78 -110.92
CA GLU P 750 79.11 -2.42 -111.41
C GLU P 750 79.34 -2.96 -112.83
N GLU P 751 78.86 -4.16 -113.14
CA GLU P 751 79.06 -4.79 -114.47
C GLU P 751 77.88 -4.54 -115.41
N ILE P 752 77.04 -3.54 -115.12
CA ILE P 752 75.80 -3.23 -115.88
C ILE P 752 75.73 -1.76 -116.28
N ASP P 753 76.66 -0.91 -115.79
CA ASP P 753 76.67 0.54 -116.12
C ASP P 753 76.71 0.77 -117.63
N GLY P 754 77.29 -0.14 -118.41
CA GLY P 754 77.25 -0.06 -119.87
C GLY P 754 75.84 -0.14 -120.43
N LEU P 755 74.95 -0.89 -119.78
CA LEU P 755 73.54 -1.03 -120.22
C LEU P 755 72.73 0.23 -119.94
N LEU P 756 73.16 1.06 -118.98
CA LEU P 756 72.47 2.33 -118.68
C LEU P 756 72.59 3.29 -119.86
N ASP P 757 73.69 3.24 -120.61
CA ASP P 757 74.09 4.30 -121.56
C ASP P 757 74.45 3.76 -122.95
N CYS P 758 74.28 2.46 -123.22
CA CYS P 758 74.64 1.89 -124.53
C CYS P 758 73.67 2.41 -125.61
N PRO P 759 74.10 2.50 -126.88
CA PRO P 759 73.16 2.84 -127.94
C PRO P 759 72.37 1.60 -128.35
N ILE P 760 71.13 1.83 -128.75
CA ILE P 760 70.13 0.77 -128.99
C ILE P 760 69.96 0.60 -130.50
N PHE P 761 69.88 -0.64 -130.97
CA PHE P 761 69.74 -0.96 -132.41
C PHE P 761 68.28 -0.74 -132.82
N LEU P 762 67.99 0.50 -133.18
CA LEU P 762 66.64 0.98 -133.55
C LEU P 762 66.67 1.53 -134.96
N THR P 763 65.55 1.39 -135.67
CA THR P 763 65.38 2.09 -136.96
C THR P 763 65.21 3.59 -136.70
N ASP P 764 65.00 4.34 -137.76
CA ASP P 764 64.73 5.77 -137.64
C ASP P 764 63.42 5.98 -136.88
N LEU P 765 63.52 6.40 -135.62
CA LEU P 765 62.34 6.72 -134.81
C LEU P 765 61.93 8.18 -134.97
N GLU P 766 62.33 8.81 -136.08
CA GLU P 766 61.74 10.09 -136.50
C GLU P 766 60.23 9.88 -136.64
N PRO P 767 59.38 10.81 -136.19
CA PRO P 767 57.94 10.65 -136.40
C PRO P 767 57.57 10.51 -137.88
N GLY P 768 57.20 9.29 -138.28
CA GLY P 768 56.96 8.95 -139.68
C GLY P 768 55.63 9.46 -140.19
N GLU P 769 55.55 10.77 -140.49
CA GLU P 769 54.42 11.37 -141.22
C GLU P 769 54.57 11.13 -142.73
N LYS P 770 55.81 11.03 -143.24
CA LYS P 770 56.06 10.61 -144.62
C LYS P 770 55.74 9.13 -144.83
N LEU P 771 55.89 8.31 -143.79
CA LEU P 771 55.57 6.86 -143.85
C LEU P 771 54.12 6.66 -143.43
N GLU P 772 53.21 7.38 -144.10
CA GLU P 772 51.75 7.32 -143.87
C GLU P 772 51.10 6.67 -145.09
N SER P 773 49.80 6.38 -144.98
CA SER P 773 49.09 5.46 -145.90
C SER P 773 49.75 4.08 -145.83
N MET P 774 50.29 3.74 -144.65
CA MET P 774 51.16 2.57 -144.44
C MET P 774 50.73 1.88 -143.14
N SER P 775 49.42 1.78 -142.91
CA SER P 775 48.84 1.08 -141.74
C SER P 775 48.69 -0.41 -142.04
N ALA P 776 49.77 -1.03 -142.51
CA ALA P 776 49.90 -2.48 -142.73
C ALA P 776 50.65 -3.07 -141.53
N LYS P 777 51.10 -4.33 -141.63
CA LYS P 777 51.90 -4.99 -140.58
C LYS P 777 53.19 -4.21 -140.22
N GLU P 778 53.71 -3.34 -141.11
CA GLU P 778 54.90 -2.50 -140.78
C GLU P 778 54.55 -1.38 -139.78
N ARG P 779 53.32 -0.84 -139.80
CA ARG P 779 52.86 0.10 -138.75
C ARG P 779 52.79 -0.62 -137.39
N SER P 780 52.36 -1.89 -137.40
CA SER P 780 52.36 -2.73 -136.17
C SER P 780 53.79 -2.93 -135.68
N PHE P 781 54.73 -3.21 -136.59
CA PHE P 781 56.16 -3.38 -136.26
C PHE P 781 56.72 -2.12 -135.59
N MET P 782 56.45 -0.96 -136.18
CA MET P 782 56.98 0.32 -135.66
C MET P 782 56.33 0.67 -134.31
N CYS P 783 55.00 0.57 -134.19
CA CYS P 783 54.31 0.93 -132.92
C CYS P 783 54.69 -0.04 -131.80
N SER P 784 54.77 -1.34 -132.10
CA SER P 784 55.22 -2.35 -131.13
C SER P 784 56.68 -2.13 -130.76
N LEU P 785 57.53 -1.80 -131.75
CA LEU P 785 58.97 -1.57 -131.51
C LEU P 785 59.17 -0.39 -130.55
N ILE P 786 58.47 0.71 -130.80
CA ILE P 786 58.54 1.90 -129.94
C ILE P 786 58.00 1.54 -128.55
N PHE P 787 56.92 0.75 -128.51
CA PHE P 787 56.31 0.29 -127.24
C PHE P 787 57.32 -0.52 -126.42
N LEU P 788 58.03 -1.44 -127.08
CA LEU P 788 58.96 -2.37 -126.38
C LEU P 788 60.19 -1.60 -125.88
N THR P 789 60.77 -0.72 -126.69
CA THR P 789 61.92 0.08 -126.24
C THR P 789 61.48 1.04 -125.12
N LEU P 790 60.23 1.52 -125.17
CA LEU P 790 59.67 2.34 -124.08
C LEU P 790 59.63 1.53 -122.78
N ASN P 791 59.14 0.29 -122.87
CA ASN P 791 59.15 -0.64 -121.74
C ASN P 791 60.58 -0.84 -121.26
N TRP P 792 61.52 -0.95 -122.20
CA TRP P 792 62.94 -1.19 -121.89
C TRP P 792 63.50 -0.03 -121.07
N PHE P 793 63.23 1.19 -121.50
CA PHE P 793 63.73 2.38 -120.80
C PHE P 793 63.01 2.58 -119.48
N ARG P 794 61.72 2.25 -119.43
CA ARG P 794 60.97 2.24 -118.16
C ARG P 794 61.64 1.31 -117.17
N GLU P 795 62.04 0.12 -117.63
CA GLU P 795 62.77 -0.87 -116.81
C GLU P 795 64.11 -0.29 -116.36
N ILE P 796 64.81 0.39 -117.25
CA ILE P 796 66.15 0.96 -116.93
C ILE P 796 65.99 1.99 -115.83
N VAL P 797 65.00 2.87 -115.95
CA VAL P 797 64.79 3.91 -114.91
C VAL P 797 64.34 3.26 -113.60
N ASN P 798 63.57 2.17 -113.64
CA ASN P 798 63.26 1.41 -112.41
C ASN P 798 64.52 0.83 -111.79
N ALA P 799 65.48 0.43 -112.61
CA ALA P 799 66.71 -0.23 -112.15
C ALA P 799 67.63 0.77 -111.45
N PHE P 800 67.97 1.87 -112.13
CA PHE P 800 69.03 2.79 -111.70
C PHE P 800 68.49 3.97 -110.88
N CYS P 801 67.31 3.84 -110.26
CA CYS P 801 66.70 4.93 -109.49
C CYS P 801 67.37 5.05 -108.11
N GLN P 802 67.45 3.93 -107.39
CA GLN P 802 67.93 3.92 -105.99
C GLN P 802 69.42 4.27 -105.91
N GLU P 803 70.19 4.05 -106.99
CA GLU P 803 71.63 4.34 -107.00
C GLU P 803 71.85 5.85 -106.94
N THR P 804 72.90 6.25 -106.21
CA THR P 804 73.13 7.66 -105.80
C THR P 804 74.22 8.34 -106.64
N SER P 805 74.89 7.62 -107.54
CA SER P 805 76.02 8.19 -108.32
C SER P 805 75.50 9.32 -109.20
N PRO P 806 76.13 10.52 -109.19
CA PRO P 806 75.50 11.68 -109.85
C PRO P 806 75.59 11.63 -111.37
N GLU P 807 76.65 11.03 -111.94
CA GLU P 807 76.74 10.84 -113.40
C GLU P 807 75.69 9.83 -113.85
N MET P 808 75.44 8.78 -113.07
CA MET P 808 74.38 7.81 -113.36
C MET P 808 73.00 8.45 -113.20
N LYS P 809 72.85 9.37 -112.25
CA LYS P 809 71.60 10.15 -112.12
C LYS P 809 71.37 11.01 -113.35
N GLY P 810 72.39 11.73 -113.82
CA GLY P 810 72.30 12.56 -115.03
C GLY P 810 72.05 11.74 -116.28
N LYS P 811 72.61 10.53 -116.35
CA LYS P 811 72.26 9.55 -117.39
C LYS P 811 70.78 9.17 -117.28
N VAL P 812 70.28 8.99 -116.06
CA VAL P 812 68.86 8.68 -115.84
C VAL P 812 67.99 9.88 -116.25
N LEU P 813 68.47 11.10 -116.02
CA LEU P 813 67.77 12.32 -116.51
C LEU P 813 67.65 12.27 -118.03
N THR P 814 68.76 12.01 -118.73
CA THR P 814 68.76 11.86 -120.20
C THR P 814 67.81 10.75 -120.65
N ARG P 815 67.72 9.66 -119.88
CA ARG P 815 66.79 8.56 -120.21
C ARG P 815 65.33 8.98 -119.95
N LEU P 816 65.08 9.78 -118.91
CA LEU P 816 63.70 10.28 -118.62
C LEU P 816 63.19 11.13 -119.78
N LYS P 817 64.02 12.04 -120.30
CA LYS P 817 63.64 12.88 -121.46
C LYS P 817 63.53 12.01 -122.72
N HIS P 818 64.41 11.02 -122.89
CA HIS P 818 64.27 10.04 -123.98
C HIS P 818 62.92 9.35 -123.89
N ILE P 819 62.49 9.01 -122.68
CA ILE P 819 61.24 8.25 -122.46
C ILE P 819 60.04 9.15 -122.82
N VAL P 820 60.04 10.40 -122.38
CA VAL P 820 58.88 11.28 -122.70
C VAL P 820 58.88 11.62 -124.19
N GLU P 821 60.06 11.73 -124.81
CA GLU P 821 60.17 11.89 -126.28
C GLU P 821 59.53 10.70 -126.99
N LEU P 822 59.87 9.49 -126.57
CA LEU P 822 59.30 8.29 -127.21
C LEU P 822 57.84 8.10 -126.82
N GLN P 823 57.41 8.65 -125.67
CA GLN P 823 55.98 8.66 -125.27
C GLN P 823 55.16 9.48 -126.27
N ILE P 824 55.62 10.70 -126.56
CA ILE P 824 54.93 11.57 -127.54
C ILE P 824 55.01 10.96 -128.93
N ILE P 825 56.13 10.28 -129.26
CA ILE P 825 56.27 9.58 -130.56
C ILE P 825 55.26 8.42 -130.62
N LEU P 826 55.06 7.67 -129.54
CA LEU P 826 54.20 6.48 -129.58
C LEU P 826 52.71 6.88 -129.63
N GLU P 827 52.30 7.86 -128.82
CA GLU P 827 50.89 8.33 -128.89
C GLU P 827 50.60 9.00 -130.25
N LYS P 828 51.61 9.57 -130.91
CA LYS P 828 51.49 9.97 -132.33
C LYS P 828 51.26 8.72 -133.19
N TYR P 829 52.12 7.70 -133.06
CA TYR P 829 52.08 6.48 -133.90
C TYR P 829 50.81 5.67 -133.69
N LEU P 830 50.11 5.86 -132.57
CA LEU P 830 48.80 5.23 -132.29
C LEU P 830 47.65 6.12 -132.73
N ALA P 831 47.86 7.44 -132.79
CA ALA P 831 46.92 8.36 -133.47
C ALA P 831 46.96 8.15 -134.99
N VAL P 832 48.09 7.64 -135.53
CA VAL P 832 48.23 7.35 -136.98
C VAL P 832 47.14 6.36 -137.41
N THR P 833 47.07 5.21 -136.73
CA THR P 833 45.99 4.21 -136.89
C THR P 833 45.45 3.87 -135.49
N PRO P 834 44.14 4.05 -135.20
CA PRO P 834 43.64 3.72 -133.86
C PRO P 834 43.29 2.25 -133.64
N ASP P 835 43.43 1.40 -134.67
CA ASP P 835 42.98 -0.01 -134.62
C ASP P 835 44.12 -0.93 -134.19
N TYR P 836 45.33 -0.67 -134.67
CA TYR P 836 46.49 -1.60 -134.55
C TYR P 836 46.96 -1.60 -133.11
N VAL P 837 46.26 -2.40 -132.29
CA VAL P 837 46.62 -2.63 -130.87
C VAL P 837 47.96 -3.35 -130.84
N PRO P 838 49.02 -2.84 -130.16
CA PRO P 838 50.19 -3.67 -129.85
C PRO P 838 49.98 -4.43 -128.55
N PRO P 839 49.29 -5.60 -128.55
CA PRO P 839 48.69 -6.12 -127.33
C PRO P 839 49.76 -6.77 -126.43
N LEU P 840 50.20 -6.02 -125.40
CA LEU P 840 51.08 -6.53 -124.33
C LEU P 840 50.75 -5.83 -123.01
N GLY P 841 49.83 -6.42 -122.25
CA GLY P 841 49.51 -5.98 -120.89
C GLY P 841 50.40 -6.65 -119.88
N ASN P 842 50.40 -6.11 -118.66
CA ASN P 842 51.11 -6.72 -117.53
C ASN P 842 50.43 -8.03 -117.16
N PHE P 843 51.21 -8.98 -116.67
CA PHE P 843 50.84 -10.42 -116.63
C PHE P 843 50.11 -10.80 -115.35
N ASP P 844 49.83 -9.83 -114.46
CA ASP P 844 49.21 -10.13 -113.15
C ASP P 844 47.68 -10.17 -113.27
N VAL P 845 47.07 -9.15 -113.88
CA VAL P 845 45.60 -8.95 -113.89
C VAL P 845 45.07 -8.80 -115.32
N GLU P 846 45.91 -8.39 -116.28
CA GLU P 846 45.42 -7.86 -117.58
C GLU P 846 45.27 -8.98 -118.60
N THR P 847 46.16 -9.98 -118.58
CA THR P 847 46.22 -11.01 -119.64
C THR P 847 44.98 -11.89 -119.66
N LEU P 848 44.32 -12.09 -118.51
CA LEU P 848 43.15 -12.98 -118.42
C LEU P 848 41.90 -12.39 -119.06
N ASP P 849 41.73 -11.06 -119.01
CA ASP P 849 40.56 -10.38 -119.62
C ASP P 849 40.56 -10.55 -121.15
N ILE P 850 41.72 -10.77 -121.77
CA ILE P 850 41.86 -11.01 -123.23
C ILE P 850 41.82 -12.51 -123.49
N THR P 851 42.78 -13.25 -122.93
CA THR P 851 42.91 -14.71 -123.15
C THR P 851 41.93 -15.47 -122.27
N LEU P 916 42.32 6.58 -126.35
CA LEU P 916 43.05 5.42 -126.90
C LEU P 916 44.48 5.36 -126.36
N LEU P 917 45.19 6.49 -126.36
CA LEU P 917 46.54 6.59 -125.75
C LEU P 917 46.51 6.23 -124.27
N LEU P 918 45.43 6.60 -123.56
CA LEU P 918 45.28 6.30 -122.12
C LEU P 918 45.02 4.82 -121.87
N HIS P 919 44.44 4.08 -122.83
CA HIS P 919 44.21 2.62 -122.69
C HIS P 919 45.54 1.86 -122.56
N ASN P 920 46.60 2.35 -123.22
CA ASN P 920 47.95 1.75 -123.18
C ASN P 920 48.87 2.43 -122.16
N SER P 921 48.66 3.72 -121.85
CA SER P 921 49.56 4.53 -120.99
C SER P 921 49.79 3.87 -119.63
N HIS P 922 48.73 3.37 -119.00
CA HIS P 922 48.76 2.72 -117.68
C HIS P 922 48.69 1.19 -117.78
N ALA P 923 47.86 0.65 -118.68
CA ALA P 923 47.57 -0.80 -118.75
C ALA P 923 48.69 -1.53 -119.51
N PHE P 924 48.96 -1.12 -120.75
CA PHE P 924 49.86 -1.88 -121.64
C PHE P 924 51.30 -1.73 -121.17
N PHE P 925 51.74 -0.48 -121.03
CA PHE P 925 53.13 -0.17 -120.68
C PHE P 925 53.50 -0.79 -119.34
N ARG P 926 54.81 -0.94 -119.14
CA ARG P 926 55.36 -1.43 -117.87
C ARG P 926 55.21 -0.35 -116.82
N GLU P 927 54.68 -0.73 -115.68
CA GLU P 927 54.41 0.23 -114.60
C GLU P 927 55.64 0.30 -113.71
N LEU P 928 55.91 1.51 -113.20
CA LEU P 928 57.23 1.88 -112.69
C LEU P 928 57.28 1.81 -111.17
N ASP P 929 58.48 2.01 -110.62
CA ASP P 929 58.83 1.76 -109.20
C ASP P 929 58.75 3.07 -108.42
N ILE P 930 58.42 2.96 -107.13
CA ILE P 930 58.13 4.14 -106.28
C ILE P 930 59.40 4.94 -106.00
N GLU P 931 60.57 4.29 -106.00
CA GLU P 931 61.86 4.97 -105.80
C GLU P 931 62.33 5.75 -107.03
N VAL P 932 61.62 5.63 -108.17
CA VAL P 932 61.89 6.42 -109.41
C VAL P 932 61.92 7.92 -109.13
N PHE P 933 61.18 8.38 -108.12
CA PHE P 933 61.08 9.81 -107.76
C PHE P 933 62.20 10.26 -106.82
N SER P 934 63.34 9.56 -106.79
CA SER P 934 64.57 10.05 -106.15
C SER P 934 65.25 11.15 -106.97
N ILE P 935 64.80 11.42 -108.20
CA ILE P 935 65.44 12.36 -109.15
C ILE P 935 64.82 13.75 -109.04
N LEU P 936 63.49 13.84 -108.93
CA LEU P 936 62.76 15.13 -108.89
C LEU P 936 63.09 15.96 -107.63
N HIS P 937 63.86 15.41 -106.68
CA HIS P 937 64.49 16.19 -105.60
C HIS P 937 65.31 17.36 -106.15
N CYS P 938 65.97 17.16 -107.29
CA CYS P 938 66.82 18.21 -107.91
C CYS P 938 65.98 19.43 -108.29
N GLY P 939 66.61 20.60 -108.27
CA GLY P 939 65.90 21.88 -108.47
C GLY P 939 65.67 22.19 -109.94
N LEU P 940 64.55 22.87 -110.22
CA LEU P 940 64.16 23.19 -111.61
C LEU P 940 65.21 24.11 -112.22
N VAL P 941 65.39 23.98 -113.52
CA VAL P 941 66.09 24.97 -114.36
C VAL P 941 65.09 25.46 -115.40
N THR P 942 65.36 26.65 -115.93
CA THR P 942 64.52 27.30 -116.95
C THR P 942 65.43 27.64 -118.14
N LYS P 943 64.96 27.34 -119.36
CA LYS P 943 65.65 27.70 -120.62
C LYS P 943 64.93 28.80 -121.38
N PHE P 944 63.64 29.00 -121.14
CA PHE P 944 62.89 30.16 -121.68
C PHE P 944 63.37 31.46 -121.02
N ILE P 945 63.62 31.42 -119.70
CA ILE P 945 63.94 32.62 -118.88
C ILE P 945 65.38 32.58 -118.35
N LEU P 946 65.84 31.44 -117.85
CA LEU P 946 67.18 31.26 -117.26
C LEU P 946 67.37 32.21 -116.07
N LEU P 960 69.24 18.49 -113.85
CA LEU P 960 67.79 18.34 -114.08
C LEU P 960 67.34 19.28 -115.18
N GLY P 961 66.37 18.81 -115.98
CA GLY P 961 65.66 19.61 -116.97
C GLY P 961 64.19 19.78 -116.61
N PRO P 962 63.51 20.82 -117.14
CA PRO P 962 62.05 20.91 -117.04
C PRO P 962 61.29 19.72 -117.65
N PRO P 963 61.63 19.21 -118.85
CA PRO P 963 60.96 18.00 -119.36
C PRO P 963 61.30 16.70 -118.62
N GLU P 964 62.53 16.58 -118.09
CA GLU P 964 62.91 15.45 -117.21
C GLU P 964 62.06 15.45 -115.94
N LEU P 965 61.76 16.63 -115.39
CA LEU P 965 60.85 16.74 -114.23
C LEU P 965 59.40 16.56 -114.64
N LEU P 966 59.00 17.03 -115.83
CA LEU P 966 57.63 16.82 -116.36
C LEU P 966 57.31 15.33 -116.42
N PHE P 967 58.25 14.51 -116.88
CA PHE P 967 58.02 13.06 -116.99
C PHE P 967 57.92 12.40 -115.61
N LEU P 968 58.77 12.81 -114.65
CA LEU P 968 58.73 12.28 -113.27
C LEU P 968 57.40 12.60 -112.61
N LEU P 969 56.96 13.86 -112.72
CA LEU P 969 55.71 14.31 -112.09
C LEU P 969 54.49 13.67 -112.80
N GLU P 970 54.52 13.56 -114.14
CA GLU P 970 53.46 12.88 -114.91
C GLU P 970 53.39 11.39 -114.55
N ASP P 971 54.54 10.79 -114.21
CA ASP P 971 54.60 9.40 -113.73
C ASP P 971 53.94 9.31 -112.34
N LEU P 972 54.33 10.20 -111.43
CA LEU P 972 53.76 10.22 -110.06
C LEU P 972 52.25 10.49 -110.08
N SER P 973 51.75 11.27 -111.04
CA SER P 973 50.32 11.63 -111.14
C SER P 973 49.46 10.41 -111.45
N GLN P 974 49.77 9.74 -112.56
CA GLN P 974 49.12 8.47 -112.98
C GLN P 974 49.31 7.38 -111.94
N LYS P 975 50.47 7.31 -111.29
CA LYS P 975 50.81 6.32 -110.25
C LYS P 975 49.89 6.47 -109.03
N LEU P 976 49.75 7.69 -108.52
CA LEU P 976 48.98 7.93 -107.29
C LEU P 976 47.48 7.95 -107.55
N GLU P 977 47.02 8.35 -108.74
CA GLU P 977 45.58 8.19 -109.09
C GLU P 977 45.24 6.71 -109.30
N SER P 978 46.19 5.90 -109.80
CA SER P 978 45.98 4.45 -109.91
C SER P 978 45.88 3.82 -108.51
N MET P 979 46.88 4.09 -107.65
CA MET P 979 46.97 3.47 -106.31
C MET P 979 45.86 3.98 -105.38
N LEU P 980 45.83 5.29 -105.16
CA LEU P 980 44.94 5.91 -104.16
C LEU P 980 43.49 6.01 -104.66
N THR P 981 43.19 5.52 -105.89
CA THR P 981 41.81 5.44 -106.43
C THR P 981 41.59 4.07 -107.06
N PHE P 1001 49.28 -2.26 -111.97
CA PHE P 1001 50.44 -1.99 -111.08
C PHE P 1001 50.68 -3.23 -110.21
N SER P 1002 51.66 -4.04 -110.59
CA SER P 1002 52.00 -5.28 -109.85
C SER P 1002 52.74 -4.95 -108.57
N HIS P 1003 53.94 -4.38 -108.71
CA HIS P 1003 54.86 -4.08 -107.58
C HIS P 1003 54.20 -3.15 -106.56
N LEU P 1004 53.45 -2.15 -107.02
CA LEU P 1004 52.89 -1.08 -106.16
C LEU P 1004 51.67 -1.60 -105.39
N GLN P 1005 50.90 -2.53 -105.96
CA GLN P 1005 49.70 -3.09 -105.28
C GLN P 1005 50.08 -3.85 -104.00
N GLN P 1006 51.24 -4.50 -103.98
CA GLN P 1006 51.72 -5.18 -102.76
C GLN P 1006 52.03 -4.18 -101.65
N ARG P 1007 52.47 -2.97 -102.02
CA ARG P 1007 52.69 -1.87 -101.06
C ARG P 1007 51.33 -1.24 -100.72
N SER P 1008 51.05 -1.06 -99.42
CA SER P 1008 49.82 -0.39 -98.95
C SER P 1008 49.89 1.10 -99.27
N ALA P 1009 48.72 1.70 -99.57
CA ALA P 1009 48.62 3.11 -100.01
C ALA P 1009 49.13 4.07 -98.93
N GLN P 1010 49.14 3.65 -97.66
CA GLN P 1010 49.61 4.49 -96.55
C GLN P 1010 51.11 4.79 -96.69
N GLU P 1011 51.93 3.77 -96.93
CA GLU P 1011 53.38 3.97 -97.13
C GLU P 1011 53.66 4.73 -98.42
N ILE P 1012 52.77 4.66 -99.41
CA ILE P 1012 52.89 5.42 -100.67
C ILE P 1012 52.75 6.90 -100.37
N VAL P 1013 51.66 7.29 -99.71
CA VAL P 1013 51.43 8.70 -99.32
C VAL P 1013 52.51 9.14 -98.32
N HIS P 1014 53.04 8.22 -97.52
CA HIS P 1014 54.14 8.51 -96.56
C HIS P 1014 55.39 8.95 -97.31
N CYS P 1015 55.90 8.11 -98.20
CA CYS P 1015 57.11 8.45 -99.00
C CYS P 1015 56.85 9.63 -99.93
N VAL P 1016 55.60 9.85 -100.34
CA VAL P 1016 55.23 11.06 -101.12
C VAL P 1016 55.41 12.31 -100.26
N PHE P 1017 54.99 12.28 -98.98
CA PHE P 1017 55.16 13.43 -98.06
C PHE P 1017 56.63 13.85 -97.93
N GLN P 1018 57.57 12.92 -98.07
CA GLN P 1018 59.00 13.20 -97.95
C GLN P 1018 59.62 13.63 -99.29
N LEU P 1019 59.39 12.87 -100.36
CA LEU P 1019 60.08 13.11 -101.65
C LEU P 1019 59.45 14.23 -102.47
N LEU P 1020 58.18 14.59 -102.22
CA LEU P 1020 57.47 15.63 -103.01
C LEU P 1020 57.38 16.94 -102.23
N THR P 1021 56.75 16.91 -101.05
CA THR P 1021 56.20 18.12 -100.41
C THR P 1021 57.32 19.07 -99.94
N PRO P 1022 58.37 18.62 -99.23
CA PRO P 1022 59.51 19.51 -98.95
C PRO P 1022 60.52 19.67 -100.08
N MET P 1023 60.41 18.87 -101.15
CA MET P 1023 61.35 18.88 -102.28
C MET P 1023 60.79 19.64 -103.48
N CYS P 1024 59.50 19.52 -103.77
CA CYS P 1024 58.83 20.19 -104.90
C CYS P 1024 58.22 21.54 -104.50
N ASN P 1025 58.33 21.94 -103.23
CA ASN P 1025 58.04 23.33 -102.82
C ASN P 1025 59.00 24.31 -103.52
N HIS P 1026 60.27 23.92 -103.66
CA HIS P 1026 61.28 24.74 -104.36
C HIS P 1026 60.99 24.77 -105.86
N LEU P 1027 60.47 23.66 -106.41
CA LEU P 1027 60.09 23.59 -107.84
C LEU P 1027 58.86 24.45 -108.11
N GLU P 1028 57.89 24.43 -107.20
CA GLU P 1028 56.69 25.30 -107.29
C GLU P 1028 57.05 26.78 -107.15
N ASN P 1029 58.03 27.10 -106.29
CA ASN P 1029 58.49 28.49 -106.10
C ASN P 1029 59.29 28.99 -107.32
N ILE P 1030 60.17 28.13 -107.87
CA ILE P 1030 60.91 28.46 -109.12
C ILE P 1030 59.91 28.61 -110.28
N HIS P 1031 58.81 27.86 -110.29
CA HIS P 1031 57.78 27.97 -111.35
C HIS P 1031 56.94 29.24 -111.15
N ASN P 1032 56.68 29.64 -109.91
CA ASN P 1032 56.09 30.96 -109.60
C ASN P 1032 56.96 32.09 -110.16
N TYR P 1033 58.27 32.00 -109.93
CA TYR P 1033 59.24 33.00 -110.45
C TYR P 1033 59.30 32.93 -111.98
N PHE P 1034 59.15 31.73 -112.55
CA PHE P 1034 59.16 31.50 -114.02
C PHE P 1034 57.96 32.20 -114.66
N GLN P 1035 56.74 31.90 -114.20
CA GLN P 1035 55.53 32.45 -114.83
C GLN P 1035 55.31 33.93 -114.50
N CYS P 1036 55.80 34.41 -113.36
CA CYS P 1036 55.83 35.86 -113.08
C CYS P 1036 56.68 36.57 -114.15
N LEU P 1037 57.90 36.08 -114.40
CA LEU P 1037 58.78 36.62 -115.46
C LEU P 1037 58.15 36.43 -116.85
N ALA P 1038 57.46 35.31 -117.10
CA ALA P 1038 56.80 35.02 -118.39
C ALA P 1038 55.64 36.00 -118.66
N ALA P 1039 54.83 36.29 -117.65
CA ALA P 1039 53.74 37.27 -117.75
C ALA P 1039 54.30 38.70 -117.88
N GLU P 1040 55.45 38.98 -117.24
CA GLU P 1040 56.13 40.29 -117.37
C GLU P 1040 56.63 40.50 -118.80
N ASN P 1041 57.23 39.46 -119.40
CA ASN P 1041 57.62 39.48 -120.83
C ASN P 1041 56.38 39.63 -121.70
N HIS P 1042 55.31 38.91 -121.37
CA HIS P 1042 54.01 38.97 -122.08
C HIS P 1042 53.25 40.23 -121.65
N LYS P 1051 61.31 28.24 -127.06
CA LYS P 1051 60.71 29.41 -126.37
C LYS P 1051 59.35 29.04 -125.80
N VAL P 1052 58.35 28.91 -126.67
CA VAL P 1052 56.95 28.64 -126.26
C VAL P 1052 56.81 27.21 -125.76
N GLN P 1053 57.58 26.28 -126.33
CA GLN P 1053 57.57 24.87 -125.88
C GLN P 1053 58.16 24.75 -124.47
N GLU P 1054 59.18 25.54 -124.13
CA GLU P 1054 59.71 25.59 -122.75
C GLU P 1054 58.65 26.12 -121.79
N TYR P 1055 57.94 27.18 -122.18
CA TYR P 1055 56.85 27.77 -121.38
C TYR P 1055 55.73 26.76 -121.14
N HIS P 1056 55.33 26.00 -122.17
CA HIS P 1056 54.22 25.04 -122.04
C HIS P 1056 54.66 23.77 -121.30
N ILE P 1057 55.92 23.33 -121.46
CA ILE P 1057 56.43 22.19 -120.67
C ILE P 1057 56.46 22.59 -119.19
N MET P 1058 56.82 23.84 -118.88
CA MET P 1058 56.74 24.35 -117.50
C MET P 1058 55.29 24.44 -117.03
N SER P 1059 54.37 24.87 -117.90
CA SER P 1059 52.92 24.93 -117.59
C SER P 1059 52.37 23.54 -117.27
N SER P 1060 52.76 22.53 -118.05
CA SER P 1060 52.32 21.13 -117.84
C SER P 1060 53.04 20.51 -116.64
N CYS P 1061 54.31 20.88 -116.40
CA CYS P 1061 55.05 20.50 -115.18
C CYS P 1061 54.33 21.01 -113.92
N TYR P 1062 53.83 22.24 -113.98
CA TYR P 1062 53.05 22.88 -112.90
C TYR P 1062 51.67 22.24 -112.75
N GLN P 1063 51.01 21.94 -113.88
CA GLN P 1063 49.72 21.22 -113.90
C GLN P 1063 49.85 19.86 -113.21
N ARG P 1064 50.94 19.13 -113.49
CA ARG P 1064 51.18 17.82 -112.86
C ARG P 1064 51.53 18.00 -111.38
N LEU P 1065 52.30 19.03 -111.02
CA LEU P 1065 52.62 19.34 -109.60
C LEU P 1065 51.34 19.50 -108.78
N LEU P 1066 50.41 20.32 -109.24
CA LEU P 1066 49.16 20.60 -108.52
C LEU P 1066 48.19 19.43 -108.62
N GLN P 1067 48.23 18.66 -109.72
CA GLN P 1067 47.48 17.40 -109.83
C GLN P 1067 47.96 16.41 -108.75
N ILE P 1068 49.28 16.28 -108.57
CA ILE P 1068 49.86 15.38 -107.54
C ILE P 1068 49.46 15.89 -106.15
N PHE P 1069 49.50 17.20 -105.95
CA PHE P 1069 49.08 17.79 -104.66
C PHE P 1069 47.61 17.51 -104.39
N HIS P 1070 46.75 17.64 -105.41
CA HIS P 1070 45.30 17.37 -105.29
C HIS P 1070 45.06 15.91 -104.91
N GLY P 1071 45.67 14.98 -105.63
CA GLY P 1071 45.56 13.55 -105.31
C GLY P 1071 46.17 13.21 -103.96
N LEU P 1072 47.20 13.95 -103.55
CA LEU P 1072 47.88 13.75 -102.25
C LEU P 1072 46.93 14.09 -101.11
N PHE P 1073 46.29 15.26 -101.19
CA PHE P 1073 45.45 15.80 -100.10
C PHE P 1073 43.95 15.56 -100.36
N ALA P 1074 43.58 14.80 -101.40
CA ALA P 1074 42.25 14.19 -101.54
C ALA P 1074 42.26 12.74 -101.09
N TRP P 1075 43.29 12.33 -100.34
CA TRP P 1075 43.48 10.93 -99.90
C TRP P 1075 42.55 10.66 -98.71
N SER P 1076 41.67 9.67 -98.86
CA SER P 1076 40.64 9.34 -97.85
C SER P 1076 41.25 8.79 -96.56
N GLY P 1077 42.51 8.36 -96.55
CA GLY P 1077 43.21 7.95 -95.33
C GLY P 1077 43.26 9.04 -94.28
N PHE P 1078 43.26 10.32 -94.70
CA PHE P 1078 43.20 11.46 -93.77
C PHE P 1078 41.84 11.58 -93.09
N SER P 1079 40.80 10.92 -93.62
CA SER P 1079 39.53 10.77 -92.90
C SER P 1079 39.73 9.97 -91.61
N GLN P 1080 40.70 9.04 -91.58
CA GLN P 1080 41.02 8.22 -90.40
C GLN P 1080 41.88 9.02 -89.42
N PRO P 1081 41.80 8.75 -88.10
CA PRO P 1081 42.38 9.64 -87.09
C PRO P 1081 43.89 9.54 -86.90
N GLU P 1082 44.52 8.44 -87.33
CA GLU P 1082 45.96 8.23 -87.11
C GLU P 1082 46.80 9.03 -88.10
N ASN P 1083 46.24 9.45 -89.25
CA ASN P 1083 46.96 10.23 -90.27
C ASN P 1083 46.89 11.74 -90.02
N GLN P 1084 46.16 12.18 -89.00
CA GLN P 1084 46.07 13.62 -88.66
C GLN P 1084 47.42 14.13 -88.15
N ASN P 1085 48.27 13.26 -87.58
CA ASN P 1085 49.66 13.61 -87.25
C ASN P 1085 50.48 13.89 -88.51
N LEU P 1086 50.23 13.13 -89.59
CA LEU P 1086 50.86 13.40 -90.90
C LEU P 1086 50.30 14.68 -91.52
N LEU P 1087 49.03 15.01 -91.27
CA LEU P 1087 48.47 16.31 -91.70
C LEU P 1087 49.10 17.45 -90.91
N TYR P 1088 49.25 17.29 -89.59
CA TYR P 1088 49.88 18.29 -88.72
C TYR P 1088 51.37 18.46 -89.02
N SER P 1089 51.99 17.50 -89.68
CA SER P 1089 53.37 17.63 -90.21
C SER P 1089 53.35 18.32 -91.58
N ALA P 1090 52.49 17.86 -92.51
CA ALA P 1090 52.46 18.31 -93.90
C ALA P 1090 51.97 19.76 -94.00
N LEU P 1091 50.79 20.06 -93.47
CA LEU P 1091 50.23 21.42 -93.48
C LEU P 1091 51.07 22.37 -92.61
N HIS P 1092 51.84 21.86 -91.65
CA HIS P 1092 52.78 22.69 -90.86
C HIS P 1092 54.02 23.03 -91.69
N VAL P 1093 54.52 22.09 -92.49
CA VAL P 1093 55.62 22.37 -93.43
C VAL P 1093 55.13 23.26 -94.58
N LEU P 1094 53.80 23.30 -94.85
CA LEU P 1094 53.22 24.28 -95.81
C LEU P 1094 53.15 25.67 -95.18
N SER P 1095 52.68 25.77 -93.92
CA SER P 1095 52.71 27.03 -93.14
C SER P 1095 54.15 27.53 -93.00
N SER P 1096 55.12 26.61 -92.93
CA SER P 1096 56.58 26.91 -92.88
C SER P 1096 57.05 27.73 -94.07
N ARG P 1097 56.35 27.67 -95.21
CA ARG P 1097 56.72 28.42 -96.43
C ARG P 1097 56.44 29.91 -96.27
N LEU P 1098 55.45 30.30 -95.46
CA LEU P 1098 55.16 31.72 -95.14
C LEU P 1098 56.03 32.19 -93.98
N LYS P 1099 56.18 31.34 -92.96
CA LYS P 1099 56.99 31.66 -91.77
C LYS P 1099 57.21 30.36 -90.98
N GLN P 1100 58.38 30.23 -90.38
CA GLN P 1100 58.72 29.08 -89.51
C GLN P 1100 58.81 29.55 -88.05
N GLY P 1101 58.51 28.62 -87.14
CA GLY P 1101 58.44 28.88 -85.71
C GLY P 1101 57.07 28.65 -85.11
N GLU P 1102 56.01 28.56 -85.93
CA GLU P 1102 54.62 28.41 -85.46
C GLU P 1102 54.36 26.94 -85.07
N HIS P 1103 55.16 26.45 -84.12
CA HIS P 1103 55.16 25.03 -83.73
C HIS P 1103 53.92 24.71 -82.91
N SER P 1104 53.31 23.55 -83.19
CA SER P 1104 52.12 23.03 -82.48
C SER P 1104 50.96 24.01 -82.62
N GLN P 1105 50.55 24.28 -83.87
CA GLN P 1105 49.44 25.19 -84.19
C GLN P 1105 48.11 24.43 -84.16
N PRO P 1106 46.96 25.14 -84.15
CA PRO P 1106 45.69 24.47 -84.39
C PRO P 1106 45.53 23.98 -85.82
N LEU P 1107 44.63 23.01 -86.01
CA LEU P 1107 44.27 22.47 -87.34
C LEU P 1107 43.82 23.60 -88.26
N GLU P 1108 42.87 24.43 -87.81
CA GLU P 1108 42.28 25.49 -88.66
C GLU P 1108 43.30 26.59 -88.98
N GLU P 1109 44.21 26.89 -88.05
CA GLU P 1109 45.27 27.88 -88.29
C GLU P 1109 46.26 27.35 -89.33
N LEU P 1110 46.63 26.07 -89.25
CA LEU P 1110 47.54 25.46 -90.25
C LEU P 1110 46.87 25.40 -91.61
N LEU P 1111 45.56 25.13 -91.66
CA LEU P 1111 44.76 25.25 -92.91
C LEU P 1111 44.87 26.68 -93.47
N SER P 1112 44.69 27.69 -92.61
CA SER P 1112 44.74 29.10 -93.02
C SER P 1112 46.11 29.47 -93.56
N GLN P 1113 47.18 28.98 -92.93
CA GLN P 1113 48.56 29.25 -93.37
C GLN P 1113 48.84 28.54 -94.69
N SER P 1114 48.43 27.28 -94.82
CA SER P 1114 48.66 26.48 -96.06
C SER P 1114 47.93 27.09 -97.25
N VAL P 1115 46.69 27.56 -97.04
CA VAL P 1115 45.90 28.14 -98.13
C VAL P 1115 46.36 29.57 -98.46
N HIS P 1116 46.83 30.33 -97.45
CA HIS P 1116 47.47 31.64 -97.70
C HIS P 1116 48.79 31.48 -98.45
N TYR P 1117 49.48 30.35 -98.27
CA TYR P 1117 50.70 30.04 -99.04
C TYR P 1117 50.35 29.67 -100.47
N LEU P 1118 49.32 28.86 -100.67
CA LEU P 1118 49.01 28.30 -102.01
C LEU P 1118 48.24 29.30 -102.87
N GLN P 1119 47.45 30.19 -102.27
CA GLN P 1119 46.66 31.18 -103.01
C GLN P 1119 47.56 32.17 -103.75
N ASN P 1120 48.76 32.48 -103.21
CA ASN P 1120 49.66 33.48 -103.82
C ASN P 1120 50.17 33.05 -105.19
N PHE P 1121 50.13 31.75 -105.50
CA PHE P 1121 50.48 31.24 -106.84
C PHE P 1121 49.41 31.55 -107.88
N HIS P 1122 48.26 32.15 -107.48
CA HIS P 1122 47.25 32.64 -108.43
C HIS P 1122 47.72 33.86 -109.24
N GLN P 1123 48.97 34.30 -109.09
CA GLN P 1123 49.65 35.19 -110.07
C GLN P 1123 50.40 34.37 -111.13
N SER P 1124 50.76 33.13 -110.84
CA SER P 1124 51.70 32.30 -111.64
C SER P 1124 50.99 31.30 -112.55
N ILE P 1125 49.86 30.74 -112.10
CA ILE P 1125 49.13 29.64 -112.79
C ILE P 1125 48.86 30.05 -114.25
N PRO P 1126 49.56 29.47 -115.26
CA PRO P 1126 49.32 29.89 -116.65
C PRO P 1126 48.02 29.36 -117.26
N SER P 1127 47.74 28.08 -117.07
CA SER P 1127 46.62 27.40 -117.73
C SER P 1127 45.45 27.26 -116.76
N PHE P 1128 44.39 26.57 -117.19
CA PHE P 1128 43.16 26.37 -116.38
C PHE P 1128 43.09 24.98 -115.74
N GLN P 1129 43.73 23.96 -116.31
CA GLN P 1129 43.77 22.62 -115.68
C GLN P 1129 44.58 22.71 -114.39
N CYS P 1130 45.72 23.40 -114.44
CA CYS P 1130 46.50 23.74 -113.24
C CYS P 1130 45.68 24.64 -112.28
N ALA P 1131 44.87 25.56 -112.80
CA ALA P 1131 44.01 26.43 -111.97
C ALA P 1131 42.96 25.62 -111.21
N LEU P 1132 42.33 24.64 -111.87
CA LEU P 1132 41.30 23.81 -111.22
C LEU P 1132 41.94 22.81 -110.25
N TYR P 1133 43.14 22.29 -110.55
CA TYR P 1133 43.87 21.43 -109.60
C TYR P 1133 44.31 22.23 -108.37
N LEU P 1134 44.67 23.50 -108.52
CA LEU P 1134 45.07 24.35 -107.38
C LEU P 1134 43.86 24.71 -106.52
N ILE P 1135 42.72 25.08 -107.12
CA ILE P 1135 41.51 25.45 -106.34
C ILE P 1135 40.94 24.21 -105.64
N ARG P 1136 40.88 23.06 -106.31
CA ARG P 1136 40.34 21.84 -105.67
C ARG P 1136 41.33 21.30 -104.64
N LEU P 1137 42.63 21.55 -104.81
CA LEU P 1137 43.65 21.25 -103.77
C LEU P 1137 43.40 22.11 -102.52
N LEU P 1138 43.15 23.41 -102.71
CA LEU P 1138 42.74 24.31 -101.62
C LEU P 1138 41.46 23.81 -100.95
N MET P 1139 40.50 23.33 -101.74
CA MET P 1139 39.22 22.80 -101.22
C MET P 1139 39.46 21.59 -100.31
N VAL P 1140 40.19 20.58 -100.79
CA VAL P 1140 40.41 19.32 -100.04
C VAL P 1140 41.25 19.56 -98.78
N ILE P 1141 42.20 20.51 -98.79
CA ILE P 1141 42.95 20.88 -97.55
C ILE P 1141 42.05 21.69 -96.61
N LEU P 1142 41.09 22.46 -97.15
CA LEU P 1142 40.22 23.35 -96.35
C LEU P 1142 39.03 22.62 -95.73
N GLU P 1143 38.65 21.42 -96.22
CA GLU P 1143 37.50 20.69 -95.64
C GLU P 1143 37.75 20.29 -94.18
N LYS P 1144 39.00 20.28 -93.73
CA LYS P 1144 39.38 19.79 -92.40
C LYS P 1144 38.83 20.67 -91.28
N SER P 1145 38.55 21.96 -91.56
CA SER P 1145 38.05 22.92 -90.57
C SER P 1145 36.72 22.46 -89.96
N GLN P 1150 31.93 30.29 -91.77
CA GLN P 1150 33.05 31.19 -91.47
C GLN P 1150 34.12 31.13 -92.58
N ASN P 1151 34.73 29.95 -92.75
CA ASN P 1151 35.83 29.77 -93.72
C ASN P 1151 35.32 29.67 -95.17
N LYS P 1152 34.00 29.65 -95.40
CA LYS P 1152 33.43 29.53 -96.77
C LYS P 1152 33.66 30.79 -97.60
N GLU P 1153 33.93 31.93 -96.96
CA GLU P 1153 34.28 33.21 -97.65
C GLU P 1153 35.58 33.06 -98.44
N LYS P 1154 36.62 32.45 -97.84
CA LYS P 1154 37.91 32.22 -98.53
C LYS P 1154 37.72 31.33 -99.75
N ILE P 1155 36.92 30.27 -99.63
CA ILE P 1155 36.61 29.34 -100.75
C ILE P 1155 35.91 30.09 -101.88
N ALA P 1156 34.83 30.82 -101.56
CA ALA P 1156 34.01 31.54 -102.56
C ALA P 1156 34.83 32.63 -103.27
N SER P 1157 35.59 33.43 -102.50
CA SER P 1157 36.41 34.53 -103.04
C SER P 1157 37.55 33.98 -103.91
N LEU P 1158 38.15 32.86 -103.52
CA LEU P 1158 39.34 32.30 -104.23
C LEU P 1158 38.90 31.57 -105.50
N ALA P 1159 37.80 30.81 -105.47
CA ALA P 1159 37.19 30.21 -106.68
C ALA P 1159 36.74 31.31 -107.64
N ARG P 1160 36.25 32.44 -107.12
CA ARG P 1160 35.87 33.60 -107.95
C ARG P 1160 37.11 34.28 -108.56
N GLN P 1161 38.20 34.38 -107.80
CA GLN P 1161 39.50 34.89 -108.33
C GLN P 1161 39.97 34.04 -109.50
N PHE P 1162 39.92 32.71 -109.37
CA PHE P 1162 40.35 31.79 -110.44
C PHE P 1162 39.39 31.86 -111.63
N LEU P 1163 38.08 32.00 -111.40
CA LEU P 1163 37.14 32.20 -112.52
C LEU P 1163 37.42 33.51 -113.25
N CYS P 1164 37.90 34.55 -112.54
CA CYS P 1164 38.09 35.91 -113.10
C CYS P 1164 39.48 36.15 -113.68
N ARG P 1165 40.44 35.25 -113.46
CA ARG P 1165 41.80 35.45 -114.03
C ARG P 1165 41.80 35.04 -115.52
N VAL P 1166 42.80 35.55 -116.24
CA VAL P 1166 42.90 35.45 -117.71
C VAL P 1166 42.86 33.98 -118.17
N TRP P 1167 43.81 33.17 -117.70
CA TRP P 1167 44.07 31.83 -118.27
C TRP P 1167 44.39 32.00 -119.76
N PRO P 1168 45.59 32.48 -120.13
CA PRO P 1168 45.94 32.67 -121.54
C PRO P 1168 45.62 31.46 -122.43
N SER P 1169 45.11 31.75 -123.62
CA SER P 1169 44.42 30.77 -124.49
C SER P 1169 45.36 30.20 -125.56
N GLY P 1170 46.31 29.36 -125.14
CA GLY P 1170 46.89 28.37 -126.04
C GLY P 1170 45.85 27.36 -126.49
N ASP P 1171 46.14 26.58 -127.54
CA ASP P 1171 45.17 25.62 -128.08
C ASP P 1171 44.95 24.45 -127.11
N LYS P 1172 46.03 23.78 -126.72
CA LYS P 1172 45.98 22.78 -125.63
C LYS P 1172 45.77 23.44 -124.26
N GLU P 1173 46.15 24.72 -124.12
CA GLU P 1173 45.91 25.48 -122.87
C GLU P 1173 44.41 25.72 -122.65
N LYS P 1174 43.60 25.77 -123.72
CA LYS P 1174 42.13 25.89 -123.63
C LYS P 1174 41.43 24.54 -123.80
N SER P 1175 42.11 23.53 -124.37
CA SER P 1175 41.71 22.12 -124.21
C SER P 1175 41.76 21.70 -122.74
N ASN P 1176 42.63 22.36 -121.96
CA ASN P 1176 42.65 22.28 -120.48
C ASN P 1176 41.49 23.04 -119.82
N ILE P 1177 40.60 23.69 -120.60
CA ILE P 1177 39.34 24.31 -120.12
C ILE P 1177 38.21 23.39 -120.57
N SER P 1178 38.41 22.06 -120.44
CA SER P 1178 37.40 21.04 -120.79
C SER P 1178 36.15 21.27 -119.95
N ASN P 1179 35.06 20.62 -120.35
CA ASN P 1179 33.71 21.00 -119.89
C ASN P 1179 33.46 20.57 -118.44
N ASP P 1180 33.68 19.29 -118.12
CA ASP P 1180 33.41 18.75 -116.77
C ASP P 1180 34.31 19.41 -115.72
N GLN P 1181 35.48 19.91 -116.12
CA GLN P 1181 36.39 20.69 -115.25
C GLN P 1181 35.70 21.94 -114.73
N LEU P 1182 35.17 22.77 -115.63
CA LEU P 1182 34.42 23.98 -115.23
C LEU P 1182 33.15 23.61 -114.47
N HIS P 1183 32.51 22.48 -114.84
CA HIS P 1183 31.31 21.96 -114.13
C HIS P 1183 31.65 21.72 -112.66
N ALA P 1184 32.81 21.12 -112.39
CA ALA P 1184 33.30 20.88 -111.02
C ALA P 1184 33.65 22.20 -110.32
N LEU P 1185 34.34 23.10 -111.01
CA LEU P 1185 34.72 24.42 -110.43
C LEU P 1185 33.47 25.20 -110.01
N LEU P 1186 32.41 25.19 -110.83
CA LEU P 1186 31.19 25.97 -110.55
C LEU P 1186 30.26 25.26 -109.58
N CYS P 1187 30.26 23.91 -109.55
CA CYS P 1187 29.60 23.14 -108.47
C CYS P 1187 30.22 23.51 -107.12
N ILE P 1188 31.52 23.80 -107.08
CA ILE P 1188 32.22 24.29 -105.87
C ILE P 1188 31.77 25.73 -105.58
N TYR P 1189 31.98 26.65 -106.53
CA TYR P 1189 31.83 28.11 -106.28
C TYR P 1189 30.36 28.46 -105.97
N LEU P 1190 29.43 28.13 -106.88
CA LEU P 1190 28.01 28.51 -106.72
C LEU P 1190 27.41 27.88 -105.46
N GLU P 1191 27.91 26.72 -105.00
CA GLU P 1191 27.42 26.11 -103.74
C GLU P 1191 27.97 26.85 -102.52
N HIS P 1192 29.30 26.96 -102.42
CA HIS P 1192 29.99 27.41 -101.19
C HIS P 1192 29.90 28.92 -101.00
N THR P 1193 29.70 29.69 -102.08
CA THR P 1193 29.34 31.12 -101.97
C THR P 1193 28.08 31.22 -101.10
N GLU P 1194 28.03 32.20 -100.20
CA GLU P 1194 27.06 32.20 -99.08
C GLU P 1194 25.64 32.37 -99.61
N SER P 1195 25.42 33.43 -100.39
CA SER P 1195 24.15 33.65 -101.11
C SER P 1195 24.30 33.01 -102.48
N ILE P 1196 23.93 31.73 -102.59
CA ILE P 1196 24.02 30.97 -103.86
C ILE P 1196 23.15 31.64 -104.92
N LEU P 1197 21.99 32.14 -104.52
CA LEU P 1197 21.01 32.71 -105.47
C LEU P 1197 21.44 34.10 -105.95
N LYS P 1198 22.08 34.91 -105.11
CA LYS P 1198 22.67 36.19 -105.57
C LYS P 1198 23.92 35.94 -106.42
N ALA P 1199 24.69 34.88 -106.14
CA ALA P 1199 25.83 34.48 -107.00
C ALA P 1199 25.33 34.02 -108.37
N ILE P 1200 24.21 33.31 -108.41
CA ILE P 1200 23.52 32.95 -109.67
C ILE P 1200 23.04 34.21 -110.39
N GLU P 1201 22.50 35.19 -109.66
CA GLU P 1201 22.09 36.48 -110.25
C GLU P 1201 23.30 37.23 -110.85
N GLU P 1202 24.46 37.14 -110.20
CA GLU P 1202 25.71 37.74 -110.73
C GLU P 1202 26.17 37.02 -111.99
N ILE P 1203 26.17 35.68 -111.99
CA ILE P 1203 26.59 34.87 -113.16
C ILE P 1203 25.64 35.14 -114.34
N ALA P 1204 24.34 35.32 -114.08
CA ALA P 1204 23.35 35.66 -115.12
C ALA P 1204 23.57 37.07 -115.65
N GLY P 1205 23.83 38.04 -114.77
CA GLY P 1205 24.11 39.42 -115.17
C GLY P 1205 25.33 39.53 -116.06
N VAL P 1206 26.37 38.73 -115.79
CA VAL P 1206 27.62 38.72 -116.59
C VAL P 1206 27.52 37.75 -117.78
N GLY P 1207 26.52 36.87 -117.81
CA GLY P 1207 26.30 35.96 -118.95
C GLY P 1207 25.65 36.62 -120.15
N VAL P 1208 24.97 37.75 -119.98
CA VAL P 1208 24.29 38.46 -121.10
C VAL P 1208 25.32 39.18 -121.98
N PRO P 1209 26.26 39.99 -121.43
CA PRO P 1209 27.21 40.71 -122.30
C PRO P 1209 28.25 39.87 -123.04
N GLU P 1210 28.24 38.53 -122.90
CA GLU P 1210 29.16 37.67 -123.67
C GLU P 1210 28.83 37.69 -125.16
N LEU P 1211 27.59 38.02 -125.54
CA LEU P 1211 27.17 38.12 -126.95
C LEU P 1211 27.38 39.52 -127.52
N ILE P 1212 27.74 40.52 -126.69
CA ILE P 1212 27.84 41.94 -127.10
C ILE P 1212 29.29 42.29 -127.42
N ASN P 1213 30.24 41.81 -126.60
CA ASN P 1213 31.65 42.24 -126.62
C ASN P 1213 32.48 41.41 -127.60
N SER P 1214 32.35 40.07 -127.54
CA SER P 1214 33.14 39.12 -128.36
C SER P 1214 32.22 38.05 -128.93
N PRO P 1215 32.13 37.83 -130.27
CA PRO P 1215 31.28 36.75 -130.77
C PRO P 1215 31.76 35.35 -130.36
N SER P 1220 34.93 34.52 -123.74
CA SER P 1220 35.27 35.96 -123.93
C SER P 1220 34.16 36.85 -123.40
N SER P 1221 34.39 37.50 -122.25
CA SER P 1221 33.43 38.41 -121.61
C SER P 1221 34.21 39.42 -120.75
N THR P 1222 33.50 40.08 -119.83
CA THR P 1222 34.11 40.83 -118.70
C THR P 1222 34.36 39.91 -117.50
N PHE P 1223 34.42 38.59 -117.74
CA PHE P 1223 34.51 37.52 -116.72
C PHE P 1223 35.07 36.32 -117.45
N PRO P 1224 36.40 36.12 -117.53
CA PRO P 1224 36.98 35.12 -118.44
C PRO P 1224 36.54 33.69 -118.14
N THR P 1225 36.92 32.78 -119.04
CA THR P 1225 36.42 31.39 -119.15
C THR P 1225 35.02 31.33 -119.77
N LEU P 1226 34.43 32.47 -120.14
CA LEU P 1226 33.03 32.56 -120.62
C LEU P 1226 33.02 32.52 -122.15
N THR P 1227 33.02 31.32 -122.72
CA THR P 1227 32.91 31.06 -124.18
C THR P 1227 31.59 30.35 -124.46
N ARG P 1228 31.24 30.21 -125.75
CA ARG P 1228 29.95 29.63 -126.18
C ARG P 1228 29.96 28.11 -126.04
N HIS P 1229 31.13 27.48 -125.87
CA HIS P 1229 31.25 26.02 -125.64
C HIS P 1229 31.24 25.71 -124.14
N THR P 1230 31.79 26.61 -123.32
CA THR P 1230 31.82 26.46 -121.84
C THR P 1230 30.51 26.95 -121.20
N PHE P 1231 29.75 27.84 -121.84
CA PHE P 1231 28.50 28.35 -121.24
C PHE P 1231 27.41 27.27 -121.18
N VAL P 1232 27.53 26.22 -121.99
CA VAL P 1232 26.64 25.04 -121.85
C VAL P 1232 26.85 24.41 -120.47
N VAL P 1233 28.11 24.21 -120.07
CA VAL P 1233 28.44 23.74 -118.71
C VAL P 1233 27.97 24.74 -117.67
N PHE P 1234 28.20 26.04 -117.90
CA PHE P 1234 27.92 27.08 -116.90
C PHE P 1234 26.43 27.15 -116.62
N PHE P 1235 25.61 27.06 -117.66
CA PHE P 1235 24.14 27.07 -117.51
C PHE P 1235 23.64 25.77 -116.88
N ARG P 1236 24.25 24.62 -117.23
CA ARG P 1236 23.91 23.31 -116.60
C ARG P 1236 24.12 23.38 -115.09
N VAL P 1237 25.35 23.72 -114.66
CA VAL P 1237 25.70 23.76 -113.22
C VAL P 1237 24.93 24.88 -112.50
N MET P 1238 24.65 25.98 -113.19
CA MET P 1238 23.86 27.10 -112.64
C MET P 1238 22.44 26.63 -112.30
N MET P 1239 21.75 25.98 -113.24
CA MET P 1239 20.40 25.42 -112.99
C MET P 1239 20.46 24.24 -112.01
N ALA P 1240 21.58 23.50 -111.95
CA ALA P 1240 21.72 22.36 -111.03
C ALA P 1240 21.84 22.85 -109.59
N GLU P 1241 22.71 23.83 -109.35
CA GLU P 1241 22.81 24.49 -108.03
C GLU P 1241 21.51 25.20 -107.69
N LEU P 1242 20.82 25.77 -108.68
CA LEU P 1242 19.52 26.43 -108.44
C LEU P 1242 18.46 25.41 -108.01
N GLU P 1243 18.41 24.25 -108.68
CA GLU P 1243 17.51 23.16 -108.30
C GLU P 1243 17.84 22.68 -106.89
N LYS P 1244 19.13 22.50 -106.58
CA LYS P 1244 19.58 22.09 -105.24
C LYS P 1244 19.15 23.11 -104.18
N THR P 1245 19.18 24.40 -104.51
CA THR P 1245 18.81 25.48 -103.56
C THR P 1245 17.30 25.55 -103.34
N VAL P 1246 16.50 25.39 -104.40
CA VAL P 1246 15.02 25.40 -104.25
C VAL P 1246 14.58 24.16 -103.46
N LYS P 1247 15.31 23.05 -103.56
CA LYS P 1247 15.02 21.83 -102.78
C LYS P 1247 15.29 22.05 -101.28
N LYS P 1248 16.03 23.10 -100.91
CA LYS P 1248 16.38 23.37 -99.50
C LYS P 1248 15.15 23.74 -98.69
N ILE P 1249 14.27 24.58 -99.23
CA ILE P 1249 13.24 25.27 -98.41
C ILE P 1249 12.20 24.24 -97.98
N GLU P 1250 12.06 24.05 -96.66
CA GLU P 1250 11.22 22.99 -96.04
C GLU P 1250 9.91 23.61 -95.54
N PRO P 1251 8.79 22.86 -95.53
CA PRO P 1251 7.57 23.37 -94.90
C PRO P 1251 7.52 23.05 -93.41
N GLY P 1252 7.12 24.04 -92.61
CA GLY P 1252 6.99 23.91 -91.16
C GLY P 1252 5.57 23.57 -90.76
N THR P 1253 4.99 24.38 -89.88
CA THR P 1253 3.64 24.18 -89.33
C THR P 1253 2.88 25.50 -89.40
N ALA P 1254 1.58 25.44 -89.10
CA ALA P 1254 0.70 26.63 -89.07
C ALA P 1254 1.05 27.53 -87.89
N ALA P 1255 1.40 26.95 -86.74
CA ALA P 1255 1.77 27.70 -85.53
C ALA P 1255 3.23 28.19 -85.56
N ASP P 1256 3.96 27.97 -86.66
CA ASP P 1256 5.36 28.45 -86.78
C ASP P 1256 5.37 29.97 -86.77
N SER P 1257 6.53 30.55 -86.44
CA SER P 1257 6.64 31.99 -86.13
C SER P 1257 6.73 32.81 -87.43
N GLN P 1258 6.33 34.07 -87.32
CA GLN P 1258 6.18 34.98 -88.48
C GLN P 1258 7.54 35.30 -89.10
N GLN P 1259 8.59 35.40 -88.27
CA GLN P 1259 9.94 35.75 -88.74
C GLN P 1259 10.54 34.62 -89.59
N ILE P 1260 10.43 33.38 -89.12
CA ILE P 1260 10.91 32.20 -89.88
C ILE P 1260 10.07 32.04 -91.15
N HIS P 1261 8.75 32.24 -91.06
CA HIS P 1261 7.83 32.16 -92.22
C HIS P 1261 8.30 33.12 -93.32
N GLU P 1262 8.44 34.41 -92.97
CA GLU P 1262 8.90 35.45 -93.92
C GLU P 1262 10.26 35.09 -94.50
N GLU P 1263 11.18 34.58 -93.66
CA GLU P 1263 12.56 34.25 -94.09
C GLU P 1263 12.54 33.15 -95.14
N LYS P 1264 11.85 32.03 -94.88
CA LYS P 1264 11.88 30.88 -95.81
C LYS P 1264 10.96 31.10 -97.01
N LEU P 1265 9.90 31.89 -96.91
CA LEU P 1265 9.09 32.23 -98.10
C LEU P 1265 9.80 33.27 -98.98
N LEU P 1266 10.66 34.12 -98.40
CA LEU P 1266 11.52 35.02 -99.21
C LEU P 1266 12.64 34.22 -99.88
N TYR P 1267 13.14 33.16 -99.22
CA TYR P 1267 14.06 32.19 -99.85
C TYR P 1267 13.39 31.51 -101.05
N TRP P 1268 12.13 31.10 -100.88
CA TRP P 1268 11.27 30.62 -102.00
C TRP P 1268 11.23 31.64 -103.12
N ASN P 1269 11.04 32.92 -102.78
CA ASN P 1269 10.87 34.01 -103.75
C ASN P 1269 12.14 34.17 -104.60
N MET P 1270 13.30 34.24 -103.95
CA MET P 1270 14.58 34.33 -104.68
C MET P 1270 14.89 33.03 -105.44
N ALA P 1271 14.46 31.87 -104.94
CA ALA P 1271 14.60 30.61 -105.71
C ALA P 1271 13.81 30.69 -107.02
N VAL P 1272 12.57 31.19 -106.98
CA VAL P 1272 11.70 31.23 -108.18
C VAL P 1272 12.12 32.37 -109.14
N ARG P 1273 12.70 33.46 -108.63
CA ARG P 1273 13.21 34.54 -109.52
C ARG P 1273 14.49 34.08 -110.22
N ASP P 1274 15.33 33.30 -109.52
CA ASP P 1274 16.50 32.67 -110.15
C ASP P 1274 16.03 31.66 -111.20
N PHE P 1275 14.93 30.96 -110.94
CA PHE P 1275 14.29 30.07 -111.95
C PHE P 1275 13.84 30.88 -113.16
N SER P 1276 13.27 32.06 -112.92
CA SER P 1276 12.83 32.97 -114.00
C SER P 1276 14.00 33.33 -114.91
N ILE P 1277 15.11 33.80 -114.34
CA ILE P 1277 16.27 34.26 -115.14
C ILE P 1277 17.00 33.07 -115.78
N LEU P 1278 17.15 31.94 -115.07
CA LEU P 1278 17.76 30.71 -115.62
C LEU P 1278 16.95 30.21 -116.83
N ILE P 1279 15.63 30.30 -116.77
CA ILE P 1279 14.78 29.87 -117.89
C ILE P 1279 14.79 30.94 -118.99
N ASN P 1280 14.84 32.22 -118.64
CA ASN P 1280 14.84 33.33 -119.61
C ASN P 1280 16.11 33.31 -120.47
N LEU P 1281 17.25 32.85 -119.96
CA LEU P 1281 18.51 32.80 -120.75
C LEU P 1281 18.63 31.52 -121.58
N ILE P 1282 17.52 30.79 -121.81
CA ILE P 1282 17.49 29.63 -122.75
C ILE P 1282 17.20 30.10 -124.17
N LYS P 1283 16.27 31.05 -124.34
CA LYS P 1283 15.69 31.40 -125.66
C LYS P 1283 16.74 31.88 -126.65
N VAL P 1284 17.90 32.37 -126.18
CA VAL P 1284 19.01 32.82 -127.05
C VAL P 1284 19.88 31.63 -127.46
N PHE P 1285 19.99 30.61 -126.59
CA PHE P 1285 20.99 29.55 -126.70
C PHE P 1285 20.38 28.26 -127.25
N ASP P 1286 21.27 27.38 -127.70
CA ASP P 1286 20.95 26.18 -128.49
C ASP P 1286 21.82 25.04 -127.96
N SER P 1287 22.15 24.04 -128.79
CA SER P 1287 22.84 22.81 -128.37
C SER P 1287 21.91 22.03 -127.43
N HIS P 1288 20.90 21.39 -128.03
CA HIS P 1288 19.74 20.67 -127.44
C HIS P 1288 20.06 19.93 -126.13
N PRO P 1289 21.28 19.38 -125.90
CA PRO P 1289 21.72 19.05 -124.54
C PRO P 1289 21.33 20.07 -123.46
N VAL P 1290 21.40 21.36 -123.79
CA VAL P 1290 21.00 22.46 -122.88
C VAL P 1290 19.53 22.34 -122.50
N LEU P 1291 18.63 22.30 -123.49
CA LEU P 1291 17.18 22.23 -123.20
C LEU P 1291 16.79 20.85 -122.66
N HIS P 1292 17.60 19.82 -122.91
CA HIS P 1292 17.33 18.46 -122.37
C HIS P 1292 17.63 18.44 -120.87
N VAL P 1293 18.79 18.95 -120.45
CA VAL P 1293 19.11 19.09 -119.01
C VAL P 1293 18.14 20.08 -118.36
N CYS P 1294 17.61 21.05 -119.11
CA CYS P 1294 16.56 21.96 -118.59
C CYS P 1294 15.25 21.21 -118.32
N LEU P 1295 14.78 20.40 -119.28
CA LEU P 1295 13.57 19.58 -119.09
C LEU P 1295 13.76 18.50 -118.02
N LYS P 1296 15.00 18.08 -117.76
CA LYS P 1296 15.31 17.09 -116.69
C LYS P 1296 15.33 17.78 -115.31
N TYR P 1297 16.08 18.87 -115.18
CA TYR P 1297 16.33 19.52 -113.88
C TYR P 1297 15.15 20.40 -113.46
N GLY P 1298 14.56 21.15 -114.40
CA GLY P 1298 13.34 21.94 -114.15
C GLY P 1298 12.13 21.07 -113.84
N ARG P 1299 12.12 19.81 -114.28
CA ARG P 1299 11.07 18.84 -113.89
C ARG P 1299 11.16 18.52 -112.38
N LEU P 1300 12.36 18.24 -111.89
CA LEU P 1300 12.57 18.04 -110.44
C LEU P 1300 12.47 19.37 -109.68
N PHE P 1301 12.68 20.50 -110.36
CA PHE P 1301 12.44 21.84 -109.78
C PHE P 1301 10.96 22.02 -109.46
N VAL P 1302 10.08 21.77 -110.45
CA VAL P 1302 8.63 21.87 -110.24
C VAL P 1302 8.15 20.76 -109.30
N GLU P 1303 8.83 19.61 -109.25
CA GLU P 1303 8.50 18.54 -108.28
C GLU P 1303 8.85 18.99 -106.85
N ALA P 1304 9.99 19.66 -106.66
CA ALA P 1304 10.36 20.31 -105.38
C ALA P 1304 9.29 21.33 -104.99
N PHE P 1305 8.89 22.17 -105.96
CA PHE P 1305 7.81 23.16 -105.78
C PHE P 1305 6.50 22.50 -105.33
N LEU P 1306 6.17 21.32 -105.90
CA LEU P 1306 4.99 20.54 -105.48
C LEU P 1306 5.13 20.09 -104.02
N LYS P 1307 6.22 19.39 -103.69
CA LYS P 1307 6.34 18.67 -102.42
C LYS P 1307 6.74 19.57 -101.24
N GLN P 1308 7.20 20.80 -101.49
CA GLN P 1308 7.67 21.72 -100.43
C GLN P 1308 6.83 22.99 -100.30
N CYS P 1309 6.51 23.67 -101.41
CA CYS P 1309 6.00 25.06 -101.36
C CYS P 1309 4.55 25.14 -100.88
N MET P 1310 3.64 24.46 -101.58
CA MET P 1310 2.19 24.60 -101.35
C MET P 1310 1.75 24.23 -99.92
N PRO P 1311 2.44 23.30 -99.20
CA PRO P 1311 2.23 23.22 -97.76
C PRO P 1311 2.42 24.54 -97.01
N LEU P 1312 3.50 25.29 -97.30
CA LEU P 1312 3.69 26.64 -96.71
C LEU P 1312 2.63 27.62 -97.23
N LEU P 1313 2.21 27.46 -98.49
CA LEU P 1313 1.12 28.29 -99.04
C LEU P 1313 -0.15 28.12 -98.21
N ASP P 1314 -0.46 26.89 -97.77
CA ASP P 1314 -1.65 26.61 -96.94
C ASP P 1314 -1.42 27.07 -95.49
N PHE P 1315 -0.20 26.91 -94.95
CA PHE P 1315 0.09 27.26 -93.54
C PHE P 1315 0.06 28.78 -93.35
N SER P 1316 0.90 29.51 -94.10
CA SER P 1316 1.02 30.98 -94.02
C SER P 1316 0.26 31.61 -95.19
N PHE P 1317 -1.06 31.71 -95.05
CA PHE P 1317 -1.97 32.25 -96.09
C PHE P 1317 -2.77 33.44 -95.59
N ARG P 1318 -3.47 33.32 -94.46
CA ARG P 1318 -4.46 34.34 -94.03
C ARG P 1318 -3.76 35.63 -93.56
N LYS P 1319 -2.47 35.54 -93.19
CA LYS P 1319 -1.67 36.70 -92.73
C LYS P 1319 -0.76 37.23 -93.85
N HIS P 1320 -0.06 36.34 -94.56
CA HIS P 1320 0.95 36.71 -95.58
C HIS P 1320 0.32 36.62 -96.97
N ARG P 1321 -0.81 37.31 -97.15
CA ARG P 1321 -1.59 37.30 -98.41
C ARG P 1321 -0.78 37.92 -99.55
N GLU P 1322 -0.19 39.10 -99.31
CA GLU P 1322 0.58 39.80 -100.35
C GLU P 1322 1.83 39.00 -100.71
N ASP P 1323 2.43 38.30 -99.74
CA ASP P 1323 3.70 37.56 -99.95
C ASP P 1323 3.43 36.31 -100.77
N VAL P 1324 2.42 35.51 -100.40
CA VAL P 1324 2.07 34.29 -101.18
C VAL P 1324 1.54 34.68 -102.57
N LEU P 1325 0.88 35.83 -102.72
CA LEU P 1325 0.45 36.32 -104.05
C LEU P 1325 1.66 36.71 -104.89
N SER P 1326 2.67 37.37 -104.29
CA SER P 1326 3.93 37.67 -104.99
C SER P 1326 4.63 36.37 -105.41
N LEU P 1327 4.61 35.36 -104.54
CA LEU P 1327 5.24 34.06 -104.84
C LEU P 1327 4.54 33.39 -106.04
N LEU P 1328 3.20 33.36 -106.07
CA LEU P 1328 2.47 32.67 -107.14
C LEU P 1328 2.57 33.44 -108.46
N GLU P 1329 2.56 34.78 -108.42
CA GLU P 1329 2.75 35.59 -109.64
C GLU P 1329 4.20 35.50 -110.13
N THR P 1330 5.18 35.25 -109.25
CA THR P 1330 6.58 35.02 -109.67
C THR P 1330 6.73 33.63 -110.28
N PHE P 1331 6.02 32.63 -109.77
CA PHE P 1331 6.10 31.27 -110.31
C PHE P 1331 5.31 31.13 -111.62
N GLN P 1332 4.26 31.94 -111.82
CA GLN P 1332 3.37 31.79 -112.99
C GLN P 1332 4.08 32.19 -114.29
N LEU P 1333 5.00 33.16 -114.26
CA LEU P 1333 5.74 33.55 -115.48
C LEU P 1333 6.72 32.45 -115.89
N ASP P 1334 7.43 31.82 -114.95
CA ASP P 1334 8.28 30.66 -115.30
C ASP P 1334 7.43 29.44 -115.65
N THR P 1335 6.21 29.33 -115.12
CA THR P 1335 5.24 28.31 -115.59
C THR P 1335 4.92 28.53 -117.07
N ARG P 1336 4.67 29.77 -117.47
CA ARG P 1336 4.43 30.13 -118.88
C ARG P 1336 5.67 29.85 -119.74
N LEU P 1337 6.86 30.17 -119.23
CA LEU P 1337 8.12 29.91 -119.96
C LEU P 1337 8.36 28.40 -120.11
N LEU P 1338 8.04 27.59 -119.09
CA LEU P 1338 8.18 26.12 -119.17
C LEU P 1338 7.16 25.54 -120.14
N HIS P 1339 5.95 26.11 -120.20
CA HIS P 1339 4.98 25.80 -121.28
C HIS P 1339 5.59 26.09 -122.65
N HIS P 1340 6.24 27.24 -122.80
CA HIS P 1340 6.88 27.64 -124.08
C HIS P 1340 8.02 26.69 -124.44
N LEU P 1341 8.81 26.24 -123.45
CA LEU P 1341 9.94 25.33 -123.72
C LEU P 1341 9.46 23.92 -124.02
N CYS P 1342 8.36 23.48 -123.39
CA CYS P 1342 7.72 22.19 -123.74
C CYS P 1342 7.19 22.22 -125.17
N GLY P 1343 6.59 23.34 -125.59
CA GLY P 1343 6.20 23.53 -127.00
C GLY P 1343 7.41 23.57 -127.91
N HIS P 1344 8.49 24.22 -127.47
CA HIS P 1344 9.77 24.33 -128.22
C HIS P 1344 10.38 22.94 -128.43
N SER P 1345 10.20 22.04 -127.47
CA SER P 1345 10.63 20.63 -127.59
C SER P 1345 9.66 19.80 -128.44
N LYS P 1346 8.36 20.09 -128.38
CA LYS P 1346 7.34 19.35 -129.14
C LYS P 1346 7.48 19.58 -130.64
N ILE P 1347 7.60 20.84 -131.08
CA ILE P 1347 7.68 21.17 -132.52
C ILE P 1347 8.98 20.62 -133.13
N HIS P 1348 10.05 20.45 -132.35
CA HIS P 1348 11.34 19.94 -132.84
C HIS P 1348 11.28 18.46 -133.22
N GLN P 1349 10.39 17.67 -132.61
CA GLN P 1349 10.27 16.21 -132.84
C GLN P 1349 11.57 15.52 -132.44
N ASP P 1350 12.06 15.87 -131.25
CA ASP P 1350 13.31 15.32 -130.69
C ASP P 1350 12.97 14.11 -129.83
N THR P 1351 13.57 12.97 -130.14
CA THR P 1351 13.35 11.70 -129.40
C THR P 1351 13.85 11.80 -127.96
N ARG P 1352 14.86 12.64 -127.70
CA ARG P 1352 15.45 12.80 -126.36
C ARG P 1352 14.65 13.79 -125.51
N LEU P 1353 14.06 14.83 -126.11
CA LEU P 1353 13.27 15.85 -125.38
C LEU P 1353 11.81 15.39 -125.18
N THR P 1354 11.23 14.68 -126.15
CA THR P 1354 9.79 14.33 -126.15
C THR P 1354 9.43 13.22 -125.16
N GLN P 1355 10.40 12.64 -124.44
CA GLN P 1355 10.12 11.65 -123.39
C GLN P 1355 9.77 12.34 -122.07
N HIS P 1356 10.46 13.44 -121.73
CA HIS P 1356 10.33 14.14 -120.44
C HIS P 1356 9.21 15.19 -120.46
N VAL P 1357 8.62 15.47 -121.63
CA VAL P 1357 7.55 16.48 -121.73
C VAL P 1357 6.29 16.03 -120.98
N PRO P 1358 5.69 14.83 -121.19
CA PRO P 1358 4.34 14.58 -120.69
C PRO P 1358 4.26 14.50 -119.17
N LEU P 1359 5.35 14.08 -118.51
CA LEU P 1359 5.48 14.19 -117.04
C LEU P 1359 5.39 15.65 -116.63
N LEU P 1360 6.12 16.54 -117.33
CA LEU P 1360 6.12 17.98 -117.00
C LEU P 1360 4.74 18.59 -117.30
N LYS P 1361 4.05 18.11 -118.34
CA LYS P 1361 2.69 18.59 -118.68
C LYS P 1361 1.70 18.26 -117.57
N LYS P 1362 1.66 16.99 -117.12
CA LYS P 1362 0.72 16.57 -116.06
C LYS P 1362 1.10 17.23 -114.72
N THR P 1363 2.39 17.47 -114.46
CA THR P 1363 2.81 18.20 -113.24
C THR P 1363 2.42 19.67 -113.32
N LEU P 1364 2.43 20.27 -114.52
CA LEU P 1364 1.90 21.64 -114.71
C LEU P 1364 0.40 21.65 -114.42
N GLU P 1365 -0.35 20.65 -114.91
CA GLU P 1365 -1.79 20.52 -114.59
C GLU P 1365 -2.00 20.34 -113.09
N LEU P 1366 -1.12 19.56 -112.42
CA LEU P 1366 -1.23 19.34 -110.96
C LEU P 1366 -0.97 20.64 -110.19
N LEU P 1367 0.09 21.40 -110.55
CA LEU P 1367 0.44 22.62 -109.79
C LEU P 1367 -0.58 23.74 -110.07
N VAL P 1368 -1.07 23.88 -111.31
CA VAL P 1368 -2.06 24.94 -111.62
C VAL P 1368 -3.42 24.59 -111.04
N CYS P 1369 -3.80 23.30 -110.98
CA CYS P 1369 -5.07 22.92 -110.31
C CYS P 1369 -4.96 23.09 -108.79
N ARG P 1370 -3.77 22.91 -108.22
CA ARG P 1370 -3.52 23.26 -106.80
C ARG P 1370 -3.55 24.77 -106.60
N VAL P 1371 -3.15 25.56 -107.60
CA VAL P 1371 -3.33 27.03 -107.58
C VAL P 1371 -4.83 27.36 -107.55
N LYS P 1372 -5.63 26.72 -108.41
CA LYS P 1372 -7.09 26.95 -108.43
C LYS P 1372 -7.72 26.51 -107.10
N ALA P 1373 -7.15 25.49 -106.44
CA ALA P 1373 -7.60 25.04 -105.11
C ALA P 1373 -7.33 26.12 -104.06
N MET P 1374 -6.08 26.59 -103.96
CA MET P 1374 -5.70 27.60 -102.94
C MET P 1374 -6.43 28.94 -103.14
N LEU P 1375 -6.78 29.31 -104.38
CA LEU P 1375 -7.47 30.60 -104.63
C LEU P 1375 -8.82 30.67 -103.91
N THR P 1376 -9.46 29.53 -103.63
CA THR P 1376 -10.73 29.48 -102.88
C THR P 1376 -10.50 29.96 -101.44
N MET Q 1 55.65 -41.15 -71.94
CA MET Q 1 54.65 -41.48 -70.88
C MET Q 1 54.02 -42.84 -71.20
N GLN Q 2 53.12 -42.88 -72.18
CA GLN Q 2 52.75 -44.16 -72.79
C GLN Q 2 53.96 -44.77 -73.47
N ARG Q 3 54.88 -43.92 -73.94
CA ARG Q 3 56.25 -44.33 -74.30
C ARG Q 3 56.83 -45.24 -73.21
N ALA Q 4 56.96 -44.70 -71.99
CA ALA Q 4 57.55 -45.45 -70.88
C ALA Q 4 56.68 -46.64 -70.51
N SER Q 5 55.37 -46.53 -70.68
CA SER Q 5 54.45 -47.65 -70.39
C SER Q 5 54.79 -48.84 -71.28
N ARG Q 6 54.84 -48.61 -72.59
CA ARG Q 6 55.26 -49.65 -73.56
C ARG Q 6 56.66 -50.12 -73.23
N LEU Q 7 57.54 -49.18 -72.90
CA LEU Q 7 58.98 -49.46 -72.79
C LEU Q 7 59.25 -50.37 -71.58
N LYS Q 8 58.62 -50.11 -70.45
CA LYS Q 8 58.92 -50.84 -69.22
C LYS Q 8 58.52 -52.31 -69.34
N ARG Q 9 57.45 -52.58 -70.07
CA ARG Q 9 57.01 -53.97 -70.32
C ARG Q 9 57.86 -54.62 -71.41
N GLU Q 10 58.10 -53.90 -72.51
CA GLU Q 10 58.88 -54.47 -73.62
C GLU Q 10 60.32 -54.73 -73.18
N LEU Q 11 60.86 -53.93 -72.26
CA LEU Q 11 62.22 -54.15 -71.73
C LEU Q 11 62.32 -55.52 -71.09
N HIS Q 12 61.51 -55.76 -70.07
CA HIS Q 12 61.50 -57.05 -69.36
C HIS Q 12 61.14 -58.18 -70.32
N MET Q 13 60.22 -57.93 -71.25
CA MET Q 13 59.75 -58.97 -72.19
C MET Q 13 60.89 -59.39 -73.11
N LEU Q 14 61.58 -58.43 -73.72
CA LEU Q 14 62.69 -58.73 -74.64
C LEU Q 14 63.95 -59.18 -73.89
N ALA Q 15 64.03 -58.91 -72.59
CA ALA Q 15 65.15 -59.42 -71.76
C ALA Q 15 64.93 -60.88 -71.42
N THR Q 16 63.68 -61.29 -71.16
CA THR Q 16 63.37 -62.63 -70.66
C THR Q 16 62.99 -63.57 -71.81
N GLU Q 17 61.93 -63.24 -72.55
CA GLU Q 17 61.40 -64.08 -73.65
C GLU Q 17 61.45 -63.32 -74.97
N PRO Q 18 62.65 -62.97 -75.48
CA PRO Q 18 62.74 -62.32 -76.78
C PRO Q 18 62.34 -63.27 -77.90
N PRO Q 19 62.26 -62.79 -79.15
CA PRO Q 19 61.97 -63.69 -80.26
C PRO Q 19 63.14 -64.64 -80.48
N PRO Q 20 62.95 -65.68 -81.32
CA PRO Q 20 64.04 -66.61 -81.60
C PRO Q 20 65.11 -65.95 -82.47
N GLY Q 21 66.38 -66.18 -82.11
CA GLY Q 21 67.51 -65.57 -82.79
C GLY Q 21 67.58 -64.06 -82.66
N ILE Q 22 66.84 -63.48 -81.73
CA ILE Q 22 66.82 -62.02 -81.48
C ILE Q 22 67.03 -61.79 -80.00
N THR Q 23 67.79 -60.76 -79.67
CA THR Q 23 67.89 -60.26 -78.29
C THR Q 23 67.93 -58.74 -78.33
N CYS Q 24 67.64 -58.13 -77.20
CA CYS Q 24 67.64 -56.66 -77.12
C CYS Q 24 67.73 -56.25 -75.66
N TRP Q 25 68.53 -55.22 -75.38
CA TRP Q 25 68.64 -54.63 -74.03
C TRP Q 25 68.69 -53.12 -74.15
N GLN Q 26 68.52 -52.44 -73.01
CA GLN Q 26 68.74 -50.99 -72.94
C GLN Q 26 70.20 -50.73 -73.30
N ASP Q 27 70.41 -49.92 -74.33
CA ASP Q 27 71.76 -49.69 -74.89
C ASP Q 27 72.64 -49.13 -73.78
N LYS Q 28 73.60 -49.92 -73.33
CA LYS Q 28 74.45 -49.59 -72.16
C LYS Q 28 75.26 -48.30 -72.36
N ASP Q 29 75.39 -47.81 -73.59
CA ASP Q 29 76.03 -46.51 -73.90
C ASP Q 29 75.02 -45.36 -73.92
N GLN Q 30 73.78 -45.61 -74.35
CA GLN Q 30 72.76 -44.55 -74.61
C GLN Q 30 71.84 -44.36 -73.39
N MET Q 31 71.18 -45.44 -72.95
CA MET Q 31 70.14 -45.50 -71.88
C MET Q 31 68.82 -44.82 -72.28
N ASP Q 32 68.73 -44.29 -73.50
CA ASP Q 32 67.47 -43.83 -74.13
C ASP Q 32 67.19 -44.61 -75.41
N ASP Q 33 68.24 -44.93 -76.18
CA ASP Q 33 68.17 -45.85 -77.32
C ASP Q 33 68.30 -47.28 -76.82
N LEU Q 34 68.09 -48.26 -77.70
CA LEU Q 34 68.22 -49.68 -77.33
C LEU Q 34 69.18 -50.37 -78.28
N ARG Q 35 69.91 -51.33 -77.72
CA ARG Q 35 70.86 -52.18 -78.46
C ARG Q 35 70.19 -53.53 -78.72
N ALA Q 36 69.95 -53.85 -79.99
CA ALA Q 36 69.41 -55.15 -80.40
C ALA Q 36 70.50 -55.95 -81.10
N GLN Q 37 70.34 -57.26 -81.10
CA GLN Q 37 71.24 -58.19 -81.79
C GLN Q 37 70.41 -59.28 -82.44
N ILE Q 38 70.41 -59.33 -83.77
CA ILE Q 38 69.75 -60.39 -84.55
C ILE Q 38 70.85 -61.37 -84.94
N LEU Q 39 70.73 -62.62 -84.52
CA LEU Q 39 71.72 -63.64 -84.85
C LEU Q 39 71.47 -64.11 -86.28
N GLY Q 40 72.54 -64.29 -87.03
CA GLY Q 40 72.49 -64.67 -88.44
C GLY Q 40 71.57 -65.84 -88.73
N GLY Q 41 70.48 -65.59 -89.46
CA GLY Q 41 69.50 -66.63 -89.74
C GLY Q 41 70.09 -67.77 -90.54
N ALA Q 42 69.54 -68.96 -90.33
CA ALA Q 42 69.99 -70.17 -91.05
C ALA Q 42 69.44 -70.17 -92.47
N ASN Q 43 70.12 -70.88 -93.36
CA ASN Q 43 69.77 -70.92 -94.80
C ASN Q 43 69.90 -69.52 -95.40
N THR Q 44 70.89 -68.76 -94.91
CA THR Q 44 71.16 -67.39 -95.36
C THR Q 44 72.66 -67.24 -95.54
N PRO Q 45 73.13 -66.26 -96.33
CA PRO Q 45 74.55 -65.91 -96.30
C PRO Q 45 74.94 -65.16 -95.02
N TYR Q 46 73.96 -64.68 -94.26
CA TYR Q 46 74.19 -63.87 -93.05
C TYR Q 46 74.48 -64.74 -91.83
N GLU Q 47 74.54 -66.07 -91.98
CA GLU Q 47 74.95 -66.96 -90.88
C GLU Q 47 76.39 -66.65 -90.46
N LYS Q 48 76.74 -67.04 -89.24
CA LYS Q 48 78.06 -66.75 -88.64
C LYS Q 48 78.21 -65.24 -88.48
N GLY Q 49 77.12 -64.57 -88.10
CA GLY Q 49 77.12 -63.13 -87.89
C GLY Q 49 76.05 -62.67 -86.92
N VAL Q 50 76.45 -61.92 -85.90
CA VAL Q 50 75.52 -61.35 -84.90
C VAL Q 50 75.37 -59.86 -85.25
N PHE Q 51 74.30 -59.55 -85.96
CA PHE Q 51 74.09 -58.19 -86.51
C PHE Q 51 73.54 -57.30 -85.40
N LYS Q 52 74.34 -56.32 -84.98
CA LYS Q 52 73.89 -55.33 -84.00
C LYS Q 52 73.00 -54.30 -84.66
N LEU Q 53 72.04 -53.77 -83.90
CA LEU Q 53 71.12 -52.74 -84.40
C LEU Q 53 70.85 -51.71 -83.30
N GLU Q 54 70.67 -50.45 -83.73
CA GLU Q 54 70.24 -49.36 -82.85
C GLU Q 54 68.75 -49.20 -83.04
N VAL Q 55 68.03 -49.04 -81.94
CA VAL Q 55 66.57 -48.88 -81.95
C VAL Q 55 66.26 -47.58 -81.24
N ILE Q 56 65.60 -46.66 -81.95
CA ILE Q 56 65.18 -45.36 -81.41
C ILE Q 56 63.68 -45.42 -81.17
N ILE Q 57 63.28 -45.07 -79.96
CA ILE Q 57 61.85 -44.94 -79.60
C ILE Q 57 61.51 -43.46 -79.69
N PRO Q 58 60.67 -43.03 -80.65
CA PRO Q 58 60.08 -41.69 -80.53
C PRO Q 58 59.22 -41.56 -79.27
N GLU Q 59 58.94 -40.32 -78.90
CA GLU Q 59 58.30 -39.99 -77.61
C GLU Q 59 56.81 -40.32 -77.60
N ARG Q 60 56.17 -40.38 -78.77
CA ARG Q 60 54.76 -40.74 -78.89
C ARG Q 60 54.58 -42.20 -79.29
N TYR Q 61 55.41 -43.11 -78.78
CA TYR Q 61 55.45 -44.47 -79.32
C TYR Q 61 54.65 -45.42 -78.47
N PRO Q 62 53.33 -45.42 -78.59
CA PRO Q 62 52.65 -46.49 -79.30
C PRO Q 62 52.16 -45.99 -80.67
N PHE Q 63 52.13 -44.67 -80.88
CA PHE Q 63 51.50 -44.04 -82.05
C PHE Q 63 52.45 -43.91 -83.22
N GLU Q 64 53.64 -43.41 -82.96
CA GLU Q 64 54.69 -43.42 -83.98
C GLU Q 64 55.21 -44.83 -84.11
N PRO Q 65 55.93 -45.16 -85.19
CA PRO Q 65 56.69 -46.41 -85.23
C PRO Q 65 58.06 -46.20 -84.61
N PRO Q 66 58.80 -47.29 -84.31
CA PRO Q 66 60.20 -47.13 -83.93
C PRO Q 66 61.03 -46.68 -85.14
N GLN Q 67 62.33 -46.51 -84.88
CA GLN Q 67 63.31 -46.19 -85.94
C GLN Q 67 64.55 -47.05 -85.71
N ILE Q 68 64.69 -48.09 -86.52
CA ILE Q 68 65.77 -49.09 -86.37
C ILE Q 68 66.85 -48.80 -87.41
N ARG Q 69 68.09 -49.14 -87.08
CA ARG Q 69 69.19 -49.17 -88.04
C ARG Q 69 70.10 -50.36 -87.76
N PHE Q 70 70.70 -50.88 -88.81
CA PHE Q 70 71.74 -51.93 -88.72
C PHE Q 70 73.08 -51.26 -88.38
N LEU Q 71 73.51 -51.37 -87.13
CA LEU Q 71 74.86 -50.88 -86.75
C LEU Q 71 75.92 -51.77 -87.37
N THR Q 72 75.76 -53.08 -87.26
CA THR Q 72 76.54 -54.05 -88.05
C THR Q 72 76.01 -53.98 -89.48
N PRO Q 73 76.76 -53.45 -90.47
CA PRO Q 73 76.21 -53.33 -91.81
C PRO Q 73 75.88 -54.67 -92.42
N ILE Q 74 75.06 -54.65 -93.47
CA ILE Q 74 74.55 -55.86 -94.12
C ILE Q 74 74.49 -55.62 -95.62
N TYR Q 75 74.88 -56.63 -96.39
CA TYR Q 75 74.80 -56.62 -97.85
C TYR Q 75 73.43 -57.19 -98.22
N HIS Q 76 72.45 -56.29 -98.32
CA HIS Q 76 71.04 -56.67 -98.53
C HIS Q 76 70.45 -55.79 -99.62
N PRO Q 77 69.45 -56.29 -100.37
CA PRO Q 77 68.74 -55.39 -101.31
C PRO Q 77 67.98 -54.27 -100.60
N ASN Q 78 67.22 -54.63 -99.58
CA ASN Q 78 66.27 -53.70 -98.92
C ASN Q 78 66.93 -52.90 -97.80
N ILE Q 79 68.09 -53.34 -97.31
CA ILE Q 79 68.85 -52.61 -96.27
C ILE Q 79 70.03 -51.97 -96.99
N ASP Q 80 70.14 -50.65 -96.90
CA ASP Q 80 71.22 -49.92 -97.58
C ASP Q 80 72.53 -50.10 -96.80
N SER Q 81 73.56 -49.38 -97.22
CA SER Q 81 74.87 -49.41 -96.53
C SER Q 81 74.72 -48.92 -95.09
N ALA Q 82 73.98 -47.82 -94.89
CA ALA Q 82 73.85 -47.21 -93.55
C ALA Q 82 73.10 -48.14 -92.60
N GLY Q 83 72.17 -48.95 -93.11
CA GLY Q 83 71.34 -49.83 -92.30
C GLY Q 83 69.89 -49.41 -92.24
N ARG Q 84 69.43 -48.53 -93.13
CA ARG Q 84 68.02 -48.12 -93.16
C ARG Q 84 67.12 -49.30 -93.45
N ILE Q 85 65.87 -49.19 -92.99
CA ILE Q 85 64.86 -50.24 -93.14
C ILE Q 85 63.66 -49.62 -93.84
N CYS Q 86 63.57 -49.84 -95.14
CA CYS Q 86 62.39 -49.47 -95.93
C CYS Q 86 61.35 -50.56 -95.74
N LEU Q 87 60.68 -50.54 -94.59
CA LEU Q 87 59.62 -51.50 -94.25
C LEU Q 87 58.37 -50.74 -93.85
N ASP Q 88 57.22 -51.21 -94.35
CA ASP Q 88 55.92 -50.58 -94.10
C ASP Q 88 55.63 -50.46 -92.61
N VAL Q 89 56.05 -51.44 -91.81
CA VAL Q 89 55.72 -51.47 -90.37
C VAL Q 89 56.44 -50.35 -89.61
N LEU Q 90 57.57 -49.85 -90.12
CA LEU Q 90 58.22 -48.64 -89.57
C LEU Q 90 57.66 -47.36 -90.20
N LYS Q 91 56.63 -47.48 -91.03
CA LYS Q 91 55.98 -46.32 -91.68
C LYS Q 91 54.55 -46.19 -91.14
N LEU Q 92 54.02 -44.97 -91.26
CA LEU Q 92 52.69 -44.61 -90.74
C LEU Q 92 51.62 -45.15 -91.69
N PRO Q 93 50.33 -44.90 -91.41
CA PRO Q 93 49.25 -45.37 -92.31
C PRO Q 93 49.39 -44.88 -93.74
N PRO Q 94 48.35 -45.03 -94.58
CA PRO Q 94 48.42 -45.84 -95.80
C PRO Q 94 49.77 -46.03 -96.48
N LYS Q 95 50.72 -45.09 -96.36
CA LYS Q 95 52.13 -45.34 -96.72
C LYS Q 95 52.60 -46.69 -96.17
N GLY Q 96 52.51 -46.85 -94.83
CA GLY Q 96 52.91 -48.08 -94.14
C GLY Q 96 51.75 -48.71 -93.39
N ALA Q 97 52.09 -49.47 -92.34
CA ALA Q 97 51.11 -50.29 -91.60
C ALA Q 97 51.37 -50.30 -90.10
N TRP Q 98 51.99 -49.27 -89.54
CA TRP Q 98 52.26 -49.26 -88.10
C TRP Q 98 50.96 -49.11 -87.29
N ARG Q 99 50.83 -49.91 -86.24
CA ARG Q 99 49.81 -49.65 -85.21
C ARG Q 99 50.27 -50.31 -83.91
N PRO Q 100 49.78 -49.84 -82.75
CA PRO Q 100 50.28 -50.35 -81.47
C PRO Q 100 50.08 -51.85 -81.21
N SER Q 101 49.25 -52.56 -81.98
CA SER Q 101 49.18 -54.01 -81.86
C SER Q 101 50.52 -54.66 -82.20
N LEU Q 102 51.32 -53.99 -83.02
CA LEU Q 102 52.72 -54.34 -83.25
C LEU Q 102 53.59 -53.68 -82.18
N ASN Q 103 54.86 -54.06 -82.17
CA ASN Q 103 55.80 -53.57 -81.15
C ASN Q 103 57.22 -53.94 -81.57
N ILE Q 104 58.17 -53.71 -80.66
CA ILE Q 104 59.60 -53.92 -80.94
C ILE Q 104 59.85 -55.38 -81.33
N ALA Q 105 59.29 -56.32 -80.57
CA ALA Q 105 59.48 -57.75 -80.86
C ALA Q 105 58.93 -58.10 -82.23
N THR Q 106 57.76 -57.57 -82.58
CA THR Q 106 57.13 -57.86 -83.88
C THR Q 106 57.96 -57.31 -85.04
N VAL Q 107 58.43 -56.08 -84.94
CA VAL Q 107 59.21 -55.46 -86.03
C VAL Q 107 60.58 -56.14 -86.12
N LEU Q 108 61.17 -56.54 -85.00
CA LEU Q 108 62.46 -57.27 -85.04
C LEU Q 108 62.25 -58.64 -85.67
N THR Q 109 61.12 -59.30 -85.39
CA THR Q 109 60.77 -60.57 -86.05
C THR Q 109 60.62 -60.35 -87.56
N SER Q 110 59.97 -59.26 -87.95
CA SER Q 110 59.84 -58.89 -89.37
C SER Q 110 61.21 -58.66 -90.01
N ILE Q 111 62.13 -58.03 -89.30
CA ILE Q 111 63.50 -57.77 -89.82
C ILE Q 111 64.25 -59.09 -89.98
N GLN Q 112 64.17 -59.95 -88.97
CA GLN Q 112 64.80 -61.29 -89.04
C GLN Q 112 64.22 -62.06 -90.22
N LEU Q 113 62.91 -61.96 -90.45
CA LEU Q 113 62.26 -62.59 -91.62
C LEU Q 113 62.82 -62.00 -92.91
N LEU Q 114 62.96 -60.69 -92.98
CA LEU Q 114 63.48 -60.02 -94.18
C LEU Q 114 64.92 -60.48 -94.46
N MET Q 115 65.71 -60.68 -93.42
CA MET Q 115 67.12 -61.10 -93.58
C MET Q 115 67.21 -62.46 -94.29
N SER Q 116 66.22 -63.33 -94.11
CA SER Q 116 66.16 -64.63 -94.81
C SER Q 116 65.46 -64.50 -96.17
N GLU Q 117 64.48 -63.61 -96.27
CA GLU Q 117 63.68 -63.41 -97.50
C GLU Q 117 63.76 -61.93 -97.88
N PRO Q 118 64.74 -61.52 -98.71
CA PRO Q 118 64.75 -60.15 -99.23
C PRO Q 118 63.50 -59.82 -100.04
N ASN Q 119 63.06 -58.58 -99.92
CA ASN Q 119 61.91 -58.06 -100.67
C ASN Q 119 62.40 -57.55 -102.03
N PRO Q 120 62.06 -58.19 -103.15
CA PRO Q 120 62.43 -57.62 -104.45
C PRO Q 120 61.57 -56.43 -104.89
N ASP Q 121 60.53 -56.08 -104.11
CA ASP Q 121 59.55 -55.05 -104.51
C ASP Q 121 59.90 -53.66 -103.98
N ASP Q 122 60.58 -53.58 -102.83
CA ASP Q 122 60.88 -52.31 -102.12
C ASP Q 122 62.39 -52.24 -101.86
N PRO Q 123 63.22 -52.01 -102.90
CA PRO Q 123 64.67 -52.05 -102.72
C PRO Q 123 65.27 -50.69 -102.37
N LEU Q 124 66.06 -50.66 -101.29
CA LEU Q 124 66.96 -49.52 -101.06
C LEU Q 124 68.17 -49.62 -102.00
N MET Q 125 68.64 -50.84 -102.25
CA MET Q 125 69.83 -51.11 -103.10
C MET Q 125 69.34 -51.79 -104.39
N ALA Q 126 69.04 -51.00 -105.43
CA ALA Q 126 68.52 -51.53 -106.70
C ALA Q 126 69.49 -52.52 -107.35
N ASP Q 127 70.80 -52.31 -107.23
CA ASP Q 127 71.79 -53.21 -107.89
C ASP Q 127 71.92 -54.53 -107.12
N ILE Q 128 71.99 -54.48 -105.79
CA ILE Q 128 71.96 -55.73 -105.00
C ILE Q 128 70.62 -56.44 -105.25
N SER Q 129 69.54 -55.70 -105.47
CA SER Q 129 68.21 -56.27 -105.75
C SER Q 129 68.20 -56.99 -107.09
N SER Q 130 68.76 -56.37 -108.13
CA SER Q 130 68.86 -57.04 -109.44
C SER Q 130 69.77 -58.26 -109.33
N GLU Q 131 70.83 -58.19 -108.53
CA GLU Q 131 71.72 -59.37 -108.33
C GLU Q 131 70.94 -60.50 -107.66
N PHE Q 132 70.21 -60.19 -106.59
CA PHE Q 132 69.38 -61.18 -105.90
C PHE Q 132 68.26 -61.68 -106.84
N LYS Q 133 67.83 -60.86 -107.77
CA LYS Q 133 66.75 -61.23 -108.71
C LYS Q 133 67.25 -62.26 -109.71
N TYR Q 134 68.42 -62.02 -110.31
CA TYR Q 134 68.91 -62.82 -111.46
C TYR Q 134 70.07 -63.73 -111.06
N ASN Q 135 71.14 -63.16 -110.50
CA ASN Q 135 72.38 -63.88 -110.16
C ASN Q 135 72.37 -64.17 -108.66
N LYS Q 136 71.70 -65.25 -108.27
CA LYS Q 136 71.57 -65.61 -106.85
C LYS Q 136 72.93 -65.91 -106.21
N PRO Q 137 73.79 -66.78 -106.79
CA PRO Q 137 75.02 -67.17 -106.09
C PRO Q 137 76.00 -66.01 -105.88
N ALA Q 138 76.07 -65.06 -106.81
CA ALA Q 138 76.95 -63.89 -106.63
C ALA Q 138 76.46 -63.06 -105.44
N PHE Q 139 75.15 -62.82 -105.36
CA PHE Q 139 74.56 -62.08 -104.22
C PHE Q 139 74.86 -62.81 -102.91
N LEU Q 140 74.61 -64.11 -102.87
CA LEU Q 140 74.85 -64.90 -101.65
C LEU Q 140 76.34 -64.89 -101.30
N LYS Q 141 77.21 -64.97 -102.29
CA LYS Q 141 78.67 -64.94 -102.07
C LYS Q 141 79.09 -63.61 -101.45
N ASN Q 142 78.66 -62.50 -102.06
CA ASN Q 142 79.02 -61.17 -101.55
C ASN Q 142 78.45 -60.96 -100.14
N ALA Q 143 77.25 -61.48 -99.89
CA ALA Q 143 76.63 -61.36 -98.57
C ALA Q 143 77.39 -62.16 -97.51
N ARG Q 144 77.83 -63.37 -97.85
CA ARG Q 144 78.60 -64.19 -96.90
C ARG Q 144 79.98 -63.58 -96.67
N GLN Q 145 80.58 -62.99 -97.70
CA GLN Q 145 81.84 -62.24 -97.54
C GLN Q 145 81.64 -61.06 -96.60
N TRP Q 146 80.58 -60.29 -96.83
CA TRP Q 146 80.22 -59.15 -95.97
C TRP Q 146 80.01 -59.61 -94.52
N THR Q 147 79.39 -60.78 -94.34
CA THR Q 147 79.12 -61.32 -93.00
C THR Q 147 80.43 -61.69 -92.30
N GLU Q 148 81.24 -62.53 -92.94
CA GLU Q 148 82.50 -63.01 -92.33
C GLU Q 148 83.52 -61.88 -92.20
N LYS Q 149 83.40 -60.80 -92.96
CA LYS Q 149 84.34 -59.67 -92.87
C LYS Q 149 84.05 -58.81 -91.64
N HIS Q 150 82.78 -58.47 -91.41
CA HIS Q 150 82.36 -57.52 -90.36
C HIS Q 150 81.64 -58.22 -89.20
N ALA Q 151 80.64 -59.04 -89.48
CA ALA Q 151 79.76 -59.61 -88.44
C ALA Q 151 80.47 -60.66 -87.59
N ARG Q 152 81.53 -61.29 -88.10
CA ARG Q 152 82.28 -62.32 -87.37
C ARG Q 152 83.29 -61.66 -86.45
N GLN Q 153 83.63 -62.35 -85.36
CA GLN Q 153 84.59 -61.84 -84.35
C GLN Q 153 86.01 -61.85 -84.93
#